data_5MRE
#
_entry.id   5MRE
#
_cell.length_a   1
_cell.length_b   1
_cell.length_c   1
_cell.angle_alpha   90
_cell.angle_beta   90
_cell.angle_gamma   90
#
_symmetry.space_group_name_H-M   'P 1'
#
loop_
_entity.id
_entity.type
_entity.pdbx_description
1 polymer '21S ribosomal RNA'
2 polymer uL2m
3 polymer uL3m
4 polymer uL4m
5 polymer uL5m
6 polymer uL6m
7 polymer bL9m
8 polymer uL13m
9 polymer uL14m
10 polymer uL15m
11 polymer uL16m
12 polymer bL17m
13 polymer bL19m
14 polymer bL21m
15 polymer uL22m
16 polymer uL23m
17 polymer uL24m
18 polymer bL27m
19 polymer bL28m
20 polymer uL29m
21 polymer uL30m
22 polymer bL31m
23 polymer bL32m
24 polymer bL33m
25 polymer bL34m
26 polymer bL35m
27 polymer bL36m
28 polymer mL38
29 polymer mL40
30 polymer mL41
31 polymer mL43
32 polymer mL44
33 polymer mL46
34 polymer mL49
35 polymer mL50
36 polymer mL57
37 polymer mL58
38 polymer mL59
39 polymer mL60
40 polymer mL67
41 polymer bS1m
42 polymer uS2m
43 polymer uS3m
44 polymer uS4m
45 polymer uS5m
46 polymer bS6m
47 polymer uS7m
48 polymer uS8m
49 polymer uS9m
50 polymer uS10m
51 polymer uS11m
52 polymer uS12m
53 polymer uS13m
54 polymer uS14m
55 polymer uS15m
56 polymer bS16m
57 polymer uS17m
58 polymer bS18m
59 polymer uS19m
60 polymer bS21m
61 polymer mS23
62 polymer mS26
63 polymer mS29
64 polymer mS33
65 polymer mS35
66 polymer mS37
67 polymer mS38
68 polymer mS41
69 polymer mS42
70 polymer mS43
71 polymer mS44
72 polymer mS45
73 polymer mS46
74 polymer mS47
75 polymer '15S ribosomal RNA'
76 polymer tRNA
77 polymer 'unknown protein sequence 1'
78 polymer 'unknown protein sequence 2'
79 non-polymer 'MAGNESIUM ION'
80 non-polymer 'SODIUM ION'
81 non-polymer 'ZINC ION'
82 non-polymer "GUANOSINE-5'-DIPHOSPHATE"
#
loop_
_entity_poly.entity_id
_entity_poly.type
_entity_poly.pdbx_seq_one_letter_code
_entity_poly.pdbx_strand_id
1 'polyribonucleotide'
;GUAAAAAGUAGAAUAAUAGAUUUGAAAUAUUUAUUAUAUAGAUUUAAAGAGAUAAUCAUGGAGUAUAAUAAUUAAAUUUA
AUAAAUUUAAUAUAACUAUUAAUAGAAUUAGGUUACUAAUAAAUUAAUAACAAUUAAUUUUAAAACCUAAAGGUAAACCU
UUAUAUUAAUAAUGUUAUUUUUUAUUAUUUUUAUAAUAAGAAUAAUUAUUAAUAAUAAUAAACUAAGUGAACUGAAACAU
CUAAGUAACUUAAGGAUAAGAAAUCAACAGAGAUAUUAUGAGUAUUGGUGAGAGAAAAUAAUAAAGGUCUAAUAAGUAUU
AUGUGAAAAAAAUGUAAGAAAAUAGGAUAACAAAUUCUAAGACUAAAUACUAUUAAUAAGUAUAGUAAGUACCGUAAGGG
AAAGUAUGAAAAUGAUUAUUUUAUAAGCAAUCAUGAAUAUAUUAUAUUAUAUUAAUGAUGUACCUUUUGUAUAAUGGGUC
AGCAAGUAAUUAAUAUUAGUAAAACAAUAAGUUAUAAAUAAAUAGAAUAAUAUAUAUAUAUAAAAAAAUAUAUUAAAAUA
UUUAAUUAAUAUUAAUUGACCCGAAAGCAAACGAUCUAACUAUGAUAAGAUGGAUAAACGAUCGAACAGGUUGAUGUUGC
AAUAUCAUCUGAUUAAUUGUGGUUAGUAGUGAAAGACAAAUCUGGUUUGCAGAUAGCUGGUUUUCUAUGAAAUAUAUGUA
AGUAUAGCCUUUAUAAAUAAUAAUUAUUAUAUAAUAUUAUAUUAAUAUUAUAUAAAGAAUGGUACAGCAAUUAAUAUAUA
UUAGGGAACUAUUAAAGUUUUAUUAAUAAUAUUAAAUCUCGAAAUAUUUAAUUAUAUAUAAUAAAGAGUCAGAUUAUGUG
CGAUAAGGUAAAUAAUCUAAAGGGAAACAGCCCAGAUUAAGAUAUAAAGUUCCUAAUAAAUAAUAAGUGAAAUAAAUAUU
AAAAUAUUAUAAUAUAAUCAGUUAAUGGGUUUGACAAUAACCAUUUUUUAAUGAACAUGUAACAAUGCACUGAUUUAUAA
UAAAUAAAAAAAAAUAAUAUUUAAAAUCAAAUAUAUAUAUAUUUGUUAAUAGAUAAUAUACGGAUCUUAAUAAUAAGAAU
UAUUUAAUUCCUAAUAUGGAAUAUUAUAUUUUUAUAAUAAAAAUAUAAAUACUGAAUAUCUAAAUAUUAUUAUUACUUUU
UUUUUAAUAAUAAUAAUAUGGUAAUAGAACAUUUAAUGAUAAUAUAUAUUAGUUAUUAAUUAAUAUAUGUAUUAAUUAAA
UAGAGAAUGCUGACAUGAGUAACGAAAAAAAGGUAUAAACCUUUUCACCUAAAACAUAAGGUUUAACUAUAAAAGUACGG
CCCCUAAUUAAAUUAAUAAAAAUAUAAAUAUAUUUAAGAUGGGAUAAUCUAUAUUAAUAAAAAUUUAUCUUAAAAUAUAU
AUAUUAUUAAUAAUUAUAUUAAUUAAUUAAUAAUAUAUAUAAUUAUAUUAUAUAUUAUAUAUUUUUUAUAUAAUAUAAAC
UAAUAAAGAUCAGGAAAUAAUUAAUGUAUACCGUAAUGUAGACCGACUCAGGUAUGUAAGUAGAGAAUAUGAAGGUGAAU
UAGAUAAUUAAAGGGAAGGAACUCGGCAAAGAUAGCUCAUAAGUUAGUCAAUAAAGAGUAAUAAGAACAAAGUUGUACAA
CUGUUUACUAAAAACACCGCACUUUGCAGAAACGAUAAGUUUAAGUAUAAGGUGUGAACUCUGCUCCAUGCUUAAUAUAU
AAAUAAAAUUAUUUAACGAUAAUUUAAUUAAAUUUAGGUAAAUAGCAGCCUUAUUAUGAGGGUUAUAAUGUAGCGAAAUU
CCUUGGCCUAUAAUUGAGGUCCCGCAUGAAUGACGUAAUGAUACAACAACUGUCUCCCCUUUAAGCUAAGUGAAAUUGAA
AUCGUAGUGAAGAUGCUAUGUACCUUCAGCAAGACGGAAAGACCCUAUGCAGCUUUACUGUAAUUAGAUAGAUCGAAUUA
UUGUUUAUUAUAUUCAGCAUAUUAAGUAAUCCUAUUAUUAGGUAAUCGUUUAGAUAUUAAUGAGAUACUUAUUAUAAUAU
AAUGAUAAUUCUAAUCUUAUAAAUAAUUAUUAUUAUUAUUAUUAAUAAUAAUAAUAUGCUUUCAAGCAUAGUGAUAAAAC
AUAUUUAUAUGAUAAUCACUUUACUUAAUAGAUAUAAUUCUUAAGUAAUAUAUAAUAUAUAUUUUAUAUAUAUUAUAUAU
AAUAUAAGAGACAAUCUCUAAUUGGUAGUUUUGAUGGGGCGUCAUUAUCAGCAAAAGUAUCUGAAUAAGUCCAUAAAUAA
AUAUAUAAAAUUAUUGAAUAAAAAAAAAAUAAUAUAUAUUAUAUAUAUUAAUUAUAAAUUGAAAUAUGUUUAUAUAAAUU
UAUAUUUAUUGAAUAUAUUUUAGUAAUAGAUAAAAAUAUGUACAGUAAAAUUGUAAGGAAAACAAUAAUAACUUUCUCCU
CUCUCGGUGGGGGUUCACACCUAUUUUUAAUAGGUGUGAACCCCUCUUCGGGGUUCCGGUUCCCUUUCGGGUCCCGGAAC
UUAAAUAAAAAUGGAAAGAAUUAAAUUAAUAUAAUGGUAUAACUGUGCGAUAAUUGUAACACAAACGAGUGAAACAAGUA
CGUAAGUAUGGCAUAAUGAACAAAUAACACUGAUUGUAAAGGUUAUUGAUAACGAAUAAAAGUUACGCUAGGGAUAACAG
GGUAAUAUAGCGAAAGAGUAGAUAUUGUAAGCUAUGUUUGCCACCUCGAUGUCGACUCAACAUUUCCUCUUGGUUGUAAA
AGCUAAGAAGGGUUUGACUGUUCGUCAAUUAAAAUGUUACGUGAGUUGGGUUAAAUACGAUGUGAAUCAGUAUGGUUCCU
AUCUGCUGAAGGAAAUAUUAUCAAAUUAAAUCUCAUUAUUAGUACGCAAGGACCAUAAUGAAUCAACCCAUGGUGUAUCU
AUUGAUAAUAAUAUAAUAUAUUUAAUAAAAAUAAUACUUUAUUAAUAUAUUAUCUAUAUUAGUUUAUAUUUUAAUUAUAU
AUUAUCAUAGUAGAUAAGCUAAGUUGAUAAUAAAUAAAUAUUGAAUACAUAUUAAAUAUGAAGUUGUUUUAAUAAGAUAA
UUAAUCUGAUAAUUUUAUACUAAAAUUAAUAAUUAUAGGUUUUAUAUAUUAUUUAUAAAUAAAUAUAUUAUAAUAAUAAU
AAUUAUUAUUAUUAAUAAAAAAUAUUAAUUAUAAUAUUAAUAAAAUACUAAUUUAUCAGUUAUCUAUAUAAUAUCUAAUC
UAUUAUUCUAUAUACU
;
A
2 'polypeptide(L)'
;MLVLGSLRSALSCSSTASLISKRNPCYPYGILCRTLSQSVKLWQENTSKDDSSLNITPRLLKIIPNDTDIVTLEKQDELI
KRRRKLSKEVTQMKRLKPVSPGLRWYRSPIYPYLYKGRPVRALTVVRKKHGGRNNSGKITVRHQGGGHRNRTRLIDFNRW
EGGAQTVQRIEYDPGRSSHIALLKHNTTGELSYIIACDGLRPGDVVESFRRGIPQTLLNEMGGKVDPAILSVKTTQRGNC
LPISMIPIGTIIHNVGITPVGPGKFCRSAGTYARVLAKLPEKKKAIVRLQSGEHRYVSLEAVATIGVVSNIDHQNRSLGK
AGRSRWLGIRPTVRGVAMNKCDHPHGGGRGKSKSNKLSMSPWGQLAKGYKTRRGKNQNRMKVKDRPRGKDARL
;
B
3 'polypeptide(L)'
;STRPFLVAPSIANSITTEAPAINHSPELANARKWLPKRCGLITRKKGMMPYFDKSTGERSAATILEVNNVEVIMHRTSEV
NGYFACQVGYGSRHLSKVSRQMLGHFASKVVNPKEHVAEFRVKDEKGLIPPGTLLKPSFFKEGQYVDVRSVSKGKGFTGV
MKRYGFKGLRASHGTSIMHRHGGSYGQNQDPGRVLPGRKMPGHMGNEHVTIQNVKVLKVDDENNVIWVKGSVAGPKNSFV
KIQDAIKKT
;
C
4 'polypeptide(L)'
;LNPLPNAAIPPKYALVTVRSFPSLEPLTFVPVPTSTVAAPLRRDILWRAVVYENDNRRVGASNPPGRSENGFSRRKLMPQ
KGSGRARVGDANSPTRHNGGRALARTAPNDYTTELPSKVYSMAFNNALSHQYKSGKLFVIGGEKVDLISPTPELDLNRLD
LVNTNTVEGKEIFEGEVIFRKFLEEFQLKGKRLLFITDKTREGLIKSSDPYKQKVDVIQKELVEVNDILRAQAVFIELEA
LEYLAMAHQKEI
;
D
5 'polypeptide(L)'
;PKSACSLVKPVHHLVKIDKSKLSPRFPELKYDKSDIRSPGFKPKDTHADRLNDHYLNTLQSDLLLINYSHNAAVVKGLKQ
RAWSGDSPYHLNRPPKNPRGSKAQLPDIHPIKWSNIPGLESVVINCFVREARENQLLAITAALQLQQITGCKPHPIFSKN
DVPTWKLRKGHQMGAKVELKGKEMSQFLSTLTEIVLPRIREYKGISNQSGNRFGGISFGLTAEDIKFFPEIDANQDSWPK
TFGMHININTSAQLDYQARTLLSGFQFPFFGEEK
;
E
6 'polypeptide(L)'
;SQVGSLPLYISPEVQVSINALSMPRIIRKGRTSMNISQNITVKGPKGELSVEVPDFLHLDKDEKHGKINVTVQNSEDKHQ
RSMWGTVRSLINNHIIGVTEGHLAVLRFVGTGYRAQLENDGKFVNVKVGASIKQGLDVPEGIVVKTPAPTSLIIEGCNKQ
QVLLFAAKLRKFHPPEPYKGKGIYVNDETIKLKDKK
;
F
7 'polypeptide(L)' SALTKRTHRVKVQVLKDFPRFQLYKGQVANVKPSLMRNYLHNFNGAKYILSEEHDINTELLKQYQTLEAKLEED G
8 'polypeptide(L)'
;SQKIGHSGLAFARLWHHVDVARDKRTLGRLASAIAITLIGRHKPVYHPSQDCGDYVVVTNCQKIRVTGKKFEQKTYWSHS
GRPGQLKLQTMNKVVADKGFGEILKKAVSGMLPKNKLRKQRLDRLKVFDGSENPYKQNITAFAHEQSSIPEPLKESIFNQ
;
H
9 'polypeptide(L)'
;MIFLKSVIKVIDNSGAQLAECIKVIRKGSPKSPAMVGDRIVCVIQKAKPLTQNITGTANTNRVKKGDICHAIVVRSKQRN
MCRKDGSTVAFGDTACVLINKNTGEPLGTRIMANDGCVDRTLKDKGYNKICSLASRVI
;
I
10 'polypeptide(L)'
;VSILGQLKPSDGSTKSFKRLGRGPSSGLGKTSGRGQKGQKARGKVKSWFEGGQTPIYKLFPKIGFTNVGAKPLKELNLKR
IQWFHDKNRLHLQPGEVLDMNKMRKLGLVTGPIKYGVKILASGKFHYNLPIALEASRASAKAIAAIEKAGGKFTARYYTP
LGLRAHLNPQWFLEKRGRVPLQARPTKRRDIDFYSKEEKRGYLVMEKDKLLQDIKEAQNK
;
J
11 'polypeptide(L)'
;KHEYAPRFKIVQKKQKGRVPVRTGGSIKGSTLQFGKYGLRLKSEGIRISAQQLKEADNAIMRYVRPLNNGHLWRRLCTNV
AVCIKGNETRMGKGKGGFDHWMVRVPTGKILFEINGDDLHEKVAREAFRKAGTKLPGVYEFVSLDSLVRVGLHSFKNPKD
DPVKNFYDENAKKPSKKYLNILKSQEPQYKLFRGR
;
K
12 'polypeptide(L)'
;TVGIARKLSRDKAHRDALLKNLACQLFQHESIVSTHAKCKEASRVAERIITWTKRAITTSNSVAQAELKSQIQSQLFLAG
DNRKLMKRLFSEIAPRYLERPGGYTRVLRLEPRANDSAPQSVLELVDSPVMSESHTVNRGNLKMWLLVKSVINDDANQLP
HNPLTLQNLHKVAKFKAEAQLHGEIMLIKQVLLKEMSLPYDEALENERTQALLKEVYSSSLPKKTKKPSSYVMVPRP
;
L
13 'polypeptide(L)'
;YMVPATKRKTIPVYPPVQRIASSQIMKQVALSEIESLDPGAVKRKLISKKNKDRLKAGDVVRIVYDSSKCSYDTFVGYIL
SIDRKQLVQDASLLLRNQIAKTAVEIRVPLFSPLIERIDLLTPHVSSRQRNKHYYIRGTRLDVGDLEAGLR
;
M
14 'polypeptide(L)'
;TDTTPLKLSNELYAIFKIHNRPYLVTEGDRVILPFKLKQAEVGDILNMTDVTTLGSRNYKLVGHPINTSLYTLKATVVGK
TKRAFQTREVTKRRNRRVRHAKSKGDLTILRISELSMN
;
N
15 'polypeptide(L)'
;SITIENDKLLQQHIISLQQPEQLASQSLLSPLKREIYEANCKINGGFYKKDTIVKLPNSSERYKLKLTKREIEVLEPSVY
AQSYRIKSSMKKATLLLRLLGGLDVMKAISQCHFSNKKIAREVAELLQKGVKDGQKLGLKPEDLYISQIWTGSDGFWRKR
VEFKARTRIGIISHPYIHVRCILRTKSVTKRRLAYEAHLKEQKRAPWVQLGDKPIRGVTGGVYKW
;
O
16 'polypeptide(L)'
;DINVSEKIYKWTKAGIEQGKEHFKVGGNKVYFPKARIILLRPNAKHTPYQAKFIVPKSFNKLDLRDYLYHIYGLRAMNIT
TQLLHGKFNRMNLQTTRFREPQIKKMTIEMEEPFIWPEEPRPDENSFWDSTTPDNMEKYREERLNCLGSDANKPGTAFDG
VVGPYERVAQPFIPRFLKREIDNKRERHAAELQRADKLIALNRYIED
;
P
17 'polypeptide(L)'
;SGSYQHLSNVGSRVMKRLGNRPKNFLPHSEKFIKKSTPEFMKSDLKEVDEKTSFKSEKEWKFIPGDRVVVMSGASKGNIA
VIKSFDKRTNSFILDENGPTKTVPVPKQFWLEGQTSHMITIPVSILGKDLRLVADIDDEKTPGKTRTVAVRDVSFNGSYY
DADYKKVMPYRCVKGQPDLIIPWPKPDPIDVQTNLATDPVIAREQTFWVDSVVRNPIPKKAIPSIRNPHSKYKRGTLTAK
DIAKLVAPEMPLTEVRKSHLAEKKELAEREVPKLTEEDMEAIGARVFEFLEKQKRE
;
Q
18 'polypeptide(L)'
;SRTSMKDSAGRRLGPKKYEGQDVSTGEIIMRQRGTKFYPGENVGIGKDHSIFALEPGVVRYYLDPFHPKRKFIGVALRRD
LKLPSPHFEPTVRRFGRFELTNKRAAYKEENSISRKDYLAKPNILKQLEVRESKRKELQDKLSKVLRDELKLDIKDIELA
TSYLIRVRASLKNGYPIEDARFNSRYYLKEEERLKARRESWTNEKLSESLSKIDECSDLLNSSTSFNNKLELHQYISEQE
KQALKAKLLEDLEKSQHLETKKDKNYIKALFKDACNFLTLSEEVHLRRKYLKSVFPETDSTVETKSGKKSIVSRRFDYTK
NKVEVIARSRRAFLSKL
;
R
19 'polypeptide(L)'
;RQWRLIETRKIAKQPNYQVGDAKPLHMPKERKKFPDYKYGESNIFKQSNKGLYGGSFVQFGNNISESKAKTRKKWLPNVV
KKGLWSETLNRKISIKMTAKVLKTISKEGGIDNYLTKEKSARIKELGPTGWKLRYRVLKRKDEIENPPHKDAPIIEMAGG
KKAKIYYDEIVNGSPRKISVGRRRLMSFLYPLEKLEYRSVGKDLNYKKFVELFADV
;
S
20 'polypeptide(L)'
;ARTKFTKPKPKQPVLPKDKIRPPTQLTHHSNNLRITEPIPPTTSNLRCPDDHPLWQFFSNKKFIRSADDLPPSSHIRPWS
IPELRHKSFNDLHSLWYNCLREQNVLARENHLLKNIVGSTHDEFSELSNSIRTTMWQIRHVLNERELAYSASREFLQDES
ERKKFLDTLANDYFLNKDIPDDEVASMLTRFQLAIFGISETIQDNTVDINFIDGIKFLANLKLQR
;
T
21 'polypeptide(L)'
;VFYKVTLSRSLIGVPHTTKSIVKSLGLGKRGSIVYKKVNPAIAGSLAKVKELVKVEVTEHELTPSQQRELRKSNPGFIVE
KR
;
U
22 'polypeptide(L)'
;MLKSIFAKRFASTGSYPGSTRITLPRRPAKKIQLGKSRPAIYHQFNVKMELSDGSVVIRRSQYPKGEIRLIQDQRNNPLW
NPSRDDLVVVDANSGGSLDRFNKRYSSLFSVDSTTPNSSSETVELSEENKKKTQIKKEEKEDVSEKAFGMDDYLSLLDDS
EQQIKSGKLASKKRDKK
;
V
23 'polypeptide(L)'
;AVPKKKVSHQKKRQKLYGPGKKQLKMIHHLNKCPSCGHYKRANTLCMYCVGQISHIWKTHTAKEEIKPRQEEELSELDQR
VLYPGRRDTKYTKDLKDKDNYLERRVRTLKKD
;
W
24 'polypeptide(L)' SKNSVIKLLSTAASGYSRYISIKKGAPLVTQVRYDPVVKRHVLFKEAKKRKVAERKPLDFLRTA X
25 'polypeptide(L)' KSRGNTYQPSTLKRKRTFGFLARAKSKQGSKILKRRKLKGRWFLSH Y
26 'polypeptide(L)' LMKTHKGTAKRWRRTGNTFKRGIAGRKHGNIGWSHRSLKALTGRKIAHPAYSKHLKRLLPYH Z
27 'polypeptide(L)' FKVRTSVKKFCSDCYLVRRKGRVYIYCKSNKKHKQRQG 0
28 'polypeptide(L)'
;HIWSDFTTRPSSLSIQSSKVKNYLFQKKASLDPPSISRRSNRIKYSPPEHIDEIFRMSYDFLEQRSSKFYELANKTKNPL
KKDALLIKAEINNPEVQYNFQFNNKLNNVKDIIDYDVPVYRHLGKQHWESYGQMLLMQRLETLAAIPDTLPTLVPRAEVN
IKFPFSTGVNKWIEPGEFLSSNVTSMRPIFKIQEYELVNVEKQLYTVLIVNPDVPDLSNDSFKTALCYGLVNINLTYNDN
LIDPRKFHSSNIIADYLPPVPEKNAGKQRFVVWVFRQPLIEDKQGPNMLEIDRKELSRDDFDIRQFTKKYNLTAIGAHIW
RSEWDAKVAAVREKYGLPPGRVFSRVRR
;
1
29 'polypeptide(L)'
;SLSPLAQRVVTQLSVMSASRKQPKLLKLAREDLIKHQTIEKCWSIYQQQQRERRNLQLELQYKSIERSMNLLQELSPRLF
EAANASEKGKRFPMEMKVPTDFPPNTLWHYNFR
;
2
30 'polypeptide(L)'
;LTRPWKKYRDGELFYGLSKVGNKRVPLTTKQGNKTMYKGTRASGIGRHTKFGGYVINWKKVRTYVTPDMVNFELKPYVNA
NVPPLKHEFKGFSGGPLDPRLQLLKIKEYIVNGRVQSEGATDTSCYKERG
;
3
31 'polypeptide(L)'
;VVKAIARNSIGRNGVGAFVFPCRKITLQFCNWGGSSEGMRKFLTSKRLDKWGQEFPWIQFEVMRKSGHPLLRAEYTNGRE
KVICVRNLNIDNVENKLKLLKDSDGDILRRRTKNDNVESLNSSVRGIWSPLHAAKRHR
;
4
32 'polypeptide(L)'
;ESELAKYKEYYQGLKSTVNEIPESVASKSPSLRTLHKRLQLPNELTYSTLSRCLTCPSAKLPDKINNPTKGAAFVNTVPT
NKYLDNHGLNIMGKNLLSYHVTKSIIQKYPRLPTVVLNAAVNAYISEAVLAHIAKYWGIEVETTSVLSRYLKMEPFEFTL
GRLKFFNNSLNSKDGIELITGKNFSETSALAMSVRSIIAAIWAVTEQKDSQAVYRFIDDHIMSRKLDITKMFQFEQPTRE
LAMLCRREGLEKPVSKLVAESGRLSKSPVFIVHVFSGEETLGEGYGSSLKEAKARAATDALMKWYCYEPLAQQEPVIDPG
TVVV
;
5
33 'polypeptide(L)'
;MKVNLMLKRGLATATATASSAPPKIKVGVLLSRIPIIKSELNELEKKYYEYQSELEKRLMWTFPAYFYFKKGTVAEHKFL
SLQKGPISKKNGIWFPRGIPDIKHGRERSTKQEVKLSDDSTVAFSNNQKEQSKDDVNRPVIPNDRITEADRSNDMKSLER
QLSRTLYLLVKDKSGTWKFPNFDLSDESKPLHVHAENELKLLSGDQIYTWSVSATPIGVLQDERNRTAEFIVKSHILAGK
FDLVASKNDAFEDFAWLTKGEISEYVPKDYFNKTEFLLADN
;
6
34 'polypeptide(L)'
;APIFPKLEDVKMHELIGNNNFGKKTYYVERSRTGNLPVYSAYKNGGNKIITEIRKIEGDVIQLRNDLQEQLPFIPKKSWS
VVMQSKKIIIKGNAVEAVKRVLTKKF
;
7
35 'polypeptide(L)'
;MSSLLKLHCIRPLPQRSVWLSGYKQKARCIHSSAANGDFMSWFKRKKQEEHQEPVKDTKQLIKDIEEGTNEASSQSSSNN
KNRLELIPENFIGEGSRRCKRQKELKLAVSSAPFNQWLSRDKITSDNQLDDMILQATEKTLGKVDQDVQFSDLVAKFQFT
KFLQSKSGYLIPDYELTTLSTPLQFKRYIKEKILPSANDPKLAYKEAEPNAIHPFSDNYASPNIYVVNDVTSKEQKSKYD
TIMKEIQKLEDDATRKALETARSA
;
8
36 'polypeptide(L)'
;VIYLHKGPRINGLRRDPESYLRNPSGVLFTEVNAKECQDKVRSILQLPKYGINLSNELILQCLTHKSFAHGSKPYNEKLN
LLGAQFLKLQTCIHSLKNGSPAESCENGQLSLQFSNLGTKFAKELTSKNTACTFVKLHNLDPFIFWKMRDPIKDGHINGE
TTIFASVLNAFIGAILSTNGSEKAAKFIQGSLLDKEDLHSLVNIANENVASAKAK
;
9
37 'polypeptide(L)'
;KQFGFPKTQVTTIYNKTKSASNYKGYLKHRDAPGMYYQPSESIATGSVNSETIPRSFMAASDPRRGLDMPVQSTKAKQCP
NVLVGKSTVNGKTYHLGPQEIDEIRKLRLDNPQKYTRKFLAAKYGISPLFVSMVSKPSEQHVQIMESRLQEIQSRWKEKR
RIAREDRKRRKLLWYQA
;
a
38 'polypeptide(L)'
;YKQYFDSLPLKLKSFFQRYPPSIKYSPVSTSTKAINANPFLPNKHPVTQRFHDPKYSLRRMSDVYKLALRYGVEEFLPPI
ENTKKLFFEEKYNKKTLMKGVLLPKGHKHELKLNEKLKKREEALKKVDELIASKKGSKYAKRVEKMKKNQSIGWF
;
b
39 'polypeptide(L)'
;GGLLWKIPWRMSTHQKTRQRERLRNVDQVIKQLTLGLHVQRCQDKGLTYQEAMESKKKYKPRSKSLRLLNKPSVFPKENQ
MSSKDKYWTFDKKAVGYRKGIHKVPKWTKISIRKAPKFF
;
c
40 'polypeptide(L)'
;MKVNHSISRFRPASWFEKTKIIPPQVYIFRNLEYGQVLYSQFPNFSQTQVDKLFVRPNWSNRKPSLRRDIWKCMCVVNLQ
NYKQSVHLYQNLCRLRYLRDVAQRKESDKLRKKDSNGHVWYSGQYRPTYCQEAVADLRESLLKVFENATPAEKQTVPAKK
PSIYWEDPWRMGDKDKHWNYDVFNALGLEHKLIQRVGNIAREESVILKELAKLES
;
d
41 'polypeptide(L)'
;MTLAELLGRSRIAQVANNHKPLTYTGKKFHPTHQIIETKPSTLYRQEWGLKSAIPSKIKSRYLVYNDLDTLERITTFEPR
GGTQWNRLRFQEMGVPIVSNIGRQNPFFKYISRPEDESHAKLSLFKEMKGDTDISPAAMKKRLKKITALIRSFQDEFKEW
LVENHPDELKLNSNKLEDYVVKFLNKKLETKTNKKFNTEIIGTGGLSYSLPGKLKNSPNGVIQRTVVPGRILNVVKENND
NKWLAAIGGFVADVVFFQSPPSSFNSMGDFIRMKTFLFEILEASMEKNGSVSMHARLLEPQNDKTREFFNKRPIYKPLTS
RRARRPSVGNIQEANNLLNIIKGN
;
AA
42 'polypeptide(L)'
;PYPNLIPSANDKPYSSQELFLRQLNHSMRTAKLGATISKVYYPHKDIFYPPLPENITVESLMSAGVHLGQSTSLWRSSTQ
SYIYGEYKGIHIIDLNQTLSYLKRAAKVVEGVSESGGIILFLGTRQGQKRGLEEAAKKTHGYYVSTRWIPGTLTNSTEIS
GIWEKQEIDSNDNPTERALSPNETSKQVKPDLLVVLNPTENRNALLEAIKSRVPTIAIIDTDSEPSLVTYPIPGNDDSLR
SVNFLLGVLARAGQRGLQNRLARNNE
;
BB
43 'polypeptide(L)'
;MKLKLLNMILSMMNKTNNNNNIIINNTLDSLMNKKLLLKNMLLDMNNKKMNNMKRMLNNNNMNPAGANPVVHRIGPAGNI
NNKLQHLNNMNNWNTQIYNYNKNMEIMNTMNDKLINKLLYKMMTLKLNNMNINKIIMSKTINQHSLNKLNIKFYYYNNDI
NNNNNNNNNNYYMNMMNKLMNIMNNNMNNNLCNILSYYYKKKVTIEPIKLSYIYLNSDIFSKYISLNDMDKYNNGILTNY
QRMLNNIMPKLNDHNISMNYINNINNINNNKYNNMINLLNNNNNINNNNNYNNNNNNYIGNINNIYNNMTIDNIPMDILM
YKYLVGWSIKFKGRLSNNNGRTSTTNLLNGTFNNKKYLWSNINNNYKLNYIPSNHNLYNNSNINKNGKYNIKVKLNFI
;
CC
44 'polypeptide(L)'
;MPRKANLLKSLARGRVRTSFNKYNLFNLYKKGGVDLKSKSLYQQKWTAKQETRAYHGEHLTEKRWQTVFKPKLDSVAQLD
ASLRGGEIKETPFLLQTFAVLEKRLDFALFRAMFASSVRQARQFILHGNVRVNGVKIKHPSYTLKPGDMFSVKPDKVLEA
LGAKKPSFQEALKIDKTQIVLWNKYVKEAKTEPKEVWEKKLENFEKMSDSNPKKLQFQEFLRQYNKNLESQQYNALKGCT
QEGILRKLLNVEKEIGKSNNEPLSIDELKQGLPEIQDSQLLESLNNAYQEFFKSGEIRREIISKCQPDELISLATEMMNP
NETTKKELSDGAKSALRSGKRIIAESVKLWTKNITDHFKTRMSDISDGSLTFDPKWAKNLKYHDPIKLSELEGDEPKARK
LINLPWQKNYVYGRQDPKKPFFTPWKPRPFLSPFAILPHHLEISFKTCHAVYLRDPVARPGQSEVISPFDVPVHERAYMY
YLRNGK
;
DD
45 'polypeptide(L)'
;QHYDESLLSRYYPESLLKSIKLAQQTIPEDTKFRVSRNVEFAPPYLDDFTKIHPFWDYKPGMPHLHAQEENNNFSIFRWD
QVQQPLPGEGNILPPGVSLPNDGGRKSKSADVAAGLHKQTGVDPDYITRKLTMKPLVMKRVSNQTGKGKIASFYALVVVG
DKNGMVGLGEGKSREEMSKAIFKAHWDAVRNLKEIPRYENRTIYGDIDFRYHGVKLHLRSAKPGFGLRVNHVIFEICECA
GIKDLSGKVYKSRNDMNIAKGTIEAFTKAQKTLDEVALGRGKKLVDVRKVYYS
;
EE
46 'polypeptide(L)'
;MLYELIGLVRITNSNAPKLEAKELSSTIGKLIIQNRGVVRDIVPMGIRYLPKIMKKDQEKHFRAYHFLMLFDSSAAVQSE
ILRTLKKDPRVIRSSIVKVDLDKQLDRASSLHRSLGKKSILELVN
;
FF
47 'polypeptide(L)'
;KIKPTAEQLAQWEALKSVPIPPRKNATLDHITNMIMRHGKKEKAQTILSRALYLVYCQTRQDPIQALEKSLDELAPLMMT
KTFNTGVAKASVIPVPLNKRQRNRIAWNWIVQSANQRVSSDFAVRLGEELTAIAKGTSSAFEKRDQIHKTAIAHRAYIQL
K
;
GG
48 'polypeptide(L)'
;SLVKLANTCAHLQNCSKVRVALTSIPYTKLQLQFAYNLYQQGFLSSLQKGSTMGPDKDFVEVTPDNISTRRLWVGLKYRD
NKPVLSSCKLISKPNSRIHLPMEDMKKLCSGVTIRNIKPLQPGELILVRAHNNIMDINEAISKKLDGEVLCRVK
;
HH
49 'polypeptide(L)'
;RRIVPKLATFYSANPNHEDRINRLERLLRKYIKLPSQNNNEAQQTKAPWISFDEYALIGGGTKLKPTQYTQLLYMLNKLH
NIDPQLTNDEITSELSQYYKKSSMLSNNIKIKTLDEFGRSIAVGKRKSSTAKVFVVRGTGEILVNGRQLNDYFLKMKDRE
SIMYPLQVIESVGKYNIFATTSGGGPTGQAESIMHAIAKALVVFNPLLKSRLHKAGVLTRDYRHVERKKPGKKKARKMPT
WVKR
;
II
50 'polypeptide(L)'
;STRPYPVNVEAVYYAPLKLPIKYGDLVADIQLRSYDNENLDFYSDFILRTGYYLGIPLTGPKPLPTRRERWTVIKSPFVH
AKSKENFERHTHKRLIRAWDTNPEVLQMLIAYITKHSMAGVGMKCNFFQRSEISLDLGSDANGLEKSLSNIDELYSLRND
DKAQTSAVGQKVLELLDSPDFKKHLE
;
JJ
51 'polypeptide(L)'
;KEEVVKYILHGKFTKNNTHLTFSSVVEDKNFHKNKGLTYNDTMLYYLNLPQKVKISLSTGCLGFRKAARGEYEAAFQTSG
RMFELIKEKNMLNKDIEVVMDDFGKGRAAFISALVGKEGASVVKKVVKISDATKLKFGGVRSPKMRRL
;
KK
52 'polypeptide(L)'
;ATLNQIKRGSGPPRRKKISTAPQLDQCPQRKGVVLRVMVLKPKKPNSAQRKACRVRLTNGNVVSAYIPGEGHDAQEHSIV
YVRGGRCQDLPGVKYHVIRGAGDLSGVVNRISSRSKYGAKKPSK
;
LL
53 'polypeptide(L)'
;VVHILGKGFKGKEVIKIALASKFYGIGKTTAEKICSKLGFYPWMRMHQLSEPQIMSIASELSTMTIEGDARAIVKDNIAL
KRKIGSYSGMRHTLHLPVRGQHTRNNAKTARKLNKIDRRG
;
MM
54 'polypeptide(L)'
;MGNFRFPIKTKLPPGFINARILRDNFKRQQFKENEILVKSLKFIARNMNLPTKLRLEAQLKLNALPNYMRSTQIKNRCVD
SGHARFVLSDFRLCRYQFRENALKGNLPGVKKGIW
;
NN
55 'polypeptide(L)'
;SAKAVKFLKAQRRKQKNEAKQATLKASTDKVDPVLGRADTPFITRIMAELKEPLVLSKGYNIEEVDKFLAAIESAKRERA
ELSGLNTEVVGIEDIEKLEDRREAILRILSMRNSENKNAIKMAVELARKEFERFPGDTGSSEVQAACMTVRIQNMANHIK
EHRKDFANTRNLRILVQQRQAILRYLKRDNPEKYYWTIQKLGLNDAAITDEFNMDRRYMQDYEFFGDKILIRDSKKVANQ
KRKEIRKQKRATF
;
OO
56 'polypeptide(L)'
;TCGLVRIRLARFGRKNSPVYNIVVANSRKARDAKPIEVLGTYVPVPSPVTKRELKRGVVPIKDVKLDFDRTKYWIGVGAQ
PSETVTKLLRKAGILNDAWATSKNSNVNRKVVFERMETL
;
PP
57 'polypeptide(L)'
;MARQNFLGLVVSQGKMQKTVKVRVETKVFNKKINKELFHRRDYLVHDEGEISREGDLVRIEATRPLSKRKFFAIAEIIRN
KGQQFALYESEAQLSVAKEEAQKAKEFLDKRSVRENKLNEKTTLLRDIRTIQDALSSGSTPKELLEIKQRYGIQDFSQET
VRQLLQLDISGLEVNLEKQRSLIDRIQTRLSELLSNDLKCDQFLKDHGVEDPLTLKKNIKKNLLRKHVMMDMQQPSQ
;
QQ
58 'polypeptide(L)'
;KIDQSLSKKLPKGTIYDPFDFSMGRIHLDRKYQANKNSNRNDIMKSGANPLEFYARPRILSRYVTSTGRIQHRDITGLSA
KNQRRLSKAIRRCQAIGLM
;
RR
59 'polypeptide(L)' SRSVWKGPNIVPLPIREAMTKGTPIRTNARAATILPQFVGLKFQIHNGKEYVPIEISEDMVGHKLGEFAPTRKRFSYTQT SS
60 'polypeptide(L)'
;AEIARSSVENAQMRFNSGKSIIVNKNNPAESFKRLNRIMFENNIPGDKRSQRFYMKPGKVAELKRSQRHRKEFMMGFKRL
IEIVKDAKRKGY
;
TT
61 'polypeptide(L)'
;MKIQTNAVNVLQRTSAYLKSGLLKETPAWYNVVASIPPSTKFTREPRFKNPSNGHIIGKLVDVTEQPHANNKGLYKTRPN
SSDKRVGVKRLYRPPKLTYVEDRLRSLFYKQHPWELSRPKILVENEIGDENYDWSHMLQIGRPLDGESVIQRTMYLIKTK
QYGDMVEAYDHARYEFYALRMQEETEQQVALEEAEMFGSLFGVSAIEHGIQKEQEVLDVWEKKVVEETELMAA
;
UU
62 'polypeptide(L)'
;GKGAAKYGFKSGVFPTTRSILKSPTTKQTDIINKVKSPKPKGVLGIGYAKGVKHPKGSHRLSPKVNFIDVDNLIAKTVAE
PQSIKSSNGSAQKVRLQKAELRRKFLIEAFRKEEARLLHKHEYLQKRTKELEKAKELELEKLNKEKSSDLTIMTLDKMMS
QPLLRNRSPEESELLKLKRNYNRSLLNFQAHKKKLNELLNLYHVANEFIVTESQLLKKIDKVFNDETEEFTDA
;
VV
63 'polypeptide(L)'
;RVTPGSLYKNWTNTTHTAQLQQTAVPLALPIFNFDDISKTLNKVVSYSNKQYKSLHHLGSFKKSQFNELFQKPVCLVRED
ATNSFLKKLVSHPVKKFIITGEPGVGKTVLLSQAHAYAVDSKQIIINISYPELFLNGRNDFSYDDDLKLFIQPMYLKKLI
RKILKANDPALLKSIELSKDYKFSNANPKNASVKPFVTLNKTKNTVLDLLSVMTHPHNRGKLMKAIIDELSVQSKVPIMF
TVDNFSKVLTTAYSAYRNTENKQIYSLDLQMGKLMMDIISGETKFANGESSTILAISGVDRTNKTLPVALGKIPVDPYVT
RYHYEPKFVELLQKGNVTEFEVPKLNKQEVNELIDYYKQSNVLLDKDITGKKWENLIDEKYFLSGNGNPRELLKSLVLSH
R
;
WW
64 'polypeptide(L)'
;MNVPKARLLKVAELSAKIFDQNFNPSGIRTGSKILNERLKGPSVASYYGNPDILKFRHLKTLYPDIEFVDLEEQYRLSMV
EAKKRRGKGAPKKMKK
;
XX
65 'polypeptide(L)'
;SADLYMHPEKWKGLPPQRILELYWERMARLGSEYKPNKDELNALLTTSEYSNVPVNDIKKLYHRGEQGAIDIKGGNVNRD
NSLRPFMFDELPSQAQELVAQHREQRFYNRLAAYELPLLAQYRQEYKRPSPESHPVTYRYTSYVGEEHPNSRKVVLSVKT
KELGLEEKSLHKFRILARSRYDHTTDIFKMSSDKFEHASQNARYLHDILQRLLAESKDLTEDDFSDVPLDTRHTIAKSLR
KKKRDYEFPEHWKRPEDAPKKKFDIVDQLLSTL
;
YY
66 'polypeptide(L)'
;PPVYRLPPLPRLKVKKPIIRQEANKCLVLMSNLLQCWSSYGHMSPKCAGLVTELKSCTSESALGKRNNVQKSNINYHAAR
LYDRINGKPHD
;
ZZ
67 'polypeptide(L)' DSVMRKRKKKMKKHKLRKRRKREKAERRKLSQGR 11
68 'polypeptide(L)'
;TIPKPSDQVPDVDAFLNKIGRNCNELKDTFENNWNNLFQWDSKILKEKGVNIQQRKYILKQVHNYRNNRPIHEIKLGKKS
FFGGERKRKAFTAKWKAEN
;
22
69 'polypeptide(L)'
;IHVVPKLPNSKALLQNGVPNILSSSGFKTVWFDYQRYLCDKLTLATAGQSLESYYPFHILLKTAGNPLQSNIFNLASSIH
NNHLFVENILPSAVEHGTNSNAVVKTEPSRLFLSKIKDSFNGSDWEVVKEEMIYRAENEVLGQGWLFLVENNEKKLFILT
SNNNGTPYYFPRNQSFDLNSAISIDEFATLKQMKELIGKSTKLNGKVQDWTMPIICVNLWDHAYLHDYGVGNRSKYVKNV
LDNLNWSVVNNRIFS
;
33
70 'polypeptide(L)'
;MLRFTGARAIRKYSTRYALEHLKEGAPLKGLFSIEGLQKAWFDRVKYLDAKLNDCTNEAQQKPLETLIHENSKSASKKHI
VNYASSLYNLKFSMSSLQGCIRTPPEECPRLGPEALLQTPDFNRTISNEPLTTGNERLQAALISSFGSLMEFRTLLINSN
LAISGDGFTWLVARRQLDKRAMRNDMPNRDIEYDKLFILNTYNAGTPFNFSTSGVMNELNNQYTNMEKQRAKEAGNLEDS
EMTAKQAKTKFIYETQQKGFSGKEVSYIPLLAIDASPKTWLTDYGVFGKREYLERVWDSIEWKIVESRLPQRTKIQAFNT
L
;
44
71 'polypeptide(L)'
;MGTITVVINEGPILLIRALHRATTNKKMFRSTVWRRFASTGEIAKAKLDEFLIYHKTDAKLKPFIYRPKNAQILLTKDIR
DPKTREPLQPRPPVKPLSKQTLNDFIYSVEPNSTELLDWFKEWTGTSIRKRAIWTYISPIHVQKMLTASFFKIGKYAHMV
GLLYGIEHKFLKAQNPSVFDIEHFFNTNIMCALHRNRLKDYKDAEIAQRKLQVAWKKVLNRKNNTGLANILVATLGRQIG
FTPELTGLQPVDISLPDIPNSSSGAELKDLLSKYEGIYLIARTLLDIDQHNAQYLELQEFIRQYQNALSESSDPYDTHLK
ALGLLETPPPQESTEKEEK
;
55
72 'polypeptide(L)'
;FSRRRIAYPFYPFKKLGRQHPKKHDTNLKTAMRQFLGPKNYKGEYVMNKYFTVPTNHVPNYIKPDLERGQSLEHPVTKKP
LQLRYDGTLGPPPVENKRLQNIFKDRLLQPFPSNPHCKTNYVLSPQLKQSIFEEITVEGLSAQQVSQKYGLKIPRVEAIV
KLVSVENSWNRRNRVSSDLKTMDETLYRMFPVFDSDASFKRENLSEIPVPQKTLASRFLTIAESEPFGPVDAAHVLELEP
AVETLRNLSTVGEHSSGHQQSTNKNTKVIYGELVEGERSQYKFTNAKVGKVGYRYGSGNRDNKKDRRIGFNKLGQMVYI
;
66
73 'polypeptide(L)'
;SSEYVLEEPTPLSLLEYTPQVFPTKESRLVNFTLDSLKKSNYPIYRSPNLGILKVHDFTLNTPNFGKYTPGSSLIFAKEP
QLQNLLIEEDPEDFHRQVTGEYQLLKPYVKKDFEKLTKSKDTVSKLVQNSQVVRLSLQSVVMGSEEKKLVYDVCSGMKPI
SELQQ
;
77
74 'polypeptide(L)'
;APPVLFTVQDTARVITLNRPKKLNALNAEMSESMFKTLNEYAKSDTTNLVILKSSNRPRSFCAGGDVATVAIFNFNKEFA
KSIKFFTDEYSLNFQIATYLKPIVTFMDGITMGGGVGLSIHTPFRIATENTKWAMPEMDIGFFPDVGSTFALPRIVTLAN
SNSQMALYLCLTGEVVTGADAYMLGLASHYVSSENLDALQKRLGEISPPFNNDPQSAYFFGMVNESIDEFVSPLPKDYVF
KYSNEKLNVIEACFNLSKNGTIEDIMNNLRQYEGSAEGKAFAQEIKTKLLTKSPSSLQIALRLVQENSRDHIESAIKRDL
YTAANMCMNQDSLVEFSEATKHKLIDKQRVPYPWTKKEQLFVSQLTSITSPKPSLPMSLLRNTSNVTWTQYPYHSKYQLP
TEQEIAAYIEKRTNDDTGAKVTEREVLNHFANVIPSRRGKLGIQSLCKIVCERKCEE
;
88
75 'polyribonucleotide'
;GUAAAAAAUUUAUAAGAAUAUGAUGUUGGUUCAGAUUAAGCGCUAAAUAAGGACAUGACACAUGCGAAUCAUACGUUUAU
UAUUGAUAAGAUAAUAAAUAUGUGGUGUAAACGUGAGUAAUUUUAUUAGGAAUUAAUGAACUAUAGAAUAAGCUAAAUAC
UUAAUAUAUUAUUAUAUAAAAAUAAUUUAUAUAAUAAAAAGGAUAUAUAUAUAAUAUAUAUUUAUCUAUAGUCAAGCCAA
UAAUGGUUUAGGUAGUAGGUUUAUUAAGAGUUAAACCUAGCCAACGAUCCAUAAUCGAUAAUGAAAGUUAGAACGAUCAC
GUUGACUCUGAAAUAUAGUCAAUAUCUAUAAGAUACAGCAGUGAGGAAUAUUGGACAAUGAUCGAAAGAUUGAUCCAGUU
ACUUAUUAGGAUGAUAUAUAAAAAUAUUUUAUUUUAUUUAUAAAUAUUAAAUAUUUAUAAUAAUAAUAAUAAUAAUAUAU
AUAUAUAAAUUGAUUAAAAAUAAAAUCCAUAAAUAAUUAAAAUAAUGAUAUUAAUUACCAUAUAUAUUUUUAUAUGGAUA
UAUAUAUUAAUAAUAAUAUUAAUUUUAUUAUUAUUAAUAAUAUAUUUUAAUAGUCCUGACUAAUAUUUGUGCCAGCAGUC
GCGGUAACACAAAGAGGGCGAGCGUUAAUCAUAAUGGUUUAAAGGAUCCGUAGAAUGAAUUAUAUAUUAUAAUUUAGAGU
UAAUAAAAUAUAAUUAAAGAAUUAUAAUAGUAAAGAUGAAAUAAUAAUAAUAAUUAUAAGACUAAUAUAUGUGAAAAUAU
UAAUUAAAUAUUAACUGACAUUGAGGGAUUAAAACUAGAGUAGCGAAACGGAUUCGAUACCCGUGUAGUUCUAGUAGUAA
ACUAUGAAUACAAUUAUUUAUAAUAUAUAUUAUAUAUAAAUAAUAAAUGAAAAUGAAAGUAUUCCACCUGAAGAGUACGU
UAGCAAUAAUGAAACUCAAAACAAUAGACGGUUACAGACUUAAGCAGUGGAGCAUGUUAUUUAAUUCGAUAAUCCACGAC
UAACCUUACCAUAUUUUGAAUAUUAUAAUAAUUAUUAUAAUUAUUAUAUUACAGGCGUUACAUUGUUGUCUUUAGUUCGU
GCUGCAAAGUUUUAGAUUAAGUUCAUAAACGAACAAAACUCCAUAUAUAUAAUUUUAAUUAUAUAUAAUUUUAUAUUAUU
UAUUAAUAUAAAGAAAGGAAUUAAGACAAAUCAUAAUGAUCCUUAUAAUAUGGGUAAUAGACGUGCUAUAAUAAAAUGAU
AAUAAAAUUAUAUAAAAUAUAUUUAAUUAUAUUUAAUUAAUAAUAUAAAACAUUUUAAUUUUUAAUAUAUUUUUUUAUUA
UAUAUUAAUAUGAAUUAUAAUCUGAAAUUCGAUUAUAUGAAAAAAGAAUUGCUAGUAAUACGUAAAUUAGUAUGUUACGG
UGAAUAUUCUAACUGUUUCGCACUAAUCACUCAUCACGCGUUGAAACAUAUUAUUAUCUUAUUAUUUAUAUAAUAUUUUU
UAAUAAAUAUUAAUAAUUAUUAAUUUAUAUUUAUUUAUAUCAGAAAUAAUAUGAAUUAAUGCGAAGUUGAAAUACAGUUA
CCGUAGGGGAACCUGCGGUGGGCUUAUAAAUAUCUUAAAUAUUCUUACA
;
aa
76 'polyribonucleotide' GGCUACGUAGCUCAGUUGGUAGAGCACAUCACUCAUAAUGAUGGGGUCACAGGUUCGAAUCCCGUCGUAGCCACCA bb
77 'polypeptide(L)'
;(UNK)(UNK)(UNK)(UNK)(UNK)(UNK)(UNK)(UNK)(UNK)(UNK)(UNK)(UNK)(UNK)(UNK)(UNK)(UNK)
(UNK)(UNK)(UNK)(UNK)(UNK)(UNK)(UNK)(UNK)(UNK)(UNK)(UNK)(UNK)(UNK)(UNK)(UNK)(UNK)
(UNK)(UNK)(UNK)(UNK)(UNK)(UNK)(UNK)(UNK)(UNK)(UNK)(UNK)(UNK)(UNK)(UNK)(UNK)(UNK)
(UNK)(UNK)(UNK)(UNK)(UNK)(UNK)(UNK)(UNK)(UNK)(UNK)(UNK)(UNK)(UNK)(UNK)(UNK)(UNK)
(UNK)(UNK)(UNK)(UNK)(UNK)(UNK)(UNK)(UNK)(UNK)(UNK)(UNK)(UNK)(UNK)(UNK)(UNK)(UNK)
(UNK)(UNK)(UNK)(UNK)(UNK)(UNK)(UNK)(UNK)(UNK)(UNK)(UNK)(UNK)(UNK)(UNK)
;
cc
78 'polypeptide(L)'
;(UNK)(UNK)(UNK)(UNK)(UNK)(UNK)(UNK)(UNK)(UNK)(UNK)(UNK)(UNK)(UNK)(UNK)(UNK)(UNK)
(UNK)(UNK)(UNK)(UNK)(UNK)(UNK)(UNK)(UNK)(UNK)(UNK)(UNK)(UNK)(UNK)(UNK)(UNK)(UNK)
(UNK)(UNK)(UNK)(UNK)(UNK)(UNK)(UNK)(UNK)(UNK)(UNK)(UNK)(UNK)(UNK)(UNK)(UNK)(UNK)
(UNK)(UNK)(UNK)(UNK)(UNK)(UNK)(UNK)(UNK)(UNK)(UNK)(UNK)(UNK)(UNK)(UNK)(UNK)(UNK)
(UNK)(UNK)(UNK)(UNK)(UNK)(UNK)(UNK)(UNK)(UNK)(UNK)(UNK)(UNK)(UNK)(UNK)(UNK)(UNK)
(UNK)(UNK)(UNK)(UNK)(UNK)(UNK)(UNK)(UNK)(UNK)(UNK)(UNK)(UNK)(UNK)(UNK)(UNK)(UNK)
(UNK)(UNK)(UNK)(UNK)(UNK)(UNK)(UNK)(UNK)(UNK)(UNK)(UNK)(UNK)(UNK)(UNK)(UNK)(UNK)
(UNK)(UNK)(UNK)(UNK)(UNK)(UNK)(UNK)(UNK)(UNK)(UNK)(UNK)(UNK)(UNK)(UNK)(UNK)(UNK)
(UNK)(UNK)(UNK)(UNK)(UNK)(UNK)(UNK)(UNK)(UNK)(UNK)(UNK)(UNK)(UNK)(UNK)(UNK)(UNK)
(UNK)(UNK)(UNK)(UNK)(UNK)(UNK)(UNK)
;
dd
#
# COMPACT_ATOMS: atom_id res chain seq x y z
N LEU B 61 27.52 44.76 71.08
CA LEU B 61 26.45 44.15 71.93
C LEU B 61 25.42 43.40 71.10
N LYS B 62 24.87 42.33 71.69
CA LYS B 62 23.90 41.47 71.01
C LYS B 62 22.48 41.87 71.39
N ILE B 63 21.62 42.01 70.38
CA ILE B 63 20.22 42.34 70.56
C ILE B 63 19.35 41.25 69.92
N ILE B 64 19.02 40.24 70.71
CA ILE B 64 18.16 39.13 70.23
C ILE B 64 16.69 39.57 70.20
N PRO B 65 15.95 39.22 69.11
CA PRO B 65 14.49 39.35 69.15
C PRO B 65 13.85 38.33 70.08
N ASN B 66 13.02 38.79 71.03
CA ASN B 66 12.40 37.89 72.02
C ASN B 66 11.27 37.05 71.43
N ASP B 67 11.19 35.79 71.87
CA ASP B 67 10.17 34.83 71.43
C ASP B 67 9.31 34.47 72.64
N THR B 68 8.73 35.51 73.25
CA THR B 68 7.96 35.41 74.49
C THR B 68 6.55 35.93 74.26
N ASP B 69 5.61 35.46 75.10
CA ASP B 69 4.22 35.85 75.06
C ASP B 69 3.56 35.32 73.77
N ILE B 70 3.72 34.00 73.58
CA ILE B 70 3.12 33.25 72.49
C ILE B 70 2.14 32.27 73.12
N VAL B 71 1.09 32.00 72.37
CA VAL B 71 -0.07 31.28 72.85
C VAL B 71 0.02 29.81 72.42
N THR B 72 -0.66 28.94 73.17
CA THR B 72 -0.79 27.51 72.85
C THR B 72 -1.42 27.32 71.48
N LEU B 73 -2.55 27.97 71.30
CA LEU B 73 -3.23 28.13 70.04
C LEU B 73 -2.20 28.55 68.96
N GLU B 74 -1.70 29.79 69.02
CA GLU B 74 -0.75 30.33 68.04
C GLU B 74 0.34 29.32 67.63
N LYS B 75 0.93 28.70 68.65
CA LYS B 75 1.95 27.64 68.49
C LYS B 75 1.46 26.51 67.61
N GLN B 76 0.24 26.07 67.90
CA GLN B 76 -0.45 25.02 67.15
C GLN B 76 -0.61 25.38 65.65
N ASP B 77 -0.93 26.65 65.37
CA ASP B 77 -1.07 27.17 63.97
C ASP B 77 0.25 27.11 63.25
N GLU B 78 1.28 27.60 63.95
CA GLU B 78 2.64 27.59 63.45
C GLU B 78 3.06 26.17 63.06
N LEU B 79 2.79 25.23 63.96
CA LEU B 79 3.10 23.80 63.74
C LEU B 79 2.42 23.23 62.49
N ILE B 80 1.15 23.56 62.30
CA ILE B 80 0.40 23.19 61.11
C ILE B 80 1.04 23.78 59.86
N LYS B 81 1.27 25.08 59.90
CA LYS B 81 1.89 25.84 58.81
C LYS B 81 3.20 25.18 58.36
N ARG B 82 4.00 24.76 59.34
CA ARG B 82 5.23 24.00 59.11
C ARG B 82 4.96 22.65 58.44
N ARG B 83 3.96 21.93 58.95
CA ARG B 83 3.52 20.65 58.38
C ARG B 83 3.11 20.79 56.91
N ARG B 84 2.30 21.81 56.62
CA ARG B 84 1.88 22.13 55.25
C ARG B 84 3.06 22.39 54.33
N LYS B 85 4.00 23.20 54.82
CA LYS B 85 5.22 23.53 54.09
C LYS B 85 6.04 22.29 53.77
N LEU B 86 6.16 21.40 54.76
CA LEU B 86 6.81 20.09 54.59
C LEU B 86 6.12 19.24 53.52
N SER B 87 4.79 19.19 53.59
CA SER B 87 3.98 18.44 52.62
C SER B 87 4.17 18.97 51.19
N LYS B 88 4.22 20.30 51.07
CA LYS B 88 4.44 20.97 49.78
C LYS B 88 5.73 20.57 49.06
N GLU B 89 6.84 20.49 49.79
CA GLU B 89 8.15 20.21 49.17
C GLU B 89 8.18 18.79 48.61
N VAL B 90 8.81 18.64 47.44
CA VAL B 90 8.75 17.39 46.67
C VAL B 90 9.94 16.47 46.95
N THR B 91 9.79 15.21 46.54
CA THR B 91 10.84 14.20 46.71
C THR B 91 11.92 14.39 45.65
N GLN B 92 13.14 14.66 46.10
CA GLN B 92 14.27 14.91 45.21
C GLN B 92 14.97 13.60 44.85
N MET B 93 15.34 13.45 43.57
CA MET B 93 15.91 12.20 43.06
C MET B 93 17.43 12.32 42.90
N LYS B 94 18.13 11.22 43.18
CA LYS B 94 19.59 11.17 43.10
C LYS B 94 20.01 10.83 41.67
N ARG B 95 20.86 11.67 41.07
CA ARG B 95 21.41 11.41 39.76
C ARG B 95 22.91 11.77 39.80
N LEU B 96 23.75 10.74 39.77
CA LEU B 96 25.20 10.93 39.72
C LEU B 96 25.60 11.33 38.29
N LYS B 97 26.79 11.91 38.16
CA LYS B 97 27.32 12.25 36.85
C LYS B 97 27.65 10.96 36.10
N PRO B 98 27.20 10.84 34.83
CA PRO B 98 27.27 9.56 34.14
C PRO B 98 28.67 9.23 33.58
N VAL B 99 29.67 9.16 34.46
CA VAL B 99 31.06 8.88 34.04
C VAL B 99 31.23 7.43 33.57
N SER B 100 30.33 6.56 34.04
CA SER B 100 30.18 5.19 33.55
C SER B 100 28.82 5.09 32.83
N PRO B 101 28.71 4.25 31.79
CA PRO B 101 27.39 4.11 31.13
C PRO B 101 26.33 3.39 31.99
N GLY B 102 26.77 2.62 32.99
CA GLY B 102 25.86 2.03 33.97
C GLY B 102 25.21 3.06 34.89
N LEU B 103 25.91 4.16 35.16
CA LEU B 103 25.38 5.25 36.00
C LEU B 103 24.29 6.06 35.30
N ARG B 104 24.34 6.11 33.97
CA ARG B 104 23.48 7.00 33.17
C ARG B 104 22.00 7.00 33.54
N TRP B 105 21.47 5.83 33.86
CA TRP B 105 20.04 5.66 34.17
C TRP B 105 19.80 5.16 35.61
N TYR B 106 20.70 5.52 36.52
CA TYR B 106 20.56 5.17 37.93
C TYR B 106 19.86 6.33 38.66
N ARG B 107 18.57 6.16 38.94
CA ARG B 107 17.78 7.06 39.78
C ARG B 107 17.34 6.35 41.05
N SER B 108 17.49 7.04 42.17
CA SER B 108 16.99 6.58 43.46
C SER B 108 16.49 7.80 44.25
N PRO B 109 15.33 7.68 44.91
CA PRO B 109 14.78 8.86 45.62
C PRO B 109 15.55 9.18 46.90
N ILE B 110 15.86 10.45 47.09
CA ILE B 110 16.64 10.91 48.25
C ILE B 110 15.68 11.19 49.40
N TYR B 111 15.95 10.60 50.55
CA TYR B 111 15.21 10.85 51.78
C TYR B 111 16.23 11.26 52.84
N PRO B 112 16.43 12.58 53.06
CA PRO B 112 17.43 13.04 54.03
C PRO B 112 17.04 12.81 55.49
N TYR B 113 15.74 12.86 55.78
CA TYR B 113 15.20 12.53 57.11
C TYR B 113 15.44 11.08 57.53
N LEU B 114 15.58 10.19 56.53
CA LEU B 114 15.88 8.77 56.75
C LEU B 114 17.13 8.57 57.61
N TYR B 115 17.10 7.52 58.43
CA TYR B 115 18.17 7.23 59.39
C TYR B 115 19.40 6.68 58.68
N LYS B 116 20.57 7.14 59.10
CA LYS B 116 21.86 6.67 58.55
C LYS B 116 22.66 5.98 59.65
N GLY B 117 22.07 4.91 60.19
CA GLY B 117 22.72 4.05 61.18
C GLY B 117 22.18 2.63 61.08
N ARG B 118 22.66 1.76 61.96
CA ARG B 118 22.24 0.36 61.98
C ARG B 118 20.88 0.27 62.69
N PRO B 119 20.06 -0.76 62.35
CA PRO B 119 18.80 -0.95 63.06
C PRO B 119 19.06 -1.52 64.45
N VAL B 120 18.08 -1.44 65.33
CA VAL B 120 18.23 -2.03 66.67
C VAL B 120 18.37 -3.55 66.52
N ARG B 121 19.42 -4.09 67.13
CA ARG B 121 19.86 -5.46 66.86
C ARG B 121 18.94 -6.52 67.48
N ALA B 122 18.25 -6.15 68.55
CA ALA B 122 17.28 -7.04 69.21
C ALA B 122 16.04 -7.32 68.35
N LEU B 123 15.64 -6.35 67.53
CA LEU B 123 14.48 -6.51 66.63
C LEU B 123 14.80 -7.11 65.25
N THR B 124 16.06 -7.47 65.01
CA THR B 124 16.48 -8.06 63.73
C THR B 124 16.83 -9.54 63.87
N VAL B 125 16.34 -10.34 62.94
CA VAL B 125 16.65 -11.76 62.83
C VAL B 125 17.41 -11.90 61.50
N VAL B 126 18.19 -12.97 61.34
CA VAL B 126 18.87 -13.24 60.06
C VAL B 126 17.87 -13.55 58.94
N ARG B 127 18.13 -12.99 57.76
CA ARG B 127 17.32 -13.26 56.58
C ARG B 127 17.99 -14.41 55.83
N LYS B 128 17.49 -15.62 56.07
CA LYS B 128 18.05 -16.83 55.48
C LYS B 128 17.75 -16.88 53.98
N LYS B 129 18.82 -17.02 53.19
CA LYS B 129 18.68 -17.14 51.74
C LYS B 129 18.29 -18.56 51.35
N HIS B 130 17.61 -18.68 50.21
CA HIS B 130 17.18 -19.98 49.69
C HIS B 130 17.58 -20.24 48.22
N GLY B 131 17.82 -19.19 47.44
CA GLY B 131 18.03 -19.31 45.99
C GLY B 131 16.79 -19.72 45.22
N GLY B 132 15.61 -19.53 45.82
CA GLY B 132 14.36 -20.03 45.27
C GLY B 132 14.26 -21.55 45.23
N ARG B 133 14.94 -22.23 46.15
CA ARG B 133 14.88 -23.69 46.27
C ARG B 133 14.01 -24.09 47.44
N ASN B 134 13.06 -24.99 47.19
CA ASN B 134 12.23 -25.58 48.25
C ASN B 134 12.93 -26.74 48.96
N ASN B 135 12.24 -27.40 49.89
CA ASN B 135 12.82 -28.49 50.71
C ASN B 135 13.44 -29.67 49.93
N SER B 136 13.00 -29.89 48.69
CA SER B 136 13.63 -30.84 47.78
C SER B 136 15.09 -30.47 47.48
N GLY B 137 15.38 -29.17 47.43
CA GLY B 137 16.67 -28.64 46.97
C GLY B 137 16.65 -28.27 45.50
N LYS B 138 15.47 -28.34 44.88
CA LYS B 138 15.28 -28.01 43.47
C LYS B 138 14.72 -26.61 43.34
N ILE B 139 15.15 -25.89 42.31
CA ILE B 139 14.66 -24.55 42.02
C ILE B 139 13.18 -24.61 41.65
N THR B 140 12.35 -24.13 42.56
CA THR B 140 10.92 -24.02 42.35
C THR B 140 10.60 -22.68 41.73
N VAL B 141 11.03 -21.61 42.41
CA VAL B 141 10.86 -20.24 41.93
C VAL B 141 12.15 -19.86 41.22
N ARG B 142 12.02 -19.49 39.95
CA ARG B 142 13.17 -19.14 39.12
C ARG B 142 13.62 -17.71 39.41
N HIS B 143 14.84 -17.39 38.98
CA HIS B 143 15.37 -16.02 38.95
C HIS B 143 15.65 -15.38 40.32
N GLN B 144 15.80 -16.19 41.36
CA GLN B 144 16.16 -15.71 42.69
C GLN B 144 17.50 -16.32 43.11
N GLY B 145 18.40 -15.49 43.63
CA GLY B 145 19.76 -15.94 43.91
C GLY B 145 20.57 -15.07 44.87
N GLY B 146 21.87 -15.00 44.61
CA GLY B 146 22.84 -14.40 45.53
C GLY B 146 22.85 -12.89 45.56
N GLY B 147 21.99 -12.32 46.41
CA GLY B 147 21.98 -10.88 46.65
C GLY B 147 23.02 -10.47 47.66
N HIS B 148 22.80 -9.31 48.27
CA HIS B 148 23.58 -8.87 49.43
C HIS B 148 23.08 -9.65 50.64
N ARG B 149 23.91 -9.71 51.68
CA ARG B 149 23.49 -10.26 52.98
C ARG B 149 22.44 -9.34 53.60
N ASN B 150 21.52 -9.91 54.38
CA ASN B 150 20.45 -9.14 55.00
C ASN B 150 20.02 -9.68 56.35
N ARG B 151 19.32 -8.83 57.10
CA ARG B 151 18.64 -9.19 58.32
C ARG B 151 17.17 -8.86 58.16
N THR B 152 16.28 -9.82 58.42
CA THR B 152 14.85 -9.54 58.46
C THR B 152 14.55 -8.77 59.76
N ARG B 153 13.69 -7.76 59.65
CA ARG B 153 13.32 -6.92 60.78
C ARG B 153 11.93 -7.32 61.27
N LEU B 154 11.79 -7.45 62.59
CA LEU B 154 10.54 -7.90 63.21
C LEU B 154 9.64 -6.70 63.43
N ILE B 155 8.79 -6.41 62.44
CA ILE B 155 7.95 -5.21 62.49
C ILE B 155 6.54 -5.62 62.90
N ASP B 156 5.95 -4.83 63.80
CA ASP B 156 4.69 -5.18 64.45
C ASP B 156 3.50 -4.85 63.55
N PHE B 157 2.91 -5.88 62.96
CA PHE B 157 1.70 -5.73 62.14
C PHE B 157 0.42 -5.79 62.96
N ASN B 158 0.44 -6.58 64.04
CA ASN B 158 -0.74 -6.74 64.89
C ASN B 158 -1.14 -5.47 65.64
N ARG B 159 -0.17 -4.83 66.30
CA ARG B 159 -0.37 -3.52 66.96
C ARG B 159 -1.31 -3.64 68.16
N TRP B 160 -0.91 -4.44 69.15
CA TRP B 160 -1.81 -4.86 70.23
C TRP B 160 -1.75 -3.97 71.46
N GLU B 161 -0.53 -3.75 71.97
CA GLU B 161 -0.31 -3.18 73.32
C GLU B 161 -1.13 -1.94 73.65
N GLY B 162 -1.18 -0.98 72.72
CA GLY B 162 -1.90 0.28 72.92
C GLY B 162 -1.12 1.24 73.79
N GLY B 163 -1.63 2.46 73.90
CA GLY B 163 -0.93 3.56 74.58
C GLY B 163 -0.08 4.34 73.60
N ALA B 164 0.24 5.59 73.95
CA ALA B 164 0.97 6.50 73.05
C ALA B 164 2.43 6.09 72.89
N GLN B 165 2.89 6.09 71.64
CA GLN B 165 4.26 5.72 71.30
C GLN B 165 4.85 6.75 70.36
N THR B 166 6.07 7.21 70.67
CA THR B 166 6.75 8.24 69.89
C THR B 166 7.64 7.58 68.84
N VAL B 167 7.51 8.00 67.58
CA VAL B 167 8.42 7.55 66.51
C VAL B 167 9.79 8.22 66.71
N GLN B 168 10.79 7.41 67.07
CA GLN B 168 12.13 7.91 67.33
C GLN B 168 12.92 8.15 66.05
N ARG B 169 12.81 7.22 65.11
CA ARG B 169 13.49 7.33 63.82
C ARG B 169 12.81 6.52 62.72
N ILE B 170 13.11 6.88 61.47
CA ILE B 170 12.60 6.20 60.28
C ILE B 170 13.79 5.67 59.49
N GLU B 171 13.76 4.37 59.19
CA GLU B 171 14.91 3.67 58.64
C GLU B 171 14.68 3.13 57.23
N TYR B 172 15.80 2.81 56.58
CA TYR B 172 15.81 1.97 55.40
C TYR B 172 15.63 0.51 55.85
N ASP B 173 14.83 -0.24 55.10
CA ASP B 173 14.63 -1.66 55.33
C ASP B 173 14.90 -2.38 54.01
N PRO B 174 15.88 -3.31 53.98
CA PRO B 174 16.23 -3.99 52.72
C PRO B 174 15.20 -5.02 52.22
N GLY B 175 14.36 -5.54 53.12
CA GLY B 175 13.37 -6.58 52.76
C GLY B 175 11.96 -6.09 52.46
N ARG B 176 11.80 -4.81 52.16
CA ARG B 176 10.50 -4.23 51.83
C ARG B 176 10.63 -2.85 51.19
N SER B 177 9.68 -2.52 50.33
CA SER B 177 9.67 -1.23 49.63
C SER B 177 9.36 -0.06 50.57
N SER B 178 8.53 -0.31 51.59
CA SER B 178 8.18 0.70 52.60
C SER B 178 9.35 1.01 53.53
N HIS B 179 9.34 2.22 54.10
CA HIS B 179 10.21 2.57 55.22
C HIS B 179 9.59 2.02 56.49
N ILE B 180 10.42 1.84 57.52
CA ILE B 180 9.94 1.40 58.84
C ILE B 180 10.28 2.48 59.86
N ALA B 181 9.41 2.60 60.88
CA ALA B 181 9.54 3.60 61.91
C ALA B 181 9.74 2.94 63.27
N LEU B 182 10.86 3.26 63.93
CA LEU B 182 11.13 2.73 65.27
C LEU B 182 10.29 3.51 66.29
N LEU B 183 9.27 2.85 66.82
CA LEU B 183 8.42 3.43 67.85
C LEU B 183 9.07 3.18 69.21
N LYS B 184 8.80 4.08 70.15
CA LYS B 184 9.15 3.91 71.55
C LYS B 184 7.92 4.20 72.38
N HIS B 185 7.50 3.25 73.20
CA HIS B 185 6.32 3.41 74.04
C HIS B 185 6.62 4.45 75.12
N ASN B 186 5.75 5.44 75.26
CA ASN B 186 5.99 6.57 76.17
C ASN B 186 5.96 6.15 77.64
N THR B 187 4.91 5.42 78.02
CA THR B 187 4.79 4.84 79.36
C THR B 187 5.78 3.69 79.59
N THR B 188 5.65 2.64 78.79
CA THR B 188 6.36 1.36 79.00
C THR B 188 7.87 1.45 78.76
N GLY B 189 8.27 2.20 77.74
CA GLY B 189 9.67 2.25 77.28
C GLY B 189 10.10 1.11 76.37
N GLU B 190 9.15 0.28 75.94
CA GLU B 190 9.44 -0.87 75.07
C GLU B 190 9.61 -0.38 73.63
N LEU B 191 10.59 -0.98 72.94
CA LEU B 191 10.98 -0.55 71.59
C LEU B 191 10.43 -1.54 70.55
N SER B 192 10.03 -1.01 69.39
CA SER B 192 9.39 -1.82 68.35
C SER B 192 9.43 -1.12 66.99
N TYR B 193 9.34 -1.92 65.93
CA TYR B 193 9.28 -1.41 64.55
C TYR B 193 7.83 -1.45 64.05
N ILE B 194 7.54 -0.57 63.11
CA ILE B 194 6.18 -0.39 62.58
C ILE B 194 6.34 0.13 61.14
N ILE B 195 5.48 -0.31 60.22
CA ILE B 195 5.49 0.25 58.85
C ILE B 195 5.30 1.76 58.93
N ALA B 196 6.22 2.49 58.31
CA ALA B 196 6.19 3.95 58.34
C ALA B 196 5.10 4.47 57.41
N CYS B 197 4.31 5.42 57.93
CA CYS B 197 3.29 6.11 57.15
C CYS B 197 3.95 7.15 56.24
N ASP B 198 3.16 7.75 55.35
CA ASP B 198 3.68 8.70 54.35
C ASP B 198 4.41 9.89 54.97
N GLY B 199 3.66 10.76 55.64
CA GLY B 199 4.22 11.99 56.21
C GLY B 199 4.84 11.84 57.60
N LEU B 200 4.96 10.61 58.09
CA LEU B 200 5.56 10.35 59.40
C LEU B 200 7.02 10.78 59.40
N ARG B 201 7.44 11.41 60.50
CA ARG B 201 8.80 11.91 60.69
C ARG B 201 9.16 11.71 62.16
N PRO B 202 10.46 11.64 62.49
CA PRO B 202 10.85 11.39 63.89
C PRO B 202 10.45 12.53 64.82
N GLY B 203 9.79 12.18 65.93
CA GLY B 203 9.18 13.16 66.82
C GLY B 203 7.67 13.00 66.93
N ASP B 204 7.04 12.54 65.84
CA ASP B 204 5.59 12.25 65.83
C ASP B 204 5.19 11.23 66.89
N VAL B 205 3.92 11.28 67.29
CA VAL B 205 3.36 10.36 68.28
C VAL B 205 2.19 9.62 67.64
N VAL B 206 2.16 8.31 67.86
CA VAL B 206 1.10 7.43 67.38
C VAL B 206 0.60 6.51 68.49
N GLU B 207 -0.72 6.34 68.58
CA GLU B 207 -1.33 5.38 69.50
C GLU B 207 -1.81 4.16 68.70
N SER B 208 -2.46 3.22 69.38
CA SER B 208 -3.13 2.10 68.74
C SER B 208 -4.35 1.72 69.57
N PHE B 209 -5.52 1.72 68.92
CA PHE B 209 -6.81 1.47 69.59
C PHE B 209 -7.41 0.13 69.17
N ARG B 210 -6.54 -0.86 69.03
CA ARG B 210 -6.93 -2.19 68.54
C ARG B 210 -7.63 -2.98 69.65
N ARG B 211 -7.09 -2.86 70.87
CA ARG B 211 -7.78 -3.33 72.08
C ARG B 211 -9.07 -2.57 72.32
N GLY B 212 -8.99 -1.25 72.16
CA GLY B 212 -10.14 -0.36 72.35
C GLY B 212 -9.69 1.02 72.78
N ILE B 213 -10.66 1.92 72.98
CA ILE B 213 -10.37 3.28 73.44
C ILE B 213 -10.06 3.20 74.94
N PRO B 214 -8.81 3.55 75.35
CA PRO B 214 -8.43 3.42 76.75
C PRO B 214 -9.05 4.48 77.65
N GLN B 215 -8.92 4.30 78.96
CA GLN B 215 -9.54 5.19 79.94
C GLN B 215 -8.94 6.60 80.03
N THR B 216 -7.76 6.81 79.44
CA THR B 216 -7.15 8.13 79.34
C THR B 216 -7.96 9.04 78.41
N LEU B 217 -8.16 8.58 77.18
CA LEU B 217 -8.92 9.33 76.16
C LEU B 217 -10.44 9.31 76.39
N LEU B 218 -10.94 8.30 77.09
CA LEU B 218 -12.39 8.17 77.38
C LEU B 218 -12.84 9.25 78.37
N ASN B 219 -12.07 9.43 79.44
CA ASN B 219 -12.37 10.46 80.45
C ASN B 219 -12.29 11.88 79.89
N GLU B 220 -11.17 12.18 79.22
CA GLU B 220 -10.95 13.49 78.62
C GLU B 220 -11.77 13.66 77.34
N ALA B 228 -18.42 12.61 64.99
CA ALA B 228 -18.12 12.30 66.39
C ALA B 228 -16.96 13.15 66.93
N ILE B 229 -16.81 13.14 68.25
CA ILE B 229 -15.77 13.93 68.95
C ILE B 229 -14.46 13.14 69.03
N LEU B 230 -14.56 11.86 69.37
CA LEU B 230 -13.40 10.97 69.49
C LEU B 230 -12.81 10.55 68.14
N SER B 231 -13.67 10.38 67.14
CA SER B 231 -13.28 9.91 65.81
C SER B 231 -12.21 10.79 65.15
N VAL B 232 -12.45 12.10 65.15
CA VAL B 232 -11.50 13.07 64.57
C VAL B 232 -10.14 13.07 65.29
N LYS B 233 -10.17 12.95 66.61
CA LYS B 233 -8.96 12.82 67.42
C LYS B 233 -8.18 11.56 67.06
N THR B 234 -8.92 10.47 66.91
CA THR B 234 -8.37 9.15 66.59
C THR B 234 -7.83 9.05 65.18
N THR B 235 -8.59 9.52 64.18
CA THR B 235 -8.24 9.34 62.76
C THR B 235 -7.05 10.18 62.21
N GLN B 236 -6.11 10.53 63.07
CA GLN B 236 -4.82 11.08 62.67
C GLN B 236 -3.99 9.99 61.98
N ARG B 237 -3.14 10.38 61.03
CA ARG B 237 -2.35 9.41 60.27
C ARG B 237 -1.25 8.78 61.14
N GLY B 238 -0.98 7.50 60.92
CA GLY B 238 0.05 6.77 61.65
C GLY B 238 -0.44 5.90 62.80
N ASN B 239 -1.66 6.14 63.28
CA ASN B 239 -2.23 5.35 64.40
C ASN B 239 -3.26 4.31 63.95
N CYS B 240 -3.18 3.13 64.58
CA CYS B 240 -3.94 1.95 64.17
C CYS B 240 -5.22 1.78 64.98
N LEU B 241 -6.21 1.17 64.37
CA LEU B 241 -7.53 0.99 64.96
C LEU B 241 -8.41 0.06 64.13
N PRO B 242 -9.47 -0.52 64.73
CA PRO B 242 -10.38 -1.36 63.96
C PRO B 242 -11.19 -0.56 62.93
N ILE B 243 -11.57 -1.22 61.83
CA ILE B 243 -12.30 -0.55 60.73
C ILE B 243 -13.67 -0.02 61.17
N SER B 244 -14.25 -0.58 62.24
CA SER B 244 -15.44 -0.03 62.89
C SER B 244 -15.29 1.44 63.31
N MET B 245 -14.15 1.77 63.91
CA MET B 245 -13.84 3.16 64.30
C MET B 245 -13.52 4.08 63.12
N ILE B 246 -12.91 3.51 62.08
CA ILE B 246 -12.42 4.28 60.94
C ILE B 246 -13.62 4.72 60.08
N PRO B 247 -13.83 6.05 59.93
CA PRO B 247 -15.02 6.54 59.22
C PRO B 247 -15.00 6.22 57.73
N ILE B 248 -16.19 6.18 57.13
CA ILE B 248 -16.36 5.76 55.73
C ILE B 248 -15.73 6.80 54.80
N GLY B 249 -14.92 6.31 53.85
CA GLY B 249 -14.25 7.15 52.87
C GLY B 249 -12.75 7.33 53.07
N THR B 250 -12.30 7.26 54.33
CA THR B 250 -10.90 7.62 54.65
C THR B 250 -9.90 6.55 54.20
N ILE B 251 -8.68 7.01 53.94
CA ILE B 251 -7.60 6.18 53.39
C ILE B 251 -6.85 5.46 54.52
N ILE B 252 -6.52 4.19 54.27
CA ILE B 252 -5.89 3.32 55.26
C ILE B 252 -4.85 2.40 54.63
N HIS B 253 -4.03 1.79 55.48
CA HIS B 253 -3.09 0.74 55.04
C HIS B 253 -2.89 -0.32 56.13
N ASN B 254 -2.16 -1.39 55.79
CA ASN B 254 -2.01 -2.57 56.65
C ASN B 254 -3.37 -3.11 57.07
N VAL B 255 -4.23 -3.34 56.08
CA VAL B 255 -5.61 -3.77 56.30
C VAL B 255 -5.61 -5.26 56.62
N GLY B 256 -6.35 -5.65 57.66
CA GLY B 256 -6.46 -7.04 58.08
C GLY B 256 -7.61 -7.78 57.40
N ILE B 257 -7.69 -9.08 57.65
CA ILE B 257 -8.82 -9.91 57.25
C ILE B 257 -9.75 -10.07 58.45
N THR B 258 -9.19 -10.65 59.51
CA THR B 258 -9.93 -11.11 60.67
C THR B 258 -9.79 -10.10 61.81
N PRO B 259 -10.67 -10.19 62.83
CA PRO B 259 -10.55 -9.27 63.97
C PRO B 259 -9.35 -9.54 64.88
N VAL B 260 -8.74 -10.72 64.80
CA VAL B 260 -7.57 -11.08 65.62
C VAL B 260 -6.23 -11.01 64.85
N GLY B 261 -6.25 -11.36 63.56
CA GLY B 261 -5.02 -11.47 62.78
C GLY B 261 -4.41 -10.14 62.38
N PRO B 262 -3.14 -10.15 61.92
CA PRO B 262 -2.41 -8.92 61.62
C PRO B 262 -2.86 -8.27 60.31
N GLY B 263 -2.33 -7.08 60.04
CA GLY B 263 -2.56 -6.39 58.78
C GLY B 263 -1.82 -7.07 57.65
N LYS B 264 -2.57 -7.51 56.64
CA LYS B 264 -2.02 -8.23 55.49
C LYS B 264 -1.94 -7.38 54.22
N PHE B 265 -3.07 -6.77 53.84
CA PHE B 265 -3.14 -5.99 52.60
C PHE B 265 -2.51 -4.62 52.73
N CYS B 266 -2.11 -4.06 51.58
CA CYS B 266 -1.61 -2.69 51.48
C CYS B 266 -0.45 -2.40 52.42
N ARG B 267 0.69 -3.00 52.09
CA ARG B 267 1.94 -2.87 52.86
C ARG B 267 3.08 -2.21 52.08
N SER B 268 3.09 -2.38 50.76
CA SER B 268 4.19 -1.90 49.89
C SER B 268 4.24 -0.38 49.84
N ALA B 269 5.31 0.15 49.26
CA ALA B 269 5.54 1.59 49.19
C ALA B 269 4.42 2.34 48.48
N GLY B 270 3.97 3.44 49.08
CA GLY B 270 2.94 4.32 48.50
C GLY B 270 1.58 3.70 48.18
N THR B 271 1.29 2.56 48.82
CA THR B 271 0.06 1.80 48.59
C THR B 271 -0.94 2.17 49.67
N TYR B 272 -2.22 1.93 49.39
CA TYR B 272 -3.28 2.16 50.38
C TYR B 272 -4.62 1.54 49.97
N ALA B 273 -5.43 1.27 50.98
CA ALA B 273 -6.84 0.91 50.82
C ALA B 273 -7.72 2.09 51.23
N ARG B 274 -9.01 1.96 50.96
CA ARG B 274 -10.00 2.99 51.26
C ARG B 274 -11.26 2.30 51.80
N VAL B 275 -11.77 2.78 52.92
CA VAL B 275 -13.00 2.24 53.51
C VAL B 275 -14.19 2.74 52.69
N LEU B 276 -14.98 1.82 52.16
CA LEU B 276 -16.11 2.14 51.28
C LEU B 276 -17.46 2.06 51.99
N ALA B 277 -17.65 1.02 52.79
CA ALA B 277 -18.88 0.84 53.55
C ALA B 277 -18.65 -0.08 54.74
N LYS B 278 -19.55 -0.01 55.72
CA LYS B 278 -19.53 -0.93 56.86
C LYS B 278 -20.93 -1.42 57.22
N LEU B 279 -21.01 -2.72 57.50
CA LEU B 279 -22.26 -3.44 57.73
C LEU B 279 -22.18 -4.10 59.13
N PRO B 280 -22.70 -3.41 60.17
CA PRO B 280 -22.73 -4.01 61.51
C PRO B 280 -23.66 -5.23 61.67
N GLU B 281 -24.64 -5.39 60.77
CA GLU B 281 -25.49 -6.59 60.73
C GLU B 281 -24.66 -7.85 60.49
N LYS B 282 -23.87 -7.83 59.41
CA LYS B 282 -23.07 -8.98 59.00
C LYS B 282 -21.66 -8.98 59.59
N LYS B 283 -21.31 -7.91 60.30
CA LYS B 283 -19.99 -7.71 60.94
C LYS B 283 -18.88 -7.64 59.90
N LYS B 284 -19.18 -7.05 58.74
CA LYS B 284 -18.21 -6.87 57.66
C LYS B 284 -18.09 -5.39 57.32
N ALA B 285 -17.08 -5.07 56.53
CA ALA B 285 -16.84 -3.71 56.05
C ALA B 285 -16.20 -3.78 54.67
N ILE B 286 -16.91 -3.28 53.67
CA ILE B 286 -16.41 -3.29 52.29
C ILE B 286 -15.25 -2.32 52.18
N VAL B 287 -14.11 -2.83 51.71
CA VAL B 287 -12.89 -2.06 51.57
C VAL B 287 -12.35 -2.23 50.14
N ARG B 288 -11.93 -1.13 49.54
CA ARG B 288 -11.26 -1.13 48.24
C ARG B 288 -9.76 -1.23 48.51
N LEU B 289 -9.13 -2.26 47.98
CA LEU B 289 -7.68 -2.45 48.09
C LEU B 289 -6.96 -1.72 46.96
N GLN B 290 -5.63 -1.73 46.99
CA GLN B 290 -4.82 -1.02 45.99
C GLN B 290 -5.06 -1.49 44.56
N SER B 291 -5.23 -2.80 44.36
CA SER B 291 -5.59 -3.36 43.05
C SER B 291 -6.85 -2.75 42.46
N GLY B 292 -7.82 -2.43 43.33
CA GLY B 292 -9.13 -1.94 42.92
C GLY B 292 -10.23 -2.92 43.26
N GLU B 293 -9.86 -4.13 43.72
CA GLU B 293 -10.82 -5.14 44.14
C GLU B 293 -11.54 -4.70 45.40
N HIS B 294 -12.84 -4.44 45.27
CA HIS B 294 -13.72 -4.21 46.43
C HIS B 294 -13.85 -5.54 47.14
N ARG B 295 -13.77 -5.53 48.47
CA ARG B 295 -13.63 -6.74 49.25
C ARG B 295 -14.22 -6.61 50.65
N TYR B 296 -14.95 -7.64 51.07
CA TYR B 296 -15.39 -7.74 52.47
C TYR B 296 -14.20 -8.03 53.37
N VAL B 297 -14.12 -7.27 54.45
CA VAL B 297 -13.12 -7.44 55.50
C VAL B 297 -13.92 -7.39 56.80
N SER B 298 -13.50 -8.16 57.81
CA SER B 298 -14.20 -8.15 59.10
C SER B 298 -14.26 -6.71 59.64
N LEU B 299 -15.44 -6.32 60.11
CA LEU B 299 -15.69 -4.94 60.57
C LEU B 299 -14.76 -4.53 61.72
N GLU B 300 -14.38 -5.51 62.54
CA GLU B 300 -13.46 -5.31 63.66
C GLU B 300 -11.98 -5.59 63.29
N ALA B 301 -11.66 -5.66 61.99
CA ALA B 301 -10.29 -5.92 61.54
C ALA B 301 -9.44 -4.66 61.61
N VAL B 302 -8.14 -4.86 61.77
CA VAL B 302 -7.19 -3.75 62.00
C VAL B 302 -6.81 -3.03 60.70
N ALA B 303 -6.55 -1.72 60.82
CA ALA B 303 -6.04 -0.91 59.71
C ALA B 303 -5.45 0.41 60.22
N THR B 304 -4.25 0.75 59.75
CA THR B 304 -3.60 2.02 60.07
C THR B 304 -4.12 3.13 59.18
N ILE B 305 -4.17 4.35 59.71
CA ILE B 305 -4.60 5.53 58.95
C ILE B 305 -3.42 6.06 58.13
N GLY B 306 -3.72 6.49 56.90
CA GLY B 306 -2.72 7.11 56.02
C GLY B 306 -2.19 6.19 54.95
N VAL B 307 -1.48 6.78 53.99
CA VAL B 307 -0.81 6.05 52.91
C VAL B 307 0.56 5.58 53.38
N VAL B 308 1.04 4.48 52.82
CA VAL B 308 2.36 3.92 53.18
C VAL B 308 3.48 4.86 52.69
N SER B 309 4.60 4.85 53.42
CA SER B 309 5.80 5.62 53.06
C SER B 309 6.39 5.31 51.69
N ASN B 310 7.33 6.15 51.27
CA ASN B 310 8.17 5.92 50.11
C ASN B 310 7.37 5.85 48.80
N ILE B 311 6.52 6.85 48.58
CA ILE B 311 5.63 6.90 47.39
C ILE B 311 6.47 6.88 46.12
N ASP B 312 7.62 7.55 46.16
CA ASP B 312 8.50 7.69 45.00
C ASP B 312 9.40 6.45 44.73
N HIS B 313 9.22 5.37 45.49
CA HIS B 313 9.88 4.08 45.24
C HIS B 313 9.73 3.61 43.80
N GLN B 314 8.49 3.62 43.29
CA GLN B 314 8.21 3.19 41.91
C GLN B 314 9.02 3.94 40.83
N ASN B 315 9.31 5.21 41.09
CA ASN B 315 10.07 6.05 40.14
C ASN B 315 11.58 5.78 40.09
N ARG B 316 12.11 4.96 41.00
CA ARG B 316 13.52 4.57 40.95
C ARG B 316 13.82 3.82 39.65
N SER B 317 15.01 4.06 39.11
CA SER B 317 15.52 3.34 37.96
C SER B 317 16.84 2.74 38.37
N LEU B 318 16.92 1.40 38.35
CA LEU B 318 18.19 0.71 38.54
C LEU B 318 19.02 1.00 37.29
N GLY B 319 20.27 1.40 37.48
CA GLY B 319 21.11 1.82 36.36
C GLY B 319 21.62 0.67 35.49
N LYS B 320 21.81 -0.50 36.10
CA LYS B 320 22.61 -1.56 35.53
C LYS B 320 22.22 -2.95 36.05
N ALA B 321 22.67 -3.97 35.31
CA ALA B 321 22.42 -5.38 35.63
C ALA B 321 22.87 -5.75 37.03
N GLY B 322 24.02 -5.23 37.43
CA GLY B 322 24.63 -5.53 38.73
C GLY B 322 23.75 -5.17 39.92
N ARG B 323 23.01 -4.07 39.80
CA ARG B 323 22.09 -3.62 40.85
C ARG B 323 21.00 -4.65 41.13
N SER B 324 20.45 -5.20 40.05
CA SER B 324 19.46 -6.27 40.13
C SER B 324 20.02 -7.53 40.80
N ARG B 325 21.24 -7.88 40.43
CA ARG B 325 21.98 -9.01 41.03
C ARG B 325 22.19 -8.82 42.53
N TRP B 326 22.52 -7.59 42.94
CA TRP B 326 22.73 -7.23 44.35
C TRP B 326 21.44 -7.41 45.15
N LEU B 327 20.34 -6.94 44.55
CA LEU B 327 19.00 -7.08 45.14
C LEU B 327 18.54 -8.53 45.28
N GLY B 328 19.11 -9.43 44.48
CA GLY B 328 18.86 -10.87 44.55
C GLY B 328 17.96 -11.33 43.42
N ILE B 329 18.29 -10.93 42.20
CA ILE B 329 17.46 -11.16 41.02
C ILE B 329 18.33 -11.69 39.89
N ARG B 330 18.35 -13.01 39.72
CA ARG B 330 19.09 -13.63 38.62
C ARG B 330 18.38 -13.44 37.27
N PRO B 331 19.12 -13.58 36.15
CA PRO B 331 18.58 -13.25 34.81
C PRO B 331 17.43 -14.15 34.32
N THR B 332 16.42 -13.52 33.71
CA THR B 332 15.32 -14.23 33.06
C THR B 332 15.68 -14.52 31.62
N VAL B 333 15.72 -15.81 31.25
CA VAL B 333 15.96 -16.20 29.87
C VAL B 333 14.62 -16.37 29.17
N ARG B 334 14.45 -15.72 28.02
CA ARG B 334 13.18 -15.70 27.30
C ARG B 334 12.87 -17.07 26.70
N GLY B 335 11.59 -17.43 26.69
CA GLY B 335 11.12 -18.65 26.04
C GLY B 335 11.47 -18.77 24.57
N VAL B 336 11.38 -17.66 23.83
CA VAL B 336 11.77 -17.64 22.42
C VAL B 336 13.26 -17.92 22.16
N ALA B 337 14.12 -17.56 23.13
CA ALA B 337 15.55 -17.86 23.07
C ALA B 337 15.90 -19.34 23.27
N MET B 338 15.03 -20.06 23.97
CA MET B 338 15.27 -21.47 24.36
C MET B 338 15.11 -22.46 23.21
N ASN B 339 15.42 -23.72 23.49
CA ASN B 339 15.07 -24.85 22.61
C ASN B 339 13.65 -25.31 22.92
N LYS B 340 13.03 -26.02 21.98
CA LYS B 340 11.65 -26.52 22.14
C LYS B 340 11.46 -27.42 23.36
N CYS B 341 12.46 -28.27 23.63
CA CYS B 341 12.47 -29.13 24.81
C CYS B 341 12.34 -28.35 26.12
N ASP B 342 12.95 -27.17 26.16
CA ASP B 342 13.00 -26.34 27.36
C ASP B 342 11.79 -25.44 27.57
N HIS B 343 11.20 -24.96 26.48
CA HIS B 343 10.10 -23.97 26.56
C HIS B 343 9.28 -24.02 25.26
N PRO B 344 7.93 -23.97 25.35
CA PRO B 344 7.07 -24.06 24.13
C PRO B 344 7.41 -23.07 23.02
N HIS B 345 7.66 -21.82 23.40
CA HIS B 345 8.20 -20.78 22.50
C HIS B 345 9.54 -21.07 21.83
N GLY B 346 10.31 -22.04 22.34
CA GLY B 346 11.62 -22.37 21.77
C GLY B 346 11.59 -22.96 20.36
N GLY B 347 12.77 -23.29 19.85
CA GLY B 347 12.92 -23.83 18.50
C GLY B 347 12.88 -22.76 17.42
N GLY B 348 12.57 -23.18 16.20
CA GLY B 348 12.51 -22.27 15.05
C GLY B 348 13.88 -21.85 14.55
N ARG B 349 13.96 -21.54 13.25
CA ARG B 349 15.15 -20.91 12.66
C ARG B 349 14.96 -19.41 12.65
N GLY B 350 16.06 -18.69 12.83
CA GLY B 350 16.02 -17.25 13.09
C GLY B 350 15.38 -17.03 14.44
N LYS B 351 14.66 -15.92 14.57
CA LYS B 351 13.85 -15.66 15.77
C LYS B 351 12.38 -15.74 15.40
N SER B 352 11.67 -16.62 16.11
CA SER B 352 10.28 -16.96 15.80
C SER B 352 9.52 -17.15 17.10
N LYS B 353 8.21 -16.98 17.04
CA LYS B 353 7.33 -17.25 18.18
C LYS B 353 6.52 -18.55 18.00
N SER B 354 6.78 -19.26 16.89
CA SER B 354 6.25 -20.61 16.64
C SER B 354 4.72 -20.71 16.52
N ASN B 355 4.06 -19.58 16.25
CA ASN B 355 2.60 -19.50 16.29
C ASN B 355 2.03 -20.08 17.61
N LYS B 356 2.76 -19.87 18.70
CA LYS B 356 2.43 -20.45 19.99
C LYS B 356 1.92 -19.36 20.91
N LEU B 357 0.76 -19.59 21.50
CA LEU B 357 0.12 -18.61 22.37
C LEU B 357 1.03 -18.28 23.54
N SER B 358 1.13 -17.00 23.87
CA SER B 358 2.01 -16.55 24.96
C SER B 358 1.68 -17.36 26.21
N MET B 359 2.67 -18.09 26.71
CA MET B 359 2.46 -19.05 27.79
C MET B 359 3.77 -19.32 28.54
N SER B 360 3.61 -19.91 29.72
CA SER B 360 4.73 -20.17 30.63
C SER B 360 5.60 -21.33 30.10
N PRO B 361 6.72 -21.63 30.80
CA PRO B 361 7.49 -22.84 30.45
C PRO B 361 6.74 -24.15 30.70
N TRP B 362 5.68 -24.11 31.50
CA TRP B 362 4.84 -25.26 31.81
C TRP B 362 3.44 -25.16 31.17
N GLY B 363 3.35 -24.41 30.07
CA GLY B 363 2.14 -24.38 29.25
C GLY B 363 0.93 -23.61 29.75
N GLN B 364 1.08 -22.85 30.83
CA GLN B 364 0.00 -21.99 31.32
C GLN B 364 0.03 -20.68 30.54
N LEU B 365 -1.12 -20.28 30.00
CA LEU B 365 -1.19 -19.08 29.15
C LEU B 365 -0.85 -17.82 29.95
N ALA B 366 -0.05 -16.96 29.33
CA ALA B 366 0.59 -15.83 30.00
C ALA B 366 -0.25 -14.56 29.97
N LYS B 367 -0.95 -14.33 28.86
CA LYS B 367 -1.74 -13.12 28.63
C LYS B 367 -3.24 -13.38 28.84
N GLY B 368 -3.78 -12.86 29.94
CA GLY B 368 -5.23 -12.81 30.15
C GLY B 368 -5.89 -14.02 30.81
N TYR B 369 -5.20 -15.15 30.87
CA TYR B 369 -5.78 -16.40 31.37
C TYR B 369 -5.94 -16.37 32.89
N LYS B 370 -7.19 -16.29 33.35
CA LYS B 370 -7.51 -16.22 34.78
C LYS B 370 -7.15 -17.54 35.48
N THR B 371 -6.20 -17.46 36.41
CA THR B 371 -5.62 -18.65 37.04
C THR B 371 -6.42 -19.18 38.23
N ARG B 372 -7.06 -18.29 38.98
CA ARG B 372 -7.95 -18.67 40.08
C ARG B 372 -9.38 -18.68 39.54
N ARG B 373 -9.96 -19.87 39.43
CA ARG B 373 -11.17 -20.09 38.64
C ARG B 373 -12.06 -21.21 39.19
N GLY B 374 -13.33 -21.18 38.81
CA GLY B 374 -14.30 -22.20 39.16
C GLY B 374 -14.76 -22.10 40.60
N LYS B 375 -14.80 -23.23 41.29
CA LYS B 375 -15.17 -23.30 42.71
C LYS B 375 -14.16 -22.58 43.59
N ASN B 376 -12.88 -22.88 43.38
CA ASN B 376 -11.79 -22.19 44.10
C ASN B 376 -11.61 -20.75 43.63
N GLN B 377 -12.44 -19.86 44.18
CA GLN B 377 -12.35 -18.41 43.95
C GLN B 377 -12.53 -17.70 45.29
N ASN B 378 -12.31 -16.40 45.30
CA ASN B 378 -12.43 -15.60 46.52
C ASN B 378 -13.90 -15.36 46.88
N ARG B 379 -14.30 -15.83 48.06
CA ARG B 379 -15.68 -15.67 48.53
C ARG B 379 -16.00 -14.24 48.96
N MET B 380 -15.00 -13.54 49.47
CA MET B 380 -15.20 -12.25 50.14
C MET B 380 -15.22 -11.04 49.19
N LYS B 381 -14.85 -11.23 47.93
CA LYS B 381 -14.78 -10.10 46.98
C LYS B 381 -16.17 -9.67 46.48
N VAL B 382 -16.44 -8.37 46.59
CA VAL B 382 -17.72 -7.78 46.24
C VAL B 382 -17.70 -7.42 44.75
N LYS B 383 -16.66 -6.68 44.36
CA LYS B 383 -16.44 -6.26 42.98
C LYS B 383 -14.98 -6.57 42.62
N ASP B 384 -14.80 -7.24 41.50
CA ASP B 384 -13.47 -7.65 41.03
C ASP B 384 -12.66 -6.44 40.57
N ARG B 385 -11.35 -6.53 40.67
CA ARG B 385 -10.43 -5.45 40.27
C ARG B 385 -10.60 -5.04 38.80
N PRO B 386 -10.34 -3.74 38.48
CA PRO B 386 -10.41 -3.31 37.09
C PRO B 386 -9.30 -3.93 36.26
N ARG B 387 -9.66 -4.39 35.06
CA ARG B 387 -8.85 -5.34 34.31
C ARG B 387 -8.56 -4.73 32.93
N GLY B 388 -7.29 -4.45 32.66
CA GLY B 388 -6.88 -3.83 31.41
C GLY B 388 -7.26 -2.36 31.32
N SER C 1 106.68 -78.88 -44.57
CA SER C 1 107.18 -77.61 -43.95
C SER C 1 106.04 -76.72 -43.47
N THR C 2 105.06 -76.50 -44.35
CA THR C 2 103.89 -75.68 -44.05
C THR C 2 102.94 -76.37 -43.08
N ARG C 3 102.21 -75.57 -42.32
CA ARG C 3 101.25 -76.07 -41.33
C ARG C 3 99.95 -76.50 -41.99
N PRO C 4 99.21 -77.42 -41.33
CA PRO C 4 97.93 -77.89 -41.89
C PRO C 4 96.85 -76.84 -41.70
N PHE C 5 96.21 -76.44 -42.80
CA PHE C 5 95.02 -75.61 -42.72
C PHE C 5 94.06 -75.86 -43.88
N LEU C 6 92.77 -75.85 -43.55
CA LEU C 6 91.70 -75.94 -44.52
C LEU C 6 91.01 -74.60 -44.56
N VAL C 7 90.53 -74.22 -45.75
CA VAL C 7 89.83 -72.96 -45.95
C VAL C 7 88.54 -73.22 -46.73
N ALA C 8 87.47 -72.56 -46.31
CA ALA C 8 86.15 -72.72 -46.93
C ALA C 8 86.15 -72.05 -48.32
N PRO C 9 85.49 -72.68 -49.31
CA PRO C 9 85.31 -72.03 -50.62
C PRO C 9 84.54 -70.71 -50.54
N SER C 10 83.50 -70.69 -49.70
CA SER C 10 82.64 -69.52 -49.53
C SER C 10 83.41 -68.27 -49.06
N ILE C 11 84.42 -68.45 -48.22
CA ILE C 11 85.25 -67.34 -47.73
C ILE C 11 86.42 -67.02 -48.65
N ALA C 12 86.93 -68.03 -49.37
CA ALA C 12 88.00 -67.84 -50.33
C ALA C 12 87.51 -67.18 -51.62
N ASN C 13 86.41 -67.69 -52.15
CA ASN C 13 85.82 -67.21 -53.41
C ASN C 13 84.98 -65.94 -53.27
N SER C 14 84.81 -65.43 -52.04
CA SER C 14 84.11 -64.17 -51.80
C SER C 14 84.84 -63.00 -52.46
N ILE C 15 84.15 -62.34 -53.40
CA ILE C 15 84.67 -61.14 -54.06
C ILE C 15 84.94 -60.02 -53.05
N THR C 16 86.12 -59.42 -53.13
CA THR C 16 86.58 -58.43 -52.15
C THR C 16 85.86 -57.10 -52.36
N THR C 17 85.29 -56.57 -51.27
CA THR C 17 84.55 -55.31 -51.27
C THR C 17 84.82 -54.60 -49.95
N GLU C 18 85.17 -53.31 -50.03
CA GLU C 18 85.44 -52.51 -48.84
C GLU C 18 84.11 -52.10 -48.21
N ALA C 19 84.10 -52.04 -46.88
CA ALA C 19 82.90 -51.62 -46.13
C ALA C 19 82.68 -50.11 -46.30
N PRO C 20 81.40 -49.67 -46.37
CA PRO C 20 81.16 -48.23 -46.38
C PRO C 20 81.46 -47.59 -45.02
N ALA C 21 81.88 -46.33 -45.04
CA ALA C 21 82.20 -45.60 -43.82
C ALA C 21 80.93 -45.26 -43.04
N ILE C 22 81.00 -45.34 -41.73
CA ILE C 22 79.84 -45.18 -40.84
C ILE C 22 80.03 -43.90 -40.03
N ASN C 23 78.92 -43.26 -39.66
CA ASN C 23 78.95 -42.02 -38.89
C ASN C 23 79.55 -42.23 -37.51
N HIS C 24 79.17 -43.33 -36.85
CA HIS C 24 79.71 -43.66 -35.52
C HIS C 24 81.12 -44.30 -35.56
N SER C 25 81.89 -44.01 -36.62
CA SER C 25 83.33 -44.25 -36.65
C SER C 25 84.04 -43.09 -35.96
N PRO C 26 85.24 -43.34 -35.39
CA PRO C 26 86.15 -42.27 -34.95
C PRO C 26 86.54 -41.23 -36.00
N GLU C 27 86.92 -41.67 -37.19
CA GLU C 27 87.40 -40.74 -38.24
C GLU C 27 86.32 -39.78 -38.73
N LEU C 28 85.10 -40.28 -38.85
CA LEU C 28 83.94 -39.44 -39.21
C LEU C 28 83.66 -38.41 -38.12
N ALA C 29 83.67 -38.87 -36.88
CA ALA C 29 83.47 -38.01 -35.71
C ALA C 29 84.51 -36.88 -35.66
N ASN C 30 85.78 -37.25 -35.86
CA ASN C 30 86.88 -36.30 -35.94
C ASN C 30 86.65 -35.22 -37.01
N ALA C 31 86.20 -35.67 -38.18
CA ALA C 31 85.87 -34.78 -39.30
C ALA C 31 84.75 -33.81 -38.95
N ARG C 32 83.71 -34.32 -38.30
CA ARG C 32 82.58 -33.51 -37.82
C ARG C 32 82.99 -32.42 -36.82
N LYS C 33 83.83 -32.80 -35.85
CA LYS C 33 84.14 -31.97 -34.67
C LYS C 33 84.59 -30.53 -34.96
N TRP C 34 84.18 -29.62 -34.08
CA TRP C 34 84.57 -28.21 -34.10
C TRP C 34 85.73 -28.03 -33.14
N LEU C 35 86.95 -27.99 -33.67
CA LEU C 35 88.16 -28.05 -32.86
C LEU C 35 89.10 -26.88 -33.11
N PRO C 36 89.92 -26.53 -32.12
CA PRO C 36 90.90 -25.46 -32.29
C PRO C 36 92.09 -25.94 -33.12
N LYS C 37 92.71 -25.02 -33.87
CA LYS C 37 93.83 -25.35 -34.75
C LYS C 37 95.20 -25.35 -34.05
N ARG C 38 95.20 -25.22 -32.73
CA ARG C 38 96.42 -25.04 -31.95
C ARG C 38 96.24 -25.65 -30.56
N CYS C 39 97.35 -26.08 -29.95
CA CYS C 39 97.33 -26.68 -28.61
C CYS C 39 97.01 -25.65 -27.53
N GLY C 40 96.88 -26.12 -26.29
CA GLY C 40 96.65 -25.26 -25.12
C GLY C 40 97.71 -25.47 -24.05
N LEU C 41 97.44 -24.91 -22.87
CA LEU C 41 98.29 -25.14 -21.69
C LEU C 41 97.51 -25.12 -20.38
N ILE C 42 97.91 -26.00 -19.48
CA ILE C 42 97.33 -26.12 -18.15
C ILE C 42 97.83 -24.95 -17.30
N THR C 43 96.98 -24.44 -16.42
CA THR C 43 97.34 -23.36 -15.51
C THR C 43 96.72 -23.61 -14.14
N ARG C 44 97.13 -22.80 -13.16
CA ARG C 44 96.47 -22.72 -11.84
C ARG C 44 95.85 -21.35 -11.65
N LYS C 45 94.58 -21.33 -11.22
CA LYS C 45 93.90 -20.09 -10.84
C LYS C 45 94.46 -19.62 -9.49
N LYS C 46 95.42 -18.70 -9.53
CA LYS C 46 96.05 -18.18 -8.32
C LYS C 46 95.15 -17.22 -7.54
N GLY C 47 94.38 -16.41 -8.27
CA GLY C 47 93.46 -15.48 -7.64
C GLY C 47 92.79 -14.56 -8.63
N MET C 48 92.43 -13.37 -8.16
CA MET C 48 91.69 -12.40 -8.97
C MET C 48 92.01 -10.99 -8.49
N MET C 49 92.16 -10.05 -9.42
CA MET C 49 92.48 -8.66 -9.07
C MET C 49 92.14 -7.69 -10.22
N PRO C 50 92.16 -6.36 -9.92
CA PRO C 50 91.75 -5.40 -10.95
C PRO C 50 92.77 -5.19 -12.05
N TYR C 51 92.27 -5.03 -13.28
CA TYR C 51 93.07 -4.63 -14.42
C TYR C 51 92.56 -3.27 -14.90
N PHE C 52 93.38 -2.24 -14.76
CA PHE C 52 93.07 -0.90 -15.26
C PHE C 52 93.67 -0.69 -16.64
N ASP C 53 92.81 -0.41 -17.62
CA ASP C 53 93.26 -0.05 -18.97
C ASP C 53 93.74 1.40 -18.92
N LYS C 54 95.00 1.62 -19.29
CA LYS C 54 95.66 2.91 -19.05
C LYS C 54 95.31 3.99 -20.07
N SER C 55 94.85 3.58 -21.25
CA SER C 55 94.40 4.52 -22.28
C SER C 55 93.00 5.05 -21.96
N THR C 56 92.05 4.13 -21.84
CA THR C 56 90.63 4.48 -21.60
C THR C 56 90.37 4.84 -20.15
N GLY C 57 90.96 4.07 -19.24
CA GLY C 57 90.71 4.22 -17.80
C GLY C 57 89.75 3.18 -17.24
N GLU C 58 89.25 2.28 -18.09
CA GLU C 58 88.25 1.29 -17.68
C GLU C 58 88.88 0.20 -16.80
N ARG C 59 88.16 -0.16 -15.73
CA ARG C 59 88.61 -1.16 -14.77
C ARG C 59 87.88 -2.46 -15.10
N SER C 60 88.61 -3.57 -15.09
CA SER C 60 88.06 -4.90 -15.36
C SER C 60 88.63 -5.91 -14.39
N ALA C 61 87.76 -6.72 -13.80
CA ALA C 61 88.17 -7.80 -12.89
C ALA C 61 88.85 -8.89 -13.71
N ALA C 62 90.08 -9.25 -13.32
CA ALA C 62 90.91 -10.20 -14.05
C ALA C 62 91.34 -11.31 -13.13
N THR C 63 91.26 -12.56 -13.60
CA THR C 63 91.76 -13.70 -12.83
C THR C 63 93.20 -14.01 -13.28
N ILE C 64 94.06 -14.26 -12.31
CA ILE C 64 95.49 -14.49 -12.55
C ILE C 64 95.73 -16.00 -12.62
N LEU C 65 96.02 -16.48 -13.83
CA LEU C 65 96.28 -17.90 -14.09
C LEU C 65 97.78 -18.13 -14.26
N GLU C 66 98.38 -18.82 -13.32
CA GLU C 66 99.83 -19.01 -13.31
C GLU C 66 100.27 -20.22 -14.15
N VAL C 67 101.41 -20.06 -14.81
CA VAL C 67 101.92 -21.02 -15.80
C VAL C 67 103.30 -21.49 -15.31
N ASN C 68 103.37 -22.74 -14.84
CA ASN C 68 104.56 -23.27 -14.17
C ASN C 68 104.91 -24.66 -14.68
N ASN C 69 106.09 -24.78 -15.30
CA ASN C 69 106.63 -26.04 -15.82
C ASN C 69 105.68 -26.73 -16.81
N VAL C 70 104.92 -25.94 -17.58
CA VAL C 70 103.92 -26.49 -18.49
C VAL C 70 104.64 -27.02 -19.70
N GLU C 71 104.40 -28.30 -20.01
CA GLU C 71 105.26 -29.06 -20.90
C GLU C 71 104.48 -30.09 -21.69
N VAL C 72 104.75 -30.17 -22.99
CA VAL C 72 104.12 -31.16 -23.85
C VAL C 72 104.79 -32.51 -23.58
N ILE C 73 104.06 -33.39 -22.89
CA ILE C 73 104.59 -34.70 -22.48
C ILE C 73 104.69 -35.60 -23.70
N MET C 74 103.55 -35.82 -24.34
CA MET C 74 103.46 -36.58 -25.59
C MET C 74 102.26 -36.09 -26.37
N HIS C 75 102.01 -36.69 -27.52
CA HIS C 75 100.79 -36.40 -28.28
C HIS C 75 100.21 -37.61 -28.99
N ARG C 76 98.94 -37.49 -29.32
CA ARG C 76 98.12 -38.56 -29.87
C ARG C 76 97.82 -38.26 -31.33
N THR C 77 97.59 -39.31 -32.11
CA THR C 77 97.43 -39.22 -33.56
C THR C 77 96.25 -40.07 -34.01
N SER C 78 95.66 -39.71 -35.16
CA SER C 78 94.46 -40.38 -35.69
C SER C 78 94.67 -41.87 -36.00
N GLU C 79 95.83 -42.22 -36.55
CA GLU C 79 96.11 -43.61 -36.93
C GLU C 79 96.24 -44.57 -35.73
N VAL C 80 96.74 -44.06 -34.61
CA VAL C 80 96.90 -44.86 -33.38
C VAL C 80 95.70 -44.70 -32.46
N ASN C 81 95.37 -43.45 -32.15
CA ASN C 81 94.43 -43.11 -31.07
C ASN C 81 93.02 -42.71 -31.53
N GLY C 82 92.86 -42.40 -32.81
CA GLY C 82 91.58 -41.95 -33.38
C GLY C 82 91.36 -40.44 -33.39
N TYR C 83 92.33 -39.67 -32.89
CA TYR C 83 92.21 -38.22 -32.81
C TYR C 83 93.56 -37.55 -32.54
N PHE C 84 93.64 -36.25 -32.85
CA PHE C 84 94.86 -35.48 -32.66
C PHE C 84 94.75 -34.67 -31.38
N ALA C 85 95.68 -34.88 -30.46
CA ALA C 85 95.68 -34.17 -29.18
C ALA C 85 97.08 -34.13 -28.57
N CYS C 86 97.35 -33.09 -27.79
CA CYS C 86 98.63 -32.90 -27.13
C CYS C 86 98.45 -33.11 -25.64
N GLN C 87 99.06 -34.15 -25.09
CA GLN C 87 99.06 -34.37 -23.65
C GLN C 87 100.04 -33.41 -23.00
N VAL C 88 99.50 -32.38 -22.36
CA VAL C 88 100.29 -31.37 -21.65
C VAL C 88 100.33 -31.75 -20.16
N GLY C 89 101.47 -31.45 -19.54
CA GLY C 89 101.66 -31.65 -18.10
C GLY C 89 102.11 -30.37 -17.41
N TYR C 90 101.53 -30.09 -16.24
CA TYR C 90 101.78 -28.85 -15.48
C TYR C 90 102.57 -29.13 -14.21
N GLY C 91 103.48 -28.21 -13.90
CA GLY C 91 104.06 -28.11 -12.56
C GLY C 91 105.11 -29.15 -12.25
N SER C 92 105.47 -29.22 -10.97
CA SER C 92 106.41 -30.22 -10.47
C SER C 92 105.86 -30.84 -9.19
N ARG C 93 106.07 -32.14 -9.06
CA ARG C 93 105.58 -32.91 -7.93
C ARG C 93 106.76 -33.69 -7.35
N HIS C 94 106.63 -34.13 -6.11
CA HIS C 94 107.68 -34.92 -5.46
C HIS C 94 107.66 -36.36 -5.99
N LEU C 95 108.69 -37.13 -5.65
CA LEU C 95 108.72 -38.57 -5.95
C LEU C 95 107.66 -39.28 -5.12
N SER C 96 107.74 -39.05 -3.81
CA SER C 96 106.79 -39.52 -2.79
C SER C 96 105.32 -39.56 -3.24
N LYS C 97 104.87 -38.50 -3.89
CA LYS C 97 103.47 -38.35 -4.27
C LYS C 97 103.14 -39.23 -5.48
N VAL C 98 104.06 -39.29 -6.45
CA VAL C 98 103.79 -39.89 -7.75
C VAL C 98 103.96 -41.42 -7.66
N SER C 99 103.09 -42.13 -8.39
CA SER C 99 103.14 -43.60 -8.48
C SER C 99 104.39 -44.05 -9.25
N ARG C 100 104.91 -45.23 -8.91
CA ARG C 100 106.08 -45.81 -9.59
C ARG C 100 105.87 -45.87 -11.11
N GLN C 101 104.68 -46.30 -11.49
CA GLN C 101 104.29 -46.42 -12.89
C GLN C 101 104.29 -45.06 -13.58
N MET C 102 103.73 -44.07 -12.89
CA MET C 102 103.71 -42.69 -13.39
C MET C 102 105.11 -42.11 -13.53
N LEU C 103 105.96 -42.35 -12.53
CA LEU C 103 107.36 -41.92 -12.56
C LEU C 103 108.11 -42.49 -13.77
N GLY C 104 107.90 -43.79 -14.02
CA GLY C 104 108.45 -44.46 -15.20
C GLY C 104 107.96 -43.87 -16.52
N HIS C 105 106.66 -43.57 -16.57
CA HIS C 105 106.05 -42.89 -17.72
C HIS C 105 106.67 -41.52 -17.99
N PHE C 106 106.85 -40.75 -16.93
CA PHE C 106 107.49 -39.42 -17.01
C PHE C 106 108.95 -39.50 -17.46
N ALA C 107 109.67 -40.51 -16.95
CA ALA C 107 111.05 -40.79 -17.35
C ALA C 107 111.16 -41.13 -18.84
N SER C 108 110.23 -41.95 -19.32
CA SER C 108 110.14 -42.32 -20.73
C SER C 108 109.89 -41.12 -21.63
N LYS C 109 108.96 -40.27 -21.22
CA LYS C 109 108.63 -39.04 -21.94
C LYS C 109 109.64 -37.91 -21.67
N VAL C 110 110.49 -38.10 -20.66
CA VAL C 110 111.63 -37.23 -20.36
C VAL C 110 111.10 -35.87 -19.87
N VAL C 111 110.39 -35.93 -18.77
CA VAL C 111 109.91 -34.75 -18.05
C VAL C 111 109.98 -35.03 -16.55
N ASN C 112 109.90 -33.98 -15.76
CA ASN C 112 109.83 -34.11 -14.31
C ASN C 112 108.48 -34.69 -13.87
N PRO C 113 108.43 -35.33 -12.67
CA PRO C 113 107.15 -35.79 -12.15
C PRO C 113 106.17 -34.64 -11.99
N LYS C 114 105.01 -34.79 -12.61
CA LYS C 114 104.15 -33.67 -12.94
C LYS C 114 102.98 -33.57 -11.97
N GLU C 115 102.47 -32.35 -11.81
CA GLU C 115 101.44 -32.05 -10.82
C GLU C 115 100.03 -32.29 -11.37
N HIS C 116 99.85 -32.09 -12.68
CA HIS C 116 98.57 -32.32 -13.34
C HIS C 116 98.80 -32.55 -14.83
N VAL C 117 98.17 -33.58 -15.39
CA VAL C 117 98.30 -33.92 -16.81
C VAL C 117 96.93 -33.79 -17.45
N ALA C 118 96.90 -33.32 -18.70
CA ALA C 118 95.65 -33.17 -19.45
C ALA C 118 95.89 -33.09 -20.96
N GLU C 119 94.93 -33.60 -21.73
CA GLU C 119 94.99 -33.55 -23.19
C GLU C 119 94.45 -32.23 -23.72
N PHE C 120 94.88 -31.88 -24.92
CA PHE C 120 94.38 -30.70 -25.64
C PHE C 120 94.15 -31.08 -27.09
N ARG C 121 92.90 -31.38 -27.41
CA ARG C 121 92.54 -31.92 -28.72
C ARG C 121 92.60 -30.83 -29.78
N VAL C 122 93.09 -31.20 -30.96
CA VAL C 122 93.29 -30.28 -32.08
C VAL C 122 92.71 -30.84 -33.38
N LYS C 123 92.60 -29.97 -34.38
CA LYS C 123 92.00 -30.31 -35.66
C LYS C 123 92.91 -31.22 -36.50
N ASP C 124 94.16 -30.79 -36.69
CA ASP C 124 95.08 -31.40 -37.64
C ASP C 124 96.38 -31.86 -36.98
N GLU C 125 97.21 -32.54 -37.76
CA GLU C 125 98.57 -32.90 -37.35
C GLU C 125 99.50 -31.68 -37.26
N LYS C 126 99.16 -30.61 -37.98
CA LYS C 126 99.93 -29.35 -37.95
C LYS C 126 99.86 -28.65 -36.59
N GLY C 127 98.72 -28.77 -35.92
CA GLY C 127 98.51 -28.17 -34.60
C GLY C 127 99.36 -28.75 -33.47
N LEU C 128 99.81 -30.00 -33.64
CA LEU C 128 100.66 -30.67 -32.65
C LEU C 128 101.98 -29.93 -32.47
N ILE C 129 102.36 -29.72 -31.21
CA ILE C 129 103.64 -29.10 -30.86
C ILE C 129 104.65 -30.24 -30.68
N PRO C 130 105.94 -30.01 -31.03
CA PRO C 130 106.94 -31.05 -30.73
C PRO C 130 107.04 -31.37 -29.23
N PRO C 131 107.14 -32.66 -28.87
CA PRO C 131 107.08 -33.03 -27.46
C PRO C 131 108.38 -32.73 -26.72
N GLY C 132 108.27 -32.51 -25.41
CA GLY C 132 109.38 -32.10 -24.56
C GLY C 132 109.52 -30.60 -24.38
N THR C 133 108.87 -29.80 -25.22
CA THR C 133 109.02 -28.34 -25.20
C THR C 133 108.28 -27.71 -24.03
N LEU C 134 108.75 -26.51 -23.66
CA LEU C 134 108.19 -25.75 -22.55
C LEU C 134 107.22 -24.68 -23.07
N LEU C 135 105.98 -24.71 -22.59
CA LEU C 135 104.97 -23.71 -22.98
C LEU C 135 104.96 -22.59 -21.93
N LYS C 136 105.11 -21.35 -22.41
CA LYS C 136 105.16 -20.16 -21.55
C LYS C 136 103.93 -19.30 -21.85
N PRO C 137 103.61 -18.33 -20.96
CA PRO C 137 102.45 -17.44 -21.19
C PRO C 137 102.44 -16.70 -22.54
N SER C 138 103.63 -16.41 -23.08
CA SER C 138 103.78 -15.80 -24.41
C SER C 138 103.20 -16.62 -25.58
N PHE C 139 102.88 -17.89 -25.32
CA PHE C 139 102.05 -18.70 -26.22
C PHE C 139 100.86 -17.91 -26.74
N PHE C 140 100.08 -17.35 -25.81
CA PHE C 140 98.90 -16.55 -26.16
C PHE C 140 99.29 -15.10 -26.43
N LYS C 141 98.54 -14.45 -27.30
CA LYS C 141 98.69 -13.02 -27.57
C LYS C 141 97.74 -12.22 -26.69
N GLU C 142 98.13 -10.99 -26.36
CA GLU C 142 97.29 -10.09 -25.57
C GLU C 142 96.14 -9.60 -26.46
N GLY C 143 94.91 -9.70 -25.93
CA GLY C 143 93.71 -9.35 -26.69
C GLY C 143 93.02 -10.52 -27.39
N GLN C 144 93.68 -11.67 -27.46
CA GLN C 144 93.08 -12.86 -28.08
C GLN C 144 92.02 -13.47 -27.16
N TYR C 145 91.13 -14.24 -27.76
CA TYR C 145 90.07 -14.94 -27.03
C TYR C 145 90.43 -16.39 -26.79
N VAL C 146 90.03 -16.91 -25.63
CA VAL C 146 90.30 -18.29 -25.24
C VAL C 146 89.11 -18.93 -24.52
N ASP C 147 88.93 -20.24 -24.75
CA ASP C 147 88.00 -21.04 -23.96
C ASP C 147 88.73 -21.49 -22.70
N VAL C 148 87.99 -21.64 -21.60
CA VAL C 148 88.57 -21.95 -20.29
C VAL C 148 87.78 -23.05 -19.58
N ARG C 149 88.39 -24.23 -19.42
CA ARG C 149 87.77 -25.33 -18.67
C ARG C 149 88.38 -25.49 -17.28
N SER C 150 87.52 -25.75 -16.30
CA SER C 150 87.93 -26.05 -14.92
C SER C 150 86.74 -26.57 -14.11
N VAL C 151 87.05 -27.24 -12.99
CA VAL C 151 86.03 -27.77 -12.10
C VAL C 151 85.56 -26.66 -11.16
N SER C 152 84.25 -26.44 -11.11
CA SER C 152 83.66 -25.36 -10.33
C SER C 152 83.76 -25.58 -8.82
N LYS C 153 83.51 -24.51 -8.06
CA LYS C 153 83.42 -24.58 -6.59
C LYS C 153 82.33 -25.56 -6.16
N GLY C 154 82.67 -26.42 -5.20
CA GLY C 154 81.70 -27.34 -4.63
C GLY C 154 80.75 -26.60 -3.70
N LYS C 155 79.45 -26.80 -3.90
CA LYS C 155 78.40 -26.16 -3.10
C LYS C 155 77.70 -27.10 -2.12
N GLY C 156 78.01 -28.40 -2.18
CA GLY C 156 77.44 -29.39 -1.27
C GLY C 156 76.02 -29.75 -1.64
N PHE C 157 75.35 -30.48 -0.74
CA PHE C 157 73.98 -30.90 -0.96
C PHE C 157 73.05 -29.69 -0.87
N THR C 158 72.61 -29.19 -2.02
CA THR C 158 71.81 -27.98 -2.11
C THR C 158 70.33 -28.25 -2.35
N GLY C 159 69.51 -27.26 -2.02
CA GLY C 159 68.08 -27.32 -2.23
C GLY C 159 67.69 -26.84 -3.61
N VAL C 160 66.42 -27.03 -3.95
CA VAL C 160 65.88 -26.63 -5.25
C VAL C 160 65.81 -25.11 -5.49
N MET C 161 65.84 -24.33 -4.41
CA MET C 161 65.89 -22.88 -4.51
C MET C 161 67.26 -22.42 -5.01
N LYS C 162 68.32 -22.95 -4.42
CA LYS C 162 69.69 -22.61 -4.83
C LYS C 162 70.10 -23.31 -6.13
N ARG C 163 69.74 -24.59 -6.26
CA ARG C 163 70.01 -25.36 -7.49
C ARG C 163 69.37 -24.73 -8.71
N TYR C 164 68.05 -24.64 -8.67
CA TYR C 164 67.24 -24.37 -9.86
C TYR C 164 66.48 -23.04 -9.84
N GLY C 165 66.72 -22.20 -8.82
CA GLY C 165 66.03 -20.91 -8.72
C GLY C 165 64.52 -21.04 -8.56
N PHE C 166 64.09 -22.07 -7.84
CA PHE C 166 62.67 -22.29 -7.55
C PHE C 166 62.20 -21.16 -6.64
N LYS C 167 60.97 -20.71 -6.87
CA LYS C 167 60.42 -19.56 -6.14
C LYS C 167 60.12 -19.90 -4.68
N GLY C 168 59.81 -21.17 -4.41
CA GLY C 168 59.41 -21.60 -3.07
C GLY C 168 58.03 -21.10 -2.72
N LEU C 169 57.57 -21.46 -1.53
CA LEU C 169 56.24 -21.06 -1.07
C LEU C 169 56.32 -19.73 -0.34
N ARG C 170 55.17 -19.18 0.02
CA ARG C 170 55.09 -17.86 0.65
C ARG C 170 55.65 -17.88 2.07
N ALA C 171 56.03 -16.70 2.56
CA ALA C 171 56.58 -16.55 3.90
C ALA C 171 55.48 -16.55 4.96
N SER C 172 54.37 -15.89 4.64
CA SER C 172 53.22 -15.78 5.55
C SER C 172 51.97 -16.32 4.84
N HIS C 173 50.78 -15.89 5.30
CA HIS C 173 49.49 -16.31 4.73
C HIS C 173 49.27 -17.83 4.84
N GLY C 174 49.46 -18.35 6.04
CA GLY C 174 49.15 -19.74 6.34
C GLY C 174 50.21 -20.79 6.06
N THR C 175 51.21 -20.45 5.25
CA THR C 175 52.23 -21.41 4.79
C THR C 175 52.87 -22.16 5.96
N SER C 176 52.75 -23.49 5.93
CA SER C 176 53.21 -24.34 7.03
C SER C 176 54.33 -25.27 6.59
N ILE C 177 55.52 -25.05 7.17
CA ILE C 177 56.57 -26.08 7.25
C ILE C 177 57.22 -26.45 5.90
N MET C 178 56.99 -25.64 4.84
CA MET C 178 57.51 -25.95 3.49
C MET C 178 57.92 -24.69 2.71
N HIS C 179 58.57 -23.75 3.39
CA HIS C 179 58.82 -22.43 2.81
C HIS C 179 59.83 -22.45 1.63
N ARG C 180 60.77 -23.39 1.66
CA ARG C 180 61.81 -23.53 0.64
C ARG C 180 61.64 -24.76 -0.26
N HIS C 181 60.49 -25.41 -0.20
CA HIS C 181 60.28 -26.68 -0.91
C HIS C 181 59.87 -26.49 -2.37
N GLY C 182 60.04 -27.56 -3.15
CA GLY C 182 59.76 -27.55 -4.58
C GLY C 182 58.31 -27.66 -4.98
N GLY C 183 57.41 -27.88 -4.02
CA GLY C 183 55.98 -27.96 -4.28
C GLY C 183 55.63 -29.33 -4.84
N SER C 184 54.92 -29.34 -5.97
CA SER C 184 54.57 -30.59 -6.64
C SER C 184 55.78 -31.18 -7.36
N TYR C 185 55.89 -32.51 -7.32
CA TYR C 185 56.96 -33.23 -8.02
C TYR C 185 56.42 -34.18 -9.11
N GLY C 186 55.13 -34.10 -9.41
CA GLY C 186 54.56 -34.92 -10.48
C GLY C 186 53.07 -34.74 -10.70
N GLN C 187 52.44 -35.81 -11.18
CA GLN C 187 51.06 -35.78 -11.68
C GLN C 187 50.32 -37.05 -11.22
N ASN C 188 49.03 -36.92 -10.90
CA ASN C 188 48.27 -38.01 -10.26
C ASN C 188 47.95 -39.19 -11.18
N GLN C 189 48.84 -40.18 -11.22
CA GLN C 189 48.60 -41.53 -11.79
C GLN C 189 48.92 -41.71 -13.28
N ASP C 190 48.64 -40.74 -14.14
CA ASP C 190 48.93 -41.02 -15.54
C ASP C 190 50.42 -41.31 -15.65
N PRO C 191 51.24 -40.47 -15.03
CA PRO C 191 52.68 -40.70 -14.94
C PRO C 191 52.94 -41.85 -13.95
N GLY C 192 52.10 -41.87 -12.92
CA GLY C 192 52.17 -42.80 -11.81
C GLY C 192 53.58 -42.98 -11.29
N ARG C 193 54.42 -41.97 -11.52
CA ARG C 193 55.85 -42.03 -11.21
C ARG C 193 56.47 -40.66 -11.44
N VAL C 194 57.49 -40.31 -10.65
CA VAL C 194 58.25 -39.09 -10.89
C VAL C 194 59.12 -39.36 -12.12
N LEU C 195 58.93 -38.54 -13.15
CA LEU C 195 59.57 -38.76 -14.44
C LEU C 195 61.05 -38.37 -14.35
N PRO C 196 61.94 -39.09 -15.07
CA PRO C 196 63.38 -38.80 -15.03
C PRO C 196 63.77 -37.34 -15.26
N GLY C 197 64.83 -36.92 -14.57
CA GLY C 197 65.30 -35.55 -14.60
C GLY C 197 64.38 -34.53 -13.94
N ARG C 198 63.57 -34.96 -12.97
CA ARG C 198 62.73 -34.03 -12.23
C ARG C 198 63.62 -33.27 -11.26
N LYS C 199 63.67 -31.95 -11.43
CA LYS C 199 64.55 -31.08 -10.66
C LYS C 199 64.26 -31.20 -9.16
N MET C 200 65.20 -31.80 -8.44
CA MET C 200 65.05 -32.14 -7.03
C MET C 200 66.31 -31.69 -6.28
N PRO C 201 66.25 -31.63 -4.94
CA PRO C 201 67.46 -31.26 -4.19
C PRO C 201 68.56 -32.32 -4.35
N GLY C 202 69.81 -31.85 -4.40
CA GLY C 202 70.95 -32.73 -4.60
C GLY C 202 72.27 -32.00 -4.51
N HIS C 203 73.36 -32.73 -4.72
CA HIS C 203 74.71 -32.15 -4.71
C HIS C 203 74.92 -31.21 -5.90
N MET C 204 75.61 -30.10 -5.64
CA MET C 204 75.82 -29.03 -6.60
C MET C 204 77.26 -28.57 -6.56
N GLY C 205 77.75 -28.13 -7.71
CA GLY C 205 79.14 -27.71 -7.85
C GLY C 205 80.07 -28.90 -7.98
N ASN C 206 81.36 -28.60 -8.09
CA ASN C 206 82.42 -29.61 -8.26
C ASN C 206 82.25 -30.42 -9.56
N GLU C 207 81.75 -29.75 -10.60
CA GLU C 207 81.63 -30.29 -11.95
C GLU C 207 82.41 -29.39 -12.89
N HIS C 208 82.80 -29.94 -14.04
CA HIS C 208 83.53 -29.18 -15.06
C HIS C 208 82.68 -28.07 -15.66
N VAL C 209 83.33 -26.98 -16.05
CA VAL C 209 82.67 -25.79 -16.59
C VAL C 209 83.57 -25.16 -17.65
N THR C 210 83.16 -25.24 -18.93
CA THR C 210 83.82 -24.48 -19.99
C THR C 210 83.25 -23.07 -20.01
N ILE C 211 84.14 -22.09 -20.09
CA ILE C 211 83.77 -20.68 -20.23
C ILE C 211 84.36 -20.20 -21.55
N GLN C 212 83.49 -19.86 -22.48
CA GLN C 212 83.89 -19.58 -23.87
C GLN C 212 84.11 -18.09 -24.09
N ASN C 213 85.09 -17.78 -24.94
CA ASN C 213 85.36 -16.42 -25.42
C ASN C 213 85.76 -15.45 -24.31
N VAL C 214 86.74 -15.83 -23.49
CA VAL C 214 87.28 -14.94 -22.46
C VAL C 214 88.53 -14.27 -23.04
N LYS C 215 88.66 -12.97 -22.82
CA LYS C 215 89.74 -12.20 -23.43
C LYS C 215 91.01 -12.27 -22.57
N VAL C 216 92.14 -12.52 -23.22
CA VAL C 216 93.44 -12.53 -22.55
C VAL C 216 93.85 -11.06 -22.40
N LEU C 217 93.63 -10.50 -21.21
CA LEU C 217 93.94 -9.09 -20.94
C LEU C 217 95.42 -8.81 -21.01
N LYS C 218 96.21 -9.67 -20.37
CA LYS C 218 97.64 -9.44 -20.19
C LYS C 218 98.40 -10.76 -20.10
N VAL C 219 99.59 -10.76 -20.69
CA VAL C 219 100.49 -11.90 -20.72
C VAL C 219 101.86 -11.38 -20.31
N ASP C 220 102.50 -12.06 -19.35
CA ASP C 220 103.88 -11.74 -18.99
C ASP C 220 104.64 -12.99 -18.52
N ASP C 221 105.77 -13.24 -19.17
CA ASP C 221 106.64 -14.39 -18.86
C ASP C 221 107.51 -14.18 -17.61
N GLU C 222 107.59 -12.94 -17.12
CA GLU C 222 108.44 -12.60 -15.97
C GLU C 222 107.85 -13.14 -14.67
N ASN C 223 106.59 -12.80 -14.41
CA ASN C 223 105.87 -13.29 -13.23
C ASN C 223 105.25 -14.68 -13.41
N ASN C 224 105.29 -15.20 -14.65
CA ASN C 224 104.80 -16.55 -14.98
C ASN C 224 103.29 -16.67 -14.87
N VAL C 225 102.57 -15.64 -15.34
CA VAL C 225 101.11 -15.59 -15.23
C VAL C 225 100.45 -15.08 -16.52
N ILE C 226 99.24 -15.59 -16.77
CA ILE C 226 98.35 -15.05 -17.80
C ILE C 226 97.19 -14.38 -17.06
N TRP C 227 97.00 -13.09 -17.31
CA TRP C 227 95.81 -12.38 -16.88
C TRP C 227 94.69 -12.71 -17.87
N VAL C 228 93.50 -12.92 -17.34
CA VAL C 228 92.35 -13.30 -18.17
C VAL C 228 91.14 -12.51 -17.69
N LYS C 229 90.40 -11.90 -18.62
CA LYS C 229 89.27 -11.04 -18.27
C LYS C 229 88.15 -11.85 -17.63
N GLY C 230 87.72 -11.38 -16.46
CA GLY C 230 86.54 -11.93 -15.80
C GLY C 230 86.82 -13.16 -14.99
N SER C 231 85.78 -13.96 -14.80
CA SER C 231 85.76 -15.04 -13.83
C SER C 231 86.20 -16.36 -14.46
N VAL C 232 86.65 -17.27 -13.62
CA VAL C 232 87.03 -18.64 -14.02
C VAL C 232 86.50 -19.59 -12.94
N ALA C 233 85.99 -20.74 -13.39
CA ALA C 233 85.35 -21.69 -12.48
C ALA C 233 86.34 -22.35 -11.53
N GLY C 234 85.90 -22.55 -10.29
CA GLY C 234 86.67 -23.26 -9.27
C GLY C 234 87.27 -22.34 -8.21
N PRO C 235 87.83 -22.94 -7.15
CA PRO C 235 88.48 -22.18 -6.08
C PRO C 235 89.89 -21.72 -6.49
N LYS C 236 90.62 -21.14 -5.53
CA LYS C 236 92.03 -20.83 -5.74
C LYS C 236 92.84 -22.11 -5.78
N ASN C 237 93.94 -22.08 -6.53
CA ASN C 237 94.81 -23.23 -6.76
C ASN C 237 94.15 -24.40 -7.53
N SER C 238 93.02 -24.13 -8.19
CA SER C 238 92.35 -25.13 -9.02
C SER C 238 92.97 -25.10 -10.41
N PHE C 239 93.12 -26.26 -11.02
CA PHE C 239 93.71 -26.37 -12.35
C PHE C 239 92.74 -25.87 -13.41
N VAL C 240 93.26 -25.12 -14.37
CA VAL C 240 92.47 -24.44 -15.38
C VAL C 240 93.10 -24.68 -16.75
N LYS C 241 92.36 -25.35 -17.64
CA LYS C 241 92.77 -25.47 -19.04
C LYS C 241 92.56 -24.14 -19.76
N ILE C 242 93.41 -23.87 -20.74
CA ILE C 242 93.28 -22.69 -21.60
C ILE C 242 93.62 -23.08 -23.03
N GLN C 243 92.68 -22.89 -23.95
CA GLN C 243 92.91 -23.07 -25.38
C GLN C 243 92.24 -21.94 -26.14
N ASP C 244 92.69 -21.71 -27.37
CA ASP C 244 92.07 -20.72 -28.27
C ASP C 244 90.57 -20.94 -28.39
N ALA C 245 89.83 -19.83 -28.50
CA ALA C 245 88.38 -19.89 -28.64
C ALA C 245 88.00 -20.35 -30.04
N ILE C 246 87.20 -21.41 -30.11
CA ILE C 246 86.72 -21.93 -31.40
C ILE C 246 85.66 -21.00 -32.02
N LYS C 247 84.83 -20.39 -31.16
CA LYS C 247 83.75 -19.51 -31.59
C LYS C 247 84.32 -18.19 -32.08
N LYS C 248 85.12 -17.54 -31.24
CA LYS C 248 85.79 -16.28 -31.59
C LYS C 248 87.17 -16.53 -32.19
N THR C 249 87.19 -16.76 -33.51
CA THR C 249 88.42 -16.84 -34.31
C THR C 249 89.32 -18.01 -33.86
N LEU D 1 -0.36 -133.47 -4.03
CA LEU D 1 -0.43 -134.82 -3.36
C LEU D 1 0.12 -134.73 -1.94
N ASN D 2 1.39 -134.33 -1.85
CA ASN D 2 2.04 -133.98 -0.58
C ASN D 2 2.40 -132.48 -0.67
N PRO D 3 1.74 -131.63 0.14
CA PRO D 3 1.87 -130.18 -0.05
C PRO D 3 3.18 -129.56 0.48
N LEU D 4 3.51 -129.84 1.74
CA LEU D 4 4.71 -129.33 2.38
C LEU D 4 5.49 -130.52 2.94
N PRO D 5 6.24 -131.24 2.07
CA PRO D 5 6.84 -132.54 2.43
C PRO D 5 7.80 -132.48 3.61
N ASN D 6 8.58 -131.40 3.69
CA ASN D 6 9.63 -131.25 4.70
C ASN D 6 9.19 -130.57 6.01
N ALA D 7 7.88 -130.41 6.21
CA ALA D 7 7.36 -129.90 7.48
C ALA D 7 7.60 -130.91 8.60
N ALA D 8 7.86 -130.40 9.80
CA ALA D 8 8.16 -131.24 10.97
C ALA D 8 7.94 -130.46 12.26
N ILE D 9 7.96 -131.19 13.38
CA ILE D 9 7.72 -130.58 14.70
C ILE D 9 9.07 -130.40 15.41
N PRO D 10 9.35 -129.17 15.91
CA PRO D 10 10.66 -128.89 16.51
C PRO D 10 10.81 -129.49 17.91
N PRO D 11 12.06 -129.62 18.40
CA PRO D 11 12.30 -130.13 19.75
C PRO D 11 11.97 -129.05 20.76
N LYS D 12 11.50 -129.47 21.95
CA LYS D 12 10.92 -128.55 22.94
C LYS D 12 11.53 -128.54 24.35
N TYR D 13 12.50 -129.42 24.63
CA TYR D 13 13.12 -129.50 25.95
C TYR D 13 14.62 -129.78 25.87
N ALA D 14 15.44 -128.90 26.46
CA ALA D 14 16.88 -129.14 26.60
C ALA D 14 17.19 -129.50 28.04
N LEU D 15 18.02 -130.53 28.24
CA LEU D 15 18.39 -130.99 29.56
C LEU D 15 19.54 -130.16 30.12
N VAL D 16 19.31 -129.55 31.28
CA VAL D 16 20.38 -128.87 32.02
C VAL D 16 20.64 -129.64 33.31
N THR D 17 21.91 -129.92 33.61
CA THR D 17 22.28 -130.71 34.78
C THR D 17 22.15 -129.87 36.05
N VAL D 18 21.47 -130.44 37.04
CA VAL D 18 21.27 -129.78 38.34
C VAL D 18 22.44 -130.21 39.22
N ARG D 19 23.15 -129.24 39.79
CA ARG D 19 24.39 -129.49 40.51
C ARG D 19 24.32 -129.08 41.98
N SER D 20 25.23 -129.67 42.78
CA SER D 20 25.53 -129.19 44.13
C SER D 20 26.59 -128.09 44.01
N PHE D 21 26.57 -127.11 44.91
CA PHE D 21 27.38 -125.90 44.69
C PHE D 21 28.91 -126.09 44.85
N PRO D 22 29.46 -126.10 46.10
CA PRO D 22 30.93 -125.99 46.24
C PRO D 22 31.73 -126.76 45.20
N SER D 23 31.33 -128.01 44.96
CA SER D 23 31.83 -128.85 43.89
C SER D 23 30.69 -129.16 42.92
N LEU D 24 30.78 -128.61 41.72
CA LEU D 24 29.75 -128.76 40.66
C LEU D 24 29.52 -130.22 40.25
N GLU D 25 28.78 -130.96 41.07
CA GLU D 25 28.54 -132.39 40.85
C GLU D 25 27.15 -132.65 40.25
N PRO D 26 27.07 -133.41 39.13
CA PRO D 26 25.76 -133.76 38.54
C PRO D 26 24.85 -134.56 39.48
N LEU D 27 23.71 -133.98 39.84
CA LEU D 27 22.73 -134.61 40.72
C LEU D 27 21.59 -135.19 39.88
N THR D 28 21.03 -134.36 39.01
CA THR D 28 19.94 -134.75 38.11
C THR D 28 20.08 -134.01 36.77
N PHE D 29 19.30 -134.42 35.78
CA PHE D 29 18.98 -133.55 34.64
C PHE D 29 17.65 -132.87 34.96
N VAL D 30 17.44 -131.71 34.36
CA VAL D 30 16.16 -131.01 34.39
C VAL D 30 15.88 -130.50 32.98
N PRO D 31 14.75 -130.92 32.38
CA PRO D 31 14.43 -130.44 31.04
C PRO D 31 13.80 -129.05 31.06
N VAL D 32 14.62 -128.03 30.83
CA VAL D 32 14.12 -126.66 30.63
C VAL D 32 13.68 -126.54 29.16
N PRO D 33 12.67 -125.68 28.88
CA PRO D 33 12.18 -125.58 27.52
C PRO D 33 13.19 -124.97 26.56
N THR D 34 13.09 -125.33 25.28
CA THR D 34 14.05 -124.90 24.25
C THR D 34 14.09 -123.38 24.05
N SER D 35 12.96 -122.71 24.26
CA SER D 35 12.84 -121.27 24.07
C SER D 35 13.73 -120.46 25.03
N THR D 36 13.86 -120.93 26.27
CA THR D 36 14.72 -120.29 27.27
C THR D 36 16.21 -120.53 27.03
N VAL D 37 16.56 -121.80 26.82
CA VAL D 37 17.96 -122.26 26.90
C VAL D 37 18.58 -122.69 25.56
N ALA D 38 17.81 -122.73 24.47
CA ALA D 38 18.34 -123.10 23.17
C ALA D 38 17.65 -122.41 21.99
N ALA D 39 17.38 -121.11 22.15
CA ALA D 39 16.92 -120.26 21.05
C ALA D 39 18.03 -120.06 20.02
N PRO D 40 17.67 -119.83 18.74
CA PRO D 40 18.68 -119.41 17.77
C PRO D 40 19.28 -118.06 18.15
N LEU D 41 20.61 -117.97 18.14
CA LEU D 41 21.32 -116.77 18.62
C LEU D 41 21.14 -115.62 17.62
N ARG D 42 20.14 -114.77 17.92
CA ARG D 42 19.91 -113.52 17.20
C ARG D 42 20.71 -112.41 17.86
N ARG D 43 21.74 -111.94 17.17
CA ARG D 43 22.64 -110.89 17.68
C ARG D 43 21.97 -109.53 17.79
N ASP D 44 21.19 -109.18 16.76
CA ASP D 44 20.50 -107.88 16.68
C ASP D 44 19.60 -107.57 17.89
N ILE D 45 18.85 -108.59 18.33
CA ILE D 45 18.01 -108.50 19.52
C ILE D 45 18.85 -108.29 20.77
N LEU D 46 19.92 -109.06 20.86
CA LEU D 46 20.88 -108.99 21.97
C LEU D 46 21.50 -107.60 22.07
N TRP D 47 21.92 -107.08 20.92
CA TRP D 47 22.46 -105.73 20.79
C TRP D 47 21.48 -104.67 21.31
N ARG D 48 20.23 -104.77 20.85
CA ARG D 48 19.15 -103.86 21.26
C ARG D 48 19.00 -103.81 22.78
N ALA D 49 18.97 -105.00 23.38
CA ALA D 49 18.85 -105.15 24.82
C ALA D 49 20.01 -104.51 25.58
N VAL D 50 21.22 -104.74 25.07
CA VAL D 50 22.46 -104.25 25.70
C VAL D 50 22.53 -102.72 25.67
N VAL D 51 22.33 -102.15 24.48
CA VAL D 51 22.40 -100.69 24.28
C VAL D 51 21.37 -99.97 25.14
N TYR D 52 20.13 -100.46 25.11
CA TYR D 52 19.04 -99.95 25.95
C TYR D 52 19.40 -99.94 27.44
N GLU D 53 19.92 -101.07 27.91
CA GLU D 53 20.38 -101.21 29.30
C GLU D 53 21.49 -100.22 29.65
N ASN D 54 22.44 -100.06 28.74
CA ASN D 54 23.54 -99.10 28.88
C ASN D 54 23.03 -97.67 28.98
N ASP D 55 22.07 -97.34 28.12
CA ASP D 55 21.41 -96.02 28.10
C ASP D 55 20.67 -95.73 29.40
N ASN D 56 19.96 -96.73 29.91
CA ASN D 56 19.29 -96.67 31.22
C ASN D 56 20.27 -96.40 32.36
N ARG D 57 21.41 -97.10 32.31
CA ARG D 57 22.46 -96.99 33.32
C ARG D 57 23.07 -95.58 33.45
N ARG D 58 23.19 -94.88 32.32
CA ARG D 58 23.77 -93.52 32.24
C ARG D 58 23.46 -92.60 33.43
N VAL D 59 24.48 -91.96 33.96
CA VAL D 59 24.32 -90.92 34.99
C VAL D 59 23.97 -89.59 34.33
N GLY D 60 24.78 -89.20 33.33
CA GLY D 60 24.50 -88.00 32.54
C GLY D 60 24.78 -86.71 33.30
N ALA D 61 26.01 -86.59 33.79
CA ALA D 61 26.42 -85.47 34.65
C ALA D 61 27.16 -84.34 33.92
N SER D 62 27.21 -84.39 32.59
CA SER D 62 27.89 -83.33 31.82
C SER D 62 27.17 -82.00 31.98
N ASN D 63 27.88 -81.03 32.54
CA ASN D 63 27.33 -79.73 32.88
C ASN D 63 28.33 -78.61 32.60
N PRO D 64 28.68 -78.40 31.32
CA PRO D 64 29.51 -77.26 30.96
C PRO D 64 28.67 -75.98 31.01
N PRO D 65 29.29 -74.86 31.42
CA PRO D 65 28.52 -73.63 31.52
C PRO D 65 28.31 -72.96 30.17
N GLY D 66 27.06 -72.78 29.77
CA GLY D 66 26.71 -71.92 28.63
C GLY D 66 27.02 -70.47 28.92
N ARG D 67 26.72 -69.59 27.96
CA ARG D 67 26.97 -68.16 28.13
C ARG D 67 26.10 -67.50 29.21
N SER D 68 24.94 -68.10 29.50
CA SER D 68 24.11 -67.69 30.66
C SER D 68 24.69 -68.21 31.96
N GLU D 69 24.94 -69.53 32.01
CA GLU D 69 25.51 -70.20 33.17
C GLU D 69 26.83 -69.55 33.63
N ASN D 70 27.68 -69.24 32.64
CA ASN D 70 28.96 -68.58 32.88
C ASN D 70 28.76 -67.18 33.49
N GLY D 71 29.65 -66.82 34.41
CA GLY D 71 29.39 -65.74 35.37
C GLY D 71 30.01 -64.37 35.12
N PHE D 72 30.14 -63.95 33.87
CA PHE D 72 30.56 -62.58 33.55
C PHE D 72 29.39 -61.62 33.62
N SER D 73 29.71 -60.32 33.58
CA SER D 73 28.70 -59.27 33.46
C SER D 73 28.12 -59.25 32.06
N ARG D 74 27.00 -58.54 31.92
CA ARG D 74 26.33 -58.37 30.62
C ARG D 74 26.82 -57.13 29.83
N ARG D 75 27.88 -56.48 30.31
CA ARG D 75 28.29 -55.18 29.76
C ARG D 75 29.06 -55.36 28.46
N LYS D 76 28.86 -54.42 27.54
CA LYS D 76 29.55 -54.42 26.25
C LYS D 76 31.00 -53.95 26.46
N LEU D 77 31.95 -54.79 26.06
CA LEU D 77 33.36 -54.61 26.42
C LEU D 77 34.00 -53.42 25.69
N MET D 78 33.66 -53.29 24.40
CA MET D 78 34.15 -52.21 23.55
C MET D 78 32.96 -51.70 22.73
N PRO D 79 32.87 -50.37 22.53
CA PRO D 79 31.72 -49.81 21.78
C PRO D 79 31.67 -50.31 20.33
N GLN D 80 30.47 -50.43 19.79
CA GLN D 80 30.22 -51.10 18.50
C GLN D 80 31.16 -50.62 17.39
N LYS D 81 31.30 -49.29 17.26
CA LYS D 81 32.26 -48.69 16.34
C LYS D 81 33.20 -47.73 17.08
N GLY D 82 34.23 -47.27 16.36
CA GLY D 82 35.22 -46.34 16.92
C GLY D 82 36.18 -46.97 17.91
N SER D 83 36.45 -48.26 17.74
CA SER D 83 37.39 -49.01 18.60
C SER D 83 38.68 -49.45 17.87
N GLY D 84 38.61 -49.60 16.55
CA GLY D 84 39.73 -50.15 15.77
C GLY D 84 39.93 -51.64 15.95
N ARG D 85 38.88 -52.34 16.38
CA ARG D 85 38.92 -53.78 16.65
C ARG D 85 37.56 -54.39 16.31
N ALA D 86 37.50 -55.73 16.28
CA ALA D 86 36.27 -56.46 15.95
C ALA D 86 35.15 -56.19 16.95
N ARG D 87 33.92 -56.42 16.51
CA ARG D 87 32.74 -56.11 17.33
C ARG D 87 32.59 -57.17 18.42
N VAL D 88 32.37 -56.70 19.65
CA VAL D 88 32.18 -57.56 20.81
C VAL D 88 30.97 -57.12 21.62
N GLY D 89 30.33 -58.10 22.27
CA GLY D 89 29.22 -57.84 23.20
C GLY D 89 29.73 -58.12 24.59
N ASP D 90 29.01 -58.97 25.33
CA ASP D 90 29.45 -59.41 26.65
C ASP D 90 30.59 -60.43 26.56
N ALA D 91 31.27 -60.64 27.69
CA ALA D 91 32.44 -61.51 27.77
C ALA D 91 32.13 -63.02 27.77
N ASN D 92 30.85 -63.39 27.87
CA ASN D 92 30.44 -64.80 27.94
C ASN D 92 30.42 -65.57 26.60
N SER D 93 30.68 -64.90 25.49
CA SER D 93 30.56 -65.51 24.15
C SER D 93 31.42 -66.77 24.00
N PRO D 94 30.88 -67.83 23.34
CA PRO D 94 31.69 -69.01 22.98
C PRO D 94 32.94 -68.73 22.16
N THR D 95 32.87 -67.66 21.37
CA THR D 95 33.99 -67.22 20.53
C THR D 95 35.24 -66.83 21.33
N ARG D 96 35.04 -66.29 22.54
CA ARG D 96 36.17 -65.86 23.38
C ARG D 96 36.64 -66.97 24.33
N HIS D 97 37.88 -66.84 24.78
CA HIS D 97 38.59 -67.94 25.44
C HIS D 97 38.09 -68.25 26.86
N ASN D 98 37.64 -67.22 27.58
CA ASN D 98 37.10 -67.38 28.95
C ASN D 98 35.57 -67.51 28.98
N GLY D 99 34.91 -67.31 27.84
CA GLY D 99 33.45 -67.37 27.77
C GLY D 99 32.87 -68.77 27.86
N GLY D 100 31.55 -68.83 27.98
CA GLY D 100 30.84 -70.10 28.13
C GLY D 100 30.73 -70.89 26.84
N ARG D 101 30.33 -72.15 26.96
CA ARG D 101 30.28 -73.06 25.82
C ARG D 101 29.03 -72.84 24.96
N ALA D 102 29.20 -73.01 23.64
CA ALA D 102 28.07 -72.94 22.71
C ALA D 102 27.29 -74.24 22.75
N LEU D 103 25.96 -74.12 22.78
CA LEU D 103 25.05 -75.27 22.83
C LEU D 103 25.39 -76.20 23.98
N ALA D 104 25.58 -75.59 25.16
CA ALA D 104 26.05 -76.31 26.34
C ALA D 104 24.95 -77.21 26.89
N ARG D 105 25.32 -78.45 27.20
CA ARG D 105 24.44 -79.36 27.93
C ARG D 105 24.27 -78.87 29.37
N THR D 106 23.22 -79.36 30.01
CA THR D 106 22.95 -79.05 31.41
C THR D 106 22.49 -80.32 32.12
N ALA D 107 23.22 -80.73 33.15
CA ALA D 107 22.84 -81.92 33.92
C ALA D 107 21.53 -81.65 34.64
N PRO D 108 20.66 -82.65 34.73
CA PRO D 108 20.99 -84.04 34.46
C PRO D 108 20.56 -84.38 33.05
N ASN D 109 21.46 -84.96 32.27
CA ASN D 109 21.19 -85.26 30.88
C ASN D 109 20.51 -86.62 30.82
N ASP D 110 19.22 -86.63 30.48
CA ASP D 110 18.46 -87.88 30.45
C ASP D 110 18.76 -88.66 29.17
N TYR D 111 19.44 -89.80 29.32
CA TYR D 111 19.82 -90.66 28.19
C TYR D 111 18.92 -91.89 28.10
N THR D 112 17.81 -91.92 28.84
CA THR D 112 16.95 -93.10 28.92
C THR D 112 16.23 -93.39 27.61
N THR D 113 16.48 -94.57 27.05
CA THR D 113 15.76 -95.07 25.89
C THR D 113 14.76 -96.13 26.32
N GLU D 114 13.84 -96.45 25.42
CA GLU D 114 12.77 -97.42 25.68
C GLU D 114 12.99 -98.67 24.82
N LEU D 115 12.37 -99.77 25.24
CA LEU D 115 12.38 -101.03 24.50
C LEU D 115 11.02 -101.70 24.71
N PRO D 116 10.49 -102.40 23.70
CA PRO D 116 9.32 -103.23 24.01
C PRO D 116 9.66 -104.35 24.99
N SER D 117 8.73 -104.66 25.88
CA SER D 117 8.93 -105.64 26.94
C SER D 117 9.19 -107.04 26.37
N LYS D 118 8.44 -107.38 25.33
CA LYS D 118 8.59 -108.66 24.62
C LYS D 118 9.98 -108.82 24.01
N VAL D 119 10.47 -107.76 23.37
CA VAL D 119 11.80 -107.74 22.77
C VAL D 119 12.87 -107.98 23.82
N TYR D 120 12.74 -107.28 24.95
CA TYR D 120 13.65 -107.41 26.07
C TYR D 120 13.67 -108.83 26.64
N SER D 121 12.48 -109.42 26.76
CA SER D 121 12.33 -110.81 27.23
C SER D 121 13.00 -111.80 26.29
N MET D 122 12.79 -111.60 24.99
CA MET D 122 13.41 -112.40 23.94
C MET D 122 14.93 -112.34 24.00
N ALA D 123 15.45 -111.13 24.17
CA ALA D 123 16.90 -110.90 24.33
C ALA D 123 17.46 -111.62 25.54
N PHE D 124 16.72 -111.55 26.64
CA PHE D 124 17.08 -112.21 27.89
C PHE D 124 17.19 -113.73 27.72
N ASN D 125 16.17 -114.30 27.09
CA ASN D 125 16.16 -115.72 26.70
C ASN D 125 17.36 -116.07 25.82
N ASN D 126 17.58 -115.22 24.83
CA ASN D 126 18.63 -115.42 23.81
C ASN D 126 20.03 -115.48 24.41
N ALA D 127 20.31 -114.53 25.31
CA ALA D 127 21.56 -114.48 26.07
C ALA D 127 21.79 -115.75 26.87
N LEU D 128 20.74 -116.19 27.54
CA LEU D 128 20.75 -117.43 28.34
C LEU D 128 21.05 -118.66 27.48
N SER D 129 20.40 -118.71 26.32
CA SER D 129 20.60 -119.78 25.34
C SER D 129 22.03 -119.84 24.81
N HIS D 130 22.56 -118.67 24.49
CA HIS D 130 23.96 -118.51 24.08
C HIS D 130 24.94 -119.01 25.14
N GLN D 131 24.65 -118.66 26.40
CA GLN D 131 25.45 -119.08 27.55
C GLN D 131 25.46 -120.60 27.71
N TYR D 132 24.28 -121.19 27.57
CA TYR D 132 24.08 -122.64 27.60
C TYR D 132 24.87 -123.36 26.51
N LYS D 133 24.79 -122.83 25.29
CA LYS D 133 25.55 -123.33 24.14
C LYS D 133 27.05 -123.31 24.37
N SER D 134 27.54 -122.20 24.90
CA SER D 134 28.95 -122.04 25.26
C SER D 134 29.45 -123.07 26.27
N GLY D 135 28.57 -123.48 27.18
CA GLY D 135 28.93 -124.36 28.30
C GLY D 135 29.37 -123.51 29.47
N LYS D 136 28.59 -122.45 29.74
CA LYS D 136 28.91 -121.45 30.75
C LYS D 136 27.68 -121.17 31.63
N LEU D 137 26.75 -122.13 31.71
CA LEU D 137 25.51 -122.00 32.47
C LEU D 137 25.40 -123.16 33.45
N PHE D 138 25.80 -122.91 34.70
CA PHE D 138 25.82 -123.93 35.75
C PHE D 138 24.60 -123.79 36.64
N VAL D 139 23.65 -124.69 36.47
CA VAL D 139 22.41 -124.70 37.24
C VAL D 139 22.63 -125.50 38.53
N ILE D 140 22.46 -124.83 39.67
CA ILE D 140 22.68 -125.42 40.98
C ILE D 140 21.34 -125.52 41.71
N GLY D 141 21.05 -126.73 42.22
CA GLY D 141 19.78 -126.98 42.90
C GLY D 141 19.69 -128.37 43.49
N GLY D 142 18.50 -128.94 43.48
CA GLY D 142 18.24 -130.29 44.00
C GLY D 142 17.35 -130.36 45.23
N GLU D 143 16.93 -129.20 45.76
CA GLU D 143 16.07 -129.14 46.94
C GLU D 143 14.64 -129.54 46.60
N LYS D 144 14.08 -128.90 45.57
CA LYS D 144 12.70 -129.12 45.15
C LYS D 144 12.53 -130.40 44.32
N VAL D 145 13.39 -130.57 43.32
CA VAL D 145 13.26 -131.66 42.34
C VAL D 145 13.63 -133.03 42.91
N ASP D 146 13.18 -134.08 42.22
CA ASP D 146 13.51 -135.47 42.57
C ASP D 146 14.85 -135.84 41.96
N LEU D 147 15.81 -136.22 42.81
CA LEU D 147 17.19 -136.46 42.40
C LEU D 147 17.41 -137.87 41.82
N ILE D 148 18.52 -138.03 41.11
CA ILE D 148 19.01 -139.35 40.67
C ILE D 148 20.17 -139.72 41.59
N SER D 149 21.24 -138.93 41.53
CA SER D 149 22.40 -139.10 42.41
C SER D 149 22.20 -138.22 43.64
N PRO D 150 22.51 -138.75 44.85
CA PRO D 150 22.30 -137.96 46.07
C PRO D 150 23.35 -136.86 46.23
N THR D 151 22.97 -135.77 46.90
CA THR D 151 23.87 -134.64 47.13
C THR D 151 25.04 -135.05 48.05
N PRO D 152 26.25 -134.48 47.83
CA PRO D 152 27.38 -134.82 48.71
C PRO D 152 27.22 -134.35 50.16
N GLU D 153 28.02 -134.93 51.04
CA GLU D 153 27.98 -134.64 52.49
C GLU D 153 28.38 -133.21 52.85
N LEU D 154 29.42 -132.70 52.19
CA LEU D 154 29.96 -131.36 52.46
C LEU D 154 29.48 -130.24 51.52
N ASP D 155 28.88 -130.62 50.39
CA ASP D 155 28.17 -129.66 49.52
C ASP D 155 26.77 -129.38 50.05
N LEU D 156 26.10 -128.42 49.43
CA LEU D 156 24.66 -128.17 49.65
C LEU D 156 23.99 -127.71 48.35
N ASN D 157 22.68 -127.91 48.29
CA ASN D 157 21.91 -127.72 47.05
C ASN D 157 21.70 -126.27 46.63
N ARG D 158 21.60 -125.36 47.60
CA ARG D 158 21.55 -123.91 47.32
C ARG D 158 22.95 -123.35 47.00
N LEU D 159 22.98 -122.07 46.59
CA LEU D 159 24.21 -121.40 46.16
C LEU D 159 24.78 -120.54 47.29
N ASP D 160 25.45 -121.18 48.25
CA ASP D 160 25.96 -120.50 49.45
C ASP D 160 27.06 -121.32 50.15
N LEU D 161 27.91 -120.63 50.90
CA LEU D 161 28.94 -121.27 51.74
C LEU D 161 28.51 -121.27 53.22
N VAL D 162 28.78 -122.38 53.90
CA VAL D 162 28.44 -122.53 55.32
C VAL D 162 29.49 -121.86 56.21
N ASN D 163 29.06 -121.45 57.42
CA ASN D 163 29.90 -120.80 58.45
C ASN D 163 30.92 -119.76 57.96
N THR D 164 30.45 -118.87 57.09
CA THR D 164 31.26 -117.76 56.56
C THR D 164 31.53 -116.71 57.64
N ASN D 165 30.48 -116.37 58.39
CA ASN D 165 30.56 -115.37 59.46
C ASN D 165 31.42 -115.80 60.65
N THR D 166 31.53 -117.11 60.88
CA THR D 166 32.36 -117.66 61.95
C THR D 166 33.85 -117.44 61.64
N VAL D 167 34.58 -116.93 62.62
CA VAL D 167 36.00 -116.58 62.44
C VAL D 167 36.69 -116.52 63.83
N GLU D 168 37.01 -117.69 64.36
CA GLU D 168 37.43 -117.83 65.77
C GLU D 168 38.95 -117.99 65.98
N GLY D 169 39.59 -118.82 65.16
CA GLY D 169 41.01 -119.13 65.32
C GLY D 169 41.90 -118.00 64.86
N LYS D 170 41.81 -117.69 63.57
CA LYS D 170 42.60 -116.64 62.92
C LYS D 170 41.65 -115.66 62.23
N GLU D 171 42.22 -114.57 61.70
CA GLU D 171 41.47 -113.58 60.91
C GLU D 171 40.90 -114.14 59.60
N ILE D 172 41.60 -115.12 59.02
CA ILE D 172 41.13 -115.90 57.87
C ILE D 172 39.85 -116.68 58.24
N PHE D 173 38.93 -116.81 57.27
CA PHE D 173 37.69 -117.59 57.46
C PHE D 173 37.47 -118.64 56.37
N GLU D 174 36.58 -119.59 56.68
CA GLU D 174 36.46 -120.86 55.97
C GLU D 174 35.78 -120.76 54.60
N GLY D 175 34.74 -119.94 54.51
CA GLY D 175 33.97 -119.76 53.28
C GLY D 175 34.78 -119.21 52.12
N GLU D 176 35.67 -118.26 52.44
CA GLU D 176 36.63 -117.70 51.47
C GLU D 176 37.55 -118.79 50.92
N VAL D 177 38.12 -119.58 51.84
CA VAL D 177 39.02 -120.70 51.49
C VAL D 177 38.34 -121.69 50.56
N ILE D 178 37.11 -122.05 50.91
CA ILE D 178 36.28 -122.96 50.11
C ILE D 178 36.10 -122.42 48.69
N PHE D 179 35.79 -121.13 48.60
CA PHE D 179 35.63 -120.44 47.33
C PHE D 179 36.90 -120.48 46.49
N ARG D 180 38.04 -120.19 47.13
CA ARG D 180 39.36 -120.26 46.47
C ARG D 180 39.64 -121.66 45.93
N LYS D 181 39.35 -122.67 46.75
CA LYS D 181 39.51 -124.07 46.38
C LYS D 181 38.67 -124.42 45.15
N PHE D 182 37.41 -124.00 45.18
CA PHE D 182 36.47 -124.12 44.06
C PHE D 182 37.00 -123.48 42.78
N LEU D 183 37.53 -122.27 42.92
CA LEU D 183 38.11 -121.55 41.77
C LEU D 183 39.31 -122.30 41.18
N GLU D 184 40.17 -122.78 42.07
CA GLU D 184 41.35 -123.57 41.71
C GLU D 184 40.97 -124.84 40.93
N GLU D 185 39.90 -125.49 41.40
CA GLU D 185 39.41 -126.74 40.81
C GLU D 185 38.91 -126.57 39.38
N PHE D 186 38.09 -125.55 39.15
CA PHE D 186 37.43 -125.34 37.85
C PHE D 186 38.13 -124.33 36.93
N GLN D 187 39.32 -123.88 37.34
CA GLN D 187 40.23 -123.14 36.47
C GLN D 187 39.60 -121.84 35.95
N LEU D 188 39.15 -121.02 36.90
CA LEU D 188 38.44 -119.77 36.61
C LEU D 188 38.75 -118.72 37.68
N LYS D 189 40.06 -118.53 37.90
CA LYS D 189 40.57 -117.61 38.93
C LYS D 189 40.42 -116.17 38.48
N GLY D 190 40.97 -115.86 37.31
CA GLY D 190 40.88 -114.52 36.72
C GLY D 190 39.64 -114.26 35.88
N LYS D 191 38.84 -115.30 35.63
CA LYS D 191 37.66 -115.19 34.77
C LYS D 191 36.49 -114.51 35.49
N ARG D 192 35.66 -113.81 34.71
CA ARG D 192 34.45 -113.17 35.24
C ARG D 192 33.39 -114.19 35.59
N LEU D 193 32.83 -114.05 36.80
CA LEU D 193 31.80 -114.98 37.28
C LEU D 193 30.54 -114.21 37.69
N LEU D 194 29.39 -114.87 37.56
CA LEU D 194 28.09 -114.24 37.77
C LEU D 194 27.14 -115.21 38.50
N PHE D 195 26.98 -114.98 39.81
CA PHE D 195 26.18 -115.84 40.67
C PHE D 195 24.75 -115.33 40.81
N ILE D 196 23.82 -115.92 40.05
CA ILE D 196 22.41 -115.52 40.09
C ILE D 196 21.69 -116.29 41.20
N THR D 197 21.51 -115.62 42.34
CA THR D 197 20.79 -116.20 43.48
C THR D 197 19.29 -115.94 43.37
N ASP D 198 18.52 -116.59 44.25
CA ASP D 198 17.07 -116.38 44.36
C ASP D 198 16.80 -115.41 45.51
N LYS D 199 17.29 -115.76 46.70
CA LYS D 199 17.23 -114.92 47.90
C LYS D 199 18.64 -114.51 48.30
N THR D 200 18.73 -113.54 49.21
CA THR D 200 20.02 -112.91 49.55
C THR D 200 20.95 -113.88 50.27
N ARG D 201 21.98 -114.34 49.55
CA ARG D 201 23.00 -115.24 50.09
C ARG D 201 24.17 -114.40 50.60
N GLU D 202 24.08 -114.01 51.87
CA GLU D 202 25.03 -113.10 52.52
C GLU D 202 26.43 -113.70 52.64
N GLY D 203 26.48 -114.98 53.02
CA GLY D 203 27.74 -115.71 53.15
C GLY D 203 28.49 -115.84 51.84
N LEU D 204 27.74 -116.12 50.76
CA LEU D 204 28.31 -116.20 49.42
C LEU D 204 28.98 -114.89 48.99
N ILE D 205 28.29 -113.77 49.20
CA ILE D 205 28.83 -112.46 48.81
C ILE D 205 30.05 -112.08 49.65
N LYS D 206 30.07 -112.50 50.91
CA LYS D 206 31.23 -112.31 51.79
C LYS D 206 32.43 -113.09 51.30
N SER D 207 32.19 -114.35 50.96
CA SER D 207 33.20 -115.22 50.34
C SER D 207 33.76 -114.63 49.05
N SER D 208 32.87 -114.11 48.21
CA SER D 208 33.22 -113.46 46.95
C SER D 208 34.09 -112.20 47.11
N ASP D 209 33.76 -111.38 48.10
CA ASP D 209 34.35 -110.02 48.28
C ASP D 209 35.85 -109.83 47.98
N PRO D 210 36.72 -110.78 48.39
CA PRO D 210 38.09 -110.85 47.89
C PRO D 210 38.23 -110.77 46.37
N TYR D 211 37.43 -111.55 45.64
CA TYR D 211 37.39 -111.50 44.17
C TYR D 211 36.18 -110.69 43.68
N LYS D 212 35.99 -109.50 44.23
CA LYS D 212 34.86 -108.62 43.88
C LYS D 212 34.98 -108.07 42.46
N GLN D 213 36.21 -107.82 42.01
CA GLN D 213 36.46 -107.26 40.67
C GLN D 213 35.99 -108.15 39.51
N LYS D 214 36.01 -109.48 39.71
CA LYS D 214 35.58 -110.44 38.68
C LYS D 214 34.26 -111.15 39.00
N VAL D 215 33.99 -111.43 40.28
CA VAL D 215 32.78 -112.15 40.69
C VAL D 215 31.67 -111.17 41.02
N ASP D 216 30.50 -111.36 40.40
CA ASP D 216 29.33 -110.51 40.63
C ASP D 216 28.15 -111.37 41.06
N VAL D 217 27.75 -111.25 42.32
CA VAL D 217 26.59 -111.98 42.87
C VAL D 217 25.37 -111.08 42.71
N ILE D 218 24.36 -111.58 42.00
CA ILE D 218 23.15 -110.80 41.70
C ILE D 218 21.90 -111.61 42.09
N GLN D 219 20.84 -110.90 42.45
CA GLN D 219 19.54 -111.52 42.72
C GLN D 219 18.85 -111.97 41.42
N LYS D 220 17.82 -112.80 41.57
CA LYS D 220 17.00 -113.24 40.42
C LYS D 220 16.28 -112.09 39.71
N GLU D 221 15.89 -111.07 40.47
CA GLU D 221 15.12 -109.93 39.93
C GLU D 221 16.00 -108.87 39.27
N LEU D 222 17.17 -108.60 39.86
CA LEU D 222 18.04 -107.51 39.41
C LEU D 222 19.08 -107.92 38.35
N VAL D 223 19.10 -109.19 37.96
CA VAL D 223 20.00 -109.67 36.90
C VAL D 223 19.63 -109.06 35.54
N GLU D 224 20.65 -108.75 34.74
CA GLU D 224 20.53 -108.07 33.46
C GLU D 224 21.04 -108.94 32.31
N VAL D 225 20.74 -108.51 31.08
CA VAL D 225 21.28 -109.11 29.86
C VAL D 225 22.79 -108.90 29.82
N ASN D 226 23.22 -107.66 30.06
CA ASN D 226 24.64 -107.30 30.13
C ASN D 226 25.43 -108.16 31.11
N ASP D 227 24.89 -108.32 32.31
CA ASP D 227 25.50 -109.14 33.36
C ASP D 227 25.70 -110.58 32.92
N ILE D 228 24.68 -111.14 32.27
CA ILE D 228 24.71 -112.51 31.75
C ILE D 228 25.78 -112.70 30.69
N LEU D 229 25.86 -111.75 29.75
CA LEU D 229 26.74 -111.89 28.59
C LEU D 229 28.20 -111.61 28.91
N ARG D 230 28.44 -110.58 29.72
CA ARG D 230 29.79 -110.27 30.24
C ARG D 230 30.43 -111.46 30.97
N ALA D 231 29.62 -112.20 31.72
CA ALA D 231 30.09 -113.35 32.51
C ALA D 231 30.81 -114.42 31.67
N GLN D 232 31.93 -114.91 32.21
CA GLN D 232 32.68 -116.02 31.61
C GLN D 232 32.03 -117.36 31.99
N ALA D 233 31.31 -117.38 33.12
CA ALA D 233 30.53 -118.55 33.54
C ALA D 233 29.49 -118.12 34.58
N VAL D 234 28.21 -118.33 34.28
CA VAL D 234 27.13 -117.98 35.22
C VAL D 234 26.78 -119.17 36.11
N PHE D 235 26.48 -118.87 37.37
CA PHE D 235 26.13 -119.88 38.37
C PHE D 235 24.76 -119.54 38.92
N ILE D 236 23.75 -120.19 38.38
CA ILE D 236 22.36 -119.84 38.65
C ILE D 236 21.69 -120.91 39.53
N GLU D 237 20.85 -120.46 40.46
CA GLU D 237 20.05 -121.37 41.27
C GLU D 237 18.91 -121.90 40.40
N LEU D 238 18.53 -123.15 40.60
CA LEU D 238 17.46 -123.79 39.79
C LEU D 238 16.17 -122.99 39.88
N GLU D 239 15.79 -122.66 41.11
CA GLU D 239 14.60 -121.83 41.40
C GLU D 239 14.65 -120.47 40.69
N ALA D 240 15.81 -119.83 40.76
CA ALA D 240 16.04 -118.54 40.10
C ALA D 240 15.90 -118.65 38.58
N LEU D 241 16.43 -119.73 38.03
CA LEU D 241 16.34 -120.02 36.59
C LEU D 241 14.88 -120.25 36.16
N GLU D 242 14.16 -121.02 36.95
CA GLU D 242 12.70 -121.22 36.78
C GLU D 242 11.94 -119.90 36.74
N TYR D 243 12.23 -119.05 37.72
CA TYR D 243 11.61 -117.72 37.84
C TYR D 243 11.86 -116.87 36.60
N LEU D 244 13.11 -116.84 36.14
CA LEU D 244 13.50 -116.12 34.94
C LEU D 244 12.76 -116.63 33.71
N ALA D 245 12.68 -117.95 33.58
CA ALA D 245 11.92 -118.60 32.50
C ALA D 245 10.46 -118.14 32.49
N MET D 246 9.84 -118.20 33.67
CA MET D 246 8.46 -117.72 33.87
C MET D 246 8.26 -116.26 33.46
N ALA D 247 9.20 -115.42 33.87
CA ALA D 247 9.18 -113.99 33.56
C ALA D 247 9.23 -113.71 32.07
N HIS D 248 10.19 -114.34 31.38
CA HIS D 248 10.49 -114.06 29.98
C HIS D 248 9.96 -115.12 28.99
N GLN D 249 8.95 -115.88 29.42
CA GLN D 249 8.23 -116.79 28.53
C GLN D 249 7.28 -115.97 27.66
N LYS D 250 7.09 -116.40 26.41
CA LYS D 250 6.07 -115.79 25.55
C LYS D 250 4.69 -116.26 26.03
N GLU D 251 3.81 -115.29 26.29
CA GLU D 251 2.49 -115.58 26.87
C GLU D 251 1.56 -116.20 25.83
N ILE D 252 0.61 -117.00 26.30
CA ILE D 252 -0.34 -117.71 25.43
C ILE D 252 -1.76 -117.52 25.96
N PRO E 1 -29.99 -68.93 -22.87
CA PRO E 1 -29.34 -69.21 -24.15
C PRO E 1 -27.98 -69.88 -24.00
N LYS E 2 -27.86 -71.11 -24.50
CA LYS E 2 -26.58 -71.81 -24.45
C LYS E 2 -25.63 -71.30 -25.52
N SER E 3 -26.16 -70.84 -26.66
CA SER E 3 -25.33 -70.24 -27.70
C SER E 3 -26.12 -69.35 -28.65
N ALA E 4 -25.37 -68.57 -29.43
CA ALA E 4 -25.92 -67.69 -30.45
C ALA E 4 -25.63 -68.18 -31.88
N CYS E 5 -25.07 -69.39 -32.00
CA CYS E 5 -24.63 -69.91 -33.30
C CYS E 5 -25.80 -70.34 -34.19
N SER E 6 -26.10 -69.53 -35.20
CA SER E 6 -27.18 -69.82 -36.15
C SER E 6 -26.63 -70.69 -37.29
N LEU E 7 -27.35 -71.78 -37.59
CA LEU E 7 -26.87 -72.79 -38.54
C LEU E 7 -28.04 -73.71 -38.97
N VAL E 8 -28.59 -73.42 -40.15
CA VAL E 8 -29.76 -74.14 -40.67
C VAL E 8 -29.31 -75.50 -41.17
N LYS E 9 -29.96 -76.57 -40.68
CA LYS E 9 -29.55 -77.93 -41.04
C LYS E 9 -30.08 -78.29 -42.43
N PRO E 10 -29.28 -79.02 -43.23
CA PRO E 10 -29.80 -79.49 -44.52
C PRO E 10 -30.85 -80.59 -44.39
N VAL E 11 -31.62 -80.78 -45.45
CA VAL E 11 -32.77 -81.69 -45.47
C VAL E 11 -32.52 -82.84 -46.45
N HIS E 12 -33.40 -83.84 -46.44
CA HIS E 12 -33.28 -85.03 -47.28
C HIS E 12 -34.54 -85.24 -48.12
N HIS E 13 -35.10 -84.15 -48.62
CA HIS E 13 -36.27 -84.19 -49.51
C HIS E 13 -36.47 -82.85 -50.20
N LEU E 14 -37.14 -82.87 -51.34
CA LEU E 14 -37.35 -81.67 -52.16
C LEU E 14 -38.75 -81.06 -52.03
N VAL E 15 -39.63 -81.68 -51.23
CA VAL E 15 -40.93 -81.09 -50.91
C VAL E 15 -40.73 -79.79 -50.12
N LYS E 16 -41.45 -78.75 -50.51
CA LYS E 16 -41.36 -77.43 -49.88
C LYS E 16 -42.36 -77.33 -48.73
N ILE E 17 -41.85 -77.44 -47.50
CA ILE E 17 -42.69 -77.40 -46.30
C ILE E 17 -43.08 -75.96 -45.98
N ASP E 18 -44.35 -75.64 -46.23
CA ASP E 18 -44.93 -74.38 -45.76
C ASP E 18 -45.29 -74.58 -44.27
N LYS E 19 -44.51 -73.93 -43.41
CA LYS E 19 -44.62 -74.11 -41.95
C LYS E 19 -45.90 -73.49 -41.39
N SER E 20 -46.36 -72.40 -42.01
CA SER E 20 -47.62 -71.73 -41.66
C SER E 20 -48.85 -72.65 -41.72
N LYS E 21 -48.86 -73.54 -42.71
CA LYS E 21 -50.00 -74.44 -42.94
C LYS E 21 -50.08 -75.57 -41.91
N LEU E 22 -48.94 -75.96 -41.36
CA LEU E 22 -48.87 -77.07 -40.39
C LEU E 22 -49.39 -76.70 -39.00
N SER E 23 -49.34 -75.41 -38.66
CA SER E 23 -49.89 -74.88 -37.42
C SER E 23 -51.42 -74.86 -37.46
N PRO E 24 -52.09 -74.75 -36.29
CA PRO E 24 -53.50 -74.37 -36.22
C PRO E 24 -53.74 -72.99 -35.57
N ARG E 25 -52.75 -72.10 -35.61
CA ARG E 25 -52.82 -70.82 -34.88
C ARG E 25 -53.68 -69.73 -35.51
N PHE E 26 -53.45 -69.47 -36.79
CA PHE E 26 -54.09 -68.34 -37.48
C PHE E 26 -54.94 -68.88 -38.65
N PRO E 27 -56.13 -69.43 -38.34
CA PRO E 27 -56.98 -70.07 -39.35
C PRO E 27 -57.57 -69.09 -40.37
N GLU E 28 -57.80 -67.85 -39.95
CA GLU E 28 -58.32 -66.80 -40.84
C GLU E 28 -57.20 -66.33 -41.78
N LEU E 29 -55.97 -66.40 -41.29
CA LEU E 29 -54.78 -65.96 -42.01
C LEU E 29 -54.28 -66.95 -43.09
N LYS E 30 -54.76 -68.19 -43.04
CA LYS E 30 -54.39 -69.22 -44.02
C LYS E 30 -55.04 -68.92 -45.38
N TYR E 31 -56.24 -68.33 -45.34
CA TYR E 31 -56.92 -67.85 -46.53
C TYR E 31 -56.16 -66.66 -47.11
N ASP E 32 -56.17 -66.55 -48.44
CA ASP E 32 -55.62 -65.38 -49.12
C ASP E 32 -56.54 -64.19 -48.87
N LYS E 33 -55.99 -62.98 -48.93
CA LYS E 33 -56.77 -61.76 -48.75
C LYS E 33 -57.79 -61.55 -49.89
N SER E 34 -57.50 -62.12 -51.06
CA SER E 34 -58.44 -62.17 -52.19
C SER E 34 -59.68 -63.05 -51.92
N ASP E 35 -59.51 -64.08 -51.11
CA ASP E 35 -60.58 -65.02 -50.79
C ASP E 35 -61.67 -64.38 -49.91
N ILE E 36 -62.92 -64.70 -50.22
CA ILE E 36 -64.11 -64.18 -49.52
C ILE E 36 -64.16 -64.54 -48.03
N ARG E 37 -63.61 -65.70 -47.66
CA ARG E 37 -63.63 -66.19 -46.28
C ARG E 37 -62.70 -65.43 -45.34
N SER E 38 -61.69 -64.76 -45.90
CA SER E 38 -60.77 -63.93 -45.11
C SER E 38 -61.48 -62.65 -44.64
N PRO E 39 -61.27 -62.25 -43.36
CA PRO E 39 -61.65 -60.91 -42.91
C PRO E 39 -60.97 -59.77 -43.67
N GLY E 40 -59.80 -60.03 -44.23
CA GLY E 40 -59.11 -59.08 -45.11
C GLY E 40 -59.70 -58.89 -46.51
N PHE E 41 -60.85 -59.53 -46.81
CA PHE E 41 -61.47 -59.40 -48.13
C PHE E 41 -61.91 -57.98 -48.46
N LYS E 42 -61.66 -57.58 -49.70
CA LYS E 42 -62.15 -56.32 -50.26
C LYS E 42 -62.51 -56.54 -51.73
N PRO E 43 -63.71 -56.11 -52.15
CA PRO E 43 -64.05 -56.05 -53.56
C PRO E 43 -63.10 -55.18 -54.38
N LYS E 44 -62.29 -55.83 -55.21
CA LYS E 44 -61.23 -55.16 -55.99
C LYS E 44 -61.79 -54.54 -57.25
N ASP E 45 -62.32 -55.38 -58.13
CA ASP E 45 -62.73 -54.98 -59.49
C ASP E 45 -64.21 -54.56 -59.46
N THR E 46 -64.45 -53.43 -58.81
CA THR E 46 -65.81 -52.95 -58.51
C THR E 46 -66.49 -52.28 -59.70
N HIS E 47 -65.71 -51.50 -60.45
CA HIS E 47 -66.21 -50.83 -61.67
C HIS E 47 -65.11 -50.72 -62.72
N ALA E 48 -65.51 -50.43 -63.95
CA ALA E 48 -64.57 -50.33 -65.08
C ALA E 48 -63.72 -49.07 -64.97
N ASP E 49 -62.40 -49.26 -64.88
CA ASP E 49 -61.45 -48.15 -64.77
C ASP E 49 -61.30 -47.48 -66.13
N ARG E 50 -61.44 -46.16 -66.15
CA ARG E 50 -61.65 -45.42 -67.39
C ARG E 50 -60.31 -45.10 -68.07
N LEU E 51 -59.38 -44.57 -67.28
CA LEU E 51 -58.03 -44.23 -67.74
C LEU E 51 -57.27 -45.45 -68.24
N ASN E 52 -57.39 -46.54 -67.48
CA ASN E 52 -56.81 -47.83 -67.84
C ASN E 52 -57.37 -48.37 -69.15
N ASP E 53 -58.69 -48.28 -69.31
CA ASP E 53 -59.37 -48.68 -70.54
C ASP E 53 -58.87 -47.89 -71.76
N HIS E 54 -58.75 -46.57 -71.57
CA HIS E 54 -58.21 -45.67 -72.58
C HIS E 54 -56.79 -46.05 -73.01
N TYR E 55 -55.95 -46.31 -72.01
CA TYR E 55 -54.57 -46.76 -72.22
C TYR E 55 -54.52 -48.03 -73.06
N LEU E 56 -55.30 -49.02 -72.65
CA LEU E 56 -55.45 -50.29 -73.37
C LEU E 56 -55.85 -50.11 -74.83
N ASN E 57 -56.83 -49.24 -75.07
CA ASN E 57 -57.45 -49.10 -76.40
C ASN E 57 -56.59 -48.27 -77.34
N THR E 58 -56.40 -47.00 -76.98
CA THR E 58 -55.74 -46.02 -77.86
C THR E 58 -54.23 -46.02 -77.70
N LEU E 59 -53.78 -45.78 -76.47
CA LEU E 59 -52.40 -45.35 -76.21
C LEU E 59 -51.33 -46.42 -76.41
N GLN E 60 -51.60 -47.61 -75.90
CA GLN E 60 -50.58 -48.66 -75.79
C GLN E 60 -49.98 -49.01 -77.15
N SER E 61 -50.84 -49.17 -78.15
CA SER E 61 -50.44 -49.39 -79.54
C SER E 61 -49.60 -48.24 -80.10
N ASP E 62 -50.05 -47.02 -79.81
CA ASP E 62 -49.34 -45.80 -80.25
C ASP E 62 -47.95 -45.72 -79.63
N LEU E 63 -47.87 -45.99 -78.33
CA LEU E 63 -46.61 -46.03 -77.59
C LEU E 63 -45.62 -47.04 -78.14
N LEU E 64 -46.12 -48.24 -78.42
CA LEU E 64 -45.33 -49.31 -79.05
C LEU E 64 -44.76 -48.85 -80.39
N LEU E 65 -45.61 -48.20 -81.19
CA LEU E 65 -45.24 -47.69 -82.50
C LEU E 65 -44.16 -46.61 -82.41
N ILE E 66 -44.32 -45.71 -81.45
CA ILE E 66 -43.32 -44.68 -81.14
C ILE E 66 -41.97 -45.30 -80.78
N ASN E 67 -42.00 -46.29 -79.89
CA ASN E 67 -40.79 -46.81 -79.26
C ASN E 67 -40.04 -47.85 -80.11
N TYR E 68 -40.62 -48.27 -81.23
CA TYR E 68 -39.93 -49.18 -82.14
C TYR E 68 -38.68 -48.51 -82.73
N SER E 69 -37.52 -49.06 -82.39
CA SER E 69 -36.27 -48.77 -83.06
C SER E 69 -35.81 -50.06 -83.74
N HIS E 70 -35.45 -49.98 -85.03
CA HIS E 70 -35.19 -51.17 -85.84
C HIS E 70 -33.90 -51.89 -85.45
N ASN E 71 -34.04 -53.20 -85.18
CA ASN E 71 -32.94 -54.04 -84.69
C ASN E 71 -32.19 -53.43 -83.50
N ALA E 72 -32.95 -52.91 -82.54
CA ALA E 72 -32.40 -52.36 -81.31
C ALA E 72 -32.03 -53.52 -80.38
N ALA E 73 -30.76 -53.56 -79.97
CA ALA E 73 -30.28 -54.54 -79.02
C ALA E 73 -30.32 -53.97 -77.60
N VAL E 74 -30.08 -54.82 -76.62
CA VAL E 74 -30.10 -54.41 -75.21
C VAL E 74 -28.90 -53.52 -74.89
N VAL E 75 -29.15 -52.47 -74.12
CA VAL E 75 -28.08 -51.60 -73.61
C VAL E 75 -27.87 -52.00 -72.16
N LYS E 76 -26.74 -52.67 -71.89
CA LYS E 76 -26.40 -53.06 -70.52
C LYS E 76 -26.04 -51.86 -69.69
N GLY E 77 -26.50 -51.85 -68.44
CA GLY E 77 -26.20 -50.76 -67.51
C GLY E 77 -24.79 -50.84 -66.95
N LEU E 78 -24.46 -49.88 -66.10
CA LEU E 78 -23.21 -49.92 -65.33
C LEU E 78 -23.33 -51.00 -64.26
N LYS E 79 -22.39 -51.95 -64.26
CA LYS E 79 -22.40 -53.07 -63.33
C LYS E 79 -21.08 -53.11 -62.58
N GLN E 80 -21.03 -53.97 -61.57
CA GLN E 80 -19.81 -54.25 -60.81
C GLN E 80 -18.82 -54.97 -61.73
N ARG E 81 -17.65 -54.38 -61.92
CA ARG E 81 -16.62 -54.97 -62.77
C ARG E 81 -15.81 -55.99 -61.99
N ALA E 82 -15.50 -57.11 -62.62
CA ALA E 82 -14.60 -58.10 -62.04
C ALA E 82 -13.16 -57.65 -62.25
N TRP E 83 -12.26 -58.16 -61.42
CA TRP E 83 -10.84 -57.90 -61.55
C TRP E 83 -10.26 -58.83 -62.62
N SER E 84 -9.31 -58.32 -63.39
CA SER E 84 -8.45 -59.17 -64.22
C SER E 84 -7.57 -59.96 -63.27
N GLY E 85 -7.37 -61.24 -63.55
CA GLY E 85 -6.56 -62.12 -62.70
C GLY E 85 -5.06 -62.00 -62.94
N ASP E 86 -4.56 -60.76 -63.03
CA ASP E 86 -3.13 -60.50 -63.28
C ASP E 86 -2.29 -60.38 -62.01
N SER E 87 -2.79 -60.95 -60.91
CA SER E 87 -2.15 -60.90 -59.61
C SER E 87 -2.90 -61.89 -58.70
N PRO E 88 -2.17 -62.61 -57.83
CA PRO E 88 -2.84 -63.61 -56.98
C PRO E 88 -3.69 -63.02 -55.84
N TYR E 89 -3.63 -61.70 -55.66
CA TYR E 89 -4.48 -60.98 -54.71
C TYR E 89 -5.90 -60.73 -55.24
N HIS E 90 -6.12 -60.95 -56.54
CA HIS E 90 -7.44 -60.82 -57.15
C HIS E 90 -8.35 -62.04 -56.88
N LEU E 91 -7.83 -63.05 -56.18
CA LEU E 91 -8.38 -64.40 -56.24
C LEU E 91 -9.68 -64.62 -55.47
N ASN E 92 -9.84 -63.94 -54.33
CA ASN E 92 -11.11 -63.91 -53.61
C ASN E 92 -11.53 -62.47 -53.32
N ARG E 93 -11.14 -61.56 -54.22
CA ARG E 93 -11.35 -60.14 -54.03
C ARG E 93 -12.78 -59.80 -54.46
N PRO E 94 -13.48 -58.94 -53.70
CA PRO E 94 -14.77 -58.43 -54.17
C PRO E 94 -14.63 -57.61 -55.45
N PRO E 95 -15.67 -57.63 -56.32
CA PRO E 95 -15.56 -56.95 -57.61
C PRO E 95 -15.50 -55.43 -57.45
N LYS E 96 -14.82 -54.77 -58.40
CA LYS E 96 -14.76 -53.31 -58.45
C LYS E 96 -16.18 -52.78 -58.61
N ASN E 97 -16.52 -51.74 -57.86
CA ASN E 97 -17.82 -51.08 -57.98
C ASN E 97 -17.97 -50.49 -59.40
N PRO E 98 -19.21 -50.15 -59.81
CA PRO E 98 -19.41 -49.64 -61.18
C PRO E 98 -18.60 -48.39 -61.53
N ARG E 99 -18.53 -48.09 -62.83
CA ARG E 99 -17.64 -47.06 -63.36
C ARG E 99 -17.91 -45.68 -62.73
N GLY E 100 -19.00 -45.02 -63.11
CA GLY E 100 -19.37 -43.74 -62.52
C GLY E 100 -20.00 -43.88 -61.15
N SER E 101 -21.02 -44.74 -61.06
CA SER E 101 -21.83 -44.88 -59.86
C SER E 101 -21.21 -45.82 -58.82
N LYS E 102 -21.69 -45.70 -57.58
CA LYS E 102 -21.38 -46.66 -56.51
C LYS E 102 -22.33 -47.86 -56.55
N ALA E 103 -23.60 -47.60 -56.87
CA ALA E 103 -24.61 -48.64 -57.04
C ALA E 103 -24.74 -49.05 -58.50
N GLN E 104 -25.11 -50.31 -58.72
CA GLN E 104 -25.30 -50.86 -60.07
C GLN E 104 -26.57 -50.30 -60.71
N LEU E 105 -26.53 -50.13 -62.03
CA LEU E 105 -27.68 -49.61 -62.80
C LEU E 105 -28.27 -50.71 -63.69
N PRO E 106 -29.58 -50.64 -63.97
CA PRO E 106 -30.25 -51.69 -64.74
C PRO E 106 -30.00 -51.62 -66.25
N ASP E 107 -30.24 -52.75 -66.91
CA ASP E 107 -30.16 -52.83 -68.37
C ASP E 107 -31.41 -52.22 -68.99
N ILE E 108 -31.22 -51.46 -70.06
CA ILE E 108 -32.32 -50.83 -70.80
C ILE E 108 -32.66 -51.73 -71.98
N HIS E 109 -33.88 -52.25 -71.97
CA HIS E 109 -34.34 -53.21 -72.99
C HIS E 109 -35.03 -52.47 -74.15
N PRO E 110 -35.03 -53.07 -75.35
CA PRO E 110 -35.86 -52.55 -76.43
C PRO E 110 -37.34 -52.76 -76.14
N ILE E 111 -38.18 -51.79 -76.51
CA ILE E 111 -39.62 -51.87 -76.23
C ILE E 111 -40.28 -52.77 -77.29
N LYS E 112 -40.94 -53.81 -76.81
CA LYS E 112 -41.72 -54.73 -77.63
C LYS E 112 -43.11 -54.87 -77.01
N TRP E 113 -43.96 -55.68 -77.64
CA TRP E 113 -45.34 -55.95 -77.17
C TRP E 113 -45.49 -56.26 -75.67
N SER E 114 -44.49 -56.93 -75.08
CA SER E 114 -44.50 -57.25 -73.65
C SER E 114 -44.25 -56.03 -72.75
N ASN E 115 -43.12 -55.36 -72.98
CA ASN E 115 -42.62 -54.31 -72.07
C ASN E 115 -42.91 -52.87 -72.53
N ILE E 116 -44.17 -52.61 -72.89
CA ILE E 116 -44.61 -51.26 -73.24
C ILE E 116 -44.75 -50.47 -71.92
N PRO E 117 -44.32 -49.19 -71.90
CA PRO E 117 -44.47 -48.41 -70.67
C PRO E 117 -45.94 -48.14 -70.29
N GLY E 118 -46.22 -48.15 -68.99
CA GLY E 118 -47.56 -47.93 -68.44
C GLY E 118 -47.46 -47.48 -66.99
N LEU E 119 -48.57 -46.97 -66.45
CA LEU E 119 -48.59 -46.50 -65.06
C LEU E 119 -48.48 -47.67 -64.10
N GLU E 120 -47.58 -47.56 -63.13
CA GLU E 120 -47.36 -48.62 -62.15
C GLU E 120 -47.93 -48.25 -60.78
N SER E 121 -47.59 -47.06 -60.29
CA SER E 121 -48.01 -46.62 -58.96
C SER E 121 -47.84 -45.11 -58.80
N VAL E 122 -48.72 -44.52 -57.98
CA VAL E 122 -48.61 -43.11 -57.58
C VAL E 122 -48.39 -43.09 -56.08
N VAL E 123 -47.52 -42.20 -55.61
CA VAL E 123 -47.26 -42.02 -54.18
C VAL E 123 -47.38 -40.52 -53.88
N ILE E 124 -48.13 -40.19 -52.83
CA ILE E 124 -48.42 -38.79 -52.50
C ILE E 124 -47.82 -38.46 -51.13
N ASN E 125 -46.55 -38.06 -51.16
CA ASN E 125 -45.79 -37.74 -49.95
C ASN E 125 -46.10 -36.30 -49.49
N CYS E 126 -46.69 -36.19 -48.30
CA CYS E 126 -46.98 -34.90 -47.67
C CYS E 126 -46.28 -34.84 -46.33
N PHE E 127 -45.18 -34.09 -46.26
CA PHE E 127 -44.43 -33.87 -45.03
C PHE E 127 -44.66 -32.43 -44.59
N VAL E 128 -45.51 -32.23 -43.58
CA VAL E 128 -45.83 -30.89 -43.10
C VAL E 128 -44.78 -30.50 -42.05
N ARG E 129 -44.04 -29.43 -42.30
CA ARG E 129 -42.90 -29.05 -41.45
C ARG E 129 -43.27 -28.21 -40.22
N GLU E 130 -44.47 -27.62 -40.24
CA GLU E 130 -45.02 -26.95 -39.05
C GLU E 130 -45.40 -27.97 -37.96
N ALA E 131 -45.62 -29.24 -38.35
CA ALA E 131 -45.93 -30.29 -37.37
C ALA E 131 -44.80 -30.70 -36.41
N ARG E 132 -43.61 -30.12 -36.58
CA ARG E 132 -42.57 -30.17 -35.54
C ARG E 132 -43.05 -29.44 -34.26
N GLU E 133 -43.87 -28.42 -34.44
CA GLU E 133 -44.54 -27.71 -33.34
C GLU E 133 -45.85 -28.39 -32.94
N ASN E 134 -46.69 -28.71 -33.92
CA ASN E 134 -48.06 -29.19 -33.68
C ASN E 134 -48.35 -30.55 -34.33
N GLN E 135 -48.49 -31.59 -33.50
CA GLN E 135 -48.79 -32.96 -33.98
C GLN E 135 -50.15 -33.08 -34.69
N LEU E 136 -51.10 -32.23 -34.30
CA LEU E 136 -52.45 -32.22 -34.86
C LEU E 136 -52.47 -31.85 -36.35
N LEU E 137 -51.50 -31.06 -36.78
CA LEU E 137 -51.31 -30.70 -38.20
C LEU E 137 -51.02 -31.91 -39.09
N ALA E 138 -50.25 -32.87 -38.56
CA ALA E 138 -49.98 -34.14 -39.26
C ALA E 138 -51.26 -34.94 -39.51
N ILE E 139 -52.15 -34.92 -38.51
CA ILE E 139 -53.43 -35.62 -38.56
C ILE E 139 -54.33 -35.02 -39.63
N THR E 140 -54.41 -33.70 -39.62
CA THR E 140 -55.19 -32.94 -40.61
C THR E 140 -54.71 -33.19 -42.04
N ALA E 141 -53.39 -33.22 -42.22
CA ALA E 141 -52.75 -33.53 -43.49
C ALA E 141 -53.10 -34.94 -43.99
N ALA E 142 -53.06 -35.89 -43.07
CA ALA E 142 -53.43 -37.27 -43.35
C ALA E 142 -54.90 -37.39 -43.79
N LEU E 143 -55.78 -36.69 -43.08
CA LEU E 143 -57.21 -36.64 -43.44
C LEU E 143 -57.42 -36.08 -44.84
N GLN E 144 -56.78 -34.94 -45.10
CA GLN E 144 -56.80 -34.31 -46.42
C GLN E 144 -56.41 -35.29 -47.52
N LEU E 145 -55.30 -35.98 -47.30
CA LEU E 145 -54.81 -37.01 -48.22
C LEU E 145 -55.84 -38.11 -48.49
N GLN E 146 -56.43 -38.60 -47.39
CA GLN E 146 -57.49 -39.61 -47.45
C GLN E 146 -58.67 -39.13 -48.28
N GLN E 147 -59.09 -37.89 -48.02
CA GLN E 147 -60.20 -37.25 -48.73
C GLN E 147 -59.93 -37.21 -50.24
N ILE E 148 -58.73 -36.74 -50.58
CA ILE E 148 -58.28 -36.62 -51.97
C ILE E 148 -58.29 -37.96 -52.69
N THR E 149 -57.80 -39.00 -52.02
CA THR E 149 -57.51 -40.28 -52.67
C THR E 149 -58.69 -41.25 -52.61
N GLY E 150 -59.32 -41.34 -51.44
CA GLY E 150 -60.24 -42.44 -51.12
C GLY E 150 -59.45 -43.68 -50.73
N CYS E 151 -58.25 -43.48 -50.20
CA CYS E 151 -57.34 -44.54 -49.81
C CYS E 151 -56.72 -44.20 -48.47
N LYS E 152 -56.38 -45.23 -47.70
CA LYS E 152 -55.89 -45.05 -46.34
C LYS E 152 -54.44 -44.54 -46.35
N PRO E 153 -54.18 -43.38 -45.71
CA PRO E 153 -52.82 -42.87 -45.63
C PRO E 153 -52.01 -43.56 -44.54
N HIS E 154 -50.70 -43.46 -44.66
CA HIS E 154 -49.77 -43.98 -43.67
C HIS E 154 -48.97 -42.81 -43.09
N PRO E 155 -48.80 -42.77 -41.76
CA PRO E 155 -48.14 -41.63 -41.13
C PRO E 155 -46.64 -41.60 -41.39
N ILE E 156 -46.13 -40.41 -41.73
CA ILE E 156 -44.70 -40.17 -41.87
C ILE E 156 -44.19 -39.71 -40.51
N PHE E 157 -43.04 -40.23 -40.12
CA PHE E 157 -42.35 -39.82 -38.91
C PHE E 157 -40.99 -39.24 -39.27
N SER E 158 -40.50 -38.32 -38.44
CA SER E 158 -39.18 -37.74 -38.60
C SER E 158 -38.09 -38.79 -38.37
N LYS E 159 -37.47 -39.25 -39.45
CA LYS E 159 -36.41 -40.27 -39.38
C LYS E 159 -35.08 -39.71 -38.88
N ASN E 160 -34.82 -38.42 -39.10
CA ASN E 160 -33.55 -37.78 -38.76
C ASN E 160 -33.70 -36.75 -37.65
N ASP E 161 -32.56 -36.25 -37.18
CA ASP E 161 -32.49 -35.15 -36.21
C ASP E 161 -31.58 -34.06 -36.77
N VAL E 162 -31.92 -32.81 -36.46
CA VAL E 162 -31.20 -31.64 -36.98
C VAL E 162 -31.55 -30.43 -36.10
N PRO E 163 -30.55 -29.58 -35.75
CA PRO E 163 -30.82 -28.41 -34.90
C PRO E 163 -31.31 -27.16 -35.65
N THR E 164 -30.77 -26.90 -36.84
CA THR E 164 -31.07 -25.67 -37.60
C THR E 164 -32.57 -25.56 -37.87
N TRP E 165 -33.13 -26.63 -38.45
CA TRP E 165 -34.57 -26.78 -38.55
C TRP E 165 -35.00 -27.45 -37.26
N LYS E 166 -36.02 -26.91 -36.59
CA LYS E 166 -36.38 -27.35 -35.23
C LYS E 166 -37.04 -28.74 -35.23
N LEU E 167 -36.24 -29.75 -35.55
CA LEU E 167 -36.74 -31.09 -35.89
C LEU E 167 -36.14 -32.16 -34.97
N ARG E 168 -37.01 -32.88 -34.28
CA ARG E 168 -36.64 -34.02 -33.44
C ARG E 168 -36.67 -35.31 -34.28
N LYS E 169 -36.24 -36.41 -33.66
CA LYS E 169 -36.29 -37.73 -34.27
C LYS E 169 -37.43 -38.54 -33.66
N GLY E 170 -38.27 -39.13 -34.51
CA GLY E 170 -39.39 -39.97 -34.08
C GLY E 170 -40.65 -39.17 -33.75
N HIS E 171 -40.97 -38.20 -34.61
CA HIS E 171 -42.10 -37.30 -34.43
C HIS E 171 -43.00 -37.38 -35.67
N GLN E 172 -44.30 -37.59 -35.45
CA GLN E 172 -45.26 -37.73 -36.56
C GLN E 172 -45.42 -36.41 -37.30
N MET E 173 -45.17 -36.44 -38.61
CA MET E 173 -45.09 -35.23 -39.42
C MET E 173 -45.60 -35.51 -40.83
N GLY E 174 -46.86 -35.15 -41.07
CA GLY E 174 -47.54 -35.45 -42.33
C GLY E 174 -47.85 -36.93 -42.54
N ALA E 175 -48.11 -37.27 -43.81
CA ALA E 175 -48.47 -38.64 -44.19
C ALA E 175 -48.21 -38.90 -45.67
N LYS E 176 -48.25 -40.19 -46.03
CA LYS E 176 -48.08 -40.66 -47.41
C LYS E 176 -49.17 -41.66 -47.77
N VAL E 177 -49.32 -41.93 -49.06
CA VAL E 177 -50.27 -42.92 -49.53
C VAL E 177 -49.91 -43.42 -50.94
N GLU E 178 -49.62 -44.72 -51.03
CA GLU E 178 -49.31 -45.35 -52.32
C GLU E 178 -50.62 -45.81 -52.97
N LEU E 179 -51.00 -45.14 -54.05
CA LEU E 179 -52.17 -45.51 -54.82
C LEU E 179 -51.75 -46.48 -55.92
N LYS E 180 -52.60 -47.48 -56.17
CA LYS E 180 -52.34 -48.50 -57.17
C LYS E 180 -53.66 -48.97 -57.80
N GLY E 181 -53.61 -49.24 -59.10
CA GLY E 181 -54.78 -49.72 -59.83
C GLY E 181 -55.78 -48.64 -60.16
N LYS E 182 -57.01 -48.80 -59.67
CA LYS E 182 -58.15 -47.98 -60.11
C LYS E 182 -58.25 -46.64 -59.38
N GLU E 183 -57.95 -46.64 -58.08
CA GLU E 183 -57.94 -45.43 -57.26
C GLU E 183 -56.88 -44.44 -57.73
N MET E 184 -55.70 -44.97 -58.03
CA MET E 184 -54.58 -44.21 -58.60
C MET E 184 -54.98 -43.56 -59.93
N SER E 185 -55.56 -44.37 -60.81
CA SER E 185 -56.07 -43.92 -62.11
C SER E 185 -57.07 -42.76 -61.96
N GLN E 186 -58.01 -42.93 -61.03
CA GLN E 186 -59.01 -41.89 -60.73
C GLN E 186 -58.33 -40.60 -60.28
N PHE E 187 -57.39 -40.74 -59.35
CA PHE E 187 -56.60 -39.61 -58.85
C PHE E 187 -55.85 -38.87 -59.96
N LEU E 188 -55.27 -39.62 -60.89
CA LEU E 188 -54.61 -39.02 -62.06
C LEU E 188 -55.60 -38.24 -62.92
N SER E 189 -56.74 -38.86 -63.20
CA SER E 189 -57.81 -38.25 -63.99
C SER E 189 -58.33 -36.94 -63.36
N THR E 190 -58.46 -36.93 -62.04
CA THR E 190 -58.87 -35.73 -61.30
C THR E 190 -57.84 -34.62 -61.42
N LEU E 191 -56.57 -35.01 -61.30
CA LEU E 191 -55.43 -34.11 -61.43
C LEU E 191 -55.40 -33.44 -62.81
N THR E 192 -55.59 -34.26 -63.84
CA THR E 192 -55.59 -33.78 -65.22
C THR E 192 -56.72 -32.80 -65.50
N GLU E 193 -57.91 -33.11 -64.98
CA GLU E 193 -59.15 -32.44 -65.40
C GLU E 193 -59.56 -31.30 -64.48
N ILE E 194 -59.62 -31.58 -63.18
CA ILE E 194 -60.12 -30.61 -62.18
C ILE E 194 -59.01 -29.67 -61.70
N VAL E 195 -57.97 -30.24 -61.11
CA VAL E 195 -57.02 -29.49 -60.27
C VAL E 195 -56.00 -28.67 -61.08
N LEU E 196 -55.25 -29.33 -61.96
CA LEU E 196 -54.11 -28.68 -62.66
C LEU E 196 -54.49 -27.60 -63.69
N PRO E 197 -55.73 -27.59 -64.19
CA PRO E 197 -56.20 -26.41 -64.93
C PRO E 197 -56.53 -25.20 -64.04
N ARG E 198 -57.00 -25.42 -62.81
CA ARG E 198 -57.29 -24.33 -61.87
C ARG E 198 -56.06 -23.64 -61.26
N ILE E 199 -54.88 -24.24 -61.40
CA ILE E 199 -53.61 -23.53 -61.15
C ILE E 199 -53.42 -22.56 -62.33
N ARG E 200 -53.17 -21.30 -62.00
CA ARG E 200 -53.38 -20.20 -62.94
C ARG E 200 -52.31 -20.15 -64.03
N GLU E 201 -51.04 -20.22 -63.61
CA GLU E 201 -49.90 -19.98 -64.48
C GLU E 201 -49.05 -21.22 -64.78
N TYR E 202 -49.64 -22.40 -64.62
CA TYR E 202 -48.88 -23.64 -64.71
C TYR E 202 -48.60 -24.00 -66.16
N LYS E 203 -47.31 -24.01 -66.51
CA LYS E 203 -46.87 -24.45 -67.83
C LYS E 203 -46.99 -25.96 -67.98
N GLY E 204 -46.58 -26.70 -66.97
CA GLY E 204 -46.47 -28.15 -67.08
C GLY E 204 -45.60 -28.78 -66.02
N ILE E 205 -45.44 -30.10 -66.14
CA ILE E 205 -44.41 -30.83 -65.40
C ILE E 205 -43.11 -30.54 -66.15
N SER E 206 -42.03 -30.35 -65.41
CA SER E 206 -40.72 -30.08 -66.02
C SER E 206 -40.23 -31.31 -66.80
N ASN E 207 -39.56 -31.07 -67.93
CA ASN E 207 -38.93 -32.15 -68.68
C ASN E 207 -37.60 -32.59 -68.04
N GLN E 208 -37.02 -31.72 -67.20
CA GLN E 208 -35.84 -32.09 -66.41
C GLN E 208 -36.19 -32.88 -65.14
N SER E 209 -37.47 -32.92 -64.78
CA SER E 209 -37.94 -33.75 -63.67
C SER E 209 -37.84 -35.24 -64.00
N GLY E 210 -37.61 -36.03 -62.96
CA GLY E 210 -37.73 -37.48 -63.03
C GLY E 210 -36.53 -38.26 -62.55
N ASN E 211 -36.73 -39.57 -62.42
CA ASN E 211 -35.67 -40.53 -62.17
C ASN E 211 -34.91 -40.72 -63.47
N ARG E 212 -33.85 -41.51 -63.42
CA ARG E 212 -33.14 -41.93 -64.63
C ARG E 212 -33.96 -43.04 -65.31
N PHE E 213 -34.72 -43.81 -64.51
CA PHE E 213 -35.50 -44.95 -65.00
C PHE E 213 -36.97 -44.87 -64.60
N GLY E 214 -37.79 -44.38 -65.53
CA GLY E 214 -39.26 -44.51 -65.47
C GLY E 214 -39.91 -44.08 -64.17
N GLY E 215 -39.66 -42.84 -63.77
CA GLY E 215 -40.32 -42.25 -62.62
C GLY E 215 -40.31 -40.74 -62.74
N ILE E 216 -41.48 -40.12 -62.65
CA ILE E 216 -41.64 -38.67 -62.84
C ILE E 216 -42.37 -38.11 -61.65
N SER E 217 -42.05 -36.87 -61.29
CA SER E 217 -42.64 -36.25 -60.11
C SER E 217 -42.81 -34.74 -60.22
N PHE E 218 -43.65 -34.24 -59.33
CA PHE E 218 -43.99 -32.83 -59.21
C PHE E 218 -44.72 -32.64 -57.88
N GLY E 219 -45.03 -31.38 -57.54
CA GLY E 219 -45.66 -31.08 -56.27
C GLY E 219 -46.69 -29.97 -56.34
N LEU E 220 -47.64 -30.02 -55.41
CA LEU E 220 -48.75 -29.08 -55.35
C LEU E 220 -48.62 -28.27 -54.07
N THR E 221 -48.86 -26.96 -54.18
CA THR E 221 -48.86 -26.08 -53.01
C THR E 221 -50.16 -26.22 -52.23
N ALA E 222 -50.22 -25.60 -51.05
CA ALA E 222 -51.45 -25.54 -50.25
C ALA E 222 -52.59 -24.81 -50.96
N GLU E 223 -52.23 -23.85 -51.83
CA GLU E 223 -53.20 -23.15 -52.69
C GLU E 223 -53.86 -24.10 -53.70
N ASP E 224 -53.07 -25.03 -54.24
CA ASP E 224 -53.54 -25.96 -55.28
C ASP E 224 -54.49 -27.05 -54.76
N ILE E 225 -54.39 -27.40 -53.47
CA ILE E 225 -55.18 -28.50 -52.89
C ILE E 225 -56.65 -28.10 -52.72
N LYS E 226 -56.93 -26.80 -52.60
CA LYS E 226 -58.30 -26.29 -52.49
C LYS E 226 -59.18 -26.46 -53.76
N PHE E 227 -58.57 -26.95 -54.85
CA PHE E 227 -59.31 -27.27 -56.08
C PHE E 227 -59.83 -28.71 -56.16
N PHE E 228 -59.31 -29.60 -55.32
CA PHE E 228 -59.82 -30.98 -55.22
C PHE E 228 -61.27 -30.99 -54.73
N PRO E 229 -62.19 -31.67 -55.45
CA PRO E 229 -63.64 -31.57 -55.18
C PRO E 229 -64.10 -31.93 -53.77
N GLU E 230 -63.38 -32.81 -53.08
CA GLU E 230 -63.68 -33.18 -51.69
C GLU E 230 -63.32 -32.03 -50.76
N ILE E 231 -62.15 -31.44 -51.01
CA ILE E 231 -61.79 -30.14 -50.45
C ILE E 231 -62.64 -28.99 -51.03
N ASP E 232 -62.84 -29.01 -52.35
CA ASP E 232 -63.46 -27.90 -53.09
C ASP E 232 -64.90 -27.68 -52.63
N ALA E 233 -65.62 -28.76 -52.39
CA ALA E 233 -67.04 -28.70 -52.00
C ALA E 233 -67.27 -27.90 -50.72
N ASN E 234 -66.33 -27.99 -49.77
CA ASN E 234 -66.38 -27.19 -48.54
C ASN E 234 -65.05 -26.51 -48.22
N GLN E 235 -65.03 -25.19 -48.40
CA GLN E 235 -63.91 -24.35 -47.96
C GLN E 235 -63.85 -24.31 -46.43
N ASP E 236 -65.03 -24.36 -45.82
CA ASP E 236 -65.21 -24.09 -44.39
C ASP E 236 -64.60 -25.17 -43.50
N SER E 237 -64.76 -26.42 -43.93
CA SER E 237 -64.22 -27.56 -43.18
C SER E 237 -62.69 -27.58 -43.13
N TRP E 238 -62.05 -27.09 -44.19
CA TRP E 238 -60.59 -26.96 -44.25
C TRP E 238 -60.14 -25.52 -44.15
N PRO E 239 -59.85 -25.05 -42.91
CA PRO E 239 -59.17 -23.76 -42.76
C PRO E 239 -57.71 -23.84 -43.19
N LYS E 240 -56.98 -24.80 -42.62
CA LYS E 240 -55.60 -25.10 -43.04
C LYS E 240 -55.59 -26.18 -44.12
N THR E 241 -54.48 -26.22 -44.86
CA THR E 241 -54.31 -27.12 -45.98
C THR E 241 -52.81 -27.19 -46.30
N PHE E 242 -52.35 -28.35 -46.73
CA PHE E 242 -50.92 -28.65 -46.80
C PHE E 242 -50.55 -29.07 -48.21
N GLY E 243 -49.36 -28.64 -48.66
CA GLY E 243 -48.84 -29.05 -49.96
C GLY E 243 -48.48 -30.52 -49.99
N MET E 244 -48.05 -31.01 -51.15
CA MET E 244 -47.71 -32.43 -51.31
C MET E 244 -46.81 -32.68 -52.50
N HIS E 245 -45.98 -33.71 -52.38
CA HIS E 245 -45.19 -34.25 -53.48
C HIS E 245 -45.95 -35.41 -54.10
N ILE E 246 -45.85 -35.57 -55.41
CA ILE E 246 -46.58 -36.59 -56.15
C ILE E 246 -45.60 -37.38 -57.02
N ASN E 247 -45.17 -38.54 -56.52
CA ASN E 247 -44.24 -39.42 -57.23
C ASN E 247 -45.00 -40.41 -58.11
N ILE E 248 -44.94 -40.21 -59.43
CA ILE E 248 -45.54 -41.14 -60.39
C ILE E 248 -44.47 -42.16 -60.80
N ASN E 249 -44.79 -43.44 -60.63
CA ASN E 249 -43.89 -44.53 -60.96
C ASN E 249 -44.45 -45.28 -62.16
N THR E 250 -43.69 -45.34 -63.24
CA THR E 250 -44.13 -46.01 -64.47
C THR E 250 -43.41 -47.34 -64.63
N SER E 251 -43.85 -48.11 -65.62
CA SER E 251 -43.15 -49.32 -66.06
C SER E 251 -42.27 -48.99 -67.27
N ALA E 252 -41.71 -47.78 -67.30
CA ALA E 252 -40.91 -47.30 -68.42
C ALA E 252 -39.44 -47.65 -68.17
N GLN E 253 -38.74 -47.99 -69.24
CA GLN E 253 -37.31 -48.30 -69.18
C GLN E 253 -36.50 -47.04 -68.90
N LEU E 254 -36.84 -45.96 -69.60
CA LEU E 254 -36.21 -44.66 -69.43
C LEU E 254 -37.25 -43.58 -69.17
N ASP E 255 -36.78 -42.37 -68.88
CA ASP E 255 -37.65 -41.29 -68.39
C ASP E 255 -38.43 -40.59 -69.49
N TYR E 256 -37.84 -40.44 -70.67
CA TYR E 256 -38.54 -39.84 -71.82
C TYR E 256 -39.77 -40.65 -72.26
N GLN E 257 -39.67 -41.96 -72.11
CA GLN E 257 -40.76 -42.89 -72.41
C GLN E 257 -41.90 -42.67 -71.42
N ALA E 258 -41.54 -42.54 -70.14
CA ALA E 258 -42.48 -42.25 -69.06
C ALA E 258 -43.19 -40.91 -69.26
N ARG E 259 -42.44 -39.90 -69.67
CA ARG E 259 -42.98 -38.57 -69.99
C ARG E 259 -44.01 -38.62 -71.11
N THR E 260 -43.65 -39.36 -72.17
CA THR E 260 -44.53 -39.59 -73.32
C THR E 260 -45.84 -40.27 -72.91
N LEU E 261 -45.71 -41.29 -72.07
CA LEU E 261 -46.86 -42.00 -71.50
C LEU E 261 -47.79 -41.07 -70.74
N LEU E 262 -47.21 -40.26 -69.86
CA LEU E 262 -47.98 -39.30 -69.06
C LEU E 262 -48.67 -38.26 -69.93
N SER E 263 -47.98 -37.79 -70.97
CA SER E 263 -48.57 -36.91 -71.98
C SER E 263 -49.82 -37.52 -72.63
N GLY E 264 -49.77 -38.82 -72.93
CA GLY E 264 -50.93 -39.57 -73.41
C GLY E 264 -52.15 -39.48 -72.53
N PHE E 265 -51.92 -39.40 -71.21
CA PHE E 265 -52.99 -39.15 -70.21
C PHE E 265 -53.22 -37.66 -69.90
N GLN E 266 -52.91 -36.76 -70.84
CA GLN E 266 -53.20 -35.33 -70.71
C GLN E 266 -52.44 -34.64 -69.56
N PHE E 267 -51.13 -34.90 -69.47
CA PHE E 267 -50.22 -34.15 -68.59
C PHE E 267 -49.32 -33.28 -69.46
N PRO E 268 -49.37 -31.95 -69.28
CA PRO E 268 -48.55 -31.06 -70.09
C PRO E 268 -47.10 -31.00 -69.59
N PHE E 269 -46.15 -30.88 -70.53
CA PHE E 269 -44.72 -30.90 -70.24
C PHE E 269 -44.08 -29.69 -70.92
N PHE E 270 -43.34 -28.88 -70.16
CA PHE E 270 -42.92 -27.54 -70.61
C PHE E 270 -41.42 -27.32 -70.84
N GLY E 271 -40.59 -27.74 -69.88
CA GLY E 271 -39.15 -27.46 -69.89
C GLY E 271 -38.35 -28.08 -71.03
N GLU E 272 -37.08 -27.70 -71.11
CA GLU E 272 -36.16 -28.25 -72.11
C GLU E 272 -35.70 -29.63 -71.65
N GLU E 273 -35.93 -30.63 -72.51
CA GLU E 273 -35.67 -32.03 -72.16
C GLU E 273 -34.17 -32.34 -72.20
N LYS E 274 -33.77 -33.34 -71.41
CA LYS E 274 -32.36 -33.67 -71.21
C LYS E 274 -31.73 -34.26 -72.47
N SER F 1 57.04 -43.97 -77.86
CA SER F 1 56.42 -44.81 -78.93
C SER F 1 56.31 -44.05 -80.25
N GLN F 2 55.47 -43.02 -80.29
CA GLN F 2 55.34 -42.14 -81.46
C GLN F 2 56.58 -41.24 -81.60
N VAL F 3 57.19 -40.90 -80.47
CA VAL F 3 58.42 -40.10 -80.44
C VAL F 3 59.62 -40.97 -80.78
N GLY F 4 59.76 -42.09 -80.06
CA GLY F 4 60.87 -43.03 -80.26
C GLY F 4 60.95 -43.66 -81.64
N SER F 5 59.80 -43.82 -82.30
CA SER F 5 59.75 -44.33 -83.68
C SER F 5 60.35 -43.37 -84.72
N LEU F 6 60.40 -42.07 -84.40
CA LEU F 6 60.94 -41.05 -85.31
C LEU F 6 62.46 -41.22 -85.46
N PRO F 7 62.96 -41.43 -86.70
CA PRO F 7 64.38 -41.69 -86.91
C PRO F 7 65.24 -40.43 -86.83
N LEU F 8 66.46 -40.56 -86.31
CA LEU F 8 67.36 -39.43 -86.12
C LEU F 8 68.35 -39.29 -87.27
N TYR F 9 68.40 -38.09 -87.85
CA TYR F 9 69.33 -37.77 -88.94
C TYR F 9 70.68 -37.34 -88.37
N ILE F 10 71.76 -37.82 -88.99
CA ILE F 10 73.13 -37.50 -88.57
C ILE F 10 73.94 -36.96 -89.76
N SER F 11 74.74 -35.93 -89.49
CA SER F 11 75.70 -35.39 -90.45
C SER F 11 77.06 -36.06 -90.22
N PRO F 12 77.84 -36.35 -91.30
CA PRO F 12 79.11 -37.11 -91.20
C PRO F 12 80.08 -36.71 -90.06
N GLU F 13 80.13 -35.42 -89.72
CA GLU F 13 80.98 -34.93 -88.63
C GLU F 13 80.64 -35.50 -87.24
N VAL F 14 79.36 -35.83 -87.02
CA VAL F 14 78.87 -36.34 -85.74
C VAL F 14 78.78 -37.88 -85.77
N GLN F 15 79.11 -38.51 -84.64
CA GLN F 15 79.08 -39.97 -84.50
C GLN F 15 78.30 -40.39 -83.25
N VAL F 16 77.24 -41.17 -83.44
CA VAL F 16 76.44 -41.73 -82.35
C VAL F 16 76.84 -43.18 -82.13
N SER F 17 77.69 -43.40 -81.11
CA SER F 17 78.14 -44.75 -80.74
C SER F 17 77.31 -45.29 -79.58
N ILE F 18 77.55 -46.55 -79.24
CA ILE F 18 76.99 -47.17 -78.03
C ILE F 18 77.88 -48.31 -77.55
N ASN F 19 77.97 -48.47 -76.23
CA ASN F 19 78.78 -49.52 -75.62
C ASN F 19 78.40 -49.72 -74.15
N ALA F 20 78.73 -50.90 -73.62
CA ALA F 20 78.41 -51.25 -72.24
C ALA F 20 79.23 -50.44 -71.24
N LEU F 21 78.66 -50.25 -70.04
CA LEU F 21 79.32 -49.46 -68.98
C LEU F 21 80.39 -50.31 -68.30
N SER F 22 81.27 -49.65 -67.56
CA SER F 22 82.30 -50.32 -66.77
C SER F 22 81.68 -51.07 -65.58
N MET F 23 80.78 -50.40 -64.88
CA MET F 23 80.03 -50.98 -63.76
C MET F 23 78.55 -50.60 -63.87
N PRO F 24 77.77 -51.43 -64.60
CA PRO F 24 76.31 -51.25 -64.73
C PRO F 24 75.56 -51.19 -63.41
N ARG F 25 74.67 -50.22 -63.27
CA ARG F 25 73.83 -50.06 -62.07
C ARG F 25 72.38 -50.40 -62.38
N ILE F 26 71.66 -50.90 -61.38
CA ILE F 26 70.26 -51.35 -61.54
C ILE F 26 69.33 -50.48 -60.69
N ILE F 27 68.36 -49.85 -61.36
CA ILE F 27 67.30 -49.08 -60.71
C ILE F 27 66.20 -50.06 -60.33
N ARG F 28 65.88 -50.12 -59.04
CA ARG F 28 64.90 -51.08 -58.51
C ARG F 28 63.64 -50.31 -58.09
N LYS F 29 62.54 -50.57 -58.79
CA LYS F 29 61.23 -49.98 -58.44
C LYS F 29 60.56 -50.89 -57.39
N GLY F 30 59.27 -50.69 -57.14
CA GLY F 30 58.51 -51.55 -56.24
C GLY F 30 58.40 -52.97 -56.77
N ARG F 31 57.84 -53.10 -57.96
CA ARG F 31 57.65 -54.40 -58.63
C ARG F 31 58.63 -54.58 -59.80
N THR F 32 58.64 -53.60 -60.70
CA THR F 32 59.49 -53.63 -61.90
C THR F 32 60.94 -53.24 -61.55
N SER F 33 61.86 -53.54 -62.47
CA SER F 33 63.27 -53.11 -62.37
C SER F 33 63.75 -52.50 -63.70
N MET F 34 64.94 -51.92 -63.68
CA MET F 34 65.53 -51.26 -64.85
C MET F 34 67.06 -51.21 -64.75
N ASN F 35 67.74 -52.09 -65.51
CA ASN F 35 69.20 -52.20 -65.46
C ASN F 35 69.92 -51.31 -66.49
N ILE F 36 70.57 -50.25 -65.98
CA ILE F 36 71.37 -49.35 -66.83
C ILE F 36 72.70 -50.02 -67.17
N SER F 37 72.81 -50.48 -68.42
CA SER F 37 74.02 -51.15 -68.91
C SER F 37 74.75 -50.30 -69.94
N GLN F 38 74.06 -49.96 -71.03
CA GLN F 38 74.68 -49.25 -72.16
C GLN F 38 74.93 -47.77 -71.86
N ASN F 39 75.78 -47.17 -72.69
CA ASN F 39 76.20 -45.77 -72.53
C ASN F 39 76.39 -45.12 -73.91
N ILE F 40 75.33 -44.47 -74.38
CA ILE F 40 75.35 -43.77 -75.68
C ILE F 40 76.21 -42.51 -75.55
N THR F 41 76.94 -42.18 -76.62
CA THR F 41 77.71 -40.94 -76.70
C THR F 41 77.45 -40.22 -78.01
N VAL F 42 77.46 -38.89 -77.96
CA VAL F 42 77.26 -38.04 -79.13
C VAL F 42 78.46 -37.10 -79.25
N LYS F 43 79.45 -37.52 -80.02
CA LYS F 43 80.66 -36.74 -80.28
C LYS F 43 80.45 -35.87 -81.52
N GLY F 44 80.91 -34.62 -81.46
CA GLY F 44 80.73 -33.68 -82.56
C GLY F 44 81.72 -32.52 -82.56
N PRO F 45 81.49 -31.50 -83.42
CA PRO F 45 82.38 -30.34 -83.54
C PRO F 45 82.55 -29.50 -82.26
N LYS F 46 81.45 -29.04 -81.68
CA LYS F 46 81.49 -28.16 -80.50
C LYS F 46 81.93 -28.88 -79.23
N GLY F 47 81.54 -30.15 -79.09
CA GLY F 47 81.96 -30.96 -77.94
C GLY F 47 81.54 -32.41 -78.03
N GLU F 48 81.57 -33.08 -76.88
CA GLU F 48 81.10 -34.47 -76.76
C GLU F 48 80.43 -34.68 -75.41
N LEU F 49 79.38 -35.51 -75.41
CA LEU F 49 78.60 -35.78 -74.20
C LEU F 49 77.80 -37.07 -74.34
N SER F 50 77.43 -37.65 -73.20
CA SER F 50 76.95 -39.04 -73.13
C SER F 50 75.63 -39.20 -72.36
N VAL F 51 74.97 -40.33 -72.63
CA VAL F 51 73.72 -40.73 -71.95
C VAL F 51 73.88 -42.17 -71.48
N GLU F 52 73.77 -42.38 -70.17
CA GLU F 52 73.70 -43.72 -69.60
C GLU F 52 72.28 -44.25 -69.81
N VAL F 53 72.15 -45.46 -70.37
CA VAL F 53 70.86 -45.96 -70.84
C VAL F 53 70.66 -47.46 -70.51
N PRO F 54 69.39 -47.88 -70.28
CA PRO F 54 69.05 -49.30 -70.08
C PRO F 54 69.51 -50.32 -71.13
N ASP F 55 69.44 -51.59 -70.75
CA ASP F 55 69.86 -52.71 -71.61
C ASP F 55 68.86 -52.99 -72.74
N PHE F 56 67.56 -52.98 -72.42
CA PHE F 56 66.50 -53.25 -73.39
C PHE F 56 66.53 -52.36 -74.65
N LEU F 57 66.99 -51.11 -74.50
CA LEU F 57 67.15 -50.21 -75.63
C LEU F 57 68.41 -50.54 -76.43
N HIS F 58 68.36 -50.33 -77.74
CA HIS F 58 69.53 -50.43 -78.60
C HIS F 58 69.31 -49.66 -79.91
N LEU F 59 70.41 -49.14 -80.47
CA LEU F 59 70.37 -48.35 -81.71
C LEU F 59 70.25 -49.27 -82.94
N ASP F 60 69.99 -48.65 -84.08
CA ASP F 60 70.03 -49.33 -85.38
C ASP F 60 70.61 -48.37 -86.41
N LYS F 61 71.94 -48.40 -86.53
CA LYS F 61 72.68 -47.45 -87.37
C LYS F 61 72.65 -47.89 -88.84
N ASP F 62 72.10 -47.02 -89.70
CA ASP F 62 72.06 -47.24 -91.15
C ASP F 62 73.09 -46.34 -91.84
N GLU F 63 73.82 -46.92 -92.80
CA GLU F 63 74.78 -46.17 -93.62
C GLU F 63 74.10 -45.20 -94.60
N LYS F 64 73.00 -45.66 -95.21
CA LYS F 64 72.29 -44.89 -96.24
C LYS F 64 71.45 -43.77 -95.63
N HIS F 65 71.52 -42.58 -96.26
CA HIS F 65 70.72 -41.39 -95.89
C HIS F 65 71.00 -40.78 -94.49
N GLY F 66 72.05 -41.24 -93.81
CA GLY F 66 72.42 -40.73 -92.49
C GLY F 66 71.43 -40.93 -91.34
N LYS F 67 70.48 -41.86 -91.50
CA LYS F 67 69.47 -42.12 -90.47
C LYS F 67 70.00 -43.11 -89.45
N ILE F 68 69.57 -42.94 -88.19
CA ILE F 68 69.67 -43.99 -87.17
C ILE F 68 68.34 -44.13 -86.46
N ASN F 69 68.01 -45.35 -86.05
CA ASN F 69 66.76 -45.64 -85.35
C ASN F 69 67.07 -46.13 -83.94
N VAL F 70 66.04 -46.09 -83.09
CA VAL F 70 66.13 -46.58 -81.72
C VAL F 70 64.90 -47.44 -81.44
N THR F 71 65.13 -48.61 -80.82
CA THR F 71 64.06 -49.57 -80.52
C THR F 71 64.32 -50.26 -79.19
N VAL F 72 63.24 -50.72 -78.56
CA VAL F 72 63.30 -51.49 -77.31
C VAL F 72 62.88 -52.93 -77.56
N GLN F 73 63.32 -53.83 -76.68
CA GLN F 73 63.02 -55.26 -76.80
C GLN F 73 61.53 -55.59 -76.62
N ASN F 74 60.81 -54.74 -75.86
CA ASN F 74 59.37 -54.91 -75.66
C ASN F 74 58.67 -53.55 -75.55
N SER F 75 58.04 -53.13 -76.65
CA SER F 75 57.28 -51.88 -76.70
C SER F 75 55.97 -51.97 -75.90
N GLU F 76 55.42 -53.18 -75.77
CA GLU F 76 54.21 -53.41 -74.97
C GLU F 76 54.48 -53.27 -73.45
N ASP F 77 55.73 -53.45 -73.04
CA ASP F 77 56.15 -53.12 -71.67
C ASP F 77 56.11 -51.60 -71.54
N LYS F 78 55.37 -51.13 -70.53
CA LYS F 78 55.06 -49.70 -70.38
C LYS F 78 56.28 -48.85 -70.07
N HIS F 79 57.07 -49.32 -69.10
CA HIS F 79 58.26 -48.61 -68.64
C HIS F 79 59.30 -48.47 -69.75
N GLN F 80 59.51 -49.54 -70.50
CA GLN F 80 60.39 -49.54 -71.67
C GLN F 80 59.94 -48.55 -72.74
N ARG F 81 58.64 -48.54 -73.01
CA ARG F 81 58.03 -47.65 -74.00
C ARG F 81 58.21 -46.19 -73.59
N SER F 82 58.04 -45.92 -72.30
CA SER F 82 58.24 -44.60 -71.73
C SER F 82 59.69 -44.12 -71.83
N MET F 83 60.61 -45.05 -71.59
CA MET F 83 62.04 -44.80 -71.71
C MET F 83 62.44 -44.47 -73.15
N TRP F 84 61.89 -45.25 -74.08
CA TRP F 84 62.20 -45.15 -75.51
C TRP F 84 62.03 -43.74 -76.07
N GLY F 85 60.87 -43.14 -75.79
CA GLY F 85 60.59 -41.77 -76.23
C GLY F 85 61.50 -40.73 -75.60
N THR F 86 61.88 -40.95 -74.34
CA THR F 86 62.82 -40.10 -73.62
C THR F 86 64.22 -40.12 -74.25
N VAL F 87 64.75 -41.33 -74.42
CA VAL F 87 66.15 -41.53 -74.83
C VAL F 87 66.40 -40.94 -76.21
N ARG F 88 65.50 -41.25 -77.15
CA ARG F 88 65.55 -40.72 -78.51
C ARG F 88 65.60 -39.20 -78.52
N SER F 89 64.70 -38.59 -77.75
CA SER F 89 64.63 -37.13 -77.60
C SER F 89 65.91 -36.55 -77.02
N LEU F 90 66.48 -37.24 -76.03
CA LEU F 90 67.72 -36.85 -75.39
C LEU F 90 68.88 -36.84 -76.38
N ILE F 91 69.00 -37.92 -77.16
CA ILE F 91 70.08 -38.02 -78.14
C ILE F 91 69.90 -37.03 -79.32
N ASN F 92 68.66 -36.72 -79.67
CA ASN F 92 68.35 -35.65 -80.63
C ASN F 92 68.84 -34.29 -80.12
N ASN F 93 68.53 -33.99 -78.86
CA ASN F 93 68.99 -32.77 -78.18
C ASN F 93 70.51 -32.66 -78.17
N HIS F 94 71.17 -33.78 -77.87
CA HIS F 94 72.64 -33.86 -77.89
C HIS F 94 73.21 -33.56 -79.28
N ILE F 95 72.62 -34.19 -80.29
CA ILE F 95 72.98 -33.98 -81.69
C ILE F 95 72.91 -32.50 -82.05
N ILE F 96 71.77 -31.88 -81.68
CA ILE F 96 71.53 -30.45 -81.91
C ILE F 96 72.62 -29.60 -81.26
N GLY F 97 72.93 -29.92 -80.00
CA GLY F 97 73.94 -29.20 -79.23
C GLY F 97 75.33 -29.29 -79.82
N VAL F 98 75.77 -30.50 -80.16
CA VAL F 98 77.11 -30.71 -80.71
C VAL F 98 77.29 -30.05 -82.09
N THR F 99 76.27 -30.13 -82.94
CA THR F 99 76.31 -29.51 -84.27
C THR F 99 76.07 -27.99 -84.24
N GLU F 100 75.02 -27.54 -83.55
CA GLU F 100 74.63 -26.12 -83.53
C GLU F 100 74.95 -25.42 -82.21
N GLY F 101 74.54 -26.04 -81.10
CA GLY F 101 74.71 -25.47 -79.76
C GLY F 101 73.42 -24.89 -79.23
N HIS F 102 73.14 -25.16 -77.96
CA HIS F 102 71.94 -24.67 -77.30
C HIS F 102 72.19 -23.28 -76.73
N LEU F 103 71.13 -22.48 -76.68
CA LEU F 103 71.21 -21.06 -76.32
C LEU F 103 70.10 -20.71 -75.33
N ALA F 104 70.39 -19.74 -74.46
CA ALA F 104 69.41 -19.25 -73.48
C ALA F 104 69.64 -17.77 -73.20
N VAL F 105 68.80 -16.92 -73.79
CA VAL F 105 68.87 -15.47 -73.61
C VAL F 105 68.06 -15.08 -72.38
N LEU F 106 68.69 -14.35 -71.47
CA LEU F 106 68.01 -13.76 -70.31
C LEU F 106 68.00 -12.24 -70.48
N ARG F 107 66.81 -11.66 -70.60
CA ARG F 107 66.65 -10.20 -70.63
C ARG F 107 66.18 -9.71 -69.27
N PHE F 108 66.93 -8.77 -68.70
CA PHE F 108 66.61 -8.18 -67.40
C PHE F 108 65.73 -6.96 -67.59
N VAL F 109 64.70 -6.84 -66.76
CA VAL F 109 63.71 -5.75 -66.89
C VAL F 109 63.53 -5.07 -65.53
N GLY F 110 63.85 -3.78 -65.48
CA GLY F 110 63.74 -2.99 -64.25
C GLY F 110 64.80 -1.90 -64.18
N THR F 111 64.57 -0.92 -63.31
CA THR F 111 65.52 0.17 -63.07
C THR F 111 66.72 -0.35 -62.28
N GLY F 112 67.88 -0.39 -62.93
CA GLY F 112 69.10 -0.95 -62.34
C GLY F 112 69.10 -2.46 -62.23
N TYR F 113 68.37 -3.13 -63.13
CA TYR F 113 68.32 -4.59 -63.20
C TYR F 113 69.23 -5.04 -64.34
N ARG F 114 70.34 -5.70 -63.99
CA ARG F 114 71.34 -6.11 -64.98
C ARG F 114 72.28 -7.19 -64.46
N ALA F 115 72.96 -7.85 -65.40
CA ALA F 115 73.96 -8.89 -65.09
C ALA F 115 75.37 -8.39 -65.40
N GLN F 116 76.35 -9.12 -64.86
CA GLN F 116 77.77 -8.79 -65.06
C GLN F 116 78.65 -10.03 -64.87
N LEU F 117 79.63 -10.21 -65.75
CA LEU F 117 80.60 -11.30 -65.63
C LEU F 117 81.75 -10.84 -64.73
N GLU F 118 81.80 -11.40 -63.53
CA GLU F 118 82.66 -10.90 -62.46
C GLU F 118 84.04 -11.56 -62.45
N ASN F 119 84.07 -12.90 -62.50
CA ASN F 119 85.30 -13.69 -62.40
C ASN F 119 85.80 -14.16 -63.78
N ASP F 120 85.86 -13.24 -64.73
CA ASP F 120 86.28 -13.53 -66.11
C ASP F 120 85.44 -14.64 -66.76
N GLY F 121 84.12 -14.54 -66.61
CA GLY F 121 83.17 -15.53 -67.14
C GLY F 121 82.76 -16.63 -66.17
N LYS F 122 83.56 -16.88 -65.14
CA LYS F 122 83.36 -18.02 -64.23
C LYS F 122 82.33 -17.78 -63.11
N PHE F 123 81.86 -16.54 -62.97
CA PHE F 123 80.81 -16.19 -62.00
C PHE F 123 79.92 -15.08 -62.56
N VAL F 124 78.66 -15.43 -62.84
CA VAL F 124 77.66 -14.45 -63.30
C VAL F 124 77.12 -13.69 -62.10
N ASN F 125 77.66 -12.50 -61.87
CA ASN F 125 77.10 -11.57 -60.88
C ASN F 125 75.79 -11.01 -61.41
N VAL F 126 74.75 -11.03 -60.58
CA VAL F 126 73.43 -10.55 -60.95
C VAL F 126 72.95 -9.54 -59.90
N LYS F 127 72.58 -8.35 -60.38
CA LYS F 127 72.12 -7.25 -59.54
C LYS F 127 70.67 -6.98 -59.90
N VAL F 128 69.76 -7.31 -58.99
CA VAL F 128 68.33 -7.35 -59.28
C VAL F 128 67.47 -6.82 -58.11
N GLY F 129 67.99 -5.82 -57.41
CA GLY F 129 67.31 -5.22 -56.26
C GLY F 129 67.58 -5.98 -54.99
N ALA F 130 68.81 -5.84 -54.48
CA ALA F 130 69.23 -6.48 -53.24
C ALA F 130 70.47 -5.78 -52.68
N SER F 131 70.50 -5.57 -51.37
CA SER F 131 71.65 -4.96 -50.68
C SER F 131 72.86 -5.89 -50.76
N ILE F 132 72.64 -7.15 -50.39
CA ILE F 132 73.62 -8.22 -50.60
C ILE F 132 73.83 -8.48 -52.09
N LYS F 133 75.05 -8.86 -52.46
CA LYS F 133 75.36 -9.23 -53.85
C LYS F 133 74.81 -10.63 -54.13
N GLN F 134 74.31 -10.84 -55.34
CA GLN F 134 73.76 -12.13 -55.77
C GLN F 134 74.45 -12.60 -57.03
N GLY F 135 74.46 -13.93 -57.21
CA GLY F 135 75.11 -14.56 -58.37
C GLY F 135 75.42 -16.02 -58.10
N LEU F 136 75.92 -16.70 -59.14
CA LEU F 136 76.31 -18.10 -59.03
C LEU F 136 77.34 -18.46 -60.10
N ASP F 137 78.18 -19.46 -59.79
CA ASP F 137 79.25 -19.90 -60.68
C ASP F 137 78.68 -20.63 -61.89
N VAL F 138 79.31 -20.41 -63.06
CA VAL F 138 78.93 -21.11 -64.28
C VAL F 138 79.44 -22.55 -64.19
N PRO F 139 78.61 -23.55 -64.57
CA PRO F 139 79.13 -24.93 -64.58
C PRO F 139 80.06 -25.21 -65.76
N GLU F 140 80.72 -26.38 -65.72
CA GLU F 140 81.54 -26.86 -66.83
C GLU F 140 80.67 -27.17 -68.05
N GLY F 141 81.12 -26.74 -69.23
CA GLY F 141 80.35 -26.85 -70.47
C GLY F 141 79.62 -25.56 -70.83
N ILE F 142 79.07 -24.87 -69.83
CA ILE F 142 78.33 -23.63 -70.04
C ILE F 142 79.32 -22.49 -70.26
N VAL F 143 79.05 -21.68 -71.31
CA VAL F 143 79.78 -20.44 -71.58
C VAL F 143 78.76 -19.32 -71.59
N VAL F 144 79.02 -18.28 -70.79
CA VAL F 144 78.13 -17.13 -70.66
C VAL F 144 78.78 -15.91 -71.33
N LYS F 145 77.94 -15.08 -71.95
CA LYS F 145 78.38 -13.82 -72.55
C LYS F 145 77.28 -12.76 -72.52
N THR F 146 77.70 -11.51 -72.35
CA THR F 146 76.79 -10.38 -72.10
C THR F 146 76.95 -9.30 -73.19
N PRO F 147 76.16 -9.40 -74.28
CA PRO F 147 76.06 -8.35 -75.30
C PRO F 147 75.71 -6.98 -74.74
N ALA F 148 74.73 -6.94 -73.84
CA ALA F 148 74.38 -5.74 -73.07
C ALA F 148 74.47 -6.08 -71.57
N PRO F 149 74.44 -5.05 -70.70
CA PRO F 149 74.34 -5.33 -69.26
C PRO F 149 73.00 -5.97 -68.89
N THR F 150 71.93 -5.46 -69.49
CA THR F 150 70.55 -5.93 -69.26
C THR F 150 70.10 -7.12 -70.14
N SER F 151 71.02 -7.72 -70.90
CA SER F 151 70.70 -8.86 -71.77
C SER F 151 71.84 -9.88 -71.81
N LEU F 152 71.73 -10.90 -70.95
CA LEU F 152 72.75 -11.95 -70.83
C LEU F 152 72.40 -13.14 -71.73
N ILE F 153 73.43 -13.86 -72.18
CA ILE F 153 73.27 -15.07 -72.99
C ILE F 153 74.08 -16.22 -72.37
N ILE F 154 73.40 -17.36 -72.18
CA ILE F 154 74.03 -18.60 -71.72
C ILE F 154 74.06 -19.54 -72.93
N GLU F 155 75.17 -20.29 -73.06
CA GLU F 155 75.38 -21.14 -74.24
C GLU F 155 76.09 -22.43 -73.84
N GLY F 156 75.64 -23.56 -74.41
CA GLY F 156 76.21 -24.87 -74.06
C GLY F 156 75.79 -26.00 -74.99
N CYS F 157 76.44 -27.15 -74.80
CA CYS F 157 76.19 -28.36 -75.59
C CYS F 157 75.03 -29.19 -75.04
N ASN F 158 74.84 -29.15 -73.72
CA ASN F 158 73.75 -29.85 -73.05
C ASN F 158 72.53 -28.94 -72.89
N LYS F 159 71.42 -29.29 -73.54
CA LYS F 159 70.16 -28.55 -73.43
C LYS F 159 69.63 -28.53 -72.00
N GLN F 160 69.77 -29.65 -71.31
CA GLN F 160 69.37 -29.78 -69.90
C GLN F 160 70.08 -28.74 -69.02
N GLN F 161 71.40 -28.69 -69.15
CA GLN F 161 72.25 -27.98 -68.20
C GLN F 161 72.10 -26.46 -68.35
N VAL F 162 72.17 -25.99 -69.59
CA VAL F 162 71.99 -24.57 -69.93
C VAL F 162 70.67 -23.99 -69.43
N LEU F 163 69.59 -24.72 -69.66
CA LEU F 163 68.24 -24.24 -69.33
C LEU F 163 67.97 -24.30 -67.83
N LEU F 164 68.59 -25.28 -67.16
CA LEU F 164 68.62 -25.33 -65.69
C LEU F 164 69.32 -24.12 -65.10
N PHE F 165 70.49 -23.79 -65.66
CA PHE F 165 71.28 -22.63 -65.25
C PHE F 165 70.50 -21.32 -65.41
N ALA F 166 69.84 -21.20 -66.56
CA ALA F 166 68.98 -20.06 -66.87
C ALA F 166 67.85 -19.90 -65.85
N ALA F 167 67.22 -21.01 -65.53
CA ALA F 167 66.15 -21.07 -64.51
C ALA F 167 66.65 -20.64 -63.14
N LYS F 168 67.82 -21.13 -62.76
CA LYS F 168 68.50 -20.74 -61.52
C LYS F 168 68.75 -19.24 -61.45
N LEU F 169 69.29 -18.70 -62.55
CA LEU F 169 69.53 -17.25 -62.70
C LEU F 169 68.25 -16.44 -62.54
N ARG F 170 67.19 -16.90 -63.20
CA ARG F 170 65.86 -16.27 -63.10
C ARG F 170 65.34 -16.26 -61.67
N LYS F 171 65.53 -17.37 -60.96
CA LYS F 171 64.99 -17.58 -59.61
C LYS F 171 65.32 -16.48 -58.58
N PHE F 172 66.40 -15.73 -58.81
CA PHE F 172 66.70 -14.53 -58.02
C PHE F 172 65.59 -13.47 -58.08
N HIS F 173 65.00 -13.29 -59.27
CA HIS F 173 63.86 -12.40 -59.45
C HIS F 173 63.03 -12.79 -60.68
N PRO F 174 62.05 -13.69 -60.51
CA PRO F 174 61.09 -13.96 -61.59
C PRO F 174 60.23 -12.73 -61.93
N PRO F 175 59.67 -12.67 -63.16
CA PRO F 175 58.85 -11.53 -63.56
C PRO F 175 57.66 -11.26 -62.65
N GLU F 176 57.54 -10.02 -62.17
CA GLU F 176 56.39 -9.61 -61.36
C GLU F 176 55.24 -9.26 -62.32
N PRO F 177 53.99 -9.46 -61.88
CA PRO F 177 52.83 -9.14 -62.73
C PRO F 177 52.50 -7.63 -62.84
N TYR F 178 52.71 -6.89 -61.75
CA TYR F 178 52.27 -5.49 -61.66
C TYR F 178 53.03 -4.57 -62.60
N LYS F 179 54.34 -4.69 -62.54
CA LYS F 179 55.23 -4.18 -63.58
C LYS F 179 55.95 -5.40 -64.14
N GLY F 180 55.92 -5.56 -65.46
CA GLY F 180 56.73 -6.59 -66.12
C GLY F 180 58.19 -6.32 -65.77
N LYS F 181 58.68 -6.98 -64.73
CA LYS F 181 59.93 -6.60 -64.07
C LYS F 181 60.59 -7.82 -63.44
N GLY F 182 61.81 -8.12 -63.87
CA GLY F 182 62.54 -9.30 -63.41
C GLY F 182 63.50 -9.85 -64.45
N ILE F 183 63.50 -11.17 -64.59
CA ILE F 183 64.43 -11.89 -65.47
C ILE F 183 63.62 -12.87 -66.34
N TYR F 184 63.67 -12.67 -67.66
CA TYR F 184 62.84 -13.41 -68.62
C TYR F 184 63.73 -14.36 -69.43
N VAL F 185 63.55 -15.67 -69.26
CA VAL F 185 64.33 -16.68 -69.97
C VAL F 185 63.70 -17.00 -71.33
N ASN F 186 64.45 -16.76 -72.41
CA ASN F 186 64.00 -17.04 -73.78
C ASN F 186 62.69 -16.30 -74.10
N ASP F 187 61.77 -16.92 -74.85
CA ASP F 187 60.43 -16.38 -75.03
C ASP F 187 59.58 -16.70 -73.79
N GLU F 188 59.72 -15.85 -72.78
CA GLU F 188 58.87 -15.89 -71.59
C GLU F 188 57.96 -14.67 -71.62
N THR F 189 56.71 -14.86 -71.22
CA THR F 189 55.70 -13.81 -71.22
C THR F 189 55.06 -13.74 -69.84
N ILE F 190 54.33 -12.65 -69.61
CA ILE F 190 53.57 -12.49 -68.38
C ILE F 190 52.40 -11.51 -68.61
N LYS F 191 51.21 -11.91 -68.16
CA LYS F 191 50.02 -11.09 -68.29
C LYS F 191 50.05 -9.99 -67.24
N LEU F 192 50.24 -8.75 -67.69
CA LEU F 192 50.35 -7.60 -66.79
C LEU F 192 48.98 -7.20 -66.24
N LYS F 193 48.90 -7.05 -64.93
CA LYS F 193 47.66 -6.62 -64.27
C LYS F 193 47.42 -5.13 -64.47
N ASP F 194 46.15 -4.73 -64.36
CA ASP F 194 45.78 -3.31 -64.42
C ASP F 194 46.29 -2.61 -63.17
N LYS F 195 46.75 -1.37 -63.34
CA LYS F 195 47.44 -0.63 -62.28
C LYS F 195 46.51 -0.28 -61.11
N LYS F 196 45.51 0.55 -61.39
CA LYS F 196 44.49 0.97 -60.42
C LYS F 196 45.09 1.67 -59.18
N SER G 1 -28.53 -42.45 49.36
CA SER G 1 -29.54 -41.96 48.37
C SER G 1 -30.60 -41.08 49.02
N ALA G 2 -31.45 -40.49 48.18
CA ALA G 2 -32.57 -39.65 48.64
C ALA G 2 -33.65 -40.49 49.34
N LEU G 3 -33.96 -41.64 48.74
CA LEU G 3 -34.88 -42.62 49.32
C LEU G 3 -34.37 -43.10 50.68
N THR G 4 -33.09 -43.48 50.70
CA THR G 4 -32.42 -43.93 51.93
C THR G 4 -32.53 -42.87 53.03
N LYS G 5 -32.21 -41.63 52.67
CA LYS G 5 -32.29 -40.49 53.58
C LYS G 5 -33.68 -40.33 54.18
N ARG G 6 -34.70 -40.41 53.32
CA ARG G 6 -36.10 -40.39 53.76
C ARG G 6 -36.45 -41.48 54.76
N THR G 7 -36.08 -42.72 54.45
CA THR G 7 -36.60 -43.89 55.16
C THR G 7 -35.70 -44.45 56.27
N HIS G 8 -34.38 -44.26 56.17
CA HIS G 8 -33.45 -44.76 57.20
C HIS G 8 -33.65 -44.01 58.51
N ARG G 9 -33.97 -44.77 59.56
CA ARG G 9 -34.11 -44.24 60.91
C ARG G 9 -33.35 -45.14 61.88
N VAL G 10 -33.08 -44.58 63.06
CA VAL G 10 -32.41 -45.29 64.14
C VAL G 10 -33.20 -45.05 65.42
N LYS G 11 -33.62 -46.14 66.06
CA LYS G 11 -34.39 -46.06 67.29
C LYS G 11 -33.45 -45.73 68.46
N VAL G 12 -33.68 -44.58 69.09
CA VAL G 12 -32.87 -44.13 70.22
C VAL G 12 -33.77 -43.77 71.39
N GLN G 13 -33.19 -43.66 72.58
CA GLN G 13 -33.83 -43.03 73.72
C GLN G 13 -33.00 -41.81 74.12
N VAL G 14 -33.63 -40.64 74.12
CA VAL G 14 -32.97 -39.42 74.59
C VAL G 14 -32.96 -39.40 76.12
N LEU G 15 -31.87 -38.90 76.70
CA LEU G 15 -31.70 -38.84 78.15
C LEU G 15 -31.48 -37.38 78.56
N LYS G 16 -32.03 -36.45 77.78
CA LYS G 16 -31.73 -35.04 77.88
C LYS G 16 -32.71 -34.23 77.03
N ASP G 17 -32.96 -32.99 77.43
CA ASP G 17 -33.77 -32.08 76.62
C ASP G 17 -33.01 -31.62 75.37
N PHE G 18 -33.72 -31.57 74.25
CA PHE G 18 -33.17 -31.15 72.95
C PHE G 18 -34.22 -30.27 72.25
N PRO G 19 -34.30 -28.98 72.65
CA PRO G 19 -35.32 -28.05 72.12
C PRO G 19 -35.30 -27.81 70.60
N ARG G 20 -34.11 -27.80 69.99
CA ARG G 20 -33.99 -27.62 68.54
C ARG G 20 -34.60 -28.79 67.77
N PHE G 21 -34.27 -30.00 68.20
CA PHE G 21 -34.70 -31.24 67.54
C PHE G 21 -36.07 -31.77 68.02
N GLN G 22 -36.69 -31.05 68.97
CA GLN G 22 -38.05 -31.35 69.47
C GLN G 22 -38.10 -32.72 70.16
N LEU G 23 -37.11 -32.99 71.02
CA LEU G 23 -36.99 -34.27 71.71
C LEU G 23 -36.79 -34.00 73.20
N TYR G 24 -37.71 -34.48 74.03
CA TYR G 24 -37.72 -34.22 75.47
C TYR G 24 -37.25 -35.43 76.25
N LYS G 25 -36.57 -35.19 77.38
CA LYS G 25 -35.90 -36.23 78.17
C LYS G 25 -36.74 -37.50 78.38
N GLY G 26 -36.12 -38.65 78.10
CA GLY G 26 -36.78 -39.95 78.22
C GLY G 26 -37.51 -40.46 76.99
N GLN G 27 -37.79 -39.58 76.03
CA GLN G 27 -38.48 -39.95 74.80
C GLN G 27 -37.71 -41.01 74.02
N VAL G 28 -38.45 -41.94 73.44
CA VAL G 28 -37.92 -42.99 72.60
C VAL G 28 -38.34 -42.66 71.17
N ALA G 29 -37.36 -42.34 70.32
CA ALA G 29 -37.62 -41.77 68.99
C ALA G 29 -36.82 -42.46 67.90
N ASN G 30 -37.43 -42.57 66.72
CA ASN G 30 -36.76 -43.06 65.53
C ASN G 30 -36.13 -41.89 64.78
N VAL G 31 -34.93 -41.51 65.21
CA VAL G 31 -34.23 -40.34 64.68
C VAL G 31 -33.38 -40.68 63.44
N LYS G 32 -32.89 -39.65 62.76
CA LYS G 32 -31.92 -39.83 61.68
C LYS G 32 -30.58 -40.30 62.28
N PRO G 33 -29.89 -41.25 61.60
CA PRO G 33 -28.63 -41.79 62.16
C PRO G 33 -27.55 -40.72 62.31
N SER G 34 -27.43 -39.85 61.31
CA SER G 34 -26.51 -38.71 61.33
C SER G 34 -26.71 -37.82 62.56
N LEU G 35 -27.96 -37.44 62.78
CA LEU G 35 -28.35 -36.62 63.94
C LEU G 35 -27.92 -37.26 65.25
N MET G 36 -28.19 -38.56 65.36
CA MET G 36 -27.84 -39.34 66.56
C MET G 36 -26.34 -39.32 66.83
N ARG G 37 -25.55 -39.69 65.84
CA ARG G 37 -24.10 -39.77 66.01
C ARG G 37 -23.44 -38.40 66.25
N ASN G 38 -24.02 -37.35 65.69
CA ASN G 38 -23.43 -36.01 65.75
C ASN G 38 -23.86 -35.22 66.98
N TYR G 39 -25.17 -35.15 67.22
CA TYR G 39 -25.74 -34.25 68.24
C TYR G 39 -26.18 -34.98 69.52
N LEU G 40 -27.08 -35.94 69.37
CA LEU G 40 -27.77 -36.57 70.50
C LEU G 40 -26.88 -37.44 71.39
N HIS G 41 -26.09 -38.33 70.77
CA HIS G 41 -25.31 -39.33 71.50
C HIS G 41 -24.16 -38.75 72.33
N ASN G 42 -23.66 -37.57 71.94
CA ASN G 42 -22.58 -36.90 72.66
C ASN G 42 -22.97 -36.56 74.10
N PHE G 43 -22.01 -36.70 75.02
CA PHE G 43 -22.16 -36.37 76.44
C PHE G 43 -23.29 -37.14 77.14
N ASN G 44 -23.45 -38.41 76.77
CA ASN G 44 -24.52 -39.27 77.29
C ASN G 44 -25.93 -38.67 77.10
N GLY G 45 -26.10 -37.90 76.03
CA GLY G 45 -27.33 -37.16 75.79
C GLY G 45 -28.47 -38.03 75.31
N ALA G 46 -28.14 -39.07 74.53
CA ALA G 46 -29.10 -40.10 74.14
C ALA G 46 -28.44 -41.48 74.21
N LYS G 47 -29.18 -42.50 73.80
CA LYS G 47 -28.69 -43.87 73.82
C LYS G 47 -29.36 -44.70 72.72
N TYR G 48 -28.55 -45.51 72.02
CA TYR G 48 -29.06 -46.45 71.03
C TYR G 48 -29.79 -47.59 71.74
N ILE G 49 -30.93 -48.01 71.18
CA ILE G 49 -31.71 -49.13 71.75
C ILE G 49 -31.99 -50.22 70.70
N LEU G 50 -31.15 -51.24 70.70
CA LEU G 50 -31.29 -52.38 69.77
C LEU G 50 -32.32 -53.36 70.33
N SER G 51 -32.04 -53.87 71.54
CA SER G 51 -32.96 -54.75 72.26
C SER G 51 -33.83 -53.90 73.18
N GLU G 52 -35.13 -53.86 72.92
CA GLU G 52 -36.06 -53.02 73.68
C GLU G 52 -36.18 -53.42 75.16
N GLU G 53 -36.04 -54.71 75.45
CA GLU G 53 -36.11 -55.20 76.84
C GLU G 53 -34.92 -54.73 77.67
N HIS G 54 -33.72 -55.06 77.20
CA HIS G 54 -32.47 -54.84 77.96
C HIS G 54 -31.99 -53.39 77.96
N ASP G 55 -31.95 -52.78 76.78
CA ASP G 55 -31.31 -51.48 76.60
C ASP G 55 -32.12 -50.35 77.22
N ILE G 56 -33.41 -50.27 76.84
CA ILE G 56 -34.28 -49.13 77.17
C ILE G 56 -34.40 -48.84 78.67
N ASN G 57 -34.46 -47.54 79.01
CA ASN G 57 -34.82 -47.12 80.35
C ASN G 57 -36.34 -46.92 80.41
N THR G 58 -36.97 -47.50 81.43
CA THR G 58 -38.43 -47.56 81.52
C THR G 58 -39.04 -46.34 82.20
N GLU G 59 -38.43 -45.95 83.32
CA GLU G 59 -38.92 -44.84 84.16
C GLU G 59 -38.95 -43.52 83.40
N LEU G 60 -37.84 -43.24 82.71
CA LEU G 60 -37.69 -42.04 81.86
C LEU G 60 -38.76 -41.98 80.77
N LEU G 61 -38.98 -43.12 80.11
CA LEU G 61 -40.02 -43.25 79.09
C LEU G 61 -41.42 -42.98 79.64
N LYS G 62 -41.69 -43.52 80.83
CA LYS G 62 -42.95 -43.30 81.53
C LYS G 62 -43.18 -41.82 81.85
N GLN G 63 -42.13 -41.18 82.35
CA GLN G 63 -42.14 -39.73 82.64
C GLN G 63 -42.44 -38.90 81.39
N TYR G 64 -41.78 -39.25 80.29
CA TYR G 64 -42.02 -38.60 78.99
C TYR G 64 -43.48 -38.73 78.54
N GLN G 65 -44.01 -39.95 78.64
CA GLN G 65 -45.41 -40.24 78.33
C GLN G 65 -46.39 -39.41 79.16
N THR G 66 -46.08 -39.30 80.44
CA THR G 66 -46.86 -38.47 81.39
C THR G 66 -46.85 -36.99 80.98
N LEU G 67 -45.66 -36.49 80.65
CA LEU G 67 -45.48 -35.12 80.16
C LEU G 67 -46.29 -34.85 78.89
N GLU G 68 -46.22 -35.80 77.95
CA GLU G 68 -46.98 -35.74 76.70
C GLU G 68 -48.48 -35.67 76.95
N ALA G 69 -48.96 -36.52 77.85
CA ALA G 69 -50.37 -36.54 78.28
C ALA G 69 -50.80 -35.21 78.88
N LYS G 70 -49.94 -34.66 79.74
CA LYS G 70 -50.16 -33.34 80.36
C LYS G 70 -50.28 -32.23 79.32
N LEU G 71 -49.37 -32.25 78.34
CA LEU G 71 -49.39 -31.33 77.21
C LEU G 71 -50.69 -31.41 76.40
N GLU G 72 -51.10 -32.64 76.10
CA GLU G 72 -52.37 -32.91 75.41
C GLU G 72 -53.58 -32.35 76.15
N GLU G 73 -53.61 -32.58 77.46
CA GLU G 73 -54.65 -32.04 78.35
C GLU G 73 -54.71 -30.51 78.29
N ASP G 74 -53.54 -29.90 78.41
CA ASP G 74 -53.41 -28.44 78.36
C ASP G 74 -53.38 -27.96 76.90
N SER H 1 69.52 -95.98 -25.47
CA SER H 1 70.57 -96.62 -26.33
C SER H 1 71.12 -95.70 -27.41
N GLN H 2 70.21 -94.97 -28.08
CA GLN H 2 70.58 -94.04 -29.16
C GLN H 2 71.47 -92.89 -28.65
N LYS H 3 71.15 -92.40 -27.46
CA LYS H 3 71.89 -91.32 -26.82
C LYS H 3 73.32 -91.67 -26.36
N ILE H 4 73.56 -92.96 -26.09
CA ILE H 4 74.83 -93.39 -25.48
C ILE H 4 75.96 -93.40 -26.53
N GLY H 5 77.07 -92.75 -26.18
CA GLY H 5 78.22 -92.57 -27.07
C GLY H 5 78.95 -91.28 -26.78
N HIS H 6 79.89 -90.93 -27.66
CA HIS H 6 80.62 -89.65 -27.56
C HIS H 6 79.80 -88.54 -28.22
N SER H 7 79.33 -87.61 -27.39
CA SER H 7 78.44 -86.53 -27.81
C SER H 7 79.14 -85.20 -28.08
N GLY H 8 80.45 -85.14 -27.87
CA GLY H 8 81.22 -83.91 -27.99
C GLY H 8 81.12 -83.21 -29.35
N LEU H 9 81.14 -84.01 -30.41
CA LEU H 9 80.98 -83.49 -31.77
C LEU H 9 79.58 -82.95 -32.06
N ALA H 10 78.55 -83.62 -31.54
CA ALA H 10 77.16 -83.17 -31.70
C ALA H 10 76.95 -81.77 -31.13
N PHE H 11 77.45 -81.54 -29.92
CA PHE H 11 77.35 -80.24 -29.24
C PHE H 11 78.45 -79.24 -29.61
N ALA H 12 79.28 -79.57 -30.60
CA ALA H 12 80.32 -78.65 -31.09
C ALA H 12 79.71 -77.42 -31.75
N ARG H 13 80.20 -76.25 -31.34
CA ARG H 13 79.81 -74.98 -31.94
C ARG H 13 80.56 -74.79 -33.25
N LEU H 14 79.86 -74.98 -34.38
CA LEU H 14 80.45 -74.74 -35.69
C LEU H 14 80.34 -73.25 -36.02
N TRP H 15 81.05 -72.84 -37.07
CA TRP H 15 81.01 -71.47 -37.56
C TRP H 15 80.50 -71.46 -38.98
N HIS H 16 79.39 -70.76 -39.20
CA HIS H 16 78.71 -70.74 -40.49
C HIS H 16 78.87 -69.40 -41.18
N HIS H 17 79.50 -69.42 -42.34
CA HIS H 17 79.63 -68.23 -43.17
C HIS H 17 78.37 -68.01 -43.98
N VAL H 18 78.05 -66.74 -44.25
CA VAL H 18 77.06 -66.38 -45.26
C VAL H 18 77.48 -65.08 -45.97
N ASP H 19 77.95 -65.24 -47.20
CA ASP H 19 78.30 -64.13 -48.07
C ASP H 19 77.00 -63.52 -48.59
N VAL H 20 76.62 -62.37 -48.03
CA VAL H 20 75.33 -61.73 -48.35
C VAL H 20 75.27 -61.28 -49.83
N ALA H 21 76.42 -60.95 -50.41
CA ALA H 21 76.51 -60.64 -51.84
C ALA H 21 76.03 -61.80 -52.73
N ARG H 22 76.38 -63.02 -52.34
CA ARG H 22 75.92 -64.23 -53.04
C ARG H 22 74.46 -64.60 -52.73
N ASP H 23 74.08 -64.50 -51.45
CA ASP H 23 72.75 -64.92 -51.02
C ASP H 23 71.65 -64.02 -51.61
N LYS H 24 70.61 -64.66 -52.15
CA LYS H 24 69.54 -63.98 -52.88
C LYS H 24 68.29 -63.72 -52.04
N ARG H 25 68.30 -64.14 -50.77
CA ARG H 25 67.17 -63.90 -49.87
C ARG H 25 67.10 -62.42 -49.49
N THR H 26 65.88 -61.97 -49.19
CA THR H 26 65.67 -60.64 -48.64
C THR H 26 66.14 -60.62 -47.18
N LEU H 27 66.17 -59.43 -46.58
CA LEU H 27 66.67 -59.23 -45.22
C LEU H 27 65.99 -60.11 -44.16
N GLY H 28 64.67 -60.02 -44.09
CA GLY H 28 63.89 -60.70 -43.05
C GLY H 28 63.94 -62.21 -43.12
N ARG H 29 63.88 -62.72 -44.35
CA ARG H 29 63.95 -64.16 -44.60
C ARG H 29 65.32 -64.71 -44.21
N LEU H 30 66.36 -63.95 -44.54
CA LEU H 30 67.74 -64.26 -44.14
C LEU H 30 67.90 -64.27 -42.62
N ALA H 31 67.35 -63.25 -41.97
CA ALA H 31 67.36 -63.14 -40.51
C ALA H 31 66.67 -64.33 -39.83
N SER H 32 65.53 -64.73 -40.38
CA SER H 32 64.77 -65.89 -39.91
C SER H 32 65.58 -67.18 -40.04
N ALA H 33 66.24 -67.35 -41.19
CA ALA H 33 67.12 -68.49 -41.45
C ALA H 33 68.28 -68.56 -40.45
N ILE H 34 68.88 -67.40 -40.20
CA ILE H 34 69.97 -67.25 -39.21
C ILE H 34 69.52 -67.63 -37.79
N ALA H 35 68.32 -67.19 -37.43
CA ALA H 35 67.77 -67.38 -36.07
C ALA H 35 67.75 -68.84 -35.65
N ILE H 36 67.23 -69.69 -36.54
CA ILE H 36 67.22 -71.15 -36.38
C ILE H 36 68.60 -71.71 -36.07
N THR H 37 69.56 -71.32 -36.91
CA THR H 37 70.97 -71.71 -36.76
C THR H 37 71.51 -71.33 -35.39
N LEU H 38 71.24 -70.07 -35.01
CA LEU H 38 71.66 -69.50 -33.73
C LEU H 38 71.06 -70.24 -32.53
N ILE H 39 69.80 -70.64 -32.66
CA ILE H 39 69.11 -71.43 -31.63
C ILE H 39 69.73 -72.81 -31.54
N GLY H 40 69.96 -73.42 -32.71
CA GLY H 40 70.40 -74.80 -32.83
C GLY H 40 69.26 -75.75 -33.16
N ARG H 41 68.25 -75.29 -33.88
CA ARG H 41 67.12 -76.13 -34.27
C ARG H 41 67.49 -77.06 -35.42
N HIS H 42 68.39 -76.61 -36.29
CA HIS H 42 68.96 -77.43 -37.37
C HIS H 42 69.53 -78.79 -36.94
N LYS H 43 70.11 -78.85 -35.74
CA LYS H 43 70.73 -80.07 -35.23
C LYS H 43 69.78 -80.92 -34.38
N PRO H 44 69.74 -82.26 -34.62
CA PRO H 44 68.78 -83.16 -33.98
C PRO H 44 69.02 -83.41 -32.49
N VAL H 45 70.23 -83.15 -32.04
CA VAL H 45 70.59 -83.29 -30.62
C VAL H 45 69.94 -82.18 -29.75
N TYR H 46 69.46 -81.11 -30.39
CA TYR H 46 68.78 -79.98 -29.71
C TYR H 46 67.77 -80.37 -28.63
N HIS H 47 67.77 -79.55 -27.58
CA HIS H 47 66.76 -79.61 -26.52
C HIS H 47 66.49 -78.17 -26.08
N PRO H 48 65.22 -77.81 -25.78
CA PRO H 48 64.92 -76.43 -25.34
C PRO H 48 65.70 -75.94 -24.11
N SER H 49 65.97 -76.86 -23.18
CA SER H 49 66.67 -76.53 -21.94
C SER H 49 68.16 -76.18 -22.11
N GLN H 50 68.75 -76.55 -23.24
CA GLN H 50 70.18 -76.40 -23.48
C GLN H 50 70.46 -75.52 -24.71
N ASP H 51 71.29 -74.49 -24.52
CA ASP H 51 71.78 -73.69 -25.63
C ASP H 51 72.84 -74.52 -26.37
N CYS H 52 72.59 -74.78 -27.64
CA CYS H 52 73.48 -75.60 -28.46
C CYS H 52 73.44 -75.15 -29.92
N GLY H 53 73.51 -73.84 -30.12
CA GLY H 53 73.45 -73.24 -31.45
C GLY H 53 74.80 -72.72 -31.91
N ASP H 54 74.96 -72.65 -33.23
CA ASP H 54 76.26 -72.40 -33.85
C ASP H 54 76.54 -70.91 -34.04
N TYR H 55 77.78 -70.58 -34.37
CA TYR H 55 78.17 -69.22 -34.76
C TYR H 55 77.77 -68.98 -36.19
N VAL H 56 77.37 -67.74 -36.49
CA VAL H 56 77.04 -67.32 -37.85
C VAL H 56 77.79 -66.04 -38.16
N VAL H 57 78.77 -66.13 -39.06
CA VAL H 57 79.48 -64.96 -39.56
C VAL H 57 78.81 -64.50 -40.85
N VAL H 58 78.24 -63.30 -40.82
CA VAL H 58 77.68 -62.67 -42.00
C VAL H 58 78.70 -61.68 -42.54
N THR H 59 78.82 -61.62 -43.88
CA THR H 59 79.84 -60.82 -44.55
C THR H 59 79.31 -60.27 -45.88
N ASN H 60 79.89 -59.16 -46.30
CA ASN H 60 79.39 -58.34 -47.41
C ASN H 60 77.93 -57.93 -47.18
N CYS H 61 77.66 -57.49 -45.95
CA CYS H 61 76.30 -57.17 -45.51
C CYS H 61 75.77 -55.87 -46.13
N GLN H 62 76.65 -55.06 -46.71
CA GLN H 62 76.24 -53.88 -47.49
C GLN H 62 75.35 -54.21 -48.70
N LYS H 63 75.49 -55.42 -49.24
CA LYS H 63 74.72 -55.86 -50.41
C LYS H 63 73.46 -56.66 -50.01
N ILE H 64 72.86 -56.31 -48.86
CA ILE H 64 71.67 -57.00 -48.37
C ILE H 64 70.43 -56.47 -49.09
N ARG H 65 69.52 -57.38 -49.42
CA ARG H 65 68.33 -57.05 -50.18
C ARG H 65 67.22 -56.60 -49.24
N VAL H 66 66.59 -55.46 -49.56
CA VAL H 66 65.44 -54.95 -48.84
C VAL H 66 64.40 -54.51 -49.87
N THR H 67 63.21 -55.11 -49.80
CA THR H 67 62.15 -54.86 -50.78
C THR H 67 61.40 -53.55 -50.51
N GLY H 68 60.55 -53.16 -51.47
CA GLY H 68 59.70 -51.98 -51.34
C GLY H 68 60.48 -50.69 -51.22
N LYS H 69 59.96 -49.77 -50.42
CA LYS H 69 60.66 -48.53 -50.07
C LYS H 69 61.04 -48.54 -48.57
N LYS H 70 61.35 -49.73 -48.03
CA LYS H 70 61.66 -49.86 -46.60
C LYS H 70 62.97 -49.19 -46.21
N PHE H 71 63.89 -49.08 -47.16
CA PHE H 71 65.19 -48.45 -46.87
C PHE H 71 65.06 -46.97 -46.49
N GLU H 72 64.08 -46.28 -47.07
CA GLU H 72 63.81 -44.86 -46.75
C GLU H 72 62.54 -44.61 -45.92
N GLN H 73 61.73 -45.65 -45.68
CA GLN H 73 60.50 -45.53 -44.88
C GLN H 73 60.62 -46.20 -43.50
N LYS H 74 61.02 -47.47 -43.49
CA LYS H 74 61.02 -48.30 -42.26
C LYS H 74 61.74 -47.63 -41.10
N THR H 75 60.99 -47.37 -40.02
CA THR H 75 61.50 -46.64 -38.86
C THR H 75 61.80 -47.58 -37.67
N TYR H 76 63.01 -47.46 -37.14
CA TYR H 76 63.43 -48.17 -35.94
C TYR H 76 63.25 -47.25 -34.73
N TRP H 77 62.54 -47.75 -33.72
CA TRP H 77 62.18 -46.95 -32.55
C TRP H 77 63.12 -47.21 -31.38
N SER H 78 63.09 -46.30 -30.41
CA SER H 78 63.80 -46.44 -29.15
C SER H 78 63.24 -45.46 -28.12
N HIS H 79 63.32 -45.84 -26.85
CA HIS H 79 62.77 -45.02 -25.76
C HIS H 79 63.47 -45.32 -24.44
N SER H 80 63.96 -44.27 -23.77
CA SER H 80 64.65 -44.41 -22.49
C SER H 80 63.66 -44.72 -21.37
N GLY H 81 62.66 -43.85 -21.25
CA GLY H 81 61.61 -43.97 -20.24
C GLY H 81 61.02 -42.61 -19.92
N ARG H 82 61.90 -41.62 -19.81
CA ARG H 82 61.53 -40.20 -19.75
C ARG H 82 60.66 -39.84 -20.96
N PRO H 83 59.43 -39.34 -20.73
CA PRO H 83 58.57 -38.96 -21.86
C PRO H 83 59.14 -37.83 -22.74
N GLY H 84 58.71 -37.81 -23.99
CA GLY H 84 59.25 -36.89 -24.98
C GLY H 84 60.66 -37.24 -25.43
N GLN H 85 61.02 -38.52 -25.32
CA GLN H 85 62.34 -39.01 -25.73
C GLN H 85 62.21 -40.25 -26.62
N LEU H 86 61.14 -40.32 -27.41
CA LEU H 86 60.98 -41.38 -28.40
C LEU H 86 61.92 -41.07 -29.55
N LYS H 87 62.89 -41.96 -29.76
CA LYS H 87 63.87 -41.81 -30.81
C LYS H 87 63.50 -42.72 -31.99
N LEU H 88 63.08 -42.11 -33.09
CA LEU H 88 62.65 -42.83 -34.29
C LEU H 88 63.66 -42.55 -35.41
N GLN H 89 64.35 -43.60 -35.86
CA GLN H 89 65.34 -43.51 -36.93
C GLN H 89 64.91 -44.36 -38.12
N THR H 90 64.95 -43.79 -39.32
CA THR H 90 64.71 -44.55 -40.55
C THR H 90 65.86 -45.52 -40.82
N MET H 91 65.58 -46.56 -41.61
CA MET H 91 66.54 -47.64 -41.88
C MET H 91 67.85 -47.14 -42.46
N ASN H 92 67.75 -46.26 -43.47
CA ASN H 92 68.93 -45.62 -44.08
C ASN H 92 69.77 -44.82 -43.09
N LYS H 93 69.12 -44.15 -42.14
CA LYS H 93 69.79 -43.39 -41.10
C LYS H 93 70.57 -44.33 -40.18
N VAL H 94 69.90 -45.42 -39.77
CA VAL H 94 70.50 -46.46 -38.92
C VAL H 94 71.74 -47.06 -39.59
N VAL H 95 71.61 -47.35 -40.88
CA VAL H 95 72.73 -47.84 -41.71
C VAL H 95 73.90 -46.87 -41.70
N ALA H 96 73.61 -45.59 -41.94
CA ALA H 96 74.61 -44.53 -41.93
C ALA H 96 75.34 -44.45 -40.59
N ASP H 97 74.58 -44.54 -39.50
CA ASP H 97 75.12 -44.57 -38.14
C ASP H 97 76.06 -45.75 -37.91
N LYS H 98 75.54 -46.95 -38.12
CA LYS H 98 76.23 -48.20 -37.78
C LYS H 98 76.58 -49.04 -39.01
N GLY H 99 75.56 -49.41 -39.78
CA GLY H 99 75.75 -50.27 -40.95
C GLY H 99 74.54 -51.14 -41.23
N PHE H 100 74.64 -51.88 -42.33
CA PHE H 100 73.63 -52.87 -42.72
C PHE H 100 73.66 -54.08 -41.80
N GLY H 101 74.83 -54.33 -41.19
CA GLY H 101 74.99 -55.41 -40.23
C GLY H 101 74.20 -55.23 -38.95
N GLU H 102 74.13 -53.98 -38.48
CA GLU H 102 73.30 -53.59 -37.33
C GLU H 102 71.83 -53.91 -37.58
N ILE H 103 71.37 -53.55 -38.78
CA ILE H 103 70.00 -53.79 -39.24
C ILE H 103 69.68 -55.28 -39.18
N LEU H 104 70.57 -56.08 -39.75
CA LEU H 104 70.46 -57.54 -39.77
C LEU H 104 70.38 -58.10 -38.35
N LYS H 105 71.27 -57.61 -37.49
CA LYS H 105 71.34 -58.01 -36.08
C LYS H 105 70.01 -57.79 -35.36
N LYS H 106 69.41 -56.63 -35.58
CA LYS H 106 68.10 -56.28 -35.01
C LYS H 106 67.00 -57.26 -35.43
N ALA H 107 66.97 -57.57 -36.71
CA ALA H 107 66.06 -58.58 -37.25
C ALA H 107 66.28 -59.91 -36.55
N VAL H 108 67.52 -60.36 -36.51
CA VAL H 108 67.90 -61.64 -35.88
C VAL H 108 67.50 -61.67 -34.40
N SER H 109 67.72 -60.57 -33.69
CA SER H 109 67.31 -60.42 -32.28
C SER H 109 65.81 -60.63 -32.11
N GLY H 110 65.02 -59.97 -32.96
CA GLY H 110 63.57 -60.11 -32.95
C GLY H 110 63.07 -61.50 -33.28
N MET H 111 63.81 -62.21 -34.16
CA MET H 111 63.51 -63.59 -34.50
C MET H 111 63.72 -64.54 -33.31
N LEU H 112 64.77 -64.29 -32.52
CA LEU H 112 65.19 -65.19 -31.44
C LEU H 112 64.18 -65.33 -30.28
N PRO H 113 64.25 -66.44 -29.50
CA PRO H 113 63.33 -66.63 -28.37
C PRO H 113 63.68 -65.76 -27.17
N LYS H 114 62.66 -65.17 -26.54
CA LYS H 114 62.87 -64.15 -25.50
C LYS H 114 63.13 -64.79 -24.14
N ASN H 115 64.41 -65.03 -23.84
CA ASN H 115 64.80 -65.63 -22.56
C ASN H 115 66.30 -65.34 -22.26
N LYS H 116 66.85 -65.95 -21.21
CA LYS H 116 68.24 -65.67 -20.78
C LYS H 116 69.34 -66.01 -21.79
N LEU H 117 69.05 -66.91 -22.74
CA LEU H 117 70.01 -67.35 -23.75
C LEU H 117 70.01 -66.46 -25.00
N ARG H 118 68.98 -65.62 -25.15
CA ARG H 118 68.80 -64.75 -26.32
C ARG H 118 70.01 -63.89 -26.62
N LYS H 119 70.53 -63.24 -25.58
CA LYS H 119 71.69 -62.36 -25.67
C LYS H 119 72.92 -63.12 -26.18
N GLN H 120 73.12 -64.32 -25.64
CA GLN H 120 74.22 -65.20 -26.04
C GLN H 120 74.12 -65.56 -27.52
N ARG H 121 72.93 -65.94 -27.95
CA ARG H 121 72.64 -66.27 -29.34
C ARG H 121 72.94 -65.10 -30.27
N LEU H 122 72.52 -63.91 -29.85
CA LEU H 122 72.75 -62.67 -30.59
C LEU H 122 74.25 -62.36 -30.72
N ASP H 123 74.98 -62.57 -29.62
CA ASP H 123 76.44 -62.42 -29.60
C ASP H 123 77.14 -63.33 -30.61
N ARG H 124 76.70 -64.59 -30.69
CA ARG H 124 77.25 -65.53 -31.67
C ARG H 124 77.14 -65.11 -33.14
N LEU H 125 76.13 -64.30 -33.47
CA LEU H 125 76.04 -63.68 -34.80
C LEU H 125 77.14 -62.62 -34.93
N LYS H 126 77.96 -62.74 -35.98
CA LYS H 126 79.06 -61.81 -36.25
C LYS H 126 78.89 -61.21 -37.65
N VAL H 127 78.44 -59.96 -37.72
CA VAL H 127 78.09 -59.35 -39.01
C VAL H 127 79.14 -58.32 -39.43
N PHE H 128 79.35 -58.23 -40.76
CA PHE H 128 80.37 -57.35 -41.34
C PHE H 128 79.85 -56.72 -42.63
N ASP H 129 79.92 -55.39 -42.70
CA ASP H 129 79.42 -54.63 -43.85
C ASP H 129 80.14 -55.01 -45.15
N GLY H 130 81.46 -55.06 -45.08
CA GLY H 130 82.31 -55.44 -46.21
C GLY H 130 82.74 -56.89 -46.15
N SER H 131 83.83 -57.21 -46.83
CA SER H 131 84.33 -58.57 -46.96
C SER H 131 85.24 -58.98 -45.80
N GLU H 132 86.26 -58.16 -45.53
CA GLU H 132 87.31 -58.54 -44.58
C GLU H 132 86.82 -58.61 -43.13
N ASN H 133 87.25 -59.67 -42.44
CA ASN H 133 86.79 -59.99 -41.09
C ASN H 133 87.80 -60.93 -40.40
N PRO H 134 87.83 -60.92 -39.05
CA PRO H 134 88.81 -61.76 -38.33
C PRO H 134 88.49 -63.27 -38.33
N TYR H 135 87.21 -63.62 -38.46
CA TYR H 135 86.76 -65.01 -38.35
C TYR H 135 86.91 -65.81 -39.65
N LYS H 136 87.35 -65.14 -40.73
CA LYS H 136 87.78 -65.78 -41.99
C LYS H 136 88.43 -67.16 -41.82
N GLN H 137 89.33 -67.25 -40.85
CA GLN H 137 90.14 -68.45 -40.62
C GLN H 137 89.43 -69.61 -39.91
N ASN H 138 88.24 -69.36 -39.34
CA ASN H 138 87.55 -70.37 -38.51
C ASN H 138 86.20 -70.89 -39.00
N ILE H 139 85.81 -70.53 -40.22
CA ILE H 139 84.63 -71.09 -40.86
C ILE H 139 84.89 -72.56 -41.16
N THR H 140 83.87 -73.39 -41.00
CA THR H 140 83.99 -74.84 -41.22
C THR H 140 84.44 -75.16 -42.66
N ALA H 141 85.43 -76.04 -42.76
CA ALA H 141 86.05 -76.39 -44.04
C ALA H 141 86.35 -77.88 -44.09
N PHE H 142 86.53 -78.38 -45.31
CA PHE H 142 86.78 -79.79 -45.57
C PHE H 142 87.92 -79.95 -46.57
N ALA H 143 88.62 -81.08 -46.50
CA ALA H 143 89.74 -81.38 -47.40
C ALA H 143 89.30 -81.60 -48.85
N HIS H 144 88.13 -82.22 -49.02
CA HIS H 144 87.53 -82.43 -50.35
C HIS H 144 87.15 -81.13 -51.10
N GLU H 145 86.93 -80.05 -50.36
CA GLU H 145 86.61 -78.74 -50.96
C GLU H 145 87.84 -77.99 -51.52
N GLN H 146 89.04 -78.41 -51.13
CA GLN H 146 90.27 -77.63 -51.38
C GLN H 146 90.66 -77.53 -52.86
N SER H 147 90.30 -78.53 -53.66
CA SER H 147 90.60 -78.54 -55.10
C SER H 147 89.91 -77.41 -55.86
N SER H 148 88.69 -77.07 -55.44
CA SER H 148 87.92 -75.96 -56.03
C SER H 148 88.64 -74.61 -55.92
N ILE H 149 89.28 -74.36 -54.77
CA ILE H 149 89.95 -73.09 -54.50
C ILE H 149 91.34 -73.10 -55.15
N PRO H 150 91.72 -72.01 -55.85
CA PRO H 150 93.10 -71.84 -56.36
C PRO H 150 94.20 -71.85 -55.28
N GLU H 151 95.43 -72.12 -55.70
CA GLU H 151 96.56 -72.33 -54.77
C GLU H 151 96.96 -71.11 -53.92
N PRO H 152 97.25 -69.95 -54.54
CA PRO H 152 97.78 -68.82 -53.76
C PRO H 152 96.74 -68.09 -52.89
N LEU H 153 95.47 -68.14 -53.29
CA LEU H 153 94.38 -67.53 -52.51
C LEU H 153 94.30 -68.07 -51.09
N LYS H 154 94.45 -69.39 -50.95
CA LYS H 154 94.41 -70.07 -49.65
C LYS H 154 95.53 -69.56 -48.75
N GLU H 155 96.74 -69.48 -49.32
CA GLU H 155 97.92 -68.94 -48.62
C GLU H 155 97.72 -67.51 -48.14
N SER H 156 97.16 -66.68 -49.02
CA SER H 156 96.85 -65.28 -48.71
C SER H 156 95.86 -65.16 -47.56
N ILE H 157 94.82 -65.99 -47.59
CA ILE H 157 93.81 -66.08 -46.52
C ILE H 157 94.45 -66.47 -45.19
N PHE H 158 95.32 -67.47 -45.23
CA PHE H 158 96.05 -67.97 -44.05
C PHE H 158 96.93 -66.87 -43.44
N ASN H 159 97.63 -66.16 -44.32
CA ASN H 159 98.46 -65.00 -43.94
C ASN H 159 97.64 -63.93 -43.23
N GLN H 160 96.47 -63.64 -43.81
CA GLN H 160 95.53 -62.64 -43.29
C GLN H 160 95.06 -63.00 -41.87
N MET I 1 66.81 1.64 -8.57
CA MET I 1 65.91 0.50 -8.98
C MET I 1 64.44 0.85 -8.76
N ILE I 2 63.80 1.34 -9.82
CA ILE I 2 62.37 1.62 -9.83
C ILE I 2 61.62 0.32 -10.14
N PHE I 3 60.52 0.10 -9.45
CA PHE I 3 59.62 -1.04 -9.65
C PHE I 3 58.18 -0.56 -9.80
N LEU I 4 57.26 -1.52 -9.94
CA LEU I 4 55.81 -1.26 -9.83
C LEU I 4 55.52 -0.55 -8.49
N LYS I 5 54.61 0.43 -8.53
CA LYS I 5 54.13 1.13 -7.32
C LYS I 5 55.17 1.98 -6.61
N SER I 6 56.31 2.24 -7.27
CA SER I 6 57.40 3.01 -6.70
C SER I 6 57.22 4.46 -7.14
N VAL I 7 57.02 5.35 -6.17
CA VAL I 7 56.83 6.77 -6.47
C VAL I 7 58.19 7.49 -6.48
N ILE I 8 58.35 8.42 -7.42
CA ILE I 8 59.60 9.15 -7.60
C ILE I 8 59.35 10.61 -7.97
N LYS I 9 60.37 11.44 -7.75
CA LYS I 9 60.31 12.86 -8.09
C LYS I 9 60.38 13.07 -9.59
N VAL I 10 59.61 14.03 -10.08
CA VAL I 10 59.74 14.54 -11.44
C VAL I 10 60.45 15.88 -11.32
N ILE I 11 61.50 16.08 -12.12
CA ILE I 11 62.34 17.28 -11.99
C ILE I 11 62.31 18.13 -13.27
N ASP I 12 61.09 18.38 -13.77
CA ASP I 12 60.86 19.18 -14.97
C ASP I 12 59.90 20.31 -14.66
N ASN I 13 59.81 21.25 -15.61
CA ASN I 13 58.76 22.28 -15.59
C ASN I 13 57.47 21.83 -16.31
N SER I 14 57.22 20.52 -16.33
CA SER I 14 56.02 19.94 -16.94
C SER I 14 54.79 20.18 -16.07
N GLY I 15 54.98 20.17 -14.75
CA GLY I 15 53.90 20.32 -13.78
C GLY I 15 53.91 19.24 -12.72
N ALA I 16 54.34 18.03 -13.10
CA ALA I 16 54.38 16.89 -12.19
C ALA I 16 55.38 17.11 -11.05
N GLN I 17 54.93 16.77 -9.84
CA GLN I 17 55.78 16.75 -8.65
C GLN I 17 56.27 15.34 -8.33
N LEU I 18 55.39 14.36 -8.55
CA LEU I 18 55.59 13.00 -8.04
C LEU I 18 54.88 12.01 -8.97
N ALA I 19 55.54 10.88 -9.26
CA ALA I 19 55.03 9.92 -10.24
C ALA I 19 55.25 8.46 -9.80
N GLU I 20 54.16 7.72 -9.66
CA GLU I 20 54.20 6.29 -9.36
C GLU I 20 54.48 5.54 -10.64
N CYS I 21 55.57 4.77 -10.67
CA CYS I 21 55.92 3.96 -11.82
C CYS I 21 54.99 2.75 -11.91
N ILE I 22 54.35 2.57 -13.07
CA ILE I 22 53.47 1.41 -13.31
C ILE I 22 54.03 0.40 -14.33
N LYS I 23 55.01 0.79 -15.13
CA LYS I 23 55.69 -0.16 -16.02
C LYS I 23 57.08 0.31 -16.48
N VAL I 24 57.91 -0.66 -16.85
CA VAL I 24 59.22 -0.45 -17.45
C VAL I 24 59.14 -0.95 -18.88
N ILE I 25 59.68 -0.19 -19.83
CA ILE I 25 59.36 -0.38 -21.26
C ILE I 25 60.07 -1.56 -21.94
N ARG I 26 61.37 -1.44 -22.23
CA ARG I 26 62.10 -2.48 -22.97
C ARG I 26 62.29 -3.80 -22.19
N LYS I 27 62.15 -3.76 -20.87
CA LYS I 27 62.29 -4.96 -20.05
C LYS I 27 61.09 -5.91 -20.17
N GLY I 28 61.37 -7.17 -20.50
CA GLY I 28 60.36 -8.16 -20.85
C GLY I 28 59.54 -8.66 -19.68
N SER I 29 60.20 -9.02 -18.59
CA SER I 29 59.52 -9.42 -17.37
C SER I 29 59.04 -8.13 -16.69
N PRO I 30 57.74 -8.03 -16.38
CA PRO I 30 57.25 -6.87 -15.63
C PRO I 30 57.80 -6.74 -14.20
N LYS I 31 58.41 -7.80 -13.68
CA LYS I 31 59.10 -7.76 -12.38
C LYS I 31 60.40 -6.94 -12.48
N SER I 32 61.08 -7.01 -13.63
CA SER I 32 62.40 -6.39 -13.83
C SER I 32 62.39 -4.88 -13.56
N PRO I 33 63.37 -4.38 -12.78
CA PRO I 33 63.37 -2.97 -12.39
C PRO I 33 63.83 -2.00 -13.47
N ALA I 34 63.30 -0.79 -13.43
CA ALA I 34 63.79 0.32 -14.25
C ALA I 34 64.99 0.95 -13.56
N MET I 35 66.10 1.04 -14.28
CA MET I 35 67.33 1.67 -13.78
C MET I 35 67.74 2.81 -14.69
N VAL I 36 68.54 3.73 -14.15
CA VAL I 36 68.89 4.99 -14.82
C VAL I 36 69.06 4.88 -16.34
N GLY I 37 68.34 5.73 -17.07
CA GLY I 37 68.27 5.67 -18.52
C GLY I 37 67.34 4.58 -19.03
N ASP I 38 66.22 4.36 -18.34
CA ASP I 38 65.16 3.45 -18.79
C ASP I 38 63.84 4.20 -18.84
N ARG I 39 63.14 4.06 -19.96
CA ARG I 39 61.86 4.73 -20.17
C ARG I 39 60.80 3.93 -19.39
N ILE I 40 60.05 4.62 -18.54
CA ILE I 40 58.99 4.01 -17.72
C ILE I 40 57.65 4.67 -18.00
N VAL I 41 56.58 3.91 -17.83
CA VAL I 41 55.22 4.43 -17.81
C VAL I 41 54.88 4.71 -16.35
N CYS I 42 54.37 5.91 -16.08
CA CYS I 42 54.09 6.33 -14.71
C CYS I 42 52.79 7.12 -14.60
N VAL I 43 52.11 6.94 -13.46
CA VAL I 43 50.90 7.65 -13.12
C VAL I 43 51.30 8.79 -12.18
N ILE I 44 50.94 10.02 -12.54
CA ILE I 44 51.31 11.20 -11.76
C ILE I 44 50.45 11.27 -10.50
N GLN I 45 51.11 11.22 -9.35
CA GLN I 45 50.45 11.17 -8.05
C GLN I 45 50.16 12.58 -7.53
N LYS I 46 51.12 13.49 -7.72
CA LYS I 46 51.01 14.87 -7.29
C LYS I 46 51.51 15.80 -8.40
N ALA I 47 50.79 16.90 -8.62
CA ALA I 47 51.09 17.84 -9.69
C ALA I 47 50.91 19.28 -9.22
N LYS I 48 51.41 20.21 -10.02
CA LYS I 48 51.28 21.63 -9.75
C LYS I 48 49.98 22.12 -10.37
N PRO I 49 49.12 22.79 -9.57
CA PRO I 49 47.78 23.14 -10.04
C PRO I 49 47.81 24.33 -10.97
N LEU I 50 46.89 24.33 -11.93
CA LEU I 50 46.72 25.43 -12.90
C LEU I 50 48.00 25.67 -13.66
N ARG I 62 50.64 21.01 -20.17
CA ARG I 62 51.08 20.62 -18.83
C ARG I 62 50.22 19.51 -18.23
N VAL I 63 50.83 18.72 -17.35
CA VAL I 63 50.23 17.49 -16.84
C VAL I 63 49.31 17.69 -15.63
N LYS I 64 48.45 16.70 -15.39
CA LYS I 64 47.52 16.67 -14.26
C LYS I 64 47.88 15.55 -13.29
N LYS I 65 47.14 15.46 -12.19
CA LYS I 65 47.17 14.27 -11.33
C LYS I 65 46.37 13.16 -12.01
N GLY I 66 46.78 11.92 -11.77
CA GLY I 66 46.12 10.74 -12.36
C GLY I 66 46.33 10.64 -13.86
N ASP I 67 47.39 11.26 -14.36
CA ASP I 67 47.66 11.36 -15.78
C ASP I 67 48.78 10.37 -16.11
N ILE I 68 48.44 9.37 -16.92
CA ILE I 68 49.39 8.34 -17.33
C ILE I 68 50.33 8.95 -18.36
N CYS I 69 51.62 8.85 -18.10
CA CYS I 69 52.64 9.47 -18.95
C CYS I 69 53.97 8.73 -18.89
N HIS I 70 54.78 8.93 -19.92
CA HIS I 70 56.09 8.29 -20.02
C HIS I 70 57.17 9.18 -19.41
N ALA I 71 58.11 8.55 -18.71
CA ALA I 71 59.22 9.24 -18.07
C ALA I 71 60.51 8.47 -18.31
N ILE I 72 61.64 9.16 -18.17
CA ILE I 72 62.96 8.53 -18.18
C ILE I 72 63.60 8.74 -16.81
N VAL I 73 64.17 7.66 -16.28
CA VAL I 73 64.81 7.69 -14.97
C VAL I 73 66.19 8.32 -15.17
N VAL I 74 66.46 9.39 -14.42
CA VAL I 74 67.71 10.18 -14.59
C VAL I 74 68.70 10.05 -13.44
N ARG I 75 68.22 9.73 -12.24
CA ARG I 75 69.10 9.38 -11.12
C ARG I 75 68.42 8.42 -10.16
N SER I 76 69.23 7.71 -9.37
CA SER I 76 68.73 6.68 -8.44
C SER I 76 69.56 6.62 -7.16
N LYS I 77 68.91 6.18 -6.08
CA LYS I 77 69.56 5.97 -4.78
C LYS I 77 70.42 4.72 -4.72
N GLN I 78 70.16 3.73 -5.59
CA GLN I 78 70.85 2.45 -5.54
C GLN I 78 72.37 2.64 -5.70
N ARG I 79 73.12 2.11 -4.75
CA ARG I 79 74.55 2.39 -4.64
C ARG I 79 75.37 1.62 -5.65
N ASN I 80 75.16 0.32 -5.72
CA ASN I 80 76.08 -0.60 -6.39
C ASN I 80 76.00 -0.73 -7.93
N MET I 81 75.28 0.16 -8.60
CA MET I 81 75.31 0.23 -10.07
C MET I 81 76.71 0.64 -10.52
N CYS I 82 77.48 -0.35 -10.97
CA CYS I 82 78.90 -0.16 -11.28
C CYS I 82 79.12 0.43 -12.67
N ARG I 83 80.10 1.32 -12.78
CA ARG I 83 80.50 1.92 -14.05
C ARG I 83 81.74 1.22 -14.62
N LYS I 84 82.08 1.57 -15.86
CA LYS I 84 83.27 1.01 -16.52
C LYS I 84 84.57 1.39 -15.83
N ASP I 85 84.70 2.67 -15.46
CA ASP I 85 85.92 3.19 -14.82
C ASP I 85 86.14 2.76 -13.35
N GLY I 86 85.16 2.09 -12.74
CA GLY I 86 85.28 1.57 -11.38
C GLY I 86 84.55 2.37 -10.32
N SER I 87 84.23 3.63 -10.63
CA SER I 87 83.52 4.52 -9.70
C SER I 87 82.04 4.14 -9.60
N THR I 88 81.40 4.58 -8.52
CA THR I 88 79.94 4.52 -8.38
C THR I 88 79.40 5.89 -7.96
N VAL I 89 78.13 6.11 -8.29
CA VAL I 89 77.41 7.33 -7.93
C VAL I 89 76.11 6.90 -7.27
N ALA I 90 75.69 7.65 -6.25
CA ALA I 90 74.51 7.31 -5.46
C ALA I 90 73.85 8.57 -4.92
N PHE I 91 72.79 9.01 -5.60
CA PHE I 91 72.10 10.25 -5.27
C PHE I 91 71.18 10.10 -4.06
N GLY I 92 70.74 11.24 -3.54
CA GLY I 92 69.86 11.27 -2.36
C GLY I 92 68.41 10.89 -2.63
N ASP I 93 68.00 10.94 -3.90
CA ASP I 93 66.65 10.53 -4.30
C ASP I 93 66.62 10.03 -5.74
N THR I 94 65.69 9.13 -6.02
CA THR I 94 65.43 8.68 -7.39
C THR I 94 64.58 9.75 -8.07
N ALA I 95 64.95 10.11 -9.29
CA ALA I 95 64.26 11.16 -10.04
C ALA I 95 64.09 10.78 -11.51
N CYS I 96 63.03 11.30 -12.11
CA CYS I 96 62.73 11.07 -13.53
C CYS I 96 62.40 12.36 -14.27
N VAL I 97 62.36 12.25 -15.60
CA VAL I 97 62.09 13.36 -16.50
C VAL I 97 61.01 12.91 -17.47
N LEU I 98 59.85 13.56 -17.43
CA LEU I 98 58.73 13.23 -18.33
C LEU I 98 59.07 13.49 -19.79
N ILE I 99 58.59 12.62 -20.66
CA ILE I 99 58.87 12.70 -22.10
C ILE I 99 57.60 12.51 -22.93
N ASN I 100 57.71 12.88 -24.21
CA ASN I 100 56.69 12.57 -25.20
C ASN I 100 56.69 11.06 -25.45
N LYS I 101 55.51 10.50 -25.69
CA LYS I 101 55.35 9.06 -25.84
C LYS I 101 55.95 8.56 -27.16
N ASN I 102 55.50 9.17 -28.25
CA ASN I 102 55.95 8.79 -29.60
C ASN I 102 57.32 9.35 -29.99
N THR I 103 57.58 10.60 -29.62
CA THR I 103 58.83 11.28 -30.00
C THR I 103 60.02 10.80 -29.17
N GLY I 104 59.84 10.80 -27.85
CA GLY I 104 60.91 10.45 -26.90
C GLY I 104 61.68 11.63 -26.34
N GLU I 105 61.44 12.83 -26.87
CA GLU I 105 62.08 14.05 -26.36
C GLU I 105 61.46 14.48 -25.02
N PRO I 106 62.18 15.32 -24.24
CA PRO I 106 61.63 15.79 -22.96
C PRO I 106 60.33 16.59 -23.10
N LEU I 107 59.42 16.36 -22.15
CA LEU I 107 58.11 17.00 -22.13
C LEU I 107 58.27 18.44 -21.64
N GLY I 108 58.93 18.59 -20.50
CA GLY I 108 59.27 19.90 -19.95
C GLY I 108 60.40 20.56 -20.72
N THR I 109 60.34 21.89 -20.81
CA THR I 109 61.33 22.68 -21.54
C THR I 109 62.66 22.85 -20.79
N ARG I 110 62.63 22.65 -19.47
CA ARG I 110 63.84 22.75 -18.64
C ARG I 110 63.77 21.87 -17.40
N ILE I 111 64.94 21.41 -16.94
CA ILE I 111 65.08 20.72 -15.66
C ILE I 111 65.30 21.78 -14.58
N MET I 112 64.83 21.49 -13.36
CA MET I 112 64.94 22.43 -12.25
C MET I 112 66.39 22.52 -11.80
N ALA I 113 66.92 23.74 -11.77
CA ALA I 113 68.30 23.99 -11.33
C ALA I 113 68.50 23.70 -9.83
N ASN I 114 67.41 23.78 -9.06
CA ASN I 114 67.43 23.44 -7.64
C ASN I 114 67.78 21.97 -7.37
N ASP I 115 67.31 21.08 -8.24
CA ASP I 115 67.62 19.65 -8.13
C ASP I 115 67.73 18.98 -9.51
N GLY I 116 68.62 19.55 -10.34
CA GLY I 116 68.88 19.05 -11.70
C GLY I 116 70.22 18.35 -11.80
N CYS I 117 70.42 17.35 -10.94
CA CYS I 117 71.63 16.53 -10.94
C CYS I 117 71.27 15.16 -11.51
N VAL I 118 72.01 14.72 -12.53
CA VAL I 118 71.74 13.46 -13.22
C VAL I 118 72.99 12.61 -13.36
N ASP I 119 72.78 11.33 -13.71
CA ASP I 119 73.88 10.39 -13.91
C ASP I 119 74.50 10.65 -15.29
N ARG I 120 75.81 10.43 -15.40
CA ARG I 120 76.51 10.51 -16.70
C ARG I 120 76.41 9.23 -17.54
N THR I 121 75.72 8.21 -17.03
CA THR I 121 75.32 7.04 -17.82
C THR I 121 74.26 7.42 -18.88
N LEU I 122 73.52 8.50 -18.63
CA LEU I 122 72.54 9.02 -19.60
C LEU I 122 73.17 9.40 -20.93
N LYS I 123 74.33 10.06 -20.86
CA LYS I 123 75.13 10.40 -22.05
C LYS I 123 75.51 9.15 -22.84
N ASP I 124 75.97 8.13 -22.14
CA ASP I 124 76.35 6.84 -22.74
C ASP I 124 75.17 6.18 -23.43
N LYS I 125 74.01 6.21 -22.77
CA LYS I 125 72.76 5.66 -23.31
C LYS I 125 72.36 6.36 -24.60
N GLY I 126 72.51 7.69 -24.60
CA GLY I 126 72.08 8.56 -25.71
C GLY I 126 70.92 9.48 -25.37
N TYR I 127 70.89 9.97 -24.14
CA TYR I 127 69.87 10.91 -23.68
C TYR I 127 70.57 12.27 -23.57
N ASN I 128 70.83 12.84 -24.74
CA ASN I 128 71.65 14.05 -24.87
C ASN I 128 70.90 15.32 -24.44
N LYS I 129 69.67 15.43 -24.92
CA LYS I 129 68.80 16.59 -24.65
C LYS I 129 68.57 16.75 -23.14
N ILE I 130 68.24 15.63 -22.49
CA ILE I 130 68.01 15.58 -21.04
C ILE I 130 69.24 16.05 -20.27
N CYS I 131 70.41 15.53 -20.66
CA CYS I 131 71.70 15.92 -20.07
C CYS I 131 71.98 17.41 -20.22
N SER I 132 71.68 17.94 -21.40
CA SER I 132 71.83 19.36 -21.69
C SER I 132 70.93 20.23 -20.80
N LEU I 133 69.68 19.78 -20.63
CA LEU I 133 68.75 20.45 -19.72
C LEU I 133 69.22 20.46 -18.28
N ALA I 134 69.78 19.33 -17.84
CA ALA I 134 70.24 19.16 -16.46
C ALA I 134 71.37 20.11 -16.09
N SER I 135 71.45 20.42 -14.80
CA SER I 135 72.41 21.39 -14.27
C SER I 135 73.82 20.81 -14.25
N ARG I 136 73.96 19.61 -13.67
CA ARG I 136 75.25 18.96 -13.49
C ARG I 136 75.14 17.45 -13.78
N VAL I 137 75.77 17.03 -14.87
CA VAL I 137 75.83 15.62 -15.25
C VAL I 137 76.98 14.97 -14.49
N ILE I 138 76.67 14.22 -13.45
CA ILE I 138 77.67 13.54 -12.62
C ILE I 138 77.90 12.13 -13.13
N VAL J 1 35.63 -115.67 23.82
CA VAL J 1 35.36 -114.30 24.34
C VAL J 1 33.85 -114.07 24.48
N SER J 2 33.46 -113.14 25.35
CA SER J 2 32.06 -112.75 25.50
C SER J 2 31.51 -112.14 24.22
N ILE J 3 30.23 -112.38 23.96
CA ILE J 3 29.53 -111.80 22.79
C ILE J 3 29.44 -110.27 22.87
N LEU J 4 29.50 -109.74 24.09
CA LEU J 4 29.31 -108.29 24.37
C LEU J 4 30.17 -107.33 23.55
N GLY J 5 31.32 -107.79 23.06
CA GLY J 5 32.17 -107.00 22.16
C GLY J 5 32.06 -107.36 20.69
N GLN J 6 30.91 -107.87 20.27
CA GLN J 6 30.68 -108.24 18.87
C GLN J 6 29.17 -108.32 18.57
N LEU J 7 28.46 -107.25 18.93
CA LEU J 7 27.03 -107.12 18.68
C LEU J 7 26.79 -105.95 17.74
N LYS J 8 25.99 -106.18 16.70
CA LYS J 8 25.61 -105.15 15.75
C LYS J 8 24.10 -104.99 15.73
N PRO J 9 23.61 -103.82 15.26
CA PRO J 9 22.18 -103.72 14.95
C PRO J 9 21.84 -104.51 13.67
N SER J 10 20.56 -104.82 13.50
CA SER J 10 20.08 -105.47 12.28
C SER J 10 20.28 -104.54 11.07
N ASP J 11 20.59 -105.13 9.92
CA ASP J 11 20.89 -104.36 8.71
C ASP J 11 19.66 -103.61 8.22
N GLY J 12 19.79 -102.29 8.09
CA GLY J 12 18.67 -101.40 7.76
C GLY J 12 18.11 -100.63 8.95
N SER J 13 18.53 -100.97 10.17
CA SER J 13 18.04 -100.31 11.38
C SER J 13 18.62 -98.91 11.51
N THR J 14 19.94 -98.81 11.63
CA THR J 14 20.63 -97.56 11.93
C THR J 14 21.03 -96.78 10.69
N LYS J 15 21.36 -95.52 10.91
CA LYS J 15 21.86 -94.60 9.88
C LYS J 15 22.88 -93.64 10.50
N SER J 16 23.68 -93.03 9.64
CA SER J 16 24.54 -91.91 10.03
C SER J 16 23.73 -90.62 9.89
N PHE J 17 23.70 -89.81 10.96
CA PHE J 17 22.97 -88.54 10.91
C PHE J 17 23.78 -87.52 10.07
N LYS J 18 23.06 -86.69 9.31
CA LYS J 18 23.71 -85.71 8.44
C LYS J 18 24.33 -84.61 9.29
N ARG J 19 25.66 -84.53 9.22
CA ARG J 19 26.47 -83.69 10.09
C ARG J 19 26.94 -82.48 9.30
N LEU J 20 26.47 -81.29 9.70
CA LEU J 20 26.67 -80.07 8.91
C LEU J 20 27.88 -79.29 9.37
N GLY J 21 28.27 -78.32 8.54
CA GLY J 21 29.28 -77.32 8.90
C GLY J 21 30.61 -77.91 9.30
N ARG J 22 31.10 -78.85 8.50
CA ARG J 22 32.28 -79.64 8.86
C ARG J 22 33.14 -80.03 7.65
N GLY J 23 33.41 -79.03 6.81
CA GLY J 23 34.34 -79.16 5.68
C GLY J 23 33.64 -79.27 4.33
N PRO J 24 34.32 -78.86 3.24
CA PRO J 24 33.70 -78.80 1.92
C PRO J 24 33.35 -80.15 1.30
N SER J 25 34.27 -81.12 1.36
CA SER J 25 34.08 -82.41 0.71
C SER J 25 33.04 -83.29 1.43
N SER J 26 32.75 -82.97 2.69
CA SER J 26 31.62 -83.57 3.42
C SER J 26 30.30 -83.47 2.65
N GLY J 27 30.10 -82.36 1.95
CA GLY J 27 28.88 -82.09 1.18
C GLY J 27 28.11 -80.97 1.85
N LEU J 28 27.93 -81.11 3.16
CA LEU J 28 27.27 -80.10 3.99
C LEU J 28 28.35 -79.19 4.58
N GLY J 29 28.94 -78.38 3.70
CA GLY J 29 30.09 -77.56 4.03
C GLY J 29 29.75 -76.28 4.75
N LYS J 30 30.26 -75.15 4.25
CA LYS J 30 30.15 -73.87 4.94
C LYS J 30 28.69 -73.44 5.21
N THR J 31 27.86 -73.42 4.17
CA THR J 31 26.47 -72.96 4.28
C THR J 31 25.60 -73.95 5.06
N SER J 32 26.04 -75.20 5.13
CA SER J 32 25.43 -76.24 5.98
C SER J 32 23.99 -76.56 5.57
N GLY J 33 23.75 -76.59 4.25
CA GLY J 33 22.42 -76.88 3.71
C GLY J 33 21.40 -75.74 3.74
N ARG J 34 21.79 -74.58 4.28
CA ARG J 34 20.86 -73.45 4.46
C ARG J 34 20.54 -72.71 3.17
N GLY J 35 21.41 -72.82 2.16
CA GLY J 35 21.25 -72.11 0.89
C GLY J 35 22.21 -70.94 0.86
N GLN J 36 21.68 -69.71 0.79
CA GLN J 36 22.52 -68.52 0.78
C GLN J 36 21.78 -67.22 1.18
N LYS J 37 22.08 -66.76 2.39
CA LYS J 37 21.92 -65.35 2.81
C LYS J 37 20.54 -64.83 3.24
N GLY J 38 19.47 -65.61 3.03
CA GLY J 38 18.11 -65.15 3.33
C GLY J 38 17.76 -65.11 4.82
N GLN J 39 16.46 -64.98 5.09
CA GLN J 39 15.91 -65.12 6.44
C GLN J 39 16.07 -66.56 6.95
N LYS J 40 15.81 -67.54 6.08
CA LYS J 40 15.97 -68.95 6.42
C LYS J 40 17.44 -69.36 6.61
N ALA J 41 18.34 -68.63 5.96
CA ALA J 41 19.79 -68.86 6.09
C ALA J 41 20.31 -68.64 7.51
N ARG J 42 19.88 -67.55 8.14
CA ARG J 42 20.32 -67.16 9.47
C ARG J 42 19.17 -66.54 10.27
N GLY J 43 18.32 -67.42 10.80
CA GLY J 43 17.14 -67.02 11.54
C GLY J 43 16.04 -68.05 11.44
N LYS J 44 14.80 -67.62 11.66
CA LYS J 44 13.64 -68.50 11.60
C LYS J 44 12.40 -67.79 11.06
N VAL J 45 11.98 -68.20 9.85
CA VAL J 45 10.62 -67.94 9.40
C VAL J 45 9.83 -69.23 9.63
N LYS J 46 8.54 -69.09 9.90
CA LYS J 46 7.68 -70.23 10.16
C LYS J 46 7.46 -71.05 8.89
N SER J 47 7.29 -72.36 9.05
CA SER J 47 7.09 -73.28 7.92
C SER J 47 5.89 -72.92 7.07
N TRP J 48 4.76 -72.65 7.72
CA TRP J 48 3.51 -72.32 7.03
C TRP J 48 3.25 -70.81 6.84
N PHE J 49 4.28 -69.98 7.01
CA PHE J 49 4.15 -68.55 6.71
C PHE J 49 4.09 -68.36 5.20
N GLU J 50 2.93 -67.90 4.73
CA GLU J 50 2.62 -67.84 3.30
C GLU J 50 3.09 -66.55 2.60
N GLY J 51 3.81 -65.69 3.33
CA GLY J 51 4.47 -64.51 2.74
C GLY J 51 3.81 -63.17 3.03
N GLY J 52 2.50 -63.20 3.30
CA GLY J 52 1.70 -61.97 3.42
C GLY J 52 0.38 -62.07 2.68
N GLN J 53 0.31 -62.96 1.69
CA GLN J 53 -0.97 -63.39 1.10
C GLN J 53 -1.88 -63.95 2.20
N THR J 54 -3.19 -63.83 2.00
CA THR J 54 -4.16 -64.42 2.93
C THR J 54 -3.95 -65.93 2.97
N PRO J 55 -3.59 -66.47 4.16
CA PRO J 55 -3.19 -67.87 4.20
C PRO J 55 -4.33 -68.88 4.01
N ILE J 56 -3.96 -70.15 3.86
CA ILE J 56 -4.92 -71.25 3.75
C ILE J 56 -5.65 -71.61 5.07
N TYR J 57 -5.38 -70.86 6.14
CA TYR J 57 -6.12 -70.94 7.39
C TYR J 57 -6.78 -69.57 7.67
N LYS J 58 -7.32 -68.97 6.60
CA LYS J 58 -7.93 -67.63 6.68
C LYS J 58 -8.86 -67.34 5.49
N LEU J 59 -8.40 -67.63 4.27
CA LEU J 59 -9.27 -67.51 3.08
C LEU J 59 -10.64 -68.18 3.26
N PHE J 60 -10.64 -69.37 3.84
CA PHE J 60 -11.83 -70.23 3.83
C PHE J 60 -12.66 -69.98 5.08
N PRO J 61 -14.00 -70.14 4.97
CA PRO J 61 -14.85 -69.88 6.12
C PRO J 61 -14.79 -71.03 7.11
N LYS J 62 -15.01 -70.75 8.38
CA LYS J 62 -14.99 -71.79 9.41
C LYS J 62 -16.31 -72.56 9.38
N ILE J 63 -16.20 -73.89 9.45
CA ILE J 63 -17.33 -74.78 9.18
C ILE J 63 -17.66 -75.68 10.37
N GLY J 64 -18.96 -75.82 10.62
CA GLY J 64 -19.48 -76.77 11.60
C GLY J 64 -19.23 -76.42 13.05
N PHE J 65 -19.67 -77.33 13.91
CA PHE J 65 -19.55 -77.21 15.36
C PHE J 65 -19.15 -78.56 15.94
N THR J 66 -18.57 -78.53 17.13
CA THR J 66 -18.20 -79.74 17.85
C THR J 66 -19.34 -80.12 18.79
N ASN J 67 -20.06 -81.20 18.46
CA ASN J 67 -21.10 -81.70 19.35
C ASN J 67 -20.46 -82.34 20.58
N VAL J 68 -20.39 -81.57 21.66
CA VAL J 68 -19.87 -82.06 22.94
C VAL J 68 -20.76 -83.12 23.60
N GLY J 69 -22.06 -83.06 23.32
CA GLY J 69 -23.01 -84.07 23.76
C GLY J 69 -22.87 -85.42 23.07
N ALA J 70 -22.13 -85.45 21.95
CA ALA J 70 -21.85 -86.70 21.23
C ALA J 70 -21.07 -87.68 22.09
N LYS J 71 -21.36 -88.96 21.89
CA LYS J 71 -20.73 -90.06 22.60
C LYS J 71 -20.54 -91.20 21.59
N PRO J 72 -19.39 -91.20 20.88
CA PRO J 72 -19.20 -92.16 19.77
C PRO J 72 -19.04 -93.60 20.24
N LEU J 73 -19.94 -94.46 19.77
CA LEU J 73 -19.87 -95.90 20.06
C LEU J 73 -18.77 -96.55 19.22
N LYS J 74 -18.15 -97.57 19.79
CA LYS J 74 -17.20 -98.42 19.06
C LYS J 74 -17.99 -99.42 18.22
N GLU J 75 -17.68 -99.53 16.93
CA GLU J 75 -18.42 -100.42 16.04
C GLU J 75 -17.87 -101.85 15.99
N LEU J 76 -18.77 -102.82 16.17
CA LEU J 76 -18.43 -104.24 16.11
C LEU J 76 -19.27 -104.86 15.00
N ASN J 77 -18.62 -105.41 13.98
CA ASN J 77 -19.34 -106.05 12.87
C ASN J 77 -19.68 -107.50 13.20
N LEU J 78 -20.82 -107.98 12.68
CA LEU J 78 -21.24 -109.38 12.82
C LEU J 78 -20.18 -110.37 12.31
N LYS J 79 -19.50 -109.95 11.25
CA LYS J 79 -18.42 -110.71 10.62
C LYS J 79 -17.34 -111.13 11.61
N ARG J 80 -16.91 -110.18 12.45
CA ARG J 80 -15.86 -110.42 13.44
C ARG J 80 -16.31 -111.44 14.48
N ILE J 81 -17.58 -111.35 14.88
CA ILE J 81 -18.18 -112.29 15.84
C ILE J 81 -18.19 -113.69 15.24
N GLN J 82 -18.60 -113.79 13.98
CA GLN J 82 -18.63 -115.05 13.24
C GLN J 82 -17.25 -115.69 13.15
N TRP J 83 -16.27 -114.87 12.78
CA TRP J 83 -14.86 -115.27 12.71
C TRP J 83 -14.36 -115.82 14.05
N PHE J 84 -14.71 -115.12 15.12
CA PHE J 84 -14.37 -115.53 16.51
C PHE J 84 -14.96 -116.90 16.83
N HIS J 85 -16.23 -117.08 16.48
CA HIS J 85 -16.95 -118.33 16.66
C HIS J 85 -16.31 -119.48 15.91
N ASP J 86 -15.94 -119.23 14.65
CA ASP J 86 -15.23 -120.21 13.81
C ASP J 86 -13.91 -120.63 14.44
N LYS J 87 -13.18 -119.65 14.98
CA LYS J 87 -11.89 -119.87 15.64
C LYS J 87 -12.00 -120.58 17.01
N ASN J 88 -13.22 -120.70 17.53
CA ASN J 88 -13.51 -121.30 18.84
C ASN J 88 -12.92 -120.45 19.98
N ARG J 89 -13.02 -119.12 19.80
CA ARG J 89 -12.70 -118.14 20.84
C ARG J 89 -13.94 -117.55 21.50
N LEU J 90 -15.12 -117.77 20.91
CA LEU J 90 -16.37 -117.18 21.39
C LEU J 90 -16.99 -118.07 22.47
N HIS J 91 -16.36 -118.06 23.64
CA HIS J 91 -16.72 -118.95 24.75
C HIS J 91 -17.97 -118.44 25.47
N LEU J 92 -19.09 -119.11 25.24
CA LEU J 92 -20.37 -118.77 25.87
C LEU J 92 -21.10 -120.02 26.33
N GLN J 93 -21.52 -120.02 27.60
CA GLN J 93 -22.36 -121.09 28.15
C GLN J 93 -23.79 -120.87 27.65
N PRO J 94 -24.61 -121.94 27.59
CA PRO J 94 -25.98 -121.79 27.05
C PRO J 94 -26.89 -120.98 27.97
N GLY J 95 -27.46 -119.91 27.42
CA GLY J 95 -28.28 -118.95 28.19
C GLY J 95 -27.57 -117.62 28.42
N GLU J 96 -26.26 -117.67 28.67
CA GLU J 96 -25.43 -116.49 28.84
C GLU J 96 -25.38 -115.66 27.55
N VAL J 97 -25.75 -114.38 27.66
CA VAL J 97 -25.77 -113.47 26.51
C VAL J 97 -24.39 -112.86 26.27
N LEU J 98 -24.10 -112.55 25.01
CA LEU J 98 -22.86 -111.89 24.63
C LEU J 98 -23.02 -110.38 24.81
N ASP J 99 -22.81 -109.92 26.05
CA ASP J 99 -22.96 -108.51 26.41
C ASP J 99 -21.65 -107.76 26.14
N MET J 100 -21.65 -106.45 26.34
CA MET J 100 -20.49 -105.59 26.02
C MET J 100 -19.27 -105.94 26.88
N ASN J 101 -19.52 -106.21 28.15
CA ASN J 101 -18.52 -106.77 29.09
C ASN J 101 -17.96 -108.09 28.57
N LYS J 102 -18.87 -108.97 28.16
CA LYS J 102 -18.51 -110.29 27.63
C LYS J 102 -17.65 -110.17 26.37
N MET J 103 -18.04 -109.27 25.48
CA MET J 103 -17.26 -108.95 24.27
C MET J 103 -15.84 -108.52 24.61
N ARG J 104 -15.73 -107.60 25.56
CA ARG J 104 -14.43 -107.10 26.03
C ARG J 104 -13.55 -108.23 26.58
N LYS J 105 -14.17 -109.07 27.41
CA LYS J 105 -13.50 -110.24 28.00
C LYS J 105 -12.91 -111.15 26.92
N LEU J 106 -13.73 -111.42 25.91
CA LEU J 106 -13.36 -112.32 24.82
C LEU J 106 -12.26 -111.72 23.94
N GLY J 107 -12.29 -110.40 23.78
CA GLY J 107 -11.41 -109.70 22.84
C GLY J 107 -12.08 -109.42 21.50
N LEU J 108 -13.41 -109.44 21.47
CA LEU J 108 -14.17 -109.03 20.29
C LEU J 108 -13.98 -107.54 20.09
N VAL J 109 -14.32 -106.78 21.12
CA VAL J 109 -13.97 -105.36 21.20
C VAL J 109 -12.72 -105.27 22.07
N THR J 110 -11.84 -104.35 21.71
CA THR J 110 -10.53 -104.24 22.33
C THR J 110 -10.08 -102.78 22.29
N GLY J 111 -9.35 -102.36 23.31
CA GLY J 111 -9.13 -100.95 23.60
C GLY J 111 -10.26 -100.44 24.48
N PRO J 112 -10.24 -99.15 24.83
CA PRO J 112 -11.21 -98.59 25.78
C PRO J 112 -12.60 -98.35 25.18
N ILE J 113 -13.61 -99.01 25.75
CA ILE J 113 -15.01 -98.77 25.41
C ILE J 113 -15.52 -97.66 26.35
N LYS J 114 -15.50 -96.43 25.84
CA LYS J 114 -15.84 -95.25 26.64
C LYS J 114 -17.35 -95.03 26.76
N TYR J 115 -18.03 -95.08 25.61
CA TYR J 115 -19.45 -94.74 25.49
C TYR J 115 -20.38 -95.90 25.14
N GLY J 116 -19.89 -96.87 24.38
CA GLY J 116 -20.63 -98.09 24.10
C GLY J 116 -20.19 -98.78 22.83
N VAL J 117 -20.95 -99.81 22.45
CA VAL J 117 -20.73 -100.55 21.21
C VAL J 117 -21.97 -100.51 20.33
N LYS J 118 -21.76 -100.25 19.03
CA LYS J 118 -22.80 -100.45 18.02
C LYS J 118 -22.47 -101.70 17.20
N ILE J 119 -23.47 -102.56 16.99
CA ILE J 119 -23.30 -103.77 16.17
C ILE J 119 -23.71 -103.52 14.72
N LEU J 120 -22.72 -103.51 13.82
CA LEU J 120 -22.93 -103.31 12.39
C LEU J 120 -22.92 -104.64 11.62
N ALA J 121 -23.22 -104.60 10.33
CA ALA J 121 -23.62 -105.79 9.55
C ALA J 121 -22.69 -106.17 8.39
N SER J 122 -21.38 -106.01 8.56
CA SER J 122 -20.44 -106.22 7.44
C SER J 122 -20.24 -107.68 7.00
N GLY J 123 -20.68 -108.64 7.81
CA GLY J 123 -20.71 -110.06 7.41
C GLY J 123 -22.04 -110.70 7.73
N LYS J 124 -23.12 -110.03 7.33
CA LYS J 124 -24.48 -110.49 7.61
C LYS J 124 -24.91 -111.75 6.84
N PHE J 125 -24.26 -112.01 5.70
CA PHE J 125 -24.54 -113.21 4.89
C PHE J 125 -24.14 -114.49 5.61
N HIS J 126 -22.86 -114.53 6.03
CA HIS J 126 -22.29 -115.72 6.66
C HIS J 126 -22.51 -115.78 8.18
N TYR J 127 -23.18 -114.78 8.75
CA TYR J 127 -23.59 -114.83 10.15
C TYR J 127 -24.69 -115.88 10.33
N ASN J 128 -24.47 -116.82 11.25
CA ASN J 128 -25.44 -117.88 11.53
C ASN J 128 -25.54 -118.27 13.01
N LEU J 129 -25.24 -117.32 13.90
CA LEU J 129 -25.16 -117.59 15.34
C LEU J 129 -26.51 -117.35 16.02
N PRO J 130 -27.05 -118.38 16.72
CA PRO J 130 -28.30 -118.23 17.46
C PRO J 130 -28.15 -117.62 18.87
N ILE J 131 -26.94 -117.26 19.27
CA ILE J 131 -26.71 -116.55 20.54
C ILE J 131 -27.39 -115.18 20.59
N ALA J 132 -27.69 -114.73 21.81
CA ALA J 132 -28.33 -113.44 22.04
C ALA J 132 -27.27 -112.37 22.28
N LEU J 133 -27.43 -111.23 21.61
CA LEU J 133 -26.51 -110.09 21.73
C LEU J 133 -27.13 -108.96 22.55
N GLU J 134 -26.27 -108.07 23.06
CA GLU J 134 -26.71 -106.89 23.81
C GLU J 134 -25.63 -105.83 23.73
N ALA J 135 -25.97 -104.66 23.18
CA ALA J 135 -25.03 -103.57 22.97
C ALA J 135 -25.73 -102.22 23.15
N SER J 136 -25.03 -101.13 22.88
CA SER J 136 -25.63 -99.79 22.94
C SER J 136 -26.71 -99.66 21.87
N ARG J 137 -26.40 -100.11 20.66
CA ARG J 137 -27.38 -100.25 19.58
C ARG J 137 -26.86 -101.16 18.46
N ALA J 138 -27.70 -101.40 17.46
CA ALA J 138 -27.30 -102.18 16.30
C ALA J 138 -27.87 -101.58 15.02
N SER J 139 -27.21 -101.86 13.91
CA SER J 139 -27.72 -101.49 12.60
C SER J 139 -28.96 -102.33 12.29
N ALA J 140 -29.89 -101.75 11.53
CA ALA J 140 -31.15 -102.43 11.19
C ALA J 140 -30.91 -103.73 10.43
N LYS J 141 -29.97 -103.68 9.48
CA LYS J 141 -29.56 -104.86 8.72
C LYS J 141 -28.92 -105.93 9.61
N ALA J 142 -28.07 -105.48 10.54
CA ALA J 142 -27.41 -106.36 11.51
C ALA J 142 -28.44 -107.08 12.38
N ILE J 143 -29.40 -106.31 12.88
CA ILE J 143 -30.53 -106.84 13.67
C ILE J 143 -31.29 -107.91 12.89
N ALA J 144 -31.62 -107.60 11.63
CA ALA J 144 -32.32 -108.54 10.75
C ALA J 144 -31.56 -109.85 10.55
N ALA J 145 -30.25 -109.72 10.37
CA ALA J 145 -29.35 -110.88 10.24
C ALA J 145 -29.32 -111.74 11.51
N ILE J 146 -29.28 -111.07 12.66
CA ILE J 146 -29.33 -111.74 13.98
C ILE J 146 -30.64 -112.51 14.16
N GLU J 147 -31.75 -111.86 13.82
CA GLU J 147 -33.09 -112.48 13.86
C GLU J 147 -33.17 -113.72 12.97
N LYS J 148 -32.62 -113.59 11.76
CA LYS J 148 -32.57 -114.69 10.78
C LYS J 148 -31.78 -115.89 11.31
N ALA J 149 -30.66 -115.60 11.96
CA ALA J 149 -29.80 -116.61 12.59
C ALA J 149 -30.49 -117.38 13.73
N GLY J 150 -31.58 -116.84 14.26
CA GLY J 150 -32.26 -117.37 15.44
C GLY J 150 -31.71 -116.75 16.72
N GLY J 151 -31.19 -115.53 16.60
CA GLY J 151 -30.61 -114.80 17.72
C GLY J 151 -31.62 -113.86 18.36
N LYS J 152 -31.11 -112.92 19.16
CA LYS J 152 -31.96 -111.98 19.89
C LYS J 152 -31.13 -110.78 20.38
N PHE J 153 -31.35 -109.63 19.75
CA PHE J 153 -30.66 -108.39 20.11
C PHE J 153 -31.49 -107.54 21.07
N THR J 154 -30.80 -106.76 21.90
CA THR J 154 -31.42 -105.76 22.78
C THR J 154 -30.50 -104.55 22.91
N ALA J 155 -30.95 -103.39 22.44
CA ALA J 155 -30.22 -102.13 22.63
C ALA J 155 -30.41 -101.67 24.07
N ARG J 156 -29.29 -101.55 24.80
CA ARG J 156 -29.31 -101.30 26.24
C ARG J 156 -28.64 -99.96 26.55
N TYR J 157 -29.27 -99.15 27.40
CA TYR J 157 -28.75 -97.84 27.78
C TYR J 157 -27.67 -98.00 28.83
N TYR J 158 -26.59 -97.23 28.68
CA TYR J 158 -25.51 -97.20 29.65
C TYR J 158 -24.92 -95.79 29.71
N THR J 159 -25.05 -95.13 30.86
CA THR J 159 -24.29 -93.92 31.16
C THR J 159 -22.82 -94.32 31.30
N PRO J 160 -21.88 -93.36 31.17
CA PRO J 160 -20.46 -93.75 31.17
C PRO J 160 -20.02 -94.53 32.41
N LEU J 161 -20.50 -94.10 33.58
CA LEU J 161 -20.24 -94.82 34.83
C LEU J 161 -20.89 -96.20 34.84
N GLY J 162 -22.15 -96.25 34.42
CA GLY J 162 -22.90 -97.50 34.32
C GLY J 162 -22.27 -98.49 33.36
N LEU J 163 -21.77 -97.98 32.25
CA LEU J 163 -21.02 -98.79 31.28
C LEU J 163 -19.75 -99.37 31.89
N ARG J 164 -19.00 -98.50 32.56
CA ARG J 164 -17.78 -98.89 33.26
C ARG J 164 -18.02 -99.99 34.29
N ALA J 165 -19.09 -99.83 35.08
CA ALA J 165 -19.53 -100.83 36.06
C ALA J 165 -19.85 -102.17 35.41
N HIS J 166 -20.56 -102.10 34.30
CA HIS J 166 -20.91 -103.28 33.49
C HIS J 166 -19.67 -104.02 33.02
N LEU J 167 -18.70 -103.26 32.48
CA LEU J 167 -17.46 -103.82 31.97
C LEU J 167 -16.59 -104.46 33.05
N ASN J 168 -16.49 -103.80 34.21
CA ASN J 168 -15.58 -104.22 35.28
C ASN J 168 -16.29 -104.12 36.64
N PRO J 169 -17.24 -105.04 36.92
CA PRO J 169 -17.99 -105.02 38.18
C PRO J 169 -17.16 -105.39 39.40
N GLN J 170 -16.16 -106.26 39.21
CA GLN J 170 -15.27 -106.70 40.30
C GLN J 170 -14.46 -105.56 40.92
N TRP J 171 -14.02 -104.61 40.09
CA TRP J 171 -13.28 -103.43 40.56
C TRP J 171 -14.08 -102.64 41.60
N PHE J 172 -15.34 -102.36 41.27
CA PHE J 172 -16.25 -101.64 42.16
C PHE J 172 -16.48 -102.36 43.48
N LEU J 173 -16.61 -103.68 43.39
CA LEU J 173 -16.76 -104.55 44.55
C LEU J 173 -15.53 -104.49 45.46
N GLU J 174 -14.35 -104.55 44.84
CA GLU J 174 -13.07 -104.44 45.54
C GLU J 174 -12.93 -103.11 46.29
N LYS J 175 -13.27 -102.02 45.60
CA LYS J 175 -13.14 -100.69 46.15
C LYS J 175 -14.16 -100.41 47.26
N ARG J 176 -15.43 -100.68 46.95
CA ARG J 176 -16.56 -100.18 47.74
C ARG J 176 -17.49 -101.24 48.33
N GLY J 177 -17.22 -102.52 48.08
CA GLY J 177 -18.10 -103.61 48.50
C GLY J 177 -19.49 -103.63 47.87
N ARG J 178 -19.63 -102.98 46.71
CA ARG J 178 -20.96 -102.79 46.11
C ARG J 178 -20.81 -102.23 44.68
N VAL J 179 -21.35 -102.93 43.70
CA VAL J 179 -21.41 -102.43 42.31
C VAL J 179 -22.51 -101.37 42.21
N PRO J 180 -22.28 -100.25 41.48
CA PRO J 180 -23.30 -99.21 41.41
C PRO J 180 -24.52 -99.62 40.58
N LEU J 181 -25.67 -99.03 40.90
CA LEU J 181 -26.91 -99.31 40.17
C LEU J 181 -26.88 -98.67 38.79
N GLN J 182 -27.59 -99.29 37.86
CA GLN J 182 -27.63 -98.81 36.47
C GLN J 182 -28.66 -97.69 36.38
N ALA J 183 -28.22 -96.56 35.81
CA ALA J 183 -29.05 -95.36 35.72
C ALA J 183 -30.20 -95.50 34.73
N ARG J 184 -31.23 -94.68 34.92
CA ARG J 184 -32.30 -94.51 33.94
C ARG J 184 -31.85 -93.50 32.90
N PRO J 185 -32.43 -93.56 31.68
CA PRO J 185 -32.20 -92.49 30.72
C PRO J 185 -32.95 -91.22 31.12
N THR J 186 -32.18 -90.19 31.45
CA THR J 186 -32.71 -88.89 31.85
C THR J 186 -33.06 -88.05 30.61
N LYS J 187 -32.16 -88.08 29.63
CA LYS J 187 -32.34 -87.35 28.37
C LYS J 187 -33.58 -87.80 27.60
N ARG J 188 -34.15 -86.87 26.85
CA ARG J 188 -35.35 -87.09 26.05
C ARG J 188 -35.05 -87.98 24.84
N ARG J 189 -34.01 -87.59 24.11
CA ARG J 189 -33.52 -88.34 22.94
C ARG J 189 -33.22 -89.82 23.25
N ASP J 190 -32.58 -90.05 24.39
CA ASP J 190 -32.24 -91.41 24.84
C ASP J 190 -33.51 -92.20 25.10
N ILE J 191 -34.42 -91.60 25.88
CA ILE J 191 -35.72 -92.21 26.18
C ILE J 191 -36.47 -92.60 24.90
N ASP J 192 -36.50 -91.68 23.93
CA ASP J 192 -37.14 -91.90 22.63
C ASP J 192 -36.53 -93.09 21.89
N PHE J 193 -35.19 -93.16 21.91
CA PHE J 193 -34.47 -94.20 21.19
C PHE J 193 -34.77 -95.59 21.74
N TYR J 194 -34.67 -95.74 23.06
CA TYR J 194 -34.93 -97.03 23.70
C TYR J 194 -36.42 -97.39 23.80
N SER J 195 -37.30 -96.40 23.61
CA SER J 195 -38.73 -96.65 23.47
C SER J 195 -39.14 -97.17 22.07
N LYS J 196 -38.22 -97.19 21.11
CA LYS J 196 -38.50 -97.71 19.77
C LYS J 196 -38.37 -99.24 19.72
N GLU J 197 -39.41 -99.89 19.22
CA GLU J 197 -39.40 -101.35 18.96
C GLU J 197 -38.52 -101.70 17.76
N GLU J 198 -38.45 -100.80 16.78
CA GLU J 198 -37.58 -100.98 15.59
C GLU J 198 -36.09 -101.03 15.94
N LYS J 199 -35.68 -100.28 16.96
CA LYS J 199 -34.29 -100.29 17.44
C LYS J 199 -33.98 -101.45 18.39
N ARG J 200 -35.03 -102.19 18.80
CA ARG J 200 -34.96 -103.21 19.85
C ARG J 200 -34.43 -102.64 21.16
N GLY J 201 -34.96 -101.47 21.52
CA GLY J 201 -34.59 -100.80 22.75
C GLY J 201 -35.12 -101.54 23.97
N TYR J 202 -34.33 -101.54 25.04
CA TYR J 202 -34.65 -102.30 26.25
C TYR J 202 -35.92 -101.84 26.99
N LEU J 203 -36.26 -100.54 26.89
CA LEU J 203 -37.43 -100.00 27.60
C LEU J 203 -38.76 -100.59 27.12
N VAL J 204 -38.86 -100.86 25.81
CA VAL J 204 -40.06 -101.46 25.22
C VAL J 204 -39.97 -102.99 25.29
N MET J 205 -38.81 -103.54 24.94
CA MET J 205 -38.61 -104.99 24.87
C MET J 205 -38.75 -105.69 26.23
N GLU J 206 -38.21 -105.07 27.28
CA GLU J 206 -38.36 -105.57 28.66
C GLU J 206 -39.59 -105.02 29.38
N LYS J 207 -40.28 -104.05 28.77
CA LYS J 207 -41.45 -103.38 29.33
C LYS J 207 -41.10 -102.70 30.66
N ASP J 208 -40.32 -101.63 30.56
CA ASP J 208 -39.74 -100.97 31.73
C ASP J 208 -40.75 -100.11 32.51
N LYS J 209 -40.38 -99.82 33.75
CA LYS J 209 -41.18 -99.06 34.69
C LYS J 209 -41.20 -97.57 34.35
N LEU J 210 -40.05 -97.05 33.92
CA LEU J 210 -39.89 -95.64 33.54
C LEU J 210 -40.87 -95.21 32.45
N LEU J 211 -40.98 -96.03 31.41
CA LEU J 211 -41.88 -95.79 30.28
C LEU J 211 -43.34 -95.73 30.73
N GLN J 212 -43.71 -96.67 31.60
CA GLN J 212 -45.05 -96.73 32.20
C GLN J 212 -45.36 -95.47 33.03
N ASP J 213 -44.37 -95.04 33.82
CA ASP J 213 -44.47 -93.84 34.66
C ASP J 213 -44.69 -92.59 33.80
N ILE J 214 -43.95 -92.50 32.71
CA ILE J 214 -44.08 -91.42 31.73
C ILE J 214 -45.48 -91.38 31.12
N LYS J 215 -45.96 -92.55 30.71
CA LYS J 215 -47.33 -92.71 30.17
C LYS J 215 -48.42 -92.26 31.15
N GLU J 216 -48.23 -92.64 32.42
CA GLU J 216 -49.13 -92.24 33.51
C GLU J 216 -49.15 -90.72 33.69
N ALA J 217 -47.96 -90.12 33.65
CA ALA J 217 -47.80 -88.66 33.76
C ALA J 217 -48.50 -87.93 32.61
N GLN J 218 -48.30 -88.44 31.40
CA GLN J 218 -48.96 -87.93 30.18
C GLN J 218 -50.48 -87.97 30.29
N ASN J 219 -50.99 -89.12 30.73
CA ASN J 219 -52.43 -89.29 31.00
C ASN J 219 -52.96 -88.27 31.99
N LYS J 220 -52.22 -88.08 33.07
CA LYS J 220 -52.61 -87.16 34.15
C LYS J 220 -52.11 -85.75 33.84
N LYS K 1 1.37 -31.50 -52.80
CA LYS K 1 0.80 -30.52 -51.82
C LYS K 1 0.94 -30.98 -50.37
N HIS K 2 0.44 -32.18 -50.10
CA HIS K 2 0.41 -32.77 -48.75
C HIS K 2 1.39 -33.95 -48.57
N GLU K 3 2.31 -34.13 -49.52
CA GLU K 3 3.28 -35.23 -49.47
C GLU K 3 4.25 -35.18 -48.28
N TYR K 4 4.60 -33.97 -47.84
CA TYR K 4 5.51 -33.76 -46.71
C TYR K 4 4.79 -33.51 -45.37
N ALA K 5 3.47 -33.46 -45.39
CA ALA K 5 2.66 -33.30 -44.19
C ALA K 5 1.29 -33.94 -44.40
N PRO K 6 1.19 -35.27 -44.20
CA PRO K 6 -0.09 -35.98 -44.26
C PRO K 6 -1.12 -35.43 -43.29
N ARG K 7 -2.39 -35.52 -43.67
CA ARG K 7 -3.50 -34.99 -42.88
C ARG K 7 -4.35 -36.17 -42.42
N PHE K 8 -3.72 -36.98 -41.57
CA PHE K 8 -4.42 -38.02 -40.81
C PHE K 8 -5.30 -37.29 -39.80
N LYS K 9 -6.60 -37.60 -39.81
CA LYS K 9 -7.55 -36.96 -38.90
C LYS K 9 -7.18 -37.24 -37.45
N ILE K 10 -7.03 -38.53 -37.14
CA ILE K 10 -6.64 -38.99 -35.82
C ILE K 10 -5.10 -39.09 -35.81
N VAL K 11 -4.45 -37.97 -35.46
CA VAL K 11 -2.99 -37.94 -35.37
C VAL K 11 -2.54 -38.76 -34.15
N GLN K 12 -1.50 -39.57 -34.34
CA GLN K 12 -1.06 -40.52 -33.30
C GLN K 12 0.42 -40.87 -33.43
N LYS K 13 1.01 -41.22 -32.29
CA LYS K 13 2.42 -41.60 -32.21
C LYS K 13 2.61 -42.97 -32.85
N LYS K 14 3.82 -43.22 -33.35
CA LYS K 14 4.13 -44.46 -34.04
C LYS K 14 5.42 -45.10 -33.54
N GLN K 15 5.46 -46.43 -33.57
CA GLN K 15 6.67 -47.19 -33.27
C GLN K 15 7.71 -46.96 -34.35
N LYS K 16 8.95 -47.30 -34.02
CA LYS K 16 10.08 -47.00 -34.88
C LYS K 16 10.05 -47.83 -36.16
N GLY K 17 9.86 -49.13 -36.02
CA GLY K 17 9.88 -50.06 -37.13
C GLY K 17 11.25 -50.17 -37.77
N ARG K 18 11.30 -50.81 -38.94
CA ARG K 18 12.53 -50.92 -39.74
C ARG K 18 12.26 -50.65 -41.21
N VAL K 19 13.29 -50.20 -41.93
CA VAL K 19 13.18 -49.93 -43.36
C VAL K 19 13.15 -51.28 -44.07
N PRO K 20 12.12 -51.52 -44.91
CA PRO K 20 11.97 -52.84 -45.53
C PRO K 20 13.05 -53.16 -46.57
N VAL K 21 13.92 -54.11 -46.23
CA VAL K 21 14.82 -54.73 -47.22
C VAL K 21 13.97 -55.72 -48.03
N ARG K 22 13.73 -55.40 -49.30
CA ARG K 22 12.72 -56.10 -50.09
C ARG K 22 13.34 -57.36 -50.69
N THR K 23 13.42 -58.38 -49.85
CA THR K 23 14.06 -59.66 -50.13
C THR K 23 13.40 -60.43 -51.29
N GLY K 24 12.09 -60.27 -51.43
CA GLY K 24 11.32 -60.91 -52.51
C GLY K 24 11.44 -60.31 -53.91
N GLY K 25 12.11 -59.16 -54.05
CA GLY K 25 12.30 -58.53 -55.36
C GLY K 25 11.04 -57.78 -55.78
N SER K 26 10.79 -56.67 -55.10
CA SER K 26 9.52 -55.95 -55.19
C SER K 26 9.35 -55.10 -56.44
N ILE K 27 10.37 -54.29 -56.75
CA ILE K 27 10.35 -53.26 -57.82
C ILE K 27 9.13 -52.30 -57.82
N LYS K 28 8.54 -52.07 -56.65
CA LYS K 28 7.36 -51.22 -56.53
C LYS K 28 7.80 -49.83 -56.11
N GLY K 29 7.54 -48.85 -56.97
CA GLY K 29 8.08 -47.50 -56.81
C GLY K 29 9.55 -47.42 -57.18
N SER K 30 10.02 -48.39 -57.97
CA SER K 30 11.40 -48.49 -58.42
C SER K 30 11.46 -48.38 -59.96
N THR K 31 10.52 -47.66 -60.53
CA THR K 31 10.34 -47.56 -61.99
C THR K 31 9.84 -46.17 -62.37
N LEU K 32 10.29 -45.67 -63.51
CA LEU K 32 9.87 -44.35 -64.01
C LEU K 32 8.46 -44.46 -64.56
N GLN K 33 7.54 -43.75 -63.92
CA GLN K 33 6.11 -43.80 -64.27
C GLN K 33 5.58 -42.51 -64.91
N PHE K 34 5.94 -41.37 -64.31
CA PHE K 34 5.39 -40.07 -64.71
C PHE K 34 6.28 -39.28 -65.66
N GLY K 35 7.59 -39.32 -65.43
CA GLY K 35 8.55 -38.45 -66.12
C GLY K 35 9.49 -39.18 -67.06
N LYS K 36 10.50 -38.44 -67.52
CA LYS K 36 11.50 -38.92 -68.46
C LYS K 36 12.78 -39.32 -67.72
N TYR K 37 13.25 -38.44 -66.84
CA TYR K 37 14.44 -38.68 -66.03
C TYR K 37 14.02 -38.72 -64.57
N GLY K 38 14.74 -39.49 -63.76
CA GLY K 38 14.46 -39.61 -62.34
C GLY K 38 15.71 -39.76 -61.49
N LEU K 39 15.50 -39.74 -60.17
CA LEU K 39 16.55 -39.92 -59.18
C LEU K 39 16.16 -41.07 -58.27
N ARG K 40 16.95 -42.15 -58.30
CA ARG K 40 16.69 -43.32 -57.45
C ARG K 40 17.75 -43.48 -56.37
N LEU K 41 17.38 -44.13 -55.28
CA LEU K 41 18.34 -44.53 -54.26
C LEU K 41 19.19 -45.66 -54.82
N LYS K 42 20.48 -45.64 -54.48
CA LYS K 42 21.45 -46.65 -54.91
C LYS K 42 22.01 -47.47 -53.74
N SER K 43 21.99 -46.88 -52.54
CA SER K 43 22.61 -47.46 -51.36
C SER K 43 21.67 -48.42 -50.63
N GLU K 44 21.97 -48.69 -49.36
CA GLU K 44 21.13 -49.51 -48.49
C GLU K 44 19.90 -48.70 -48.11
N GLY K 45 18.81 -49.41 -47.81
CA GLY K 45 17.53 -48.80 -47.46
C GLY K 45 17.66 -47.83 -46.30
N ILE K 46 17.03 -46.66 -46.42
CA ILE K 46 17.27 -45.54 -45.52
C ILE K 46 16.00 -44.74 -45.24
N ARG K 47 15.96 -44.09 -44.08
CA ARG K 47 14.91 -43.13 -43.73
C ARG K 47 15.29 -41.72 -44.16
N ILE K 48 14.41 -41.09 -44.93
CA ILE K 48 14.58 -39.70 -45.35
C ILE K 48 13.51 -38.88 -44.63
N SER K 49 13.94 -37.86 -43.90
CA SER K 49 13.05 -36.94 -43.21
C SER K 49 12.30 -36.04 -44.20
N ALA K 50 11.28 -35.36 -43.70
CA ALA K 50 10.46 -34.44 -44.50
C ALA K 50 11.26 -33.24 -44.98
N GLN K 51 12.01 -32.65 -44.05
CA GLN K 51 12.82 -31.47 -44.32
C GLN K 51 13.84 -31.71 -45.43
N GLN K 52 14.55 -32.83 -45.33
CA GLN K 52 15.55 -33.24 -46.33
C GLN K 52 14.93 -33.36 -47.73
N LEU K 53 13.77 -34.01 -47.79
CA LEU K 53 13.01 -34.17 -49.04
C LEU K 53 12.59 -32.83 -49.63
N LYS K 54 12.08 -31.95 -48.77
CA LYS K 54 11.72 -30.57 -49.15
C LYS K 54 12.89 -29.83 -49.78
N GLU K 55 14.06 -29.97 -49.15
CA GLU K 55 15.29 -29.33 -49.62
C GLU K 55 15.74 -29.87 -50.98
N ALA K 56 15.63 -31.19 -51.14
CA ALA K 56 15.91 -31.86 -52.41
C ALA K 56 14.98 -31.37 -53.52
N ASP K 57 13.69 -31.30 -53.19
CA ASP K 57 12.66 -30.74 -54.09
C ASP K 57 13.01 -29.32 -54.54
N ASN K 58 13.35 -28.47 -53.58
CA ASN K 58 13.75 -27.08 -53.83
C ASN K 58 14.95 -26.98 -54.76
N ALA K 59 15.96 -27.82 -54.50
CA ALA K 59 17.17 -27.90 -55.32
C ALA K 59 16.86 -28.28 -56.77
N ILE K 60 15.99 -29.28 -56.93
CA ILE K 60 15.54 -29.72 -58.25
C ILE K 60 14.79 -28.60 -58.98
N MET K 61 13.94 -27.88 -58.24
CA MET K 61 13.07 -26.84 -58.79
C MET K 61 13.82 -25.72 -59.52
N ARG K 62 14.94 -25.29 -58.94
CA ARG K 62 15.84 -24.31 -59.59
C ARG K 62 16.11 -24.60 -61.07
N TYR K 63 16.22 -25.88 -61.41
CA TYR K 63 16.38 -26.32 -62.80
C TYR K 63 15.03 -26.51 -63.53
N VAL K 64 14.01 -26.94 -62.81
CA VAL K 64 12.68 -27.20 -63.40
C VAL K 64 11.89 -25.94 -63.79
N ARG K 65 11.90 -24.90 -62.96
CA ARG K 65 11.06 -23.71 -63.22
C ARG K 65 11.41 -22.93 -64.51
N PRO K 66 12.72 -22.77 -64.82
CA PRO K 66 13.12 -22.17 -66.11
C PRO K 66 12.61 -22.88 -67.36
N LEU K 67 12.44 -24.20 -67.30
CA LEU K 67 11.96 -24.99 -68.45
C LEU K 67 10.55 -24.61 -68.88
N ASN K 68 10.30 -24.77 -70.18
CA ASN K 68 8.95 -24.68 -70.72
C ASN K 68 8.22 -25.98 -70.45
N ASN K 69 7.04 -25.89 -69.83
CA ASN K 69 6.24 -27.06 -69.45
C ASN K 69 7.00 -28.02 -68.52
N GLY K 70 7.85 -27.46 -67.65
CA GLY K 70 8.66 -28.24 -66.72
C GLY K 70 7.81 -28.77 -65.59
N HIS K 71 8.13 -29.99 -65.15
CA HIS K 71 7.35 -30.69 -64.13
C HIS K 71 8.26 -31.50 -63.21
N LEU K 72 7.88 -31.58 -61.94
CA LEU K 72 8.55 -32.42 -60.95
C LEU K 72 7.52 -33.29 -60.26
N TRP K 73 7.66 -34.61 -60.40
CA TRP K 73 6.79 -35.59 -59.74
C TRP K 73 7.47 -36.13 -58.49
N ARG K 74 6.95 -35.74 -57.32
CA ARG K 74 7.46 -36.23 -56.05
C ARG K 74 6.86 -37.61 -55.77
N ARG K 75 7.66 -38.66 -55.96
CA ARG K 75 7.15 -40.05 -55.91
C ARG K 75 6.79 -40.60 -54.53
N LEU K 76 7.43 -40.14 -53.47
CA LEU K 76 7.17 -40.67 -52.13
C LEU K 76 6.71 -39.61 -51.12
N CYS K 77 5.84 -40.04 -50.20
CA CYS K 77 5.26 -39.18 -49.17
C CYS K 77 5.82 -39.56 -47.80
N THR K 78 6.02 -38.56 -46.95
CA THR K 78 6.52 -38.80 -45.59
C THR K 78 5.35 -39.19 -44.70
N ASN K 79 5.02 -40.48 -44.74
CA ASN K 79 3.86 -41.02 -44.03
C ASN K 79 4.07 -41.41 -42.56
N VAL K 80 5.31 -41.76 -42.19
CA VAL K 80 5.60 -42.19 -40.82
C VAL K 80 5.87 -40.98 -39.92
N ALA K 81 5.02 -40.82 -38.90
CA ALA K 81 5.19 -39.77 -37.88
C ALA K 81 6.27 -40.19 -36.89
N VAL K 82 7.34 -39.39 -36.81
CA VAL K 82 8.41 -39.64 -35.85
C VAL K 82 8.25 -38.70 -34.66
N CYS K 83 8.23 -39.29 -33.47
CA CYS K 83 8.32 -38.55 -32.22
C CYS K 83 9.75 -38.62 -31.70
N ILE K 84 10.16 -37.62 -30.93
CA ILE K 84 11.45 -37.67 -30.24
C ILE K 84 11.33 -37.14 -28.81
N LYS K 85 12.01 -37.82 -27.89
CA LYS K 85 12.35 -37.26 -26.59
C LYS K 85 13.54 -36.32 -26.79
N GLY K 86 13.76 -35.42 -25.85
CA GLY K 86 14.92 -34.54 -25.88
C GLY K 86 16.17 -35.27 -25.43
N ASN K 87 17.33 -34.76 -25.85
CA ASN K 87 18.62 -35.21 -25.30
C ASN K 87 18.77 -34.80 -23.82
N GLU K 88 18.10 -33.72 -23.43
CA GLU K 88 18.07 -33.23 -22.04
C GLU K 88 17.45 -34.20 -21.02
N THR K 89 16.44 -34.96 -21.44
CA THR K 89 15.61 -35.76 -20.54
C THR K 89 16.23 -37.13 -20.21
N ARG K 90 15.87 -37.68 -19.05
CA ARG K 90 16.25 -39.04 -18.68
C ARG K 90 15.46 -40.09 -19.47
N MET K 91 15.94 -41.33 -19.40
CA MET K 91 15.31 -42.46 -20.09
C MET K 91 14.06 -42.91 -19.33
N GLY K 92 13.15 -43.57 -20.05
CA GLY K 92 11.86 -43.98 -19.50
C GLY K 92 10.91 -42.79 -19.41
N LYS K 93 9.85 -42.96 -18.60
CA LYS K 93 8.87 -41.91 -18.34
C LYS K 93 8.11 -41.50 -19.59
N GLY K 94 7.49 -42.50 -20.23
CA GLY K 94 6.67 -42.30 -21.42
C GLY K 94 7.48 -42.12 -22.70
N LYS K 95 6.75 -41.81 -23.77
CA LYS K 95 7.32 -41.59 -25.10
C LYS K 95 7.34 -40.09 -25.40
N GLY K 96 8.32 -39.67 -26.21
CA GLY K 96 8.47 -38.26 -26.60
C GLY K 96 7.37 -37.76 -27.53
N GLY K 97 7.31 -36.45 -27.69
CA GLY K 97 6.31 -35.79 -28.54
C GLY K 97 6.69 -35.78 -30.01
N PHE K 98 5.70 -35.51 -30.87
CA PHE K 98 5.89 -35.48 -32.32
C PHE K 98 6.97 -34.48 -32.72
N ASP K 99 7.81 -34.88 -33.68
CA ASP K 99 8.92 -34.06 -34.16
C ASP K 99 8.82 -33.77 -35.66
N HIS K 100 8.82 -34.82 -36.48
CA HIS K 100 8.80 -34.69 -37.93
C HIS K 100 8.19 -35.89 -38.62
N TRP K 101 7.92 -35.72 -39.92
CA TRP K 101 7.42 -36.80 -40.78
C TRP K 101 8.62 -37.39 -41.52
N MET K 102 8.55 -38.69 -41.80
CA MET K 102 9.64 -39.41 -42.48
C MET K 102 9.11 -40.56 -43.32
N VAL K 103 9.90 -40.98 -44.29
CA VAL K 103 9.56 -42.07 -45.22
C VAL K 103 10.66 -43.14 -45.21
N ARG K 104 10.26 -44.41 -45.14
CA ARG K 104 11.18 -45.54 -45.28
C ARG K 104 11.40 -45.83 -46.76
N VAL K 105 12.65 -45.70 -47.20
CA VAL K 105 13.01 -45.79 -48.62
C VAL K 105 13.87 -47.03 -48.84
N PRO K 106 13.29 -48.10 -49.42
CA PRO K 106 14.05 -49.24 -49.94
C PRO K 106 15.15 -48.90 -50.94
N THR K 107 16.10 -49.83 -51.10
CA THR K 107 17.31 -49.66 -51.91
C THR K 107 17.06 -49.11 -53.31
N GLY K 108 16.13 -49.71 -54.05
CA GLY K 108 15.93 -49.38 -55.47
C GLY K 108 14.98 -48.25 -55.81
N LYS K 109 14.28 -47.70 -54.82
CA LYS K 109 13.14 -46.80 -55.07
C LYS K 109 13.50 -45.46 -55.70
N ILE K 110 12.59 -44.96 -56.54
CA ILE K 110 12.71 -43.65 -57.17
C ILE K 110 12.10 -42.59 -56.25
N LEU K 111 12.82 -41.49 -56.08
CA LEU K 111 12.39 -40.37 -55.23
C LEU K 111 11.66 -39.30 -56.03
N PHE K 112 12.27 -38.88 -57.14
CA PHE K 112 11.78 -37.77 -57.96
C PHE K 112 11.71 -38.15 -59.43
N GLU K 113 11.10 -37.26 -60.21
CA GLU K 113 10.96 -37.45 -61.64
C GLU K 113 10.74 -36.10 -62.32
N ILE K 114 11.35 -35.88 -63.48
CA ILE K 114 11.18 -34.62 -64.20
C ILE K 114 11.04 -34.82 -65.70
N ASN K 115 10.36 -33.87 -66.34
CA ASN K 115 10.22 -33.84 -67.79
C ASN K 115 9.78 -32.45 -68.25
N GLY K 116 10.67 -31.76 -68.97
CA GLY K 116 10.37 -30.47 -69.58
C GLY K 116 10.20 -30.61 -71.07
N ASP K 117 9.71 -29.54 -71.70
CA ASP K 117 9.57 -29.48 -73.16
C ASP K 117 10.96 -29.33 -73.79
N ASP K 118 11.76 -28.41 -73.25
CA ASP K 118 13.11 -28.13 -73.72
C ASP K 118 14.15 -28.52 -72.66
N LEU K 119 14.05 -29.76 -72.16
CA LEU K 119 14.98 -30.27 -71.16
C LEU K 119 16.00 -31.22 -71.79
N HIS K 120 17.26 -30.79 -71.85
CA HIS K 120 18.37 -31.66 -72.22
C HIS K 120 18.77 -32.50 -71.00
N GLU K 121 19.21 -33.74 -71.26
CA GLU K 121 19.40 -34.73 -70.20
C GLU K 121 20.54 -34.40 -69.22
N LYS K 122 21.57 -33.72 -69.73
CA LYS K 122 22.73 -33.33 -68.92
C LYS K 122 22.34 -32.41 -67.76
N VAL K 123 21.47 -31.45 -68.08
CA VAL K 123 20.95 -30.49 -67.09
C VAL K 123 20.16 -31.23 -66.02
N ALA K 124 19.28 -32.14 -66.45
CA ALA K 124 18.48 -32.99 -65.56
C ALA K 124 19.34 -33.81 -64.61
N ARG K 125 20.39 -34.40 -65.18
CA ARG K 125 21.40 -35.18 -64.44
C ARG K 125 22.08 -34.35 -63.36
N GLU K 126 22.47 -33.14 -63.75
CA GLU K 126 23.11 -32.18 -62.84
C GLU K 126 22.20 -31.81 -61.67
N ALA K 127 20.94 -31.53 -62.01
CA ALA K 127 19.90 -31.20 -61.03
C ALA K 127 19.71 -32.31 -60.01
N PHE K 128 19.60 -33.54 -60.51
CA PHE K 128 19.43 -34.72 -59.67
C PHE K 128 20.64 -35.03 -58.79
N ARG K 129 21.83 -34.72 -59.30
CA ARG K 129 23.06 -34.86 -58.51
C ARG K 129 23.03 -33.89 -57.34
N LYS K 130 22.67 -32.64 -57.65
CA LYS K 130 22.51 -31.58 -56.64
C LYS K 130 21.42 -31.86 -55.61
N ALA K 131 20.35 -32.52 -56.03
CA ALA K 131 19.31 -33.00 -55.12
C ALA K 131 19.86 -34.05 -54.16
N GLY K 132 20.60 -35.00 -54.72
CA GLY K 132 21.26 -36.06 -53.97
C GLY K 132 22.27 -35.59 -52.95
N THR K 133 22.94 -34.47 -53.23
CA THR K 133 23.87 -33.85 -52.26
C THR K 133 23.19 -33.46 -50.93
N LYS K 134 21.88 -33.21 -50.95
CA LYS K 134 21.11 -32.85 -49.74
C LYS K 134 20.44 -34.01 -48.99
N LEU K 135 20.39 -35.21 -49.59
CA LEU K 135 19.70 -36.36 -48.98
C LEU K 135 20.69 -37.36 -48.34
N PRO K 136 20.23 -38.14 -47.33
CA PRO K 136 21.14 -38.98 -46.55
C PRO K 136 21.68 -40.25 -47.24
N GLY K 137 20.99 -40.74 -48.28
CA GLY K 137 21.48 -41.90 -49.03
C GLY K 137 22.55 -41.56 -50.05
N VAL K 138 22.86 -42.53 -50.91
CA VAL K 138 23.67 -42.31 -52.12
C VAL K 138 22.74 -42.62 -53.27
N TYR K 139 22.69 -41.72 -54.26
CA TYR K 139 21.64 -41.73 -55.28
C TYR K 139 22.19 -41.87 -56.69
N GLU K 140 21.26 -42.09 -57.63
CA GLU K 140 21.61 -42.48 -59.00
C GLU K 140 20.60 -41.93 -60.00
N PHE K 141 21.12 -41.44 -61.13
CA PHE K 141 20.31 -40.94 -62.23
C PHE K 141 19.70 -42.14 -62.98
N VAL K 142 18.40 -42.06 -63.25
CA VAL K 142 17.66 -43.15 -63.92
C VAL K 142 16.89 -42.59 -65.11
N SER K 143 17.16 -43.14 -66.29
CA SER K 143 16.43 -42.83 -67.52
C SER K 143 15.47 -43.97 -67.83
N LEU K 144 14.61 -43.77 -68.84
CA LEU K 144 13.60 -44.76 -69.20
C LEU K 144 14.21 -46.05 -69.76
N ASP K 145 15.34 -45.93 -70.44
CA ASP K 145 16.07 -47.10 -70.95
C ASP K 145 16.88 -47.81 -69.87
N SER K 146 17.38 -47.05 -68.88
CA SER K 146 18.11 -47.62 -67.75
C SER K 146 17.20 -48.50 -66.90
N LEU K 147 17.72 -49.67 -66.52
CA LEU K 147 16.89 -50.78 -66.01
C LEU K 147 16.81 -50.81 -64.48
N VAL K 148 15.82 -51.53 -63.98
CA VAL K 148 15.38 -51.43 -62.59
C VAL K 148 16.37 -52.05 -61.61
N ARG K 149 16.77 -51.25 -60.62
CA ARG K 149 17.61 -51.71 -59.52
C ARG K 149 16.76 -52.48 -58.51
N VAL K 150 17.30 -53.58 -58.00
CA VAL K 150 16.60 -54.43 -57.04
C VAL K 150 17.44 -54.53 -55.77
N GLY K 151 18.61 -55.15 -55.87
CA GLY K 151 19.57 -55.22 -54.77
C GLY K 151 20.51 -54.03 -54.81
N LEU K 152 21.61 -54.16 -54.07
CA LEU K 152 22.66 -53.14 -54.06
C LEU K 152 23.48 -53.22 -55.34
N HIS K 153 23.74 -54.45 -55.79
CA HIS K 153 24.58 -54.73 -56.96
C HIS K 153 23.85 -55.57 -58.01
N SER K 154 22.51 -55.48 -58.03
CA SER K 154 21.70 -56.34 -58.89
C SER K 154 20.65 -55.53 -59.64
N PHE K 155 20.22 -56.09 -60.78
CA PHE K 155 19.38 -55.37 -61.73
C PHE K 155 18.33 -56.27 -62.37
N LYS K 156 17.37 -55.64 -63.04
CA LYS K 156 16.21 -56.33 -63.58
C LYS K 156 15.50 -55.47 -64.63
N ASN K 157 14.94 -56.12 -65.65
CA ASN K 157 14.03 -55.48 -66.59
C ASN K 157 12.60 -56.02 -66.31
N PRO K 158 11.64 -55.12 -66.00
CA PRO K 158 10.25 -55.55 -65.80
C PRO K 158 9.58 -56.19 -67.03
N LYS K 159 9.98 -55.74 -68.22
CA LYS K 159 9.56 -56.35 -69.49
C LYS K 159 9.76 -57.88 -69.53
N ASP K 160 10.82 -58.37 -68.89
CA ASP K 160 11.13 -59.80 -68.88
C ASP K 160 10.17 -60.66 -68.04
N ASP K 161 9.88 -60.22 -66.80
CA ASP K 161 9.11 -61.06 -65.87
C ASP K 161 7.73 -61.47 -66.42
N PRO K 162 7.28 -62.70 -66.10
CA PRO K 162 6.17 -63.30 -66.85
C PRO K 162 4.79 -62.80 -66.47
N VAL K 163 3.88 -62.83 -67.45
CA VAL K 163 2.47 -62.51 -67.25
C VAL K 163 1.72 -63.81 -66.96
N LYS K 164 0.78 -63.75 -66.02
CA LYS K 164 0.06 -64.93 -65.52
C LYS K 164 -1.40 -64.58 -65.22
N ASN K 165 -2.33 -65.37 -65.76
CA ASN K 165 -3.71 -65.35 -65.30
C ASN K 165 -3.83 -66.28 -64.09
N PHE K 166 -4.04 -65.70 -62.92
CA PHE K 166 -4.01 -66.44 -61.65
C PHE K 166 -5.28 -67.24 -61.36
N TYR K 167 -6.41 -66.84 -61.95
CA TYR K 167 -7.65 -67.62 -61.87
C TYR K 167 -7.48 -68.99 -62.50
N ASP K 168 -6.84 -69.00 -63.66
CA ASP K 168 -6.54 -70.23 -64.41
C ASP K 168 -5.63 -71.15 -63.60
N GLU K 169 -4.58 -70.57 -63.03
CA GLU K 169 -3.64 -71.28 -62.15
C GLU K 169 -4.33 -71.90 -60.95
N ASN K 170 -5.22 -71.13 -60.33
CA ASN K 170 -6.05 -71.60 -59.22
C ASN K 170 -6.91 -72.79 -59.63
N ALA K 171 -7.56 -72.68 -60.77
CA ALA K 171 -8.40 -73.75 -61.33
C ALA K 171 -7.60 -75.03 -61.56
N LYS K 172 -6.38 -74.88 -62.09
CA LYS K 172 -5.46 -76.00 -62.31
C LYS K 172 -5.10 -76.74 -61.02
N LYS K 173 -4.71 -75.98 -60.00
CA LYS K 173 -4.27 -76.53 -58.71
C LYS K 173 -5.09 -75.91 -57.57
N PRO K 174 -6.34 -76.38 -57.38
CA PRO K 174 -7.31 -75.69 -56.54
C PRO K 174 -7.12 -75.84 -55.04
N SER K 175 -7.49 -74.79 -54.30
CA SER K 175 -7.56 -74.83 -52.84
C SER K 175 -8.78 -75.62 -52.39
N LYS K 176 -8.80 -75.95 -51.11
CA LYS K 176 -9.88 -76.76 -50.51
C LYS K 176 -11.20 -76.00 -50.46
N LYS K 177 -11.12 -74.71 -50.13
CA LYS K 177 -12.29 -73.82 -50.07
C LYS K 177 -12.99 -73.70 -51.43
N TYR K 178 -12.17 -73.50 -52.47
CA TYR K 178 -12.65 -73.43 -53.85
C TYR K 178 -13.39 -74.70 -54.28
N LEU K 179 -12.81 -75.85 -53.95
CA LEU K 179 -13.41 -77.15 -54.22
C LEU K 179 -14.75 -77.34 -53.49
N ASN K 180 -14.79 -76.89 -52.24
CA ASN K 180 -16.01 -76.93 -51.43
C ASN K 180 -17.13 -76.09 -52.02
N ILE K 181 -16.76 -74.89 -52.47
CA ILE K 181 -17.67 -73.98 -53.18
C ILE K 181 -18.23 -74.62 -54.44
N LEU K 182 -17.35 -75.22 -55.23
CA LEU K 182 -17.72 -75.91 -56.47
C LEU K 182 -18.71 -77.04 -56.20
N LYS K 183 -18.44 -77.81 -55.15
CA LYS K 183 -19.35 -78.87 -54.68
C LYS K 183 -20.72 -78.32 -54.29
N SER K 184 -20.71 -77.23 -53.53
CA SER K 184 -21.95 -76.54 -53.14
C SER K 184 -22.79 -76.12 -54.35
N GLN K 185 -22.11 -75.58 -55.35
CA GLN K 185 -22.73 -75.15 -56.61
C GLN K 185 -23.41 -76.32 -57.35
N GLU K 186 -22.81 -77.51 -57.27
CA GLU K 186 -23.40 -78.75 -57.81
C GLU K 186 -24.80 -79.08 -57.22
N PRO K 187 -25.63 -79.83 -57.97
CA PRO K 187 -27.07 -79.93 -57.67
C PRO K 187 -27.46 -80.82 -56.46
N GLN K 188 -26.70 -81.88 -56.19
CA GLN K 188 -27.00 -82.76 -55.05
C GLN K 188 -26.84 -82.09 -53.66
N TYR K 189 -26.17 -80.95 -53.62
CA TYR K 189 -26.07 -80.10 -52.42
C TYR K 189 -26.95 -78.85 -52.48
N LYS K 190 -27.03 -78.21 -53.65
CA LYS K 190 -27.77 -76.95 -53.81
C LYS K 190 -29.28 -77.12 -53.63
N LEU K 191 -29.81 -78.26 -54.07
CA LEU K 191 -31.24 -78.59 -53.88
C LEU K 191 -31.60 -78.92 -52.44
N PHE K 192 -30.71 -79.61 -51.73
CA PHE K 192 -30.99 -80.14 -50.39
C PHE K 192 -30.41 -79.34 -49.22
N ARG K 193 -29.92 -78.12 -49.49
CA ARG K 193 -29.39 -77.26 -48.43
C ARG K 193 -30.48 -76.75 -47.48
N GLY K 194 -31.70 -76.58 -48.02
CA GLY K 194 -32.90 -76.39 -47.22
C GLY K 194 -32.94 -75.15 -46.34
N ARG K 195 -32.51 -74.01 -46.89
CA ARG K 195 -32.52 -72.74 -46.17
C ARG K 195 -33.90 -72.09 -46.25
N THR L 1 82.75 -15.77 11.49
CA THR L 1 81.59 -16.29 12.30
C THR L 1 81.25 -17.75 12.01
N VAL L 2 81.42 -18.19 10.75
CA VAL L 2 81.44 -19.62 10.40
C VAL L 2 82.86 -19.97 9.92
N GLY L 3 83.46 -20.95 10.58
CA GLY L 3 84.80 -21.45 10.20
C GLY L 3 85.96 -20.91 11.02
N ILE L 4 85.73 -19.84 11.80
CA ILE L 4 86.79 -19.24 12.63
C ILE L 4 87.18 -20.09 13.85
N ALA L 5 86.25 -20.89 14.37
CA ALA L 5 86.49 -21.74 15.54
C ALA L 5 85.45 -22.85 15.67
N ARG L 6 85.70 -23.79 16.59
CA ARG L 6 84.71 -24.81 16.96
C ARG L 6 83.56 -24.13 17.67
N LYS L 7 82.34 -24.58 17.36
CA LYS L 7 81.13 -24.07 17.97
C LYS L 7 80.84 -24.80 19.30
N LEU L 8 81.15 -26.11 19.33
CA LEU L 8 81.05 -26.96 20.52
C LEU L 8 79.63 -27.11 21.11
N SER L 9 78.62 -26.95 20.26
CA SER L 9 77.20 -27.08 20.65
C SER L 9 76.81 -26.20 21.85
N ARG L 10 77.36 -24.99 21.90
CA ARG L 10 77.09 -24.02 22.95
C ARG L 10 76.85 -22.64 22.35
N ASP L 11 76.00 -21.85 23.02
CA ASP L 11 75.83 -20.44 22.66
C ASP L 11 77.11 -19.66 22.94
N LYS L 12 77.34 -18.62 22.15
CA LYS L 12 78.61 -17.87 22.13
C LYS L 12 79.15 -17.51 23.51
N ALA L 13 78.28 -16.92 24.32
CA ALA L 13 78.64 -16.47 25.68
C ALA L 13 79.09 -17.62 26.56
N HIS L 14 78.33 -18.71 26.53
CA HIS L 14 78.66 -19.95 27.25
C HIS L 14 79.98 -20.55 26.77
N ARG L 15 80.12 -20.65 25.45
CA ARG L 15 81.31 -21.25 24.82
C ARG L 15 82.60 -20.57 25.26
N ASP L 16 82.62 -19.24 25.16
CA ASP L 16 83.77 -18.43 25.58
C ASP L 16 84.13 -18.64 27.06
N ALA L 17 83.11 -18.64 27.91
CA ALA L 17 83.27 -18.89 29.34
C ALA L 17 83.88 -20.26 29.62
N LEU L 18 83.37 -21.27 28.93
CA LEU L 18 83.91 -22.63 28.98
C LEU L 18 85.41 -22.66 28.64
N LEU L 19 85.76 -22.01 27.53
CA LEU L 19 87.15 -21.94 27.06
C LEU L 19 88.07 -21.26 28.08
N LYS L 20 87.60 -20.16 28.65
CA LYS L 20 88.31 -19.46 29.73
C LYS L 20 88.56 -20.39 30.92
N ASN L 21 87.51 -21.09 31.34
CA ASN L 21 87.60 -22.09 32.42
C ASN L 21 88.66 -23.15 32.14
N LEU L 22 88.61 -23.71 30.93
CA LEU L 22 89.60 -24.70 30.49
C LEU L 22 91.04 -24.17 30.53
N ALA L 23 91.21 -22.94 30.07
CA ALA L 23 92.51 -22.26 30.09
C ALA L 23 93.02 -22.10 31.52
N CYS L 24 92.16 -21.63 32.41
CA CYS L 24 92.46 -21.47 33.84
C CYS L 24 92.88 -22.79 34.49
N GLN L 25 92.15 -23.85 34.17
CA GLN L 25 92.40 -25.19 34.70
C GLN L 25 93.73 -25.76 34.17
N LEU L 26 94.06 -25.45 32.92
CA LEU L 26 95.34 -25.81 32.33
C LEU L 26 96.51 -25.12 33.02
N PHE L 27 96.34 -23.82 33.31
CA PHE L 27 97.38 -23.06 33.99
C PHE L 27 97.57 -23.52 35.43
N GLN L 28 96.47 -23.85 36.12
CA GLN L 28 96.53 -24.35 37.50
C GLN L 28 97.14 -25.74 37.55
N HIS L 29 96.48 -26.70 36.90
CA HIS L 29 96.95 -28.07 36.79
C HIS L 29 97.64 -28.19 35.44
N GLU L 30 98.96 -28.32 35.45
CA GLU L 30 99.76 -28.19 34.21
C GLU L 30 99.46 -29.22 33.10
N SER L 31 98.65 -30.24 33.42
CA SER L 31 97.95 -31.06 32.44
C SER L 31 96.48 -31.24 32.84
N ILE L 32 95.59 -31.35 31.86
CA ILE L 32 94.18 -31.69 32.09
C ILE L 32 93.62 -32.61 31.00
N VAL L 33 92.73 -33.51 31.40
CA VAL L 33 92.04 -34.42 30.50
C VAL L 33 90.67 -33.86 30.15
N SER L 34 90.32 -33.88 28.87
CA SER L 34 88.99 -33.48 28.41
C SER L 34 88.70 -34.10 27.04
N THR L 35 87.52 -33.79 26.49
CA THR L 35 87.17 -34.20 25.14
C THR L 35 88.10 -33.53 24.13
N HIS L 36 88.25 -34.15 22.97
CA HIS L 36 89.28 -33.72 22.01
C HIS L 36 89.04 -32.32 21.44
N ALA L 37 87.81 -32.07 21.02
CA ALA L 37 87.41 -30.79 20.42
C ALA L 37 87.59 -29.62 21.39
N LYS L 38 87.15 -29.83 22.63
CA LYS L 38 87.33 -28.83 23.72
C LYS L 38 88.81 -28.54 23.98
N CYS L 39 89.60 -29.61 24.06
CA CYS L 39 91.05 -29.52 24.28
C CYS L 39 91.74 -28.69 23.19
N LYS L 40 91.33 -28.95 21.94
CA LYS L 40 91.92 -28.29 20.76
C LYS L 40 91.67 -26.78 20.77
N GLU L 41 90.44 -26.40 21.11
CA GLU L 41 90.04 -24.99 21.23
C GLU L 41 90.71 -24.31 22.42
N ALA L 42 90.74 -25.03 23.55
CA ALA L 42 91.36 -24.55 24.78
C ALA L 42 92.85 -24.24 24.60
N SER L 43 93.54 -25.09 23.85
CA SER L 43 94.95 -24.89 23.48
C SER L 43 95.17 -23.56 22.77
N ARG L 44 94.33 -23.28 21.76
CA ARG L 44 94.37 -22.01 21.04
C ARG L 44 94.30 -20.80 21.97
N VAL L 45 93.38 -20.83 22.93
CA VAL L 45 93.21 -19.74 23.89
C VAL L 45 94.42 -19.61 24.80
N ALA L 46 94.81 -20.73 25.42
CA ALA L 46 95.91 -20.77 26.39
C ALA L 46 97.21 -20.28 25.77
N GLU L 47 97.53 -20.81 24.60
CA GLU L 47 98.71 -20.40 23.84
C GLU L 47 98.72 -18.90 23.56
N ARG L 48 97.61 -18.40 23.01
CA ARG L 48 97.40 -16.94 22.83
C ARG L 48 97.68 -16.12 24.09
N ILE L 49 97.13 -16.57 25.21
CA ILE L 49 97.33 -15.91 26.51
C ILE L 49 98.82 -15.87 26.90
N ILE L 50 99.49 -17.01 26.73
CA ILE L 50 100.93 -17.13 27.01
C ILE L 50 101.76 -16.14 26.19
N THR L 51 101.40 -16.00 24.91
CA THR L 51 102.11 -15.12 23.99
C THR L 51 101.95 -13.66 24.39
N TRP L 52 100.71 -13.31 24.77
CA TRP L 52 100.38 -11.96 25.24
C TRP L 52 101.21 -11.62 26.47
N THR L 53 101.29 -12.58 27.40
CA THR L 53 102.09 -12.45 28.61
C THR L 53 103.57 -12.23 28.30
N LYS L 54 104.08 -13.03 27.38
CA LYS L 54 105.46 -12.88 26.87
C LYS L 54 105.70 -11.49 26.28
N ARG L 55 104.77 -11.06 25.42
CA ARG L 55 104.81 -9.72 24.82
C ARG L 55 104.83 -8.61 25.85
N ALA L 56 103.99 -8.75 26.87
CA ALA L 56 103.93 -7.80 28.00
C ALA L 56 105.26 -7.73 28.75
N ILE L 57 105.82 -8.91 29.05
CA ILE L 57 107.12 -9.03 29.70
C ILE L 57 108.23 -8.31 28.91
N THR L 58 108.28 -8.59 27.60
CA THR L 58 109.37 -8.12 26.75
C THR L 58 109.29 -6.64 26.38
N THR L 59 108.13 -6.20 25.89
CA THR L 59 107.98 -4.88 25.26
C THR L 59 108.49 -3.70 26.09
N SER L 60 109.17 -2.78 25.42
CA SER L 60 109.60 -1.51 26.02
C SER L 60 108.45 -0.51 26.06
N ASN L 61 107.62 -0.51 25.01
CA ASN L 61 106.40 0.30 24.97
C ASN L 61 105.50 0.04 26.17
N SER L 62 105.30 1.07 26.99
CA SER L 62 104.54 0.97 28.24
C SER L 62 103.04 0.80 27.99
N VAL L 63 102.51 1.57 27.05
CA VAL L 63 101.10 1.52 26.66
C VAL L 63 100.73 0.15 26.11
N ALA L 64 101.58 -0.38 25.23
CA ALA L 64 101.41 -1.72 24.66
C ALA L 64 101.32 -2.77 25.76
N GLN L 65 102.30 -2.74 26.67
CA GLN L 65 102.39 -3.64 27.82
C GLN L 65 101.12 -3.62 28.66
N ALA L 66 100.64 -2.41 28.95
CA ALA L 66 99.38 -2.21 29.70
C ALA L 66 98.18 -2.83 28.98
N GLU L 67 98.13 -2.62 27.68
CA GLU L 67 97.10 -3.22 26.81
C GLU L 67 97.13 -4.74 26.83
N LEU L 68 98.34 -5.31 26.72
CA LEU L 68 98.54 -6.77 26.83
C LEU L 68 98.04 -7.30 28.17
N LYS L 69 98.45 -6.63 29.25
CA LYS L 69 98.00 -6.94 30.62
C LYS L 69 96.47 -6.97 30.73
N SER L 70 95.84 -5.91 30.23
CA SER L 70 94.37 -5.80 30.22
C SER L 70 93.70 -6.94 29.46
N GLN L 71 94.29 -7.30 28.33
CA GLN L 71 93.83 -8.41 27.50
C GLN L 71 93.92 -9.75 28.20
N ILE L 72 95.04 -9.96 28.90
CA ILE L 72 95.27 -11.16 29.70
C ILE L 72 94.24 -11.26 30.83
N GLN L 73 93.98 -10.14 31.48
CA GLN L 73 93.00 -10.06 32.56
C GLN L 73 91.60 -10.43 32.08
N SER L 74 91.24 -9.88 30.92
CA SER L 74 89.97 -10.18 30.25
C SER L 74 89.79 -11.67 29.97
N GLN L 75 90.88 -12.32 29.56
CA GLN L 75 90.83 -13.72 29.12
C GLN L 75 90.87 -14.78 30.24
N LEU L 76 90.89 -14.37 31.51
CA LEU L 76 90.90 -15.29 32.65
C LEU L 76 89.75 -15.01 33.62
N PHE L 77 89.35 -16.03 34.37
CA PHE L 77 88.47 -15.87 35.52
C PHE L 77 89.36 -15.90 36.76
N LEU L 78 89.59 -14.74 37.37
CA LEU L 78 90.46 -14.63 38.53
C LEU L 78 89.68 -14.67 39.83
N ALA L 79 89.41 -15.87 40.34
CA ALA L 79 88.66 -16.06 41.58
C ALA L 79 88.88 -17.44 42.17
N GLY L 80 88.77 -17.52 43.51
CA GLY L 80 88.91 -18.77 44.23
C GLY L 80 90.29 -19.36 44.16
N ASP L 81 90.43 -20.46 43.42
CA ASP L 81 91.74 -21.09 43.21
C ASP L 81 92.62 -20.33 42.20
N ASN L 82 92.00 -19.51 41.36
CA ASN L 82 92.71 -18.70 40.36
C ASN L 82 92.85 -17.21 40.71
N ARG L 83 92.74 -16.87 42.00
CA ARG L 83 92.96 -15.49 42.49
C ARG L 83 94.29 -14.91 42.03
N LYS L 84 95.35 -15.66 42.31
CA LYS L 84 96.74 -15.28 42.00
C LYS L 84 97.23 -15.96 40.71
N LEU L 85 96.34 -16.12 39.75
CA LEU L 85 96.66 -16.77 38.47
C LEU L 85 97.46 -15.84 37.56
N MET L 86 97.10 -14.56 37.58
CA MET L 86 97.80 -13.52 36.81
C MET L 86 99.28 -13.46 37.19
N LYS L 87 99.53 -13.44 38.50
CA LYS L 87 100.88 -13.45 39.06
C LYS L 87 101.67 -14.67 38.60
N ARG L 88 101.04 -15.83 38.71
CA ARG L 88 101.62 -17.10 38.27
C ARG L 88 102.00 -17.05 36.79
N LEU L 89 101.08 -16.54 35.97
CA LEU L 89 101.28 -16.39 34.53
C LEU L 89 102.53 -15.57 34.21
N PHE L 90 102.65 -14.42 34.88
CA PHE L 90 103.78 -13.52 34.66
C PHE L 90 105.10 -14.05 35.23
N SER L 91 105.04 -14.66 36.41
CA SER L 91 106.23 -15.04 37.17
C SER L 91 106.70 -16.49 36.98
N GLU L 92 105.74 -17.41 36.80
CA GLU L 92 106.03 -18.86 36.77
C GLU L 92 105.90 -19.45 35.37
N ILE L 93 104.75 -19.26 34.72
CA ILE L 93 104.41 -19.94 33.46
C ILE L 93 105.08 -19.31 32.23
N ALA L 94 104.88 -18.01 32.02
CA ALA L 94 105.36 -17.34 30.80
C ALA L 94 106.89 -17.29 30.63
N PRO L 95 107.65 -17.18 31.73
CA PRO L 95 109.12 -17.23 31.62
C PRO L 95 109.73 -18.55 31.13
N ARG L 96 108.99 -19.65 31.20
CA ARG L 96 109.40 -20.92 30.57
C ARG L 96 109.50 -20.81 29.03
N TYR L 97 108.63 -19.99 28.43
CA TYR L 97 108.43 -19.99 26.98
C TYR L 97 109.03 -18.80 26.22
N LEU L 98 109.99 -18.10 26.83
CA LEU L 98 110.58 -16.89 26.23
C LEU L 98 111.36 -17.16 24.94
N GLU L 99 112.06 -18.29 24.89
CA GLU L 99 112.85 -18.70 23.72
C GLU L 99 112.03 -19.50 22.72
N ARG L 100 111.01 -20.21 23.21
CA ARG L 100 110.16 -21.08 22.39
C ARG L 100 109.22 -20.23 21.50
N PRO L 101 109.30 -20.38 20.16
CA PRO L 101 108.42 -19.62 19.26
C PRO L 101 107.10 -20.35 18.99
N GLY L 102 106.12 -20.14 19.88
CA GLY L 102 104.81 -20.81 19.79
C GLY L 102 104.87 -22.25 20.27
N GLY L 103 103.75 -22.96 20.15
CA GLY L 103 103.67 -24.38 20.51
C GLY L 103 103.93 -24.67 21.98
N TYR L 104 103.17 -24.01 22.85
CA TYR L 104 103.38 -24.09 24.30
C TYR L 104 102.59 -25.22 24.92
N THR L 105 101.56 -25.69 24.22
CA THR L 105 100.73 -26.79 24.67
C THR L 105 100.98 -28.03 23.81
N ARG L 106 100.51 -29.17 24.29
CA ARG L 106 100.40 -30.37 23.46
C ARG L 106 99.13 -31.14 23.78
N VAL L 107 98.30 -31.35 22.76
CA VAL L 107 97.08 -32.14 22.86
C VAL L 107 97.45 -33.56 22.45
N LEU L 108 97.43 -34.47 23.43
CA LEU L 108 97.78 -35.87 23.23
C LEU L 108 96.51 -36.70 23.25
N ARG L 109 96.28 -37.45 22.18
CA ARG L 109 95.06 -38.25 22.05
C ARG L 109 95.08 -39.46 22.98
N LEU L 110 93.90 -39.76 23.54
CA LEU L 110 93.70 -40.92 24.40
C LEU L 110 92.70 -41.84 23.71
N GLU L 111 92.46 -42.99 24.33
CA GLU L 111 91.42 -43.92 23.87
C GLU L 111 90.06 -43.30 24.24
N PRO L 112 89.07 -43.32 23.30
CA PRO L 112 87.79 -42.65 23.57
C PRO L 112 87.06 -43.23 24.78
N ARG L 113 86.36 -42.39 25.53
CA ARG L 113 85.74 -42.80 26.80
C ARG L 113 84.60 -43.81 26.53
N ALA L 114 84.47 -44.79 27.42
CA ALA L 114 83.68 -45.99 27.16
C ALA L 114 82.17 -45.76 27.14
N ASN L 115 81.67 -45.06 28.16
CA ASN L 115 80.24 -44.74 28.28
C ASN L 115 79.70 -43.96 27.09
N ASP L 116 80.53 -43.06 26.55
CA ASP L 116 80.10 -42.08 25.57
C ASP L 116 80.66 -42.23 24.15
N SER L 117 81.75 -43.00 24.01
CA SER L 117 82.55 -43.05 22.78
C SER L 117 83.07 -41.67 22.32
N ALA L 118 83.25 -40.75 23.27
CA ALA L 118 83.70 -39.40 22.97
C ALA L 118 85.22 -39.42 22.86
N PRO L 119 85.77 -38.84 21.77
CA PRO L 119 87.23 -38.84 21.64
C PRO L 119 87.90 -38.00 22.70
N GLN L 120 88.79 -38.62 23.46
CA GLN L 120 89.35 -38.06 24.70
C GLN L 120 90.80 -37.65 24.46
N SER L 121 91.24 -36.58 25.13
CA SER L 121 92.58 -36.02 24.93
C SER L 121 93.16 -35.43 26.21
N VAL L 122 94.47 -35.14 26.17
CA VAL L 122 95.17 -34.54 27.30
C VAL L 122 95.82 -33.25 26.84
N LEU L 123 95.15 -32.13 27.12
CA LEU L 123 95.76 -30.82 26.94
C LEU L 123 96.74 -30.60 28.09
N GLU L 124 98.00 -30.30 27.77
CA GLU L 124 99.01 -30.08 28.80
C GLU L 124 100.08 -29.10 28.34
N LEU L 125 100.73 -28.49 29.34
CA LEU L 125 101.73 -27.44 29.10
C LEU L 125 103.07 -28.09 28.78
N VAL L 126 103.74 -27.59 27.76
CA VAL L 126 105.05 -28.11 27.32
C VAL L 126 106.12 -27.67 28.32
N ASP L 127 107.10 -28.56 28.55
CA ASP L 127 108.26 -28.27 29.42
C ASP L 127 107.87 -27.75 30.81
N SER L 128 106.86 -28.37 31.41
CA SER L 128 106.50 -28.11 32.80
C SER L 128 107.57 -28.73 33.70
N PRO L 129 107.96 -28.04 34.78
CA PRO L 129 109.01 -28.58 35.66
C PRO L 129 108.53 -29.79 36.44
N VAL L 130 109.25 -30.91 36.32
CA VAL L 130 108.85 -32.17 36.97
C VAL L 130 109.13 -32.15 38.48
N MET L 131 110.08 -31.33 38.91
CA MET L 131 110.49 -31.23 40.31
C MET L 131 110.52 -29.78 40.77
N SER L 132 109.76 -29.47 41.82
CA SER L 132 109.78 -28.16 42.47
C SER L 132 110.98 -28.05 43.40
N GLU L 133 111.15 -26.88 44.02
CA GLU L 133 112.26 -26.67 44.96
C GLU L 133 112.14 -27.55 46.21
N SER L 134 110.92 -27.83 46.64
CA SER L 134 110.67 -28.84 47.67
C SER L 134 110.88 -30.25 47.11
N HIS L 135 111.33 -31.17 47.97
CA HIS L 135 111.60 -32.55 47.55
C HIS L 135 110.30 -33.34 47.33
N THR L 136 109.71 -33.12 46.15
CA THR L 136 108.47 -33.78 45.72
C THR L 136 108.57 -34.00 44.21
N VAL L 137 107.48 -34.47 43.59
CA VAL L 137 107.35 -34.43 42.14
C VAL L 137 106.08 -33.66 41.77
N ASN L 138 106.12 -32.98 40.62
CA ASN L 138 105.07 -32.07 40.20
C ASN L 138 104.12 -32.71 39.21
N ARG L 139 102.84 -32.33 39.31
CA ARG L 139 101.81 -32.81 38.38
C ARG L 139 101.96 -32.10 37.04
N GLY L 140 102.38 -32.84 36.02
CA GLY L 140 102.45 -32.34 34.65
C GLY L 140 103.58 -32.94 33.86
N ASN L 141 103.66 -32.54 32.59
CA ASN L 141 104.69 -33.00 31.64
C ASN L 141 104.62 -34.51 31.39
N LEU L 142 103.40 -34.98 31.13
CA LEU L 142 103.10 -36.41 30.92
C LEU L 142 103.98 -37.07 29.86
N LYS L 143 104.19 -36.36 28.75
CA LYS L 143 104.96 -36.87 27.62
C LYS L 143 106.38 -37.26 28.01
N MET L 144 107.03 -36.38 28.78
CA MET L 144 108.36 -36.63 29.34
C MET L 144 108.39 -37.92 30.16
N TRP L 145 107.42 -38.03 31.08
CA TRP L 145 107.27 -39.22 31.92
C TRP L 145 107.16 -40.51 31.10
N LEU L 146 106.30 -40.46 30.08
CA LEU L 146 106.09 -41.58 29.15
C LEU L 146 107.37 -41.97 28.41
N LEU L 147 108.09 -40.94 27.94
CA LEU L 147 109.40 -41.13 27.30
C LEU L 147 110.39 -41.85 28.20
N VAL L 148 110.47 -41.41 29.44
CA VAL L 148 111.41 -42.00 30.41
C VAL L 148 111.00 -43.43 30.73
N LYS L 149 109.70 -43.69 30.83
CA LYS L 149 109.17 -45.05 31.01
C LYS L 149 109.55 -45.97 29.86
N SER L 150 109.44 -45.45 28.64
CA SER L 150 109.83 -46.19 27.42
C SER L 150 111.32 -46.51 27.41
N VAL L 151 112.12 -45.53 27.77
CA VAL L 151 113.58 -45.68 27.94
C VAL L 151 113.92 -46.80 28.93
N ILE L 152 113.25 -46.75 30.08
CA ILE L 152 113.42 -47.76 31.14
C ILE L 152 113.10 -49.16 30.64
N ASN L 153 111.97 -49.28 29.92
CA ASN L 153 111.54 -50.53 29.31
C ASN L 153 112.56 -51.08 28.31
N ASP L 154 113.09 -50.19 27.47
CA ASP L 154 114.14 -50.53 26.51
C ASP L 154 115.40 -51.04 27.21
N ASP L 155 115.79 -50.36 28.29
CA ASP L 155 116.94 -50.76 29.12
C ASP L 155 116.75 -52.14 29.75
N ALA L 156 115.54 -52.38 30.26
CA ALA L 156 115.17 -53.68 30.83
C ALA L 156 115.26 -54.81 29.80
N ASN L 157 114.74 -54.54 28.61
CA ASN L 157 114.78 -55.50 27.49
C ASN L 157 116.17 -55.65 26.85
N GLN L 158 117.09 -54.74 27.16
CA GLN L 158 118.44 -54.70 26.58
C GLN L 158 118.35 -54.55 25.05
N LEU L 159 117.49 -53.64 24.64
CA LEU L 159 117.22 -53.32 23.24
C LEU L 159 117.74 -51.92 22.95
N PRO L 160 117.95 -51.60 21.66
CA PRO L 160 118.27 -50.22 21.30
C PRO L 160 117.02 -49.34 21.38
N HIS L 161 117.22 -48.05 21.60
CA HIS L 161 116.11 -47.10 21.65
C HIS L 161 115.55 -46.88 20.26
N ASN L 162 114.23 -46.74 20.17
CA ASN L 162 113.56 -46.52 18.89
C ASN L 162 113.90 -45.13 18.35
N PRO L 163 114.04 -44.99 17.02
CA PRO L 163 114.29 -43.68 16.39
C PRO L 163 113.30 -42.59 16.80
N LEU L 164 112.01 -42.95 16.89
CA LEU L 164 110.97 -42.02 17.33
C LEU L 164 111.17 -41.52 18.75
N THR L 165 111.53 -42.43 19.65
CA THR L 165 111.86 -42.09 21.04
C THR L 165 113.02 -41.10 21.12
N LEU L 166 114.06 -41.36 20.35
CA LEU L 166 115.23 -40.48 20.27
C LEU L 166 114.88 -39.08 19.75
N GLN L 167 114.04 -39.05 18.71
CA GLN L 167 113.54 -37.79 18.13
C GLN L 167 112.75 -36.97 19.16
N ASN L 168 111.89 -37.66 19.90
CA ASN L 168 111.11 -37.03 20.98
C ASN L 168 112.01 -36.45 22.07
N LEU L 169 113.00 -37.24 22.48
CA LEU L 169 114.01 -36.79 23.46
C LEU L 169 114.78 -35.55 23.01
N HIS L 170 115.15 -35.55 21.73
CA HIS L 170 115.81 -34.42 21.09
C HIS L 170 114.95 -33.16 21.12
N LYS L 171 113.68 -33.33 20.76
CA LYS L 171 112.69 -32.24 20.82
C LYS L 171 112.55 -31.65 22.22
N VAL L 172 112.44 -32.53 23.20
CA VAL L 172 112.38 -32.15 24.62
C VAL L 172 113.60 -31.33 25.01
N ALA L 173 114.78 -31.80 24.60
CA ALA L 173 116.05 -31.14 24.91
C ALA L 173 116.18 -29.73 24.35
N LYS L 174 115.71 -29.50 23.11
CA LYS L 174 115.93 -28.24 22.37
C LYS L 174 115.84 -26.94 23.19
N PHE L 175 114.91 -26.89 24.14
CA PHE L 175 114.79 -25.75 25.06
C PHE L 175 115.00 -26.22 26.50
N LYS L 176 116.15 -26.86 26.72
CA LYS L 176 116.52 -27.40 28.03
C LYS L 176 118.04 -27.43 28.15
N ALA L 177 118.56 -26.98 29.29
CA ALA L 177 119.97 -27.17 29.63
C ALA L 177 120.20 -28.67 29.84
N GLU L 178 121.32 -29.18 29.34
CA GLU L 178 121.57 -30.63 29.30
C GLU L 178 121.63 -31.28 30.68
N ALA L 179 122.37 -30.64 31.59
CA ALA L 179 122.51 -31.11 32.97
C ALA L 179 121.18 -31.15 33.71
N GLN L 180 120.38 -30.10 33.52
CA GLN L 180 119.04 -30.01 34.10
C GLN L 180 118.14 -31.14 33.59
N LEU L 181 118.12 -31.32 32.28
CA LEU L 181 117.39 -32.41 31.61
C LEU L 181 117.77 -33.78 32.17
N HIS L 182 119.07 -34.02 32.27
CA HIS L 182 119.62 -35.24 32.87
C HIS L 182 119.09 -35.47 34.28
N GLY L 183 119.18 -34.43 35.11
CA GLY L 183 118.69 -34.47 36.49
C GLY L 183 117.21 -34.77 36.60
N GLU L 184 116.42 -34.18 35.70
CA GLU L 184 114.98 -34.46 35.61
C GLU L 184 114.71 -35.93 35.27
N ILE L 185 115.45 -36.44 34.28
CA ILE L 185 115.35 -37.84 33.85
C ILE L 185 115.64 -38.78 35.02
N MET L 186 116.72 -38.50 35.73
CA MET L 186 117.12 -39.26 36.92
C MET L 186 116.03 -39.28 37.99
N LEU L 187 115.44 -38.12 38.22
CA LEU L 187 114.35 -37.97 39.18
C LEU L 187 113.12 -38.80 38.79
N ILE L 188 112.78 -38.75 37.51
CA ILE L 188 111.67 -39.52 36.95
C ILE L 188 111.92 -41.03 37.11
N LYS L 189 113.15 -41.45 36.82
CA LYS L 189 113.55 -42.87 36.94
C LYS L 189 113.29 -43.43 38.34
N GLN L 190 113.74 -42.68 39.35
CA GLN L 190 113.57 -43.07 40.77
C GLN L 190 112.13 -43.42 41.12
N VAL L 191 111.20 -42.59 40.67
CA VAL L 191 109.77 -42.80 40.93
C VAL L 191 109.26 -43.97 40.08
N LEU L 192 109.55 -43.92 38.78
CA LEU L 192 109.06 -44.91 37.82
C LEU L 192 109.50 -46.34 38.12
N LEU L 193 110.79 -46.52 38.38
CA LEU L 193 111.35 -47.83 38.72
C LEU L 193 110.70 -48.46 39.95
N LYS L 194 110.49 -47.63 40.97
CA LYS L 194 109.83 -48.06 42.20
C LYS L 194 108.38 -48.50 41.97
N GLU L 195 107.67 -47.72 41.17
CA GLU L 195 106.29 -48.04 40.77
C GLU L 195 106.23 -49.37 40.02
N MET L 196 107.13 -49.53 39.06
CA MET L 196 107.22 -50.75 38.25
C MET L 196 107.90 -51.91 38.99
N SER L 197 108.63 -51.58 40.06
CA SER L 197 109.32 -52.54 40.93
C SER L 197 110.53 -53.20 40.25
N LEU L 198 111.35 -52.37 39.61
CA LEU L 198 112.67 -52.76 39.10
C LEU L 198 113.74 -52.13 40.00
N PRO L 199 114.92 -52.79 40.11
CA PRO L 199 115.93 -52.32 41.06
C PRO L 199 116.66 -51.07 40.59
N TYR L 200 116.89 -50.14 41.52
CA TYR L 200 117.52 -48.85 41.23
C TYR L 200 118.96 -48.81 41.76
N ASP L 201 119.87 -49.39 40.99
CA ASP L 201 121.31 -49.17 41.20
C ASP L 201 121.61 -47.83 40.54
N GLU L 202 122.05 -46.87 41.35
CA GLU L 202 121.98 -45.45 40.99
C GLU L 202 123.04 -45.04 39.95
N ALA L 203 124.28 -45.44 40.19
CA ALA L 203 125.41 -45.11 39.33
C ALA L 203 125.24 -45.62 37.90
N LEU L 204 124.73 -46.85 37.78
CA LEU L 204 124.45 -47.46 36.48
C LEU L 204 123.37 -46.71 35.72
N GLU L 205 122.30 -46.33 36.43
CA GLU L 205 121.21 -45.53 35.88
C GLU L 205 121.69 -44.16 35.38
N ASN L 206 122.52 -43.51 36.18
CA ASN L 206 123.16 -42.24 35.81
C ASN L 206 123.98 -42.34 34.53
N GLU L 207 124.77 -43.41 34.44
CA GLU L 207 125.59 -43.71 33.27
C GLU L 207 124.73 -43.90 32.01
N ARG L 208 123.66 -44.67 32.16
CA ARG L 208 122.67 -44.90 31.09
C ARG L 208 122.04 -43.61 30.60
N THR L 209 121.65 -42.75 31.55
CA THR L 209 121.09 -41.44 31.26
C THR L 209 122.08 -40.58 30.47
N GLN L 210 123.32 -40.56 30.95
CA GLN L 210 124.43 -39.84 30.28
C GLN L 210 124.60 -40.31 28.83
N ALA L 211 124.61 -41.62 28.64
CA ALA L 211 124.72 -42.23 27.32
C ALA L 211 123.58 -41.82 26.39
N LEU L 212 122.36 -41.85 26.94
CA LEU L 212 121.16 -41.40 26.22
C LEU L 212 121.27 -39.94 25.79
N LEU L 213 121.71 -39.10 26.71
CA LEU L 213 121.94 -37.67 26.44
C LEU L 213 122.96 -37.44 25.32
N LYS L 214 124.05 -38.18 25.36
CA LYS L 214 125.15 -38.01 24.40
C LYS L 214 124.72 -38.26 22.96
N GLU L 215 124.01 -39.37 22.74
CA GLU L 215 123.52 -39.73 21.40
C GLU L 215 122.47 -38.74 20.88
N VAL L 216 121.65 -38.21 21.78
CA VAL L 216 120.69 -37.14 21.46
C VAL L 216 121.39 -35.88 20.97
N TYR L 217 122.41 -35.45 21.72
CA TYR L 217 123.02 -34.13 21.52
C TYR L 217 123.95 -34.06 20.31
N SER L 218 124.95 -34.93 20.27
CA SER L 218 125.93 -34.95 19.17
C SER L 218 125.29 -35.47 17.88
N SER L 219 125.02 -34.56 16.95
CA SER L 219 124.40 -34.89 15.67
C SER L 219 125.42 -35.53 14.72
N SER L 220 124.98 -36.57 14.01
CA SER L 220 125.86 -37.30 13.07
C SER L 220 125.02 -38.12 12.09
N SER L 229 118.72 -46.36 -2.70
CA SER L 229 117.55 -45.62 -3.17
C SER L 229 116.89 -46.28 -4.38
N SER L 230 115.58 -46.15 -4.48
CA SER L 230 114.81 -46.73 -5.58
C SER L 230 114.96 -45.90 -6.86
N TYR L 231 114.74 -44.60 -6.73
CA TYR L 231 114.80 -43.67 -7.86
C TYR L 231 116.06 -42.80 -7.78
N VAL L 232 116.62 -42.48 -8.94
CA VAL L 232 117.85 -41.68 -9.03
C VAL L 232 117.57 -40.29 -9.61
N MET L 233 118.14 -39.27 -8.97
CA MET L 233 117.95 -37.88 -9.38
C MET L 233 119.04 -37.56 -10.40
N VAL L 234 118.64 -37.34 -11.66
CA VAL L 234 119.58 -37.08 -12.75
C VAL L 234 119.12 -35.90 -13.60
N PRO L 235 120.06 -35.08 -14.12
CA PRO L 235 119.68 -33.88 -14.88
C PRO L 235 119.13 -34.21 -16.27
N ARG L 236 118.42 -33.25 -16.86
CA ARG L 236 117.87 -33.39 -18.21
C ARG L 236 118.97 -33.49 -19.27
N PRO L 237 118.85 -34.43 -20.22
CA PRO L 237 119.79 -34.49 -21.34
C PRO L 237 119.44 -33.47 -22.44
N TYR M 1 114.83 -75.56 -19.51
CA TYR M 1 113.91 -74.66 -18.77
C TYR M 1 114.57 -73.34 -18.38
N MET M 2 114.29 -72.29 -19.13
CA MET M 2 114.80 -70.95 -18.82
C MET M 2 113.86 -70.27 -17.81
N VAL M 3 114.35 -70.07 -16.59
CA VAL M 3 113.58 -69.33 -15.57
C VAL M 3 113.60 -67.83 -15.89
N PRO M 4 112.50 -67.11 -15.58
CA PRO M 4 112.46 -65.67 -15.85
C PRO M 4 113.29 -64.87 -14.82
N ALA M 5 114.52 -64.55 -15.20
CA ALA M 5 115.40 -63.73 -14.36
C ALA M 5 114.97 -62.28 -14.43
N THR M 6 113.97 -61.92 -13.64
CA THR M 6 113.41 -60.57 -13.62
C THR M 6 114.40 -59.55 -13.07
N LYS M 7 114.39 -58.36 -13.67
CA LYS M 7 115.27 -57.25 -13.27
C LYS M 7 114.43 -56.01 -12.99
N ARG M 8 114.41 -55.57 -11.73
CA ARG M 8 113.70 -54.36 -11.33
C ARG M 8 114.50 -53.14 -11.78
N LYS M 9 113.85 -52.25 -12.51
CA LYS M 9 114.51 -51.08 -13.11
C LYS M 9 114.81 -50.00 -12.08
N THR M 10 115.89 -49.27 -12.32
CA THR M 10 116.20 -48.05 -11.58
C THR M 10 115.66 -46.88 -12.41
N ILE M 11 114.45 -46.45 -12.08
CA ILE M 11 113.76 -45.40 -12.84
C ILE M 11 114.36 -44.05 -12.48
N PRO M 12 114.82 -43.27 -13.50
CA PRO M 12 115.34 -41.93 -13.21
C PRO M 12 114.20 -40.95 -12.99
N VAL M 13 114.51 -39.82 -12.36
CA VAL M 13 113.52 -38.76 -12.09
C VAL M 13 114.17 -37.40 -12.35
N TYR M 14 113.75 -36.78 -13.45
CA TYR M 14 114.35 -35.53 -13.92
C TYR M 14 113.83 -34.32 -13.14
N PRO M 15 114.62 -33.23 -13.07
CA PRO M 15 114.21 -32.04 -12.34
C PRO M 15 113.41 -31.09 -13.23
N PRO M 16 112.76 -30.06 -12.63
CA PRO M 16 111.99 -29.11 -13.44
C PRO M 16 112.88 -28.11 -14.18
N VAL M 17 112.38 -27.61 -15.31
CA VAL M 17 113.07 -26.60 -16.11
C VAL M 17 113.02 -25.24 -15.39
N GLN M 18 111.82 -24.65 -15.31
CA GLN M 18 111.59 -23.43 -14.54
C GLN M 18 111.63 -23.69 -13.04
N ARG M 19 112.02 -22.67 -12.28
CA ARG M 19 111.96 -22.68 -10.82
C ARG M 19 111.11 -21.47 -10.37
N ILE M 20 109.85 -21.75 -10.05
CA ILE M 20 108.86 -20.71 -9.74
C ILE M 20 108.32 -20.92 -8.33
N ALA M 21 108.36 -19.85 -7.53
CA ALA M 21 107.72 -19.85 -6.20
C ALA M 21 106.25 -19.50 -6.37
N SER M 22 105.41 -20.54 -6.45
CA SER M 22 103.97 -20.39 -6.73
C SER M 22 103.19 -19.68 -5.62
N SER M 23 103.64 -19.83 -4.37
CA SER M 23 103.04 -19.15 -3.23
C SER M 23 103.19 -17.62 -3.29
N GLN M 24 104.33 -17.17 -3.80
CA GLN M 24 104.66 -15.74 -3.84
C GLN M 24 104.17 -15.00 -5.10
N ILE M 25 103.56 -15.72 -6.05
CA ILE M 25 103.18 -15.14 -7.36
C ILE M 25 102.25 -13.94 -7.22
N MET M 26 101.13 -14.16 -6.53
CA MET M 26 100.09 -13.14 -6.38
C MET M 26 100.60 -11.82 -5.82
N LYS M 27 101.44 -11.92 -4.80
CA LYS M 27 102.08 -10.75 -4.16
C LYS M 27 102.96 -9.99 -5.16
N GLN M 28 103.76 -10.74 -5.91
CA GLN M 28 104.65 -10.19 -6.95
C GLN M 28 103.87 -9.46 -8.04
N VAL M 29 102.75 -10.07 -8.44
CA VAL M 29 101.84 -9.50 -9.44
C VAL M 29 101.25 -8.19 -8.93
N ALA M 30 100.80 -8.20 -7.68
CA ALA M 30 100.25 -7.01 -7.02
C ALA M 30 101.26 -5.87 -6.97
N LEU M 31 102.48 -6.21 -6.58
CA LEU M 31 103.62 -5.27 -6.57
C LEU M 31 103.89 -4.65 -7.94
N SER M 32 103.89 -5.49 -8.97
CA SER M 32 104.09 -5.05 -10.35
C SER M 32 103.00 -4.08 -10.80
N GLU M 33 101.76 -4.40 -10.46
CA GLU M 33 100.61 -3.57 -10.81
C GLU M 33 100.61 -2.25 -10.07
N ILE M 34 100.79 -2.29 -8.74
CA ILE M 34 100.75 -1.07 -7.93
C ILE M 34 101.87 -0.10 -8.31
N GLU M 35 103.06 -0.63 -8.59
CA GLU M 35 104.20 0.19 -9.00
C GLU M 35 103.92 0.91 -10.32
N SER M 36 103.34 0.18 -11.27
CA SER M 36 102.91 0.73 -12.55
C SER M 36 101.88 1.85 -12.37
N LEU M 37 100.91 1.62 -11.49
CA LEU M 37 99.80 2.57 -11.27
C LEU M 37 100.22 3.90 -10.65
N ASP M 38 100.89 3.86 -9.50
CA ASP M 38 101.42 5.10 -8.89
C ASP M 38 102.96 5.04 -8.76
N PRO M 39 103.69 5.66 -9.72
CA PRO M 39 105.14 5.77 -9.62
C PRO M 39 105.56 6.81 -8.58
N GLY M 40 106.50 6.45 -7.71
CA GLY M 40 106.98 7.34 -6.65
C GLY M 40 106.10 7.45 -5.42
N ALA M 41 105.05 6.63 -5.35
CA ALA M 41 104.12 6.59 -4.20
C ALA M 41 103.54 7.96 -3.81
N VAL M 42 102.82 8.57 -4.75
CA VAL M 42 102.13 9.84 -4.49
C VAL M 42 100.79 9.55 -3.81
N LYS M 43 99.98 8.72 -4.47
CA LYS M 43 98.65 8.37 -3.97
C LYS M 43 98.70 7.39 -2.79
N ARG M 44 99.71 6.51 -2.76
CA ARG M 44 99.92 5.59 -1.64
C ARG M 44 100.12 6.31 -0.30
N LYS M 45 100.86 7.42 -0.33
CA LYS M 45 101.14 8.21 0.88
C LYS M 45 99.92 8.97 1.42
N LEU M 46 98.94 9.25 0.56
CA LEU M 46 97.69 9.91 0.99
C LEU M 46 96.84 9.04 1.91
N ILE M 47 96.89 7.72 1.70
CA ILE M 47 96.12 6.75 2.49
C ILE M 47 97.02 5.78 3.27
N SER M 48 98.29 6.16 3.47
CA SER M 48 99.22 5.34 4.25
C SER M 48 98.92 5.55 5.73
N LYS M 49 98.70 4.47 6.47
CA LYS M 49 98.44 4.55 7.91
C LYS M 49 99.66 5.04 8.70
N LYS M 50 100.86 4.84 8.15
CA LYS M 50 102.08 5.41 8.73
C LYS M 50 102.21 6.93 8.48
N ASN M 51 101.56 7.45 7.43
CA ASN M 51 101.50 8.90 7.22
C ASN M 51 100.57 9.54 8.27
N LYS M 52 101.19 10.35 9.13
CA LYS M 52 100.46 11.17 10.11
C LYS M 52 99.43 12.09 9.43
N ASP M 53 99.85 12.75 8.36
CA ASP M 53 99.02 13.72 7.64
C ASP M 53 98.26 13.06 6.48
N ARG M 54 97.60 11.94 6.77
CA ARG M 54 96.87 11.16 5.76
C ARG M 54 95.46 11.68 5.60
N LEU M 55 94.77 11.20 4.56
CA LEU M 55 93.35 11.48 4.39
C LEU M 55 92.56 10.65 5.40
N LYS M 56 91.60 11.31 6.04
CA LYS M 56 90.71 10.69 7.01
C LYS M 56 89.28 11.02 6.66
N ALA M 57 88.34 10.33 7.28
CA ALA M 57 86.93 10.71 7.18
C ALA M 57 86.79 12.05 7.89
N GLY M 58 86.11 12.99 7.24
CA GLY M 58 86.02 14.37 7.73
C GLY M 58 86.62 15.38 6.77
N ASP M 59 87.70 15.00 6.08
CA ASP M 59 88.37 15.88 5.12
C ASP M 59 87.47 16.17 3.91
N VAL M 60 87.40 17.45 3.53
CA VAL M 60 86.83 17.85 2.25
C VAL M 60 87.98 17.81 1.24
N VAL M 61 87.70 17.20 0.08
CA VAL M 61 88.72 16.91 -0.92
C VAL M 61 88.15 17.12 -2.31
N ARG M 62 88.97 17.67 -3.21
CA ARG M 62 88.63 17.81 -4.62
C ARG M 62 89.35 16.74 -5.42
N ILE M 63 88.57 15.84 -6.03
CA ILE M 63 89.09 14.89 -7.02
C ILE M 63 89.28 15.65 -8.33
N VAL M 64 90.41 15.40 -8.99
CA VAL M 64 90.74 16.07 -10.25
C VAL M 64 91.04 15.02 -11.31
N TYR M 65 90.13 14.88 -12.27
CA TYR M 65 90.27 13.88 -13.33
C TYR M 65 91.22 14.35 -14.42
N ASP M 66 91.90 13.38 -15.05
CA ASP M 66 92.85 13.65 -16.12
C ASP M 66 92.07 14.00 -17.39
N SER M 67 92.37 15.17 -17.95
CA SER M 67 91.66 15.69 -19.13
C SER M 67 91.95 14.88 -20.40
N SER M 68 93.18 14.39 -20.53
CA SER M 68 93.60 13.54 -21.65
C SER M 68 92.84 12.21 -21.71
N LYS M 69 92.58 11.62 -20.54
CA LYS M 69 91.94 10.31 -20.45
C LYS M 69 90.42 10.42 -20.59
N CYS M 70 89.82 11.30 -19.80
CA CYS M 70 88.37 11.49 -19.75
C CYS M 70 87.99 12.97 -19.64
N SER M 71 86.69 13.25 -19.78
CA SER M 71 86.16 14.61 -19.73
C SER M 71 85.22 14.85 -18.53
N TYR M 72 85.56 14.26 -17.39
CA TYR M 72 84.74 14.42 -16.17
C TYR M 72 85.18 15.68 -15.42
N ASP M 73 84.20 16.40 -14.87
CA ASP M 73 84.47 17.61 -14.09
C ASP M 73 85.00 17.23 -12.71
N THR M 74 85.77 18.16 -12.12
CA THR M 74 86.25 18.01 -10.73
C THR M 74 85.09 17.85 -9.76
N PHE M 75 85.24 16.95 -8.79
CA PHE M 75 84.25 16.73 -7.75
C PHE M 75 84.82 17.03 -6.38
N VAL M 76 84.24 18.01 -5.70
CA VAL M 76 84.55 18.33 -4.31
C VAL M 76 83.62 17.51 -3.43
N GLY M 77 84.15 16.95 -2.34
CA GLY M 77 83.35 16.11 -1.44
C GLY M 77 83.97 15.82 -0.09
N TYR M 78 83.12 15.78 0.93
CA TYR M 78 83.47 15.39 2.29
C TYR M 78 83.67 13.88 2.33
N ILE M 79 84.85 13.43 2.76
CA ILE M 79 85.14 12.00 2.84
C ILE M 79 84.36 11.36 3.98
N LEU M 80 83.51 10.40 3.64
CA LEU M 80 82.81 9.58 4.62
C LEU M 80 83.65 8.39 5.06
N SER M 81 84.38 7.79 4.10
CA SER M 81 85.20 6.62 4.39
C SER M 81 86.32 6.42 3.36
N ILE M 82 87.50 6.02 3.85
CA ILE M 82 88.57 5.49 3.01
C ILE M 82 88.47 3.97 3.11
N ASP M 83 88.18 3.33 1.98
CA ASP M 83 88.08 1.87 1.92
C ASP M 83 89.44 1.33 1.53
N ARG M 84 90.02 0.51 2.41
CA ARG M 84 91.32 -0.13 2.17
C ARG M 84 91.16 -1.64 2.15
N LYS M 85 91.95 -2.30 1.30
CA LYS M 85 91.71 -3.71 0.93
C LYS M 85 92.99 -4.55 0.99
N GLN M 86 92.82 -5.85 0.73
CA GLN M 86 93.91 -6.83 0.75
C GLN M 86 95.10 -6.45 -0.14
N LEU M 87 94.80 -5.90 -1.32
CA LEU M 87 95.83 -5.28 -2.17
C LEU M 87 95.56 -3.77 -2.24
N VAL M 88 96.53 -3.01 -2.74
CA VAL M 88 96.52 -1.55 -2.62
C VAL M 88 95.67 -0.89 -3.70
N GLN M 89 95.96 -1.24 -4.96
CA GLN M 89 95.29 -0.67 -6.15
C GLN M 89 93.75 -0.57 -6.10
N ASP M 90 93.09 -1.46 -5.36
CA ASP M 90 91.62 -1.42 -5.17
C ASP M 90 91.17 -0.66 -3.89
N ALA M 91 91.92 0.38 -3.51
CA ALA M 91 91.50 1.30 -2.45
C ALA M 91 90.58 2.35 -3.04
N SER M 92 89.67 2.89 -2.23
CA SER M 92 88.67 3.85 -2.73
C SER M 92 88.12 4.78 -1.66
N LEU M 93 88.03 6.07 -2.01
CA LEU M 93 87.36 7.08 -1.19
C LEU M 93 85.88 7.03 -1.46
N LEU M 94 85.08 7.05 -0.41
CA LEU M 94 83.64 7.33 -0.51
C LEU M 94 83.47 8.75 0.03
N LEU M 95 82.96 9.65 -0.82
CA LEU M 95 82.82 11.06 -0.44
C LEU M 95 81.48 11.63 -0.90
N ARG M 96 80.81 12.35 -0.01
CA ARG M 96 79.49 12.94 -0.28
C ARG M 96 79.56 14.45 -0.39
N ASN M 97 78.47 15.01 -0.92
CA ASN M 97 78.36 16.43 -1.21
C ASN M 97 76.91 16.75 -1.59
N GLN M 98 76.32 17.74 -0.93
CA GLN M 98 74.94 18.15 -1.19
C GLN M 98 74.88 19.28 -2.21
N ILE M 99 74.73 18.91 -3.48
CA ILE M 99 74.69 19.88 -4.58
C ILE M 99 73.29 20.47 -4.62
N ALA M 100 73.17 21.75 -4.27
CA ALA M 100 71.89 22.45 -4.14
C ALA M 100 70.98 21.80 -3.07
N LYS M 101 69.89 21.13 -3.46
CA LYS M 101 69.06 20.37 -2.49
C LYS M 101 69.01 18.87 -2.81
N THR M 102 70.06 18.35 -3.44
CA THR M 102 70.23 16.91 -3.69
C THR M 102 71.59 16.45 -3.20
N ALA M 103 71.60 15.43 -2.34
CA ALA M 103 72.83 14.78 -1.92
C ALA M 103 73.40 13.93 -3.05
N VAL M 104 74.70 13.71 -3.04
CA VAL M 104 75.35 12.78 -3.97
C VAL M 104 76.62 12.16 -3.39
N GLU M 105 76.50 10.94 -2.89
CA GLU M 105 77.67 10.13 -2.54
C GLU M 105 78.34 9.66 -3.81
N ILE M 106 79.68 9.64 -3.79
CA ILE M 106 80.49 9.13 -4.89
C ILE M 106 81.62 8.31 -4.30
N ARG M 107 81.74 7.06 -4.76
CA ARG M 107 82.95 6.28 -4.56
C ARG M 107 83.81 6.37 -5.81
N VAL M 108 85.11 6.58 -5.61
CA VAL M 108 86.08 6.59 -6.71
C VAL M 108 87.27 5.72 -6.32
N PRO M 109 87.79 4.90 -7.27
CA PRO M 109 88.99 4.14 -6.94
C PRO M 109 90.20 5.08 -6.91
N LEU M 110 90.94 5.06 -5.81
CA LEU M 110 92.05 5.98 -5.61
C LEU M 110 93.13 5.83 -6.68
N PHE M 111 93.47 4.58 -6.99
CA PHE M 111 94.51 4.27 -7.99
C PHE M 111 93.97 4.02 -9.40
N SER M 112 92.81 4.62 -9.71
CA SER M 112 92.33 4.66 -11.09
C SER M 112 93.25 5.59 -11.88
N PRO M 113 93.58 5.22 -13.14
CA PRO M 113 94.38 6.13 -13.97
C PRO M 113 93.64 7.42 -14.38
N LEU M 114 92.31 7.43 -14.31
CA LEU M 114 91.51 8.60 -14.64
C LEU M 114 91.68 9.80 -13.70
N ILE M 115 92.13 9.59 -12.46
CA ILE M 115 92.33 10.70 -11.52
C ILE M 115 93.80 11.16 -11.51
N GLU M 116 94.00 12.46 -11.77
CA GLU M 116 95.35 13.06 -11.75
C GLU M 116 95.85 13.21 -10.33
N ARG M 117 95.08 13.96 -9.53
CA ARG M 117 95.42 14.26 -8.15
C ARG M 117 94.15 14.41 -7.33
N ILE M 118 94.29 14.34 -6.01
CA ILE M 118 93.21 14.69 -5.10
C ILE M 118 93.69 15.76 -4.12
N ASP M 119 93.21 16.99 -4.32
CA ASP M 119 93.63 18.13 -3.52
C ASP M 119 92.76 18.22 -2.28
N LEU M 120 93.40 18.31 -1.12
CA LEU M 120 92.68 18.51 0.13
C LEU M 120 92.25 19.97 0.17
N LEU M 121 90.93 20.22 0.19
CA LEU M 121 90.38 21.59 0.25
C LEU M 121 90.23 22.08 1.68
N THR M 122 89.67 21.23 2.54
CA THR M 122 89.50 21.53 3.97
C THR M 122 89.89 20.31 4.80
N PRO M 123 90.76 20.50 5.82
CA PRO M 123 91.14 19.38 6.68
C PRO M 123 90.06 19.04 7.71
N HIS M 124 90.10 17.80 8.21
CA HIS M 124 89.08 17.29 9.12
C HIS M 124 89.13 17.97 10.49
N VAL M 125 87.96 18.12 11.11
CA VAL M 125 87.83 18.68 12.46
C VAL M 125 87.93 17.57 13.50
N SER M 126 88.37 17.93 14.71
CA SER M 126 88.61 16.95 15.78
C SER M 126 87.35 16.51 16.54
N SER M 127 86.22 17.19 16.32
CA SER M 127 84.97 16.88 17.03
C SER M 127 84.37 15.53 16.65
N ARG M 128 84.23 15.30 15.34
CA ARG M 128 83.64 14.04 14.83
C ARG M 128 84.59 12.87 15.08
N GLN M 129 84.02 11.72 15.48
CA GLN M 129 84.81 10.67 16.13
C GLN M 129 84.37 9.21 15.84
N ARG M 130 84.62 8.77 14.61
CA ARG M 130 84.70 7.35 14.24
C ARG M 130 85.76 7.25 13.13
N ASN M 131 86.06 6.03 12.67
CA ASN M 131 86.86 5.85 11.45
C ASN M 131 86.10 6.33 10.22
N LYS M 132 84.83 5.92 10.13
CA LYS M 132 83.96 6.28 9.01
C LYS M 132 82.79 7.11 9.52
N HIS M 133 82.43 8.15 8.76
CA HIS M 133 81.32 9.04 9.12
C HIS M 133 80.10 8.76 8.25
N TYR M 134 79.60 7.53 8.31
CA TYR M 134 78.30 7.19 7.72
C TYR M 134 77.16 7.80 8.52
N TYR M 135 77.34 7.95 9.83
CA TYR M 135 76.31 8.51 10.71
C TYR M 135 75.90 9.96 10.40
N ILE M 136 76.83 10.74 9.82
CA ILE M 136 76.56 12.17 9.54
C ILE M 136 75.55 12.42 8.41
N ARG M 137 75.27 11.43 7.56
CA ARG M 137 74.24 11.60 6.53
C ARG M 137 72.85 11.56 7.16
N GLY M 138 72.03 12.58 6.88
CA GLY M 138 70.69 12.71 7.43
C GLY M 138 70.66 13.13 8.89
N THR M 139 71.38 14.21 9.21
CA THR M 139 71.41 14.76 10.58
C THR M 139 71.96 16.20 10.60
N ARG M 140 72.13 16.74 11.81
CA ARG M 140 72.70 18.08 12.02
C ARG M 140 74.15 18.19 11.53
N LEU M 141 74.90 17.09 11.61
CA LEU M 141 76.29 17.03 11.16
C LEU M 141 76.51 16.90 9.64
N ASP M 142 75.45 16.78 8.86
CA ASP M 142 75.57 16.52 7.41
C ASP M 142 76.28 17.66 6.67
N VAL M 143 76.79 17.35 5.48
CA VAL M 143 77.87 18.13 4.85
C VAL M 143 77.47 19.50 4.31
N GLY M 144 76.25 19.62 3.79
CA GLY M 144 75.80 20.85 3.14
C GLY M 144 76.45 21.07 1.79
N ASP M 145 76.24 22.25 1.22
CA ASP M 145 76.84 22.59 -0.08
C ASP M 145 78.31 22.99 0.14
N LEU M 146 79.21 22.09 -0.24
CA LEU M 146 80.66 22.29 -0.06
C LEU M 146 81.21 23.34 -1.03
N GLU M 147 80.87 23.18 -2.31
CA GLU M 147 81.29 24.10 -3.37
C GLU M 147 80.88 25.54 -3.07
N ALA M 148 79.64 25.71 -2.64
CA ALA M 148 79.09 27.02 -2.24
C ALA M 148 79.85 27.63 -1.05
N GLY M 149 80.19 26.78 -0.08
CA GLY M 149 80.95 27.22 1.10
C GLY M 149 82.36 27.66 0.77
N LEU M 150 83.05 26.87 -0.05
CA LEU M 150 84.38 27.22 -0.60
C LEU M 150 84.36 28.58 -1.27
N ARG M 151 83.34 28.75 -2.09
CA ARG M 151 83.15 29.92 -2.91
C ARG M 151 82.82 31.17 -2.08
N THR N 1 65.11 -110.40 -50.41
CA THR N 1 65.73 -109.54 -49.35
C THR N 1 67.10 -110.07 -48.93
N ASP N 2 68.15 -109.48 -49.53
CA ASP N 2 69.53 -109.84 -49.18
C ASP N 2 69.88 -109.24 -47.82
N THR N 3 69.73 -110.05 -46.77
CA THR N 3 69.89 -109.60 -45.39
C THR N 3 71.28 -109.97 -44.82
N THR N 4 72.28 -109.98 -45.70
CA THR N 4 73.64 -110.45 -45.34
C THR N 4 74.44 -109.47 -44.47
N PRO N 5 74.40 -108.15 -44.75
CA PRO N 5 75.17 -107.22 -43.90
C PRO N 5 74.70 -107.17 -42.46
N LEU N 6 73.38 -107.19 -42.28
CA LEU N 6 72.74 -107.23 -40.95
C LEU N 6 73.19 -108.46 -40.19
N LYS N 7 73.13 -109.60 -40.86
CA LYS N 7 73.55 -110.90 -40.29
C LYS N 7 75.01 -110.87 -39.84
N LEU N 8 75.86 -110.26 -40.66
CA LEU N 8 77.29 -110.13 -40.36
C LEU N 8 77.59 -109.24 -39.15
N SER N 9 76.89 -108.12 -39.04
CA SER N 9 77.25 -107.07 -38.07
C SER N 9 77.19 -107.53 -36.61
N ASN N 10 78.19 -107.11 -35.83
CA ASN N 10 78.25 -107.43 -34.39
C ASN N 10 77.21 -106.68 -33.56
N GLU N 11 77.03 -105.38 -33.87
CA GLU N 11 75.99 -104.57 -33.24
C GLU N 11 74.78 -104.52 -34.15
N LEU N 12 73.59 -104.49 -33.53
CA LEU N 12 72.33 -104.62 -34.25
C LEU N 12 71.19 -104.13 -33.36
N TYR N 13 70.32 -103.27 -33.92
CA TYR N 13 69.16 -102.76 -33.20
C TYR N 13 67.85 -103.15 -33.87
N ALA N 14 66.77 -103.09 -33.08
CA ALA N 14 65.41 -103.38 -33.55
C ALA N 14 64.48 -102.27 -33.12
N ILE N 15 63.39 -102.08 -33.85
CA ILE N 15 62.34 -101.12 -33.50
C ILE N 15 60.98 -101.84 -33.52
N PHE N 16 60.85 -102.82 -32.63
CA PHE N 16 59.60 -103.57 -32.47
C PHE N 16 58.49 -102.71 -31.87
N LYS N 17 57.24 -103.01 -32.24
CA LYS N 17 56.07 -102.26 -31.77
C LYS N 17 55.09 -103.13 -31.00
N ILE N 18 54.85 -102.77 -29.73
CA ILE N 18 53.79 -103.37 -28.92
C ILE N 18 52.62 -102.39 -28.88
N HIS N 19 51.47 -102.81 -29.42
CA HIS N 19 50.28 -101.97 -29.57
C HIS N 19 50.57 -100.65 -30.29
N ASN N 20 51.32 -100.76 -31.39
CA ASN N 20 51.77 -99.61 -32.19
C ASN N 20 52.68 -98.60 -31.47
N ARG N 21 53.17 -98.94 -30.27
CA ARG N 21 54.11 -98.12 -29.52
C ARG N 21 55.51 -98.63 -29.89
N PRO N 22 56.33 -97.81 -30.58
CA PRO N 22 57.67 -98.29 -30.94
C PRO N 22 58.65 -98.26 -29.78
N TYR N 23 59.54 -99.25 -29.73
CA TYR N 23 60.62 -99.31 -28.74
C TYR N 23 61.91 -99.71 -29.43
N LEU N 24 62.88 -98.80 -29.50
CA LEU N 24 64.15 -99.06 -30.15
C LEU N 24 65.09 -99.76 -29.17
N VAL N 25 65.51 -100.98 -29.50
CA VAL N 25 66.28 -101.82 -28.58
C VAL N 25 67.47 -102.56 -29.20
N THR N 26 68.44 -102.86 -28.34
CA THR N 26 69.51 -103.82 -28.60
C THR N 26 69.33 -104.98 -27.61
N GLU N 27 70.22 -105.98 -27.64
CA GLU N 27 70.17 -107.06 -26.66
C GLU N 27 70.69 -106.55 -25.31
N GLY N 28 70.03 -106.95 -24.23
CA GLY N 28 70.32 -106.43 -22.90
C GLY N 28 69.49 -105.24 -22.47
N ASP N 29 68.88 -104.54 -23.44
CA ASP N 29 68.05 -103.37 -23.13
C ASP N 29 66.79 -103.77 -22.38
N ARG N 30 66.34 -102.84 -21.56
CA ARG N 30 65.36 -103.09 -20.51
C ARG N 30 64.16 -102.19 -20.76
N VAL N 31 63.16 -102.73 -21.46
CA VAL N 31 61.99 -101.96 -21.90
C VAL N 31 61.03 -101.84 -20.71
N ILE N 32 60.38 -100.69 -20.60
CA ILE N 32 59.43 -100.42 -19.52
C ILE N 32 58.10 -100.03 -20.14
N LEU N 33 57.24 -101.04 -20.35
CA LEU N 33 55.93 -100.84 -20.94
C LEU N 33 55.01 -100.16 -19.94
N PRO N 34 54.22 -99.15 -20.38
CA PRO N 34 53.39 -98.37 -19.46
C PRO N 34 51.98 -98.95 -19.25
N PHE N 35 51.90 -100.26 -19.01
CA PHE N 35 50.62 -100.93 -18.73
C PHE N 35 50.84 -102.29 -18.07
N LYS N 36 49.76 -102.81 -17.52
CA LYS N 36 49.77 -104.12 -16.86
C LYS N 36 49.56 -105.22 -17.89
N LEU N 37 50.56 -106.07 -18.07
CA LEU N 37 50.44 -107.26 -18.94
C LEU N 37 49.60 -108.32 -18.23
N LYS N 38 48.53 -108.76 -18.88
CA LYS N 38 47.66 -109.83 -18.36
C LYS N 38 48.02 -111.22 -18.88
N GLN N 39 48.51 -111.29 -20.12
CA GLN N 39 48.75 -112.56 -20.81
C GLN N 39 49.95 -113.28 -20.21
N ALA N 40 51.07 -112.55 -20.17
CA ALA N 40 52.33 -113.09 -19.66
C ALA N 40 52.47 -112.84 -18.16
N GLU N 41 52.92 -113.86 -17.44
CA GLU N 41 53.37 -113.73 -16.05
C GLU N 41 54.84 -113.30 -16.03
N VAL N 42 55.37 -113.07 -14.83
CA VAL N 42 56.80 -112.78 -14.65
C VAL N 42 57.59 -114.07 -14.90
N GLY N 43 58.66 -113.96 -15.67
CA GLY N 43 59.45 -115.11 -16.11
C GLY N 43 59.12 -115.61 -17.51
N ASP N 44 57.93 -115.27 -18.01
CA ASP N 44 57.51 -115.66 -19.36
C ASP N 44 58.26 -114.88 -20.44
N ILE N 45 58.43 -115.55 -21.58
CA ILE N 45 59.19 -115.02 -22.71
C ILE N 45 58.20 -114.53 -23.77
N LEU N 46 58.49 -113.38 -24.36
CA LEU N 46 57.67 -112.78 -25.42
C LEU N 46 58.45 -112.78 -26.74
N ASN N 47 57.91 -113.48 -27.74
CA ASN N 47 58.46 -113.46 -29.09
C ASN N 47 57.88 -112.30 -29.87
N MET N 48 58.67 -111.25 -30.09
CA MET N 48 58.19 -110.04 -30.74
C MET N 48 57.89 -110.29 -32.22
N THR N 49 56.76 -109.76 -32.68
CA THR N 49 56.16 -110.10 -33.96
C THR N 49 56.08 -108.91 -34.90
N ASP N 50 55.49 -107.81 -34.42
CA ASP N 50 55.41 -106.57 -35.21
C ASP N 50 56.71 -105.77 -35.09
N VAL N 51 57.74 -106.27 -35.79
CA VAL N 51 59.05 -105.62 -35.83
C VAL N 51 59.11 -104.79 -37.10
N THR N 52 59.16 -103.48 -36.93
CA THR N 52 59.13 -102.53 -38.05
C THR N 52 60.49 -102.47 -38.75
N THR N 53 61.54 -102.23 -37.96
CA THR N 53 62.88 -101.98 -38.49
C THR N 53 63.92 -102.81 -37.75
N LEU N 54 64.87 -103.36 -38.51
CA LEU N 54 66.01 -104.09 -37.97
C LEU N 54 67.25 -103.48 -38.61
N GLY N 55 68.09 -102.85 -37.79
CA GLY N 55 69.17 -102.00 -38.29
C GLY N 55 70.55 -102.31 -37.77
N SER N 56 71.53 -102.24 -38.68
CA SER N 56 72.95 -102.23 -38.34
C SER N 56 73.39 -100.77 -38.19
N ARG N 57 74.70 -100.52 -38.19
CA ARG N 57 75.23 -99.14 -38.18
C ARG N 57 74.90 -98.39 -39.48
N ASN N 58 75.02 -99.08 -40.62
CA ASN N 58 74.82 -98.46 -41.94
C ASN N 58 73.67 -99.01 -42.80
N TYR N 59 73.06 -100.12 -42.39
CA TYR N 59 71.95 -100.70 -43.14
C TYR N 59 70.76 -100.87 -42.22
N LYS N 60 69.57 -101.01 -42.82
CA LYS N 60 68.39 -101.41 -42.08
C LYS N 60 67.39 -102.12 -42.97
N LEU N 61 66.95 -103.29 -42.49
CA LEU N 61 65.79 -103.97 -43.04
C LEU N 61 64.56 -103.32 -42.42
N VAL N 62 63.53 -103.12 -43.24
CA VAL N 62 62.26 -102.55 -42.78
C VAL N 62 61.10 -103.34 -43.38
N GLY N 63 60.12 -103.63 -42.53
CA GLY N 63 58.93 -104.37 -42.92
C GLY N 63 57.79 -104.04 -41.99
N HIS N 64 56.58 -104.32 -42.42
CA HIS N 64 55.46 -104.05 -41.57
C HIS N 64 54.53 -105.23 -41.63
N PRO N 65 54.82 -106.25 -40.84
CA PRO N 65 55.97 -106.28 -39.94
C PRO N 65 57.01 -107.22 -40.51
N ILE N 66 58.27 -106.82 -40.50
CA ILE N 66 59.33 -107.64 -41.10
C ILE N 66 58.93 -109.12 -40.97
N ASN N 67 59.33 -109.93 -41.96
CA ASN N 67 59.13 -111.38 -41.90
C ASN N 67 59.65 -111.99 -40.61
N THR N 68 58.77 -112.70 -39.89
CA THR N 68 59.12 -113.38 -38.64
C THR N 68 60.26 -114.39 -38.81
N SER N 69 60.33 -115.01 -39.99
CA SER N 69 61.40 -115.96 -40.32
C SER N 69 62.82 -115.37 -40.33
N LEU N 70 62.94 -114.10 -40.69
CA LEU N 70 64.25 -113.46 -40.89
C LEU N 70 65.05 -113.20 -39.61
N TYR N 71 64.35 -113.05 -38.48
CA TYR N 71 64.98 -112.63 -37.22
C TYR N 71 64.48 -113.42 -36.02
N THR N 72 65.09 -113.13 -34.87
CA THR N 72 64.56 -113.50 -33.55
C THR N 72 64.59 -112.23 -32.69
N LEU N 73 63.66 -112.14 -31.75
CA LEU N 73 63.64 -111.03 -30.78
C LEU N 73 62.84 -111.45 -29.54
N LYS N 74 63.55 -112.09 -28.60
CA LYS N 74 62.94 -112.60 -27.38
C LYS N 74 63.10 -111.61 -26.23
N ALA N 75 61.97 -111.11 -25.73
CA ALA N 75 61.92 -110.36 -24.48
C ALA N 75 61.55 -111.32 -23.36
N THR N 76 61.98 -111.00 -22.14
CA THR N 76 61.57 -111.71 -20.93
C THR N 76 60.82 -110.72 -20.05
N VAL N 77 59.72 -111.17 -19.45
CA VAL N 77 58.94 -110.34 -18.54
C VAL N 77 59.61 -110.38 -17.17
N VAL N 78 60.29 -109.28 -16.82
CA VAL N 78 61.13 -109.19 -15.63
C VAL N 78 60.50 -108.17 -14.68
N GLY N 79 59.31 -108.52 -14.19
CA GLY N 79 58.63 -107.75 -13.15
C GLY N 79 57.54 -106.81 -13.64
N LYS N 80 56.30 -107.12 -13.29
CA LYS N 80 55.20 -106.14 -13.31
C LYS N 80 55.36 -105.26 -12.08
N THR N 81 55.11 -103.97 -12.23
CA THR N 81 55.24 -103.02 -11.11
C THR N 81 54.36 -101.78 -11.37
N LYS N 82 54.63 -100.69 -10.65
CA LYS N 82 53.88 -99.44 -10.81
C LYS N 82 54.79 -98.22 -10.81
N ARG N 83 54.24 -97.11 -11.31
CA ARG N 83 54.84 -95.78 -11.15
C ARG N 83 54.66 -95.32 -9.71
N ALA N 84 55.37 -94.26 -9.35
CA ALA N 84 55.24 -93.65 -8.03
C ALA N 84 53.85 -93.03 -7.87
N PHE N 85 53.30 -93.15 -6.67
CA PHE N 85 51.96 -92.63 -6.36
C PHE N 85 51.98 -91.11 -6.31
N GLN N 86 51.05 -90.49 -7.02
CA GLN N 86 50.92 -89.04 -7.08
C GLN N 86 49.49 -88.62 -6.81
N THR N 87 49.33 -87.45 -6.19
CA THR N 87 48.01 -86.87 -5.91
C THR N 87 47.99 -85.39 -6.26
N ARG N 88 47.69 -85.10 -7.52
CA ARG N 88 47.42 -83.72 -7.95
C ARG N 88 46.04 -83.32 -7.46
N GLU N 89 45.89 -82.07 -7.04
CA GLU N 89 44.61 -81.56 -6.54
C GLU N 89 43.88 -80.76 -7.62
N VAL N 90 42.57 -80.99 -7.71
CA VAL N 90 41.71 -80.37 -8.71
C VAL N 90 40.74 -79.46 -7.97
N THR N 91 40.74 -78.18 -8.33
CA THR N 91 39.84 -77.21 -7.69
C THR N 91 39.64 -75.95 -8.54
N LYS N 92 38.49 -75.32 -8.36
CA LYS N 92 38.15 -74.06 -9.01
C LYS N 92 38.56 -72.91 -8.10
N ARG N 93 38.44 -71.68 -8.60
CA ARG N 93 39.18 -70.55 -8.05
C ARG N 93 38.57 -69.80 -6.87
N ARG N 94 37.29 -70.03 -6.57
CA ARG N 94 36.68 -69.55 -5.32
C ARG N 94 35.74 -70.64 -4.82
N ASN N 95 36.36 -71.77 -4.50
CA ASN N 95 35.66 -72.98 -4.12
C ASN N 95 36.53 -73.79 -3.17
N ARG N 96 36.04 -74.00 -1.96
CA ARG N 96 36.82 -74.69 -0.91
C ARG N 96 36.95 -76.19 -1.12
N ARG N 97 36.05 -76.78 -1.92
CA ARG N 97 36.14 -78.20 -2.26
C ARG N 97 37.30 -78.43 -3.22
N VAL N 98 38.22 -79.30 -2.82
CA VAL N 98 39.44 -79.58 -3.56
C VAL N 98 39.55 -81.09 -3.74
N ARG N 99 39.15 -81.57 -4.92
CA ARG N 99 39.14 -83.00 -5.21
C ARG N 99 40.55 -83.51 -5.50
N HIS N 100 40.97 -84.53 -4.78
CA HIS N 100 42.28 -85.13 -4.94
C HIS N 100 42.23 -86.22 -6.01
N ALA N 101 42.99 -86.02 -7.08
CA ALA N 101 43.04 -86.96 -8.21
C ALA N 101 44.25 -87.86 -8.04
N LYS N 102 44.08 -88.92 -7.23
CA LYS N 102 45.15 -89.88 -6.96
C LYS N 102 45.46 -90.73 -8.19
N SER N 103 46.74 -91.05 -8.38
CA SER N 103 47.21 -91.76 -9.57
C SER N 103 48.44 -92.61 -9.27
N LYS N 104 48.46 -93.82 -9.81
CA LYS N 104 49.56 -94.76 -9.62
C LYS N 104 49.50 -95.81 -10.72
N GLY N 105 49.95 -95.43 -11.91
CA GLY N 105 49.84 -96.26 -13.11
C GLY N 105 50.73 -97.49 -13.07
N ASP N 106 50.34 -98.51 -13.84
CA ASP N 106 51.04 -99.78 -13.88
C ASP N 106 52.17 -99.76 -14.90
N LEU N 107 53.20 -100.57 -14.63
CA LEU N 107 54.35 -100.74 -15.51
C LEU N 107 54.66 -102.23 -15.67
N THR N 108 55.27 -102.58 -16.79
CA THR N 108 55.78 -103.93 -17.00
C THR N 108 57.21 -103.84 -17.55
N ILE N 109 58.17 -104.29 -16.75
CA ILE N 109 59.57 -104.27 -17.11
C ILE N 109 59.85 -105.52 -17.95
N LEU N 110 60.16 -105.32 -19.24
CA LEU N 110 60.68 -106.37 -20.09
C LEU N 110 62.20 -106.23 -20.18
N ARG N 111 62.86 -107.34 -20.52
CA ARG N 111 64.29 -107.32 -20.87
C ARG N 111 64.50 -108.08 -22.17
N ILE N 112 65.12 -107.39 -23.14
CA ILE N 112 65.40 -107.97 -24.45
C ILE N 112 66.56 -108.95 -24.31
N SER N 113 66.24 -110.23 -24.27
CA SER N 113 67.24 -111.28 -24.03
C SER N 113 67.98 -111.67 -25.31
N GLU N 114 67.24 -111.86 -26.39
CA GLU N 114 67.81 -112.28 -27.68
C GLU N 114 67.37 -111.34 -28.79
N LEU N 115 68.31 -110.98 -29.67
CA LEU N 115 68.04 -110.20 -30.87
C LEU N 115 69.10 -110.51 -31.92
N SER N 116 68.71 -111.27 -32.95
CA SER N 116 69.67 -111.72 -33.97
C SER N 116 68.97 -112.07 -35.29
N MET N 117 69.76 -112.04 -36.37
CA MET N 117 69.28 -112.40 -37.70
C MET N 117 69.38 -113.91 -37.84
N ASN N 118 68.24 -114.55 -38.15
CA ASN N 118 68.13 -116.00 -38.16
C ASN N 118 68.68 -116.59 -39.46
N SER O 1 93.76 -67.85 53.72
CA SER O 1 93.99 -69.23 53.16
C SER O 1 92.71 -70.05 53.06
N ILE O 2 92.80 -71.14 52.31
CA ILE O 2 91.67 -72.06 52.07
C ILE O 2 90.53 -71.34 51.35
N THR O 3 90.77 -71.03 50.09
CA THR O 3 89.78 -70.41 49.21
C THR O 3 88.94 -71.47 48.51
N ILE O 4 87.96 -71.02 47.75
CA ILE O 4 87.20 -71.88 46.83
C ILE O 4 88.10 -72.58 45.80
N GLU O 5 89.17 -71.89 45.37
CA GLU O 5 90.11 -72.42 44.39
C GLU O 5 91.07 -73.46 44.98
N ASN O 6 91.63 -73.16 46.15
CA ASN O 6 92.62 -74.03 46.80
C ASN O 6 92.08 -75.36 47.30
N ASP O 7 90.83 -75.35 47.79
CA ASP O 7 90.20 -76.56 48.33
C ASP O 7 89.95 -77.58 47.22
N LYS O 8 90.53 -78.77 47.38
CA LYS O 8 90.47 -79.81 46.36
C LYS O 8 89.17 -80.61 46.40
N LEU O 9 88.73 -80.95 47.61
CA LEU O 9 87.47 -81.68 47.83
C LEU O 9 86.27 -80.95 47.24
N LEU O 10 86.22 -79.64 47.48
CA LEU O 10 85.21 -78.75 46.93
C LEU O 10 85.23 -78.75 45.40
N GLN O 11 86.43 -78.68 44.84
CA GLN O 11 86.63 -78.72 43.40
C GLN O 11 86.12 -80.02 42.77
N GLN O 12 86.45 -81.13 43.43
CA GLN O 12 85.98 -82.47 43.01
C GLN O 12 84.45 -82.57 43.03
N HIS O 13 83.85 -82.06 44.09
CA HIS O 13 82.39 -81.98 44.23
C HIS O 13 81.75 -81.20 43.10
N ILE O 14 82.33 -80.04 42.80
CA ILE O 14 81.87 -79.17 41.70
C ILE O 14 81.93 -79.91 40.37
N ILE O 15 83.05 -80.59 40.13
CA ILE O 15 83.26 -81.41 38.93
C ILE O 15 82.20 -82.51 38.81
N SER O 16 81.93 -83.19 39.93
CA SER O 16 80.91 -84.26 39.97
C SER O 16 79.51 -83.73 39.63
N LEU O 17 79.17 -82.58 40.20
CA LEU O 17 77.92 -81.87 39.91
C LEU O 17 77.74 -81.59 38.41
N GLN O 18 78.81 -81.14 37.77
CA GLN O 18 78.82 -80.85 36.33
C GLN O 18 79.43 -82.05 35.59
N GLN O 19 79.90 -81.86 34.35
CA GLN O 19 80.66 -82.89 33.61
C GLN O 19 82.17 -82.70 33.83
N PRO O 20 82.99 -83.77 33.66
CA PRO O 20 84.44 -83.62 33.88
C PRO O 20 85.17 -82.80 32.81
N GLU O 21 86.34 -82.28 33.19
CA GLU O 21 87.18 -81.47 32.29
C GLU O 21 88.06 -82.36 31.44
N GLN O 22 87.57 -82.69 30.25
CA GLN O 22 88.30 -83.52 29.30
C GLN O 22 87.70 -83.36 27.91
N LEU O 23 88.54 -83.52 26.89
CA LEU O 23 88.12 -83.39 25.49
C LEU O 23 87.11 -84.46 25.09
N ALA O 24 86.38 -84.18 24.01
CA ALA O 24 85.35 -85.06 23.46
C ALA O 24 85.86 -86.46 23.15
N SER O 25 87.09 -86.55 22.65
CA SER O 25 87.75 -87.83 22.37
C SER O 25 87.89 -88.71 23.61
N GLN O 26 88.24 -88.10 24.75
CA GLN O 26 88.34 -88.80 26.02
C GLN O 26 86.95 -89.07 26.60
N SER O 27 86.09 -88.05 26.58
CA SER O 27 84.75 -88.10 27.16
C SER O 27 83.83 -89.14 26.51
N LEU O 28 83.57 -88.97 25.21
CA LEU O 28 82.62 -89.84 24.49
C LEU O 28 83.11 -91.28 24.38
N LEU O 29 84.26 -91.46 23.74
CA LEU O 29 84.68 -92.77 23.24
C LEU O 29 85.01 -93.80 24.31
N SER O 30 84.75 -95.07 23.98
CA SER O 30 85.24 -96.21 24.76
C SER O 30 86.76 -96.33 24.57
N PRO O 31 87.48 -97.00 25.51
CA PRO O 31 88.95 -96.99 25.47
C PRO O 31 89.61 -97.50 24.19
N LEU O 32 89.24 -98.70 23.73
CA LEU O 32 89.81 -99.28 22.50
C LEU O 32 89.57 -98.38 21.30
N LYS O 33 88.31 -97.96 21.13
CA LYS O 33 87.91 -97.06 20.05
C LYS O 33 88.71 -95.76 20.06
N ARG O 34 88.82 -95.19 21.25
CA ARG O 34 89.61 -93.97 21.50
C ARG O 34 91.07 -94.15 21.08
N GLU O 35 91.68 -95.26 21.49
CA GLU O 35 93.05 -95.60 21.12
C GLU O 35 93.24 -95.69 19.61
N ILE O 36 92.27 -96.35 18.95
CA ILE O 36 92.25 -96.48 17.49
C ILE O 36 92.19 -95.12 16.81
N TYR O 37 91.29 -94.28 17.30
CA TYR O 37 91.14 -92.90 16.80
C TYR O 37 92.44 -92.09 16.93
N GLU O 38 93.08 -92.21 18.09
CA GLU O 38 94.38 -91.57 18.35
C GLU O 38 95.46 -92.03 17.39
N ALA O 39 95.51 -93.34 17.16
CA ALA O 39 96.44 -93.95 16.20
C ALA O 39 96.22 -93.42 14.78
N ASN O 40 94.95 -93.35 14.38
CA ASN O 40 94.54 -92.80 13.08
C ASN O 40 95.01 -91.36 12.91
N CYS O 41 94.75 -90.54 13.93
CA CYS O 41 95.20 -89.14 13.97
C CYS O 41 96.71 -89.00 13.83
N LYS O 42 97.43 -89.82 14.58
CA LYS O 42 98.91 -89.89 14.51
C LYS O 42 99.41 -90.19 13.09
N ILE O 43 98.79 -91.19 12.47
CA ILE O 43 99.16 -91.63 11.12
C ILE O 43 98.93 -90.52 10.08
N ASN O 44 97.79 -89.84 10.18
CA ASN O 44 97.34 -88.90 9.15
C ASN O 44 97.50 -87.42 9.51
N GLY O 45 98.57 -87.08 10.23
CA GLY O 45 98.93 -85.68 10.51
C GLY O 45 97.97 -84.94 11.42
N GLY O 46 97.60 -85.57 12.53
CA GLY O 46 96.77 -84.94 13.56
C GLY O 46 95.27 -84.86 13.30
N PHE O 47 94.76 -85.64 12.36
CA PHE O 47 93.31 -85.74 12.14
C PHE O 47 92.91 -87.07 11.49
N TYR O 48 91.64 -87.41 11.63
CA TYR O 48 91.10 -88.70 11.17
C TYR O 48 90.95 -88.74 9.64
N LYS O 49 91.29 -89.88 9.05
CA LYS O 49 90.98 -90.19 7.66
C LYS O 49 90.28 -91.54 7.59
N LYS O 50 89.57 -91.78 6.49
CA LYS O 50 88.64 -92.92 6.38
C LYS O 50 89.33 -94.30 6.40
N ASP O 51 90.02 -94.63 5.31
CA ASP O 51 90.58 -95.97 5.11
C ASP O 51 92.04 -96.05 5.57
N THR O 52 92.24 -95.81 6.86
CA THR O 52 93.56 -95.95 7.50
C THR O 52 93.50 -97.17 8.40
N ILE O 53 94.27 -98.20 8.06
CA ILE O 53 94.30 -99.45 8.82
C ILE O 53 95.37 -99.32 9.91
N VAL O 54 94.94 -98.94 11.11
CA VAL O 54 95.86 -98.59 12.19
C VAL O 54 96.32 -99.82 12.97
N LYS O 55 97.52 -99.72 13.54
CA LYS O 55 98.05 -100.70 14.50
C LYS O 55 98.35 -99.93 15.79
N LEU O 56 98.40 -100.66 16.91
CA LEU O 56 98.64 -100.05 18.24
C LEU O 56 99.82 -100.74 18.92
N PRO O 57 100.45 -100.06 19.89
CA PRO O 57 101.64 -100.62 20.54
C PRO O 57 101.33 -101.74 21.53
N ASN O 58 102.29 -102.64 21.71
CA ASN O 58 102.17 -103.82 22.58
C ASN O 58 101.06 -104.79 22.14
N SER O 59 100.81 -104.86 20.83
CA SER O 59 99.77 -105.71 20.25
C SER O 59 99.94 -105.83 18.74
N SER O 60 99.53 -106.97 18.19
CA SER O 60 99.60 -107.24 16.74
C SER O 60 98.23 -107.21 16.06
N GLU O 61 97.25 -106.53 16.68
CA GLU O 61 95.88 -106.44 16.16
C GLU O 61 95.72 -105.15 15.37
N ARG O 62 95.45 -105.28 14.06
CA ARG O 62 95.15 -104.11 13.23
C ARG O 62 93.68 -103.72 13.39
N TYR O 63 93.35 -102.49 13.04
CA TYR O 63 91.97 -101.98 13.12
C TYR O 63 91.68 -100.98 12.01
N LYS O 64 90.39 -100.83 11.71
CA LYS O 64 89.90 -99.81 10.78
C LYS O 64 88.67 -99.15 11.41
N LEU O 65 88.72 -97.82 11.51
CA LEU O 65 87.71 -97.04 12.23
C LEU O 65 86.71 -96.44 11.24
N LYS O 66 85.42 -96.54 11.57
CA LYS O 66 84.33 -96.08 10.71
C LYS O 66 83.53 -94.99 11.42
N LEU O 67 83.75 -93.74 11.05
CA LEU O 67 83.01 -92.68 11.71
C LEU O 67 82.16 -91.93 10.72
N THR O 68 81.20 -91.20 11.23
CA THR O 68 80.38 -90.40 10.36
C THR O 68 80.99 -89.02 10.18
N LYS O 69 80.28 -88.16 9.49
CA LYS O 69 80.74 -86.77 9.35
C LYS O 69 80.56 -85.99 10.66
N ARG O 70 79.42 -86.23 11.30
CA ARG O 70 79.08 -85.59 12.57
C ARG O 70 80.03 -86.02 13.69
N GLU O 71 80.30 -87.32 13.76
CA GLU O 71 81.26 -87.90 14.70
C GLU O 71 82.67 -87.33 14.55
N ILE O 72 83.10 -87.19 13.29
CA ILE O 72 84.39 -86.58 12.96
C ILE O 72 84.45 -85.14 13.49
N GLU O 73 83.40 -84.39 13.21
CA GLU O 73 83.28 -82.99 13.63
C GLU O 73 83.38 -82.82 15.14
N VAL O 74 82.63 -83.65 15.87
CA VAL O 74 82.53 -83.51 17.33
C VAL O 74 83.82 -83.89 18.06
N LEU O 75 84.52 -84.91 17.57
CA LEU O 75 85.71 -85.45 18.26
C LEU O 75 86.98 -84.62 18.12
N GLU O 76 87.04 -83.74 17.12
CA GLU O 76 88.15 -82.78 17.01
C GLU O 76 88.17 -81.88 18.25
N PRO O 77 89.38 -81.57 18.78
CA PRO O 77 89.46 -80.78 20.02
C PRO O 77 88.88 -79.38 19.87
N SER O 78 87.86 -79.09 20.69
CA SER O 78 87.22 -77.78 20.72
C SER O 78 87.01 -77.33 22.16
N VAL O 79 86.51 -76.11 22.33
CA VAL O 79 86.13 -75.58 23.65
C VAL O 79 84.97 -74.60 23.51
N TYR O 80 83.99 -74.76 24.41
CA TYR O 80 82.67 -74.14 24.29
C TYR O 80 82.48 -73.04 25.33
N ALA O 81 82.76 -71.80 24.93
CA ALA O 81 82.54 -70.64 25.79
C ALA O 81 81.06 -70.26 25.82
N GLN O 82 80.63 -69.71 26.95
CA GLN O 82 79.27 -69.21 27.12
C GLN O 82 79.28 -67.96 27.99
N SER O 83 78.51 -66.95 27.59
CA SER O 83 78.38 -65.73 28.37
C SER O 83 77.33 -65.92 29.45
N TYR O 84 77.23 -64.93 30.33
CA TYR O 84 76.13 -64.82 31.27
C TYR O 84 75.03 -63.99 30.62
N ARG O 85 73.96 -63.69 31.36
CA ARG O 85 72.84 -62.91 30.85
C ARG O 85 73.26 -61.47 30.50
N ILE O 86 73.70 -61.29 29.25
CA ILE O 86 74.11 -59.97 28.75
C ILE O 86 72.87 -59.10 28.52
N LYS O 87 72.99 -57.83 28.90
CA LYS O 87 71.94 -56.84 28.65
C LYS O 87 72.19 -56.20 27.28
N SER O 88 71.54 -56.75 26.26
CA SER O 88 71.59 -56.19 24.90
C SER O 88 70.55 -56.82 23.99
N SER O 89 70.44 -56.25 22.80
CA SER O 89 69.66 -56.83 21.72
C SER O 89 70.50 -57.88 21.00
N MET O 90 69.83 -58.83 20.36
CA MET O 90 70.49 -59.85 19.53
C MET O 90 71.10 -59.21 18.28
N LYS O 91 70.38 -58.23 17.73
CA LYS O 91 70.80 -57.48 16.54
C LYS O 91 72.11 -56.71 16.78
N LYS O 92 72.19 -56.06 17.94
CA LYS O 92 73.38 -55.32 18.38
C LYS O 92 74.59 -56.23 18.56
N ALA O 93 74.36 -57.41 19.13
CA ALA O 93 75.40 -58.43 19.27
C ALA O 93 75.91 -58.89 17.91
N THR O 94 74.98 -59.22 17.03
CA THR O 94 75.28 -59.61 15.65
C THR O 94 76.17 -58.58 14.95
N LEU O 95 75.81 -57.31 15.08
CA LEU O 95 76.56 -56.19 14.51
C LEU O 95 78.06 -56.24 14.85
N LEU O 96 78.41 -56.69 16.06
CA LEU O 96 79.81 -56.96 16.43
C LEU O 96 80.26 -58.36 16.00
N LEU O 97 79.54 -59.38 16.46
CA LEU O 97 79.97 -60.80 16.32
C LEU O 97 80.31 -61.27 14.90
N ARG O 98 79.68 -60.66 13.90
CA ARG O 98 80.00 -60.94 12.49
C ARG O 98 81.45 -60.60 12.11
N LEU O 99 82.02 -59.60 12.78
CA LEU O 99 83.45 -59.25 12.61
C LEU O 99 84.39 -60.34 13.14
N LEU O 100 83.98 -61.00 14.24
CA LEU O 100 84.79 -62.04 14.88
C LEU O 100 84.42 -63.45 14.38
N GLY O 101 84.29 -63.60 13.07
CA GLY O 101 83.81 -64.85 12.47
C GLY O 101 84.78 -65.99 12.65
N GLY O 102 85.83 -66.00 11.82
CA GLY O 102 86.84 -67.06 11.83
C GLY O 102 88.22 -66.61 12.29
N LEU O 103 88.26 -65.67 13.23
CA LEU O 103 89.52 -65.09 13.71
C LEU O 103 90.24 -66.02 14.67
N ASP O 104 91.54 -65.80 14.82
CA ASP O 104 92.30 -66.38 15.93
C ASP O 104 91.80 -65.71 17.20
N VAL O 105 91.71 -66.47 18.29
CA VAL O 105 91.07 -65.95 19.52
C VAL O 105 91.74 -64.68 20.05
N MET O 106 93.07 -64.63 19.99
CA MET O 106 93.83 -63.46 20.45
C MET O 106 93.53 -62.22 19.64
N LYS O 107 93.43 -62.38 18.33
CA LYS O 107 93.05 -61.30 17.41
C LYS O 107 91.66 -60.77 17.74
N ALA O 108 90.72 -61.70 17.91
CA ALA O 108 89.34 -61.36 18.28
C ALA O 108 89.26 -60.60 19.60
N ILE O 109 90.00 -61.07 20.60
CA ILE O 109 90.11 -60.41 21.91
C ILE O 109 90.62 -58.98 21.76
N SER O 110 91.68 -58.82 20.96
CA SER O 110 92.26 -57.51 20.67
C SER O 110 91.24 -56.58 20.01
N GLN O 111 90.51 -57.10 19.02
CA GLN O 111 89.45 -56.33 18.35
C GLN O 111 88.37 -55.86 19.33
N CYS O 112 87.95 -56.76 20.21
CA CYS O 112 86.97 -56.46 21.24
C CYS O 112 87.44 -55.38 22.21
N HIS O 113 88.71 -55.47 22.61
CA HIS O 113 89.32 -54.46 23.48
C HIS O 113 89.24 -53.04 22.90
N PHE O 114 89.53 -52.92 21.60
CA PHE O 114 89.54 -51.62 20.93
C PHE O 114 88.25 -51.28 20.17
N SER O 115 87.20 -52.08 20.37
CA SER O 115 85.87 -51.77 19.84
C SER O 115 85.19 -50.71 20.69
N ASN O 116 84.38 -49.87 20.06
CA ASN O 116 83.61 -48.82 20.74
C ASN O 116 82.33 -49.32 21.42
N LYS O 117 81.92 -50.55 21.12
CA LYS O 117 80.62 -51.06 21.57
C LYS O 117 80.66 -51.61 22.99
N LYS O 118 79.49 -51.69 23.62
CA LYS O 118 79.37 -52.08 25.02
C LYS O 118 79.41 -53.60 25.21
N ILE O 119 78.73 -54.32 24.32
CA ILE O 119 78.79 -55.80 24.27
C ILE O 119 80.22 -56.30 24.05
N ALA O 120 81.04 -55.51 23.37
CA ALA O 120 82.44 -55.85 23.04
C ALA O 120 83.25 -56.35 24.23
N ARG O 121 83.19 -55.62 25.33
CA ARG O 121 83.87 -56.00 26.58
C ARG O 121 83.45 -57.40 27.06
N GLU O 122 82.14 -57.64 27.01
CA GLU O 122 81.56 -58.93 27.41
C GLU O 122 82.04 -60.06 26.51
N VAL O 123 82.09 -59.77 25.21
CA VAL O 123 82.58 -60.72 24.20
C VAL O 123 84.06 -61.05 24.45
N ALA O 124 84.86 -60.01 24.71
CA ALA O 124 86.29 -60.17 25.05
C ALA O 124 86.49 -61.08 26.25
N GLU O 125 85.69 -60.82 27.29
CA GLU O 125 85.72 -61.59 28.53
C GLU O 125 85.39 -63.06 28.29
N LEU O 126 84.36 -63.30 27.48
CA LEU O 126 83.96 -64.64 27.06
C LEU O 126 85.07 -65.38 26.34
N LEU O 127 85.70 -64.69 25.38
CA LEU O 127 86.82 -65.23 24.62
C LEU O 127 87.98 -65.61 25.53
N GLN O 128 88.28 -64.73 26.48
CA GLN O 128 89.32 -64.96 27.50
C GLN O 128 89.02 -66.21 28.32
N LYS O 129 87.76 -66.37 28.71
CA LYS O 129 87.29 -67.53 29.47
C LYS O 129 87.44 -68.83 28.66
N GLY O 130 87.05 -68.78 27.39
CA GLY O 130 87.20 -69.91 26.47
C GLY O 130 88.64 -70.32 26.24
N VAL O 131 89.52 -69.33 26.14
CA VAL O 131 90.97 -69.55 26.06
C VAL O 131 91.49 -70.28 27.31
N LYS O 132 91.10 -69.77 28.47
CA LYS O 132 91.46 -70.36 29.77
C LYS O 132 91.00 -71.80 29.90
N ASP O 133 89.77 -72.06 29.45
CA ASP O 133 89.20 -73.41 29.42
C ASP O 133 90.02 -74.34 28.51
N GLY O 134 90.35 -73.84 27.33
CA GLY O 134 91.18 -74.57 26.37
C GLY O 134 92.56 -74.92 26.90
N GLN O 135 93.18 -73.96 27.60
CA GLN O 135 94.46 -74.17 28.30
C GLN O 135 94.37 -75.25 29.36
N LYS O 136 93.30 -75.21 30.15
CA LYS O 136 93.04 -76.18 31.21
C LYS O 136 92.89 -77.59 30.65
N LEU O 137 92.16 -77.69 29.55
CA LEU O 137 91.97 -78.95 28.82
C LEU O 137 93.28 -79.55 28.30
N GLY O 138 94.16 -78.69 27.80
CA GLY O 138 95.40 -79.10 27.12
C GLY O 138 95.79 -78.30 25.88
N LEU O 139 94.86 -77.52 25.34
CA LEU O 139 95.07 -76.77 24.10
C LEU O 139 95.94 -75.52 24.34
N LYS O 140 96.33 -74.87 23.25
CA LYS O 140 97.13 -73.64 23.30
C LYS O 140 96.29 -72.43 22.87
N PRO O 141 96.61 -71.24 23.42
CA PRO O 141 95.87 -70.03 23.05
C PRO O 141 96.20 -69.49 21.66
N GLU O 142 97.44 -69.70 21.20
CA GLU O 142 97.86 -69.30 19.84
C GLU O 142 97.42 -70.30 18.76
N ASP O 143 96.92 -71.45 19.18
CA ASP O 143 96.33 -72.46 18.28
C ASP O 143 94.82 -72.24 18.06
N LEU O 144 94.15 -71.64 19.05
CA LEU O 144 92.69 -71.50 19.02
C LEU O 144 92.19 -70.40 18.07
N TYR O 145 91.22 -70.77 17.24
CA TYR O 145 90.46 -69.83 16.42
C TYR O 145 88.99 -70.00 16.74
N ILE O 146 88.21 -68.92 16.58
CA ILE O 146 86.77 -68.95 16.80
C ILE O 146 86.15 -69.64 15.60
N SER O 147 85.66 -70.87 15.79
CA SER O 147 85.01 -71.61 14.70
C SER O 147 83.61 -71.08 14.48
N GLN O 148 82.84 -71.02 15.56
CA GLN O 148 81.49 -70.46 15.55
C GLN O 148 81.32 -69.51 16.72
N ILE O 149 80.56 -68.44 16.48
CA ILE O 149 80.14 -67.52 17.53
C ILE O 149 78.80 -66.91 17.13
N TRP O 150 77.79 -67.13 17.96
CA TRP O 150 76.44 -66.70 17.70
C TRP O 150 75.86 -66.07 18.96
N THR O 151 74.63 -65.59 18.85
CA THR O 151 73.90 -65.06 20.00
C THR O 151 72.49 -65.63 20.01
N GLY O 152 71.81 -65.44 21.14
CA GLY O 152 70.42 -65.86 21.28
C GLY O 152 69.73 -65.06 22.35
N SER O 153 68.39 -65.04 22.29
CA SER O 153 67.59 -64.45 23.36
C SER O 153 67.80 -65.27 24.62
N ASP O 154 67.90 -64.61 25.77
CA ASP O 154 68.05 -65.30 27.05
C ASP O 154 66.72 -65.44 27.81
N GLY O 155 65.63 -65.01 27.19
CA GLY O 155 64.29 -65.21 27.73
C GLY O 155 63.95 -64.27 28.87
N PHE O 156 62.66 -64.27 29.22
CA PHE O 156 62.13 -63.47 30.33
C PHE O 156 62.40 -61.97 30.14
N TRP O 157 62.20 -61.52 28.90
CA TRP O 157 62.27 -60.10 28.55
C TRP O 157 61.02 -59.47 29.14
N ARG O 158 61.20 -58.46 29.99
CA ARG O 158 60.06 -57.84 30.66
C ARG O 158 59.47 -56.70 29.82
N LYS O 159 58.25 -56.91 29.34
CA LYS O 159 57.50 -55.88 28.61
C LYS O 159 57.03 -54.81 29.58
N ARG O 160 56.87 -53.60 29.06
CA ARG O 160 56.57 -52.42 29.89
C ARG O 160 55.98 -51.34 28.99
N VAL O 161 54.74 -50.95 29.24
CA VAL O 161 54.02 -50.02 28.35
C VAL O 161 54.66 -48.62 28.29
N GLU O 162 54.79 -48.11 27.06
CA GLU O 162 55.17 -46.73 26.81
C GLU O 162 53.90 -45.94 26.53
N PHE O 163 53.61 -44.96 27.39
CA PHE O 163 52.44 -44.11 27.23
C PHE O 163 52.78 -42.98 26.27
N LYS O 164 51.93 -42.80 25.27
CA LYS O 164 52.12 -41.80 24.23
C LYS O 164 51.07 -40.71 24.33
N ALA O 165 51.25 -39.67 23.53
CA ALA O 165 50.29 -38.57 23.46
C ALA O 165 48.97 -39.01 22.83
N ARG O 166 47.90 -38.34 23.22
CA ARG O 166 46.56 -38.55 22.67
C ARG O 166 46.07 -40.00 22.82
N THR O 167 46.07 -40.45 24.06
CA THR O 167 45.60 -41.80 24.48
C THR O 167 46.07 -42.97 23.58
N ARG O 168 47.34 -42.92 23.18
CA ARG O 168 47.99 -43.99 22.44
C ARG O 168 49.05 -44.66 23.30
N ILE O 169 49.46 -45.86 22.92
CA ILE O 169 50.46 -46.63 23.66
C ILE O 169 51.35 -47.48 22.75
N GLY O 170 52.52 -47.81 23.29
CA GLY O 170 53.36 -48.88 22.76
C GLY O 170 53.75 -49.79 23.89
N ILE O 171 54.48 -50.87 23.58
CA ILE O 171 55.06 -51.73 24.60
C ILE O 171 56.58 -51.78 24.39
N ILE O 172 57.31 -51.41 25.44
CA ILE O 172 58.77 -51.45 25.46
C ILE O 172 59.22 -52.75 26.08
N SER O 173 59.82 -53.61 25.26
CA SER O 173 60.53 -54.79 25.74
C SER O 173 61.94 -54.38 26.14
N HIS O 174 62.59 -55.21 26.96
CA HIS O 174 63.95 -54.97 27.40
C HIS O 174 64.78 -56.24 27.18
N PRO O 175 65.46 -56.33 26.03
CA PRO O 175 66.07 -57.59 25.62
C PRO O 175 67.33 -57.94 26.39
N TYR O 176 67.40 -59.20 26.80
CA TYR O 176 68.61 -59.80 27.33
C TYR O 176 69.02 -60.95 26.43
N ILE O 177 70.32 -61.08 26.23
CA ILE O 177 70.89 -62.07 25.32
C ILE O 177 72.01 -62.84 26.00
N HIS O 178 72.48 -63.84 25.29
CA HIS O 178 73.73 -64.53 25.62
C HIS O 178 74.51 -64.72 24.33
N VAL O 179 75.83 -64.62 24.44
CA VAL O 179 76.74 -65.00 23.38
C VAL O 179 77.37 -66.33 23.79
N ARG O 180 77.27 -67.33 22.93
CA ARG O 180 78.09 -68.54 23.03
C ARG O 180 79.08 -68.54 21.89
N CYS O 181 80.19 -69.26 22.07
CA CYS O 181 81.14 -69.47 20.98
C CYS O 181 81.87 -70.80 21.12
N ILE O 182 82.23 -71.39 19.98
CA ILE O 182 82.98 -72.63 19.92
C ILE O 182 84.36 -72.31 19.34
N LEU O 183 85.39 -72.49 20.15
CA LEU O 183 86.77 -72.35 19.69
C LEU O 183 87.26 -73.71 19.25
N ARG O 184 87.86 -73.77 18.06
CA ARG O 184 88.50 -74.99 17.55
C ARG O 184 89.96 -74.69 17.27
N THR O 185 90.72 -75.74 16.95
CA THR O 185 92.18 -75.64 16.81
C THR O 185 92.62 -75.47 15.35
N LYS O 186 93.57 -74.58 15.13
CA LYS O 186 94.28 -74.48 13.84
C LYS O 186 95.12 -75.72 13.54
N SER O 187 95.58 -76.40 14.60
CA SER O 187 96.41 -77.59 14.46
C SER O 187 95.68 -78.82 13.89
N VAL O 188 94.35 -78.89 14.03
CA VAL O 188 93.57 -80.06 13.61
C VAL O 188 92.42 -79.75 12.64
N THR O 189 91.41 -79.03 13.12
CA THR O 189 90.17 -78.81 12.35
C THR O 189 90.45 -78.14 11.01
N LYS O 190 91.22 -77.06 11.06
CA LYS O 190 91.59 -76.29 9.86
C LYS O 190 92.40 -77.12 8.87
N ARG O 191 93.33 -77.92 9.40
CA ARG O 191 94.09 -78.88 8.60
C ARG O 191 93.20 -79.90 7.91
N ARG O 192 92.22 -80.42 8.65
CA ARG O 192 91.27 -81.40 8.15
C ARG O 192 90.46 -80.85 6.97
N LEU O 193 89.93 -79.63 7.15
CA LEU O 193 89.13 -79.00 6.08
C LEU O 193 89.98 -78.56 4.88
N ALA O 194 91.26 -78.27 5.09
CA ALA O 194 92.22 -78.06 4.00
C ALA O 194 92.43 -79.33 3.19
N TYR O 195 92.59 -80.44 3.91
CA TYR O 195 92.71 -81.77 3.29
C TYR O 195 91.48 -82.15 2.47
N GLU O 196 90.30 -81.93 3.05
CA GLU O 196 89.02 -82.13 2.37
C GLU O 196 88.91 -81.33 1.07
N ALA O 197 89.29 -80.06 1.14
CA ALA O 197 89.33 -79.16 -0.02
C ALA O 197 90.25 -79.65 -1.11
N HIS O 198 91.41 -80.16 -0.69
CA HIS O 198 92.40 -80.76 -1.60
C HIS O 198 91.85 -81.99 -2.31
N LEU O 199 91.22 -82.87 -1.54
CA LEU O 199 90.55 -84.07 -2.08
C LEU O 199 89.47 -83.73 -3.10
N LYS O 200 88.66 -82.74 -2.77
CA LYS O 200 87.60 -82.23 -3.64
C LYS O 200 88.17 -81.71 -4.97
N GLU O 201 89.27 -80.97 -4.86
CA GLU O 201 89.99 -80.43 -6.02
C GLU O 201 90.51 -81.55 -6.93
N GLN O 202 91.11 -82.56 -6.31
CA GLN O 202 91.60 -83.77 -7.01
C GLN O 202 90.48 -84.49 -7.75
N LYS O 203 89.35 -84.66 -7.07
CA LYS O 203 88.16 -85.30 -7.62
C LYS O 203 87.61 -84.56 -8.83
N ARG O 204 87.53 -83.24 -8.72
CA ARG O 204 86.92 -82.36 -9.72
C ARG O 204 87.30 -82.70 -11.16
N ALA O 205 86.30 -83.08 -11.96
CA ALA O 205 86.50 -83.35 -13.38
C ALA O 205 86.79 -82.04 -14.10
N PRO O 206 87.71 -82.07 -15.08
CA PRO O 206 88.15 -80.83 -15.73
C PRO O 206 87.14 -80.31 -16.73
N TRP O 207 87.34 -79.06 -17.16
CA TRP O 207 86.60 -78.51 -18.30
C TRP O 207 87.19 -79.09 -19.58
N VAL O 208 86.39 -79.91 -20.27
CA VAL O 208 86.74 -80.42 -21.60
C VAL O 208 86.02 -79.54 -22.62
N GLN O 209 86.73 -79.16 -23.67
CA GLN O 209 86.25 -78.19 -24.65
C GLN O 209 85.18 -78.80 -25.54
N LEU O 210 85.53 -79.94 -26.14
CA LEU O 210 84.64 -80.69 -27.01
C LEU O 210 84.24 -81.97 -26.25
N GLY O 211 83.71 -81.77 -25.04
CA GLY O 211 83.49 -82.84 -24.08
C GLY O 211 82.13 -83.50 -24.19
N ASP O 212 82.05 -84.72 -23.64
CA ASP O 212 80.83 -85.54 -23.72
C ASP O 212 79.76 -85.04 -22.76
N LYS O 213 78.85 -84.23 -23.28
CA LYS O 213 77.66 -83.78 -22.54
C LYS O 213 76.50 -84.71 -22.86
N PRO O 214 75.64 -85.01 -21.86
CA PRO O 214 74.54 -85.94 -22.11
C PRO O 214 73.52 -85.37 -23.10
N ILE O 215 73.13 -86.17 -24.09
CA ILE O 215 72.10 -85.78 -25.06
C ILE O 215 70.76 -85.79 -24.32
N ARG O 216 70.47 -84.66 -23.68
CA ARG O 216 69.28 -84.52 -22.86
C ARG O 216 68.02 -84.50 -23.71
N GLY O 217 66.94 -85.03 -23.14
CA GLY O 217 65.72 -85.35 -23.88
C GLY O 217 65.57 -86.85 -23.99
N VAL O 218 64.35 -87.28 -24.26
CA VAL O 218 64.02 -88.70 -24.42
C VAL O 218 64.12 -89.05 -25.90
N THR O 219 64.46 -90.32 -26.17
CA THR O 219 64.74 -90.79 -27.54
C THR O 219 63.51 -90.81 -28.44
N GLY O 220 62.40 -91.33 -27.92
CA GLY O 220 61.14 -91.41 -28.66
C GLY O 220 60.99 -92.61 -29.58
N GLY O 221 61.70 -93.69 -29.26
CA GLY O 221 61.60 -94.96 -30.01
C GLY O 221 61.97 -94.87 -31.48
N VAL O 222 62.97 -94.04 -31.79
CA VAL O 222 63.33 -93.74 -33.17
C VAL O 222 64.71 -93.09 -33.25
N TYR O 223 65.48 -93.45 -34.28
CA TYR O 223 66.76 -92.78 -34.55
C TYR O 223 66.51 -91.48 -35.27
N LYS O 224 67.07 -90.39 -34.73
CA LYS O 224 67.09 -89.09 -35.40
C LYS O 224 68.41 -88.87 -36.14
N TRP O 225 69.27 -89.89 -36.16
CA TRP O 225 70.52 -89.86 -36.90
C TRP O 225 71.00 -91.28 -37.20
N ASP P 1 48.96 -18.07 97.15
CA ASP P 1 50.32 -18.07 97.79
C ASP P 1 51.44 -18.16 96.75
N ILE P 2 51.36 -19.18 95.91
CA ILE P 2 52.33 -19.42 94.83
C ILE P 2 51.65 -19.95 93.57
N ASN P 3 52.32 -19.78 92.43
CA ASN P 3 51.79 -20.22 91.13
C ASN P 3 51.76 -21.75 90.97
N VAL P 4 51.15 -22.22 89.88
CA VAL P 4 50.80 -23.64 89.71
C VAL P 4 52.02 -24.48 89.41
N SER P 5 52.82 -24.03 88.45
CA SER P 5 54.06 -24.71 88.05
C SER P 5 55.04 -24.87 89.22
N GLU P 6 55.15 -23.82 90.02
CA GLU P 6 55.98 -23.82 91.23
C GLU P 6 55.49 -24.84 92.26
N LYS P 7 54.18 -24.85 92.49
CA LYS P 7 53.52 -25.84 93.36
C LYS P 7 53.81 -27.28 92.92
N ILE P 8 53.71 -27.51 91.63
CA ILE P 8 53.98 -28.82 91.02
C ILE P 8 55.42 -29.26 91.26
N TYR P 9 56.34 -28.33 91.02
CA TYR P 9 57.77 -28.54 91.26
C TYR P 9 58.05 -28.89 92.72
N LYS P 10 57.43 -28.14 93.63
CA LYS P 10 57.52 -28.38 95.08
C LYS P 10 57.03 -29.77 95.47
N TRP P 11 55.86 -30.14 94.94
CA TRP P 11 55.29 -31.49 95.13
C TRP P 11 56.24 -32.58 94.69
N THR P 12 56.81 -32.40 93.49
CA THR P 12 57.75 -33.35 92.91
C THR P 12 58.99 -33.52 93.79
N LYS P 13 59.52 -32.40 94.27
CA LYS P 13 60.65 -32.37 95.21
C LYS P 13 60.34 -33.12 96.51
N ALA P 14 59.14 -32.88 97.04
CA ALA P 14 58.67 -33.54 98.26
C ALA P 14 58.60 -35.05 98.09
N GLY P 15 58.03 -35.48 96.95
CA GLY P 15 57.94 -36.91 96.62
C GLY P 15 59.30 -37.59 96.49
N ILE P 16 60.25 -36.88 95.88
CA ILE P 16 61.65 -37.33 95.78
C ILE P 16 62.28 -37.50 97.15
N GLU P 17 62.09 -36.49 98.01
CA GLU P 17 62.59 -36.51 99.38
C GLU P 17 62.07 -37.70 100.17
N GLN P 18 60.76 -37.93 100.06
CA GLN P 18 60.08 -39.08 100.68
C GLN P 18 60.67 -40.44 100.27
N GLY P 19 60.99 -40.59 99.00
CA GLY P 19 61.18 -41.91 98.40
C GLY P 19 59.83 -42.54 98.08
N LYS P 20 58.81 -41.68 97.93
CA LYS P 20 57.48 -42.06 97.51
C LYS P 20 57.41 -41.62 96.04
N GLU P 21 56.24 -41.74 95.42
CA GLU P 21 56.09 -41.32 94.03
C GLU P 21 56.28 -39.81 93.93
N HIS P 22 56.99 -39.37 92.89
CA HIS P 22 57.22 -37.95 92.60
C HIS P 22 56.07 -37.35 91.77
N PHE P 23 54.89 -37.91 91.92
CA PHE P 23 53.74 -37.65 91.05
C PHE P 23 52.49 -38.21 91.73
N LYS P 24 51.33 -37.64 91.42
CA LYS P 24 50.08 -38.13 92.00
C LYS P 24 49.71 -39.50 91.43
N VAL P 25 49.66 -40.50 92.29
CA VAL P 25 49.26 -41.86 91.89
C VAL P 25 47.75 -41.91 91.63
N GLY P 26 47.37 -42.56 90.53
CA GLY P 26 45.97 -42.77 90.20
C GLY P 26 45.24 -43.78 91.07
N GLY P 27 43.93 -43.91 90.84
CA GLY P 27 43.08 -44.84 91.57
C GLY P 27 42.72 -46.13 90.84
N ASN P 28 42.91 -46.15 89.52
CA ASN P 28 42.59 -47.33 88.70
C ASN P 28 43.68 -48.40 88.82
N LYS P 29 43.58 -49.21 89.87
CA LYS P 29 44.64 -50.16 90.23
C LYS P 29 44.70 -51.40 89.33
N VAL P 30 45.75 -51.46 88.50
CA VAL P 30 46.04 -52.63 87.66
C VAL P 30 47.02 -53.52 88.41
N TYR P 31 46.53 -54.66 88.90
CA TYR P 31 47.38 -55.61 89.64
C TYR P 31 48.26 -56.45 88.72
N PHE P 32 47.70 -56.92 87.61
CA PHE P 32 48.39 -57.86 86.73
C PHE P 32 48.54 -57.26 85.33
N PRO P 33 49.48 -56.30 85.16
CA PRO P 33 49.70 -55.69 83.86
C PRO P 33 50.41 -56.63 82.90
N LYS P 34 49.95 -56.63 81.65
CA LYS P 34 50.49 -57.49 80.60
C LYS P 34 51.40 -56.71 79.65
N ALA P 35 51.54 -55.41 79.86
CA ALA P 35 52.34 -54.54 78.98
C ALA P 35 53.84 -54.77 79.17
N ARG P 36 54.54 -54.93 78.05
CA ARG P 36 56.00 -54.99 78.02
C ARG P 36 56.54 -53.73 77.37
N ILE P 37 57.78 -53.38 77.71
CA ILE P 37 58.47 -52.24 77.09
C ILE P 37 59.87 -52.67 76.61
N ILE P 38 60.27 -52.12 75.47
CA ILE P 38 61.54 -52.44 74.83
C ILE P 38 62.49 -51.25 75.03
N LEU P 39 63.49 -51.43 75.88
CA LEU P 39 64.53 -50.41 76.09
C LEU P 39 65.40 -50.31 74.83
N LEU P 40 65.40 -49.14 74.20
CA LEU P 40 66.13 -48.92 72.95
C LEU P 40 67.53 -48.37 73.20
N ARG P 41 68.40 -48.52 72.20
CA ARG P 41 69.72 -47.89 72.21
C ARG P 41 69.56 -46.37 72.03
N PRO P 42 70.50 -45.57 72.56
CA PRO P 42 70.39 -44.12 72.46
C PRO P 42 70.85 -43.56 71.12
N ASN P 43 70.06 -42.65 70.56
CA ASN P 43 70.43 -41.87 69.39
C ASN P 43 71.43 -40.76 69.71
N ALA P 44 72.11 -40.27 68.68
CA ALA P 44 72.99 -39.10 68.77
C ALA P 44 72.35 -37.87 69.41
N LYS P 45 71.06 -37.65 69.14
CA LYS P 45 70.35 -36.48 69.67
C LYS P 45 70.09 -36.51 71.18
N HIS P 46 70.14 -37.70 71.78
CA HIS P 46 69.93 -37.86 73.22
C HIS P 46 71.24 -37.80 74.01
N THR P 47 71.09 -37.56 75.32
CA THR P 47 72.20 -37.49 76.26
C THR P 47 72.37 -38.85 76.95
N PRO P 48 73.42 -39.00 77.80
CA PRO P 48 73.49 -40.15 78.72
C PRO P 48 72.41 -40.15 79.82
N TYR P 49 71.83 -38.99 80.11
CA TYR P 49 70.74 -38.87 81.09
C TYR P 49 69.33 -39.14 80.52
N GLN P 50 69.26 -39.66 79.29
CA GLN P 50 68.00 -40.06 78.68
C GLN P 50 67.99 -41.56 78.34
N ALA P 51 66.78 -42.10 78.25
CA ALA P 51 66.55 -43.47 77.83
C ALA P 51 65.23 -43.51 77.05
N LYS P 52 65.21 -44.23 75.94
CA LYS P 52 64.00 -44.32 75.12
C LYS P 52 63.50 -45.76 75.03
N PHE P 53 62.18 -45.91 75.07
CA PHE P 53 61.52 -47.20 75.05
C PHE P 53 60.52 -47.29 73.91
N ILE P 54 60.39 -48.46 73.28
CA ILE P 54 59.17 -48.81 72.57
C ILE P 54 58.19 -49.28 73.65
N VAL P 55 56.98 -48.74 73.61
CA VAL P 55 55.95 -49.00 74.61
C VAL P 55 54.68 -49.46 73.88
N PRO P 56 53.63 -49.85 74.63
CA PRO P 56 52.34 -50.12 73.97
C PRO P 56 51.76 -48.90 73.25
N LYS P 57 51.04 -49.15 72.17
CA LYS P 57 50.38 -48.07 71.41
C LYS P 57 49.28 -47.38 72.23
N SER P 58 48.65 -48.13 73.15
CA SER P 58 47.68 -47.58 74.09
C SER P 58 48.29 -47.22 75.45
N PHE P 59 49.60 -46.97 75.50
CA PHE P 59 50.28 -46.62 76.74
C PHE P 59 50.29 -45.11 76.87
N ASN P 60 49.90 -44.65 78.05
CA ASN P 60 49.88 -43.24 78.39
C ASN P 60 51.27 -42.84 78.88
N LYS P 61 51.53 -41.53 78.88
CA LYS P 61 52.79 -40.96 79.38
C LYS P 61 52.90 -41.13 80.89
N LEU P 62 51.78 -40.88 81.56
CA LEU P 62 51.62 -41.04 83.01
C LEU P 62 51.74 -42.51 83.40
N ASP P 63 51.05 -43.36 82.65
CA ASP P 63 51.10 -44.82 82.80
C ASP P 63 52.52 -45.36 82.71
N LEU P 64 53.24 -44.92 81.69
CA LEU P 64 54.65 -45.30 81.51
C LEU P 64 55.49 -44.94 82.72
N ARG P 65 55.31 -43.71 83.20
CA ARG P 65 56.03 -43.22 84.37
C ARG P 65 55.75 -44.09 85.60
N ASP P 66 54.47 -44.43 85.77
CA ASP P 66 54.01 -45.31 86.86
C ASP P 66 54.65 -46.69 86.77
N TYR P 67 54.65 -47.24 85.56
CA TYR P 67 55.27 -48.53 85.24
C TYR P 67 56.76 -48.52 85.59
N LEU P 68 57.46 -47.48 85.15
CA LEU P 68 58.88 -47.32 85.45
C LEU P 68 59.16 -47.22 86.95
N TYR P 69 58.28 -46.53 87.67
CA TYR P 69 58.44 -46.38 89.12
C TYR P 69 58.24 -47.69 89.88
N HIS P 70 57.11 -48.35 89.64
CA HIS P 70 56.67 -49.48 90.46
C HIS P 70 57.30 -50.82 90.05
N ILE P 71 57.40 -51.06 88.74
CA ILE P 71 57.98 -52.30 88.23
C ILE P 71 59.49 -52.29 88.49
N TYR P 72 60.16 -51.21 88.08
CA TYR P 72 61.63 -51.15 88.02
C TYR P 72 62.33 -50.33 89.10
N GLY P 73 61.65 -49.36 89.71
CA GLY P 73 62.25 -48.47 90.70
C GLY P 73 62.94 -47.23 90.12
N LEU P 74 62.80 -47.02 88.81
CA LEU P 74 63.37 -45.87 88.12
C LEU P 74 62.33 -44.74 88.09
N ARG P 75 62.76 -43.51 88.34
CA ARG P 75 61.85 -42.35 88.29
C ARG P 75 62.17 -41.43 87.11
N ALA P 76 61.31 -41.51 86.08
CA ALA P 76 61.39 -40.63 84.91
C ALA P 76 60.81 -39.27 85.24
N MET P 77 61.64 -38.23 85.19
CA MET P 77 61.22 -36.88 85.55
C MET P 77 60.40 -36.24 84.44
N ASN P 78 60.97 -36.21 83.23
CA ASN P 78 60.27 -35.75 82.04
C ASN P 78 60.09 -36.91 81.07
N ILE P 79 58.94 -36.94 80.40
CA ILE P 79 58.65 -37.95 79.38
C ILE P 79 58.07 -37.27 78.14
N THR P 80 58.58 -37.66 76.98
CA THR P 80 58.01 -37.29 75.69
C THR P 80 57.48 -38.54 75.01
N THR P 81 56.67 -38.35 73.96
CA THR P 81 56.01 -39.44 73.25
C THR P 81 56.13 -39.23 71.74
N GLN P 82 56.60 -40.26 71.04
CA GLN P 82 56.81 -40.22 69.60
C GLN P 82 56.12 -41.41 68.93
N LEU P 83 54.87 -41.19 68.52
CA LEU P 83 54.11 -42.19 67.77
C LEU P 83 54.57 -42.15 66.33
N LEU P 84 55.18 -43.25 65.87
CA LEU P 84 55.73 -43.31 64.52
C LEU P 84 54.66 -43.58 63.46
N HIS P 85 55.01 -43.27 62.22
CA HIS P 85 54.15 -43.55 61.07
C HIS P 85 54.27 -45.02 60.68
N GLY P 86 53.25 -45.53 60.01
CA GLY P 86 53.21 -46.89 59.50
C GLY P 86 53.28 -46.89 57.99
N LYS P 87 54.49 -47.13 57.45
CA LYS P 87 54.67 -47.14 55.99
C LYS P 87 54.03 -48.38 55.37
N PHE P 88 53.56 -48.25 54.13
CA PHE P 88 52.97 -49.37 53.40
C PHE P 88 54.03 -50.42 53.07
N ASN P 89 53.67 -51.68 53.31
CA ASN P 89 54.50 -52.81 52.89
C ASN P 89 53.64 -53.91 52.27
N ARG P 90 54.27 -54.73 51.45
CA ARG P 90 53.61 -55.87 50.82
C ARG P 90 54.64 -56.95 50.53
N MET P 91 54.21 -58.21 50.63
CA MET P 91 55.10 -59.36 50.52
C MET P 91 55.64 -59.42 49.09
N ASN P 92 54.71 -59.30 48.15
CA ASN P 92 55.02 -59.14 46.73
C ASN P 92 53.91 -58.29 46.08
N LEU P 93 54.12 -57.87 44.84
CA LEU P 93 53.13 -57.02 44.14
C LEU P 93 51.80 -57.73 43.82
N GLN P 94 51.79 -59.07 43.83
CA GLN P 94 50.56 -59.84 43.74
C GLN P 94 49.67 -59.75 44.98
N THR P 95 50.29 -59.55 46.16
CA THR P 95 49.54 -59.43 47.42
C THR P 95 48.97 -58.03 47.63
N THR P 96 48.02 -57.95 48.56
CA THR P 96 47.41 -56.70 49.00
C THR P 96 48.42 -55.91 49.82
N ARG P 97 48.43 -54.59 49.64
CA ARG P 97 49.27 -53.70 50.45
C ARG P 97 48.57 -53.35 51.76
N PHE P 98 49.37 -53.17 52.81
CA PHE P 98 48.89 -52.73 54.12
C PHE P 98 50.01 -52.01 54.84
N ARG P 99 49.66 -51.19 55.82
CA ARG P 99 50.64 -50.44 56.59
C ARG P 99 51.34 -51.30 57.62
N GLU P 100 52.62 -51.02 57.85
CA GLU P 100 53.34 -51.58 58.99
C GLU P 100 52.82 -50.89 60.26
N PRO P 101 53.09 -51.46 61.44
CA PRO P 101 52.40 -50.96 62.64
C PRO P 101 52.91 -49.59 63.09
N GLN P 102 51.98 -48.70 63.47
CA GLN P 102 52.33 -47.48 64.17
C GLN P 102 52.89 -47.87 65.52
N ILE P 103 54.10 -47.40 65.81
CA ILE P 103 54.81 -47.81 67.01
C ILE P 103 55.17 -46.61 67.87
N LYS P 104 54.83 -46.73 69.15
CA LYS P 104 54.95 -45.64 70.11
C LYS P 104 56.30 -45.76 70.80
N LYS P 105 57.05 -44.67 70.81
CA LYS P 105 58.37 -44.63 71.44
C LYS P 105 58.46 -43.42 72.37
N MET P 106 58.69 -43.69 73.66
CA MET P 106 58.71 -42.65 74.67
C MET P 106 60.10 -42.46 75.26
N THR P 107 60.65 -41.26 75.08
CA THR P 107 61.91 -40.86 75.69
C THR P 107 61.62 -40.48 77.14
N ILE P 108 62.56 -40.77 78.04
CA ILE P 108 62.47 -40.30 79.42
C ILE P 108 63.75 -39.58 79.81
N GLU P 109 63.62 -38.60 80.72
CA GLU P 109 64.77 -37.96 81.35
C GLU P 109 64.83 -38.42 82.80
N MET P 110 66.05 -38.73 83.25
CA MET P 110 66.29 -39.35 84.55
C MET P 110 67.48 -38.69 85.23
N GLU P 111 67.47 -38.70 86.57
CA GLU P 111 68.45 -37.93 87.36
C GLU P 111 69.86 -38.51 87.40
N GLU P 112 70.00 -39.82 87.13
CA GLU P 112 71.31 -40.46 87.00
C GLU P 112 71.54 -40.88 85.55
N PRO P 113 72.80 -40.82 85.07
CA PRO P 113 73.07 -41.18 83.67
C PRO P 113 73.15 -42.69 83.46
N PHE P 114 73.23 -43.07 82.19
CA PHE P 114 73.34 -44.48 81.80
C PHE P 114 73.90 -44.57 80.39
N ILE P 115 74.85 -45.48 80.20
CA ILE P 115 75.38 -45.80 78.88
C ILE P 115 75.31 -47.32 78.70
N TRP P 116 74.86 -47.76 77.52
CA TRP P 116 74.70 -49.18 77.21
C TRP P 116 76.03 -49.94 77.28
N PRO P 117 75.97 -51.27 77.49
CA PRO P 117 77.18 -52.08 77.34
C PRO P 117 77.56 -52.18 75.86
N GLU P 118 78.85 -52.34 75.59
CA GLU P 118 79.35 -52.34 74.21
C GLU P 118 78.94 -53.62 73.50
N GLU P 119 78.44 -53.49 72.27
CA GLU P 119 77.95 -54.63 71.49
C GLU P 119 79.07 -55.62 71.19
N PRO P 120 78.76 -56.94 71.18
CA PRO P 120 79.81 -57.95 71.12
C PRO P 120 80.43 -58.09 69.74
N ARG P 121 81.59 -58.76 69.70
CA ARG P 121 82.30 -59.04 68.45
C ARG P 121 81.60 -60.18 67.69
N PRO P 122 81.84 -60.29 66.37
CA PRO P 122 81.29 -61.40 65.57
C PRO P 122 81.66 -62.80 66.09
N ASP P 123 82.91 -62.97 66.51
CA ASP P 123 83.40 -64.25 67.05
C ASP P 123 82.81 -64.59 68.43
N GLU P 124 82.58 -63.57 69.25
CA GLU P 124 82.11 -63.77 70.62
C GLU P 124 80.68 -64.34 70.70
N ASN P 125 79.70 -63.55 70.28
CA ASN P 125 78.29 -63.93 70.38
C ASN P 125 77.82 -64.66 69.12
N SER P 126 76.96 -65.66 69.32
CA SER P 126 76.40 -66.44 68.21
C SER P 126 75.32 -65.68 67.45
N PHE P 127 74.40 -65.08 68.20
CA PHE P 127 73.22 -64.44 67.62
C PHE P 127 73.54 -63.10 66.98
N TRP P 128 74.20 -62.22 67.74
CA TRP P 128 74.61 -60.91 67.22
C TRP P 128 75.78 -61.07 66.26
N ASP P 129 75.46 -61.45 65.03
CA ASP P 129 76.44 -61.70 63.98
C ASP P 129 75.68 -61.69 62.65
N SER P 130 75.59 -60.49 62.06
CA SER P 130 74.72 -60.25 60.90
C SER P 130 75.21 -60.86 59.57
N THR P 131 76.44 -61.35 59.52
CA THR P 131 77.00 -61.97 58.30
C THR P 131 76.15 -63.10 57.71
N THR P 132 75.77 -64.06 58.54
CA THR P 132 75.05 -65.27 58.11
C THR P 132 73.67 -64.99 57.51
N PRO P 133 72.76 -64.33 58.27
CA PRO P 133 71.41 -64.06 57.74
C PRO P 133 71.40 -63.19 56.49
N ASP P 134 72.29 -62.19 56.47
CA ASP P 134 72.48 -61.31 55.31
C ASP P 134 72.95 -62.08 54.08
N ASN P 135 73.94 -62.97 54.28
CA ASN P 135 74.42 -63.88 53.24
C ASN P 135 73.31 -64.77 52.68
N MET P 136 72.53 -65.34 53.59
CA MET P 136 71.39 -66.19 53.24
C MET P 136 70.38 -65.42 52.39
N GLU P 137 70.04 -64.21 52.83
CA GLU P 137 69.15 -63.30 52.10
C GLU P 137 69.66 -63.01 50.70
N LYS P 138 70.94 -62.70 50.61
CA LYS P 138 71.61 -62.44 49.33
C LYS P 138 71.50 -63.63 48.39
N TYR P 139 71.76 -64.82 48.95
CA TYR P 139 71.65 -66.07 48.19
C TYR P 139 70.24 -66.32 47.65
N ARG P 140 69.25 -66.07 48.51
CA ARG P 140 67.83 -66.17 48.11
C ARG P 140 67.50 -65.22 46.96
N GLU P 141 67.94 -63.96 47.11
CA GLU P 141 67.77 -62.94 46.06
C GLU P 141 68.37 -63.39 44.74
N GLU P 142 69.61 -63.88 44.80
CA GLU P 142 70.31 -64.40 43.63
C GLU P 142 69.52 -65.51 42.93
N ARG P 143 69.03 -66.47 43.71
CA ARG P 143 68.44 -67.69 43.17
C ARG P 143 67.05 -67.46 42.58
N LEU P 144 66.21 -66.70 43.29
CA LEU P 144 64.87 -66.36 42.80
C LEU P 144 64.94 -65.41 41.60
N ASN P 145 65.79 -64.39 41.69
CA ASN P 145 65.93 -63.39 40.63
C ASN P 145 66.90 -63.79 39.50
N CYS P 146 67.58 -64.94 39.64
CA CYS P 146 68.33 -65.53 38.53
C CYS P 146 67.35 -66.02 37.46
N LEU P 147 67.63 -65.67 36.20
CA LEU P 147 66.68 -65.87 35.11
C LEU P 147 67.17 -66.93 34.10
N GLY P 148 68.19 -66.58 33.31
CA GLY P 148 68.64 -67.42 32.20
C GLY P 148 70.06 -67.92 32.36
N SER P 149 71.00 -67.18 31.76
CA SER P 149 72.42 -67.57 31.77
C SER P 149 73.15 -67.10 33.03
N ASP P 150 72.47 -66.32 33.89
CA ASP P 150 72.96 -66.02 35.24
C ASP P 150 72.88 -67.20 36.22
N ALA P 151 72.23 -68.30 35.81
CA ALA P 151 72.35 -69.57 36.54
C ALA P 151 73.78 -70.11 36.51
N ASN P 152 74.45 -69.96 35.37
CA ASN P 152 75.86 -70.33 35.23
C ASN P 152 76.80 -69.37 35.97
N LYS P 153 76.40 -68.10 36.06
CA LYS P 153 77.17 -67.05 36.74
C LYS P 153 77.46 -67.44 38.19
N PRO P 154 78.74 -67.37 38.62
CA PRO P 154 79.13 -67.86 39.95
C PRO P 154 78.56 -67.03 41.09
N GLY P 155 78.31 -67.68 42.22
CA GLY P 155 77.62 -67.08 43.34
C GLY P 155 78.49 -66.10 44.12
N THR P 156 77.83 -65.09 44.69
CA THR P 156 78.49 -64.08 45.52
C THR P 156 78.38 -64.41 47.01
N ALA P 157 77.21 -64.87 47.43
CA ALA P 157 76.93 -65.16 48.85
C ALA P 157 77.77 -66.33 49.40
N PHE P 158 78.09 -66.25 50.69
CA PHE P 158 78.94 -67.22 51.40
C PHE P 158 80.32 -67.44 50.76
N ASP P 159 80.87 -66.38 50.15
CA ASP P 159 82.14 -66.45 49.39
C ASP P 159 82.09 -67.43 48.20
N GLY P 160 80.88 -67.64 47.65
CA GLY P 160 80.66 -68.57 46.54
C GLY P 160 80.89 -70.06 46.79
N VAL P 161 81.08 -70.45 48.06
CA VAL P 161 81.48 -71.83 48.39
C VAL P 161 80.27 -72.78 48.34
N VAL P 162 79.11 -72.25 48.72
CA VAL P 162 77.82 -72.84 48.38
C VAL P 162 77.24 -71.98 47.26
N GLY P 163 76.35 -72.57 46.47
CA GLY P 163 75.66 -71.84 45.41
C GLY P 163 76.40 -71.91 44.08
N PRO P 164 75.87 -71.21 43.05
CA PRO P 164 76.37 -71.28 41.66
C PRO P 164 77.88 -71.30 41.53
N TYR P 165 78.38 -72.31 40.82
CA TYR P 165 79.81 -72.44 40.52
C TYR P 165 80.01 -72.16 39.03
N GLU P 166 81.23 -71.76 38.68
CA GLU P 166 81.57 -71.50 37.28
C GLU P 166 81.48 -72.80 36.47
N ARG P 167 80.97 -72.68 35.24
CA ARG P 167 80.96 -73.82 34.31
C ARG P 167 82.41 -74.23 34.03
N VAL P 168 82.68 -75.53 34.19
CA VAL P 168 84.01 -76.09 33.92
C VAL P 168 84.42 -75.94 32.45
N ALA P 169 85.68 -76.24 32.16
CA ALA P 169 86.18 -76.29 30.78
C ALA P 169 85.55 -77.47 30.04
N GLN P 170 84.69 -77.15 29.07
CA GLN P 170 84.00 -78.17 28.27
C GLN P 170 84.40 -78.04 26.81
N PRO P 171 84.48 -79.17 26.08
CA PRO P 171 84.44 -79.12 24.62
C PRO P 171 83.00 -79.06 24.15
N PHE P 172 82.75 -78.49 22.97
CA PHE P 172 81.40 -78.46 22.42
C PHE P 172 80.99 -79.85 21.96
N ILE P 173 79.96 -80.40 22.60
CA ILE P 173 79.35 -81.67 22.19
C ILE P 173 77.84 -81.43 22.09
N PRO P 174 77.27 -81.47 20.86
CA PRO P 174 75.84 -81.21 20.72
C PRO P 174 74.96 -82.33 21.28
N ARG P 175 73.78 -81.97 21.80
CA ARG P 175 72.96 -82.84 22.65
C ARG P 175 72.58 -84.19 22.06
N PHE P 176 71.82 -84.18 20.96
CA PHE P 176 71.18 -85.39 20.44
C PHE P 176 72.20 -86.36 19.84
N LEU P 177 73.21 -85.81 19.19
CA LEU P 177 74.37 -86.58 18.74
C LEU P 177 75.09 -87.24 19.92
N LYS P 178 75.33 -86.47 20.96
CA LYS P 178 75.99 -86.97 22.18
C LYS P 178 75.23 -88.12 22.80
N ARG P 179 73.93 -87.93 22.97
CA ARG P 179 73.02 -88.98 23.44
C ARG P 179 73.16 -90.26 22.63
N GLU P 180 73.12 -90.10 21.31
CA GLU P 180 73.23 -91.21 20.35
C GLU P 180 74.54 -91.98 20.52
N ILE P 181 75.63 -91.22 20.66
CA ILE P 181 76.96 -91.78 20.93
C ILE P 181 76.99 -92.56 22.24
N ASP P 182 76.42 -91.96 23.30
CA ASP P 182 76.40 -92.56 24.64
C ASP P 182 75.64 -93.87 24.66
N ASN P 183 74.46 -93.88 24.03
CA ASN P 183 73.66 -95.10 23.87
C ASN P 183 74.44 -96.16 23.12
N LYS P 184 74.99 -95.78 21.97
CA LYS P 184 75.75 -96.67 21.09
C LYS P 184 76.90 -97.38 21.81
N ARG P 185 77.64 -96.62 22.60
CA ARG P 185 78.75 -97.14 23.40
C ARG P 185 78.27 -98.17 24.42
N GLU P 186 77.18 -97.84 25.12
CA GLU P 186 76.55 -98.75 26.07
C GLU P 186 76.08 -100.06 25.42
N ARG P 187 75.50 -99.94 24.23
CA ARG P 187 75.03 -101.09 23.45
C ARG P 187 76.20 -101.99 23.08
N HIS P 188 77.28 -101.36 22.61
CA HIS P 188 78.52 -102.07 22.27
C HIS P 188 79.08 -102.82 23.47
N ALA P 189 79.16 -102.14 24.61
CA ALA P 189 79.62 -102.73 25.87
C ALA P 189 78.79 -103.95 26.28
N ALA P 190 77.48 -103.82 26.15
CA ALA P 190 76.54 -104.93 26.41
C ALA P 190 76.80 -106.10 25.48
N GLU P 191 77.00 -105.82 24.20
CA GLU P 191 77.32 -106.84 23.19
C GLU P 191 78.61 -107.59 23.47
N LEU P 192 79.63 -106.88 23.94
CA LEU P 192 80.91 -107.50 24.33
C LEU P 192 80.71 -108.54 25.43
N GLN P 193 79.96 -108.14 26.46
CA GLN P 193 79.60 -109.02 27.58
C GLN P 193 78.82 -110.25 27.14
N ARG P 194 77.82 -110.02 26.29
CA ARG P 194 77.03 -111.09 25.68
C ARG P 194 77.91 -112.08 24.93
N ALA P 195 78.79 -111.54 24.10
CA ALA P 195 79.74 -112.34 23.32
C ALA P 195 80.61 -113.21 24.23
N ASP P 196 81.18 -112.59 25.27
CA ASP P 196 81.98 -113.27 26.29
C ASP P 196 81.22 -114.44 26.95
N LYS P 197 79.96 -114.17 27.32
CA LYS P 197 79.06 -115.18 27.87
C LYS P 197 78.86 -116.36 26.93
N LEU P 198 78.59 -116.04 25.66
CA LEU P 198 78.43 -117.06 24.61
C LEU P 198 79.67 -117.92 24.41
N ILE P 199 80.84 -117.28 24.45
CA ILE P 199 82.14 -117.96 24.37
C ILE P 199 82.33 -118.93 25.54
N ALA P 200 82.03 -118.45 26.75
CA ALA P 200 82.12 -119.24 27.98
C ALA P 200 81.21 -120.47 27.92
N LEU P 201 79.98 -120.25 27.45
CA LEU P 201 79.02 -121.34 27.23
C LEU P 201 79.54 -122.40 26.27
N ASN P 202 80.06 -121.94 25.12
CA ASN P 202 80.62 -122.83 24.10
C ASN P 202 81.82 -123.63 24.59
N ARG P 203 82.67 -123.00 25.38
CA ARG P 203 83.91 -123.61 25.89
C ARG P 203 83.67 -124.89 26.69
N TYR P 204 82.70 -124.82 27.60
CA TYR P 204 82.29 -125.96 28.41
C TYR P 204 81.81 -127.13 27.55
N ILE P 205 80.97 -126.81 26.57
CA ILE P 205 80.41 -127.80 25.64
C ILE P 205 81.51 -128.46 24.80
N GLU P 206 82.46 -127.65 24.33
CA GLU P 206 83.62 -128.16 23.59
C GLU P 206 84.42 -129.17 24.42
N ASP P 207 84.69 -128.84 25.68
CA ASP P 207 85.40 -129.73 26.59
C ASP P 207 84.45 -130.78 27.18
N SER Q 1 66.84 -56.78 58.96
CA SER Q 1 65.46 -56.64 58.41
C SER Q 1 64.97 -55.19 58.41
N GLY Q 2 64.98 -54.57 59.58
CA GLY Q 2 64.42 -53.23 59.77
C GLY Q 2 62.92 -53.28 59.61
N SER Q 3 62.30 -54.19 60.36
CA SER Q 3 60.93 -54.62 60.11
C SER Q 3 59.87 -53.90 60.94
N TYR Q 4 59.91 -54.12 62.26
CA TYR Q 4 58.84 -53.74 63.22
C TYR Q 4 57.56 -54.59 63.14
N GLN Q 5 57.47 -55.52 62.17
CA GLN Q 5 56.31 -56.41 62.01
C GLN Q 5 56.09 -57.30 63.24
N HIS Q 6 57.20 -57.71 63.84
CA HIS Q 6 57.21 -58.59 65.02
C HIS Q 6 56.60 -58.02 66.31
N LEU Q 7 56.38 -56.70 66.37
CA LEU Q 7 55.74 -56.06 67.54
C LEU Q 7 54.24 -55.79 67.36
N SER Q 8 53.57 -56.59 66.55
CA SER Q 8 52.17 -56.35 66.16
C SER Q 8 51.61 -57.53 65.36
N ASN Q 9 50.37 -57.40 64.87
CA ASN Q 9 49.74 -58.45 64.06
C ASN Q 9 49.04 -57.85 62.83
N VAL Q 10 49.78 -57.01 62.10
CA VAL Q 10 49.17 -56.14 61.07
C VAL Q 10 49.08 -56.86 59.74
N GLY Q 11 48.01 -56.58 58.99
CA GLY Q 11 47.71 -57.27 57.73
C GLY Q 11 47.35 -58.71 57.98
N SER Q 12 46.47 -58.93 58.96
CA SER Q 12 46.22 -60.25 59.55
C SER Q 12 45.63 -61.25 58.57
N ARG Q 13 44.62 -60.79 57.82
CA ARG Q 13 43.94 -61.59 56.81
C ARG Q 13 44.92 -62.09 55.74
N VAL Q 14 45.76 -61.18 55.27
CA VAL Q 14 46.78 -61.49 54.26
C VAL Q 14 47.75 -62.55 54.77
N MET Q 15 48.19 -62.39 56.01
CA MET Q 15 49.08 -63.37 56.67
C MET Q 15 48.43 -64.74 56.78
N LYS Q 16 47.16 -64.77 57.18
CA LYS Q 16 46.38 -66.02 57.25
C LYS Q 16 46.32 -66.73 55.90
N ARG Q 17 46.00 -65.98 54.86
CA ARG Q 17 45.95 -66.48 53.48
C ARG Q 17 47.27 -67.10 53.05
N LEU Q 18 48.36 -66.39 53.32
CA LEU Q 18 49.71 -66.86 53.01
C LEU Q 18 50.09 -68.09 53.82
N GLY Q 19 49.81 -68.04 55.12
CA GLY Q 19 50.11 -69.13 56.04
C GLY Q 19 49.36 -70.40 55.73
N ASN Q 20 48.05 -70.27 55.55
CA ASN Q 20 47.17 -71.39 55.21
C ASN Q 20 46.96 -71.47 53.70
N ARG Q 21 48.03 -71.87 53.02
CA ARG Q 21 48.02 -72.06 51.56
C ARG Q 21 47.25 -73.35 51.28
N PRO Q 22 46.49 -73.42 50.16
CA PRO Q 22 45.83 -74.68 49.86
C PRO Q 22 46.83 -75.80 49.60
N LYS Q 23 46.45 -77.02 49.99
CA LYS Q 23 47.37 -78.16 49.99
C LYS Q 23 47.68 -78.67 48.59
N ASN Q 24 46.75 -78.48 47.65
CA ASN Q 24 46.97 -78.85 46.24
C ASN Q 24 47.93 -77.93 45.48
N PHE Q 25 48.17 -76.72 46.01
CA PHE Q 25 49.24 -75.83 45.52
C PHE Q 25 50.44 -75.78 46.47
N LEU Q 26 50.64 -76.85 47.25
CA LEU Q 26 51.78 -76.97 48.16
C LEU Q 26 53.10 -77.20 47.41
N PRO Q 27 53.10 -78.00 46.32
CA PRO Q 27 54.31 -78.14 45.48
C PRO Q 27 54.78 -76.83 44.89
N HIS Q 28 53.83 -76.03 44.41
CA HIS Q 28 54.09 -74.68 43.90
C HIS Q 28 54.78 -73.80 44.93
N SER Q 29 54.23 -73.81 46.14
CA SER Q 29 54.77 -73.02 47.26
C SER Q 29 56.20 -73.41 47.61
N GLU Q 30 56.44 -74.72 47.69
CA GLU Q 30 57.73 -75.26 48.16
C GLU Q 30 58.84 -75.35 47.10
N LYS Q 31 58.45 -75.36 45.82
CA LYS Q 31 59.40 -75.37 44.70
C LYS Q 31 60.39 -74.21 44.80
N PHE Q 32 59.84 -73.02 45.00
CA PHE Q 32 60.64 -71.79 45.12
C PHE Q 32 61.45 -71.73 46.42
N ILE Q 33 60.88 -72.27 47.49
CA ILE Q 33 61.58 -72.40 48.79
C ILE Q 33 62.82 -73.28 48.64
N LYS Q 34 62.64 -74.44 48.00
CA LYS Q 34 63.74 -75.38 47.70
C LYS Q 34 64.86 -74.71 46.92
N LYS Q 35 64.48 -73.98 45.87
CA LYS Q 35 65.41 -73.21 45.04
C LYS Q 35 66.22 -72.23 45.91
N SER Q 36 65.50 -71.47 46.74
CA SER Q 36 66.09 -70.46 47.62
C SER Q 36 67.15 -71.03 48.59
N THR Q 37 66.84 -72.17 49.20
CA THR Q 37 67.70 -72.77 50.23
C THR Q 37 69.00 -73.35 49.63
N PRO Q 38 70.14 -73.17 50.33
CA PRO Q 38 71.38 -73.85 49.88
C PRO Q 38 71.32 -75.37 50.10
N GLU Q 39 72.27 -76.09 49.49
CA GLU Q 39 72.28 -77.56 49.54
C GLU Q 39 72.43 -78.10 50.97
N PHE Q 40 73.30 -77.47 51.76
CA PHE Q 40 73.57 -77.89 53.14
C PHE Q 40 72.39 -77.66 54.10
N MET Q 41 71.49 -76.74 53.74
CA MET Q 41 70.29 -76.45 54.54
C MET Q 41 69.11 -77.36 54.17
N LYS Q 42 68.83 -77.50 52.88
CA LYS Q 42 67.61 -78.16 52.41
C LYS Q 42 67.57 -79.66 52.72
N SER Q 43 66.36 -80.15 53.00
CA SER Q 43 66.10 -81.56 53.31
C SER Q 43 65.16 -82.17 52.27
N ASP Q 44 65.33 -83.47 52.03
CA ASP Q 44 64.52 -84.20 51.05
C ASP Q 44 63.10 -84.50 51.55
N LEU Q 45 62.95 -84.66 52.87
CA LEU Q 45 61.69 -85.10 53.46
C LEU Q 45 60.65 -83.98 53.51
N LYS Q 46 59.38 -84.37 53.49
CA LYS Q 46 58.26 -83.44 53.43
C LYS Q 46 58.00 -82.79 54.79
N GLU Q 47 57.92 -81.47 54.82
CA GLU Q 47 57.62 -80.71 56.04
C GLU Q 47 56.12 -80.83 56.35
N VAL Q 48 55.78 -81.78 57.23
CA VAL Q 48 54.38 -82.03 57.60
C VAL Q 48 53.79 -80.94 58.48
N ASP Q 49 52.46 -80.79 58.41
CA ASP Q 49 51.74 -79.76 59.15
C ASP Q 49 51.63 -80.14 60.63
N GLU Q 50 51.45 -79.13 61.49
CA GLU Q 50 51.37 -79.33 62.95
C GLU Q 50 50.21 -80.23 63.43
N LYS Q 51 49.17 -80.37 62.62
CA LYS Q 51 48.08 -81.32 62.86
C LYS Q 51 48.62 -82.76 62.81
N THR Q 52 49.25 -83.10 61.70
CA THR Q 52 49.86 -84.42 61.50
C THR Q 52 51.32 -84.35 61.96
N SER Q 53 51.49 -84.24 63.28
CA SER Q 53 52.81 -84.17 63.91
C SER Q 53 52.81 -85.05 65.16
N PHE Q 54 53.85 -85.86 65.31
CA PHE Q 54 53.94 -86.81 66.43
C PHE Q 54 54.34 -86.06 67.70
N LYS Q 55 53.33 -85.64 68.47
CA LYS Q 55 53.56 -84.92 69.73
C LYS Q 55 53.78 -85.87 70.90
N SER Q 56 53.00 -86.95 70.96
CA SER Q 56 53.13 -87.96 72.02
C SER Q 56 54.30 -88.90 71.76
N GLU Q 57 54.79 -89.53 72.83
CA GLU Q 57 55.86 -90.54 72.74
C GLU Q 57 55.34 -91.92 72.30
N LYS Q 58 54.02 -92.06 72.17
CA LYS Q 58 53.40 -93.21 71.50
C LYS Q 58 53.42 -93.01 69.98
N GLU Q 59 53.16 -91.77 69.53
CA GLU Q 59 53.14 -91.42 68.11
C GLU Q 59 54.52 -91.58 67.46
N TRP Q 60 55.55 -91.06 68.12
CA TRP Q 60 56.92 -91.46 67.83
C TRP Q 60 57.06 -92.89 68.31
N LYS Q 61 57.53 -93.79 67.46
CA LYS Q 61 57.83 -95.16 67.88
C LYS Q 61 59.18 -95.27 68.60
N PHE Q 62 60.05 -94.26 68.42
CA PHE Q 62 61.41 -94.25 69.00
C PHE Q 62 61.72 -92.89 69.65
N ILE Q 63 62.52 -92.91 70.72
CA ILE Q 63 62.95 -91.71 71.44
C ILE Q 63 64.45 -91.46 71.21
N PRO Q 64 64.88 -90.18 71.17
CA PRO Q 64 66.30 -89.84 71.19
C PRO Q 64 67.08 -90.54 72.31
N GLY Q 65 68.03 -91.40 71.92
CA GLY Q 65 68.79 -92.21 72.87
C GLY Q 65 68.77 -93.69 72.58
N ASP Q 66 67.66 -94.20 72.04
CA ASP Q 66 67.54 -95.64 71.73
C ASP Q 66 68.32 -96.03 70.48
N ARG Q 67 68.64 -97.32 70.40
CA ARG Q 67 69.47 -97.90 69.34
C ARG Q 67 68.55 -98.48 68.27
N VAL Q 68 68.84 -98.17 67.00
CA VAL Q 68 67.95 -98.51 65.88
C VAL Q 68 68.77 -98.99 64.67
N VAL Q 69 68.26 -100.02 63.98
CA VAL Q 69 68.88 -100.48 62.71
C VAL Q 69 68.23 -99.74 61.53
N VAL Q 70 69.07 -99.28 60.61
CA VAL Q 70 68.61 -98.56 59.42
C VAL Q 70 68.36 -99.56 58.28
N MET Q 71 67.38 -99.24 57.44
CA MET Q 71 67.07 -100.04 56.25
C MET Q 71 66.33 -99.17 55.21
N SER Q 72 66.12 -99.73 54.02
CA SER Q 72 65.51 -99.01 52.89
C SER Q 72 66.31 -97.74 52.54
N GLY Q 73 67.62 -97.90 52.38
CA GLY Q 73 68.52 -96.79 52.11
C GLY Q 73 69.92 -97.22 51.69
N ALA Q 74 70.82 -96.24 51.57
CA ALA Q 74 72.21 -96.48 51.17
C ALA Q 74 72.98 -97.16 52.29
N SER Q 75 72.90 -96.59 53.48
CA SER Q 75 73.50 -97.15 54.69
C SER Q 75 72.50 -98.06 55.40
N LYS Q 76 72.14 -99.17 54.73
CA LYS Q 76 71.15 -100.12 55.25
C LYS Q 76 71.84 -101.28 55.95
N GLY Q 77 71.14 -101.85 56.93
CA GLY Q 77 71.73 -102.85 57.84
C GLY Q 77 72.77 -102.25 58.78
N ASN Q 78 72.60 -100.98 59.13
CA ASN Q 78 73.53 -100.25 60.00
C ASN Q 78 72.85 -99.89 61.32
N ILE Q 79 73.48 -100.25 62.43
CA ILE Q 79 73.00 -99.87 63.76
C ILE Q 79 73.37 -98.40 63.99
N ALA Q 80 72.47 -97.67 64.66
CA ALA Q 80 72.66 -96.25 64.92
C ALA Q 80 71.85 -95.83 66.14
N VAL Q 81 72.47 -95.08 67.05
CA VAL Q 81 71.77 -94.48 68.18
C VAL Q 81 71.19 -93.16 67.70
N ILE Q 82 69.87 -93.00 67.84
CA ILE Q 82 69.18 -91.83 67.27
C ILE Q 82 69.40 -90.63 68.21
N LYS Q 83 69.81 -89.50 67.61
CA LYS Q 83 70.38 -88.38 68.38
C LYS Q 83 69.31 -87.37 68.80
N SER Q 84 68.47 -86.97 67.85
CA SER Q 84 67.38 -86.02 68.10
C SER Q 84 66.40 -86.03 66.93
N PHE Q 85 65.10 -85.96 67.23
CA PHE Q 85 64.08 -85.87 66.15
C PHE Q 85 63.85 -84.43 65.70
N ASP Q 86 63.40 -84.29 64.45
CA ASP Q 86 62.95 -83.02 63.90
C ASP Q 86 61.43 -82.97 63.98
N LYS Q 87 60.90 -81.89 64.52
CA LYS Q 87 59.48 -81.79 64.86
C LYS Q 87 58.61 -81.48 63.64
N ARG Q 88 59.06 -80.54 62.82
CA ARG Q 88 58.34 -80.13 61.60
C ARG Q 88 58.25 -81.22 60.52
N THR Q 89 59.31 -82.02 60.39
CA THR Q 89 59.44 -83.03 59.33
C THR Q 89 58.87 -84.41 59.74
N ASN Q 90 58.83 -84.69 61.04
CA ASN Q 90 58.47 -86.03 61.58
C ASN Q 90 59.52 -87.06 61.16
N SER Q 91 60.73 -86.88 61.70
CA SER Q 91 61.89 -87.67 61.32
C SER Q 91 62.98 -87.59 62.39
N PHE Q 92 63.96 -88.48 62.27
CA PHE Q 92 65.06 -88.60 63.24
C PHE Q 92 66.40 -88.25 62.63
N ILE Q 93 67.28 -87.65 63.44
CA ILE Q 93 68.67 -87.40 63.07
C ILE Q 93 69.52 -88.44 63.80
N LEU Q 94 70.15 -89.34 63.05
CA LEU Q 94 70.95 -90.42 63.62
C LEU Q 94 72.39 -89.98 63.84
N ASP Q 95 73.16 -90.83 64.53
CA ASP Q 95 74.58 -90.57 64.78
C ASP Q 95 75.43 -90.83 63.52
N GLU Q 96 76.76 -90.86 63.68
CA GLU Q 96 77.71 -91.06 62.56
C GLU Q 96 77.40 -92.27 61.66
N ASN Q 97 76.94 -93.36 62.26
CA ASN Q 97 76.66 -94.61 61.51
C ASN Q 97 75.43 -94.54 60.59
N GLY Q 98 74.52 -93.62 60.85
CA GLY Q 98 73.31 -93.45 60.03
C GLY Q 98 73.57 -92.85 58.65
N PRO Q 99 72.49 -92.51 57.92
CA PRO Q 99 72.63 -91.96 56.57
C PRO Q 99 73.12 -90.51 56.59
N THR Q 100 74.05 -90.19 55.69
CA THR Q 100 74.67 -88.87 55.63
C THR Q 100 74.74 -88.33 54.20
N LYS Q 101 75.10 -87.07 54.07
CA LYS Q 101 75.42 -86.44 52.79
C LYS Q 101 76.60 -85.49 52.95
N THR Q 102 77.52 -85.54 51.99
CA THR Q 102 78.70 -84.66 51.99
C THR Q 102 78.33 -83.42 51.19
N VAL Q 103 78.42 -82.25 51.82
CA VAL Q 103 77.96 -80.99 51.24
C VAL Q 103 78.93 -79.86 51.58
N PRO Q 104 79.17 -78.91 50.65
CA PRO Q 104 80.01 -77.75 51.00
C PRO Q 104 79.33 -76.81 52.00
N VAL Q 105 80.12 -76.25 52.91
CA VAL Q 105 79.62 -75.45 54.02
C VAL Q 105 80.50 -74.19 54.18
N PRO Q 106 79.88 -73.01 54.42
CA PRO Q 106 80.68 -71.79 54.62
C PRO Q 106 81.40 -71.74 55.97
N LYS Q 107 82.42 -70.89 56.04
CA LYS Q 107 83.26 -70.73 57.24
C LYS Q 107 82.55 -70.16 58.47
N GLN Q 108 81.32 -69.65 58.30
CA GLN Q 108 80.46 -69.31 59.43
C GLN Q 108 80.08 -70.57 60.23
N PHE Q 109 79.84 -71.67 59.52
CA PHE Q 109 79.43 -72.95 60.13
C PHE Q 109 80.53 -74.01 60.12
N TRP Q 110 81.78 -73.61 60.27
CA TRP Q 110 82.90 -74.56 60.30
C TRP Q 110 83.13 -75.09 61.71
N LEU Q 111 83.32 -76.40 61.82
CA LEU Q 111 83.68 -77.04 63.08
C LEU Q 111 85.19 -76.94 63.28
N GLU Q 112 85.63 -76.94 64.54
CA GLU Q 112 87.04 -76.82 64.87
C GLU Q 112 87.79 -78.11 64.51
N GLY Q 113 88.72 -78.00 63.56
CA GLY Q 113 89.42 -79.15 62.98
C GLY Q 113 88.85 -79.52 61.64
N GLN Q 114 88.85 -78.56 60.71
CA GLN Q 114 88.37 -78.75 59.34
C GLN Q 114 89.38 -78.18 58.34
N THR Q 115 89.72 -78.98 57.33
CA THR Q 115 90.61 -78.57 56.24
C THR Q 115 89.82 -78.01 55.06
N SER Q 116 88.78 -78.75 54.65
CA SER Q 116 87.97 -78.40 53.47
C SER Q 116 86.62 -77.81 53.85
N HIS Q 117 86.00 -77.13 52.87
CA HIS Q 117 84.61 -76.66 52.98
C HIS Q 117 83.63 -77.83 53.00
N MET Q 118 84.02 -78.92 52.35
CA MET Q 118 83.22 -80.14 52.28
C MET Q 118 83.11 -80.79 53.66
N ILE Q 119 81.88 -81.06 54.10
CA ILE Q 119 81.62 -81.72 55.39
C ILE Q 119 80.46 -82.69 55.25
N THR Q 120 80.61 -83.89 55.84
CA THR Q 120 79.53 -84.88 55.88
C THR Q 120 78.57 -84.52 57.02
N ILE Q 121 77.28 -84.49 56.71
CA ILE Q 121 76.22 -84.13 57.67
C ILE Q 121 75.09 -85.16 57.59
N PRO Q 122 74.40 -85.42 58.72
CA PRO Q 122 73.40 -86.48 58.74
C PRO Q 122 72.07 -86.02 58.15
N VAL Q 123 71.55 -86.79 57.19
CA VAL Q 123 70.23 -86.54 56.63
C VAL Q 123 69.16 -87.07 57.60
N SER Q 124 67.98 -86.45 57.55
CA SER Q 124 66.83 -86.92 58.32
C SER Q 124 66.24 -88.19 57.71
N ILE Q 125 65.61 -89.00 58.55
CA ILE Q 125 65.03 -90.28 58.15
C ILE Q 125 63.76 -90.56 58.96
N LEU Q 126 62.77 -91.18 58.30
CA LEU Q 126 61.46 -91.41 58.91
C LEU Q 126 61.50 -92.62 59.84
N GLY Q 127 60.50 -92.73 60.70
CA GLY Q 127 60.32 -93.91 61.56
C GLY Q 127 59.95 -95.17 60.80
N LYS Q 128 59.36 -95.00 59.62
CA LYS Q 128 59.00 -96.12 58.74
C LYS Q 128 60.24 -96.82 58.18
N ASP Q 129 61.27 -96.05 57.85
CA ASP Q 129 62.49 -96.56 57.22
C ASP Q 129 63.42 -97.34 58.15
N LEU Q 130 63.31 -97.16 59.46
CA LEU Q 130 64.22 -97.81 60.43
C LEU Q 130 63.46 -98.60 61.52
N ARG Q 131 64.05 -99.71 61.94
CA ARG Q 131 63.46 -100.66 62.89
C ARG Q 131 64.32 -100.76 64.15
N LEU Q 132 63.69 -100.99 65.30
CA LEU Q 132 64.39 -101.11 66.60
C LEU Q 132 65.38 -102.28 66.66
N VAL Q 133 66.25 -102.24 67.67
CA VAL Q 133 67.14 -103.35 68.01
C VAL Q 133 67.24 -103.56 69.52
N ALA Q 134 67.59 -104.80 69.91
CA ALA Q 134 67.63 -105.20 71.32
C ALA Q 134 68.70 -106.26 71.54
N THR Q 147 72.38 -109.89 69.11
CA THR Q 147 71.56 -108.72 68.80
C THR Q 147 70.39 -109.11 67.90
N VAL Q 148 69.23 -108.50 68.15
CA VAL Q 148 67.97 -108.84 67.46
C VAL Q 148 67.21 -107.57 67.12
N ALA Q 149 66.84 -107.42 65.84
CA ALA Q 149 66.00 -106.31 65.39
C ALA Q 149 64.52 -106.63 65.63
N VAL Q 150 63.72 -105.59 65.80
CA VAL Q 150 62.28 -105.71 66.06
C VAL Q 150 61.51 -105.28 64.80
N ARG Q 151 60.55 -106.09 64.38
CA ARG Q 151 59.75 -105.81 63.18
C ARG Q 151 58.78 -104.66 63.43
N ASP Q 152 58.00 -104.78 64.49
CA ASP Q 152 57.06 -103.73 64.89
C ASP Q 152 56.82 -103.76 66.41
N VAL Q 153 56.53 -102.59 66.97
CA VAL Q 153 56.33 -102.40 68.41
C VAL Q 153 54.89 -101.91 68.64
N SER Q 154 54.28 -102.40 69.73
CA SER Q 154 52.94 -101.99 70.13
C SER Q 154 52.93 -101.54 71.60
N PHE Q 155 51.97 -100.70 71.93
CA PHE Q 155 51.83 -100.13 73.27
C PHE Q 155 50.52 -100.60 73.89
N ASN Q 156 50.60 -101.19 75.07
CA ASN Q 156 49.42 -101.74 75.77
C ASN Q 156 49.20 -101.23 77.20
N GLY Q 157 50.28 -101.11 77.98
CA GLY Q 157 50.24 -100.54 79.33
C GLY Q 157 50.92 -99.19 79.42
N SER Q 158 50.88 -98.60 80.62
CA SER Q 158 51.53 -97.31 80.91
C SER Q 158 51.98 -97.21 82.36
N TYR Q 159 52.95 -96.32 82.61
CA TYR Q 159 53.54 -96.15 83.95
C TYR Q 159 54.31 -94.84 84.07
N TYR Q 160 54.47 -94.38 85.31
CA TYR Q 160 55.27 -93.19 85.59
C TYR Q 160 56.76 -93.54 85.56
N ASP Q 161 57.50 -92.85 84.68
CA ASP Q 161 58.96 -93.00 84.61
C ASP Q 161 59.64 -92.09 85.63
N ALA Q 162 60.70 -92.61 86.25
CA ALA Q 162 61.46 -91.86 87.25
C ALA Q 162 62.35 -90.80 86.60
N ASP Q 163 63.04 -91.17 85.52
CA ASP Q 163 63.99 -90.29 84.85
C ASP Q 163 63.28 -89.30 83.90
N TYR Q 164 62.42 -89.83 83.04
CA TYR Q 164 61.65 -89.00 82.09
C TYR Q 164 60.64 -88.07 82.76
N LYS Q 165 60.11 -88.49 83.92
CA LYS Q 165 59.09 -87.73 84.67
C LYS Q 165 57.81 -87.52 83.84
N LYS Q 166 57.31 -88.63 83.31
CA LYS Q 166 56.07 -88.67 82.52
C LYS Q 166 55.40 -90.03 82.67
N VAL Q 167 54.09 -90.06 82.47
CA VAL Q 167 53.34 -91.32 82.45
C VAL Q 167 53.48 -91.91 81.04
N MET Q 168 54.60 -92.57 80.81
CA MET Q 168 54.94 -93.12 79.49
C MET Q 168 54.34 -94.52 79.31
N PRO Q 169 54.12 -94.93 78.04
CA PRO Q 169 53.62 -96.29 77.79
C PRO Q 169 54.72 -97.35 77.84
N TYR Q 170 54.32 -98.62 77.80
CA TYR Q 170 55.26 -99.73 77.72
C TYR Q 170 55.45 -100.15 76.26
N ARG Q 171 56.65 -99.96 75.72
CA ARG Q 171 56.99 -100.47 74.38
C ARG Q 171 57.10 -101.99 74.41
N CYS Q 172 56.12 -102.67 73.82
CA CYS Q 172 56.09 -104.12 73.75
C CYS Q 172 56.23 -104.55 72.30
N VAL Q 173 56.96 -105.64 72.06
CA VAL Q 173 57.14 -106.17 70.70
C VAL Q 173 55.77 -106.66 70.20
N LYS Q 174 55.47 -106.41 68.93
CA LYS Q 174 54.19 -106.81 68.34
C LYS Q 174 54.06 -108.32 68.35
N GLY Q 175 52.87 -108.81 68.70
CA GLY Q 175 52.62 -110.24 68.91
C GLY Q 175 52.73 -110.57 70.39
N GLN Q 176 53.93 -110.99 70.81
CA GLN Q 176 54.20 -111.31 72.23
C GLN Q 176 54.34 -110.03 73.08
N PRO Q 177 53.36 -109.75 73.97
CA PRO Q 177 53.36 -108.47 74.69
C PRO Q 177 54.32 -108.41 75.90
N ASP Q 178 54.73 -109.55 76.43
CA ASP Q 178 55.60 -109.61 77.61
C ASP Q 178 57.05 -109.19 77.32
N LEU Q 179 57.49 -109.34 76.07
CA LEU Q 179 58.83 -108.91 75.67
C LEU Q 179 58.86 -107.39 75.54
N ILE Q 180 59.23 -106.72 76.63
CA ILE Q 180 59.23 -105.25 76.71
C ILE Q 180 60.56 -104.70 76.18
N ILE Q 181 60.47 -103.79 75.21
CA ILE Q 181 61.60 -102.99 74.77
C ILE Q 181 61.64 -101.75 75.67
N PRO Q 182 62.65 -101.64 76.56
CA PRO Q 182 62.64 -100.54 77.52
C PRO Q 182 63.06 -99.21 76.89
N TRP Q 183 62.62 -98.11 77.49
CA TRP Q 183 62.98 -96.77 77.02
C TRP Q 183 64.43 -96.46 77.38
N PRO Q 184 65.11 -95.65 76.56
CA PRO Q 184 66.48 -95.25 76.87
C PRO Q 184 66.51 -94.20 77.98
N LYS Q 185 67.25 -94.47 79.06
CA LYS Q 185 67.38 -93.51 80.16
C LYS Q 185 68.14 -92.25 79.69
N PRO Q 186 67.49 -91.07 79.75
CA PRO Q 186 68.10 -89.85 79.20
C PRO Q 186 69.25 -89.29 80.06
N ASP Q 187 69.94 -88.29 79.51
CA ASP Q 187 71.07 -87.67 80.19
C ASP Q 187 70.58 -86.80 81.36
N PRO Q 188 71.36 -86.71 82.45
CA PRO Q 188 70.94 -85.93 83.61
C PRO Q 188 71.02 -84.43 83.37
N ILE Q 189 69.86 -83.78 83.33
CA ILE Q 189 69.78 -82.31 83.16
C ILE Q 189 70.26 -81.57 84.42
N ASP Q 190 71.57 -81.26 84.45
CA ASP Q 190 72.16 -80.51 85.56
C ASP Q 190 71.80 -79.03 85.44
N VAL Q 191 70.70 -78.65 86.09
CA VAL Q 191 70.12 -77.30 85.94
C VAL Q 191 70.83 -76.31 86.87
N GLN Q 192 71.44 -75.28 86.28
CA GLN Q 192 72.01 -74.16 87.03
C GLN Q 192 71.73 -72.85 86.28
N THR Q 193 70.49 -72.39 86.39
CA THR Q 193 70.02 -71.16 85.76
C THR Q 193 69.32 -70.27 86.78
N ASN Q 194 69.47 -68.95 86.60
CA ASN Q 194 68.83 -67.97 87.47
C ASN Q 194 67.33 -67.78 87.20
N LEU Q 195 66.85 -68.25 86.05
CA LEU Q 195 65.45 -68.09 85.66
C LEU Q 195 64.58 -69.34 85.94
N ALA Q 196 65.16 -70.37 86.55
CA ALA Q 196 64.42 -71.58 86.95
C ALA Q 196 64.40 -71.69 88.47
N THR Q 197 63.20 -71.64 89.05
CA THR Q 197 63.04 -71.83 90.51
C THR Q 197 63.28 -73.29 90.90
N ASP Q 198 63.94 -73.48 92.05
CA ASP Q 198 64.32 -74.82 92.52
C ASP Q 198 63.09 -75.64 92.97
N PRO Q 199 63.24 -76.99 93.08
CA PRO Q 199 62.10 -77.85 93.42
C PRO Q 199 61.35 -77.55 94.73
N VAL Q 200 62.09 -77.13 95.76
CA VAL Q 200 61.50 -76.91 97.09
C VAL Q 200 60.57 -75.70 97.09
N ILE Q 201 61.04 -74.59 96.51
CA ILE Q 201 60.27 -73.34 96.47
C ILE Q 201 59.15 -73.40 95.42
N ALA Q 202 59.44 -74.03 94.28
CA ALA Q 202 58.45 -74.19 93.19
C ALA Q 202 57.14 -74.82 93.65
N ARG Q 203 57.22 -75.80 94.55
CA ARG Q 203 56.06 -76.56 94.99
C ARG Q 203 55.54 -76.23 96.39
N GLU Q 204 56.29 -75.46 97.19
CA GLU Q 204 55.86 -75.16 98.58
C GLU Q 204 54.49 -74.46 98.58
N GLN Q 205 53.58 -75.01 99.39
CA GLN Q 205 52.21 -74.52 99.46
C GLN Q 205 52.15 -73.31 100.39
N THR Q 206 51.78 -72.15 99.83
CA THR Q 206 51.55 -70.93 100.61
C THR Q 206 50.07 -70.52 100.72
N PHE Q 207 49.19 -71.17 99.95
CA PHE Q 207 47.75 -70.92 100.02
C PHE Q 207 47.00 -72.11 100.61
N TRP Q 208 45.95 -71.80 101.37
CA TRP Q 208 44.95 -72.78 101.81
C TRP Q 208 43.56 -72.16 101.73
N VAL Q 209 42.58 -72.95 101.28
CA VAL Q 209 41.17 -72.52 101.28
C VAL Q 209 40.72 -72.55 102.73
N ASP Q 210 40.61 -71.37 103.34
CA ASP Q 210 40.20 -71.25 104.75
C ASP Q 210 38.93 -70.43 104.93
N SER Q 211 38.93 -69.19 104.43
CA SER Q 211 37.84 -68.25 104.68
C SER Q 211 36.70 -68.39 103.68
N VAL Q 212 35.48 -68.32 104.22
CA VAL Q 212 34.26 -68.12 103.42
C VAL Q 212 33.86 -66.63 103.46
N VAL Q 213 34.28 -65.91 104.50
CA VAL Q 213 33.89 -64.51 104.69
C VAL Q 213 34.77 -63.56 103.87
N ARG Q 214 36.08 -63.65 104.10
CA ARG Q 214 37.05 -62.88 103.32
C ARG Q 214 37.34 -63.62 102.01
N ASN Q 215 37.23 -62.92 100.88
CA ASN Q 215 37.59 -63.51 99.59
C ASN Q 215 39.11 -63.49 99.43
N PRO Q 216 39.68 -64.50 98.73
CA PRO Q 216 41.13 -64.69 98.80
C PRO Q 216 41.96 -63.61 98.11
N ILE Q 217 41.53 -63.17 96.93
CA ILE Q 217 42.26 -62.16 96.16
C ILE Q 217 41.39 -60.89 96.03
N PRO Q 218 41.99 -59.69 96.26
CA PRO Q 218 41.24 -58.46 96.52
C PRO Q 218 40.31 -57.98 95.40
N LYS Q 219 39.38 -57.10 95.76
CA LYS Q 219 38.34 -56.62 94.84
C LYS Q 219 38.89 -55.74 93.72
N LYS Q 220 39.92 -54.95 94.03
CA LYS Q 220 40.60 -54.11 93.02
C LYS Q 220 41.42 -54.89 92.00
N ALA Q 221 41.77 -56.14 92.30
CA ALA Q 221 42.49 -57.01 91.37
C ALA Q 221 41.59 -57.70 90.33
N ILE Q 222 40.29 -57.79 90.60
CA ILE Q 222 39.34 -58.55 89.74
C ILE Q 222 39.35 -58.11 88.26
N PRO Q 223 39.34 -56.79 87.97
CA PRO Q 223 39.35 -56.31 86.57
C PRO Q 223 40.49 -56.84 85.70
N SER Q 224 41.66 -57.07 86.30
CA SER Q 224 42.79 -57.71 85.60
C SER Q 224 42.50 -59.19 85.34
N ILE Q 225 41.93 -59.85 86.35
CA ILE Q 225 41.62 -61.29 86.31
C ILE Q 225 40.52 -61.65 85.30
N ARG Q 226 39.48 -60.83 85.21
CA ARG Q 226 38.39 -61.04 84.26
C ARG Q 226 37.78 -59.72 83.80
N ASN Q 227 37.21 -59.74 82.60
CA ASN Q 227 36.60 -58.55 82.02
C ASN Q 227 35.22 -58.32 82.66
N PRO Q 228 35.06 -57.19 83.39
CA PRO Q 228 33.76 -56.92 84.03
C PRO Q 228 32.65 -56.53 83.05
N HIS Q 229 33.02 -56.09 81.85
CA HIS Q 229 32.07 -55.71 80.80
C HIS Q 229 32.07 -56.74 79.67
N SER Q 230 32.02 -58.02 80.03
CA SER Q 230 32.08 -59.11 79.06
C SER Q 230 30.75 -59.22 78.34
N LYS Q 231 30.79 -59.09 77.01
CA LYS Q 231 29.59 -59.23 76.17
C LYS Q 231 29.01 -60.66 76.15
N TYR Q 232 29.84 -61.64 76.50
CA TYR Q 232 29.45 -63.05 76.46
C TYR Q 232 28.58 -63.45 77.65
N LYS Q 233 28.92 -62.95 78.84
CA LYS Q 233 28.21 -63.29 80.08
C LYS Q 233 26.83 -62.63 80.14
N ARG Q 234 25.81 -63.39 79.74
CA ARG Q 234 24.43 -62.91 79.72
C ARG Q 234 23.82 -62.91 81.12
N GLY Q 235 22.99 -61.91 81.39
CA GLY Q 235 22.28 -61.81 82.66
C GLY Q 235 21.09 -62.77 82.72
N THR Q 236 20.76 -63.23 83.92
CA THR Q 236 19.61 -64.10 84.15
C THR Q 236 18.33 -63.28 84.28
N LEU Q 237 17.21 -63.87 83.85
CA LEU Q 237 15.91 -63.20 83.91
C LEU Q 237 15.35 -63.16 85.34
N THR Q 238 14.40 -62.26 85.56
CA THR Q 238 13.62 -62.16 86.80
C THR Q 238 12.13 -62.17 86.46
N ALA Q 239 11.29 -62.20 87.50
CA ALA Q 239 9.83 -62.19 87.32
C ALA Q 239 9.33 -60.88 86.73
N LYS Q 240 9.84 -59.77 87.26
CA LYS Q 240 9.51 -58.42 86.80
C LYS Q 240 9.89 -58.21 85.33
N ASP Q 241 11.09 -58.67 84.98
CA ASP Q 241 11.59 -58.60 83.60
C ASP Q 241 10.71 -59.38 82.64
N ILE Q 242 10.31 -60.58 83.05
CA ILE Q 242 9.35 -61.42 82.30
C ILE Q 242 8.04 -60.67 82.06
N ALA Q 243 7.51 -60.07 83.13
CA ALA Q 243 6.25 -59.32 83.08
C ALA Q 243 6.34 -58.14 82.11
N LYS Q 244 7.47 -57.43 82.16
CA LYS Q 244 7.76 -56.34 81.23
C LYS Q 244 7.78 -56.80 79.77
N LEU Q 245 8.43 -57.95 79.56
CA LEU Q 245 8.57 -58.54 78.22
C LEU Q 245 7.22 -58.94 77.62
N VAL Q 246 6.44 -59.68 78.40
CA VAL Q 246 5.19 -60.28 77.93
C VAL Q 246 4.05 -59.26 77.96
N ALA Q 247 3.24 -59.27 76.91
CA ALA Q 247 2.09 -58.37 76.80
C ALA Q 247 0.97 -58.82 77.74
N PRO Q 248 0.22 -57.86 78.31
CA PRO Q 248 -0.91 -58.23 79.18
C PRO Q 248 -2.07 -58.81 78.37
N GLU Q 249 -2.68 -59.87 78.88
CA GLU Q 249 -3.76 -60.56 78.17
C GLU Q 249 -5.02 -59.71 78.13
N MET Q 250 -5.67 -59.66 76.97
CA MET Q 250 -6.92 -58.92 76.81
C MET Q 250 -8.04 -59.64 77.57
N PRO Q 251 -8.92 -58.89 78.25
CA PRO Q 251 -10.04 -59.53 78.96
C PRO Q 251 -11.09 -60.11 78.01
N LEU Q 252 -11.90 -61.03 78.54
CA LEU Q 252 -12.93 -61.72 77.77
C LEU Q 252 -14.20 -60.88 77.77
N THR Q 253 -14.78 -60.66 76.59
CA THR Q 253 -16.06 -59.96 76.49
C THR Q 253 -17.21 -60.88 76.94
N GLU Q 254 -18.39 -60.29 77.10
CA GLU Q 254 -19.56 -60.97 77.71
C GLU Q 254 -19.96 -62.26 77.00
N VAL Q 255 -20.01 -62.19 75.68
CA VAL Q 255 -20.36 -63.33 74.82
C VAL Q 255 -19.34 -64.47 74.97
N ARG Q 256 -18.06 -64.10 75.00
CA ARG Q 256 -16.96 -65.04 75.16
C ARG Q 256 -17.03 -65.77 76.51
N LYS Q 257 -17.32 -65.00 77.56
CA LYS Q 257 -17.51 -65.54 78.92
C LYS Q 257 -18.67 -66.53 79.00
N SER Q 258 -19.79 -66.15 78.38
CA SER Q 258 -20.99 -67.00 78.31
C SER Q 258 -20.72 -68.32 77.60
N HIS Q 259 -19.98 -68.24 76.49
CA HIS Q 259 -19.54 -69.42 75.73
C HIS Q 259 -18.66 -70.34 76.57
N LEU Q 260 -17.73 -69.74 77.32
CA LEU Q 260 -16.83 -70.46 78.22
C LEU Q 260 -17.62 -71.20 79.30
N ALA Q 261 -18.58 -70.49 79.91
CA ALA Q 261 -19.48 -71.05 80.91
C ALA Q 261 -20.27 -72.25 80.38
N GLU Q 262 -20.79 -72.10 79.16
CA GLU Q 262 -21.53 -73.16 78.47
C GLU Q 262 -20.66 -74.40 78.25
N LYS Q 263 -19.42 -74.17 77.81
CA LYS Q 263 -18.44 -75.23 77.59
C LYS Q 263 -18.12 -75.98 78.88
N LYS Q 264 -17.98 -75.22 79.97
CA LYS Q 264 -17.73 -75.77 81.31
C LYS Q 264 -18.90 -76.66 81.77
N GLU Q 265 -20.12 -76.14 81.58
CA GLU Q 265 -21.35 -76.90 81.87
C GLU Q 265 -21.43 -78.21 81.10
N LEU Q 266 -21.08 -78.15 79.83
CA LEU Q 266 -21.06 -79.32 78.94
C LEU Q 266 -20.06 -80.37 79.44
N ALA Q 267 -18.86 -79.91 79.78
CA ALA Q 267 -17.80 -80.75 80.36
C ALA Q 267 -18.25 -81.44 81.65
N GLU Q 268 -18.96 -80.68 82.49
CA GLU Q 268 -19.46 -81.16 83.78
C GLU Q 268 -20.41 -82.36 83.65
N ARG Q 269 -21.23 -82.37 82.61
CA ARG Q 269 -22.13 -83.51 82.33
C ARG Q 269 -21.35 -84.80 82.06
N GLU Q 270 -22.03 -85.93 82.23
CA GLU Q 270 -21.44 -87.24 81.96
C GLU Q 270 -21.22 -87.43 80.46
N VAL Q 271 -20.00 -87.82 80.08
CA VAL Q 271 -19.59 -87.91 78.68
C VAL Q 271 -20.12 -89.21 78.06
N PRO Q 272 -20.70 -89.14 76.85
CA PRO Q 272 -20.97 -90.35 76.07
C PRO Q 272 -19.69 -91.12 75.72
N LYS Q 273 -19.63 -92.38 76.15
CA LYS Q 273 -18.49 -93.26 75.87
C LYS Q 273 -18.97 -94.59 75.33
N LEU Q 274 -18.28 -95.09 74.31
CA LEU Q 274 -18.65 -96.35 73.67
C LEU Q 274 -18.32 -97.52 74.59
N THR Q 275 -19.37 -98.19 75.08
CA THR Q 275 -19.24 -99.30 76.00
C THR Q 275 -18.75 -100.55 75.27
N GLU Q 276 -18.14 -101.46 76.03
CA GLU Q 276 -17.75 -102.79 75.55
C GLU Q 276 -18.94 -103.57 74.96
N GLU Q 277 -20.08 -103.48 75.64
CA GLU Q 277 -21.33 -104.14 75.24
C GLU Q 277 -21.82 -103.69 73.87
N ASP Q 278 -21.76 -102.37 73.65
CA ASP Q 278 -22.13 -101.77 72.37
C ASP Q 278 -21.25 -102.27 71.22
N MET Q 279 -19.94 -102.31 71.47
CA MET Q 279 -18.96 -102.84 70.52
C MET Q 279 -19.23 -104.30 70.15
N GLU Q 280 -19.51 -105.11 71.18
CA GLU Q 280 -19.87 -106.52 71.01
C GLU Q 280 -21.11 -106.70 70.14
N ALA Q 281 -22.13 -105.89 70.42
CA ALA Q 281 -23.40 -105.88 69.67
C ALA Q 281 -23.17 -105.54 68.20
N ILE Q 282 -22.35 -104.52 67.96
CA ILE Q 282 -21.95 -104.11 66.60
C ILE Q 282 -21.21 -105.25 65.91
N GLY Q 283 -20.19 -105.79 66.58
CA GLY Q 283 -19.35 -106.86 66.04
C GLY Q 283 -20.10 -108.12 65.66
N ALA Q 284 -21.08 -108.49 66.48
CA ALA Q 284 -21.98 -109.62 66.20
C ALA Q 284 -22.81 -109.37 64.94
N ARG Q 285 -23.33 -108.15 64.83
CA ARG Q 285 -24.12 -107.75 63.66
C ARG Q 285 -23.30 -107.76 62.36
N VAL Q 286 -22.07 -107.29 62.47
CA VAL Q 286 -21.10 -107.32 61.37
C VAL Q 286 -20.84 -108.75 60.91
N PHE Q 287 -20.61 -109.64 61.88
CA PHE Q 287 -20.40 -111.07 61.64
C PHE Q 287 -21.57 -111.72 60.91
N GLU Q 288 -22.78 -111.42 61.38
CA GLU Q 288 -24.03 -111.89 60.76
C GLU Q 288 -24.15 -111.43 59.31
N PHE Q 289 -23.81 -110.16 59.08
CA PHE Q 289 -23.81 -109.57 57.75
C PHE Q 289 -22.84 -110.27 56.80
N LEU Q 290 -21.62 -110.50 57.30
CA LEU Q 290 -20.59 -111.26 56.57
C LEU Q 290 -21.04 -112.67 56.21
N GLU Q 291 -21.66 -113.35 57.17
CA GLU Q 291 -22.21 -114.70 56.97
C GLU Q 291 -23.28 -114.72 55.88
N LYS Q 292 -24.15 -113.71 55.91
CA LYS Q 292 -25.22 -113.53 54.91
C LYS Q 292 -24.65 -113.30 53.50
N GLN Q 293 -23.62 -112.46 53.43
CA GLN Q 293 -22.89 -112.19 52.18
C GLN Q 293 -22.27 -113.46 51.60
N LYS Q 294 -21.61 -114.23 52.47
CA LYS Q 294 -21.02 -115.53 52.11
C LYS Q 294 -22.05 -116.50 51.54
N ARG Q 295 -23.20 -116.55 52.20
CA ARG Q 295 -24.32 -117.40 51.78
C ARG Q 295 -24.82 -117.03 50.38
N GLU Q 296 -25.04 -115.74 50.16
CA GLU Q 296 -25.47 -115.22 48.87
C GLU Q 296 -24.24 -114.91 48.00
N SER R 1 4.49 -36.02 -16.46
CA SER R 1 4.33 -37.18 -17.41
C SER R 1 3.04 -37.96 -17.16
N ARG R 2 2.60 -38.68 -18.18
CA ARG R 2 1.45 -39.57 -18.09
C ARG R 2 1.62 -40.72 -19.09
N THR R 3 1.61 -41.95 -18.59
CA THR R 3 1.97 -43.14 -19.36
C THR R 3 0.76 -44.06 -19.54
N SER R 4 0.73 -44.76 -20.68
CA SER R 4 -0.37 -45.69 -21.03
C SER R 4 0.02 -47.12 -20.66
N MET R 5 0.18 -47.35 -19.36
CA MET R 5 0.71 -48.60 -18.83
C MET R 5 -0.41 -49.46 -18.27
N LYS R 6 -1.20 -50.05 -19.17
CA LYS R 6 -2.37 -50.84 -18.78
C LYS R 6 -2.89 -51.70 -19.92
N ASP R 7 -3.10 -52.98 -19.65
CA ASP R 7 -3.57 -53.94 -20.66
C ASP R 7 -4.04 -55.23 -19.99
N SER R 8 -5.07 -55.85 -20.57
CA SER R 8 -5.53 -57.16 -20.12
C SER R 8 -4.58 -58.24 -20.59
N ALA R 9 -4.63 -59.40 -19.94
CA ALA R 9 -3.86 -60.56 -20.36
C ALA R 9 -4.45 -61.17 -21.62
N GLY R 10 -3.71 -62.09 -22.22
CA GLY R 10 -4.19 -62.84 -23.37
C GLY R 10 -5.25 -63.84 -22.95
N ARG R 11 -6.35 -63.89 -23.70
CA ARG R 11 -7.35 -64.93 -23.53
C ARG R 11 -6.82 -66.13 -24.30
N ARG R 12 -6.67 -67.27 -23.61
CA ARG R 12 -6.10 -68.47 -24.24
C ARG R 12 -7.13 -69.06 -25.21
N LEU R 13 -7.12 -68.57 -26.45
CA LEU R 13 -8.19 -68.83 -27.44
C LEU R 13 -7.73 -69.56 -28.71
N GLY R 14 -6.78 -70.48 -28.59
CA GLY R 14 -6.43 -71.38 -29.68
C GLY R 14 -7.39 -72.57 -29.81
N PRO R 15 -7.05 -73.52 -30.70
CA PRO R 15 -7.70 -74.84 -30.71
C PRO R 15 -7.12 -75.71 -29.59
N LYS R 16 -7.99 -76.22 -28.73
CA LYS R 16 -7.57 -77.01 -27.57
C LYS R 16 -7.49 -78.51 -27.86
N LYS R 17 -8.00 -78.91 -29.03
CA LYS R 17 -7.95 -80.30 -29.45
C LYS R 17 -7.84 -80.33 -30.98
N TYR R 18 -7.01 -81.24 -31.49
CA TYR R 18 -6.54 -81.20 -32.87
C TYR R 18 -7.14 -82.32 -33.72
N GLU R 19 -6.93 -82.21 -35.02
CA GLU R 19 -7.36 -83.22 -36.01
C GLU R 19 -6.81 -84.58 -35.65
N GLY R 20 -7.67 -85.61 -35.73
CA GLY R 20 -7.28 -86.98 -35.42
C GLY R 20 -7.14 -87.31 -33.93
N GLN R 21 -7.43 -86.35 -33.05
CA GLN R 21 -7.22 -86.55 -31.63
C GLN R 21 -8.45 -87.19 -30.99
N ASP R 22 -8.22 -88.19 -30.15
CA ASP R 22 -9.28 -88.82 -29.38
C ASP R 22 -9.92 -87.80 -28.44
N VAL R 23 -11.25 -87.85 -28.32
CA VAL R 23 -11.99 -86.99 -27.39
C VAL R 23 -12.93 -87.79 -26.51
N SER R 24 -13.39 -87.13 -25.46
CA SER R 24 -14.40 -87.64 -24.55
C SER R 24 -15.53 -86.63 -24.51
N THR R 25 -16.69 -87.07 -24.02
CA THR R 25 -17.85 -86.20 -23.89
C THR R 25 -17.55 -85.04 -22.91
N GLY R 26 -17.93 -83.83 -23.31
CA GLY R 26 -17.71 -82.62 -22.52
C GLY R 26 -16.45 -81.84 -22.84
N GLU R 27 -15.47 -82.48 -23.48
CA GLU R 27 -14.16 -81.87 -23.71
C GLU R 27 -14.20 -80.76 -24.75
N ILE R 28 -13.45 -79.69 -24.46
CA ILE R 28 -13.44 -78.47 -25.29
C ILE R 28 -12.46 -78.66 -26.44
N ILE R 29 -12.97 -78.56 -27.66
CA ILE R 29 -12.16 -78.69 -28.88
C ILE R 29 -11.64 -77.34 -29.38
N MET R 30 -12.36 -76.26 -29.05
CA MET R 30 -12.00 -74.92 -29.49
C MET R 30 -12.48 -73.88 -28.49
N ARG R 31 -11.63 -72.89 -28.22
CA ARG R 31 -12.03 -71.66 -27.54
C ARG R 31 -11.86 -70.52 -28.54
N GLN R 32 -12.84 -69.64 -28.61
CA GLN R 32 -12.90 -68.63 -29.67
C GLN R 32 -13.83 -67.47 -29.34
N ARG R 33 -13.67 -66.37 -30.07
CA ARG R 33 -14.54 -65.20 -29.98
C ARG R 33 -15.35 -65.15 -31.27
N GLY R 34 -16.58 -65.66 -31.20
CA GLY R 34 -17.43 -65.78 -32.37
C GLY R 34 -17.06 -67.01 -33.16
N THR R 35 -18.01 -67.49 -33.96
CA THR R 35 -17.83 -68.74 -34.70
C THR R 35 -16.87 -68.59 -35.87
N LYS R 36 -15.57 -68.70 -35.57
CA LYS R 36 -14.56 -68.93 -36.60
C LYS R 36 -14.71 -70.36 -37.11
N PHE R 37 -14.93 -71.29 -36.17
CA PHE R 37 -15.33 -72.65 -36.48
C PHE R 37 -16.75 -72.89 -36.00
N TYR R 38 -17.55 -73.52 -36.84
CA TYR R 38 -18.94 -73.86 -36.50
C TYR R 38 -19.01 -75.28 -35.94
N PRO R 39 -19.99 -75.53 -35.04
CA PRO R 39 -20.11 -76.86 -34.46
C PRO R 39 -20.66 -77.86 -35.48
N GLY R 40 -19.86 -78.86 -35.81
CA GLY R 40 -20.19 -79.83 -36.84
C GLY R 40 -20.93 -81.04 -36.29
N GLU R 41 -20.49 -82.22 -36.71
CA GLU R 41 -21.18 -83.47 -36.37
C GLU R 41 -20.77 -83.96 -34.98
N ASN R 42 -21.76 -84.35 -34.18
CA ASN R 42 -21.55 -84.86 -32.81
C ASN R 42 -20.81 -83.88 -31.89
N VAL R 43 -21.09 -82.58 -32.08
CA VAL R 43 -20.37 -81.50 -31.40
C VAL R 43 -21.35 -80.38 -31.03
N GLY R 44 -21.19 -79.86 -29.82
CA GLY R 44 -22.02 -78.78 -29.30
C GLY R 44 -21.29 -77.45 -29.38
N ILE R 45 -21.99 -76.38 -28.99
CA ILE R 45 -21.39 -75.05 -28.91
C ILE R 45 -21.95 -74.28 -27.70
N GLY R 46 -21.05 -73.62 -26.98
CA GLY R 46 -21.38 -72.98 -25.70
C GLY R 46 -21.71 -71.50 -25.83
N LYS R 47 -21.85 -70.84 -24.68
CA LYS R 47 -22.17 -69.42 -24.59
C LYS R 47 -21.05 -68.58 -25.19
N ASP R 48 -19.81 -68.94 -24.86
CA ASP R 48 -18.61 -68.29 -25.41
C ASP R 48 -18.18 -68.86 -26.77
N HIS R 49 -19.13 -69.43 -27.52
CA HIS R 49 -18.88 -70.10 -28.80
C HIS R 49 -17.81 -71.20 -28.73
N SER R 50 -17.69 -71.83 -27.56
CA SER R 50 -16.69 -72.86 -27.33
C SER R 50 -17.23 -74.16 -27.89
N ILE R 51 -16.53 -74.74 -28.87
CA ILE R 51 -16.94 -76.04 -29.42
C ILE R 51 -16.51 -77.12 -28.42
N PHE R 52 -17.45 -78.00 -28.07
CA PHE R 52 -17.18 -79.12 -27.17
C PHE R 52 -17.78 -80.40 -27.74
N ALA R 53 -17.17 -81.54 -27.37
CA ALA R 53 -17.59 -82.84 -27.88
C ALA R 53 -18.81 -83.35 -27.13
N LEU R 54 -19.83 -83.75 -27.89
CA LEU R 54 -21.05 -84.37 -27.33
C LEU R 54 -20.87 -85.87 -27.09
N GLU R 55 -19.94 -86.48 -27.83
CA GLU R 55 -19.71 -87.93 -27.76
C GLU R 55 -18.22 -88.26 -27.72
N PRO R 56 -17.87 -89.50 -27.33
CA PRO R 56 -16.49 -89.95 -27.47
C PRO R 56 -16.19 -90.27 -28.93
N GLY R 57 -15.04 -89.82 -29.41
CA GLY R 57 -14.68 -90.04 -30.80
C GLY R 57 -13.36 -89.42 -31.21
N VAL R 58 -13.29 -88.99 -32.47
CA VAL R 58 -12.07 -88.47 -33.09
C VAL R 58 -12.38 -87.07 -33.61
N VAL R 59 -11.65 -86.07 -33.12
CA VAL R 59 -11.84 -84.68 -33.56
C VAL R 59 -11.42 -84.55 -35.01
N ARG R 60 -12.30 -83.97 -35.83
CA ARG R 60 -12.02 -83.75 -37.24
C ARG R 60 -12.43 -82.33 -37.65
N TYR R 61 -11.52 -81.63 -38.33
CA TYR R 61 -11.77 -80.32 -38.91
C TYR R 61 -12.13 -80.53 -40.38
N TYR R 62 -13.17 -79.85 -40.86
CA TYR R 62 -13.62 -80.05 -42.25
C TYR R 62 -14.46 -78.91 -42.81
N LEU R 63 -14.63 -78.94 -44.14
CA LEU R 63 -15.62 -78.13 -44.84
C LEU R 63 -16.78 -79.02 -45.29
N ASP R 64 -17.98 -78.44 -45.30
CA ASP R 64 -19.19 -79.10 -45.79
C ASP R 64 -19.74 -78.28 -46.96
N PRO R 65 -19.98 -78.91 -48.12
CA PRO R 65 -20.59 -78.21 -49.26
C PRO R 65 -21.92 -77.51 -48.98
N PHE R 66 -22.74 -78.06 -48.09
CA PHE R 66 -24.00 -77.42 -47.68
C PHE R 66 -23.78 -76.04 -47.08
N HIS R 67 -22.68 -75.87 -46.36
CA HIS R 67 -22.31 -74.59 -45.75
C HIS R 67 -20.98 -74.12 -46.33
N PRO R 68 -20.99 -73.54 -47.54
CA PRO R 68 -19.75 -72.99 -48.09
C PRO R 68 -19.37 -71.71 -47.35
N LYS R 69 -18.08 -71.40 -47.32
CA LYS R 69 -17.53 -70.27 -46.56
C LYS R 69 -17.72 -70.42 -45.04
N ARG R 70 -17.68 -71.67 -44.56
CA ARG R 70 -17.78 -71.98 -43.13
C ARG R 70 -16.93 -73.21 -42.80
N LYS R 71 -16.00 -73.03 -41.87
CA LYS R 71 -15.18 -74.13 -41.36
C LYS R 71 -15.91 -74.84 -40.24
N PHE R 72 -15.75 -76.16 -40.18
CA PHE R 72 -16.41 -76.98 -39.17
C PHE R 72 -15.44 -77.82 -38.38
N ILE R 73 -15.80 -78.06 -37.13
CA ILE R 73 -15.16 -79.02 -36.26
C ILE R 73 -16.24 -79.99 -35.85
N GLY R 74 -16.02 -81.27 -36.10
CA GLY R 74 -16.92 -82.33 -35.64
C GLY R 74 -16.14 -83.48 -35.05
N VAL R 75 -16.86 -84.43 -34.49
CA VAL R 75 -16.28 -85.61 -33.86
C VAL R 75 -16.78 -86.87 -34.54
N ALA R 76 -15.91 -87.55 -35.28
CA ALA R 76 -16.24 -88.84 -35.88
C ALA R 76 -16.23 -89.92 -34.81
N LEU R 77 -17.22 -90.81 -34.83
CA LEU R 77 -17.33 -91.86 -33.81
C LEU R 77 -16.24 -92.94 -33.92
N ARG R 78 -15.58 -93.02 -35.08
CA ARG R 78 -14.37 -93.84 -35.25
C ARG R 78 -13.35 -93.11 -36.13
N ARG R 79 -12.15 -93.68 -36.23
CA ARG R 79 -11.10 -93.14 -37.11
C ARG R 79 -11.35 -93.46 -38.59
N ASP R 80 -12.22 -94.43 -38.86
CA ASP R 80 -12.52 -94.88 -40.23
C ASP R 80 -13.33 -93.85 -41.02
N LEU R 81 -14.15 -93.06 -40.33
CA LEU R 81 -15.13 -92.19 -40.98
C LEU R 81 -14.53 -90.86 -41.43
N LYS R 82 -14.79 -90.50 -42.69
CA LYS R 82 -14.54 -89.14 -43.19
C LYS R 82 -15.69 -88.28 -42.67
N LEU R 83 -15.38 -87.34 -41.78
CA LEU R 83 -16.41 -86.71 -40.94
C LEU R 83 -17.33 -85.67 -41.61
N PRO R 84 -16.96 -85.14 -42.80
CA PRO R 84 -18.06 -84.61 -43.61
C PRO R 84 -18.81 -85.79 -44.21
N SER R 85 -19.72 -86.35 -43.41
CA SER R 85 -20.30 -87.66 -43.70
C SER R 85 -21.24 -87.60 -44.91
N PRO R 86 -21.42 -88.74 -45.61
CA PRO R 86 -22.32 -88.73 -46.77
C PRO R 86 -23.75 -88.40 -46.34
N HIS R 87 -24.40 -87.52 -47.11
CA HIS R 87 -25.67 -86.91 -46.70
C HIS R 87 -26.81 -87.92 -46.62
N PHE R 88 -26.99 -88.68 -47.71
CA PHE R 88 -28.10 -89.64 -47.81
C PHE R 88 -27.83 -91.02 -47.17
N GLU R 89 -26.60 -91.26 -46.72
CA GLU R 89 -26.32 -92.45 -45.90
C GLU R 89 -26.87 -92.25 -44.47
N PRO R 90 -27.17 -93.36 -43.77
CA PRO R 90 -27.72 -93.26 -42.42
C PRO R 90 -26.69 -92.78 -41.40
N THR R 91 -27.15 -92.03 -40.40
CA THR R 91 -26.27 -91.40 -39.42
C THR R 91 -25.63 -92.45 -38.52
N VAL R 92 -24.30 -92.41 -38.42
CA VAL R 92 -23.57 -93.26 -37.47
C VAL R 92 -23.88 -92.80 -36.05
N ARG R 93 -24.60 -93.65 -35.31
CA ARG R 93 -25.06 -93.34 -33.96
C ARG R 93 -24.40 -94.25 -32.95
N ARG R 94 -24.27 -93.73 -31.73
CA ARG R 94 -23.77 -94.49 -30.58
C ARG R 94 -24.94 -94.76 -29.67
N PHE R 95 -25.11 -96.03 -29.28
CA PHE R 95 -26.13 -96.41 -28.31
C PHE R 95 -25.71 -95.87 -26.94
N GLY R 96 -24.46 -96.15 -26.56
CA GLY R 96 -23.83 -95.53 -25.39
C GLY R 96 -24.32 -95.96 -24.01
N ARG R 97 -25.19 -96.97 -23.96
CA ARG R 97 -25.73 -97.49 -22.71
C ARG R 97 -25.30 -98.95 -22.59
N PHE R 98 -25.52 -99.52 -21.41
CA PHE R 98 -25.20 -100.92 -21.14
C PHE R 98 -26.38 -101.60 -20.47
N GLU R 99 -26.67 -102.84 -20.85
CA GLU R 99 -27.76 -103.59 -20.24
C GLU R 99 -27.39 -104.02 -18.83
N LEU R 100 -28.38 -104.08 -17.95
CA LEU R 100 -28.18 -104.40 -16.56
C LEU R 100 -28.29 -105.92 -16.38
N THR R 101 -27.19 -106.60 -16.70
CA THR R 101 -27.07 -108.07 -16.53
C THR R 101 -27.37 -108.49 -15.09
N ASN R 102 -26.83 -107.75 -14.13
CA ASN R 102 -27.18 -107.88 -12.72
C ASN R 102 -28.70 -107.79 -12.54
N LYS R 103 -29.26 -108.76 -11.82
CA LYS R 103 -30.72 -108.91 -11.70
C LYS R 103 -31.34 -107.83 -10.82
N ARG R 104 -30.74 -107.62 -9.67
CA ARG R 104 -31.19 -106.61 -8.69
C ARG R 104 -31.23 -105.21 -9.31
N ALA R 105 -30.13 -104.83 -9.98
CA ALA R 105 -30.02 -103.54 -10.66
C ALA R 105 -31.12 -103.34 -11.70
N ALA R 106 -31.36 -104.38 -12.50
CA ALA R 106 -32.41 -104.39 -13.50
C ALA R 106 -33.79 -104.20 -12.89
N TYR R 107 -34.05 -104.91 -11.79
CA TYR R 107 -35.29 -104.79 -11.03
C TYR R 107 -35.50 -103.37 -10.49
N LYS R 108 -34.45 -102.78 -9.93
CA LYS R 108 -34.48 -101.40 -9.44
C LYS R 108 -34.84 -100.42 -10.54
N GLU R 109 -34.23 -100.63 -11.71
CA GLU R 109 -34.44 -99.80 -12.88
C GLU R 109 -35.88 -99.89 -13.40
N GLU R 110 -36.41 -101.11 -13.41
CA GLU R 110 -37.81 -101.38 -13.77
C GLU R 110 -38.77 -100.66 -12.82
N ASN R 111 -38.49 -100.74 -11.53
CA ASN R 111 -39.26 -100.05 -10.49
C ASN R 111 -39.28 -98.53 -10.66
N SER R 112 -38.13 -97.97 -10.99
CA SER R 112 -37.97 -96.51 -11.09
C SER R 112 -38.74 -95.93 -12.27
N ILE R 113 -39.59 -94.95 -11.97
CA ILE R 113 -40.40 -94.24 -12.98
C ILE R 113 -40.33 -92.74 -12.71
N SER R 114 -40.88 -91.95 -13.63
CA SER R 114 -40.97 -90.49 -13.45
C SER R 114 -41.84 -90.13 -12.27
N ARG R 115 -41.64 -88.93 -11.72
CA ARG R 115 -42.49 -88.44 -10.63
C ARG R 115 -43.93 -88.22 -11.10
N LYS R 116 -44.07 -87.66 -12.30
CA LYS R 116 -45.39 -87.45 -12.92
C LYS R 116 -46.16 -88.76 -13.05
N ASP R 117 -45.46 -89.79 -13.55
CA ASP R 117 -46.02 -91.14 -13.68
C ASP R 117 -46.46 -91.70 -12.33
N TYR R 118 -45.58 -91.57 -11.33
CA TYR R 118 -45.86 -91.99 -9.96
C TYR R 118 -47.10 -91.31 -9.38
N LEU R 119 -47.19 -90.00 -9.58
CA LEU R 119 -48.36 -89.21 -9.19
C LEU R 119 -49.65 -89.66 -9.86
N ALA R 120 -49.57 -89.87 -11.17
CA ALA R 120 -50.73 -90.15 -12.01
C ALA R 120 -51.21 -91.59 -11.90
N LYS R 121 -50.27 -92.52 -11.72
CA LYS R 121 -50.55 -93.98 -11.75
C LYS R 121 -51.81 -94.46 -11.01
N PRO R 122 -51.97 -94.11 -9.71
CA PRO R 122 -53.13 -94.62 -8.95
C PRO R 122 -54.48 -94.21 -9.54
N ASN R 123 -54.59 -92.96 -9.96
CA ASN R 123 -55.77 -92.43 -10.64
C ASN R 123 -56.07 -93.19 -11.93
N ILE R 124 -55.02 -93.43 -12.72
CA ILE R 124 -55.11 -94.19 -13.97
C ILE R 124 -55.62 -95.62 -13.71
N LEU R 125 -55.05 -96.25 -12.69
CA LEU R 125 -55.47 -97.59 -12.26
C LEU R 125 -56.95 -97.65 -11.86
N LYS R 126 -57.36 -96.65 -11.10
CA LYS R 126 -58.76 -96.51 -10.67
C LYS R 126 -59.69 -96.39 -11.87
N GLN R 127 -59.34 -95.53 -12.82
CA GLN R 127 -60.07 -95.34 -14.07
C GLN R 127 -60.21 -96.63 -14.87
N LEU R 128 -59.11 -97.36 -14.98
CA LEU R 128 -59.09 -98.69 -15.63
C LEU R 128 -60.06 -99.65 -14.95
N GLU R 129 -59.97 -99.73 -13.62
CA GLU R 129 -60.85 -100.57 -12.81
C GLU R 129 -62.34 -100.25 -13.02
N VAL R 130 -62.64 -98.95 -13.07
CA VAL R 130 -63.99 -98.45 -13.36
C VAL R 130 -64.46 -98.92 -14.73
N ARG R 131 -63.61 -98.75 -15.74
CA ARG R 131 -63.91 -99.17 -17.11
C ARG R 131 -64.13 -100.69 -17.23
N GLU R 132 -63.31 -101.46 -16.52
CA GLU R 132 -63.48 -102.91 -16.42
C GLU R 132 -64.84 -103.29 -15.82
N SER R 133 -65.21 -102.59 -14.75
CA SER R 133 -66.51 -102.82 -14.07
C SER R 133 -67.68 -102.53 -15.01
N LYS R 134 -67.58 -101.42 -15.74
CA LYS R 134 -68.58 -101.03 -16.74
C LYS R 134 -68.74 -102.08 -17.83
N ARG R 135 -67.61 -102.57 -18.35
CA ARG R 135 -67.59 -103.64 -19.35
C ARG R 135 -68.26 -104.92 -18.85
N LYS R 136 -67.97 -105.26 -17.59
CA LYS R 136 -68.57 -106.43 -16.93
C LYS R 136 -70.09 -106.28 -16.81
N GLU R 137 -70.54 -105.10 -16.40
CA GLU R 137 -71.96 -104.77 -16.33
C GLU R 137 -72.65 -104.90 -17.68
N LEU R 138 -71.99 -104.38 -18.71
CA LEU R 138 -72.48 -104.44 -20.08
C LEU R 138 -72.63 -105.89 -20.57
N GLN R 139 -71.61 -106.70 -20.27
CA GLN R 139 -71.64 -108.13 -20.63
C GLN R 139 -72.76 -108.87 -19.92
N ASP R 140 -72.99 -108.53 -18.65
CA ASP R 140 -74.07 -109.09 -17.84
C ASP R 140 -75.45 -108.73 -18.40
N LYS R 141 -75.57 -107.48 -18.84
CA LYS R 141 -76.78 -106.99 -19.50
C LYS R 141 -77.07 -107.76 -20.78
N LEU R 142 -76.02 -107.90 -21.61
CA LEU R 142 -76.10 -108.66 -22.87
C LEU R 142 -76.52 -110.11 -22.64
N SER R 143 -75.94 -110.74 -21.62
CA SER R 143 -76.28 -112.12 -21.24
C SER R 143 -77.76 -112.22 -20.84
N LYS R 144 -78.21 -111.28 -20.04
CA LYS R 144 -79.64 -111.18 -19.65
C LYS R 144 -80.56 -111.06 -20.85
N VAL R 145 -80.20 -110.20 -21.79
CA VAL R 145 -80.94 -109.99 -23.03
C VAL R 145 -81.06 -111.28 -23.83
N LEU R 146 -79.93 -111.96 -23.99
CA LEU R 146 -79.85 -113.26 -24.67
C LEU R 146 -80.77 -114.31 -24.02
N ARG R 147 -80.76 -114.34 -22.69
CA ARG R 147 -81.57 -115.29 -21.92
C ARG R 147 -83.07 -115.04 -22.04
N ASP R 148 -83.49 -113.81 -21.78
CA ASP R 148 -84.90 -113.46 -21.68
C ASP R 148 -85.56 -113.21 -23.03
N GLU R 149 -84.92 -112.35 -23.84
CA GLU R 149 -85.54 -111.84 -25.06
C GLU R 149 -85.31 -112.78 -26.26
N LEU R 150 -84.05 -113.04 -26.57
CA LEU R 150 -83.65 -113.78 -27.77
C LEU R 150 -83.25 -115.21 -27.42
N LYS R 151 -84.23 -116.11 -27.42
CA LYS R 151 -84.04 -117.52 -27.02
C LYS R 151 -83.03 -118.24 -27.93
N LEU R 152 -81.78 -118.27 -27.49
CA LEU R 152 -80.65 -118.73 -28.32
C LEU R 152 -79.87 -119.91 -27.73
N ASP R 153 -79.32 -120.72 -28.64
CA ASP R 153 -78.40 -121.80 -28.29
C ASP R 153 -76.98 -121.24 -28.31
N ILE R 154 -76.28 -121.37 -27.19
CA ILE R 154 -74.93 -120.82 -27.02
C ILE R 154 -74.08 -121.71 -26.11
N LYS R 155 -72.91 -122.12 -26.61
CA LYS R 155 -72.04 -123.06 -25.90
C LYS R 155 -71.09 -122.33 -24.97
N ASP R 156 -70.31 -121.39 -25.53
CA ASP R 156 -69.41 -120.54 -24.75
C ASP R 156 -70.00 -119.12 -24.74
N ILE R 157 -70.78 -118.82 -23.70
CA ILE R 157 -71.49 -117.55 -23.58
C ILE R 157 -70.55 -116.35 -23.35
N GLU R 158 -69.52 -116.54 -22.53
CA GLU R 158 -68.60 -115.47 -22.16
C GLU R 158 -67.87 -114.86 -23.35
N LEU R 159 -67.42 -115.74 -24.25
CA LEU R 159 -66.81 -115.34 -25.52
C LEU R 159 -67.77 -114.53 -26.38
N ALA R 160 -69.00 -115.01 -26.49
CA ALA R 160 -70.06 -114.34 -27.24
C ALA R 160 -70.34 -112.94 -26.70
N THR R 161 -70.45 -112.84 -25.37
CA THR R 161 -70.66 -111.56 -24.69
C THR R 161 -69.51 -110.59 -24.95
N SER R 162 -68.28 -111.10 -24.90
CA SER R 162 -67.06 -110.32 -25.16
C SER R 162 -67.03 -109.78 -26.60
N TYR R 163 -67.45 -110.62 -27.54
CA TYR R 163 -67.61 -110.22 -28.95
C TYR R 163 -68.63 -109.11 -29.09
N LEU R 164 -69.79 -109.29 -28.45
CA LEU R 164 -70.87 -108.30 -28.46
C LEU R 164 -70.44 -106.93 -27.96
N ILE R 165 -69.75 -106.90 -26.81
CA ILE R 165 -69.25 -105.63 -26.25
C ILE R 165 -68.21 -104.97 -27.17
N ARG R 166 -67.41 -105.78 -27.85
CA ARG R 166 -66.43 -105.27 -28.82
C ARG R 166 -67.11 -104.63 -30.04
N VAL R 167 -68.15 -105.30 -30.53
CA VAL R 167 -68.98 -104.78 -31.62
C VAL R 167 -69.62 -103.45 -31.22
N ARG R 168 -70.18 -103.41 -30.02
CA ARG R 168 -70.80 -102.21 -29.46
C ARG R 168 -69.83 -101.05 -29.38
N ALA R 169 -68.63 -101.33 -28.88
CA ALA R 169 -67.55 -100.36 -28.78
C ALA R 169 -67.20 -99.78 -30.15
N SER R 170 -67.03 -100.67 -31.13
CA SER R 170 -66.75 -100.29 -32.52
C SER R 170 -67.85 -99.41 -33.10
N LEU R 171 -69.10 -99.79 -32.86
CA LEU R 171 -70.28 -98.99 -33.24
C LEU R 171 -70.28 -97.59 -32.62
N LYS R 172 -69.91 -97.52 -31.35
CA LYS R 172 -69.80 -96.26 -30.61
C LYS R 172 -68.75 -95.37 -31.27
N ASN R 173 -67.62 -96.00 -31.62
CA ASN R 173 -66.58 -95.35 -32.42
C ASN R 173 -67.04 -95.27 -33.89
N GLY R 174 -66.23 -94.69 -34.77
CA GLY R 174 -66.68 -94.35 -36.12
C GLY R 174 -66.56 -95.44 -37.16
N TYR R 175 -66.98 -96.66 -36.82
CA TYR R 175 -66.90 -97.81 -37.72
C TYR R 175 -68.27 -98.13 -38.33
N PRO R 176 -68.30 -98.55 -39.60
CA PRO R 176 -69.51 -99.17 -40.17
C PRO R 176 -69.83 -100.49 -39.45
N ILE R 177 -71.08 -100.94 -39.54
CA ILE R 177 -71.53 -102.10 -38.75
C ILE R 177 -70.81 -103.39 -39.17
N GLU R 178 -70.64 -103.59 -40.47
CA GLU R 178 -69.98 -104.77 -41.03
C GLU R 178 -68.50 -104.77 -40.67
N ASP R 179 -67.87 -103.61 -40.84
CA ASP R 179 -66.48 -103.38 -40.45
C ASP R 179 -66.26 -103.68 -38.97
N ALA R 180 -67.13 -103.10 -38.14
CA ALA R 180 -67.11 -103.29 -36.68
C ALA R 180 -67.16 -104.77 -36.29
N ARG R 181 -68.11 -105.49 -36.90
CA ARG R 181 -68.27 -106.93 -36.69
C ARG R 181 -67.04 -107.73 -37.10
N PHE R 182 -66.47 -107.37 -38.25
CA PHE R 182 -65.27 -108.05 -38.76
C PHE R 182 -64.09 -107.87 -37.80
N ASN R 183 -63.87 -106.63 -37.38
CA ASN R 183 -62.78 -106.30 -36.45
C ASN R 183 -62.86 -107.11 -35.16
N SER R 184 -64.07 -107.19 -34.61
CA SER R 184 -64.37 -108.01 -33.43
C SER R 184 -64.05 -109.47 -33.65
N ARG R 185 -64.47 -109.99 -34.80
CA ARG R 185 -64.22 -111.38 -35.22
C ARG R 185 -62.73 -111.66 -35.32
N TYR R 186 -62.01 -110.73 -35.93
CA TYR R 186 -60.55 -110.81 -36.08
C TYR R 186 -59.80 -110.84 -34.76
N TYR R 187 -60.19 -109.94 -33.86
CA TYR R 187 -59.49 -109.72 -32.58
C TYR R 187 -59.40 -111.00 -31.73
N LEU R 188 -60.54 -111.65 -31.56
CA LEU R 188 -60.65 -112.90 -30.79
C LEU R 188 -59.83 -114.02 -31.43
N LYS R 189 -59.90 -114.11 -32.74
CA LYS R 189 -59.12 -115.09 -33.51
C LYS R 189 -57.62 -114.86 -33.33
N GLU R 190 -57.20 -113.60 -33.44
CA GLU R 190 -55.80 -113.21 -33.19
C GLU R 190 -55.33 -113.61 -31.79
N GLU R 191 -56.15 -113.34 -30.79
CA GLU R 191 -55.86 -113.72 -29.40
C GLU R 191 -55.69 -115.24 -29.24
N GLU R 192 -56.58 -115.99 -29.88
CA GLU R 192 -56.51 -117.46 -29.91
C GLU R 192 -55.21 -117.97 -30.54
N ARG R 193 -54.85 -117.38 -31.67
CA ARG R 193 -53.60 -117.70 -32.37
C ARG R 193 -52.37 -117.45 -31.48
N LEU R 194 -52.37 -116.30 -30.81
CA LEU R 194 -51.32 -115.92 -29.87
C LEU R 194 -51.19 -116.92 -28.72
N LYS R 195 -52.34 -117.31 -28.17
CA LYS R 195 -52.42 -118.32 -27.11
C LYS R 195 -51.83 -119.66 -27.55
N ALA R 196 -52.21 -120.07 -28.76
CA ALA R 196 -51.71 -121.31 -29.38
C ALA R 196 -50.20 -121.30 -29.56
N ARG R 197 -49.69 -120.16 -30.05
CA ARG R 197 -48.25 -119.93 -30.21
C ARG R 197 -47.50 -120.04 -28.89
N ARG R 198 -48.07 -119.42 -27.86
CA ARG R 198 -47.55 -119.45 -26.49
C ARG R 198 -47.42 -120.88 -25.96
N GLU R 199 -48.53 -121.61 -26.04
CA GLU R 199 -48.66 -122.94 -25.44
C GLU R 199 -48.28 -124.10 -26.37
N SER R 200 -48.03 -123.79 -27.66
CA SER R 200 -47.67 -124.79 -28.68
C SER R 200 -48.73 -125.88 -28.81
N TRP R 201 -49.95 -125.47 -29.17
CA TRP R 201 -51.06 -126.40 -29.38
C TRP R 201 -50.85 -127.26 -30.63
N THR R 202 -51.54 -128.40 -30.66
CA THR R 202 -51.73 -129.15 -31.88
C THR R 202 -52.70 -128.35 -32.72
N ASN R 203 -52.28 -127.97 -33.93
CA ASN R 203 -53.03 -127.03 -34.79
C ASN R 203 -54.50 -127.37 -35.07
N GLU R 204 -54.84 -128.66 -34.99
CA GLU R 204 -56.22 -129.13 -35.13
C GLU R 204 -57.16 -128.50 -34.11
N LYS R 205 -56.70 -128.48 -32.85
CA LYS R 205 -57.43 -127.85 -31.74
C LYS R 205 -57.66 -126.36 -31.98
N LEU R 206 -56.60 -125.68 -32.43
CA LEU R 206 -56.65 -124.26 -32.77
C LEU R 206 -57.69 -124.01 -33.86
N SER R 207 -57.64 -124.81 -34.92
CA SER R 207 -58.58 -124.74 -36.04
C SER R 207 -60.03 -124.93 -35.59
N GLU R 208 -60.24 -125.89 -34.68
CA GLU R 208 -61.55 -126.15 -34.08
C GLU R 208 -62.06 -124.94 -33.29
N SER R 209 -61.17 -124.36 -32.50
CA SER R 209 -61.48 -123.15 -31.71
C SER R 209 -61.86 -121.96 -32.58
N LEU R 210 -61.10 -121.78 -33.67
CA LEU R 210 -61.41 -120.77 -34.68
C LEU R 210 -62.78 -120.96 -35.31
N SER R 211 -63.08 -122.21 -35.68
CA SER R 211 -64.38 -122.59 -36.24
C SER R 211 -65.53 -122.29 -35.29
N LYS R 212 -65.34 -122.64 -34.02
CA LYS R 212 -66.30 -122.31 -32.95
C LYS R 212 -66.56 -120.81 -32.81
N ILE R 213 -65.47 -120.03 -32.82
CA ILE R 213 -65.53 -118.57 -32.78
C ILE R 213 -66.34 -118.01 -33.95
N ASP R 214 -66.05 -118.53 -35.15
CA ASP R 214 -66.75 -118.13 -36.37
C ASP R 214 -68.25 -118.40 -36.26
N GLU R 215 -68.59 -119.60 -35.80
CA GLU R 215 -69.97 -120.02 -35.57
C GLU R 215 -70.70 -119.08 -34.60
N CYS R 216 -70.03 -118.78 -33.48
CA CYS R 216 -70.55 -117.85 -32.47
C CYS R 216 -70.84 -116.48 -33.09
N SER R 217 -69.85 -115.95 -33.82
CA SER R 217 -69.99 -114.66 -34.51
C SER R 217 -71.13 -114.68 -35.53
N ASP R 218 -71.12 -115.70 -36.39
CA ASP R 218 -72.16 -115.89 -37.41
C ASP R 218 -73.57 -115.99 -36.82
N LEU R 219 -73.69 -116.74 -35.73
CA LEU R 219 -74.95 -116.89 -35.00
C LEU R 219 -75.46 -115.56 -34.46
N LEU R 220 -74.55 -114.79 -33.88
CA LEU R 220 -74.88 -113.47 -33.32
C LEU R 220 -75.28 -112.47 -34.40
N ASN R 221 -74.59 -112.53 -35.54
CA ASN R 221 -74.97 -111.73 -36.72
C ASN R 221 -76.39 -112.06 -37.20
N SER R 222 -76.70 -113.35 -37.24
CA SER R 222 -78.02 -113.84 -37.65
C SER R 222 -79.13 -113.36 -36.72
N SER R 223 -78.90 -113.49 -35.41
CA SER R 223 -79.94 -113.28 -34.41
C SER R 223 -80.03 -111.85 -33.88
N THR R 224 -78.89 -111.32 -33.45
CA THR R 224 -78.85 -110.05 -32.73
C THR R 224 -78.57 -108.85 -33.63
N SER R 225 -78.88 -107.67 -33.11
CA SER R 225 -78.53 -106.40 -33.74
C SER R 225 -78.48 -105.30 -32.67
N PHE R 226 -77.62 -104.32 -32.88
CA PHE R 226 -77.53 -103.16 -32.00
C PHE R 226 -78.39 -102.03 -32.55
N ASN R 227 -79.26 -101.49 -31.71
CA ASN R 227 -80.15 -100.39 -32.11
C ASN R 227 -79.40 -99.05 -32.20
N ASN R 228 -80.14 -98.02 -32.58
CA ASN R 228 -79.70 -96.62 -32.52
C ASN R 228 -78.83 -96.30 -31.28
N LYS R 229 -79.33 -96.65 -30.10
CA LYS R 229 -78.72 -96.31 -28.83
C LYS R 229 -77.69 -97.33 -28.27
N LEU R 230 -77.34 -98.34 -29.06
CA LEU R 230 -76.41 -99.41 -28.65
C LEU R 230 -76.93 -100.33 -27.53
N GLU R 231 -78.25 -100.54 -27.50
CA GLU R 231 -78.85 -101.67 -26.77
C GLU R 231 -79.05 -102.83 -27.75
N LEU R 232 -78.97 -104.06 -27.25
CA LEU R 232 -79.12 -105.25 -28.09
C LEU R 232 -80.58 -105.66 -28.24
N HIS R 233 -80.91 -106.21 -29.41
CA HIS R 233 -82.28 -106.63 -29.73
C HIS R 233 -82.28 -107.59 -30.93
N GLN R 234 -83.47 -108.02 -31.36
CA GLN R 234 -83.63 -108.93 -32.50
C GLN R 234 -83.19 -108.31 -33.82
N TYR R 235 -82.69 -109.14 -34.72
CA TYR R 235 -82.06 -108.69 -35.98
C TYR R 235 -83.09 -108.29 -37.04
N ILE R 236 -82.78 -107.23 -37.79
CA ILE R 236 -83.60 -106.78 -38.93
C ILE R 236 -82.67 -106.60 -40.14
N SER R 237 -83.12 -107.08 -41.30
CA SER R 237 -82.39 -106.90 -42.55
C SER R 237 -82.51 -105.46 -43.05
N GLU R 238 -81.73 -105.11 -44.07
CA GLU R 238 -81.63 -103.73 -44.56
C GLU R 238 -82.90 -103.27 -45.27
N GLN R 239 -83.40 -104.11 -46.18
CA GLN R 239 -84.64 -103.86 -46.91
C GLN R 239 -85.84 -103.71 -45.98
N GLU R 240 -85.92 -104.64 -45.02
CA GLU R 240 -86.96 -104.64 -43.99
C GLU R 240 -86.93 -103.35 -43.16
N LYS R 241 -85.74 -102.95 -42.74
CA LYS R 241 -85.52 -101.69 -42.02
C LYS R 241 -86.01 -100.47 -42.82
N GLN R 242 -85.64 -100.43 -44.09
CA GLN R 242 -86.09 -99.40 -45.03
C GLN R 242 -87.61 -99.33 -45.15
N ALA R 243 -88.23 -100.50 -45.25
CA ALA R 243 -89.69 -100.62 -45.32
C ALA R 243 -90.37 -100.09 -44.05
N LEU R 244 -89.81 -100.48 -42.89
CA LEU R 244 -90.26 -99.99 -41.59
C LEU R 244 -90.18 -98.47 -41.46
N LYS R 245 -89.05 -97.92 -41.92
CA LYS R 245 -88.82 -96.47 -41.94
C LYS R 245 -89.86 -95.75 -42.80
N ALA R 246 -90.11 -96.32 -43.98
CA ALA R 246 -91.11 -95.79 -44.92
C ALA R 246 -92.51 -95.79 -44.30
N LYS R 247 -92.87 -96.89 -43.63
CA LYS R 247 -94.14 -97.01 -42.91
C LYS R 247 -94.27 -95.96 -41.81
N LEU R 248 -93.19 -95.77 -41.05
CA LEU R 248 -93.11 -94.76 -39.99
C LEU R 248 -93.36 -93.37 -40.55
N LEU R 249 -92.66 -93.05 -41.63
CA LEU R 249 -92.83 -91.77 -42.35
C LEU R 249 -94.28 -91.53 -42.80
N GLU R 250 -94.88 -92.56 -43.39
CA GLU R 250 -96.28 -92.54 -43.80
C GLU R 250 -97.23 -92.25 -42.64
N ASP R 251 -96.99 -92.93 -41.52
CA ASP R 251 -97.78 -92.73 -40.29
C ASP R 251 -97.66 -91.30 -39.77
N LEU R 252 -96.44 -90.76 -39.80
CA LEU R 252 -96.17 -89.37 -39.42
C LEU R 252 -96.92 -88.37 -40.29
N GLU R 253 -96.86 -88.60 -41.61
CA GLU R 253 -97.59 -87.79 -42.60
C GLU R 253 -99.10 -87.78 -42.34
N LYS R 254 -99.64 -88.96 -42.04
CA LYS R 254 -101.06 -89.13 -41.69
C LYS R 254 -101.46 -88.30 -40.47
N SER R 255 -100.65 -88.36 -39.42
CA SER R 255 -100.94 -87.69 -38.14
C SER R 255 -99.92 -86.59 -37.84
N GLN R 256 -100.02 -85.49 -38.59
CA GLN R 256 -99.13 -84.32 -38.43
C GLN R 256 -99.67 -83.27 -37.44
N HIS R 257 -101.00 -83.11 -37.40
CA HIS R 257 -101.63 -81.95 -36.78
C HIS R 257 -101.49 -81.89 -35.26
N LEU R 258 -101.79 -83.00 -34.59
CA LEU R 258 -101.71 -83.12 -33.13
C LEU R 258 -102.56 -82.07 -32.40
N GLU R 259 -103.87 -82.21 -32.51
CA GLU R 259 -104.82 -81.29 -31.88
C GLU R 259 -104.99 -81.60 -30.39
N THR R 260 -105.02 -82.90 -30.05
CA THR R 260 -105.29 -83.36 -28.68
C THR R 260 -104.08 -83.99 -27.99
N LYS R 261 -104.24 -84.21 -26.69
CA LYS R 261 -103.28 -84.94 -25.85
C LYS R 261 -103.07 -86.37 -26.33
N LYS R 262 -104.18 -87.03 -26.65
CA LYS R 262 -104.19 -88.42 -27.12
C LYS R 262 -103.32 -88.63 -28.36
N ASP R 263 -103.49 -87.73 -29.33
CA ASP R 263 -102.71 -87.74 -30.58
C ASP R 263 -101.22 -87.62 -30.32
N LYS R 264 -100.86 -86.68 -29.45
CA LYS R 264 -99.48 -86.49 -28.97
C LYS R 264 -98.92 -87.76 -28.34
N ASN R 265 -99.71 -88.39 -27.47
CA ASN R 265 -99.33 -89.63 -26.80
C ASN R 265 -99.08 -90.76 -27.79
N TYR R 266 -99.97 -90.86 -28.78
CA TYR R 266 -99.85 -91.81 -29.88
C TYR R 266 -98.56 -91.62 -30.68
N ILE R 267 -98.25 -90.36 -31.02
CA ILE R 267 -97.05 -90.04 -31.80
C ILE R 267 -95.78 -90.39 -30.99
N LYS R 268 -95.80 -90.10 -29.69
CA LYS R 268 -94.71 -90.46 -28.79
C LYS R 268 -94.46 -91.97 -28.74
N ALA R 269 -95.55 -92.72 -28.62
CA ALA R 269 -95.52 -94.19 -28.64
C ALA R 269 -94.94 -94.74 -29.94
N LEU R 270 -95.33 -94.11 -31.05
CA LEU R 270 -94.83 -94.45 -32.39
C LEU R 270 -93.33 -94.22 -32.49
N PHE R 271 -92.90 -93.06 -32.01
CA PHE R 271 -91.47 -92.69 -31.98
C PHE R 271 -90.61 -93.61 -31.11
N LYS R 272 -91.19 -94.08 -30.00
CA LYS R 272 -90.49 -94.93 -29.04
C LYS R 272 -89.90 -96.21 -29.66
N ASP R 273 -90.67 -96.85 -30.54
CA ASP R 273 -90.23 -98.08 -31.22
C ASP R 273 -89.15 -97.86 -32.28
N ALA R 274 -89.02 -96.64 -32.79
CA ALA R 274 -88.16 -96.31 -33.95
C ALA R 274 -86.68 -96.66 -33.83
N CYS R 275 -86.12 -96.58 -32.62
CA CYS R 275 -84.66 -96.76 -32.38
C CYS R 275 -84.04 -98.01 -33.03
N ASN R 276 -84.81 -99.09 -33.13
CA ASN R 276 -84.32 -100.36 -33.70
C ASN R 276 -84.03 -100.32 -35.21
N PHE R 277 -84.91 -99.70 -35.98
CA PHE R 277 -84.83 -99.69 -37.46
C PHE R 277 -84.39 -98.35 -38.07
N LEU R 278 -83.91 -97.43 -37.23
CA LEU R 278 -83.67 -96.04 -37.63
C LEU R 278 -82.34 -95.56 -37.08
N THR R 279 -81.61 -94.77 -37.87
CA THR R 279 -80.33 -94.20 -37.43
C THR R 279 -80.60 -93.04 -36.47
N LEU R 280 -79.55 -92.57 -35.79
CA LEU R 280 -79.69 -91.51 -34.78
C LEU R 280 -80.09 -90.18 -35.42
N SER R 281 -79.34 -89.77 -36.43
CA SER R 281 -79.56 -88.53 -37.17
C SER R 281 -80.98 -88.42 -37.73
N GLU R 282 -81.43 -89.51 -38.36
CA GLU R 282 -82.79 -89.62 -38.91
C GLU R 282 -83.86 -89.44 -37.84
N GLU R 283 -83.66 -90.13 -36.71
CA GLU R 283 -84.57 -90.04 -35.56
C GLU R 283 -84.65 -88.62 -35.00
N VAL R 284 -83.50 -87.98 -34.86
CA VAL R 284 -83.40 -86.59 -34.40
C VAL R 284 -84.19 -85.66 -35.33
N HIS R 285 -83.97 -85.82 -36.63
CA HIS R 285 -84.67 -85.05 -37.66
C HIS R 285 -86.18 -85.19 -37.55
N LEU R 286 -86.64 -86.43 -37.41
CA LEU R 286 -88.07 -86.73 -37.35
C LEU R 286 -88.73 -86.15 -36.10
N ARG R 287 -88.12 -86.36 -34.94
CA ARG R 287 -88.63 -85.80 -33.68
C ARG R 287 -88.76 -84.28 -33.74
N ARG R 288 -87.71 -83.63 -34.25
CA ARG R 288 -87.68 -82.17 -34.43
C ARG R 288 -88.78 -81.68 -35.37
N LYS R 289 -88.98 -82.44 -36.45
CA LYS R 289 -90.01 -82.15 -37.45
C LYS R 289 -91.43 -82.22 -36.88
N TYR R 290 -91.73 -83.30 -36.15
CA TYR R 290 -93.10 -83.65 -35.79
C TYR R 290 -93.50 -83.39 -34.33
N LEU R 291 -92.53 -83.50 -33.40
CA LEU R 291 -92.75 -83.08 -32.01
C LEU R 291 -92.13 -81.69 -31.84
N LYS R 292 -92.72 -80.71 -32.52
CA LYS R 292 -92.33 -79.32 -32.37
C LYS R 292 -92.77 -78.84 -31.00
N SER R 293 -91.97 -77.95 -30.41
CA SER R 293 -92.30 -77.38 -29.09
C SER R 293 -93.63 -76.61 -29.15
N VAL R 294 -93.77 -75.78 -30.18
CA VAL R 294 -95.03 -75.07 -30.45
C VAL R 294 -95.39 -75.23 -31.94
N PHE R 295 -96.67 -75.38 -32.22
CA PHE R 295 -97.14 -75.63 -33.60
C PHE R 295 -97.30 -74.31 -34.36
N PRO R 296 -97.38 -74.37 -35.71
CA PRO R 296 -97.59 -73.14 -36.51
C PRO R 296 -98.89 -72.39 -36.23
N GLU R 297 -98.95 -71.15 -36.72
CA GLU R 297 -100.12 -70.28 -36.54
C GLU R 297 -101.25 -70.69 -37.48
N THR R 298 -102.46 -70.73 -36.95
CA THR R 298 -103.67 -71.02 -37.74
C THR R 298 -104.92 -70.55 -36.98
N ASP R 299 -106.07 -70.59 -37.65
CA ASP R 299 -107.35 -70.12 -37.09
C ASP R 299 -107.69 -70.76 -35.73
N SER R 300 -107.33 -72.02 -35.56
CA SER R 300 -107.52 -72.74 -34.30
C SER R 300 -106.63 -72.21 -33.16
N THR R 301 -105.38 -71.89 -33.49
CA THR R 301 -104.36 -71.53 -32.50
C THR R 301 -104.21 -70.02 -32.27
N VAL R 302 -103.95 -69.28 -33.35
CA VAL R 302 -103.44 -67.90 -33.24
C VAL R 302 -104.48 -66.84 -32.82
N GLU R 303 -105.73 -67.01 -33.22
CA GLU R 303 -106.80 -66.04 -32.86
C GLU R 303 -107.19 -66.14 -31.39
N THR R 304 -107.54 -67.35 -30.96
CA THR R 304 -107.94 -67.61 -29.58
C THR R 304 -106.74 -67.61 -28.64
N ILE R 311 -99.20 -66.99 -26.18
CA ILE R 311 -100.18 -66.33 -25.32
C ILE R 311 -99.88 -64.83 -25.23
N VAL R 312 -98.63 -64.50 -24.89
CA VAL R 312 -98.17 -63.10 -24.82
C VAL R 312 -96.89 -62.96 -25.67
N SER R 313 -96.90 -63.58 -26.85
CA SER R 313 -95.77 -63.52 -27.78
C SER R 313 -95.91 -62.25 -28.61
N ARG R 314 -94.93 -61.36 -28.52
CA ARG R 314 -94.91 -60.11 -29.29
C ARG R 314 -93.62 -60.01 -30.09
N ARG R 315 -93.76 -60.03 -31.42
CA ARG R 315 -92.63 -60.01 -32.35
C ARG R 315 -92.65 -58.75 -33.21
N PHE R 316 -91.59 -58.58 -33.98
CA PHE R 316 -91.43 -57.43 -34.87
C PHE R 316 -91.53 -57.90 -36.33
N ASP R 317 -92.64 -57.57 -37.00
CA ASP R 317 -92.77 -57.84 -38.44
C ASP R 317 -92.10 -56.72 -39.24
N TYR R 318 -91.24 -57.09 -40.18
CA TYR R 318 -90.39 -56.14 -40.93
C TYR R 318 -91.04 -55.59 -42.21
N THR R 319 -92.23 -56.07 -42.55
CA THR R 319 -93.01 -55.53 -43.67
C THR R 319 -93.55 -54.15 -43.31
N LYS R 320 -94.26 -54.09 -42.19
CA LYS R 320 -94.89 -52.86 -41.68
C LYS R 320 -94.07 -52.13 -40.62
N ASN R 321 -93.02 -52.77 -40.10
CA ASN R 321 -92.15 -52.21 -39.05
C ASN R 321 -92.91 -51.84 -37.77
N LYS R 322 -93.55 -52.84 -37.17
CA LYS R 322 -94.34 -52.68 -35.95
C LYS R 322 -94.27 -53.92 -35.06
N VAL R 323 -94.66 -53.75 -33.79
CA VAL R 323 -94.63 -54.82 -32.80
C VAL R 323 -95.96 -55.57 -32.84
N GLU R 324 -96.00 -56.64 -33.64
CA GLU R 324 -97.23 -57.43 -33.81
C GLU R 324 -97.42 -58.39 -32.63
N VAL R 325 -98.38 -58.08 -31.76
CA VAL R 325 -98.69 -58.92 -30.60
C VAL R 325 -99.55 -60.10 -31.06
N ILE R 326 -99.25 -61.28 -30.52
CA ILE R 326 -99.91 -62.53 -30.89
C ILE R 326 -100.46 -63.20 -29.62
N ALA R 327 -101.70 -63.69 -29.71
CA ALA R 327 -102.38 -64.34 -28.59
C ALA R 327 -102.63 -65.81 -28.89
N ARG R 328 -101.58 -66.62 -28.72
CA ARG R 328 -101.62 -68.05 -29.05
C ARG R 328 -102.43 -68.84 -28.03
N SER R 329 -103.18 -69.83 -28.52
CA SER R 329 -103.98 -70.72 -27.67
C SER R 329 -103.09 -71.76 -26.99
N ARG R 330 -103.63 -72.39 -25.94
CA ARG R 330 -102.90 -73.41 -25.18
C ARG R 330 -102.72 -74.72 -25.95
N ARG R 331 -103.66 -75.01 -26.86
CA ARG R 331 -103.58 -76.17 -27.77
C ARG R 331 -102.36 -76.14 -28.72
N ALA R 332 -101.86 -74.95 -29.03
CA ALA R 332 -100.70 -74.79 -29.92
C ALA R 332 -99.37 -75.30 -29.34
N PHE R 333 -99.29 -75.38 -28.01
CA PHE R 333 -98.05 -75.79 -27.33
C PHE R 333 -98.09 -77.30 -27.04
N LEU R 334 -96.98 -77.97 -27.31
CA LEU R 334 -96.90 -79.45 -27.25
C LEU R 334 -97.05 -79.95 -25.80
N SER R 335 -96.31 -79.33 -24.89
CA SER R 335 -96.37 -79.67 -23.46
C SER R 335 -97.75 -79.41 -22.84
N LYS R 336 -98.44 -78.38 -23.32
CA LYS R 336 -99.74 -77.96 -22.77
C LYS R 336 -100.94 -78.39 -23.64
N LEU R 337 -100.87 -79.58 -24.24
CA LEU R 337 -101.99 -80.13 -25.02
C LEU R 337 -103.06 -80.69 -24.10
N ARG S 1 -17.09 -61.74 51.84
CA ARG S 1 -15.74 -61.10 51.72
C ARG S 1 -14.65 -61.97 52.34
N GLN S 2 -13.39 -61.55 52.16
CA GLN S 2 -12.24 -62.17 52.80
C GLN S 2 -11.35 -61.10 53.42
N TRP S 3 -10.42 -61.56 54.27
CA TRP S 3 -9.49 -60.67 54.96
C TRP S 3 -8.07 -61.13 54.63
N ARG S 4 -7.79 -61.19 53.33
CA ARG S 4 -6.54 -61.76 52.82
C ARG S 4 -5.32 -60.93 53.21
N LEU S 5 -5.39 -59.62 52.99
CA LEU S 5 -4.28 -58.72 53.31
C LEU S 5 -4.04 -58.55 54.82
N ILE S 6 -5.00 -58.98 55.64
CA ILE S 6 -4.87 -59.01 57.10
C ILE S 6 -4.35 -60.36 57.58
N GLU S 7 -5.11 -61.43 57.29
CA GLU S 7 -4.80 -62.76 57.83
C GLU S 7 -3.61 -63.47 57.17
N THR S 8 -3.12 -62.94 56.05
CA THR S 8 -1.84 -63.36 55.47
C THR S 8 -0.65 -62.95 56.36
N ARG S 9 -0.77 -61.80 57.03
CA ARG S 9 0.33 -61.25 57.84
C ARG S 9 0.79 -62.23 58.92
N LYS S 10 2.10 -62.34 59.07
CA LYS S 10 2.72 -63.19 60.10
C LYS S 10 3.73 -62.36 60.88
N ILE S 11 3.82 -62.64 62.19
CA ILE S 11 4.71 -61.92 63.10
C ILE S 11 5.62 -62.96 63.76
N ALA S 12 6.84 -62.54 64.09
CA ALA S 12 7.84 -63.43 64.69
C ALA S 12 7.35 -64.00 66.01
N LYS S 13 7.25 -65.33 66.08
CA LYS S 13 6.76 -66.02 67.26
C LYS S 13 7.73 -65.85 68.43
N GLN S 14 7.32 -65.08 69.43
CA GLN S 14 8.13 -64.85 70.62
C GLN S 14 8.22 -66.12 71.46
N PRO S 15 9.43 -66.51 71.91
CA PRO S 15 9.55 -67.69 72.75
C PRO S 15 9.09 -67.39 74.17
N ASN S 16 8.35 -68.32 74.77
CA ASN S 16 7.86 -68.15 76.15
C ASN S 16 9.01 -68.11 77.16
N TYR S 17 9.12 -66.98 77.87
CA TYR S 17 10.26 -66.72 78.75
C TYR S 17 9.99 -67.20 80.18
N GLN S 18 10.76 -68.21 80.60
CA GLN S 18 10.70 -68.71 81.98
C GLN S 18 11.47 -67.74 82.88
N VAL S 19 11.11 -67.73 84.17
CA VAL S 19 11.72 -66.82 85.15
C VAL S 19 13.22 -67.09 85.37
N GLY S 20 13.62 -68.37 85.31
CA GLY S 20 15.02 -68.77 85.50
C GLY S 20 15.92 -68.79 84.27
N ASP S 21 15.35 -68.54 83.10
CA ASP S 21 16.08 -68.62 81.82
C ASP S 21 16.99 -67.39 81.63
N ALA S 22 17.93 -67.49 80.70
CA ALA S 22 18.83 -66.38 80.36
C ALA S 22 18.10 -65.30 79.56
N LYS S 23 18.61 -64.06 79.65
CA LYS S 23 18.00 -62.91 78.96
C LYS S 23 18.22 -62.95 77.45
N PRO S 24 17.36 -62.25 76.69
CA PRO S 24 17.66 -61.93 75.29
C PRO S 24 18.57 -60.70 75.23
N LEU S 25 19.28 -60.55 74.11
CA LEU S 25 20.26 -59.45 73.96
C LEU S 25 19.62 -58.07 74.00
N HIS S 26 18.49 -57.90 73.31
CA HIS S 26 17.75 -56.63 73.32
C HIS S 26 16.39 -56.76 74.00
N MET S 27 16.39 -56.46 75.29
CA MET S 27 15.17 -56.34 76.09
C MET S 27 14.74 -54.87 76.06
N PRO S 28 13.43 -54.60 75.85
CA PRO S 28 12.97 -53.20 75.72
C PRO S 28 12.97 -52.43 77.05
N LYS S 29 12.99 -51.10 76.96
CA LYS S 29 13.05 -50.23 78.13
C LYS S 29 11.70 -50.16 78.84
N GLU S 30 10.69 -49.64 78.15
CA GLU S 30 9.33 -49.55 78.68
C GLU S 30 8.58 -50.85 78.34
N ARG S 31 7.72 -51.28 79.27
CA ARG S 31 7.01 -52.56 79.12
C ARG S 31 5.86 -52.48 78.11
N LYS S 32 5.34 -53.65 77.73
CA LYS S 32 4.19 -53.75 76.83
C LYS S 32 2.93 -53.25 77.52
N LYS S 33 2.34 -52.19 76.97
CA LYS S 33 1.13 -51.58 77.53
C LYS S 33 -0.12 -52.35 77.11
N PHE S 34 -0.22 -52.66 75.82
CA PHE S 34 -1.41 -53.30 75.24
C PHE S 34 -1.16 -54.78 74.95
N PRO S 35 -2.25 -55.57 74.77
CA PRO S 35 -2.08 -56.94 74.30
C PRO S 35 -1.61 -57.01 72.85
N ASP S 36 -0.99 -58.14 72.48
CA ASP S 36 -0.54 -58.35 71.11
C ASP S 36 -1.74 -58.58 70.19
N TYR S 37 -1.82 -57.78 69.12
CA TYR S 37 -2.85 -57.96 68.10
C TYR S 37 -2.42 -59.13 67.22
N LYS S 38 -3.29 -60.13 67.10
CA LYS S 38 -3.00 -61.37 66.35
C LYS S 38 -2.39 -61.12 64.97
N TYR S 39 -2.93 -60.14 64.26
CA TYR S 39 -2.56 -59.86 62.88
C TYR S 39 -1.61 -58.66 62.75
N GLY S 40 -0.73 -58.47 63.75
CA GLY S 40 0.39 -57.54 63.66
C GLY S 40 0.06 -56.08 63.44
N GLU S 41 0.51 -55.54 62.30
CA GLU S 41 0.25 -54.17 61.90
C GLU S 41 0.51 -54.07 60.40
N SER S 42 -0.45 -53.54 59.64
CA SER S 42 -0.44 -53.65 58.18
C SER S 42 0.82 -53.03 57.58
N ASN S 43 1.40 -53.74 56.61
CA ASN S 43 2.64 -53.32 55.96
C ASN S 43 2.43 -52.90 54.50
N ILE S 44 1.24 -52.42 54.16
CA ILE S 44 0.94 -51.97 52.79
C ILE S 44 0.21 -50.63 52.73
N PHE S 45 -0.95 -50.51 53.37
CA PHE S 45 -1.76 -49.29 53.29
C PHE S 45 -1.64 -48.67 54.67
N LYS S 46 -0.40 -48.30 55.04
CA LYS S 46 -0.05 -47.86 56.40
C LYS S 46 -0.82 -46.63 56.89
N GLN S 47 -1.37 -45.88 55.94
CA GLN S 47 -2.48 -44.96 56.16
C GLN S 47 -3.59 -45.55 57.08
N SER S 48 -3.95 -46.81 56.84
CA SER S 48 -5.02 -47.49 57.58
C SER S 48 -4.67 -48.00 58.99
N ASN S 49 -3.38 -48.01 59.35
CA ASN S 49 -2.96 -48.35 60.72
C ASN S 49 -3.41 -47.32 61.77
N LYS S 50 -3.55 -46.07 61.34
CA LYS S 50 -3.97 -44.97 62.23
C LYS S 50 -5.48 -44.87 62.47
N GLY S 51 -6.29 -45.61 61.70
CA GLY S 51 -7.76 -45.49 61.77
C GLY S 51 -8.52 -46.80 61.68
N LEU S 52 -9.85 -46.68 61.75
CA LEU S 52 -10.77 -47.80 61.62
C LEU S 52 -11.22 -47.91 60.16
N TYR S 53 -10.44 -48.64 59.36
CA TYR S 53 -10.70 -48.74 57.92
C TYR S 53 -11.62 -49.90 57.54
N GLY S 54 -11.89 -50.81 58.48
CA GLY S 54 -12.79 -51.93 58.25
C GLY S 54 -12.27 -52.91 57.22
N GLY S 55 -10.97 -53.20 57.31
CA GLY S 55 -10.28 -54.08 56.36
C GLY S 55 -10.40 -53.67 54.89
N SER S 56 -10.50 -52.36 54.65
CA SER S 56 -10.64 -51.83 53.30
C SER S 56 -9.32 -51.20 52.85
N PHE S 57 -8.52 -52.00 52.16
CA PHE S 57 -7.23 -51.54 51.65
C PHE S 57 -7.42 -50.85 50.31
N VAL S 58 -6.39 -50.16 49.88
CA VAL S 58 -6.37 -49.53 48.55
C VAL S 58 -6.29 -50.64 47.49
N GLN S 59 -7.08 -50.47 46.43
CA GLN S 59 -6.99 -51.33 45.26
C GLN S 59 -6.09 -50.64 44.23
N PHE S 60 -5.45 -51.46 43.40
CA PHE S 60 -4.87 -51.01 42.15
C PHE S 60 -5.45 -51.84 41.02
N GLY S 61 -5.77 -51.18 39.91
CA GLY S 61 -6.38 -51.82 38.75
C GLY S 61 -6.18 -50.96 37.52
N ASN S 62 -6.97 -51.20 36.48
CA ASN S 62 -6.76 -50.55 35.19
C ASN S 62 -7.86 -49.58 34.78
N ASN S 63 -7.48 -48.34 34.50
CA ASN S 63 -8.31 -47.46 33.70
C ASN S 63 -8.33 -48.01 32.27
N ILE S 64 -9.54 -48.19 31.72
CA ILE S 64 -9.72 -48.76 30.38
C ILE S 64 -10.56 -47.80 29.55
N SER S 65 -10.07 -47.51 28.34
CA SER S 65 -10.71 -46.55 27.43
C SER S 65 -11.67 -47.25 26.45
N GLU S 66 -12.19 -46.47 25.49
CA GLU S 66 -12.95 -47.02 24.36
C GLU S 66 -12.05 -47.86 23.44
N SER S 67 -10.78 -47.46 23.32
CA SER S 67 -9.76 -48.24 22.61
C SER S 67 -9.20 -49.45 23.40
N LYS S 68 -9.69 -49.65 24.62
CA LYS S 68 -9.18 -50.63 25.58
C LYS S 68 -7.69 -50.47 25.92
N ALA S 69 -7.20 -49.23 25.87
CA ALA S 69 -5.82 -48.92 26.24
C ALA S 69 -5.74 -48.87 27.76
N LYS S 70 -5.14 -49.91 28.34
CA LYS S 70 -5.11 -50.05 29.80
C LYS S 70 -4.05 -49.15 30.43
N THR S 71 -4.42 -48.48 31.51
CA THR S 71 -3.52 -47.60 32.26
C THR S 71 -3.77 -47.82 33.75
N ARG S 72 -2.70 -47.90 34.54
CA ARG S 72 -2.84 -48.25 35.97
C ARG S 72 -3.49 -47.11 36.75
N LYS S 73 -4.52 -47.45 37.51
CA LYS S 73 -5.19 -46.53 38.44
C LYS S 73 -5.27 -47.18 39.81
N LYS S 74 -5.53 -46.37 40.83
CA LYS S 74 -5.77 -46.87 42.19
C LYS S 74 -7.13 -46.38 42.67
N TRP S 75 -7.73 -47.16 43.58
CA TRP S 75 -9.09 -46.94 44.05
C TRP S 75 -9.01 -46.82 45.57
N LEU S 76 -9.08 -45.59 46.06
CA LEU S 76 -8.98 -45.32 47.50
C LEU S 76 -10.34 -45.47 48.17
N PRO S 77 -10.34 -45.88 49.45
CA PRO S 77 -11.61 -45.92 50.18
C PRO S 77 -12.07 -44.53 50.61
N ASN S 78 -13.37 -44.39 50.84
CA ASN S 78 -13.95 -43.12 51.27
C ASN S 78 -13.69 -42.91 52.75
N VAL S 79 -12.48 -42.44 53.04
CA VAL S 79 -12.02 -42.21 54.40
C VAL S 79 -12.61 -40.88 54.90
N VAL S 80 -12.84 -40.80 56.20
CA VAL S 80 -13.33 -39.57 56.81
C VAL S 80 -12.96 -39.46 58.30
N LYS S 81 -12.53 -38.28 58.70
CA LYS S 81 -12.20 -37.97 60.09
C LYS S 81 -13.53 -37.79 60.84
N LYS S 82 -13.67 -38.44 61.99
CA LYS S 82 -14.95 -38.45 62.70
C LYS S 82 -14.81 -38.69 64.21
N GLY S 83 -15.12 -37.66 64.99
CA GLY S 83 -15.13 -37.73 66.45
C GLY S 83 -16.42 -38.32 66.98
N LEU S 84 -16.38 -39.60 67.33
CA LEU S 84 -17.58 -40.32 67.75
C LEU S 84 -17.55 -40.67 69.24
N TRP S 85 -18.72 -40.60 69.88
CA TRP S 85 -18.84 -40.72 71.33
C TRP S 85 -18.68 -42.15 71.85
N SER S 86 -17.79 -42.31 72.83
CA SER S 86 -17.66 -43.56 73.57
C SER S 86 -18.37 -43.40 74.92
N GLU S 87 -19.33 -44.29 75.19
CA GLU S 87 -20.04 -44.30 76.48
C GLU S 87 -19.13 -44.83 77.59
N THR S 88 -18.35 -45.85 77.26
CA THR S 88 -17.43 -46.49 78.20
C THR S 88 -16.31 -45.56 78.66
N LEU S 89 -15.66 -44.90 77.70
CA LEU S 89 -14.56 -43.96 77.99
C LEU S 89 -15.06 -42.60 78.50
N ASN S 90 -16.33 -42.29 78.25
CA ASN S 90 -16.94 -40.99 78.60
C ASN S 90 -16.24 -39.81 77.91
N ARG S 91 -15.87 -40.04 76.66
CA ARG S 91 -15.25 -39.03 75.79
C ARG S 91 -15.52 -39.43 74.35
N LYS S 92 -15.47 -38.48 73.43
CA LYS S 92 -15.56 -38.79 72.01
C LYS S 92 -14.16 -39.09 71.46
N ILE S 93 -14.07 -40.11 70.62
CA ILE S 93 -12.79 -40.55 70.04
C ILE S 93 -12.74 -40.24 68.53
N SER S 94 -11.85 -39.32 68.16
CA SER S 94 -11.67 -38.88 66.77
C SER S 94 -10.65 -39.74 66.02
N ILE S 95 -11.09 -40.33 64.91
CA ILE S 95 -10.26 -41.20 64.08
C ILE S 95 -10.70 -41.14 62.62
N LYS S 96 -9.82 -41.63 61.75
CA LYS S 96 -10.14 -41.85 60.34
C LYS S 96 -10.99 -43.12 60.22
N MET S 97 -12.12 -43.00 59.54
CA MET S 97 -12.99 -44.14 59.26
C MET S 97 -13.34 -44.20 57.79
N THR S 98 -13.59 -45.40 57.28
CA THR S 98 -14.28 -45.57 56.02
C THR S 98 -15.75 -45.23 56.27
N ALA S 99 -16.42 -44.65 55.27
CA ALA S 99 -17.87 -44.36 55.36
C ALA S 99 -18.68 -45.62 55.67
N LYS S 100 -18.23 -46.74 55.10
CA LYS S 100 -18.75 -48.07 55.40
C LYS S 100 -18.67 -48.38 56.90
N VAL S 101 -17.50 -48.17 57.47
CA VAL S 101 -17.25 -48.40 58.90
C VAL S 101 -18.17 -47.53 59.77
N LEU S 102 -18.32 -46.27 59.40
CA LEU S 102 -19.24 -45.35 60.08
C LEU S 102 -20.67 -45.88 60.05
N LYS S 103 -21.07 -46.42 58.91
CA LYS S 103 -22.39 -47.04 58.72
C LYS S 103 -22.58 -48.25 59.64
N THR S 104 -21.54 -49.08 59.73
CA THR S 104 -21.56 -50.27 60.61
C THR S 104 -21.69 -49.89 62.07
N ILE S 105 -20.93 -48.87 62.47
CA ILE S 105 -20.97 -48.31 63.82
C ILE S 105 -22.38 -47.86 64.17
N SER S 106 -23.00 -47.11 63.25
CA SER S 106 -24.37 -46.61 63.40
C SER S 106 -25.38 -47.74 63.55
N LYS S 107 -25.22 -48.78 62.74
CA LYS S 107 -26.05 -49.97 62.78
C LYS S 107 -25.96 -50.68 64.13
N GLU S 108 -24.74 -50.88 64.60
CA GLU S 108 -24.48 -51.60 65.86
C GLU S 108 -24.87 -50.82 67.11
N GLY S 109 -24.98 -49.50 66.99
CA GLY S 109 -25.45 -48.67 68.08
C GLY S 109 -24.33 -48.33 69.04
N GLY S 110 -23.31 -47.66 68.51
CA GLY S 110 -22.18 -47.18 69.31
C GLY S 110 -20.85 -47.65 68.77
N ILE S 111 -19.80 -47.00 69.28
CA ILE S 111 -18.44 -47.20 68.84
C ILE S 111 -17.81 -48.30 69.68
N ASP S 112 -18.07 -48.25 70.99
CA ASP S 112 -17.65 -49.28 71.93
C ASP S 112 -18.16 -50.65 71.52
N ASN S 113 -19.44 -50.71 71.17
CA ASN S 113 -20.10 -51.94 70.67
C ASN S 113 -19.41 -52.51 69.44
N TYR S 114 -19.11 -51.62 68.49
CA TYR S 114 -18.38 -51.98 67.28
C TYR S 114 -17.02 -52.59 67.61
N LEU S 115 -16.28 -51.90 68.47
CA LEU S 115 -14.96 -52.37 68.93
C LEU S 115 -15.01 -53.75 69.58
N THR S 116 -15.97 -53.93 70.49
CA THR S 116 -16.04 -55.12 71.36
C THR S 116 -16.76 -56.36 70.79
N LYS S 117 -17.23 -56.31 69.54
CA LYS S 117 -17.90 -57.47 68.93
C LYS S 117 -16.94 -58.66 68.85
N GLU S 118 -17.38 -59.81 69.36
CA GLU S 118 -16.49 -60.96 69.60
C GLU S 118 -16.11 -61.76 68.34
N LYS S 119 -16.86 -61.58 67.25
CA LYS S 119 -16.54 -62.25 65.97
C LYS S 119 -15.10 -61.99 65.49
N SER S 120 -14.53 -63.01 64.85
CA SER S 120 -13.17 -62.93 64.32
C SER S 120 -13.05 -61.92 63.18
N ALA S 121 -14.09 -61.84 62.35
CA ALA S 121 -14.16 -60.88 61.24
C ALA S 121 -13.92 -59.45 61.70
N ARG S 122 -14.62 -59.07 62.78
CA ARG S 122 -14.46 -57.76 63.40
C ARG S 122 -13.02 -57.53 63.83
N ILE S 123 -12.47 -58.51 64.55
CA ILE S 123 -11.10 -58.46 65.05
C ILE S 123 -10.11 -58.22 63.92
N LYS S 124 -10.27 -58.98 62.83
CA LYS S 124 -9.47 -58.81 61.62
C LYS S 124 -9.54 -57.39 61.08
N GLU S 125 -10.77 -56.88 60.94
CA GLU S 125 -11.01 -55.56 60.36
C GLU S 125 -10.97 -54.38 61.35
N LEU S 126 -10.67 -54.66 62.62
CA LEU S 126 -10.09 -53.64 63.51
C LEU S 126 -8.64 -53.48 63.10
N GLY S 127 -8.10 -52.28 63.24
CA GLY S 127 -6.67 -52.04 63.03
C GLY S 127 -5.85 -52.45 64.24
N PRO S 128 -4.59 -52.03 64.29
CA PRO S 128 -3.84 -52.01 65.55
C PRO S 128 -4.38 -50.93 66.49
N THR S 129 -4.68 -49.76 65.93
CA THR S 129 -5.37 -48.68 66.65
C THR S 129 -6.72 -49.16 67.19
N GLY S 130 -7.51 -49.77 66.31
CA GLY S 130 -8.81 -50.33 66.68
C GLY S 130 -8.72 -51.36 67.80
N TRP S 131 -7.72 -52.22 67.72
CA TRP S 131 -7.41 -53.22 68.76
C TRP S 131 -7.09 -52.56 70.11
N LYS S 132 -6.26 -51.51 70.07
CA LYS S 132 -5.93 -50.72 71.25
C LYS S 132 -7.16 -50.05 71.87
N LEU S 133 -8.00 -49.48 71.01
CA LEU S 133 -9.27 -48.89 71.44
C LEU S 133 -10.17 -49.90 72.13
N ARG S 134 -10.33 -51.06 71.49
CA ARG S 134 -11.08 -52.19 72.05
C ARG S 134 -10.58 -52.54 73.46
N TYR S 135 -9.26 -52.73 73.57
CA TYR S 135 -8.62 -53.05 74.84
C TYR S 135 -8.94 -52.02 75.92
N ARG S 136 -8.77 -50.74 75.57
CA ARG S 136 -9.11 -49.61 76.45
C ARG S 136 -10.55 -49.67 76.95
N VAL S 137 -11.47 -49.94 76.03
CA VAL S 137 -12.91 -50.02 76.34
C VAL S 137 -13.20 -51.22 77.24
N LEU S 138 -12.72 -52.39 76.83
CA LEU S 138 -12.94 -53.64 77.57
C LEU S 138 -12.41 -53.60 78.99
N LYS S 139 -11.19 -53.10 79.13
CA LYS S 139 -10.54 -52.93 80.44
C LYS S 139 -11.36 -52.01 81.34
N ARG S 140 -11.82 -50.90 80.77
CA ARG S 140 -12.66 -49.94 81.47
C ARG S 140 -13.98 -50.57 81.93
N LYS S 141 -14.63 -51.31 81.04
CA LYS S 141 -15.84 -52.09 81.37
C LYS S 141 -15.63 -53.05 82.53
N ASP S 142 -14.51 -53.76 82.50
CA ASP S 142 -14.13 -54.71 83.54
C ASP S 142 -13.95 -54.02 84.90
N GLU S 143 -13.25 -52.89 84.89
CA GLU S 143 -13.06 -52.03 86.07
C GLU S 143 -14.38 -51.57 86.67
N ILE S 144 -15.29 -51.11 85.80
CA ILE S 144 -16.64 -50.68 86.18
C ILE S 144 -17.40 -51.82 86.86
N GLU S 145 -17.35 -52.98 86.24
CA GLU S 145 -18.00 -54.19 86.75
C GLU S 145 -17.46 -54.59 88.12
N ASN S 146 -16.14 -54.66 88.21
CA ASN S 146 -15.43 -55.29 89.32
C ASN S 146 -14.34 -54.40 89.90
N PRO S 147 -14.71 -53.49 90.83
CA PRO S 147 -13.69 -52.81 91.63
C PRO S 147 -12.95 -53.81 92.53
N PRO S 148 -11.66 -53.52 92.88
CA PRO S 148 -10.77 -54.43 93.60
C PRO S 148 -11.41 -55.30 94.70
N HIS S 149 -12.29 -54.71 95.49
CA HIS S 149 -13.02 -55.42 96.55
C HIS S 149 -14.53 -55.27 96.36
N LYS S 150 -15.24 -56.40 96.35
CA LYS S 150 -16.70 -56.41 96.12
C LYS S 150 -17.32 -57.69 96.68
N ARG S 182 -5.12 -53.52 101.63
CA ARG S 182 -3.84 -54.17 101.35
C ARG S 182 -2.72 -53.15 101.20
N ARG S 183 -2.98 -52.12 100.39
CA ARG S 183 -2.06 -50.99 100.19
C ARG S 183 -1.70 -50.32 101.52
N ARG S 184 -2.70 -50.08 102.35
CA ARG S 184 -2.48 -49.46 103.66
C ARG S 184 -1.66 -50.36 104.59
N LEU S 185 -1.95 -51.66 104.56
CA LEU S 185 -1.18 -52.66 105.32
C LEU S 185 0.29 -52.66 104.91
N MET S 186 0.53 -52.60 103.60
CA MET S 186 1.89 -52.49 103.04
C MET S 186 2.59 -51.23 103.52
N SER S 187 1.87 -50.11 103.48
CA SER S 187 2.36 -48.81 103.94
C SER S 187 2.71 -48.82 105.42
N PHE S 188 1.88 -49.49 106.22
CA PHE S 188 2.14 -49.68 107.66
C PHE S 188 3.41 -50.50 107.92
N LEU S 189 3.55 -51.60 107.17
CA LEU S 189 4.65 -52.55 107.38
C LEU S 189 5.98 -52.03 106.86
N TYR S 190 5.95 -51.29 105.75
CA TYR S 190 7.14 -50.73 105.09
C TYR S 190 8.18 -50.06 106.03
N PRO S 191 7.78 -49.07 106.84
CA PRO S 191 8.74 -48.42 107.74
C PRO S 191 9.36 -49.37 108.75
N LEU S 192 8.54 -50.28 109.29
CA LEU S 192 9.01 -51.32 110.19
C LEU S 192 10.04 -52.23 109.52
N GLU S 193 9.74 -52.62 108.28
CA GLU S 193 10.65 -53.45 107.47
C GLU S 193 11.98 -52.75 107.21
N LYS S 194 11.90 -51.46 106.89
CA LYS S 194 13.08 -50.61 106.69
C LYS S 194 13.95 -50.55 107.95
N LEU S 195 13.31 -50.30 109.08
CA LEU S 195 13.97 -50.29 110.39
C LEU S 195 14.69 -51.60 110.71
N GLU S 196 13.99 -52.71 110.44
CA GLU S 196 14.55 -54.06 110.61
C GLU S 196 15.79 -54.28 109.74
N TYR S 197 15.70 -53.84 108.49
CA TYR S 197 16.84 -53.88 107.56
C TYR S 197 18.03 -53.07 108.06
N ARG S 198 17.76 -51.86 108.54
CA ARG S 198 18.78 -50.98 109.12
C ARG S 198 19.47 -51.60 110.34
N SER S 199 18.67 -52.25 111.18
CA SER S 199 19.19 -52.95 112.37
C SER S 199 20.16 -54.06 111.99
N VAL S 200 19.85 -54.79 110.92
CA VAL S 200 20.77 -55.78 110.35
C VAL S 200 22.00 -55.08 109.75
N GLY S 201 21.75 -53.98 109.01
CA GLY S 201 22.83 -53.18 108.43
C GLY S 201 22.57 -52.47 107.10
N LYS S 202 21.56 -52.94 106.35
CA LYS S 202 21.30 -52.46 104.98
C LYS S 202 20.19 -51.42 104.97
N ASP S 203 20.16 -50.59 103.93
CA ASP S 203 19.06 -49.63 103.71
C ASP S 203 18.04 -50.23 102.74
N LEU S 204 16.80 -49.76 102.82
CA LEU S 204 15.69 -50.30 102.03
C LEU S 204 14.77 -49.18 101.52
N ASN S 205 14.57 -49.13 100.22
CA ASN S 205 13.73 -48.10 99.60
C ASN S 205 12.41 -48.69 99.24
N TYR S 206 11.38 -47.85 99.26
CA TYR S 206 10.02 -48.28 98.97
C TYR S 206 9.89 -49.07 97.70
N LYS S 207 10.15 -48.43 96.55
CA LYS S 207 10.03 -49.16 95.29
C LYS S 207 10.49 -50.61 95.40
N LYS S 208 11.62 -50.80 96.07
CA LYS S 208 12.17 -52.13 96.32
C LYS S 208 11.23 -52.99 97.17
N PHE S 209 10.69 -52.39 98.22
CA PHE S 209 9.70 -53.03 99.10
C PHE S 209 8.47 -53.48 98.33
N VAL S 210 7.97 -52.60 97.46
CA VAL S 210 6.82 -52.88 96.58
C VAL S 210 7.10 -54.07 95.67
N GLU S 211 8.28 -54.06 95.05
CA GLU S 211 8.75 -55.14 94.18
C GLU S 211 8.78 -56.48 94.91
N LEU S 212 9.33 -56.47 96.12
CA LEU S 212 9.41 -57.64 96.98
C LEU S 212 8.03 -58.24 97.31
N PHE S 213 7.11 -57.38 97.74
CA PHE S 213 5.78 -57.80 98.23
C PHE S 213 4.65 -57.47 97.25
N ALA S 214 4.83 -57.91 96.01
CA ALA S 214 3.77 -57.84 94.99
C ALA S 214 2.99 -59.16 94.96
N ASP S 215 3.72 -60.27 94.87
CA ASP S 215 3.13 -61.61 94.83
C ASP S 215 2.62 -62.10 96.19
N VAL S 216 3.13 -61.54 97.28
CA VAL S 216 2.77 -61.98 98.64
C VAL S 216 1.38 -61.45 99.00
N ALA T 1 58.69 4.19 36.14
CA ALA T 1 59.96 3.57 35.64
C ALA T 1 61.11 4.56 35.63
N ARG T 2 62.33 4.05 35.68
CA ARG T 2 63.52 4.88 35.51
C ARG T 2 63.69 5.20 34.03
N THR T 3 64.10 6.44 33.76
CA THR T 3 64.07 7.02 32.42
C THR T 3 65.26 7.96 32.25
N LYS T 4 65.48 8.44 31.03
CA LYS T 4 66.43 9.54 30.77
C LYS T 4 66.04 10.82 31.53
N PHE T 5 64.75 11.05 31.72
CA PHE T 5 64.22 12.26 32.35
C PHE T 5 64.22 12.25 33.89
N THR T 6 64.43 11.09 34.50
CA THR T 6 64.35 10.96 35.97
C THR T 6 65.50 11.67 36.67
N LYS T 7 65.18 12.77 37.36
CA LYS T 7 66.14 13.48 38.19
C LYS T 7 66.36 12.66 39.46
N PRO T 8 67.60 12.63 40.00
CA PRO T 8 67.84 11.82 41.20
C PRO T 8 67.12 12.38 42.44
N LYS T 9 66.76 11.48 43.35
CA LYS T 9 66.05 11.86 44.59
C LYS T 9 67.00 12.60 45.53
N PRO T 10 66.44 13.42 46.46
CA PRO T 10 67.28 14.05 47.47
C PRO T 10 67.77 13.06 48.51
N LYS T 11 68.89 13.40 49.16
CA LYS T 11 69.45 12.56 50.23
C LYS T 11 68.56 12.66 51.48
N GLN T 12 68.53 11.59 52.26
CA GLN T 12 67.69 11.51 53.46
C GLN T 12 68.04 12.61 54.49
N PRO T 13 67.02 13.11 55.24
CA PRO T 13 67.27 14.15 56.22
C PRO T 13 68.00 13.62 57.47
N VAL T 14 69.30 13.89 57.55
CA VAL T 14 70.10 13.51 58.72
C VAL T 14 69.77 14.43 59.90
N LEU T 15 69.80 13.88 61.10
CA LEU T 15 69.63 14.66 62.33
C LEU T 15 70.99 15.25 62.70
N PRO T 16 71.05 16.54 63.09
CA PRO T 16 72.33 17.18 63.43
C PRO T 16 73.14 16.51 64.54
N LYS T 17 74.45 16.77 64.54
CA LYS T 17 75.39 16.18 65.50
C LYS T 17 75.03 16.46 66.96
N ASP T 18 74.56 17.67 67.24
CA ASP T 18 74.21 18.08 68.61
C ASP T 18 72.91 17.42 69.10
N LYS T 19 71.93 17.31 68.20
CA LYS T 19 70.60 16.78 68.56
C LYS T 19 70.57 15.25 68.74
N ILE T 20 71.36 14.51 67.98
CA ILE T 20 71.37 13.04 68.07
C ILE T 20 71.71 12.56 69.48
N ARG T 21 70.96 11.58 69.96
CA ARG T 21 71.19 11.00 71.29
C ARG T 21 72.43 10.11 71.24
N PRO T 22 73.16 10.02 72.38
CA PRO T 22 74.22 9.03 72.48
C PRO T 22 73.60 7.64 72.67
N PRO T 23 74.15 6.60 72.01
CA PRO T 23 73.54 5.27 72.13
C PRO T 23 73.71 4.69 73.53
N THR T 24 72.72 3.91 73.96
CA THR T 24 72.70 3.32 75.30
C THR T 24 73.88 2.36 75.51
N GLN T 25 74.22 1.60 74.45
CA GLN T 25 75.36 0.69 74.47
C GLN T 25 76.55 1.38 73.78
N LEU T 26 77.71 1.37 74.45
CA LEU T 26 78.95 1.96 73.94
C LEU T 26 79.99 0.91 73.58
N THR T 27 80.32 0.04 74.55
CA THR T 27 81.37 -0.97 74.40
C THR T 27 80.83 -2.32 73.93
N HIS T 28 81.19 -2.71 72.71
CA HIS T 28 80.67 -3.92 72.07
C HIS T 28 81.66 -5.09 72.21
N HIS T 29 81.37 -6.20 71.50
CA HIS T 29 82.22 -7.41 71.48
C HIS T 29 83.73 -7.17 71.34
N SER T 30 84.50 -8.12 71.86
CA SER T 30 85.96 -8.09 71.76
C SER T 30 86.39 -8.40 70.32
N ASN T 31 87.31 -7.60 69.80
CA ASN T 31 87.84 -7.80 68.44
C ASN T 31 88.82 -8.97 68.37
N ASN T 32 89.40 -9.34 69.52
CA ASN T 32 90.39 -10.42 69.62
C ASN T 32 89.82 -11.84 69.48
N LEU T 33 88.48 -12.00 69.55
CA LEU T 33 87.81 -13.30 69.42
C LEU T 33 88.34 -14.18 68.28
N ARG T 34 88.39 -15.49 68.55
CA ARG T 34 89.02 -16.45 67.64
C ARG T 34 88.20 -17.74 67.58
N ILE T 35 88.06 -18.31 66.38
CA ILE T 35 87.34 -19.57 66.20
C ILE T 35 88.24 -20.72 66.63
N THR T 36 88.01 -21.20 67.85
CA THR T 36 88.67 -22.38 68.38
C THR T 36 87.91 -23.62 67.91
N GLU T 37 88.61 -24.75 67.83
CA GLU T 37 87.97 -26.04 67.52
C GLU T 37 86.94 -26.43 68.58
N PRO T 38 85.92 -27.25 68.21
CA PRO T 38 84.88 -27.59 69.19
C PRO T 38 85.40 -28.52 70.28
N ILE T 39 84.68 -28.54 71.41
CA ILE T 39 85.09 -29.35 72.57
C ILE T 39 84.02 -30.43 72.84
N PRO T 40 84.24 -31.65 72.30
CA PRO T 40 83.20 -32.69 72.33
C PRO T 40 83.02 -33.32 73.70
N PRO T 41 81.75 -33.45 74.15
CA PRO T 41 81.44 -33.87 75.52
C PRO T 41 81.91 -35.28 75.81
N THR T 42 82.50 -35.49 76.99
CA THR T 42 83.16 -36.76 77.32
C THR T 42 82.46 -37.53 78.43
N THR T 43 82.54 -38.86 78.33
CA THR T 43 82.01 -39.77 79.34
C THR T 43 82.75 -39.70 80.69
N SER T 44 83.99 -39.21 80.68
CA SER T 44 84.81 -39.09 81.90
C SER T 44 84.15 -38.26 83.02
N ASN T 45 83.40 -37.22 82.63
CA ASN T 45 82.65 -36.40 83.60
C ASN T 45 81.47 -37.14 84.24
N LEU T 46 80.88 -38.08 83.51
CA LEU T 46 79.81 -38.93 84.05
C LEU T 46 80.31 -39.84 85.15
N ARG T 47 79.42 -40.16 86.07
CA ARG T 47 79.62 -41.25 87.02
C ARG T 47 78.36 -42.13 87.01
N CYS T 48 78.23 -42.91 85.94
CA CYS T 48 77.09 -43.82 85.77
C CYS T 48 77.12 -44.88 86.86
N PRO T 49 76.04 -44.98 87.67
CA PRO T 49 76.11 -45.88 88.82
C PRO T 49 76.03 -47.35 88.42
N ASP T 50 76.71 -48.19 89.20
CA ASP T 50 76.77 -49.64 88.94
C ASP T 50 75.41 -50.31 89.20
N ASP T 51 74.58 -49.69 90.05
CA ASP T 51 73.22 -50.15 90.33
C ASP T 51 72.20 -49.11 89.82
N HIS T 52 72.35 -48.71 88.55
CA HIS T 52 71.35 -47.89 87.88
C HIS T 52 70.19 -48.81 87.52
N PRO T 53 68.93 -48.42 87.84
CA PRO T 53 67.79 -49.33 87.65
C PRO T 53 67.52 -49.77 86.19
N LEU T 54 68.07 -49.05 85.22
CA LEU T 54 67.98 -49.43 83.80
C LEU T 54 68.84 -50.66 83.44
N TRP T 55 69.81 -51.03 84.29
CA TRP T 55 70.52 -52.33 84.15
C TRP T 55 69.61 -53.54 84.35
N GLN T 56 68.50 -53.34 85.06
CA GLN T 56 67.49 -54.38 85.28
C GLN T 56 66.81 -54.88 83.98
N PHE T 57 66.88 -54.07 82.91
CA PHE T 57 66.44 -54.49 81.56
C PHE T 57 67.44 -55.40 80.83
N PHE T 58 68.65 -55.49 81.35
CA PHE T 58 69.69 -56.38 80.82
C PHE T 58 69.75 -57.61 81.72
N SER T 59 70.63 -58.55 81.37
CA SER T 59 70.86 -59.76 82.17
C SER T 59 72.36 -59.99 82.29
N ASN T 60 72.89 -59.79 83.50
CA ASN T 60 74.33 -59.83 83.78
C ASN T 60 75.11 -58.77 82.98
N LYS T 61 74.45 -57.63 82.74
CA LYS T 61 75.00 -56.50 81.97
C LYS T 61 75.49 -56.87 80.55
N LYS T 62 74.81 -57.82 79.92
CA LYS T 62 75.17 -58.26 78.57
C LYS T 62 74.27 -57.59 77.55
N PHE T 63 74.87 -57.00 76.52
CA PHE T 63 74.16 -56.47 75.35
C PHE T 63 73.23 -57.52 74.74
N ILE T 64 73.66 -58.78 74.76
CA ILE T 64 72.89 -59.89 74.26
C ILE T 64 73.36 -61.20 74.92
N ARG T 65 72.41 -62.01 75.37
CA ARG T 65 72.72 -63.33 75.90
C ARG T 65 73.07 -64.25 74.74
N SER T 66 74.24 -64.87 74.80
CA SER T 66 74.62 -65.90 73.83
C SER T 66 73.80 -67.17 74.05
N ALA T 67 74.00 -68.16 73.19
CA ALA T 67 73.33 -69.47 73.33
C ALA T 67 73.67 -70.15 74.66
N ASP T 68 74.93 -70.03 75.09
CA ASP T 68 75.38 -70.56 76.37
C ASP T 68 74.82 -69.78 77.57
N ASP T 69 74.70 -68.45 77.42
CA ASP T 69 74.16 -67.58 78.47
C ASP T 69 72.66 -67.82 78.72
N LEU T 70 71.93 -68.18 77.66
CA LEU T 70 70.50 -68.51 77.78
C LEU T 70 70.27 -69.80 78.56
N PRO T 71 69.09 -69.93 79.21
CA PRO T 71 68.74 -71.19 79.86
C PRO T 71 68.29 -72.22 78.81
N PRO T 72 68.85 -73.44 78.84
CA PRO T 72 68.49 -74.44 77.82
C PRO T 72 67.06 -74.97 77.97
N SER T 73 66.50 -75.43 76.84
CA SER T 73 65.09 -75.85 76.76
C SER T 73 64.75 -77.09 77.60
N SER T 74 65.69 -78.03 77.68
CA SER T 74 65.51 -79.25 78.48
C SER T 74 65.49 -78.98 79.99
N HIS T 75 66.31 -78.05 80.44
CA HIS T 75 66.42 -77.69 81.87
C HIS T 75 65.21 -76.88 82.36
N ILE T 76 64.58 -76.13 81.46
CA ILE T 76 63.52 -75.17 81.80
C ILE T 76 62.14 -75.76 81.48
N ARG T 77 61.18 -75.46 82.35
CA ARG T 77 59.77 -75.81 82.14
C ARG T 77 58.91 -74.63 82.60
N PRO T 78 57.77 -74.38 81.91
CA PRO T 78 56.81 -73.43 82.46
C PRO T 78 56.06 -74.02 83.66
N TRP T 79 55.40 -73.16 84.41
CA TRP T 79 54.66 -73.58 85.60
C TRP T 79 53.45 -74.42 85.21
N SER T 80 53.11 -75.40 86.05
CA SER T 80 51.89 -76.19 85.88
C SER T 80 50.76 -75.44 86.58
N ILE T 81 49.55 -75.51 86.03
CA ILE T 81 48.36 -74.87 86.64
C ILE T 81 48.12 -75.40 88.07
N PRO T 82 48.21 -76.73 88.28
CA PRO T 82 48.09 -77.30 89.63
C PRO T 82 49.10 -76.76 90.65
N GLU T 83 50.34 -76.58 90.21
CA GLU T 83 51.40 -76.00 91.04
C GLU T 83 51.07 -74.58 91.46
N LEU T 84 50.61 -73.79 90.49
CA LEU T 84 50.15 -72.41 90.73
C LEU T 84 48.99 -72.34 91.70
N ARG T 85 48.05 -73.28 91.57
CA ARG T 85 46.85 -73.33 92.40
C ARG T 85 47.09 -73.32 93.91
N HIS T 86 48.15 -74.00 94.37
CA HIS T 86 48.58 -73.85 95.77
C HIS T 86 49.81 -72.95 95.90
N LYS T 87 49.59 -71.69 95.53
CA LYS T 87 50.47 -70.56 95.85
C LYS T 87 49.60 -69.41 96.34
N SER T 88 50.13 -68.62 97.27
CA SER T 88 49.40 -67.48 97.83
C SER T 88 49.27 -66.36 96.81
N PHE T 89 48.36 -65.42 97.08
CA PHE T 89 48.08 -64.32 96.15
C PHE T 89 49.31 -63.44 95.92
N ASN T 90 49.95 -63.04 97.03
CA ASN T 90 51.12 -62.17 97.00
C ASN T 90 52.28 -62.82 96.23
N ASP T 91 52.50 -64.10 96.50
CA ASP T 91 53.48 -64.92 95.77
C ASP T 91 53.21 -64.97 94.26
N LEU T 92 51.95 -65.24 93.91
CA LEU T 92 51.52 -65.25 92.50
C LEU T 92 51.75 -63.91 91.80
N HIS T 93 51.44 -62.83 92.51
CA HIS T 93 51.64 -61.46 92.05
C HIS T 93 53.12 -61.19 91.78
N SER T 94 53.97 -61.61 92.71
CA SER T 94 55.43 -61.49 92.59
C SER T 94 55.96 -62.26 91.38
N LEU T 95 55.51 -63.51 91.26
CA LEU T 95 55.83 -64.37 90.10
C LEU T 95 55.47 -63.72 88.77
N TRP T 96 54.26 -63.18 88.71
CA TRP T 96 53.77 -62.46 87.53
C TRP T 96 54.68 -61.30 87.13
N TYR T 97 55.08 -60.51 88.12
CA TYR T 97 55.95 -59.36 87.88
C TYR T 97 57.37 -59.76 87.47
N ASN T 98 57.85 -60.87 88.02
CA ASN T 98 59.13 -61.45 87.59
C ASN T 98 59.07 -61.91 86.13
N CYS T 99 57.97 -62.57 85.77
CA CYS T 99 57.70 -62.99 84.40
C CYS T 99 57.71 -61.80 83.44
N LEU T 100 56.96 -60.77 83.79
CA LEU T 100 56.89 -59.51 83.03
C LEU T 100 58.27 -58.87 82.83
N ARG T 101 59.06 -58.87 83.90
CA ARG T 101 60.43 -58.34 83.86
C ARG T 101 61.29 -59.13 82.87
N GLU T 102 61.17 -60.46 82.95
CA GLU T 102 61.89 -61.37 82.06
C GLU T 102 61.51 -61.14 80.61
N GLN T 103 60.22 -60.99 80.35
CA GLN T 103 59.70 -60.68 79.01
C GLN T 103 60.29 -59.39 78.45
N ASN T 104 60.29 -58.35 79.27
CA ASN T 104 60.90 -57.05 78.92
C ASN T 104 62.35 -57.18 78.48
N VAL T 105 63.12 -57.95 79.26
CA VAL T 105 64.53 -58.23 78.98
C VAL T 105 64.67 -58.94 77.63
N LEU T 106 63.85 -59.97 77.45
CA LEU T 106 63.81 -60.73 76.20
C LEU T 106 63.29 -59.89 75.04
N ALA T 107 62.27 -59.07 75.30
CA ALA T 107 61.65 -58.21 74.27
C ALA T 107 62.64 -57.22 73.69
N ARG T 108 63.42 -56.58 74.57
CA ARG T 108 64.51 -55.70 74.18
C ARG T 108 65.49 -56.42 73.26
N GLU T 109 65.91 -57.60 73.72
CA GLU T 109 66.86 -58.44 73.00
C GLU T 109 66.29 -58.95 71.69
N ASN T 110 65.06 -59.46 71.75
CA ASN T 110 64.38 -60.00 70.58
C ASN T 110 64.26 -58.95 69.48
N HIS T 111 63.82 -57.76 69.86
CA HIS T 111 63.71 -56.62 68.95
C HIS T 111 65.03 -56.31 68.25
N LEU T 112 66.09 -56.20 69.04
CA LEU T 112 67.46 -56.00 68.52
C LEU T 112 67.83 -57.06 67.49
N LEU T 113 67.53 -58.31 67.81
CA LEU T 113 67.82 -59.44 66.94
C LEU T 113 67.07 -59.36 65.61
N LYS T 114 65.78 -59.04 65.68
CA LYS T 114 64.92 -59.04 64.50
C LYS T 114 65.17 -57.80 63.64
N ASN T 115 65.20 -56.64 64.30
CA ASN T 115 65.31 -55.35 63.60
C ASN T 115 66.70 -55.11 62.99
N ILE T 116 67.75 -55.39 63.75
CA ILE T 116 69.13 -55.09 63.31
C ILE T 116 69.74 -56.24 62.50
N VAL T 117 69.96 -57.39 63.14
CA VAL T 117 70.72 -58.48 62.51
C VAL T 117 69.85 -59.31 61.55
N GLY T 118 68.53 -59.27 61.73
CA GLY T 118 67.60 -59.97 60.84
C GLY T 118 67.63 -61.47 61.00
N SER T 119 67.74 -61.92 62.24
CA SER T 119 67.89 -63.34 62.56
C SER T 119 66.54 -64.07 62.50
N THR T 120 66.63 -65.40 62.55
CA THR T 120 65.46 -66.28 62.69
C THR T 120 65.79 -67.41 63.68
N HIS T 121 66.53 -67.07 64.74
CA HIS T 121 67.00 -68.03 65.74
C HIS T 121 65.94 -68.31 66.79
N ASP T 122 65.22 -67.26 67.18
CA ASP T 122 63.92 -67.34 67.90
C ASP T 122 63.90 -67.97 69.31
N GLU T 123 65.07 -68.22 69.91
CA GLU T 123 65.13 -68.76 71.28
C GLU T 123 64.48 -67.80 72.27
N PHE T 124 64.80 -66.51 72.12
CA PHE T 124 64.24 -65.45 72.96
C PHE T 124 62.72 -65.38 72.83
N SER T 125 62.24 -65.47 71.60
CA SER T 125 60.81 -65.48 71.30
C SER T 125 60.09 -66.66 71.95
N GLU T 126 60.70 -67.84 71.86
CA GLU T 126 60.19 -69.07 72.49
C GLU T 126 60.09 -68.93 74.00
N LEU T 127 61.15 -68.37 74.60
CA LEU T 127 61.19 -68.05 76.03
C LEU T 127 60.06 -67.09 76.44
N SER T 128 59.87 -66.04 75.64
CA SER T 128 58.81 -65.05 75.87
C SER T 128 57.43 -65.70 75.81
N ASN T 129 57.21 -66.55 74.82
CA ASN T 129 55.98 -67.32 74.66
C ASN T 129 55.71 -68.17 75.89
N SER T 130 56.71 -68.95 76.28
CA SER T 130 56.66 -69.80 77.48
C SER T 130 56.26 -69.03 78.73
N ILE T 131 56.87 -67.87 78.93
CA ILE T 131 56.55 -66.97 80.04
C ILE T 131 55.09 -66.50 79.97
N ARG T 132 54.67 -66.12 78.77
CA ARG T 132 53.28 -65.73 78.48
C ARG T 132 52.30 -66.83 78.83
N THR T 133 52.67 -68.08 78.54
CA THR T 133 51.85 -69.24 78.88
C THR T 133 51.63 -69.34 80.38
N THR T 134 52.74 -69.22 81.13
CA THR T 134 52.71 -69.28 82.60
C THR T 134 51.84 -68.17 83.18
N MET T 135 51.98 -66.97 82.60
CA MET T 135 51.20 -65.80 83.01
C MET T 135 49.70 -66.02 82.87
N TRP T 136 49.26 -66.52 81.70
CA TRP T 136 47.83 -66.76 81.51
C TRP T 136 47.31 -67.88 82.41
N GLN T 137 48.14 -68.90 82.66
CA GLN T 137 47.81 -69.95 83.62
C GLN T 137 47.59 -69.38 85.01
N ILE T 138 48.50 -68.50 85.44
CA ILE T 138 48.37 -67.75 86.70
C ILE T 138 47.06 -66.96 86.73
N ARG T 139 46.78 -66.24 85.65
CA ARG T 139 45.55 -65.46 85.52
C ARG T 139 44.29 -66.34 85.64
N HIS T 140 44.35 -67.50 84.98
CA HIS T 140 43.28 -68.49 85.05
C HIS T 140 43.03 -68.98 86.47
N VAL T 141 44.11 -69.35 87.18
CA VAL T 141 43.98 -69.87 88.56
C VAL T 141 43.44 -68.80 89.51
N LEU T 142 43.83 -67.55 89.29
CA LEU T 142 43.31 -66.41 90.05
C LEU T 142 41.80 -66.23 89.86
N ASN T 143 41.35 -66.31 88.61
CA ASN T 143 39.92 -66.26 88.30
C ASN T 143 39.17 -67.45 88.91
N GLU T 144 39.77 -68.62 88.76
CA GLU T 144 39.18 -69.88 89.22
C GLU T 144 38.96 -69.91 90.72
N ARG T 145 39.94 -69.40 91.46
CA ARG T 145 39.87 -69.30 92.92
C ARG T 145 38.73 -68.41 93.38
N GLU T 146 38.60 -67.25 92.76
CA GLU T 146 37.49 -66.31 93.01
C GLU T 146 36.13 -66.94 92.77
N LEU T 147 36.00 -67.62 91.63
CA LEU T 147 34.79 -68.36 91.26
C LEU T 147 34.42 -69.42 92.28
N ALA T 148 35.43 -70.18 92.72
CA ALA T 148 35.27 -71.20 93.75
C ALA T 148 34.77 -70.61 95.06
N TYR T 149 35.35 -69.48 95.44
CA TYR T 149 34.94 -68.72 96.62
C TYR T 149 33.48 -68.27 96.52
N SER T 150 33.13 -67.70 95.37
CA SER T 150 31.76 -67.25 95.08
C SER T 150 30.74 -68.39 95.19
N ALA T 151 31.11 -69.54 94.63
CA ALA T 151 30.30 -70.76 94.71
C ALA T 151 30.08 -71.22 96.14
N SER T 152 31.15 -71.17 96.94
CA SER T 152 31.10 -71.51 98.37
C SER T 152 30.16 -70.59 99.14
N ARG T 153 30.28 -69.29 98.86
CA ARG T 153 29.41 -68.25 99.43
C ARG T 153 27.93 -68.51 99.12
N GLU T 154 27.65 -68.78 97.85
CA GLU T 154 26.31 -69.13 97.37
C GLU T 154 25.74 -70.34 98.10
N PHE T 155 26.57 -71.37 98.23
CA PHE T 155 26.22 -72.60 98.94
C PHE T 155 25.87 -72.34 100.40
N LEU T 156 26.69 -71.51 101.05
CA LEU T 156 26.47 -71.13 102.45
C LEU T 156 25.18 -70.31 102.61
N GLN T 157 24.89 -69.47 101.63
CA GLN T 157 23.67 -68.64 101.62
C GLN T 157 22.39 -69.48 101.67
N ASP T 158 22.39 -70.62 100.96
CA ASP T 158 21.33 -71.62 101.12
C ASP T 158 21.41 -72.16 102.55
N GLU T 159 20.33 -71.94 103.31
CA GLU T 159 20.34 -72.03 104.77
C GLU T 159 20.44 -73.47 105.28
N SER T 160 19.63 -74.34 104.69
CA SER T 160 19.58 -75.77 105.08
C SER T 160 20.93 -76.46 104.93
N GLU T 161 21.57 -76.22 103.78
CA GLU T 161 22.91 -76.75 103.47
C GLU T 161 23.96 -76.30 104.49
N ARG T 162 23.91 -75.02 104.83
CA ARG T 162 24.79 -74.43 105.86
C ARG T 162 24.58 -75.11 107.21
N LYS T 163 23.32 -75.28 107.58
CA LYS T 163 22.94 -75.94 108.84
C LYS T 163 23.48 -77.36 108.91
N LYS T 164 23.31 -78.10 107.80
CA LYS T 164 23.85 -79.46 107.65
C LYS T 164 25.37 -79.50 107.83
N PHE T 165 26.05 -78.55 107.21
CA PHE T 165 27.51 -78.40 107.31
C PHE T 165 27.96 -78.13 108.75
N LEU T 166 27.26 -77.24 109.43
CA LEU T 166 27.50 -76.95 110.85
C LEU T 166 27.31 -78.17 111.74
N ASP T 167 26.25 -78.93 111.48
CA ASP T 167 25.95 -80.18 112.20
C ASP T 167 27.07 -81.20 112.01
N THR T 168 27.52 -81.35 110.76
CA THR T 168 28.63 -82.23 110.40
C THR T 168 29.92 -81.86 111.14
N LEU T 169 30.23 -80.57 111.15
CA LEU T 169 31.37 -80.02 111.90
C LEU T 169 31.29 -80.36 113.38
N ALA T 170 30.11 -80.13 113.96
CA ALA T 170 29.85 -80.41 115.37
C ALA T 170 30.05 -81.87 115.75
N ASN T 171 29.59 -82.77 114.88
CA ASN T 171 29.58 -84.21 115.17
C ASN T 171 30.96 -84.84 115.28
N ASP T 172 31.82 -84.58 114.30
CA ASP T 172 33.08 -85.30 114.16
C ASP T 172 34.18 -84.78 115.08
N TYR T 173 34.52 -83.50 114.93
CA TYR T 173 35.75 -82.94 115.51
C TYR T 173 35.49 -82.16 116.81
N PHE T 174 34.46 -81.32 116.80
CA PHE T 174 34.01 -80.63 118.03
C PHE T 174 33.24 -81.62 118.92
N LEU T 175 33.12 -81.27 120.20
CA LEU T 175 32.34 -82.05 121.18
C LEU T 175 32.76 -83.53 121.33
N ASN T 176 34.01 -83.84 120.98
CA ASN T 176 34.51 -85.22 120.94
C ASN T 176 35.87 -85.35 121.63
N LYS T 177 36.17 -86.58 122.03
CA LYS T 177 37.42 -86.91 122.74
C LYS T 177 38.03 -88.18 122.16
N ASP T 178 39.37 -88.25 122.20
CA ASP T 178 40.15 -89.39 121.67
C ASP T 178 39.90 -89.63 120.18
N GLU T 183 43.78 -78.22 121.26
CA GLU T 183 43.41 -78.61 119.90
C GLU T 183 42.03 -78.08 119.52
N VAL T 184 41.05 -78.32 120.40
CA VAL T 184 39.66 -77.87 120.21
C VAL T 184 39.60 -76.35 120.08
N ALA T 185 40.29 -75.67 121.00
CA ALA T 185 40.40 -74.20 120.99
C ALA T 185 41.00 -73.67 119.70
N SER T 186 42.05 -74.34 119.23
CA SER T 186 42.71 -74.00 117.96
C SER T 186 41.76 -74.17 116.78
N MET T 187 41.03 -75.29 116.77
CA MET T 187 39.99 -75.56 115.77
C MET T 187 38.93 -74.46 115.74
N LEU T 188 38.45 -74.09 116.93
CA LEU T 188 37.48 -73.00 117.09
C LEU T 188 37.98 -71.68 116.52
N THR T 189 39.24 -71.34 116.82
CA THR T 189 39.85 -70.08 116.34
C THR T 189 39.97 -70.06 114.80
N ARG T 190 40.31 -71.21 114.23
CA ARG T 190 40.38 -71.39 112.77
C ARG T 190 38.98 -71.32 112.16
N PHE T 191 38.06 -72.08 112.77
CA PHE T 191 36.64 -72.10 112.39
C PHE T 191 36.01 -70.71 112.44
N GLN T 192 36.29 -69.98 113.52
CA GLN T 192 35.87 -68.59 113.69
C GLN T 192 36.24 -67.72 112.50
N LEU T 193 37.53 -67.75 112.13
CA LEU T 193 38.04 -67.01 110.97
C LEU T 193 37.39 -67.47 109.67
N ALA T 194 37.33 -68.80 109.51
CA ALA T 194 36.78 -69.43 108.30
C ALA T 194 35.36 -69.00 107.99
N ILE T 195 34.47 -69.17 108.96
CA ILE T 195 33.03 -69.05 108.76
C ILE T 195 32.47 -67.67 109.12
N PHE T 196 33.12 -66.96 110.05
CA PHE T 196 32.63 -65.66 110.54
C PHE T 196 33.74 -64.61 110.52
N GLY T 197 33.36 -63.36 110.78
CA GLY T 197 34.30 -62.22 110.75
C GLY T 197 34.85 -61.90 112.12
N ILE T 198 35.57 -62.87 112.70
CA ILE T 198 36.03 -62.78 114.10
C ILE T 198 37.49 -63.25 114.22
N SER T 199 38.39 -62.27 114.19
CA SER T 199 39.82 -62.49 114.43
C SER T 199 40.19 -61.99 115.83
N GLU T 200 41.45 -62.22 116.22
CA GLU T 200 41.96 -61.82 117.53
C GLU T 200 43.20 -60.94 117.38
N THR T 206 34.71 -56.47 111.39
CA THR T 206 34.80 -56.36 112.84
C THR T 206 33.49 -56.73 113.52
N VAL T 207 32.41 -56.06 113.12
CA VAL T 207 31.06 -56.32 113.65
C VAL T 207 30.03 -56.30 112.51
N ASP T 208 29.10 -57.25 112.56
CA ASP T 208 28.13 -57.51 111.49
C ASP T 208 27.10 -58.53 111.95
N ILE T 209 26.08 -58.79 111.15
CA ILE T 209 25.11 -59.87 111.41
C ILE T 209 25.77 -61.26 111.42
N ASN T 210 26.70 -61.47 110.49
CA ASN T 210 27.45 -62.73 110.38
C ASN T 210 28.30 -62.99 111.61
N PHE T 211 28.99 -61.95 112.06
CA PHE T 211 29.79 -61.96 113.29
C PHE T 211 28.95 -62.33 114.51
N ILE T 212 27.78 -61.70 114.62
CA ILE T 212 26.80 -61.97 115.69
C ILE T 212 26.37 -63.44 115.68
N ASP T 213 26.03 -63.93 114.49
CA ASP T 213 25.63 -65.34 114.30
C ASP T 213 26.71 -66.31 114.74
N GLY T 214 27.96 -65.99 114.39
CA GLY T 214 29.12 -66.78 114.80
C GLY T 214 29.35 -66.79 116.31
N ILE T 215 29.18 -65.63 116.93
CA ILE T 215 29.22 -65.50 118.40
C ILE T 215 28.17 -66.39 119.06
N LYS T 216 26.94 -66.31 118.56
CA LYS T 216 25.83 -67.12 119.06
C LYS T 216 26.11 -68.62 118.97
N PHE T 217 26.65 -69.02 117.82
CA PHE T 217 27.05 -70.41 117.58
C PHE T 217 28.11 -70.86 118.56
N LEU T 218 29.10 -70.00 118.78
CA LEU T 218 30.19 -70.25 119.75
C LEU T 218 29.66 -70.42 121.16
N ALA T 219 28.75 -69.53 121.55
CA ALA T 219 28.06 -69.59 122.85
C ALA T 219 27.29 -70.90 123.02
N ASN T 220 26.59 -71.30 121.96
CA ASN T 220 25.85 -72.56 121.93
C ASN T 220 26.76 -73.77 122.14
N LEU T 221 27.88 -73.78 121.43
CA LEU T 221 28.91 -74.82 121.56
C LEU T 221 29.46 -74.91 122.98
N LYS T 222 29.75 -73.76 123.57
CA LYS T 222 30.22 -73.67 124.97
C LYS T 222 29.21 -74.26 125.95
N LEU T 223 27.94 -73.91 125.77
CA LEU T 223 26.83 -74.44 126.57
C LEU T 223 26.73 -75.96 126.48
N GLN T 224 26.81 -76.47 125.24
CA GLN T 224 26.82 -77.91 124.98
C GLN T 224 27.96 -78.61 125.72
N ARG T 225 29.16 -78.04 125.60
CA ARG T 225 30.35 -78.56 126.26
C ARG T 225 30.46 -78.03 127.69
N VAL U 1 20.39 -103.76 -45.66
CA VAL U 1 21.29 -102.57 -45.73
C VAL U 1 21.17 -101.73 -44.45
N PHE U 2 22.28 -101.13 -44.02
CA PHE U 2 22.36 -100.40 -42.76
C PHE U 2 23.13 -99.10 -42.90
N TYR U 3 22.60 -98.03 -42.31
CA TYR U 3 23.37 -96.80 -42.11
C TYR U 3 24.29 -96.99 -40.92
N LYS U 4 25.59 -96.88 -41.15
CA LYS U 4 26.57 -96.76 -40.08
C LYS U 4 26.73 -95.27 -39.79
N VAL U 5 26.07 -94.78 -38.74
CA VAL U 5 26.09 -93.36 -38.41
C VAL U 5 27.01 -93.10 -37.22
N THR U 6 27.73 -91.98 -37.29
CA THR U 6 28.75 -91.60 -36.32
C THR U 6 28.50 -90.17 -35.88
N LEU U 7 28.56 -89.91 -34.58
CA LEU U 7 28.32 -88.57 -34.05
C LEU U 7 29.63 -87.77 -34.16
N SER U 8 29.85 -87.17 -35.32
CA SER U 8 31.12 -86.49 -35.62
C SER U 8 31.37 -85.26 -34.76
N ARG U 9 30.37 -84.39 -34.65
CA ARG U 9 30.48 -83.19 -33.83
C ARG U 9 29.87 -83.37 -32.45
N SER U 10 30.16 -82.42 -31.57
CA SER U 10 29.63 -82.41 -30.22
C SER U 10 28.19 -81.94 -30.21
N LEU U 11 27.56 -82.04 -29.05
CA LEU U 11 26.22 -81.50 -28.82
C LEU U 11 26.24 -80.34 -27.83
N ILE U 12 27.35 -79.60 -27.79
CA ILE U 12 27.52 -78.54 -26.79
C ILE U 12 26.82 -77.26 -27.25
N GLY U 13 27.18 -76.74 -28.42
CA GLY U 13 26.52 -75.55 -28.97
C GLY U 13 25.15 -75.80 -29.58
N VAL U 14 24.67 -77.04 -29.52
CA VAL U 14 23.52 -77.49 -30.28
C VAL U 14 22.23 -77.20 -29.50
N PRO U 15 21.16 -76.73 -30.19
CA PRO U 15 19.86 -76.55 -29.51
C PRO U 15 19.22 -77.85 -29.04
N HIS U 16 18.19 -77.73 -28.20
CA HIS U 16 17.64 -78.91 -27.50
C HIS U 16 16.85 -79.88 -28.39
N THR U 17 16.19 -79.35 -29.42
CA THR U 17 15.49 -80.21 -30.40
C THR U 17 16.44 -81.16 -31.12
N THR U 18 17.60 -80.64 -31.52
CA THR U 18 18.60 -81.40 -32.24
C THR U 18 19.28 -82.43 -31.32
N LYS U 19 19.52 -82.03 -30.07
CA LYS U 19 19.98 -82.96 -29.02
C LYS U 19 19.02 -84.14 -28.84
N SER U 20 17.73 -83.82 -28.72
CA SER U 20 16.68 -84.82 -28.56
C SER U 20 16.61 -85.81 -29.73
N ILE U 21 16.78 -85.28 -30.94
CA ILE U 21 16.85 -86.09 -32.16
C ILE U 21 18.04 -87.05 -32.12
N VAL U 22 19.19 -86.53 -31.72
CA VAL U 22 20.42 -87.32 -31.58
C VAL U 22 20.23 -88.46 -30.57
N LYS U 23 19.64 -88.12 -29.42
CA LYS U 23 19.32 -89.10 -28.37
C LYS U 23 18.40 -90.22 -28.87
N SER U 24 17.36 -89.83 -29.61
CA SER U 24 16.41 -90.76 -30.21
C SER U 24 17.10 -91.71 -31.20
N LEU U 25 17.99 -91.13 -32.00
CA LEU U 25 18.81 -91.88 -32.96
C LEU U 25 19.64 -92.97 -32.27
N GLY U 26 20.15 -92.66 -31.08
CA GLY U 26 20.89 -93.62 -30.24
C GLY U 26 22.34 -93.26 -29.96
N LEU U 27 22.81 -92.14 -30.51
CA LEU U 27 24.19 -91.71 -30.37
C LEU U 27 24.38 -91.00 -29.01
N GLY U 28 25.33 -91.49 -28.22
CA GLY U 28 25.64 -90.89 -26.92
C GLY U 28 26.70 -89.81 -27.04
N LYS U 29 27.96 -90.24 -26.89
CA LYS U 29 29.12 -89.33 -26.94
C LYS U 29 29.55 -89.05 -28.38
N ARG U 30 30.55 -88.18 -28.52
CA ARG U 30 31.16 -87.91 -29.83
C ARG U 30 31.91 -89.14 -30.32
N GLY U 31 31.85 -89.42 -31.61
CA GLY U 31 32.49 -90.58 -32.16
C GLY U 31 31.92 -91.90 -31.66
N SER U 32 30.64 -91.92 -31.28
CA SER U 32 30.02 -93.17 -30.83
C SER U 32 29.26 -93.77 -32.00
N ILE U 33 29.79 -94.82 -32.57
CA ILE U 33 29.28 -95.49 -33.78
C ILE U 33 28.02 -96.28 -33.48
N VAL U 34 27.04 -96.15 -34.38
CA VAL U 34 25.75 -96.84 -34.28
C VAL U 34 25.32 -97.29 -35.67
N TYR U 35 24.92 -98.55 -35.78
CA TYR U 35 24.35 -99.08 -37.03
C TYR U 35 22.83 -99.08 -36.94
N LYS U 36 22.18 -98.64 -38.03
CA LYS U 36 20.73 -98.53 -38.10
C LYS U 36 20.23 -99.17 -39.39
N LYS U 37 19.26 -100.09 -39.26
CA LYS U 37 18.56 -100.65 -40.41
C LYS U 37 17.91 -99.51 -41.19
N VAL U 38 18.18 -99.45 -42.49
CA VAL U 38 17.69 -98.35 -43.32
C VAL U 38 16.16 -98.40 -43.47
N ASN U 39 15.57 -97.21 -43.42
CA ASN U 39 14.16 -96.99 -43.68
C ASN U 39 13.94 -95.49 -43.88
N PRO U 40 12.73 -95.07 -44.33
CA PRO U 40 12.46 -93.64 -44.45
C PRO U 40 12.54 -92.84 -43.13
N ALA U 41 12.04 -93.44 -42.06
CA ALA U 41 11.98 -92.80 -40.74
C ALA U 41 13.36 -92.44 -40.19
N ILE U 42 14.28 -93.39 -40.25
CA ILE U 42 15.64 -93.14 -39.76
C ILE U 42 16.41 -92.18 -40.67
N ALA U 43 16.13 -92.25 -41.98
CA ALA U 43 16.75 -91.37 -42.97
C ALA U 43 16.39 -89.90 -42.73
N GLY U 44 15.10 -89.66 -42.50
CA GLY U 44 14.60 -88.32 -42.17
C GLY U 44 15.16 -87.76 -40.88
N SER U 45 15.31 -88.62 -39.88
CA SER U 45 15.94 -88.27 -38.60
C SER U 45 17.40 -87.87 -38.77
N LEU U 46 18.11 -88.64 -39.59
CA LEU U 46 19.51 -88.36 -39.93
C LEU U 46 19.69 -87.05 -40.71
N ALA U 47 18.77 -86.79 -41.63
CA ALA U 47 18.73 -85.52 -42.38
C ALA U 47 18.54 -84.33 -41.45
N LYS U 48 17.66 -84.49 -40.46
CA LYS U 48 17.45 -83.46 -39.42
C LYS U 48 18.71 -83.08 -38.64
N VAL U 49 19.64 -84.03 -38.47
CA VAL U 49 20.95 -83.78 -37.81
C VAL U 49 22.15 -83.93 -38.78
N LYS U 50 21.97 -83.53 -40.04
CA LYS U 50 22.97 -83.78 -41.10
C LYS U 50 24.37 -83.18 -40.89
N GLU U 51 24.50 -82.15 -40.05
CA GLU U 51 25.78 -81.45 -39.85
C GLU U 51 26.59 -81.93 -38.65
N LEU U 52 25.96 -82.70 -37.76
CA LEU U 52 26.62 -83.27 -36.58
C LEU U 52 27.14 -84.69 -36.82
N VAL U 53 26.66 -85.32 -37.90
CA VAL U 53 26.74 -86.76 -38.07
C VAL U 53 27.48 -87.12 -39.37
N LYS U 54 28.18 -88.26 -39.36
CA LYS U 54 28.71 -88.87 -40.58
C LYS U 54 28.05 -90.24 -40.79
N VAL U 55 27.36 -90.39 -41.92
CA VAL U 55 26.65 -91.62 -42.28
C VAL U 55 27.37 -92.31 -43.44
N GLU U 56 27.33 -93.64 -43.44
CA GLU U 56 27.77 -94.44 -44.59
C GLU U 56 27.05 -95.78 -44.62
N VAL U 57 26.64 -96.21 -45.81
CA VAL U 57 25.84 -97.43 -45.98
C VAL U 57 26.71 -98.69 -45.88
N THR U 58 26.10 -99.79 -45.46
CA THR U 58 26.80 -101.07 -45.32
C THR U 58 25.91 -102.26 -45.67
N GLU U 59 26.51 -103.32 -46.18
CA GLU U 59 25.84 -104.62 -46.39
C GLU U 59 25.28 -105.16 -45.08
N HIS U 60 26.18 -105.32 -44.10
CA HIS U 60 25.86 -105.89 -42.80
C HIS U 60 26.09 -104.86 -41.71
N GLU U 61 25.39 -105.05 -40.59
CA GLU U 61 25.66 -104.30 -39.37
C GLU U 61 26.67 -105.09 -38.53
N LEU U 62 27.22 -104.42 -37.51
CA LEU U 62 28.10 -105.06 -36.55
C LEU U 62 27.55 -104.87 -35.15
N THR U 63 27.58 -105.94 -34.35
CA THR U 63 27.26 -105.86 -32.92
C THR U 63 28.39 -105.13 -32.19
N PRO U 64 28.12 -104.59 -30.98
CA PRO U 64 29.16 -103.87 -30.22
C PRO U 64 30.44 -104.68 -29.95
N SER U 65 30.26 -105.97 -29.66
CA SER U 65 31.39 -106.88 -29.42
C SER U 65 32.29 -107.04 -30.64
N GLN U 66 31.67 -107.21 -31.81
CA GLN U 66 32.38 -107.29 -33.08
C GLN U 66 33.18 -106.02 -33.38
N GLN U 67 32.54 -104.87 -33.17
CA GLN U 67 33.17 -103.55 -33.35
C GLN U 67 34.40 -103.39 -32.47
N ARG U 68 34.24 -103.76 -31.19
CA ARG U 68 35.34 -103.78 -30.21
C ARG U 68 36.51 -104.64 -30.69
N GLU U 69 36.18 -105.84 -31.16
CA GLU U 69 37.19 -106.77 -31.67
C GLU U 69 37.97 -106.19 -32.85
N LEU U 70 37.23 -105.57 -33.77
CA LEU U 70 37.81 -104.84 -34.90
C LEU U 70 38.76 -103.72 -34.46
N ARG U 71 38.31 -102.95 -33.47
CA ARG U 71 39.09 -101.85 -32.90
C ARG U 71 40.43 -102.27 -32.29
N LYS U 72 40.41 -103.36 -31.52
CA LYS U 72 41.59 -103.82 -30.76
C LYS U 72 42.87 -103.86 -31.61
N SER U 73 43.91 -103.18 -31.13
CA SER U 73 45.19 -103.12 -31.84
C SER U 73 45.95 -104.43 -31.69
N ASN U 74 46.88 -104.65 -32.62
CA ASN U 74 47.72 -105.84 -32.62
C ASN U 74 48.77 -105.78 -31.51
N PRO U 75 48.73 -106.73 -30.56
CA PRO U 75 49.85 -106.85 -29.64
C PRO U 75 50.99 -107.55 -30.35
N GLY U 76 52.10 -106.85 -30.57
CA GLY U 76 53.23 -107.40 -31.31
C GLY U 76 54.07 -108.35 -30.49
N PHE U 77 53.46 -109.42 -29.99
CA PHE U 77 54.17 -110.45 -29.22
C PHE U 77 53.35 -111.72 -29.04
N ILE U 78 54.05 -112.83 -28.83
CA ILE U 78 53.45 -114.14 -28.59
C ILE U 78 54.08 -114.70 -27.32
N VAL U 79 53.28 -114.83 -26.26
CA VAL U 79 53.77 -115.36 -24.98
C VAL U 79 54.03 -116.86 -25.06
N GLU U 80 55.11 -117.30 -24.41
CA GLU U 80 55.45 -118.72 -24.28
C GLU U 80 55.95 -118.97 -22.86
N LYS U 81 55.11 -119.64 -22.06
CA LYS U 81 55.30 -119.69 -20.61
C LYS U 81 56.26 -120.81 -20.18
N ARG U 82 57.23 -120.46 -19.34
CA ARG U 82 58.17 -121.43 -18.76
C ARG U 82 58.85 -120.83 -17.53
N THR V 20 -44.64 -27.36 -24.77
CA THR V 20 -44.31 -26.56 -25.99
C THR V 20 -44.88 -27.19 -27.26
N ARG V 21 -44.56 -28.46 -27.48
CA ARG V 21 -45.07 -29.21 -28.62
C ARG V 21 -46.54 -29.60 -28.38
N ILE V 22 -47.43 -29.11 -29.24
CA ILE V 22 -48.86 -29.39 -29.13
C ILE V 22 -49.13 -30.81 -29.66
N THR V 23 -49.79 -31.62 -28.85
CA THR V 23 -50.05 -33.04 -29.17
C THR V 23 -51.43 -33.51 -28.71
N LEU V 24 -51.83 -34.65 -29.26
CA LEU V 24 -52.97 -35.43 -28.77
C LEU V 24 -52.37 -36.70 -28.12
N PRO V 25 -52.44 -36.81 -26.78
CA PRO V 25 -51.76 -37.91 -26.09
C PRO V 25 -52.46 -39.26 -26.28
N ARG V 26 -51.71 -40.28 -26.69
CA ARG V 26 -52.27 -41.56 -27.09
C ARG V 26 -52.83 -42.39 -25.93
N ARG V 27 -53.98 -43.02 -26.18
CA ARG V 27 -54.56 -44.01 -25.29
C ARG V 27 -53.92 -45.37 -25.59
N PRO V 28 -54.19 -46.39 -24.74
CA PRO V 28 -53.74 -47.74 -25.10
C PRO V 28 -54.33 -48.22 -26.43
N ALA V 29 -53.48 -48.70 -27.32
CA ALA V 29 -53.89 -49.14 -28.66
C ALA V 29 -54.70 -50.43 -28.58
N LYS V 30 -55.66 -50.56 -29.49
CA LYS V 30 -56.56 -51.72 -29.53
C LYS V 30 -55.88 -52.82 -30.35
N LYS V 31 -55.80 -54.02 -29.78
CA LYS V 31 -55.07 -55.13 -30.41
C LYS V 31 -55.85 -55.73 -31.57
N ILE V 32 -55.42 -55.43 -32.80
CA ILE V 32 -55.94 -56.14 -33.97
C ILE V 32 -55.21 -57.49 -34.06
N GLN V 33 -55.98 -58.58 -33.93
CA GLN V 33 -55.42 -59.94 -33.95
C GLN V 33 -55.05 -60.32 -35.37
N LEU V 34 -54.09 -61.23 -35.50
CA LEU V 34 -53.60 -61.67 -36.81
C LEU V 34 -54.67 -62.50 -37.53
N GLY V 35 -55.01 -62.08 -38.74
CA GLY V 35 -56.12 -62.67 -39.49
C GLY V 35 -57.40 -61.85 -39.42
N LYS V 36 -57.62 -61.18 -38.29
CA LYS V 36 -58.83 -60.39 -38.04
C LYS V 36 -58.77 -58.96 -38.58
N SER V 37 -57.60 -58.53 -39.07
CA SER V 37 -57.46 -57.19 -39.66
C SER V 37 -58.32 -57.06 -40.91
N ARG V 38 -59.13 -56.00 -40.95
CA ARG V 38 -60.08 -55.76 -42.03
C ARG V 38 -59.69 -54.51 -42.82
N PRO V 39 -59.88 -54.53 -44.15
CA PRO V 39 -59.44 -53.41 -44.98
C PRO V 39 -60.37 -52.21 -44.85
N ALA V 40 -59.79 -51.01 -44.87
CA ALA V 40 -60.55 -49.78 -44.69
C ALA V 40 -61.34 -49.43 -45.95
N ILE V 41 -62.59 -49.89 -45.98
CA ILE V 41 -63.53 -49.54 -47.05
C ILE V 41 -64.33 -48.33 -46.58
N TYR V 42 -63.89 -47.14 -47.00
CA TYR V 42 -64.53 -45.88 -46.61
C TYR V 42 -65.86 -45.72 -47.35
N HIS V 43 -66.78 -44.99 -46.72
CA HIS V 43 -68.08 -44.74 -47.33
C HIS V 43 -67.91 -43.76 -48.49
N GLN V 44 -68.33 -44.18 -49.68
CA GLN V 44 -68.15 -43.40 -50.91
C GLN V 44 -69.44 -43.37 -51.73
N PHE V 45 -69.77 -42.17 -52.23
CA PHE V 45 -70.92 -41.95 -53.09
C PHE V 45 -70.46 -41.85 -54.53
N ASN V 46 -71.31 -42.31 -55.46
CA ASN V 46 -71.08 -42.09 -56.89
C ASN V 46 -71.49 -40.66 -57.24
N VAL V 47 -70.51 -39.84 -57.62
CA VAL V 47 -70.70 -38.41 -57.82
C VAL V 47 -70.51 -38.08 -59.30
N LYS V 48 -71.50 -37.38 -59.87
CA LYS V 48 -71.44 -36.93 -61.26
C LYS V 48 -70.78 -35.55 -61.34
N MET V 49 -69.68 -35.46 -62.09
CA MET V 49 -69.02 -34.19 -62.38
C MET V 49 -69.37 -33.80 -63.80
N GLU V 50 -70.12 -32.72 -63.98
CA GLU V 50 -70.26 -32.09 -65.28
C GLU V 50 -69.13 -31.07 -65.41
N LEU V 51 -68.31 -31.21 -66.45
CA LEU V 51 -67.14 -30.35 -66.64
C LEU V 51 -67.59 -28.97 -67.17
N SER V 52 -66.66 -28.14 -67.66
CA SER V 52 -67.00 -26.82 -68.23
C SER V 52 -68.05 -26.92 -69.34
N ASP V 53 -67.80 -27.80 -70.30
CA ASP V 53 -68.81 -28.20 -71.29
C ASP V 53 -69.69 -29.31 -70.71
N GLY V 54 -70.72 -29.73 -71.44
CA GLY V 54 -71.70 -30.70 -70.94
C GLY V 54 -71.28 -32.15 -70.75
N SER V 55 -69.98 -32.44 -70.87
CA SER V 55 -69.47 -33.81 -70.67
C SER V 55 -69.52 -34.19 -69.20
N VAL V 56 -70.37 -35.15 -68.86
CA VAL V 56 -70.50 -35.65 -67.49
C VAL V 56 -69.55 -36.83 -67.29
N VAL V 57 -68.99 -36.94 -66.09
CA VAL V 57 -68.15 -38.06 -65.70
C VAL V 57 -68.46 -38.48 -64.26
N ILE V 58 -68.65 -39.79 -64.07
CA ILE V 58 -68.93 -40.35 -62.75
C ILE V 58 -67.59 -40.61 -62.05
N ARG V 59 -67.50 -40.22 -60.78
CA ARG V 59 -66.35 -40.53 -59.94
C ARG V 59 -66.82 -40.83 -58.51
N ARG V 60 -66.20 -41.82 -57.87
CA ARG V 60 -66.49 -42.16 -56.48
C ARG V 60 -65.84 -41.14 -55.56
N SER V 61 -66.60 -40.65 -54.58
CA SER V 61 -66.19 -39.56 -53.71
C SER V 61 -66.75 -39.71 -52.30
N GLN V 62 -65.99 -39.23 -51.32
CA GLN V 62 -66.32 -39.41 -49.90
C GLN V 62 -67.28 -38.34 -49.38
N TYR V 63 -67.25 -37.15 -49.99
CA TYR V 63 -68.16 -36.05 -49.63
C TYR V 63 -69.56 -36.32 -50.19
N PRO V 64 -70.62 -36.04 -49.40
CA PRO V 64 -71.99 -36.32 -49.84
C PRO V 64 -72.57 -35.25 -50.80
N LYS V 65 -72.33 -35.44 -52.09
CA LYS V 65 -72.91 -34.59 -53.15
C LYS V 65 -73.02 -35.38 -54.45
N GLY V 66 -74.25 -35.77 -54.80
CA GLY V 66 -74.51 -36.57 -56.01
C GLY V 66 -74.14 -35.91 -57.32
N GLU V 67 -74.27 -34.59 -57.40
CA GLU V 67 -73.97 -33.83 -58.62
C GLU V 67 -73.12 -32.59 -58.32
N ILE V 68 -72.06 -32.40 -59.12
CA ILE V 68 -71.28 -31.16 -59.14
C ILE V 68 -71.13 -30.73 -60.60
N ARG V 69 -71.18 -29.41 -60.84
CA ARG V 69 -70.83 -28.83 -62.14
C ARG V 69 -69.65 -27.88 -61.96
N LEU V 70 -68.63 -28.05 -62.79
CA LEU V 70 -67.37 -27.31 -62.67
C LEU V 70 -67.31 -26.15 -63.65
N ILE V 71 -66.64 -25.07 -63.24
CA ILE V 71 -66.53 -23.84 -64.01
C ILE V 71 -65.19 -23.81 -64.76
N GLN V 72 -64.09 -23.95 -64.01
CA GLN V 72 -62.73 -23.93 -64.57
C GLN V 72 -62.15 -25.34 -64.60
N ASP V 73 -62.09 -25.93 -65.81
CA ASP V 73 -61.58 -27.29 -66.03
C ASP V 73 -60.56 -27.32 -67.16
N GLN V 74 -60.03 -28.50 -67.46
CA GLN V 74 -59.18 -28.70 -68.64
C GLN V 74 -59.93 -28.46 -69.95
N ARG V 75 -61.25 -28.72 -69.94
CA ARG V 75 -62.07 -28.60 -71.15
C ARG V 75 -62.42 -27.15 -71.53
N ASN V 76 -62.09 -26.17 -70.68
CA ASN V 76 -62.10 -24.75 -71.07
C ASN V 76 -60.78 -23.99 -70.85
N ASN V 77 -59.71 -24.71 -70.53
CA ASN V 77 -58.36 -24.12 -70.36
C ASN V 77 -57.64 -24.13 -71.70
N PRO V 78 -56.94 -23.03 -72.06
CA PRO V 78 -56.23 -22.98 -73.35
C PRO V 78 -55.05 -23.94 -73.49
N LEU V 79 -54.36 -24.24 -72.37
CA LEU V 79 -53.23 -25.19 -72.38
C LEU V 79 -53.66 -26.60 -72.80
N TRP V 80 -54.83 -27.03 -72.33
CA TRP V 80 -55.35 -28.37 -72.63
C TRP V 80 -56.08 -28.49 -73.98
N ASN V 81 -56.42 -27.36 -74.60
CA ASN V 81 -56.98 -27.34 -75.95
C ASN V 81 -56.51 -26.08 -76.72
N PRO V 82 -55.28 -26.13 -77.29
CA PRO V 82 -54.75 -25.00 -78.06
C PRO V 82 -55.47 -24.73 -79.39
N SER V 83 -55.84 -25.81 -80.09
CA SER V 83 -56.51 -25.70 -81.39
C SER V 83 -57.89 -25.06 -81.30
N ARG V 84 -58.67 -25.46 -80.30
CA ARG V 84 -60.01 -24.89 -80.08
C ARG V 84 -59.92 -23.52 -79.41
N GLY V 96 -58.97 -9.45 -61.07
CA GLY V 96 -59.72 -8.92 -62.22
C GLY V 96 -59.73 -7.41 -62.28
N SER V 97 -58.53 -6.82 -62.31
CA SER V 97 -58.36 -5.36 -62.35
C SER V 97 -58.70 -4.78 -63.72
N LEU V 98 -58.24 -5.47 -64.76
CA LEU V 98 -58.56 -5.11 -66.16
C LEU V 98 -60.07 -5.16 -66.40
N ASP V 99 -60.69 -6.24 -65.92
CA ASP V 99 -62.14 -6.43 -65.99
C ASP V 99 -62.90 -5.29 -65.29
N ARG V 100 -62.44 -4.94 -64.09
CA ARG V 100 -62.98 -3.80 -63.34
C ARG V 100 -62.90 -2.50 -64.11
N PHE V 101 -61.73 -2.23 -64.68
CA PHE V 101 -61.48 -1.05 -65.51
C PHE V 101 -62.46 -0.99 -66.67
N ASN V 102 -62.58 -2.10 -67.39
CA ASN V 102 -63.54 -2.23 -68.49
C ASN V 102 -64.97 -1.92 -68.08
N LYS V 103 -65.37 -2.43 -66.91
CA LYS V 103 -66.70 -2.18 -66.35
C LYS V 103 -66.99 -0.70 -66.08
N ARG V 104 -66.08 -0.03 -65.36
CA ARG V 104 -66.30 1.36 -64.95
C ARG V 104 -65.72 2.44 -65.90
N TYR V 105 -65.27 2.03 -67.08
CA TYR V 105 -64.99 2.96 -68.19
C TYR V 105 -65.65 2.39 -69.46
N SER V 106 -66.90 1.97 -69.32
CA SER V 106 -67.66 1.29 -70.39
C SER V 106 -68.43 2.26 -71.28
N SER V 107 -69.00 3.31 -70.68
CA SER V 107 -69.73 4.35 -71.41
C SER V 107 -68.87 5.09 -72.43
N LEU V 108 -67.58 5.25 -72.12
CA LEU V 108 -66.62 5.92 -73.01
C LEU V 108 -66.14 5.02 -74.16
N PHE V 109 -66.14 3.71 -73.94
CA PHE V 109 -65.59 2.71 -74.89
C PHE V 109 -64.09 2.87 -75.14
N SER V 110 -63.37 3.37 -74.13
CA SER V 110 -61.92 3.63 -74.21
C SER V 110 -61.52 4.51 -75.40
N THR V 122 -55.59 0.15 -82.71
CA THR V 122 -56.91 0.72 -82.45
C THR V 122 -56.94 2.24 -82.69
N VAL V 123 -58.15 2.80 -82.70
CA VAL V 123 -58.36 4.23 -82.94
C VAL V 123 -57.92 5.09 -81.77
N GLU V 124 -58.32 4.66 -80.56
CA GLU V 124 -57.96 5.34 -79.31
C GLU V 124 -56.44 5.40 -79.09
N LEU V 125 -55.78 4.28 -79.37
CA LEU V 125 -54.32 4.17 -79.29
C LEU V 125 -53.64 5.16 -80.26
N SER V 126 -54.12 5.17 -81.50
CA SER V 126 -53.63 6.09 -82.53
C SER V 126 -53.77 7.56 -82.12
N GLU V 127 -54.91 7.90 -81.52
CA GLU V 127 -55.18 9.23 -81.01
C GLU V 127 -54.20 9.66 -79.92
N GLU V 128 -53.97 8.77 -78.95
CA GLU V 128 -53.11 9.04 -77.80
C GLU V 128 -51.78 8.28 -77.88
N ASN V 129 -51.02 8.55 -78.93
CA ASN V 129 -49.66 7.99 -79.08
C ASN V 129 -48.78 8.82 -80.02
N LYS V 130 -48.31 9.95 -79.51
CA LYS V 130 -47.33 10.78 -80.20
C LYS V 130 -45.94 10.38 -79.72
N LYS V 131 -45.10 9.89 -80.64
CA LYS V 131 -43.80 9.28 -80.30
C LYS V 131 -42.60 10.24 -80.41
N LYS V 132 -42.83 11.54 -80.32
CA LYS V 132 -41.76 12.54 -80.34
C LYS V 132 -41.06 12.60 -78.99
N THR V 133 -41.86 12.84 -77.94
CA THR V 133 -41.35 12.92 -76.57
C THR V 133 -41.13 11.52 -76.00
N GLN V 134 -39.95 11.30 -75.42
CA GLN V 134 -39.60 10.02 -74.81
C GLN V 134 -38.44 10.17 -73.82
N ALA W 1 54.53 -43.33 4.43
CA ALA W 1 54.50 -43.17 5.91
C ALA W 1 54.55 -44.49 6.67
N VAL W 2 53.88 -45.50 6.13
CA VAL W 2 53.63 -46.76 6.82
C VAL W 2 54.08 -47.93 5.92
N PRO W 3 54.65 -49.01 6.50
CA PRO W 3 55.05 -50.13 5.64
C PRO W 3 53.86 -50.88 5.06
N LYS W 4 53.86 -51.08 3.74
CA LYS W 4 52.74 -51.71 3.04
C LYS W 4 52.68 -53.21 3.33
N LYS W 5 53.83 -53.84 3.55
CA LYS W 5 53.92 -55.27 3.83
C LYS W 5 54.89 -55.58 4.98
N LYS W 6 54.71 -56.77 5.55
CA LYS W 6 55.70 -57.42 6.42
C LYS W 6 56.99 -57.55 5.63
N VAL W 7 58.05 -56.85 6.05
CA VAL W 7 59.33 -56.93 5.35
C VAL W 7 59.92 -58.33 5.60
N SER W 8 60.34 -58.97 4.51
CA SER W 8 60.80 -60.35 4.55
C SER W 8 62.13 -60.50 5.28
N HIS W 9 62.54 -61.74 5.48
CA HIS W 9 63.82 -62.05 6.11
C HIS W 9 64.99 -61.62 5.24
N GLN W 10 64.91 -61.97 3.97
CA GLN W 10 65.90 -61.58 2.96
C GLN W 10 66.14 -60.07 2.93
N LYS W 11 65.06 -59.33 2.73
CA LYS W 11 65.14 -57.90 2.43
C LYS W 11 65.58 -57.04 3.62
N LYS W 12 65.24 -57.45 4.84
CA LYS W 12 65.74 -56.78 6.05
C LYS W 12 67.23 -57.08 6.26
N ARG W 13 67.66 -58.30 5.93
CA ARG W 13 69.05 -58.73 6.15
C ARG W 13 70.02 -58.13 5.15
N GLN W 14 69.65 -58.13 3.87
CA GLN W 14 70.46 -57.48 2.83
C GLN W 14 70.54 -55.96 3.05
N LYS W 15 69.47 -55.37 3.58
CA LYS W 15 69.48 -53.97 3.99
C LYS W 15 70.49 -53.70 5.09
N LEU W 16 70.47 -54.53 6.12
CA LEU W 16 71.28 -54.32 7.31
C LEU W 16 72.74 -54.70 7.10
N TYR W 17 72.98 -55.90 6.58
CA TYR W 17 74.32 -56.50 6.52
C TYR W 17 75.01 -56.44 5.16
N GLY W 18 74.24 -56.29 4.09
CA GLY W 18 74.78 -56.16 2.72
C GLY W 18 75.77 -55.02 2.49
N PRO W 19 75.48 -53.81 2.98
CA PRO W 19 76.39 -52.70 2.74
C PRO W 19 77.56 -52.66 3.72
N GLY W 20 78.74 -52.29 3.21
CA GLY W 20 79.96 -52.21 4.00
C GLY W 20 79.95 -51.06 4.99
N LYS W 21 79.35 -49.94 4.59
CA LYS W 21 79.05 -48.80 5.47
C LYS W 21 78.48 -49.24 6.82
N LYS W 22 77.48 -50.10 6.78
CA LYS W 22 76.79 -50.57 8.00
C LYS W 22 77.58 -51.59 8.81
N GLN W 23 78.44 -52.37 8.16
CA GLN W 23 79.27 -53.38 8.83
C GLN W 23 80.33 -52.75 9.74
N LEU W 24 80.82 -53.55 10.69
CA LEU W 24 81.97 -53.19 11.50
C LEU W 24 83.26 -53.50 10.74
N LYS W 25 84.28 -52.69 10.98
CA LYS W 25 85.58 -52.83 10.33
C LYS W 25 86.59 -53.38 11.33
N MET W 26 87.58 -54.12 10.82
CA MET W 26 88.73 -54.54 11.62
C MET W 26 89.53 -53.31 12.01
N ILE W 27 90.05 -53.32 13.24
CA ILE W 27 90.87 -52.25 13.76
C ILE W 27 92.32 -52.63 13.44
N HIS W 28 92.69 -52.39 12.18
CA HIS W 28 94.03 -52.65 11.67
C HIS W 28 95.11 -51.78 12.31
N HIS W 29 94.70 -50.58 12.73
CA HIS W 29 95.61 -49.54 13.22
C HIS W 29 96.01 -49.67 14.72
N LEU W 30 96.13 -50.91 15.20
CA LEU W 30 96.76 -51.18 16.49
C LEU W 30 98.26 -51.22 16.31
N ASN W 31 99.00 -50.85 17.35
CA ASN W 31 100.45 -51.01 17.39
C ASN W 31 100.99 -51.07 18.81
N LYS W 32 102.28 -51.38 18.94
CA LYS W 32 102.90 -51.56 20.24
C LYS W 32 103.11 -50.24 20.98
N CYS W 33 102.83 -50.25 22.28
CA CYS W 33 103.19 -49.13 23.15
C CYS W 33 104.68 -49.24 23.51
N PRO W 34 105.43 -48.13 23.46
CA PRO W 34 106.85 -48.17 23.77
C PRO W 34 107.18 -48.32 25.27
N SER W 35 106.28 -47.85 26.14
CA SER W 35 106.50 -47.90 27.59
C SER W 35 106.22 -49.29 28.17
N CYS W 36 105.08 -49.87 27.80
CA CYS W 36 104.78 -51.28 28.08
C CYS W 36 104.45 -51.96 26.77
N GLY W 37 105.08 -53.10 26.49
CA GLY W 37 104.96 -53.76 25.19
C GLY W 37 103.61 -54.41 24.92
N HIS W 38 102.57 -53.58 24.83
CA HIS W 38 101.19 -54.02 24.71
C HIS W 38 100.50 -53.31 23.55
N TYR W 39 99.35 -53.84 23.15
CA TYR W 39 98.56 -53.22 22.09
C TYR W 39 98.02 -51.87 22.54
N LYS W 40 98.04 -50.93 21.60
CA LYS W 40 97.38 -49.63 21.76
C LYS W 40 97.00 -49.13 20.38
N ARG W 41 96.13 -48.13 20.31
CA ARG W 41 95.77 -47.53 19.02
C ARG W 41 96.92 -46.70 18.47
N ALA W 42 96.98 -46.60 17.15
CA ALA W 42 97.98 -45.78 16.48
C ALA W 42 97.64 -44.31 16.67
N ASN W 43 98.69 -43.50 16.80
CA ASN W 43 98.57 -42.06 17.11
C ASN W 43 97.78 -41.79 18.40
N THR W 44 97.94 -42.69 19.38
CA THR W 44 97.21 -42.65 20.64
C THR W 44 98.15 -43.06 21.77
N LEU W 45 97.91 -42.52 22.96
CA LEU W 45 98.69 -42.91 24.13
C LEU W 45 98.17 -44.22 24.71
N CYS W 46 99.07 -44.96 25.34
CA CYS W 46 98.72 -46.19 26.05
C CYS W 46 97.98 -45.84 27.33
N MET W 47 96.74 -46.32 27.45
CA MET W 47 95.90 -46.05 28.62
C MET W 47 96.42 -46.63 29.94
N TYR W 48 97.27 -47.66 29.85
CA TYR W 48 97.89 -48.21 31.05
C TYR W 48 98.98 -47.28 31.59
N CYS W 49 99.90 -46.90 30.72
CA CYS W 49 101.06 -46.09 31.09
C CYS W 49 100.67 -44.69 31.57
N VAL W 50 99.74 -44.05 30.85
CA VAL W 50 99.24 -42.73 31.25
C VAL W 50 98.45 -42.80 32.56
N GLY W 51 97.71 -43.89 32.74
CA GLY W 51 96.98 -44.15 33.99
C GLY W 51 97.93 -44.31 35.17
N GLN W 52 98.99 -45.08 34.95
CA GLN W 52 100.05 -45.28 35.96
C GLN W 52 100.70 -43.95 36.36
N ILE W 53 101.00 -43.13 35.37
CA ILE W 53 101.60 -41.81 35.60
C ILE W 53 100.63 -40.88 36.36
N SER W 54 99.35 -40.95 36.03
CA SER W 54 98.31 -40.20 36.74
C SER W 54 98.21 -40.64 38.21
N HIS W 55 98.27 -41.95 38.42
CA HIS W 55 98.29 -42.53 39.77
C HIS W 55 99.50 -42.05 40.58
N ILE W 56 100.68 -42.08 39.95
CA ILE W 56 101.93 -41.58 40.54
C ILE W 56 101.77 -40.11 40.97
N TRP W 57 101.24 -39.30 40.06
CA TRP W 57 100.99 -37.88 40.33
C TRP W 57 100.07 -37.68 41.54
N LYS W 58 98.98 -38.44 41.56
CA LYS W 58 98.03 -38.42 42.68
C LYS W 58 98.70 -38.74 44.02
N THR W 59 99.52 -39.79 44.02
CA THR W 59 100.23 -40.22 45.23
C THR W 59 101.21 -39.16 45.74
N HIS W 60 101.89 -38.49 44.80
CA HIS W 60 102.82 -37.41 45.13
C HIS W 60 102.10 -36.09 45.39
N THR W 61 101.41 -35.57 44.39
CA THR W 61 100.62 -34.34 44.51
C THR W 61 99.28 -34.66 45.20
N ALA W 62 99.35 -34.84 46.52
CA ALA W 62 98.19 -35.22 47.34
C ALA W 62 97.93 -34.14 48.39
N LYS W 63 96.74 -33.56 48.34
CA LYS W 63 96.28 -32.63 49.38
C LYS W 63 95.96 -33.45 50.64
N GLU W 64 96.60 -33.09 51.75
CA GLU W 64 96.46 -33.84 53.01
C GLU W 64 95.05 -33.78 53.56
N GLU W 65 94.55 -34.94 53.99
CA GLU W 65 93.20 -35.04 54.58
C GLU W 65 93.13 -34.30 55.91
N ILE W 66 92.02 -33.58 56.11
CA ILE W 66 91.82 -32.80 57.33
C ILE W 66 91.18 -33.71 58.37
N LYS W 67 91.98 -34.08 59.37
CA LYS W 67 91.50 -34.81 60.54
C LYS W 67 91.44 -33.81 61.70
N PRO W 68 90.22 -33.44 62.16
CA PRO W 68 90.13 -32.57 63.33
C PRO W 68 90.73 -33.20 64.59
N ARG W 69 91.43 -32.38 65.38
CA ARG W 69 92.10 -32.85 66.59
C ARG W 69 91.15 -33.52 67.58
N GLN W 70 90.08 -32.79 67.93
CA GLN W 70 89.12 -33.25 68.93
C GLN W 70 88.47 -34.61 68.63
N GLU W 71 88.21 -34.88 67.35
CA GLU W 71 87.68 -36.18 66.92
C GLU W 71 88.75 -37.27 66.84
N GLU W 72 89.98 -36.88 66.52
CA GLU W 72 91.12 -37.81 66.51
C GLU W 72 91.49 -38.31 67.90
N GLU W 73 91.32 -37.45 68.92
CA GLU W 73 91.67 -37.80 70.32
C GLU W 73 90.47 -38.16 71.20
N LEU W 74 89.35 -38.57 70.60
CA LEU W 74 88.21 -39.11 71.36
C LEU W 74 88.54 -40.52 71.86
N SER W 75 87.99 -40.88 73.02
CA SER W 75 87.99 -42.26 73.48
C SER W 75 86.99 -43.06 72.64
N GLU W 76 87.15 -44.37 72.62
CA GLU W 76 86.30 -45.25 71.80
C GLU W 76 84.85 -45.25 72.27
N LEU W 77 84.69 -45.44 73.58
CA LEU W 77 83.39 -45.38 74.25
C LEU W 77 82.70 -44.04 74.01
N ASP W 78 83.45 -42.97 74.24
CA ASP W 78 82.98 -41.59 74.04
C ASP W 78 82.51 -41.35 72.61
N GLN W 79 83.29 -41.86 71.65
CA GLN W 79 82.97 -41.76 70.22
C GLN W 79 81.68 -42.50 69.88
N ARG W 80 81.52 -43.69 70.44
CA ARG W 80 80.31 -44.51 70.30
C ARG W 80 79.07 -43.81 70.85
N VAL W 81 79.22 -43.20 72.03
CA VAL W 81 78.16 -42.40 72.67
C VAL W 81 77.72 -41.24 71.76
N LEU W 82 78.70 -40.51 71.24
CA LEU W 82 78.44 -39.33 70.42
C LEU W 82 77.87 -39.64 69.06
N TYR W 83 78.56 -40.53 68.34
CA TYR W 83 78.26 -40.82 66.94
C TYR W 83 77.89 -42.30 66.79
N PRO W 84 76.66 -42.68 67.19
CA PRO W 84 76.23 -44.08 67.05
C PRO W 84 75.96 -44.49 65.61
N GLY W 85 75.84 -45.80 65.41
CA GLY W 85 75.57 -46.38 64.09
C GLY W 85 74.14 -46.15 63.63
N ARG W 86 73.86 -46.56 62.40
CA ARG W 86 72.54 -46.40 61.80
C ARG W 86 72.29 -47.42 60.70
N ARG W 87 71.02 -47.71 60.44
CA ARG W 87 70.63 -48.51 59.29
C ARG W 87 70.64 -47.62 58.06
N ASP W 88 71.43 -48.00 57.06
CA ASP W 88 71.42 -47.32 55.77
C ASP W 88 70.21 -47.75 54.97
N THR W 89 69.73 -46.87 54.09
CA THR W 89 68.59 -47.17 53.22
C THR W 89 69.00 -48.16 52.12
N LYS W 90 68.01 -48.72 51.44
CA LYS W 90 68.26 -49.62 50.30
C LYS W 90 69.06 -48.90 49.22
N TYR W 91 68.64 -47.69 48.90
CA TYR W 91 69.32 -46.84 47.93
C TYR W 91 70.78 -46.60 48.31
N THR W 92 71.00 -46.24 49.57
CA THR W 92 72.35 -46.01 50.10
C THR W 92 73.23 -47.26 49.95
N LYS W 93 72.68 -48.41 50.34
CA LYS W 93 73.36 -49.71 50.19
C LYS W 93 73.75 -49.99 48.75
N ASP W 94 72.80 -49.76 47.83
CA ASP W 94 73.04 -49.92 46.39
C ASP W 94 74.16 -49.01 45.89
N LEU W 95 74.14 -47.76 46.35
CA LEU W 95 75.18 -46.77 46.03
C LEU W 95 76.55 -47.23 46.52
N LYS W 96 76.58 -47.80 47.72
CA LYS W 96 77.81 -48.29 48.35
C LYS W 96 78.47 -49.42 47.56
N ASP W 97 77.68 -50.39 47.09
CA ASP W 97 78.23 -51.46 46.21
C ASP W 97 78.54 -50.91 44.81
N LYS W 98 79.68 -50.24 44.70
CA LYS W 98 80.12 -49.60 43.45
C LYS W 98 80.58 -50.64 42.42
N ASP W 99 81.24 -51.70 42.88
CA ASP W 99 81.71 -52.78 42.00
C ASP W 99 80.58 -53.45 41.19
N ASN W 100 79.34 -53.36 41.69
CA ASN W 100 78.15 -53.77 40.94
C ASN W 100 77.94 -53.00 39.63
N TYR W 101 78.16 -51.68 39.64
CA TYR W 101 77.81 -50.80 38.52
C TYR W 101 78.92 -49.89 37.97
N LEU W 102 80.17 -50.10 38.40
CA LEU W 102 81.28 -49.22 38.02
C LEU W 102 82.38 -50.05 37.35
N GLU W 103 82.73 -49.67 36.11
CA GLU W 103 83.64 -50.45 35.27
C GLU W 103 85.09 -49.97 35.37
N ARG W 104 85.96 -50.85 35.86
CA ARG W 104 87.40 -50.60 35.92
C ARG W 104 88.01 -50.96 34.56
N ARG W 105 89.08 -50.25 34.19
CA ARG W 105 89.69 -50.38 32.86
C ARG W 105 90.44 -51.70 32.71
N VAL W 106 90.22 -52.39 31.58
CA VAL W 106 90.89 -53.67 31.28
C VAL W 106 92.25 -53.43 30.63
N ARG W 107 93.17 -54.36 30.89
CA ARG W 107 94.50 -54.35 30.30
C ARG W 107 94.46 -55.04 28.93
N THR W 108 95.20 -54.49 27.98
CA THR W 108 95.28 -55.05 26.63
C THR W 108 96.22 -56.27 26.59
N LEU W 109 96.24 -56.96 25.46
CA LEU W 109 97.14 -58.10 25.25
C LEU W 109 98.56 -57.63 24.93
N LYS W 110 99.53 -58.46 25.27
CA LYS W 110 100.94 -58.17 24.99
C LYS W 110 101.23 -58.42 23.51
N LYS W 111 101.86 -57.45 22.86
CA LYS W 111 102.16 -57.51 21.42
C LYS W 111 103.31 -58.48 21.14
N ASP W 112 103.26 -59.11 19.96
CA ASP W 112 104.30 -60.03 19.49
C ASP W 112 105.10 -59.41 18.35
N SER X 1 -27.85 -44.70 -3.79
CA SER X 1 -28.33 -46.07 -4.14
C SER X 1 -29.39 -46.04 -5.24
N LYS X 2 -29.06 -46.59 -6.40
CA LYS X 2 -29.97 -46.64 -7.57
C LYS X 2 -30.73 -47.95 -7.64
N ASN X 3 -30.03 -49.07 -7.46
CA ASN X 3 -30.63 -50.40 -7.45
C ASN X 3 -30.60 -51.03 -6.05
N SER X 4 -31.78 -51.28 -5.50
CA SER X 4 -31.91 -51.89 -4.16
C SER X 4 -32.20 -53.38 -4.25
N VAL X 5 -31.91 -54.08 -3.15
CA VAL X 5 -32.18 -55.51 -2.99
C VAL X 5 -33.54 -55.70 -2.31
N ILE X 6 -34.23 -56.77 -2.67
CA ILE X 6 -35.50 -57.15 -2.04
C ILE X 6 -35.59 -58.66 -1.82
N LYS X 7 -36.50 -59.05 -0.92
CA LYS X 7 -36.76 -60.44 -0.60
C LYS X 7 -38.13 -60.85 -1.12
N LEU X 8 -38.15 -61.77 -2.08
CA LEU X 8 -39.39 -62.37 -2.58
C LEU X 8 -39.68 -63.63 -1.78
N LEU X 9 -40.81 -63.62 -1.06
CA LEU X 9 -41.22 -64.73 -0.21
C LEU X 9 -42.27 -65.57 -0.93
N SER X 10 -42.10 -66.89 -0.89
CA SER X 10 -43.02 -67.82 -1.56
C SER X 10 -44.45 -67.69 -1.05
N THR X 11 -45.41 -67.81 -1.96
CA THR X 11 -46.82 -67.67 -1.63
C THR X 11 -47.37 -68.95 -1.00
N ALA X 12 -46.96 -70.11 -1.53
CA ALA X 12 -47.14 -71.38 -0.84
C ALA X 12 -46.28 -71.31 0.42
N ALA X 13 -46.91 -71.33 1.58
CA ALA X 13 -46.27 -70.97 2.85
C ALA X 13 -45.30 -72.04 3.34
N SER X 14 -44.20 -72.19 2.61
CA SER X 14 -43.12 -73.09 2.94
C SER X 14 -42.15 -72.38 3.89
N GLY X 15 -41.87 -71.11 3.59
CA GLY X 15 -40.79 -70.36 4.24
C GLY X 15 -39.67 -70.07 3.25
N TYR X 16 -39.60 -70.87 2.18
CA TYR X 16 -38.68 -70.64 1.08
C TYR X 16 -38.85 -69.24 0.48
N SER X 17 -37.74 -68.62 0.12
CA SER X 17 -37.72 -67.25 -0.38
C SER X 17 -36.49 -67.03 -1.25
N ARG X 18 -36.65 -66.22 -2.29
CA ARG X 18 -35.56 -65.89 -3.21
C ARG X 18 -35.38 -64.37 -3.23
N TYR X 19 -34.14 -63.93 -3.35
CA TYR X 19 -33.80 -62.52 -3.31
C TYR X 19 -33.41 -62.03 -4.70
N ILE X 20 -33.90 -60.85 -5.07
CA ILE X 20 -33.55 -60.22 -6.35
C ILE X 20 -33.35 -58.72 -6.18
N SER X 21 -32.74 -58.12 -7.20
CA SER X 21 -32.45 -56.67 -7.23
C SER X 21 -33.42 -55.95 -8.15
N ILE X 22 -33.82 -54.74 -7.76
CA ILE X 22 -34.67 -53.87 -8.60
C ILE X 22 -34.27 -52.41 -8.45
N LYS X 23 -34.70 -51.59 -9.40
CA LYS X 23 -34.58 -50.13 -9.31
C LYS X 23 -35.43 -49.61 -8.16
N LYS X 24 -35.01 -48.49 -7.57
CA LYS X 24 -35.62 -47.96 -6.33
C LYS X 24 -37.14 -47.76 -6.39
N GLY X 25 -37.62 -47.22 -7.51
CA GLY X 25 -39.05 -46.97 -7.71
C GLY X 25 -39.70 -47.88 -8.74
N ALA X 26 -39.25 -49.14 -8.79
CA ALA X 26 -39.79 -50.10 -9.76
C ALA X 26 -41.14 -50.62 -9.27
N PRO X 27 -42.02 -51.06 -10.21
CA PRO X 27 -43.28 -51.73 -9.83
C PRO X 27 -43.08 -52.93 -8.92
N LEU X 28 -44.14 -53.32 -8.20
CA LEU X 28 -44.08 -54.50 -7.33
C LEU X 28 -43.75 -55.74 -8.15
N VAL X 29 -42.68 -56.43 -7.75
CA VAL X 29 -42.12 -57.52 -8.54
C VAL X 29 -42.58 -58.84 -7.93
N THR X 30 -43.56 -59.45 -8.61
CA THR X 30 -44.02 -60.79 -8.35
C THR X 30 -43.56 -61.66 -9.51
N GLN X 31 -43.07 -62.86 -9.20
CA GLN X 31 -42.62 -63.81 -10.21
C GLN X 31 -42.93 -65.24 -9.79
N VAL X 32 -43.16 -66.10 -10.76
CA VAL X 32 -43.47 -67.52 -10.51
C VAL X 32 -42.18 -68.31 -10.74
N ARG X 33 -41.71 -68.96 -9.68
CA ARG X 33 -40.50 -69.77 -9.71
C ARG X 33 -40.74 -71.05 -8.92
N TYR X 34 -39.78 -71.96 -9.02
CA TYR X 34 -39.86 -73.25 -8.34
C TYR X 34 -39.64 -73.09 -6.83
N ASP X 35 -40.59 -73.61 -6.05
CA ASP X 35 -40.44 -73.74 -4.61
C ASP X 35 -40.05 -75.20 -4.32
N PRO X 36 -38.80 -75.46 -3.88
CA PRO X 36 -38.36 -76.84 -3.64
C PRO X 36 -38.98 -77.56 -2.44
N VAL X 37 -39.55 -76.81 -1.50
CA VAL X 37 -40.22 -77.39 -0.34
C VAL X 37 -41.52 -78.04 -0.79
N VAL X 38 -42.25 -77.33 -1.65
CA VAL X 38 -43.54 -77.77 -2.18
C VAL X 38 -43.35 -78.63 -3.45
N LYS X 39 -42.22 -78.44 -4.13
CA LYS X 39 -41.85 -79.15 -5.37
C LYS X 39 -42.77 -78.77 -6.53
N ARG X 40 -42.98 -77.47 -6.71
CA ARG X 40 -43.77 -76.94 -7.82
C ARG X 40 -43.49 -75.46 -8.02
N HIS X 41 -43.97 -74.93 -9.14
CA HIS X 41 -43.89 -73.51 -9.42
C HIS X 41 -45.02 -72.78 -8.69
N VAL X 42 -44.63 -71.80 -7.88
CA VAL X 42 -45.57 -71.00 -7.08
C VAL X 42 -45.25 -69.53 -7.29
N LEU X 43 -46.19 -68.68 -6.90
CA LEU X 43 -45.98 -67.24 -6.92
C LEU X 43 -45.04 -66.84 -5.80
N PHE X 44 -44.15 -65.88 -6.09
CA PHE X 44 -43.37 -65.19 -5.08
C PHE X 44 -43.81 -63.73 -5.04
N LYS X 45 -43.84 -63.16 -3.84
CA LYS X 45 -44.24 -61.76 -3.64
C LYS X 45 -43.30 -61.09 -2.65
N GLU X 46 -43.22 -59.77 -2.73
CA GLU X 46 -42.33 -59.00 -1.85
C GLU X 46 -42.84 -59.03 -0.41
N ALA X 47 -41.98 -59.47 0.51
CA ALA X 47 -42.31 -59.59 1.93
C ALA X 47 -42.44 -58.22 2.60
N LYS X 48 -41.47 -57.35 2.32
CA LYS X 48 -41.46 -55.98 2.87
C LYS X 48 -42.33 -55.06 2.02
N LYS X 49 -42.59 -53.87 2.54
CA LYS X 49 -43.27 -52.80 1.80
C LYS X 49 -42.29 -51.70 1.42
N ARG X 50 -42.59 -51.03 0.31
CA ARG X 50 -41.75 -49.94 -0.19
C ARG X 50 -42.51 -49.06 -1.16
N LYS X 51 -42.03 -47.84 -1.33
CA LYS X 51 -42.67 -46.85 -2.18
C LYS X 51 -42.34 -47.09 -3.65
N VAL X 52 -43.29 -46.73 -4.51
CA VAL X 52 -43.23 -47.04 -5.94
C VAL X 52 -43.48 -45.76 -6.74
N ALA X 53 -42.82 -45.66 -7.89
CA ALA X 53 -43.07 -44.57 -8.84
C ALA X 53 -44.46 -44.76 -9.45
N GLU X 54 -45.40 -43.93 -9.01
CA GLU X 54 -46.81 -44.10 -9.36
C GLU X 54 -47.07 -43.73 -10.83
N ARG X 55 -47.27 -44.76 -11.66
CA ARG X 55 -47.68 -44.57 -13.05
C ARG X 55 -49.19 -44.36 -13.11
N LYS X 56 -49.62 -43.54 -14.07
CA LYS X 56 -51.04 -43.32 -14.29
C LYS X 56 -51.64 -44.58 -14.94
N PRO X 57 -52.70 -45.15 -14.33
CA PRO X 57 -53.28 -46.38 -14.89
C PRO X 57 -53.97 -46.12 -16.23
N LEU X 58 -53.31 -46.56 -17.30
CA LEU X 58 -53.78 -46.33 -18.68
C LEU X 58 -55.21 -46.83 -18.90
N ASP X 59 -56.07 -45.94 -19.36
CA ASP X 59 -57.52 -46.21 -19.44
C ASP X 59 -57.90 -46.72 -20.82
N PHE X 60 -58.41 -47.95 -20.85
CA PHE X 60 -58.90 -48.58 -22.08
C PHE X 60 -60.35 -48.16 -22.35
N LEU X 61 -61.08 -47.91 -21.26
CA LEU X 61 -62.42 -47.34 -21.34
C LEU X 61 -62.26 -45.88 -21.73
N ARG X 62 -62.85 -45.49 -22.86
CA ARG X 62 -62.58 -44.18 -23.45
C ARG X 62 -63.26 -43.09 -22.61
N THR X 63 -62.46 -42.36 -21.83
CA THR X 63 -62.98 -41.40 -20.86
C THR X 63 -63.28 -40.04 -21.50
N ALA X 64 -64.39 -39.44 -21.07
CA ALA X 64 -64.83 -38.10 -21.53
C ALA X 64 -65.03 -38.00 -23.04
N LYS Y 1 41.49 -25.43 28.40
CA LYS Y 1 41.05 -26.24 29.58
C LYS Y 1 41.35 -27.73 29.38
N SER Y 2 42.43 -28.19 30.02
CA SER Y 2 42.87 -29.58 29.92
C SER Y 2 42.14 -30.44 30.96
N ARG Y 3 41.68 -31.62 30.53
CA ARG Y 3 40.89 -32.53 31.36
C ARG Y 3 41.80 -33.62 31.91
N GLY Y 4 41.20 -34.66 32.52
CA GLY Y 4 41.95 -35.82 33.02
C GLY Y 4 42.07 -35.84 34.54
N ASN Y 5 42.24 -34.65 35.14
CA ASN Y 5 42.41 -34.51 36.59
C ASN Y 5 41.07 -34.30 37.35
N THR Y 6 40.09 -35.13 37.02
CA THR Y 6 38.75 -35.04 37.64
C THR Y 6 38.75 -35.49 39.12
N TYR Y 7 39.62 -36.44 39.45
CA TYR Y 7 39.84 -36.83 40.84
C TYR Y 7 40.68 -35.74 41.52
N GLN Y 8 40.18 -35.23 42.65
CA GLN Y 8 40.88 -34.21 43.43
C GLN Y 8 40.77 -34.57 44.91
N PRO Y 9 41.73 -35.36 45.43
CA PRO Y 9 41.55 -35.98 46.74
C PRO Y 9 41.46 -35.01 47.91
N SER Y 10 40.71 -35.45 48.93
CA SER Y 10 40.47 -34.70 50.15
C SER Y 10 39.84 -35.71 51.11
N THR Y 11 40.66 -36.25 52.01
CA THR Y 11 40.31 -37.43 52.82
C THR Y 11 38.94 -37.31 53.48
N LEU Y 12 38.70 -36.17 54.09
CA LEU Y 12 37.45 -35.87 54.80
C LEU Y 12 36.21 -36.11 53.94
N LYS Y 13 36.22 -35.54 52.74
CA LYS Y 13 35.11 -35.67 51.79
C LYS Y 13 34.87 -37.12 51.39
N ARG Y 14 35.97 -37.82 51.07
CA ARG Y 14 35.95 -39.24 50.74
C ARG Y 14 35.30 -40.09 51.82
N LYS Y 15 35.68 -39.82 53.08
CA LYS Y 15 35.15 -40.56 54.22
C LYS Y 15 33.66 -40.27 54.45
N ARG Y 16 33.27 -39.00 54.29
CA ARG Y 16 31.85 -38.60 54.33
C ARG Y 16 31.00 -39.36 53.30
N THR Y 17 31.49 -39.41 52.07
CA THR Y 17 30.71 -39.93 50.94
C THR Y 17 30.80 -41.45 50.84
N PHE Y 18 32.03 -41.96 50.82
CA PHE Y 18 32.30 -43.37 50.52
C PHE Y 18 32.85 -44.18 51.70
N GLY Y 19 32.87 -43.59 52.89
CA GLY Y 19 33.33 -44.29 54.08
C GLY Y 19 32.33 -45.32 54.56
N PHE Y 20 32.84 -46.28 55.33
CA PHE Y 20 32.05 -47.41 55.86
C PHE Y 20 30.81 -46.96 56.64
N LEU Y 21 31.01 -46.01 57.55
CA LEU Y 21 29.93 -45.55 58.42
C LEU Y 21 28.80 -44.84 57.69
N ALA Y 22 29.16 -44.10 56.63
CA ALA Y 22 28.17 -43.48 55.74
C ALA Y 22 27.29 -44.54 55.08
N ARG Y 23 27.93 -45.61 54.60
CA ARG Y 23 27.22 -46.74 54.02
C ARG Y 23 26.30 -47.38 55.07
N ALA Y 24 26.87 -47.67 56.23
CA ALA Y 24 26.12 -48.26 57.35
C ALA Y 24 24.88 -47.46 57.72
N LYS Y 25 25.02 -46.14 57.79
CA LYS Y 25 23.96 -45.25 58.27
C LYS Y 25 22.76 -45.17 57.35
N SER Y 26 23.01 -45.10 56.04
CA SER Y 26 21.93 -45.14 55.05
C SER Y 26 21.44 -46.58 54.88
N LYS Y 27 20.16 -46.71 54.51
CA LYS Y 27 19.59 -48.01 54.17
C LYS Y 27 20.23 -48.54 52.88
N GLN Y 28 20.32 -47.66 51.90
CA GLN Y 28 20.90 -47.98 50.58
C GLN Y 28 22.36 -48.41 50.72
N GLY Y 29 23.11 -47.67 51.52
CA GLY Y 29 24.50 -48.00 51.81
C GLY Y 29 24.67 -49.33 52.53
N SER Y 30 23.76 -49.62 53.46
CA SER Y 30 23.73 -50.91 54.16
C SER Y 30 23.49 -52.07 53.20
N LYS Y 31 22.61 -51.84 52.23
CA LYS Y 31 22.29 -52.82 51.18
C LYS Y 31 23.50 -53.08 50.30
N ILE Y 32 24.22 -52.01 49.94
CA ILE Y 32 25.48 -52.09 49.17
C ILE Y 32 26.49 -52.95 49.90
N LEU Y 33 26.72 -52.61 51.18
CA LEU Y 33 27.65 -53.34 52.05
C LEU Y 33 27.35 -54.83 52.10
N LYS Y 34 26.07 -55.16 52.29
CA LYS Y 34 25.58 -56.54 52.29
C LYS Y 34 25.90 -57.24 50.99
N ARG Y 35 25.63 -56.56 49.87
CA ARG Y 35 25.90 -57.06 48.52
C ARG Y 35 27.39 -57.37 48.31
N ARG Y 36 28.24 -56.45 48.78
CA ARG Y 36 29.70 -56.63 48.72
C ARG Y 36 30.17 -57.81 49.58
N LYS Y 37 29.59 -57.94 50.76
CA LYS Y 37 29.85 -59.09 51.65
C LYS Y 37 29.50 -60.42 50.99
N LEU Y 38 28.32 -60.45 50.36
CA LEU Y 38 27.85 -61.62 49.62
C LEU Y 38 28.79 -62.01 48.48
N LYS Y 39 29.22 -61.01 47.73
CA LYS Y 39 30.21 -61.21 46.67
C LYS Y 39 31.50 -61.84 47.20
N GLY Y 40 31.92 -61.38 48.38
CA GLY Y 40 33.16 -61.83 49.03
C GLY Y 40 34.21 -60.74 49.23
N ARG Y 41 33.83 -59.49 49.00
CA ARG Y 41 34.76 -58.34 49.00
C ARG Y 41 35.58 -58.23 50.29
N TRP Y 42 36.88 -57.98 50.13
CA TRP Y 42 37.77 -57.73 51.25
C TRP Y 42 37.58 -56.31 51.79
N PHE Y 43 37.36 -55.36 50.88
CA PHE Y 43 37.25 -53.93 51.22
C PHE Y 43 35.86 -53.44 50.85
N LEU Y 44 35.03 -53.23 51.87
CA LEU Y 44 33.63 -52.88 51.69
C LEU Y 44 33.42 -51.39 51.45
N SER Y 45 34.30 -50.56 52.00
CA SER Y 45 34.19 -49.10 51.88
C SER Y 45 35.52 -48.41 52.12
N HIS Y 46 35.58 -47.12 51.80
CA HIS Y 46 36.77 -46.30 52.05
C HIS Y 46 36.89 -45.97 53.54
N LEU Z 1 4.96 -79.41 24.40
CA LEU Z 1 4.50 -80.20 23.21
C LEU Z 1 3.91 -79.32 22.11
N MET Z 2 3.61 -79.95 20.97
CA MET Z 2 3.08 -79.27 19.79
C MET Z 2 1.58 -79.10 20.01
N LYS Z 3 0.97 -78.12 19.36
CA LYS Z 3 -0.49 -77.92 19.48
C LYS Z 3 -1.14 -77.50 18.17
N THR Z 4 -2.44 -77.78 18.08
CA THR Z 4 -3.21 -77.55 16.86
C THR Z 4 -3.44 -76.07 16.64
N HIS Z 5 -3.42 -75.67 15.38
CA HIS Z 5 -3.76 -74.32 14.98
C HIS Z 5 -5.28 -74.24 14.97
N LYS Z 6 -5.84 -73.48 15.91
CA LYS Z 6 -7.29 -73.53 16.16
C LYS Z 6 -8.11 -72.95 15.03
N GLY Z 7 -7.62 -71.87 14.42
CA GLY Z 7 -8.24 -71.30 13.22
C GLY Z 7 -8.30 -72.31 12.08
N THR Z 8 -7.19 -73.02 11.88
CA THR Z 8 -7.07 -74.05 10.84
C THR Z 8 -8.02 -75.21 11.13
N ALA Z 9 -8.11 -75.62 12.38
CA ALA Z 9 -9.05 -76.66 12.83
C ALA Z 9 -10.51 -76.27 12.56
N LYS Z 10 -10.82 -75.02 12.81
CA LYS Z 10 -12.15 -74.46 12.52
C LYS Z 10 -12.46 -74.47 11.02
N ARG Z 11 -11.46 -74.12 10.21
CA ARG Z 11 -11.61 -74.10 8.75
C ARG Z 11 -11.62 -75.51 8.15
N TRP Z 12 -10.70 -76.35 8.59
CA TRP Z 12 -10.44 -77.67 7.99
C TRP Z 12 -10.85 -78.84 8.89
N ARG Z 13 -11.49 -79.85 8.31
CA ARG Z 13 -11.82 -81.10 9.00
C ARG Z 13 -11.25 -82.29 8.24
N ARG Z 14 -10.97 -83.37 8.97
CA ARG Z 14 -10.32 -84.56 8.40
C ARG Z 14 -11.28 -85.37 7.52
N THR Z 15 -10.75 -85.94 6.43
CA THR Z 15 -11.48 -86.87 5.57
C THR Z 15 -10.55 -87.99 5.10
N GLY Z 16 -10.37 -88.99 5.97
CA GLY Z 16 -9.47 -90.10 5.69
C GLY Z 16 -8.01 -89.66 5.75
N ASN Z 17 -7.39 -89.52 4.58
CA ASN Z 17 -6.00 -89.06 4.45
C ASN Z 17 -5.91 -87.70 3.76
N THR Z 18 -6.93 -86.88 3.95
CA THR Z 18 -7.02 -85.53 3.37
C THR Z 18 -7.79 -84.63 4.34
N PHE Z 19 -7.92 -83.35 3.98
CA PHE Z 19 -8.75 -82.41 4.73
C PHE Z 19 -9.80 -81.79 3.82
N LYS Z 20 -11.02 -81.64 4.33
CA LYS Z 20 -12.11 -80.97 3.61
C LYS Z 20 -12.29 -79.54 4.15
N ARG Z 21 -12.75 -78.66 3.27
CA ARG Z 21 -12.96 -77.25 3.62
C ARG Z 21 -14.16 -76.64 2.89
N GLY Z 22 -14.69 -75.55 3.44
CA GLY Z 22 -15.73 -74.77 2.79
C GLY Z 22 -15.18 -73.93 1.65
N ILE Z 23 -16.06 -73.49 0.77
CA ILE Z 23 -15.67 -72.69 -0.40
C ILE Z 23 -15.70 -71.21 -0.01
N ALA Z 24 -14.84 -70.42 -0.64
CA ALA Z 24 -14.80 -68.98 -0.45
C ALA Z 24 -15.62 -68.26 -1.54
N GLY Z 25 -16.32 -67.21 -1.15
CA GLY Z 25 -17.04 -66.32 -2.07
C GLY Z 25 -18.52 -66.61 -2.18
N ARG Z 26 -19.17 -66.79 -1.02
CA ARG Z 26 -20.61 -67.09 -0.95
C ARG Z 26 -21.19 -66.61 0.39
N LYS Z 27 -20.77 -65.42 0.81
CA LYS Z 27 -21.23 -64.81 2.07
C LYS Z 27 -21.99 -63.50 1.89
N HIS Z 28 -21.66 -62.73 0.86
CA HIS Z 28 -22.48 -61.59 0.43
C HIS Z 28 -22.19 -61.25 -1.03
N GLY Z 29 -23.01 -60.37 -1.60
CA GLY Z 29 -22.91 -60.00 -3.02
C GLY Z 29 -23.29 -61.13 -3.98
N ASN Z 30 -24.15 -62.03 -3.52
CA ASN Z 30 -24.60 -63.17 -4.31
C ASN Z 30 -25.68 -62.83 -5.35
N ILE Z 31 -26.49 -61.81 -5.07
CA ILE Z 31 -27.55 -61.36 -5.99
C ILE Z 31 -26.94 -60.78 -7.26
N GLY Z 32 -27.59 -61.06 -8.40
CA GLY Z 32 -27.08 -60.66 -9.71
C GLY Z 32 -26.42 -61.81 -10.46
N TRP Z 33 -25.70 -62.64 -9.73
CA TRP Z 33 -25.05 -63.83 -10.29
C TRP Z 33 -26.09 -64.91 -10.58
N SER Z 34 -25.75 -65.82 -11.49
CA SER Z 34 -26.60 -66.97 -11.79
C SER Z 34 -26.57 -67.96 -10.64
N HIS Z 35 -27.75 -68.48 -10.29
CA HIS Z 35 -27.91 -69.38 -9.14
C HIS Z 35 -27.27 -70.75 -9.39
N ARG Z 36 -27.46 -71.26 -10.60
CA ARG Z 36 -26.82 -72.49 -11.08
C ARG Z 36 -25.29 -72.40 -10.99
N SER Z 37 -24.74 -71.27 -11.44
CA SER Z 37 -23.30 -70.99 -11.36
C SER Z 37 -22.82 -70.95 -9.92
N LEU Z 38 -23.59 -70.28 -9.06
CA LEU Z 38 -23.33 -70.19 -7.62
C LEU Z 38 -23.35 -71.53 -6.90
N LYS Z 39 -24.20 -72.45 -7.34
CA LYS Z 39 -24.30 -73.79 -6.76
C LYS Z 39 -22.98 -74.58 -6.76
N ALA Z 40 -22.05 -74.22 -7.64
CA ALA Z 40 -20.67 -74.71 -7.58
C ALA Z 40 -19.98 -74.43 -6.23
N LEU Z 41 -20.26 -73.27 -5.64
CA LEU Z 41 -19.60 -72.81 -4.41
C LEU Z 41 -20.28 -73.20 -3.09
N THR Z 42 -21.42 -73.91 -3.15
CA THR Z 42 -22.20 -74.20 -1.93
C THR Z 42 -21.58 -75.29 -1.03
N GLY Z 43 -20.95 -76.30 -1.63
CA GLY Z 43 -20.54 -77.51 -0.93
C GLY Z 43 -19.21 -77.42 -0.19
N ARG Z 44 -18.50 -78.55 -0.16
CA ARG Z 44 -17.17 -78.67 0.44
C ARG Z 44 -16.12 -78.89 -0.66
N LYS Z 45 -14.86 -78.93 -0.25
CA LYS Z 45 -13.74 -79.13 -1.18
C LYS Z 45 -12.57 -79.82 -0.47
N ILE Z 46 -11.95 -80.78 -1.15
CA ILE Z 46 -10.80 -81.50 -0.60
C ILE Z 46 -9.56 -80.60 -0.76
N ALA Z 47 -8.62 -80.73 0.16
CA ALA Z 47 -7.39 -79.93 0.17
C ALA Z 47 -6.57 -80.19 -1.09
N HIS Z 48 -6.01 -79.14 -1.65
CA HIS Z 48 -5.12 -79.24 -2.80
C HIS Z 48 -3.77 -79.81 -2.30
N PRO Z 49 -3.13 -80.71 -3.07
CA PRO Z 49 -1.88 -81.33 -2.61
C PRO Z 49 -0.69 -80.38 -2.34
N ALA Z 50 -0.70 -79.20 -2.97
CA ALA Z 50 0.27 -78.13 -2.72
C ALA Z 50 0.43 -77.77 -1.24
N TYR Z 51 -0.70 -77.57 -0.56
CA TYR Z 51 -0.73 -77.14 0.85
C TYR Z 51 -1.06 -78.26 1.86
N SER Z 52 -1.02 -79.52 1.40
CA SER Z 52 -1.31 -80.67 2.26
C SER Z 52 -0.32 -80.79 3.42
N LYS Z 53 0.95 -80.64 3.08
CA LYS Z 53 2.06 -80.62 4.04
C LYS Z 53 1.91 -79.52 5.10
N HIS Z 54 1.58 -78.33 4.64
CA HIS Z 54 1.28 -77.18 5.51
C HIS Z 54 0.14 -77.49 6.49
N LEU Z 55 -0.95 -78.05 5.95
CA LEU Z 55 -2.11 -78.46 6.75
C LEU Z 55 -1.77 -79.48 7.82
N LYS Z 56 -0.98 -80.48 7.44
CA LYS Z 56 -0.47 -81.49 8.37
C LYS Z 56 0.33 -80.87 9.53
N ARG Z 57 1.20 -79.93 9.19
CA ARG Z 57 2.01 -79.21 10.18
C ARG Z 57 1.19 -78.33 11.11
N LEU Z 58 0.16 -77.71 10.56
CA LEU Z 58 -0.81 -76.92 11.33
C LEU Z 58 -1.62 -77.77 12.31
N LEU Z 59 -2.04 -78.95 11.84
CA LEU Z 59 -2.87 -79.89 12.59
C LEU Z 59 -2.09 -81.17 12.87
N PRO Z 60 -1.22 -81.17 13.92
CA PRO Z 60 -0.39 -82.36 14.14
C PRO Z 60 -1.16 -83.59 14.65
N TYR Z 61 -2.31 -83.37 15.30
CA TYR Z 61 -3.10 -84.44 15.90
C TYR Z 61 -4.36 -84.75 15.08
N HIS Z 62 -4.17 -84.88 13.77
CA HIS Z 62 -5.27 -85.17 12.83
C HIS Z 62 -4.79 -86.18 11.79
N PHE AA 1 47.47 -21.78 -53.32
CA PHE AA 1 47.00 -23.20 -53.29
C PHE AA 1 45.74 -23.38 -52.45
N LYS AA 2 44.73 -24.01 -53.04
CA LYS AA 2 43.55 -24.47 -52.31
C LYS AA 2 43.72 -25.95 -52.00
N VAL AA 3 44.08 -26.25 -50.75
CA VAL AA 3 44.28 -27.62 -50.30
C VAL AA 3 42.93 -28.18 -49.90
N ARG AA 4 42.49 -29.23 -50.58
CA ARG AA 4 41.14 -29.79 -50.41
C ARG AA 4 41.08 -31.25 -50.86
N THR AA 5 40.01 -31.92 -50.42
CA THR AA 5 39.79 -33.33 -50.78
C THR AA 5 39.39 -33.45 -52.25
N SER AA 6 38.40 -32.65 -52.65
CA SER AA 6 37.96 -32.56 -54.05
C SER AA 6 38.91 -31.65 -54.82
N VAL AA 7 39.37 -32.11 -55.98
CA VAL AA 7 40.33 -31.38 -56.82
C VAL AA 7 39.92 -31.49 -58.29
N LYS AA 8 39.03 -30.60 -58.73
CA LYS AA 8 38.59 -30.53 -60.13
C LYS AA 8 39.31 -29.41 -60.87
N LYS AA 9 39.58 -29.62 -62.16
CA LYS AA 9 40.16 -28.58 -63.00
C LYS AA 9 39.06 -27.61 -63.47
N PHE AA 10 39.28 -26.32 -63.25
CA PHE AA 10 38.25 -25.30 -63.48
C PHE AA 10 38.17 -24.89 -64.94
N CYS AA 11 39.24 -24.29 -65.46
CA CYS AA 11 39.29 -23.80 -66.84
C CYS AA 11 40.04 -24.78 -67.74
N SER AA 12 40.08 -24.46 -69.03
CA SER AA 12 40.84 -25.24 -70.01
C SER AA 12 42.35 -25.17 -69.78
N ASP AA 13 42.83 -24.03 -69.29
CA ASP AA 13 44.26 -23.83 -69.02
C ASP AA 13 44.78 -24.54 -67.76
N CYS AA 14 43.87 -25.03 -66.90
CA CYS AA 14 44.25 -25.89 -65.78
C CYS AA 14 44.80 -27.22 -66.30
N TYR AA 15 45.78 -27.78 -65.58
CA TYR AA 15 46.32 -29.10 -65.88
C TYR AA 15 46.65 -29.86 -64.60
N LEU AA 16 46.31 -31.15 -64.60
CA LEU AA 16 46.47 -32.01 -63.44
C LEU AA 16 47.86 -32.64 -63.47
N VAL AA 17 48.50 -32.70 -62.30
CA VAL AA 17 49.82 -33.30 -62.15
C VAL AA 17 49.82 -34.24 -60.95
N ARG AA 18 50.60 -35.32 -61.04
CA ARG AA 18 50.70 -36.31 -59.98
C ARG AA 18 52.15 -36.36 -59.46
N ARG AA 19 52.39 -35.65 -58.35
CA ARG AA 19 53.71 -35.60 -57.71
C ARG AA 19 53.62 -35.89 -56.23
N LYS AA 20 54.68 -36.48 -55.68
CA LYS AA 20 54.82 -36.73 -54.24
C LYS AA 20 53.66 -37.50 -53.60
N GLY AA 21 52.98 -38.34 -54.39
CA GLY AA 21 51.76 -39.02 -53.94
C GLY AA 21 50.57 -38.11 -53.67
N ARG AA 22 50.51 -36.98 -54.37
CA ARG AA 22 49.41 -36.02 -54.27
C ARG AA 22 49.01 -35.50 -55.63
N VAL AA 23 47.71 -35.45 -55.90
CA VAL AA 23 47.19 -34.83 -57.12
C VAL AA 23 47.22 -33.32 -56.97
N TYR AA 24 48.04 -32.65 -57.77
CA TYR AA 24 48.05 -31.19 -57.88
C TYR AA 24 47.29 -30.80 -59.13
N ILE AA 25 46.57 -29.69 -59.07
CA ILE AA 25 46.06 -29.02 -60.26
C ILE AA 25 46.71 -27.66 -60.30
N TYR AA 26 47.67 -27.52 -61.20
CA TYR AA 26 48.26 -26.23 -61.55
C TYR AA 26 47.46 -25.64 -62.71
N CYS AA 27 47.71 -24.37 -63.01
CA CYS AA 27 47.04 -23.68 -64.10
C CYS AA 27 47.95 -22.61 -64.68
N LYS AA 28 47.95 -22.52 -66.01
CA LYS AA 28 48.82 -21.60 -66.74
C LYS AA 28 48.24 -20.18 -66.82
N SER AA 29 46.91 -20.06 -66.90
CA SER AA 29 46.25 -18.76 -67.00
C SER AA 29 45.96 -18.15 -65.62
N ASN AA 30 44.98 -18.72 -64.91
CA ASN AA 30 44.51 -18.19 -63.62
C ASN AA 30 45.24 -18.86 -62.45
N LYS AA 31 45.91 -18.06 -61.63
CA LYS AA 31 46.70 -18.56 -60.52
C LYS AA 31 45.83 -18.97 -59.32
N LYS AA 32 44.59 -18.48 -59.27
CA LYS AA 32 43.60 -18.91 -58.27
C LYS AA 32 43.21 -20.38 -58.39
N HIS AA 33 43.34 -20.97 -59.58
CA HIS AA 33 42.96 -22.37 -59.82
C HIS AA 33 43.96 -23.41 -59.29
N LYS AA 34 45.04 -22.98 -58.64
CA LYS AA 34 45.99 -23.92 -58.02
C LYS AA 34 45.34 -24.69 -56.87
N GLN AA 35 45.30 -26.02 -57.00
CA GLN AA 35 44.70 -26.89 -55.99
C GLN AA 35 45.61 -28.06 -55.67
N ARG AA 36 45.37 -28.69 -54.53
CA ARG AA 36 46.14 -29.84 -54.07
C ARG AA 36 45.24 -30.82 -53.33
N GLN AA 37 45.39 -32.10 -53.64
CA GLN AA 37 44.54 -33.15 -53.07
C GLN AA 37 45.06 -33.61 -51.71
N GLY AA 38 44.63 -32.89 -50.67
CA GLY AA 38 44.99 -33.22 -49.28
C GLY AA 38 46.44 -32.92 -48.94
N HIS BA 1 -74.82 -77.76 -73.42
CA HIS BA 1 -74.83 -77.92 -71.93
C HIS BA 1 -74.24 -79.27 -71.52
N ILE BA 2 -72.91 -79.33 -71.48
CA ILE BA 2 -72.19 -80.58 -71.21
C ILE BA 2 -72.32 -81.06 -69.75
N TRP BA 3 -72.35 -80.13 -68.80
CA TRP BA 3 -72.39 -80.48 -67.37
C TRP BA 3 -73.75 -81.01 -66.87
N SER BA 4 -74.81 -80.82 -67.65
CA SER BA 4 -76.11 -81.44 -67.35
C SER BA 4 -76.22 -82.87 -67.92
N ASP BA 5 -75.42 -83.17 -68.95
CA ASP BA 5 -75.39 -84.51 -69.56
C ASP BA 5 -74.69 -85.52 -68.66
N PHE BA 6 -75.27 -86.71 -68.54
CA PHE BA 6 -74.67 -87.84 -67.81
C PHE BA 6 -74.84 -89.16 -68.58
N THR BA 7 -74.62 -89.10 -69.90
CA THR BA 7 -74.67 -90.28 -70.75
C THR BA 7 -73.31 -90.99 -70.67
N THR BA 8 -72.26 -90.26 -71.02
CA THR BA 8 -70.89 -90.75 -70.97
C THR BA 8 -70.17 -90.38 -69.66
N ARG BA 9 -70.56 -89.24 -69.06
CA ARG BA 9 -69.89 -88.72 -67.87
C ARG BA 9 -70.37 -89.47 -66.61
N PRO BA 10 -69.48 -89.67 -65.62
CA PRO BA 10 -69.87 -90.35 -64.37
C PRO BA 10 -70.95 -89.64 -63.55
N SER BA 11 -71.61 -90.40 -62.66
CA SER BA 11 -72.64 -89.87 -61.77
C SER BA 11 -72.07 -88.98 -60.66
N SER BA 12 -70.79 -89.20 -60.29
CA SER BA 12 -70.15 -88.49 -59.18
C SER BA 12 -69.98 -86.99 -59.41
N LEU BA 13 -69.92 -86.56 -60.67
CA LEU BA 13 -69.76 -85.14 -60.99
C LEU BA 13 -70.99 -84.29 -60.60
N SER BA 14 -72.17 -84.90 -60.53
CA SER BA 14 -73.37 -84.24 -60.02
C SER BA 14 -73.36 -84.17 -58.50
N ILE BA 15 -74.13 -83.23 -57.95
CA ILE BA 15 -74.43 -83.22 -56.51
C ILE BA 15 -75.56 -84.23 -56.28
N GLN BA 16 -75.37 -85.09 -55.28
CA GLN BA 16 -76.35 -86.13 -54.96
C GLN BA 16 -77.54 -85.57 -54.17
N SER BA 17 -77.27 -84.58 -53.33
CA SER BA 17 -78.33 -83.80 -52.68
C SER BA 17 -79.15 -83.03 -53.73
N SER BA 18 -80.47 -83.18 -53.67
CA SER BA 18 -81.38 -82.55 -54.62
C SER BA 18 -81.64 -81.09 -54.28
N LYS BA 19 -81.89 -80.83 -52.99
CA LYS BA 19 -82.16 -79.48 -52.47
C LYS BA 19 -81.03 -78.50 -52.74
N VAL BA 20 -79.81 -78.97 -52.51
CA VAL BA 20 -78.59 -78.18 -52.75
C VAL BA 20 -78.46 -77.81 -54.23
N LYS BA 21 -78.68 -78.80 -55.09
CA LYS BA 21 -78.66 -78.62 -56.54
C LYS BA 21 -79.69 -77.58 -57.00
N ASN BA 22 -80.90 -77.69 -56.45
CA ASN BA 22 -81.98 -76.76 -56.73
C ASN BA 22 -81.62 -75.33 -56.32
N TYR BA 23 -81.03 -75.19 -55.13
CA TYR BA 23 -80.56 -73.91 -54.64
C TYR BA 23 -79.50 -73.28 -55.55
N LEU BA 24 -78.55 -74.12 -55.98
CA LEU BA 24 -77.52 -73.70 -56.93
C LEU BA 24 -78.10 -73.14 -58.22
N PHE BA 25 -79.04 -73.88 -58.80
CA PHE BA 25 -79.63 -73.54 -60.10
C PHE BA 25 -81.11 -73.14 -59.97
N GLN BA 26 -81.33 -71.85 -59.68
CA GLN BA 26 -82.66 -71.24 -59.72
C GLN BA 26 -82.62 -69.93 -60.50
N LYS BA 27 -83.81 -69.44 -60.87
CA LYS BA 27 -83.95 -68.22 -61.69
C LYS BA 27 -84.04 -66.94 -60.85
N LYS BA 28 -84.38 -67.06 -59.57
CA LYS BA 28 -84.36 -65.94 -58.62
C LYS BA 28 -83.89 -66.41 -57.24
N ALA BA 29 -83.39 -65.47 -56.45
CA ALA BA 29 -82.95 -65.75 -55.08
C ALA BA 29 -84.15 -65.81 -54.13
N SER BA 30 -84.96 -66.85 -54.30
CA SER BA 30 -86.20 -67.05 -53.55
C SER BA 30 -86.00 -68.08 -52.43
N LEU BA 31 -85.41 -69.21 -52.79
CA LEU BA 31 -85.14 -70.30 -51.83
C LEU BA 31 -84.07 -69.92 -50.82
N ASP BA 32 -83.96 -70.75 -49.78
CA ASP BA 32 -83.00 -70.54 -48.68
C ASP BA 32 -82.04 -71.74 -48.59
N PRO BA 33 -80.79 -71.50 -48.15
CA PRO BA 33 -79.72 -72.50 -48.28
C PRO BA 33 -79.94 -73.75 -47.42
N PRO BA 34 -79.87 -74.96 -48.03
CA PRO BA 34 -79.94 -76.22 -47.28
C PRO BA 34 -78.87 -76.42 -46.19
N SER BA 35 -77.71 -75.77 -46.35
CA SER BA 35 -76.63 -75.80 -45.34
C SER BA 35 -77.10 -75.31 -43.97
N ILE BA 36 -77.85 -74.21 -43.97
CA ILE BA 36 -78.43 -73.66 -42.74
C ILE BA 36 -79.65 -74.53 -42.38
N SER BA 37 -79.45 -75.43 -41.41
CA SER BA 37 -80.48 -76.40 -41.03
C SER BA 37 -81.64 -75.79 -40.23
N ARG BA 38 -81.33 -74.76 -39.45
CA ARG BA 38 -82.29 -74.19 -38.49
C ARG BA 38 -83.12 -73.08 -39.14
N ARG BA 39 -84.43 -73.06 -38.82
CA ARG BA 39 -85.39 -72.12 -39.44
C ARG BA 39 -85.07 -70.67 -39.13
N SER BA 40 -84.86 -70.38 -37.85
CA SER BA 40 -84.52 -69.04 -37.38
C SER BA 40 -83.24 -68.50 -38.02
N ASN BA 41 -82.23 -69.36 -38.13
CA ASN BA 41 -80.97 -69.02 -38.77
C ASN BA 41 -81.12 -68.72 -40.27
N ARG BA 42 -81.96 -69.52 -40.94
CA ARG BA 42 -82.32 -69.28 -42.35
C ARG BA 42 -82.99 -67.92 -42.55
N ILE BA 43 -83.93 -67.61 -41.65
CA ILE BA 43 -84.65 -66.34 -41.63
C ILE BA 43 -83.66 -65.18 -41.51
N LYS BA 44 -82.77 -65.30 -40.52
CA LYS BA 44 -81.70 -64.32 -40.27
C LYS BA 44 -80.80 -64.11 -41.49
N TYR BA 45 -80.43 -65.20 -42.14
CA TYR BA 45 -79.48 -65.18 -43.25
C TYR BA 45 -80.01 -64.38 -44.45
N SER BA 46 -79.09 -63.65 -45.09
CA SER BA 46 -79.36 -62.90 -46.31
C SER BA 46 -78.18 -63.07 -47.26
N PRO BA 47 -78.38 -63.72 -48.42
CA PRO BA 47 -77.27 -63.87 -49.36
C PRO BA 47 -76.97 -62.55 -50.08
N PRO BA 48 -75.75 -62.39 -50.62
CA PRO BA 48 -75.40 -61.14 -51.30
C PRO BA 48 -76.22 -60.91 -52.57
N GLU BA 49 -76.55 -59.66 -52.86
CA GLU BA 49 -77.50 -59.31 -53.92
C GLU BA 49 -76.92 -59.56 -55.32
N HIS BA 50 -77.81 -59.75 -56.29
CA HIS BA 50 -77.48 -59.99 -57.71
C HIS BA 50 -76.68 -61.28 -57.99
N ILE BA 51 -76.45 -62.13 -56.99
CA ILE BA 51 -75.53 -63.26 -57.11
C ILE BA 51 -75.96 -64.30 -58.16
N ASP BA 52 -77.27 -64.43 -58.38
CA ASP BA 52 -77.83 -65.49 -59.22
C ASP BA 52 -77.51 -65.37 -60.71
N GLU BA 53 -77.89 -64.25 -61.31
CA GLU BA 53 -77.72 -64.03 -62.76
C GLU BA 53 -76.25 -64.12 -63.20
N ILE BA 54 -75.38 -63.56 -62.37
CA ILE BA 54 -73.93 -63.55 -62.62
C ILE BA 54 -73.37 -64.96 -62.51
N PHE BA 55 -73.80 -65.66 -61.47
CA PHE BA 55 -73.45 -67.06 -61.26
C PHE BA 55 -73.83 -67.91 -62.46
N ARG BA 56 -75.07 -67.73 -62.93
CA ARG BA 56 -75.57 -68.42 -64.13
C ARG BA 56 -74.71 -68.15 -65.35
N MET BA 57 -74.36 -66.88 -65.56
CA MET BA 57 -73.46 -66.47 -66.64
C MET BA 57 -72.08 -67.11 -66.53
N SER BA 58 -71.55 -67.16 -65.31
CA SER BA 58 -70.26 -67.80 -65.03
C SER BA 58 -70.30 -69.29 -65.33
N TYR BA 59 -71.39 -69.93 -64.92
CA TYR BA 59 -71.65 -71.35 -65.19
C TYR BA 59 -71.64 -71.63 -66.69
N ASP BA 60 -72.42 -70.84 -67.43
CA ASP BA 60 -72.51 -70.93 -68.89
C ASP BA 60 -71.13 -70.82 -69.56
N PHE BA 61 -70.37 -69.81 -69.12
CA PHE BA 61 -69.01 -69.55 -69.61
C PHE BA 61 -68.07 -70.76 -69.39
N LEU BA 62 -68.05 -71.25 -68.16
CA LEU BA 62 -67.20 -72.38 -67.78
C LEU BA 62 -67.72 -73.71 -68.33
N GLU BA 63 -69.04 -73.84 -68.47
CA GLU BA 63 -69.67 -74.99 -69.13
C GLU BA 63 -69.25 -75.08 -70.59
N GLN BA 64 -69.29 -73.94 -71.27
CA GLN BA 64 -68.81 -73.82 -72.66
C GLN BA 64 -67.35 -74.23 -72.80
N ARG BA 65 -66.52 -73.72 -71.90
CA ARG BA 65 -65.10 -74.06 -71.83
C ARG BA 65 -64.88 -75.56 -71.67
N SER BA 66 -65.64 -76.16 -70.75
CA SER BA 66 -65.60 -77.61 -70.50
C SER BA 66 -65.95 -78.41 -71.76
N SER BA 67 -67.03 -77.98 -72.42
CA SER BA 67 -67.48 -78.58 -73.69
C SER BA 67 -66.40 -78.54 -74.76
N LYS BA 68 -65.75 -77.37 -74.88
CA LYS BA 68 -64.62 -77.18 -75.81
C LYS BA 68 -63.46 -78.12 -75.50
N PHE BA 69 -63.12 -78.23 -74.22
CA PHE BA 69 -62.09 -79.16 -73.74
C PHE BA 69 -62.42 -80.61 -74.10
N TYR BA 70 -63.67 -80.99 -73.87
CA TYR BA 70 -64.17 -82.34 -74.21
C TYR BA 70 -64.02 -82.69 -75.68
N GLU BA 71 -64.21 -81.69 -76.56
CA GLU BA 71 -63.99 -81.84 -78.00
C GLU BA 71 -62.55 -82.31 -78.29
N LEU BA 72 -61.58 -81.76 -77.58
CA LEU BA 72 -60.18 -82.21 -77.65
C LEU BA 72 -59.98 -83.56 -76.95
N ALA BA 73 -60.56 -83.70 -75.75
CA ALA BA 73 -60.34 -84.87 -74.87
C ALA BA 73 -60.61 -86.23 -75.52
N ASN BA 74 -61.70 -86.31 -76.29
CA ASN BA 74 -62.10 -87.55 -76.96
C ASN BA 74 -61.18 -87.93 -78.14
N LYS BA 75 -60.65 -86.93 -78.83
CA LYS BA 75 -59.69 -87.13 -79.92
C LYS BA 75 -58.33 -87.64 -79.44
N THR BA 76 -57.97 -87.31 -78.21
CA THR BA 76 -56.69 -87.69 -77.61
C THR BA 76 -56.61 -89.20 -77.36
N LYS BA 77 -55.45 -89.79 -77.64
CA LYS BA 77 -55.23 -91.24 -77.54
C LYS BA 77 -54.44 -91.64 -76.30
N ASN BA 78 -53.28 -91.01 -76.11
CA ASN BA 78 -52.43 -91.31 -74.94
C ASN BA 78 -53.13 -90.96 -73.62
N PRO BA 79 -52.94 -91.80 -72.58
CA PRO BA 79 -53.85 -91.79 -71.43
C PRO BA 79 -53.68 -90.61 -70.46
N LEU BA 80 -52.43 -90.28 -70.13
CA LEU BA 80 -52.11 -89.18 -69.21
C LEU BA 80 -52.61 -87.83 -69.72
N LYS BA 81 -52.47 -87.62 -71.03
CA LYS BA 81 -52.92 -86.40 -71.70
C LYS BA 81 -54.44 -86.29 -71.64
N LYS BA 82 -55.10 -87.41 -71.96
CA LYS BA 82 -56.56 -87.51 -71.89
C LYS BA 82 -57.09 -87.17 -70.50
N ASP BA 83 -56.48 -87.79 -69.49
CA ASP BA 83 -56.80 -87.51 -68.08
C ASP BA 83 -56.66 -86.03 -67.73
N ALA BA 84 -55.55 -85.43 -68.17
CA ALA BA 84 -55.30 -83.99 -67.97
C ALA BA 84 -56.38 -83.12 -68.61
N LEU BA 85 -56.77 -83.49 -69.83
CA LEU BA 85 -57.87 -82.82 -70.55
C LEU BA 85 -59.19 -82.93 -69.79
N LEU BA 86 -59.50 -84.13 -69.32
CA LEU BA 86 -60.70 -84.39 -68.50
C LEU BA 86 -60.71 -83.52 -67.24
N ILE BA 87 -59.57 -83.43 -66.57
CA ILE BA 87 -59.39 -82.61 -65.37
C ILE BA 87 -59.70 -81.14 -65.69
N LYS BA 88 -59.06 -80.64 -66.74
CA LYS BA 88 -59.28 -79.26 -67.23
C LYS BA 88 -60.75 -78.95 -67.52
N ALA BA 89 -61.42 -79.90 -68.16
CA ALA BA 89 -62.84 -79.78 -68.47
C ALA BA 89 -63.71 -79.61 -67.23
N GLU BA 90 -63.50 -80.46 -66.22
CA GLU BA 90 -64.42 -80.57 -65.09
C GLU BA 90 -63.99 -79.88 -63.79
N ILE BA 91 -62.73 -79.46 -63.67
CA ILE BA 91 -62.23 -78.87 -62.41
C ILE BA 91 -63.00 -77.61 -61.96
N ASN BA 92 -63.44 -76.79 -62.91
CA ASN BA 92 -64.21 -75.57 -62.59
C ASN BA 92 -65.73 -75.79 -62.46
N ASN BA 93 -66.20 -77.03 -62.63
CA ASN BA 93 -67.60 -77.41 -62.41
C ASN BA 93 -67.97 -77.12 -60.94
N PRO BA 94 -68.99 -76.29 -60.70
CA PRO BA 94 -69.41 -76.00 -59.31
C PRO BA 94 -69.80 -77.23 -58.49
N GLU BA 95 -70.54 -78.13 -59.13
CA GLU BA 95 -71.04 -79.36 -58.49
C GLU BA 95 -69.93 -80.26 -57.95
N VAL BA 96 -68.86 -80.42 -58.74
CA VAL BA 96 -67.73 -81.27 -58.35
C VAL BA 96 -66.95 -80.60 -57.22
N GLN BA 97 -66.86 -79.27 -57.28
CA GLN BA 97 -66.22 -78.47 -56.23
C GLN BA 97 -66.96 -78.60 -54.90
N TYR BA 98 -68.29 -78.50 -54.97
CA TYR BA 98 -69.15 -78.70 -53.81
C TYR BA 98 -68.91 -80.08 -53.20
N ASN BA 99 -69.00 -81.09 -54.05
CA ASN BA 99 -68.79 -82.49 -53.66
C ASN BA 99 -67.48 -82.69 -52.92
N PHE BA 100 -66.40 -82.18 -53.50
CA PHE BA 100 -65.08 -82.42 -52.96
C PHE BA 100 -64.85 -81.69 -51.64
N GLN BA 101 -65.09 -80.38 -51.65
CA GLN BA 101 -64.84 -79.52 -50.51
C GLN BA 101 -65.56 -79.95 -49.23
N PHE BA 102 -66.84 -80.26 -49.36
CA PHE BA 102 -67.75 -80.39 -48.21
C PHE BA 102 -68.16 -81.82 -47.84
N ASN BA 103 -67.40 -82.81 -48.31
CA ASN BA 103 -67.58 -84.21 -47.93
C ASN BA 103 -66.22 -84.86 -47.72
N ASN BA 104 -66.17 -85.90 -46.89
CA ASN BA 104 -64.88 -86.48 -46.45
C ASN BA 104 -64.07 -87.11 -47.60
N LYS BA 105 -62.78 -86.81 -47.61
CA LYS BA 105 -61.84 -87.32 -48.62
C LYS BA 105 -61.16 -88.61 -48.17
N LEU BA 106 -61.04 -88.81 -46.85
CA LEU BA 106 -60.32 -89.95 -46.28
C LEU BA 106 -61.12 -91.24 -46.51
N ASN BA 107 -62.35 -91.26 -46.00
CA ASN BA 107 -63.29 -92.36 -46.21
C ASN BA 107 -64.37 -91.90 -47.18
N ASN BA 108 -63.94 -91.64 -48.41
CA ASN BA 108 -64.84 -91.14 -49.46
C ASN BA 108 -65.92 -92.17 -49.83
N VAL BA 109 -67.16 -91.72 -49.84
CA VAL BA 109 -68.26 -92.51 -50.40
C VAL BA 109 -68.19 -92.35 -51.92
N LYS BA 110 -68.29 -93.48 -52.64
CA LYS BA 110 -68.01 -93.52 -54.09
C LYS BA 110 -68.96 -92.64 -54.91
N ASP BA 111 -70.22 -92.59 -54.53
CA ASP BA 111 -71.22 -91.76 -55.23
C ASP BA 111 -70.97 -90.24 -55.15
N ILE BA 112 -70.30 -89.78 -54.09
CA ILE BA 112 -70.03 -88.36 -53.87
C ILE BA 112 -68.66 -87.98 -54.45
N ILE BA 113 -67.59 -88.54 -53.88
CA ILE BA 113 -66.22 -88.34 -54.37
C ILE BA 113 -65.69 -89.68 -54.86
N ASP BA 114 -65.67 -89.85 -56.19
CA ASP BA 114 -65.14 -91.05 -56.82
C ASP BA 114 -63.70 -90.78 -57.26
N TYR BA 115 -62.74 -91.45 -56.63
CA TYR BA 115 -61.32 -91.32 -57.03
C TYR BA 115 -60.96 -92.08 -58.31
N ASP BA 116 -61.89 -92.89 -58.85
CA ASP BA 116 -61.79 -93.41 -60.21
C ASP BA 116 -61.89 -92.28 -61.25
N VAL BA 117 -62.67 -91.25 -60.91
CA VAL BA 117 -62.81 -90.06 -61.76
C VAL BA 117 -61.52 -89.23 -61.65
N PRO BA 118 -60.95 -88.79 -62.80
CA PRO BA 118 -59.63 -88.11 -62.78
C PRO BA 118 -59.61 -86.77 -62.05
N VAL BA 119 -60.69 -86.02 -62.19
CA VAL BA 119 -60.81 -84.66 -61.63
C VAL BA 119 -60.78 -84.72 -60.11
N TYR BA 120 -61.62 -85.59 -59.55
CA TYR BA 120 -61.68 -85.82 -58.10
C TYR BA 120 -60.35 -86.27 -57.52
N ARG BA 121 -59.66 -87.14 -58.26
CA ARG BA 121 -58.33 -87.63 -57.89
C ARG BA 121 -57.31 -86.50 -57.85
N HIS BA 122 -57.35 -85.65 -58.87
CA HIS BA 122 -56.53 -84.44 -58.94
C HIS BA 122 -56.78 -83.50 -57.77
N LEU BA 123 -58.06 -83.27 -57.46
CA LEU BA 123 -58.48 -82.46 -56.30
C LEU BA 123 -57.92 -83.02 -55.00
N GLY BA 124 -58.05 -84.33 -54.81
CA GLY BA 124 -57.53 -85.05 -53.64
C GLY BA 124 -56.03 -84.92 -53.48
N LYS BA 125 -55.31 -85.01 -54.60
CA LYS BA 125 -53.86 -84.80 -54.65
C LYS BA 125 -53.49 -83.39 -54.19
N GLN BA 126 -54.20 -82.41 -54.74
CA GLN BA 126 -53.99 -81.00 -54.41
C GLN BA 126 -54.21 -80.71 -52.93
N HIS BA 127 -55.28 -81.30 -52.39
CA HIS BA 127 -55.61 -81.23 -50.97
C HIS BA 127 -54.49 -81.83 -50.09
N TRP BA 128 -53.99 -82.97 -50.52
CA TRP BA 128 -52.89 -83.66 -49.83
C TRP BA 128 -51.62 -82.81 -49.80
N GLU BA 129 -51.28 -82.24 -50.95
CA GLU BA 129 -50.13 -81.34 -51.09
C GLU BA 129 -50.24 -80.09 -50.19
N SER BA 130 -51.45 -79.58 -50.05
CA SER BA 130 -51.72 -78.39 -49.23
C SER BA 130 -51.33 -78.51 -47.75
N TYR BA 131 -51.46 -79.71 -47.16
CA TYR BA 131 -51.22 -79.89 -45.72
C TYR BA 131 -50.59 -81.24 -45.33
N GLY BA 132 -51.32 -82.32 -45.55
CA GLY BA 132 -50.96 -83.64 -45.01
C GLY BA 132 -49.61 -84.18 -45.46
N GLN BA 133 -49.29 -83.94 -46.74
CA GLN BA 133 -48.02 -84.34 -47.33
C GLN BA 133 -46.84 -83.59 -46.71
N MET BA 134 -46.99 -82.28 -46.61
CA MET BA 134 -45.99 -81.40 -45.98
C MET BA 134 -45.69 -81.84 -44.55
N LEU BA 135 -46.74 -82.12 -43.80
CA LEU BA 135 -46.63 -82.57 -42.42
C LEU BA 135 -45.84 -83.86 -42.33
N LEU BA 136 -46.21 -84.83 -43.17
CA LEU BA 136 -45.52 -86.12 -43.26
C LEU BA 136 -44.03 -85.95 -43.54
N MET BA 137 -43.73 -85.09 -44.52
CA MET BA 137 -42.34 -84.76 -44.88
C MET BA 137 -41.55 -84.17 -43.71
N GLN BA 138 -42.20 -83.28 -42.97
CA GLN BA 138 -41.61 -82.67 -41.78
C GLN BA 138 -41.27 -83.72 -40.73
N ARG BA 139 -42.24 -84.60 -40.46
CA ARG BA 139 -42.06 -85.67 -39.48
C ARG BA 139 -40.98 -86.68 -39.87
N LEU BA 140 -40.86 -86.95 -41.17
CA LEU BA 140 -39.77 -87.79 -41.68
C LEU BA 140 -38.39 -87.15 -41.51
N GLU BA 141 -38.32 -85.84 -41.78
CA GLU BA 141 -37.04 -85.11 -41.73
C GLU BA 141 -36.58 -84.87 -40.29
N THR BA 142 -37.50 -84.35 -39.46
CA THR BA 142 -37.21 -84.01 -38.07
C THR BA 142 -36.83 -85.22 -37.23
N LEU BA 143 -37.62 -86.27 -37.32
CA LEU BA 143 -37.35 -87.52 -36.60
C LEU BA 143 -36.17 -88.31 -37.17
N ALA BA 144 -35.76 -87.99 -38.40
CA ALA BA 144 -34.65 -88.65 -39.09
C ALA BA 144 -35.02 -90.09 -39.41
N ALA BA 145 -36.13 -90.23 -40.12
CA ALA BA 145 -36.59 -91.51 -40.65
C ALA BA 145 -36.19 -91.71 -42.10
N ILE BA 146 -35.84 -90.64 -42.82
CA ILE BA 146 -35.42 -90.75 -44.24
C ILE BA 146 -33.99 -91.31 -44.33
N PRO BA 147 -32.96 -90.49 -44.01
CA PRO BA 147 -31.60 -90.99 -44.21
C PRO BA 147 -31.27 -92.25 -43.39
N ASP BA 148 -31.84 -92.38 -42.20
CA ASP BA 148 -31.59 -93.53 -41.32
C ASP BA 148 -32.09 -94.86 -41.88
N THR BA 149 -33.27 -94.85 -42.52
CA THR BA 149 -33.79 -96.05 -43.20
C THR BA 149 -33.52 -96.00 -44.70
N LEU BA 150 -34.16 -95.06 -45.38
CA LEU BA 150 -34.30 -95.07 -46.84
C LEU BA 150 -34.10 -93.66 -47.41
N PRO BA 151 -33.02 -93.45 -48.21
CA PRO BA 151 -32.40 -92.13 -48.46
C PRO BA 151 -33.34 -90.92 -48.51
N THR BA 152 -34.35 -91.03 -49.38
CA THR BA 152 -35.23 -89.92 -49.73
C THR BA 152 -36.65 -90.47 -49.85
N LEU BA 153 -37.62 -89.58 -49.96
CA LEU BA 153 -38.98 -89.92 -50.39
C LEU BA 153 -39.49 -88.86 -51.37
N VAL BA 154 -40.14 -89.33 -52.43
CA VAL BA 154 -40.92 -88.46 -53.34
C VAL BA 154 -42.40 -88.81 -53.14
N PRO BA 155 -43.08 -88.16 -52.16
CA PRO BA 155 -44.43 -88.57 -51.80
C PRO BA 155 -45.43 -88.53 -52.95
N ARG BA 156 -45.97 -89.70 -53.30
CA ARG BA 156 -46.94 -89.85 -54.38
C ARG BA 156 -48.29 -90.30 -53.85
N ALA BA 157 -48.30 -91.41 -53.09
CA ALA BA 157 -49.51 -91.88 -52.42
C ALA BA 157 -49.61 -91.34 -50.99
N GLU BA 158 -50.83 -91.00 -50.59
CA GLU BA 158 -51.13 -90.62 -49.20
C GLU BA 158 -51.38 -91.91 -48.41
N VAL BA 159 -50.55 -92.14 -47.40
CA VAL BA 159 -50.62 -93.34 -46.57
C VAL BA 159 -51.10 -92.95 -45.18
N ASN BA 160 -52.19 -93.58 -44.73
CA ASN BA 160 -52.74 -93.39 -43.39
C ASN BA 160 -52.84 -94.74 -42.70
N ILE BA 161 -52.42 -94.82 -41.44
CA ILE BA 161 -52.50 -96.06 -40.67
C ILE BA 161 -53.49 -95.96 -39.52
N LYS BA 162 -53.90 -97.13 -39.03
CA LYS BA 162 -54.88 -97.25 -37.96
C LYS BA 162 -54.58 -98.50 -37.15
N PHE BA 163 -54.99 -98.54 -35.88
CA PHE BA 163 -54.83 -99.71 -35.02
C PHE BA 163 -56.20 -100.13 -34.47
N PRO BA 164 -57.06 -100.71 -35.32
CA PRO BA 164 -58.43 -101.00 -34.91
C PRO BA 164 -58.58 -102.22 -33.98
N PHE BA 165 -57.73 -103.23 -34.16
CA PHE BA 165 -57.93 -104.54 -33.55
C PHE BA 165 -57.52 -104.64 -32.08
N SER BA 166 -56.67 -103.73 -31.62
CA SER BA 166 -56.08 -103.84 -30.28
C SER BA 166 -57.02 -103.39 -29.17
N THR BA 167 -57.46 -102.14 -29.27
CA THR BA 167 -58.22 -101.47 -28.21
C THR BA 167 -59.72 -101.49 -28.50
N GLY BA 168 -60.09 -100.92 -29.65
CA GLY BA 168 -61.48 -100.71 -30.02
C GLY BA 168 -61.78 -99.34 -30.60
N VAL BA 169 -60.97 -98.35 -30.24
CA VAL BA 169 -61.23 -96.96 -30.63
C VAL BA 169 -60.81 -96.71 -32.07
N ASN BA 170 -61.52 -95.80 -32.73
CA ASN BA 170 -61.24 -95.43 -34.12
C ASN BA 170 -60.40 -94.15 -34.13
N LYS BA 171 -59.18 -94.23 -34.69
CA LYS BA 171 -58.32 -93.06 -34.82
C LYS BA 171 -57.26 -93.30 -35.88
N TRP BA 172 -57.23 -92.45 -36.90
CA TRP BA 172 -56.12 -92.42 -37.86
C TRP BA 172 -54.92 -91.81 -37.16
N ILE BA 173 -53.78 -92.48 -37.27
CA ILE BA 173 -52.56 -92.06 -36.55
C ILE BA 173 -51.96 -90.85 -37.27
N GLU BA 174 -51.78 -89.76 -36.54
CA GLU BA 174 -51.02 -88.61 -37.03
C GLU BA 174 -49.53 -89.00 -37.09
N PRO BA 175 -48.82 -88.63 -38.17
CA PRO BA 175 -47.39 -88.97 -38.25
C PRO BA 175 -46.57 -88.46 -37.05
N GLY BA 176 -45.69 -89.30 -36.54
CA GLY BA 176 -44.83 -88.97 -35.41
C GLY BA 176 -45.54 -88.93 -34.07
N GLU BA 177 -46.54 -89.78 -33.89
CA GLU BA 177 -47.26 -89.89 -32.62
C GLU BA 177 -46.60 -90.89 -31.69
N PHE BA 178 -46.77 -90.66 -30.39
CA PHE BA 178 -46.39 -91.63 -29.36
C PHE BA 178 -47.59 -92.50 -29.02
N LEU BA 179 -47.53 -93.76 -29.44
CA LEU BA 179 -48.59 -94.73 -29.16
C LEU BA 179 -48.18 -95.66 -28.04
N SER BA 180 -49.15 -96.04 -27.21
CA SER BA 180 -48.91 -96.99 -26.11
C SER BA 180 -48.70 -98.39 -26.66
N SER BA 181 -48.12 -99.27 -25.86
CA SER BA 181 -47.90 -100.67 -26.24
C SER BA 181 -49.21 -101.44 -26.35
N ASN BA 182 -50.22 -101.03 -25.58
CA ASN BA 182 -51.59 -101.54 -25.71
C ASN BA 182 -52.21 -101.21 -27.07
N VAL BA 183 -52.03 -99.96 -27.50
CA VAL BA 183 -52.56 -99.47 -28.78
C VAL BA 183 -51.96 -100.25 -29.96
N THR BA 184 -50.64 -100.39 -29.95
CA THR BA 184 -49.90 -101.07 -31.03
C THR BA 184 -49.59 -102.55 -30.70
N SER BA 185 -50.48 -103.20 -29.94
CA SER BA 185 -50.27 -104.60 -29.54
C SER BA 185 -50.56 -105.54 -30.71
N MET BA 186 -51.71 -105.35 -31.34
CA MET BA 186 -52.08 -106.06 -32.58
C MET BA 186 -51.77 -105.19 -33.79
N ARG BA 187 -51.90 -105.77 -34.99
CA ARG BA 187 -51.39 -105.16 -36.22
C ARG BA 187 -52.16 -103.89 -36.63
N PRO BA 188 -51.54 -103.06 -37.50
CA PRO BA 188 -52.24 -101.90 -38.01
C PRO BA 188 -52.95 -102.16 -39.35
N ILE BA 189 -53.73 -101.17 -39.76
CA ILE BA 189 -54.44 -101.15 -41.03
C ILE BA 189 -53.96 -99.95 -41.83
N PHE BA 190 -53.54 -100.20 -43.07
CA PHE BA 190 -53.06 -99.14 -43.97
C PHE BA 190 -54.19 -98.69 -44.90
N LYS BA 191 -54.09 -97.44 -45.35
CA LYS BA 191 -54.87 -96.97 -46.49
C LYS BA 191 -53.95 -96.19 -47.42
N ILE BA 192 -53.61 -96.81 -48.55
CA ILE BA 192 -52.70 -96.23 -49.53
C ILE BA 192 -53.54 -95.58 -50.63
N GLN BA 193 -53.78 -94.28 -50.50
CA GLN BA 193 -54.54 -93.52 -51.49
C GLN BA 193 -53.61 -92.98 -52.58
N GLU BA 194 -53.81 -93.47 -53.80
CA GLU BA 194 -52.97 -93.14 -54.95
C GLU BA 194 -53.63 -92.05 -55.78
N TYR BA 195 -52.87 -91.00 -56.08
CA TYR BA 195 -53.36 -89.85 -56.86
C TYR BA 195 -52.83 -89.78 -58.30
N GLU BA 196 -51.73 -90.48 -58.60
CA GLU BA 196 -51.24 -90.54 -59.98
C GLU BA 196 -52.08 -91.50 -60.81
N LEU BA 197 -52.06 -91.31 -62.13
CA LEU BA 197 -52.68 -92.24 -63.06
C LEU BA 197 -51.81 -93.50 -63.10
N VAL BA 198 -52.40 -94.63 -62.74
CA VAL BA 198 -51.68 -95.89 -62.62
C VAL BA 198 -52.57 -97.07 -63.04
N ASN BA 199 -51.96 -98.11 -63.57
CA ASN BA 199 -52.67 -99.32 -63.97
C ASN BA 199 -53.16 -100.08 -62.73
N VAL BA 200 -54.45 -99.96 -62.44
CA VAL BA 200 -55.07 -100.55 -61.24
C VAL BA 200 -55.00 -102.08 -61.26
N GLU BA 201 -55.21 -102.69 -62.43
CA GLU BA 201 -55.20 -104.14 -62.59
C GLU BA 201 -53.80 -104.75 -62.39
N LYS BA 202 -52.81 -104.17 -63.03
CA LYS BA 202 -51.44 -104.70 -63.02
C LYS BA 202 -50.62 -104.32 -61.79
N GLN BA 203 -50.69 -103.05 -61.38
CA GLN BA 203 -49.79 -102.51 -60.34
C GLN BA 203 -50.00 -103.16 -58.97
N LEU BA 204 -48.96 -103.84 -58.49
CA LEU BA 204 -48.91 -104.38 -57.13
C LEU BA 204 -48.13 -103.44 -56.23
N TYR BA 205 -48.23 -103.68 -54.92
CA TYR BA 205 -47.53 -102.87 -53.91
C TYR BA 205 -46.96 -103.73 -52.79
N THR BA 206 -45.93 -103.21 -52.13
CA THR BA 206 -45.36 -103.81 -50.91
C THR BA 206 -45.39 -102.78 -49.79
N VAL BA 207 -45.57 -103.27 -48.56
CA VAL BA 207 -45.62 -102.43 -47.37
C VAL BA 207 -44.65 -103.00 -46.33
N LEU BA 208 -43.74 -102.15 -45.84
CA LEU BA 208 -42.73 -102.56 -44.86
C LEU BA 208 -42.69 -101.60 -43.67
N ILE BA 209 -43.01 -102.10 -42.48
CA ILE BA 209 -42.81 -101.35 -41.24
C ILE BA 209 -41.46 -101.73 -40.65
N VAL BA 210 -40.58 -100.74 -40.50
CA VAL BA 210 -39.20 -100.95 -40.07
C VAL BA 210 -38.91 -100.16 -38.79
N ASN BA 211 -38.18 -100.80 -37.88
CA ASN BA 211 -37.73 -100.18 -36.63
C ASN BA 211 -36.20 -99.98 -36.66
N PRO BA 212 -35.73 -98.79 -37.11
CA PRO BA 212 -34.28 -98.52 -37.11
C PRO BA 212 -33.60 -98.45 -35.73
N ASP BA 213 -34.36 -98.21 -34.66
CA ASP BA 213 -33.80 -97.94 -33.35
C ASP BA 213 -33.96 -99.10 -32.35
N VAL BA 214 -33.50 -100.29 -32.72
CA VAL BA 214 -33.30 -101.38 -31.75
C VAL BA 214 -31.79 -101.53 -31.49
N PRO BA 215 -31.39 -101.57 -30.21
CA PRO BA 215 -29.97 -101.46 -29.89
C PRO BA 215 -29.18 -102.76 -30.11
N ASP BA 216 -28.03 -102.64 -30.77
CA ASP BA 216 -27.10 -103.74 -30.97
C ASP BA 216 -25.85 -103.46 -30.15
N LEU BA 217 -25.63 -104.27 -29.11
CA LEU BA 217 -24.57 -104.03 -28.13
C LEU BA 217 -23.18 -104.52 -28.55
N SER BA 218 -23.13 -105.41 -29.54
CA SER BA 218 -21.87 -105.81 -30.16
C SER BA 218 -21.26 -104.64 -30.95
N ASN BA 219 -22.08 -104.04 -31.81
CA ASN BA 219 -21.68 -102.88 -32.60
C ASN BA 219 -21.60 -101.57 -31.79
N ASP BA 220 -22.27 -101.53 -30.64
CA ASP BA 220 -22.43 -100.32 -29.80
C ASP BA 220 -23.22 -99.24 -30.54
N SER BA 221 -24.16 -99.68 -31.37
CA SER BA 221 -24.98 -98.81 -32.20
C SER BA 221 -26.39 -99.39 -32.24
N PHE BA 222 -27.17 -99.08 -33.27
CA PHE BA 222 -28.49 -99.65 -33.48
C PHE BA 222 -28.50 -100.51 -34.73
N LYS BA 223 -29.56 -101.29 -34.87
CA LYS BA 223 -29.82 -102.06 -36.08
C LYS BA 223 -31.30 -101.91 -36.46
N THR BA 224 -31.61 -102.18 -37.72
CA THR BA 224 -33.00 -102.17 -38.18
C THR BA 224 -33.72 -103.44 -37.77
N ALA BA 225 -35.05 -103.39 -37.80
CA ALA BA 225 -35.88 -104.56 -37.54
C ALA BA 225 -37.20 -104.48 -38.31
N LEU BA 226 -37.37 -105.39 -39.27
CA LEU BA 226 -38.60 -105.48 -40.04
C LEU BA 226 -39.72 -106.01 -39.16
N CYS BA 227 -40.56 -105.11 -38.64
CA CYS BA 227 -41.62 -105.47 -37.70
C CYS BA 227 -42.86 -106.03 -38.42
N TYR BA 228 -43.09 -105.62 -39.68
CA TYR BA 228 -44.23 -106.07 -40.46
C TYR BA 228 -43.96 -105.90 -41.94
N GLY BA 229 -44.14 -106.97 -42.71
CA GLY BA 229 -43.79 -106.99 -44.14
C GLY BA 229 -44.84 -107.67 -45.00
N LEU BA 230 -45.48 -106.89 -45.86
CA LEU BA 230 -46.44 -107.40 -46.84
C LEU BA 230 -45.93 -107.16 -48.25
N VAL BA 231 -46.27 -108.07 -49.17
CA VAL BA 231 -45.92 -107.93 -50.59
C VAL BA 231 -47.09 -108.30 -51.50
N ASN BA 232 -47.03 -107.79 -52.73
CA ASN BA 232 -47.98 -108.11 -53.80
C ASN BA 232 -49.43 -107.78 -53.45
N ILE BA 233 -49.63 -106.57 -52.93
CA ILE BA 233 -50.97 -106.09 -52.54
C ILE BA 233 -51.58 -105.33 -53.71
N ASN BA 234 -52.87 -105.58 -53.95
CA ASN BA 234 -53.62 -104.92 -55.01
C ASN BA 234 -54.44 -103.76 -54.45
N LEU BA 235 -54.19 -102.56 -54.98
CA LEU BA 235 -54.92 -101.35 -54.60
C LEU BA 235 -55.86 -100.93 -55.72
N THR BA 236 -56.92 -100.23 -55.36
CA THR BA 236 -57.84 -99.58 -56.31
C THR BA 236 -58.19 -98.22 -55.71
N TYR BA 237 -58.33 -97.21 -56.56
CA TYR BA 237 -58.50 -95.81 -56.11
C TYR BA 237 -59.51 -95.63 -54.98
N ASN BA 238 -60.63 -96.35 -55.06
CA ASN BA 238 -61.66 -96.36 -54.02
C ASN BA 238 -61.52 -97.51 -53.02
N ASP BA 239 -61.08 -98.67 -53.51
CA ASP BA 239 -60.93 -99.89 -52.69
C ASP BA 239 -59.44 -100.03 -52.32
N ASN BA 240 -59.04 -99.38 -51.24
CA ASN BA 240 -57.61 -99.21 -50.90
C ASN BA 240 -57.20 -99.45 -49.43
N LEU BA 241 -58.11 -99.94 -48.60
CA LEU BA 241 -57.81 -100.19 -47.18
C LEU BA 241 -57.20 -101.58 -47.03
N ILE BA 242 -55.90 -101.62 -46.71
CA ILE BA 242 -55.18 -102.90 -46.59
C ILE BA 242 -55.48 -103.52 -45.24
N ASP BA 243 -56.33 -104.54 -45.27
CA ASP BA 243 -56.87 -105.20 -44.09
C ASP BA 243 -56.70 -106.71 -44.27
N PRO BA 244 -56.61 -107.48 -43.16
CA PRO BA 244 -56.64 -108.95 -43.23
C PRO BA 244 -57.69 -109.57 -44.18
N ARG BA 245 -58.78 -108.84 -44.44
CA ARG BA 245 -59.74 -109.19 -45.50
C ARG BA 245 -59.06 -109.34 -46.86
N LYS BA 246 -58.34 -108.29 -47.27
CA LYS BA 246 -57.74 -108.23 -48.61
C LYS BA 246 -56.54 -109.17 -48.78
N PHE BA 247 -55.44 -108.87 -48.11
CA PHE BA 247 -54.19 -109.64 -48.28
C PHE BA 247 -54.31 -111.05 -47.69
N HIS BA 248 -53.68 -112.00 -48.37
CA HIS BA 248 -53.70 -113.41 -47.98
C HIS BA 248 -52.45 -113.71 -47.15
N SER BA 249 -52.39 -114.91 -46.58
CA SER BA 249 -51.22 -115.36 -45.82
C SER BA 249 -49.95 -115.50 -46.68
N SER BA 250 -50.13 -115.75 -47.98
CA SER BA 250 -49.01 -115.77 -48.94
C SER BA 250 -48.33 -114.40 -49.11
N ASN BA 251 -49.11 -113.33 -49.00
CA ASN BA 251 -48.60 -111.96 -49.11
C ASN BA 251 -47.72 -111.50 -47.93
N ILE BA 252 -47.83 -112.16 -46.79
CA ILE BA 252 -47.12 -111.76 -45.58
C ILE BA 252 -45.69 -112.33 -45.59
N ILE BA 253 -44.72 -111.51 -46.00
CA ILE BA 253 -43.30 -111.91 -45.95
C ILE BA 253 -42.73 -111.91 -44.52
N ALA BA 254 -43.31 -111.11 -43.63
CA ALA BA 254 -42.92 -111.07 -42.22
C ALA BA 254 -44.10 -110.56 -41.40
N ASP BA 255 -44.76 -111.47 -40.67
CA ASP BA 255 -46.02 -111.15 -39.98
C ASP BA 255 -45.78 -110.28 -38.74
N TYR BA 256 -46.74 -109.39 -38.47
CA TYR BA 256 -46.60 -108.32 -37.49
C TYR BA 256 -46.07 -108.74 -36.12
N LEU BA 257 -44.88 -108.23 -35.78
CA LEU BA 257 -44.34 -108.30 -34.42
C LEU BA 257 -44.47 -106.91 -33.80
N PRO BA 258 -45.02 -106.81 -32.57
CA PRO BA 258 -45.37 -105.50 -32.03
C PRO BA 258 -44.17 -104.71 -31.54
N PRO BA 259 -44.30 -103.37 -31.45
CA PRO BA 259 -43.32 -102.57 -30.73
C PRO BA 259 -43.22 -102.98 -29.26
N VAL BA 260 -42.02 -103.42 -28.86
CA VAL BA 260 -41.73 -103.74 -27.47
C VAL BA 260 -40.39 -103.07 -27.10
N PRO BA 261 -40.43 -101.73 -26.89
CA PRO BA 261 -39.21 -101.01 -26.54
C PRO BA 261 -38.69 -101.40 -25.16
N GLU BA 262 -37.37 -101.49 -25.04
CA GLU BA 262 -36.75 -101.80 -23.75
C GLU BA 262 -36.68 -100.56 -22.87
N LYS BA 263 -36.59 -100.80 -21.56
CA LYS BA 263 -36.52 -99.73 -20.57
C LYS BA 263 -35.18 -99.00 -20.67
N ASN BA 264 -35.25 -97.68 -20.89
CA ASN BA 264 -34.09 -96.81 -21.13
C ASN BA 264 -33.34 -96.99 -22.47
N ALA BA 265 -33.82 -97.87 -23.35
CA ALA BA 265 -33.28 -97.99 -24.71
C ALA BA 265 -33.64 -96.77 -25.55
N GLY BA 266 -34.72 -96.07 -25.16
CA GLY BA 266 -35.09 -94.79 -25.76
C GLY BA 266 -36.34 -94.89 -26.59
N LYS BA 267 -36.62 -93.81 -27.32
CA LYS BA 267 -37.78 -93.73 -28.19
C LYS BA 267 -37.44 -94.42 -29.50
N GLN BA 268 -38.34 -95.28 -29.96
CA GLN BA 268 -38.10 -96.11 -31.15
C GLN BA 268 -39.05 -95.71 -32.26
N ARG BA 269 -38.48 -95.28 -33.38
CA ARG BA 269 -39.26 -94.89 -34.56
C ARG BA 269 -39.73 -96.14 -35.28
N PHE BA 270 -41.01 -96.16 -35.63
CA PHE BA 270 -41.58 -97.19 -36.50
C PHE BA 270 -42.13 -96.51 -37.73
N VAL BA 271 -41.38 -96.62 -38.82
CA VAL BA 271 -41.66 -95.87 -40.05
C VAL BA 271 -42.09 -96.85 -41.15
N VAL BA 272 -43.39 -96.91 -41.39
CA VAL BA 272 -43.93 -97.70 -42.51
C VAL BA 272 -43.56 -97.05 -43.84
N TRP BA 273 -43.11 -97.89 -44.77
CA TRP BA 273 -42.80 -97.49 -46.15
C TRP BA 273 -43.70 -98.26 -47.09
N VAL BA 274 -44.21 -97.57 -48.12
CA VAL BA 274 -45.08 -98.15 -49.13
C VAL BA 274 -44.37 -98.03 -50.47
N PHE BA 275 -44.06 -99.17 -51.09
CA PHE BA 275 -43.44 -99.22 -52.41
C PHE BA 275 -44.44 -99.78 -53.41
N ARG BA 276 -44.29 -99.37 -54.67
CA ARG BA 276 -45.03 -99.95 -55.79
C ARG BA 276 -44.10 -100.91 -56.54
N GLN BA 277 -44.68 -101.98 -57.10
CA GLN BA 277 -43.90 -102.99 -57.84
C GLN BA 277 -43.38 -102.47 -59.17
N PRO BA 278 -42.30 -103.10 -59.70
CA PRO BA 278 -41.91 -102.84 -61.08
C PRO BA 278 -42.88 -103.51 -62.06
N LEU BA 279 -43.39 -102.75 -63.01
CA LEU BA 279 -44.41 -103.21 -63.95
C LEU BA 279 -43.73 -103.76 -65.21
N ILE BA 280 -44.03 -105.01 -65.55
CA ILE BA 280 -43.44 -105.68 -66.71
C ILE BA 280 -44.41 -105.63 -67.91
N GLU BA 281 -43.88 -105.31 -69.08
CA GLU BA 281 -44.64 -105.25 -70.32
C GLU BA 281 -44.76 -106.63 -70.98
N ASP BA 282 -45.69 -106.74 -71.92
CA ASP BA 282 -45.96 -107.99 -72.65
C ASP BA 282 -46.37 -109.17 -71.74
N LYS BA 283 -47.09 -108.85 -70.67
CA LYS BA 283 -47.58 -109.84 -69.72
C LYS BA 283 -48.91 -109.37 -69.11
N GLN BA 284 -50.02 -109.99 -69.53
CA GLN BA 284 -51.34 -109.67 -69.00
C GLN BA 284 -51.50 -110.18 -67.57
N GLY BA 285 -52.22 -109.41 -66.75
CA GLY BA 285 -52.44 -109.75 -65.34
C GLY BA 285 -51.34 -109.21 -64.42
N PRO BA 286 -51.51 -109.39 -63.10
CA PRO BA 286 -50.56 -108.86 -62.12
C PRO BA 286 -49.28 -109.70 -62.02
N ASN BA 287 -48.14 -109.06 -62.29
CA ASN BA 287 -46.84 -109.73 -62.20
C ASN BA 287 -46.38 -109.84 -60.74
N MET BA 288 -46.40 -111.06 -60.20
CA MET BA 288 -45.97 -111.32 -58.83
C MET BA 288 -44.45 -111.31 -58.72
N LEU BA 289 -43.94 -111.41 -57.49
CA LEU BA 289 -42.51 -111.60 -57.24
C LEU BA 289 -42.29 -112.48 -56.01
N GLU BA 290 -41.29 -113.36 -56.10
CA GLU BA 290 -40.94 -114.27 -55.01
C GLU BA 290 -39.83 -113.65 -54.15
N ILE BA 291 -40.00 -113.74 -52.83
CA ILE BA 291 -39.03 -113.24 -51.86
C ILE BA 291 -38.35 -114.46 -51.23
N ASP BA 292 -37.03 -114.43 -51.18
CA ASP BA 292 -36.25 -115.47 -50.52
C ASP BA 292 -36.39 -115.28 -49.00
N ARG BA 293 -37.26 -116.08 -48.39
CA ARG BA 293 -37.64 -115.89 -46.99
C ARG BA 293 -36.56 -116.27 -45.97
N LYS BA 294 -35.61 -117.11 -46.38
CA LYS BA 294 -34.42 -117.39 -45.57
C LYS BA 294 -33.37 -116.26 -45.68
N GLU BA 295 -33.30 -115.60 -46.83
CA GLU BA 295 -32.32 -114.53 -47.06
C GLU BA 295 -32.59 -113.29 -46.22
N LEU BA 296 -33.82 -112.76 -46.29
CA LEU BA 296 -34.19 -111.57 -45.50
C LEU BA 296 -34.37 -111.98 -44.04
N SER BA 297 -33.75 -111.21 -43.13
CA SER BA 297 -33.83 -111.46 -41.70
C SER BA 297 -34.56 -110.31 -41.01
N ARG BA 298 -35.25 -110.64 -39.92
CA ARG BA 298 -36.07 -109.68 -39.18
C ARG BA 298 -35.32 -108.95 -38.08
N ASP BA 299 -34.43 -109.66 -37.38
CA ASP BA 299 -33.60 -109.05 -36.33
C ASP BA 299 -32.54 -108.07 -36.86
N ASP BA 300 -32.16 -108.20 -38.14
CA ASP BA 300 -31.33 -107.21 -38.84
C ASP BA 300 -31.72 -107.15 -40.32
N PHE BA 301 -32.08 -105.95 -40.80
CA PHE BA 301 -32.76 -105.80 -42.08
C PHE BA 301 -32.31 -104.59 -42.88
N ASP BA 302 -31.46 -104.81 -43.89
CA ASP BA 302 -31.07 -103.76 -44.84
C ASP BA 302 -32.24 -103.45 -45.77
N ILE BA 303 -32.99 -102.40 -45.43
CA ILE BA 303 -34.14 -101.94 -46.23
C ILE BA 303 -33.72 -101.51 -47.64
N ARG BA 304 -32.61 -100.77 -47.72
CA ARG BA 304 -32.11 -100.23 -48.98
C ARG BA 304 -31.67 -101.35 -49.92
N GLN BA 305 -30.98 -102.33 -49.34
CA GLN BA 305 -30.52 -103.52 -50.04
C GLN BA 305 -31.70 -104.33 -50.61
N PHE BA 306 -32.71 -104.51 -49.76
CA PHE BA 306 -33.97 -105.18 -50.14
C PHE BA 306 -34.64 -104.49 -51.33
N THR BA 307 -34.74 -103.16 -51.24
CA THR BA 307 -35.31 -102.33 -52.31
C THR BA 307 -34.54 -102.49 -53.62
N LYS BA 308 -33.22 -102.48 -53.52
CA LYS BA 308 -32.32 -102.69 -54.67
C LYS BA 308 -32.54 -104.05 -55.32
N LYS BA 309 -32.68 -105.08 -54.49
CA LYS BA 309 -32.88 -106.46 -54.94
C LYS BA 309 -34.15 -106.60 -55.77
N TYR BA 310 -35.28 -106.13 -55.24
CA TYR BA 310 -36.58 -106.32 -55.88
C TYR BA 310 -37.04 -105.14 -56.76
N ASN BA 311 -36.19 -104.12 -56.90
CA ASN BA 311 -36.42 -102.97 -57.79
C ASN BA 311 -37.71 -102.20 -57.43
N LEU BA 312 -37.80 -101.82 -56.16
CA LEU BA 312 -38.96 -101.11 -55.62
C LEU BA 312 -38.75 -99.60 -55.70
N THR BA 313 -39.85 -98.85 -55.68
CA THR BA 313 -39.81 -97.38 -55.61
C THR BA 313 -40.76 -96.91 -54.51
N ALA BA 314 -40.21 -96.28 -53.47
CA ALA BA 314 -41.00 -95.83 -52.32
C ALA BA 314 -41.89 -94.65 -52.69
N ILE BA 315 -43.20 -94.90 -52.71
CA ILE BA 315 -44.18 -93.86 -53.06
C ILE BA 315 -44.79 -93.14 -51.85
N GLY BA 316 -44.92 -93.86 -50.74
CA GLY BA 316 -45.55 -93.33 -49.54
C GLY BA 316 -44.87 -93.78 -48.28
N ALA BA 317 -45.14 -93.05 -47.20
CA ALA BA 317 -44.60 -93.37 -45.89
C ALA BA 317 -45.51 -92.84 -44.79
N HIS BA 318 -45.38 -93.45 -43.63
CA HIS BA 318 -46.02 -92.98 -42.40
C HIS BA 318 -45.14 -93.43 -41.25
N ILE BA 319 -45.27 -92.77 -40.10
CA ILE BA 319 -44.41 -93.06 -38.96
C ILE BA 319 -45.14 -92.84 -37.64
N TRP BA 320 -44.96 -93.77 -36.71
CA TRP BA 320 -45.25 -93.54 -35.29
C TRP BA 320 -43.96 -93.81 -34.53
N ARG BA 321 -43.98 -93.60 -33.22
CA ARG BA 321 -42.82 -93.97 -32.41
C ARG BA 321 -43.15 -94.34 -30.98
N SER BA 322 -42.73 -95.54 -30.58
CA SER BA 322 -43.05 -96.12 -29.29
C SER BA 322 -41.85 -96.08 -28.34
N GLU BA 323 -42.13 -95.90 -27.06
CA GLU BA 323 -41.13 -96.06 -26.00
C GLU BA 323 -41.70 -96.92 -24.88
N TRP BA 324 -40.81 -97.34 -23.97
CA TRP BA 324 -41.16 -98.27 -22.90
C TRP BA 324 -42.29 -97.73 -22.01
N ASP BA 325 -43.17 -98.65 -21.62
CA ASP BA 325 -44.21 -98.40 -20.61
C ASP BA 325 -44.43 -99.72 -19.84
N ALA BA 326 -45.37 -99.72 -18.90
CA ALA BA 326 -45.63 -100.90 -18.06
C ALA BA 326 -46.12 -102.13 -18.83
N LYS BA 327 -46.92 -101.90 -19.88
CA LYS BA 327 -47.60 -102.99 -20.60
C LYS BA 327 -46.76 -103.71 -21.66
N VAL BA 328 -45.54 -103.23 -21.94
CA VAL BA 328 -44.69 -103.87 -22.96
C VAL BA 328 -44.32 -105.31 -22.55
N ALA BA 329 -44.08 -105.53 -21.26
CA ALA BA 329 -43.84 -106.87 -20.71
C ALA BA 329 -45.03 -107.80 -20.93
N ALA BA 330 -46.23 -107.27 -20.72
CA ALA BA 330 -47.48 -108.01 -20.96
C ALA BA 330 -47.65 -108.36 -22.43
N VAL BA 331 -47.33 -107.40 -23.31
CA VAL BA 331 -47.35 -107.61 -24.76
C VAL BA 331 -46.38 -108.71 -25.18
N ARG BA 332 -45.15 -108.65 -24.66
CA ARG BA 332 -44.14 -109.68 -24.90
C ARG BA 332 -44.62 -111.07 -24.48
N GLU BA 333 -45.22 -111.12 -23.30
CA GLU BA 333 -45.77 -112.36 -22.73
C GLU BA 333 -46.87 -112.94 -23.61
N LYS BA 334 -47.76 -112.07 -24.09
CA LYS BA 334 -48.83 -112.44 -25.02
C LYS BA 334 -48.28 -113.03 -26.33
N TYR BA 335 -47.29 -112.34 -26.89
CA TYR BA 335 -46.62 -112.79 -28.13
C TYR BA 335 -45.60 -113.93 -27.91
N GLY BA 336 -45.24 -114.20 -26.65
CA GLY BA 336 -44.26 -115.23 -26.33
C GLY BA 336 -42.83 -114.78 -26.59
N LEU BA 337 -42.60 -113.47 -26.63
CA LEU BA 337 -41.25 -112.92 -26.73
C LEU BA 337 -40.58 -113.02 -25.36
N PRO BA 338 -39.23 -113.00 -25.30
CA PRO BA 338 -38.54 -113.12 -24.01
C PRO BA 338 -38.79 -111.91 -23.07
N PRO BA 339 -38.43 -112.04 -21.77
CA PRO BA 339 -38.68 -111.01 -20.74
C PRO BA 339 -38.43 -109.55 -21.14
N GLY BA 340 -37.38 -109.32 -21.94
CA GLY BA 340 -37.04 -107.99 -22.41
C GLY BA 340 -35.98 -107.36 -21.52
N ARG BA 341 -34.96 -106.76 -22.15
CA ARG BA 341 -33.81 -106.23 -21.43
C ARG BA 341 -34.13 -104.90 -20.76
N VAL BA 342 -33.25 -104.51 -19.83
CA VAL BA 342 -33.34 -103.24 -19.11
C VAL BA 342 -31.96 -102.59 -19.13
N PHE BA 343 -31.88 -101.38 -19.67
CA PHE BA 343 -30.62 -100.66 -19.82
C PHE BA 343 -30.42 -99.62 -18.73
N SER BA 344 -29.18 -99.16 -18.59
CA SER BA 344 -28.83 -98.11 -17.65
C SER BA 344 -29.47 -96.79 -18.07
N ARG BA 345 -29.96 -96.04 -17.08
CA ARG BA 345 -30.60 -94.75 -17.33
C ARG BA 345 -29.64 -93.74 -17.96
N VAL BA 346 -28.37 -93.84 -17.62
CA VAL BA 346 -27.34 -92.95 -18.16
C VAL BA 346 -26.80 -93.52 -19.46
N ARG BA 347 -26.69 -92.66 -20.46
CA ARG BA 347 -25.99 -92.98 -21.71
C ARG BA 347 -24.51 -92.62 -21.53
N ARG BA 348 -23.80 -93.50 -20.83
CA ARG BA 348 -22.39 -93.30 -20.48
C ARG BA 348 -21.49 -93.72 -21.63
N SER CA 1 -60.45 -29.86 -20.50
CA SER CA 1 -60.08 -31.20 -21.06
C SER CA 1 -59.48 -31.08 -22.47
N LEU CA 2 -60.27 -30.56 -23.39
CA LEU CA 2 -59.85 -30.36 -24.79
C LEU CA 2 -60.36 -29.04 -25.35
N SER CA 3 -59.58 -28.46 -26.25
CA SER CA 3 -59.94 -27.23 -26.96
C SER CA 3 -60.86 -27.54 -28.14
N PRO CA 4 -61.49 -26.50 -28.76
CA PRO CA 4 -62.29 -26.72 -29.98
C PRO CA 4 -61.46 -27.26 -31.15
N LEU CA 5 -60.23 -26.74 -31.29
CA LEU CA 5 -59.27 -27.25 -32.29
C LEU CA 5 -58.94 -28.72 -32.05
N ALA CA 6 -58.74 -29.09 -30.79
CA ALA CA 6 -58.45 -30.48 -30.41
C ALA CA 6 -59.62 -31.39 -30.75
N GLN CA 7 -60.82 -30.93 -30.43
CA GLN CA 7 -62.05 -31.63 -30.76
C GLN CA 7 -62.16 -31.88 -32.26
N ARG CA 8 -61.96 -30.83 -33.04
CA ARG CA 8 -62.06 -30.93 -34.51
C ARG CA 8 -61.02 -31.91 -35.08
N VAL CA 9 -59.81 -31.89 -34.52
CA VAL CA 9 -58.75 -32.85 -34.89
C VAL CA 9 -59.19 -34.30 -34.60
N VAL CA 10 -59.77 -34.51 -33.42
CA VAL CA 10 -60.31 -35.81 -33.02
C VAL CA 10 -61.38 -36.30 -34.00
N THR CA 11 -62.27 -35.39 -34.39
CA THR CA 11 -63.34 -35.69 -35.36
C THR CA 11 -62.75 -36.13 -36.69
N GLN CA 12 -61.76 -35.37 -37.15
CA GLN CA 12 -61.02 -35.65 -38.38
C GLN CA 12 -60.36 -37.02 -38.34
N LEU CA 13 -59.71 -37.31 -37.22
CA LEU CA 13 -59.08 -38.61 -36.96
C LEU CA 13 -60.10 -39.75 -37.06
N SER CA 14 -61.25 -39.53 -36.44
CA SER CA 14 -62.36 -40.49 -36.44
C SER CA 14 -62.85 -40.83 -37.85
N VAL CA 15 -62.98 -39.81 -38.68
CA VAL CA 15 -63.35 -39.97 -40.11
C VAL CA 15 -62.49 -41.05 -40.79
N MET CA 16 -61.19 -41.01 -40.53
CA MET CA 16 -60.23 -41.97 -41.08
C MET CA 16 -60.25 -43.31 -40.36
N SER CA 17 -60.51 -43.30 -39.05
CA SER CA 17 -60.41 -44.51 -38.22
C SER CA 17 -61.55 -45.50 -38.45
N ALA CA 18 -61.26 -46.78 -38.19
CA ALA CA 18 -62.23 -47.87 -38.25
C ALA CA 18 -63.01 -48.08 -36.95
N SER CA 19 -62.79 -47.20 -35.95
CA SER CA 19 -63.46 -47.32 -34.65
C SER CA 19 -64.97 -47.16 -34.79
N ARG CA 20 -65.70 -48.22 -34.43
CA ARG CA 20 -67.17 -48.29 -34.42
C ARG CA 20 -67.90 -47.77 -35.69
N LYS CA 21 -67.26 -47.92 -36.85
CA LYS CA 21 -67.85 -47.55 -38.15
C LYS CA 21 -68.05 -48.71 -39.10
N GLN CA 22 -67.53 -49.90 -38.79
CA GLN CA 22 -67.48 -50.98 -39.75
C GLN CA 22 -68.50 -52.07 -39.41
N PRO CA 23 -69.09 -52.71 -40.43
CA PRO CA 23 -70.19 -53.65 -40.24
C PRO CA 23 -69.71 -55.01 -39.73
N LYS CA 24 -70.63 -55.98 -39.69
CA LYS CA 24 -70.28 -57.37 -39.41
C LYS CA 24 -69.54 -57.98 -40.60
N LEU CA 25 -68.89 -59.11 -40.34
CA LEU CA 25 -68.16 -59.85 -41.38
C LEU CA 25 -69.15 -60.48 -42.36
N LEU CA 26 -68.75 -60.50 -43.63
CA LEU CA 26 -69.57 -61.08 -44.69
C LEU CA 26 -69.48 -62.61 -44.63
N LYS CA 27 -70.41 -63.22 -43.90
CA LYS CA 27 -70.54 -64.68 -43.83
C LYS CA 27 -71.41 -65.17 -44.99
N LEU CA 28 -71.06 -66.34 -45.52
CA LEU CA 28 -71.81 -66.99 -46.59
C LEU CA 28 -72.18 -68.42 -46.21
N ALA CA 29 -73.23 -68.95 -46.86
CA ALA CA 29 -73.54 -70.38 -46.83
C ALA CA 29 -72.57 -71.09 -47.77
N ARG CA 30 -72.46 -72.41 -47.66
CA ARG CA 30 -71.50 -73.17 -48.49
C ARG CA 30 -71.84 -73.11 -49.99
N GLU CA 31 -73.13 -73.24 -50.29
CA GLU CA 31 -73.64 -73.10 -51.67
C GLU CA 31 -73.36 -71.71 -52.23
N ASP CA 32 -73.68 -70.69 -51.43
CA ASP CA 32 -73.37 -69.29 -51.76
C ASP CA 32 -71.88 -69.04 -51.98
N LEU CA 33 -71.06 -69.62 -51.11
CA LEU CA 33 -69.59 -69.55 -51.20
C LEU CA 33 -69.08 -70.12 -52.51
N ILE CA 34 -69.61 -71.28 -52.88
CA ILE CA 34 -69.31 -71.94 -54.16
C ILE CA 34 -69.69 -71.07 -55.35
N LYS CA 35 -70.91 -70.54 -55.30
CA LYS CA 35 -71.41 -69.65 -56.35
C LYS CA 35 -70.48 -68.45 -56.53
N HIS CA 36 -70.07 -67.87 -55.41
CA HIS CA 36 -69.09 -66.77 -55.41
C HIS CA 36 -67.76 -67.15 -56.05
N GLN CA 37 -67.24 -68.31 -55.66
CA GLN CA 37 -65.99 -68.84 -56.22
C GLN CA 37 -66.06 -69.01 -57.73
N THR CA 38 -67.18 -69.56 -58.21
CA THR CA 38 -67.41 -69.79 -59.64
C THR CA 38 -67.52 -68.48 -60.41
N ILE CA 39 -68.15 -67.48 -59.80
CA ILE CA 39 -68.23 -66.12 -60.35
C ILE CA 39 -66.82 -65.51 -60.52
N GLU CA 40 -66.03 -65.61 -59.46
CA GLU CA 40 -64.69 -65.00 -59.42
C GLU CA 40 -63.71 -65.67 -60.38
N LYS CA 41 -63.69 -66.99 -60.36
CA LYS CA 41 -62.82 -67.79 -61.22
C LYS CA 41 -63.08 -67.53 -62.70
N CYS CA 42 -64.35 -67.60 -63.08
CA CYS CA 42 -64.79 -67.29 -64.46
C CYS CA 42 -64.36 -65.91 -64.91
N TRP CA 43 -64.60 -64.93 -64.05
CA TRP CA 43 -64.19 -63.54 -64.28
C TRP CA 43 -62.69 -63.44 -64.54
N SER CA 44 -61.92 -64.06 -63.64
CA SER CA 44 -60.45 -64.07 -63.74
C SER CA 44 -59.97 -64.67 -65.07
N ILE CA 45 -60.59 -65.79 -65.45
CA ILE CA 45 -60.33 -66.45 -66.73
C ILE CA 45 -60.61 -65.51 -67.90
N TYR CA 46 -61.77 -64.87 -67.87
CA TYR CA 46 -62.17 -63.88 -68.89
C TYR CA 46 -61.15 -62.76 -69.01
N GLN CA 47 -60.72 -62.23 -67.87
CA GLN CA 47 -59.69 -61.18 -67.82
C GLN CA 47 -58.37 -61.62 -68.44
N GLN CA 48 -57.95 -62.84 -68.12
CA GLN CA 48 -56.75 -63.45 -68.71
C GLN CA 48 -56.86 -63.54 -70.23
N GLN CA 49 -57.99 -64.07 -70.70
CA GLN CA 49 -58.28 -64.17 -72.14
C GLN CA 49 -58.15 -62.82 -72.84
N GLN CA 50 -58.77 -61.80 -72.25
CA GLN CA 50 -58.72 -60.42 -72.76
C GLN CA 50 -57.29 -59.90 -72.85
N ARG CA 51 -56.51 -60.15 -71.80
CA ARG CA 51 -55.10 -59.78 -71.74
C ARG CA 51 -54.31 -60.44 -72.87
N GLU CA 52 -54.55 -61.73 -73.08
CA GLU CA 52 -53.90 -62.49 -74.15
C GLU CA 52 -54.25 -61.96 -75.53
N ARG CA 53 -55.55 -61.67 -75.73
CA ARG CA 53 -56.03 -61.07 -76.98
C ARG CA 53 -55.31 -59.77 -77.31
N ARG CA 54 -55.28 -58.87 -76.33
CA ARG CA 54 -54.60 -57.57 -76.45
C ARG CA 54 -53.10 -57.75 -76.68
N ASN CA 55 -52.49 -58.61 -75.86
CA ASN CA 55 -51.08 -58.95 -75.97
C ASN CA 55 -50.71 -59.54 -77.34
N LEU CA 56 -51.54 -60.46 -77.80
CA LEU CA 56 -51.40 -61.08 -79.12
C LEU CA 56 -51.47 -60.04 -80.22
N GLN CA 57 -52.47 -59.17 -80.14
CA GLN CA 57 -52.65 -58.05 -81.08
C GLN CA 57 -51.42 -57.17 -81.15
N LEU CA 58 -50.89 -56.80 -79.98
CA LEU CA 58 -49.67 -56.01 -79.87
C LEU CA 58 -48.46 -56.68 -80.51
N GLU CA 59 -48.32 -57.98 -80.27
CA GLU CA 59 -47.28 -58.80 -80.87
C GLU CA 59 -47.40 -58.80 -82.40
N LEU CA 60 -48.62 -59.01 -82.89
CA LEU CA 60 -48.92 -58.95 -84.33
C LEU CA 60 -48.54 -57.62 -84.97
N GLN CA 61 -48.91 -56.53 -84.29
CA GLN CA 61 -48.55 -55.17 -84.72
C GLN CA 61 -47.04 -54.98 -84.80
N TYR CA 62 -46.34 -55.44 -83.76
CA TYR CA 62 -44.87 -55.39 -83.71
C TYR CA 62 -44.22 -56.13 -84.87
N LYS CA 63 -44.74 -57.32 -85.16
CA LYS CA 63 -44.27 -58.15 -86.27
C LYS CA 63 -44.46 -57.45 -87.61
N SER CA 64 -45.62 -56.83 -87.79
CA SER CA 64 -45.95 -56.06 -88.99
C SER CA 64 -45.01 -54.87 -89.20
N ILE CA 65 -44.73 -54.17 -88.10
CA ILE CA 65 -43.79 -53.04 -88.09
C ILE CA 65 -42.39 -53.50 -88.52
N GLU CA 66 -41.94 -54.61 -87.93
CA GLU CA 66 -40.65 -55.22 -88.25
C GLU CA 66 -40.55 -55.58 -89.73
N ARG CA 67 -41.61 -56.18 -90.24
CA ARG CA 67 -41.73 -56.57 -91.64
C ARG CA 67 -41.65 -55.36 -92.57
N SER CA 68 -42.34 -54.30 -92.18
CA SER CA 68 -42.34 -53.03 -92.91
C SER CA 68 -40.96 -52.40 -92.97
N MET CA 69 -40.30 -52.33 -91.82
CA MET CA 69 -39.03 -51.61 -91.70
C MET CA 69 -37.89 -52.30 -92.45
N ASN CA 70 -37.88 -53.63 -92.42
CA ASN CA 70 -36.95 -54.43 -93.23
C ASN CA 70 -37.12 -54.15 -94.72
N LEU CA 71 -38.37 -54.12 -95.17
CA LEU CA 71 -38.71 -53.83 -96.56
C LEU CA 71 -38.25 -52.44 -96.96
N LEU CA 72 -38.50 -51.47 -96.09
CA LEU CA 72 -38.09 -50.08 -96.30
C LEU CA 72 -36.58 -49.95 -96.42
N GLN CA 73 -35.86 -50.65 -95.55
CA GLN CA 73 -34.39 -50.71 -95.56
C GLN CA 73 -33.86 -51.29 -96.88
N GLU CA 74 -34.51 -52.35 -97.34
CA GLU CA 74 -34.18 -53.00 -98.61
C GLU CA 74 -34.34 -52.05 -99.80
N LEU CA 75 -35.48 -51.35 -99.84
CA LEU CA 75 -35.85 -50.52 -100.99
C LEU CA 75 -35.18 -49.14 -100.99
N SER CA 76 -35.65 -48.26 -100.11
CA SER CA 76 -35.24 -46.85 -100.08
C SER CA 76 -34.54 -46.56 -98.75
N PRO CA 77 -33.20 -46.41 -98.76
CA PRO CA 77 -32.45 -46.15 -97.51
C PRO CA 77 -32.83 -44.86 -96.79
N ARG CA 78 -33.02 -43.79 -97.57
CA ARG CA 78 -33.40 -42.48 -97.03
C ARG CA 78 -34.74 -42.51 -96.29
N LEU CA 79 -35.72 -43.17 -96.90
CA LEU CA 79 -37.04 -43.35 -96.28
C LEU CA 79 -36.96 -44.15 -94.99
N PHE CA 80 -36.16 -45.21 -94.99
CA PHE CA 80 -35.91 -46.02 -93.80
C PHE CA 80 -35.30 -45.19 -92.66
N GLU CA 81 -34.29 -44.40 -93.01
CA GLU CA 81 -33.63 -43.49 -92.06
C GLU CA 81 -34.62 -42.50 -91.45
N ALA CA 82 -35.46 -41.92 -92.30
CA ALA CA 82 -36.51 -40.99 -91.87
C ALA CA 82 -37.51 -41.64 -90.91
N ALA CA 83 -37.91 -42.87 -91.23
CA ALA CA 83 -38.80 -43.66 -90.38
C ALA CA 83 -38.17 -43.93 -89.01
N ASN CA 84 -36.95 -44.46 -89.04
CA ASN CA 84 -36.23 -44.85 -87.83
C ASN CA 84 -35.42 -43.66 -87.28
N ALA CA 85 -36.13 -42.78 -86.59
CA ALA CA 85 -35.54 -41.65 -85.87
C ALA CA 85 -35.86 -41.79 -84.39
N SER CA 86 -35.06 -41.13 -83.55
CA SER CA 86 -35.33 -41.06 -82.12
C SER CA 86 -36.51 -40.13 -81.88
N GLU CA 87 -37.56 -40.67 -81.27
CA GLU CA 87 -38.78 -39.92 -80.95
C GLU CA 87 -38.81 -39.75 -79.45
N LYS CA 88 -37.79 -39.05 -78.95
CA LYS CA 88 -37.54 -38.89 -77.52
C LYS CA 88 -38.57 -37.96 -76.88
N GLY CA 89 -38.70 -36.76 -77.45
CA GLY CA 89 -39.62 -35.76 -76.94
C GLY CA 89 -41.00 -35.78 -77.59
N LYS CA 90 -41.43 -36.94 -78.09
CA LYS CA 90 -42.74 -37.06 -78.71
C LYS CA 90 -43.82 -36.96 -77.65
N ARG CA 91 -44.79 -36.09 -77.92
CA ARG CA 91 -45.85 -35.76 -76.98
C ARG CA 91 -47.18 -36.07 -77.68
N PHE CA 92 -48.08 -36.78 -76.99
CA PHE CA 92 -49.43 -36.99 -77.50
C PHE CA 92 -50.16 -35.64 -77.56
N PRO CA 93 -51.02 -35.45 -78.58
CA PRO CA 93 -51.67 -34.16 -78.74
C PRO CA 93 -52.74 -33.98 -77.67
N MET CA 94 -52.93 -32.74 -77.25
CA MET CA 94 -53.80 -32.45 -76.10
C MET CA 94 -55.29 -32.57 -76.45
N GLU CA 95 -55.61 -32.65 -77.74
CA GLU CA 95 -56.97 -32.95 -78.20
C GLU CA 95 -57.38 -34.41 -77.96
N MET CA 96 -56.44 -35.35 -78.05
CA MET CA 96 -56.71 -36.77 -77.76
C MET CA 96 -56.93 -36.99 -76.26
N LYS CA 97 -58.12 -36.61 -75.80
CA LYS CA 97 -58.44 -36.64 -74.36
C LYS CA 97 -58.94 -38.01 -73.93
N VAL CA 98 -58.92 -38.24 -72.62
CA VAL CA 98 -59.34 -39.51 -72.03
C VAL CA 98 -60.88 -39.55 -72.09
N PRO CA 99 -61.45 -40.53 -72.81
CA PRO CA 99 -62.91 -40.59 -73.04
C PRO CA 99 -63.75 -40.54 -71.76
N THR CA 100 -64.66 -39.57 -71.68
CA THR CA 100 -65.49 -39.36 -70.48
C THR CA 100 -66.57 -40.44 -70.33
N ASP CA 101 -67.39 -40.34 -69.28
CA ASP CA 101 -68.52 -41.26 -69.07
C ASP CA 101 -69.64 -40.96 -70.06
N PHE CA 102 -70.02 -39.68 -70.16
CA PHE CA 102 -71.02 -39.21 -71.11
C PHE CA 102 -70.42 -38.08 -71.98
N PRO CA 103 -70.93 -37.92 -73.22
CA PRO CA 103 -70.30 -36.98 -74.14
C PRO CA 103 -70.68 -35.52 -73.86
N PRO CA 104 -69.91 -34.57 -74.43
CA PRO CA 104 -70.19 -33.14 -74.23
C PRO CA 104 -71.40 -32.63 -75.02
N ASN CA 105 -71.65 -31.33 -74.95
CA ASN CA 105 -72.73 -30.70 -75.72
C ASN CA 105 -72.37 -30.63 -77.20
N THR CA 106 -71.19 -30.07 -77.49
CA THR CA 106 -70.60 -30.09 -78.82
C THR CA 106 -69.71 -31.32 -78.93
N LEU CA 107 -70.19 -32.34 -79.65
CA LEU CA 107 -69.47 -33.62 -79.77
C LEU CA 107 -68.15 -33.51 -80.51
N TRP CA 108 -68.14 -32.80 -81.63
CA TRP CA 108 -66.97 -32.68 -82.48
C TRP CA 108 -66.78 -31.24 -83.00
N HIS CA 109 -65.53 -30.78 -82.97
CA HIS CA 109 -65.17 -29.46 -83.49
C HIS CA 109 -64.66 -29.58 -84.92
N TYR CA 110 -65.37 -28.95 -85.85
CA TYR CA 110 -65.02 -28.98 -87.27
C TYR CA 110 -63.99 -27.93 -87.68
N ASN CA 111 -63.88 -26.85 -86.90
CA ASN CA 111 -62.87 -25.80 -87.12
C ASN CA 111 -61.86 -25.75 -85.98
N PHE CA 112 -60.68 -25.21 -86.28
CA PHE CA 112 -59.50 -25.32 -85.41
C PHE CA 112 -58.49 -24.19 -85.65
N ARG CA 113 -57.41 -24.17 -84.86
CA ARG CA 113 -56.38 -23.12 -84.88
C ARG CA 113 -56.97 -21.74 -84.53
N LEU DA 1 71.29 -38.47 37.06
CA LEU DA 1 70.50 -39.71 37.34
C LEU DA 1 69.94 -39.71 38.76
N THR DA 2 68.72 -40.23 38.90
CA THR DA 2 68.10 -40.45 40.22
C THR DA 2 68.90 -41.50 41.00
N ARG DA 3 69.31 -42.55 40.30
CA ARG DA 3 70.22 -43.56 40.85
C ARG DA 3 71.25 -43.97 39.78
N PRO DA 4 72.57 -43.80 40.06
CA PRO DA 4 73.62 -43.89 39.05
C PRO DA 4 73.81 -45.26 38.37
N TRP DA 5 73.40 -46.34 39.03
CA TRP DA 5 73.45 -47.70 38.47
C TRP DA 5 72.40 -47.92 37.37
N LYS DA 6 71.30 -47.16 37.42
CA LYS DA 6 70.27 -47.18 36.38
C LYS DA 6 70.41 -45.97 35.45
N LYS DA 7 71.25 -46.14 34.42
CA LYS DA 7 71.47 -45.10 33.42
C LYS DA 7 70.28 -44.95 32.48
N TYR DA 8 69.71 -46.07 32.06
CA TYR DA 8 68.64 -46.08 31.07
C TYR DA 8 67.25 -46.24 31.69
N ARG DA 9 66.23 -45.99 30.88
CA ARG DA 9 64.85 -45.95 31.34
C ARG DA 9 64.27 -47.36 31.42
N ASP DA 10 64.43 -47.98 32.59
CA ASP DA 10 63.61 -49.11 32.99
C ASP DA 10 62.32 -48.52 33.54
N GLY DA 11 61.27 -49.32 33.59
CA GLY DA 11 60.03 -48.90 34.24
C GLY DA 11 60.06 -48.87 35.76
N GLU DA 12 61.16 -48.36 36.35
CA GLU DA 12 61.30 -48.23 37.79
C GLU DA 12 60.82 -46.84 38.22
N LEU DA 13 60.20 -46.79 39.39
CA LEU DA 13 59.63 -45.55 39.91
C LEU DA 13 60.70 -44.68 40.55
N PHE DA 14 60.33 -43.42 40.81
CA PHE DA 14 61.16 -42.48 41.55
C PHE DA 14 61.34 -42.92 43.00
N TYR DA 15 60.25 -43.42 43.60
CA TYR DA 15 60.32 -44.09 44.90
C TYR DA 15 59.34 -45.26 44.96
N GLY DA 16 59.74 -46.32 45.66
CA GLY DA 16 58.93 -47.52 45.83
C GLY DA 16 58.82 -48.37 44.57
N LEU DA 17 57.92 -49.34 44.62
CA LEU DA 17 57.76 -50.34 43.56
C LEU DA 17 56.53 -50.09 42.67
N SER DA 18 55.39 -49.81 43.31
CA SER DA 18 54.15 -49.52 42.60
C SER DA 18 53.49 -48.27 43.16
N LYS DA 19 53.01 -47.39 42.28
CA LYS DA 19 52.24 -46.21 42.66
C LYS DA 19 50.86 -46.63 43.16
N VAL DA 20 50.22 -47.51 42.40
CA VAL DA 20 48.85 -47.95 42.67
C VAL DA 20 48.78 -48.93 43.83
N GLY DA 21 47.56 -49.15 44.32
CA GLY DA 21 47.31 -50.05 45.44
C GLY DA 21 45.92 -49.84 46.03
N ASN DA 22 45.57 -50.69 46.99
CA ASN DA 22 44.28 -50.61 47.65
C ASN DA 22 44.17 -49.34 48.51
N LYS DA 23 43.37 -48.40 48.05
CA LYS DA 23 43.12 -47.13 48.76
C LYS DA 23 42.26 -47.36 50.00
N ARG DA 24 41.38 -48.37 49.93
CA ARG DA 24 40.44 -48.70 51.01
C ARG DA 24 41.13 -49.52 52.09
N VAL DA 25 41.78 -48.83 53.01
CA VAL DA 25 42.55 -49.44 54.10
C VAL DA 25 42.48 -48.46 55.28
N PRO DA 26 42.23 -48.95 56.52
CA PRO DA 26 41.88 -48.04 57.63
C PRO DA 26 42.87 -46.92 57.88
N LEU DA 27 42.34 -45.76 58.27
CA LEU DA 27 43.16 -44.58 58.57
C LEU DA 27 44.00 -44.79 59.83
N THR DA 28 45.08 -44.03 59.92
CA THR DA 28 45.98 -44.04 61.06
C THR DA 28 45.93 -42.65 61.68
N THR DA 29 46.77 -42.41 62.69
CA THR DA 29 46.85 -41.10 63.32
C THR DA 29 47.48 -40.03 62.41
N LYS DA 30 48.41 -40.45 61.55
CA LYS DA 30 49.16 -39.53 60.69
C LYS DA 30 48.31 -38.93 59.56
N GLN DA 31 47.32 -39.68 59.09
CA GLN DA 31 46.54 -39.30 57.90
C GLN DA 31 45.40 -38.33 58.21
N GLY DA 32 44.86 -37.76 57.14
CA GLY DA 32 43.70 -36.88 57.21
C GLY DA 32 44.04 -35.41 57.40
N ASN DA 33 43.01 -34.64 57.74
CA ASN DA 33 43.09 -33.19 57.89
C ASN DA 33 43.76 -32.81 59.21
N LYS DA 34 43.89 -31.50 59.47
CA LYS DA 34 44.25 -31.00 60.82
C LYS DA 34 43.18 -31.41 61.84
N THR DA 35 41.91 -31.35 61.44
CA THR DA 35 40.78 -31.70 62.31
C THR DA 35 40.62 -33.20 62.58
N MET DA 36 41.15 -34.04 61.70
CA MET DA 36 41.07 -35.50 61.85
C MET DA 36 41.88 -35.97 63.06
N TYR DA 37 41.17 -36.47 64.06
CA TYR DA 37 41.76 -37.02 65.29
C TYR DA 37 41.32 -38.47 65.45
N LYS DA 38 42.28 -39.39 65.29
CA LYS DA 38 42.02 -40.81 65.45
C LYS DA 38 42.12 -41.22 66.92
N GLY DA 39 43.29 -41.03 67.52
CA GLY DA 39 43.52 -41.47 68.90
C GLY DA 39 43.91 -42.93 68.98
N THR DA 40 44.53 -43.32 70.10
CA THR DA 40 45.17 -44.63 70.24
C THR DA 40 44.78 -45.38 71.53
N ARG DA 41 43.54 -45.16 72.00
CA ARG DA 41 43.00 -45.78 73.23
C ARG DA 41 43.84 -45.52 74.49
N ALA DA 42 44.49 -44.36 74.53
CA ALA DA 42 45.48 -44.05 75.56
C ALA DA 42 44.96 -43.15 76.68
N SER DA 43 43.92 -42.36 76.41
CA SER DA 43 43.54 -41.27 77.32
C SER DA 43 42.04 -41.00 77.42
N GLY DA 44 41.36 -41.92 78.09
CA GLY DA 44 40.04 -41.66 78.68
C GLY DA 44 40.30 -41.47 80.16
N ILE DA 45 41.06 -40.42 80.46
CA ILE DA 45 41.68 -40.22 81.77
C ILE DA 45 40.91 -39.18 82.57
N GLY DA 46 40.86 -37.96 82.03
CA GLY DA 46 40.28 -36.81 82.72
C GLY DA 46 39.06 -36.29 82.01
N ARG DA 47 39.00 -34.98 81.82
CA ARG DA 47 37.89 -34.34 81.14
C ARG DA 47 38.35 -33.10 80.38
N HIS DA 48 37.78 -32.92 79.17
CA HIS DA 48 38.07 -31.75 78.36
C HIS DA 48 37.40 -30.52 78.95
N THR DA 49 38.14 -29.43 78.95
CA THR DA 49 37.67 -28.18 79.54
C THR DA 49 36.83 -27.42 78.51
N LYS DA 50 35.99 -26.52 79.01
CA LYS DA 50 35.21 -25.59 78.18
C LYS DA 50 36.08 -24.74 77.24
N PHE DA 51 37.26 -24.35 77.71
CA PHE DA 51 38.17 -23.48 76.95
C PHE DA 51 39.13 -24.20 75.98
N GLY DA 52 39.17 -25.54 76.04
CA GLY DA 52 40.06 -26.33 75.18
C GLY DA 52 41.18 -27.05 75.92
N GLY DA 53 41.34 -26.76 77.22
CA GLY DA 53 42.31 -27.45 78.06
C GLY DA 53 41.92 -28.88 78.40
N TYR DA 54 42.52 -29.40 79.47
CA TYR DA 54 42.24 -30.74 79.95
C TYR DA 54 42.51 -30.83 81.46
N VAL DA 55 41.68 -31.58 82.16
CA VAL DA 55 41.78 -31.73 83.62
C VAL DA 55 41.74 -33.21 83.97
N ILE DA 56 42.88 -33.73 84.42
CA ILE DA 56 43.03 -35.15 84.79
C ILE DA 56 42.14 -35.48 86.00
N ASN DA 57 41.54 -36.68 85.94
CA ASN DA 57 40.69 -37.20 87.01
C ASN DA 57 41.42 -38.43 87.56
N TRP DA 58 42.13 -38.23 88.67
CA TRP DA 58 43.11 -39.21 89.16
C TRP DA 58 42.52 -40.54 89.64
N LYS DA 59 41.26 -40.54 90.04
CA LYS DA 59 40.56 -41.79 90.37
C LYS DA 59 40.32 -42.67 89.11
N LYS DA 60 40.45 -42.07 87.93
CA LYS DA 60 40.36 -42.75 86.64
C LYS DA 60 41.72 -42.77 85.90
N VAL DA 61 42.81 -42.92 86.65
CA VAL DA 61 44.17 -43.00 86.09
C VAL DA 61 44.80 -44.33 86.49
N ARG DA 62 45.44 -45.00 85.54
CA ARG DA 62 46.02 -46.33 85.75
C ARG DA 62 47.30 -46.30 86.58
N THR DA 63 47.26 -46.91 87.76
CA THR DA 63 48.46 -47.29 88.51
C THR DA 63 48.74 -48.77 88.27
N TYR DA 64 50.01 -49.15 88.41
CA TYR DA 64 50.44 -50.53 88.28
C TYR DA 64 50.97 -51.00 89.62
N VAL DA 65 50.08 -51.59 90.42
CA VAL DA 65 50.39 -51.95 91.80
C VAL DA 65 51.26 -53.21 91.89
N THR DA 66 52.41 -53.06 92.54
CA THR DA 66 53.43 -54.12 92.66
C THR DA 66 53.42 -54.58 94.11
N PRO DA 67 53.65 -55.89 94.36
CA PRO DA 67 53.64 -56.36 95.76
C PRO DA 67 54.77 -55.74 96.60
N ASP DA 68 54.43 -55.34 97.83
CA ASP DA 68 55.38 -54.66 98.72
C ASP DA 68 56.57 -55.54 99.15
N MET DA 69 56.31 -56.83 99.35
CA MET DA 69 57.35 -57.82 99.66
C MET DA 69 57.46 -58.79 98.50
N VAL DA 70 58.41 -58.53 97.62
CA VAL DA 70 58.58 -59.30 96.38
C VAL DA 70 59.31 -60.61 96.68
N ASN DA 71 58.62 -61.73 96.43
CA ASN DA 71 59.25 -63.05 96.48
C ASN DA 71 60.09 -63.25 95.23
N PHE DA 72 61.39 -62.94 95.35
CA PHE DA 72 62.33 -63.07 94.22
C PHE DA 72 62.68 -64.52 93.89
N GLU DA 73 62.56 -65.42 94.87
CA GLU DA 73 62.86 -66.84 94.68
C GLU DA 73 61.88 -67.57 93.73
N LEU DA 74 60.69 -67.00 93.52
CA LEU DA 74 59.82 -67.46 92.44
C LEU DA 74 60.34 -66.89 91.13
N LYS DA 75 60.50 -67.77 90.14
CA LYS DA 75 61.10 -67.44 88.85
C LYS DA 75 60.09 -67.71 87.73
N PRO DA 76 60.30 -67.09 86.55
CA PRO DA 76 59.38 -67.31 85.43
C PRO DA 76 59.25 -68.77 84.96
N TYR DA 77 60.33 -69.54 85.11
CA TYR DA 77 60.33 -70.97 84.80
C TYR DA 77 60.51 -71.79 86.07
N VAL DA 78 60.14 -73.07 85.99
CA VAL DA 78 60.38 -74.05 87.04
C VAL DA 78 61.54 -74.94 86.56
N ASN DA 79 62.29 -75.49 87.51
CA ASN DA 79 63.33 -76.48 87.22
C ASN DA 79 62.66 -77.73 86.63
N ALA DA 80 63.14 -78.17 85.47
CA ALA DA 80 62.53 -79.30 84.75
C ALA DA 80 62.68 -80.66 85.45
N ASN DA 81 63.61 -80.75 86.41
CA ASN DA 81 63.69 -81.91 87.31
C ASN DA 81 62.41 -82.13 88.14
N VAL DA 82 61.68 -81.05 88.40
CA VAL DA 82 60.35 -81.12 88.99
C VAL DA 82 59.39 -81.61 87.90
N PRO DA 83 58.57 -82.65 88.20
CA PRO DA 83 57.56 -83.03 87.20
C PRO DA 83 56.39 -82.04 87.16
N PRO DA 84 55.64 -82.00 86.04
CA PRO DA 84 54.43 -81.19 86.03
C PRO DA 84 53.32 -81.87 86.86
N LEU DA 85 52.80 -81.15 87.86
CA LEU DA 85 51.79 -81.69 88.77
C LEU DA 85 50.45 -81.90 88.06
N LYS DA 86 49.62 -82.79 88.62
CA LYS DA 86 48.29 -83.09 88.08
C LYS DA 86 47.27 -83.27 89.20
N HIS DA 87 46.24 -82.42 89.24
CA HIS DA 87 45.17 -82.56 90.23
C HIS DA 87 44.08 -83.53 89.75
N GLU DA 88 43.42 -84.18 90.72
CA GLU DA 88 42.31 -85.11 90.47
C GLU DA 88 41.14 -84.72 91.37
N PHE DA 89 39.95 -84.59 90.76
CA PHE DA 89 38.75 -84.15 91.48
C PHE DA 89 37.62 -85.19 91.43
N LYS DA 90 37.97 -86.46 91.65
CA LYS DA 90 36.98 -87.55 91.62
C LYS DA 90 35.98 -87.43 92.76
N GLY DA 91 34.70 -87.63 92.45
CA GLY DA 91 33.60 -87.38 93.38
C GLY DA 91 33.21 -85.92 93.51
N PHE DA 92 33.56 -85.10 92.51
CA PHE DA 92 33.21 -83.67 92.48
C PHE DA 92 32.91 -83.25 91.03
N SER DA 93 31.63 -83.19 90.68
CA SER DA 93 31.20 -82.84 89.32
C SER DA 93 31.62 -81.42 88.89
N GLY DA 94 31.56 -80.48 89.84
CA GLY DA 94 32.00 -79.10 89.60
C GLY DA 94 33.49 -78.91 89.39
N GLY DA 95 34.31 -79.86 89.86
CA GLY DA 95 35.76 -79.82 89.68
C GLY DA 95 36.40 -78.90 90.72
N PRO DA 96 37.33 -78.02 90.30
CA PRO DA 96 37.88 -77.04 91.25
C PRO DA 96 36.90 -75.93 91.67
N LEU DA 97 35.89 -75.68 90.83
CA LEU DA 97 34.80 -74.74 91.16
C LEU DA 97 33.66 -75.38 91.98
N ASP DA 98 33.81 -76.65 92.36
CA ASP DA 98 32.78 -77.36 93.12
C ASP DA 98 32.70 -76.78 94.54
N PRO DA 99 31.50 -76.35 94.98
CA PRO DA 99 31.35 -75.82 96.34
C PRO DA 99 31.57 -76.87 97.44
N ARG DA 100 31.18 -78.11 97.18
CA ARG DA 100 31.38 -79.23 98.10
C ARG DA 100 32.85 -79.46 98.40
N LEU DA 101 33.66 -79.43 97.35
CA LEU DA 101 35.11 -79.56 97.46
C LEU DA 101 35.71 -78.45 98.32
N GLN DA 102 35.29 -77.22 98.05
CA GLN DA 102 35.71 -76.04 98.81
C GLN DA 102 35.39 -76.18 100.29
N LEU DA 103 34.16 -76.61 100.58
CA LEU DA 103 33.71 -76.88 101.96
C LEU DA 103 34.57 -77.92 102.66
N LEU DA 104 34.89 -78.99 101.93
CA LEU DA 104 35.77 -80.06 102.42
C LEU DA 104 37.16 -79.51 102.77
N LYS DA 105 37.72 -78.71 101.86
CA LYS DA 105 39.01 -78.05 102.07
C LYS DA 105 39.04 -77.15 103.30
N ILE DA 106 37.96 -76.37 103.47
CA ILE DA 106 37.77 -75.50 104.63
C ILE DA 106 37.75 -76.31 105.92
N LYS DA 107 36.98 -77.41 105.90
CA LYS DA 107 36.88 -78.34 107.02
C LYS DA 107 38.25 -78.92 107.40
N GLU DA 108 38.98 -79.37 106.40
CA GLU DA 108 40.35 -79.87 106.56
C GLU DA 108 41.28 -78.84 107.21
N TYR DA 109 41.23 -77.61 106.70
CA TYR DA 109 41.98 -76.48 107.25
C TYR DA 109 41.68 -76.26 108.73
N ILE DA 110 40.38 -76.23 109.04
CA ILE DA 110 39.89 -76.04 110.41
C ILE DA 110 40.47 -77.11 111.35
N VAL DA 111 40.39 -78.35 110.90
CA VAL DA 111 40.86 -79.51 111.68
C VAL DA 111 42.36 -79.45 111.92
N ASN DA 112 43.12 -79.25 110.83
CA ASN DA 112 44.57 -79.46 110.83
C ASN DA 112 45.38 -78.17 110.94
N GLY DA 113 45.06 -77.19 110.10
CA GLY DA 113 45.70 -75.87 110.14
C GLY DA 113 46.93 -75.75 109.26
N ARG DA 114 46.70 -75.58 107.96
CA ARG DA 114 47.74 -75.25 106.96
C ARG DA 114 48.79 -76.36 106.82
N VAL DA 115 48.33 -77.58 106.54
CA VAL DA 115 49.20 -78.73 106.25
C VAL DA 115 49.42 -78.80 104.75
N GLN DA 116 50.68 -78.94 104.34
CA GLN DA 116 51.05 -78.96 102.92
C GLN DA 116 50.66 -80.29 102.27
N SER DA 117 50.27 -80.22 100.99
CA SER DA 117 49.76 -81.39 100.25
C SER DA 117 50.89 -82.33 99.81
N GLU DA 118 50.49 -83.44 99.17
CA GLU DA 118 51.43 -84.45 98.66
C GLU DA 118 52.48 -83.86 97.73
N GLY DA 119 52.02 -83.11 96.73
CA GLY DA 119 52.90 -82.43 95.78
C GLY DA 119 53.78 -81.36 96.42
N ALA DA 120 53.22 -80.62 97.37
CA ALA DA 120 53.95 -79.56 98.07
C ALA DA 120 55.06 -80.10 98.96
N THR DA 121 54.78 -81.20 99.66
CA THR DA 121 55.77 -81.85 100.53
C THR DA 121 56.83 -82.58 99.71
N ASP DA 122 56.39 -83.52 98.87
CA ASP DA 122 57.26 -84.37 98.06
C ASP DA 122 57.31 -83.86 96.62
N THR DA 123 58.51 -83.47 96.18
CA THR DA 123 58.73 -83.00 94.80
C THR DA 123 58.67 -84.13 93.77
N SER DA 124 58.99 -85.35 94.20
CA SER DA 124 58.90 -86.54 93.33
C SER DA 124 57.46 -86.92 92.95
N CYS DA 125 56.49 -86.49 93.76
CA CYS DA 125 55.06 -86.69 93.48
C CYS DA 125 54.63 -86.01 92.18
N TYR DA 126 53.70 -86.64 91.46
CA TYR DA 126 53.15 -86.07 90.21
C TYR DA 126 51.62 -85.87 90.19
N LYS DA 127 50.87 -86.60 91.02
CA LYS DA 127 49.41 -86.44 91.10
C LYS DA 127 48.91 -86.25 92.53
N GLU DA 128 47.79 -85.53 92.65
CA GLU DA 128 47.34 -84.96 93.92
C GLU DA 128 45.82 -84.74 93.92
N ARG DA 129 45.24 -84.63 95.11
CA ARG DA 129 43.80 -84.34 95.27
C ARG DA 129 43.51 -82.86 95.00
N GLY DA 130 44.09 -81.99 95.84
CA GLY DA 130 43.77 -80.57 95.82
C GLY DA 130 44.29 -79.83 94.61
N VAL EA 1 102.28 -98.00 -25.77
CA VAL EA 1 102.07 -98.81 -24.52
C VAL EA 1 100.59 -98.77 -24.12
N VAL EA 2 100.09 -99.88 -23.59
CA VAL EA 2 98.68 -100.02 -23.20
C VAL EA 2 98.58 -100.50 -21.75
N LYS EA 3 97.59 -99.95 -21.04
CA LYS EA 3 97.33 -100.28 -19.63
C LYS EA 3 95.83 -100.46 -19.42
N ALA EA 4 95.47 -101.39 -18.53
CA ALA EA 4 94.07 -101.64 -18.22
C ALA EA 4 93.53 -100.65 -17.19
N ILE EA 5 92.22 -100.43 -17.23
CA ILE EA 5 91.50 -99.71 -16.20
C ILE EA 5 90.62 -100.76 -15.51
N ALA EA 6 90.84 -100.95 -14.21
CA ALA EA 6 90.05 -101.90 -13.42
C ALA EA 6 88.57 -101.50 -13.45
N ARG EA 7 87.73 -102.41 -13.90
CA ARG EA 7 86.31 -102.15 -14.13
C ARG EA 7 85.55 -103.44 -13.89
N ASN EA 8 84.29 -103.32 -13.46
CA ASN EA 8 83.45 -104.50 -13.16
C ASN EA 8 82.24 -104.61 -14.08
N SER EA 9 81.77 -105.84 -14.26
CA SER EA 9 80.65 -106.13 -15.16
C SER EA 9 79.30 -105.76 -14.55
N ILE EA 10 78.29 -105.60 -15.40
CA ILE EA 10 76.93 -105.23 -14.98
C ILE EA 10 76.01 -106.41 -15.28
N GLY EA 11 75.31 -106.93 -14.26
CA GLY EA 11 74.41 -108.05 -14.42
C GLY EA 11 73.08 -107.64 -15.04
N ARG EA 12 72.76 -108.22 -16.21
CA ARG EA 12 71.43 -108.11 -16.80
C ARG EA 12 70.72 -109.43 -16.48
N ASN EA 13 69.75 -109.36 -15.56
CA ASN EA 13 69.06 -110.54 -15.04
C ASN EA 13 68.43 -111.44 -16.11
N GLY EA 14 67.74 -110.81 -17.06
CA GLY EA 14 66.98 -111.53 -18.07
C GLY EA 14 67.74 -112.29 -19.14
N VAL EA 15 68.87 -111.76 -19.62
CA VAL EA 15 69.43 -112.16 -20.92
C VAL EA 15 69.94 -113.62 -21.00
N GLY EA 16 70.67 -114.06 -19.97
CA GLY EA 16 71.21 -115.42 -19.92
C GLY EA 16 70.27 -116.36 -19.19
N ALA EA 17 70.24 -116.22 -17.86
CA ALA EA 17 69.34 -117.00 -16.99
C ALA EA 17 68.54 -116.05 -16.12
N PHE EA 18 67.22 -116.13 -16.22
CA PHE EA 18 66.33 -115.32 -15.40
C PHE EA 18 66.26 -115.85 -13.96
N VAL EA 19 66.79 -115.07 -13.03
CA VAL EA 19 66.61 -115.30 -11.60
C VAL EA 19 65.35 -114.55 -11.19
N PHE EA 20 64.42 -115.26 -10.55
CA PHE EA 20 63.12 -114.68 -10.22
C PHE EA 20 63.27 -113.63 -9.10
N PRO EA 21 62.77 -112.40 -9.32
CA PRO EA 21 63.02 -111.29 -8.38
C PRO EA 21 62.56 -111.53 -6.94
N CYS EA 22 61.33 -112.01 -6.77
CA CYS EA 22 60.81 -112.32 -5.43
C CYS EA 22 61.42 -113.61 -4.90
N ARG EA 23 62.13 -113.52 -3.76
CA ARG EA 23 62.81 -114.66 -3.15
C ARG EA 23 62.12 -115.24 -1.91
N LYS EA 24 61.45 -114.39 -1.13
CA LYS EA 24 60.83 -114.81 0.11
C LYS EA 24 59.66 -113.90 0.48
N ILE EA 25 58.59 -114.50 1.00
CA ILE EA 25 57.42 -113.78 1.48
C ILE EA 25 57.13 -114.24 2.91
N THR EA 26 56.86 -113.29 3.81
CA THR EA 26 56.49 -113.59 5.18
C THR EA 26 55.04 -113.21 5.43
N LEU EA 27 54.21 -114.21 5.73
CA LEU EA 27 52.83 -113.99 6.16
C LEU EA 27 52.87 -113.78 7.66
N GLN EA 28 52.42 -112.62 8.13
CA GLN EA 28 52.40 -112.33 9.56
C GLN EA 28 50.97 -112.06 10.00
N PHE EA 29 50.59 -112.64 11.14
CA PHE EA 29 49.22 -112.55 11.65
C PHE EA 29 49.19 -112.45 13.18
N CYS EA 30 47.99 -112.35 13.73
CA CYS EA 30 47.75 -112.34 15.17
C CYS EA 30 46.55 -113.23 15.48
N ASN EA 31 46.63 -113.99 16.56
CA ASN EA 31 45.53 -114.87 16.99
C ASN EA 31 44.39 -114.06 17.61
N TRP EA 32 44.76 -113.12 18.47
CA TRP EA 32 43.88 -112.02 18.89
C TRP EA 32 43.86 -111.02 17.73
N GLY EA 33 43.10 -109.94 17.86
CA GLY EA 33 43.20 -108.85 16.91
C GLY EA 33 42.30 -109.08 15.72
N GLY EA 34 41.17 -108.37 15.69
CA GLY EA 34 40.16 -108.55 14.64
C GLY EA 34 40.58 -108.11 13.24
N SER EA 35 41.60 -107.26 13.15
CA SER EA 35 42.19 -106.86 11.87
C SER EA 35 42.88 -108.01 11.12
N SER EA 36 43.31 -109.05 11.85
CA SER EA 36 44.02 -110.19 11.26
C SER EA 36 43.11 -111.36 10.86
N GLU EA 37 41.81 -111.12 10.70
CA GLU EA 37 40.84 -112.21 10.46
C GLU EA 37 41.01 -112.81 9.05
N GLY EA 38 41.02 -111.94 8.04
CA GLY EA 38 41.18 -112.36 6.65
C GLY EA 38 42.49 -113.06 6.37
N MET EA 39 43.57 -112.57 6.99
CA MET EA 39 44.88 -113.21 6.94
C MET EA 39 44.83 -114.62 7.53
N ARG EA 40 44.25 -114.72 8.72
CA ARG EA 40 44.06 -116.01 9.40
C ARG EA 40 43.29 -117.02 8.55
N LYS EA 41 42.21 -116.54 7.93
CA LYS EA 41 41.38 -117.34 7.02
C LYS EA 41 42.17 -117.85 5.82
N PHE EA 42 42.96 -116.95 5.24
CA PHE EA 42 43.86 -117.28 4.12
C PHE EA 42 44.86 -118.36 4.48
N LEU EA 43 45.48 -118.21 5.65
CA LEU EA 43 46.43 -119.19 6.18
C LEU EA 43 45.79 -120.57 6.37
N THR EA 44 44.57 -120.57 6.89
CA THR EA 44 43.79 -121.80 7.09
C THR EA 44 43.48 -122.54 5.79
N SER EA 45 43.05 -121.81 4.76
CA SER EA 45 42.15 -122.36 3.74
C SER EA 45 42.77 -122.82 2.40
N LYS EA 46 43.82 -123.62 2.44
CA LYS EA 46 44.36 -124.34 1.26
C LYS EA 46 44.88 -123.48 0.08
N ARG EA 47 44.81 -122.16 0.21
CA ARG EA 47 45.25 -121.23 -0.83
C ARG EA 47 46.76 -121.09 -0.79
N LEU EA 48 47.30 -121.00 0.43
CA LEU EA 48 48.74 -120.87 0.66
C LEU EA 48 49.54 -122.05 0.12
N ASP EA 49 49.02 -123.26 0.35
CA ASP EA 49 49.60 -124.50 -0.20
C ASP EA 49 49.68 -124.46 -1.71
N LYS EA 50 48.56 -124.12 -2.35
CA LYS EA 50 48.48 -123.96 -3.81
C LYS EA 50 49.50 -122.97 -4.33
N TRP EA 51 49.57 -121.82 -3.67
CA TRP EA 51 50.54 -120.78 -3.95
C TRP EA 51 51.99 -121.29 -3.91
N GLY EA 52 52.33 -121.98 -2.83
CA GLY EA 52 53.66 -122.56 -2.66
C GLY EA 52 54.00 -123.60 -3.72
N GLN EA 53 53.00 -124.38 -4.11
CA GLN EA 53 53.12 -125.36 -5.20
C GLN EA 53 53.42 -124.67 -6.53
N GLU EA 54 52.71 -123.58 -6.79
CA GLU EA 54 52.88 -122.77 -7.99
C GLU EA 54 54.28 -122.14 -8.08
N PHE EA 55 54.74 -121.58 -6.95
CA PHE EA 55 55.99 -120.82 -6.87
C PHE EA 55 56.97 -121.45 -5.88
N PRO EA 56 57.67 -122.52 -6.30
CA PRO EA 56 58.62 -123.20 -5.41
C PRO EA 56 60.00 -122.50 -5.27
N TRP EA 57 60.24 -121.43 -6.01
CA TRP EA 57 61.45 -120.59 -5.87
C TRP EA 57 61.31 -119.52 -4.77
N ILE EA 58 60.07 -119.18 -4.41
CA ILE EA 58 59.80 -118.32 -3.24
C ILE EA 58 59.64 -119.21 -2.01
N GLN EA 59 60.23 -118.80 -0.88
CA GLN EA 59 59.93 -119.43 0.42
C GLN EA 59 58.88 -118.61 1.17
N PHE EA 60 57.94 -119.31 1.79
CA PHE EA 60 56.77 -118.69 2.42
C PHE EA 60 56.82 -118.88 3.94
N GLU EA 61 57.38 -117.89 4.63
CA GLU EA 61 57.43 -117.89 6.08
C GLU EA 61 56.06 -117.49 6.64
N VAL EA 62 55.68 -118.10 7.77
CA VAL EA 62 54.41 -117.80 8.44
C VAL EA 62 54.72 -117.51 9.91
N MET EA 63 54.50 -116.26 10.33
CA MET EA 63 54.87 -115.77 11.65
C MET EA 63 53.64 -115.27 12.40
N ARG EA 64 53.71 -115.31 13.74
CA ARG EA 64 52.67 -114.76 14.61
C ARG EA 64 53.25 -113.59 15.41
N LYS EA 65 52.56 -112.45 15.38
CA LYS EA 65 52.92 -111.27 16.17
C LYS EA 65 51.66 -110.56 16.68
N SER EA 66 51.82 -109.72 17.68
CA SER EA 66 50.69 -109.06 18.35
C SER EA 66 49.99 -107.98 17.50
N GLY EA 67 50.74 -107.35 16.60
CA GLY EA 67 50.24 -106.20 15.83
C GLY EA 67 49.31 -106.54 14.68
N HIS EA 68 49.23 -105.63 13.72
CA HIS EA 68 48.43 -105.81 12.51
C HIS EA 68 49.01 -106.89 11.59
N PRO EA 69 48.19 -107.45 10.69
CA PRO EA 69 48.70 -108.49 9.80
C PRO EA 69 49.55 -107.90 8.68
N LEU EA 70 50.64 -108.59 8.36
CA LEU EA 70 51.69 -108.08 7.49
C LEU EA 70 52.05 -109.05 6.36
N LEU EA 71 52.36 -108.48 5.20
CA LEU EA 71 52.91 -109.22 4.06
C LEU EA 71 54.22 -108.54 3.67
N ARG EA 72 55.34 -109.06 4.16
CA ARG EA 72 56.65 -108.54 3.75
C ARG EA 72 57.34 -109.47 2.75
N ALA EA 73 57.54 -108.95 1.53
CA ALA EA 73 58.28 -109.65 0.49
C ALA EA 73 59.76 -109.32 0.61
N GLU EA 74 60.58 -110.10 -0.09
CA GLU EA 74 62.04 -109.95 -0.05
C GLU EA 74 62.59 -110.31 -1.42
N TYR EA 75 63.30 -109.37 -2.05
CA TYR EA 75 63.67 -109.48 -3.46
C TYR EA 75 65.17 -109.69 -3.66
N THR EA 76 65.53 -110.02 -4.90
CA THR EA 76 66.92 -110.31 -5.27
C THR EA 76 67.85 -109.11 -5.11
N ASN EA 77 67.36 -107.92 -5.42
CA ASN EA 77 68.14 -106.68 -5.26
C ASN EA 77 68.40 -106.25 -3.81
N GLY EA 78 67.71 -106.87 -2.85
CA GLY EA 78 67.93 -106.62 -1.43
C GLY EA 78 66.88 -105.76 -0.76
N ARG EA 79 66.01 -105.15 -1.55
CA ARG EA 79 64.92 -104.32 -1.04
C ARG EA 79 63.81 -105.19 -0.46
N GLU EA 80 63.00 -104.58 0.41
CA GLU EA 80 61.94 -105.26 1.13
C GLU EA 80 60.67 -104.42 1.10
N LYS EA 81 59.65 -104.92 0.38
CA LYS EA 81 58.31 -104.36 0.47
C LYS EA 81 57.62 -104.96 1.70
N VAL EA 82 56.87 -104.12 2.42
CA VAL EA 82 56.03 -104.56 3.53
C VAL EA 82 54.65 -103.95 3.37
N ILE EA 83 53.64 -104.79 3.11
CA ILE EA 83 52.25 -104.36 2.99
C ILE EA 83 51.50 -104.78 4.24
N CYS EA 84 50.92 -103.80 4.94
CA CYS EA 84 50.00 -104.07 6.04
C CYS EA 84 48.65 -104.42 5.43
N VAL EA 85 48.12 -105.60 5.79
CA VAL EA 85 46.85 -106.09 5.22
C VAL EA 85 45.72 -106.03 6.26
N ARG EA 86 45.71 -104.98 7.07
CA ARG EA 86 44.74 -104.83 8.17
C ARG EA 86 43.31 -104.77 7.63
N ASN EA 87 42.42 -105.58 8.23
CA ASN EA 87 41.00 -105.62 7.89
C ASN EA 87 40.64 -106.02 6.45
N LEU EA 88 41.58 -106.60 5.71
CA LEU EA 88 41.31 -107.05 4.34
C LEU EA 88 40.76 -108.47 4.40
N ASN EA 89 39.83 -108.78 3.50
CA ASN EA 89 39.30 -110.15 3.36
C ASN EA 89 40.34 -111.09 2.73
N ILE EA 90 40.00 -112.38 2.63
CA ILE EA 90 40.94 -113.40 2.10
C ILE EA 90 41.39 -113.06 0.69
N ASP EA 91 40.42 -112.69 -0.14
CA ASP EA 91 40.66 -112.44 -1.57
C ASP EA 91 41.55 -111.22 -1.80
N ASN EA 92 41.31 -110.16 -1.02
CA ASN EA 92 42.15 -108.95 -1.04
C ASN EA 92 43.60 -109.23 -0.62
N VAL EA 93 43.76 -110.06 0.41
CA VAL EA 93 45.08 -110.52 0.87
C VAL EA 93 45.81 -111.27 -0.23
N GLU EA 94 45.10 -112.18 -0.89
CA GLU EA 94 45.63 -112.97 -1.99
C GLU EA 94 46.08 -112.09 -3.17
N ASN EA 95 45.26 -111.09 -3.50
CA ASN EA 95 45.59 -110.10 -4.53
C ASN EA 95 46.85 -109.31 -4.20
N LYS EA 96 46.94 -108.88 -2.94
CA LYS EA 96 48.14 -108.21 -2.40
C LYS EA 96 49.40 -109.08 -2.52
N LEU EA 97 49.25 -110.36 -2.20
CA LEU EA 97 50.33 -111.34 -2.30
C LEU EA 97 50.79 -111.51 -3.75
N LYS EA 98 49.82 -111.57 -4.66
CA LYS EA 98 50.05 -111.62 -6.10
C LYS EA 98 50.81 -110.41 -6.61
N LEU EA 99 50.36 -109.24 -6.19
CA LEU EA 99 51.04 -107.97 -6.50
C LEU EA 99 52.50 -108.00 -6.05
N LEU EA 100 52.73 -108.44 -4.81
CA LEU EA 100 54.09 -108.55 -4.25
C LEU EA 100 54.99 -109.47 -5.06
N LYS EA 101 54.48 -110.65 -5.41
CA LYS EA 101 55.25 -111.62 -6.21
C LYS EA 101 55.57 -111.09 -7.61
N ASP EA 102 54.65 -110.30 -8.18
CA ASP EA 102 54.83 -109.68 -9.49
C ASP EA 102 55.97 -108.67 -9.48
N SER EA 103 56.10 -107.92 -8.40
CA SER EA 103 57.09 -106.85 -8.30
C SER EA 103 58.53 -107.34 -8.49
N ASP EA 104 59.26 -106.64 -9.36
CA ASP EA 104 60.71 -106.59 -9.23
C ASP EA 104 60.97 -105.64 -8.07
N GLY EA 105 61.93 -105.98 -7.20
CA GLY EA 105 62.09 -105.31 -5.90
C GLY EA 105 62.34 -103.82 -5.88
N ASP EA 106 62.73 -103.24 -7.01
CA ASP EA 106 63.14 -101.84 -7.11
C ASP EA 106 62.12 -100.84 -6.58
N ILE EA 107 62.65 -99.75 -6.01
CA ILE EA 107 61.87 -98.61 -5.51
C ILE EA 107 60.93 -98.01 -6.56
N LEU EA 108 59.79 -97.49 -6.11
CA LEU EA 108 58.84 -96.81 -7.00
C LEU EA 108 59.34 -95.41 -7.34
N ARG EA 109 59.00 -94.95 -8.54
CA ARG EA 109 59.73 -93.87 -9.21
C ARG EA 109 58.88 -93.22 -10.29
N ARG EA 110 58.94 -91.90 -10.38
CA ARG EA 110 58.26 -91.16 -11.46
C ARG EA 110 59.05 -91.32 -12.75
N ARG EA 111 58.35 -91.65 -13.84
CA ARG EA 111 58.94 -91.73 -15.17
C ARG EA 111 58.43 -90.54 -15.98
N THR EA 112 59.31 -89.93 -16.76
CA THR EA 112 58.89 -88.92 -17.74
C THR EA 112 58.27 -89.58 -18.98
N LYS EA 113 57.72 -88.76 -19.88
CA LYS EA 113 57.08 -89.25 -21.10
C LYS EA 113 58.08 -89.98 -21.99
N ASN EA 114 57.68 -91.18 -22.42
CA ASN EA 114 58.47 -92.05 -23.32
C ASN EA 114 59.84 -92.50 -22.78
N ASP EA 115 60.03 -92.47 -21.46
CA ASP EA 115 61.26 -92.95 -20.83
C ASP EA 115 61.15 -94.47 -20.71
N ASN EA 116 61.25 -95.14 -21.87
CA ASN EA 116 60.88 -96.54 -22.00
C ASN EA 116 62.04 -97.48 -21.77
N VAL EA 117 63.05 -97.41 -22.64
CA VAL EA 117 64.15 -98.37 -22.65
C VAL EA 117 65.35 -97.84 -21.87
N GLU EA 118 66.04 -98.76 -21.18
CA GLU EA 118 67.19 -98.44 -20.34
C GLU EA 118 68.39 -99.30 -20.77
N SER EA 119 69.27 -98.70 -21.56
CA SER EA 119 70.40 -99.42 -22.16
C SER EA 119 71.71 -99.15 -21.44
N LEU EA 120 72.53 -100.21 -21.33
CA LEU EA 120 73.95 -100.08 -21.01
C LEU EA 120 74.79 -99.95 -22.28
N ASN EA 121 74.20 -100.31 -23.41
CA ASN EA 121 74.94 -100.47 -24.67
C ASN EA 121 75.15 -99.15 -25.37
N SER EA 122 76.32 -98.99 -25.99
CA SER EA 122 76.60 -97.85 -26.85
C SER EA 122 75.74 -97.96 -28.10
N SER EA 123 75.37 -96.80 -28.65
CA SER EA 123 74.47 -96.72 -29.80
C SER EA 123 75.04 -97.54 -30.98
N VAL EA 124 74.15 -98.25 -31.69
CA VAL EA 124 74.56 -99.13 -32.80
C VAL EA 124 75.01 -98.27 -33.98
N ARG EA 125 74.15 -97.32 -34.35
CA ARG EA 125 74.55 -96.19 -35.17
C ARG EA 125 75.29 -95.28 -34.20
N GLY EA 126 76.14 -94.38 -34.68
CA GLY EA 126 76.90 -93.51 -33.78
C GLY EA 126 76.04 -92.44 -33.13
N ILE EA 127 76.71 -91.49 -32.49
CA ILE EA 127 76.07 -90.22 -32.11
C ILE EA 127 76.27 -89.29 -33.30
N TRP EA 128 75.25 -88.48 -33.57
CA TRP EA 128 75.26 -87.52 -34.66
C TRP EA 128 76.46 -86.56 -34.57
N SER EA 129 76.92 -86.11 -35.72
CA SER EA 129 77.99 -85.11 -35.81
C SER EA 129 77.69 -84.19 -37.00
N PRO EA 130 77.85 -82.86 -36.81
CA PRO EA 130 77.54 -81.92 -37.89
C PRO EA 130 78.53 -81.98 -39.06
N LEU EA 131 79.79 -82.30 -38.78
CA LEU EA 131 80.79 -82.51 -39.84
C LEU EA 131 80.51 -83.77 -40.67
N HIS EA 132 79.97 -84.81 -40.03
CA HIS EA 132 79.75 -86.11 -40.66
C HIS EA 132 78.30 -86.36 -41.13
N ALA EA 133 77.45 -85.33 -41.09
CA ALA EA 133 76.06 -85.45 -41.52
C ALA EA 133 75.96 -85.64 -43.03
N ALA EA 134 74.85 -86.27 -43.46
CA ALA EA 134 74.61 -86.53 -44.89
C ALA EA 134 74.32 -85.23 -45.63
N LYS EA 135 73.33 -84.49 -45.14
CA LYS EA 135 73.01 -83.16 -45.64
C LYS EA 135 73.77 -82.14 -44.79
N ARG EA 136 74.70 -81.43 -45.43
CA ARG EA 136 75.44 -80.36 -44.75
C ARG EA 136 74.52 -79.15 -44.56
N HIS EA 137 74.67 -78.47 -43.43
CA HIS EA 137 73.83 -77.33 -43.09
C HIS EA 137 74.26 -76.10 -43.89
N ARG EA 138 73.42 -75.72 -44.87
CA ARG EA 138 73.69 -74.62 -45.80
C ARG EA 138 75.00 -74.77 -46.56
N GLU FA 1 65.93 -132.10 35.71
CA GLU FA 1 66.58 -131.70 34.41
C GLU FA 1 67.34 -130.39 34.51
N SER FA 2 68.13 -130.10 33.47
CA SER FA 2 68.88 -128.84 33.36
C SER FA 2 68.80 -128.29 31.93
N GLU FA 3 68.61 -126.99 31.81
CA GLU FA 3 68.55 -126.31 30.50
C GLU FA 3 69.88 -126.30 29.75
N LEU FA 4 70.99 -126.28 30.50
CA LEU FA 4 72.34 -126.35 29.93
C LEU FA 4 72.52 -127.67 29.16
N ALA FA 5 72.12 -128.77 29.80
CA ALA FA 5 72.16 -130.11 29.20
C ALA FA 5 71.34 -130.20 27.92
N LYS FA 6 70.14 -129.62 27.95
CA LYS FA 6 69.26 -129.53 26.79
C LYS FA 6 69.88 -128.76 25.64
N TYR FA 7 70.50 -127.63 25.96
CA TYR FA 7 71.23 -126.82 24.99
C TYR FA 7 72.41 -127.58 24.40
N LYS FA 8 73.17 -128.23 25.28
CA LYS FA 8 74.36 -128.99 24.90
C LYS FA 8 74.03 -130.12 23.91
N GLU FA 9 72.96 -130.86 24.18
CA GLU FA 9 72.54 -131.95 23.30
C GLU FA 9 72.06 -131.44 21.93
N TYR FA 10 71.40 -130.29 21.93
CA TYR FA 10 70.97 -129.60 20.70
C TYR FA 10 72.19 -129.21 19.85
N TYR FA 11 73.18 -128.61 20.51
CA TYR FA 11 74.45 -128.23 19.89
C TYR FA 11 75.15 -129.44 19.26
N GLN FA 12 75.21 -130.53 20.02
CA GLN FA 12 75.79 -131.80 19.55
C GLN FA 12 75.07 -132.35 18.32
N GLY FA 13 73.74 -132.31 18.36
CA GLY FA 13 72.92 -132.72 17.23
C GLY FA 13 73.18 -131.87 16.00
N LEU FA 14 73.26 -130.56 16.18
CA LEU FA 14 73.60 -129.61 15.12
C LEU FA 14 74.97 -129.92 14.50
N LYS FA 15 75.96 -130.16 15.36
CA LYS FA 15 77.31 -130.53 14.92
C LYS FA 15 77.30 -131.82 14.09
N SER FA 16 76.55 -132.82 14.56
CA SER FA 16 76.39 -134.09 13.86
C SER FA 16 75.75 -133.92 12.48
N THR FA 17 74.74 -133.05 12.40
CA THR FA 17 74.07 -132.74 11.13
C THR FA 17 75.01 -132.04 10.15
N VAL FA 18 75.83 -131.13 10.67
CA VAL FA 18 76.84 -130.43 9.87
C VAL FA 18 77.87 -131.41 9.30
N ASN FA 19 78.34 -132.31 10.16
CA ASN FA 19 79.30 -133.35 9.76
C ASN FA 19 78.76 -134.24 8.64
N GLU FA 20 77.52 -134.68 8.81
CA GLU FA 20 76.84 -135.54 7.84
C GLU FA 20 76.37 -134.76 6.63
N ILE FA 21 75.61 -133.71 6.90
CA ILE FA 21 74.63 -133.16 5.96
C ILE FA 21 73.77 -134.34 5.49
N PRO FA 22 72.89 -134.85 6.38
CA PRO FA 22 72.03 -135.97 5.97
C PRO FA 22 71.02 -135.50 4.94
N GLU FA 23 70.74 -136.35 3.95
CA GLU FA 23 69.99 -135.94 2.77
C GLU FA 23 68.56 -135.52 3.08
N SER FA 24 67.89 -136.27 3.95
CA SER FA 24 66.52 -135.98 4.37
C SER FA 24 66.38 -134.60 5.02
N VAL FA 25 67.36 -134.28 5.88
CA VAL FA 25 67.40 -132.99 6.59
C VAL FA 25 67.59 -131.85 5.59
N ALA FA 26 68.52 -132.04 4.65
CA ALA FA 26 68.78 -131.09 3.57
C ALA FA 26 67.56 -130.85 2.69
N SER FA 27 66.85 -131.93 2.38
CA SER FA 27 65.60 -131.86 1.61
C SER FA 27 64.55 -131.05 2.35
N LYS FA 28 64.40 -131.30 3.65
CA LYS FA 28 63.47 -130.55 4.50
C LYS FA 28 63.74 -129.04 4.55
N SER FA 29 65.01 -128.64 4.43
CA SER FA 29 65.41 -127.22 4.45
C SER FA 29 64.79 -126.40 3.31
N PRO FA 30 63.85 -125.48 3.63
CA PRO FA 30 63.10 -124.74 2.61
C PRO FA 30 63.97 -123.80 1.77
N SER FA 31 64.93 -123.14 2.42
CA SER FA 31 65.83 -122.19 1.77
C SER FA 31 66.66 -122.84 0.66
N LEU FA 32 67.20 -124.02 0.95
CA LEU FA 32 67.94 -124.81 -0.04
C LEU FA 32 67.09 -125.15 -1.25
N ARG FA 33 65.87 -125.60 -0.98
CA ARG FA 33 64.92 -125.98 -2.04
C ARG FA 33 64.63 -124.81 -2.96
N THR FA 34 64.33 -123.66 -2.35
CA THR FA 34 64.05 -122.44 -3.10
C THR FA 34 65.24 -121.97 -3.94
N LEU FA 35 66.45 -122.10 -3.38
CA LEU FA 35 67.69 -121.80 -4.11
C LEU FA 35 67.82 -122.73 -5.32
N HIS FA 36 67.58 -124.01 -5.10
CA HIS FA 36 67.62 -125.04 -6.16
C HIS FA 36 66.65 -124.72 -7.30
N LYS FA 37 65.42 -124.34 -6.94
CA LYS FA 37 64.39 -123.98 -7.91
C LYS FA 37 64.71 -122.70 -8.66
N ARG FA 38 65.30 -121.74 -7.95
CA ARG FA 38 65.63 -120.43 -8.49
C ARG FA 38 66.67 -120.51 -9.61
N LEU FA 39 67.73 -121.25 -9.35
CA LEU FA 39 68.85 -121.38 -10.29
C LEU FA 39 68.62 -122.45 -11.37
N GLN FA 40 67.57 -123.26 -11.21
CA GLN FA 40 67.26 -124.37 -12.12
C GLN FA 40 68.44 -125.34 -12.18
N LEU FA 41 68.90 -125.75 -10.99
CA LEU FA 41 70.01 -126.67 -10.84
C LEU FA 41 69.54 -128.07 -11.25
N PRO FA 42 70.48 -128.93 -11.68
CA PRO FA 42 70.06 -130.27 -12.11
C PRO FA 42 69.46 -131.11 -10.97
N ASN FA 43 68.57 -132.02 -11.33
CA ASN FA 43 67.94 -132.92 -10.36
C ASN FA 43 68.92 -133.94 -9.76
N GLU FA 44 70.01 -134.20 -10.49
CA GLU FA 44 71.09 -135.07 -10.02
C GLU FA 44 71.88 -134.42 -8.88
N LEU FA 45 71.97 -133.09 -8.89
CA LEU FA 45 72.57 -132.34 -7.78
C LEU FA 45 71.66 -132.42 -6.56
N THR FA 46 72.06 -133.24 -5.60
CA THR FA 46 71.28 -133.45 -4.38
C THR FA 46 71.33 -132.22 -3.47
N TYR FA 47 70.41 -132.20 -2.51
CA TYR FA 47 70.24 -131.06 -1.60
C TYR FA 47 71.35 -131.04 -0.55
N SER FA 48 71.86 -132.21 -0.21
CA SER FA 48 73.04 -132.36 0.66
C SER FA 48 74.28 -131.69 0.07
N THR FA 49 74.49 -131.91 -1.23
CA THR FA 49 75.59 -131.28 -1.98
C THR FA 49 75.50 -129.76 -1.93
N LEU FA 50 74.28 -129.24 -2.10
CA LEU FA 50 74.01 -127.81 -2.06
C LEU FA 50 74.32 -127.22 -0.69
N SER FA 51 73.90 -127.93 0.36
CA SER FA 51 74.20 -127.55 1.75
C SER FA 51 75.70 -127.51 2.02
N ARG FA 52 76.41 -128.52 1.53
CA ARG FA 52 77.87 -128.61 1.63
C ARG FA 52 78.55 -127.43 0.97
N CYS FA 53 78.09 -127.06 -0.22
CA CYS FA 53 78.61 -125.90 -0.95
C CYS FA 53 78.54 -124.60 -0.15
N LEU FA 54 77.48 -124.46 0.65
CA LEU FA 54 77.30 -123.33 1.56
C LEU FA 54 78.15 -123.43 2.84
N THR FA 55 78.62 -124.63 3.16
CA THR FA 55 79.49 -124.88 4.31
C THR FA 55 80.95 -124.57 3.96
N CYS FA 56 81.47 -123.46 4.49
CA CYS FA 56 82.90 -123.14 4.36
C CYS FA 56 83.73 -123.94 5.36
N PRO FA 57 85.05 -124.07 5.13
CA PRO FA 57 85.92 -124.75 6.11
C PRO FA 57 85.97 -124.03 7.44
N SER FA 58 85.85 -124.80 8.52
CA SER FA 58 85.88 -124.27 9.87
C SER FA 58 86.13 -125.43 10.83
N ALA FA 59 87.38 -125.88 10.86
CA ALA FA 59 87.78 -127.05 11.64
C ALA FA 59 87.92 -126.71 13.13
N LYS FA 60 88.76 -125.71 13.41
CA LYS FA 60 89.03 -125.27 14.77
C LYS FA 60 88.63 -123.81 14.97
N LEU FA 61 88.10 -123.51 16.16
CA LEU FA 61 87.72 -122.15 16.54
C LEU FA 61 89.00 -121.35 16.84
N PRO FA 62 89.12 -120.12 16.30
CA PRO FA 62 90.40 -119.41 16.39
C PRO FA 62 90.71 -118.82 17.76
N ASP FA 63 91.92 -118.27 17.90
CA ASP FA 63 92.39 -117.66 19.16
C ASP FA 63 91.70 -116.33 19.48
N LYS FA 64 91.18 -115.64 18.45
CA LYS FA 64 90.55 -114.32 18.64
C LYS FA 64 89.20 -114.34 19.38
N ILE FA 65 88.60 -115.52 19.55
CA ILE FA 65 87.42 -115.65 20.42
C ILE FA 65 87.71 -115.30 21.87
N ASN FA 66 88.93 -115.59 22.33
CA ASN FA 66 89.34 -115.36 23.73
C ASN FA 66 89.08 -113.94 24.25
N ASN FA 67 89.11 -112.95 23.35
CA ASN FA 67 88.87 -111.55 23.72
C ASN FA 67 87.92 -110.81 22.76
N PRO FA 68 86.64 -110.66 23.17
CA PRO FA 68 85.75 -109.65 22.59
C PRO FA 68 86.19 -108.20 22.87
N THR FA 69 87.03 -108.00 23.90
CA THR FA 69 87.65 -106.70 24.18
C THR FA 69 88.54 -106.18 23.04
N LYS FA 70 89.13 -107.09 22.26
CA LYS FA 70 89.92 -106.72 21.08
C LYS FA 70 89.09 -106.60 19.78
N GLY FA 71 87.77 -106.74 19.89
CA GLY FA 71 86.85 -106.44 18.80
C GLY FA 71 86.52 -107.62 17.90
N ALA FA 72 86.29 -108.79 18.50
CA ALA FA 72 85.86 -109.97 17.75
C ALA FA 72 85.30 -111.09 18.62
N ALA FA 73 84.22 -111.70 18.14
CA ALA FA 73 83.61 -112.87 18.78
C ALA FA 73 82.99 -113.77 17.72
N PHE FA 74 83.44 -115.02 17.69
CA PHE FA 74 82.99 -116.01 16.71
C PHE FA 74 82.11 -117.03 17.44
N VAL FA 75 80.82 -116.75 17.44
CA VAL FA 75 79.83 -117.51 18.22
C VAL FA 75 78.64 -118.03 17.39
N ASN FA 76 78.71 -117.88 16.07
CA ASN FA 76 77.60 -118.23 15.18
C ASN FA 76 77.77 -119.65 14.65
N THR FA 77 78.90 -119.90 14.00
CA THR FA 77 79.13 -121.20 13.37
C THR FA 77 79.52 -122.29 14.38
N VAL FA 78 79.53 -123.53 13.88
CA VAL FA 78 79.89 -124.72 14.65
C VAL FA 78 80.93 -125.49 13.82
N PRO FA 79 81.91 -126.16 14.48
CA PRO FA 79 82.96 -126.87 13.72
C PRO FA 79 82.47 -127.86 12.66
N THR FA 80 83.17 -127.89 11.53
CA THR FA 80 82.79 -128.71 10.37
C THR FA 80 83.67 -129.95 10.24
N ASN FA 81 83.19 -130.88 9.42
CA ASN FA 81 83.96 -132.07 9.04
C ASN FA 81 85.09 -131.68 8.10
N LYS FA 82 86.24 -132.32 8.26
CA LYS FA 82 87.43 -132.06 7.44
C LYS FA 82 87.20 -132.44 5.97
N TYR FA 83 86.48 -133.53 5.73
CA TYR FA 83 86.22 -134.06 4.38
C TYR FA 83 84.80 -133.83 3.88
N LEU FA 84 84.12 -132.82 4.41
CA LEU FA 84 82.80 -132.41 3.90
C LEU FA 84 82.59 -130.91 4.11
N ASP FA 85 83.32 -130.15 3.31
CA ASP FA 85 83.22 -128.68 3.26
C ASP FA 85 83.23 -128.27 1.79
N ASN FA 86 83.14 -126.97 1.52
CA ASN FA 86 83.13 -126.46 0.14
C ASN FA 86 84.51 -126.20 -0.48
N HIS FA 87 85.58 -126.66 0.18
CA HIS FA 87 86.94 -126.19 -0.10
C HIS FA 87 87.50 -126.73 -1.40
N GLY FA 88 87.41 -128.06 -1.57
CA GLY FA 88 87.82 -128.72 -2.80
C GLY FA 88 86.95 -128.29 -3.97
N LEU FA 89 85.64 -128.33 -3.75
CA LEU FA 89 84.64 -127.81 -4.70
C LEU FA 89 84.99 -126.40 -5.17
N ASN FA 90 85.22 -125.52 -4.21
CA ASN FA 90 85.53 -124.10 -4.47
C ASN FA 90 86.69 -123.91 -5.46
N ILE FA 91 87.77 -124.65 -5.21
CA ILE FA 91 88.97 -124.62 -6.06
C ILE FA 91 88.62 -125.02 -7.50
N MET FA 92 87.85 -126.10 -7.63
CA MET FA 92 87.40 -126.60 -8.92
C MET FA 92 86.55 -125.58 -9.67
N GLY FA 93 85.63 -124.95 -8.94
CA GLY FA 93 84.79 -123.87 -9.48
C GLY FA 93 85.61 -122.69 -9.97
N LYS FA 94 86.62 -122.32 -9.18
CA LYS FA 94 87.55 -121.24 -9.54
C LYS FA 94 88.31 -121.54 -10.82
N ASN FA 95 88.81 -122.77 -10.92
CA ASN FA 95 89.50 -123.26 -12.12
C ASN FA 95 88.60 -123.19 -13.36
N LEU FA 96 87.37 -123.66 -13.21
CA LEU FA 96 86.36 -123.62 -14.27
C LEU FA 96 86.09 -122.21 -14.76
N LEU FA 97 85.89 -121.30 -13.79
CA LEU FA 97 85.69 -119.87 -14.07
C LEU FA 97 86.89 -119.28 -14.81
N SER FA 98 88.09 -119.59 -14.33
CA SER FA 98 89.32 -119.08 -14.94
C SER FA 98 89.53 -119.60 -16.36
N TYR FA 99 89.15 -120.86 -16.61
CA TYR FA 99 89.24 -121.45 -17.95
C TYR FA 99 88.20 -120.82 -18.87
N HIS FA 100 86.94 -121.01 -18.52
CA HIS FA 100 85.84 -120.78 -19.45
C HIS FA 100 85.65 -119.32 -19.83
N VAL FA 101 85.64 -118.46 -18.81
CA VAL FA 101 85.49 -117.00 -18.98
C VAL FA 101 86.59 -116.47 -19.90
N THR FA 102 87.83 -116.82 -19.56
CA THR FA 102 89.01 -116.43 -20.33
C THR FA 102 88.90 -116.87 -21.79
N LYS FA 103 88.49 -118.12 -21.98
CA LYS FA 103 88.29 -118.69 -23.32
C LYS FA 103 87.25 -117.90 -24.11
N SER FA 104 86.13 -117.60 -23.47
CA SER FA 104 85.04 -116.80 -24.05
C SER FA 104 85.51 -115.40 -24.47
N ILE FA 105 86.30 -114.77 -23.60
CA ILE FA 105 86.89 -113.46 -23.87
C ILE FA 105 87.81 -113.50 -25.08
N ILE FA 106 88.65 -114.52 -25.13
CA ILE FA 106 89.59 -114.72 -26.26
C ILE FA 106 88.84 -114.94 -27.57
N GLN FA 107 87.79 -115.75 -27.52
CA GLN FA 107 86.89 -115.97 -28.67
C GLN FA 107 86.29 -114.66 -29.17
N LYS FA 108 85.84 -113.85 -28.23
CA LYS FA 108 85.23 -112.55 -28.53
C LYS FA 108 86.25 -111.58 -29.13
N TYR FA 109 87.40 -111.44 -28.44
CA TYR FA 109 88.43 -110.46 -28.80
C TYR FA 109 89.78 -111.17 -28.91
N PRO FA 110 90.09 -111.76 -30.08
CA PRO FA 110 91.31 -112.56 -30.22
C PRO FA 110 92.64 -111.81 -30.17
N ARG FA 111 92.63 -110.49 -30.36
CA ARG FA 111 93.85 -109.68 -30.25
C ARG FA 111 93.99 -108.88 -28.95
N LEU FA 112 92.94 -108.89 -28.12
CA LEU FA 112 92.91 -108.15 -26.85
C LEU FA 112 94.26 -108.21 -26.11
N PRO FA 113 94.82 -107.05 -25.68
CA PRO FA 113 96.09 -107.10 -24.95
C PRO FA 113 96.01 -107.94 -23.67
N THR FA 114 97.15 -108.46 -23.22
CA THR FA 114 97.20 -109.43 -22.12
C THR FA 114 96.66 -108.84 -20.82
N VAL FA 115 97.13 -107.64 -20.50
CA VAL FA 115 96.71 -106.92 -19.29
C VAL FA 115 95.22 -106.60 -19.33
N VAL FA 116 94.76 -106.15 -20.50
CA VAL FA 116 93.34 -105.82 -20.73
C VAL FA 116 92.47 -107.06 -20.58
N LEU FA 117 92.92 -108.17 -21.17
CA LEU FA 117 92.25 -109.46 -21.05
C LEU FA 117 92.11 -109.90 -19.60
N ASN FA 118 93.21 -109.82 -18.86
CA ASN FA 118 93.23 -110.14 -17.43
C ASN FA 118 92.23 -109.32 -16.62
N ALA FA 119 92.18 -108.02 -16.92
CA ALA FA 119 91.23 -107.10 -16.30
C ALA FA 119 89.78 -107.49 -16.59
N ALA FA 120 89.52 -107.83 -17.86
CA ALA FA 120 88.19 -108.30 -18.30
C ALA FA 120 87.78 -109.57 -17.56
N VAL FA 121 88.71 -110.52 -17.49
CA VAL FA 121 88.51 -111.77 -16.75
C VAL FA 121 88.14 -111.47 -15.30
N ASN FA 122 88.94 -110.63 -14.66
CA ASN FA 122 88.71 -110.19 -13.28
C ASN FA 122 87.31 -109.63 -13.12
N ALA FA 123 86.95 -108.70 -14.00
CA ALA FA 123 85.62 -108.09 -14.02
C ALA FA 123 84.49 -109.11 -14.05
N TYR FA 124 84.65 -110.09 -14.94
CA TYR FA 124 83.67 -111.17 -15.07
C TYR FA 124 83.56 -112.06 -13.83
N ILE FA 125 84.70 -112.36 -13.19
CA ILE FA 125 84.74 -113.30 -12.06
C ILE FA 125 85.61 -112.83 -10.87
N SER FA 126 85.56 -111.54 -10.55
CA SER FA 126 86.24 -111.02 -9.35
C SER FA 126 85.46 -111.46 -8.12
N GLU FA 127 86.14 -111.46 -6.98
CA GLU FA 127 85.57 -111.94 -5.73
C GLU FA 127 84.33 -111.16 -5.31
N ALA FA 128 84.41 -109.84 -5.45
CA ALA FA 128 83.30 -108.93 -5.14
C ALA FA 128 82.07 -109.19 -6.02
N VAL FA 129 82.31 -109.36 -7.32
CA VAL FA 129 81.25 -109.68 -8.29
C VAL FA 129 80.58 -111.01 -7.95
N LEU FA 130 81.40 -112.01 -7.67
CA LEU FA 130 80.91 -113.33 -7.25
C LEU FA 130 80.05 -113.28 -5.99
N ALA FA 131 80.50 -112.48 -5.02
CA ALA FA 131 79.76 -112.25 -3.78
C ALA FA 131 78.40 -111.61 -4.04
N HIS FA 132 78.41 -110.58 -4.88
CA HIS FA 132 77.18 -109.91 -5.31
C HIS FA 132 76.19 -110.86 -5.96
N ILE FA 133 76.69 -111.70 -6.86
CA ILE FA 133 75.89 -112.73 -7.54
C ILE FA 133 75.24 -113.67 -6.53
N ALA FA 134 76.04 -114.12 -5.56
CA ALA FA 134 75.56 -115.00 -4.49
C ALA FA 134 74.45 -114.37 -3.65
N LYS FA 135 74.64 -113.09 -3.31
CA LYS FA 135 73.62 -112.29 -2.62
C LYS FA 135 72.33 -112.18 -3.41
N TYR FA 136 72.48 -111.91 -4.71
CA TYR FA 136 71.35 -111.82 -5.65
C TYR FA 136 70.56 -113.12 -5.69
N TRP FA 137 71.28 -114.24 -5.78
CA TRP FA 137 70.69 -115.58 -5.73
C TRP FA 137 69.92 -115.86 -4.43
N GLY FA 138 70.41 -115.31 -3.33
CA GLY FA 138 69.76 -115.44 -2.02
C GLY FA 138 70.53 -116.28 -1.01
N ILE FA 139 71.84 -116.45 -1.22
CA ILE FA 139 72.71 -117.14 -0.27
C ILE FA 139 72.91 -116.23 0.93
N GLU FA 140 72.09 -116.45 1.96
CA GLU FA 140 72.13 -115.65 3.19
C GLU FA 140 73.09 -116.27 4.21
N VAL FA 141 73.72 -115.41 5.00
CA VAL FA 141 74.75 -115.81 5.96
C VAL FA 141 74.12 -116.15 7.31
N GLU FA 142 74.68 -117.15 7.99
CA GLU FA 142 74.22 -117.54 9.33
C GLU FA 142 74.76 -116.55 10.36
N THR FA 143 74.05 -115.43 10.50
CA THR FA 143 74.40 -114.35 11.41
C THR FA 143 73.97 -114.64 12.85
N THR FA 144 72.81 -115.29 12.99
CA THR FA 144 72.26 -115.65 14.30
C THR FA 144 73.17 -116.64 15.04
N SER FA 145 73.21 -116.50 16.36
CA SER FA 145 74.01 -117.38 17.22
C SER FA 145 73.37 -118.76 17.37
N VAL FA 146 74.16 -119.70 17.90
CA VAL FA 146 73.70 -121.07 18.14
C VAL FA 146 72.74 -121.08 19.32
N LEU FA 147 73.13 -120.39 20.38
CA LEU FA 147 72.30 -120.24 21.58
C LEU FA 147 70.95 -119.61 21.28
N SER FA 148 70.98 -118.52 20.51
CA SER FA 148 69.77 -117.82 20.08
C SER FA 148 68.82 -118.75 19.32
N ARG FA 149 69.39 -119.50 18.38
CA ARG FA 149 68.66 -120.50 17.61
C ARG FA 149 68.00 -121.56 18.49
N TYR FA 150 68.76 -122.05 19.46
CA TYR FA 150 68.26 -123.02 20.45
C TYR FA 150 67.07 -122.47 21.24
N LEU FA 151 67.22 -121.23 21.71
CA LEU FA 151 66.16 -120.53 22.45
C LEU FA 151 64.88 -120.40 21.63
N LYS FA 152 65.03 -119.97 20.38
CA LYS FA 152 63.94 -119.94 19.41
C LYS FA 152 63.42 -121.36 19.12
N MET FA 153 64.34 -122.32 19.18
CA MET FA 153 64.09 -123.75 19.01
C MET FA 153 63.80 -124.04 17.54
N GLU FA 154 64.61 -123.46 16.67
CA GLU FA 154 64.49 -123.67 15.24
C GLU FA 154 65.21 -124.96 14.84
N PRO FA 155 64.72 -125.65 13.79
CA PRO FA 155 65.40 -126.84 13.26
C PRO FA 155 66.81 -126.58 12.71
N PHE FA 156 67.55 -127.67 12.50
CA PHE FA 156 68.89 -127.63 11.91
C PHE FA 156 68.86 -127.41 10.40
N GLU FA 157 67.70 -127.68 9.80
CA GLU FA 157 67.48 -127.54 8.35
C GLU FA 157 67.78 -126.12 7.88
N PHE FA 158 67.26 -125.15 8.62
CA PHE FA 158 67.49 -123.73 8.33
C PHE FA 158 68.96 -123.37 8.38
N THR FA 159 69.66 -123.87 9.39
CA THR FA 159 71.11 -123.69 9.54
C THR FA 159 71.87 -124.24 8.33
N LEU FA 160 71.52 -125.47 7.94
CA LEU FA 160 72.10 -126.11 6.75
C LEU FA 160 71.91 -125.26 5.50
N GLY FA 161 70.70 -124.72 5.34
CA GLY FA 161 70.37 -123.85 4.21
C GLY FA 161 71.14 -122.56 4.10
N ARG FA 162 71.55 -122.00 5.24
CA ARG FA 162 72.33 -120.76 5.25
C ARG FA 162 73.81 -121.01 4.99
N LEU FA 163 74.52 -119.93 4.64
CA LEU FA 163 75.97 -119.97 4.42
C LEU FA 163 76.68 -120.00 5.77
N LYS FA 164 77.70 -120.85 5.89
CA LYS FA 164 78.34 -121.16 7.17
C LYS FA 164 79.86 -121.02 7.13
N PHE FA 165 80.36 -119.94 7.75
CA PHE FA 165 81.79 -119.73 7.96
C PHE FA 165 82.01 -119.02 9.29
N PHE FA 166 83.28 -118.83 9.68
CA PHE FA 166 83.62 -118.08 10.89
C PHE FA 166 83.35 -116.59 10.68
N ASN FA 167 82.07 -116.23 10.70
CA ASN FA 167 81.67 -114.82 10.58
C ASN FA 167 81.78 -114.18 11.94
N ASN FA 168 82.56 -113.10 12.01
CA ASN FA 168 82.79 -112.40 13.27
C ASN FA 168 81.53 -111.66 13.69
N SER FA 169 80.95 -112.06 14.83
CA SER FA 169 79.93 -111.26 15.48
C SER FA 169 80.59 -110.00 16.01
N LEU FA 170 79.84 -108.92 16.08
CA LEU FA 170 80.35 -107.56 16.32
C LEU FA 170 81.54 -107.20 15.41
N ASN FA 171 81.33 -107.37 14.10
CA ASN FA 171 82.36 -107.08 13.10
C ASN FA 171 82.66 -105.59 12.98
N SER FA 172 81.59 -104.78 12.85
CA SER FA 172 81.72 -103.33 12.68
C SER FA 172 80.82 -102.56 13.67
N LYS FA 173 80.73 -103.06 14.90
CA LYS FA 173 79.95 -102.40 15.95
C LYS FA 173 80.77 -101.29 16.57
N ASP FA 174 80.11 -100.16 16.86
CA ASP FA 174 80.76 -98.92 17.29
C ASP FA 174 81.75 -98.38 16.23
N GLY FA 175 81.55 -98.78 14.97
CA GLY FA 175 82.47 -98.44 13.87
C GLY FA 175 83.90 -98.90 14.05
N ILE FA 176 84.09 -100.16 14.44
CA ILE FA 176 85.43 -100.74 14.64
C ILE FA 176 85.54 -102.11 13.95
N GLU FA 177 86.28 -102.16 12.84
CA GLU FA 177 86.67 -103.42 12.20
C GLU FA 177 87.99 -103.90 12.78
N LEU FA 178 88.22 -105.21 12.72
CA LEU FA 178 89.45 -105.82 13.28
C LEU FA 178 90.50 -106.19 12.20
N ILE FA 179 90.13 -106.18 10.92
CA ILE FA 179 91.05 -106.50 9.82
C ILE FA 179 91.67 -107.89 10.02
N THR FA 180 90.81 -108.90 9.86
CA THR FA 180 91.21 -110.30 9.94
C THR FA 180 91.53 -110.79 8.52
N GLY FA 181 91.91 -112.06 8.40
CA GLY FA 181 92.26 -112.65 7.10
C GLY FA 181 91.08 -112.88 6.17
N LYS FA 182 91.37 -113.55 5.05
CA LYS FA 182 90.35 -113.92 4.06
C LYS FA 182 89.39 -115.01 4.56
N ASN FA 183 89.85 -115.81 5.53
CA ASN FA 183 89.03 -116.89 6.11
C ASN FA 183 87.91 -116.44 7.06
N PHE FA 184 87.79 -115.13 7.31
CA PHE FA 184 86.67 -114.58 8.10
C PHE FA 184 85.88 -113.49 7.37
N SER FA 185 86.11 -113.32 6.06
CA SER FA 185 85.40 -112.30 5.27
C SER FA 185 84.13 -112.87 4.63
N GLU FA 186 83.09 -112.05 4.60
CA GLU FA 186 81.77 -112.44 4.07
C GLU FA 186 81.79 -112.57 2.55
N THR FA 187 82.35 -111.55 1.91
CA THR FA 187 82.53 -111.50 0.45
C THR FA 187 83.23 -112.75 -0.08
N SER FA 188 84.33 -113.11 0.56
CA SER FA 188 85.11 -114.31 0.20
C SER FA 188 84.28 -115.58 0.32
N ALA FA 189 83.56 -115.71 1.43
CA ALA FA 189 82.66 -116.84 1.68
C ALA FA 189 81.58 -116.98 0.61
N LEU FA 190 81.00 -115.85 0.23
CA LEU FA 190 79.99 -115.79 -0.83
C LEU FA 190 80.56 -116.18 -2.18
N ALA FA 191 81.78 -115.72 -2.46
CA ALA FA 191 82.51 -116.10 -3.68
C ALA FA 191 82.75 -117.60 -3.72
N MET FA 192 83.24 -118.15 -2.60
CA MET FA 192 83.45 -119.60 -2.46
C MET FA 192 82.18 -120.39 -2.74
N SER FA 193 81.07 -119.91 -2.18
CA SER FA 193 79.77 -120.55 -2.34
C SER FA 193 79.33 -120.63 -3.80
N VAL FA 194 79.44 -119.51 -4.52
CA VAL FA 194 79.09 -119.48 -5.94
C VAL FA 194 80.01 -120.38 -6.79
N ARG FA 195 81.29 -120.41 -6.44
CA ARG FA 195 82.25 -121.33 -7.11
C ARG FA 195 81.94 -122.78 -6.76
N SER FA 196 81.58 -123.03 -5.51
CA SER FA 196 81.26 -124.38 -5.05
C SER FA 196 80.01 -124.96 -5.72
N ILE FA 197 78.99 -124.12 -5.90
CA ILE FA 197 77.78 -124.49 -6.65
C ILE FA 197 78.12 -124.93 -8.07
N ILE FA 198 78.94 -124.12 -8.74
CA ILE FA 198 79.42 -124.40 -10.10
C ILE FA 198 80.13 -125.74 -10.17
N ALA FA 199 81.02 -125.97 -9.21
CA ALA FA 199 81.77 -127.21 -9.10
C ALA FA 199 80.88 -128.43 -8.88
N ALA FA 200 79.87 -128.25 -8.03
CA ALA FA 200 78.87 -129.29 -7.76
C ALA FA 200 78.08 -129.63 -9.02
N ILE FA 201 77.66 -128.60 -9.74
CA ILE FA 201 76.97 -128.75 -11.03
C ILE FA 201 77.83 -129.54 -12.02
N TRP FA 202 79.11 -129.17 -12.09
CA TRP FA 202 80.06 -129.87 -12.95
C TRP FA 202 80.17 -131.35 -12.60
N ALA FA 203 80.34 -131.62 -11.31
CA ALA FA 203 80.46 -132.99 -10.79
C ALA FA 203 79.29 -133.86 -11.20
N VAL FA 204 78.07 -133.32 -11.07
CA VAL FA 204 76.87 -134.09 -11.35
C VAL FA 204 76.62 -134.30 -12.85
N THR FA 205 76.93 -133.30 -13.68
CA THR FA 205 76.56 -133.34 -15.11
C THR FA 205 77.66 -133.84 -16.06
N GLU FA 206 78.93 -133.81 -15.64
CA GLU FA 206 80.09 -134.05 -16.55
C GLU FA 206 79.98 -135.27 -17.48
N GLN FA 207 79.52 -136.40 -16.94
CA GLN FA 207 79.43 -137.65 -17.70
C GLN FA 207 78.25 -137.65 -18.67
N LYS FA 208 77.11 -137.12 -18.23
CA LYS FA 208 75.90 -137.06 -19.06
C LYS FA 208 75.98 -135.92 -20.08
N ASP FA 209 76.06 -134.68 -19.58
CA ASP FA 209 76.19 -133.48 -20.41
C ASP FA 209 77.42 -132.68 -19.97
N SER FA 210 78.51 -132.84 -20.71
CA SER FA 210 79.79 -132.21 -20.36
C SER FA 210 79.77 -130.67 -20.37
N GLN FA 211 78.99 -130.10 -21.29
CA GLN FA 211 78.93 -128.64 -21.48
C GLN FA 211 77.83 -127.93 -20.67
N ALA FA 212 77.10 -128.67 -19.84
CA ALA FA 212 76.03 -128.13 -19.00
C ALA FA 212 76.51 -127.03 -18.05
N VAL FA 213 77.69 -127.27 -17.47
CA VAL FA 213 78.35 -126.33 -16.55
C VAL FA 213 78.68 -125.03 -17.27
N TYR FA 214 79.23 -125.17 -18.46
CA TYR FA 214 79.69 -124.03 -19.25
C TYR FA 214 78.52 -123.18 -19.76
N ARG FA 215 77.40 -123.82 -20.10
CA ARG FA 215 76.18 -123.08 -20.46
C ARG FA 215 75.52 -122.40 -19.25
N PHE FA 216 75.63 -123.02 -18.07
CA PHE FA 216 75.22 -122.39 -16.81
C PHE FA 216 76.04 -121.13 -16.52
N ILE FA 217 77.36 -121.25 -16.67
CA ILE FA 217 78.29 -120.13 -16.54
C ILE FA 217 77.94 -119.00 -17.51
N ASP FA 218 77.71 -119.37 -18.77
CA ASP FA 218 77.34 -118.42 -19.82
C ASP FA 218 76.07 -117.65 -19.45
N ASP FA 219 75.08 -118.39 -18.97
CA ASP FA 219 73.81 -117.84 -18.49
C ASP FA 219 73.97 -116.83 -17.34
N HIS FA 220 74.84 -117.17 -16.38
CA HIS FA 220 74.97 -116.37 -15.15
C HIS FA 220 76.13 -115.39 -15.17
N ILE FA 221 77.33 -115.88 -15.50
CA ILE FA 221 78.56 -115.07 -15.49
C ILE FA 221 78.81 -114.32 -16.80
N MET FA 222 78.75 -115.03 -17.93
CA MET FA 222 79.09 -114.42 -19.22
C MET FA 222 77.96 -113.58 -19.84
N SER FA 223 76.77 -113.66 -19.25
CA SER FA 223 75.65 -112.82 -19.64
C SER FA 223 75.78 -111.36 -19.20
N ARG FA 224 76.73 -111.05 -18.31
CA ARG FA 224 76.84 -109.73 -17.71
C ARG FA 224 77.53 -108.75 -18.68
N LYS FA 225 77.09 -107.50 -18.66
CA LYS FA 225 77.61 -106.47 -19.57
C LYS FA 225 79.02 -106.04 -19.18
N LEU FA 226 79.91 -105.99 -20.16
CA LEU FA 226 81.21 -105.36 -20.01
C LEU FA 226 81.64 -104.77 -21.34
N ASP FA 227 81.68 -103.45 -21.41
CA ASP FA 227 82.20 -102.75 -22.58
C ASP FA 227 83.72 -102.78 -22.50
N ILE FA 228 84.33 -103.56 -23.39
CA ILE FA 228 85.79 -103.77 -23.41
C ILE FA 228 86.54 -102.48 -23.80
N THR FA 229 85.88 -101.61 -24.57
CA THR FA 229 86.42 -100.30 -24.96
C THR FA 229 86.74 -99.38 -23.76
N LYS FA 230 85.97 -99.50 -22.69
CA LYS FA 230 86.23 -98.74 -21.46
C LYS FA 230 87.44 -99.23 -20.64
N MET FA 231 87.99 -100.40 -21.00
CA MET FA 231 89.09 -101.02 -20.25
C MET FA 231 90.47 -100.42 -20.57
N PHE FA 232 90.62 -99.81 -21.75
CA PHE FA 232 91.95 -99.42 -22.25
C PHE FA 232 92.42 -98.05 -21.74
N GLN FA 233 93.73 -97.91 -21.65
CA GLN FA 233 94.39 -96.63 -21.36
C GLN FA 233 95.76 -96.61 -22.02
N PHE FA 234 95.86 -95.93 -23.16
CA PHE FA 234 97.12 -95.85 -23.92
C PHE FA 234 98.04 -94.75 -23.38
N GLU FA 235 99.30 -94.78 -23.82
CA GLU FA 235 100.32 -93.82 -23.38
C GLU FA 235 100.83 -92.96 -24.54
N GLN FA 236 101.54 -93.59 -25.49
CA GLN FA 236 102.05 -92.92 -26.68
C GLN FA 236 101.57 -93.72 -27.90
N PRO FA 237 100.26 -93.64 -28.20
CA PRO FA 237 99.60 -94.56 -29.13
C PRO FA 237 100.04 -94.47 -30.58
N THR FA 238 100.49 -93.28 -31.01
CA THR FA 238 100.96 -93.07 -32.38
C THR FA 238 102.16 -93.96 -32.70
N ARG FA 239 103.12 -93.99 -31.78
CA ARG FA 239 104.30 -94.85 -31.86
C ARG FA 239 103.93 -96.33 -31.94
N GLU FA 240 102.98 -96.73 -31.10
CA GLU FA 240 102.47 -98.10 -31.05
C GLU FA 240 101.79 -98.50 -32.36
N LEU FA 241 100.99 -97.59 -32.90
CA LEU FA 241 100.34 -97.77 -34.20
C LEU FA 241 101.36 -97.94 -35.33
N ALA FA 242 102.38 -97.09 -35.33
CA ALA FA 242 103.48 -97.16 -36.30
C ALA FA 242 104.20 -98.51 -36.26
N MET FA 243 104.44 -98.98 -35.04
CA MET FA 243 105.06 -100.30 -34.80
C MET FA 243 104.20 -101.42 -35.36
N LEU FA 244 102.89 -101.35 -35.08
CA LEU FA 244 101.91 -102.30 -35.59
C LEU FA 244 101.90 -102.35 -37.12
N CYS FA 245 101.88 -101.16 -37.73
CA CYS FA 245 101.94 -101.02 -39.19
C CYS FA 245 103.20 -101.64 -39.79
N ARG FA 246 104.34 -101.39 -39.14
CA ARG FA 246 105.63 -102.01 -39.51
C ARG FA 246 105.57 -103.53 -39.48
N ARG FA 247 105.00 -104.06 -38.39
CA ARG FA 247 104.88 -105.51 -38.17
C ARG FA 247 104.06 -106.18 -39.27
N GLU FA 248 102.89 -105.62 -39.56
CA GLU FA 248 102.04 -106.07 -40.67
C GLU FA 248 102.56 -105.53 -42.00
N GLY FA 249 101.93 -105.92 -43.09
CA GLY FA 249 102.29 -105.43 -44.43
C GLY FA 249 101.53 -104.16 -44.78
N LEU FA 250 101.76 -103.10 -44.00
CA LEU FA 250 101.06 -101.84 -44.15
C LEU FA 250 102.05 -100.69 -44.34
N GLU FA 251 101.61 -99.66 -45.07
CA GLU FA 251 102.40 -98.45 -45.26
C GLU FA 251 102.45 -97.64 -43.96
N LYS FA 252 103.47 -96.80 -43.84
CA LYS FA 252 103.65 -95.97 -42.63
C LYS FA 252 102.42 -95.09 -42.38
N PRO FA 253 101.91 -95.06 -41.13
CA PRO FA 253 100.74 -94.26 -40.85
C PRO FA 253 101.08 -92.78 -40.72
N VAL FA 254 100.33 -91.92 -41.41
CA VAL FA 254 100.45 -90.47 -41.22
C VAL FA 254 99.06 -89.88 -40.95
N SER FA 255 99.02 -88.89 -40.06
CA SER FA 255 97.77 -88.22 -39.69
C SER FA 255 97.57 -87.01 -40.60
N LYS FA 256 96.33 -86.80 -41.03
CA LYS FA 256 95.99 -85.69 -41.93
C LYS FA 256 94.64 -85.04 -41.57
N LEU FA 257 94.57 -83.71 -41.67
CA LEU FA 257 93.31 -82.97 -41.45
C LEU FA 257 92.26 -83.32 -42.51
N VAL FA 258 91.13 -83.87 -42.07
CA VAL FA 258 90.00 -84.11 -42.96
C VAL FA 258 89.09 -82.89 -42.97
N ALA FA 259 88.73 -82.43 -41.78
CA ALA FA 259 87.83 -81.29 -41.61
C ALA FA 259 88.24 -80.49 -40.39
N GLU FA 260 87.89 -79.20 -40.40
CA GLU FA 260 88.31 -78.26 -39.37
C GLU FA 260 87.30 -77.13 -39.25
N SER FA 261 87.01 -76.73 -38.01
CA SER FA 261 86.12 -75.60 -37.75
C SER FA 261 86.38 -75.00 -36.38
N GLY FA 262 86.28 -73.68 -36.30
CA GLY FA 262 86.45 -72.96 -35.04
C GLY FA 262 87.88 -72.81 -34.55
N ARG FA 263 88.86 -72.93 -35.45
CA ARG FA 263 90.25 -72.55 -35.15
C ARG FA 263 90.25 -71.08 -34.73
N LEU FA 264 91.04 -70.71 -33.74
CA LEU FA 264 90.96 -69.36 -33.13
C LEU FA 264 89.65 -69.19 -32.32
N SER FA 265 89.25 -70.23 -31.60
CA SER FA 265 88.14 -70.16 -30.64
C SER FA 265 88.46 -70.94 -29.36
N LYS FA 266 87.58 -70.81 -28.36
CA LYS FA 266 87.72 -71.50 -27.07
C LYS FA 266 87.65 -73.01 -27.25
N SER FA 267 86.78 -73.46 -28.15
CA SER FA 267 86.55 -74.88 -28.40
C SER FA 267 86.43 -75.14 -29.90
N PRO FA 268 87.58 -75.32 -30.59
CA PRO FA 268 87.53 -75.71 -32.00
C PRO FA 268 87.11 -77.18 -32.17
N VAL FA 269 87.05 -77.60 -33.43
CA VAL FA 269 86.89 -79.01 -33.77
C VAL FA 269 87.81 -79.33 -34.95
N PHE FA 270 88.73 -80.26 -34.71
CA PHE FA 270 89.66 -80.75 -35.73
C PHE FA 270 89.42 -82.24 -35.92
N ILE FA 271 89.02 -82.62 -37.14
CA ILE FA 271 88.90 -84.02 -37.51
C ILE FA 271 90.18 -84.40 -38.26
N VAL FA 272 90.92 -85.37 -37.73
CA VAL FA 272 92.08 -85.92 -38.41
C VAL FA 272 91.95 -87.43 -38.56
N HIS FA 273 92.45 -87.94 -39.68
CA HIS FA 273 92.41 -89.37 -40.00
C HIS FA 273 93.83 -89.87 -40.14
N VAL FA 274 94.15 -90.96 -39.45
CA VAL FA 274 95.45 -91.63 -39.63
C VAL FA 274 95.34 -92.57 -40.83
N PHE FA 275 95.92 -92.14 -41.95
CA PHE FA 275 95.97 -92.93 -43.17
C PHE FA 275 97.21 -93.80 -43.20
N SER FA 276 97.06 -95.04 -43.67
CA SER FA 276 98.18 -95.87 -44.13
C SER FA 276 97.94 -96.13 -45.60
N GLY FA 277 98.64 -95.38 -46.45
CA GLY FA 277 98.35 -95.34 -47.88
C GLY FA 277 97.12 -94.49 -48.12
N GLU FA 278 96.19 -95.00 -48.92
CA GLU FA 278 94.88 -94.36 -49.14
C GLU FA 278 93.83 -94.83 -48.11
N GLU FA 279 94.03 -96.02 -47.55
CA GLU FA 279 93.16 -96.54 -46.49
C GLU FA 279 93.30 -95.72 -45.21
N THR FA 280 92.17 -95.36 -44.60
CA THR FA 280 92.15 -94.75 -43.27
C THR FA 280 92.07 -95.86 -42.23
N LEU FA 281 92.89 -95.74 -41.18
CA LEU FA 281 92.89 -96.72 -40.09
C LEU FA 281 92.05 -96.22 -38.92
N GLY FA 282 92.35 -95.01 -38.45
CA GLY FA 282 91.63 -94.41 -37.33
C GLY FA 282 91.18 -92.99 -37.62
N GLU FA 283 89.98 -92.66 -37.14
CA GLU FA 283 89.41 -91.32 -37.25
C GLU FA 283 89.46 -90.70 -35.86
N GLY FA 284 89.89 -89.44 -35.79
CA GLY FA 284 90.10 -88.74 -34.52
C GLY FA 284 89.64 -87.30 -34.55
N TYR FA 285 88.65 -87.01 -33.72
CA TYR FA 285 88.18 -85.63 -33.50
C TYR FA 285 88.93 -85.04 -32.30
N GLY FA 286 89.02 -83.72 -32.24
CA GLY FA 286 89.68 -83.07 -31.10
C GLY FA 286 89.56 -81.56 -31.07
N SER FA 287 89.66 -81.00 -29.87
CA SER FA 287 89.69 -79.55 -29.66
C SER FA 287 90.97 -78.92 -30.22
N SER FA 288 92.11 -79.57 -29.97
CA SER FA 288 93.39 -79.21 -30.59
C SER FA 288 93.71 -80.18 -31.73
N LEU FA 289 94.70 -79.82 -32.53
CA LEU FA 289 95.21 -80.69 -33.60
C LEU FA 289 95.88 -81.93 -33.01
N LYS FA 290 96.76 -81.69 -32.04
CA LYS FA 290 97.46 -82.73 -31.27
C LYS FA 290 96.51 -83.76 -30.68
N GLU FA 291 95.48 -83.27 -29.99
CA GLU FA 291 94.45 -84.11 -29.38
C GLU FA 291 93.77 -84.99 -30.41
N ALA FA 292 93.39 -84.38 -31.53
CA ALA FA 292 92.74 -85.09 -32.64
C ALA FA 292 93.63 -86.21 -33.18
N LYS FA 293 94.90 -85.89 -33.37
CA LYS FA 293 95.93 -86.85 -33.82
C LYS FA 293 96.04 -88.03 -32.86
N ALA FA 294 96.12 -87.72 -31.57
CA ALA FA 294 96.17 -88.74 -30.52
C ALA FA 294 94.94 -89.64 -30.57
N ARG FA 295 93.77 -89.02 -30.66
CA ARG FA 295 92.49 -89.75 -30.74
C ARG FA 295 92.39 -90.68 -31.94
N ALA FA 296 92.93 -90.25 -33.09
CA ALA FA 296 92.94 -91.08 -34.30
C ALA FA 296 93.80 -92.34 -34.09
N ALA FA 297 94.96 -92.15 -33.46
CA ALA FA 297 95.86 -93.26 -33.12
C ALA FA 297 95.22 -94.25 -32.14
N THR FA 298 94.52 -93.71 -31.14
CA THR FA 298 93.83 -94.54 -30.13
C THR FA 298 92.70 -95.34 -30.77
N ASP FA 299 91.95 -94.68 -31.65
CA ASP FA 299 90.89 -95.33 -32.42
C ASP FA 299 91.41 -96.50 -33.26
N ALA FA 300 92.52 -96.25 -33.97
CA ALA FA 300 93.19 -97.27 -34.77
C ALA FA 300 93.59 -98.48 -33.92
N LEU FA 301 94.18 -98.21 -32.76
CA LEU FA 301 94.56 -99.25 -31.82
C LEU FA 301 93.37 -100.04 -31.28
N MET FA 302 92.28 -99.35 -30.98
CA MET FA 302 91.02 -99.98 -30.57
C MET FA 302 90.50 -100.94 -31.64
N LYS FA 303 90.50 -100.47 -32.88
CA LYS FA 303 90.07 -101.26 -34.03
C LYS FA 303 90.94 -102.49 -34.26
N TRP FA 304 92.24 -102.34 -34.03
CA TRP FA 304 93.17 -103.45 -34.09
C TRP FA 304 92.83 -104.49 -33.02
N TYR FA 305 92.76 -104.05 -31.76
CA TYR FA 305 92.67 -104.95 -30.62
C TYR FA 305 91.27 -105.54 -30.45
N CYS FA 306 90.28 -104.66 -30.36
CA CYS FA 306 88.88 -105.07 -30.12
C CYS FA 306 88.16 -105.64 -31.35
N TYR FA 307 88.89 -105.90 -32.44
CA TYR FA 307 88.37 -106.68 -33.56
C TYR FA 307 87.77 -107.98 -33.08
N GLU FA 308 86.46 -108.16 -33.30
CA GLU FA 308 85.77 -109.40 -32.95
C GLU FA 308 85.33 -110.12 -34.23
N PRO FA 309 85.93 -111.29 -34.52
CA PRO FA 309 85.55 -112.02 -35.72
C PRO FA 309 84.24 -112.78 -35.53
N LEU FA 310 83.66 -113.24 -36.64
CA LEU FA 310 82.43 -114.02 -36.59
C LEU FA 310 82.72 -115.44 -36.13
N ALA FA 311 81.68 -116.12 -35.67
CA ALA FA 311 81.77 -117.54 -35.32
C ALA FA 311 82.00 -118.41 -36.55
N GLN FA 312 81.48 -117.98 -37.70
CA GLN FA 312 81.66 -118.69 -38.97
C GLN FA 312 83.11 -118.70 -39.48
N GLN FA 313 83.90 -117.69 -39.11
CA GLN FA 313 85.32 -117.63 -39.45
C GLN FA 313 86.11 -118.75 -38.77
N GLU FA 314 87.19 -119.18 -39.43
CA GLU FA 314 88.16 -120.08 -38.79
C GLU FA 314 88.95 -119.31 -37.72
N PRO FA 315 89.44 -120.00 -36.67
CA PRO FA 315 90.00 -119.32 -35.49
C PRO FA 315 91.10 -118.31 -35.79
N VAL FA 316 90.97 -117.13 -35.20
CA VAL FA 316 91.97 -116.06 -35.32
C VAL FA 316 92.87 -116.11 -34.09
N ILE FA 317 94.11 -116.58 -34.28
CA ILE FA 317 95.14 -116.49 -33.25
C ILE FA 317 95.99 -115.26 -33.59
N ASP FA 318 95.99 -114.28 -32.69
CA ASP FA 318 96.73 -113.03 -32.89
C ASP FA 318 98.25 -113.27 -32.79
N PRO FA 319 99.07 -112.32 -33.31
CA PRO FA 319 100.52 -112.47 -33.24
C PRO FA 319 101.15 -111.73 -32.05
N GLY FA 320 100.50 -111.80 -30.88
CA GLY FA 320 100.98 -111.13 -29.68
C GLY FA 320 100.69 -109.64 -29.63
N THR FA 321 100.94 -109.05 -28.46
CA THR FA 321 100.78 -107.61 -28.24
C THR FA 321 101.88 -106.84 -28.96
N VAL FA 322 101.57 -105.63 -29.40
CA VAL FA 322 102.52 -104.79 -30.14
C VAL FA 322 103.57 -104.24 -29.17
N VAL FA 323 104.72 -104.90 -29.12
CA VAL FA 323 105.80 -104.51 -28.21
C VAL FA 323 106.53 -103.31 -28.82
N VAL FA 324 106.21 -102.12 -28.31
CA VAL FA 324 106.82 -100.87 -28.79
C VAL FA 324 108.30 -100.75 -28.38
N PRO GA 23 -39.42 -51.85 -107.38
CA PRO GA 23 -40.83 -51.75 -106.97
C PRO GA 23 -41.24 -50.32 -106.59
N LYS GA 24 -42.50 -49.99 -106.86
CA LYS GA 24 -43.04 -48.65 -106.59
C LYS GA 24 -43.35 -48.51 -105.10
N ILE GA 25 -42.94 -47.39 -104.51
CA ILE GA 25 -43.23 -47.08 -103.11
C ILE GA 25 -44.54 -46.31 -103.07
N LYS GA 26 -45.51 -46.82 -102.31
CA LYS GA 26 -46.81 -46.18 -102.13
C LYS GA 26 -47.06 -45.94 -100.64
N VAL GA 27 -47.93 -44.98 -100.35
CA VAL GA 27 -48.21 -44.54 -98.98
C VAL GA 27 -49.64 -44.84 -98.58
N GLY GA 28 -49.81 -45.89 -97.78
CA GLY GA 28 -51.08 -46.19 -97.12
C GLY GA 28 -51.28 -45.28 -95.91
N VAL GA 29 -52.52 -44.86 -95.68
CA VAL GA 29 -52.87 -44.03 -94.52
C VAL GA 29 -54.19 -44.52 -93.95
N LEU GA 30 -54.22 -44.80 -92.64
CA LEU GA 30 -55.47 -45.06 -91.93
C LEU GA 30 -55.63 -44.04 -90.80
N LEU GA 31 -56.68 -43.22 -90.91
CA LEU GA 31 -56.96 -42.18 -89.92
C LEU GA 31 -57.83 -42.74 -88.80
N SER GA 32 -57.35 -42.61 -87.57
CA SER GA 32 -57.99 -43.18 -86.39
C SER GA 32 -58.63 -42.09 -85.53
N ARG GA 33 -59.95 -41.95 -85.64
CA ARG GA 33 -60.73 -41.13 -84.72
C ARG GA 33 -60.93 -41.98 -83.46
N ILE GA 34 -60.37 -41.53 -82.34
CA ILE GA 34 -60.44 -42.27 -81.06
C ILE GA 34 -61.78 -42.03 -80.36
N PRO GA 35 -62.23 -42.99 -79.51
CA PRO GA 35 -63.55 -42.83 -78.87
C PRO GA 35 -63.60 -41.65 -77.89
N ILE GA 36 -64.73 -40.95 -77.86
CA ILE GA 36 -64.89 -39.75 -77.02
C ILE GA 36 -65.57 -40.02 -75.67
N ILE GA 37 -66.11 -41.23 -75.50
CA ILE GA 37 -66.69 -41.68 -74.22
C ILE GA 37 -66.26 -43.11 -73.86
N LYS GA 38 -66.62 -43.54 -72.65
CA LYS GA 38 -66.38 -44.91 -72.18
C LYS GA 38 -66.88 -45.99 -73.15
N SER GA 39 -66.18 -47.12 -73.15
CA SER GA 39 -66.61 -48.30 -73.90
C SER GA 39 -67.84 -48.92 -73.24
N GLU GA 40 -68.73 -49.49 -74.05
CA GLU GA 40 -69.93 -50.14 -73.54
C GLU GA 40 -69.57 -51.47 -72.90
N LEU GA 41 -70.12 -51.71 -71.71
CA LEU GA 41 -69.80 -52.92 -70.94
C LEU GA 41 -70.51 -54.14 -71.51
N ASN GA 42 -69.83 -55.28 -71.46
CA ASN GA 42 -70.42 -56.57 -71.85
C ASN GA 42 -71.48 -57.00 -70.82
N GLU GA 43 -72.46 -57.78 -71.27
CA GLU GA 43 -73.55 -58.25 -70.40
C GLU GA 43 -73.02 -58.96 -69.14
N LEU GA 44 -72.05 -59.85 -69.36
CA LEU GA 44 -71.32 -60.52 -68.29
C LEU GA 44 -70.66 -59.52 -67.33
N GLU GA 45 -69.92 -58.57 -67.91
CA GLU GA 45 -69.16 -57.58 -67.15
C GLU GA 45 -70.03 -56.73 -66.21
N LYS GA 46 -71.11 -56.19 -66.77
CA LYS GA 46 -72.01 -55.28 -66.05
C LYS GA 46 -72.54 -55.89 -64.76
N LYS GA 47 -73.09 -57.08 -64.89
CA LYS GA 47 -73.66 -57.83 -63.77
C LYS GA 47 -72.62 -58.07 -62.69
N TYR GA 48 -71.45 -58.56 -63.09
CA TYR GA 48 -70.31 -58.77 -62.20
C TYR GA 48 -69.95 -57.50 -61.42
N TYR GA 49 -69.86 -56.39 -62.13
CA TYR GA 49 -69.55 -55.09 -61.53
C TYR GA 49 -70.59 -54.66 -60.49
N GLU GA 50 -71.87 -54.86 -60.83
CA GLU GA 50 -72.98 -54.60 -59.91
C GLU GA 50 -72.86 -55.39 -58.61
N TYR GA 51 -72.55 -56.68 -58.74
CA TYR GA 51 -72.33 -57.59 -57.60
C TYR GA 51 -71.20 -57.12 -56.70
N GLN GA 52 -70.08 -56.75 -57.33
CA GLN GA 52 -68.92 -56.24 -56.60
C GLN GA 52 -69.23 -54.93 -55.87
N SER GA 53 -70.02 -54.08 -56.50
CA SER GA 53 -70.51 -52.83 -55.88
C SER GA 53 -71.38 -53.12 -54.66
N GLU GA 54 -72.28 -54.08 -54.80
CA GLU GA 54 -73.16 -54.50 -53.69
C GLU GA 54 -72.41 -55.17 -52.54
N LEU GA 55 -71.38 -55.94 -52.88
CA LEU GA 55 -70.46 -56.50 -51.88
C LEU GA 55 -69.70 -55.43 -51.12
N GLU GA 56 -69.23 -54.42 -51.86
CA GLU GA 56 -68.55 -53.26 -51.27
C GLU GA 56 -69.48 -52.56 -50.29
N LYS GA 57 -70.69 -52.23 -50.76
CA LYS GA 57 -71.72 -51.58 -49.94
C LYS GA 57 -72.03 -52.32 -48.64
N ARG GA 58 -72.16 -53.64 -48.75
CA ARG GA 58 -72.33 -54.52 -47.60
C ARG GA 58 -71.18 -54.37 -46.61
N LEU GA 59 -69.96 -54.40 -47.14
CA LEU GA 59 -68.74 -54.25 -46.33
C LEU GA 59 -68.34 -52.81 -46.02
N MET GA 60 -68.91 -51.81 -46.72
CA MET GA 60 -68.56 -50.40 -46.50
C MET GA 60 -68.76 -49.98 -45.06
N TRP GA 61 -68.00 -48.98 -44.63
CA TRP GA 61 -68.14 -48.39 -43.31
C TRP GA 61 -69.43 -47.58 -43.19
N THR GA 62 -69.72 -47.11 -41.98
CA THR GA 62 -70.79 -46.16 -41.74
C THR GA 62 -70.36 -44.82 -42.34
N PHE GA 63 -71.32 -44.07 -42.87
CA PHE GA 63 -71.07 -42.71 -43.30
C PHE GA 63 -70.92 -41.84 -42.03
N PRO GA 64 -69.74 -41.21 -41.84
CA PRO GA 64 -69.55 -40.36 -40.66
C PRO GA 64 -70.21 -39.00 -40.88
N ALA GA 65 -71.52 -38.96 -40.67
CA ALA GA 65 -72.33 -37.75 -40.90
C ALA GA 65 -71.98 -36.62 -39.94
N TYR GA 66 -71.61 -36.98 -38.71
CA TYR GA 66 -71.14 -36.02 -37.70
C TYR GA 66 -70.00 -35.10 -38.16
N PHE GA 67 -69.14 -35.60 -39.06
CA PHE GA 67 -68.07 -34.80 -39.65
C PHE GA 67 -68.58 -33.84 -40.72
N TYR GA 68 -69.20 -34.40 -41.76
CA TYR GA 68 -69.64 -33.63 -42.92
C TYR GA 68 -70.80 -32.68 -42.62
N PHE GA 69 -71.62 -33.04 -41.63
CA PHE GA 69 -72.74 -32.20 -41.19
C PHE GA 69 -72.59 -31.86 -39.71
N LYS GA 70 -72.53 -30.56 -39.41
CA LYS GA 70 -72.35 -30.07 -38.04
C LYS GA 70 -73.67 -30.14 -37.29
N LYS GA 71 -73.62 -30.48 -35.99
CA LYS GA 71 -74.83 -30.61 -35.17
C LYS GA 71 -75.49 -29.25 -34.94
N GLY GA 72 -76.82 -29.20 -35.11
CA GLY GA 72 -77.58 -27.96 -34.98
C GLY GA 72 -77.32 -26.98 -36.11
N THR GA 73 -77.52 -27.47 -37.35
CA THR GA 73 -77.32 -26.67 -38.56
C THR GA 73 -78.41 -27.01 -39.59
N VAL GA 74 -78.77 -26.03 -40.42
CA VAL GA 74 -79.82 -26.19 -41.45
C VAL GA 74 -79.53 -27.28 -42.49
N ALA GA 75 -78.26 -27.42 -42.87
CA ALA GA 75 -77.82 -28.42 -43.84
C ALA GA 75 -77.95 -29.84 -43.30
N GLU GA 76 -77.59 -30.03 -42.04
CA GLU GA 76 -77.74 -31.33 -41.36
C GLU GA 76 -79.20 -31.78 -41.34
N HIS GA 77 -80.09 -30.85 -41.00
CA HIS GA 77 -81.52 -31.14 -40.83
C HIS GA 77 -82.16 -31.75 -42.08
N LYS GA 78 -81.81 -31.18 -43.24
CA LYS GA 78 -82.27 -31.67 -44.54
C LYS GA 78 -81.79 -33.09 -44.81
N PHE GA 79 -80.51 -33.33 -44.51
CA PHE GA 79 -79.90 -34.66 -44.64
C PHE GA 79 -80.61 -35.70 -43.76
N LEU GA 80 -80.85 -35.33 -42.50
CA LEU GA 80 -81.62 -36.16 -41.56
C LEU GA 80 -83.02 -36.50 -42.07
N SER GA 81 -83.70 -35.51 -42.63
CA SER GA 81 -85.04 -35.69 -43.20
C SER GA 81 -85.04 -36.67 -44.37
N LEU GA 82 -84.04 -36.52 -45.24
CA LEU GA 82 -83.81 -37.44 -46.36
C LEU GA 82 -83.59 -38.88 -45.89
N GLN GA 83 -82.78 -39.04 -44.85
CA GLN GA 83 -82.49 -40.36 -44.26
C GLN GA 83 -83.67 -40.96 -43.51
N LYS GA 84 -83.60 -42.28 -43.32
CA LYS GA 84 -84.48 -43.01 -42.39
C LYS GA 84 -83.61 -43.87 -41.47
N GLY GA 85 -83.92 -43.84 -40.17
CA GLY GA 85 -83.08 -44.50 -39.17
C GLY GA 85 -83.25 -46.00 -39.08
N PRO GA 86 -82.33 -46.69 -38.36
CA PRO GA 86 -82.43 -48.13 -38.14
C PRO GA 86 -83.29 -48.48 -36.93
N ILE GA 87 -83.92 -49.64 -36.97
CA ILE GA 87 -84.75 -50.15 -35.85
C ILE GA 87 -83.87 -50.62 -34.70
N SER GA 88 -84.01 -49.96 -33.56
CA SER GA 88 -83.21 -50.27 -32.36
C SER GA 88 -83.76 -51.48 -31.62
N LYS GA 89 -82.91 -52.09 -30.81
CA LYS GA 89 -83.33 -53.19 -29.94
C LYS GA 89 -84.13 -52.62 -28.76
N LYS GA 90 -85.15 -53.37 -28.37
CA LYS GA 90 -86.08 -52.96 -27.32
C LYS GA 90 -86.51 -54.21 -26.55
N ASN GA 91 -86.47 -54.14 -25.22
CA ASN GA 91 -86.64 -55.31 -24.36
C ASN GA 91 -88.08 -55.81 -24.37
N GLY GA 92 -88.24 -57.12 -24.31
CA GLY GA 92 -89.56 -57.77 -24.33
C GLY GA 92 -90.16 -57.93 -25.72
N ILE GA 93 -89.32 -57.97 -26.75
CA ILE GA 93 -89.76 -58.11 -28.15
C ILE GA 93 -88.88 -59.12 -28.88
N TRP GA 94 -89.49 -59.92 -29.75
CA TRP GA 94 -88.78 -60.83 -30.63
C TRP GA 94 -88.42 -60.12 -31.93
N PHE GA 95 -87.12 -60.10 -32.24
CA PHE GA 95 -86.61 -59.68 -33.54
C PHE GA 95 -86.14 -60.92 -34.30
N PRO GA 96 -87.03 -61.52 -35.14
CA PRO GA 96 -86.66 -62.75 -35.85
C PRO GA 96 -85.51 -62.67 -36.87
N ARG GA 97 -85.04 -61.46 -37.21
CA ARG GA 97 -83.81 -61.27 -37.99
C ARG GA 97 -82.63 -60.88 -37.09
N GLY GA 98 -82.54 -61.51 -35.91
CA GLY GA 98 -81.51 -61.18 -34.92
C GLY GA 98 -81.74 -59.85 -34.22
N ILE GA 99 -81.02 -59.63 -33.12
CA ILE GA 99 -81.12 -58.39 -32.35
C ILE GA 99 -80.33 -57.31 -33.11
N PRO GA 100 -80.88 -56.09 -33.22
CA PRO GA 100 -80.14 -55.00 -33.90
C PRO GA 100 -78.79 -54.65 -33.28
N ASP GA 101 -77.72 -54.77 -34.08
CA ASP GA 101 -76.38 -54.30 -33.73
C ASP GA 101 -76.18 -52.92 -34.34
N ILE GA 102 -76.20 -51.88 -33.51
CA ILE GA 102 -76.15 -50.49 -33.97
C ILE GA 102 -74.97 -49.72 -33.35
N LYS GA 103 -74.26 -48.98 -34.21
CA LYS GA 103 -73.20 -48.06 -33.80
C LYS GA 103 -73.08 -46.93 -34.82
N HIS GA 104 -73.07 -45.69 -34.33
CA HIS GA 104 -73.25 -44.47 -35.16
C HIS GA 104 -74.56 -44.47 -35.98
N GLY GA 105 -75.59 -45.16 -35.49
CA GLY GA 105 -76.86 -45.27 -36.19
C GLY GA 105 -76.79 -46.03 -37.50
N ARG GA 106 -76.30 -47.27 -37.45
CA ARG GA 106 -76.35 -48.20 -38.58
C ARG GA 106 -76.49 -49.64 -38.10
N GLU GA 107 -77.38 -50.39 -38.76
CA GLU GA 107 -77.43 -51.84 -38.59
C GLU GA 107 -76.14 -52.45 -39.15
N ARG GA 108 -75.25 -52.86 -38.25
CA ARG GA 108 -73.98 -53.52 -38.63
C ARG GA 108 -74.18 -54.78 -39.48
N SER GA 109 -75.27 -55.50 -39.24
CA SER GA 109 -75.57 -56.75 -39.96
C SER GA 109 -75.94 -56.58 -41.45
N THR GA 110 -76.22 -55.34 -41.89
CA THR GA 110 -76.67 -55.08 -43.26
C THR GA 110 -75.97 -53.91 -43.93
N LYS GA 111 -76.18 -53.82 -45.25
CA LYS GA 111 -75.76 -52.69 -46.07
C LYS GA 111 -76.50 -51.42 -45.63
N GLN GA 112 -75.79 -50.29 -45.66
CA GLN GA 112 -76.36 -48.98 -45.37
C GLN GA 112 -76.63 -48.24 -46.68
N GLU GA 113 -77.79 -47.59 -46.77
CA GLU GA 113 -78.10 -46.66 -47.87
C GLU GA 113 -78.21 -45.25 -47.31
N VAL GA 114 -77.59 -44.30 -48.00
CA VAL GA 114 -77.53 -42.90 -47.58
C VAL GA 114 -78.02 -42.02 -48.73
N LYS GA 115 -79.28 -41.59 -48.64
CA LYS GA 115 -79.92 -40.78 -49.69
C LYS GA 115 -79.54 -39.31 -49.55
N LEU GA 116 -79.29 -38.67 -50.69
CA LEU GA 116 -78.84 -37.27 -50.74
C LEU GA 116 -79.89 -36.40 -51.43
N VAL GA 136 -74.10 -22.50 -60.78
CA VAL GA 136 -75.54 -22.32 -60.60
C VAL GA 136 -76.20 -23.60 -60.06
N ASN GA 137 -77.28 -23.42 -59.28
CA ASN GA 137 -78.06 -24.54 -58.78
C ASN GA 137 -78.90 -25.15 -59.90
N ARG GA 138 -78.45 -26.30 -60.41
CA ARG GA 138 -79.09 -26.98 -61.54
C ARG GA 138 -78.82 -28.49 -61.45
N PRO GA 139 -79.83 -29.34 -61.80
CA PRO GA 139 -79.54 -30.78 -61.86
C PRO GA 139 -78.61 -31.15 -63.01
N VAL GA 140 -77.56 -31.91 -62.71
CA VAL GA 140 -76.61 -32.39 -63.73
C VAL GA 140 -77.28 -33.50 -64.54
N ILE GA 141 -77.69 -33.16 -65.77
CA ILE GA 141 -78.34 -34.08 -66.68
C ILE GA 141 -77.35 -34.43 -67.79
N PRO GA 142 -76.88 -35.70 -67.84
CA PRO GA 142 -75.93 -36.09 -68.89
C PRO GA 142 -76.59 -36.27 -70.25
N ASN GA 143 -75.81 -36.06 -71.31
CA ASN GA 143 -76.30 -36.20 -72.68
C ASN GA 143 -76.38 -37.66 -73.08
N ASP GA 144 -77.22 -37.96 -74.06
CA ASP GA 144 -77.41 -39.33 -74.54
C ASP GA 144 -76.16 -39.80 -75.28
N ARG GA 145 -75.74 -41.04 -75.00
CA ARG GA 145 -74.52 -41.60 -75.58
C ARG GA 145 -74.72 -41.98 -77.05
N ILE GA 146 -75.91 -42.50 -77.38
CA ILE GA 146 -76.32 -42.64 -78.78
C ILE GA 146 -76.65 -41.25 -79.35
N THR GA 147 -76.33 -41.04 -80.63
CA THR GA 147 -76.44 -39.74 -81.28
C THR GA 147 -77.47 -39.74 -82.42
N GLU GA 148 -77.73 -38.56 -82.96
CA GLU GA 148 -78.60 -38.37 -84.12
C GLU GA 148 -78.04 -39.08 -85.35
N ALA GA 149 -76.73 -38.93 -85.55
CA ALA GA 149 -75.99 -39.57 -86.63
C ALA GA 149 -76.07 -41.10 -86.55
N ASP GA 150 -75.89 -41.62 -85.35
CA ASP GA 150 -76.00 -43.06 -85.07
C ASP GA 150 -77.38 -43.59 -85.43
N ARG GA 151 -78.41 -42.87 -85.00
CA ARG GA 151 -79.82 -43.20 -85.31
C ARG GA 151 -80.08 -43.24 -86.81
N SER GA 152 -79.57 -42.24 -87.52
CA SER GA 152 -79.70 -42.17 -88.98
C SER GA 152 -78.77 -43.13 -89.75
N ASN GA 153 -77.69 -43.59 -89.09
CA ASN GA 153 -76.64 -44.43 -89.69
C ASN GA 153 -75.87 -43.70 -90.79
N ASP GA 154 -75.43 -42.48 -90.48
CA ASP GA 154 -74.62 -41.67 -91.39
C ASP GA 154 -73.15 -42.09 -91.25
N MET GA 155 -72.63 -42.74 -92.29
CA MET GA 155 -71.27 -43.30 -92.24
C MET GA 155 -70.17 -42.25 -92.41
N LYS GA 156 -70.49 -41.15 -93.09
CA LYS GA 156 -69.53 -40.05 -93.30
C LYS GA 156 -69.32 -39.17 -92.05
N SER GA 157 -70.22 -39.24 -91.08
CA SER GA 157 -70.13 -38.42 -89.87
C SER GA 157 -69.13 -38.98 -88.86
N LEU GA 158 -68.52 -38.08 -88.09
CA LEU GA 158 -67.57 -38.42 -87.02
C LEU GA 158 -68.23 -38.62 -85.66
N GLU GA 159 -69.46 -38.16 -85.50
CA GLU GA 159 -70.18 -38.23 -84.21
C GLU GA 159 -71.07 -39.48 -84.11
N ARG GA 160 -70.89 -40.43 -85.04
CA ARG GA 160 -71.84 -41.53 -85.23
C ARG GA 160 -71.63 -42.65 -84.22
N GLN GA 161 -70.37 -42.93 -83.85
CA GLN GA 161 -70.06 -43.82 -82.73
C GLN GA 161 -69.15 -43.07 -81.78
N LEU GA 162 -69.55 -42.97 -80.51
CA LEU GA 162 -68.76 -42.25 -79.51
C LEU GA 162 -67.93 -43.16 -78.59
N SER GA 163 -68.33 -44.43 -78.47
CA SER GA 163 -67.64 -45.42 -77.62
C SER GA 163 -66.64 -46.31 -78.38
N ARG GA 164 -66.49 -46.12 -79.69
CA ARG GA 164 -65.63 -46.97 -80.53
C ARG GA 164 -64.58 -46.14 -81.26
N THR GA 165 -63.58 -46.84 -81.80
CA THR GA 165 -62.50 -46.23 -82.58
C THR GA 165 -62.88 -46.30 -84.06
N LEU GA 166 -63.11 -45.12 -84.66
CA LEU GA 166 -63.48 -45.02 -86.08
C LEU GA 166 -62.24 -44.89 -86.96
N TYR GA 167 -62.27 -45.56 -88.10
CA TYR GA 167 -61.18 -45.55 -89.07
C TYR GA 167 -61.67 -45.06 -90.42
N LEU GA 168 -60.91 -44.15 -91.04
CA LEU GA 168 -61.27 -43.58 -92.34
C LEU GA 168 -61.03 -44.63 -93.44
N LEU GA 169 -62.09 -45.01 -94.13
CA LEU GA 169 -62.00 -45.86 -95.33
C LEU GA 169 -62.41 -45.06 -96.57
N VAL GA 170 -61.92 -45.52 -97.72
CA VAL GA 170 -62.10 -44.83 -98.99
C VAL GA 170 -62.39 -45.83 -100.12
N LYS GA 171 -63.28 -45.43 -101.03
CA LYS GA 171 -63.68 -46.25 -102.18
C LYS GA 171 -63.08 -45.65 -103.46
N ASP GA 172 -62.34 -46.47 -104.20
CA ASP GA 172 -61.62 -46.03 -105.41
C ASP GA 172 -62.55 -46.00 -106.64
N LYS GA 173 -61.98 -45.90 -107.84
CA LYS GA 173 -62.73 -45.96 -109.11
C LYS GA 173 -63.51 -47.27 -109.25
N SER GA 174 -62.85 -48.38 -108.92
CA SER GA 174 -63.49 -49.69 -108.84
C SER GA 174 -64.39 -49.81 -107.62
N GLY GA 175 -65.10 -50.92 -107.51
CA GLY GA 175 -66.01 -51.17 -106.38
C GLY GA 175 -65.38 -51.46 -105.03
N THR GA 176 -64.06 -51.66 -104.99
CA THR GA 176 -63.35 -52.00 -103.75
C THR GA 176 -63.24 -50.82 -102.79
N TRP GA 177 -63.22 -51.14 -101.49
CA TRP GA 177 -62.89 -50.18 -100.44
C TRP GA 177 -61.46 -50.44 -99.96
N LYS GA 178 -60.82 -49.42 -99.40
CA LYS GA 178 -59.47 -49.55 -98.84
C LYS GA 178 -59.06 -48.30 -98.04
N PHE GA 179 -57.96 -48.43 -97.31
CA PHE GA 179 -57.36 -47.29 -96.61
C PHE GA 179 -56.65 -46.40 -97.64
N PRO GA 180 -56.81 -45.06 -97.53
CA PRO GA 180 -56.22 -44.10 -98.48
C PRO GA 180 -54.78 -44.40 -98.96
N ASN GA 181 -54.63 -44.64 -100.26
CA ASN GA 181 -53.35 -44.88 -100.92
C ASN GA 181 -52.86 -43.59 -101.58
N PHE GA 182 -51.55 -43.37 -101.61
CA PHE GA 182 -50.95 -42.22 -102.30
C PHE GA 182 -49.61 -42.58 -102.94
N ASP GA 183 -49.41 -42.13 -104.18
CA ASP GA 183 -48.17 -42.39 -104.92
C ASP GA 183 -47.03 -41.50 -104.41
N LEU GA 184 -45.92 -42.13 -104.02
CA LEU GA 184 -44.73 -41.42 -103.54
C LEU GA 184 -43.68 -41.36 -104.65
N SER GA 185 -43.85 -40.39 -105.55
CA SER GA 185 -42.95 -40.20 -106.69
C SER GA 185 -41.66 -39.46 -106.33
N ASP GA 186 -41.77 -38.47 -105.45
CA ASP GA 186 -40.66 -37.59 -105.11
C ASP GA 186 -39.59 -38.30 -104.27
N GLU GA 187 -40.01 -38.87 -103.15
CA GLU GA 187 -39.13 -39.57 -102.21
C GLU GA 187 -38.06 -38.67 -101.55
N SER GA 188 -38.35 -37.37 -101.46
CA SER GA 188 -37.46 -36.39 -100.83
C SER GA 188 -37.84 -36.21 -99.38
N LYS GA 189 -39.11 -35.88 -99.15
CA LYS GA 189 -39.68 -35.73 -97.81
C LYS GA 189 -39.85 -37.09 -97.13
N PRO GA 190 -39.99 -37.11 -95.78
CA PRO GA 190 -40.38 -38.34 -95.09
C PRO GA 190 -41.78 -38.83 -95.47
N LEU GA 191 -42.07 -40.08 -95.14
CA LEU GA 191 -43.24 -40.80 -95.66
C LEU GA 191 -44.53 -40.35 -94.97
N HIS GA 192 -44.50 -40.33 -93.65
CA HIS GA 192 -45.64 -39.89 -92.83
C HIS GA 192 -46.05 -38.44 -93.09
N VAL GA 193 -45.06 -37.57 -93.31
CA VAL GA 193 -45.29 -36.15 -93.62
C VAL GA 193 -45.98 -36.02 -94.97
N HIS GA 194 -45.46 -36.75 -95.96
CA HIS GA 194 -46.04 -36.83 -97.29
C HIS GA 194 -47.50 -37.28 -97.24
N ALA GA 195 -47.76 -38.33 -96.48
CA ALA GA 195 -49.11 -38.85 -96.26
C ALA GA 195 -50.06 -37.78 -95.73
N GLU GA 196 -49.60 -37.10 -94.68
CA GLU GA 196 -50.34 -35.98 -94.07
C GLU GA 196 -50.67 -34.87 -95.06
N ASN GA 197 -49.68 -34.50 -95.86
CA ASN GA 197 -49.83 -33.49 -96.92
C ASN GA 197 -50.91 -33.89 -97.94
N GLU GA 198 -50.81 -35.13 -98.39
CA GLU GA 198 -51.80 -35.73 -99.30
C GLU GA 198 -53.23 -35.70 -98.73
N LEU GA 199 -53.37 -36.09 -97.47
CA LEU GA 199 -54.65 -36.02 -96.76
C LEU GA 199 -55.21 -34.60 -96.71
N LYS GA 200 -54.33 -33.65 -96.37
CA LYS GA 200 -54.66 -32.22 -96.32
C LYS GA 200 -55.14 -31.69 -97.67
N LEU GA 201 -54.46 -32.13 -98.73
CA LEU GA 201 -54.80 -31.78 -100.12
C LEU GA 201 -56.18 -32.31 -100.50
N LEU GA 202 -56.42 -33.58 -100.17
CA LEU GA 202 -57.73 -34.23 -100.36
C LEU GA 202 -58.86 -33.47 -99.66
N SER GA 203 -58.61 -33.12 -98.40
CA SER GA 203 -59.56 -32.41 -97.57
C SER GA 203 -59.94 -31.03 -98.12
N GLY GA 204 -58.93 -30.29 -98.59
CA GLY GA 204 -59.05 -28.86 -98.83
C GLY GA 204 -58.86 -28.10 -97.52
N ASP GA 205 -57.92 -28.59 -96.70
CA ASP GA 205 -57.58 -28.01 -95.39
C ASP GA 205 -58.74 -27.90 -94.39
N GLN GA 206 -59.64 -28.90 -94.41
CA GLN GA 206 -60.66 -29.06 -93.37
C GLN GA 206 -60.15 -29.95 -92.24
N ILE GA 207 -59.37 -30.98 -92.60
CA ILE GA 207 -58.84 -31.97 -91.66
C ILE GA 207 -57.73 -31.39 -90.78
N TYR GA 208 -57.62 -31.90 -89.55
CA TYR GA 208 -56.49 -31.59 -88.65
C TYR GA 208 -55.98 -32.89 -88.03
N THR GA 209 -54.90 -33.43 -88.59
CA THR GA 209 -54.37 -34.74 -88.22
C THR GA 209 -53.12 -34.64 -87.34
N TRP GA 210 -52.75 -35.78 -86.75
CA TRP GA 210 -51.50 -35.92 -85.98
C TRP GA 210 -50.94 -37.31 -86.19
N SER GA 211 -49.75 -37.39 -86.80
CA SER GA 211 -49.07 -38.68 -86.99
C SER GA 211 -48.58 -39.19 -85.63
N VAL GA 212 -48.86 -40.46 -85.34
CA VAL GA 212 -48.42 -41.08 -84.08
C VAL GA 212 -46.90 -41.27 -84.08
N SER GA 213 -46.34 -41.66 -85.23
CA SER GA 213 -44.89 -41.82 -85.38
C SER GA 213 -44.48 -41.81 -86.86
N ALA GA 214 -43.18 -41.68 -87.09
CA ALA GA 214 -42.59 -41.76 -88.43
C ALA GA 214 -42.50 -43.20 -88.94
N THR GA 215 -42.44 -44.17 -88.02
CA THR GA 215 -42.39 -45.59 -88.37
C THR GA 215 -43.70 -46.03 -89.02
N PRO GA 216 -43.63 -46.84 -90.11
CA PRO GA 216 -44.84 -47.42 -90.69
C PRO GA 216 -45.36 -48.64 -89.91
N ILE GA 217 -46.66 -48.69 -89.68
CA ILE GA 217 -47.30 -49.83 -88.98
C ILE GA 217 -47.20 -51.17 -89.74
N GLY GA 218 -47.27 -51.13 -91.06
CA GLY GA 218 -47.19 -52.35 -91.89
C GLY GA 218 -47.09 -52.05 -93.37
N VAL GA 219 -47.10 -53.11 -94.18
CA VAL GA 219 -47.04 -53.00 -95.64
C VAL GA 219 -48.08 -53.88 -96.32
N LEU GA 220 -48.68 -53.36 -97.38
CA LEU GA 220 -49.50 -54.13 -98.31
C LEU GA 220 -48.72 -54.28 -99.62
N GLN GA 221 -48.43 -55.53 -99.99
CA GLN GA 221 -47.54 -55.86 -101.10
C GLN GA 221 -48.18 -56.90 -102.00
N ASP GA 222 -47.77 -56.91 -103.28
CA ASP GA 222 -48.35 -57.82 -104.27
C ASP GA 222 -47.45 -58.04 -105.50
N GLU GA 223 -47.72 -59.14 -106.20
CA GLU GA 223 -46.91 -59.58 -107.35
C GLU GA 223 -47.43 -59.09 -108.71
N ARG GA 224 -48.75 -58.97 -108.86
CA ARG GA 224 -49.38 -58.55 -110.12
C ARG GA 224 -48.96 -57.13 -110.50
N ASN GA 225 -49.18 -56.20 -109.57
CA ASN GA 225 -48.62 -54.85 -109.65
C ASN GA 225 -47.41 -54.80 -108.71
N ARG GA 226 -46.21 -54.63 -109.28
CA ARG GA 226 -44.97 -54.64 -108.51
C ARG GA 226 -44.83 -53.36 -107.69
N THR GA 227 -45.55 -53.33 -106.56
CA THR GA 227 -45.65 -52.15 -105.69
C THR GA 227 -45.51 -52.52 -104.22
N ALA GA 228 -45.41 -51.50 -103.37
CA ALA GA 228 -45.31 -51.69 -101.91
C ALA GA 228 -45.96 -50.51 -101.18
N GLU GA 229 -47.13 -50.75 -100.60
CA GLU GA 229 -47.88 -49.73 -99.86
C GLU GA 229 -47.49 -49.73 -98.38
N PHE GA 230 -46.63 -48.80 -98.00
CA PHE GA 230 -46.22 -48.63 -96.60
C PHE GA 230 -47.29 -47.85 -95.84
N ILE GA 231 -47.86 -48.47 -94.81
CA ILE GA 231 -49.00 -47.91 -94.10
C ILE GA 231 -48.51 -47.07 -92.91
N VAL GA 232 -48.93 -45.81 -92.89
CA VAL GA 232 -48.68 -44.89 -91.78
C VAL GA 232 -49.92 -44.89 -90.87
N LYS GA 233 -49.70 -44.59 -89.59
CA LYS GA 233 -50.79 -44.36 -88.65
C LYS GA 233 -50.85 -42.88 -88.27
N SER GA 234 -52.07 -42.36 -88.16
CA SER GA 234 -52.30 -40.95 -87.83
C SER GA 234 -53.70 -40.77 -87.24
N HIS GA 235 -53.86 -39.71 -86.43
CA HIS GA 235 -55.08 -39.46 -85.66
C HIS GA 235 -55.75 -38.15 -86.07
N ILE GA 236 -56.96 -38.25 -86.62
CA ILE GA 236 -57.86 -37.10 -86.79
C ILE GA 236 -58.18 -36.47 -85.42
N LEU GA 237 -57.84 -35.18 -85.27
CA LEU GA 237 -58.07 -34.44 -84.02
C LEU GA 237 -59.29 -33.52 -84.07
N ALA GA 238 -59.41 -32.70 -85.12
CA ALA GA 238 -60.52 -31.74 -85.25
C ALA GA 238 -60.71 -31.20 -86.67
N GLY GA 239 -61.50 -31.90 -87.47
CA GLY GA 239 -61.89 -31.42 -88.78
C GLY GA 239 -62.77 -32.35 -89.59
N LYS GA 240 -63.27 -31.83 -90.71
CA LYS GA 240 -63.99 -32.64 -91.71
C LYS GA 240 -62.99 -33.32 -92.63
N PHE GA 241 -63.50 -34.22 -93.47
CA PHE GA 241 -62.74 -34.83 -94.56
C PHE GA 241 -63.43 -34.43 -95.87
N ASP GA 242 -64.55 -35.08 -96.20
CA ASP GA 242 -65.51 -34.60 -97.22
C ASP GA 242 -65.00 -34.44 -98.68
N LEU GA 243 -63.79 -34.93 -98.98
CA LEU GA 243 -63.15 -34.76 -100.29
C LEU GA 243 -63.08 -33.29 -100.73
N ALA GA 250 -57.60 -40.81 -107.28
CA ALA GA 250 -58.97 -40.32 -107.17
C ALA GA 250 -59.88 -41.31 -106.46
N PHE GA 251 -60.78 -40.78 -105.63
CA PHE GA 251 -61.68 -41.60 -104.81
C PHE GA 251 -63.13 -41.12 -104.97
N GLU GA 252 -64.06 -42.08 -105.05
CA GLU GA 252 -65.49 -41.79 -105.26
C GLU GA 252 -66.18 -41.41 -103.96
N ASP GA 253 -66.12 -42.33 -103.00
CA ASP GA 253 -66.81 -42.20 -101.71
C ASP GA 253 -65.88 -42.55 -100.56
N PHE GA 254 -66.25 -42.09 -99.36
CA PHE GA 254 -65.52 -42.45 -98.13
C PHE GA 254 -66.51 -42.81 -97.01
N ALA GA 255 -65.95 -43.27 -95.88
CA ALA GA 255 -66.73 -43.56 -94.68
C ALA GA 255 -65.84 -43.69 -93.44
N TRP GA 256 -66.45 -43.52 -92.27
CA TRP GA 256 -65.78 -43.70 -90.98
C TRP GA 256 -66.43 -44.88 -90.24
N LEU GA 257 -65.67 -45.96 -90.06
CA LEU GA 257 -66.22 -47.23 -89.58
C LEU GA 257 -65.39 -47.84 -88.45
N THR GA 258 -66.05 -48.69 -87.66
CA THR GA 258 -65.37 -49.51 -86.64
C THR GA 258 -64.77 -50.75 -87.29
N LYS GA 259 -64.00 -51.51 -86.51
CA LYS GA 259 -63.33 -52.73 -87.01
C LYS GA 259 -64.31 -53.79 -87.52
N GLY GA 260 -65.45 -53.93 -86.84
CA GLY GA 260 -66.49 -54.89 -87.23
C GLY GA 260 -67.17 -54.60 -88.55
N GLU GA 261 -67.33 -53.32 -88.86
CA GLU GA 261 -67.97 -52.86 -90.11
C GLU GA 261 -67.03 -52.90 -91.31
N ILE GA 262 -65.73 -52.71 -91.06
CA ILE GA 262 -64.70 -52.75 -92.11
C ILE GA 262 -64.63 -54.12 -92.79
N SER GA 263 -64.80 -55.20 -92.02
CA SER GA 263 -64.86 -56.56 -92.55
C SER GA 263 -65.95 -56.73 -93.61
N GLU GA 264 -67.12 -56.14 -93.34
CA GLU GA 264 -68.25 -56.16 -94.28
C GLU GA 264 -67.93 -55.40 -95.56
N TYR GA 265 -67.37 -54.20 -95.41
CA TYR GA 265 -67.06 -53.33 -96.54
C TYR GA 265 -65.91 -53.86 -97.40
N VAL GA 266 -64.77 -54.09 -96.76
CA VAL GA 266 -63.50 -54.38 -97.43
C VAL GA 266 -63.41 -55.88 -97.82
N PRO GA 267 -62.53 -56.24 -98.79
CA PRO GA 267 -62.32 -57.66 -99.13
C PRO GA 267 -61.73 -58.50 -97.99
N LYS GA 268 -61.78 -59.82 -98.13
CA LYS GA 268 -61.40 -60.75 -97.06
C LYS GA 268 -59.88 -60.81 -96.87
N ASP GA 269 -59.16 -60.97 -97.96
CA ASP GA 269 -57.69 -61.00 -97.97
C ASP GA 269 -57.10 -59.71 -97.42
N TYR GA 270 -57.65 -58.58 -97.87
CA TYR GA 270 -57.24 -57.25 -97.40
C TYR GA 270 -57.45 -57.11 -95.90
N PHE GA 271 -58.61 -57.56 -95.43
CA PHE GA 271 -58.95 -57.54 -94.01
C PHE GA 271 -57.96 -58.36 -93.18
N ASN GA 272 -57.68 -59.57 -93.65
CA ASN GA 272 -56.68 -60.45 -93.02
C ASN GA 272 -55.30 -59.80 -92.90
N LYS GA 273 -54.88 -59.16 -93.98
CA LYS GA 273 -53.63 -58.38 -94.02
C LYS GA 273 -53.59 -57.28 -92.95
N THR GA 274 -54.72 -56.57 -92.78
CA THR GA 274 -54.78 -55.37 -91.95
C THR GA 274 -55.79 -55.42 -90.78
N GLU GA 275 -56.05 -56.62 -90.24
CA GLU GA 275 -56.99 -56.79 -89.13
C GLU GA 275 -56.37 -56.29 -87.82
N PHE GA 276 -55.23 -56.88 -87.46
CA PHE GA 276 -54.51 -56.60 -86.21
C PHE GA 276 -54.11 -55.13 -85.99
N LEU GA 277 -53.93 -54.37 -87.08
CA LEU GA 277 -53.63 -52.93 -86.98
C LEU GA 277 -54.76 -52.14 -86.31
N LEU GA 278 -56.00 -52.56 -86.52
CA LEU GA 278 -57.18 -51.88 -85.99
C LEU GA 278 -57.50 -52.32 -84.57
N ALA GA 279 -57.88 -51.35 -83.73
CA ALA GA 279 -58.36 -51.62 -82.37
C ALA GA 279 -59.74 -52.27 -82.41
N ASP GA 280 -59.99 -53.18 -81.48
CA ASP GA 280 -61.27 -53.89 -81.39
C ASP GA 280 -62.37 -52.95 -80.89
N ASN GA 281 -62.05 -52.13 -79.89
CA ASN GA 281 -62.94 -51.08 -79.39
C ASN GA 281 -62.40 -49.71 -79.76
N ALA HA 1 1.14 -126.29 32.89
CA ALA HA 1 1.17 -125.62 34.23
C ALA HA 1 2.58 -125.50 34.84
N PRO HA 2 3.33 -126.63 34.96
CA PRO HA 2 4.71 -126.50 35.45
C PRO HA 2 5.65 -126.08 34.31
N ILE HA 3 6.52 -125.11 34.59
CA ILE HA 3 7.46 -124.60 33.56
C ILE HA 3 8.46 -125.67 33.13
N PHE HA 4 9.12 -126.33 34.10
CA PHE HA 4 10.04 -127.42 33.81
C PHE HA 4 9.36 -128.72 34.26
N PRO HA 5 9.02 -129.61 33.31
CA PRO HA 5 8.41 -130.87 33.72
C PRO HA 5 9.42 -131.83 34.35
N LYS HA 6 8.92 -132.90 34.94
CA LYS HA 6 9.75 -133.92 35.58
C LYS HA 6 10.51 -134.72 34.53
N LEU HA 7 11.53 -135.43 34.99
CA LEU HA 7 12.46 -136.15 34.10
C LEU HA 7 11.82 -137.38 33.44
N GLU HA 8 10.77 -137.93 34.04
CA GLU HA 8 10.13 -139.16 33.58
C GLU HA 8 9.25 -138.93 32.35
N ASP HA 9 8.38 -137.93 32.43
CA ASP HA 9 7.38 -137.66 31.38
C ASP HA 9 7.96 -137.21 30.03
N VAL HA 10 9.13 -136.57 30.05
CA VAL HA 10 9.78 -136.07 28.82
C VAL HA 10 10.39 -137.23 28.05
N LYS HA 11 10.01 -137.34 26.77
CA LYS HA 11 10.53 -138.39 25.88
C LYS HA 11 11.86 -137.96 25.23
N MET HA 12 12.54 -138.92 24.63
CA MET HA 12 13.83 -138.67 23.97
C MET HA 12 13.69 -137.84 22.69
N HIS HA 13 12.67 -138.16 21.89
CA HIS HA 13 12.37 -137.41 20.65
C HIS HA 13 11.99 -135.94 20.87
N GLU HA 14 11.49 -135.61 22.07
CA GLU HA 14 11.20 -134.22 22.44
C GLU HA 14 12.45 -133.34 22.64
N LEU HA 15 13.61 -133.96 22.90
CA LEU HA 15 14.85 -133.25 23.18
C LEU HA 15 15.54 -132.71 21.92
N ILE HA 16 16.50 -131.81 22.14
CA ILE HA 16 17.26 -131.18 21.04
C ILE HA 16 18.32 -132.18 20.55
N GLY HA 17 18.58 -132.16 19.25
CA GLY HA 17 19.50 -133.09 18.60
C GLY HA 17 18.90 -134.46 18.34
N ASN HA 18 17.56 -134.52 18.32
CA ASN HA 18 16.82 -135.76 18.01
C ASN HA 18 15.76 -135.46 16.95
N ASN HA 19 15.46 -136.47 16.13
CA ASN HA 19 14.52 -136.37 14.99
C ASN HA 19 14.98 -135.51 13.79
N ASN HA 20 16.18 -134.93 13.86
CA ASN HA 20 16.81 -134.26 12.72
C ASN HA 20 15.99 -133.06 12.17
N PHE HA 21 15.69 -132.12 13.07
CA PHE HA 21 14.89 -130.94 12.71
C PHE HA 21 15.67 -129.88 11.91
N GLY HA 22 16.99 -129.80 12.11
CA GLY HA 22 17.83 -128.84 11.42
C GLY HA 22 17.98 -129.09 9.93
N LYS HA 23 18.23 -130.35 9.56
CA LYS HA 23 18.56 -130.71 8.17
C LYS HA 23 17.34 -130.73 7.24
N LYS HA 24 17.21 -129.68 6.43
CA LYS HA 24 16.21 -129.60 5.34
C LYS HA 24 14.74 -129.71 5.78
N THR HA 25 14.45 -129.38 7.05
CA THR HA 25 13.07 -129.38 7.55
C THR HA 25 12.78 -128.08 8.29
N TYR HA 26 11.50 -127.85 8.58
CA TYR HA 26 11.06 -126.57 9.14
C TYR HA 26 9.73 -126.68 9.90
N TYR HA 27 9.37 -125.58 10.55
CA TYR HA 27 8.09 -125.41 11.22
C TYR HA 27 7.66 -123.96 11.10
N VAL HA 28 6.34 -123.72 11.09
CA VAL HA 28 5.77 -122.38 11.06
C VAL HA 28 4.75 -122.27 12.19
N GLU HA 29 5.17 -121.63 13.28
CA GLU HA 29 4.35 -121.51 14.49
C GLU HA 29 3.24 -120.48 14.29
N ARG HA 30 2.03 -120.80 14.78
CA ARG HA 30 0.90 -119.88 14.72
C ARG HA 30 1.06 -118.77 15.75
N SER HA 31 0.28 -117.70 15.57
CA SER HA 31 0.29 -116.56 16.51
C SER HA 31 -0.30 -116.95 17.88
N ARG HA 32 -0.31 -116.00 18.81
CA ARG HA 32 -0.88 -116.22 20.14
C ARG HA 32 -2.37 -116.55 20.08
N THR HA 33 -3.11 -115.74 19.31
CA THR HA 33 -4.55 -115.95 19.13
C THR HA 33 -4.90 -117.18 18.27
N GLY HA 34 -3.92 -117.69 17.53
CA GLY HA 34 -4.03 -118.99 16.84
C GLY HA 34 -4.31 -118.86 15.37
N ASN HA 35 -3.51 -118.05 14.68
CA ASN HA 35 -3.66 -117.78 13.25
C ASN HA 35 -2.31 -117.91 12.54
N LEU HA 36 -2.35 -118.04 11.21
CA LEU HA 36 -1.15 -118.24 10.41
C LEU HA 36 -0.41 -116.91 10.24
N PRO HA 37 0.91 -116.90 10.53
CA PRO HA 37 1.68 -115.66 10.51
C PRO HA 37 2.05 -115.24 9.07
N VAL HA 38 1.04 -114.74 8.35
CA VAL HA 38 1.21 -114.25 6.98
C VAL HA 38 0.49 -112.91 6.90
N TYR HA 39 1.21 -111.87 6.49
CA TYR HA 39 0.72 -110.49 6.61
C TYR HA 39 1.01 -109.67 5.37
N SER HA 40 0.04 -108.84 4.99
CA SER HA 40 0.26 -107.80 3.99
C SER HA 40 1.01 -106.65 4.65
N ALA HA 41 1.88 -106.00 3.87
CA ALA HA 41 2.65 -104.85 4.35
C ALA HA 41 2.79 -103.84 3.20
N TYR HA 42 2.49 -102.58 3.51
CA TYR HA 42 2.38 -101.54 2.50
C TYR HA 42 3.54 -100.55 2.65
N LYS HA 43 4.66 -100.89 2.01
CA LYS HA 43 5.92 -100.16 2.13
C LYS HA 43 6.05 -99.03 1.12
N ASN HA 44 7.00 -98.14 1.40
CA ASN HA 44 7.34 -96.99 0.55
C ASN HA 44 6.16 -96.01 0.34
N GLY HA 45 5.32 -95.86 1.36
CA GLY HA 45 4.17 -94.96 1.31
C GLY HA 45 2.97 -95.54 0.59
N GLY HA 46 2.65 -96.80 0.89
CA GLY HA 46 1.52 -97.50 0.26
C GLY HA 46 1.71 -97.92 -1.18
N ASN HA 47 2.92 -97.71 -1.70
CA ASN HA 47 3.24 -97.91 -3.11
C ASN HA 47 3.67 -99.36 -3.35
N LYS HA 48 4.56 -99.85 -2.47
CA LYS HA 48 5.05 -101.22 -2.51
C LYS HA 48 4.27 -102.11 -1.54
N ILE HA 49 3.38 -102.94 -2.08
CA ILE HA 49 2.74 -104.01 -1.31
C ILE HA 49 3.73 -105.17 -1.24
N ILE HA 50 3.79 -105.85 -0.10
CA ILE HA 50 4.52 -107.14 0.04
C ILE HA 50 3.86 -108.04 1.08
N THR HA 51 3.96 -109.36 0.84
CA THR HA 51 3.44 -110.38 1.77
C THR HA 51 4.60 -110.94 2.59
N GLU HA 52 4.51 -110.82 3.90
CA GLU HA 52 5.53 -111.28 4.84
C GLU HA 52 5.05 -112.57 5.54
N ILE HA 53 5.96 -113.50 5.77
CA ILE HA 53 5.67 -114.77 6.48
C ILE HA 53 6.61 -114.92 7.67
N ARG HA 54 6.06 -114.93 8.88
CA ARG HA 54 6.85 -114.91 10.13
C ARG HA 54 6.87 -116.25 10.87
N LYS HA 55 7.65 -116.27 11.96
CA LYS HA 55 7.63 -117.35 12.97
C LYS HA 55 8.06 -118.70 12.41
N ILE HA 56 9.08 -118.67 11.54
CA ILE HA 56 9.59 -119.87 10.89
C ILE HA 56 10.74 -120.44 11.72
N GLU HA 57 10.66 -121.72 12.03
CA GLU HA 57 11.72 -122.46 12.70
C GLU HA 57 12.36 -123.37 11.66
N GLY HA 58 13.67 -123.58 11.76
CA GLY HA 58 14.40 -124.46 10.85
C GLY HA 58 14.76 -123.86 9.51
N ASP HA 59 14.84 -124.70 8.49
CA ASP HA 59 15.33 -124.30 7.16
C ASP HA 59 14.30 -123.48 6.39
N VAL HA 60 14.56 -122.18 6.25
CA VAL HA 60 13.66 -121.25 5.52
C VAL HA 60 13.72 -121.42 4.00
N ILE HA 61 14.90 -121.73 3.47
CA ILE HA 61 15.10 -121.92 2.02
C ILE HA 61 14.21 -123.05 1.50
N GLN HA 62 14.24 -124.18 2.21
CA GLN HA 62 13.41 -125.35 1.88
C GLN HA 62 11.92 -125.02 1.87
N LEU HA 63 11.49 -124.32 2.91
CA LEU HA 63 10.10 -123.84 3.03
C LEU HA 63 9.69 -122.97 1.85
N ARG HA 64 10.56 -122.03 1.50
CA ARG HA 64 10.37 -121.14 0.34
C ARG HA 64 10.21 -121.94 -0.95
N ASN HA 65 11.10 -122.90 -1.16
CA ASN HA 65 11.06 -123.78 -2.33
C ASN HA 65 9.75 -124.57 -2.43
N ASP HA 66 9.31 -125.08 -1.28
CA ASP HA 66 8.04 -125.82 -1.18
C ASP HA 66 6.85 -124.93 -1.53
N LEU HA 67 6.87 -123.69 -1.03
CA LEU HA 67 5.83 -122.70 -1.33
C LEU HA 67 5.80 -122.32 -2.81
N GLN HA 68 6.97 -122.15 -3.40
CA GLN HA 68 7.09 -121.91 -4.85
C GLN HA 68 6.51 -123.05 -5.68
N GLU HA 69 6.80 -124.28 -5.26
CA GLU HA 69 6.27 -125.49 -5.91
C GLU HA 69 4.74 -125.53 -5.84
N GLN HA 70 4.21 -125.22 -4.66
CA GLN HA 70 2.77 -125.12 -4.42
C GLN HA 70 2.11 -124.05 -5.28
N LEU HA 71 2.70 -122.86 -5.27
CA LEU HA 71 2.22 -121.70 -6.04
C LEU HA 71 3.13 -121.41 -7.24
N PRO HA 72 2.94 -122.14 -8.37
CA PRO HA 72 3.74 -121.81 -9.55
C PRO HA 72 3.35 -120.48 -10.23
N PHE HA 73 2.11 -120.02 -9.99
CA PHE HA 73 1.61 -118.77 -10.60
C PHE HA 73 2.38 -117.52 -10.20
N ILE HA 74 2.92 -117.49 -8.98
CA ILE HA 74 3.82 -116.42 -8.54
C ILE HA 74 5.19 -116.70 -9.19
N PRO HA 75 5.89 -115.66 -9.70
CA PRO HA 75 7.21 -115.89 -10.31
C PRO HA 75 8.28 -116.39 -9.33
N LYS HA 76 9.42 -116.82 -9.87
CA LYS HA 76 10.54 -117.32 -9.08
C LYS HA 76 11.31 -116.18 -8.41
N LYS HA 77 11.48 -115.08 -9.15
CA LYS HA 77 12.19 -113.88 -8.68
C LYS HA 77 11.66 -113.31 -7.38
N SER HA 78 10.33 -113.20 -7.28
CA SER HA 78 9.68 -112.48 -6.18
C SER HA 78 9.51 -113.31 -4.89
N TRP HA 79 10.62 -113.78 -4.34
CA TRP HA 79 10.65 -114.56 -3.11
C TRP HA 79 11.92 -114.24 -2.32
N SER HA 80 11.90 -113.10 -1.63
CA SER HA 80 13.06 -112.60 -0.89
C SER HA 80 13.04 -113.13 0.54
N VAL HA 81 13.94 -114.07 0.85
CA VAL HA 81 14.05 -114.63 2.21
C VAL HA 81 15.15 -113.91 3.00
N VAL HA 82 14.75 -113.05 3.94
CA VAL HA 82 15.72 -112.33 4.78
C VAL HA 82 16.19 -113.29 5.89
N MET HA 83 17.51 -113.53 5.93
CA MET HA 83 18.09 -114.60 6.75
C MET HA 83 18.31 -114.25 8.21
N GLN HA 84 18.47 -112.96 8.52
CA GLN HA 84 18.73 -112.54 9.91
C GLN HA 84 17.57 -112.88 10.84
N SER HA 85 16.34 -112.53 10.43
CA SER HA 85 15.13 -112.79 11.21
C SER HA 85 14.36 -114.03 10.74
N LYS HA 86 14.78 -114.64 9.63
CA LYS HA 86 14.12 -115.80 9.01
C LYS HA 86 12.64 -115.54 8.72
N LYS HA 87 12.40 -114.73 7.70
CA LYS HA 87 11.06 -114.49 7.16
C LYS HA 87 11.16 -114.32 5.65
N ILE HA 88 10.13 -114.78 4.94
CA ILE HA 88 10.16 -114.86 3.48
C ILE HA 88 9.13 -113.91 2.88
N ILE HA 89 9.63 -112.90 2.15
CA ILE HA 89 8.82 -111.82 1.61
C ILE HA 89 8.47 -112.12 0.15
N ILE HA 90 7.21 -111.87 -0.20
CA ILE HA 90 6.69 -112.06 -1.57
C ILE HA 90 6.20 -110.70 -2.05
N LYS HA 91 6.28 -110.46 -3.36
CA LYS HA 91 5.99 -109.14 -3.95
C LYS HA 91 4.52 -108.70 -3.85
N GLY HA 92 3.60 -109.51 -4.35
CA GLY HA 92 2.18 -109.13 -4.37
C GLY HA 92 1.50 -109.29 -3.02
N ASN HA 93 0.21 -108.94 -2.97
CA ASN HA 93 -0.66 -109.36 -1.87
C ASN HA 93 -1.04 -110.81 -2.14
N ALA HA 94 -0.14 -111.72 -1.75
CA ALA HA 94 -0.31 -113.15 -1.95
C ALA HA 94 -0.46 -113.83 -0.58
N VAL HA 95 -1.26 -113.21 0.30
CA VAL HA 95 -1.40 -113.66 1.69
C VAL HA 95 -2.32 -114.86 1.78
N GLU HA 96 -3.50 -114.72 1.18
CA GLU HA 96 -4.57 -115.72 1.24
C GLU HA 96 -4.14 -117.07 0.65
N ALA HA 97 -3.46 -117.01 -0.49
CA ALA HA 97 -2.90 -118.20 -1.15
C ALA HA 97 -1.88 -118.91 -0.27
N VAL HA 98 -0.98 -118.12 0.33
CA VAL HA 98 0.03 -118.63 1.26
C VAL HA 98 -0.61 -119.34 2.45
N LYS HA 99 -1.60 -118.69 3.05
CA LYS HA 99 -2.37 -119.25 4.17
C LYS HA 99 -2.98 -120.60 3.81
N ARG HA 100 -3.62 -120.64 2.64
CA ARG HA 100 -4.23 -121.87 2.10
C ARG HA 100 -3.22 -123.01 1.99
N VAL HA 101 -2.06 -122.68 1.44
CA VAL HA 101 -0.95 -123.64 1.29
C VAL HA 101 -0.45 -124.16 2.63
N LEU HA 102 -0.33 -123.27 3.62
CA LEU HA 102 0.22 -123.62 4.93
C LEU HA 102 -0.77 -124.38 5.82
N THR HA 103 -2.01 -123.92 5.87
CA THR HA 103 -3.05 -124.48 6.76
C THR HA 103 -3.02 -125.99 6.93
N LYS HA 104 -2.95 -126.71 5.82
CA LYS HA 104 -3.00 -128.19 5.81
C LYS HA 104 -1.94 -128.87 6.70
N LYS HA 105 -0.77 -128.26 6.86
CA LYS HA 105 0.28 -128.80 7.74
C LYS HA 105 0.48 -128.01 9.05
N PHE HA 106 0.42 -126.69 8.98
CA PHE HA 106 0.64 -125.83 10.15
C PHE HA 106 -0.66 -125.15 10.60
N ASP IA 38 66.96 -78.48 60.63
CA ASP IA 38 67.64 -79.75 61.06
C ASP IA 38 69.15 -79.57 61.09
N PHE IA 39 69.70 -79.05 60.00
CA PHE IA 39 71.14 -78.81 59.87
C PHE IA 39 71.66 -77.89 60.97
N MET IA 40 70.97 -76.77 61.14
CA MET IA 40 71.31 -75.77 62.16
C MET IA 40 71.37 -76.38 63.56
N SER IA 41 70.37 -77.20 63.88
CA SER IA 41 70.32 -77.91 65.16
C SER IA 41 71.50 -78.86 65.32
N TRP IA 42 71.80 -79.61 64.25
CA TRP IA 42 72.97 -80.50 64.22
C TRP IA 42 74.28 -79.74 64.46
N PHE IA 43 74.43 -78.62 63.76
CA PHE IA 43 75.61 -77.76 63.91
C PHE IA 43 75.78 -77.26 65.35
N LYS IA 44 74.67 -76.83 65.94
CA LYS IA 44 74.64 -76.40 67.35
C LYS IA 44 75.09 -77.51 68.29
N ARG IA 45 74.56 -78.71 68.08
CA ARG IA 45 74.94 -79.91 68.85
C ARG IA 45 76.44 -80.20 68.73
N LYS IA 46 76.96 -80.13 67.51
CA LYS IA 46 78.38 -80.32 67.23
C LYS IA 46 79.25 -79.31 67.97
N LYS IA 47 78.83 -78.05 67.94
CA LYS IA 47 79.49 -76.97 68.68
C LYS IA 47 79.55 -77.25 70.18
N GLN IA 48 78.39 -77.64 70.73
CA GLN IA 48 78.26 -78.01 72.14
C GLN IA 48 79.22 -79.15 72.53
N GLU IA 49 79.25 -80.19 71.70
CA GLU IA 49 80.16 -81.32 71.87
C GLU IA 49 81.63 -80.90 71.89
N GLU IA 50 81.98 -80.02 70.94
CA GLU IA 50 83.33 -79.46 70.83
C GLU IA 50 83.70 -78.70 72.11
N HIS IA 51 82.76 -77.89 72.58
CA HIS IA 51 82.91 -77.09 73.81
C HIS IA 51 83.22 -77.98 75.02
N GLN IA 52 82.40 -79.03 75.19
CA GLN IA 52 82.55 -79.97 76.30
C GLN IA 52 83.41 -81.17 75.89
N LYS IA 81 80.69 -105.78 66.46
CA LYS IA 81 80.36 -105.31 65.11
C LYS IA 81 79.25 -104.26 65.16
N ASN IA 82 79.39 -103.23 64.33
CA ASN IA 82 78.39 -102.16 64.23
C ASN IA 82 77.18 -102.62 63.42
N ARG IA 83 77.44 -103.06 62.19
CA ARG IA 83 76.38 -103.48 61.26
C ARG IA 83 75.58 -104.70 61.73
N LEU IA 84 74.33 -104.78 61.26
CA LEU IA 84 73.44 -105.92 61.49
C LEU IA 84 72.86 -106.35 60.16
N GLU IA 85 73.15 -107.58 59.74
CA GLU IA 85 72.68 -108.10 58.44
C GLU IA 85 71.16 -108.30 58.43
N LEU IA 86 70.50 -107.77 57.41
CA LEU IA 86 69.04 -107.84 57.29
C LEU IA 86 68.61 -109.20 56.75
N ILE IA 87 67.97 -110.00 57.61
CA ILE IA 87 67.52 -111.35 57.27
C ILE IA 87 66.43 -111.75 58.28
N PRO IA 88 65.38 -112.48 57.84
CA PRO IA 88 64.31 -112.90 58.79
C PRO IA 88 64.73 -113.67 60.05
N GLU IA 89 65.94 -114.24 60.06
CA GLU IA 89 66.48 -114.88 61.27
C GLU IA 89 66.81 -113.86 62.37
N ASN IA 90 67.36 -112.72 61.97
CA ASN IA 90 67.72 -111.64 62.91
C ASN IA 90 66.52 -110.85 63.46
N PHE IA 91 65.43 -110.77 62.68
CA PHE IA 91 64.22 -110.08 63.14
C PHE IA 91 63.43 -110.90 64.16
N ILE IA 92 62.48 -110.24 64.84
CA ILE IA 92 61.63 -110.90 65.84
C ILE IA 92 60.24 -110.25 65.93
N GLY IA 93 59.25 -111.05 66.34
CA GLY IA 93 57.89 -110.58 66.58
C GLY IA 93 56.94 -110.80 65.42
N GLU IA 94 55.72 -110.31 65.58
CA GLU IA 94 54.69 -110.39 64.54
C GLU IA 94 55.01 -109.40 63.43
N GLY IA 95 55.25 -109.92 62.23
CA GLY IA 95 55.62 -109.10 61.06
C GLY IA 95 54.41 -108.48 60.39
N SER IA 96 54.37 -108.59 59.06
CA SER IA 96 53.26 -108.05 58.27
C SER IA 96 52.01 -108.90 58.42
N ARG IA 97 50.86 -108.25 58.54
CA ARG IA 97 49.56 -108.92 58.65
C ARG IA 97 49.15 -109.54 57.32
N ARG IA 98 49.24 -108.75 56.26
CA ARG IA 98 48.86 -109.15 54.91
C ARG IA 98 49.61 -110.41 54.45
N CYS IA 99 50.92 -110.40 54.66
CA CYS IA 99 51.79 -111.53 54.33
C CYS IA 99 51.38 -112.81 55.06
N LYS IA 100 51.13 -112.67 56.36
CA LYS IA 100 50.63 -113.76 57.21
C LYS IA 100 49.30 -114.33 56.70
N ARG IA 101 48.39 -113.43 56.33
CA ARG IA 101 47.04 -113.82 55.88
C ARG IA 101 47.08 -114.63 54.59
N GLN IA 102 47.90 -114.19 53.64
CA GLN IA 102 48.14 -114.90 52.39
C GLN IA 102 48.70 -116.31 52.61
N LYS IA 103 49.68 -116.40 53.50
CA LYS IA 103 50.28 -117.68 53.90
C LYS IA 103 49.25 -118.64 54.49
N GLU IA 104 48.43 -118.12 55.39
CA GLU IA 104 47.32 -118.88 56.00
C GLU IA 104 46.35 -119.42 54.97
N LEU IA 105 45.96 -118.56 54.02
CA LEU IA 105 45.10 -118.94 52.90
C LEU IA 105 45.70 -120.07 52.05
N LYS IA 106 47.00 -119.94 51.77
CA LYS IA 106 47.75 -120.94 51.01
C LYS IA 106 47.80 -122.29 51.74
N LEU IA 107 48.04 -122.23 53.04
CA LEU IA 107 47.97 -123.41 53.92
C LEU IA 107 46.61 -124.09 53.88
N ALA IA 108 45.56 -123.27 53.95
CA ALA IA 108 44.18 -123.74 53.94
C ALA IA 108 43.82 -124.43 52.63
N VAL IA 109 44.09 -123.75 51.51
CA VAL IA 109 43.67 -124.24 50.19
C VAL IA 109 44.34 -125.56 49.80
N SER IA 110 45.61 -125.72 50.19
CA SER IA 110 46.36 -126.96 49.95
C SER IA 110 45.72 -128.17 50.65
N SER IA 111 45.31 -127.99 51.90
CA SER IA 111 44.67 -129.03 52.71
C SER IA 111 43.33 -128.56 53.26
N ALA IA 112 42.28 -128.71 52.46
CA ALA IA 112 40.91 -128.36 52.85
C ALA IA 112 39.91 -129.43 52.38
N PRO IA 113 38.73 -129.51 53.04
CA PRO IA 113 37.71 -130.47 52.63
C PRO IA 113 36.98 -130.02 51.35
N PHE IA 114 37.10 -130.84 50.31
CA PHE IA 114 36.48 -130.55 49.01
C PHE IA 114 36.19 -131.87 48.30
N ASN IA 115 35.15 -131.88 47.46
CA ASN IA 115 34.66 -133.13 46.88
C ASN IA 115 35.58 -133.75 45.83
N GLN IA 116 35.85 -132.98 44.76
CA GLN IA 116 36.67 -133.43 43.63
C GLN IA 116 36.10 -134.69 42.96
N TRP IA 117 34.87 -134.55 42.46
CA TRP IA 117 34.16 -135.63 41.76
C TRP IA 117 34.79 -136.00 40.40
N LEU IA 118 35.49 -135.05 39.78
CA LEU IA 118 36.28 -135.33 38.57
C LEU IA 118 37.55 -136.08 38.97
N SER IA 119 38.03 -136.96 38.10
CA SER IA 119 39.31 -137.65 38.32
C SER IA 119 40.47 -136.65 38.20
N ARG IA 120 41.52 -136.90 38.98
CA ARG IA 120 42.72 -136.07 38.97
C ARG IA 120 43.49 -136.26 37.67
N ASP IA 121 43.82 -137.51 37.37
CA ASP IA 121 44.50 -137.86 36.12
C ASP IA 121 43.51 -137.87 34.96
N LYS IA 122 43.90 -137.25 33.85
CA LYS IA 122 43.07 -137.12 32.66
C LYS IA 122 43.34 -138.30 31.71
N ILE IA 123 42.66 -138.32 30.56
CA ILE IA 123 42.76 -139.50 29.65
C ILE IA 123 43.98 -139.33 28.73
N THR IA 124 43.88 -138.41 27.76
CA THR IA 124 44.96 -138.09 26.83
C THR IA 124 45.46 -139.31 26.03
N SER IA 125 44.53 -140.19 25.66
CA SER IA 125 44.83 -141.40 24.89
C SER IA 125 43.55 -142.01 24.33
N ASP IA 126 43.54 -142.32 23.03
CA ASP IA 126 42.35 -142.85 22.35
C ASP IA 126 41.98 -144.26 22.79
N ASN IA 127 43.00 -145.10 23.02
CA ASN IA 127 42.83 -146.46 23.54
C ASN IA 127 42.25 -146.45 24.94
N GLN IA 128 42.81 -145.58 25.78
CA GLN IA 128 42.35 -145.38 27.16
C GLN IA 128 40.91 -144.90 27.20
N LEU IA 129 40.59 -143.94 26.33
CA LEU IA 129 39.25 -143.38 26.22
C LEU IA 129 38.21 -144.44 25.83
N ASP IA 130 38.56 -145.25 24.83
CA ASP IA 130 37.72 -146.38 24.39
C ASP IA 130 37.44 -147.36 25.53
N ASP IA 131 38.49 -147.68 26.29
CA ASP IA 131 38.39 -148.57 27.45
C ASP IA 131 37.45 -148.00 28.52
N MET IA 132 37.57 -146.70 28.79
CA MET IA 132 36.70 -145.99 29.72
C MET IA 132 35.23 -146.05 29.28
N ILE IA 133 35.01 -145.81 27.99
CA ILE IA 133 33.67 -145.87 27.38
C ILE IA 133 33.06 -147.26 27.57
N LEU IA 134 33.84 -148.29 27.26
CA LEU IA 134 33.44 -149.69 27.44
C LEU IA 134 33.03 -149.98 28.89
N GLN IA 135 33.86 -149.52 29.81
CA GLN IA 135 33.63 -149.66 31.26
C GLN IA 135 32.32 -149.00 31.69
N ALA IA 136 32.09 -147.80 31.17
CA ALA IA 136 30.85 -147.04 31.43
C ALA IA 136 29.63 -147.79 30.92
N THR IA 137 29.74 -148.31 29.69
CA THR IA 137 28.69 -149.11 29.06
C THR IA 137 28.35 -150.35 29.90
N GLU IA 138 29.38 -151.06 30.34
CA GLU IA 138 29.24 -152.23 31.21
C GLU IA 138 28.49 -151.91 32.50
N LYS IA 139 28.88 -150.83 33.16
CA LYS IA 139 28.39 -150.49 34.49
C LYS IA 139 26.99 -149.89 34.49
N THR IA 140 26.78 -148.84 33.70
CA THR IA 140 25.52 -148.09 33.71
C THR IA 140 24.42 -148.73 32.85
N LEU IA 141 24.77 -149.14 31.63
CA LEU IA 141 23.79 -149.65 30.67
C LEU IA 141 23.67 -151.17 30.70
N GLY IA 142 24.80 -151.85 30.49
CA GLY IA 142 24.86 -153.31 30.34
C GLY IA 142 25.58 -153.66 29.03
N LYS IA 143 25.57 -154.94 28.68
CA LYS IA 143 26.20 -155.40 27.43
C LYS IA 143 25.32 -155.06 26.22
N VAL IA 144 25.58 -153.89 25.65
CA VAL IA 144 24.94 -153.44 24.40
C VAL IA 144 25.98 -152.78 23.49
N ASP IA 145 25.64 -152.68 22.20
CA ASP IA 145 26.52 -152.03 21.23
C ASP IA 145 26.55 -150.52 21.45
N GLN IA 146 27.69 -149.90 21.13
CA GLN IA 146 27.88 -148.46 21.27
C GLN IA 146 27.09 -147.65 20.23
N ASP IA 147 26.73 -148.29 19.11
CA ASP IA 147 25.87 -147.66 18.09
C ASP IA 147 24.43 -147.47 18.57
N VAL IA 148 23.97 -148.33 19.48
CA VAL IA 148 22.58 -148.30 19.97
C VAL IA 148 22.39 -147.12 20.94
N GLN IA 149 21.23 -146.47 20.85
CA GLN IA 149 20.92 -145.29 21.68
C GLN IA 149 20.58 -145.68 23.12
N PHE IA 150 20.52 -144.66 23.99
CA PHE IA 150 20.15 -144.86 25.40
C PHE IA 150 18.64 -145.14 25.48
N SER IA 151 18.29 -146.18 26.24
CA SER IA 151 16.88 -146.55 26.41
C SER IA 151 16.17 -145.60 27.36
N ASP IA 152 16.71 -145.46 28.57
CA ASP IA 152 16.17 -144.58 29.60
C ASP IA 152 17.01 -143.30 29.68
N LEU IA 153 16.36 -142.21 30.06
CA LEU IA 153 17.02 -140.90 30.18
C LEU IA 153 17.83 -140.79 31.48
N VAL IA 154 17.33 -141.43 32.53
CA VAL IA 154 18.05 -141.55 33.81
C VAL IA 154 19.33 -142.35 33.62
N ALA IA 155 19.22 -143.45 32.88
CA ALA IA 155 20.36 -144.32 32.55
C ALA IA 155 21.43 -143.56 31.76
N LYS IA 156 20.99 -142.79 30.77
CA LYS IA 156 21.85 -141.89 29.99
C LYS IA 156 22.61 -140.93 30.88
N PHE IA 157 21.87 -140.23 31.75
CA PHE IA 157 22.44 -139.31 32.73
C PHE IA 157 23.54 -139.97 33.55
N GLN IA 158 23.23 -141.15 34.07
CA GLN IA 158 24.14 -141.95 34.89
C GLN IA 158 25.43 -142.27 34.14
N PHE IA 159 25.28 -142.68 32.88
CA PHE IA 159 26.40 -142.96 31.98
C PHE IA 159 27.29 -141.74 31.78
N THR IA 160 26.66 -140.60 31.51
CA THR IA 160 27.38 -139.36 31.21
C THR IA 160 28.15 -138.83 32.43
N LYS IA 161 27.51 -138.91 33.60
CA LYS IA 161 28.17 -138.54 34.87
C LYS IA 161 29.39 -139.41 35.15
N PHE IA 162 29.22 -140.72 34.94
CA PHE IA 162 30.31 -141.68 35.10
C PHE IA 162 31.47 -141.37 34.16
N LEU IA 163 31.13 -141.13 32.89
CA LEU IA 163 32.10 -140.77 31.85
C LEU IA 163 32.90 -139.52 32.24
N GLN IA 164 32.18 -138.49 32.69
CA GLN IA 164 32.79 -137.25 33.19
C GLN IA 164 33.77 -137.50 34.34
N SER IA 165 33.33 -138.29 35.30
CA SER IA 165 34.10 -138.58 36.51
C SER IA 165 35.41 -139.30 36.19
N LYS IA 166 35.31 -140.33 35.35
CA LYS IA 166 36.48 -141.10 34.92
C LYS IA 166 37.42 -140.23 34.08
N SER IA 167 36.84 -139.46 33.17
CA SER IA 167 37.59 -138.58 32.28
C SER IA 167 38.41 -137.53 33.01
N GLY IA 168 37.77 -136.84 33.96
CA GLY IA 168 38.33 -135.64 34.59
C GLY IA 168 37.78 -134.35 34.00
N TYR IA 169 37.20 -134.44 32.80
CA TYR IA 169 36.68 -133.27 32.07
C TYR IA 169 35.16 -133.19 32.13
N LEU IA 170 34.64 -131.99 31.90
CA LEU IA 170 33.19 -131.73 31.89
C LEU IA 170 32.68 -131.65 30.45
N ILE IA 171 31.71 -132.50 30.13
CA ILE IA 171 31.02 -132.48 28.84
C ILE IA 171 29.83 -131.53 28.99
N PRO IA 172 29.74 -130.47 28.15
CA PRO IA 172 28.68 -129.46 28.31
C PRO IA 172 27.24 -129.99 28.19
N ASP IA 173 26.31 -129.25 28.80
CA ASP IA 173 24.89 -129.65 28.90
C ASP IA 173 24.22 -129.81 27.54
N TYR IA 174 24.48 -128.86 26.65
CA TYR IA 174 23.99 -128.88 25.27
C TYR IA 174 24.46 -130.13 24.53
N GLU IA 175 25.75 -130.43 24.67
CA GLU IA 175 26.36 -131.64 24.10
C GLU IA 175 25.68 -132.90 24.62
N LEU IA 176 25.50 -132.98 25.94
CA LEU IA 176 24.80 -134.11 26.57
C LEU IA 176 23.41 -134.33 26.00
N THR IA 177 22.67 -133.23 25.87
CA THR IA 177 21.33 -133.23 25.26
C THR IA 177 21.35 -133.77 23.84
N THR IA 178 22.33 -133.30 23.06
CA THR IA 178 22.45 -133.67 21.64
C THR IA 178 22.81 -135.14 21.43
N LEU IA 179 23.93 -135.57 22.01
CA LEU IA 179 24.49 -136.90 21.73
C LEU IA 179 23.62 -138.02 22.31
N SER IA 180 23.17 -138.91 21.43
CA SER IA 180 22.21 -139.97 21.76
C SER IA 180 22.84 -141.35 22.02
N THR IA 181 24.14 -141.51 21.70
CA THR IA 181 24.83 -142.81 21.86
C THR IA 181 26.17 -142.65 22.58
N PRO IA 182 26.66 -143.71 23.25
CA PRO IA 182 28.03 -143.75 23.79
C PRO IA 182 29.12 -143.53 22.72
N LEU IA 183 28.91 -144.11 21.55
CA LEU IA 183 29.81 -143.96 20.40
C LEU IA 183 29.95 -142.50 19.98
N GLN IA 184 28.82 -141.81 19.88
CA GLN IA 184 28.77 -140.38 19.57
C GLN IA 184 29.55 -139.54 20.59
N PHE IA 185 29.34 -139.85 21.87
CA PHE IA 185 30.08 -139.23 22.97
C PHE IA 185 31.59 -139.41 22.84
N LYS IA 186 31.99 -140.65 22.57
CA LYS IA 186 33.39 -141.00 22.34
C LYS IA 186 34.00 -140.20 21.19
N ARG IA 187 33.26 -140.14 20.09
CA ARG IA 187 33.67 -139.37 18.90
C ARG IA 187 33.86 -137.89 19.22
N TYR IA 188 32.89 -137.33 19.95
CA TYR IA 188 32.97 -135.95 20.43
C TYR IA 188 34.23 -135.68 21.25
N ILE IA 189 34.47 -136.58 22.20
CA ILE IA 189 35.65 -136.52 23.08
C ILE IA 189 36.95 -136.52 22.27
N LYS IA 190 37.01 -137.44 21.30
CA LYS IA 190 38.15 -137.55 20.39
C LYS IA 190 38.39 -136.27 19.60
N GLU IA 191 37.30 -135.68 19.13
CA GLU IA 191 37.34 -134.40 18.40
C GLU IA 191 37.88 -133.22 19.22
N LYS IA 192 37.33 -133.01 20.41
CA LYS IA 192 37.41 -131.72 21.10
C LYS IA 192 38.44 -131.63 22.21
N ILE IA 193 38.36 -132.56 23.17
CA ILE IA 193 39.15 -132.50 24.40
C ILE IA 193 40.55 -133.10 24.18
N LEU IA 194 40.58 -134.28 23.58
CA LEU IA 194 41.81 -135.06 23.34
C LEU IA 194 43.00 -134.30 22.73
N PRO IA 195 42.79 -133.59 21.61
CA PRO IA 195 43.91 -132.85 20.99
C PRO IA 195 44.47 -131.75 21.89
N SER IA 196 43.57 -131.05 22.58
CA SER IA 196 43.96 -130.00 23.55
C SER IA 196 44.75 -130.56 24.72
N ALA IA 197 44.31 -131.73 25.21
CA ALA IA 197 45.01 -132.46 26.28
C ALA IA 197 46.41 -132.87 25.85
N ASN IA 198 46.52 -133.39 24.62
CA ASN IA 198 47.79 -133.79 24.03
C ASN IA 198 48.79 -132.63 23.93
N ASP IA 199 48.33 -131.51 23.39
CA ASP IA 199 49.17 -130.33 23.16
C ASP IA 199 48.56 -129.08 23.80
N PRO IA 200 49.17 -128.56 24.89
CA PRO IA 200 48.58 -127.43 25.60
C PRO IA 200 48.59 -126.08 24.84
N LYS IA 201 49.52 -125.92 23.91
CA LYS IA 201 49.54 -124.74 23.02
C LYS IA 201 48.37 -124.76 22.01
N LEU IA 202 47.95 -125.96 21.61
CA LEU IA 202 46.83 -126.14 20.69
C LEU IA 202 45.47 -125.84 21.33
N ALA IA 203 45.40 -125.86 22.66
CA ALA IA 203 44.15 -125.65 23.42
C ALA IA 203 43.45 -124.31 23.13
N TYR IA 204 42.14 -124.30 23.34
CA TYR IA 204 41.29 -123.12 23.11
C TYR IA 204 41.50 -122.10 24.22
N LYS IA 205 41.79 -120.85 23.82
CA LYS IA 205 41.92 -119.73 24.74
C LYS IA 205 40.71 -118.81 24.62
N GLU IA 206 40.25 -118.27 25.75
CA GLU IA 206 38.99 -117.53 25.82
C GLU IA 206 39.09 -116.13 25.21
N ALA IA 207 40.13 -115.39 25.59
CA ALA IA 207 40.34 -114.01 25.11
C ALA IA 207 40.60 -113.93 23.60
N GLU IA 208 41.18 -114.99 23.04
CA GLU IA 208 41.45 -115.09 21.59
C GLU IA 208 40.78 -116.35 21.04
N PRO IA 209 39.45 -116.30 20.83
CA PRO IA 209 38.67 -117.47 20.40
C PRO IA 209 38.87 -117.84 18.94
N ASN IA 210 39.28 -116.89 18.11
CA ASN IA 210 39.51 -117.11 16.68
C ASN IA 210 40.99 -117.33 16.35
N ALA IA 211 41.68 -118.05 17.23
CA ALA IA 211 43.11 -118.33 17.07
C ALA IA 211 43.31 -119.47 16.08
N ILE IA 212 44.47 -119.45 15.42
CA ILE IA 212 44.89 -120.54 14.54
C ILE IA 212 46.24 -121.07 14.99
N HIS IA 213 46.49 -122.34 14.70
CA HIS IA 213 47.70 -123.03 15.16
C HIS IA 213 48.36 -123.77 13.99
N PRO IA 214 48.89 -123.00 13.01
CA PRO IA 214 49.52 -123.61 11.85
C PRO IA 214 50.89 -124.20 12.17
N PHE IA 215 51.33 -125.14 11.34
CA PHE IA 215 52.66 -125.75 11.44
C PHE IA 215 53.28 -125.88 10.05
N SER IA 216 54.56 -126.22 10.00
CA SER IA 216 55.27 -126.43 8.74
C SER IA 216 54.78 -127.68 7.99
N ASP IA 217 54.40 -128.71 8.75
CA ASP IA 217 53.85 -129.95 8.19
C ASP IA 217 52.44 -129.76 7.60
N ASN IA 218 51.67 -128.86 8.20
CA ASN IA 218 50.28 -128.58 7.78
C ASN IA 218 50.12 -128.23 6.30
N TYR IA 219 51.08 -127.50 5.74
CA TYR IA 219 50.98 -126.96 4.38
C TYR IA 219 51.38 -127.93 3.26
N ALA IA 220 52.25 -128.90 3.56
CA ALA IA 220 52.61 -129.98 2.61
C ALA IA 220 53.28 -129.54 1.30
N SER IA 221 53.86 -128.34 1.30
CA SER IA 221 54.68 -127.85 0.19
C SER IA 221 55.93 -127.29 0.84
N PRO IA 222 57.11 -127.87 0.53
CA PRO IA 222 58.26 -127.72 1.42
C PRO IA 222 58.89 -126.32 1.47
N ASN IA 223 58.56 -125.44 0.52
CA ASN IA 223 58.96 -124.03 0.60
C ASN IA 223 58.14 -123.20 1.61
N ILE IA 224 56.99 -123.73 2.06
CA ILE IA 224 56.19 -123.09 3.11
C ILE IA 224 56.64 -123.63 4.48
N TYR IA 225 56.68 -122.75 5.47
CA TYR IA 225 56.97 -123.14 6.86
C TYR IA 225 56.43 -122.14 7.87
N VAL IA 226 56.20 -122.62 9.09
CA VAL IA 226 55.70 -121.81 10.20
C VAL IA 226 56.77 -121.73 11.26
N VAL IA 227 57.23 -120.51 11.56
CA VAL IA 227 58.24 -120.28 12.60
C VAL IA 227 57.67 -120.60 13.99
N ASN IA 228 58.53 -121.09 14.87
CA ASN IA 228 58.10 -121.61 16.18
C ASN IA 228 57.65 -120.52 17.15
N ASP IA 229 56.42 -120.66 17.66
CA ASP IA 229 55.85 -119.72 18.63
C ASP IA 229 56.41 -120.02 20.02
N VAL IA 230 57.59 -119.49 20.29
CA VAL IA 230 58.20 -119.50 21.61
C VAL IA 230 58.12 -118.06 22.12
N THR IA 231 57.47 -117.87 23.26
CA THR IA 231 57.32 -116.55 23.85
C THR IA 231 58.67 -115.96 24.26
N SER IA 232 58.83 -114.66 24.05
CA SER IA 232 60.07 -113.93 24.38
C SER IA 232 60.49 -114.10 25.84
N LYS IA 233 59.50 -114.06 26.73
CA LYS IA 233 59.69 -114.25 28.16
C LYS IA 233 60.30 -115.61 28.50
N GLU IA 234 59.74 -116.66 27.88
CA GLU IA 234 60.22 -118.03 28.07
C GLU IA 234 61.68 -118.19 27.61
N GLN IA 235 61.99 -117.61 26.47
CA GLN IA 235 63.36 -117.59 25.93
C GLN IA 235 64.33 -116.90 26.88
N LYS IA 236 63.91 -115.75 27.39
CA LYS IA 236 64.68 -114.98 28.37
C LYS IA 236 64.94 -115.79 29.63
N SER IA 237 63.90 -116.46 30.13
CA SER IA 237 64.01 -117.33 31.30
C SER IA 237 65.00 -118.47 31.06
N LYS IA 238 64.89 -119.10 29.90
CA LYS IA 238 65.83 -120.14 29.45
C LYS IA 238 67.28 -119.65 29.44
N TYR IA 239 67.49 -118.46 28.86
CA TYR IA 239 68.80 -117.83 28.81
C TYR IA 239 69.36 -117.60 30.21
N ASP IA 240 68.53 -117.04 31.09
CA ASP IA 240 68.89 -116.80 32.49
C ASP IA 240 69.33 -118.07 33.18
N THR IA 241 68.55 -119.13 33.03
CA THR IA 241 68.85 -120.43 33.65
C THR IA 241 70.17 -121.01 33.16
N ILE IA 242 70.42 -120.92 31.85
CA ILE IA 242 71.63 -121.50 31.24
C ILE IA 242 72.88 -120.76 31.67
N MET IA 243 72.88 -119.44 31.54
CA MET IA 243 74.02 -118.60 31.94
C MET IA 243 74.29 -118.67 33.44
N LYS IA 244 73.21 -118.74 34.23
CA LYS IA 244 73.29 -118.96 35.68
C LYS IA 244 73.93 -120.31 35.99
N GLU IA 245 73.47 -121.35 35.30
CA GLU IA 245 73.99 -122.72 35.47
C GLU IA 245 75.48 -122.83 35.14
N ILE IA 246 75.89 -122.14 34.08
CA ILE IA 246 77.30 -122.03 33.68
C ILE IA 246 78.12 -121.36 34.77
N GLN IA 247 77.60 -120.25 35.28
CA GLN IA 247 78.23 -119.48 36.35
C GLN IA 247 78.44 -120.34 37.60
N LYS IA 248 77.39 -121.05 37.99
CA LYS IA 248 77.44 -122.02 39.10
C LYS IA 248 78.53 -123.06 38.91
N LEU IA 249 78.57 -123.63 37.71
CA LEU IA 249 79.56 -124.64 37.33
C LEU IA 249 80.99 -124.10 37.45
N GLU IA 250 81.17 -122.88 36.93
CA GLU IA 250 82.46 -122.20 36.94
C GLU IA 250 82.93 -121.91 38.36
N ASP IA 251 82.05 -121.31 39.16
CA ASP IA 251 82.33 -120.94 40.56
C ASP IA 251 82.74 -122.12 41.43
N ASP IA 252 82.06 -123.24 41.26
CA ASP IA 252 82.39 -124.49 41.97
C ASP IA 252 83.77 -125.01 41.58
N ALA IA 253 84.08 -124.96 40.29
CA ALA IA 253 85.38 -125.36 39.75
C ALA IA 253 86.52 -124.49 40.29
N THR IA 254 86.27 -123.18 40.36
CA THR IA 254 87.25 -122.22 40.89
C THR IA 254 87.52 -122.47 42.37
N ARG IA 255 86.45 -122.71 43.13
CA ARG IA 255 86.53 -123.06 44.55
C ARG IA 255 87.36 -124.31 44.77
N LYS IA 256 87.09 -125.33 43.96
CA LYS IA 256 87.83 -126.60 43.98
C LYS IA 256 89.33 -126.37 43.73
N ALA IA 257 89.63 -125.58 42.69
CA ALA IA 257 91.01 -125.20 42.35
C ALA IA 257 91.72 -124.46 43.50
N LEU IA 258 90.98 -123.60 44.18
CA LEU IA 258 91.48 -122.86 45.35
C LEU IA 258 91.82 -123.83 46.49
N GLU IA 259 90.90 -124.76 46.75
CA GLU IA 259 91.09 -125.82 47.76
C GLU IA 259 92.32 -126.69 47.49
N THR IA 260 92.52 -127.04 46.22
CA THR IA 260 93.67 -127.84 45.78
C THR IA 260 94.98 -127.09 45.99
N ALA IA 261 94.98 -125.81 45.65
CA ALA IA 261 96.13 -124.90 45.86
C ALA IA 261 96.50 -124.78 47.33
N ARG IA 262 95.47 -124.63 48.17
CA ARG IA 262 95.63 -124.55 49.63
C ARG IA 262 96.25 -125.83 50.21
N SER IA 263 95.76 -126.98 49.72
CA SER IA 263 96.27 -128.29 50.10
C SER IA 263 97.75 -128.45 49.76
N ALA IA 264 98.11 -128.10 48.52
CA ALA IA 264 99.49 -128.18 48.05
C ALA IA 264 99.70 -127.32 46.82
N VAL JA 1 124.16 -93.82 -47.03
CA VAL JA 1 124.70 -94.93 -46.19
C VAL JA 1 123.57 -95.53 -45.35
N ILE JA 2 123.44 -96.86 -45.40
CA ILE JA 2 122.47 -97.60 -44.59
C ILE JA 2 123.26 -98.52 -43.67
N TYR JA 3 123.79 -97.95 -42.59
CA TYR JA 3 124.56 -98.72 -41.61
C TYR JA 3 123.63 -99.51 -40.69
N LEU JA 4 123.51 -100.81 -40.96
CA LEU JA 4 122.81 -101.74 -40.08
C LEU JA 4 123.86 -102.36 -39.15
N HIS JA 5 123.68 -102.16 -37.85
CA HIS JA 5 124.66 -102.61 -36.85
C HIS JA 5 124.61 -104.13 -36.70
N LYS JA 6 125.79 -104.74 -36.54
CA LYS JA 6 125.93 -106.20 -36.59
C LYS JA 6 127.03 -106.69 -35.64
N GLY JA 7 126.86 -106.36 -34.36
CA GLY JA 7 127.82 -106.75 -33.32
C GLY JA 7 127.24 -106.62 -31.92
N PRO JA 8 128.03 -106.10 -30.95
CA PRO JA 8 127.49 -105.79 -29.62
C PRO JA 8 126.51 -104.61 -29.61
N ARG JA 9 125.94 -104.32 -28.44
CA ARG JA 9 124.89 -103.29 -28.34
C ARG JA 9 125.45 -101.87 -28.37
N ILE JA 10 124.97 -101.09 -29.34
CA ILE JA 10 125.05 -99.63 -29.31
C ILE JA 10 123.63 -99.15 -29.01
N ASN JA 11 123.48 -98.37 -27.94
CA ASN JA 11 122.16 -97.95 -27.46
C ASN JA 11 121.49 -96.99 -28.43
N GLY JA 12 120.32 -97.39 -28.95
CA GLY JA 12 119.54 -96.55 -29.87
C GLY JA 12 119.69 -96.89 -31.34
N LEU JA 13 120.78 -97.60 -31.69
CA LEU JA 13 121.13 -97.87 -33.07
C LEU JA 13 120.45 -99.14 -33.57
N ARG JA 14 119.89 -99.11 -34.78
CA ARG JA 14 119.16 -100.26 -35.30
C ARG JA 14 120.11 -101.33 -35.82
N ARG JA 15 119.68 -102.59 -35.69
CA ARG JA 15 120.51 -103.74 -36.04
C ARG JA 15 120.18 -104.29 -37.43
N ASP JA 16 121.10 -105.10 -37.94
CA ASP JA 16 120.86 -105.92 -39.13
C ASP JA 16 119.90 -107.04 -38.72
N PRO JA 17 118.82 -107.29 -39.50
CA PRO JA 17 117.80 -108.27 -39.08
C PRO JA 17 118.32 -109.66 -38.71
N GLU JA 18 119.32 -110.15 -39.45
CA GLU JA 18 119.90 -111.48 -39.19
C GLU JA 18 120.67 -111.62 -37.87
N SER JA 19 121.08 -110.50 -37.27
CA SER JA 19 121.77 -110.52 -35.98
C SER JA 19 120.87 -110.88 -34.78
N TYR JA 20 119.56 -110.68 -34.92
CA TYR JA 20 118.59 -111.00 -33.84
C TYR JA 20 117.44 -111.93 -34.24
N LEU JA 21 117.55 -112.60 -35.39
CA LEU JA 21 116.55 -113.58 -35.83
C LEU JA 21 117.07 -115.02 -35.76
N ARG JA 22 117.85 -115.31 -34.72
CA ARG JA 22 118.38 -116.67 -34.49
C ARG JA 22 118.23 -117.05 -33.02
N ASN JA 23 117.72 -118.26 -32.79
CA ASN JA 23 117.65 -118.85 -31.44
C ASN JA 23 119.04 -119.25 -30.92
N PRO JA 24 119.15 -119.59 -29.61
CA PRO JA 24 120.41 -120.15 -29.09
C PRO JA 24 121.00 -121.35 -29.85
N SER JA 25 120.13 -122.15 -30.47
CA SER JA 25 120.58 -123.23 -31.37
C SER JA 25 121.32 -122.69 -32.59
N GLY JA 26 120.78 -121.62 -33.16
CA GLY JA 26 121.40 -120.92 -34.29
C GLY JA 26 120.80 -121.31 -35.63
N VAL JA 27 119.49 -121.11 -35.75
CA VAL JA 27 118.78 -121.25 -37.03
C VAL JA 27 117.99 -119.98 -37.31
N LEU JA 28 118.04 -119.50 -38.55
CA LEU JA 28 117.40 -118.25 -38.95
C LEU JA 28 115.88 -118.43 -38.93
N PHE JA 29 115.16 -117.44 -38.42
CA PHE JA 29 113.69 -117.52 -38.27
C PHE JA 29 112.95 -117.74 -39.59
N THR JA 30 113.37 -117.02 -40.63
CA THR JA 30 112.82 -117.21 -41.99
C THR JA 30 113.19 -118.58 -42.60
N GLU JA 31 114.37 -119.09 -42.25
CA GLU JA 31 114.90 -120.34 -42.80
C GLU JA 31 114.37 -121.64 -42.16
N VAL JA 32 113.44 -121.55 -41.21
CA VAL JA 32 112.81 -122.74 -40.62
C VAL JA 32 112.01 -123.51 -41.68
N ASN JA 33 112.06 -124.84 -41.59
CA ASN JA 33 111.45 -125.73 -42.58
C ASN JA 33 110.44 -126.67 -41.92
N ALA JA 34 109.43 -127.08 -42.70
CA ALA JA 34 108.38 -127.98 -42.21
C ALA JA 34 108.91 -129.38 -41.93
N LYS JA 35 109.58 -129.94 -42.92
CA LYS JA 35 110.20 -131.27 -42.82
C LYS JA 35 111.16 -131.41 -41.63
N GLU JA 36 111.99 -130.39 -41.43
CA GLU JA 36 113.07 -130.43 -40.44
C GLU JA 36 112.69 -130.01 -39.00
N CYS JA 37 111.52 -129.38 -38.81
CA CYS JA 37 111.13 -128.89 -37.47
C CYS JA 37 109.68 -129.13 -37.08
N GLN JA 38 108.74 -128.50 -37.78
CA GLN JA 38 107.32 -128.56 -37.41
C GLN JA 38 106.74 -129.97 -37.47
N ASP JA 39 107.14 -130.72 -38.51
CA ASP JA 39 106.79 -132.14 -38.63
C ASP JA 39 107.34 -132.98 -37.48
N LYS JA 40 108.58 -132.71 -37.10
CA LYS JA 40 109.22 -133.37 -35.94
C LYS JA 40 108.47 -133.09 -34.65
N VAL JA 41 108.10 -131.82 -34.45
CA VAL JA 41 107.33 -131.38 -33.28
C VAL JA 41 105.99 -132.12 -33.18
N ARG JA 42 105.30 -132.21 -34.32
CA ARG JA 42 104.03 -132.94 -34.41
C ARG JA 42 104.20 -134.41 -34.00
N SER JA 43 105.23 -135.04 -34.54
CA SER JA 43 105.57 -136.44 -34.27
C SER JA 43 105.86 -136.68 -32.79
N ILE JA 44 106.61 -135.76 -32.19
CA ILE JA 44 106.90 -135.76 -30.75
C ILE JA 44 105.61 -135.69 -29.93
N LEU JA 45 104.74 -134.75 -30.29
CA LEU JA 45 103.47 -134.53 -29.58
C LEU JA 45 102.36 -135.52 -29.94
N GLN JA 46 102.60 -136.39 -30.93
CA GLN JA 46 101.66 -137.48 -31.29
C GLN JA 46 100.31 -136.93 -31.74
N LEU JA 47 100.33 -135.86 -32.52
CA LEU JA 47 99.11 -135.16 -32.94
C LEU JA 47 98.23 -135.96 -33.92
N PRO JA 48 98.84 -136.86 -34.73
CA PRO JA 48 98.01 -137.80 -35.51
C PRO JA 48 97.15 -138.79 -34.69
N LYS JA 49 97.55 -139.10 -33.45
CA LYS JA 49 96.77 -139.99 -32.59
C LYS JA 49 95.42 -139.40 -32.21
N TYR JA 50 95.42 -138.15 -31.78
CA TYR JA 50 94.24 -137.50 -31.19
C TYR JA 50 93.45 -136.63 -32.17
N GLY JA 51 93.57 -136.91 -33.47
CA GLY JA 51 92.88 -136.15 -34.52
C GLY JA 51 93.24 -134.67 -34.59
N ILE JA 52 94.43 -134.33 -34.13
CA ILE JA 52 94.86 -132.93 -34.00
C ILE JA 52 95.42 -132.43 -35.33
N ASN JA 53 95.22 -131.14 -35.59
CA ASN JA 53 95.72 -130.48 -36.79
C ASN JA 53 96.04 -129.01 -36.49
N LEU JA 54 97.32 -128.73 -36.24
CA LEU JA 54 97.84 -127.37 -36.07
C LEU JA 54 98.51 -126.90 -37.35
N SER JA 55 98.44 -125.60 -37.62
CA SER JA 55 99.13 -125.02 -38.77
C SER JA 55 100.62 -124.84 -38.43
N ASN JA 56 101.47 -124.91 -39.45
CA ASN JA 56 102.92 -124.73 -39.31
C ASN JA 56 103.28 -123.40 -38.66
N GLU JA 57 102.59 -122.35 -39.08
CA GLU JA 57 102.74 -121.00 -38.53
C GLU JA 57 102.35 -120.95 -37.06
N LEU JA 58 101.25 -121.64 -36.74
CA LEU JA 58 100.76 -121.73 -35.36
C LEU JA 58 101.76 -122.46 -34.46
N ILE JA 59 102.32 -123.55 -34.97
CA ILE JA 59 103.36 -124.33 -34.27
C ILE JA 59 104.56 -123.43 -33.97
N LEU JA 60 104.99 -122.68 -34.97
CA LEU JA 60 106.12 -121.76 -34.85
C LEU JA 60 105.88 -120.68 -33.80
N GLN JA 61 104.66 -120.14 -33.79
CA GLN JA 61 104.25 -119.16 -32.79
C GLN JA 61 104.30 -119.72 -31.37
N CYS JA 62 103.76 -120.94 -31.21
CA CYS JA 62 103.80 -121.65 -29.92
C CYS JA 62 105.22 -121.83 -29.41
N LEU JA 63 106.11 -122.23 -30.33
CA LEU JA 63 107.53 -122.41 -30.03
C LEU JA 63 108.20 -121.11 -29.55
N THR JA 64 107.93 -120.00 -30.25
CA THR JA 64 108.69 -118.75 -30.01
C THR JA 64 108.18 -117.90 -28.84
N HIS JA 65 109.15 -117.33 -28.10
CA HIS JA 65 108.91 -116.56 -26.87
C HIS JA 65 108.92 -115.05 -27.18
N LYS JA 66 108.26 -114.27 -26.32
CA LYS JA 66 108.20 -112.80 -26.43
C LYS JA 66 109.57 -112.11 -26.48
N SER JA 67 110.55 -112.67 -25.77
CA SER JA 67 111.93 -112.16 -25.76
C SER JA 67 112.64 -112.27 -27.11
N PHE JA 68 112.23 -113.23 -27.95
CA PHE JA 68 112.80 -113.36 -29.29
C PHE JA 68 112.39 -112.19 -30.18
N ALA JA 69 113.39 -111.53 -30.76
CA ALA JA 69 113.19 -110.46 -31.75
C ALA JA 69 112.31 -109.29 -31.29
N HIS JA 70 112.30 -109.05 -29.97
CA HIS JA 70 111.53 -107.98 -29.35
C HIS JA 70 110.01 -108.03 -29.62
N GLY JA 71 109.47 -109.24 -29.65
CA GLY JA 71 108.05 -109.46 -29.96
C GLY JA 71 107.62 -109.00 -31.34
N SER JA 72 108.56 -108.99 -32.29
CA SER JA 72 108.28 -108.57 -33.66
C SER JA 72 107.59 -109.70 -34.40
N LYS JA 73 108.16 -110.90 -34.30
CA LYS JA 73 107.56 -112.11 -34.87
C LYS JA 73 106.52 -112.67 -33.90
N PRO JA 74 105.48 -113.36 -34.40
CA PRO JA 74 104.34 -113.78 -33.56
C PRO JA 74 104.75 -114.71 -32.42
N TYR JA 75 104.49 -114.29 -31.17
CA TYR JA 75 105.04 -114.95 -29.98
C TYR JA 75 103.96 -115.48 -29.04
N ASN JA 76 104.27 -116.61 -28.40
CA ASN JA 76 103.38 -117.20 -27.39
C ASN JA 76 103.33 -116.42 -26.06
N GLU JA 77 102.14 -115.93 -25.72
CA GLU JA 77 101.88 -115.38 -24.38
C GLU JA 77 100.40 -115.58 -24.02
N LYS JA 78 99.53 -115.06 -24.87
CA LYS JA 78 98.08 -115.25 -24.74
C LYS JA 78 97.69 -116.72 -24.84
N LEU JA 79 98.27 -117.41 -25.83
CA LEU JA 79 98.12 -118.85 -26.00
C LEU JA 79 98.58 -119.60 -24.75
N ASN JA 80 99.80 -119.29 -24.31
CA ASN JA 80 100.38 -119.83 -23.07
C ASN JA 80 99.44 -119.68 -21.88
N LEU JA 81 98.93 -118.46 -21.70
CA LEU JA 81 98.01 -118.14 -20.61
C LEU JA 81 96.77 -119.03 -20.68
N LEU JA 82 96.20 -119.14 -21.89
CA LEU JA 82 95.04 -119.99 -22.14
C LEU JA 82 95.32 -121.45 -21.80
N GLY JA 83 96.47 -121.94 -22.26
CA GLY JA 83 96.90 -123.31 -22.02
C GLY JA 83 97.06 -123.65 -20.55
N ALA JA 84 97.70 -122.74 -19.81
CA ALA JA 84 97.86 -122.86 -18.36
C ALA JA 84 96.52 -123.00 -17.64
N GLN JA 85 95.56 -122.17 -18.05
CA GLN JA 85 94.20 -122.19 -17.50
C GLN JA 85 93.50 -123.51 -17.76
N PHE JA 86 93.61 -124.01 -18.98
CA PHE JA 86 93.06 -125.32 -19.34
C PHE JA 86 93.76 -126.46 -18.62
N LEU JA 87 95.09 -126.35 -18.56
CA LEU JA 87 95.94 -127.40 -17.99
C LEU JA 87 95.63 -127.62 -16.51
N LYS JA 88 95.53 -126.53 -15.76
CA LYS JA 88 95.22 -126.57 -14.32
C LYS JA 88 93.87 -127.25 -14.04
N LEU JA 89 92.88 -126.92 -14.86
CA LEU JA 89 91.56 -127.55 -14.79
C LEU JA 89 91.65 -129.05 -15.08
N GLN JA 90 92.40 -129.38 -16.13
CA GLN JA 90 92.68 -130.77 -16.52
C GLN JA 90 93.38 -131.59 -15.43
N THR JA 91 94.32 -130.97 -14.74
CA THR JA 91 95.02 -131.60 -13.62
C THR JA 91 94.08 -131.84 -12.45
N CYS JA 92 93.19 -130.88 -12.21
CA CYS JA 92 92.20 -130.97 -11.14
C CYS JA 92 91.21 -132.11 -11.39
N ILE JA 93 90.66 -132.18 -12.60
CA ILE JA 93 89.76 -133.30 -12.97
C ILE JA 93 90.47 -134.66 -12.85
N HIS JA 94 91.72 -134.74 -13.29
CA HIS JA 94 92.54 -135.96 -13.13
C HIS JA 94 92.67 -136.39 -11.67
N SER JA 95 92.94 -135.42 -10.80
CA SER JA 95 93.05 -135.65 -9.35
C SER JA 95 91.74 -136.17 -8.76
N LEU JA 96 90.64 -135.52 -9.16
CA LEU JA 96 89.28 -135.93 -8.79
C LEU JA 96 88.96 -137.36 -9.20
N LYS JA 97 89.35 -137.73 -10.42
CA LYS JA 97 89.16 -139.07 -10.95
C LYS JA 97 89.92 -140.12 -10.13
N ASN JA 98 91.20 -139.82 -9.89
CA ASN JA 98 92.11 -140.74 -9.21
C ASN JA 98 92.22 -140.44 -7.72
N LEU JA 112 83.22 -139.50 -5.83
CA LEU JA 112 84.11 -138.53 -6.46
C LEU JA 112 84.87 -137.74 -5.40
N GLN JA 113 86.20 -137.80 -5.45
CA GLN JA 113 87.06 -137.18 -4.44
C GLN JA 113 87.21 -135.68 -4.66
N PHE JA 114 87.17 -134.92 -3.56
CA PHE JA 114 87.48 -133.48 -3.56
C PHE JA 114 88.52 -133.11 -2.49
N SER JA 115 89.26 -134.11 -2.00
CA SER JA 115 90.23 -133.91 -0.90
C SER JA 115 91.68 -134.11 -1.35
N ASN JA 116 91.93 -134.06 -2.67
CA ASN JA 116 93.27 -134.25 -3.24
C ASN JA 116 93.69 -133.10 -4.17
N LEU JA 117 93.18 -131.90 -3.91
CA LEU JA 117 93.45 -130.73 -4.75
C LEU JA 117 94.51 -129.84 -4.12
N GLY JA 118 94.24 -129.41 -2.88
CA GLY JA 118 95.20 -128.63 -2.10
C GLY JA 118 96.30 -129.51 -1.57
N THR JA 119 97.25 -129.84 -2.46
CA THR JA 119 98.33 -130.78 -2.15
C THR JA 119 99.56 -130.49 -3.01
N LYS JA 120 100.67 -131.12 -2.64
CA LYS JA 120 101.99 -130.84 -3.24
C LYS JA 120 102.11 -131.42 -4.64
N PHE JA 121 101.74 -132.70 -4.77
CA PHE JA 121 101.79 -133.43 -6.04
C PHE JA 121 101.01 -132.73 -7.15
N ALA JA 122 99.79 -132.31 -6.83
CA ALA JA 122 98.92 -131.58 -7.76
C ALA JA 122 99.55 -130.28 -8.24
N LYS JA 123 100.14 -129.54 -7.30
CA LYS JA 123 100.88 -128.30 -7.60
C LYS JA 123 102.04 -128.56 -8.55
N GLU JA 124 102.81 -129.60 -8.26
CA GLU JA 124 103.96 -130.00 -9.09
C GLU JA 124 103.53 -130.38 -10.49
N LEU JA 125 102.40 -131.07 -10.60
CA LEU JA 125 101.81 -131.44 -11.89
C LEU JA 125 101.50 -130.22 -12.75
N THR JA 126 100.94 -129.17 -12.15
CA THR JA 126 100.66 -127.90 -12.85
C THR JA 126 101.79 -126.87 -12.76
N SER JA 127 103.01 -127.29 -12.43
CA SER JA 127 104.13 -126.37 -12.21
C SER JA 127 104.91 -126.06 -13.49
N LYS JA 128 105.78 -125.07 -13.38
CA LYS JA 128 106.60 -124.58 -14.50
C LYS JA 128 107.86 -125.41 -14.70
N ASN JA 129 108.46 -125.83 -13.58
CA ASN JA 129 109.66 -126.69 -13.59
C ASN JA 129 109.36 -128.05 -14.23
N THR JA 130 108.25 -128.64 -13.83
CA THR JA 130 107.74 -129.89 -14.40
C THR JA 130 107.52 -129.79 -15.91
N ALA JA 131 106.93 -128.68 -16.33
CA ALA JA 131 106.69 -128.40 -17.75
C ALA JA 131 108.00 -128.31 -18.52
N CYS JA 132 108.97 -127.61 -17.94
CA CYS JA 132 110.32 -127.49 -18.51
C CYS JA 132 111.01 -128.85 -18.71
N THR JA 133 110.95 -129.67 -17.67
CA THR JA 133 111.54 -131.01 -17.70
C THR JA 133 110.90 -131.86 -18.81
N PHE JA 134 109.58 -131.82 -18.89
CA PHE JA 134 108.82 -132.49 -19.96
C PHE JA 134 109.29 -132.06 -21.34
N VAL JA 135 109.45 -130.75 -21.54
CA VAL JA 135 109.95 -130.17 -22.79
C VAL JA 135 111.34 -130.70 -23.13
N LYS JA 136 112.22 -130.71 -22.14
CA LYS JA 136 113.59 -131.24 -22.28
C LYS JA 136 113.62 -132.71 -22.68
N LEU JA 137 112.79 -133.52 -22.02
CA LEU JA 137 112.70 -134.96 -22.29
C LEU JA 137 112.27 -135.25 -23.72
N HIS JA 138 111.24 -134.54 -24.17
CA HIS JA 138 110.71 -134.67 -25.52
C HIS JA 138 111.62 -134.05 -26.61
N ASN JA 139 112.64 -133.29 -26.18
CA ASN JA 139 113.68 -132.73 -27.07
C ASN JA 139 113.13 -131.64 -28.00
N LEU JA 140 112.28 -130.78 -27.43
CA LEU JA 140 111.74 -129.61 -28.14
C LEU JA 140 112.59 -128.35 -27.91
N ASP JA 141 113.57 -128.42 -27.01
CA ASP JA 141 114.41 -127.26 -26.64
C ASP JA 141 115.25 -126.62 -27.77
N PRO JA 142 115.75 -127.42 -28.74
CA PRO JA 142 116.49 -126.76 -29.83
C PRO JA 142 115.59 -125.98 -30.82
N PHE JA 143 114.32 -126.37 -30.91
CA PHE JA 143 113.39 -125.78 -31.88
C PHE JA 143 112.84 -124.42 -31.47
N ILE JA 144 112.72 -124.16 -30.17
CA ILE JA 144 112.09 -122.92 -29.69
C ILE JA 144 112.95 -121.69 -29.92
N PHE JA 145 112.28 -120.55 -30.12
CA PHE JA 145 112.94 -119.28 -30.43
C PHE JA 145 112.82 -118.30 -29.27
N TRP JA 146 113.97 -117.87 -28.76
CA TRP JA 146 114.06 -117.00 -27.59
C TRP JA 146 115.44 -116.38 -27.53
N LYS JA 147 115.64 -115.44 -26.61
CA LYS JA 147 116.94 -114.82 -26.40
C LYS JA 147 117.44 -115.10 -24.99
N MET JA 148 118.63 -115.67 -24.88
CA MET JA 148 119.27 -115.93 -23.60
C MET JA 148 119.73 -114.64 -22.94
N ARG JA 149 119.79 -114.66 -21.61
CA ARG JA 149 120.20 -113.49 -20.83
C ARG JA 149 121.72 -113.35 -20.93
N ASP JA 150 122.42 -114.42 -20.60
CA ASP JA 150 123.87 -114.55 -20.78
C ASP JA 150 124.14 -115.92 -21.42
N PRO JA 151 124.54 -115.96 -22.71
CA PRO JA 151 124.80 -117.22 -23.44
C PRO JA 151 125.67 -118.26 -22.72
N ILE JA 152 126.69 -117.80 -22.00
CA ILE JA 152 127.62 -118.69 -21.26
C ILE JA 152 127.15 -118.91 -19.81
N LYS JA 153 126.04 -119.64 -19.67
CA LYS JA 153 125.47 -119.98 -18.36
C LYS JA 153 124.91 -121.42 -18.41
N ASP JA 154 124.38 -121.87 -17.26
CA ASP JA 154 123.80 -123.21 -17.14
C ASP JA 154 122.56 -123.38 -18.03
N GLY JA 155 121.59 -122.47 -17.83
CA GLY JA 155 120.31 -122.53 -18.54
C GLY JA 155 119.19 -121.95 -17.69
N HIS JA 156 119.09 -122.44 -16.46
CA HIS JA 156 118.15 -121.92 -15.46
C HIS JA 156 118.38 -120.43 -15.13
N ILE JA 157 119.63 -119.98 -15.23
CA ILE JA 157 119.99 -118.58 -15.02
C ILE JA 157 119.36 -117.70 -16.11
N ASN JA 158 119.32 -118.19 -17.34
CA ASN JA 158 118.74 -117.46 -18.48
C ASN JA 158 117.20 -117.38 -18.49
N GLY JA 159 116.53 -118.12 -17.62
CA GLY JA 159 115.07 -118.18 -17.60
C GLY JA 159 114.54 -119.13 -18.65
N GLU JA 160 115.25 -120.25 -18.82
CA GLU JA 160 114.93 -121.28 -19.80
C GLU JA 160 113.66 -122.02 -19.40
N THR JA 161 113.62 -122.42 -18.13
CA THR JA 161 112.50 -123.20 -17.57
C THR JA 161 111.12 -122.57 -17.75
N THR JA 162 111.05 -121.27 -17.55
CA THR JA 162 109.80 -120.50 -17.68
C THR JA 162 109.33 -120.48 -19.12
N ILE JA 163 110.28 -120.30 -20.03
CA ILE JA 163 110.02 -120.27 -21.47
C ILE JA 163 109.52 -121.62 -21.96
N PHE JA 164 110.17 -122.69 -21.49
CA PHE JA 164 109.77 -124.06 -21.81
C PHE JA 164 108.34 -124.34 -21.34
N ALA JA 165 108.05 -123.93 -20.11
CA ALA JA 165 106.70 -124.04 -19.54
C ALA JA 165 105.66 -123.30 -20.37
N SER JA 166 106.02 -122.08 -20.79
CA SER JA 166 105.17 -121.27 -21.66
C SER JA 166 104.90 -121.96 -22.98
N VAL JA 167 105.95 -122.53 -23.58
CA VAL JA 167 105.85 -123.28 -24.83
C VAL JA 167 104.90 -124.47 -24.70
N LEU JA 168 105.07 -125.24 -23.63
CA LEU JA 168 104.20 -126.39 -23.34
C LEU JA 168 102.74 -125.98 -23.25
N ASN JA 169 102.49 -124.90 -22.51
CA ASN JA 169 101.14 -124.35 -22.35
C ASN JA 169 100.64 -123.66 -23.61
N ALA JA 170 101.54 -123.02 -24.35
CA ALA JA 170 101.19 -122.35 -25.61
C ALA JA 170 100.64 -123.33 -26.63
N PHE JA 171 101.30 -124.48 -26.75
CA PHE JA 171 100.82 -125.57 -27.58
C PHE JA 171 99.39 -125.98 -27.20
N ILE JA 172 99.17 -126.14 -25.91
CA ILE JA 172 97.85 -126.50 -25.37
C ILE JA 172 96.80 -125.44 -25.73
N GLY JA 173 97.16 -124.18 -25.54
CA GLY JA 173 96.29 -123.04 -25.89
C GLY JA 173 95.95 -122.98 -27.38
N ALA JA 174 96.93 -123.29 -28.22
CA ALA JA 174 96.74 -123.39 -29.67
C ALA JA 174 95.78 -124.51 -30.05
N ILE JA 175 95.95 -125.66 -29.40
CA ILE JA 175 95.09 -126.83 -29.59
C ILE JA 175 93.64 -126.48 -29.24
N LEU JA 176 93.47 -125.85 -28.07
CA LEU JA 176 92.17 -125.34 -27.60
C LEU JA 176 91.50 -124.44 -28.63
N SER JA 177 92.27 -123.48 -29.14
CA SER JA 177 91.80 -122.52 -30.13
C SER JA 177 91.32 -123.18 -31.41
N THR JA 178 92.12 -124.13 -31.92
CA THR JA 178 91.89 -124.72 -33.25
C THR JA 178 90.98 -125.93 -33.24
N ASN JA 179 91.33 -126.92 -32.42
CA ASN JA 179 90.72 -128.26 -32.48
C ASN JA 179 89.63 -128.52 -31.44
N GLY JA 180 89.19 -127.48 -30.74
CA GLY JA 180 88.14 -127.60 -29.73
C GLY JA 180 88.68 -127.98 -28.36
N SER JA 181 87.74 -128.14 -27.42
CA SER JA 181 88.06 -128.37 -26.00
C SER JA 181 88.21 -129.85 -25.67
N GLU JA 182 87.26 -130.64 -26.12
CA GLU JA 182 87.25 -132.10 -25.93
C GLU JA 182 88.51 -132.76 -26.46
N LYS JA 183 88.90 -132.36 -27.67
CA LYS JA 183 90.11 -132.87 -28.34
C LYS JA 183 91.37 -132.55 -27.54
N ALA JA 184 91.42 -131.32 -27.03
CA ALA JA 184 92.52 -130.86 -26.17
C ALA JA 184 92.60 -131.67 -24.89
N ALA JA 185 91.45 -131.89 -24.26
CA ALA JA 185 91.35 -132.70 -23.04
C ALA JA 185 91.89 -134.12 -23.28
N LYS JA 186 91.44 -134.73 -24.37
CA LYS JA 186 91.91 -136.06 -24.79
C LYS JA 186 93.43 -136.12 -24.97
N PHE JA 187 93.97 -135.11 -25.65
CA PHE JA 187 95.41 -134.96 -25.84
C PHE JA 187 96.16 -134.86 -24.51
N ILE JA 188 95.62 -134.06 -23.60
CA ILE JA 188 96.17 -133.91 -22.25
C ILE JA 188 96.18 -135.24 -21.51
N GLN JA 189 95.08 -135.99 -21.59
CA GLN JA 189 94.99 -137.31 -20.97
C GLN JA 189 96.01 -138.30 -21.52
N GLY JA 190 96.21 -138.24 -22.84
CA GLY JA 190 97.11 -139.17 -23.54
C GLY JA 190 98.60 -138.93 -23.38
N SER JA 191 99.10 -137.84 -23.97
CA SER JA 191 100.55 -137.57 -24.02
C SER JA 191 101.11 -137.16 -22.67
N LEU JA 192 100.45 -136.17 -22.05
CA LEU JA 192 100.72 -135.79 -20.67
C LEU JA 192 99.86 -136.71 -19.80
N LEU JA 193 99.96 -136.56 -18.47
CA LEU JA 193 99.06 -137.23 -17.51
C LEU JA 193 98.77 -138.71 -17.84
N ASP JA 194 99.84 -139.49 -18.03
CA ASP JA 194 99.72 -140.91 -18.41
C ASP JA 194 100.92 -141.74 -17.95
N LYS JA 195 100.64 -142.88 -17.33
CA LYS JA 195 101.68 -143.70 -16.70
C LYS JA 195 102.49 -144.56 -17.70
N GLU JA 196 101.89 -144.88 -18.84
CA GLU JA 196 102.52 -145.78 -19.84
C GLU JA 196 103.72 -145.16 -20.57
N ASP JA 197 103.74 -143.84 -20.70
CA ASP JA 197 104.82 -143.15 -21.42
C ASP JA 197 106.11 -143.12 -20.60
N LEU JA 198 105.98 -142.81 -19.32
CA LEU JA 198 107.09 -142.73 -18.33
C LEU JA 198 107.89 -141.43 -18.34
N HIS JA 199 107.90 -140.73 -19.49
CA HIS JA 199 108.33 -139.32 -19.55
C HIS JA 199 107.12 -138.39 -19.71
N SER JA 200 106.00 -138.77 -19.11
CA SER JA 200 104.80 -137.94 -19.07
C SER JA 200 104.90 -136.94 -17.91
N LEU JA 201 103.86 -136.13 -17.76
CA LEU JA 201 103.84 -135.07 -16.74
C LEU JA 201 103.68 -135.62 -15.32
N VAL JA 202 102.78 -136.60 -15.16
CA VAL JA 202 102.53 -137.26 -13.87
C VAL JA 202 103.79 -137.90 -13.28
N ASN JA 203 104.49 -138.66 -14.13
CA ASN JA 203 105.74 -139.31 -13.75
C ASN JA 203 106.80 -138.32 -13.27
N ILE JA 204 106.92 -137.23 -14.02
CA ILE JA 204 107.83 -136.12 -13.66
C ILE JA 204 107.47 -135.53 -12.30
N ALA JA 205 106.18 -135.28 -12.10
CA ALA JA 205 105.67 -134.75 -10.83
C ALA JA 205 106.00 -135.66 -9.66
N ASN JA 206 105.77 -136.97 -9.86
CA ASN JA 206 106.13 -138.00 -8.88
C ASN JA 206 107.62 -138.00 -8.53
N GLU JA 207 108.46 -137.89 -9.57
CA GLU JA 207 109.92 -137.80 -9.40
C GLU JA 207 110.33 -136.58 -8.59
N ASN JA 208 109.73 -135.43 -8.91
CA ASN JA 208 109.94 -134.19 -8.17
C ASN JA 208 109.56 -134.30 -6.70
N VAL JA 209 108.41 -134.92 -6.44
CA VAL JA 209 107.93 -135.20 -5.08
C VAL JA 209 108.93 -136.07 -4.32
N ALA JA 210 109.39 -137.13 -4.96
CA ALA JA 210 110.40 -138.04 -4.39
C ALA JA 210 111.70 -137.32 -4.04
N SER JA 211 112.14 -136.43 -4.93
CA SER JA 211 113.34 -135.61 -4.72
C SER JA 211 113.19 -134.67 -3.53
N ALA JA 212 112.01 -134.05 -3.43
CA ALA JA 212 111.66 -133.18 -2.31
C ALA JA 212 111.66 -133.92 -0.97
N LYS JA 213 111.07 -135.11 -0.97
CA LYS JA 213 111.08 -136.00 0.21
C LYS JA 213 112.48 -136.36 0.66
N ALA JA 214 113.33 -136.72 -0.30
CA ALA JA 214 114.74 -137.03 -0.05
C ALA JA 214 115.47 -135.85 0.58
N LYS JA 215 115.28 -134.67 0.00
CA LYS JA 215 115.85 -133.43 0.52
C LYS JA 215 115.03 -132.89 1.67
N LYS KA 1 81.24 -101.38 -54.88
CA LYS KA 1 79.80 -101.59 -54.53
C LYS KA 1 79.37 -103.04 -54.72
N GLN KA 2 79.37 -103.81 -53.64
CA GLN KA 2 78.83 -105.17 -53.63
C GLN KA 2 77.31 -105.11 -53.66
N PHE KA 3 76.75 -104.41 -52.67
CA PHE KA 3 75.30 -104.30 -52.50
C PHE KA 3 74.76 -103.09 -53.24
N GLY KA 4 73.62 -103.28 -53.91
CA GLY KA 4 72.94 -102.21 -54.62
C GLY KA 4 71.62 -101.85 -53.95
N PHE KA 5 71.66 -101.65 -52.63
CA PHE KA 5 70.47 -101.22 -51.89
C PHE KA 5 70.22 -99.74 -52.17
N PRO KA 6 68.94 -99.32 -52.14
CA PRO KA 6 68.68 -97.88 -52.17
C PRO KA 6 69.13 -97.22 -50.88
N LYS KA 7 69.67 -96.00 -50.98
CA LYS KA 7 70.19 -95.30 -49.80
C LYS KA 7 69.24 -94.20 -49.37
N THR KA 8 69.14 -94.01 -48.05
CA THR KA 8 68.21 -93.07 -47.46
C THR KA 8 68.89 -92.20 -46.41
N GLN KA 9 68.49 -90.94 -46.36
CA GLN KA 9 68.79 -90.07 -45.21
C GLN KA 9 67.86 -90.49 -44.08
N VAL KA 10 68.20 -90.06 -42.86
CA VAL KA 10 67.35 -90.31 -41.70
C VAL KA 10 66.22 -89.28 -41.79
N THR KA 11 65.13 -89.70 -42.43
CA THR KA 11 64.12 -88.79 -42.95
C THR KA 11 63.01 -88.47 -41.95
N THR KA 12 62.74 -87.17 -41.78
CA THR KA 12 61.54 -86.68 -41.11
C THR KA 12 60.47 -86.38 -42.14
N ILE KA 13 59.22 -86.38 -41.71
CA ILE KA 13 58.12 -85.82 -42.52
C ILE KA 13 58.11 -84.28 -42.46
N TYR KA 14 58.59 -83.73 -41.34
CA TYR KA 14 58.68 -82.27 -41.16
C TYR KA 14 59.94 -81.70 -41.82
N ASN KA 15 60.12 -80.38 -41.71
CA ASN KA 15 61.32 -79.71 -42.21
C ASN KA 15 62.49 -80.03 -41.28
N LYS KA 16 63.47 -80.77 -41.80
CA LYS KA 16 64.61 -81.25 -41.02
C LYS KA 16 65.51 -80.10 -40.53
N THR KA 17 65.63 -79.05 -41.33
CA THR KA 17 66.41 -77.86 -40.99
C THR KA 17 65.83 -77.06 -39.81
N LYS KA 18 64.52 -77.14 -39.61
CA LYS KA 18 63.83 -76.46 -38.51
C LYS KA 18 63.43 -77.35 -37.34
N SER KA 19 63.21 -78.64 -37.62
CA SER KA 19 62.71 -79.57 -36.62
C SER KA 19 63.45 -80.90 -36.71
N ALA KA 20 64.77 -80.83 -36.48
CA ALA KA 20 65.63 -82.00 -36.43
C ALA KA 20 65.44 -82.79 -35.13
N SER KA 21 65.14 -82.08 -34.04
CA SER KA 21 64.95 -82.71 -32.73
C SER KA 21 63.56 -83.34 -32.53
N ASN KA 22 62.61 -82.99 -33.39
CA ASN KA 22 61.24 -83.50 -33.28
C ASN KA 22 61.16 -84.98 -33.67
N TYR KA 23 61.15 -85.85 -32.66
CA TYR KA 23 61.05 -87.31 -32.85
C TYR KA 23 59.77 -87.74 -33.56
N LYS KA 24 58.70 -86.97 -33.37
CA LYS KA 24 57.37 -87.30 -33.89
C LYS KA 24 57.38 -87.42 -35.41
N GLY KA 25 58.07 -86.50 -36.08
CA GLY KA 25 58.21 -86.52 -37.54
C GLY KA 25 58.94 -87.74 -38.05
N TYR KA 26 59.98 -88.15 -37.33
CA TYR KA 26 60.72 -89.38 -37.65
C TYR KA 26 59.84 -90.61 -37.51
N LEU KA 27 59.07 -90.64 -36.42
CA LEU KA 27 58.11 -91.71 -36.12
C LEU KA 27 57.07 -91.85 -37.23
N LYS KA 28 56.56 -90.70 -37.68
CA LYS KA 28 55.59 -90.64 -38.78
C LYS KA 28 56.14 -91.20 -40.10
N HIS KA 29 57.37 -90.84 -40.44
CA HIS KA 29 57.95 -91.21 -41.73
C HIS KA 29 58.06 -92.72 -41.92
N ARG KA 30 57.15 -93.27 -42.73
CA ARG KA 30 57.20 -94.65 -43.17
C ARG KA 30 57.89 -94.69 -44.54
N ASP KA 31 58.72 -95.72 -44.75
CA ASP KA 31 59.34 -95.98 -46.06
C ASP KA 31 59.11 -97.42 -46.46
N ALA KA 32 59.06 -97.66 -47.77
CA ALA KA 32 58.65 -98.95 -48.35
C ALA KA 32 59.50 -100.13 -47.84
N PRO KA 33 58.88 -101.32 -47.70
CA PRO KA 33 59.56 -102.43 -47.05
C PRO KA 33 60.70 -103.03 -47.88
N GLY KA 34 61.85 -103.24 -47.23
CA GLY KA 34 63.02 -103.80 -47.89
C GLY KA 34 64.31 -103.43 -47.19
N MET KA 35 65.42 -103.68 -47.89
CA MET KA 35 66.76 -103.34 -47.40
C MET KA 35 67.15 -101.94 -47.84
N TYR KA 36 67.83 -101.21 -46.96
CA TYR KA 36 68.32 -99.86 -47.24
C TYR KA 36 69.76 -99.69 -46.82
N TYR KA 37 70.40 -98.66 -47.36
CA TYR KA 37 71.72 -98.22 -46.95
C TYR KA 37 71.59 -96.83 -46.30
N GLN KA 38 71.57 -96.79 -44.97
CA GLN KA 38 71.59 -95.54 -44.21
C GLN KA 38 73.03 -95.26 -43.74
N PRO KA 39 73.83 -94.53 -44.54
CA PRO KA 39 75.17 -94.21 -44.03
C PRO KA 39 75.12 -93.45 -42.71
N SER KA 40 75.96 -93.87 -41.75
CA SER KA 40 75.96 -93.27 -40.42
C SER KA 40 76.39 -91.81 -40.48
N GLU KA 41 75.76 -90.98 -39.65
CA GLU KA 41 76.04 -89.55 -39.58
C GLU KA 41 76.97 -89.26 -38.40
N SER KA 42 78.02 -90.07 -38.27
CA SER KA 42 78.86 -90.10 -37.08
C SER KA 42 80.32 -90.37 -37.41
N ILE KA 43 81.21 -89.89 -36.55
CA ILE KA 43 82.61 -90.26 -36.59
C ILE KA 43 82.77 -91.65 -35.96
N ALA KA 44 83.77 -92.39 -36.41
CA ALA KA 44 83.99 -93.78 -36.00
C ALA KA 44 85.15 -93.90 -35.01
N THR KA 45 85.15 -93.04 -33.98
CA THR KA 45 86.26 -92.92 -33.04
C THR KA 45 86.16 -93.94 -31.91
N GLY KA 46 85.04 -93.95 -31.21
CA GLY KA 46 84.81 -94.88 -30.10
C GLY KA 46 84.27 -96.25 -30.50
N SER KA 47 83.88 -96.40 -31.76
CA SER KA 47 83.19 -97.60 -32.23
C SER KA 47 84.11 -98.81 -32.41
N VAL KA 48 83.72 -99.92 -31.79
CA VAL KA 48 84.31 -101.25 -32.02
C VAL KA 48 83.48 -102.00 -33.09
N ASN KA 49 82.38 -101.38 -33.55
CA ASN KA 49 81.50 -101.94 -34.58
C ASN KA 49 82.25 -102.52 -35.78
N SER KA 50 81.72 -103.61 -36.32
CA SER KA 50 82.36 -104.35 -37.41
C SER KA 50 82.29 -103.59 -38.75
N GLU KA 51 81.29 -102.72 -38.89
CA GLU KA 51 81.15 -101.85 -40.06
C GLU KA 51 82.09 -100.64 -40.02
N THR KA 52 82.76 -100.44 -38.88
CA THR KA 52 83.67 -99.33 -38.64
C THR KA 52 85.15 -99.74 -38.78
N ILE KA 53 85.49 -100.97 -38.37
CA ILE KA 53 86.87 -101.50 -38.46
C ILE KA 53 87.38 -101.52 -39.91
N PRO KA 54 88.65 -101.09 -40.15
CA PRO KA 54 89.20 -101.14 -41.51
C PRO KA 54 89.55 -102.56 -41.98
N ARG KA 55 89.69 -102.72 -43.28
CA ARG KA 55 89.90 -104.04 -43.91
C ARG KA 55 91.25 -104.65 -43.57
N SER KA 56 92.29 -103.81 -43.50
CA SER KA 56 93.62 -104.27 -43.09
C SER KA 56 93.65 -104.88 -41.68
N PHE KA 57 92.80 -104.38 -40.79
CA PHE KA 57 92.68 -104.93 -39.43
C PHE KA 57 91.73 -106.12 -39.35
N MET KA 58 90.86 -106.32 -40.34
CA MET KA 58 90.10 -107.57 -40.45
C MET KA 58 91.04 -108.71 -40.83
N ALA KA 59 90.69 -109.92 -40.41
CA ALA KA 59 91.47 -111.12 -40.72
C ALA KA 59 91.27 -111.51 -42.19
N ALA KA 60 92.21 -112.29 -42.72
CA ALA KA 60 92.20 -112.70 -44.13
C ALA KA 60 90.98 -113.55 -44.51
N SER KA 61 90.55 -114.40 -43.58
CA SER KA 61 89.38 -115.27 -43.76
C SER KA 61 88.04 -114.63 -43.34
N ASP KA 62 88.05 -113.33 -43.05
CA ASP KA 62 86.84 -112.60 -42.67
C ASP KA 62 85.97 -112.39 -43.91
N PRO KA 63 84.68 -112.78 -43.86
CA PRO KA 63 83.80 -112.43 -44.97
C PRO KA 63 83.60 -110.92 -45.16
N ARG KA 64 83.69 -110.15 -44.08
CA ARG KA 64 83.45 -108.70 -44.09
C ARG KA 64 84.44 -107.86 -44.91
N ARG KA 65 85.63 -108.39 -45.18
CA ARG KA 65 86.63 -107.73 -46.04
C ARG KA 65 86.06 -107.34 -47.41
N GLY KA 66 85.42 -108.31 -48.07
CA GLY KA 66 84.84 -108.11 -49.39
C GLY KA 66 83.69 -107.13 -49.47
N LEU KA 67 82.89 -107.07 -48.40
CA LEU KA 67 81.74 -106.16 -48.34
C LEU KA 67 82.23 -104.72 -48.14
N ASP KA 68 81.48 -103.79 -48.74
CA ASP KA 68 81.99 -102.43 -49.02
C ASP KA 68 81.76 -101.38 -47.92
N MET KA 69 81.65 -101.81 -46.65
CA MET KA 69 81.16 -100.92 -45.59
C MET KA 69 82.19 -100.02 -44.91
N PRO KA 70 83.44 -100.47 -44.73
CA PRO KA 70 84.44 -99.47 -44.32
C PRO KA 70 84.73 -98.50 -45.47
N VAL KA 71 83.88 -97.48 -45.60
CA VAL KA 71 83.88 -96.62 -46.79
C VAL KA 71 85.04 -95.64 -46.71
N GLN KA 72 85.81 -95.56 -47.78
CA GLN KA 72 86.88 -94.60 -47.89
C GLN KA 72 86.31 -93.32 -48.51
N SER KA 73 85.62 -92.55 -47.67
CA SER KA 73 85.00 -91.28 -48.08
C SER KA 73 86.06 -90.21 -48.31
N THR KA 74 87.03 -90.14 -47.40
CA THR KA 74 88.14 -89.20 -47.50
C THR KA 74 89.18 -89.69 -48.51
N LYS KA 75 90.09 -88.78 -48.87
CA LYS KA 75 91.21 -89.09 -49.77
C LYS KA 75 92.49 -88.48 -49.18
N ALA KA 76 93.53 -89.31 -49.05
CA ALA KA 76 94.80 -88.89 -48.44
C ALA KA 76 95.56 -87.84 -49.26
N LYS KA 77 95.33 -87.83 -50.58
CA LYS KA 77 95.88 -86.80 -51.47
C LYS KA 77 95.35 -85.41 -51.13
N GLN KA 78 94.06 -85.34 -50.82
CA GLN KA 78 93.37 -84.08 -50.53
C GLN KA 78 93.68 -83.54 -49.13
N CYS KA 79 93.81 -84.43 -48.15
CA CYS KA 79 94.08 -84.04 -46.75
C CYS KA 79 95.55 -83.61 -46.56
N PRO KA 80 95.82 -82.55 -45.77
CA PRO KA 80 97.19 -82.14 -45.45
C PRO KA 80 97.73 -82.74 -44.15
N ASN KA 81 99.04 -82.92 -44.07
CA ASN KA 81 99.71 -83.55 -42.92
C ASN KA 81 99.63 -82.72 -41.63
N VAL KA 82 99.31 -83.39 -40.51
CA VAL KA 82 99.16 -82.72 -39.20
C VAL KA 82 100.14 -83.28 -38.15
N LEU KA 83 100.93 -82.38 -37.56
CA LEU KA 83 101.94 -82.72 -36.54
C LEU KA 83 102.81 -83.92 -36.93
N VAL KA 84 103.23 -83.91 -38.18
CA VAL KA 84 104.00 -85.01 -38.77
C VAL KA 84 105.48 -84.67 -38.61
N GLY KA 85 106.27 -85.66 -38.19
CA GLY KA 85 107.71 -85.50 -38.04
C GLY KA 85 108.42 -85.37 -39.38
N LYS KA 86 109.60 -84.76 -39.36
CA LYS KA 86 110.39 -84.55 -40.58
C LYS KA 86 110.91 -85.85 -41.21
N SER KA 87 111.00 -86.91 -40.41
CA SER KA 87 111.34 -88.26 -40.89
C SER KA 87 110.25 -88.87 -41.78
N THR KA 88 109.00 -88.61 -41.43
CA THR KA 88 107.85 -89.13 -42.17
C THR KA 88 107.67 -88.44 -43.53
N VAL KA 89 108.01 -87.15 -43.61
CA VAL KA 89 107.87 -86.36 -44.84
C VAL KA 89 109.00 -86.74 -45.82
N ASN KA 90 110.23 -86.71 -45.33
CA ASN KA 90 111.40 -87.19 -46.07
C ASN KA 90 112.08 -88.28 -45.24
N GLY KA 91 112.23 -89.46 -45.84
CA GLY KA 91 112.44 -90.74 -45.13
C GLY KA 91 113.52 -90.85 -44.06
N LYS KA 92 113.38 -91.89 -43.24
CA LYS KA 92 114.33 -92.20 -42.17
C LYS KA 92 115.72 -92.52 -42.74
N THR KA 93 116.76 -92.02 -42.07
CA THR KA 93 118.14 -92.22 -42.51
C THR KA 93 118.94 -92.91 -41.40
N TYR KA 94 119.69 -93.95 -41.78
CA TYR KA 94 120.46 -94.78 -40.85
C TYR KA 94 121.95 -94.63 -41.14
N HIS KA 95 122.39 -93.38 -41.32
CA HIS KA 95 123.73 -93.08 -41.86
C HIS KA 95 124.87 -93.06 -40.84
N LEU KA 96 124.58 -92.61 -39.62
CA LEU KA 96 125.63 -92.44 -38.59
C LEU KA 96 126.17 -93.78 -38.08
N GLY KA 97 127.48 -93.97 -38.19
CA GLY KA 97 128.16 -95.16 -37.68
C GLY KA 97 128.38 -95.13 -36.18
N PRO KA 98 129.09 -96.16 -35.64
CA PRO KA 98 129.38 -96.27 -34.20
C PRO KA 98 130.30 -95.17 -33.66
N GLN KA 99 131.31 -94.81 -34.45
CA GLN KA 99 132.30 -93.80 -34.07
C GLN KA 99 131.65 -92.44 -33.85
N GLU KA 100 130.77 -92.06 -34.79
CA GLU KA 100 130.02 -90.80 -34.73
C GLU KA 100 129.15 -90.73 -33.48
N ILE KA 101 128.45 -91.82 -33.20
CA ILE KA 101 127.65 -92.00 -31.99
C ILE KA 101 128.47 -91.81 -30.73
N ASP KA 102 129.62 -92.45 -30.69
CA ASP KA 102 130.55 -92.38 -29.54
C ASP KA 102 131.03 -90.94 -29.31
N GLU KA 103 131.36 -90.25 -30.41
CA GLU KA 103 131.73 -88.82 -30.38
C GLU KA 103 130.61 -87.95 -29.81
N ILE KA 104 129.39 -88.19 -30.29
CA ILE KA 104 128.18 -87.49 -29.82
C ILE KA 104 127.99 -87.67 -28.31
N ARG KA 105 128.11 -88.92 -27.86
CA ARG KA 105 128.01 -89.26 -26.43
C ARG KA 105 129.05 -88.53 -25.59
N LYS KA 106 130.29 -88.54 -26.07
CA LYS KA 106 131.40 -87.82 -25.44
C LYS KA 106 131.09 -86.32 -25.29
N LEU KA 107 130.65 -85.73 -26.39
CA LEU KA 107 130.27 -84.30 -26.44
C LEU KA 107 129.17 -83.95 -25.44
N ARG KA 108 128.16 -84.81 -25.34
CA ARG KA 108 126.97 -84.51 -24.55
C ARG KA 108 127.28 -84.52 -23.06
N LEU KA 109 128.00 -85.55 -22.62
CA LEU KA 109 128.51 -85.64 -21.24
C LEU KA 109 129.39 -84.45 -20.86
N ASP KA 110 130.29 -84.09 -21.77
CA ASP KA 110 131.24 -82.99 -21.57
C ASP KA 110 130.56 -81.65 -21.30
N ASN KA 111 129.62 -81.27 -22.16
CA ASN KA 111 129.00 -79.95 -22.09
C ASN KA 111 127.61 -79.93 -22.75
N PRO KA 112 126.56 -80.33 -21.99
CA PRO KA 112 125.19 -80.33 -22.55
C PRO KA 112 124.61 -78.94 -22.80
N GLN KA 113 125.12 -77.93 -22.09
CA GLN KA 113 124.71 -76.53 -22.31
C GLN KA 113 125.22 -75.99 -23.65
N LYS KA 114 126.49 -76.28 -23.95
CA LYS KA 114 127.09 -75.91 -25.23
C LYS KA 114 126.59 -76.85 -26.33
N TYR KA 115 126.84 -78.15 -26.12
CA TYR KA 115 126.45 -79.19 -27.09
C TYR KA 115 125.07 -79.76 -26.74
N THR KA 116 124.04 -78.95 -26.96
CA THR KA 116 122.66 -79.35 -26.73
C THR KA 116 122.13 -80.26 -27.85
N ARG KA 117 121.00 -80.90 -27.61
CA ARG KA 117 120.41 -81.89 -28.54
C ARG KA 117 120.21 -81.35 -29.95
N LYS KA 118 119.64 -80.15 -30.02
CA LYS KA 118 119.36 -79.45 -31.28
C LYS KA 118 120.63 -79.16 -32.08
N PHE KA 119 121.68 -78.75 -31.37
CA PHE KA 119 122.99 -78.49 -31.97
C PHE KA 119 123.59 -79.77 -32.56
N LEU KA 120 123.54 -80.84 -31.78
CA LEU KA 120 123.98 -82.18 -32.23
C LEU KA 120 123.24 -82.62 -33.50
N ALA KA 121 121.92 -82.46 -33.47
CA ALA KA 121 121.05 -82.75 -34.61
C ALA KA 121 121.46 -81.99 -35.87
N ALA KA 122 121.71 -80.69 -35.71
CA ALA KA 122 122.18 -79.82 -36.79
C ALA KA 122 123.52 -80.27 -37.36
N LYS KA 123 124.43 -80.64 -36.47
CA LYS KA 123 125.77 -81.11 -36.85
C LYS KA 123 125.73 -82.38 -37.68
N TYR KA 124 125.02 -83.40 -37.19
CA TYR KA 124 125.05 -84.74 -37.75
C TYR KA 124 123.89 -85.09 -38.70
N GLY KA 125 123.02 -84.12 -38.97
CA GLY KA 125 121.89 -84.33 -39.89
C GLY KA 125 120.89 -85.36 -39.41
N ILE KA 126 120.59 -85.32 -38.12
CA ILE KA 126 119.76 -86.35 -37.47
C ILE KA 126 118.80 -85.69 -36.48
N SER KA 127 117.85 -86.46 -35.94
CA SER KA 127 116.82 -85.91 -35.05
C SER KA 127 117.33 -85.70 -33.62
N PRO KA 128 116.80 -84.67 -32.91
CA PRO KA 128 117.00 -84.51 -31.46
C PRO KA 128 116.55 -85.70 -30.63
N LEU KA 129 115.42 -86.31 -31.02
CA LEU KA 129 114.95 -87.56 -30.43
C LEU KA 129 115.99 -88.67 -30.54
N PHE KA 130 116.59 -88.80 -31.72
CA PHE KA 130 117.63 -89.80 -31.94
C PHE KA 130 118.87 -89.52 -31.08
N VAL KA 131 119.28 -88.26 -31.00
CA VAL KA 131 120.39 -87.83 -30.13
C VAL KA 131 120.14 -88.26 -28.68
N SER KA 132 118.92 -88.00 -28.21
CA SER KA 132 118.47 -88.40 -26.87
C SER KA 132 118.55 -89.91 -26.66
N MET KA 133 118.07 -90.65 -27.65
CA MET KA 133 118.10 -92.12 -27.67
C MET KA 133 119.54 -92.64 -27.59
N VAL KA 134 120.40 -92.03 -28.37
CA VAL KA 134 121.84 -92.34 -28.39
C VAL KA 134 122.50 -92.10 -27.03
N SER KA 135 122.38 -90.88 -26.53
CA SER KA 135 123.26 -90.36 -25.48
C SER KA 135 122.49 -89.77 -24.29
N LYS KA 136 122.90 -90.16 -23.08
CA LYS KA 136 122.48 -89.49 -21.86
C LYS KA 136 123.36 -88.26 -21.64
N PRO KA 137 122.80 -87.18 -21.06
CA PRO KA 137 123.64 -86.09 -20.57
C PRO KA 137 124.23 -86.43 -19.20
N SER KA 138 125.06 -85.54 -18.67
CA SER KA 138 125.53 -85.64 -17.29
C SER KA 138 124.33 -85.47 -16.37
N GLU KA 139 124.17 -86.41 -15.43
CA GLU KA 139 123.01 -86.41 -14.50
C GLU KA 139 122.85 -85.12 -13.70
N GLN KA 140 123.97 -84.44 -13.43
CA GLN KA 140 123.97 -83.12 -12.81
C GLN KA 140 123.11 -82.12 -13.58
N HIS KA 141 123.35 -82.06 -14.89
CA HIS KA 141 122.58 -81.21 -15.81
C HIS KA 141 121.08 -81.46 -15.74
N VAL KA 142 120.72 -82.75 -15.69
CA VAL KA 142 119.32 -83.19 -15.58
C VAL KA 142 118.71 -82.71 -14.26
N GLN KA 143 119.45 -82.90 -13.18
CA GLN KA 143 119.06 -82.45 -11.84
C GLN KA 143 118.80 -80.94 -11.78
N ILE KA 144 119.74 -80.18 -12.36
CA ILE KA 144 119.63 -78.72 -12.50
C ILE KA 144 118.34 -78.34 -13.23
N MET KA 145 118.07 -79.04 -14.33
CA MET KA 145 116.89 -78.80 -15.16
C MET KA 145 115.59 -79.09 -14.40
N GLU KA 146 115.60 -80.18 -13.64
CA GLU KA 146 114.48 -80.54 -12.77
C GLU KA 146 114.23 -79.45 -11.72
N SER KA 147 115.31 -78.97 -11.12
CA SER KA 147 115.25 -77.90 -10.11
C SER KA 147 114.68 -76.60 -10.68
N ARG KA 148 115.11 -76.25 -11.90
CA ARG KA 148 114.59 -75.10 -12.64
C ARG KA 148 113.09 -75.22 -12.89
N LEU KA 149 112.67 -76.42 -13.31
CA LEU KA 149 111.26 -76.73 -13.58
C LEU KA 149 110.42 -76.58 -12.32
N GLN KA 150 110.92 -77.13 -11.21
CA GLN KA 150 110.28 -77.00 -9.89
C GLN KA 150 110.11 -75.55 -9.45
N GLU KA 151 111.16 -74.76 -9.68
CA GLU KA 151 111.16 -73.32 -9.37
C GLU KA 151 110.09 -72.58 -10.18
N ILE KA 152 110.01 -72.89 -11.47
CA ILE KA 152 109.00 -72.35 -12.38
C ILE KA 152 107.59 -72.68 -11.89
N GLN KA 153 107.38 -73.95 -11.54
CA GLN KA 153 106.11 -74.43 -11.00
C GLN KA 153 105.69 -73.70 -9.73
N SER KA 154 106.65 -73.50 -8.84
CA SER KA 154 106.45 -72.74 -7.60
C SER KA 154 106.07 -71.29 -7.87
N ARG KA 155 106.71 -70.70 -8.88
CA ARG KA 155 106.43 -69.33 -9.33
C ARG KA 155 104.98 -69.12 -9.82
N TRP KA 156 104.28 -70.20 -10.18
CA TRP KA 156 102.86 -70.12 -10.56
C TRP KA 156 101.97 -69.58 -9.46
N LYS KA 157 100.79 -69.11 -9.88
CA LYS KA 157 99.68 -68.84 -9.00
C LYS KA 157 98.88 -70.13 -8.78
N GLU KA 158 97.88 -70.06 -7.91
CA GLU KA 158 96.96 -71.18 -7.65
C GLU KA 158 96.22 -71.57 -8.94
N LYS KA 159 95.67 -70.56 -9.61
CA LYS KA 159 94.88 -70.74 -10.84
C LYS KA 159 95.62 -71.50 -11.93
N ARG KA 160 96.86 -71.11 -12.16
CA ARG KA 160 97.70 -71.73 -13.19
C ARG KA 160 97.92 -73.23 -12.90
N ARG KA 161 98.22 -73.55 -11.65
CA ARG KA 161 98.40 -74.94 -11.21
C ARG KA 161 97.16 -75.79 -11.48
N ILE KA 162 96.00 -75.22 -11.16
CA ILE KA 162 94.70 -75.87 -11.40
C ILE KA 162 94.48 -76.12 -12.89
N ALA KA 163 94.76 -75.10 -13.70
CA ALA KA 163 94.66 -75.19 -15.16
C ALA KA 163 95.55 -76.29 -15.74
N ARG KA 164 96.78 -76.36 -15.22
CA ARG KA 164 97.74 -77.40 -15.61
C ARG KA 164 97.25 -78.80 -15.26
N GLU KA 165 96.64 -78.90 -14.08
CA GLU KA 165 96.03 -80.15 -13.62
C GLU KA 165 94.90 -80.58 -14.55
N ASP KA 166 94.02 -79.62 -14.88
CA ASP KA 166 92.91 -79.83 -15.81
C ASP KA 166 93.39 -80.31 -17.18
N ARG KA 167 94.40 -79.62 -17.71
CA ARG KA 167 95.07 -80.00 -18.96
C ARG KA 167 95.59 -81.43 -18.95
N LYS KA 168 96.21 -81.80 -17.84
CA LYS KA 168 96.73 -83.15 -17.63
C LYS KA 168 95.62 -84.20 -17.63
N ARG KA 169 94.52 -83.88 -16.94
CA ARG KA 169 93.33 -84.73 -16.90
C ARG KA 169 92.73 -84.93 -18.30
N ARG KA 170 92.64 -83.84 -19.06
CA ARG KA 170 92.15 -83.87 -20.44
C ARG KA 170 93.03 -84.79 -21.30
N LYS KA 171 94.34 -84.60 -21.18
CA LYS KA 171 95.33 -85.42 -21.90
C LYS KA 171 95.14 -86.91 -21.62
N LEU KA 172 94.98 -87.24 -20.35
CA LEU KA 172 94.72 -88.61 -19.89
C LEU KA 172 93.44 -89.16 -20.51
N LEU KA 173 92.40 -88.33 -20.53
CA LEU KA 173 91.10 -88.66 -21.11
C LEU KA 173 91.17 -88.95 -22.61
N TRP KA 174 92.03 -88.22 -23.33
CA TRP KA 174 92.22 -88.41 -24.78
C TRP KA 174 92.58 -89.86 -25.12
N TYR KA 175 93.50 -90.44 -24.35
CA TYR KA 175 94.00 -91.79 -24.60
C TYR KA 175 93.12 -92.95 -24.10
N GLN KA 176 91.92 -92.64 -23.58
CA GLN KA 176 91.01 -93.64 -23.05
C GLN KA 176 90.34 -94.46 -24.15
N ALA KA 177 89.63 -93.76 -25.03
CA ALA KA 177 88.78 -94.36 -26.07
C ALA KA 177 87.73 -95.32 -25.49
N TYR LA 1 -16.13 -111.32 67.95
CA TYR LA 1 -17.02 -110.13 67.73
C TYR LA 1 -16.25 -108.83 67.89
N LYS LA 2 -15.52 -108.72 69.00
CA LYS LA 2 -14.66 -107.57 69.28
C LYS LA 2 -13.61 -107.37 68.19
N GLN LA 3 -12.98 -108.46 67.77
CA GLN LA 3 -12.01 -108.44 66.67
C GLN LA 3 -12.62 -107.97 65.35
N TYR LA 4 -13.85 -108.41 65.07
CA TYR LA 4 -14.60 -107.99 63.89
C TYR LA 4 -14.92 -106.51 63.91
N PHE LA 5 -15.34 -106.03 65.08
CA PHE LA 5 -15.57 -104.60 65.31
C PHE LA 5 -14.31 -103.79 65.06
N ASP LA 6 -13.20 -104.24 65.64
CA ASP LA 6 -11.88 -103.60 65.44
C ASP LA 6 -11.47 -103.54 63.97
N SER LA 7 -11.76 -104.61 63.24
CA SER LA 7 -11.48 -104.69 61.80
C SER LA 7 -12.26 -103.69 60.94
N LEU LA 8 -13.34 -103.10 61.48
CA LEU LA 8 -14.07 -102.02 60.78
C LEU LA 8 -13.14 -100.87 60.39
N PRO LA 9 -13.42 -100.20 59.25
CA PRO LA 9 -12.73 -98.99 58.83
C PRO LA 9 -12.65 -97.90 59.91
N LEU LA 10 -11.65 -97.04 59.77
CA LEU LA 10 -11.22 -96.12 60.82
C LEU LA 10 -12.27 -95.07 61.18
N LYS LA 11 -12.80 -94.40 60.16
CA LYS LA 11 -13.77 -93.31 60.33
C LYS LA 11 -15.02 -93.77 61.07
N LEU LA 12 -15.54 -94.91 60.63
CA LEU LA 12 -16.71 -95.55 61.24
C LEU LA 12 -16.47 -95.88 62.71
N LYS LA 13 -15.31 -96.46 62.99
CA LYS LA 13 -14.87 -96.80 64.36
C LYS LA 13 -14.81 -95.56 65.25
N SER LA 14 -14.20 -94.51 64.71
CA SER LA 14 -14.10 -93.20 65.39
C SER LA 14 -15.47 -92.63 65.72
N PHE LA 15 -16.38 -92.68 64.75
CA PHE LA 15 -17.76 -92.24 64.92
C PHE LA 15 -18.46 -92.98 66.05
N PHE LA 16 -18.33 -94.31 66.03
CA PHE LA 16 -18.92 -95.16 67.07
C PHE LA 16 -18.37 -94.84 68.46
N GLN LA 17 -17.07 -94.58 68.53
CA GLN LA 17 -16.42 -94.14 69.79
C GLN LA 17 -17.03 -92.85 70.33
N ARG LA 18 -17.19 -91.84 69.48
CA ARG LA 18 -17.58 -90.49 69.93
C ARG LA 18 -19.10 -90.17 69.87
N TYR LA 19 -19.87 -91.02 69.17
CA TYR LA 19 -21.34 -90.99 69.25
C TYR LA 19 -21.87 -92.43 69.33
N PRO LA 20 -21.82 -93.04 70.54
CA PRO LA 20 -22.11 -94.47 70.67
C PRO LA 20 -23.60 -94.84 70.56
N PRO LA 21 -23.89 -96.10 70.18
CA PRO LA 21 -25.26 -96.52 69.85
C PRO LA 21 -26.21 -96.74 71.04
N SER LA 22 -25.69 -96.77 72.27
CA SER LA 22 -26.53 -96.85 73.47
C SER LA 22 -27.51 -95.67 73.59
N ILE LA 23 -27.05 -94.49 73.20
CA ILE LA 23 -27.88 -93.29 73.17
C ILE LA 23 -28.74 -93.32 71.91
N LYS LA 24 -30.06 -93.30 72.08
CA LYS LA 24 -30.99 -93.14 70.96
C LYS LA 24 -31.10 -91.66 70.61
N TYR LA 25 -30.35 -91.24 69.59
CA TYR LA 25 -30.33 -89.85 69.16
C TYR LA 25 -31.61 -89.51 68.41
N SER LA 26 -31.99 -88.23 68.44
CA SER LA 26 -33.28 -87.79 67.91
C SER LA 26 -33.34 -87.86 66.38
N PRO LA 27 -34.54 -88.13 65.81
CA PRO LA 27 -34.73 -87.98 64.38
C PRO LA 27 -34.84 -86.50 63.94
N VAL LA 28 -35.47 -85.69 64.77
CA VAL LA 28 -35.73 -84.27 64.47
C VAL LA 28 -34.62 -83.40 65.07
N SER LA 29 -34.47 -82.19 64.54
CA SER LA 29 -33.60 -81.16 65.11
C SER LA 29 -33.96 -80.88 66.58
N THR LA 30 -32.94 -80.61 67.39
CA THR LA 30 -33.08 -80.52 68.84
C THR LA 30 -32.30 -79.30 69.37
N SER LA 31 -32.27 -79.15 70.70
CA SER LA 31 -31.36 -78.22 71.35
C SER LA 31 -29.92 -78.73 71.22
N THR LA 32 -28.97 -77.82 71.10
CA THR LA 32 -27.54 -78.19 71.04
C THR LA 32 -27.04 -78.75 72.37
N LYS LA 33 -27.64 -78.28 73.47
CA LYS LA 33 -27.31 -78.77 74.82
C LYS LA 33 -27.76 -80.22 75.09
N ALA LA 34 -28.74 -80.71 74.33
CA ALA LA 34 -29.30 -82.05 74.55
C ALA LA 34 -28.27 -83.17 74.37
N ILE LA 35 -28.49 -84.27 75.08
CA ILE LA 35 -27.60 -85.45 75.01
C ILE LA 35 -27.92 -86.24 73.75
N ASN LA 36 -29.21 -86.37 73.44
CA ASN LA 36 -29.68 -87.08 72.24
C ASN LA 36 -29.68 -86.23 70.94
N ALA LA 37 -28.85 -85.20 70.88
CA ALA LA 37 -28.77 -84.32 69.71
C ALA LA 37 -28.07 -85.04 68.56
N ASN LA 38 -28.75 -85.13 67.42
CA ASN LA 38 -28.22 -85.83 66.26
C ASN LA 38 -27.07 -85.03 65.65
N PRO LA 39 -25.88 -85.67 65.48
CA PRO LA 39 -24.75 -84.95 64.89
C PRO LA 39 -24.91 -84.65 63.39
N PHE LA 40 -25.77 -85.38 62.69
CA PHE LA 40 -26.03 -85.17 61.27
C PHE LA 40 -27.01 -84.03 61.00
N LEU LA 41 -27.92 -83.75 61.94
CA LEU LA 41 -28.88 -82.64 61.81
C LEU LA 41 -28.31 -81.32 62.32
N PRO LA 42 -28.84 -80.19 61.81
CA PRO LA 42 -28.51 -78.89 62.38
C PRO LA 42 -29.39 -78.60 63.61
N ASN LA 43 -28.78 -78.66 64.79
CA ASN LA 43 -29.48 -78.42 66.05
C ASN LA 43 -29.45 -76.94 66.42
N LYS LA 44 -30.54 -76.46 67.00
CA LYS LA 44 -30.65 -75.05 67.41
C LYS LA 44 -30.10 -74.84 68.82
N HIS LA 45 -29.33 -73.78 69.00
CA HIS LA 45 -28.76 -73.43 70.30
C HIS LA 45 -29.81 -72.64 71.08
N PRO LA 46 -30.11 -73.05 72.33
CA PRO LA 46 -31.29 -72.53 73.05
C PRO LA 46 -31.27 -71.06 73.44
N VAL LA 47 -30.09 -70.53 73.79
CA VAL LA 47 -29.95 -69.13 74.19
C VAL LA 47 -30.04 -68.20 72.97
N THR LA 48 -29.10 -68.38 72.04
CA THR LA 48 -28.98 -67.53 70.85
C THR LA 48 -30.10 -67.76 69.83
N GLN LA 49 -30.68 -68.96 69.82
CA GLN LA 49 -31.72 -69.37 68.86
C GLN LA 49 -31.21 -69.34 67.41
N ARG LA 50 -29.96 -69.79 67.24
CA ARG LA 50 -29.32 -69.91 65.93
C ARG LA 50 -29.06 -71.39 65.68
N PHE LA 51 -29.40 -71.86 64.47
CA PHE LA 51 -29.09 -73.23 64.08
C PHE LA 51 -27.58 -73.42 63.91
N HIS LA 52 -26.99 -74.24 64.77
CA HIS LA 52 -25.61 -74.68 64.59
C HIS LA 52 -25.54 -75.64 63.40
N ASP LA 53 -24.44 -75.59 62.67
CA ASP LA 53 -24.19 -76.53 61.58
C ASP LA 53 -23.95 -77.93 62.18
N PRO LA 54 -24.37 -78.99 61.45
CA PRO LA 54 -24.20 -80.37 61.94
C PRO LA 54 -22.78 -80.69 62.42
N LYS LA 55 -22.67 -81.45 63.50
CA LYS LA 55 -21.36 -81.80 64.07
C LYS LA 55 -20.53 -82.61 63.08
N TYR LA 56 -21.19 -83.52 62.37
CA TYR LA 56 -20.63 -84.16 61.19
C TYR LA 56 -21.16 -83.45 59.95
N SER LA 57 -20.29 -82.70 59.28
CA SER LA 57 -20.63 -82.06 58.01
C SER LA 57 -21.03 -83.11 56.97
N LEU LA 58 -21.76 -82.67 55.96
CA LEU LA 58 -22.60 -83.57 55.16
C LEU LA 58 -21.84 -84.68 54.43
N ARG LA 59 -20.67 -84.33 53.89
CA ARG LA 59 -19.77 -85.29 53.23
C ARG LA 59 -19.35 -86.41 54.17
N ARG LA 60 -18.82 -86.02 55.33
CA ARG LA 60 -18.37 -86.97 56.37
C ARG LA 60 -19.49 -87.91 56.81
N MET LA 61 -20.66 -87.34 57.06
CA MET LA 61 -21.88 -88.10 57.37
C MET LA 61 -22.19 -89.14 56.30
N SER LA 62 -22.14 -88.71 55.04
CA SER LA 62 -22.40 -89.60 53.90
C SER LA 62 -21.41 -90.76 53.83
N ASP LA 63 -20.13 -90.44 54.02
CA ASP LA 63 -19.06 -91.44 54.07
C ASP LA 63 -19.29 -92.47 55.18
N VAL LA 64 -19.64 -91.97 56.37
CA VAL LA 64 -19.97 -92.82 57.54
C VAL LA 64 -21.12 -93.77 57.23
N TYR LA 65 -22.15 -93.23 56.58
CA TYR LA 65 -23.33 -94.02 56.22
C TYR LA 65 -23.01 -95.11 55.21
N LYS LA 66 -22.18 -94.77 54.23
CA LYS LA 66 -21.72 -95.74 53.22
C LYS LA 66 -20.87 -96.85 53.83
N LEU LA 67 -20.02 -96.49 54.79
CA LEU LA 67 -19.25 -97.46 55.56
C LEU LA 67 -20.14 -98.41 56.35
N ALA LA 68 -21.15 -97.85 57.00
CA ALA LA 68 -22.15 -98.63 57.74
C ALA LA 68 -22.89 -99.61 56.83
N LEU LA 69 -23.32 -99.12 55.68
CA LEU LA 69 -23.95 -99.95 54.64
C LEU LA 69 -23.09 -101.12 54.20
N ARG LA 70 -21.80 -100.83 53.98
CA ARG LA 70 -20.82 -101.84 53.58
C ARG LA 70 -20.68 -102.97 54.61
N TYR LA 71 -20.63 -102.61 55.89
CA TYR LA 71 -20.44 -103.57 56.98
C TYR LA 71 -21.73 -103.94 57.75
N GLY LA 72 -22.88 -103.46 57.26
CA GLY LA 72 -24.19 -103.81 57.84
C GLY LA 72 -24.43 -103.27 59.23
N VAL LA 73 -23.98 -102.05 59.49
CA VAL LA 73 -24.02 -101.43 60.82
C VAL LA 73 -24.76 -100.09 60.73
N GLU LA 74 -25.88 -100.08 59.99
CA GLU LA 74 -26.66 -98.86 59.74
C GLU LA 74 -27.45 -98.41 60.95
N GLU LA 75 -28.19 -99.33 61.54
CA GLU LA 75 -29.12 -99.01 62.63
C GLU LA 75 -28.45 -98.56 63.93
N PHE LA 76 -27.17 -98.91 64.11
CA PHE LA 76 -26.37 -98.41 65.24
C PHE LA 76 -25.97 -96.94 65.08
N LEU LA 77 -25.85 -96.47 63.84
CA LEU LA 77 -25.69 -95.03 63.58
C LEU LA 77 -27.01 -94.31 63.90
N PRO LA 78 -26.94 -93.01 64.26
CA PRO LA 78 -28.18 -92.25 64.48
C PRO LA 78 -28.90 -91.94 63.16
N PRO LA 79 -30.21 -91.68 63.22
CA PRO LA 79 -31.04 -91.63 62.01
C PRO LA 79 -30.70 -90.48 61.05
N ILE LA 80 -30.75 -90.77 59.74
CA ILE LA 80 -30.50 -89.79 58.68
C ILE LA 80 -31.80 -89.47 57.92
N GLU LA 81 -32.94 -89.54 58.60
CA GLU LA 81 -34.24 -89.29 57.99
C GLU LA 81 -34.37 -87.84 57.54
N ASN LA 82 -34.18 -86.93 58.49
CA ASN LA 82 -34.41 -85.49 58.27
C ASN LA 82 -33.23 -84.74 57.66
N THR LA 83 -32.07 -85.40 57.55
CA THR LA 83 -31.07 -85.02 56.56
C THR LA 83 -31.61 -85.51 55.22
N LYS LA 84 -31.60 -84.64 54.21
CA LYS LA 84 -32.27 -84.94 52.93
C LYS LA 84 -31.64 -86.08 52.09
N LYS LA 85 -30.40 -86.47 52.42
CA LYS LA 85 -29.71 -87.55 51.69
C LYS LA 85 -30.34 -88.93 51.86
N LEU LA 86 -30.66 -89.56 50.73
CA LEU LA 86 -30.92 -91.00 50.65
C LEU LA 86 -29.68 -91.64 50.02
N PHE LA 87 -29.60 -92.97 50.08
CA PHE LA 87 -28.40 -93.69 49.59
C PHE LA 87 -28.73 -95.00 48.86
N PHE LA 88 -28.15 -95.14 47.67
CA PHE LA 88 -28.13 -96.40 46.90
C PHE LA 88 -29.52 -96.91 46.48
N GLU LA 89 -29.96 -98.07 46.96
CA GLU LA 89 -31.19 -98.71 46.49
C GLU LA 89 -32.45 -97.99 46.98
N GLU LA 90 -32.40 -97.52 48.23
CA GLU LA 90 -33.50 -96.75 48.81
C GLU LA 90 -33.74 -95.43 48.07
N LYS LA 91 -32.64 -94.75 47.74
CA LYS LA 91 -32.67 -93.52 46.94
C LYS LA 91 -33.28 -93.77 45.56
N TYR LA 92 -32.81 -94.83 44.90
CA TYR LA 92 -33.29 -95.27 43.58
C TYR LA 92 -34.80 -95.48 43.58
N ASN LA 93 -35.28 -96.22 44.58
CA ASN LA 93 -36.69 -96.61 44.67
C ASN LA 93 -37.62 -95.44 45.01
N LYS LA 94 -37.25 -94.70 46.06
CA LYS LA 94 -38.12 -93.65 46.61
C LYS LA 94 -38.27 -92.39 45.75
N LYS LA 95 -37.32 -92.12 44.86
CA LYS LA 95 -37.28 -90.84 44.14
C LYS LA 95 -38.36 -90.72 43.07
N THR LA 96 -38.87 -89.50 42.91
CA THR LA 96 -39.71 -89.14 41.78
C THR LA 96 -38.82 -88.73 40.64
N LEU LA 97 -39.19 -89.12 39.41
CA LEU LA 97 -38.47 -88.67 38.21
C LEU LA 97 -38.69 -87.18 38.03
N MET LA 98 -37.72 -86.51 37.41
CA MET LA 98 -37.82 -85.07 37.16
C MET LA 98 -39.00 -84.73 36.26
N LYS LA 99 -39.47 -83.50 36.42
CA LYS LA 99 -40.56 -82.96 35.59
C LYS LA 99 -40.22 -83.02 34.11
N GLY LA 100 -38.95 -82.76 33.78
CA GLY LA 100 -38.44 -82.88 32.41
C GLY LA 100 -38.48 -84.28 31.82
N VAL LA 101 -38.26 -85.29 32.66
CA VAL LA 101 -38.30 -86.70 32.23
C VAL LA 101 -39.74 -87.13 31.95
N LEU LA 102 -40.64 -86.86 32.90
CA LEU LA 102 -42.03 -87.28 32.81
C LEU LA 102 -42.83 -86.42 31.83
N LEU LA 103 -42.64 -85.10 31.92
CA LEU LA 103 -43.31 -84.13 31.05
C LEU LA 103 -42.31 -83.24 30.30
N PRO LA 104 -41.78 -83.75 29.16
CA PRO LA 104 -41.01 -82.87 28.27
C PRO LA 104 -41.93 -81.85 27.59
N LYS LA 105 -41.46 -80.60 27.50
CA LYS LA 105 -42.26 -79.52 26.93
C LYS LA 105 -42.37 -79.60 25.41
N GLY LA 106 -41.27 -80.00 24.76
CA GLY LA 106 -41.13 -79.89 23.30
C GLY LA 106 -40.55 -78.54 22.96
N HIS LA 107 -39.73 -78.50 21.90
CA HIS LA 107 -39.12 -77.24 21.44
C HIS LA 107 -40.17 -76.36 20.76
N LYS LA 108 -39.86 -75.08 20.60
CA LYS LA 108 -40.80 -74.12 20.03
C LYS LA 108 -41.10 -74.45 18.56
N HIS LA 109 -40.06 -74.80 17.80
CA HIS LA 109 -40.20 -75.26 16.42
C HIS LA 109 -40.96 -76.59 16.33
N GLU LA 110 -40.77 -77.44 17.33
CA GLU LA 110 -41.43 -78.75 17.40
C GLU LA 110 -42.94 -78.64 17.68
N LEU LA 111 -43.32 -77.69 18.55
CA LEU LA 111 -44.72 -77.52 18.95
C LEU LA 111 -45.60 -76.89 17.86
N LYS LA 112 -45.10 -75.83 17.23
CA LYS LA 112 -45.84 -75.13 16.17
C LYS LA 112 -45.59 -75.70 14.75
N LEU LA 113 -45.38 -77.02 14.68
CA LEU LA 113 -45.08 -77.72 13.43
C LEU LA 113 -46.38 -78.07 12.70
N ASN LA 114 -47.31 -78.67 13.44
CA ASN LA 114 -48.62 -79.07 12.90
C ASN LA 114 -49.38 -77.90 12.28
N GLU LA 115 -49.38 -76.77 13.00
CA GLU LA 115 -50.00 -75.52 12.54
C GLU LA 115 -49.38 -75.03 11.24
N LYS LA 116 -48.05 -75.03 11.19
CA LYS LA 116 -47.28 -74.66 10.00
C LYS LA 116 -47.65 -75.54 8.81
N LEU LA 117 -47.73 -76.85 9.05
CA LEU LA 117 -48.10 -77.85 8.03
C LEU LA 117 -49.50 -77.59 7.49
N LYS LA 118 -50.44 -77.30 8.39
CA LYS LA 118 -51.81 -76.94 8.04
C LYS LA 118 -51.87 -75.70 7.17
N LYS LA 119 -51.10 -74.68 7.56
CA LYS LA 119 -50.99 -73.41 6.82
C LYS LA 119 -50.46 -73.62 5.40
N ARG LA 120 -49.45 -74.48 5.30
CA ARG LA 120 -48.85 -74.86 4.01
C ARG LA 120 -49.87 -75.56 3.10
N GLU LA 121 -50.62 -76.49 3.68
CA GLU LA 121 -51.70 -77.21 2.99
C GLU LA 121 -52.77 -76.26 2.46
N GLU LA 122 -53.17 -75.31 3.32
CA GLU LA 122 -54.14 -74.27 2.96
C GLU LA 122 -53.66 -73.41 1.79
N ALA LA 123 -52.39 -73.02 1.86
CA ALA LA 123 -51.76 -72.24 0.79
C ALA LA 123 -51.76 -73.01 -0.53
N LEU LA 124 -51.35 -74.27 -0.46
CA LEU LA 124 -51.35 -75.18 -1.62
C LEU LA 124 -52.68 -75.23 -2.38
N LYS LA 125 -53.79 -75.20 -1.64
CA LYS LA 125 -55.12 -75.11 -2.24
C LYS LA 125 -55.32 -73.82 -3.08
N LYS LA 126 -54.70 -72.71 -2.64
CA LYS LA 126 -54.83 -71.40 -3.30
C LYS LA 126 -53.72 -70.98 -4.27
N VAL LA 127 -52.67 -71.79 -4.42
CA VAL LA 127 -51.48 -71.42 -5.24
C VAL LA 127 -51.83 -71.19 -6.71
N ASP LA 128 -52.55 -72.15 -7.28
CA ASP LA 128 -52.92 -72.14 -8.69
C ASP LA 128 -53.75 -70.91 -9.06
N GLU LA 129 -54.71 -70.59 -8.20
CA GLU LA 129 -55.55 -69.38 -8.32
C GLU LA 129 -54.71 -68.11 -8.33
N LEU LA 130 -53.77 -68.03 -7.38
CA LEU LA 130 -52.84 -66.90 -7.27
C LEU LA 130 -51.97 -66.72 -8.52
N ILE LA 131 -51.47 -67.83 -9.05
CA ILE LA 131 -50.71 -67.85 -10.30
C ILE LA 131 -51.56 -67.31 -11.45
N ALA LA 132 -52.79 -67.80 -11.56
CA ALA LA 132 -53.73 -67.36 -12.59
C ALA LA 132 -54.02 -65.87 -12.52
N SER LA 133 -54.23 -65.37 -11.31
CA SER LA 133 -54.44 -63.95 -11.05
C SER LA 133 -53.24 -63.10 -11.48
N LYS LA 134 -52.05 -63.60 -11.20
CA LYS LA 134 -50.80 -62.94 -11.59
C LYS LA 134 -50.66 -62.85 -13.11
N LYS LA 135 -50.89 -63.97 -13.78
CA LYS LA 135 -50.62 -64.09 -15.21
C LYS LA 135 -51.70 -63.43 -16.06
N GLY LA 136 -52.96 -63.81 -15.82
CA GLY LA 136 -54.11 -63.20 -16.49
C GLY LA 136 -55.26 -64.15 -16.73
N SER LA 137 -56.24 -63.66 -17.50
CA SER LA 137 -57.46 -64.40 -17.80
C SER LA 137 -57.25 -65.45 -18.88
N LYS LA 138 -56.41 -65.14 -19.87
CA LYS LA 138 -56.05 -66.07 -20.96
C LYS LA 138 -55.44 -67.36 -20.42
N TYR LA 139 -54.52 -67.19 -19.47
CA TYR LA 139 -53.89 -68.31 -18.76
C TYR LA 139 -54.94 -69.17 -18.06
N ALA LA 140 -55.82 -68.51 -17.31
CA ALA LA 140 -56.91 -69.18 -16.59
C ALA LA 140 -57.81 -69.99 -17.53
N LYS LA 141 -58.17 -69.40 -18.66
CA LYS LA 141 -58.95 -70.07 -19.72
C LYS LA 141 -58.24 -71.32 -20.25
N ARG LA 142 -56.93 -71.18 -20.48
CA ARG LA 142 -56.09 -72.29 -20.95
C ARG LA 142 -56.07 -73.43 -19.94
N VAL LA 143 -55.92 -73.08 -18.66
CA VAL LA 143 -55.95 -74.03 -17.55
C VAL LA 143 -57.28 -74.78 -17.50
N GLU LA 144 -58.38 -74.03 -17.59
CA GLU LA 144 -59.74 -74.60 -17.65
C GLU LA 144 -59.92 -75.58 -18.80
N LYS LA 145 -59.40 -75.21 -19.97
CA LYS LA 145 -59.43 -76.05 -21.16
C LYS LA 145 -58.65 -77.35 -20.97
N MET LA 146 -57.46 -77.23 -20.37
CA MET LA 146 -56.63 -78.38 -20.00
C MET LA 146 -57.33 -79.31 -19.01
N LYS LA 147 -58.01 -78.72 -18.02
CA LYS LA 147 -58.78 -79.48 -17.03
C LYS LA 147 -59.89 -80.31 -17.67
N LYS LA 148 -60.59 -79.72 -18.63
CA LYS LA 148 -61.53 -80.47 -19.48
C LYS LA 148 -60.74 -81.09 -20.64
N ASN LA 149 -59.81 -81.97 -20.29
CA ASN LA 149 -58.95 -82.66 -21.25
C ASN LA 149 -59.73 -83.79 -21.88
N GLN LA 150 -60.33 -84.61 -21.01
CA GLN LA 150 -61.08 -85.80 -21.40
C GLN LA 150 -60.09 -86.74 -22.10
N SER LA 151 -59.05 -87.09 -21.35
CA SER LA 151 -57.89 -87.81 -21.87
C SER LA 151 -57.20 -88.59 -20.76
N ILE LA 152 -57.26 -89.91 -20.83
CA ILE LA 152 -56.50 -90.76 -19.92
C ILE LA 152 -55.07 -90.83 -20.45
N GLY LA 153 -54.08 -90.73 -19.56
CA GLY LA 153 -52.69 -90.96 -19.94
C GLY LA 153 -52.41 -92.45 -20.00
N TRP LA 154 -51.16 -92.81 -19.80
CA TRP LA 154 -50.79 -94.20 -19.54
C TRP LA 154 -49.44 -94.26 -18.82
N PHE LA 155 -49.30 -95.23 -17.91
CA PHE LA 155 -48.05 -95.46 -17.17
C PHE LA 155 -47.39 -96.74 -17.67
N GLY MA 1 31.54 -49.85 -26.47
CA GLY MA 1 32.06 -51.24 -26.67
C GLY MA 1 33.42 -51.45 -26.06
N GLY MA 2 33.48 -51.41 -24.73
CA GLY MA 2 34.73 -51.55 -23.98
C GLY MA 2 35.28 -52.96 -23.94
N LEU MA 3 34.39 -53.95 -23.88
CA LEU MA 3 34.80 -55.35 -23.99
C LEU MA 3 35.19 -55.65 -25.43
N LEU MA 4 36.30 -56.36 -25.61
CA LEU MA 4 36.88 -56.60 -26.92
C LEU MA 4 36.63 -58.03 -27.38
N TRP MA 5 35.61 -58.19 -28.23
CA TRP MA 5 35.40 -59.43 -28.97
C TRP MA 5 36.15 -59.31 -30.29
N LYS MA 6 37.44 -59.65 -30.24
CA LYS MA 6 38.32 -59.48 -31.39
C LYS MA 6 38.10 -60.61 -32.40
N ILE MA 7 37.05 -60.44 -33.20
CA ILE MA 7 36.71 -61.36 -34.30
C ILE MA 7 36.94 -60.58 -35.60
N PRO MA 8 37.76 -61.13 -36.53
CA PRO MA 8 37.99 -60.40 -37.77
C PRO MA 8 36.76 -60.40 -38.67
N TRP MA 9 36.62 -59.34 -39.46
CA TRP MA 9 35.47 -59.18 -40.36
C TRP MA 9 35.43 -60.19 -41.52
N ARG MA 10 36.58 -60.78 -41.84
CA ARG MA 10 36.69 -61.81 -42.88
C ARG MA 10 37.46 -63.03 -42.40
N MET MA 11 37.36 -64.11 -43.17
CA MET MA 11 37.98 -65.40 -42.83
C MET MA 11 39.37 -65.53 -43.44
N SER MA 12 40.19 -66.37 -42.82
CA SER MA 12 41.50 -66.73 -43.37
C SER MA 12 41.31 -67.79 -44.47
N THR MA 13 42.40 -68.07 -45.20
CA THR MA 13 42.38 -69.10 -46.25
C THR MA 13 42.06 -70.48 -45.66
N HIS MA 14 42.69 -70.79 -44.54
CA HIS MA 14 42.53 -72.07 -43.85
C HIS MA 14 41.11 -72.27 -43.33
N GLN MA 15 40.54 -71.20 -42.78
CA GLN MA 15 39.12 -71.18 -42.37
C GLN MA 15 38.17 -71.48 -43.52
N LYS MA 16 38.42 -70.83 -44.65
CA LYS MA 16 37.64 -71.01 -45.87
C LYS MA 16 37.70 -72.45 -46.42
N THR MA 17 38.90 -73.03 -46.37
CA THR MA 17 39.10 -74.43 -46.78
C THR MA 17 38.32 -75.40 -45.88
N ARG MA 18 38.37 -75.14 -44.57
CA ARG MA 18 37.60 -75.94 -43.59
C ARG MA 18 36.11 -75.84 -43.81
N GLN MA 19 35.63 -74.62 -44.03
CA GLN MA 19 34.22 -74.37 -44.35
C GLN MA 19 33.78 -75.17 -45.58
N ARG MA 20 34.58 -75.06 -46.64
CA ARG MA 20 34.37 -75.82 -47.88
C ARG MA 20 34.28 -77.33 -47.65
N GLU MA 21 35.20 -77.84 -46.83
CA GLU MA 21 35.24 -79.26 -46.48
C GLU MA 21 33.97 -79.68 -45.73
N ARG MA 22 33.57 -78.85 -44.77
CA ARG MA 22 32.32 -79.06 -44.03
C ARG MA 22 31.09 -79.10 -44.92
N LEU MA 23 31.00 -78.16 -45.85
CA LEU MA 23 29.93 -78.10 -46.84
C LEU MA 23 29.87 -79.38 -47.68
N ARG MA 24 31.05 -79.82 -48.11
CA ARG MA 24 31.21 -81.04 -48.89
C ARG MA 24 30.75 -82.28 -48.12
N ASN MA 25 31.08 -82.31 -46.83
CA ASN MA 25 30.67 -83.40 -45.93
C ASN MA 25 29.15 -83.54 -45.77
N VAL MA 26 28.45 -82.42 -45.66
CA VAL MA 26 26.98 -82.44 -45.53
C VAL MA 26 26.33 -82.95 -46.82
N ASP MA 27 26.88 -82.55 -47.98
CA ASP MA 27 26.43 -83.05 -49.28
C ASP MA 27 26.63 -84.55 -49.40
N GLN MA 28 27.80 -85.01 -48.95
CA GLN MA 28 28.15 -86.44 -48.90
C GLN MA 28 27.18 -87.24 -48.03
N VAL MA 29 26.88 -86.70 -46.85
CA VAL MA 29 25.91 -87.31 -45.92
C VAL MA 29 24.54 -87.50 -46.59
N ILE MA 30 24.07 -86.43 -47.24
CA ILE MA 30 22.80 -86.44 -47.98
C ILE MA 30 22.80 -87.52 -49.06
N LYS MA 31 23.87 -87.56 -49.85
CA LYS MA 31 24.07 -88.56 -50.90
C LYS MA 31 24.00 -89.98 -50.34
N GLN MA 32 24.67 -90.21 -49.23
CA GLN MA 32 24.66 -91.51 -48.54
C GLN MA 32 23.26 -91.91 -48.08
N LEU MA 33 22.52 -90.94 -47.53
CA LEU MA 33 21.14 -91.15 -47.10
C LEU MA 33 20.23 -91.57 -48.25
N THR MA 34 20.36 -90.89 -49.38
CA THR MA 34 19.55 -91.21 -50.58
C THR MA 34 19.92 -92.59 -51.14
N LEU MA 35 21.22 -92.85 -51.16
CA LEU MA 35 21.78 -94.08 -51.69
C LEU MA 35 21.31 -95.30 -50.89
N GLY MA 36 21.41 -95.21 -49.58
CA GLY MA 36 20.95 -96.27 -48.67
C GLY MA 36 19.47 -96.58 -48.82
N LEU MA 37 18.65 -95.54 -48.93
CA LEU MA 37 17.21 -95.67 -49.19
C LEU MA 37 16.92 -96.42 -50.49
N HIS MA 38 17.62 -96.01 -51.55
CA HIS MA 38 17.55 -96.66 -52.86
C HIS MA 38 17.89 -98.15 -52.77
N VAL MA 39 19.00 -98.45 -52.10
CA VAL MA 39 19.47 -99.82 -51.88
C VAL MA 39 18.40 -100.64 -51.16
N GLN MA 40 17.84 -100.07 -50.11
CA GLN MA 40 16.77 -100.70 -49.33
C GLN MA 40 15.55 -101.02 -50.18
N ARG MA 41 15.18 -100.06 -51.04
CA ARG MA 41 14.02 -100.23 -51.92
C ARG MA 41 14.26 -101.31 -52.99
N CYS MA 42 15.49 -101.38 -53.50
CA CYS MA 42 15.91 -102.44 -54.42
C CYS MA 42 15.81 -103.82 -53.77
N GLN MA 43 16.30 -103.92 -52.53
CA GLN MA 43 16.20 -105.14 -51.72
C GLN MA 43 14.77 -105.59 -51.50
N ASP MA 44 13.89 -104.63 -51.19
CA ASP MA 44 12.46 -104.88 -51.00
C ASP MA 44 11.82 -105.45 -52.26
N LYS MA 45 12.16 -104.86 -53.41
CA LYS MA 45 11.71 -105.38 -54.71
C LYS MA 45 12.29 -106.77 -55.00
N GLY MA 46 13.54 -106.99 -54.59
CA GLY MA 46 14.14 -108.33 -54.55
C GLY MA 46 15.46 -108.50 -55.28
N LEU MA 47 16.36 -107.53 -55.13
CA LEU MA 47 17.71 -107.59 -55.69
C LEU MA 47 18.71 -107.76 -54.56
N THR MA 48 19.88 -108.28 -54.89
CA THR MA 48 20.99 -108.34 -53.93
C THR MA 48 21.58 -106.94 -53.77
N TYR MA 49 22.43 -106.78 -52.74
CA TYR MA 49 23.05 -105.48 -52.46
C TYR MA 49 23.87 -105.00 -53.65
N GLN MA 50 24.73 -105.88 -54.17
CA GLN MA 50 25.59 -105.58 -55.32
C GLN MA 50 24.77 -105.18 -56.55
N GLU MA 51 23.72 -105.97 -56.83
CA GLU MA 51 22.78 -105.68 -57.92
C GLU MA 51 22.13 -104.31 -57.79
N ALA MA 52 21.71 -103.99 -56.56
CA ALA MA 52 21.11 -102.68 -56.24
C ALA MA 52 22.09 -101.55 -56.52
N MET MA 53 23.33 -101.73 -56.06
CA MET MA 53 24.41 -100.75 -56.28
C MET MA 53 24.68 -100.53 -57.76
N GLU MA 54 24.71 -101.62 -58.52
CA GLU MA 54 24.88 -101.57 -59.98
C GLU MA 54 23.77 -100.81 -60.71
N SER MA 55 22.53 -101.01 -60.27
CA SER MA 55 21.31 -100.54 -60.95
C SER MA 55 21.40 -99.19 -61.67
N LYS MA 56 20.91 -99.16 -62.91
CA LYS MA 56 20.93 -97.96 -63.75
C LYS MA 56 19.99 -96.90 -63.19
N LYS MA 57 18.74 -97.30 -62.97
CA LYS MA 57 17.69 -96.42 -62.48
C LYS MA 57 17.72 -96.33 -60.95
N LYS MA 58 18.27 -95.23 -60.43
CA LYS MA 58 18.34 -94.98 -59.00
C LYS MA 58 17.02 -94.39 -58.53
N TYR MA 59 16.50 -94.88 -57.40
CA TYR MA 59 15.23 -94.42 -56.85
C TYR MA 59 15.42 -93.11 -56.09
N LYS MA 60 14.55 -92.15 -56.37
CA LYS MA 60 14.57 -90.84 -55.72
C LYS MA 60 13.77 -90.93 -54.41
N PRO MA 61 14.17 -90.18 -53.37
CA PRO MA 61 13.53 -90.31 -52.07
C PRO MA 61 12.10 -89.73 -52.04
N ARG MA 62 11.19 -90.46 -51.41
CA ARG MA 62 9.77 -90.10 -51.37
C ARG MA 62 9.43 -89.10 -50.28
N SER MA 63 10.12 -89.19 -49.14
CA SER MA 63 9.94 -88.24 -48.05
C SER MA 63 10.36 -86.83 -48.47
N LYS MA 64 9.72 -85.84 -47.87
CA LYS MA 64 9.72 -84.47 -48.37
C LYS MA 64 11.06 -83.76 -48.15
N SER MA 65 11.54 -83.81 -46.92
CA SER MA 65 12.78 -83.13 -46.53
C SER MA 65 13.99 -83.60 -47.34
N LEU MA 66 14.11 -84.91 -47.47
CA LEU MA 66 15.15 -85.54 -48.30
C LEU MA 66 15.10 -85.09 -49.75
N ARG MA 67 13.89 -85.07 -50.29
CA ARG MA 67 13.64 -84.65 -51.68
C ARG MA 67 14.02 -83.18 -51.91
N LEU MA 68 13.72 -82.34 -50.93
CA LEU MA 68 14.14 -80.93 -50.93
C LEU MA 68 15.65 -80.77 -50.89
N LEU MA 69 16.30 -81.53 -50.00
CA LEU MA 69 17.77 -81.54 -49.89
C LEU MA 69 18.45 -81.95 -51.19
N ASN MA 70 17.88 -82.94 -51.85
CA ASN MA 70 18.35 -83.39 -53.17
C ASN MA 70 18.31 -82.29 -54.23
N LYS MA 71 17.28 -81.46 -54.22
CA LYS MA 71 17.17 -80.34 -55.15
C LYS MA 71 18.25 -79.28 -54.91
N PRO MA 72 18.99 -78.91 -55.96
CA PRO MA 72 20.06 -77.91 -55.84
C PRO MA 72 19.56 -76.47 -55.71
N SER MA 73 18.37 -76.18 -56.25
CA SER MA 73 17.72 -74.87 -56.09
C SER MA 73 17.41 -74.55 -54.63
N VAL MA 74 17.04 -75.57 -53.85
CA VAL MA 74 16.76 -75.44 -52.42
C VAL MA 74 18.05 -75.56 -51.63
N PHE MA 75 18.74 -76.69 -51.81
CA PHE MA 75 19.97 -77.00 -51.08
C PHE MA 75 21.09 -77.33 -52.08
N PRO MA 76 21.89 -76.31 -52.47
CA PRO MA 76 22.96 -76.54 -53.44
C PRO MA 76 24.16 -77.27 -52.85
N LYS MA 77 24.92 -77.93 -53.72
CA LYS MA 77 26.16 -78.59 -53.33
C LYS MA 77 27.29 -77.56 -53.27
N GLU MA 78 28.41 -77.94 -52.64
CA GLU MA 78 29.55 -77.03 -52.50
C GLU MA 78 30.13 -76.64 -53.87
N ASN MA 79 30.28 -77.61 -54.75
CA ASN MA 79 30.71 -77.34 -56.14
C ASN MA 79 29.75 -76.42 -56.91
N GLN MA 80 28.45 -76.57 -56.65
CA GLN MA 80 27.42 -75.70 -57.23
C GLN MA 80 27.46 -74.28 -56.67
N MET MA 81 27.51 -74.18 -55.34
CA MET MA 81 27.48 -72.89 -54.61
C MET MA 81 28.41 -71.80 -55.16
N SER MA 82 27.97 -70.56 -55.01
CA SER MA 82 28.81 -69.39 -55.32
C SER MA 82 29.89 -69.23 -54.26
N SER MA 83 31.00 -68.61 -54.65
CA SER MA 83 32.04 -68.19 -53.71
C SER MA 83 31.48 -67.38 -52.55
N LYS MA 84 30.57 -66.46 -52.87
CA LYS MA 84 30.00 -65.54 -51.89
C LYS MA 84 29.15 -66.25 -50.84
N ASP MA 85 28.27 -67.16 -51.27
CA ASP MA 85 27.39 -67.89 -50.35
C ASP MA 85 28.10 -68.91 -49.45
N LYS MA 86 29.31 -69.34 -49.85
CA LYS MA 86 30.16 -70.17 -48.97
C LYS MA 86 30.67 -69.38 -47.77
N TYR MA 87 31.04 -68.12 -48.00
CA TYR MA 87 31.74 -67.30 -46.99
C TYR MA 87 30.98 -66.07 -46.47
N TRP MA 88 29.77 -65.82 -46.98
CA TRP MA 88 28.98 -64.64 -46.59
C TRP MA 88 27.50 -64.96 -46.42
N THR MA 89 26.98 -64.74 -45.21
CA THR MA 89 25.54 -64.79 -44.93
C THR MA 89 24.87 -63.51 -45.37
N PHE MA 90 23.55 -63.56 -45.49
CA PHE MA 90 22.70 -62.37 -45.63
C PHE MA 90 22.40 -61.84 -44.24
N ASP MA 91 22.66 -60.55 -44.02
CA ASP MA 91 22.34 -59.85 -42.78
C ASP MA 91 21.76 -58.48 -43.13
N LYS MA 92 20.43 -58.36 -42.98
CA LYS MA 92 19.71 -57.14 -43.38
C LYS MA 92 20.17 -55.85 -42.70
N LYS MA 93 20.65 -55.96 -41.46
CA LYS MA 93 21.13 -54.79 -40.71
C LYS MA 93 22.60 -54.40 -40.97
N ALA MA 94 23.36 -55.27 -41.65
CA ALA MA 94 24.73 -54.93 -42.08
C ALA MA 94 24.73 -54.05 -43.33
N VAL MA 95 25.79 -53.27 -43.49
CA VAL MA 95 26.05 -52.53 -44.73
C VAL MA 95 26.56 -53.52 -45.79
N GLY MA 96 25.99 -53.42 -46.99
CA GLY MA 96 26.18 -54.43 -48.03
C GLY MA 96 25.16 -55.55 -47.96
N TYR MA 97 24.28 -55.51 -46.94
CA TYR MA 97 23.38 -56.62 -46.59
C TYR MA 97 24.07 -57.98 -46.51
N ARG MA 98 25.32 -57.97 -46.03
CA ARG MA 98 26.15 -59.17 -46.00
C ARG MA 98 27.02 -59.18 -44.76
N LYS MA 99 27.35 -60.39 -44.31
CA LYS MA 99 28.07 -60.62 -43.08
C LYS MA 99 28.81 -61.94 -43.23
N GLY MA 100 30.01 -62.04 -42.67
CA GLY MA 100 30.79 -63.29 -42.73
C GLY MA 100 30.03 -64.43 -42.06
N ILE MA 101 30.15 -65.64 -42.61
CA ILE MA 101 29.45 -66.81 -42.06
C ILE MA 101 30.06 -67.16 -40.70
N HIS MA 102 31.38 -67.03 -40.58
CA HIS MA 102 32.08 -67.14 -39.29
C HIS MA 102 31.54 -66.28 -38.13
N LYS MA 103 30.89 -65.16 -38.46
CA LYS MA 103 30.19 -64.34 -37.47
C LYS MA 103 28.87 -64.93 -36.98
N VAL MA 104 28.29 -65.88 -37.73
CA VAL MA 104 27.08 -66.60 -37.31
C VAL MA 104 27.44 -67.48 -36.12
N PRO MA 105 26.56 -67.54 -35.09
CA PRO MA 105 26.89 -68.39 -33.94
C PRO MA 105 26.67 -69.86 -34.28
N LYS MA 106 27.62 -70.71 -33.87
CA LYS MA 106 27.63 -72.14 -34.20
C LYS MA 106 27.63 -72.41 -35.73
N TRP MA 107 28.38 -71.59 -36.47
CA TRP MA 107 28.47 -71.72 -37.94
C TRP MA 107 29.07 -73.05 -38.40
N THR MA 108 29.92 -73.64 -37.56
CA THR MA 108 30.52 -74.93 -37.83
C THR MA 108 29.49 -76.07 -37.88
N LYS MA 109 28.46 -76.00 -37.03
CA LYS MA 109 27.35 -76.95 -37.07
C LYS MA 109 26.25 -76.46 -38.01
N ILE MA 110 25.68 -75.30 -37.70
CA ILE MA 110 24.56 -74.75 -38.48
C ILE MA 110 24.88 -74.61 -39.97
N SER MA 111 23.95 -75.07 -40.81
CA SER MA 111 24.09 -74.95 -42.27
C SER MA 111 23.30 -73.74 -42.79
N ILE MA 112 23.85 -73.09 -43.81
CA ILE MA 112 23.19 -71.97 -44.48
C ILE MA 112 23.79 -71.78 -45.88
N ARG MA 113 23.15 -72.41 -46.86
CA ARG MA 113 23.63 -72.42 -48.24
C ARG MA 113 23.02 -71.30 -49.06
N LYS MA 114 21.69 -71.20 -49.02
CA LYS MA 114 20.94 -70.33 -49.92
C LYS MA 114 20.74 -68.93 -49.33
N ALA MA 115 21.21 -67.93 -50.06
CA ALA MA 115 20.90 -66.52 -49.77
C ALA MA 115 19.78 -66.07 -50.71
N PRO MA 116 19.15 -64.90 -50.43
CA PRO MA 116 18.15 -64.35 -51.36
C PRO MA 116 18.71 -64.03 -52.75
N LYS MA 117 17.82 -63.95 -53.74
CA LYS MA 117 18.21 -63.88 -55.15
C LYS MA 117 19.10 -62.69 -55.50
N PHE MA 118 18.85 -61.54 -54.88
CA PHE MA 118 19.59 -60.30 -55.17
C PHE MA 118 20.25 -59.67 -53.94
N PHE MA 119 20.42 -60.45 -52.87
CA PHE MA 119 21.04 -59.97 -51.63
C PHE MA 119 22.04 -60.99 -51.10
N MET NA 1 48.40 0.35 74.19
CA MET NA 1 49.03 -0.91 74.70
C MET NA 1 50.54 -0.77 74.85
N LYS NA 2 51.14 -1.70 75.60
CA LYS NA 2 52.60 -1.84 75.68
C LYS NA 2 53.03 -3.02 74.81
N VAL NA 3 53.80 -2.72 73.76
CA VAL NA 3 54.24 -3.72 72.79
C VAL NA 3 55.47 -4.45 73.32
N ASN NA 4 56.54 -3.71 73.60
CA ASN NA 4 57.81 -4.30 74.01
C ASN NA 4 57.79 -4.87 75.43
N HIS NA 5 58.41 -6.03 75.58
CA HIS NA 5 58.73 -6.62 76.88
C HIS NA 5 60.23 -6.46 77.10
N SER NA 6 60.73 -7.02 78.21
CA SER NA 6 62.16 -7.08 78.49
C SER NA 6 62.97 -7.74 77.37
N ILE NA 7 62.42 -8.81 76.81
CA ILE NA 7 63.06 -9.58 75.74
C ILE NA 7 63.09 -8.86 74.38
N SER NA 8 62.14 -7.96 74.14
CA SER NA 8 61.94 -7.34 72.82
C SER NA 8 63.13 -6.56 72.23
N ARG NA 9 64.03 -6.09 73.08
CA ARG NA 9 65.27 -5.45 72.64
C ARG NA 9 66.50 -6.13 73.23
N PHE NA 10 67.66 -5.70 72.72
CA PHE NA 10 68.94 -5.89 73.41
C PHE NA 10 68.92 -4.96 74.61
N ARG NA 11 69.26 -5.49 75.79
CA ARG NA 11 69.30 -4.71 77.02
C ARG NA 11 70.74 -4.55 77.51
N PRO NA 12 71.22 -3.30 77.64
CA PRO NA 12 72.55 -3.07 78.22
C PRO NA 12 72.53 -3.14 79.75
N ALA NA 13 73.70 -2.98 80.35
CA ALA NA 13 73.91 -3.09 81.81
C ALA NA 13 73.05 -2.12 82.61
N SER NA 14 72.96 -0.88 82.13
CA SER NA 14 72.21 0.18 82.79
C SER NA 14 70.73 -0.15 82.96
N TRP NA 15 70.16 -0.72 81.89
CA TRP NA 15 68.77 -1.19 81.89
C TRP NA 15 68.55 -2.28 82.94
N PHE NA 16 69.45 -3.26 82.97
CA PHE NA 16 69.42 -4.34 83.95
C PHE NA 16 69.49 -3.83 85.39
N GLU NA 17 70.40 -2.89 85.62
CA GLU NA 17 70.55 -2.24 86.92
C GLU NA 17 69.28 -1.53 87.37
N LYS NA 18 68.64 -0.84 86.43
CA LYS NA 18 67.36 -0.16 86.66
C LYS NA 18 66.27 -1.15 87.07
N THR NA 19 66.17 -2.24 86.32
CA THR NA 19 65.11 -3.25 86.50
C THR NA 19 65.42 -4.27 87.59
N LYS NA 20 66.47 -5.07 87.36
CA LYS NA 20 66.84 -6.22 88.21
C LYS NA 20 65.75 -7.30 88.20
N ILE NA 21 65.46 -7.82 87.00
CA ILE NA 21 64.57 -8.96 86.82
C ILE NA 21 65.32 -10.21 87.25
N ILE NA 22 66.52 -10.37 86.67
CA ILE NA 22 67.40 -11.49 86.93
C ILE NA 22 68.77 -10.95 87.37
N PRO NA 23 69.64 -11.81 87.93
CA PRO NA 23 71.01 -11.38 88.25
C PRO NA 23 71.85 -11.21 86.97
N PRO NA 24 73.13 -10.84 87.13
CA PRO NA 24 74.02 -10.83 85.96
C PRO NA 24 74.32 -12.25 85.46
N GLN NA 25 73.65 -12.65 84.38
CA GLN NA 25 73.83 -13.98 83.79
C GLN NA 25 73.34 -14.09 82.36
N VAL NA 26 73.85 -15.09 81.65
CA VAL NA 26 73.48 -15.39 80.27
C VAL NA 26 72.96 -16.82 80.21
N TYR NA 27 71.89 -17.02 79.45
CA TYR NA 27 71.26 -18.33 79.26
C TYR NA 27 71.62 -18.91 77.90
N ILE NA 28 71.78 -20.23 77.85
CA ILE NA 28 72.12 -20.94 76.61
C ILE NA 28 71.13 -22.10 76.44
N PHE NA 29 70.64 -22.27 75.21
CA PHE NA 29 69.56 -23.23 74.91
C PHE NA 29 69.89 -24.17 73.76
N ARG NA 30 69.95 -25.48 74.06
CA ARG NA 30 70.03 -26.52 73.03
C ARG NA 30 68.73 -26.59 72.23
N ASN NA 31 68.86 -26.98 70.96
CA ASN NA 31 67.73 -27.32 70.13
C ASN NA 31 67.71 -28.84 69.99
N LEU NA 32 66.71 -29.49 70.60
CA LEU NA 32 66.59 -30.95 70.57
C LEU NA 32 66.38 -31.52 69.17
N GLU NA 33 65.76 -30.72 68.29
CA GLU NA 33 65.49 -31.12 66.91
C GLU NA 33 66.78 -31.18 66.07
N TYR NA 34 67.50 -30.07 66.02
CA TYR NA 34 68.68 -29.91 65.14
C TYR NA 34 70.06 -29.92 65.83
N GLY NA 35 70.09 -29.74 67.15
CA GLY NA 35 71.35 -29.62 67.89
C GLY NA 35 71.96 -28.22 67.91
N GLN NA 36 71.24 -27.25 67.36
CA GLN NA 36 71.70 -25.85 67.34
C GLN NA 36 71.55 -25.23 68.73
N VAL NA 37 72.34 -24.20 68.99
CA VAL NA 37 72.38 -23.53 70.29
C VAL NA 37 71.86 -22.09 70.15
N LEU NA 38 71.21 -21.60 71.21
CA LEU NA 38 70.61 -20.26 71.22
C LEU NA 38 70.97 -19.53 72.51
N TYR NA 39 71.75 -18.46 72.38
CA TYR NA 39 72.15 -17.62 73.52
C TYR NA 39 71.05 -16.58 73.77
N SER NA 40 70.90 -16.18 75.03
CA SER NA 40 69.96 -15.11 75.38
C SER NA 40 70.31 -14.46 76.71
N GLN NA 41 70.01 -13.17 76.79
CA GLN NA 41 70.17 -12.40 78.03
C GLN NA 41 69.12 -12.76 79.11
N PHE NA 42 68.02 -13.39 78.70
CA PHE NA 42 66.90 -13.71 79.58
C PHE NA 42 66.55 -15.20 79.52
N PRO NA 43 65.85 -15.71 80.56
CA PRO NA 43 65.45 -17.13 80.56
C PRO NA 43 64.38 -17.50 79.52
N ASN NA 44 63.69 -16.49 78.97
CA ASN NA 44 62.84 -16.66 77.79
C ASN NA 44 63.52 -16.06 76.56
N PHE NA 45 62.91 -16.28 75.40
CA PHE NA 45 63.36 -15.67 74.14
C PHE NA 45 62.23 -15.64 73.13
N SER NA 46 62.45 -14.89 72.04
CA SER NA 46 61.46 -14.70 70.99
C SER NA 46 62.06 -14.98 69.62
N GLN NA 47 61.24 -14.83 68.59
CA GLN NA 47 61.67 -14.95 67.18
C GLN NA 47 62.79 -13.97 66.83
N THR NA 48 62.80 -12.80 67.46
CA THR NA 48 63.81 -11.76 67.22
C THR NA 48 65.23 -12.26 67.51
N GLN NA 49 65.39 -12.96 68.62
CA GLN NA 49 66.66 -13.59 69.02
C GLN NA 49 67.13 -14.62 68.00
N VAL NA 50 66.19 -15.45 67.55
CA VAL NA 50 66.45 -16.47 66.53
C VAL NA 50 66.92 -15.83 65.22
N ASP NA 51 66.20 -14.79 64.80
CA ASP NA 51 66.54 -14.02 63.59
C ASP NA 51 67.95 -13.42 63.67
N LYS NA 52 68.27 -12.87 64.83
CA LYS NA 52 69.58 -12.27 65.12
C LYS NA 52 70.73 -13.27 64.97
N LEU NA 53 70.53 -14.48 65.50
CA LEU NA 53 71.58 -15.51 65.46
C LEU NA 53 71.61 -16.23 64.11
N PHE NA 54 70.46 -16.75 63.70
CA PHE NA 54 70.37 -17.57 62.48
C PHE NA 54 70.12 -16.68 61.27
N VAL NA 55 71.19 -15.99 60.86
CA VAL NA 55 71.16 -14.98 59.80
C VAL NA 55 71.43 -15.53 58.40
N ARG NA 56 72.30 -16.53 58.30
CA ARG NA 56 72.64 -17.19 57.04
C ARG NA 56 72.35 -18.68 57.15
N PRO NA 57 71.07 -19.08 57.00
CA PRO NA 57 70.71 -20.49 57.11
C PRO NA 57 70.83 -21.22 55.77
N ASN NA 58 71.24 -22.49 55.84
CA ASN NA 58 71.31 -23.38 54.69
C ASN NA 58 70.73 -24.75 55.07
N TRP NA 59 70.83 -25.75 54.19
CA TRP NA 59 70.34 -27.11 54.48
C TRP NA 59 71.00 -27.72 55.72
N SER NA 60 72.30 -27.44 55.90
CA SER NA 60 73.07 -27.97 57.04
C SER NA 60 72.72 -27.26 58.34
N ASN NA 61 72.58 -25.93 58.28
CA ASN NA 61 72.31 -25.10 59.45
C ASN NA 61 71.00 -24.34 59.25
N ARG NA 62 69.90 -25.09 59.22
CA ARG NA 62 68.57 -24.51 58.99
C ARG NA 62 68.15 -23.59 60.13
N LYS NA 63 67.40 -22.55 59.79
CA LYS NA 63 66.84 -21.63 60.78
C LYS NA 63 65.82 -22.42 61.61
N PRO NA 64 66.05 -22.50 62.94
CA PRO NA 64 65.23 -23.39 63.76
C PRO NA 64 63.81 -22.87 63.99
N SER NA 65 62.91 -23.80 64.28
CA SER NA 65 61.55 -23.48 64.68
C SER NA 65 61.57 -22.83 66.07
N LEU NA 66 60.58 -21.98 66.33
CA LEU NA 66 60.44 -21.31 67.61
C LEU NA 66 59.55 -22.10 68.59
N ARG NA 67 59.15 -23.32 68.21
CA ARG NA 67 58.33 -24.18 69.07
C ARG NA 67 59.03 -24.45 70.41
N ARG NA 68 58.32 -24.18 71.51
CA ARG NA 68 58.92 -24.15 72.86
C ARG NA 68 59.47 -25.49 73.37
N ASP NA 69 58.91 -26.60 72.91
CA ASP NA 69 59.27 -27.93 73.44
C ASP NA 69 60.67 -28.40 73.04
N ILE NA 70 61.07 -28.15 71.79
CA ILE NA 70 62.40 -28.58 71.30
C ILE NA 70 63.56 -27.76 71.87
N TRP NA 71 63.28 -26.55 72.35
CA TRP NA 71 64.29 -25.74 73.04
C TRP NA 71 64.40 -26.15 74.50
N LYS NA 72 65.63 -26.38 74.95
CA LYS NA 72 65.92 -26.78 76.32
C LYS NA 72 67.24 -26.14 76.77
N CYS NA 73 67.32 -25.76 78.04
CA CYS NA 73 68.45 -25.00 78.55
C CYS NA 73 69.70 -25.87 78.70
N MET NA 74 70.72 -25.56 77.89
CA MET NA 74 72.02 -26.26 77.91
C MET NA 74 72.85 -25.85 79.12
N CYS NA 75 72.79 -24.56 79.44
CA CYS NA 75 73.77 -23.95 80.31
C CYS NA 75 73.33 -22.55 80.74
N VAL NA 76 73.44 -22.27 82.03
CA VAL NA 76 73.16 -20.95 82.61
C VAL NA 76 74.46 -20.46 83.21
N VAL NA 77 75.02 -19.38 82.64
CA VAL NA 77 76.34 -18.87 83.05
C VAL NA 77 76.17 -17.54 83.78
N ASN NA 78 76.60 -17.51 85.03
CA ASN NA 78 76.51 -16.34 85.90
C ASN NA 78 77.85 -15.62 85.94
N LEU NA 79 77.80 -14.29 86.05
CA LEU NA 79 79.01 -13.45 86.05
C LEU NA 79 78.98 -12.41 87.15
N GLN NA 80 80.12 -11.73 87.33
CA GLN NA 80 80.34 -10.82 88.44
C GLN NA 80 79.56 -9.50 88.34
N ASN NA 81 79.19 -9.11 87.12
CA ASN NA 81 78.49 -7.85 86.89
C ASN NA 81 77.59 -7.93 85.64
N TYR NA 82 76.52 -7.14 85.63
CA TYR NA 82 75.58 -7.07 84.50
C TYR NA 82 76.29 -6.71 83.19
N LYS NA 83 77.13 -5.69 83.28
CA LYS NA 83 77.97 -5.24 82.16
C LYS NA 83 78.84 -6.34 81.59
N GLN NA 84 79.42 -7.13 82.47
CA GLN NA 84 80.24 -8.29 82.11
C GLN NA 84 79.43 -9.36 81.37
N SER NA 85 78.21 -9.61 81.87
CA SER NA 85 77.27 -10.57 81.24
C SER NA 85 76.84 -10.12 79.86
N VAL NA 86 76.57 -8.82 79.72
CA VAL NA 86 76.24 -8.21 78.44
C VAL NA 86 77.39 -8.37 77.44
N HIS NA 87 78.60 -8.10 77.90
CA HIS NA 87 79.80 -8.25 77.08
C HIS NA 87 80.03 -9.68 76.60
N LEU NA 88 79.83 -10.64 77.51
CA LEU NA 88 79.87 -12.07 77.18
C LEU NA 88 78.87 -12.45 76.09
N TYR NA 89 77.63 -11.98 76.28
CA TYR NA 89 76.55 -12.20 75.32
C TYR NA 89 76.89 -11.66 73.93
N GLN NA 90 77.43 -10.44 73.88
CA GLN NA 90 77.91 -9.82 72.65
C GLN NA 90 79.01 -10.63 71.96
N ASN NA 91 79.96 -11.09 72.77
CA ASN NA 91 81.05 -11.97 72.29
C ASN NA 91 80.55 -13.25 71.65
N LEU NA 92 79.58 -13.88 72.29
CA LEU NA 92 78.94 -15.10 71.77
C LEU NA 92 78.28 -14.87 70.41
N CYS NA 93 77.52 -13.78 70.33
CA CYS NA 93 76.88 -13.36 69.09
C CYS NA 93 77.87 -13.09 67.97
N ARG NA 94 78.98 -12.44 68.34
CA ARG NA 94 80.08 -12.17 67.41
C ARG NA 94 80.68 -13.46 66.88
N LEU NA 95 80.98 -14.39 67.79
CA LEU NA 95 81.52 -15.71 67.43
C LEU NA 95 80.60 -16.48 66.49
N ARG NA 96 79.31 -16.45 66.79
CA ARG NA 96 78.30 -17.07 65.93
C ARG NA 96 78.33 -16.48 64.52
N TYR NA 97 78.35 -15.15 64.45
CA TYR NA 97 78.45 -14.45 63.19
C TYR NA 97 79.66 -14.90 62.38
N LEU NA 98 80.81 -14.92 63.04
CA LEU NA 98 82.08 -15.36 62.43
C LEU NA 98 81.96 -16.76 61.85
N ARG NA 99 81.39 -17.68 62.63
CA ARG NA 99 81.18 -19.07 62.19
C ARG NA 99 80.23 -19.20 61.00
N ASP NA 100 79.19 -18.39 60.97
CA ASP NA 100 78.17 -18.47 59.91
C ASP NA 100 78.56 -17.73 58.63
N VAL NA 101 79.05 -16.48 58.78
CA VAL NA 101 79.25 -15.58 57.65
C VAL NA 101 80.73 -15.34 57.32
N ALA NA 102 81.45 -14.70 58.24
CA ALA NA 102 82.78 -14.14 57.94
C ALA NA 102 83.87 -15.20 57.77
N GLN NA 103 84.08 -15.99 58.81
CA GLN NA 103 85.11 -17.03 58.84
C GLN NA 103 84.45 -18.40 58.83
N ARG NA 104 83.64 -18.64 57.80
CA ARG NA 104 82.82 -19.86 57.69
C ARG NA 104 83.62 -21.07 57.23
N LYS NA 105 84.56 -20.85 56.31
CA LYS NA 105 85.38 -21.92 55.74
C LYS NA 105 86.28 -22.57 56.79
N GLU NA 106 86.86 -21.73 57.65
CA GLU NA 106 87.71 -22.19 58.76
C GLU NA 106 86.91 -23.05 59.73
N SER NA 107 85.72 -22.56 60.08
CA SER NA 107 84.79 -23.28 60.95
C SER NA 107 84.44 -24.66 60.39
N ASP NA 108 84.11 -24.68 59.09
CA ASP NA 108 83.78 -25.92 58.36
C ASP NA 108 84.92 -26.92 58.40
N LYS NA 109 86.14 -26.43 58.15
CA LYS NA 109 87.37 -27.24 58.24
C LYS NA 109 87.55 -27.87 59.62
N LEU NA 110 87.33 -27.06 60.65
CA LEU NA 110 87.37 -27.51 62.06
C LEU NA 110 86.38 -28.63 62.40
N ARG NA 111 85.20 -28.62 61.78
CA ARG NA 111 84.13 -29.59 62.08
C ARG NA 111 84.46 -31.03 61.68
N LYS NA 112 83.67 -31.97 62.23
CA LYS NA 112 83.73 -33.39 61.87
C LYS NA 112 82.89 -33.62 60.62
N LYS NA 113 83.49 -34.26 59.62
CA LYS NA 113 82.80 -34.62 58.38
C LYS NA 113 82.56 -36.13 58.32
N ASP NA 114 81.46 -36.52 57.68
CA ASP NA 114 81.18 -37.93 57.39
C ASP NA 114 81.73 -38.30 56.01
N SER NA 115 81.51 -39.56 55.60
CA SER NA 115 81.74 -39.96 54.21
C SER NA 115 80.71 -39.25 53.32
N ASN NA 116 81.17 -38.85 52.14
CA ASN NA 116 80.47 -37.87 51.28
C ASN NA 116 80.58 -36.40 51.79
N GLY NA 117 81.60 -36.14 52.60
CA GLY NA 117 82.05 -34.78 52.93
C GLY NA 117 81.08 -33.79 53.56
N HIS NA 118 80.05 -34.29 54.24
CA HIS NA 118 79.10 -33.43 54.94
C HIS NA 118 79.42 -33.38 56.43
N VAL NA 119 79.04 -32.30 57.09
CA VAL NA 119 79.20 -32.17 58.54
C VAL NA 119 78.33 -33.25 59.18
N TRP NA 120 78.95 -34.08 60.03
CA TRP NA 120 78.31 -35.30 60.56
C TRP NA 120 76.92 -35.03 61.14
N TYR NA 121 75.95 -35.84 60.76
CA TYR NA 121 74.57 -35.72 61.25
C TYR NA 121 73.95 -37.08 61.57
N SER NA 122 72.92 -37.04 62.42
CA SER NA 122 72.01 -38.18 62.61
C SER NA 122 70.60 -37.61 62.53
N GLY NA 123 69.90 -37.91 61.43
CA GLY NA 123 68.69 -37.17 61.07
C GLY NA 123 69.12 -35.77 60.68
N GLN NA 124 68.36 -34.77 61.12
CA GLN NA 124 68.79 -33.37 61.01
C GLN NA 124 69.50 -32.85 62.27
N TYR NA 125 69.70 -33.72 63.26
CA TYR NA 125 70.50 -33.38 64.43
C TYR NA 125 71.98 -33.44 64.09
N ARG NA 126 72.68 -32.32 64.27
CA ARG NA 126 74.13 -32.23 64.07
C ARG NA 126 74.80 -31.91 65.40
N PRO NA 127 75.58 -32.87 65.96
CA PRO NA 127 76.16 -32.65 67.30
C PRO NA 127 77.38 -31.70 67.36
N THR NA 128 77.82 -31.15 66.24
CA THR NA 128 78.97 -30.23 66.22
C THR NA 128 78.61 -28.83 66.74
N TYR NA 129 77.38 -28.38 66.47
CA TYR NA 129 76.94 -27.02 66.82
C TYR NA 129 76.97 -26.77 68.32
N CYS NA 130 76.46 -27.74 69.08
CA CYS NA 130 76.52 -27.71 70.54
C CYS NA 130 77.96 -27.60 71.04
N GLN NA 131 78.83 -28.44 70.50
CA GLN NA 131 80.25 -28.48 70.85
C GLN NA 131 80.93 -27.14 70.59
N GLU NA 132 80.64 -26.58 69.42
CA GLU NA 132 81.11 -25.25 69.03
C GLU NA 132 80.67 -24.18 70.02
N ALA NA 133 79.40 -24.22 70.40
CA ALA NA 133 78.84 -23.30 71.38
C ALA NA 133 79.54 -23.37 72.74
N VAL NA 134 79.89 -24.59 73.16
CA VAL NA 134 80.64 -24.79 74.42
C VAL NA 134 82.05 -24.17 74.27
N ALA NA 135 82.71 -24.50 73.16
CA ALA NA 135 84.01 -23.92 72.81
C ALA NA 135 83.95 -22.39 72.68
N ASP NA 136 82.89 -21.92 72.03
CA ASP NA 136 82.67 -20.47 71.86
C ASP NA 136 82.40 -19.77 73.18
N LEU NA 137 81.60 -20.41 74.04
CA LEU NA 137 81.34 -19.92 75.40
C LEU NA 137 82.64 -19.76 76.18
N ARG NA 138 83.45 -20.81 76.16
CA ARG NA 138 84.77 -20.83 76.80
C ARG NA 138 85.64 -19.69 76.30
N GLU NA 139 85.65 -19.49 74.98
CA GLU NA 139 86.41 -18.42 74.35
C GLU NA 139 85.95 -17.04 74.79
N SER NA 140 84.65 -16.82 74.69
CA SER NA 140 84.04 -15.52 75.03
C SER NA 140 84.31 -15.13 76.48
N LEU NA 141 84.07 -16.07 77.39
CA LEU NA 141 84.37 -15.88 78.82
C LEU NA 141 85.82 -15.48 79.05
N LEU NA 142 86.73 -16.22 78.40
CA LEU NA 142 88.17 -15.96 78.49
C LEU NA 142 88.51 -14.54 78.05
N LYS NA 143 87.94 -14.12 76.92
CA LYS NA 143 88.10 -12.77 76.40
C LYS NA 143 87.59 -11.70 77.35
N VAL NA 144 86.42 -11.96 77.94
CA VAL NA 144 85.81 -11.07 78.94
C VAL NA 144 86.74 -10.85 80.12
N PHE NA 145 87.33 -11.94 80.62
CA PHE NA 145 88.20 -11.89 81.79
C PHE NA 145 89.57 -11.27 81.47
N GLU NA 146 90.03 -11.42 80.23
CA GLU NA 146 91.20 -10.69 79.73
C GLU NA 146 90.94 -9.18 79.72
N ASN NA 147 89.79 -8.80 79.18
CA ASN NA 147 89.33 -7.40 79.17
C ASN NA 147 89.25 -6.78 80.57
N ALA NA 148 88.74 -7.56 81.51
CA ALA NA 148 88.62 -7.15 82.92
C ALA NA 148 89.98 -6.89 83.55
N ALA NA 158 83.91 -10.10 96.56
CA ALA NA 158 83.33 -10.18 95.22
C ALA NA 158 82.68 -11.53 94.94
N LYS NA 159 81.74 -11.54 94.00
CA LYS NA 159 81.06 -12.77 93.58
C LYS NA 159 82.02 -13.65 92.78
N LYS NA 160 82.05 -14.94 93.11
CA LYS NA 160 82.77 -15.92 92.29
C LYS NA 160 81.85 -16.33 91.14
N PRO NA 161 82.31 -16.18 89.88
CA PRO NA 161 81.46 -16.54 88.75
C PRO NA 161 81.31 -18.06 88.64
N SER NA 162 80.25 -18.49 87.95
CA SER NA 162 79.93 -19.90 87.85
C SER NA 162 79.11 -20.21 86.61
N ILE NA 163 79.22 -21.46 86.15
CA ILE NA 163 78.47 -21.94 85.00
C ILE NA 163 77.63 -23.15 85.40
N TYR NA 164 76.34 -22.91 85.64
CA TYR NA 164 75.40 -24.00 85.94
C TYR NA 164 75.08 -24.79 84.67
N TRP NA 165 75.58 -26.03 84.62
CA TRP NA 165 75.34 -26.92 83.49
C TRP NA 165 74.04 -27.70 83.64
N GLU NA 166 73.39 -27.95 82.51
CA GLU NA 166 72.32 -28.93 82.40
C GLU NA 166 72.82 -30.32 82.81
N ASP NA 167 74.03 -30.64 82.36
CA ASP NA 167 74.53 -32.00 82.32
C ASP NA 167 76.06 -31.96 82.47
N PRO NA 168 76.63 -32.75 83.42
CA PRO NA 168 78.10 -32.74 83.61
C PRO NA 168 78.89 -33.31 82.42
N TRP NA 169 78.28 -34.26 81.70
CA TRP NA 169 78.84 -34.86 80.49
C TRP NA 169 79.21 -33.85 79.40
N ARG NA 170 78.49 -32.74 79.32
CA ARG NA 170 78.66 -31.77 78.22
C ARG NA 170 80.03 -31.05 78.18
N MET NA 171 80.82 -31.15 79.26
CA MET NA 171 82.21 -30.67 79.25
C MET NA 171 83.12 -31.56 78.44
N GLY NA 172 83.97 -30.93 77.63
CA GLY NA 172 84.93 -31.63 76.79
C GLY NA 172 85.91 -32.44 77.62
N ASP NA 173 86.49 -31.78 78.61
CA ASP NA 173 87.33 -32.40 79.64
C ASP NA 173 87.81 -31.28 80.56
N LYS NA 174 87.72 -31.48 81.87
CA LYS NA 174 88.16 -30.48 82.85
C LYS NA 174 89.68 -30.26 82.88
N ASP NA 175 90.45 -31.21 82.35
CA ASP NA 175 91.91 -31.07 82.20
C ASP NA 175 92.28 -30.32 80.92
N LYS NA 176 91.86 -30.85 79.78
CA LYS NA 176 92.24 -30.33 78.45
C LYS NA 176 91.72 -28.91 78.22
N HIS NA 177 90.46 -28.68 78.56
CA HIS NA 177 89.84 -27.36 78.52
C HIS NA 177 89.44 -26.98 79.94
N TRP NA 178 88.91 -25.77 80.11
CA TRP NA 178 88.36 -25.29 81.39
C TRP NA 178 89.35 -25.20 82.57
N ASN NA 179 90.65 -25.24 82.28
CA ASN NA 179 91.69 -25.12 83.30
C ASN NA 179 92.73 -24.07 82.90
N TYR NA 180 92.25 -22.96 82.35
CA TYR NA 180 93.08 -21.79 82.13
C TYR NA 180 93.40 -21.12 83.46
N ASP NA 181 94.49 -20.36 83.48
CA ASP NA 181 94.96 -19.68 84.70
C ASP NA 181 94.00 -18.58 85.15
N VAL NA 182 93.41 -17.90 84.19
CA VAL NA 182 92.48 -16.78 84.45
C VAL NA 182 91.21 -17.28 85.16
N PHE NA 183 90.64 -18.36 84.63
CA PHE NA 183 89.45 -19.01 85.21
C PHE NA 183 89.71 -19.44 86.66
N ASN NA 184 90.85 -20.09 86.88
CA ASN NA 184 91.30 -20.53 88.21
C ASN NA 184 91.41 -19.37 89.20
N ALA NA 185 92.01 -18.28 88.75
CA ALA NA 185 92.16 -17.05 89.54
C ALA NA 185 90.80 -16.48 89.96
N LEU NA 186 89.89 -16.43 88.99
CA LEU NA 186 88.50 -16.01 89.24
C LEU NA 186 87.78 -16.87 90.27
N GLY NA 187 87.92 -18.19 90.13
CA GLY NA 187 87.17 -19.16 90.91
C GLY NA 187 85.92 -19.55 90.15
N LEU NA 188 86.12 -20.00 88.91
CA LEU NA 188 85.02 -20.38 88.03
C LEU NA 188 84.48 -21.76 88.43
N GLU NA 189 83.38 -21.76 89.19
CA GLU NA 189 82.78 -22.98 89.72
C GLU NA 189 81.83 -23.60 88.70
N HIS NA 190 82.16 -24.80 88.23
CA HIS NA 190 81.32 -25.52 87.26
C HIS NA 190 80.28 -26.36 87.99
N LYS NA 191 79.19 -25.70 88.38
CA LYS NA 191 78.07 -26.35 89.06
C LYS NA 191 77.11 -26.95 88.03
N LEU NA 192 76.11 -27.68 88.51
CA LEU NA 192 75.04 -28.19 87.64
C LEU NA 192 73.68 -27.92 88.26
N ILE NA 193 72.66 -27.80 87.40
CA ILE NA 193 71.29 -27.51 87.83
C ILE NA 193 70.71 -28.75 88.51
N GLN NA 194 69.98 -28.55 89.60
CA GLN NA 194 69.42 -29.65 90.37
C GLN NA 194 68.26 -30.29 89.61
N ARG NA 195 68.37 -31.60 89.37
CA ARG NA 195 67.31 -32.34 88.67
C ARG NA 195 66.52 -33.18 89.68
N VAL NA 196 65.73 -32.46 90.47
CA VAL NA 196 64.78 -33.05 91.42
C VAL NA 196 63.38 -32.58 91.02
N GLY NA 197 63.03 -32.88 89.77
CA GLY NA 197 61.77 -32.45 89.17
C GLY NA 197 61.82 -32.51 87.66
N ASN NA 198 60.67 -32.25 87.03
CA ASN NA 198 60.61 -32.19 85.57
C ASN NA 198 61.44 -31.00 85.09
N ILE NA 199 62.57 -31.31 84.45
CA ILE NA 199 63.58 -30.31 84.10
C ILE NA 199 63.11 -29.51 82.89
N ALA NA 200 62.51 -30.19 81.93
CA ALA NA 200 61.97 -29.56 80.73
C ALA NA 200 60.71 -28.73 81.00
N ARG NA 201 59.78 -29.31 81.76
CA ARG NA 201 58.46 -28.71 81.95
C ARG NA 201 58.49 -27.56 82.96
N GLU NA 202 59.08 -27.80 84.13
CA GLU NA 202 59.28 -26.75 85.14
C GLU NA 202 60.69 -26.15 85.02
N GLU NA 203 61.09 -25.82 83.79
CA GLU NA 203 62.40 -25.26 83.49
C GLU NA 203 62.48 -23.82 84.00
N SER NA 204 61.48 -23.03 83.62
CA SER NA 204 61.38 -21.61 83.98
C SER NA 204 61.43 -21.38 85.50
N VAL NA 205 60.74 -22.25 86.23
CA VAL NA 205 60.72 -22.23 87.70
C VAL NA 205 62.12 -22.47 88.27
N ILE NA 206 62.78 -23.50 87.74
CA ILE NA 206 64.15 -23.84 88.12
C ILE NA 206 65.12 -22.67 87.89
N LEU NA 207 65.01 -22.05 86.72
CA LEU NA 207 65.81 -20.88 86.36
C LEU NA 207 65.60 -19.71 87.31
N LYS NA 208 64.34 -19.47 87.66
CA LYS NA 208 63.97 -18.46 88.67
C LYS NA 208 64.60 -18.75 90.03
N GLU NA 209 64.54 -20.01 90.44
CA GLU NA 209 65.12 -20.47 91.70
C GLU NA 209 66.63 -20.26 91.74
N LEU NA 210 67.29 -20.60 90.63
CA LEU NA 210 68.73 -20.34 90.45
C LEU NA 210 69.08 -18.86 90.57
N ALA NA 211 68.30 -18.04 89.88
CA ALA NA 211 68.44 -16.58 89.91
C ALA NA 211 68.33 -16.02 91.32
N LYS NA 212 67.31 -16.48 92.04
CA LYS NA 212 67.11 -16.14 93.46
C LYS NA 212 68.31 -16.52 94.32
N LEU NA 213 68.82 -17.72 94.11
CA LEU NA 213 69.95 -18.27 94.88
C LEU NA 213 71.18 -17.35 94.90
N GLU NA 214 71.57 -16.83 93.75
CA GLU NA 214 72.72 -15.91 93.67
C GLU NA 214 72.27 -14.44 93.59
N SER NA 215 71.77 -13.94 94.72
CA SER NA 215 71.37 -12.53 94.85
C SER NA 215 71.31 -12.12 96.32
N THR OA 2 -28.00 100.16 37.47
CA THR OA 2 -27.48 99.29 36.36
C THR OA 2 -28.57 98.37 35.81
N LEU OA 3 -28.25 97.70 34.71
CA LEU OA 3 -29.10 96.65 34.13
C LEU OA 3 -29.39 95.55 35.13
N ALA OA 4 -28.34 95.12 35.86
CA ALA OA 4 -28.44 94.06 36.86
C ALA OA 4 -29.52 94.35 37.91
N GLU OA 5 -29.54 95.59 38.39
CA GLU OA 5 -30.55 96.04 39.35
C GLU OA 5 -31.96 95.94 38.79
N LEU OA 6 -32.13 96.38 37.53
CA LEU OA 6 -33.41 96.29 36.82
C LEU OA 6 -33.87 94.84 36.67
N LEU OA 7 -32.94 93.97 36.31
CA LEU OA 7 -33.20 92.54 36.18
C LEU OA 7 -33.68 91.94 37.51
N GLY OA 8 -33.00 92.27 38.59
CA GLY OA 8 -33.37 91.83 39.94
C GLY OA 8 -34.77 92.28 40.34
N ARG OA 9 -35.10 93.53 40.01
CA ARG OA 9 -36.44 94.07 40.22
C ARG OA 9 -37.52 93.36 39.39
N SER OA 10 -37.18 93.07 38.13
CA SER OA 10 -38.17 92.72 37.09
C SER OA 10 -38.96 91.44 37.32
N ARG OA 11 -40.10 91.37 36.62
CA ARG OA 11 -41.17 90.38 36.89
C ARG OA 11 -40.83 88.90 36.79
N ILE OA 12 -39.77 88.55 36.06
CA ILE OA 12 -39.29 87.15 36.02
C ILE OA 12 -38.47 86.82 37.28
N ALA OA 13 -37.63 87.75 37.71
CA ALA OA 13 -36.93 87.63 39.00
C ALA OA 13 -37.88 87.56 40.20
N GLN OA 14 -39.04 88.19 40.06
CA GLN OA 14 -40.07 88.22 41.10
C GLN OA 14 -40.70 86.84 41.34
N VAL OA 15 -40.88 86.07 40.27
CA VAL OA 15 -41.35 84.69 40.37
C VAL OA 15 -40.23 83.84 40.98
N ALA OA 16 -40.45 83.41 42.23
CA ALA OA 16 -39.45 82.62 42.97
C ALA OA 16 -39.29 81.24 42.34
N ASN OA 17 -38.05 80.89 42.02
CA ASN OA 17 -37.76 79.66 41.27
C ASN OA 17 -38.02 78.39 42.08
N ASN OA 18 -38.48 77.36 41.38
CA ASN OA 18 -38.62 76.02 41.94
C ASN OA 18 -38.59 74.96 40.84
N HIS OA 19 -38.09 73.78 41.18
CA HIS OA 19 -38.06 72.63 40.28
C HIS OA 19 -38.90 71.48 40.84
N LYS OA 20 -40.04 71.83 41.43
CA LYS OA 20 -41.01 70.83 41.91
C LYS OA 20 -41.75 70.26 40.70
N PRO OA 21 -42.25 69.01 40.79
CA PRO OA 21 -42.98 68.46 39.64
C PRO OA 21 -44.27 69.22 39.32
N LEU OA 22 -44.52 69.45 38.04
CA LEU OA 22 -45.79 70.01 37.58
C LEU OA 22 -46.87 68.94 37.69
N THR OA 23 -46.50 67.70 37.32
CA THR OA 23 -47.30 66.52 37.62
C THR OA 23 -46.87 65.92 38.96
N TYR OA 24 -47.66 66.17 39.99
CA TYR OA 24 -47.47 65.53 41.30
C TYR OA 24 -48.73 64.78 41.68
N THR OA 25 -48.69 63.45 41.55
CA THR OA 25 -49.82 62.58 41.83
C THR OA 25 -50.03 62.30 43.33
N GLY OA 26 -49.10 62.72 44.18
CA GLY OA 26 -49.26 62.64 45.63
C GLY OA 26 -50.29 63.60 46.19
N LYS OA 27 -50.27 63.76 47.51
CA LYS OA 27 -51.26 64.59 48.21
C LYS OA 27 -50.95 66.08 48.07
N LYS OA 28 -51.90 66.83 47.51
CA LYS OA 28 -51.75 68.28 47.33
C LYS OA 28 -52.57 69.04 48.38
N PHE OA 29 -51.87 69.61 49.36
CA PHE OA 29 -52.47 70.37 50.46
C PHE OA 29 -52.50 71.88 50.23
N HIS OA 30 -51.61 72.36 49.36
CA HIS OA 30 -51.57 73.78 48.98
C HIS OA 30 -50.88 73.94 47.62
N PRO OA 31 -51.01 75.14 47.00
CA PRO OA 31 -50.33 75.42 45.74
C PRO OA 31 -48.83 75.15 45.74
N THR OA 32 -48.36 74.55 44.64
CA THR OA 32 -46.96 74.24 44.42
C THR OA 32 -46.27 75.40 43.69
N HIS OA 33 -46.90 75.87 42.61
CA HIS OA 33 -46.30 76.84 41.69
C HIS OA 33 -47.07 78.14 41.63
N GLN OA 34 -46.34 79.23 41.35
CA GLN OA 34 -46.92 80.52 41.06
C GLN OA 34 -47.76 80.43 39.80
N ILE OA 35 -49.05 80.76 39.92
CA ILE OA 35 -49.93 80.86 38.75
C ILE OA 35 -49.57 82.15 38.01
N ILE OA 36 -49.57 82.07 36.68
CA ILE OA 36 -49.21 83.21 35.84
C ILE OA 36 -50.28 83.39 34.77
N GLU OA 37 -50.95 84.54 34.81
CA GLU OA 37 -51.98 84.88 33.83
C GLU OA 37 -51.42 85.78 32.74
N THR OA 38 -52.12 85.81 31.61
CA THR OA 38 -51.95 86.85 30.60
C THR OA 38 -53.21 87.69 30.56
N LYS OA 39 -53.15 88.74 29.75
CA LYS OA 39 -54.35 89.43 29.28
C LYS OA 39 -54.80 88.70 28.02
N PRO OA 40 -56.05 88.95 27.56
CA PRO OA 40 -56.50 88.34 26.30
C PRO OA 40 -55.72 88.80 25.07
N SER OA 41 -55.40 90.09 25.03
CA SER OA 41 -54.62 90.67 23.93
C SER OA 41 -53.25 90.02 23.79
N THR OA 42 -52.54 89.93 24.91
CA THR OA 42 -51.21 89.31 24.95
C THR OA 42 -51.24 87.82 24.61
N LEU OA 43 -52.30 87.13 25.01
CA LEU OA 43 -52.52 85.72 24.63
C LEU OA 43 -52.68 85.60 23.12
N TYR OA 44 -53.47 86.50 22.54
CA TYR OA 44 -53.71 86.53 21.09
C TYR OA 44 -52.42 86.56 20.26
N ARG OA 45 -51.41 87.29 20.72
CA ARG OA 45 -50.06 87.24 20.11
C ARG OA 45 -49.07 86.48 21.01
N GLN OA 46 -49.56 85.36 21.55
CA GLN OA 46 -48.76 84.32 22.24
C GLN OA 46 -47.71 84.77 23.27
N GLU OA 47 -47.89 85.95 23.87
CA GLU OA 47 -46.88 86.52 24.78
C GLU OA 47 -47.35 86.43 26.22
N TRP OA 48 -46.53 85.78 27.05
CA TRP OA 48 -46.82 85.53 28.46
C TRP OA 48 -45.85 86.27 29.40
N GLY OA 49 -44.91 87.02 28.83
CA GLY OA 49 -43.84 87.65 29.61
C GLY OA 49 -42.78 86.65 30.05
N LEU OA 50 -42.53 85.66 29.19
CA LEU OA 50 -41.48 84.65 29.42
C LEU OA 50 -40.41 84.80 28.34
N LYS OA 51 -39.39 83.95 28.41
CA LYS OA 51 -38.30 83.93 27.42
C LYS OA 51 -38.80 83.81 25.98
N SER OA 52 -39.73 82.88 25.76
CA SER OA 52 -40.18 82.52 24.42
C SER OA 52 -41.67 82.77 24.24
N ALA OA 53 -42.15 82.59 23.01
CA ALA OA 53 -43.57 82.51 22.72
C ALA OA 53 -44.08 81.16 23.22
N ILE OA 54 -45.35 81.12 23.61
CA ILE OA 54 -45.98 79.89 24.09
C ILE OA 54 -46.96 79.40 23.02
N PRO OA 55 -47.08 78.06 22.84
CA PRO OA 55 -47.81 77.53 21.69
C PRO OA 55 -49.24 78.06 21.53
N SER OA 56 -49.65 78.26 20.28
CA SER OA 56 -50.99 78.75 19.97
C SER OA 56 -52.11 77.77 20.33
N LYS OA 57 -51.75 76.50 20.54
CA LYS OA 57 -52.67 75.49 21.09
C LYS OA 57 -53.25 75.88 22.45
N ILE OA 58 -52.45 76.55 23.30
CA ILE OA 58 -52.94 77.04 24.59
C ILE OA 58 -53.88 78.21 24.36
N LYS OA 59 -55.13 78.03 24.79
CA LYS OA 59 -56.14 79.09 24.76
C LYS OA 59 -56.54 79.59 26.15
N SER OA 60 -56.12 78.88 27.21
CA SER OA 60 -56.31 79.34 28.58
C SER OA 60 -55.37 80.51 28.89
N ARG OA 61 -55.85 81.46 29.67
CA ARG OA 61 -55.08 82.66 30.02
C ARG OA 61 -54.05 82.41 31.14
N TYR OA 62 -54.28 81.38 31.96
CA TYR OA 62 -53.41 81.07 33.10
C TYR OA 62 -52.49 79.88 32.81
N LEU OA 63 -51.35 79.85 33.49
CA LEU OA 63 -50.47 78.68 33.46
C LEU OA 63 -49.54 78.59 34.67
N VAL OA 64 -48.74 77.52 34.69
CA VAL OA 64 -47.72 77.28 35.70
C VAL OA 64 -46.45 76.85 34.95
N TYR OA 65 -45.28 77.26 35.43
CA TYR OA 65 -44.01 76.84 34.80
C TYR OA 65 -42.86 76.58 35.78
N ASN OA 66 -41.84 75.88 35.29
CA ASN OA 66 -40.61 75.60 36.03
C ASN OA 66 -39.38 76.26 35.42
N ASP OA 67 -39.16 76.04 34.12
CA ASP OA 67 -37.98 76.53 33.42
C ASP OA 67 -38.40 77.45 32.28
N LEU OA 68 -37.73 78.61 32.19
CA LEU OA 68 -37.94 79.55 31.08
C LEU OA 68 -37.55 78.93 29.74
N ASP OA 69 -36.44 78.19 29.74
CA ASP OA 69 -36.00 77.42 28.58
C ASP OA 69 -35.20 76.22 29.05
N THR OA 70 -35.40 75.08 28.40
CA THR OA 70 -34.69 73.84 28.74
C THR OA 70 -33.77 73.40 27.60
N LEU OA 71 -33.02 72.34 27.87
CA LEU OA 71 -32.18 71.67 26.86
C LEU OA 71 -33.02 71.11 25.70
N GLU OA 72 -34.28 70.74 25.99
CA GLU OA 72 -35.20 70.23 24.96
C GLU OA 72 -35.77 71.34 24.05
N ARG OA 73 -35.34 72.60 24.25
CA ARG OA 73 -35.82 73.77 23.51
C ARG OA 73 -37.33 74.00 23.66
N ILE OA 74 -37.83 73.74 24.86
CA ILE OA 74 -39.22 74.02 25.22
C ILE OA 74 -39.30 74.49 26.68
N THR OA 75 -40.11 75.51 26.95
CA THR OA 75 -40.38 75.90 28.34
C THR OA 75 -41.19 74.79 29.01
N THR OA 76 -40.81 74.44 30.24
CA THR OA 76 -41.54 73.43 31.02
C THR OA 76 -42.70 74.11 31.71
N PHE OA 77 -43.90 73.95 31.15
CA PHE OA 77 -45.10 74.54 31.73
C PHE OA 77 -46.29 73.60 31.70
N GLU OA 78 -47.35 74.01 32.42
CA GLU OA 78 -48.64 73.34 32.40
C GLU OA 78 -49.72 74.43 32.39
N PRO OA 79 -50.60 74.43 31.36
CA PRO OA 79 -51.63 75.47 31.29
C PRO OA 79 -52.81 75.18 32.23
N ARG OA 80 -52.61 75.51 33.51
CA ARG OA 80 -53.68 75.42 34.51
C ARG OA 80 -53.39 76.29 35.74
N GLY OA 81 -54.45 76.92 36.24
CA GLY OA 81 -54.40 77.76 37.44
C GLY OA 81 -55.60 77.48 38.32
N GLY OA 82 -55.78 76.20 38.66
CA GLY OA 82 -56.90 75.74 39.47
C GLY OA 82 -56.89 76.22 40.90
N THR OA 83 -55.68 76.44 41.43
CA THR OA 83 -55.48 76.82 42.83
C THR OA 83 -56.10 78.17 43.22
N GLN OA 84 -56.16 79.12 42.28
CA GLN OA 84 -56.82 80.40 42.51
C GLN OA 84 -58.32 80.21 42.74
N TRP OA 85 -58.92 79.28 41.99
CA TRP OA 85 -60.35 79.01 42.04
C TRP OA 85 -60.75 78.33 43.33
N ASN OA 86 -59.89 77.45 43.83
CA ASN OA 86 -60.06 76.84 45.14
C ASN OA 86 -60.10 77.89 46.23
N ARG OA 87 -59.14 78.83 46.17
CA ARG OA 87 -59.08 79.95 47.11
C ARG OA 87 -60.33 80.82 47.07
N LEU OA 88 -60.76 81.14 45.85
CA LEU OA 88 -61.98 81.94 45.63
C LEU OA 88 -63.25 81.25 46.13
N ARG OA 89 -63.32 79.94 45.91
CA ARG OA 89 -64.40 79.12 46.46
C ARG OA 89 -64.42 79.18 47.99
N PHE OA 90 -63.24 79.03 48.58
CA PHE OA 90 -63.09 79.10 50.03
C PHE OA 90 -63.56 80.43 50.60
N GLN OA 91 -63.18 81.51 49.92
CA GLN OA 91 -63.60 82.86 50.26
C GLN OA 91 -65.12 83.01 50.20
N GLU OA 92 -65.71 82.50 49.12
CA GLU OA 92 -67.17 82.49 48.95
C GLU OA 92 -67.90 81.77 50.07
N MET OA 93 -67.38 80.59 50.42
CA MET OA 93 -67.93 79.80 51.54
C MET OA 93 -67.92 80.60 52.84
N GLY OA 94 -66.86 81.39 53.04
CA GLY OA 94 -66.82 82.37 54.11
C GLY OA 94 -66.68 81.80 55.51
N VAL OA 95 -66.13 80.59 55.61
CA VAL OA 95 -65.87 79.94 56.88
C VAL OA 95 -64.45 80.35 57.28
N PRO OA 96 -64.32 81.17 58.35
CA PRO OA 96 -63.01 81.71 58.70
C PRO OA 96 -62.12 80.65 59.37
N ILE OA 97 -60.89 80.54 58.89
CA ILE OA 97 -59.93 79.59 59.47
C ILE OA 97 -59.40 80.14 60.79
N VAL OA 98 -59.54 79.36 61.85
CA VAL OA 98 -59.00 79.67 63.17
C VAL OA 98 -58.22 78.44 63.64
N SER OA 99 -57.12 78.69 64.36
CA SER OA 99 -56.33 77.63 64.96
C SER OA 99 -57.10 77.03 66.13
N ASN OA 100 -57.46 75.75 66.01
CA ASN OA 100 -58.15 75.02 67.10
C ASN OA 100 -57.34 74.94 68.39
N ILE OA 101 -56.01 74.97 68.27
CA ILE OA 101 -55.12 75.06 69.44
C ILE OA 101 -55.14 76.50 69.95
N GLY OA 102 -55.11 76.66 71.27
CA GLY OA 102 -55.16 77.98 71.91
C GLY OA 102 -53.90 78.79 71.67
N ARG OA 103 -53.88 79.52 70.56
CA ARG OA 103 -52.73 80.30 70.14
C ARG OA 103 -53.15 81.65 69.54
N GLN OA 104 -52.26 82.63 69.60
CA GLN OA 104 -52.50 83.96 69.03
C GLN OA 104 -52.49 83.89 67.50
N ASN OA 105 -53.24 84.80 66.87
CA ASN OA 105 -53.29 84.88 65.42
C ASN OA 105 -51.95 85.39 64.87
N PRO OA 106 -51.23 84.56 64.07
CA PRO OA 106 -49.87 84.90 63.60
C PRO OA 106 -49.70 86.23 62.86
N PHE OA 107 -50.75 86.71 62.19
CA PHE OA 107 -50.69 87.96 61.45
C PHE OA 107 -50.56 89.20 62.34
N PHE OA 108 -50.96 89.09 63.61
CA PHE OA 108 -50.79 90.17 64.60
C PHE OA 108 -49.54 89.95 65.45
N LYS OA 109 -49.19 90.97 66.24
CA LYS OA 109 -48.10 90.88 67.21
C LYS OA 109 -48.37 91.76 68.43
N LYS OA 195 -32.67 81.46 62.21
CA LYS OA 195 -33.12 82.85 62.07
C LYS OA 195 -34.50 82.91 61.40
N PHE OA 196 -34.58 82.35 60.19
CA PHE OA 196 -35.82 82.31 59.42
C PHE OA 196 -36.56 81.00 59.65
N ASN OA 197 -37.89 81.07 59.70
CA ASN OA 197 -38.76 79.90 59.83
C ASN OA 197 -39.48 79.63 58.51
N THR OA 198 -39.14 78.52 57.86
CA THR OA 198 -39.74 78.14 56.57
C THR OA 198 -41.16 77.57 56.68
N GLU OA 199 -41.59 77.20 57.89
CA GLU OA 199 -42.96 76.69 58.11
C GLU OA 199 -44.03 77.74 57.79
N ILE OA 200 -45.24 77.26 57.54
CA ILE OA 200 -46.35 78.09 57.06
C ILE OA 200 -46.87 78.99 58.18
N ILE OA 201 -46.81 80.31 57.95
CA ILE OA 201 -47.20 81.30 58.96
C ILE OA 201 -48.73 81.40 59.03
N GLY OA 202 -49.31 80.67 59.98
CA GLY OA 202 -50.77 80.61 60.14
C GLY OA 202 -51.38 79.82 59.00
N THR OA 203 -52.28 80.46 58.26
CA THR OA 203 -52.71 79.96 56.95
C THR OA 203 -51.67 80.40 55.93
N GLY OA 204 -51.64 79.72 54.78
CA GLY OA 204 -50.73 80.10 53.71
C GLY OA 204 -51.11 81.36 52.94
N GLY OA 205 -52.19 82.02 53.36
CA GLY OA 205 -52.73 83.19 52.66
C GLY OA 205 -53.93 82.89 51.78
N LEU OA 206 -54.59 81.74 52.01
CA LEU OA 206 -55.88 81.45 51.35
C LEU OA 206 -57.00 82.26 52.00
N SER OA 207 -56.84 82.58 53.28
CA SER OA 207 -57.80 83.38 54.02
C SER OA 207 -57.10 84.36 54.95
N TYR OA 208 -57.31 85.66 54.70
CA TYR OA 208 -56.98 86.72 55.66
C TYR OA 208 -58.26 87.24 56.32
N SER OA 209 -59.32 86.43 56.32
CA SER OA 209 -60.58 86.78 56.98
C SER OA 209 -60.46 86.58 58.49
N LEU OA 210 -61.19 87.41 59.24
CA LEU OA 210 -61.21 87.33 60.70
C LEU OA 210 -62.52 86.69 61.16
N PRO OA 211 -62.50 85.98 62.31
CA PRO OA 211 -63.59 85.07 62.64
C PRO OA 211 -64.86 85.70 63.22
N GLY OA 212 -64.78 86.94 63.70
CA GLY OA 212 -65.84 87.55 64.47
C GLY OA 212 -67.06 88.10 63.75
N LYS OA 213 -67.08 88.08 62.42
CA LYS OA 213 -68.13 88.75 61.66
C LYS OA 213 -69.35 87.86 61.39
N LEU OA 214 -70.50 88.51 61.26
CA LEU OA 214 -71.72 87.89 60.73
C LEU OA 214 -71.98 88.46 59.33
N LYS OA 215 -72.83 87.78 58.57
CA LYS OA 215 -73.13 88.15 57.18
C LYS OA 215 -74.63 88.25 56.95
N ASN OA 216 -75.15 89.48 56.95
CA ASN OA 216 -76.57 89.73 56.73
C ASN OA 216 -76.96 89.66 55.26
N SER OA 217 -78.25 89.45 55.03
CA SER OA 217 -78.83 89.31 53.69
C SER OA 217 -80.28 89.82 53.75
N PRO OA 218 -80.97 89.89 52.59
CA PRO OA 218 -82.40 90.24 52.59
C PRO OA 218 -83.25 89.35 53.49
N ASN OA 219 -83.00 88.04 53.41
CA ASN OA 219 -83.69 87.03 54.20
C ASN OA 219 -83.35 87.12 55.70
N GLY OA 220 -82.11 87.50 56.02
CA GLY OA 220 -81.70 87.78 57.39
C GLY OA 220 -80.21 87.57 57.62
N VAL OA 221 -79.84 87.32 58.88
CA VAL OA 221 -78.46 87.06 59.27
C VAL OA 221 -78.23 85.56 59.12
N ILE OA 222 -77.25 85.19 58.29
CA ILE OA 222 -76.99 83.78 57.97
C ILE OA 222 -76.25 83.15 59.14
N GLN OA 223 -76.91 82.21 59.81
CA GLN OA 223 -76.30 81.43 60.89
C GLN OA 223 -75.53 80.25 60.32
N ARG OA 224 -76.20 79.47 59.48
CA ARG OA 224 -75.62 78.26 58.89
C ARG OA 224 -75.25 78.48 57.42
N THR OA 225 -73.99 78.22 57.10
CA THR OA 225 -73.45 78.41 55.75
C THR OA 225 -73.82 77.22 54.86
N VAL OA 226 -74.64 77.48 53.84
CA VAL OA 226 -75.16 76.42 52.97
C VAL OA 226 -74.28 76.35 51.73
N VAL OA 227 -73.70 75.17 51.48
CA VAL OA 227 -72.78 74.95 50.37
C VAL OA 227 -73.07 73.60 49.69
N PRO OA 228 -73.16 73.56 48.34
CA PRO OA 228 -73.35 72.28 47.68
C PRO OA 228 -72.02 71.54 47.49
N GLY OA 229 -72.04 70.23 47.74
CA GLY OA 229 -70.86 69.38 47.59
C GLY OA 229 -71.22 67.98 47.11
N ARG OA 230 -70.20 67.15 46.92
CA ARG OA 230 -70.37 65.78 46.46
C ARG OA 230 -69.76 64.80 47.46
N ILE OA 231 -70.49 63.72 47.74
CA ILE OA 231 -70.00 62.65 48.60
C ILE OA 231 -69.27 61.63 47.73
N LEU OA 232 -68.12 61.17 48.21
CA LEU OA 232 -67.23 60.27 47.46
C LEU OA 232 -67.50 58.79 47.76
N ASN OA 233 -67.77 58.48 49.02
CA ASN OA 233 -67.91 57.10 49.48
C ASN OA 233 -68.90 56.97 50.64
N LEU OA 244 -66.07 61.34 53.85
CA LEU OA 244 -65.40 62.37 53.07
C LEU OA 244 -66.33 62.96 51.99
N ALA OA 245 -66.23 64.27 51.78
CA ALA OA 245 -67.02 64.96 50.75
C ALA OA 245 -66.26 66.11 50.10
N ALA OA 246 -66.32 66.17 48.77
CA ALA OA 246 -65.73 67.25 48.00
C ALA OA 246 -66.66 68.47 48.05
N ILE OA 247 -66.21 69.54 48.69
CA ILE OA 247 -67.03 70.75 48.92
C ILE OA 247 -66.27 72.00 48.47
N GLY OA 248 -66.48 72.38 47.20
CA GLY OA 248 -65.96 73.62 46.65
C GLY OA 248 -64.45 73.71 46.61
N GLY OA 249 -63.84 72.76 45.91
CA GLY OA 249 -62.38 72.68 45.81
C GLY OA 249 -61.61 72.23 47.05
N PHE OA 250 -62.32 71.66 48.03
CA PHE OA 250 -61.69 71.06 49.22
C PHE OA 250 -62.41 69.78 49.61
N VAL OA 251 -61.65 68.77 50.02
CA VAL OA 251 -62.21 67.56 50.60
C VAL OA 251 -62.42 67.82 52.09
N ALA OA 252 -63.54 67.35 52.63
CA ALA OA 252 -63.95 67.65 54.00
C ALA OA 252 -64.57 66.45 54.69
N ASP OA 253 -64.30 66.33 56.00
CA ASP OA 253 -64.92 65.30 56.84
C ASP OA 253 -66.39 65.65 57.05
N VAL OA 254 -67.25 64.63 57.11
CA VAL OA 254 -68.69 64.81 57.16
C VAL OA 254 -69.34 64.04 58.32
N VAL OA 255 -70.43 64.60 58.84
CA VAL OA 255 -71.21 64.00 59.92
C VAL OA 255 -72.70 64.22 59.67
N PHE OA 256 -73.53 63.34 60.23
CA PHE OA 256 -74.98 63.42 60.07
C PHE OA 256 -75.73 62.74 61.22
N PHE OA 257 -77.04 63.00 61.28
CA PHE OA 257 -77.90 62.50 62.35
C PHE OA 257 -78.20 61.03 62.14
N GLN OA 258 -78.67 60.71 60.93
CA GLN OA 258 -78.87 59.32 60.49
C GLN OA 258 -78.34 59.18 59.05
N SER OA 259 -77.67 58.06 58.78
CA SER OA 259 -77.14 57.77 57.45
C SER OA 259 -78.29 57.45 56.49
N PRO OA 260 -78.53 58.32 55.48
CA PRO OA 260 -79.70 58.09 54.61
C PRO OA 260 -79.47 56.93 53.61
N PRO OA 261 -80.31 55.88 53.68
CA PRO OA 261 -80.13 54.72 52.80
C PRO OA 261 -80.62 54.93 51.36
N SER OA 262 -81.73 55.67 51.19
CA SER OA 262 -82.36 55.85 49.88
C SER OA 262 -81.43 56.47 48.83
N SER OA 263 -80.72 57.52 49.23
CA SER OA 263 -79.75 58.20 48.35
C SER OA 263 -78.45 57.41 48.19
N PHE OA 264 -77.94 56.84 49.28
CA PHE OA 264 -76.65 56.15 49.29
C PHE OA 264 -76.71 54.77 48.62
N ASN OA 265 -77.57 53.90 49.13
CA ASN OA 265 -77.62 52.50 48.70
C ASN OA 265 -78.21 52.27 47.29
N SER OA 266 -78.96 53.24 46.77
CA SER OA 266 -79.47 53.19 45.40
C SER OA 266 -78.33 53.24 44.37
N MET OA 267 -77.33 54.08 44.65
CA MET OA 267 -76.11 54.19 43.84
C MET OA 267 -74.90 54.24 44.77
N GLY OA 268 -74.37 53.06 45.10
CA GLY OA 268 -73.36 52.90 46.14
C GLY OA 268 -72.03 53.57 45.87
N ASP OA 269 -71.51 53.40 44.66
CA ASP OA 269 -70.26 54.05 44.22
C ASP OA 269 -70.47 54.94 42.99
N PHE OA 270 -71.65 55.54 42.90
CA PHE OA 270 -71.92 56.65 41.98
C PHE OA 270 -72.60 57.77 42.77
N ILE OA 271 -72.08 58.01 43.98
CA ILE OA 271 -72.62 59.05 44.88
C ILE OA 271 -72.08 60.41 44.43
N ARG OA 272 -70.94 60.40 43.74
CA ARG OA 272 -70.31 61.59 43.18
C ARG OA 272 -71.19 62.36 42.19
N MET OA 273 -72.09 61.65 41.49
CA MET OA 273 -73.01 62.27 40.53
C MET OA 273 -73.94 63.27 41.20
N LYS OA 274 -74.62 62.82 42.24
CA LYS OA 274 -75.62 63.62 42.93
C LYS OA 274 -74.96 64.61 43.88
N THR OA 275 -75.23 65.90 43.66
CA THR OA 275 -74.75 66.96 44.54
C THR OA 275 -75.70 67.10 45.73
N PHE OA 276 -75.13 67.08 46.94
CA PHE OA 276 -75.90 67.28 48.18
C PHE OA 276 -75.49 68.60 48.83
N LEU OA 277 -76.41 69.18 49.60
CA LEU OA 277 -76.13 70.40 50.36
C LEU OA 277 -75.36 70.06 51.62
N PHE OA 278 -74.61 71.04 52.12
CA PHE OA 278 -73.79 70.87 53.33
C PHE OA 278 -73.82 72.12 54.21
N GLU OA 279 -73.68 71.88 55.52
CA GLU OA 279 -73.55 72.93 56.52
C GLU OA 279 -72.14 72.83 57.09
N ILE OA 280 -71.28 73.78 56.73
CA ILE OA 280 -69.88 73.75 57.13
C ILE OA 280 -69.77 74.32 58.54
N LEU OA 281 -69.22 73.54 59.46
CA LEU OA 281 -69.19 73.90 60.88
C LEU OA 281 -68.00 74.81 61.16
N GLU OA 282 -66.80 74.32 60.89
CA GLU OA 282 -65.57 75.12 61.05
C GLU OA 282 -64.41 74.56 60.23
N ALA OA 283 -63.40 75.40 60.02
CA ALA OA 283 -62.20 75.04 59.26
C ALA OA 283 -60.97 75.23 60.14
N SER OA 284 -60.29 74.12 60.43
CA SER OA 284 -59.00 74.14 61.13
C SER OA 284 -57.88 73.90 60.14
N MET OA 285 -56.66 74.32 60.50
CA MET OA 285 -55.49 74.18 59.64
C MET OA 285 -54.32 73.57 60.41
N GLU OA 286 -53.84 72.42 59.93
CA GLU OA 286 -52.79 71.65 60.60
C GLU OA 286 -51.40 72.15 60.21
N LYS OA 287 -50.37 71.56 60.81
CA LYS OA 287 -48.97 71.95 60.56
C LYS OA 287 -48.50 71.75 59.12
N ASN OA 288 -48.95 70.66 58.49
CA ASN OA 288 -48.60 70.37 57.08
C ASN OA 288 -49.21 71.32 56.03
N GLY OA 289 -50.12 72.21 56.45
CA GLY OA 289 -50.75 73.18 55.55
C GLY OA 289 -52.02 72.68 54.91
N SER OA 290 -52.57 71.58 55.43
CA SER OA 290 -53.85 71.05 54.96
C SER OA 290 -55.01 71.74 55.67
N VAL OA 291 -56.02 72.13 54.92
CA VAL OA 291 -57.24 72.72 55.47
C VAL OA 291 -58.20 71.58 55.82
N SER OA 292 -58.36 71.33 57.11
CA SER OA 292 -59.26 70.30 57.62
C SER OA 292 -60.65 70.86 57.91
N MET OA 293 -61.49 70.89 56.88
CA MET OA 293 -62.88 71.32 57.02
C MET OA 293 -63.73 70.24 57.68
N HIS OA 294 -64.88 70.66 58.21
CA HIS OA 294 -65.87 69.75 58.78
C HIS OA 294 -67.27 70.20 58.37
N ALA OA 295 -67.98 69.34 57.64
CA ALA OA 295 -69.31 69.64 57.11
C ALA OA 295 -70.39 68.75 57.73
N ARG OA 296 -71.64 69.09 57.44
CA ARG OA 296 -72.81 68.34 57.91
C ARG OA 296 -73.82 68.22 56.77
N LEU OA 297 -74.24 66.99 56.47
CA LEU OA 297 -75.12 66.71 55.32
C LEU OA 297 -76.56 67.14 55.64
N LEU OA 298 -77.15 67.96 54.76
CA LEU OA 298 -78.52 68.44 54.91
C LEU OA 298 -79.47 67.72 53.94
N GLU OA 299 -80.67 67.41 54.42
CA GLU OA 299 -81.72 66.78 53.61
C GLU OA 299 -83.10 67.26 54.05
N PRO PA 1 -72.73 106.39 4.70
CA PRO PA 1 -72.38 105.23 5.51
C PRO PA 1 -73.59 104.36 5.85
N TYR PA 2 -73.41 103.04 5.75
CA TYR PA 2 -74.48 102.05 5.94
C TYR PA 2 -75.69 102.31 5.01
N PRO PA 3 -75.47 102.21 3.68
CA PRO PA 3 -76.54 102.52 2.72
C PRO PA 3 -77.68 101.50 2.68
N ASN PA 4 -77.39 100.24 3.01
CA ASN PA 4 -78.37 99.16 2.97
C ASN PA 4 -79.11 98.92 4.30
N LEU PA 5 -78.96 99.83 5.27
CA LEU PA 5 -79.61 99.69 6.57
C LEU PA 5 -81.10 99.95 6.41
N ILE PA 6 -81.91 98.92 6.68
CA ILE PA 6 -83.37 99.02 6.65
C ILE PA 6 -83.80 99.39 8.09
N PRO PA 7 -84.17 100.66 8.32
CA PRO PA 7 -84.50 101.07 9.68
C PRO PA 7 -85.89 100.61 10.10
N SER PA 8 -86.03 100.19 11.36
CA SER PA 8 -87.31 99.71 11.88
C SER PA 8 -88.32 100.84 12.04
N ALA PA 9 -89.59 100.47 12.13
CA ALA PA 9 -90.68 101.44 12.30
C ALA PA 9 -90.62 102.10 13.68
N ASN PA 10 -91.16 103.32 13.75
CA ASN PA 10 -91.11 104.13 14.98
C ASN PA 10 -91.90 103.50 16.14
N ASP PA 11 -93.04 102.89 15.83
CA ASP PA 11 -93.83 102.14 16.82
C ASP PA 11 -93.11 100.86 17.28
N LYS PA 12 -92.40 100.22 16.36
CA LYS PA 12 -91.64 99.00 16.66
C LYS PA 12 -90.35 99.31 17.44
N PRO PA 13 -89.74 98.28 18.08
CA PRO PA 13 -88.42 98.46 18.68
C PRO PA 13 -87.28 98.56 17.66
N TYR PA 14 -86.05 98.70 18.14
CA TYR PA 14 -84.87 98.70 17.28
C TYR PA 14 -84.69 97.34 16.60
N SER PA 15 -84.21 97.35 15.36
CA SER PA 15 -83.77 96.12 14.69
C SER PA 15 -82.42 95.69 15.27
N SER PA 16 -81.92 94.55 14.82
CA SER PA 16 -80.61 94.05 15.29
C SER PA 16 -79.46 94.92 14.80
N GLN PA 17 -79.54 95.29 13.52
CA GLN PA 17 -78.53 96.13 12.87
C GLN PA 17 -78.50 97.54 13.44
N GLU PA 18 -79.71 98.09 13.63
CA GLU PA 18 -79.90 99.41 14.23
C GLU PA 18 -79.35 99.48 15.65
N LEU PA 19 -79.60 98.42 16.40
CA LEU PA 19 -79.09 98.26 17.76
C LEU PA 19 -77.57 98.21 17.80
N PHE PA 20 -77.00 97.43 16.89
CA PHE PA 20 -75.53 97.35 16.72
C PHE PA 20 -74.91 98.71 16.44
N LEU PA 21 -75.52 99.46 15.52
CA LEU PA 21 -75.09 100.82 15.19
C LEU PA 21 -75.12 101.76 16.40
N ARG PA 22 -76.20 101.66 17.16
CA ARG PA 22 -76.37 102.42 18.41
C ARG PA 22 -75.27 102.10 19.43
N GLN PA 23 -74.93 100.82 19.54
CA GLN PA 23 -73.85 100.34 20.41
C GLN PA 23 -72.50 100.92 19.96
N LEU PA 24 -72.23 100.83 18.66
CA LEU PA 24 -71.02 101.42 18.06
C LEU PA 24 -70.89 102.90 18.36
N ASN PA 25 -71.99 103.62 18.18
CA ASN PA 25 -72.07 105.06 18.46
C ASN PA 25 -71.77 105.38 19.92
N HIS PA 26 -72.35 104.58 20.81
CA HIS PA 26 -72.07 104.67 22.25
C HIS PA 26 -70.60 104.45 22.56
N SER PA 27 -70.04 103.42 21.95
CA SER PA 27 -68.62 103.07 22.12
C SER PA 27 -67.69 104.19 21.67
N MET PA 28 -68.00 104.81 20.53
CA MET PA 28 -67.20 105.91 20.01
C MET PA 28 -67.24 107.15 20.90
N ARG PA 29 -68.39 107.42 21.50
CA ARG PA 29 -68.64 108.69 22.18
C ARG PA 29 -68.39 108.60 23.69
N THR PA 30 -69.03 107.64 24.35
CA THR PA 30 -69.16 107.64 25.82
C THR PA 30 -68.77 106.36 26.57
N ALA PA 31 -68.20 105.35 25.91
CA ALA PA 31 -67.77 104.13 26.60
C ALA PA 31 -66.43 104.35 27.28
N LYS PA 32 -65.41 104.67 26.48
CA LYS PA 32 -64.12 105.14 27.00
C LYS PA 32 -64.32 106.55 27.57
N LEU PA 33 -64.78 106.60 28.82
CA LEU PA 33 -65.25 107.82 29.45
C LEU PA 33 -64.64 108.00 30.82
N GLY PA 34 -65.05 107.16 31.77
CA GLY PA 34 -64.77 107.35 33.20
C GLY PA 34 -63.35 107.73 33.58
N ALA PA 35 -62.37 107.10 32.94
CA ALA PA 35 -60.96 107.35 33.21
C ALA PA 35 -60.13 107.22 31.94
N THR PA 36 -58.85 107.56 32.05
CA THR PA 36 -57.86 107.32 31.02
C THR PA 36 -56.76 106.47 31.64
N ILE PA 37 -56.21 105.53 30.86
CA ILE PA 37 -55.26 104.53 31.38
C ILE PA 37 -53.85 104.77 30.84
N SER PA 38 -53.07 105.57 31.58
CA SER PA 38 -51.68 105.85 31.25
C SER PA 38 -50.77 104.72 31.76
N LYS PA 39 -49.60 104.59 31.13
CA LYS PA 39 -48.58 103.62 31.51
C LYS PA 39 -49.08 102.17 31.51
N VAL PA 40 -49.43 101.68 30.33
CA VAL PA 40 -49.81 100.28 30.15
C VAL PA 40 -49.53 99.80 28.73
N TYR PA 41 -49.13 98.54 28.61
CA TYR PA 41 -48.67 97.95 27.36
C TYR PA 41 -49.84 97.36 26.58
N TYR PA 42 -50.09 97.92 25.40
CA TYR PA 42 -50.96 97.32 24.40
C TYR PA 42 -50.05 96.72 23.35
N PRO PA 43 -50.19 95.41 23.08
CA PRO PA 43 -49.38 94.76 22.04
C PRO PA 43 -49.38 95.44 20.68
N HIS PA 44 -50.57 95.82 20.19
CA HIS PA 44 -50.69 96.45 18.87
C HIS PA 44 -49.89 97.76 18.73
N LYS PA 45 -49.76 98.49 19.83
CA LYS PA 45 -49.13 99.82 19.83
C LYS PA 45 -47.64 99.80 19.45
N ASP PA 46 -46.95 98.68 19.65
CA ASP PA 46 -45.55 98.54 19.24
C ASP PA 46 -45.37 98.42 17.71
N ILE PA 47 -46.37 97.85 17.04
CA ILE PA 47 -46.36 97.73 15.57
C ILE PA 47 -46.70 99.06 14.90
N PHE PA 48 -47.76 99.72 15.38
CA PHE PA 48 -48.29 100.93 14.74
C PHE PA 48 -47.71 102.24 15.28
N TYR PA 49 -47.09 102.21 16.46
CA TYR PA 49 -46.40 103.37 17.02
C TYR PA 49 -45.07 102.97 17.68
N PRO PA 50 -44.12 102.44 16.87
CA PRO PA 50 -42.80 102.13 17.41
C PRO PA 50 -41.97 103.40 17.68
N PRO PA 51 -41.05 103.35 18.65
CA PRO PA 51 -40.24 104.51 18.97
C PRO PA 51 -39.07 104.66 18.00
N LEU PA 52 -38.56 105.88 17.86
CA LEU PA 52 -37.36 106.13 17.07
C LEU PA 52 -36.13 105.50 17.73
N PRO PA 53 -35.10 105.13 16.94
CA PRO PA 53 -33.86 104.55 17.49
C PRO PA 53 -33.23 105.35 18.63
N GLU PA 54 -33.30 106.68 18.53
CA GLU PA 54 -32.79 107.60 19.56
C GLU PA 54 -33.46 107.34 20.90
N ASN PA 55 -34.79 107.39 20.91
CA ASN PA 55 -35.58 107.41 22.14
C ASN PA 55 -35.67 106.06 22.87
N ILE PA 56 -35.16 105.00 22.27
CA ILE PA 56 -35.10 103.68 22.91
C ILE PA 56 -34.09 103.73 24.04
N THR PA 57 -34.44 103.08 25.16
CA THR PA 57 -33.58 102.97 26.32
C THR PA 57 -33.30 101.49 26.61
N VAL PA 58 -32.45 101.24 27.60
CA VAL PA 58 -32.23 99.89 28.13
C VAL PA 58 -33.48 99.36 28.83
N GLU PA 59 -34.19 100.25 29.54
CA GLU PA 59 -35.39 99.90 30.29
C GLU PA 59 -36.49 99.38 29.38
N SER PA 60 -36.71 100.07 28.26
CA SER PA 60 -37.68 99.68 27.25
C SER PA 60 -37.37 98.32 26.63
N LEU PA 61 -36.08 98.10 26.32
CA LEU PA 61 -35.60 96.81 25.82
C LEU PA 61 -35.84 95.68 26.82
N MET PA 62 -35.59 95.96 28.09
CA MET PA 62 -35.84 94.99 29.16
C MET PA 62 -37.32 94.66 29.31
N SER PA 63 -38.17 95.67 29.20
CA SER PA 63 -39.62 95.50 29.25
C SER PA 63 -40.14 94.66 28.08
N ALA PA 64 -39.58 94.91 26.91
CA ALA PA 64 -39.86 94.13 25.70
C ALA PA 64 -39.49 92.65 25.86
N GLY PA 65 -38.46 92.39 26.66
CA GLY PA 65 -37.97 91.04 26.92
C GLY PA 65 -36.80 90.68 26.04
N VAL PA 66 -36.10 91.69 25.53
CA VAL PA 66 -34.99 91.51 24.59
C VAL PA 66 -33.79 90.87 25.29
N HIS PA 67 -33.63 91.18 26.58
CA HIS PA 67 -32.54 90.65 27.42
C HIS PA 67 -32.51 89.12 27.60
N LEU PA 68 -33.64 88.44 27.44
CA LEU PA 68 -33.74 87.00 27.72
C LEU PA 68 -33.15 86.14 26.59
N GLY PA 69 -31.90 85.70 26.77
CA GLY PA 69 -31.23 84.82 25.81
C GLY PA 69 -31.70 83.39 25.92
N GLN PA 70 -31.28 82.54 24.97
CA GLN PA 70 -31.78 81.16 24.83
C GLN PA 70 -31.76 80.31 26.11
N SER PA 71 -30.60 79.79 26.48
CA SER PA 71 -30.47 78.89 27.64
C SER PA 71 -29.00 78.66 27.94
N THR PA 72 -28.72 78.16 29.14
CA THR PA 72 -27.36 77.89 29.56
C THR PA 72 -26.79 76.66 28.84
N SER PA 73 -27.63 75.66 28.59
CA SER PA 73 -27.23 74.44 27.90
C SER PA 73 -27.27 74.51 26.36
N LEU PA 74 -27.89 75.55 25.81
CA LEU PA 74 -27.99 75.74 24.36
C LEU PA 74 -27.12 76.93 23.96
N TRP PA 75 -25.88 76.92 24.43
CA TRP PA 75 -25.01 78.08 24.30
C TRP PA 75 -24.02 77.90 23.15
N ARG PA 76 -24.07 78.81 22.19
CA ARG PA 76 -23.02 78.95 21.19
C ARG PA 76 -22.03 79.95 21.81
N SER PA 77 -20.83 79.48 22.14
CA SER PA 77 -19.83 80.31 22.83
C SER PA 77 -19.27 81.43 21.94
N SER PA 78 -19.46 81.30 20.62
CA SER PA 78 -19.25 82.39 19.68
C SER PA 78 -19.91 83.71 20.09
N THR PA 79 -21.08 83.62 20.74
CA THR PA 79 -21.84 84.78 21.19
C THR PA 79 -21.45 85.32 22.59
N GLN PA 80 -20.32 84.89 23.14
CA GLN PA 80 -19.94 85.17 24.54
C GLN PA 80 -19.86 86.65 24.89
N SER PA 81 -19.28 87.45 24.00
CA SER PA 81 -19.12 88.90 24.23
C SER PA 81 -20.45 89.63 24.48
N TYR PA 82 -21.51 89.19 23.82
CA TYR PA 82 -22.82 89.84 23.94
C TYR PA 82 -23.56 89.60 25.24
N ILE PA 83 -23.22 88.53 25.96
CA ILE PA 83 -24.05 88.09 27.08
C ILE PA 83 -23.54 88.76 28.38
N TYR PA 84 -24.49 89.18 29.20
CA TYR PA 84 -24.25 89.96 30.42
C TYR PA 84 -23.92 89.07 31.61
N GLY PA 85 -24.80 88.09 31.86
CA GLY PA 85 -24.57 87.05 32.86
C GLY PA 85 -25.63 85.97 32.70
N GLU PA 86 -25.63 84.98 33.59
CA GLU PA 86 -26.70 83.97 33.62
C GLU PA 86 -27.55 84.05 34.88
N TYR PA 87 -28.81 83.69 34.74
CA TYR PA 87 -29.81 83.84 35.79
C TYR PA 87 -31.06 83.04 35.39
N LYS PA 88 -31.65 82.33 36.35
CA LYS PA 88 -32.81 81.45 36.11
C LYS PA 88 -32.53 80.35 35.07
N GLY PA 89 -31.28 79.90 35.01
CA GLY PA 89 -30.83 78.93 33.99
C GLY PA 89 -31.04 79.46 32.58
N ILE PA 90 -30.58 80.69 32.35
CA ILE PA 90 -30.77 81.36 31.07
C ILE PA 90 -29.69 82.45 30.94
N HIS PA 91 -29.01 82.51 29.79
CA HIS PA 91 -28.06 83.59 29.53
C HIS PA 91 -28.84 84.86 29.26
N ILE PA 92 -28.35 85.96 29.80
CA ILE PA 92 -29.02 87.25 29.68
C ILE PA 92 -28.13 88.17 28.87
N ILE PA 93 -28.72 88.75 27.83
CA ILE PA 93 -27.99 89.50 26.82
C ILE PA 93 -27.70 90.90 27.34
N ASP PA 94 -26.44 91.32 27.24
CA ASP PA 94 -26.05 92.70 27.60
C ASP PA 94 -26.83 93.64 26.71
N LEU PA 95 -27.55 94.55 27.35
CA LEU PA 95 -28.61 95.32 26.71
C LEU PA 95 -28.15 96.69 26.23
N ASN PA 96 -27.08 97.21 26.82
CA ASN PA 96 -26.38 98.39 26.28
C ASN PA 96 -25.77 98.06 24.92
N GLN PA 97 -25.14 96.88 24.87
CA GLN PA 97 -24.60 96.33 23.63
C GLN PA 97 -25.70 96.17 22.58
N THR PA 98 -26.79 95.52 22.98
CA THR PA 98 -27.99 95.36 22.14
C THR PA 98 -28.46 96.68 21.54
N LEU PA 99 -28.54 97.69 22.41
CA LEU PA 99 -28.96 99.05 22.03
C LEU PA 99 -28.05 99.61 20.91
N SER PA 100 -26.74 99.54 21.13
CA SER PA 100 -25.77 100.11 20.18
C SER PA 100 -25.82 99.43 18.82
N TYR PA 101 -25.92 98.10 18.83
CA TYR PA 101 -26.07 97.30 17.61
C TYR PA 101 -27.39 97.60 16.89
N LEU PA 102 -28.47 97.76 17.66
CA LEU PA 102 -29.78 98.13 17.12
C LEU PA 102 -29.73 99.49 16.41
N LYS PA 103 -29.10 100.46 17.06
CA LYS PA 103 -28.91 101.80 16.48
C LYS PA 103 -28.15 101.75 15.17
N ARG PA 104 -27.07 100.97 15.17
CA ARG PA 104 -26.24 100.75 13.97
C ARG PA 104 -27.06 100.12 12.85
N ALA PA 105 -27.82 99.09 13.20
CA ALA PA 105 -28.73 98.41 12.27
C ALA PA 105 -29.81 99.36 11.75
N ALA PA 106 -30.40 100.14 12.65
CA ALA PA 106 -31.44 101.12 12.32
C ALA PA 106 -30.94 102.17 11.32
N LYS PA 107 -29.71 102.61 11.52
CA LYS PA 107 -29.07 103.61 10.65
C LYS PA 107 -28.86 103.07 9.24
N VAL PA 108 -28.39 101.82 9.13
CA VAL PA 108 -28.19 101.20 7.81
C VAL PA 108 -29.52 100.95 7.10
N VAL PA 109 -30.56 100.59 7.86
CA VAL PA 109 -31.93 100.43 7.33
C VAL PA 109 -32.43 101.75 6.74
N GLU PA 110 -32.23 102.83 7.50
CA GLU PA 110 -32.59 104.18 7.07
C GLU PA 110 -31.86 104.59 5.79
N GLY PA 111 -30.57 104.29 5.74
CA GLY PA 111 -29.71 104.65 4.62
C GLY PA 111 -30.13 104.02 3.30
N VAL PA 112 -30.41 102.71 3.32
CA VAL PA 112 -30.82 102.00 2.10
C VAL PA 112 -32.20 102.46 1.63
N SER PA 113 -33.10 102.75 2.59
CA SER PA 113 -34.42 103.30 2.28
C SER PA 113 -34.31 104.67 1.61
N GLU PA 114 -33.38 105.49 2.11
CA GLU PA 114 -33.07 106.81 1.55
C GLU PA 114 -32.53 106.70 0.12
N SER PA 115 -31.63 105.74 -0.09
CA SER PA 115 -31.06 105.47 -1.41
C SER PA 115 -32.05 104.79 -2.37
N GLY PA 116 -33.16 104.29 -1.84
CA GLY PA 116 -34.21 103.68 -2.65
C GLY PA 116 -33.91 102.21 -2.91
N GLY PA 117 -33.38 101.54 -1.91
CA GLY PA 117 -33.03 100.13 -2.00
C GLY PA 117 -34.20 99.25 -1.63
N ILE PA 118 -34.10 97.98 -2.02
CA ILE PA 118 -35.14 96.98 -1.76
C ILE PA 118 -34.85 96.31 -0.42
N ILE PA 119 -35.64 96.65 0.60
CA ILE PA 119 -35.51 96.04 1.93
C ILE PA 119 -36.46 94.84 2.01
N LEU PA 120 -35.95 93.74 2.55
CA LEU PA 120 -36.68 92.48 2.62
C LEU PA 120 -36.69 91.93 4.05
N PHE PA 121 -37.89 91.87 4.64
CA PHE PA 121 -38.07 91.43 6.03
C PHE PA 121 -38.48 89.96 6.11
N LEU PA 122 -37.59 89.11 6.63
CA LEU PA 122 -37.77 87.65 6.61
C LEU PA 122 -38.09 87.14 8.03
N GLY PA 123 -39.25 86.51 8.19
CA GLY PA 123 -39.72 86.09 9.52
C GLY PA 123 -40.61 84.86 9.51
N THR PA 124 -39.97 83.69 9.56
CA THR PA 124 -40.66 82.40 9.43
C THR PA 124 -41.47 81.92 10.66
N ARG PA 125 -41.26 82.53 11.84
CA ARG PA 125 -42.00 82.11 13.04
C ARG PA 125 -43.50 82.43 12.95
N GLN PA 126 -44.28 81.79 13.83
CA GLN PA 126 -45.74 81.76 13.73
C GLN PA 126 -46.43 83.13 13.77
N GLY PA 127 -46.27 83.85 14.87
CA GLY PA 127 -46.98 85.12 15.09
C GLY PA 127 -46.43 86.34 14.36
N GLN PA 128 -45.26 86.21 13.73
CA GLN PA 128 -44.53 87.36 13.20
C GLN PA 128 -45.12 88.03 11.95
N LYS PA 129 -46.02 87.35 11.24
CA LYS PA 129 -46.44 87.75 9.89
C LYS PA 129 -46.99 89.17 9.78
N ARG PA 130 -47.97 89.48 10.62
CA ARG PA 130 -48.72 90.74 10.56
C ARG PA 130 -47.81 91.96 10.76
N GLY PA 131 -46.98 91.89 11.80
CA GLY PA 131 -45.99 92.94 12.09
C GLY PA 131 -44.95 93.10 11.00
N LEU PA 132 -44.55 91.98 10.42
CA LEU PA 132 -43.61 91.93 9.29
C LEU PA 132 -44.18 92.64 8.06
N GLU PA 133 -45.46 92.37 7.79
CA GLU PA 133 -46.18 92.99 6.66
C GLU PA 133 -46.31 94.49 6.86
N GLU PA 134 -46.60 94.89 8.10
CA GLU PA 134 -46.69 96.31 8.48
C GLU PA 134 -45.40 97.06 8.27
N ALA PA 135 -44.30 96.43 8.68
CA ALA PA 135 -42.96 96.97 8.49
C ALA PA 135 -42.62 97.14 7.00
N ALA PA 136 -42.96 96.13 6.23
CA ALA PA 136 -42.79 96.14 4.76
C ALA PA 136 -43.60 97.23 4.07
N LYS PA 137 -44.80 97.48 4.60
CA LYS PA 137 -45.67 98.57 4.13
C LYS PA 137 -45.08 99.95 4.46
N LYS PA 138 -44.53 100.06 5.67
CA LYS PA 138 -44.03 101.34 6.21
C LYS PA 138 -42.94 101.98 5.35
N THR PA 139 -41.82 101.27 5.15
CA THR PA 139 -40.90 101.57 4.05
C THR PA 139 -41.52 100.89 2.84
N HIS PA 140 -41.25 101.36 1.62
CA HIS PA 140 -41.82 100.69 0.44
C HIS PA 140 -41.01 99.42 0.17
N GLY PA 141 -41.27 98.43 1.02
CA GLY PA 141 -40.41 97.26 1.18
C GLY PA 141 -41.18 95.97 1.11
N TYR PA 142 -40.48 94.88 1.43
CA TYR PA 142 -40.92 93.52 1.11
C TYR PA 142 -40.79 92.62 2.31
N TYR PA 143 -41.51 91.51 2.30
CA TYR PA 143 -41.45 90.56 3.40
C TYR PA 143 -41.73 89.13 3.00
N VAL PA 144 -41.35 88.22 3.90
CA VAL PA 144 -41.51 86.78 3.72
C VAL PA 144 -41.86 86.16 5.08
N SER PA 145 -43.05 85.57 5.17
CA SER PA 145 -43.51 84.85 6.37
C SER PA 145 -43.63 83.36 6.08
N THR PA 146 -44.36 83.02 5.02
CA THR PA 146 -44.35 81.67 4.45
C THR PA 146 -42.95 81.37 3.95
N ARG PA 147 -42.52 80.12 4.10
CA ARG PA 147 -41.09 79.75 4.04
C ARG PA 147 -40.32 80.25 2.81
N TRP PA 148 -39.03 80.49 3.03
CA TRP PA 148 -38.10 81.00 2.03
C TRP PA 148 -37.64 79.85 1.15
N ILE PA 149 -38.13 79.76 -0.08
CA ILE PA 149 -37.74 78.66 -0.99
C ILE PA 149 -36.25 78.77 -1.35
N PRO PA 150 -35.42 77.78 -0.93
CA PRO PA 150 -33.98 77.89 -1.09
C PRO PA 150 -33.52 78.21 -2.52
N GLY PA 151 -32.88 79.36 -2.67
CA GLY PA 151 -32.40 79.85 -3.96
C GLY PA 151 -33.22 80.96 -4.58
N THR PA 152 -33.80 81.85 -3.78
CA THR PA 152 -34.54 83.00 -4.32
C THR PA 152 -33.58 84.03 -4.95
N LEU PA 153 -32.39 84.19 -4.36
CA LEU PA 153 -31.36 85.07 -4.93
C LEU PA 153 -30.34 84.30 -5.78
N THR PA 154 -29.85 83.16 -5.30
CA THR PA 154 -28.86 82.36 -6.06
C THR PA 154 -29.43 81.79 -7.36
N ASN PA 155 -30.69 81.32 -7.30
CA ASN PA 155 -31.39 80.73 -8.43
C ASN PA 155 -32.68 81.52 -8.73
N SER PA 156 -32.49 82.83 -8.91
CA SER PA 156 -33.61 83.78 -9.04
C SER PA 156 -34.49 83.58 -10.27
N THR PA 157 -33.85 83.26 -11.40
CA THR PA 157 -34.55 83.16 -12.68
C THR PA 157 -35.56 82.01 -12.73
N GLU PA 158 -35.23 80.90 -12.08
CA GLU PA 158 -36.14 79.75 -11.98
C GLU PA 158 -37.29 80.02 -11.01
N ILE PA 159 -36.95 80.55 -9.84
CA ILE PA 159 -37.91 80.77 -8.76
C ILE PA 159 -38.77 82.01 -9.00
N SER PA 160 -38.13 83.18 -9.07
CA SER PA 160 -38.82 84.46 -9.22
C SER PA 160 -38.86 84.92 -10.68
N GLY PA 161 -39.27 84.01 -11.56
CA GLY PA 161 -39.28 84.26 -13.00
C GLY PA 161 -40.57 84.83 -13.54
N ILE PA 162 -41.70 84.32 -13.03
CA ILE PA 162 -43.03 84.58 -13.61
C ILE PA 162 -43.86 85.58 -12.77
N TRP PA 163 -43.19 86.42 -11.98
CA TRP PA 163 -43.87 87.46 -11.19
C TRP PA 163 -43.65 88.82 -11.84
N GLU PA 164 -44.64 89.71 -11.68
CA GLU PA 164 -44.63 91.01 -12.33
C GLU PA 164 -43.61 91.96 -11.70
N LYS PA 165 -42.75 92.52 -12.53
CA LYS PA 165 -41.92 93.66 -12.14
C LYS PA 165 -42.61 94.95 -12.57
N GLN PA 166 -42.06 96.06 -12.10
CA GLN PA 166 -42.70 97.36 -12.17
C GLN PA 166 -41.64 98.40 -12.53
N GLU PA 167 -42.07 99.62 -12.81
CA GLU PA 167 -41.16 100.77 -12.82
C GLU PA 167 -41.60 101.78 -11.78
N ILE PA 168 -40.66 102.62 -11.36
CA ILE PA 168 -40.85 103.53 -10.23
C ILE PA 168 -40.16 104.87 -10.53
N ASP PA 169 -40.74 105.96 -10.04
CA ASP PA 169 -40.17 107.31 -10.17
C ASP PA 169 -38.98 107.50 -9.23
N SER PA 170 -38.52 108.74 -9.08
CA SER PA 170 -37.75 109.14 -7.89
C SER PA 170 -38.68 109.12 -6.66
N ASN PA 171 -39.95 109.45 -6.89
CA ASN PA 171 -41.05 109.13 -5.95
C ASN PA 171 -41.43 107.63 -6.11
N ASP PA 172 -42.53 107.20 -5.49
CA ASP PA 172 -42.99 105.79 -5.62
C ASP PA 172 -44.29 105.70 -6.41
N ASN PA 173 -44.26 106.22 -7.64
CA ASN PA 173 -45.39 106.14 -8.56
C ASN PA 173 -45.08 105.09 -9.63
N PRO PA 174 -46.01 104.12 -9.85
CA PRO PA 174 -45.84 103.05 -10.85
C PRO PA 174 -45.40 103.40 -12.28
N THR PA 175 -45.63 104.64 -12.73
CA THR PA 175 -45.28 105.09 -14.10
C THR PA 175 -45.47 103.97 -15.14
N GLU PA 176 -46.67 103.40 -15.12
CA GLU PA 176 -46.97 102.14 -15.81
C GLU PA 176 -46.73 102.13 -17.32
N ARG PA 177 -45.48 101.84 -17.70
CA ARG PA 177 -45.10 101.53 -19.07
C ARG PA 177 -44.79 100.04 -19.15
N ALA PA 178 -44.84 99.49 -20.35
CA ALA PA 178 -44.61 98.05 -20.56
C ALA PA 178 -43.13 97.70 -20.43
N LEU PA 179 -42.82 96.81 -19.49
CA LEU PA 179 -41.45 96.28 -19.34
C LEU PA 179 -41.21 95.26 -20.45
N SER PA 180 -40.05 95.37 -21.10
CA SER PA 180 -39.66 94.42 -22.15
C SER PA 180 -39.36 93.05 -21.56
N PRO PA 181 -39.54 91.96 -22.34
CA PRO PA 181 -39.27 90.61 -21.83
C PRO PA 181 -37.81 90.37 -21.39
N ASN PA 182 -36.86 91.04 -22.05
CA ASN PA 182 -35.48 91.08 -21.60
C ASN PA 182 -35.33 91.89 -20.31
N GLU PA 183 -36.01 93.04 -20.26
CA GLU PA 183 -36.03 93.92 -19.08
C GLU PA 183 -36.66 93.26 -17.84
N THR PA 184 -37.62 92.37 -18.06
CA THR PA 184 -38.34 91.68 -16.97
C THR PA 184 -37.55 90.53 -16.35
N SER PA 185 -36.86 89.74 -17.18
CA SER PA 185 -36.24 88.49 -16.74
C SER PA 185 -35.00 88.63 -15.83
N LYS PA 186 -34.41 89.82 -15.75
CA LYS PA 186 -33.27 90.06 -14.86
C LYS PA 186 -33.68 89.90 -13.39
N GLN PA 187 -32.74 89.46 -12.56
CA GLN PA 187 -33.01 89.30 -11.12
C GLN PA 187 -33.16 90.67 -10.48
N VAL PA 188 -34.01 90.75 -9.47
CA VAL PA 188 -34.15 91.95 -8.67
C VAL PA 188 -33.77 91.59 -7.23
N LYS PA 189 -32.52 91.88 -6.90
CA LYS PA 189 -31.90 91.46 -5.65
C LYS PA 189 -32.21 92.48 -4.55
N PRO PA 190 -32.44 92.01 -3.30
CA PRO PA 190 -32.60 92.97 -2.20
C PRO PA 190 -31.28 93.69 -1.85
N ASP PA 191 -31.41 94.92 -1.37
CA ASP PA 191 -30.27 95.70 -0.86
C ASP PA 191 -30.18 95.63 0.67
N LEU PA 192 -31.14 94.97 1.31
CA LEU PA 192 -31.06 94.65 2.73
C LEU PA 192 -31.99 93.48 3.08
N LEU PA 193 -31.39 92.35 3.43
CA LEU PA 193 -32.11 91.23 4.01
C LEU PA 193 -32.11 91.43 5.53
N VAL PA 194 -33.29 91.48 6.13
CA VAL PA 194 -33.38 91.64 7.59
C VAL PA 194 -34.24 90.51 8.16
N VAL PA 195 -33.61 89.60 8.91
CA VAL PA 195 -34.26 88.39 9.40
C VAL PA 195 -34.62 88.50 10.87
N LEU PA 196 -35.69 87.80 11.27
CA LEU PA 196 -36.16 87.75 12.66
C LEU PA 196 -35.88 86.40 13.33
N ASN PA 197 -35.36 85.45 12.58
CA ASN PA 197 -35.04 84.11 13.09
C ASN PA 197 -33.91 83.50 12.25
N PRO PA 198 -32.69 84.08 12.36
CA PRO PA 198 -31.56 83.64 11.53
C PRO PA 198 -31.18 82.18 11.75
N THR PA 199 -31.38 81.69 12.97
CA THR PA 199 -31.15 80.29 13.33
C THR PA 199 -32.07 79.31 12.57
N GLU PA 200 -33.30 79.75 12.26
CA GLU PA 200 -34.27 78.94 11.54
C GLU PA 200 -34.09 78.98 10.01
N ASN PA 201 -33.60 80.10 9.47
CA ASN PA 201 -33.26 80.20 8.04
C ASN PA 201 -31.80 80.61 7.81
N ARG PA 202 -30.92 79.68 8.17
CA ARG PA 202 -29.51 79.64 7.75
C ARG PA 202 -29.33 79.84 6.25
N ASN PA 203 -30.18 79.13 5.48
CA ASN PA 203 -30.10 79.12 4.02
C ASN PA 203 -30.18 80.52 3.42
N ALA PA 204 -31.18 81.29 3.84
CA ALA PA 204 -31.37 82.67 3.40
C ALA PA 204 -30.15 83.54 3.65
N LEU PA 205 -29.56 83.38 4.84
CA LEU PA 205 -28.30 84.06 5.21
C LEU PA 205 -27.16 83.68 4.28
N LEU PA 206 -26.98 82.38 4.08
CA LEU PA 206 -25.96 81.84 3.16
C LEU PA 206 -26.13 82.37 1.74
N GLU PA 207 -27.37 82.40 1.28
CA GLU PA 207 -27.71 82.95 -0.03
C GLU PA 207 -27.30 84.42 -0.12
N ALA PA 208 -27.64 85.18 0.92
CA ALA PA 208 -27.31 86.62 1.00
C ALA PA 208 -25.82 86.90 0.91
N ILE PA 209 -25.01 86.13 1.64
CA ILE PA 209 -23.55 86.33 1.62
C ILE PA 209 -22.91 85.87 0.30
N LYS PA 210 -23.52 84.87 -0.33
CA LYS PA 210 -23.13 84.44 -1.68
C LYS PA 210 -23.54 85.50 -2.70
N SER PA 211 -24.78 85.96 -2.58
CA SER PA 211 -25.37 86.96 -3.47
C SER PA 211 -24.91 88.39 -3.17
N ARG PA 212 -24.15 88.58 -2.09
CA ARG PA 212 -23.38 89.81 -1.86
C ARG PA 212 -24.33 90.93 -1.38
N VAL PA 213 -25.15 90.59 -0.38
CA VAL PA 213 -26.20 91.45 0.14
C VAL PA 213 -25.94 91.63 1.64
N PRO PA 214 -25.92 92.89 2.12
CA PRO PA 214 -25.75 93.09 3.56
C PRO PA 214 -27.01 92.66 4.29
N THR PA 215 -26.85 92.09 5.48
CA THR PA 215 -27.96 91.48 6.21
C THR PA 215 -27.96 91.82 7.70
N ILE PA 216 -29.16 91.92 8.27
CA ILE PA 216 -29.38 92.25 9.68
C ILE PA 216 -30.14 91.08 10.31
N ALA PA 217 -29.79 90.74 11.55
CA ALA PA 217 -30.40 89.60 12.23
C ALA PA 217 -30.44 89.75 13.75
N ILE PA 218 -31.51 89.23 14.35
CA ILE PA 218 -31.67 89.21 15.80
C ILE PA 218 -30.91 87.98 16.32
N ILE PA 219 -29.67 88.20 16.72
CA ILE PA 219 -28.79 87.12 17.18
C ILE PA 219 -29.09 86.83 18.65
N ASP PA 220 -29.66 85.65 18.89
CA ASP PA 220 -29.95 85.16 20.25
C ASP PA 220 -28.67 84.54 20.81
N THR PA 221 -28.74 84.03 22.04
CA THR PA 221 -27.56 83.44 22.70
C THR PA 221 -27.19 82.02 22.18
N ASP PA 222 -27.94 81.49 21.21
CA ASP PA 222 -27.56 80.26 20.48
C ASP PA 222 -27.20 80.47 19.01
N SER PA 223 -27.31 81.71 18.50
CA SER PA 223 -27.11 82.00 17.07
C SER PA 223 -25.67 82.46 16.77
N GLU PA 224 -25.17 82.09 15.59
CA GLU PA 224 -23.84 82.52 15.14
C GLU PA 224 -23.89 83.98 14.67
N PRO PA 225 -23.16 84.89 15.35
CA PRO PA 225 -23.22 86.31 14.95
C PRO PA 225 -22.40 86.68 13.72
N SER PA 226 -21.42 85.84 13.36
CA SER PA 226 -20.59 86.09 12.19
C SER PA 226 -21.30 85.87 10.85
N LEU PA 227 -22.46 85.21 10.87
CA LEU PA 227 -23.19 84.89 9.63
C LEU PA 227 -23.94 86.03 8.94
N VAL PA 228 -23.94 87.20 9.61
CA VAL PA 228 -24.62 88.44 9.18
C VAL PA 228 -23.82 89.75 9.32
N THR PA 229 -24.04 90.73 8.45
CA THR PA 229 -23.29 91.99 8.47
C THR PA 229 -23.54 92.87 9.69
N TYR PA 230 -24.77 92.85 10.22
CA TYR PA 230 -25.17 93.74 11.31
C TYR PA 230 -26.05 93.01 12.34
N PRO PA 231 -25.42 92.28 13.28
CA PRO PA 231 -26.20 91.51 14.26
C PRO PA 231 -26.73 92.39 15.37
N ILE PA 232 -27.98 92.14 15.77
CA ILE PA 232 -28.57 92.79 16.94
C ILE PA 232 -28.73 91.70 18.01
N PRO PA 233 -27.93 91.77 19.09
CA PRO PA 233 -28.12 90.80 20.18
C PRO PA 233 -29.51 90.94 20.82
N GLY PA 234 -30.23 89.83 20.95
CA GLY PA 234 -31.56 89.88 21.55
C GLY PA 234 -32.40 88.63 21.49
N ASN PA 235 -33.58 88.74 22.09
CA ASN PA 235 -34.50 87.63 22.33
C ASN PA 235 -35.39 87.38 21.11
N ASP PA 236 -34.96 86.46 20.25
CA ASP PA 236 -35.70 86.15 19.01
C ASP PA 236 -36.93 85.22 19.19
N ASP PA 237 -37.02 84.55 20.34
CA ASP PA 237 -38.10 83.58 20.58
C ASP PA 237 -39.43 84.23 20.93
N SER PA 238 -39.42 85.18 21.87
CA SER PA 238 -40.65 85.91 22.25
C SER PA 238 -41.08 86.79 21.10
N LEU PA 239 -42.40 86.85 20.87
CA LEU PA 239 -42.94 87.55 19.70
C LEU PA 239 -42.88 89.07 19.84
N ARG PA 240 -42.98 89.57 21.07
CA ARG PA 240 -43.14 91.00 21.31
C ARG PA 240 -41.81 91.76 21.24
N SER PA 241 -40.74 91.13 21.71
CA SER PA 241 -39.38 91.68 21.64
C SER PA 241 -38.89 91.82 20.21
N VAL PA 242 -39.20 90.81 19.40
CA VAL PA 242 -38.90 90.80 17.97
C VAL PA 242 -39.64 91.94 17.28
N ASN PA 243 -40.95 92.02 17.51
CA ASN PA 243 -41.80 93.09 16.99
C ASN PA 243 -41.28 94.49 17.33
N PHE PA 244 -40.85 94.66 18.58
CA PHE PA 244 -40.28 95.92 19.06
C PHE PA 244 -39.04 96.32 18.25
N LEU PA 245 -38.10 95.39 18.10
CA LEU PA 245 -36.90 95.62 17.28
C LEU PA 245 -37.24 95.86 15.82
N LEU PA 246 -38.13 95.02 15.30
CA LEU PA 246 -38.59 95.09 13.90
C LEU PA 246 -39.31 96.42 13.63
N GLY PA 247 -40.22 96.77 14.54
CA GLY PA 247 -40.98 98.03 14.46
C GLY PA 247 -40.07 99.25 14.46
N VAL PA 248 -39.04 99.22 15.31
CA VAL PA 248 -38.01 100.26 15.35
C VAL PA 248 -37.30 100.39 14.01
N LEU PA 249 -36.84 99.26 13.48
CA LEU PA 249 -36.20 99.18 12.16
C LEU PA 249 -37.08 99.76 11.05
N ALA PA 250 -38.35 99.37 11.07
CA ALA PA 250 -39.36 99.88 10.12
C ALA PA 250 -39.48 101.40 10.22
N ARG PA 251 -39.52 101.90 11.44
CA ARG PA 251 -39.61 103.34 11.72
C ARG PA 251 -38.39 104.10 11.20
N ALA PA 252 -37.22 103.52 11.40
CA ALA PA 252 -35.95 104.07 10.90
C ALA PA 252 -35.95 104.14 9.37
N GLY PA 253 -36.38 103.04 8.75
CA GLY PA 253 -36.53 102.98 7.28
C GLY PA 253 -37.59 103.92 6.75
N GLN PA 254 -38.69 104.06 7.50
CA GLN PA 254 -39.76 105.00 7.17
C GLN PA 254 -39.27 106.44 7.11
N ARG PA 255 -38.53 106.82 8.15
CA ARG PA 255 -37.90 108.15 8.23
C ARG PA 255 -37.04 108.42 6.99
N GLY PA 256 -36.16 107.47 6.66
CA GLY PA 256 -35.27 107.59 5.51
C GLY PA 256 -36.01 107.72 4.19
N LEU PA 257 -37.11 106.96 4.07
CA LEU PA 257 -38.02 107.07 2.93
C LEU PA 257 -38.62 108.47 2.82
N GLN PA 258 -39.14 108.97 3.94
CA GLN PA 258 -39.69 110.33 4.02
C GLN PA 258 -38.70 111.40 3.60
N ASN PA 259 -37.45 111.25 4.07
CA ASN PA 259 -36.35 112.15 3.71
C ASN PA 259 -36.05 112.14 2.21
N ARG PA 260 -36.05 110.94 1.64
CA ARG PA 260 -35.85 110.75 0.20
C ARG PA 260 -36.96 111.42 -0.62
N LEU PA 261 -38.20 111.24 -0.16
CA LEU PA 261 -39.36 111.87 -0.79
C LEU PA 261 -39.28 113.40 -0.74
N ALA PA 262 -38.84 113.92 0.40
CA ALA PA 262 -38.64 115.35 0.60
C ALA PA 262 -37.58 115.91 -0.35
N ARG PA 263 -36.47 115.20 -0.49
CA ARG PA 263 -35.37 115.65 -1.37
C ARG PA 263 -35.73 115.54 -2.86
N ASN PA 264 -36.56 114.55 -3.20
CA ASN PA 264 -37.14 114.44 -4.55
C ASN PA 264 -38.04 115.63 -4.86
N ASN PA 265 -38.92 115.97 -3.92
CA ASN PA 265 -39.81 117.12 -4.01
C ASN PA 265 -39.04 118.43 -4.21
N GLU PA 266 -37.96 118.59 -3.43
CA GLU PA 266 -37.06 119.74 -3.56
C GLU PA 266 -36.42 119.82 -4.95
N SER QA 30 -112.53 93.61 -5.75
CA SER QA 30 -112.04 95.01 -5.56
C SER QA 30 -111.08 95.46 -6.67
N LEU QA 31 -110.76 96.75 -6.68
CA LEU QA 31 -109.89 97.35 -7.68
C LEU QA 31 -108.43 96.96 -7.47
N MET QA 32 -107.97 97.04 -6.22
CA MET QA 32 -106.61 96.67 -5.82
C MET QA 32 -106.31 95.21 -6.16
N ASN QA 33 -107.25 94.34 -5.83
CA ASN QA 33 -107.16 92.90 -6.13
C ASN QA 33 -107.03 92.62 -7.62
N LYS QA 34 -107.85 93.31 -8.40
CA LYS QA 34 -107.78 93.25 -9.88
C LYS QA 34 -106.41 93.68 -10.42
N LYS QA 35 -105.90 94.78 -9.88
CA LYS QA 35 -104.59 95.31 -10.24
C LYS QA 35 -103.47 94.31 -9.95
N LEU QA 36 -103.54 93.71 -8.76
CA LEU QA 36 -102.60 92.64 -8.35
C LEU QA 36 -102.64 91.44 -9.28
N LEU QA 37 -103.85 91.03 -9.65
CA LEU QA 37 -104.07 89.92 -10.59
C LEU QA 37 -103.45 90.22 -11.96
N LEU QA 38 -103.67 91.44 -12.44
CA LEU QA 38 -103.08 91.92 -13.69
C LEU QA 38 -101.56 91.86 -13.65
N LYS QA 39 -100.97 92.42 -12.59
CA LYS QA 39 -99.52 92.36 -12.35
C LYS QA 39 -98.95 90.95 -12.37
N ASN QA 40 -99.67 90.04 -11.70
CA ASN QA 40 -99.31 88.61 -11.69
C ASN QA 40 -99.32 88.01 -13.09
N MET QA 41 -100.36 88.36 -13.85
CA MET QA 41 -100.52 87.92 -15.24
C MET QA 41 -99.35 88.41 -16.10
N LEU QA 42 -99.01 89.69 -15.95
CA LEU QA 42 -97.87 90.31 -16.65
C LEU QA 42 -96.54 89.62 -16.32
N LEU QA 43 -96.34 89.31 -15.05
CA LEU QA 43 -95.16 88.60 -14.57
C LEU QA 43 -95.05 87.21 -15.20
N ASP QA 44 -96.17 86.49 -15.24
CA ASP QA 44 -96.26 85.17 -15.88
C ASP QA 44 -95.91 85.23 -17.37
N MET QA 45 -96.44 86.25 -18.05
CA MET QA 45 -96.16 86.50 -19.46
C MET QA 45 -94.67 86.75 -19.71
N ASN QA 46 -94.08 87.59 -18.86
CA ASN QA 46 -92.63 87.87 -18.90
C ASN QA 46 -91.78 86.61 -18.72
N ASN QA 47 -92.17 85.79 -17.76
CA ASN QA 47 -91.52 84.51 -17.47
C ASN QA 47 -91.58 83.56 -18.66
N LYS QA 48 -92.75 83.47 -19.28
CA LYS QA 48 -92.97 82.69 -20.51
C LYS QA 48 -92.07 83.17 -21.65
N LYS QA 49 -91.99 84.48 -21.82
CA LYS QA 49 -91.14 85.10 -22.84
C LYS QA 49 -89.67 84.78 -22.62
N MET QA 50 -89.23 84.87 -21.37
CA MET QA 50 -87.86 84.51 -20.96
C MET QA 50 -87.54 83.06 -21.27
N ASN QA 51 -88.49 82.17 -20.95
CA ASN QA 51 -88.37 80.74 -21.23
C ASN QA 51 -88.25 80.44 -22.73
N ASN QA 52 -89.06 81.14 -23.51
CA ASN QA 52 -89.01 81.07 -24.98
C ASN QA 52 -87.66 81.52 -25.51
N MET QA 53 -87.17 82.64 -24.98
CA MET QA 53 -85.87 83.20 -25.32
C MET QA 53 -84.72 82.21 -25.04
N LYS QA 54 -84.79 81.58 -23.86
CA LYS QA 54 -83.83 80.54 -23.46
C LYS QA 54 -83.83 79.35 -24.42
N ARG QA 55 -85.04 78.89 -24.77
CA ARG QA 55 -85.23 77.80 -25.73
C ARG QA 55 -84.61 78.14 -27.09
N MET QA 56 -84.85 79.37 -27.55
CA MET QA 56 -84.30 79.87 -28.82
C MET QA 56 -82.77 79.86 -28.81
N LEU QA 57 -82.20 80.34 -27.70
CA LEU QA 57 -80.75 80.32 -27.49
C LEU QA 57 -80.18 78.90 -27.55
N ASN QA 58 -80.82 77.98 -26.82
CA ASN QA 58 -80.44 76.56 -26.80
C ASN QA 58 -80.42 75.93 -28.19
N ASN QA 59 -81.46 76.23 -28.97
CA ASN QA 59 -81.55 75.80 -30.37
C ASN QA 59 -80.40 76.31 -31.24
N ASN QA 60 -80.03 77.58 -31.05
CA ASN QA 60 -78.97 78.22 -31.84
C ASN QA 60 -77.57 78.20 -31.20
N ASN QA 61 -77.43 77.61 -30.00
CA ASN QA 61 -76.17 77.66 -29.24
C ASN QA 61 -75.07 76.80 -29.87
N MET QA 62 -74.31 77.41 -30.79
CA MET QA 62 -73.13 76.78 -31.39
C MET QA 62 -72.01 77.80 -31.62
N ASN QA 63 -70.78 77.32 -31.55
CA ASN QA 63 -69.57 78.15 -31.56
C ASN QA 63 -68.31 77.29 -31.78
N PRO QA 64 -67.14 77.93 -31.95
CA PRO QA 64 -65.88 77.18 -31.90
C PRO QA 64 -65.64 76.53 -30.54
N ALA QA 65 -65.15 75.29 -30.54
CA ALA QA 65 -64.84 74.57 -29.32
C ALA QA 65 -63.62 75.18 -28.62
N GLY QA 66 -63.66 75.21 -27.29
CA GLY QA 66 -62.50 75.52 -26.45
C GLY QA 66 -62.76 76.55 -25.37
N ALA QA 67 -63.80 76.32 -24.58
CA ALA QA 67 -64.28 77.31 -23.61
C ALA QA 67 -63.60 77.16 -22.25
N ASN QA 68 -63.97 76.12 -21.50
CA ASN QA 68 -63.55 75.98 -20.10
C ASN QA 68 -62.07 75.65 -19.95
N GLY QA 78 -72.79 73.19 -26.28
CA GLY QA 78 -73.13 73.84 -27.55
C GLY QA 78 -71.90 74.44 -28.23
N ASN QA 79 -71.10 73.55 -28.82
CA ASN QA 79 -69.87 73.95 -29.51
C ASN QA 79 -69.34 72.84 -30.42
N ILE QA 80 -68.52 73.23 -31.41
CA ILE QA 80 -67.95 72.29 -32.39
C ILE QA 80 -66.52 72.67 -32.77
N ASN QA 81 -65.75 71.66 -33.18
CA ASN QA 81 -64.43 71.88 -33.77
C ASN QA 81 -64.58 72.34 -35.22
N ASN QA 82 -64.26 73.60 -35.48
CA ASN QA 82 -64.32 74.16 -36.83
C ASN QA 82 -63.18 73.64 -37.70
N LYS QA 83 -63.28 73.86 -39.00
CA LYS QA 83 -62.27 73.39 -39.95
C LYS QA 83 -60.89 74.07 -39.84
N LEU QA 84 -60.78 75.13 -39.04
CA LEU QA 84 -59.49 75.70 -38.63
C LEU QA 84 -58.97 75.19 -37.26
N GLN QA 85 -59.75 74.35 -36.58
CA GLN QA 85 -59.40 73.87 -35.24
C GLN QA 85 -58.89 72.42 -35.16
N HIS QA 86 -59.08 71.65 -36.24
CA HIS QA 86 -58.59 70.26 -36.29
C HIS QA 86 -58.37 69.80 -37.71
N LEU QA 87 -57.58 68.73 -37.85
CA LEU QA 87 -57.33 68.11 -39.15
C LEU QA 87 -58.52 67.23 -39.56
N ASN QA 88 -58.82 67.24 -40.85
CA ASN QA 88 -59.74 66.30 -41.45
C ASN QA 88 -59.02 64.95 -41.44
N ASN QA 89 -59.68 63.90 -40.93
CA ASN QA 89 -59.09 62.56 -40.91
C ASN QA 89 -58.67 62.01 -42.29
N MET QA 90 -59.27 62.54 -43.36
CA MET QA 90 -58.76 62.34 -44.73
C MET QA 90 -57.30 62.78 -44.92
N ASN QA 91 -56.91 63.85 -44.23
CA ASN QA 91 -55.50 64.29 -44.21
C ASN QA 91 -54.59 63.49 -43.25
N ASN QA 92 -55.03 62.31 -42.82
CA ASN QA 92 -54.16 61.30 -42.21
C ASN QA 92 -53.61 60.36 -43.28
N TRP QA 93 -54.45 59.97 -44.23
CA TRP QA 93 -54.04 59.15 -45.36
C TRP QA 93 -53.47 60.00 -46.50
N ASN QA 94 -52.69 59.35 -47.36
CA ASN QA 94 -52.03 60.02 -48.49
C ASN QA 94 -52.71 59.80 -49.84
N THR QA 95 -53.47 58.71 -49.99
CA THR QA 95 -54.36 58.51 -51.14
C THR QA 95 -55.80 58.70 -50.69
N GLN QA 96 -56.27 59.94 -50.81
CA GLN QA 96 -57.62 60.32 -50.37
C GLN QA 96 -58.63 59.91 -51.43
N ILE QA 97 -59.12 58.67 -51.32
CA ILE QA 97 -59.95 58.04 -52.34
C ILE QA 97 -60.96 57.07 -51.73
N TYR QA 98 -62.16 57.01 -52.33
CA TYR QA 98 -63.02 55.85 -52.24
C TYR QA 98 -63.50 55.48 -53.64
N ASN QA 99 -63.34 54.22 -54.00
CA ASN QA 99 -63.99 53.64 -55.19
C ASN QA 99 -64.79 52.42 -54.77
N TYR QA 100 -65.88 52.16 -55.49
CA TYR QA 100 -66.78 51.04 -55.19
C TYR QA 100 -66.16 49.71 -55.60
N ASN QA 101 -65.52 49.67 -56.77
CA ASN QA 101 -64.69 48.52 -57.15
C ASN QA 101 -63.32 48.64 -56.47
N LYS QA 102 -63.04 47.74 -55.53
CA LYS QA 102 -61.85 47.83 -54.69
C LYS QA 102 -60.55 47.51 -55.44
N ASN QA 103 -60.63 46.64 -56.45
CA ASN QA 103 -59.53 46.38 -57.38
C ASN QA 103 -59.01 47.68 -58.01
N MET QA 104 -59.95 48.48 -58.52
CA MET QA 104 -59.65 49.77 -59.13
C MET QA 104 -59.00 50.75 -58.14
N GLU QA 105 -59.52 50.77 -56.93
CA GLU QA 105 -58.98 51.58 -55.82
C GLU QA 105 -57.53 51.22 -55.51
N ILE QA 106 -57.28 49.91 -55.44
CA ILE QA 106 -55.94 49.36 -55.22
C ILE QA 106 -54.99 49.78 -56.34
N MET QA 107 -55.46 49.67 -57.58
CA MET QA 107 -54.68 50.08 -58.76
C MET QA 107 -54.33 51.56 -58.72
N ASN QA 108 -55.31 52.38 -58.33
CA ASN QA 108 -55.12 53.82 -58.15
C ASN QA 108 -54.07 54.16 -57.11
N THR QA 109 -54.12 53.50 -55.96
CA THR QA 109 -53.17 53.76 -54.87
C THR QA 109 -51.75 53.28 -55.23
N MET QA 110 -51.66 52.20 -56.00
CA MET QA 110 -50.38 51.75 -56.57
C MET QA 110 -49.79 52.81 -57.49
N ASN QA 111 -50.60 53.27 -58.43
CA ASN QA 111 -50.23 54.36 -59.34
C ASN QA 111 -49.69 55.56 -58.58
N ASP QA 112 -50.46 56.02 -57.60
CA ASP QA 112 -50.08 57.15 -56.73
C ASP QA 112 -48.71 56.96 -56.08
N LYS QA 113 -48.50 55.77 -55.53
CA LYS QA 113 -47.20 55.40 -54.93
C LYS QA 113 -46.06 55.46 -55.93
N LEU QA 114 -46.30 54.94 -57.14
CA LEU QA 114 -45.31 54.97 -58.23
C LEU QA 114 -44.99 56.40 -58.68
N ILE QA 115 -46.01 57.25 -58.73
CA ILE QA 115 -45.84 58.67 -59.09
C ILE QA 115 -45.00 59.40 -58.04
N ASN QA 116 -45.19 59.06 -56.77
CA ASN QA 116 -44.42 59.66 -55.68
C ASN QA 116 -42.91 59.46 -55.89
N LYS QA 117 -42.54 58.23 -56.22
CA LYS QA 117 -41.14 57.86 -56.51
C LYS QA 117 -40.59 58.68 -57.67
N LEU QA 118 -41.40 58.79 -58.73
CA LEU QA 118 -41.06 59.56 -59.93
C LEU QA 118 -40.80 61.03 -59.58
N LEU QA 119 -41.70 61.59 -58.78
CA LEU QA 119 -41.57 62.97 -58.29
C LEU QA 119 -40.27 63.18 -57.49
N TYR QA 120 -40.00 62.25 -56.57
CA TYR QA 120 -38.75 62.25 -55.78
C TYR QA 120 -37.51 62.28 -56.68
N LYS QA 121 -37.52 61.42 -57.70
CA LYS QA 121 -36.45 61.35 -58.71
C LYS QA 121 -36.25 62.68 -59.43
N MET QA 122 -37.36 63.28 -59.86
CA MET QA 122 -37.36 64.60 -60.52
C MET QA 122 -36.77 65.70 -59.66
N MET QA 123 -37.10 65.68 -58.36
CA MET QA 123 -36.76 66.77 -57.43
C MET QA 123 -35.28 67.19 -57.38
N THR QA 124 -34.35 66.28 -57.66
CA THR QA 124 -32.92 66.62 -57.69
C THR QA 124 -32.47 67.03 -59.09
N LEU QA 125 -31.88 68.21 -59.22
CA LEU QA 125 -31.38 68.74 -60.49
C LEU QA 125 -29.85 68.86 -60.51
N LYS QA 126 -29.32 69.13 -61.71
CA LYS QA 126 -27.89 69.38 -61.93
C LYS QA 126 -27.75 70.61 -62.82
N LEU QA 127 -26.64 71.34 -62.66
CA LEU QA 127 -26.35 72.54 -63.47
C LEU QA 127 -24.96 72.46 -64.10
N ASN QA 128 -24.87 71.73 -65.21
CA ASN QA 128 -23.62 71.56 -65.99
C ASN QA 128 -22.49 70.90 -65.16
N ASN QA 129 -22.88 69.97 -64.29
CA ASN QA 129 -21.97 69.27 -63.35
C ASN QA 129 -21.20 70.24 -62.41
N MET QA 130 -21.83 71.36 -62.09
CA MET QA 130 -21.24 72.38 -61.21
C MET QA 130 -21.92 72.35 -59.85
N ASN QA 131 -23.25 72.52 -59.86
CA ASN QA 131 -24.07 72.55 -58.65
C ASN QA 131 -25.20 71.52 -58.75
N ILE QA 132 -25.40 70.76 -57.67
CA ILE QA 132 -26.47 69.77 -57.57
C ILE QA 132 -27.39 70.20 -56.43
N ASN QA 133 -28.36 71.06 -56.76
CA ASN QA 133 -29.34 71.54 -55.79
C ASN QA 133 -30.46 70.51 -55.55
N LYS QA 134 -30.40 69.86 -54.40
CA LYS QA 134 -31.33 68.81 -54.04
C LYS QA 134 -32.57 69.43 -53.36
N ILE QA 135 -33.61 69.67 -54.15
CA ILE QA 135 -34.89 70.17 -53.63
C ILE QA 135 -35.52 69.05 -52.81
N ILE QA 136 -35.76 69.30 -51.53
CA ILE QA 136 -36.46 68.35 -50.68
C ILE QA 136 -37.96 68.56 -50.86
N MET QA 137 -38.69 67.45 -50.92
CA MET QA 137 -40.13 67.43 -51.10
C MET QA 137 -40.74 66.57 -50.00
N SER QA 138 -41.97 66.87 -49.62
CA SER QA 138 -42.73 66.02 -48.69
C SER QA 138 -43.25 64.80 -49.43
N LYS QA 139 -43.81 63.85 -48.69
CA LYS QA 139 -44.60 62.78 -49.29
C LYS QA 139 -45.83 63.43 -49.90
N THR QA 140 -46.17 63.04 -51.14
CA THR QA 140 -47.30 63.62 -51.84
C THR QA 140 -48.61 63.16 -51.20
N ILE QA 141 -49.64 64.01 -51.33
CA ILE QA 141 -50.99 63.63 -50.93
C ILE QA 141 -51.91 63.79 -52.13
N ASN QA 142 -52.58 62.69 -52.47
CA ASN QA 142 -53.34 62.56 -53.70
C ASN QA 142 -54.83 62.64 -53.36
N GLN QA 143 -55.49 63.65 -53.89
CA GLN QA 143 -56.90 63.91 -53.60
C GLN QA 143 -57.76 63.44 -54.78
N HIS QA 144 -58.44 62.31 -54.61
CA HIS QA 144 -59.23 61.70 -55.70
C HIS QA 144 -60.70 62.04 -55.61
N SER QA 145 -61.06 63.20 -56.14
CA SER QA 145 -62.47 63.54 -56.33
C SER QA 145 -63.02 62.73 -57.50
N LEU QA 146 -64.34 62.76 -57.67
CA LEU QA 146 -65.02 62.07 -58.76
C LEU QA 146 -64.56 62.61 -60.11
N ASN QA 147 -64.54 63.93 -60.22
CA ASN QA 147 -64.05 64.61 -61.41
C ASN QA 147 -62.57 64.38 -61.61
N LYS QA 148 -61.77 64.84 -60.64
CA LYS QA 148 -60.34 64.99 -60.85
C LYS QA 148 -59.46 64.50 -59.69
N LEU QA 149 -58.27 64.03 -60.05
CA LEU QA 149 -57.17 63.86 -59.10
C LEU QA 149 -56.53 65.22 -58.86
N ASN QA 150 -56.00 65.42 -57.66
CA ASN QA 150 -55.07 66.50 -57.37
C ASN QA 150 -53.94 66.00 -56.49
N ILE QA 151 -52.73 65.97 -57.05
CA ILE QA 151 -51.53 65.63 -56.29
C ILE QA 151 -51.04 66.93 -55.65
N LYS QA 152 -50.57 66.85 -54.41
CA LYS QA 152 -49.92 68.01 -53.80
C LYS QA 152 -48.83 67.65 -52.81
N PHE QA 153 -47.80 68.50 -52.77
CA PHE QA 153 -46.65 68.32 -51.90
C PHE QA 153 -46.11 69.65 -51.40
N TYR QA 154 -45.49 69.60 -50.23
CA TYR QA 154 -44.73 70.71 -49.69
C TYR QA 154 -43.26 70.50 -50.07
N TYR QA 155 -42.56 71.57 -50.42
CA TYR QA 155 -41.14 71.48 -50.82
C TYR QA 155 -40.30 72.59 -50.22
N TYR QA 156 -39.01 72.32 -50.07
CA TYR QA 156 -38.03 73.31 -49.64
C TYR QA 156 -36.96 73.47 -50.71
N ASN QA 157 -36.46 74.70 -50.87
CA ASN QA 157 -35.36 75.03 -51.76
C ASN QA 157 -34.40 75.99 -51.07
N ASN QA 158 -33.11 75.70 -51.18
CA ASN QA 158 -32.07 76.44 -50.46
C ASN QA 158 -31.50 77.54 -51.36
N ASN QA 166 -31.43 91.38 -53.95
CA ASN QA 166 -31.53 92.21 -55.14
C ASN QA 166 -32.32 91.55 -56.27
N ASN QA 167 -32.94 92.37 -57.11
CA ASN QA 167 -33.83 91.90 -58.19
C ASN QA 167 -33.08 91.62 -59.50
N ASN QA 168 -32.17 90.65 -59.44
CA ASN QA 168 -31.39 90.20 -60.59
C ASN QA 168 -32.03 88.99 -61.29
N ASN QA 169 -32.80 88.19 -60.55
CA ASN QA 169 -33.42 86.95 -61.06
C ASN QA 169 -34.88 87.10 -61.52
N ASN QA 170 -35.20 88.26 -62.11
CA ASN QA 170 -36.44 88.44 -62.87
C ASN QA 170 -36.27 88.07 -64.34
N TYR QA 171 -35.03 87.79 -64.75
CA TYR QA 171 -34.66 87.70 -66.16
C TYR QA 171 -34.07 86.36 -66.61
N TYR QA 172 -34.02 85.37 -65.71
CA TYR QA 172 -33.64 84.01 -66.06
C TYR QA 172 -34.43 83.03 -65.20
N MET QA 173 -34.77 81.88 -65.78
CA MET QA 173 -35.54 80.86 -65.08
C MET QA 173 -34.60 79.96 -64.32
N ASN QA 174 -34.81 79.86 -63.01
CA ASN QA 174 -34.03 78.99 -62.13
C ASN QA 174 -34.42 77.52 -62.40
N MET QA 175 -33.53 76.60 -62.04
CA MET QA 175 -33.75 75.16 -62.26
C MET QA 175 -35.00 74.66 -61.55
N MET QA 176 -35.17 75.10 -60.30
CA MET QA 176 -36.37 74.79 -59.51
C MET QA 176 -37.63 75.35 -60.14
N ASN QA 177 -37.56 76.61 -60.58
CA ASN QA 177 -38.66 77.27 -61.29
C ASN QA 177 -39.09 76.51 -62.55
N LYS QA 178 -38.10 76.12 -63.35
CA LYS QA 178 -38.31 75.30 -64.55
C LYS QA 178 -39.02 73.98 -64.24
N LEU QA 179 -38.57 73.34 -63.17
CA LEU QA 179 -39.15 72.07 -62.69
C LEU QA 179 -40.62 72.26 -62.32
N MET QA 180 -40.89 73.30 -61.54
CA MET QA 180 -42.26 73.65 -61.13
C MET QA 180 -43.17 73.98 -62.33
N ASN QA 181 -42.60 74.63 -63.33
CA ASN QA 181 -43.32 74.98 -64.55
C ASN QA 181 -43.70 73.73 -65.34
N ILE QA 182 -42.75 72.80 -65.43
CA ILE QA 182 -42.96 71.48 -66.02
C ILE QA 182 -44.17 70.73 -65.44
N MET QA 183 -44.42 70.88 -64.13
CA MET QA 183 -45.50 70.17 -63.45
C MET QA 183 -46.88 70.46 -64.05
N ASN QA 184 -47.16 71.73 -64.34
CA ASN QA 184 -48.48 72.13 -64.89
C ASN QA 184 -48.53 73.09 -66.08
N ASN QA 185 -47.45 73.84 -66.37
CA ASN QA 185 -47.52 74.95 -67.31
C ASN QA 185 -47.13 74.66 -68.78
N ASN QA 186 -46.35 73.61 -69.01
CA ASN QA 186 -45.93 73.24 -70.37
C ASN QA 186 -47.12 72.69 -71.18
N MET QA 187 -47.66 73.51 -72.08
CA MET QA 187 -49.00 73.32 -72.69
C MET QA 187 -49.40 71.86 -72.92
N ASN QA 188 -48.69 71.19 -73.83
CA ASN QA 188 -48.95 69.77 -74.17
C ASN QA 188 -48.05 68.85 -73.35
N ASN QA 189 -46.81 69.29 -73.15
CA ASN QA 189 -45.73 68.46 -72.63
C ASN QA 189 -45.77 68.19 -71.11
N ASN QA 190 -46.49 69.03 -70.36
CA ASN QA 190 -46.50 68.96 -68.89
C ASN QA 190 -46.77 67.59 -68.26
N LEU QA 191 -46.27 67.43 -67.03
CA LEU QA 191 -46.27 66.16 -66.31
C LEU QA 191 -47.68 65.72 -65.93
N CYS QA 192 -48.53 66.68 -65.57
CA CYS QA 192 -49.94 66.43 -65.21
C CYS QA 192 -50.72 65.76 -66.34
N ASN QA 193 -50.48 66.23 -67.57
CA ASN QA 193 -51.07 65.67 -68.78
C ASN QA 193 -50.71 64.19 -68.95
N ILE QA 194 -49.42 63.91 -68.77
CA ILE QA 194 -48.89 62.54 -68.92
C ILE QA 194 -49.45 61.62 -67.82
N LEU QA 195 -49.59 62.14 -66.61
CA LEU QA 195 -50.23 61.41 -65.51
C LEU QA 195 -51.68 61.05 -65.81
N SER QA 196 -52.40 61.99 -66.42
CA SER QA 196 -53.82 61.82 -66.74
C SER QA 196 -54.16 60.54 -67.52
N TYR QA 197 -53.21 60.07 -68.34
CA TYR QA 197 -53.35 58.78 -69.04
C TYR QA 197 -53.44 57.58 -68.11
N TYR QA 198 -52.70 57.63 -66.99
CA TYR QA 198 -52.69 56.53 -66.02
C TYR QA 198 -53.98 56.46 -65.17
N TYR QA 199 -54.59 57.62 -64.92
CA TYR QA 199 -55.78 57.72 -64.06
C TYR QA 199 -57.12 57.85 -64.80
N LYS QA 200 -57.08 58.24 -66.08
CA LYS QA 200 -58.28 58.58 -66.86
C LYS QA 200 -59.13 59.71 -66.23
N LYS QA 201 -58.43 60.73 -65.73
CA LYS QA 201 -59.07 61.95 -65.21
C LYS QA 201 -58.02 63.05 -65.10
N LYS QA 202 -58.46 64.30 -65.16
CA LYS QA 202 -57.53 65.45 -65.16
C LYS QA 202 -56.78 65.57 -63.84
N VAL QA 203 -55.45 65.63 -63.94
CA VAL QA 203 -54.56 65.66 -62.78
C VAL QA 203 -54.07 67.09 -62.59
N THR QA 204 -53.85 67.48 -61.34
CA THR QA 204 -53.33 68.81 -60.99
C THR QA 204 -52.31 68.65 -59.86
N ILE QA 205 -51.04 68.89 -60.19
CA ILE QA 205 -49.96 68.88 -59.20
C ILE QA 205 -49.82 70.29 -58.65
N GLU QA 206 -50.02 70.47 -57.34
CA GLU QA 206 -49.74 71.76 -56.68
C GLU QA 206 -48.54 71.66 -55.72
N PRO QA 207 -47.41 72.28 -56.10
CA PRO QA 207 -46.30 72.48 -55.16
C PRO QA 207 -46.63 73.59 -54.16
N ILE QA 208 -46.19 73.42 -52.91
CA ILE QA 208 -46.31 74.46 -51.88
C ILE QA 208 -44.93 74.68 -51.27
N LYS QA 209 -44.42 75.91 -51.36
CA LYS QA 209 -43.09 76.22 -50.86
C LYS QA 209 -43.11 76.43 -49.35
N LEU QA 210 -42.16 75.81 -48.66
CA LEU QA 210 -41.89 76.08 -47.25
C LEU QA 210 -40.56 76.81 -47.13
N SER QA 211 -40.57 77.92 -46.40
CA SER QA 211 -39.38 78.77 -46.26
C SER QA 211 -38.37 78.21 -45.26
N TYR QA 212 -38.85 77.42 -44.29
CA TYR QA 212 -38.00 76.76 -43.31
C TYR QA 212 -37.95 75.25 -43.54
N ILE QA 213 -36.92 74.62 -42.97
CA ILE QA 213 -36.71 73.18 -43.09
C ILE QA 213 -37.55 72.36 -42.11
N TYR QA 214 -38.04 73.01 -41.06
CA TYR QA 214 -38.55 72.35 -39.85
C TYR QA 214 -40.06 72.59 -39.62
N LEU QA 215 -40.76 73.06 -40.65
CA LEU QA 215 -42.21 73.27 -40.59
C LEU QA 215 -42.95 71.98 -40.95
N ASN QA 216 -42.42 71.25 -41.94
CA ASN QA 216 -42.85 69.88 -42.23
C ASN QA 216 -41.82 68.91 -41.64
N SER QA 217 -42.32 67.82 -41.08
CA SER QA 217 -41.48 66.81 -40.41
C SER QA 217 -40.68 65.97 -41.40
N ASP QA 218 -41.34 65.57 -42.49
CA ASP QA 218 -40.74 64.72 -43.52
C ASP QA 218 -39.56 65.44 -44.18
N ILE QA 219 -39.81 66.69 -44.57
CA ILE QA 219 -38.80 67.56 -45.19
C ILE QA 219 -37.58 67.72 -44.28
N PHE QA 220 -37.84 67.98 -43.02
CA PHE QA 220 -36.80 68.15 -41.99
C PHE QA 220 -35.91 66.91 -41.91
N SER QA 221 -36.55 65.74 -41.80
CA SER QA 221 -35.82 64.47 -41.73
C SER QA 221 -35.07 64.15 -43.01
N LYS QA 222 -35.77 64.32 -44.13
CA LYS QA 222 -35.20 64.11 -45.48
C LYS QA 222 -33.99 64.99 -45.74
N TYR QA 223 -34.14 66.28 -45.47
CA TYR QA 223 -33.06 67.25 -45.68
C TYR QA 223 -31.79 66.87 -44.92
N ILE QA 224 -31.96 66.51 -43.65
CA ILE QA 224 -30.84 66.14 -42.80
C ILE QA 224 -30.19 64.86 -43.33
N SER QA 225 -31.00 63.89 -43.75
CA SER QA 225 -30.50 62.66 -44.36
C SER QA 225 -29.64 62.91 -45.60
N LEU QA 226 -30.12 63.80 -46.47
CA LEU QA 226 -29.48 64.02 -47.78
C LEU QA 226 -28.35 65.05 -47.72
N ASN QA 227 -28.67 66.25 -47.21
CA ASN QA 227 -27.80 67.42 -47.36
C ASN QA 227 -26.68 67.55 -46.33
N ASP QA 228 -27.01 67.33 -45.06
CA ASP QA 228 -26.09 67.60 -43.94
C ASP QA 228 -25.29 66.37 -43.48
N MET QA 229 -24.96 65.47 -44.42
CA MET QA 229 -24.14 64.28 -44.15
C MET QA 229 -22.91 64.57 -43.30
N ASP QA 230 -22.04 65.44 -43.82
CA ASP QA 230 -20.75 65.79 -43.19
C ASP QA 230 -20.84 66.22 -41.72
N LYS QA 231 -21.94 66.86 -41.34
CA LYS QA 231 -22.13 67.33 -39.95
C LYS QA 231 -22.32 66.21 -38.92
N TYR QA 232 -22.74 65.01 -39.33
CA TYR QA 232 -22.96 63.88 -38.40
C TYR QA 232 -22.33 62.52 -38.77
N ASN QA 233 -21.65 62.42 -39.91
CA ASN QA 233 -21.11 61.13 -40.39
C ASN QA 233 -20.10 60.49 -39.44
N ASN QA 234 -19.13 61.29 -38.99
CA ASN QA 234 -18.19 60.87 -37.94
C ASN QA 234 -18.82 61.05 -36.57
N GLY QA 235 -19.39 62.23 -36.36
CA GLY QA 235 -20.13 62.55 -35.14
C GLY QA 235 -20.81 63.90 -35.30
N ILE QA 236 -21.85 64.15 -34.50
CA ILE QA 236 -22.63 65.39 -34.62
C ILE QA 236 -21.74 66.55 -34.23
N LEU QA 237 -21.43 67.42 -35.20
CA LEU QA 237 -20.61 68.61 -34.94
C LEU QA 237 -21.33 69.55 -33.98
N THR QA 238 -20.55 70.25 -33.17
CA THR QA 238 -21.05 71.01 -32.03
C THR QA 238 -21.94 72.18 -32.45
N ASN QA 239 -21.45 72.92 -33.44
CA ASN QA 239 -22.18 74.07 -34.01
C ASN QA 239 -23.53 73.66 -34.60
N TYR QA 240 -23.51 72.58 -35.37
CA TYR QA 240 -24.72 72.00 -35.98
C TYR QA 240 -25.76 71.59 -34.94
N GLN QA 241 -25.28 70.95 -33.89
CA GLN QA 241 -26.12 70.53 -32.74
C GLN QA 241 -26.77 71.75 -32.08
N ARG QA 242 -25.96 72.77 -31.83
CA ARG QA 242 -26.42 74.05 -31.27
C ARG QA 242 -27.52 74.69 -32.12
N MET QA 243 -27.28 74.73 -33.43
CA MET QA 243 -28.26 75.25 -34.39
C MET QA 243 -29.57 74.48 -34.35
N LEU QA 244 -29.48 73.15 -34.29
CA LEU QA 244 -30.65 72.28 -34.13
C LEU QA 244 -31.43 72.58 -32.84
N ASN QA 245 -30.70 72.73 -31.75
CA ASN QA 245 -31.28 73.07 -30.44
C ASN QA 245 -32.03 74.39 -30.43
N ASN QA 246 -31.43 75.41 -31.04
CA ASN QA 246 -31.96 76.77 -31.00
C ASN QA 246 -32.54 77.20 -32.35
N ILE QA 247 -33.44 76.37 -32.87
CA ILE QA 247 -34.28 76.73 -34.02
C ILE QA 247 -35.35 77.71 -33.55
N MET QA 248 -36.11 77.27 -32.55
CA MET QA 248 -37.27 78.00 -32.03
C MET QA 248 -36.83 78.75 -30.76
N PRO QA 249 -37.60 79.76 -30.32
CA PRO QA 249 -37.14 80.63 -29.22
C PRO QA 249 -37.64 80.24 -27.82
N LYS QA 250 -37.91 78.95 -27.59
CA LYS QA 250 -38.46 78.45 -26.31
C LYS QA 250 -39.77 79.14 -25.92
N LEU QA 251 -40.83 78.80 -26.65
CA LEU QA 251 -42.15 79.40 -26.43
C LEU QA 251 -42.83 78.78 -25.22
N ASN QA 252 -43.32 79.62 -24.31
CA ASN QA 252 -44.15 79.16 -23.19
C ASN QA 252 -45.50 78.62 -23.70
N ASP QA 253 -45.51 77.32 -23.97
CA ASP QA 253 -46.67 76.63 -24.58
C ASP QA 253 -47.94 76.68 -23.72
N HIS QA 254 -47.75 76.63 -22.40
CA HIS QA 254 -48.84 76.76 -21.43
C HIS QA 254 -49.54 78.10 -21.59
N ASN QA 255 -48.75 79.16 -21.63
CA ASN QA 255 -49.25 80.52 -21.79
C ASN QA 255 -50.06 80.72 -23.07
N ILE QA 256 -49.53 80.18 -24.17
CA ILE QA 256 -50.14 80.32 -25.50
C ILE QA 256 -51.48 79.62 -25.58
N SER QA 257 -51.51 78.37 -25.14
CA SER QA 257 -52.74 77.57 -25.08
C SER QA 257 -53.81 78.25 -24.24
N MET QA 258 -53.41 78.77 -23.08
CA MET QA 258 -54.32 79.48 -22.17
C MET QA 258 -54.89 80.74 -22.82
N ASN QA 259 -54.04 81.50 -23.49
CA ASN QA 259 -54.44 82.70 -24.25
C ASN QA 259 -55.45 82.39 -25.34
N TYR QA 260 -55.18 81.33 -26.09
CA TYR QA 260 -56.08 80.81 -27.13
C TYR QA 260 -57.45 80.46 -26.58
N ILE QA 261 -57.46 79.78 -25.44
CA ILE QA 261 -58.69 79.40 -24.73
C ILE QA 261 -59.49 80.63 -24.29
N ASN QA 262 -58.79 81.61 -23.72
CA ASN QA 262 -59.38 82.89 -23.32
C ASN QA 262 -60.02 83.62 -24.50
N ASN QA 263 -59.32 83.64 -25.62
CA ASN QA 263 -59.81 84.23 -26.87
C ASN QA 263 -61.08 83.55 -27.36
N ILE QA 264 -61.10 82.22 -27.30
CA ILE QA 264 -62.27 81.42 -27.68
C ILE QA 264 -63.47 81.74 -26.78
N ASN QA 265 -63.22 81.79 -25.47
CA ASN QA 265 -64.23 82.20 -24.48
C ASN QA 265 -64.83 83.57 -24.78
N ASN QA 266 -63.95 84.53 -25.07
CA ASN QA 266 -64.36 85.90 -25.43
C ASN QA 266 -65.24 85.94 -26.67
N ILE QA 267 -64.85 85.17 -27.69
CA ILE QA 267 -65.63 85.00 -28.92
C ILE QA 267 -67.02 84.45 -28.63
N ASN QA 268 -67.07 83.38 -27.83
CA ASN QA 268 -68.33 82.76 -27.40
C ASN QA 268 -69.25 83.74 -26.68
N ASN QA 269 -68.66 84.49 -25.75
CA ASN QA 269 -69.37 85.55 -25.02
C ASN QA 269 -69.96 86.60 -25.96
N ASN QA 270 -69.14 87.03 -26.92
CA ASN QA 270 -69.54 88.01 -27.94
C ASN QA 270 -70.75 87.54 -28.74
N LYS QA 271 -70.71 86.29 -29.20
CA LYS QA 271 -71.83 85.71 -29.95
C LYS QA 271 -73.09 85.61 -29.09
N TYR QA 272 -72.90 85.16 -27.85
CA TYR QA 272 -73.98 85.08 -26.87
C TYR QA 272 -74.59 86.46 -26.59
N ASN QA 273 -73.72 87.45 -26.37
CA ASN QA 273 -74.16 88.84 -26.19
C ASN QA 273 -74.98 89.36 -27.36
N ASN QA 274 -74.53 89.10 -28.57
CA ASN QA 274 -75.24 89.46 -29.79
C ASN QA 274 -76.62 88.82 -29.85
N MET QA 275 -76.68 87.53 -29.55
CA MET QA 275 -77.95 86.77 -29.49
C MET QA 275 -78.93 87.38 -28.49
N ILE QA 276 -78.40 87.72 -27.31
CA ILE QA 276 -79.18 88.42 -26.26
C ILE QA 276 -79.75 89.74 -26.76
N ASN QA 277 -78.89 90.53 -27.42
CA ASN QA 277 -79.28 91.84 -27.98
C ASN QA 277 -80.40 91.72 -29.01
N LEU QA 278 -80.29 90.70 -29.86
CA LEU QA 278 -81.31 90.38 -30.87
C LEU QA 278 -82.65 90.04 -30.22
N LEU QA 279 -82.58 89.20 -29.20
CA LEU QA 279 -83.76 88.78 -28.43
C LEU QA 279 -84.34 89.89 -27.55
N ASN QA 280 -83.51 90.88 -27.19
CA ASN QA 280 -83.90 92.04 -26.37
C ASN QA 280 -84.29 91.65 -24.95
N ASN QA 295 -94.08 78.80 -32.18
CA ASN QA 295 -92.91 77.97 -31.91
C ASN QA 295 -91.96 77.92 -33.12
N ASN QA 296 -91.04 78.87 -33.17
CA ASN QA 296 -90.02 78.95 -34.23
C ASN QA 296 -88.73 79.55 -33.69
N ASN QA 297 -87.60 78.97 -34.10
CA ASN QA 297 -86.28 79.29 -33.55
C ASN QA 297 -85.41 80.10 -34.51
N TYR QA 298 -85.99 81.18 -35.05
CA TYR QA 298 -85.27 82.11 -35.92
C TYR QA 298 -84.94 83.37 -35.12
N ILE QA 299 -83.66 83.75 -35.14
CA ILE QA 299 -83.18 84.95 -34.46
C ILE QA 299 -83.25 86.12 -35.47
N GLY QA 300 -82.59 87.24 -35.19
CA GLY QA 300 -82.56 88.38 -36.12
C GLY QA 300 -81.73 88.13 -37.39
N ASN QA 301 -81.27 89.22 -38.00
CA ASN QA 301 -80.49 89.16 -39.24
C ASN QA 301 -79.05 88.74 -38.96
N ILE QA 302 -78.33 88.31 -39.99
CA ILE QA 302 -76.98 87.76 -39.84
C ILE QA 302 -75.98 88.83 -39.36
N ASN QA 303 -76.04 90.02 -39.98
CA ASN QA 303 -75.23 91.18 -39.56
C ASN QA 303 -75.24 91.47 -38.06
N ASN QA 304 -76.40 91.33 -37.42
CA ASN QA 304 -76.54 91.61 -35.99
C ASN QA 304 -76.11 90.43 -35.08
N ILE QA 305 -76.19 89.20 -35.57
CA ILE QA 305 -75.72 88.01 -34.82
C ILE QA 305 -74.19 88.04 -34.75
N TYR QA 306 -73.58 88.22 -35.92
CA TYR QA 306 -72.13 88.28 -36.06
C TYR QA 306 -71.74 89.75 -36.17
N ASN QA 307 -71.93 90.48 -35.07
CA ASN QA 307 -71.75 91.93 -35.05
C ASN QA 307 -70.28 92.35 -35.16
N ASN QA 308 -69.46 91.82 -34.27
CA ASN QA 308 -68.02 92.10 -34.24
C ASN QA 308 -67.17 91.00 -34.91
N MET QA 309 -67.82 89.98 -35.45
CA MET QA 309 -67.13 88.82 -36.03
C MET QA 309 -66.81 89.05 -37.50
N THR QA 310 -65.53 88.92 -37.85
CA THR QA 310 -65.03 89.27 -39.19
C THR QA 310 -63.86 88.36 -39.61
N ILE QA 311 -63.37 88.53 -40.83
CA ILE QA 311 -62.21 87.77 -41.34
C ILE QA 311 -60.92 88.26 -40.70
N ASP QA 312 -60.88 89.56 -40.35
CA ASP QA 312 -59.70 90.17 -39.74
C ASP QA 312 -59.47 89.71 -38.29
N ASN QA 313 -60.55 89.47 -37.56
CA ASN QA 313 -60.49 89.17 -36.12
C ASN QA 313 -60.32 87.68 -35.81
N ILE QA 314 -61.29 86.89 -36.26
CA ILE QA 314 -61.49 85.52 -35.77
C ILE QA 314 -60.54 84.44 -36.33
N PRO QA 315 -60.54 84.21 -37.66
CA PRO QA 315 -59.85 83.05 -38.29
C PRO QA 315 -58.45 82.72 -37.77
N MET QA 316 -57.61 83.73 -37.62
CA MET QA 316 -56.20 83.53 -37.26
C MET QA 316 -56.03 83.13 -35.79
N ASP QA 317 -56.87 83.67 -34.92
CA ASP QA 317 -56.90 83.26 -33.50
C ASP QA 317 -57.38 81.81 -33.37
N ILE QA 318 -58.46 81.48 -34.08
CA ILE QA 318 -59.04 80.13 -34.09
C ILE QA 318 -58.08 79.07 -34.66
N LEU QA 319 -57.27 79.44 -35.66
CA LEU QA 319 -56.28 78.53 -36.27
C LEU QA 319 -55.51 77.78 -35.18
N MET QA 320 -55.65 76.45 -35.17
CA MET QA 320 -55.20 75.62 -34.04
C MET QA 320 -53.68 75.55 -33.94
N TYR QA 321 -53.06 74.79 -34.84
CA TYR QA 321 -51.62 74.52 -34.76
C TYR QA 321 -50.92 75.68 -35.45
N LYS QA 322 -50.05 76.39 -34.73
CA LYS QA 322 -49.22 77.45 -35.31
C LYS QA 322 -47.76 77.50 -34.84
N TYR QA 323 -47.45 76.86 -33.71
CA TYR QA 323 -46.22 77.11 -32.97
C TYR QA 323 -45.52 75.81 -32.66
N LEU QA 324 -44.37 75.59 -33.31
CA LEU QA 324 -43.51 74.45 -33.02
C LEU QA 324 -43.05 74.56 -31.55
N VAL QA 325 -43.78 73.90 -30.66
CA VAL QA 325 -43.51 73.97 -29.22
C VAL QA 325 -42.26 73.16 -28.87
N GLY QA 326 -42.26 71.89 -29.26
CA GLY QA 326 -41.17 70.97 -28.94
C GLY QA 326 -40.88 70.01 -30.08
N TRP QA 327 -39.62 69.58 -30.17
CA TRP QA 327 -39.20 68.68 -31.23
C TRP QA 327 -38.05 67.78 -30.80
N SER QA 328 -38.06 66.56 -31.32
CA SER QA 328 -37.00 65.58 -31.09
C SER QA 328 -36.49 65.07 -32.42
N ILE QA 329 -35.17 65.00 -32.55
CA ILE QA 329 -34.52 64.48 -33.75
C ILE QA 329 -33.50 63.42 -33.30
N LYS QA 330 -33.61 62.23 -33.89
CA LYS QA 330 -32.74 61.11 -33.57
C LYS QA 330 -31.95 60.69 -34.81
N PHE QA 331 -30.63 60.64 -34.68
CA PHE QA 331 -29.76 60.04 -35.69
C PHE QA 331 -29.44 58.65 -35.17
N LYS QA 332 -29.44 57.66 -36.06
CA LYS QA 332 -29.20 56.27 -35.66
C LYS QA 332 -28.52 55.47 -36.77
N GLY QA 333 -27.63 54.56 -36.37
CA GLY QA 333 -26.90 53.69 -37.29
C GLY QA 333 -25.40 53.85 -37.15
N ARG QA 334 -24.67 53.43 -38.19
CA ARG QA 334 -23.21 53.52 -38.22
C ARG QA 334 -22.77 54.94 -38.59
N LEU QA 335 -22.82 55.82 -37.59
CA LEU QA 335 -22.38 57.21 -37.72
C LEU QA 335 -21.18 57.42 -36.80
N SER QA 336 -20.15 56.62 -37.04
CA SER QA 336 -18.90 56.68 -36.28
C SER QA 336 -17.81 55.99 -37.09
N ASN QA 337 -16.83 56.77 -37.56
CA ASN QA 337 -15.76 56.24 -38.41
C ASN QA 337 -14.83 55.29 -37.66
N ASN QA 338 -14.49 55.57 -36.41
CA ASN QA 338 -13.63 54.65 -35.66
C ASN QA 338 -14.35 53.39 -35.15
N ASN QA 339 -15.55 53.60 -34.59
CA ASN QA 339 -16.31 52.52 -33.97
C ASN QA 339 -17.00 51.58 -34.96
N GLY QA 340 -17.03 50.29 -34.64
CA GLY QA 340 -17.79 49.30 -35.40
C GLY QA 340 -19.26 49.27 -35.03
N ARG QA 341 -19.56 49.56 -33.77
CA ARG QA 341 -20.93 49.56 -33.25
C ARG QA 341 -21.75 50.75 -33.74
N THR QA 342 -23.06 50.71 -33.46
CA THR QA 342 -24.00 51.77 -33.84
C THR QA 342 -23.97 52.92 -32.82
N SER QA 343 -24.69 54.00 -33.14
CA SER QA 343 -24.78 55.16 -32.27
C SER QA 343 -26.13 55.86 -32.37
N THR QA 344 -26.99 55.62 -31.37
CA THR QA 344 -28.25 56.35 -31.22
C THR QA 344 -27.92 57.71 -30.59
N THR QA 345 -28.19 58.79 -31.30
CA THR QA 345 -27.95 60.14 -30.78
C THR QA 345 -29.23 60.98 -30.93
N ASN QA 346 -29.75 61.45 -29.80
CA ASN QA 346 -31.05 62.13 -29.74
C ASN QA 346 -30.92 63.57 -29.29
N LEU QA 347 -31.53 64.48 -30.03
CA LEU QA 347 -31.66 65.88 -29.66
C LEU QA 347 -33.11 66.12 -29.26
N LEU QA 348 -33.34 66.67 -28.07
CA LEU QA 348 -34.68 66.93 -27.53
C LEU QA 348 -34.83 68.41 -27.18
N ASN QA 349 -35.99 68.98 -27.53
CA ASN QA 349 -36.33 70.37 -27.20
C ASN QA 349 -37.82 70.53 -26.90
N GLY QA 350 -38.15 71.53 -26.09
CA GLY QA 350 -39.53 71.88 -25.78
C GLY QA 350 -40.32 70.75 -25.14
N THR QA 351 -41.60 70.65 -25.52
CA THR QA 351 -42.49 69.61 -25.03
C THR QA 351 -43.39 69.01 -26.10
N PHE QA 352 -43.83 67.77 -25.84
CA PHE QA 352 -44.67 67.01 -26.76
C PHE QA 352 -46.11 66.79 -26.25
N ASN QA 353 -46.42 67.27 -25.04
CA ASN QA 353 -47.80 67.33 -24.58
C ASN QA 353 -48.43 68.64 -25.02
N ASN QA 354 -49.74 68.63 -25.28
CA ASN QA 354 -50.48 69.84 -25.63
C ASN QA 354 -51.42 70.23 -24.50
N LYS QA 355 -51.33 71.48 -24.07
CA LYS QA 355 -52.10 72.00 -22.94
C LYS QA 355 -53.41 72.68 -23.34
N LYS QA 356 -53.67 72.79 -24.65
CA LYS QA 356 -54.98 73.22 -25.15
C LYS QA 356 -56.06 72.16 -24.89
N TYR QA 357 -55.69 70.88 -24.98
CA TYR QA 357 -56.61 69.78 -24.71
C TYR QA 357 -56.80 69.49 -23.22
N LEU QA 358 -55.85 69.94 -22.38
CA LEU QA 358 -55.80 69.58 -20.96
C LEU QA 358 -56.91 70.27 -20.15
N TRP QA 359 -57.14 71.56 -20.40
CA TRP QA 359 -58.18 72.33 -19.69
C TRP QA 359 -59.08 73.13 -20.65
N SER QA 360 -59.82 72.40 -21.48
CA SER QA 360 -60.83 73.01 -22.36
C SER QA 360 -61.75 72.00 -23.05
N ASN QA 361 -62.75 72.54 -23.75
CA ASN QA 361 -63.71 71.75 -24.50
C ASN QA 361 -63.10 70.98 -25.68
N ILE QA 362 -62.04 71.54 -26.28
CA ILE QA 362 -61.37 70.89 -27.41
C ILE QA 362 -60.68 69.63 -26.89
N ASN QA 363 -60.91 68.51 -27.58
CA ASN QA 363 -60.26 67.24 -27.26
C ASN QA 363 -59.22 66.87 -28.30
N ASN QA 364 -58.22 66.12 -27.86
CA ASN QA 364 -57.20 65.56 -28.73
C ASN QA 364 -57.82 64.47 -29.61
N ASN QA 365 -57.30 64.30 -30.82
CA ASN QA 365 -57.72 63.20 -31.71
C ASN QA 365 -56.50 62.48 -32.28
N TYR QA 366 -56.70 61.24 -32.68
CA TYR QA 366 -55.60 60.35 -33.08
C TYR QA 366 -55.63 60.00 -34.56
N LYS QA 367 -54.53 60.29 -35.25
CA LYS QA 367 -54.39 60.07 -36.68
C LYS QA 367 -54.01 58.61 -36.90
N LEU QA 368 -54.79 57.92 -37.74
CA LEU QA 368 -54.75 56.46 -37.86
C LEU QA 368 -54.94 55.73 -36.51
N ASN QA 369 -55.67 56.37 -35.59
CA ASN QA 369 -55.87 55.88 -34.21
C ASN QA 369 -54.60 55.55 -33.40
N TYR QA 370 -53.49 56.25 -33.68
CA TYR QA 370 -52.26 56.06 -32.88
C TYR QA 370 -51.25 57.22 -32.81
N ILE QA 371 -51.50 58.33 -33.49
CA ILE QA 371 -50.62 59.50 -33.47
C ILE QA 371 -51.45 60.69 -33.03
N PRO QA 372 -51.16 61.28 -31.85
CA PRO QA 372 -51.83 62.52 -31.43
C PRO QA 372 -51.78 63.58 -32.52
N SER QA 373 -52.94 64.18 -32.83
CA SER QA 373 -53.08 65.04 -34.02
C SER QA 373 -51.95 66.05 -34.15
N ASN QA 374 -51.69 66.78 -33.06
CA ASN QA 374 -50.60 67.75 -33.01
C ASN QA 374 -49.21 67.21 -33.40
N HIS QA 375 -48.89 65.98 -33.00
CA HIS QA 375 -47.62 65.35 -33.40
C HIS QA 375 -47.53 65.15 -34.91
N ASN QA 376 -46.30 65.13 -35.43
CA ASN QA 376 -46.04 64.55 -36.74
C ASN QA 376 -44.63 63.96 -36.84
N LEU QA 377 -44.58 62.65 -37.03
CA LEU QA 377 -43.36 61.86 -36.94
C LEU QA 377 -42.95 61.44 -38.34
N TYR QA 378 -41.65 61.37 -38.59
CA TYR QA 378 -41.14 60.87 -39.86
C TYR QA 378 -39.66 60.47 -39.77
N ASN QA 379 -39.27 59.60 -40.70
CA ASN QA 379 -37.87 59.22 -40.86
C ASN QA 379 -37.47 59.03 -42.32
N ASN QA 380 -36.17 59.14 -42.58
CA ASN QA 380 -35.61 59.00 -43.92
C ASN QA 380 -34.21 58.40 -43.79
N SER QA 381 -33.96 57.32 -44.54
CA SER QA 381 -32.76 56.50 -44.35
C SER QA 381 -31.82 56.52 -45.56
N ASN QA 382 -30.82 57.42 -45.52
CA ASN QA 382 -29.79 57.50 -46.55
C ASN QA 382 -28.71 56.46 -46.24
N ILE QA 383 -28.11 55.89 -47.28
CA ILE QA 383 -26.99 54.96 -47.16
C ILE QA 383 -25.66 55.73 -47.10
N ASN QA 384 -24.75 55.26 -46.24
CA ASN QA 384 -23.43 55.86 -46.04
C ASN QA 384 -22.35 54.96 -46.66
N LYS QA 385 -21.08 55.34 -46.52
CA LYS QA 385 -19.95 54.45 -46.82
C LYS QA 385 -19.96 53.23 -45.91
N ASN QA 386 -20.23 53.46 -44.63
CA ASN QA 386 -20.25 52.41 -43.61
C ASN QA 386 -21.45 51.47 -43.72
N GLY QA 387 -22.58 51.99 -44.22
CA GLY QA 387 -23.81 51.21 -44.35
C GLY QA 387 -25.03 52.08 -44.18
N LYS QA 388 -26.12 51.48 -43.72
CA LYS QA 388 -27.40 52.17 -43.62
C LYS QA 388 -27.52 52.93 -42.30
N TYR QA 389 -28.18 54.09 -42.36
CA TYR QA 389 -28.53 54.89 -41.19
C TYR QA 389 -29.85 55.59 -41.47
N ASN QA 390 -30.48 56.15 -40.43
CA ASN QA 390 -31.69 56.96 -40.62
C ASN QA 390 -31.77 58.13 -39.65
N ILE QA 391 -32.76 58.99 -39.86
CA ILE QA 391 -32.93 60.22 -39.10
C ILE QA 391 -34.40 60.45 -38.76
N LYS QA 392 -34.81 60.01 -37.58
CA LYS QA 392 -36.15 60.30 -37.07
C LYS QA 392 -36.26 61.79 -36.73
N VAL QA 393 -37.40 62.38 -37.09
CA VAL QA 393 -37.78 63.71 -36.66
C VAL QA 393 -39.19 63.61 -36.08
N LYS QA 394 -39.46 64.43 -35.07
CA LYS QA 394 -40.75 64.45 -34.40
C LYS QA 394 -40.99 65.85 -33.84
N LEU QA 395 -41.98 66.55 -34.40
CA LEU QA 395 -42.34 67.91 -33.99
C LEU QA 395 -43.69 67.86 -33.28
N ASN QA 396 -43.98 68.89 -32.49
CA ASN QA 396 -45.20 68.90 -31.66
C ASN QA 396 -46.33 69.82 -32.12
N PHE QA 397 -46.00 71.06 -32.45
CA PHE QA 397 -46.99 72.05 -32.94
C PHE QA 397 -48.20 72.23 -32.00
N ILE QA 398 -47.95 72.88 -30.87
CA ILE QA 398 -48.96 73.23 -29.85
C ILE QA 398 -50.31 72.49 -29.99
N PRO RA 2 27.67 76.45 -39.39
CA PRO RA 2 26.37 76.67 -38.79
C PRO RA 2 25.27 75.80 -39.41
N ARG RA 3 24.04 75.93 -38.90
CA ARG RA 3 22.90 75.16 -39.40
C ARG RA 3 22.55 75.62 -40.82
N LYS RA 4 22.36 74.66 -41.72
CA LYS RA 4 22.20 74.97 -43.15
C LYS RA 4 20.85 75.61 -43.46
N ALA RA 5 20.87 76.55 -44.41
CA ALA RA 5 19.66 77.26 -44.83
C ALA RA 5 18.84 76.35 -45.74
N ASN RA 6 17.62 76.04 -45.31
CA ASN RA 6 16.75 75.13 -46.04
C ASN RA 6 15.28 75.34 -45.68
N LEU RA 7 14.50 75.84 -46.66
CA LEU RA 7 13.08 76.15 -46.48
C LEU RA 7 12.85 77.20 -45.39
N LEU RA 8 13.69 78.23 -45.40
CA LEU RA 8 13.60 79.33 -44.44
C LEU RA 8 12.38 80.23 -44.69
N LYS RA 9 11.95 80.32 -45.94
CA LYS RA 9 10.87 81.23 -46.35
C LYS RA 9 9.72 80.50 -47.07
N SER RA 10 9.36 79.34 -46.53
CA SER RA 10 8.16 78.61 -46.98
C SER RA 10 6.91 79.31 -46.44
N LEU RA 11 5.77 79.04 -47.05
CA LEU RA 11 4.49 79.63 -46.64
C LEU RA 11 3.67 78.71 -45.73
N ALA RA 12 3.80 77.41 -45.92
CA ALA RA 12 3.12 76.42 -45.08
C ALA RA 12 3.65 76.39 -43.64
N ARG RA 13 4.88 76.87 -43.45
CA ARG RA 13 5.38 77.23 -42.14
C ARG RA 13 5.58 78.74 -42.18
N GLY RA 14 4.70 79.48 -41.50
CA GLY RA 14 4.75 80.94 -41.50
C GLY RA 14 5.85 81.47 -40.59
N ARG RA 15 7.09 81.08 -40.88
CA ARG RA 15 8.22 81.43 -40.04
C ARG RA 15 8.75 82.78 -40.51
N VAL RA 16 8.88 83.71 -39.58
CA VAL RA 16 9.30 85.07 -39.88
C VAL RA 16 10.80 85.13 -39.60
N ARG RA 17 11.59 85.08 -40.67
CA ARG RA 17 13.05 85.16 -40.59
C ARG RA 17 13.55 86.60 -40.59
N THR RA 18 14.81 86.76 -40.20
CA THR RA 18 15.52 88.04 -40.31
C THR RA 18 15.99 88.23 -41.75
N SER RA 19 15.16 88.87 -42.56
CA SER RA 19 15.46 89.13 -43.97
C SER RA 19 14.51 90.18 -44.53
N PHE RA 20 14.82 90.68 -45.72
CA PHE RA 20 13.90 91.56 -46.47
C PHE RA 20 13.25 90.84 -47.64
N ASN RA 21 13.15 89.50 -47.57
CA ASN RA 21 12.64 88.74 -48.70
C ASN RA 21 11.12 88.91 -48.84
N LYS RA 22 10.68 88.86 -50.10
CA LYS RA 22 9.27 88.99 -50.46
C LYS RA 22 8.39 87.92 -49.81
N TYR RA 23 8.91 86.69 -49.80
CA TYR RA 23 8.23 85.55 -49.19
C TYR RA 23 8.20 85.67 -47.67
N ASN RA 24 9.30 86.17 -47.11
CA ASN RA 24 9.40 86.49 -45.69
C ASN RA 24 8.41 87.58 -45.27
N LEU RA 25 8.31 88.63 -46.10
CA LEU RA 25 7.34 89.71 -45.89
C LEU RA 25 5.91 89.20 -45.87
N PHE RA 26 5.59 88.33 -46.82
CA PHE RA 26 4.26 87.74 -46.90
C PHE RA 26 3.95 86.90 -45.66
N ASN RA 27 4.91 86.08 -45.25
CA ASN RA 27 4.82 85.29 -44.01
C ASN RA 27 4.52 86.15 -42.80
N LEU RA 28 5.27 87.24 -42.67
CA LEU RA 28 5.06 88.23 -41.61
C LEU RA 28 3.64 88.78 -41.64
N TYR RA 29 3.21 89.16 -42.85
CA TYR RA 29 1.88 89.73 -43.09
C TYR RA 29 0.74 88.82 -42.64
N LYS RA 30 0.77 87.57 -43.12
CA LYS RA 30 -0.39 86.66 -42.97
C LYS RA 30 -0.35 85.79 -41.70
N LYS RA 31 0.65 85.98 -40.84
CA LYS RA 31 0.75 85.19 -39.61
C LYS RA 31 -0.25 85.63 -38.54
N GLY RA 32 -0.42 86.94 -38.40
CA GLY RA 32 -1.22 87.51 -37.31
C GLY RA 32 -0.41 87.45 -36.03
N GLY RA 33 -0.94 86.74 -35.03
CA GLY RA 33 -0.18 86.41 -33.82
C GLY RA 33 0.39 85.01 -33.93
N VAL RA 34 0.92 84.52 -32.81
CA VAL RA 34 1.19 83.07 -32.65
C VAL RA 34 0.09 82.60 -31.70
N ASP RA 35 -0.65 81.57 -32.12
CA ASP RA 35 -1.77 81.08 -31.33
C ASP RA 35 -1.23 80.14 -30.25
N LEU RA 36 -1.48 80.50 -28.99
CA LEU RA 36 -1.09 79.69 -27.83
C LEU RA 36 -2.31 79.13 -27.09
N LYS RA 37 -3.50 79.28 -27.69
CA LYS RA 37 -4.74 78.80 -27.11
C LYS RA 37 -4.94 77.34 -27.45
N SER RA 38 -5.67 76.63 -26.59
CA SER RA 38 -5.97 75.19 -26.75
C SER RA 38 -4.73 74.29 -26.76
N LYS RA 39 -3.65 74.73 -26.11
CA LYS RA 39 -2.39 73.99 -26.04
C LYS RA 39 -2.04 73.72 -24.59
N SER RA 40 -1.27 72.65 -24.37
CA SER RA 40 -0.65 72.39 -23.07
C SER RA 40 0.47 73.40 -22.86
N LEU RA 41 1.03 73.43 -21.66
CA LEU RA 41 2.13 74.34 -21.37
C LEU RA 41 3.33 74.02 -22.27
N TYR RA 42 3.67 72.73 -22.34
CA TYR RA 42 4.78 72.26 -23.17
C TYR RA 42 4.59 72.64 -24.64
N GLN RA 43 3.39 72.39 -25.15
CA GLN RA 43 3.04 72.71 -26.54
C GLN RA 43 3.20 74.20 -26.83
N GLN RA 44 2.74 75.05 -25.91
CA GLN RA 44 2.93 76.50 -25.99
C GLN RA 44 4.40 76.88 -26.05
N LYS RA 45 5.20 76.26 -25.17
CA LYS RA 45 6.65 76.48 -25.12
C LYS RA 45 7.33 76.09 -26.42
N TRP RA 46 6.89 74.98 -26.99
CA TRP RA 46 7.39 74.49 -28.27
C TRP RA 46 7.10 75.46 -29.41
N THR RA 47 5.87 75.95 -29.46
CA THR RA 47 5.44 76.88 -30.50
C THR RA 47 6.15 78.23 -30.40
N ALA RA 48 6.44 78.65 -29.17
CA ALA RA 48 7.24 79.83 -28.90
C ALA RA 48 8.66 79.66 -29.45
N LYS RA 49 9.27 78.53 -29.08
CA LYS RA 49 10.60 78.14 -29.56
C LYS RA 49 10.68 78.16 -31.09
N GLN RA 50 9.69 77.52 -31.71
CA GLN RA 50 9.58 77.49 -33.18
C GLN RA 50 9.60 78.88 -33.81
N GLU RA 51 8.73 79.75 -33.31
CA GLU RA 51 8.56 81.08 -33.90
C GLU RA 51 9.73 81.99 -33.56
N THR RA 52 10.05 82.06 -32.27
CA THR RA 52 11.05 83.01 -31.80
C THR RA 52 12.45 82.67 -32.31
N ARG RA 53 12.83 81.40 -32.32
CA ARG RA 53 14.16 81.02 -32.82
C ARG RA 53 14.30 81.10 -34.34
N ALA RA 54 13.17 81.01 -35.06
CA ALA RA 54 13.19 81.19 -36.51
C ALA RA 54 13.67 82.60 -36.89
N TYR RA 55 13.21 83.59 -36.15
CA TYR RA 55 13.67 84.96 -36.34
C TYR RA 55 15.07 85.15 -35.73
N HIS RA 56 15.22 84.81 -34.45
CA HIS RA 56 16.45 85.06 -33.70
C HIS RA 56 17.43 83.89 -33.80
N GLY RA 57 18.28 83.93 -34.83
CA GLY RA 57 19.38 82.97 -34.97
C GLY RA 57 18.97 81.61 -35.48
N GLU RA 58 18.44 81.58 -36.70
CA GLU RA 58 18.12 80.33 -37.39
C GLU RA 58 19.38 79.59 -37.84
N HIS RA 59 20.44 80.34 -38.13
CA HIS RA 59 21.74 79.75 -38.50
C HIS RA 59 22.43 79.04 -37.33
N LEU RA 60 22.17 79.50 -36.10
CA LEU RA 60 22.76 78.89 -34.91
C LEU RA 60 22.22 77.47 -34.67
N THR RA 61 23.11 76.56 -34.30
CA THR RA 61 22.70 75.23 -33.85
C THR RA 61 22.08 75.34 -32.47
N GLU RA 62 21.17 74.41 -32.16
CA GLU RA 62 20.40 74.42 -30.91
C GLU RA 62 21.29 74.35 -29.67
N LYS RA 63 22.23 73.40 -29.68
CA LYS RA 63 23.19 73.22 -28.59
C LYS RA 63 24.07 74.43 -28.39
N ARG RA 64 24.54 74.98 -29.50
CA ARG RA 64 25.34 76.20 -29.51
C ARG RA 64 24.56 77.35 -28.90
N TRP RA 65 23.34 77.55 -29.40
CA TRP RA 65 22.43 78.58 -28.88
C TRP RA 65 22.24 78.45 -27.37
N GLN RA 66 21.93 77.24 -26.92
CA GLN RA 66 21.73 76.92 -25.51
C GLN RA 66 22.94 77.35 -24.67
N THR RA 67 24.12 77.04 -25.18
CA THR RA 67 25.38 77.44 -24.54
C THR RA 67 25.52 78.96 -24.43
N VAL RA 68 25.20 79.68 -25.50
CA VAL RA 68 25.30 81.15 -25.49
C VAL RA 68 24.18 81.79 -24.67
N PHE RA 69 22.99 81.18 -24.68
CA PHE RA 69 21.80 81.73 -24.01
C PHE RA 69 22.06 82.10 -22.55
N LYS RA 70 21.82 83.38 -22.22
CA LYS RA 70 21.98 83.90 -20.86
C LYS RA 70 20.62 83.97 -20.16
N PRO RA 71 20.52 83.43 -18.92
CA PRO RA 71 19.30 83.68 -18.12
C PRO RA 71 19.18 85.12 -17.63
N LYS RA 72 20.26 85.68 -17.11
CA LYS RA 72 20.22 87.02 -16.49
C LYS RA 72 19.97 88.12 -17.52
N LEU RA 73 18.70 88.54 -17.61
CA LEU RA 73 18.29 89.61 -18.51
C LEU RA 73 18.65 90.97 -17.91
N ASP RA 74 18.56 92.01 -18.73
CA ASP RA 74 19.00 93.36 -18.35
C ASP RA 74 17.89 94.40 -18.53
N SER RA 75 18.02 95.50 -17.80
CA SER RA 75 16.98 96.54 -17.74
C SER RA 75 17.54 97.84 -17.16
N VAL RA 76 16.74 98.91 -17.26
CA VAL RA 76 17.14 100.25 -16.81
C VAL RA 76 16.02 100.93 -16.03
N ALA RA 77 16.36 101.46 -14.84
CA ALA RA 77 15.42 102.20 -13.99
C ALA RA 77 15.50 103.69 -14.30
N GLN RA 78 14.38 104.27 -14.72
CA GLN RA 78 14.32 105.70 -15.08
C GLN RA 78 14.34 106.65 -13.88
N LEU RA 79 13.90 106.17 -12.72
CA LEU RA 79 13.88 106.95 -11.45
C LEU RA 79 13.28 108.38 -11.56
N ASP RA 80 12.21 108.49 -12.34
CA ASP RA 80 11.48 109.75 -12.52
C ASP RA 80 10.03 109.58 -12.06
N ILE RA 88 2.54 104.60 -14.61
CA ILE RA 88 3.48 104.41 -15.71
C ILE RA 88 3.36 103.02 -16.35
N LYS RA 89 3.97 102.87 -17.53
CA LYS RA 89 3.95 101.61 -18.26
C LYS RA 89 4.88 100.56 -17.63
N GLU RA 90 4.60 99.30 -17.94
CA GLU RA 90 5.35 98.17 -17.39
C GLU RA 90 6.42 97.70 -18.37
N THR RA 91 7.66 97.62 -17.90
CA THR RA 91 8.79 97.21 -18.76
C THR RA 91 8.64 95.74 -19.23
N PRO RA 92 8.93 95.46 -20.52
CA PRO RA 92 8.84 94.10 -21.00
C PRO RA 92 10.20 93.41 -20.85
N PHE RA 93 10.45 92.89 -19.64
CA PHE RA 93 11.73 92.25 -19.31
C PHE RA 93 12.09 91.13 -20.28
N LEU RA 94 11.14 90.21 -20.49
CA LEU RA 94 11.43 88.95 -21.20
C LEU RA 94 11.52 89.05 -22.72
N LEU RA 95 11.30 90.24 -23.30
CA LEU RA 95 11.72 90.51 -24.68
C LEU RA 95 13.25 90.45 -24.86
N GLN RA 96 13.99 90.55 -23.76
CA GLN RA 96 15.46 90.48 -23.75
C GLN RA 96 16.09 89.09 -23.95
N THR RA 97 15.29 88.03 -24.12
CA THR RA 97 15.84 86.67 -24.30
C THR RA 97 16.87 86.53 -25.41
N PHE RA 98 16.68 87.29 -26.49
CA PHE RA 98 17.60 87.29 -27.62
C PHE RA 98 18.36 88.62 -27.74
N ALA RA 99 18.64 89.25 -26.60
CA ALA RA 99 19.48 90.45 -26.53
C ALA RA 99 20.94 90.09 -26.77
N VAL RA 100 21.33 88.89 -26.36
CA VAL RA 100 22.72 88.41 -26.44
C VAL RA 100 23.19 88.25 -27.90
N LEU RA 101 22.25 87.94 -28.80
CA LEU RA 101 22.59 87.80 -30.22
C LEU RA 101 22.85 89.14 -30.92
N GLU RA 102 22.27 90.25 -30.45
CA GLU RA 102 22.56 91.59 -31.02
C GLU RA 102 24.01 92.03 -30.80
N LYS RA 103 24.61 91.54 -29.72
CA LYS RA 103 26.04 91.72 -29.43
C LYS RA 103 26.94 91.14 -30.53
N ARG RA 104 26.48 90.05 -31.17
CA ARG RA 104 27.16 89.47 -32.34
C ARG RA 104 27.39 90.50 -33.43
N LEU RA 105 28.45 90.30 -34.21
CA LEU RA 105 28.79 91.21 -35.30
C LEU RA 105 27.76 91.14 -36.43
N ASP RA 106 27.42 89.91 -36.79
CA ASP RA 106 26.51 89.60 -37.88
C ASP RA 106 25.12 90.24 -37.69
N PHE RA 107 24.57 90.06 -36.50
CA PHE RA 107 23.28 90.64 -36.13
C PHE RA 107 23.31 92.17 -36.12
N ALA RA 108 24.37 92.74 -35.54
CA ALA RA 108 24.57 94.19 -35.52
C ALA RA 108 24.61 94.79 -36.93
N LEU RA 109 25.30 94.10 -37.83
CA LEU RA 109 25.38 94.47 -39.24
C LEU RA 109 24.01 94.47 -39.91
N PHE RA 110 23.23 93.43 -39.61
CA PHE RA 110 21.86 93.31 -40.11
C PHE RA 110 20.97 94.44 -39.61
N ARG RA 111 21.07 94.74 -38.31
CA ARG RA 111 20.33 95.85 -37.69
C ARG RA 111 20.66 97.20 -38.31
N ALA RA 112 21.94 97.41 -38.60
CA ALA RA 112 22.42 98.61 -39.28
C ALA RA 112 21.85 98.79 -40.69
N MET RA 113 21.42 97.69 -41.30
CA MET RA 113 20.90 97.61 -42.68
C MET RA 113 22.04 97.72 -43.67
N PHE RA 114 23.17 97.12 -43.30
CA PHE RA 114 24.29 96.91 -44.21
C PHE RA 114 24.19 95.51 -44.83
N ALA RA 115 23.13 94.77 -44.50
CA ALA RA 115 22.76 93.56 -45.23
C ALA RA 115 21.24 93.38 -45.29
N SER RA 116 20.80 92.74 -46.37
CA SER RA 116 19.40 92.36 -46.58
C SER RA 116 18.91 91.38 -45.53
N SER RA 117 19.79 90.49 -45.11
CA SER RA 117 19.47 89.44 -44.14
C SER RA 117 20.62 89.26 -43.16
N VAL RA 118 20.42 88.37 -42.18
CA VAL RA 118 21.46 87.97 -41.24
C VAL RA 118 22.46 87.03 -41.94
N ARG RA 119 21.94 86.08 -42.71
CA ARG RA 119 22.76 85.17 -43.52
C ARG RA 119 23.71 85.91 -44.47
N GLN RA 120 23.17 86.90 -45.17
CA GLN RA 120 23.94 87.74 -46.10
C GLN RA 120 25.04 88.51 -45.38
N ALA RA 121 24.68 89.12 -44.26
CA ALA RA 121 25.63 89.83 -43.40
C ALA RA 121 26.78 88.93 -43.00
N ARG RA 122 26.43 87.71 -42.59
CA ARG RA 122 27.38 86.66 -42.21
C ARG RA 122 28.35 86.36 -43.35
N GLN RA 123 27.80 86.17 -44.54
CA GLN RA 123 28.57 85.94 -45.76
C GLN RA 123 29.53 87.08 -46.09
N PHE RA 124 29.01 88.31 -45.98
CA PHE RA 124 29.80 89.53 -46.19
C PHE RA 124 31.05 89.55 -45.32
N ILE RA 125 30.84 89.29 -44.03
CA ILE RA 125 31.94 89.41 -43.07
C ILE RA 125 32.92 88.24 -43.20
N LEU RA 126 32.44 87.05 -43.56
CA LEU RA 126 33.33 85.94 -43.97
C LEU RA 126 34.23 86.30 -45.14
N HIS RA 127 33.65 87.00 -46.12
CA HIS RA 127 34.38 87.44 -47.31
C HIS RA 127 35.35 88.61 -47.03
N GLY RA 128 35.28 89.17 -45.82
CA GLY RA 128 36.29 90.09 -45.31
C GLY RA 128 36.04 91.53 -45.69
N ASN RA 129 34.77 91.91 -45.68
CA ASN RA 129 34.33 93.25 -46.09
C ASN RA 129 34.08 94.15 -44.89
N VAL RA 130 33.49 93.60 -43.83
CA VAL RA 130 33.29 94.35 -42.60
C VAL RA 130 34.62 94.63 -41.92
N ARG RA 131 34.68 95.77 -41.25
CA ARG RA 131 35.76 96.12 -40.35
C ARG RA 131 35.12 96.52 -39.03
N VAL RA 132 35.88 96.40 -37.94
CA VAL RA 132 35.45 96.89 -36.62
C VAL RA 132 36.69 97.48 -35.94
N ASN RA 133 36.67 98.81 -35.80
CA ASN RA 133 37.82 99.58 -35.32
C ASN RA 133 39.03 99.40 -36.24
N GLY RA 134 38.80 99.55 -37.54
CA GLY RA 134 39.82 99.36 -38.57
C GLY RA 134 40.04 97.91 -38.95
N VAL RA 135 40.52 97.09 -38.02
CA VAL RA 135 40.85 95.72 -38.39
C VAL RA 135 39.68 94.97 -39.00
N LYS RA 136 39.94 94.31 -40.13
CA LYS RA 136 38.91 93.55 -40.83
C LYS RA 136 38.75 92.17 -40.20
N ILE RA 137 37.49 91.79 -40.00
CA ILE RA 137 37.12 90.53 -39.35
C ILE RA 137 36.49 89.56 -40.33
N LYS RA 138 36.75 88.27 -40.14
CA LYS RA 138 36.12 87.19 -40.92
C LYS RA 138 35.51 86.15 -39.99
N HIS RA 139 34.67 86.63 -39.08
CA HIS RA 139 34.16 85.83 -37.95
C HIS RA 139 32.86 86.42 -37.40
N PRO RA 140 31.71 85.91 -37.86
CA PRO RA 140 30.36 86.25 -37.35
C PRO RA 140 30.12 86.12 -35.85
N SER RA 141 30.81 85.20 -35.20
CA SER RA 141 30.72 85.05 -33.75
C SER RA 141 31.48 86.13 -32.95
N TYR RA 142 32.21 87.01 -33.64
CA TYR RA 142 32.79 88.23 -33.05
C TYR RA 142 31.69 89.03 -32.35
N THR RA 143 32.00 89.52 -31.14
CA THR RA 143 31.04 90.26 -30.33
C THR RA 143 31.49 91.71 -30.15
N LEU RA 144 30.62 92.66 -30.49
CA LEU RA 144 30.91 94.08 -30.30
C LEU RA 144 30.88 94.45 -28.82
N LYS RA 145 31.79 95.34 -28.43
CA LYS RA 145 31.73 96.03 -27.15
C LYS RA 145 31.08 97.39 -27.38
N PRO RA 146 30.58 98.05 -26.30
CA PRO RA 146 30.02 99.39 -26.48
C PRO RA 146 31.10 100.40 -26.85
N GLY RA 147 30.86 101.18 -27.92
CA GLY RA 147 31.84 102.11 -28.46
C GLY RA 147 32.51 101.64 -29.75
N ASP RA 148 32.42 100.35 -30.05
CA ASP RA 148 33.01 99.78 -31.26
C ASP RA 148 32.29 100.26 -32.51
N MET RA 149 33.04 100.85 -33.44
CA MET RA 149 32.57 101.05 -34.81
C MET RA 149 32.53 99.72 -35.54
N PHE RA 150 31.68 99.63 -36.55
CA PHE RA 150 31.82 98.59 -37.56
C PHE RA 150 31.42 99.16 -38.92
N SER RA 151 32.11 98.71 -39.96
CA SER RA 151 32.05 99.35 -41.29
C SER RA 151 32.08 98.34 -42.42
N VAL RA 152 30.96 98.23 -43.14
CA VAL RA 152 30.84 97.37 -44.30
C VAL RA 152 31.33 98.12 -45.54
N LYS RA 153 31.87 97.39 -46.50
CA LYS RA 153 32.26 97.98 -47.79
C LYS RA 153 31.00 98.52 -48.49
N PRO RA 154 31.03 99.81 -48.91
CA PRO RA 154 29.84 100.51 -49.38
C PRO RA 154 29.13 99.85 -50.57
N ASP RA 155 29.91 99.26 -51.47
CA ASP RA 155 29.37 98.50 -52.62
C ASP RA 155 28.45 97.35 -52.18
N LYS RA 156 28.90 96.60 -51.17
CA LYS RA 156 28.11 95.49 -50.61
C LYS RA 156 26.84 95.95 -49.92
N VAL RA 157 26.92 97.09 -49.24
CA VAL RA 157 25.76 97.72 -48.61
C VAL RA 157 24.74 98.12 -49.67
N LEU RA 158 25.23 98.73 -50.74
CA LEU RA 158 24.40 99.13 -51.89
C LEU RA 158 23.73 97.92 -52.55
N GLU RA 159 24.49 96.84 -52.71
CA GLU RA 159 23.97 95.58 -53.25
C GLU RA 159 22.84 95.01 -52.39
N ALA RA 160 23.06 95.03 -51.08
CA ALA RA 160 22.08 94.56 -50.09
C ALA RA 160 20.76 95.35 -50.18
N LEU RA 161 20.88 96.68 -50.14
CA LEU RA 161 19.71 97.57 -50.17
C LEU RA 161 19.22 97.95 -51.57
N GLY RA 162 20.00 97.60 -52.60
CA GLY RA 162 19.63 97.90 -53.99
C GLY RA 162 18.85 96.77 -54.64
N ALA RA 163 18.35 97.04 -55.84
CA ALA RA 163 17.63 96.04 -56.63
C ALA RA 163 18.60 95.03 -57.24
N LYS RA 164 18.06 93.90 -57.70
CA LYS RA 164 18.86 92.85 -58.33
C LYS RA 164 19.25 93.32 -59.72
N LYS RA 165 20.55 93.29 -60.01
CA LYS RA 165 21.06 93.73 -61.32
C LYS RA 165 20.62 92.75 -62.40
N PRO RA 166 19.84 93.21 -63.40
CA PRO RA 166 19.36 92.27 -64.44
C PRO RA 166 20.44 91.66 -65.32
N SER RA 167 20.12 90.48 -65.85
CA SER RA 167 20.92 89.87 -66.91
C SER RA 167 20.77 90.71 -68.18
N PHE RA 168 21.74 90.61 -69.08
CA PHE RA 168 21.75 91.47 -70.27
C PHE RA 168 20.53 91.23 -71.16
N GLN RA 169 20.25 89.96 -71.43
CA GLN RA 169 19.12 89.54 -72.27
C GLN RA 169 17.78 90.00 -71.70
N GLU RA 170 17.63 89.83 -70.39
CA GLU RA 170 16.43 90.26 -69.65
C GLU RA 170 16.23 91.77 -69.76
N ALA RA 171 17.31 92.52 -69.50
CA ALA RA 171 17.33 93.97 -69.62
C ALA RA 171 16.94 94.46 -71.02
N LEU RA 172 17.47 93.77 -72.04
CA LEU RA 172 17.18 94.07 -73.44
C LEU RA 172 15.70 93.85 -73.76
N LYS RA 173 15.16 92.74 -73.25
CA LYS RA 173 13.75 92.39 -73.39
C LYS RA 173 12.83 93.42 -72.74
N ILE RA 174 13.23 93.89 -71.54
CA ILE RA 174 12.52 94.94 -70.82
C ILE RA 174 12.51 96.24 -71.63
N ASP RA 175 13.67 96.61 -72.15
CA ASP RA 175 13.82 97.79 -73.02
C ASP RA 175 12.91 97.75 -74.24
N LYS RA 176 12.87 96.59 -74.89
CA LYS RA 176 12.05 96.37 -76.09
C LYS RA 176 10.58 96.68 -75.81
N THR RA 177 10.07 96.16 -74.70
CA THR RA 177 8.68 96.39 -74.28
C THR RA 177 8.42 97.86 -73.97
N GLN RA 178 9.35 98.50 -73.26
CA GLN RA 178 9.29 99.94 -72.96
C GLN RA 178 9.22 100.80 -74.23
N ILE RA 179 10.08 100.47 -75.19
CA ILE RA 179 10.12 101.12 -76.50
C ILE RA 179 8.78 101.01 -77.23
N VAL RA 180 8.22 99.80 -77.23
CA VAL RA 180 6.91 99.52 -77.84
C VAL RA 180 5.81 100.36 -77.19
N LEU RA 181 5.84 100.44 -75.86
CA LEU RA 181 4.89 101.25 -75.09
C LEU RA 181 5.00 102.74 -75.42
N TRP RA 182 6.24 103.21 -75.53
CA TRP RA 182 6.53 104.59 -75.94
C TRP RA 182 5.98 104.88 -77.33
N ASN RA 183 6.25 103.99 -78.28
CA ASN RA 183 5.71 104.08 -79.65
C ASN RA 183 4.18 104.12 -79.70
N LYS RA 184 3.56 103.31 -78.86
CA LYS RA 184 2.10 103.28 -78.73
C LYS RA 184 1.56 104.60 -78.20
N TYR RA 185 2.26 105.14 -77.19
CA TYR RA 185 1.92 106.44 -76.61
C TYR RA 185 2.02 107.60 -77.62
N VAL RA 186 3.09 107.61 -78.41
CA VAL RA 186 3.28 108.68 -79.41
C VAL RA 186 2.23 108.57 -80.52
N LYS RA 187 1.85 107.34 -80.87
CA LYS RA 187 0.77 107.08 -81.83
C LYS RA 187 -0.56 107.64 -81.31
N GLU RA 188 -0.84 107.35 -80.04
CA GLU RA 188 -2.05 107.85 -79.36
C GLU RA 188 -2.09 109.38 -79.30
N ALA RA 189 -0.93 109.99 -79.06
CA ALA RA 189 -0.78 111.45 -79.06
C ALA RA 189 -1.05 112.05 -80.44
N LYS RA 190 -0.49 111.41 -81.47
CA LYS RA 190 -0.73 111.79 -82.86
C LYS RA 190 -2.19 111.73 -83.26
N THR RA 191 -2.88 110.67 -82.82
CA THR RA 191 -4.31 110.48 -83.11
C THR RA 191 -5.15 111.60 -82.49
N GLU RA 192 -4.90 111.91 -81.23
CA GLU RA 192 -5.59 112.99 -80.51
C GLU RA 192 -4.66 113.72 -79.56
N ASP RA 384 11.56 103.71 -82.75
CA ASP RA 384 12.90 103.38 -82.24
C ASP RA 384 13.02 101.87 -81.92
N PRO RA 385 12.67 101.00 -82.89
CA PRO RA 385 12.51 99.57 -82.60
C PRO RA 385 13.83 98.81 -82.45
N ILE RA 386 13.78 97.67 -81.76
CA ILE RA 386 14.93 96.78 -81.58
C ILE RA 386 14.54 95.35 -81.92
N LYS RA 387 15.44 94.65 -82.62
CA LYS RA 387 15.32 93.22 -82.88
C LYS RA 387 16.26 92.47 -81.93
N LEU RA 388 15.67 91.74 -80.98
CA LEU RA 388 16.43 91.05 -79.93
C LEU RA 388 17.19 89.82 -80.42
N SER RA 389 16.63 89.12 -81.41
CA SER RA 389 17.27 87.92 -81.98
C SER RA 389 18.62 88.20 -82.64
N GLU RA 390 18.71 89.33 -83.34
CA GLU RA 390 19.96 89.79 -83.96
C GLU RA 390 20.94 90.26 -82.89
N LEU RA 391 20.49 91.22 -82.07
CA LEU RA 391 21.32 91.80 -81.02
C LEU RA 391 21.44 90.83 -79.83
N GLU RA 392 22.38 89.89 -79.96
CA GLU RA 392 22.51 88.79 -79.00
C GLU RA 392 23.22 89.21 -77.71
N GLY RA 393 24.46 89.67 -77.83
CA GLY RA 393 25.29 90.02 -76.67
C GLY RA 393 26.33 91.09 -76.94
N ASP RA 394 25.93 92.14 -77.64
CA ASP RA 394 26.76 93.32 -77.86
C ASP RA 394 26.17 94.48 -77.05
N GLU RA 395 26.69 94.66 -75.84
CA GLU RA 395 26.19 95.69 -74.91
C GLU RA 395 26.37 97.13 -75.43
N PRO RA 396 27.58 97.48 -75.94
CA PRO RA 396 27.75 98.82 -76.53
C PRO RA 396 26.84 99.11 -77.72
N LYS RA 397 26.63 98.12 -78.58
CA LYS RA 397 25.68 98.23 -79.69
C LYS RA 397 24.26 98.51 -79.22
N ALA RA 398 23.84 97.77 -78.18
CA ALA RA 398 22.53 97.94 -77.56
C ALA RA 398 22.34 99.36 -77.01
N ARG RA 399 23.37 99.83 -76.30
CA ARG RA 399 23.40 101.20 -75.75
C ARG RA 399 23.26 102.26 -76.85
N LYS RA 400 24.02 102.07 -77.92
CA LYS RA 400 23.98 102.96 -79.10
C LYS RA 400 22.59 103.00 -79.71
N LEU RA 401 21.96 101.83 -79.81
CA LEU RA 401 20.61 101.69 -80.36
C LEU RA 401 19.57 102.45 -79.55
N ILE RA 402 19.61 102.26 -78.23
CA ILE RA 402 18.56 102.74 -77.33
C ILE RA 402 18.67 104.25 -77.08
N ASN RA 403 17.52 104.93 -77.13
CA ASN RA 403 17.41 106.33 -76.73
C ASN RA 403 15.96 106.73 -76.41
N LEU RA 404 15.58 106.51 -75.15
CA LEU RA 404 14.30 106.96 -74.60
C LEU RA 404 14.55 108.23 -73.76
N PRO RA 405 13.47 108.94 -73.35
CA PRO RA 405 13.65 110.09 -72.45
C PRO RA 405 14.13 109.73 -71.04
N TRP RA 406 13.69 108.57 -70.52
CA TRP RA 406 13.99 108.15 -69.14
C TRP RA 406 15.27 107.31 -69.00
N GLN RA 407 15.77 106.77 -70.12
CA GLN RA 407 17.13 106.22 -70.18
C GLN RA 407 17.78 106.59 -71.52
N LYS RA 408 18.90 107.32 -71.44
CA LYS RA 408 19.52 107.94 -72.61
C LYS RA 408 20.21 106.95 -73.55
N ASN RA 409 20.96 106.01 -72.96
CA ASN RA 409 21.67 104.97 -73.73
C ASN RA 409 21.61 103.61 -73.05
N TYR RA 410 22.13 103.55 -71.82
CA TYR RA 410 22.11 102.33 -70.99
C TYR RA 410 20.79 101.53 -71.06
N VAL RA 411 20.91 100.21 -71.16
CA VAL RA 411 19.75 99.32 -71.08
C VAL RA 411 19.14 99.37 -69.68
N TYR RA 412 17.89 98.94 -69.57
CA TYR RA 412 17.10 99.06 -68.33
C TYR RA 412 17.87 98.77 -67.05
N GLY RA 413 18.62 97.67 -67.06
CA GLY RA 413 19.30 97.16 -65.89
C GLY RA 413 20.81 97.30 -65.81
N ARG RA 414 21.42 98.03 -66.75
CA ARG RA 414 22.88 98.10 -66.84
C ARG RA 414 23.41 99.47 -67.31
N GLN RA 415 23.48 100.43 -66.38
CA GLN RA 415 24.13 101.73 -66.61
C GLN RA 415 25.63 101.63 -66.33
N ASP RA 416 25.99 100.93 -65.25
CA ASP RA 416 27.37 100.60 -64.94
C ASP RA 416 27.43 99.08 -64.68
N PRO RA 417 27.48 98.26 -65.76
CA PRO RA 417 27.58 96.80 -65.66
C PRO RA 417 28.63 96.27 -64.68
N LYS RA 418 29.75 96.98 -64.56
CA LYS RA 418 30.82 96.61 -63.62
C LYS RA 418 30.43 96.68 -62.14
N LYS RA 419 29.52 97.60 -61.79
CA LYS RA 419 28.96 97.65 -60.43
C LYS RA 419 28.04 96.45 -60.19
N PRO RA 420 27.94 95.98 -58.92
CA PRO RA 420 27.17 94.77 -58.61
C PRO RA 420 25.67 94.96 -58.31
N PHE RA 421 25.09 96.10 -58.73
CA PHE RA 421 23.70 96.42 -58.43
C PHE RA 421 23.01 97.21 -59.57
N PHE RA 422 21.74 97.50 -59.38
CA PHE RA 422 20.87 98.11 -60.40
C PHE RA 422 21.18 99.58 -60.74
N THR RA 423 21.95 99.79 -61.81
CA THR RA 423 21.91 101.02 -62.64
C THR RA 423 22.12 102.34 -61.84
N PRO RA 424 21.33 103.42 -62.14
CA PRO RA 424 21.20 104.37 -61.04
C PRO RA 424 20.57 103.67 -59.85
N TRP RA 425 21.35 103.56 -58.77
CA TRP RA 425 20.94 102.84 -57.58
C TRP RA 425 19.55 103.31 -57.14
N LYS RA 426 18.64 102.35 -57.01
CA LYS RA 426 17.34 102.56 -56.38
C LYS RA 426 17.25 101.59 -55.21
N PRO RA 427 16.24 101.76 -54.32
CA PRO RA 427 16.11 100.82 -53.21
C PRO RA 427 15.66 99.40 -53.58
N ARG RA 428 15.52 98.58 -52.54
CA ARG RA 428 15.08 97.19 -52.64
C ARG RA 428 13.55 97.12 -52.85
N PRO RA 429 13.05 96.12 -53.62
CA PRO RA 429 11.62 95.94 -53.92
C PRO RA 429 10.58 96.01 -52.79
N PHE RA 430 10.93 95.60 -51.57
CA PHE RA 430 10.02 95.75 -50.41
C PHE RA 430 10.84 96.17 -49.18
N LEU RA 431 11.47 97.34 -49.27
CA LEU RA 431 12.42 97.78 -48.25
C LEU RA 431 11.73 98.46 -47.06
N SER RA 432 10.61 99.14 -47.32
CA SER RA 432 9.86 99.90 -46.29
C SER RA 432 9.46 99.13 -45.00
N PRO RA 433 8.75 97.99 -45.14
CA PRO RA 433 8.24 97.32 -43.93
C PRO RA 433 9.29 96.67 -43.00
N PHE RA 434 10.54 96.57 -43.45
CA PHE RA 434 11.65 96.06 -42.63
C PHE RA 434 12.67 97.12 -42.20
N ALA RA 435 12.57 98.33 -42.73
CA ALA RA 435 13.47 99.41 -42.32
C ALA RA 435 13.05 99.87 -40.93
N ILE RA 436 13.58 99.19 -39.91
CA ILE RA 436 13.32 99.51 -38.50
C ILE RA 436 14.66 100.00 -37.93
N LEU RA 437 14.72 101.29 -37.67
CA LEU RA 437 15.95 101.97 -37.25
C LEU RA 437 16.19 101.65 -35.78
N PRO RA 438 17.34 101.02 -35.46
CA PRO RA 438 17.56 100.54 -34.08
C PRO RA 438 18.04 101.61 -33.11
N HIS RA 439 17.93 101.29 -31.81
CA HIS RA 439 18.33 102.20 -30.73
C HIS RA 439 19.80 102.03 -30.33
N HIS RA 440 20.23 100.78 -30.22
CA HIS RA 440 21.57 100.45 -29.74
C HIS RA 440 22.71 100.69 -30.75
N LEU RA 441 22.36 100.94 -32.02
CA LEU RA 441 23.34 101.35 -33.03
C LEU RA 441 23.14 102.81 -33.43
N GLU RA 442 24.25 103.49 -33.70
CA GLU RA 442 24.23 104.79 -34.35
C GLU RA 442 24.81 104.54 -35.74
N ILE RA 443 24.08 104.97 -36.77
CA ILE RA 443 24.37 104.61 -38.17
C ILE RA 443 24.64 105.88 -38.98
N SER RA 444 25.52 105.76 -39.97
CA SER RA 444 25.69 106.77 -41.02
C SER RA 444 25.78 106.04 -42.37
N PHE RA 445 24.75 106.23 -43.20
CA PHE RA 445 24.63 105.48 -44.46
C PHE RA 445 25.48 106.01 -45.61
N LYS RA 446 26.07 107.20 -45.44
CA LYS RA 446 26.96 107.78 -46.46
C LYS RA 446 28.24 106.97 -46.57
N THR RA 447 28.91 106.78 -45.44
CA THR RA 447 30.15 106.01 -45.36
C THR RA 447 29.90 104.52 -45.08
N CYS RA 448 28.70 104.19 -44.58
CA CYS RA 448 28.33 102.85 -44.12
C CYS RA 448 29.11 102.41 -42.87
N HIS RA 449 29.41 103.37 -42.00
CA HIS RA 449 29.96 103.10 -40.68
C HIS RA 449 28.81 103.07 -39.67
N ALA RA 450 29.03 102.38 -38.56
CA ALA RA 450 28.02 102.30 -37.50
C ALA RA 450 28.63 102.00 -36.13
N VAL RA 451 28.37 102.87 -35.17
CA VAL RA 451 28.84 102.71 -33.80
C VAL RA 451 27.85 101.86 -33.02
N TYR RA 452 28.32 100.73 -32.51
CA TYR RA 452 27.58 99.93 -31.54
C TYR RA 452 27.70 100.64 -30.19
N LEU RA 453 26.67 101.40 -29.80
CA LEU RA 453 26.75 102.26 -28.61
C LEU RA 453 26.24 101.63 -27.30
N ARG RA 454 25.42 100.59 -27.40
CA ARG RA 454 24.81 99.96 -26.23
C ARG RA 454 24.53 98.48 -26.48
N ASP RA 455 24.45 97.70 -25.41
CA ASP RA 455 23.84 96.36 -25.48
C ASP RA 455 22.33 96.56 -25.29
N PRO RA 456 21.51 96.03 -26.22
CA PRO RA 456 20.08 96.40 -26.19
C PRO RA 456 19.42 96.07 -24.86
N VAL RA 457 18.63 97.01 -24.35
CA VAL RA 457 18.10 96.94 -23.00
C VAL RA 457 16.64 97.41 -22.93
N ALA RA 458 15.89 96.86 -21.97
CA ALA RA 458 14.46 97.11 -21.84
C ALA RA 458 14.15 98.28 -20.91
N ARG RA 459 13.37 99.24 -21.41
CA ARG RA 459 12.88 100.39 -20.63
C ARG RA 459 11.43 100.12 -20.20
N PRO RA 460 10.88 100.95 -19.29
CA PRO RA 460 9.46 100.93 -18.94
C PRO RA 460 8.47 100.86 -20.11
N GLY RA 461 8.73 101.63 -21.16
CA GLY RA 461 7.88 101.61 -22.36
C GLY RA 461 8.12 100.40 -23.25
N GLN RA 462 9.37 100.20 -23.64
CA GLN RA 462 9.73 99.27 -24.72
C GLN RA 462 10.97 98.43 -24.43
N SER RA 463 11.21 97.48 -25.33
CA SER RA 463 12.49 96.76 -25.44
C SER RA 463 13.21 97.24 -26.69
N GLU RA 464 14.54 97.16 -26.66
CA GLU RA 464 15.37 97.51 -27.81
C GLU RA 464 15.73 96.31 -28.68
N VAL RA 465 15.38 95.10 -28.23
CA VAL RA 465 15.51 93.89 -29.05
C VAL RA 465 14.36 93.91 -30.06
N ILE RA 466 14.69 94.22 -31.31
CA ILE RA 466 13.70 94.30 -32.39
C ILE RA 466 13.22 92.89 -32.73
N SER RA 467 11.96 92.60 -32.38
CA SER RA 467 11.35 91.30 -32.65
C SER RA 467 9.90 91.44 -33.13
N PRO RA 468 9.45 90.53 -34.01
CA PRO RA 468 8.05 90.50 -34.47
C PRO RA 468 7.11 89.63 -33.62
N PHE RA 469 7.38 89.51 -32.31
CA PHE RA 469 6.59 88.65 -31.43
C PHE RA 469 6.23 89.37 -30.14
N ASP RA 470 5.02 89.08 -29.65
CA ASP RA 470 4.51 89.66 -28.40
C ASP RA 470 5.27 89.07 -27.20
N VAL RA 471 5.12 89.71 -26.05
CA VAL RA 471 5.89 89.35 -24.85
C VAL RA 471 5.59 87.93 -24.32
N PRO RA 472 4.31 87.49 -24.32
CA PRO RA 472 4.00 86.12 -23.89
C PRO RA 472 4.82 85.04 -24.61
N VAL RA 473 4.97 85.19 -25.93
CA VAL RA 473 5.77 84.25 -26.75
C VAL RA 473 7.21 84.22 -26.24
N HIS RA 474 7.78 85.40 -26.02
CA HIS RA 474 9.14 85.53 -25.50
C HIS RA 474 9.29 84.98 -24.09
N GLU RA 475 8.25 85.11 -23.27
CA GLU RA 475 8.23 84.49 -21.94
C GLU RA 475 8.25 82.97 -22.03
N ARG RA 476 7.44 82.42 -22.92
CA ARG RA 476 7.39 80.97 -23.18
C ARG RA 476 8.73 80.43 -23.65
N ALA RA 477 9.37 81.17 -24.55
CA ALA RA 477 10.71 80.85 -25.05
C ALA RA 477 11.73 80.81 -23.92
N TYR RA 478 11.69 81.84 -23.07
CA TYR RA 478 12.57 81.92 -21.90
C TYR RA 478 12.38 80.71 -20.99
N MET RA 479 11.13 80.42 -20.66
CA MET RA 479 10.75 79.25 -19.86
C MET RA 479 11.32 77.96 -20.41
N TYR RA 480 11.20 77.78 -21.73
CA TYR RA 480 11.75 76.62 -22.41
C TYR RA 480 13.27 76.54 -22.20
N TYR RA 481 13.96 77.64 -22.49
CA TYR RA 481 15.43 77.65 -22.55
C TYR RA 481 16.16 77.73 -21.21
N LEU RA 482 15.43 78.08 -20.14
CA LEU RA 482 15.95 77.94 -18.78
C LEU RA 482 16.28 76.49 -18.45
N ARG RA 483 15.32 75.60 -18.76
CA ARG RA 483 15.40 74.20 -18.41
C ARG RA 483 15.83 73.28 -19.55
N ASN RA 484 16.15 73.85 -20.72
CA ASN RA 484 16.44 73.10 -21.94
C ASN RA 484 15.27 72.19 -22.36
N GLY RA 485 14.04 72.65 -22.09
CA GLY RA 485 12.83 71.88 -22.35
C GLY RA 485 12.67 70.65 -21.48
N LYS RA 486 12.95 70.79 -20.18
CA LYS RA 486 12.76 69.70 -19.21
C LYS RA 486 11.27 69.57 -18.89
N GLN SA 1 -84.83 88.31 -45.38
CA GLN SA 1 -84.97 89.79 -45.61
C GLN SA 1 -84.78 90.12 -47.09
N HIS SA 2 -85.87 90.51 -47.74
CA HIS SA 2 -85.90 90.74 -49.19
C HIS SA 2 -85.68 92.22 -49.50
N TYR SA 3 -84.47 92.54 -49.93
CA TYR SA 3 -84.06 93.92 -50.23
C TYR SA 3 -84.38 94.29 -51.67
N ASP SA 4 -84.41 95.59 -51.94
CA ASP SA 4 -84.61 96.12 -53.29
C ASP SA 4 -83.36 95.94 -54.15
N GLU SA 5 -83.56 96.02 -55.46
CA GLU SA 5 -82.49 95.81 -56.45
C GLU SA 5 -81.44 96.91 -56.42
N SER SA 6 -81.92 98.15 -56.35
CA SER SA 6 -81.06 99.34 -56.31
C SER SA 6 -80.14 99.35 -55.10
N LEU SA 7 -80.71 99.02 -53.94
CA LEU SA 7 -79.95 98.89 -52.69
C LEU SA 7 -78.85 97.85 -52.79
N LEU SA 8 -79.20 96.69 -53.35
CA LEU SA 8 -78.22 95.62 -53.60
C LEU SA 8 -77.09 96.08 -54.50
N SER SA 9 -77.44 96.76 -55.60
CA SER SA 9 -76.45 97.29 -56.55
C SER SA 9 -75.49 98.28 -55.90
N ARG SA 10 -76.00 99.11 -54.99
CA ARG SA 10 -75.18 100.06 -54.23
C ARG SA 10 -74.09 99.38 -53.40
N TYR SA 11 -74.42 98.27 -52.74
CA TYR SA 11 -73.47 97.55 -51.87
C TYR SA 11 -72.76 96.36 -52.54
N TYR SA 12 -73.41 95.72 -53.51
CA TYR SA 12 -72.90 94.50 -54.16
C TYR SA 12 -72.57 94.75 -55.64
N PRO SA 13 -71.59 94.02 -56.20
CA PRO SA 13 -71.21 94.22 -57.61
C PRO SA 13 -72.26 93.74 -58.61
N GLU SA 14 -72.06 94.11 -59.87
CA GLU SA 14 -73.06 93.89 -60.94
C GLU SA 14 -73.19 92.42 -61.36
N SER SA 15 -72.15 91.62 -61.13
CA SER SA 15 -72.15 90.19 -61.49
C SER SA 15 -73.09 89.35 -60.62
N LEU SA 16 -73.07 89.58 -59.32
CA LEU SA 16 -73.83 88.77 -58.34
C LEU SA 16 -75.28 89.20 -58.15
N LEU SA 17 -75.65 90.37 -58.71
CA LEU SA 17 -76.98 90.96 -58.52
C LEU SA 17 -78.10 90.07 -59.05
N LYS SA 18 -77.88 89.50 -60.23
CA LYS SA 18 -78.79 88.53 -60.85
C LYS SA 18 -78.99 87.29 -59.98
N SER SA 19 -77.88 86.77 -59.46
CA SER SA 19 -77.90 85.59 -58.59
C SER SA 19 -78.69 85.85 -57.31
N ILE SA 20 -78.49 87.03 -56.74
CA ILE SA 20 -79.21 87.48 -55.54
C ILE SA 20 -80.72 87.54 -55.81
N LYS SA 21 -81.08 88.15 -56.94
CA LYS SA 21 -82.48 88.25 -57.39
C LYS SA 21 -83.13 86.88 -57.52
N LEU SA 22 -82.40 85.95 -58.14
CA LEU SA 22 -82.84 84.56 -58.29
C LEU SA 22 -83.06 83.88 -56.94
N ALA SA 23 -82.11 84.07 -56.03
CA ALA SA 23 -82.22 83.54 -54.66
C ALA SA 23 -83.46 84.06 -53.94
N GLN SA 24 -83.71 85.36 -54.08
CA GLN SA 24 -84.91 86.02 -53.53
C GLN SA 24 -86.20 85.43 -54.10
N GLN SA 25 -86.23 85.25 -55.42
CA GLN SA 25 -87.37 84.62 -56.09
C GLN SA 25 -87.67 83.22 -55.57
N THR SA 26 -86.62 82.42 -55.43
CA THR SA 26 -86.74 81.01 -55.04
C THR SA 26 -87.13 80.84 -53.59
N ILE SA 27 -86.32 81.41 -52.69
CA ILE SA 27 -86.53 81.29 -51.24
C ILE SA 27 -87.64 82.26 -50.82
N PRO SA 28 -88.68 81.75 -50.12
CA PRO SA 28 -89.78 82.64 -49.72
C PRO SA 28 -89.41 83.59 -48.60
N GLU SA 29 -90.29 84.57 -48.33
CA GLU SA 29 -90.08 85.53 -47.25
C GLU SA 29 -90.28 84.86 -45.89
N ASP SA 30 -91.37 84.11 -45.76
CA ASP SA 30 -91.62 83.27 -44.59
C ASP SA 30 -90.73 82.04 -44.66
N THR SA 31 -89.56 82.13 -44.02
CA THR SA 31 -88.58 81.04 -43.96
C THR SA 31 -88.12 80.85 -42.52
N LYS SA 32 -87.98 79.59 -42.10
CA LYS SA 32 -87.62 79.24 -40.73
C LYS SA 32 -86.11 79.36 -40.50
N PHE SA 33 -85.33 78.75 -41.40
CA PHE SA 33 -83.87 78.66 -41.30
C PHE SA 33 -83.39 78.00 -39.99
N ARG SA 34 -83.28 76.68 -40.02
CA ARG SA 34 -82.76 75.91 -38.88
C ARG SA 34 -81.25 76.05 -38.74
N VAL SA 35 -80.75 75.77 -37.54
CA VAL SA 35 -79.32 75.79 -37.23
C VAL SA 35 -78.80 74.35 -37.22
N SER SA 36 -77.99 74.01 -38.21
CA SER SA 36 -77.40 72.66 -38.32
C SER SA 36 -76.32 72.48 -37.26
N ARG SA 37 -76.65 71.76 -36.20
CA ARG SA 37 -75.71 71.51 -35.10
C ARG SA 37 -74.69 70.42 -35.43
N ASN SA 38 -75.15 69.33 -36.05
CA ASN SA 38 -74.29 68.17 -36.35
C ASN SA 38 -73.29 68.34 -37.49
N VAL SA 39 -73.44 69.40 -38.30
CA VAL SA 39 -72.46 69.72 -39.34
C VAL SA 39 -72.50 71.22 -39.67
N GLU SA 40 -71.32 71.82 -39.88
CA GLU SA 40 -71.19 73.24 -40.17
C GLU SA 40 -70.64 73.49 -41.57
N PHE SA 41 -71.53 73.93 -42.45
CA PHE SA 41 -71.20 74.27 -43.83
C PHE SA 41 -70.45 75.60 -43.90
N ALA SA 42 -70.95 76.60 -43.17
CA ALA SA 42 -70.46 77.99 -43.22
C ALA SA 42 -69.38 78.25 -42.14
N PRO SA 43 -68.64 79.39 -42.27
CA PRO SA 43 -67.56 79.66 -41.31
C PRO SA 43 -68.08 80.23 -39.98
N PRO SA 44 -67.19 80.35 -38.96
CA PRO SA 44 -67.59 80.85 -37.64
C PRO SA 44 -67.65 82.39 -37.52
N TYR SA 45 -67.42 83.10 -38.62
CA TYR SA 45 -67.45 84.56 -38.67
C TYR SA 45 -68.34 84.97 -39.84
N LEU SA 46 -68.92 86.16 -39.77
CA LEU SA 46 -69.73 86.68 -40.87
C LEU SA 46 -68.85 87.18 -42.00
N ASP SA 47 -69.19 86.79 -43.23
CA ASP SA 47 -68.52 87.26 -44.42
C ASP SA 47 -69.40 87.17 -45.65
N ASP SA 48 -69.67 88.32 -46.25
CA ASP SA 48 -70.17 88.40 -47.62
C ASP SA 48 -69.03 87.94 -48.52
N PHE SA 49 -69.24 86.86 -49.26
CA PHE SA 49 -68.17 86.18 -50.02
C PHE SA 49 -67.82 86.84 -51.37
N THR SA 50 -68.39 88.02 -51.66
CA THR SA 50 -68.10 88.77 -52.89
C THR SA 50 -66.61 89.08 -53.11
N LYS SA 51 -65.89 89.38 -52.02
CA LYS SA 51 -64.46 89.68 -52.09
C LYS SA 51 -63.63 88.43 -51.83
N ILE SA 52 -62.79 88.05 -52.81
CA ILE SA 52 -61.84 86.95 -52.64
C ILE SA 52 -60.66 87.45 -51.80
N HIS SA 53 -60.34 86.73 -50.72
CA HIS SA 53 -59.24 87.11 -49.81
C HIS SA 53 -57.91 86.59 -50.38
N PRO SA 54 -56.78 87.25 -50.06
CA PRO SA 54 -55.49 86.74 -50.56
C PRO SA 54 -55.06 85.44 -49.88
N PHE SA 55 -55.13 85.40 -48.55
CA PHE SA 55 -54.66 84.27 -47.76
C PHE SA 55 -55.73 83.21 -47.49
N TRP SA 56 -56.94 83.65 -47.16
CA TRP SA 56 -57.99 82.75 -46.64
C TRP SA 56 -58.81 82.06 -47.73
N ASP SA 57 -58.75 82.56 -48.97
CA ASP SA 57 -59.24 81.83 -50.13
C ASP SA 57 -58.07 81.31 -50.95
N TYR SA 58 -58.36 80.42 -51.89
CA TYR SA 58 -57.36 79.91 -52.82
C TYR SA 58 -56.82 81.03 -53.70
N LYS SA 59 -55.53 80.95 -54.03
CA LYS SA 59 -54.90 81.89 -54.95
C LYS SA 59 -55.44 81.63 -56.36
N PRO SA 60 -55.81 82.69 -57.11
CA PRO SA 60 -56.62 82.48 -58.32
C PRO SA 60 -55.93 81.71 -59.44
N GLY SA 61 -54.74 82.17 -59.82
CA GLY SA 61 -53.96 81.56 -60.89
C GLY SA 61 -53.30 80.23 -60.54
N MET SA 62 -53.14 79.95 -59.25
CA MET SA 62 -52.48 78.72 -58.78
C MET SA 62 -53.34 77.49 -59.06
N PRO SA 63 -52.72 76.36 -59.48
CA PRO SA 63 -53.47 75.11 -59.63
C PRO SA 63 -53.68 74.38 -58.29
N HIS SA 64 -54.80 73.67 -58.20
CA HIS SA 64 -55.20 72.94 -57.00
C HIS SA 64 -56.46 72.11 -57.30
N LEU SA 65 -56.96 71.39 -56.31
CA LEU SA 65 -58.29 70.79 -56.39
C LEU SA 65 -59.31 71.93 -56.25
N HIS SA 66 -60.39 71.87 -57.04
CA HIS SA 66 -61.37 72.97 -57.19
C HIS SA 66 -60.75 74.16 -57.94
N ALA SA 67 -59.99 73.89 -59.00
CA ALA SA 67 -59.29 74.92 -59.76
C ALA SA 67 -60.25 75.84 -60.51
N GLN SA 68 -61.21 75.24 -61.22
CA GLN SA 68 -62.17 75.96 -62.07
C GLN SA 68 -61.49 76.77 -63.17
N GLU SA 69 -60.42 76.19 -63.73
CA GLU SA 69 -59.69 76.76 -64.87
C GLU SA 69 -59.33 75.64 -65.82
N GLU SA 70 -58.83 76.01 -66.99
CA GLU SA 70 -58.43 75.04 -68.01
C GLU SA 70 -57.06 74.46 -67.65
N ASN SA 71 -56.75 73.28 -68.20
CA ASN SA 71 -55.47 72.61 -67.96
C ASN SA 71 -54.26 73.42 -68.46
N ASN SA 72 -54.47 74.23 -69.51
CA ASN SA 72 -53.45 75.13 -70.03
C ASN SA 72 -53.23 76.34 -69.11
N ASN SA 73 -54.32 77.01 -68.76
CA ASN SA 73 -54.26 78.29 -68.02
C ASN SA 73 -54.06 78.13 -66.52
N PHE SA 74 -52.86 78.45 -66.05
CA PHE SA 74 -52.56 78.63 -64.61
C PHE SA 74 -51.53 79.75 -64.45
N SER SA 75 -52.01 80.93 -64.03
CA SER SA 75 -51.15 82.12 -63.91
C SER SA 75 -50.25 82.05 -62.68
N ILE SA 76 -49.16 81.31 -62.81
CA ILE SA 76 -48.20 81.10 -61.70
C ILE SA 76 -46.90 80.48 -62.24
N PHE SA 77 -45.96 81.35 -62.63
CA PHE SA 77 -44.73 80.93 -63.33
C PHE SA 77 -43.43 81.27 -62.60
N ARG SA 78 -43.54 81.74 -61.35
CA ARG SA 78 -42.38 81.91 -60.47
C ARG SA 78 -42.67 81.23 -59.14
N TRP SA 79 -41.75 80.35 -58.74
CA TRP SA 79 -41.92 79.55 -57.53
C TRP SA 79 -40.77 79.78 -56.54
N ASP SA 80 -40.08 80.91 -56.70
CA ASP SA 80 -38.97 81.30 -55.80
C ASP SA 80 -39.51 81.76 -54.45
N GLN SA 81 -40.50 82.65 -54.49
CA GLN SA 81 -41.15 83.14 -53.28
C GLN SA 81 -42.43 82.37 -52.97
N VAL SA 82 -42.96 82.58 -51.76
CA VAL SA 82 -44.17 81.89 -51.30
C VAL SA 82 -45.38 82.56 -51.93
N GLN SA 83 -46.39 81.74 -52.25
CA GLN SA 83 -47.54 82.19 -53.03
C GLN SA 83 -48.54 82.96 -52.18
N GLN SA 84 -48.92 82.36 -51.04
CA GLN SA 84 -49.90 82.95 -50.12
C GLN SA 84 -49.24 83.33 -48.79
N PRO SA 85 -48.69 84.56 -48.69
CA PRO SA 85 -48.17 85.03 -47.40
C PRO SA 85 -49.28 85.42 -46.43
N LEU SA 86 -48.92 85.64 -45.17
CA LEU SA 86 -49.90 85.76 -44.09
C LEU SA 86 -50.60 87.13 -44.10
N PRO SA 87 -51.90 87.16 -43.72
CA PRO SA 87 -52.73 88.34 -43.96
C PRO SA 87 -52.62 89.40 -42.86
N GLY SA 88 -52.94 90.64 -43.23
CA GLY SA 88 -52.93 91.78 -42.30
C GLY SA 88 -51.54 92.09 -41.79
N GLU SA 89 -51.28 91.73 -40.54
CA GLU SA 89 -49.94 91.83 -39.96
C GLU SA 89 -49.11 90.66 -40.48
N GLY SA 90 -47.91 90.96 -40.96
CA GLY SA 90 -47.02 89.95 -41.55
C GLY SA 90 -46.61 88.82 -40.62
N ASN SA 91 -46.46 89.14 -39.34
CA ASN SA 91 -46.03 88.17 -38.32
C ASN SA 91 -47.19 87.35 -37.75
N ILE SA 92 -46.81 86.29 -37.03
CA ILE SA 92 -47.73 85.57 -36.13
C ILE SA 92 -47.03 85.39 -34.79
N LEU SA 93 -46.45 86.47 -34.28
CA LEU SA 93 -45.72 86.44 -33.01
C LEU SA 93 -46.71 86.32 -31.84
N PRO SA 94 -46.45 85.40 -30.89
CA PRO SA 94 -47.24 85.37 -29.65
C PRO SA 94 -47.12 86.65 -28.81
N PRO SA 95 -47.92 86.76 -27.72
CA PRO SA 95 -47.74 87.89 -26.81
C PRO SA 95 -46.44 87.77 -25.98
N GLY SA 96 -45.60 88.80 -26.06
CA GLY SA 96 -44.37 88.87 -25.27
C GLY SA 96 -43.23 88.04 -25.83
N VAL SA 97 -42.98 88.18 -27.13
CA VAL SA 97 -41.78 87.60 -27.79
C VAL SA 97 -41.22 88.57 -28.81
N SER SA 98 -39.97 88.32 -29.20
CA SER SA 98 -39.24 89.17 -30.16
C SER SA 98 -38.42 88.35 -31.13
N LEU SA 99 -38.09 88.95 -32.27
CA LEU SA 99 -37.31 88.30 -33.31
C LEU SA 99 -35.81 88.34 -32.96
N PRO SA 100 -34.99 87.46 -33.58
CA PRO SA 100 -33.55 87.46 -33.27
C PRO SA 100 -32.83 88.70 -33.81
N LYS SA 106 -16.34 82.46 -29.08
CA LYS SA 106 -16.73 83.85 -28.85
C LYS SA 106 -18.22 84.00 -28.60
N SER SA 107 -19.02 83.39 -29.49
CA SER SA 107 -20.48 83.37 -29.38
C SER SA 107 -20.95 82.72 -28.08
N LYS SA 108 -20.32 81.59 -27.75
CA LYS SA 108 -20.58 80.88 -26.49
C LYS SA 108 -20.27 81.74 -25.27
N SER SA 109 -19.13 82.42 -25.31
CA SER SA 109 -18.70 83.34 -24.25
C SER SA 109 -19.69 84.50 -24.06
N ALA SA 110 -20.19 85.02 -25.18
CA ALA SA 110 -21.22 86.07 -25.17
C ALA SA 110 -22.53 85.60 -24.56
N ASP SA 111 -22.94 84.38 -24.93
CA ASP SA 111 -24.14 83.75 -24.36
C ASP SA 111 -24.04 83.53 -22.85
N VAL SA 112 -22.87 83.04 -22.42
CA VAL SA 112 -22.54 82.91 -20.99
C VAL SA 112 -22.71 84.24 -20.26
N ALA SA 113 -22.07 85.27 -20.81
CA ALA SA 113 -22.09 86.62 -20.26
C ALA SA 113 -23.51 87.16 -20.11
N ALA SA 114 -24.33 86.93 -21.14
CA ALA SA 114 -25.74 87.32 -21.15
C ALA SA 114 -26.54 86.61 -20.06
N GLY SA 115 -26.29 85.30 -19.92
CA GLY SA 115 -26.94 84.49 -18.89
C GLY SA 115 -26.58 84.91 -17.48
N LEU SA 116 -25.30 85.25 -17.28
CA LEU SA 116 -24.81 85.79 -16.00
C LEU SA 116 -25.48 87.11 -15.65
N HIS SA 117 -25.62 87.98 -16.66
CA HIS SA 117 -26.27 89.28 -16.52
C HIS SA 117 -27.73 89.15 -16.05
N LYS SA 118 -28.43 88.17 -16.60
CA LYS SA 118 -29.79 87.83 -16.15
C LYS SA 118 -29.80 87.32 -14.72
N GLN SA 119 -29.00 86.29 -14.46
CA GLN SA 119 -29.03 85.58 -13.17
C GLN SA 119 -28.50 86.42 -12.00
N THR SA 120 -27.41 87.14 -12.22
CA THR SA 120 -26.69 87.81 -11.12
C THR SA 120 -26.24 89.27 -11.39
N GLY SA 121 -26.85 89.93 -12.37
CA GLY SA 121 -26.63 91.37 -12.62
C GLY SA 121 -25.22 91.81 -12.99
N VAL SA 122 -24.42 90.88 -13.52
CA VAL SA 122 -23.01 91.13 -13.86
C VAL SA 122 -22.93 91.77 -15.25
N ASP SA 123 -21.90 92.59 -15.45
CA ASP SA 123 -21.69 93.31 -16.71
C ASP SA 123 -21.29 92.32 -17.81
N PRO SA 124 -22.13 92.19 -18.87
CA PRO SA 124 -21.84 91.23 -19.94
C PRO SA 124 -20.60 91.59 -20.77
N ASP SA 125 -20.49 92.86 -21.12
CA ASP SA 125 -19.39 93.38 -21.95
C ASP SA 125 -18.01 93.11 -21.35
N TYR SA 126 -17.91 93.30 -20.04
CA TYR SA 126 -16.70 92.97 -19.28
C TYR SA 126 -16.35 91.48 -19.39
N ILE SA 127 -17.35 90.64 -19.17
CA ILE SA 127 -17.21 89.17 -19.24
C ILE SA 127 -16.71 88.74 -20.62
N THR SA 128 -17.30 89.33 -21.66
CA THR SA 128 -16.95 89.01 -23.04
C THR SA 128 -15.49 89.36 -23.36
N ARG SA 129 -15.08 90.56 -22.95
CA ARG SA 129 -13.80 91.14 -23.38
C ARG SA 129 -12.64 90.86 -22.43
N LYS SA 130 -12.72 91.43 -21.23
CA LYS SA 130 -11.58 91.46 -20.32
C LYS SA 130 -11.26 90.11 -19.69
N LEU SA 131 -12.29 89.33 -19.35
CA LEU SA 131 -12.09 87.97 -18.86
C LEU SA 131 -11.62 87.07 -19.99
N THR SA 132 -10.61 86.25 -19.69
CA THR SA 132 -10.11 85.24 -20.62
C THR SA 132 -9.97 83.93 -19.86
N MET SA 133 -10.49 82.84 -20.43
CA MET SA 133 -10.53 81.56 -19.73
C MET SA 133 -9.45 80.59 -20.19
N LYS SA 134 -9.27 79.54 -19.40
CA LYS SA 134 -8.24 78.54 -19.62
C LYS SA 134 -8.67 77.23 -18.93
N PRO SA 135 -8.91 76.15 -19.72
CA PRO SA 135 -9.15 74.84 -19.09
C PRO SA 135 -7.92 74.26 -18.42
N LEU SA 136 -8.08 73.81 -17.17
CA LEU SA 136 -7.01 73.20 -16.39
C LEU SA 136 -7.08 71.67 -16.42
N VAL SA 137 -8.27 71.12 -16.19
CA VAL SA 137 -8.49 69.67 -16.30
C VAL SA 137 -9.79 69.39 -17.08
N MET SA 138 -9.77 68.29 -17.82
CA MET SA 138 -10.79 67.96 -18.82
C MET SA 138 -11.03 66.44 -18.80
N LYS SA 139 -11.47 65.93 -17.66
CA LYS SA 139 -11.73 64.49 -17.50
C LYS SA 139 -12.96 64.02 -18.27
N ARG SA 140 -12.97 62.73 -18.61
CA ARG SA 140 -14.20 61.97 -18.78
C ARG SA 140 -14.32 61.11 -17.52
N VAL SA 141 -15.52 61.08 -16.96
CA VAL SA 141 -15.77 60.55 -15.62
C VAL SA 141 -17.06 59.72 -15.71
N SER SA 142 -17.20 58.67 -14.90
CA SER SA 142 -18.33 57.74 -15.04
C SER SA 142 -18.92 57.27 -13.72
N ASN SA 143 -20.19 56.87 -13.77
CA ASN SA 143 -20.91 56.29 -12.62
C ASN SA 143 -21.51 54.94 -13.00
N GLN SA 144 -21.32 53.95 -12.14
CA GLN SA 144 -21.91 52.63 -12.36
C GLN SA 144 -23.35 52.64 -11.88
N THR SA 145 -24.26 52.79 -12.83
CA THR SA 145 -25.70 52.78 -12.60
C THR SA 145 -26.22 51.39 -13.01
N GLY SA 146 -27.40 51.02 -12.52
CA GLY SA 146 -28.07 49.78 -12.92
C GLY SA 146 -28.26 49.66 -14.43
N LYS SA 147 -28.58 50.79 -15.06
CA LYS SA 147 -28.59 50.92 -16.52
C LYS SA 147 -27.27 50.47 -17.12
N GLY SA 148 -26.17 50.99 -16.58
CA GLY SA 148 -24.82 50.60 -16.95
C GLY SA 148 -23.82 51.63 -16.47
N LYS SA 149 -22.63 51.62 -17.06
CA LYS SA 149 -21.65 52.67 -16.82
C LYS SA 149 -22.08 53.92 -17.58
N ILE SA 150 -22.32 55.01 -16.84
CA ILE SA 150 -22.81 56.26 -17.42
C ILE SA 150 -21.70 57.31 -17.34
N ALA SA 151 -21.13 57.64 -18.50
CA ALA SA 151 -20.01 58.57 -18.59
C ALA SA 151 -20.48 60.02 -18.50
N SER SA 152 -19.58 60.89 -18.06
CA SER SA 152 -19.88 62.30 -17.79
C SER SA 152 -18.62 63.14 -17.94
N PHE SA 153 -18.69 64.18 -18.76
CA PHE SA 153 -17.53 65.02 -19.08
C PHE SA 153 -17.33 66.09 -18.02
N TYR SA 154 -16.19 66.02 -17.33
CA TYR SA 154 -15.87 66.96 -16.25
C TYR SA 154 -14.79 67.95 -16.72
N ALA SA 155 -15.10 69.24 -16.64
CA ALA SA 155 -14.15 70.31 -16.94
C ALA SA 155 -13.82 71.07 -15.66
N LEU SA 156 -12.71 71.82 -15.70
CA LEU SA 156 -12.28 72.66 -14.58
C LEU SA 156 -11.47 73.81 -15.16
N VAL SA 157 -12.06 75.00 -15.16
CA VAL SA 157 -11.69 76.06 -16.09
C VAL SA 157 -11.47 77.38 -15.35
N VAL SA 158 -10.21 77.79 -15.22
CA VAL SA 158 -9.87 79.10 -14.64
C VAL SA 158 -10.17 80.22 -15.63
N VAL SA 159 -10.93 81.22 -15.16
CA VAL SA 159 -11.18 82.44 -15.91
C VAL SA 159 -10.61 83.60 -15.10
N GLY SA 160 -10.17 84.65 -15.78
CA GLY SA 160 -9.56 85.78 -15.09
C GLY SA 160 -9.19 86.97 -15.95
N ASP SA 161 -9.68 88.13 -15.54
CA ASP SA 161 -9.16 89.42 -16.02
C ASP SA 161 -7.73 89.53 -15.50
N LYS SA 162 -6.79 89.87 -16.36
CA LYS SA 162 -5.37 89.89 -15.99
C LYS SA 162 -4.98 91.15 -15.22
N ASN SA 163 -5.72 91.43 -14.15
CA ASN SA 163 -5.44 92.52 -13.22
C ASN SA 163 -5.88 92.12 -11.81
N GLY SA 164 -5.43 90.93 -11.38
CA GLY SA 164 -5.71 90.42 -10.04
C GLY SA 164 -7.12 89.91 -9.77
N MET SA 165 -7.95 89.80 -10.80
CA MET SA 165 -9.33 89.30 -10.67
C MET SA 165 -9.40 87.93 -11.35
N VAL SA 166 -9.58 86.88 -10.55
CA VAL SA 166 -9.50 85.50 -11.05
C VAL SA 166 -10.54 84.61 -10.37
N GLY SA 167 -11.02 83.61 -11.11
CA GLY SA 167 -11.99 82.65 -10.60
C GLY SA 167 -11.84 81.26 -11.21
N LEU SA 168 -11.93 80.25 -10.35
CA LEU SA 168 -11.97 78.83 -10.75
C LEU SA 168 -13.43 78.40 -10.85
N GLY SA 169 -13.69 77.46 -11.75
CA GLY SA 169 -15.04 76.91 -11.93
C GLY SA 169 -15.01 75.54 -12.55
N GLU SA 170 -15.88 74.65 -12.06
CA GLU SA 170 -16.02 73.29 -12.57
C GLU SA 170 -17.44 73.06 -13.05
N GLY SA 171 -17.57 72.20 -14.05
CA GLY SA 171 -18.85 71.95 -14.71
C GLY SA 171 -18.87 70.55 -15.29
N LYS SA 172 -20.08 70.06 -15.58
CA LYS SA 172 -20.28 68.66 -15.87
C LYS SA 172 -21.47 68.43 -16.79
N SER SA 173 -21.29 67.55 -17.77
CA SER SA 173 -22.36 67.21 -18.70
C SER SA 173 -22.21 65.76 -19.20
N ARG SA 174 -23.33 65.04 -19.21
CA ARG SA 174 -23.40 63.72 -19.80
C ARG SA 174 -23.25 63.82 -21.33
N GLU SA 175 -23.88 64.84 -21.90
CA GLU SA 175 -23.65 65.24 -23.29
C GLU SA 175 -22.24 65.83 -23.43
N GLU SA 176 -21.79 65.98 -24.69
CA GLU SA 176 -20.36 66.21 -24.99
C GLU SA 176 -19.70 67.40 -24.28
N MET SA 177 -18.38 67.34 -24.23
CA MET SA 177 -17.54 68.16 -23.32
C MET SA 177 -17.70 69.68 -23.46
N SER SA 178 -18.09 70.15 -24.65
CA SER SA 178 -18.34 71.58 -24.89
C SER SA 178 -19.31 72.19 -23.88
N LYS SA 179 -20.37 71.45 -23.58
CA LYS SA 179 -21.38 71.84 -22.58
C LYS SA 179 -20.81 71.90 -21.17
N ALA SA 180 -19.99 70.91 -20.83
CA ALA SA 180 -19.29 70.86 -19.53
C ALA SA 180 -18.34 72.04 -19.34
N ILE SA 181 -17.61 72.37 -20.40
CA ILE SA 181 -16.69 73.51 -20.41
C ILE SA 181 -17.44 74.84 -20.22
N PHE SA 182 -18.55 74.98 -20.93
CA PHE SA 182 -19.46 76.14 -20.79
C PHE SA 182 -19.91 76.32 -19.34
N LYS SA 183 -20.34 75.22 -18.73
CA LYS SA 183 -20.76 75.20 -17.32
C LYS SA 183 -19.63 75.59 -16.37
N ALA SA 184 -18.44 75.07 -16.63
CA ALA SA 184 -17.24 75.41 -15.85
C ALA SA 184 -16.91 76.89 -15.95
N HIS SA 185 -17.01 77.43 -17.15
CA HIS SA 185 -16.80 78.86 -17.42
C HIS SA 185 -17.79 79.73 -16.66
N TRP SA 186 -19.07 79.34 -16.74
CA TRP SA 186 -20.15 79.99 -16.01
C TRP SA 186 -19.84 80.04 -14.51
N ASP SA 187 -19.49 78.88 -13.95
CA ASP SA 187 -19.13 78.73 -12.54
C ASP SA 187 -17.96 79.65 -12.15
N ALA SA 188 -16.95 79.70 -13.01
CA ALA SA 188 -15.77 80.53 -12.82
C ALA SA 188 -16.11 82.02 -12.74
N VAL SA 189 -16.98 82.47 -13.63
CA VAL SA 189 -17.39 83.88 -13.66
C VAL SA 189 -18.29 84.22 -12.45
N ARG SA 190 -19.10 83.26 -12.00
CA ARG SA 190 -19.85 83.42 -10.75
C ARG SA 190 -18.92 83.59 -9.54
N ASN SA 191 -17.80 82.86 -9.56
CA ASN SA 191 -16.81 82.86 -8.48
C ASN SA 191 -15.57 83.74 -8.73
N LEU SA 192 -15.74 84.92 -9.32
CA LEU SA 192 -14.60 85.83 -9.52
C LEU SA 192 -14.17 86.45 -8.19
N LYS SA 193 -12.87 86.65 -8.06
CA LYS SA 193 -12.23 86.86 -6.76
C LYS SA 193 -11.00 87.76 -6.93
N GLU SA 194 -10.91 88.81 -6.11
CA GLU SA 194 -9.78 89.75 -6.17
C GLU SA 194 -8.62 89.22 -5.33
N ILE SA 195 -7.58 88.74 -6.00
CA ILE SA 195 -6.35 88.33 -5.32
C ILE SA 195 -5.45 89.55 -5.08
N PRO SA 196 -4.82 89.65 -3.89
CA PRO SA 196 -3.84 90.70 -3.64
C PRO SA 196 -2.48 90.32 -4.21
N ARG SA 197 -1.73 91.30 -4.69
CA ARG SA 197 -0.40 91.02 -5.26
C ARG SA 197 0.51 92.26 -5.23
N TYR SA 198 1.76 92.02 -4.83
CA TYR SA 198 2.78 93.06 -4.69
C TYR SA 198 3.24 93.58 -6.05
N GLU SA 199 3.19 94.91 -6.21
CA GLU SA 199 3.60 95.60 -7.45
C GLU SA 199 2.84 95.20 -8.73
N ASN SA 200 1.65 94.61 -8.57
CA ASN SA 200 0.89 94.03 -9.69
C ASN SA 200 1.73 93.09 -10.56
N ARG SA 201 2.37 92.12 -9.90
CA ARG SA 201 3.23 91.14 -10.60
C ARG SA 201 3.56 89.85 -9.81
N THR SA 202 3.62 89.93 -8.48
CA THR SA 202 3.91 88.76 -7.65
C THR SA 202 3.19 88.82 -6.31
N ILE SA 203 3.19 87.69 -5.61
CA ILE SA 203 2.63 87.60 -4.25
C ILE SA 203 3.50 88.37 -3.26
N TYR SA 204 2.94 88.67 -2.10
CA TYR SA 204 3.62 89.50 -1.10
C TYR SA 204 4.76 88.77 -0.39
N GLY SA 205 4.42 87.75 0.37
CA GLY SA 205 5.40 86.93 1.09
C GLY SA 205 5.57 85.56 0.48
N ASP SA 206 6.56 84.83 0.99
CA ASP SA 206 6.76 83.43 0.65
C ASP SA 206 5.69 82.62 1.38
N ILE SA 207 4.68 82.16 0.64
CA ILE SA 207 3.54 81.44 1.26
C ILE SA 207 3.78 79.93 1.24
N ASP SA 208 3.25 79.26 2.26
CA ASP SA 208 3.36 77.80 2.41
C ASP SA 208 2.04 77.29 2.99
N PHE SA 209 1.23 76.68 2.12
CA PHE SA 209 -0.17 76.44 2.37
C PHE SA 209 -0.55 75.02 2.00
N ARG SA 210 -1.39 74.39 2.82
CA ARG SA 210 -1.89 73.04 2.55
C ARG SA 210 -3.38 73.08 2.24
N TYR SA 211 -3.72 72.55 1.07
CA TYR SA 211 -5.11 72.34 0.66
C TYR SA 211 -5.31 70.84 0.47
N HIS SA 212 -5.96 70.20 1.45
CA HIS SA 212 -6.25 68.77 1.41
C HIS SA 212 -4.95 67.94 1.28
N GLY SA 213 -4.70 67.35 0.11
CA GLY SA 213 -3.49 66.57 -0.13
C GLY SA 213 -2.35 67.52 -0.42
N VAL SA 214 -2.47 68.26 -1.51
CA VAL SA 214 -1.40 69.16 -1.98
C VAL SA 214 -0.84 70.07 -0.87
N LYS SA 215 0.48 70.00 -0.70
CA LYS SA 215 1.25 70.96 0.07
C LYS SA 215 1.86 71.95 -0.94
N LEU SA 216 1.43 73.21 -0.88
CA LEU SA 216 1.97 74.25 -1.76
C LEU SA 216 3.12 74.98 -1.08
N HIS SA 217 4.05 75.45 -1.91
CA HIS SA 217 5.09 76.38 -1.49
C HIS SA 217 5.29 77.35 -2.63
N LEU SA 218 4.97 78.62 -2.41
CA LEU SA 218 5.11 79.66 -3.43
C LEU SA 218 5.95 80.81 -2.89
N ARG SA 219 7.15 80.94 -3.44
CA ARG SA 219 8.07 82.04 -3.12
C ARG SA 219 7.77 83.23 -4.01
N SER SA 220 7.95 84.44 -3.46
CA SER SA 220 7.89 85.67 -4.26
C SER SA 220 9.11 85.72 -5.19
N ALA SA 221 9.08 86.66 -6.13
CA ALA SA 221 10.11 86.72 -7.17
C ALA SA 221 10.49 88.16 -7.52
N LYS SA 222 11.78 88.36 -7.78
CA LYS SA 222 12.29 89.63 -8.32
C LYS SA 222 11.74 89.84 -9.73
N PRO SA 223 11.57 91.11 -10.15
CA PRO SA 223 10.91 91.36 -11.43
C PRO SA 223 11.77 90.92 -12.62
N GLY SA 224 11.17 90.21 -13.57
CA GLY SA 224 11.88 89.64 -14.73
C GLY SA 224 12.00 88.14 -14.64
N PHE SA 225 12.35 87.64 -13.45
CA PHE SA 225 12.24 86.22 -13.11
C PHE SA 225 10.79 85.82 -13.33
N GLY SA 226 10.55 84.86 -14.23
CA GLY SA 226 9.19 84.56 -14.68
C GLY SA 226 8.38 83.69 -13.74
N LEU SA 227 7.37 83.04 -14.30
CA LEU SA 227 6.59 82.02 -13.60
C LEU SA 227 7.35 80.71 -13.70
N ARG SA 228 7.76 80.17 -12.55
CA ARG SA 228 8.55 78.95 -12.47
C ARG SA 228 7.87 78.01 -11.48
N VAL SA 229 6.73 77.49 -11.91
CA VAL SA 229 5.84 76.71 -11.06
C VAL SA 229 5.12 75.63 -11.86
N ASN SA 230 4.46 74.73 -11.13
CA ASN SA 230 3.61 73.68 -11.70
C ASN SA 230 2.64 74.25 -12.74
N HIS SA 231 2.42 73.50 -13.83
CA HIS SA 231 1.67 73.99 -15.00
C HIS SA 231 0.27 74.54 -14.70
N VAL SA 232 -0.40 73.96 -13.70
CA VAL SA 232 -1.71 74.42 -13.23
C VAL SA 232 -1.58 75.79 -12.59
N ILE SA 233 -0.56 75.94 -11.76
CA ILE SA 233 -0.28 77.19 -11.03
C ILE SA 233 0.00 78.30 -12.04
N PHE SA 234 0.87 77.98 -13.01
CA PHE SA 234 1.22 78.88 -14.11
C PHE SA 234 -0.03 79.40 -14.83
N GLU SA 235 -0.87 78.46 -15.25
CA GLU SA 235 -2.14 78.77 -15.92
C GLU SA 235 -3.01 79.75 -15.12
N ILE SA 236 -3.13 79.47 -13.82
CA ILE SA 236 -3.90 80.32 -12.90
C ILE SA 236 -3.29 81.71 -12.75
N CYS SA 237 -1.96 81.77 -12.69
CA CYS SA 237 -1.22 83.03 -12.59
C CYS SA 237 -1.36 83.91 -13.83
N GLU SA 238 -1.29 83.29 -15.00
CA GLU SA 238 -1.49 83.98 -16.29
C GLU SA 238 -2.84 84.72 -16.33
N CYS SA 239 -3.88 84.03 -15.90
CA CYS SA 239 -5.22 84.60 -15.80
C CYS SA 239 -5.34 85.64 -14.69
N ALA SA 240 -4.73 85.37 -13.54
CA ALA SA 240 -4.77 86.25 -12.37
C ALA SA 240 -3.73 87.39 -12.36
N GLY SA 241 -2.94 87.52 -13.42
CA GLY SA 241 -2.02 88.66 -13.57
C GLY SA 241 -0.70 88.60 -12.81
N ILE SA 242 -0.34 87.43 -12.28
CA ILE SA 242 0.94 87.22 -11.60
C ILE SA 242 2.01 86.97 -12.68
N LYS SA 243 2.94 87.91 -12.83
CA LYS SA 243 4.05 87.78 -13.78
C LYS SA 243 5.20 86.93 -13.23
N ASP SA 244 5.54 87.12 -11.96
CA ASP SA 244 6.74 86.54 -11.35
C ASP SA 244 6.36 85.64 -10.18
N LEU SA 245 6.80 84.38 -10.21
CA LEU SA 245 6.49 83.43 -9.14
C LEU SA 245 7.43 82.22 -9.20
N SER SA 246 7.97 81.84 -8.04
CA SER SA 246 8.67 80.56 -7.88
C SER SA 246 7.86 79.72 -6.91
N GLY SA 247 7.98 78.41 -7.03
CA GLY SA 247 7.25 77.52 -6.13
C GLY SA 247 7.29 76.07 -6.53
N LYS SA 248 6.85 75.23 -5.60
CA LYS SA 248 6.93 73.78 -5.78
C LYS SA 248 5.86 73.07 -4.94
N VAL SA 249 5.23 72.08 -5.57
CA VAL SA 249 4.15 71.31 -4.98
C VAL SA 249 4.72 70.03 -4.38
N TYR SA 250 4.41 69.79 -3.10
CA TYR SA 250 4.73 68.54 -2.41
C TYR SA 250 3.46 67.76 -2.10
N LYS SA 251 3.67 66.48 -1.76
CA LYS SA 251 2.60 65.53 -1.48
C LYS SA 251 1.74 65.29 -2.74
N SER SA 252 0.41 65.43 -2.66
CA SER SA 252 -0.44 65.26 -3.84
C SER SA 252 -0.16 66.34 -4.88
N ARG SA 253 -0.24 65.95 -6.15
CA ARG SA 253 -0.15 66.87 -7.27
C ARG SA 253 -1.38 66.68 -8.16
N ASN SA 254 -2.53 66.60 -7.49
CA ASN SA 254 -3.81 66.40 -8.15
C ASN SA 254 -4.25 67.74 -8.73
N ASP SA 255 -4.33 67.80 -10.05
CA ASP SA 255 -4.48 69.04 -10.83
C ASP SA 255 -5.59 69.94 -10.28
N MET SA 256 -6.77 69.35 -10.11
CA MET SA 256 -7.95 70.04 -9.56
C MET SA 256 -7.66 70.66 -8.19
N ASN SA 257 -7.11 69.84 -7.30
CA ASN SA 257 -6.78 70.28 -5.93
C ASN SA 257 -5.67 71.33 -5.88
N ILE SA 258 -4.76 71.28 -6.84
CA ILE SA 258 -3.74 72.32 -7.02
C ILE SA 258 -4.43 73.64 -7.36
N ALA SA 259 -5.33 73.57 -8.35
CA ALA SA 259 -6.07 74.73 -8.83
C ALA SA 259 -6.92 75.38 -7.73
N LYS SA 260 -7.59 74.54 -6.96
CA LYS SA 260 -8.39 74.98 -5.81
C LYS SA 260 -7.52 75.52 -4.68
N GLY SA 261 -6.43 74.80 -4.39
CA GLY SA 261 -5.51 75.17 -3.32
C GLY SA 261 -4.77 76.46 -3.55
N THR SA 262 -4.33 76.68 -4.79
CA THR SA 262 -3.50 77.85 -5.11
C THR SA 262 -4.28 79.17 -5.04
N ILE SA 263 -5.53 79.18 -5.54
CA ILE SA 263 -6.40 80.36 -5.44
C ILE SA 263 -6.77 80.66 -3.98
N GLU SA 264 -6.94 79.61 -3.19
CA GLU SA 264 -7.21 79.73 -1.76
C GLU SA 264 -6.01 80.36 -1.06
N ALA SA 265 -4.82 79.85 -1.37
CA ALA SA 265 -3.56 80.40 -0.86
C ALA SA 265 -3.41 81.88 -1.21
N PHE SA 266 -3.70 82.22 -2.46
CA PHE SA 266 -3.63 83.61 -2.92
C PHE SA 266 -4.55 84.54 -2.14
N THR SA 267 -5.80 84.11 -1.98
CA THR SA 267 -6.81 84.95 -1.32
C THR SA 267 -6.59 85.04 0.20
N LYS SA 268 -6.09 83.95 0.78
CA LYS SA 268 -6.14 83.72 2.23
C LYS SA 268 -4.77 83.81 2.91
N ALA SA 269 -3.79 83.08 2.39
CA ALA SA 269 -2.42 83.07 2.95
C ALA SA 269 -1.70 84.40 2.82
N GLN SA 270 -1.99 85.14 1.75
CA GLN SA 270 -1.39 86.47 1.55
C GLN SA 270 -1.95 87.50 2.52
N LYS SA 271 -1.07 88.39 2.97
CA LYS SA 271 -1.45 89.63 3.62
C LYS SA 271 -0.77 90.77 2.88
N THR SA 272 -1.53 91.78 2.49
CA THR SA 272 -0.96 92.99 1.89
C THR SA 272 -0.21 93.75 2.97
N LEU SA 273 0.85 94.45 2.57
CA LEU SA 273 1.69 95.22 3.51
C LEU SA 273 0.89 96.24 4.30
N ASP SA 274 -0.02 96.92 3.61
CA ASP SA 274 -0.87 97.95 4.19
C ASP SA 274 -1.76 97.41 5.32
N GLU SA 275 -2.36 96.25 5.09
CA GLU SA 275 -3.16 95.55 6.10
C GLU SA 275 -2.34 95.19 7.35
N VAL SA 276 -1.13 94.70 7.12
CA VAL SA 276 -0.20 94.33 8.19
C VAL SA 276 0.18 95.56 9.01
N ALA SA 277 0.52 96.63 8.31
CA ALA SA 277 0.85 97.94 8.91
C ALA SA 277 -0.28 98.44 9.80
N LEU SA 278 -1.50 98.38 9.29
CA LEU SA 278 -2.71 98.77 10.02
C LEU SA 278 -2.91 97.94 11.30
N GLY SA 279 -2.74 96.63 11.17
CA GLY SA 279 -2.86 95.71 12.30
C GLY SA 279 -1.86 95.97 13.41
N ARG SA 280 -0.60 96.20 13.02
CA ARG SA 280 0.49 96.37 13.98
C ARG SA 280 0.68 97.80 14.46
N GLY SA 281 0.28 98.77 13.64
CA GLY SA 281 0.42 100.19 13.97
C GLY SA 281 1.80 100.72 13.64
N LYS SA 282 2.36 100.24 12.53
CA LYS SA 282 3.72 100.56 12.12
C LYS SA 282 3.82 100.88 10.63
N LYS SA 283 4.89 101.55 10.26
CA LYS SA 283 5.24 101.78 8.86
C LYS SA 283 5.86 100.50 8.33
N LEU SA 284 5.56 100.15 7.08
CA LEU SA 284 6.06 98.93 6.48
C LEU SA 284 6.53 99.23 5.05
N VAL SA 285 7.71 99.82 4.97
CA VAL SA 285 8.23 100.35 3.72
C VAL SA 285 8.79 99.22 2.83
N ASP SA 286 8.72 99.43 1.52
CA ASP SA 286 9.40 98.57 0.54
C ASP SA 286 10.66 99.28 0.07
N VAL SA 287 11.82 98.72 0.43
CA VAL SA 287 13.12 99.39 0.30
C VAL SA 287 13.50 99.67 -1.16
N ARG SA 288 13.26 98.69 -2.03
CA ARG SA 288 13.53 98.80 -3.46
C ARG SA 288 12.80 99.98 -4.11
N LYS SA 289 11.51 100.11 -3.79
CA LYS SA 289 10.66 101.21 -4.29
C LYS SA 289 11.21 102.57 -3.86
N VAL SA 290 11.62 102.66 -2.59
CA VAL SA 290 12.17 103.88 -2.02
C VAL SA 290 13.46 104.27 -2.75
N TYR SA 291 14.32 103.28 -2.97
CA TYR SA 291 15.58 103.45 -3.72
C TYR SA 291 15.36 103.98 -5.14
N TYR SA 292 14.29 103.51 -5.79
CA TYR SA 292 13.99 103.72 -7.22
C TYR SA 292 14.83 102.80 -8.11
N SER SA 293 15.01 101.55 -7.65
CA SER SA 293 15.75 100.51 -8.39
C SER SA 293 17.14 100.95 -8.84
N MET TA 1 -5.92 44.09 67.51
CA MET TA 1 -6.83 44.01 66.33
C MET TA 1 -8.20 43.46 66.69
N LEU TA 2 -9.22 44.30 66.56
CA LEU TA 2 -10.60 43.94 66.88
C LEU TA 2 -11.18 43.02 65.80
N TYR TA 3 -11.45 41.77 66.17
CA TYR TA 3 -12.10 40.80 65.30
C TYR TA 3 -13.49 40.47 65.82
N GLU TA 4 -14.50 40.69 64.99
CA GLU TA 4 -15.84 40.19 65.27
C GLU TA 4 -15.88 38.70 64.94
N LEU TA 5 -16.76 37.96 65.60
CA LEU TA 5 -17.00 36.55 65.32
C LEU TA 5 -18.49 36.30 65.18
N ILE TA 6 -18.86 35.33 64.35
CA ILE TA 6 -20.22 34.82 64.28
C ILE TA 6 -20.17 33.29 64.23
N GLY TA 7 -20.56 32.65 65.33
CA GLY TA 7 -20.67 31.19 65.41
C GLY TA 7 -22.12 30.76 65.53
N LEU TA 8 -22.55 29.84 64.67
CA LEU TA 8 -23.87 29.22 64.76
C LEU TA 8 -23.68 27.85 65.39
N VAL TA 9 -23.98 27.76 66.69
CA VAL TA 9 -23.70 26.54 67.45
C VAL TA 9 -24.80 25.49 67.29
N ARG TA 10 -24.48 24.28 67.74
CA ARG TA 10 -25.41 23.16 67.74
C ARG TA 10 -26.35 23.27 68.94
N ILE TA 11 -27.57 22.75 68.77
CA ILE TA 11 -28.55 22.64 69.88
C ILE TA 11 -29.22 21.27 69.87
N THR TA 12 -28.52 20.29 70.46
CA THR TA 12 -28.98 18.91 70.54
C THR TA 12 -30.14 18.77 71.53
N ASN TA 13 -29.94 19.26 72.75
CA ASN TA 13 -30.95 19.20 73.81
C ASN TA 13 -32.11 20.16 73.50
N SER TA 14 -33.33 19.64 73.59
CA SER TA 14 -34.54 20.39 73.25
C SER TA 14 -34.92 21.41 74.33
N ASN TA 15 -34.96 20.94 75.58
CA ASN TA 15 -35.41 21.77 76.70
C ASN TA 15 -34.43 22.86 77.11
N ALA TA 16 -33.14 22.53 77.11
CA ALA TA 16 -32.06 23.46 77.47
C ALA TA 16 -31.13 23.67 76.28
N PRO TA 17 -31.52 24.57 75.34
CA PRO TA 17 -30.78 24.73 74.08
C PRO TA 17 -29.45 25.48 74.21
N LYS TA 18 -29.39 26.51 75.06
CA LYS TA 18 -28.24 27.43 75.13
C LYS TA 18 -26.97 26.87 75.78
N LEU TA 19 -27.03 25.68 76.39
CA LEU TA 19 -25.90 25.16 77.19
C LEU TA 19 -24.63 24.95 76.38
N GLU TA 20 -24.77 24.28 75.24
CA GLU TA 20 -23.65 24.02 74.32
C GLU TA 20 -23.03 25.33 73.80
N ALA TA 21 -23.90 26.28 73.46
CA ALA TA 21 -23.50 27.64 73.05
C ALA TA 21 -22.68 28.34 74.12
N LYS TA 22 -23.20 28.29 75.34
CA LYS TA 22 -22.59 28.90 76.51
C LYS TA 22 -21.21 28.34 76.78
N GLU TA 23 -21.09 27.01 76.70
CA GLU TA 23 -19.82 26.29 76.82
C GLU TA 23 -18.80 26.73 75.77
N LEU TA 24 -19.29 26.83 74.52
CA LEU TA 24 -18.46 27.29 73.39
C LEU TA 24 -17.92 28.69 73.64
N SER TA 25 -18.83 29.58 74.06
CA SER TA 25 -18.49 30.97 74.38
C SER TA 25 -17.46 31.08 75.50
N SER TA 26 -17.62 30.24 76.52
CA SER TA 26 -16.67 30.15 77.62
C SER TA 26 -15.29 29.75 77.13
N THR TA 27 -15.24 28.65 76.37
CA THR TA 27 -13.98 28.05 75.93
C THR TA 27 -13.18 28.99 75.03
N ILE TA 28 -13.84 29.53 74.01
CA ILE TA 28 -13.21 30.46 73.08
C ILE TA 28 -12.79 31.76 73.77
N GLY TA 29 -13.59 32.25 74.71
CA GLY TA 29 -13.25 33.41 75.52
C GLY TA 29 -12.03 33.16 76.40
N LYS TA 30 -11.98 31.97 77.00
CA LYS TA 30 -10.82 31.52 77.78
C LYS TA 30 -9.54 31.49 76.94
N LEU TA 31 -9.65 30.92 75.74
CA LEU TA 31 -8.54 30.88 74.78
C LEU TA 31 -8.04 32.28 74.48
N ILE TA 32 -8.96 33.17 74.12
CA ILE TA 32 -8.65 34.57 73.81
C ILE TA 32 -7.85 35.22 74.93
N ILE TA 33 -8.34 35.10 76.17
CA ILE TA 33 -7.71 35.76 77.32
C ILE TA 33 -6.36 35.17 77.74
N GLN TA 34 -6.18 33.86 77.56
CA GLN TA 34 -4.87 33.22 77.76
C GLN TA 34 -3.83 33.74 76.79
N ASN TA 35 -4.31 34.17 75.62
CA ASN TA 35 -3.49 34.54 74.49
C ASN TA 35 -3.49 36.01 74.15
N ARG TA 36 -3.15 36.79 75.17
CA ARG TA 36 -3.02 38.25 75.10
C ARG TA 36 -4.29 39.00 74.64
N GLY TA 37 -5.42 38.30 74.55
CA GLY TA 37 -6.61 38.85 73.91
C GLY TA 37 -7.54 39.51 74.91
N VAL TA 38 -8.54 40.20 74.39
CA VAL TA 38 -9.49 40.98 75.19
C VAL TA 38 -10.87 40.86 74.53
N VAL TA 39 -11.74 39.99 75.05
CA VAL TA 39 -13.13 39.94 74.58
C VAL TA 39 -13.90 41.16 75.11
N ARG TA 40 -14.50 41.92 74.19
CA ARG TA 40 -15.20 43.16 74.52
C ARG TA 40 -16.68 42.92 74.80
N ASP TA 41 -17.33 42.17 73.92
CA ASP TA 41 -18.76 41.90 74.03
C ASP TA 41 -19.10 40.51 73.50
N ILE TA 42 -20.11 39.90 74.12
CA ILE TA 42 -20.61 38.58 73.75
C ILE TA 42 -22.11 38.72 73.50
N VAL TA 43 -22.45 39.24 72.33
CA VAL TA 43 -23.86 39.49 71.98
C VAL TA 43 -24.54 38.17 71.66
N PRO TA 44 -25.60 37.81 72.42
CA PRO TA 44 -26.37 36.64 72.03
C PRO TA 44 -27.30 36.98 70.88
N MET TA 45 -27.63 35.96 70.09
CA MET TA 45 -28.73 36.05 69.13
C MET TA 45 -29.65 34.85 69.35
N GLY TA 46 -30.84 34.89 68.76
CA GLY TA 46 -31.89 33.92 69.06
C GLY TA 46 -31.65 32.51 68.54
N ILE TA 47 -32.51 31.59 68.98
CA ILE TA 47 -32.56 30.23 68.42
C ILE TA 47 -33.24 30.35 67.07
N ARG TA 48 -32.44 30.65 66.06
CA ARG TA 48 -32.92 30.96 64.71
C ARG TA 48 -32.79 29.73 63.82
N TYR TA 49 -33.82 29.49 63.01
CA TYR TA 49 -33.80 28.38 62.05
C TYR TA 49 -32.83 28.71 60.91
N LEU TA 50 -32.10 27.69 60.45
CA LEU TA 50 -31.18 27.84 59.32
C LEU TA 50 -31.99 27.95 58.01
N PRO TA 51 -31.45 28.64 56.98
CA PRO TA 51 -32.15 28.74 55.69
C PRO TA 51 -32.37 27.38 55.01
N LYS TA 52 -31.34 26.54 55.02
CA LYS TA 52 -31.41 25.16 54.51
C LYS TA 52 -30.95 24.20 55.59
N ILE TA 53 -31.16 22.90 55.36
CA ILE TA 53 -30.73 21.87 56.31
C ILE TA 53 -29.22 21.72 56.17
N MET TA 54 -28.49 22.51 56.95
CA MET TA 54 -27.02 22.56 56.88
C MET TA 54 -26.44 21.38 57.65
N LYS TA 55 -25.39 20.78 57.09
CA LYS TA 55 -24.84 19.53 57.62
C LYS TA 55 -23.34 19.63 57.90
N LYS TA 56 -22.96 19.22 59.10
CA LYS TA 56 -21.56 19.00 59.49
C LYS TA 56 -21.18 17.54 59.15
N ASP TA 57 -19.97 17.13 59.50
CA ASP TA 57 -19.51 15.76 59.25
C ASP TA 57 -20.34 14.72 60.01
N GLN TA 58 -21.09 13.92 59.25
CA GLN TA 58 -21.96 12.84 59.77
C GLN TA 58 -23.07 13.33 60.71
N GLU TA 59 -23.58 14.52 60.44
CA GLU TA 59 -24.68 15.13 61.19
C GLU TA 59 -25.54 15.98 60.27
N LYS TA 60 -26.69 16.44 60.76
CA LYS TA 60 -27.54 17.40 60.05
C LYS TA 60 -28.19 18.37 61.03
N HIS TA 61 -28.40 19.61 60.56
CA HIS TA 61 -28.94 20.67 61.40
C HIS TA 61 -29.91 21.57 60.64
N PHE TA 62 -31.01 21.90 61.30
CA PHE TA 62 -32.08 22.76 60.75
C PHE TA 62 -32.31 24.03 61.60
N ARG TA 63 -32.06 23.92 62.91
CA ARG TA 63 -32.08 25.07 63.83
C ARG TA 63 -30.76 25.15 64.60
N ALA TA 64 -30.36 26.37 64.95
CA ALA TA 64 -29.12 26.63 65.65
C ALA TA 64 -29.27 27.85 66.56
N TYR TA 65 -28.33 28.00 67.49
CA TYR TA 65 -28.23 29.18 68.32
C TYR TA 65 -27.07 30.03 67.81
N HIS TA 66 -27.34 31.33 67.65
CA HIS TA 66 -26.43 32.26 67.00
C HIS TA 66 -25.88 33.22 68.05
N PHE TA 67 -24.62 33.65 67.89
CA PHE TA 67 -24.05 34.67 68.77
C PHE TA 67 -22.84 35.36 68.15
N LEU TA 68 -22.59 36.60 68.58
CA LEU TA 68 -21.40 37.36 68.19
C LEU TA 68 -20.46 37.49 69.37
N MET TA 69 -19.18 37.24 69.15
CA MET TA 69 -18.13 37.59 70.11
C MET TA 69 -17.18 38.59 69.46
N LEU TA 70 -17.03 39.73 70.13
CA LEU TA 70 -16.37 40.90 69.58
C LEU TA 70 -15.09 41.11 70.40
N PHE TA 71 -14.00 40.50 69.94
CA PHE TA 71 -12.76 40.38 70.73
C PHE TA 71 -11.53 40.98 70.04
N ASP TA 72 -10.54 41.34 70.84
CA ASP TA 72 -9.23 41.76 70.35
C ASP TA 72 -8.21 40.64 70.53
N SER TA 73 -7.21 40.62 69.66
CA SER TA 73 -6.21 39.55 69.60
C SER TA 73 -5.11 39.91 68.60
N SER TA 74 -4.12 39.03 68.50
CA SER TA 74 -3.19 39.05 67.38
C SER TA 74 -3.84 38.35 66.19
N ALA TA 75 -3.19 38.45 65.03
CA ALA TA 75 -3.67 37.80 63.80
C ALA TA 75 -3.54 36.28 63.88
N ALA TA 76 -2.37 35.84 64.34
CA ALA TA 76 -2.06 34.42 64.53
C ALA TA 76 -3.01 33.75 65.54
N VAL TA 77 -3.32 34.46 66.62
CA VAL TA 77 -4.26 34.01 67.66
C VAL TA 77 -5.64 33.79 67.03
N GLN TA 78 -6.10 34.82 66.32
CA GLN TA 78 -7.39 34.81 65.62
C GLN TA 78 -7.52 33.65 64.64
N SER TA 79 -6.50 33.48 63.80
CA SER TA 79 -6.44 32.40 62.81
C SER TA 79 -6.59 31.04 63.46
N GLU TA 80 -5.90 30.88 64.58
CA GLU TA 80 -5.92 29.66 65.34
C GLU TA 80 -7.27 29.44 66.04
N ILE TA 81 -7.87 30.50 66.59
CA ILE TA 81 -9.24 30.46 67.13
C ILE TA 81 -10.21 29.95 66.06
N LEU TA 82 -10.08 30.51 64.85
CA LEU TA 82 -10.90 30.13 63.70
C LEU TA 82 -10.77 28.65 63.41
N ARG TA 83 -9.53 28.16 63.37
CA ARG TA 83 -9.22 26.76 63.15
C ARG TA 83 -9.89 25.84 64.19
N THR TA 84 -9.80 26.22 65.47
CA THR TA 84 -10.41 25.45 66.56
C THR TA 84 -11.93 25.36 66.39
N LEU TA 85 -12.53 26.49 66.02
CA LEU TA 85 -13.95 26.56 65.68
C LEU TA 85 -14.32 25.60 64.55
N LYS TA 86 -13.52 25.62 63.49
CA LYS TA 86 -13.72 24.73 62.34
C LYS TA 86 -13.64 23.25 62.74
N LYS TA 87 -12.68 22.97 63.62
CA LYS TA 87 -12.46 21.61 64.13
C LYS TA 87 -13.62 21.05 64.94
N ASP TA 88 -14.18 21.86 65.86
CA ASP TA 88 -15.12 21.35 66.85
C ASP TA 88 -16.44 20.89 66.21
N PRO TA 89 -17.08 19.86 66.80
CA PRO TA 89 -18.31 19.29 66.25
C PRO TA 89 -19.60 20.04 66.62
N ARG TA 90 -19.54 20.90 67.63
CA ARG TA 90 -20.74 21.58 68.16
C ARG TA 90 -20.99 22.99 67.58
N VAL TA 91 -20.35 23.31 66.46
CA VAL TA 91 -20.68 24.51 65.68
C VAL TA 91 -20.93 24.14 64.22
N ILE TA 92 -21.90 24.81 63.60
CA ILE TA 92 -22.32 24.50 62.23
C ILE TA 92 -21.52 25.39 61.27
N ARG TA 93 -21.64 26.70 61.48
CA ARG TA 93 -20.92 27.70 60.68
C ARG TA 93 -20.22 28.67 61.61
N SER TA 94 -18.98 29.02 61.28
CA SER TA 94 -18.18 30.00 62.01
C SER TA 94 -17.69 31.06 61.03
N SER TA 95 -17.50 32.28 61.51
CA SER TA 95 -17.02 33.37 60.67
C SER TA 95 -16.42 34.51 61.47
N ILE TA 96 -15.10 34.60 61.46
CA ILE TA 96 -14.38 35.76 61.99
C ILE TA 96 -14.21 36.77 60.87
N VAL TA 97 -14.36 38.05 61.22
CA VAL TA 97 -14.20 39.17 60.28
C VAL TA 97 -13.68 40.38 61.04
N LYS TA 98 -12.76 41.10 60.40
CA LYS TA 98 -12.03 42.20 61.03
C LYS TA 98 -12.90 43.45 61.18
N VAL TA 99 -12.67 44.18 62.26
CA VAL TA 99 -13.29 45.49 62.49
C VAL TA 99 -12.13 46.48 62.52
N ASP TA 100 -12.16 47.45 61.60
CA ASP TA 100 -11.01 48.33 61.36
C ASP TA 100 -10.90 49.43 62.42
N LEU TA 101 -9.71 49.55 63.02
CA LEU TA 101 -9.44 50.51 64.09
C LEU TA 101 -8.46 51.63 63.68
N ASP TA 102 -8.38 51.91 62.37
CA ASP TA 102 -7.54 52.99 61.86
C ASP TA 102 -8.06 54.39 62.24
N LYS TA 103 -9.38 54.51 62.36
CA LYS TA 103 -10.03 55.78 62.67
C LYS TA 103 -10.40 55.87 64.16
N GLN TA 104 -11.11 54.86 64.65
CA GLN TA 104 -11.59 54.79 66.04
C GLN TA 104 -10.83 53.74 66.85
N LEU TA 105 -11.04 53.77 68.17
CA LEU TA 105 -10.60 52.70 69.08
C LEU TA 105 -11.80 51.90 69.59
N ASP TA 106 -12.81 52.62 70.10
CA ASP TA 106 -14.07 52.00 70.52
C ASP TA 106 -14.93 51.74 69.29
N ARG TA 107 -15.20 50.46 69.01
CA ARG TA 107 -16.09 50.03 67.94
C ARG TA 107 -17.00 48.92 68.44
N ALA TA 108 -18.31 49.14 68.32
CA ALA TA 108 -19.31 48.13 68.70
C ALA TA 108 -19.39 47.03 67.66
N SER TA 109 -20.20 46.01 67.93
CA SER TA 109 -20.44 44.93 66.97
C SER TA 109 -21.24 45.43 65.77
N SER TA 110 -21.18 44.68 64.68
CA SER TA 110 -21.82 45.03 63.41
C SER TA 110 -23.32 45.32 63.55
N LEU TA 111 -23.97 44.51 64.39
CA LEU TA 111 -25.41 44.63 64.66
C LEU TA 111 -25.73 45.96 65.34
N HIS TA 112 -24.93 46.30 66.34
CA HIS TA 112 -25.09 47.56 67.08
C HIS TA 112 -24.85 48.78 66.19
N ARG TA 113 -23.87 48.69 65.30
CA ARG TA 113 -23.58 49.75 64.33
C ARG TA 113 -24.72 49.94 63.33
N SER TA 114 -25.31 48.82 62.89
CA SER TA 114 -26.46 48.83 61.99
C SER TA 114 -27.68 49.49 62.66
N LEU TA 115 -27.91 49.15 63.93
CA LEU TA 115 -28.96 49.78 64.74
C LEU TA 115 -28.80 51.29 64.85
N GLY TA 116 -27.58 51.73 65.13
CA GLY TA 116 -27.29 53.15 65.36
C GLY TA 116 -26.04 53.44 66.17
N LYS TA 117 -25.77 52.61 67.17
CA LYS TA 117 -24.67 52.86 68.12
C LYS TA 117 -23.33 52.48 67.50
N LYS TA 118 -22.52 53.49 67.18
CA LYS TA 118 -21.20 53.28 66.58
C LYS TA 118 -20.23 52.70 67.60
N SER TA 119 -20.02 53.42 68.70
CA SER TA 119 -19.14 52.99 69.78
C SER TA 119 -19.95 52.24 70.85
N ILE TA 120 -19.24 51.49 71.68
CA ILE TA 120 -19.84 50.80 72.82
C ILE TA 120 -20.27 51.75 73.96
N LEU TA 121 -19.69 52.95 73.99
CA LEU TA 121 -20.13 54.02 74.91
C LEU TA 121 -21.61 54.35 74.77
N GLU TA 122 -22.07 54.43 73.52
CA GLU TA 122 -23.47 54.69 73.20
C GLU TA 122 -24.39 53.59 73.75
N LEU TA 123 -23.96 52.33 73.57
CA LEU TA 123 -24.68 51.16 74.08
C LEU TA 123 -24.79 51.18 75.60
N VAL TA 124 -23.68 51.52 76.26
CA VAL TA 124 -23.61 51.66 77.71
C VAL TA 124 -24.62 52.69 78.20
N ASN TA 125 -24.64 53.86 77.56
CA ASN TA 125 -25.52 54.97 77.93
C ASN TA 125 -26.96 54.72 77.47
N LYS UA 1 -93.00 72.41 -10.42
CA LYS UA 1 -94.33 71.85 -10.00
C LYS UA 1 -94.42 70.36 -10.32
N ILE UA 2 -94.48 69.53 -9.27
CA ILE UA 2 -94.48 68.07 -9.41
C ILE UA 2 -95.92 67.56 -9.54
N LYS UA 3 -96.78 67.96 -8.61
CA LYS UA 3 -98.20 67.58 -8.57
C LYS UA 3 -98.43 66.05 -8.47
N PRO UA 4 -98.21 65.48 -7.27
CA PRO UA 4 -98.57 64.09 -7.01
C PRO UA 4 -100.05 63.97 -6.63
N THR UA 5 -100.75 63.02 -7.24
CA THR UA 5 -102.17 62.81 -6.97
C THR UA 5 -102.36 62.09 -5.63
N ALA UA 6 -103.59 62.12 -5.12
CA ALA UA 6 -103.93 61.59 -3.79
C ALA UA 6 -103.81 60.08 -3.73
N GLU UA 7 -104.37 59.40 -4.73
CA GLU UA 7 -104.32 57.94 -4.85
C GLU UA 7 -102.89 57.42 -4.91
N GLN UA 8 -102.07 58.06 -5.74
CA GLN UA 8 -100.63 57.76 -5.86
C GLN UA 8 -99.90 57.90 -4.53
N LEU UA 9 -100.22 58.97 -3.80
CA LEU UA 9 -99.64 59.24 -2.47
C LEU UA 9 -100.01 58.13 -1.49
N ALA UA 10 -101.29 57.77 -1.47
CA ALA UA 10 -101.81 56.68 -0.63
C ALA UA 10 -101.11 55.35 -0.92
N GLN UA 11 -100.94 55.07 -2.20
CA GLN UA 11 -100.24 53.87 -2.67
C GLN UA 11 -98.79 53.85 -2.19
N TRP UA 12 -98.11 54.98 -2.34
CA TRP UA 12 -96.73 55.16 -1.87
C TRP UA 12 -96.59 54.91 -0.36
N GLU UA 13 -97.52 55.50 0.41
CA GLU UA 13 -97.60 55.31 1.86
C GLU UA 13 -97.76 53.83 2.24
N ALA UA 14 -98.66 53.15 1.54
CA ALA UA 14 -98.90 51.71 1.73
C ALA UA 14 -97.64 50.88 1.48
N LEU UA 15 -96.95 51.21 0.38
CA LEU UA 15 -95.67 50.58 0.03
C LEU UA 15 -94.59 50.77 1.09
N LYS UA 16 -94.51 51.99 1.61
CA LYS UA 16 -93.43 52.43 2.51
C LYS UA 16 -93.10 51.47 3.66
N SER UA 17 -94.14 50.94 4.30
CA SER UA 17 -93.98 50.00 5.41
C SER UA 17 -93.47 48.63 4.97
N VAL UA 18 -93.87 48.18 3.78
CA VAL UA 18 -93.47 46.89 3.23
C VAL UA 18 -91.99 46.93 2.81
N PRO UA 19 -91.17 45.93 3.22
CA PRO UA 19 -89.78 45.88 2.75
C PRO UA 19 -89.69 45.34 1.33
N ILE UA 20 -88.61 45.69 0.63
CA ILE UA 20 -88.38 45.22 -0.75
C ILE UA 20 -88.21 43.70 -0.73
N PRO UA 21 -88.99 42.97 -1.55
CA PRO UA 21 -88.94 41.50 -1.52
C PRO UA 21 -87.63 40.95 -2.11
N PRO UA 22 -87.09 39.87 -1.52
CA PRO UA 22 -85.85 39.29 -2.03
C PRO UA 22 -86.07 38.51 -3.33
N ARG UA 23 -85.15 38.69 -4.28
CA ARG UA 23 -85.28 38.09 -5.60
C ARG UA 23 -84.93 36.59 -5.62
N LYS UA 24 -84.12 36.13 -4.66
CA LYS UA 24 -83.72 34.73 -4.55
C LYS UA 24 -83.64 34.28 -3.10
N ASN UA 25 -83.97 33.01 -2.86
CA ASN UA 25 -83.53 32.32 -1.63
C ASN UA 25 -82.05 32.04 -1.85
N ALA UA 26 -81.21 32.60 -0.99
CA ALA UA 26 -79.77 32.69 -1.23
C ALA UA 26 -79.05 31.34 -1.16
N THR UA 27 -79.38 30.58 -0.12
CA THR UA 27 -78.77 29.27 0.12
C THR UA 27 -79.11 28.27 -0.99
N LEU UA 28 -80.38 28.26 -1.41
CA LEU UA 28 -80.83 27.45 -2.54
C LEU UA 28 -80.09 27.81 -3.82
N ASP UA 29 -80.01 29.10 -4.11
CA ASP UA 29 -79.31 29.62 -5.29
C ASP UA 29 -77.85 29.19 -5.32
N HIS UA 30 -77.19 29.31 -4.18
CA HIS UA 30 -75.81 28.84 -3.98
C HIS UA 30 -75.67 27.35 -4.31
N ILE UA 31 -76.58 26.54 -3.76
CA ILE UA 31 -76.62 25.09 -4.00
C ILE UA 31 -76.76 24.78 -5.49
N THR UA 32 -77.69 25.48 -6.15
CA THR UA 32 -77.95 25.29 -7.58
C THR UA 32 -76.71 25.61 -8.42
N ASN UA 33 -76.03 26.69 -8.04
CA ASN UA 33 -74.76 27.09 -8.67
C ASN UA 33 -73.66 26.04 -8.52
N MET UA 34 -73.54 25.48 -7.32
CA MET UA 34 -72.60 24.40 -7.03
C MET UA 34 -72.87 23.14 -7.84
N ILE UA 35 -74.15 22.78 -7.93
CA ILE UA 35 -74.62 21.65 -8.76
C ILE UA 35 -74.23 21.87 -10.22
N MET UA 36 -74.59 23.05 -10.73
CA MET UA 36 -74.32 23.48 -12.11
C MET UA 36 -72.84 23.38 -12.49
N ARG UA 37 -72.57 23.16 -13.78
CA ARG UA 37 -71.22 22.96 -14.28
C ARG UA 37 -70.86 23.89 -15.45
N HIS UA 38 -71.50 23.70 -16.60
CA HIS UA 38 -71.06 24.31 -17.87
C HIS UA 38 -71.94 25.50 -18.27
N GLY UA 39 -72.19 26.39 -17.32
CA GLY UA 39 -73.18 27.46 -17.49
C GLY UA 39 -74.58 26.95 -17.77
N LYS UA 40 -74.87 25.70 -17.39
CA LYS UA 40 -76.14 25.05 -17.64
C LYS UA 40 -76.90 25.07 -16.33
N LYS UA 41 -77.30 26.27 -15.94
CA LYS UA 41 -77.96 26.53 -14.66
C LYS UA 41 -79.35 25.94 -14.60
N GLU UA 42 -80.06 26.03 -15.72
CA GLU UA 42 -81.44 25.55 -15.82
C GLU UA 42 -81.54 24.07 -15.46
N LYS UA 43 -80.63 23.27 -16.00
CA LYS UA 43 -80.56 21.83 -15.70
C LYS UA 43 -80.33 21.57 -14.21
N ALA UA 44 -79.39 22.32 -13.62
CA ALA UA 44 -79.10 22.24 -12.19
C ALA UA 44 -80.32 22.59 -11.33
N GLN UA 45 -81.04 23.64 -11.75
CA GLN UA 45 -82.28 24.06 -11.08
C GLN UA 45 -83.35 22.99 -11.13
N THR UA 46 -83.53 22.40 -12.31
CA THR UA 46 -84.51 21.32 -12.51
C THR UA 46 -84.19 20.15 -11.59
N ILE UA 47 -82.92 19.74 -11.59
CA ILE UA 47 -82.42 18.66 -10.71
C ILE UA 47 -82.76 18.93 -9.24
N LEU UA 48 -82.44 20.14 -8.78
CA LEU UA 48 -82.59 20.51 -7.37
C LEU UA 48 -84.05 20.52 -6.97
N SER UA 49 -84.88 21.20 -7.76
CA SER UA 49 -86.30 21.34 -7.45
C SER UA 49 -87.06 20.00 -7.54
N ARG UA 50 -86.68 19.17 -8.51
CA ARG UA 50 -87.19 17.80 -8.62
C ARG UA 50 -86.88 16.96 -7.38
N ALA UA 51 -85.64 17.09 -6.90
CA ALA UA 51 -85.21 16.42 -5.67
C ALA UA 51 -86.03 16.88 -4.47
N LEU UA 52 -86.22 18.20 -4.37
CA LEU UA 52 -87.00 18.80 -3.28
C LEU UA 52 -88.46 18.36 -3.31
N TYR UA 53 -89.03 18.29 -4.51
CA TYR UA 53 -90.37 17.75 -4.74
C TYR UA 53 -90.48 16.31 -4.23
N LEU UA 54 -89.51 15.48 -4.62
CA LEU UA 54 -89.43 14.09 -4.17
C LEU UA 54 -89.38 13.98 -2.65
N VAL UA 55 -88.55 14.82 -2.05
CA VAL UA 55 -88.41 14.90 -0.60
C VAL UA 55 -89.74 15.21 0.07
N TYR UA 56 -90.40 16.24 -0.46
CA TYR UA 56 -91.72 16.64 0.01
C TYR UA 56 -92.72 15.48 -0.05
N CYS UA 57 -92.77 14.82 -1.20
CA CYS UA 57 -93.65 13.66 -1.42
C CYS UA 57 -93.42 12.54 -0.40
N GLN UA 58 -92.14 12.25 -0.12
CA GLN UA 58 -91.77 11.24 0.87
C GLN UA 58 -92.15 11.62 2.31
N THR UA 59 -91.97 12.90 2.65
CA THR UA 59 -92.29 13.43 3.98
C THR UA 59 -92.95 14.82 3.84
N ARG UA 60 -94.27 14.86 4.03
CA ARG UA 60 -95.08 16.03 3.63
C ARG UA 60 -94.91 17.21 4.59
N GLN UA 61 -93.84 17.97 4.35
CA GLN UA 61 -93.55 19.19 5.08
C GLN UA 61 -92.53 20.00 4.28
N ASP UA 62 -92.59 21.33 4.38
CA ASP UA 62 -91.81 22.24 3.52
C ASP UA 62 -90.40 21.69 3.21
N PRO UA 63 -90.11 21.44 1.91
CA PRO UA 63 -88.83 20.82 1.54
C PRO UA 63 -87.61 21.73 1.68
N ILE UA 64 -87.79 23.01 1.36
CA ILE UA 64 -86.71 24.00 1.41
C ILE UA 64 -86.23 24.18 2.85
N GLN UA 65 -87.20 24.42 3.74
CA GLN UA 65 -86.94 24.55 5.18
C GLN UA 65 -86.22 23.35 5.77
N ALA UA 66 -86.68 22.16 5.39
CA ALA UA 66 -86.06 20.89 5.80
C ALA UA 66 -84.62 20.78 5.35
N LEU UA 67 -84.37 21.20 4.10
CA LEU UA 67 -83.03 21.23 3.52
C LEU UA 67 -82.12 22.19 4.27
N GLU UA 68 -82.63 23.39 4.54
CA GLU UA 68 -81.91 24.40 5.32
C GLU UA 68 -81.52 23.90 6.71
N LYS UA 69 -82.48 23.26 7.38
CA LYS UA 69 -82.25 22.61 8.68
C LYS UA 69 -81.14 21.57 8.61
N SER UA 70 -81.21 20.72 7.59
CA SER UA 70 -80.21 19.69 7.33
C SER UA 70 -78.82 20.29 7.17
N LEU UA 71 -78.73 21.34 6.36
CA LEU UA 71 -77.49 22.10 6.16
C LEU UA 71 -76.93 22.65 7.47
N ASP UA 72 -77.80 23.29 8.25
CA ASP UA 72 -77.44 23.83 9.57
C ASP UA 72 -76.86 22.76 10.51
N GLU UA 73 -77.54 21.62 10.56
CA GLU UA 73 -77.09 20.46 11.32
C GLU UA 73 -75.72 19.98 10.87
N LEU UA 74 -75.56 19.83 9.56
CA LEU UA 74 -74.42 19.14 8.98
C LEU UA 74 -73.18 20.02 8.90
N ALA UA 75 -73.38 21.27 8.47
CA ALA UA 75 -72.32 22.26 8.35
C ALA UA 75 -71.46 22.36 9.62
N PRO UA 76 -70.16 21.99 9.55
CA PRO UA 76 -69.30 22.14 10.72
C PRO UA 76 -68.98 23.62 10.99
N LEU UA 77 -69.38 24.10 12.16
CA LEU UA 77 -69.18 25.51 12.57
C LEU UA 77 -67.74 26.06 12.49
N MET UA 78 -66.74 25.18 12.58
CA MET UA 78 -65.34 25.56 12.34
C MET UA 78 -64.53 24.43 11.71
N MET UA 79 -63.36 24.80 11.18
CA MET UA 79 -62.46 23.86 10.51
C MET UA 79 -61.02 24.03 11.00
N THR UA 80 -60.34 22.91 11.20
CA THR UA 80 -58.93 22.89 11.61
C THR UA 80 -58.03 23.15 10.39
N LYS UA 81 -57.86 24.43 10.06
CA LYS UA 81 -57.07 24.82 8.88
C LYS UA 81 -55.58 24.69 9.14
N THR UA 82 -54.88 24.03 8.23
CA THR UA 82 -53.43 23.79 8.34
C THR UA 82 -52.64 25.05 7.99
N PHE UA 83 -51.47 25.17 8.60
CA PHE UA 83 -50.54 26.28 8.34
C PHE UA 83 -49.10 25.79 8.29
N ASN UA 84 -48.24 26.54 7.61
CA ASN UA 84 -46.80 26.26 7.59
C ASN UA 84 -46.14 26.61 8.92
N THR UA 85 -46.55 27.73 9.50
CA THR UA 85 -46.15 28.15 10.86
C THR UA 85 -44.65 28.49 10.94
N GLY UA 86 -44.23 29.39 10.05
CA GLY UA 86 -42.85 29.91 10.03
C GLY UA 86 -41.75 28.88 9.85
N VAL UA 87 -42.02 27.86 9.02
CA VAL UA 87 -41.10 26.73 8.79
C VAL UA 87 -40.80 26.01 10.12
N ALA UA 88 -41.77 25.21 10.56
CA ALA UA 88 -41.69 24.49 11.82
C ALA UA 88 -42.70 23.33 11.78
N LYS UA 89 -43.24 22.93 12.94
CA LYS UA 89 -44.39 22.02 12.97
C LYS UA 89 -45.60 22.70 12.36
N ALA UA 90 -46.31 21.97 11.49
CA ALA UA 90 -47.51 22.49 10.86
C ALA UA 90 -48.66 22.56 11.88
N SER UA 91 -48.65 23.61 12.69
CA SER UA 91 -49.61 23.78 13.78
C SER UA 91 -50.97 24.20 13.24
N VAL UA 92 -51.93 23.29 13.32
CA VAL UA 92 -53.31 23.54 12.86
C VAL UA 92 -54.05 24.46 13.83
N ILE UA 93 -55.01 25.22 13.30
CA ILE UA 93 -55.81 26.16 14.08
C ILE UA 93 -57.29 26.00 13.68
N PRO UA 94 -58.21 25.97 14.68
CA PRO UA 94 -59.62 26.14 14.36
C PRO UA 94 -59.92 27.53 13.80
N VAL UA 95 -60.67 27.58 12.69
CA VAL UA 95 -61.01 28.84 12.00
C VAL UA 95 -62.52 28.86 11.79
N PRO UA 96 -63.18 29.99 12.12
CA PRO UA 96 -64.63 30.06 11.94
C PRO UA 96 -64.99 30.13 10.46
N LEU UA 97 -66.18 29.61 10.13
CA LEU UA 97 -66.62 29.49 8.74
C LEU UA 97 -67.72 30.47 8.38
N ASN UA 98 -67.59 31.07 7.21
CA ASN UA 98 -68.66 31.81 6.54
C ASN UA 98 -69.85 30.87 6.27
N LYS UA 99 -71.06 31.43 6.18
CA LYS UA 99 -72.29 30.63 6.00
C LYS UA 99 -72.20 29.74 4.75
N ARG UA 100 -71.78 30.34 3.64
CA ARG UA 100 -71.56 29.62 2.38
C ARG UA 100 -70.60 28.45 2.51
N GLN UA 101 -69.48 28.70 3.18
CA GLN UA 101 -68.44 27.67 3.41
C GLN UA 101 -69.00 26.51 4.22
N ARG UA 102 -69.72 26.86 5.29
CA ARG UA 102 -70.43 25.90 6.13
C ARG UA 102 -71.36 25.00 5.32
N ASN UA 103 -72.22 25.64 4.52
CA ASN UA 103 -73.19 24.91 3.69
C ASN UA 103 -72.55 24.20 2.48
N ARG UA 104 -71.44 24.75 1.99
CA ARG UA 104 -70.65 24.13 0.91
C ARG UA 104 -70.09 22.78 1.35
N ILE UA 105 -69.51 22.75 2.54
CA ILE UA 105 -68.99 21.51 3.15
C ILE UA 105 -70.09 20.47 3.26
N ALA UA 106 -71.24 20.89 3.77
CA ALA UA 106 -72.41 20.03 3.90
C ALA UA 106 -72.86 19.45 2.58
N TRP UA 107 -72.90 20.30 1.54
CA TRP UA 107 -73.42 19.89 0.24
C TRP UA 107 -72.59 18.81 -0.43
N ASN UA 108 -71.27 18.96 -0.39
CA ASN UA 108 -70.35 17.98 -0.97
C ASN UA 108 -70.55 16.58 -0.37
N TRP UA 109 -70.66 16.55 0.95
CA TRP UA 109 -70.98 15.32 1.69
C TRP UA 109 -72.32 14.72 1.27
N ILE UA 110 -73.32 15.59 1.17
CA ILE UA 110 -74.68 15.20 0.74
C ILE UA 110 -74.65 14.56 -0.66
N VAL UA 111 -73.93 15.21 -1.57
CA VAL UA 111 -73.73 14.73 -2.94
C VAL UA 111 -73.08 13.35 -2.96
N GLN UA 112 -72.01 13.21 -2.18
CA GLN UA 112 -71.29 11.93 -2.05
C GLN UA 112 -72.19 10.80 -1.57
N SER UA 113 -72.97 11.09 -0.52
CA SER UA 113 -73.90 10.12 0.04
C SER UA 113 -75.05 9.77 -0.92
N ALA UA 114 -75.49 10.75 -1.72
CA ALA UA 114 -76.47 10.52 -2.79
C ALA UA 114 -75.92 9.60 -3.88
N ASN UA 115 -74.65 9.81 -4.25
CA ASN UA 115 -73.99 9.01 -5.29
C ASN UA 115 -73.88 7.51 -4.98
N GLN UA 116 -73.97 7.14 -3.70
CA GLN UA 116 -74.07 5.73 -3.29
C GLN UA 116 -75.45 5.10 -3.49
N ARG UA 117 -76.49 5.92 -3.71
CA ARG UA 117 -77.85 5.41 -3.96
C ARG UA 117 -77.97 4.85 -5.39
N VAL UA 118 -79.08 4.17 -5.68
CA VAL UA 118 -79.14 3.21 -6.79
C VAL UA 118 -79.43 3.81 -8.18
N SER UA 119 -80.39 4.74 -8.25
CA SER UA 119 -80.99 5.15 -9.53
C SER UA 119 -80.02 5.73 -10.57
N SER UA 120 -80.47 5.76 -11.83
CA SER UA 120 -79.72 6.37 -12.92
C SER UA 120 -79.73 7.89 -12.79
N ASP UA 121 -80.92 8.45 -12.57
CA ASP UA 121 -81.10 9.89 -12.42
C ASP UA 121 -80.52 10.38 -11.08
N PHE UA 122 -79.60 11.34 -11.16
CA PHE UA 122 -78.96 11.96 -9.98
C PHE UA 122 -79.96 12.69 -9.09
N ALA UA 123 -80.93 13.36 -9.72
CA ALA UA 123 -81.97 14.12 -8.99
C ALA UA 123 -82.74 13.26 -8.00
N VAL UA 124 -83.06 12.03 -8.42
CA VAL UA 124 -83.73 11.04 -7.57
C VAL UA 124 -82.85 10.70 -6.38
N ARG UA 125 -81.62 10.26 -6.68
CA ARG UA 125 -80.59 9.96 -5.67
C ARG UA 125 -80.44 11.06 -4.63
N LEU UA 126 -80.36 12.29 -5.11
CA LEU UA 126 -80.23 13.48 -4.27
C LEU UA 126 -81.42 13.61 -3.32
N GLY UA 127 -82.62 13.47 -3.88
CA GLY UA 127 -83.87 13.56 -3.12
C GLY UA 127 -83.95 12.52 -2.00
N GLU UA 128 -83.60 11.28 -2.34
CA GLU UA 128 -83.55 10.19 -1.36
C GLU UA 128 -82.59 10.49 -0.21
N GLU UA 129 -81.45 11.06 -0.56
CA GLU UA 129 -80.44 11.42 0.42
C GLU UA 129 -80.92 12.53 1.35
N LEU UA 130 -81.56 13.55 0.77
CA LEU UA 130 -82.17 14.64 1.54
C LEU UA 130 -83.25 14.17 2.51
N THR UA 131 -84.08 13.21 2.07
CA THR UA 131 -85.10 12.61 2.94
C THR UA 131 -84.50 11.84 4.11
N ALA UA 132 -83.44 11.08 3.82
CA ALA UA 132 -82.70 10.34 4.84
C ALA UA 132 -82.11 11.26 5.89
N ILE UA 133 -81.55 12.37 5.44
CA ILE UA 133 -80.97 13.38 6.33
C ILE UA 133 -82.04 14.05 7.19
N ALA UA 134 -83.18 14.37 6.58
CA ALA UA 134 -84.34 14.92 7.29
C ALA UA 134 -84.81 13.97 8.40
N LYS UA 135 -84.91 12.70 8.06
CA LYS UA 135 -85.29 11.65 9.02
C LYS UA 135 -84.20 11.41 10.07
N GLY UA 136 -82.93 11.46 9.65
CA GLY UA 136 -81.78 11.55 10.56
C GLY UA 136 -80.80 10.38 10.49
N THR UA 137 -80.21 10.17 9.31
CA THR UA 137 -79.25 9.09 9.07
C THR UA 137 -78.25 9.43 7.95
N SER UA 138 -76.98 9.60 8.31
CA SER UA 138 -75.89 9.78 7.32
C SER UA 138 -74.49 9.62 7.93
N SER UA 139 -73.54 9.24 7.09
CA SER UA 139 -72.11 9.29 7.42
C SER UA 139 -71.58 10.73 7.45
N ALA UA 140 -72.28 11.64 6.77
CA ALA UA 140 -71.99 13.07 6.81
C ALA UA 140 -72.01 13.65 8.23
N PHE UA 141 -73.00 13.23 9.01
CA PHE UA 141 -73.10 13.58 10.44
C PHE UA 141 -71.89 13.12 11.24
N GLU UA 142 -71.47 11.88 11.00
CA GLU UA 142 -70.29 11.28 11.64
C GLU UA 142 -69.01 12.07 11.31
N LYS UA 143 -68.88 12.44 10.04
CA LYS UA 143 -67.75 13.24 9.56
C LYS UA 143 -67.69 14.62 10.23
N ARG UA 144 -68.86 15.25 10.35
CA ARG UA 144 -69.01 16.52 11.07
C ARG UA 144 -68.58 16.40 12.53
N ASP UA 145 -69.08 15.37 13.20
CA ASP UA 145 -68.72 15.07 14.59
C ASP UA 145 -67.22 14.93 14.78
N GLN UA 146 -66.61 14.16 13.87
CA GLN UA 146 -65.16 13.95 13.84
C GLN UA 146 -64.41 15.27 13.70
N ILE UA 147 -64.85 16.09 12.74
CA ILE UA 147 -64.29 17.44 12.53
C ILE UA 147 -64.35 18.29 13.79
N HIS UA 148 -65.51 18.28 14.44
CA HIS UA 148 -65.72 19.01 15.69
C HIS UA 148 -64.78 18.53 16.81
N LYS UA 149 -64.62 17.21 16.92
CA LYS UA 149 -63.68 16.61 17.86
C LYS UA 149 -62.24 17.05 17.60
N THR UA 150 -61.84 17.07 16.33
CA THR UA 150 -60.50 17.51 15.92
C THR UA 150 -60.28 19.00 16.20
N ALA UA 151 -61.33 19.80 16.04
CA ALA UA 151 -61.32 21.23 16.39
C ALA UA 151 -61.17 21.44 17.90
N ILE UA 152 -61.88 20.62 18.66
CA ILE UA 152 -61.82 20.65 20.13
C ILE UA 152 -60.41 20.38 20.65
N ALA UA 153 -59.72 19.39 20.07
CA ALA UA 153 -58.27 19.30 20.22
C ALA UA 153 -57.68 20.50 19.50
N HIS UA 154 -56.67 21.14 20.08
CA HIS UA 154 -56.20 22.47 19.67
C HIS UA 154 -57.20 23.55 20.14
N ARG UA 155 -57.36 23.67 21.45
CA ARG UA 155 -58.25 24.66 22.06
C ARG UA 155 -57.66 26.05 21.97
N ALA UA 156 -56.46 26.19 22.54
CA ALA UA 156 -55.76 27.48 22.65
C ALA UA 156 -54.74 27.74 21.53
N TYR UA 157 -54.77 26.92 20.48
CA TYR UA 157 -53.99 27.20 19.25
C TYR UA 157 -54.52 28.43 18.51
N ILE UA 158 -55.79 28.77 18.74
CA ILE UA 158 -56.36 30.05 18.28
C ILE UA 158 -55.53 31.23 18.81
N GLN UA 159 -55.26 32.19 17.92
CA GLN UA 159 -54.24 33.21 18.17
C GLN UA 159 -54.74 34.34 19.06
N LEU UA 160 -55.79 35.01 18.62
CA LEU UA 160 -56.36 36.17 19.35
C LEU UA 160 -57.10 35.75 20.62
N LYS UA 161 -57.75 34.58 20.58
CA LYS UA 161 -58.46 34.00 21.73
C LYS UA 161 -59.63 34.86 22.19
N SER VA 1 13.89 79.63 29.71
CA SER VA 1 14.13 78.39 28.90
C SER VA 1 13.42 78.41 27.55
N LEU VA 2 13.88 77.53 26.67
CA LEU VA 2 13.45 77.51 25.26
C LEU VA 2 12.19 76.66 25.05
N VAL VA 3 12.07 75.59 25.83
CA VAL VA 3 10.85 74.76 25.86
C VAL VA 3 9.65 75.58 26.32
N LYS VA 4 9.84 76.33 27.41
CA LYS VA 4 8.82 77.26 27.91
C LYS VA 4 8.38 78.25 26.84
N LEU VA 5 9.36 78.85 26.17
CA LEU VA 5 9.12 79.82 25.10
C LEU VA 5 8.27 79.22 23.98
N ALA VA 6 8.59 77.98 23.59
CA ALA VA 6 7.82 77.22 22.61
C ALA VA 6 6.38 76.97 23.05
N ASN VA 7 6.22 76.61 24.32
CA ASN VA 7 4.90 76.39 24.92
C ASN VA 7 4.03 77.65 24.92
N THR VA 8 4.63 78.79 25.26
CA THR VA 8 3.93 80.07 25.26
C THR VA 8 3.53 80.51 23.86
N CYS VA 9 4.42 80.26 22.90
CA CYS VA 9 4.14 80.49 21.47
C CYS VA 9 2.93 79.68 21.00
N ALA VA 10 2.94 78.40 21.34
CA ALA VA 10 1.83 77.47 21.03
C ALA VA 10 0.51 77.94 21.64
N HIS VA 11 0.59 78.39 22.89
CA HIS VA 11 -0.57 78.93 23.61
C HIS VA 11 -1.13 80.19 22.95
N LEU VA 12 -0.22 81.09 22.55
CA LEU VA 12 -0.57 82.29 21.79
C LEU VA 12 -1.30 81.97 20.48
N GLN VA 13 -0.76 80.99 19.74
CA GLN VA 13 -1.37 80.51 18.49
C GLN VA 13 -2.79 79.97 18.72
N ASN VA 14 -2.94 79.14 19.75
CA ASN VA 14 -4.25 78.59 20.15
C ASN VA 14 -5.26 79.68 20.46
N CYS VA 15 -4.81 80.68 21.21
CA CYS VA 15 -5.64 81.82 21.57
C CYS VA 15 -6.04 82.69 20.37
N SER VA 16 -5.10 82.87 19.44
CA SER VA 16 -5.38 83.53 18.17
C SER VA 16 -6.43 82.79 17.33
N LYS VA 17 -6.33 81.46 17.32
CA LYS VA 17 -7.27 80.61 16.58
C LYS VA 17 -8.73 80.79 17.01
N VAL VA 18 -8.98 80.76 18.31
CA VAL VA 18 -10.35 80.89 18.86
C VAL VA 18 -10.82 82.33 19.16
N ARG VA 19 -9.93 83.32 18.98
CA ARG VA 19 -10.22 84.74 19.21
C ARG VA 19 -10.47 85.12 20.68
N VAL VA 20 -9.63 84.67 21.61
CA VAL VA 20 -9.69 85.24 22.97
C VAL VA 20 -8.95 86.57 22.98
N ALA VA 21 -9.39 87.47 23.87
CA ALA VA 21 -8.86 88.83 23.94
C ALA VA 21 -7.60 88.92 24.80
N LEU VA 22 -7.64 88.29 25.98
CA LEU VA 22 -6.65 88.51 27.04
C LEU VA 22 -6.18 87.17 27.61
N THR VA 23 -4.87 86.93 27.54
CA THR VA 23 -4.28 85.62 27.70
C THR VA 23 -3.12 85.64 28.69
N SER VA 24 -3.05 84.63 29.56
CA SER VA 24 -1.98 84.49 30.54
C SER VA 24 -0.75 83.79 29.94
N ILE VA 25 0.42 84.09 30.49
CA ILE VA 25 1.70 83.48 30.10
C ILE VA 25 2.51 83.28 31.40
N PRO VA 26 3.47 82.33 31.41
CA PRO VA 26 4.33 82.19 32.61
C PRO VA 26 5.21 83.41 32.87
N TYR VA 27 5.44 83.69 34.15
CA TYR VA 27 6.20 84.86 34.59
C TYR VA 27 7.68 84.52 34.78
N THR VA 28 8.43 84.63 33.69
CA THR VA 28 9.89 84.53 33.71
C THR VA 28 10.47 85.76 33.00
N LYS VA 29 11.79 85.91 33.02
CA LYS VA 29 12.45 87.10 32.48
C LYS VA 29 12.48 87.06 30.96
N LEU VA 30 12.98 85.95 30.42
CA LEU VA 30 13.01 85.68 28.98
C LEU VA 30 11.62 85.84 28.36
N GLN VA 31 10.64 85.21 29.00
CA GLN VA 31 9.24 85.26 28.55
C GLN VA 31 8.68 86.67 28.54
N LEU VA 32 8.98 87.40 29.61
CA LEU VA 32 8.60 88.81 29.75
C LEU VA 32 9.20 89.67 28.65
N GLN VA 33 10.50 89.49 28.42
CA GLN VA 33 11.23 90.20 27.37
C GLN VA 33 10.59 89.97 26.00
N PHE VA 34 10.36 88.68 25.69
CA PHE VA 34 9.68 88.26 24.46
C PHE VA 34 8.34 88.97 24.28
N ALA VA 35 7.54 88.98 25.35
CA ALA VA 35 6.24 89.64 25.36
C ALA VA 35 6.35 91.14 25.11
N TYR VA 36 7.35 91.76 25.74
CA TYR VA 36 7.64 93.18 25.54
C TYR VA 36 8.03 93.50 24.09
N ASN VA 37 8.85 92.64 23.51
CA ASN VA 37 9.26 92.77 22.10
C ASN VA 37 8.08 92.68 21.14
N LEU VA 38 7.18 91.73 21.39
CA LEU VA 38 5.94 91.59 20.62
C LEU VA 38 5.07 92.83 20.71
N TYR VA 39 4.91 93.33 21.94
CA TYR VA 39 4.14 94.56 22.22
C TYR VA 39 4.68 95.77 21.46
N GLN VA 40 6.00 95.93 21.46
CA GLN VA 40 6.66 97.05 20.79
C GLN VA 40 6.58 96.97 19.27
N GLN VA 41 6.74 95.76 18.73
CA GLN VA 41 6.53 95.52 17.29
C GLN VA 41 5.07 95.71 16.89
N GLY VA 42 4.15 95.37 17.81
CA GLY VA 42 2.73 95.67 17.67
C GLY VA 42 1.81 94.48 17.53
N PHE VA 43 2.22 93.32 18.07
CA PHE VA 43 1.42 92.10 18.00
C PHE VA 43 0.47 91.97 19.19
N LEU VA 44 0.90 92.45 20.35
CA LEU VA 44 0.06 92.46 21.54
C LEU VA 44 -0.54 93.85 21.78
N SER VA 45 -1.81 93.87 22.18
CA SER VA 45 -2.51 95.09 22.56
C SER VA 45 -2.11 95.56 23.97
N SER VA 46 -1.83 94.59 24.85
CA SER VA 46 -1.54 94.87 26.26
C SER VA 46 -0.49 93.90 26.78
N LEU VA 47 0.21 94.31 27.83
CA LEU VA 47 1.16 93.46 28.53
C LEU VA 47 1.21 93.92 29.98
N GLN VA 48 0.89 93.01 30.90
CA GLN VA 48 0.81 93.38 32.31
C GLN VA 48 1.00 92.19 33.25
N LYS VA 49 1.69 92.44 34.36
CA LYS VA 49 1.96 91.42 35.35
C LYS VA 49 0.69 91.14 36.15
N GLY VA 50 0.58 89.93 36.68
CA GLY VA 50 -0.58 89.58 37.48
C GLY VA 50 -0.57 88.21 38.10
N SER VA 51 -1.69 87.88 38.73
CA SER VA 51 -1.86 86.62 39.42
C SER VA 51 -2.18 85.52 38.42
N THR VA 52 -2.22 84.29 38.93
CA THR VA 52 -2.68 83.14 38.15
C THR VA 52 -4.18 83.29 37.78
N MET VA 53 -4.92 84.02 38.62
CA MET VA 53 -6.36 84.23 38.44
C MET VA 53 -6.69 85.39 37.47
N GLY VA 54 -5.84 86.41 37.38
CA GLY VA 54 -6.09 87.56 36.50
C GLY VA 54 -5.01 88.61 36.49
N PRO VA 55 -5.08 89.58 35.55
CA PRO VA 55 -4.12 90.69 35.53
C PRO VA 55 -4.31 91.63 36.71
N ASP VA 56 -3.22 92.25 37.16
CA ASP VA 56 -3.23 93.05 38.39
C ASP VA 56 -3.50 94.52 38.06
N LYS VA 57 -4.38 95.14 38.85
CA LYS VA 57 -4.73 96.56 38.70
C LYS VA 57 -3.62 97.42 39.28
N ASP VA 58 -3.33 97.20 40.56
CA ASP VA 58 -2.27 97.92 41.29
C ASP VA 58 -0.97 97.14 41.22
N PHE VA 59 0.11 97.77 41.66
CA PHE VA 59 1.41 97.10 41.76
C PHE VA 59 1.44 96.15 42.96
N VAL VA 60 1.91 94.93 42.72
CA VAL VA 60 2.16 93.95 43.76
C VAL VA 60 3.58 93.43 43.55
N GLU VA 61 4.45 93.63 44.53
CA GLU VA 61 5.84 93.17 44.45
C GLU VA 61 5.89 91.65 44.51
N VAL VA 62 6.78 91.07 43.70
CA VAL VA 62 6.87 89.62 43.54
C VAL VA 62 7.96 89.09 44.47
N THR VA 63 7.60 88.09 45.27
CA THR VA 63 8.50 87.47 46.25
C THR VA 63 8.31 85.95 46.24
N PRO VA 64 9.18 85.21 46.97
CA PRO VA 64 8.93 83.80 47.31
C PRO VA 64 7.52 83.46 47.81
N ASP VA 65 6.85 84.41 48.47
CA ASP VA 65 5.46 84.24 48.90
C ASP VA 65 4.48 84.18 47.72
N ASN VA 66 4.72 84.98 46.68
CA ASN VA 66 3.88 85.04 45.48
C ASN VA 66 4.33 84.16 44.32
N ILE VA 67 5.65 84.09 44.09
CA ILE VA 67 6.23 83.73 42.77
C ILE VA 67 5.56 82.57 42.01
N SER VA 68 5.18 81.52 42.74
CA SER VA 68 4.52 80.35 42.16
C SER VA 68 3.16 80.66 41.53
N THR VA 69 2.46 81.64 42.10
CA THR VA 69 1.15 82.07 41.63
C THR VA 69 1.19 83.22 40.63
N ARG VA 70 2.40 83.66 40.25
CA ARG VA 70 2.55 84.85 39.40
C ARG VA 70 2.58 84.50 37.92
N ARG VA 71 2.19 85.49 37.12
CA ARG VA 71 1.71 85.25 35.77
C ARG VA 71 1.81 86.53 34.95
N LEU VA 72 1.87 86.39 33.62
CA LEU VA 72 2.07 87.52 32.73
C LEU VA 72 0.92 87.58 31.72
N TRP VA 73 0.03 88.54 31.93
CA TRP VA 73 -1.18 88.67 31.13
C TRP VA 73 -0.93 89.54 29.92
N VAL VA 74 -1.54 89.14 28.81
CA VAL VA 74 -1.16 89.61 27.48
C VAL VA 74 -2.41 89.75 26.62
N GLY VA 75 -2.61 90.93 26.06
CA GLY VA 75 -3.75 91.24 25.22
C GLY VA 75 -3.43 90.92 23.77
N LEU VA 76 -4.30 90.15 23.12
CA LEU VA 76 -4.16 89.80 21.71
C LEU VA 76 -4.90 90.82 20.84
N LYS VA 77 -4.70 90.73 19.53
CA LYS VA 77 -4.99 91.84 18.61
C LYS VA 77 -5.57 91.33 17.29
N TYR VA 78 -6.67 91.96 16.84
CA TYR VA 78 -7.43 91.54 15.65
C TYR VA 78 -7.86 92.76 14.83
N ARG VA 79 -7.97 92.59 13.52
CA ARG VA 79 -8.35 93.69 12.62
C ARG VA 79 -8.92 93.17 11.29
N ASP VA 80 -10.12 93.63 10.95
CA ASP VA 80 -10.85 93.19 9.74
C ASP VA 80 -11.00 91.67 9.65
N ASN VA 81 -11.48 91.09 10.74
CA ASN VA 81 -11.77 89.65 10.86
C ASN VA 81 -10.53 88.77 10.60
N LYS VA 82 -9.39 89.21 11.11
CA LYS VA 82 -8.12 88.52 10.95
C LYS VA 82 -7.20 88.83 12.14
N PRO VA 83 -6.61 87.78 12.75
CA PRO VA 83 -5.75 88.02 13.91
C PRO VA 83 -4.39 88.55 13.48
N VAL VA 84 -3.82 89.46 14.28
CA VAL VA 84 -2.53 90.08 13.98
C VAL VA 84 -1.41 89.06 14.16
N LEU VA 85 -1.39 88.42 15.33
CA LEU VA 85 -0.41 87.39 15.65
C LEU VA 85 -0.88 86.03 15.15
N SER VA 86 -0.64 85.77 13.86
CA SER VA 86 -1.04 84.52 13.20
C SER VA 86 -0.20 83.33 13.68
N SER VA 87 1.12 83.49 13.68
CA SER VA 87 2.06 82.41 13.95
C SER VA 87 3.08 82.77 15.02
N CYS VA 88 3.67 81.75 15.64
CA CYS VA 88 4.75 81.91 16.62
C CYS VA 88 5.74 80.73 16.56
N LYS VA 89 6.16 80.34 15.36
CA LYS VA 89 7.13 79.25 15.20
C LYS VA 89 8.47 79.71 15.77
N LEU VA 90 9.10 78.91 16.62
CA LEU VA 90 10.48 79.20 17.02
C LEU VA 90 11.48 78.50 16.10
N ILE VA 91 12.70 79.03 16.10
CA ILE VA 91 13.75 78.62 15.16
C ILE VA 91 14.76 77.77 15.91
N SER VA 92 15.38 78.34 16.94
CA SER VA 92 16.23 77.58 17.85
C SER VA 92 15.35 76.70 18.72
N LYS VA 93 15.20 75.44 18.30
CA LYS VA 93 14.46 74.45 19.08
C LYS VA 93 15.41 73.91 20.15
N PRO VA 94 14.88 73.39 21.27
CA PRO VA 94 15.69 72.83 22.35
C PRO VA 94 16.76 71.82 21.92
N ASN VA 95 16.45 70.96 20.94
CA ASN VA 95 17.40 69.92 20.48
C ASN VA 95 18.44 70.40 19.46
N SER VA 96 18.03 71.29 18.55
CA SER VA 96 18.93 71.91 17.56
C SER VA 96 18.91 73.42 17.75
N ARG VA 97 19.72 73.89 18.69
CA ARG VA 97 19.81 75.31 19.01
C ARG VA 97 20.79 75.93 18.05
N ILE VA 98 20.42 77.05 17.44
CA ILE VA 98 21.25 77.66 16.39
C ILE VA 98 21.67 79.07 16.79
N HIS VA 99 22.94 79.37 16.53
CA HIS VA 99 23.57 80.62 16.93
C HIS VA 99 24.30 81.21 15.75
N LEU VA 100 23.77 82.31 15.22
CA LEU VA 100 24.30 82.91 14.00
C LEU VA 100 25.25 84.07 14.30
N PRO VA 101 26.30 84.24 13.47
CA PRO VA 101 27.03 85.50 13.48
C PRO VA 101 26.26 86.60 12.74
N MET VA 102 26.75 87.82 12.84
CA MET VA 102 26.08 89.01 12.29
C MET VA 102 25.88 88.94 10.77
N GLU VA 103 26.86 88.38 10.07
CA GLU VA 103 26.81 88.19 8.62
C GLU VA 103 25.65 87.28 8.20
N ASP VA 104 25.51 86.16 8.90
CA ASP VA 104 24.42 85.21 8.66
C ASP VA 104 23.05 85.83 8.86
N MET VA 105 22.92 86.65 9.91
CA MET VA 105 21.69 87.37 10.22
C MET VA 105 21.34 88.38 9.13
N LYS VA 106 22.35 89.10 8.65
CA LYS VA 106 22.21 90.03 7.51
C LYS VA 106 21.72 89.33 6.26
N LYS VA 107 22.33 88.19 5.95
CA LYS VA 107 21.94 87.35 4.81
C LYS VA 107 20.49 86.91 4.90
N LEU VA 108 20.10 86.42 6.08
CA LEU VA 108 18.71 86.04 6.38
C LEU VA 108 17.74 87.18 6.11
N CYS VA 109 18.09 88.36 6.61
CA CYS VA 109 17.30 89.58 6.39
C CYS VA 109 17.14 89.93 4.92
N SER VA 110 18.20 89.73 4.15
CA SER VA 110 18.22 90.01 2.71
C SER VA 110 17.85 88.82 1.80
N GLY VA 111 17.02 87.89 2.29
CA GLY VA 111 16.43 86.85 1.45
C GLY VA 111 17.36 85.71 1.06
N VAL VA 112 18.07 85.17 2.04
CA VAL VA 112 18.96 84.02 1.83
C VAL VA 112 18.65 82.94 2.88
N THR VA 113 18.32 81.74 2.42
CA THR VA 113 18.09 80.60 3.32
C THR VA 113 19.41 80.22 3.98
N ILE VA 114 19.42 80.19 5.31
CA ILE VA 114 20.63 79.89 6.09
C ILE VA 114 20.33 78.85 7.17
N ARG VA 115 21.15 77.80 7.18
CA ARG VA 115 21.09 76.74 8.19
C ARG VA 115 19.68 76.12 8.26
N ASN VA 116 19.04 76.04 7.09
CA ASN VA 116 17.62 75.71 6.94
C ASN VA 116 16.68 76.59 7.81
N ILE VA 117 16.80 77.89 7.58
CA ILE VA 117 15.82 78.89 8.02
C ILE VA 117 15.32 79.53 6.74
N LYS VA 118 14.00 79.58 6.56
CA LYS VA 118 13.42 80.37 5.48
C LYS VA 118 13.67 81.83 5.80
N PRO VA 119 14.26 82.61 4.87
CA PRO VA 119 14.66 83.99 5.19
C PRO VA 119 13.45 84.88 5.51
N LEU VA 120 13.65 85.90 6.34
CA LEU VA 120 12.54 86.57 7.02
C LEU VA 120 11.64 87.35 6.04
N GLN VA 121 10.35 87.39 6.38
CA GLN VA 121 9.27 87.78 5.46
C GLN VA 121 8.83 89.24 5.62
N PRO VA 122 8.03 89.77 4.66
CA PRO VA 122 7.57 91.17 4.65
C PRO VA 122 7.06 91.74 5.98
N GLY VA 123 6.06 91.08 6.57
CA GLY VA 123 5.46 91.52 7.83
C GLY VA 123 5.82 90.61 9.00
N GLU VA 124 7.05 90.09 8.98
CA GLU VA 124 7.50 89.11 9.96
C GLU VA 124 8.45 89.76 10.95
N LEU VA 125 8.73 89.03 12.03
CA LEU VA 125 9.64 89.46 13.08
C LEU VA 125 10.40 88.24 13.60
N ILE VA 126 11.69 88.19 13.30
CA ILE VA 126 12.58 87.18 13.88
C ILE VA 126 13.23 87.79 15.12
N LEU VA 127 12.96 87.20 16.28
CA LEU VA 127 13.60 87.62 17.52
C LEU VA 127 14.93 86.89 17.74
N VAL VA 128 15.88 87.61 18.34
CA VAL VA 128 17.26 87.16 18.50
C VAL VA 128 17.71 87.43 19.92
N ARG VA 129 18.19 86.39 20.59
CA ARG VA 129 18.78 86.53 21.93
C ARG VA 129 20.27 86.81 21.79
N ALA VA 130 20.75 87.83 22.50
CA ALA VA 130 22.16 88.22 22.51
C ALA VA 130 22.55 88.74 23.89
N HIS VA 131 23.28 87.93 24.65
CA HIS VA 131 23.66 88.20 26.05
C HIS VA 131 22.44 88.38 26.95
N ASN VA 132 21.55 87.40 26.91
CA ASN VA 132 20.30 87.39 27.69
C ASN VA 132 19.46 88.66 27.54
N ASN VA 133 19.28 89.06 26.28
CA ASN VA 133 18.45 90.21 25.91
C ASN VA 133 17.87 89.99 24.52
N ILE VA 134 16.54 89.87 24.44
CA ILE VA 134 15.88 89.55 23.18
C ILE VA 134 15.71 90.84 22.39
N MET VA 135 16.00 90.76 21.10
CA MET VA 135 15.93 91.91 20.19
C MET VA 135 15.31 91.47 18.88
N ASP VA 136 15.03 92.45 18.03
CA ASP VA 136 14.71 92.18 16.62
C ASP VA 136 16.03 91.83 15.93
N ILE VA 137 15.95 91.03 14.87
CA ILE VA 137 17.15 90.62 14.13
C ILE VA 137 17.82 91.81 13.42
N ASN VA 138 17.00 92.75 12.93
CA ASN VA 138 17.49 94.01 12.35
C ASN VA 138 18.22 94.87 13.38
N GLU VA 139 17.64 94.96 14.57
CA GLU VA 139 18.25 95.67 15.71
C GLU VA 139 19.60 95.07 16.09
N ALA VA 140 19.64 93.74 16.15
CA ALA VA 140 20.86 92.98 16.46
C ALA VA 140 21.96 93.22 15.42
N ILE VA 141 21.57 93.24 14.15
CA ILE VA 141 22.47 93.57 13.03
C ILE VA 141 23.05 94.98 13.18
N SER VA 142 22.17 95.95 13.46
CA SER VA 142 22.55 97.34 13.66
C SER VA 142 23.57 97.48 14.81
N LYS VA 143 23.27 96.84 15.93
CA LYS VA 143 24.18 96.81 17.09
C LYS VA 143 25.39 95.89 16.89
N LYS VA 144 25.26 94.92 15.97
CA LYS VA 144 26.32 93.96 15.61
C LYS VA 144 26.54 92.95 16.74
N LEU VA 145 25.52 92.12 16.96
CA LEU VA 145 25.51 91.10 18.01
C LEU VA 145 25.37 89.71 17.40
N ASP VA 146 26.38 88.86 17.60
CA ASP VA 146 26.28 87.44 17.25
C ASP VA 146 25.40 86.78 18.30
N GLY VA 147 24.25 86.24 17.87
CA GLY VA 147 23.23 85.76 18.81
C GLY VA 147 22.45 84.54 18.38
N GLU VA 148 21.70 83.99 19.33
CA GLU VA 148 20.81 82.86 19.10
C GLU VA 148 19.54 83.34 18.41
N VAL VA 149 19.25 82.78 17.24
CA VAL VA 149 18.01 83.08 16.53
C VAL VA 149 16.87 82.38 17.26
N LEU VA 150 16.13 83.13 18.06
CA LEU VA 150 15.11 82.57 18.95
C LEU VA 150 13.90 82.06 18.19
N CYS VA 151 13.10 82.99 17.67
CA CYS VA 151 11.78 82.66 17.20
C CYS VA 151 11.29 83.63 16.13
N ARG VA 152 10.08 83.37 15.66
CA ARG VA 152 9.57 83.94 14.42
C ARG VA 152 8.07 84.18 14.58
N VAL VA 153 7.62 85.43 14.45
CA VAL VA 153 6.18 85.75 14.54
C VAL VA 153 5.66 86.47 13.30
N LYS VA 154 4.44 86.14 12.90
CA LYS VA 154 3.82 86.65 11.68
C LYS VA 154 2.29 86.71 11.84
N ARG WA 1 -35.24 106.38 -13.11
CA ARG WA 1 -36.25 105.34 -12.71
C ARG WA 1 -35.60 104.05 -12.21
N ARG WA 2 -36.40 103.21 -11.56
CA ARG WA 2 -35.96 101.94 -10.98
C ARG WA 2 -36.90 100.82 -11.39
N ILE WA 3 -36.33 99.66 -11.75
CA ILE WA 3 -37.14 98.45 -11.99
C ILE WA 3 -37.22 97.66 -10.68
N VAL WA 4 -38.44 97.36 -10.28
CA VAL WA 4 -38.76 96.94 -8.91
C VAL WA 4 -39.95 95.97 -8.96
N PRO WA 5 -40.02 94.97 -8.06
CA PRO WA 5 -41.21 94.10 -8.02
C PRO WA 5 -42.52 94.82 -7.62
N LYS WA 6 -43.63 94.41 -8.24
CA LYS WA 6 -44.95 94.97 -7.94
C LYS WA 6 -45.40 94.64 -6.52
N LEU WA 7 -45.56 93.35 -6.25
CA LEU WA 7 -46.13 92.88 -5.00
C LEU WA 7 -45.10 92.90 -3.89
N ALA WA 8 -45.53 93.29 -2.69
CA ALA WA 8 -44.68 93.28 -1.49
C ALA WA 8 -44.32 91.84 -1.05
N THR WA 9 -45.15 90.87 -1.45
CA THR WA 9 -44.90 89.44 -1.20
C THR WA 9 -43.99 88.76 -2.24
N PHE WA 10 -43.53 89.50 -3.26
CA PHE WA 10 -42.72 89.00 -4.38
C PHE WA 10 -41.82 87.81 -4.07
N TYR WA 11 -41.00 87.95 -3.02
CA TYR WA 11 -39.99 86.94 -2.67
C TYR WA 11 -40.54 85.68 -2.01
N SER WA 12 -41.76 85.75 -1.48
CA SER WA 12 -42.42 84.57 -0.89
C SER WA 12 -42.76 83.51 -1.94
N ALA WA 13 -43.13 82.33 -1.46
CA ALA WA 13 -43.34 81.14 -2.31
C ALA WA 13 -44.37 81.35 -3.41
N ASN WA 14 -45.60 81.69 -3.00
CA ASN WA 14 -46.69 82.00 -3.91
C ASN WA 14 -47.09 83.46 -3.65
N PRO WA 15 -46.46 84.41 -4.36
CA PRO WA 15 -46.62 85.84 -4.01
C PRO WA 15 -48.00 86.41 -4.33
N ASN WA 16 -48.53 86.07 -5.51
CA ASN WA 16 -49.84 86.57 -5.94
C ASN WA 16 -50.96 86.17 -4.99
N HIS WA 17 -50.99 84.89 -4.63
CA HIS WA 17 -51.96 84.38 -3.65
C HIS WA 17 -51.88 85.12 -2.33
N GLU WA 18 -50.65 85.26 -1.83
CA GLU WA 18 -50.39 85.97 -0.57
C GLU WA 18 -50.92 87.41 -0.59
N ASP WA 19 -50.66 88.09 -1.71
CA ASP WA 19 -51.18 89.45 -1.95
C ASP WA 19 -52.71 89.48 -1.91
N ARG WA 20 -53.33 88.52 -2.60
CA ARG WA 20 -54.79 88.40 -2.64
C ARG WA 20 -55.38 88.20 -1.25
N ILE WA 21 -54.76 87.30 -0.48
CA ILE WA 21 -55.16 87.05 0.91
C ILE WA 21 -55.03 88.30 1.78
N ASN WA 22 -53.95 89.06 1.59
CA ASN WA 22 -53.68 90.29 2.36
C ASN WA 22 -54.78 91.36 2.29
N ARG WA 23 -55.36 91.54 1.10
CA ARG WA 23 -56.45 92.51 0.91
C ARG WA 23 -57.70 92.11 1.69
N LEU WA 24 -58.03 90.82 1.59
CA LEU WA 24 -59.16 90.23 2.33
C LEU WA 24 -58.95 90.32 3.84
N GLU WA 25 -57.73 90.07 4.28
CA GLU WA 25 -57.34 90.15 5.69
C GLU WA 25 -57.48 91.58 6.21
N ARG WA 26 -57.05 92.55 5.41
CA ARG WA 26 -57.19 93.98 5.69
C ARG WA 26 -58.66 94.38 5.84
N LEU WA 27 -59.49 93.91 4.91
CA LEU WA 27 -60.93 94.15 4.94
C LEU WA 27 -61.57 93.60 6.21
N LEU WA 28 -61.23 92.35 6.54
CA LEU WA 28 -61.70 91.69 7.76
C LEU WA 28 -61.34 92.50 9.01
N ARG WA 29 -60.08 92.93 9.07
CA ARG WA 29 -59.59 93.78 10.16
C ARG WA 29 -60.38 95.09 10.28
N LYS WA 30 -60.62 95.73 9.14
CA LYS WA 30 -61.38 96.97 9.07
C LYS WA 30 -62.80 96.81 9.60
N TYR WA 31 -63.47 95.76 9.16
CA TYR WA 31 -64.87 95.50 9.47
C TYR WA 31 -64.99 94.27 10.35
N ILE WA 32 -64.17 94.23 11.39
CA ILE WA 32 -64.09 93.09 12.30
C ILE WA 32 -65.24 93.08 13.31
N LYS WA 33 -65.76 94.27 13.62
CA LYS WA 33 -66.88 94.44 14.55
C LYS WA 33 -68.26 94.26 13.92
N LEU WA 34 -68.35 94.32 12.59
CA LEU WA 34 -69.64 94.17 11.89
C LEU WA 34 -70.22 92.77 12.14
N PRO WA 35 -71.49 92.70 12.55
CA PRO WA 35 -72.09 91.42 12.97
C PRO WA 35 -72.41 90.52 11.79
N SER WA 36 -72.28 89.20 12.00
CA SER WA 36 -72.44 88.19 10.96
C SER WA 36 -73.79 87.48 11.08
N GLN WA 37 -74.73 87.87 10.23
CA GLN WA 37 -76.08 87.28 10.18
C GLN WA 37 -76.79 87.25 11.54
N ALA WA 47 -71.37 81.61 -1.16
CA ALA WA 47 -71.57 80.23 -1.59
C ALA WA 47 -70.97 79.92 -2.97
N PRO WA 48 -71.29 80.73 -3.99
CA PRO WA 48 -70.84 80.42 -5.35
C PRO WA 48 -69.45 80.98 -5.65
N TRP WA 49 -68.43 80.46 -4.94
CA TRP WA 49 -67.06 80.94 -5.10
C TRP WA 49 -66.38 80.25 -6.28
N ILE WA 50 -65.42 80.95 -6.89
CA ILE WA 50 -64.62 80.38 -8.00
C ILE WA 50 -63.88 79.11 -7.56
N SER WA 51 -63.72 78.19 -8.50
CA SER WA 51 -63.08 76.90 -8.24
C SER WA 51 -61.57 77.05 -8.01
N PHE WA 52 -60.96 75.96 -7.56
CA PHE WA 52 -59.51 75.89 -7.34
C PHE WA 52 -58.73 76.23 -8.61
N ASP WA 53 -59.11 75.55 -9.70
CA ASP WA 53 -58.49 75.76 -11.02
C ASP WA 53 -58.72 77.19 -11.54
N GLU WA 54 -59.93 77.68 -11.36
CA GLU WA 54 -60.29 79.06 -11.72
C GLU WA 54 -59.48 80.08 -10.93
N TYR WA 55 -59.32 79.82 -9.64
CA TYR WA 55 -58.53 80.67 -8.76
C TYR WA 55 -57.05 80.67 -9.13
N ALA WA 56 -56.53 79.50 -9.50
CA ALA WA 56 -55.15 79.33 -9.92
C ALA WA 56 -54.74 80.24 -11.08
N LEU WA 57 -55.63 80.39 -12.06
CA LEU WA 57 -55.35 81.20 -13.25
C LEU WA 57 -55.07 82.67 -12.91
N ILE WA 58 -55.82 83.22 -11.95
CA ILE WA 58 -55.55 84.57 -11.43
C ILE WA 58 -54.52 84.58 -10.28
N GLY WA 59 -54.55 83.54 -9.45
CA GLY WA 59 -53.68 83.44 -8.28
C GLY WA 59 -52.30 82.88 -8.59
N GLY WA 60 -51.94 81.79 -7.92
CA GLY WA 60 -50.60 81.21 -8.03
C GLY WA 60 -50.32 80.40 -9.28
N GLY WA 61 -51.35 79.76 -9.83
CA GLY WA 61 -51.19 78.86 -10.97
C GLY WA 61 -50.79 77.47 -10.49
N THR WA 62 -49.66 76.99 -10.99
CA THR WA 62 -49.10 75.70 -10.54
C THR WA 62 -48.63 75.71 -9.08
N LYS WA 63 -48.27 76.88 -8.57
CA LYS WA 63 -47.81 77.04 -7.18
C LYS WA 63 -48.94 77.18 -6.15
N LEU WA 64 -50.20 77.17 -6.60
CA LEU WA 64 -51.36 77.22 -5.71
C LEU WA 64 -51.52 75.86 -5.02
N LYS WA 65 -51.64 75.88 -3.68
CA LYS WA 65 -51.82 74.67 -2.88
C LYS WA 65 -53.25 74.57 -2.33
N PRO WA 66 -53.72 73.34 -2.00
CA PRO WA 66 -55.07 73.16 -1.44
C PRO WA 66 -55.33 73.98 -0.18
N THR WA 67 -54.35 73.95 0.74
CA THR WA 67 -54.41 74.69 2.00
C THR WA 67 -54.60 76.19 1.82
N GLN WA 68 -53.88 76.73 0.84
CA GLN WA 68 -53.99 78.14 0.46
C GLN WA 68 -55.39 78.49 -0.05
N TYR WA 69 -55.92 77.61 -0.89
CA TYR WA 69 -57.27 77.75 -1.43
C TYR WA 69 -58.34 77.71 -0.33
N THR WA 70 -58.19 76.78 0.60
CA THR WA 70 -59.10 76.64 1.73
C THR WA 70 -59.11 77.90 2.61
N GLN WA 71 -57.91 78.43 2.83
CA GLN WA 71 -57.72 79.68 3.57
C GLN WA 71 -58.45 80.82 2.88
N LEU WA 72 -58.24 80.94 1.57
CA LEU WA 72 -58.89 81.97 0.74
C LEU WA 72 -60.41 81.88 0.84
N LEU WA 73 -60.94 80.65 0.71
CA LEU WA 73 -62.39 80.40 0.87
C LEU WA 73 -62.91 80.87 2.22
N TYR WA 74 -62.20 80.49 3.28
CA TYR WA 74 -62.51 80.92 4.65
C TYR WA 74 -62.58 82.43 4.78
N MET WA 75 -61.60 83.12 4.20
CA MET WA 75 -61.53 84.58 4.22
C MET WA 75 -62.74 85.22 3.52
N LEU WA 76 -63.08 84.68 2.36
CA LEU WA 76 -64.20 85.17 1.56
C LEU WA 76 -65.55 84.94 2.24
N ASN WA 77 -65.75 83.72 2.73
CA ASN WA 77 -67.01 83.31 3.37
C ASN WA 77 -67.38 84.18 4.57
N LYS WA 78 -66.40 84.41 5.44
CA LYS WA 78 -66.57 85.26 6.62
C LYS WA 78 -66.97 86.69 6.26
N LEU WA 79 -66.26 87.24 5.27
CA LEU WA 79 -66.58 88.57 4.72
C LEU WA 79 -68.00 88.65 4.18
N HIS WA 80 -68.38 87.63 3.43
CA HIS WA 80 -69.73 87.50 2.86
C HIS WA 80 -70.80 87.45 3.93
N ASN WA 81 -70.51 86.70 5.00
CA ASN WA 81 -71.42 86.57 6.16
C ASN WA 81 -71.79 87.85 6.89
N ILE WA 82 -71.00 88.91 6.74
CA ILE WA 82 -71.35 90.23 7.32
C ILE WA 82 -72.79 90.55 6.92
N ASP WA 83 -73.66 90.76 7.92
CA ASP WA 83 -75.07 91.11 7.71
C ASP WA 83 -75.25 92.08 6.53
N PRO WA 84 -75.97 91.65 5.46
CA PRO WA 84 -76.14 92.44 4.22
C PRO WA 84 -76.45 93.93 4.39
N GLN WA 85 -77.18 94.27 5.44
CA GLN WA 85 -77.52 95.66 5.75
C GLN WA 85 -76.30 96.51 6.14
N LEU WA 86 -75.38 95.93 6.93
CA LEU WA 86 -74.16 96.62 7.37
C LEU WA 86 -72.99 96.58 6.37
N THR WA 87 -73.09 95.76 5.33
CA THR WA 87 -71.98 95.58 4.38
C THR WA 87 -71.64 96.86 3.61
N ASN WA 88 -70.38 96.92 3.17
CA ASN WA 88 -69.83 98.08 2.46
C ASN WA 88 -69.79 97.83 0.96
N ASP WA 89 -69.49 98.88 0.22
CA ASP WA 89 -69.27 98.82 -1.22
C ASP WA 89 -67.90 98.21 -1.55
N GLU WA 90 -66.89 98.59 -0.76
CA GLU WA 90 -65.51 98.12 -0.96
C GLU WA 90 -65.39 96.61 -0.80
N ILE WA 91 -66.05 96.08 0.23
CA ILE WA 91 -66.07 94.64 0.52
C ILE WA 91 -66.67 93.88 -0.65
N THR WA 92 -67.84 94.34 -1.11
CA THR WA 92 -68.56 93.71 -2.22
C THR WA 92 -67.75 93.73 -3.52
N SER WA 93 -67.03 94.83 -3.75
CA SER WA 93 -66.13 94.97 -4.91
C SER WA 93 -64.99 93.95 -4.85
N GLU WA 94 -64.40 93.78 -3.67
CA GLU WA 94 -63.34 92.80 -3.44
C GLU WA 94 -63.83 91.36 -3.64
N LEU WA 95 -65.04 91.08 -3.13
CA LEU WA 95 -65.66 89.77 -3.29
C LEU WA 95 -66.17 89.49 -4.72
N SER WA 96 -66.53 90.55 -5.45
CA SER WA 96 -67.00 90.43 -6.86
C SER WA 96 -66.13 89.51 -7.71
N GLN WA 97 -64.82 89.65 -7.56
CA GLN WA 97 -63.81 88.83 -8.27
C GLN WA 97 -64.05 87.32 -8.16
N TYR WA 98 -64.41 86.88 -6.96
CA TYR WA 98 -64.44 85.45 -6.63
C TYR WA 98 -65.79 84.76 -6.87
N TYR WA 99 -66.79 85.49 -7.37
CA TYR WA 99 -68.08 84.87 -7.74
C TYR WA 99 -67.98 84.12 -9.07
N LYS WA 100 -69.02 83.33 -9.36
CA LYS WA 100 -69.08 82.42 -10.51
C LYS WA 100 -68.08 81.28 -10.37
N LYS WA 110 -86.76 66.42 -19.55
CA LYS WA 110 -88.15 66.41 -20.03
C LYS WA 110 -89.00 65.41 -19.25
N ILE WA 111 -90.27 65.75 -19.02
CA ILE WA 111 -91.19 64.94 -18.23
C ILE WA 111 -91.84 63.88 -19.13
N LYS WA 112 -91.91 62.65 -18.62
CA LYS WA 112 -92.55 61.54 -19.33
C LYS WA 112 -94.04 61.46 -18.97
N THR WA 113 -94.86 61.18 -19.98
CA THR WA 113 -96.32 61.06 -19.81
C THR WA 113 -96.89 59.91 -20.65
N LEU WA 114 -98.13 59.56 -20.35
CA LEU WA 114 -98.82 58.48 -21.07
C LEU WA 114 -99.24 58.93 -22.48
N ASP WA 115 -99.49 57.96 -23.34
CA ASP WA 115 -99.85 58.20 -24.74
C ASP WA 115 -101.35 58.52 -24.90
N GLU WA 116 -101.79 58.67 -26.15
CA GLU WA 116 -103.22 58.79 -26.50
C GLU WA 116 -104.09 57.70 -25.87
N PHE WA 117 -103.58 56.46 -25.86
CA PHE WA 117 -104.33 55.30 -25.35
C PHE WA 117 -103.97 54.91 -23.91
N GLY WA 118 -103.26 55.79 -23.20
CA GLY WA 118 -103.02 55.63 -21.77
C GLY WA 118 -102.05 54.54 -21.35
N ARG WA 119 -101.02 54.29 -22.16
CA ARG WA 119 -99.98 53.32 -21.83
C ARG WA 119 -98.58 53.95 -21.90
N SER WA 120 -97.70 53.51 -21.00
CA SER WA 120 -96.35 54.05 -20.88
C SER WA 120 -95.34 53.18 -21.61
N ILE WA 121 -94.81 53.69 -22.73
CA ILE WA 121 -93.77 53.01 -23.50
C ILE WA 121 -92.44 53.17 -22.78
N ALA WA 122 -91.61 52.14 -22.83
CA ALA WA 122 -90.27 52.18 -22.28
C ALA WA 122 -89.38 51.13 -22.95
N VAL WA 123 -88.14 51.50 -23.24
CA VAL WA 123 -87.18 50.64 -23.92
C VAL WA 123 -86.07 50.26 -22.94
N GLY WA 124 -85.87 48.96 -22.75
CA GLY WA 124 -84.79 48.44 -21.92
C GLY WA 124 -83.83 47.60 -22.74
N LYS WA 125 -82.60 47.47 -22.25
CA LYS WA 125 -81.56 46.71 -22.94
C LYS WA 125 -80.71 45.89 -21.98
N ARG WA 126 -80.23 44.75 -22.46
CA ARG WA 126 -79.19 43.98 -21.77
C ARG WA 126 -78.49 43.04 -22.75
N LYS WA 127 -77.17 42.93 -22.60
CA LYS WA 127 -76.31 42.23 -23.56
C LYS WA 127 -76.56 42.74 -24.99
N SER WA 128 -77.12 41.90 -25.88
CA SER WA 128 -77.53 42.32 -27.22
C SER WA 128 -79.03 42.61 -27.32
N SER WA 129 -79.80 42.24 -26.28
CA SER WA 129 -81.26 42.36 -26.30
C SER WA 129 -81.75 43.80 -26.22
N THR WA 130 -82.92 44.04 -26.82
CA THR WA 130 -83.64 45.31 -26.72
C THR WA 130 -85.13 45.00 -26.53
N ALA WA 131 -85.76 45.61 -25.53
CA ALA WA 131 -87.16 45.34 -25.19
C ALA WA 131 -87.97 46.63 -25.07
N LYS WA 132 -88.79 46.90 -26.08
CA LYS WA 132 -89.77 47.98 -26.04
C LYS WA 132 -91.05 47.40 -25.43
N VAL WA 133 -91.53 48.01 -24.35
CA VAL WA 133 -92.63 47.46 -23.55
C VAL WA 133 -93.73 48.50 -23.33
N PHE WA 134 -94.96 48.13 -23.73
CA PHE WA 134 -96.15 48.95 -23.52
C PHE WA 134 -96.85 48.47 -22.24
N VAL WA 135 -96.75 49.26 -21.17
CA VAL WA 135 -97.43 48.95 -19.90
C VAL WA 135 -98.67 49.82 -19.76
N VAL WA 136 -99.79 49.19 -19.43
CA VAL WA 136 -101.11 49.84 -19.39
C VAL WA 136 -101.91 49.38 -18.15
N ARG WA 137 -102.87 50.18 -17.72
CA ARG WA 137 -103.58 49.99 -16.43
C ARG WA 137 -104.56 48.79 -16.34
N GLY WA 138 -104.84 48.11 -17.45
CA GLY WA 138 -105.76 46.96 -17.43
C GLY WA 138 -105.25 45.74 -16.67
N THR WA 139 -106.18 44.86 -16.29
CA THR WA 139 -105.90 43.66 -15.45
C THR WA 139 -104.69 42.86 -15.94
N GLY WA 140 -103.89 42.38 -14.99
CA GLY WA 140 -102.53 41.91 -15.26
C GLY WA 140 -102.39 40.67 -16.12
N GLU WA 141 -102.27 40.89 -17.43
CA GLU WA 141 -101.92 39.83 -18.38
C GLU WA 141 -100.69 40.24 -19.18
N ILE WA 142 -99.95 39.24 -19.67
CA ILE WA 142 -98.67 39.44 -20.34
C ILE WA 142 -98.75 38.95 -21.78
N LEU WA 143 -98.05 39.65 -22.67
CA LEU WA 143 -97.83 39.20 -24.04
C LEU WA 143 -96.42 39.59 -24.49
N VAL WA 144 -95.52 38.60 -24.52
CA VAL WA 144 -94.15 38.80 -24.97
C VAL WA 144 -94.05 38.51 -26.46
N ASN WA 145 -93.74 39.55 -27.24
CA ASN WA 145 -93.39 39.41 -28.65
C ASN WA 145 -94.50 38.77 -29.50
N GLY WA 146 -95.76 39.11 -29.17
CA GLY WA 146 -96.92 38.58 -29.87
C GLY WA 146 -97.30 37.14 -29.55
N ARG WA 147 -96.99 36.70 -28.34
CA ARG WA 147 -97.42 35.37 -27.88
C ARG WA 147 -97.36 35.24 -26.36
N GLN WA 148 -97.97 34.18 -25.84
CA GLN WA 148 -98.13 33.99 -24.40
C GLN WA 148 -96.79 33.88 -23.68
N LEU WA 149 -96.77 34.31 -22.42
CA LEU WA 149 -95.55 34.44 -21.63
C LEU WA 149 -94.88 33.07 -21.37
N ASN WA 150 -95.67 32.08 -20.95
CA ASN WA 150 -95.14 30.73 -20.76
C ASN WA 150 -94.64 30.06 -22.04
N ASP WA 151 -95.23 30.44 -23.17
CA ASP WA 151 -94.79 29.94 -24.48
C ASP WA 151 -93.45 30.56 -24.92
N TYR WA 152 -93.23 31.84 -24.62
CA TYR WA 152 -92.00 32.53 -25.01
C TYR WA 152 -90.84 32.16 -24.09
N PHE WA 153 -91.00 32.46 -22.80
CA PHE WA 153 -89.98 32.17 -21.79
C PHE WA 153 -90.28 30.86 -21.08
N LEU WA 154 -89.49 29.84 -21.41
CA LEU WA 154 -89.69 28.49 -20.91
C LEU WA 154 -89.12 28.34 -19.50
N LYS WA 155 -87.96 28.97 -19.27
CA LYS WA 155 -87.35 29.02 -17.95
C LYS WA 155 -88.20 29.91 -17.04
N MET WA 156 -88.64 29.34 -15.91
CA MET WA 156 -89.40 30.08 -14.89
C MET WA 156 -88.65 31.27 -14.29
N LYS WA 157 -87.33 31.18 -14.26
CA LYS WA 157 -86.45 32.23 -13.72
C LYS WA 157 -86.63 33.56 -14.45
N ASP WA 158 -86.69 33.46 -15.77
CA ASP WA 158 -86.90 34.63 -16.66
C ASP WA 158 -88.24 35.30 -16.39
N ARG WA 159 -89.27 34.48 -16.19
CA ARG WA 159 -90.62 34.97 -15.87
C ARG WA 159 -90.65 35.67 -14.52
N GLU WA 160 -89.99 35.06 -13.53
CA GLU WA 160 -89.85 35.63 -12.20
C GLU WA 160 -89.14 36.99 -12.23
N SER WA 161 -88.08 37.06 -13.03
CA SER WA 161 -87.32 38.29 -13.24
C SER WA 161 -88.21 39.39 -13.82
N ILE WA 162 -88.95 39.04 -14.88
CA ILE WA 162 -89.91 39.95 -15.53
C ILE WA 162 -90.95 40.49 -14.54
N MET WA 163 -91.47 39.59 -13.71
CA MET WA 163 -92.45 39.93 -12.69
C MET WA 163 -91.91 40.92 -11.64
N TYR WA 164 -90.64 40.76 -11.28
CA TYR WA 164 -90.00 41.46 -10.14
C TYR WA 164 -90.27 42.96 -9.98
N PRO WA 165 -90.21 43.76 -11.07
CA PRO WA 165 -90.64 45.17 -10.97
C PRO WA 165 -92.09 45.37 -10.49
N LEU WA 166 -92.99 44.50 -10.94
CA LEU WA 166 -94.37 44.48 -10.47
C LEU WA 166 -94.50 43.87 -9.07
N GLN WA 167 -93.54 43.04 -8.68
CA GLN WA 167 -93.50 42.38 -7.37
C GLN WA 167 -92.92 43.24 -6.25
N VAL WA 168 -91.95 44.11 -6.56
CA VAL WA 168 -91.43 45.07 -5.56
C VAL WA 168 -92.50 46.08 -5.17
N ILE WA 169 -93.27 46.52 -6.16
CA ILE WA 169 -94.53 47.23 -5.93
C ILE WA 169 -95.57 46.14 -5.66
N GLU WA 170 -96.69 46.48 -5.04
CA GLU WA 170 -97.83 45.57 -5.00
C GLU WA 170 -98.75 45.91 -6.17
N SER WA 171 -98.28 45.61 -7.38
CA SER WA 171 -99.00 45.90 -8.62
C SER WA 171 -98.88 44.82 -9.73
N VAL WA 172 -98.43 43.62 -9.40
CA VAL WA 172 -98.61 42.47 -10.30
C VAL WA 172 -100.10 42.10 -10.22
N GLY WA 173 -100.75 42.04 -11.38
CA GLY WA 173 -102.21 41.92 -11.46
C GLY WA 173 -102.91 43.23 -11.80
N LYS WA 174 -102.31 44.35 -11.43
CA LYS WA 174 -102.86 45.68 -11.76
C LYS WA 174 -102.57 46.09 -13.21
N TYR WA 175 -101.33 45.91 -13.65
CA TYR WA 175 -100.88 46.42 -14.96
C TYR WA 175 -100.81 45.35 -16.06
N ASN WA 176 -101.53 45.59 -17.15
CA ASN WA 176 -101.35 44.84 -18.40
C ASN WA 176 -100.01 45.24 -19.02
N ILE WA 177 -99.28 44.25 -19.54
CA ILE WA 177 -97.95 44.47 -20.12
C ILE WA 177 -97.87 43.81 -21.49
N PHE WA 178 -97.51 44.61 -22.49
CA PHE WA 178 -97.28 44.13 -23.85
C PHE WA 178 -95.81 44.37 -24.21
N ALA WA 179 -94.99 43.34 -24.03
CA ALA WA 179 -93.55 43.41 -24.30
C ALA WA 179 -93.26 43.05 -25.76
N THR WA 180 -92.26 43.74 -26.34
CA THR WA 180 -91.77 43.41 -27.69
C THR WA 180 -90.24 43.42 -27.68
N THR WA 181 -89.64 42.23 -27.75
CA THR WA 181 -88.19 42.05 -27.69
C THR WA 181 -87.56 41.87 -29.05
N SER WA 182 -86.24 42.10 -29.11
CA SER WA 182 -85.44 41.82 -30.30
C SER WA 182 -83.97 41.72 -29.93
N GLY WA 183 -83.27 40.77 -30.54
CA GLY WA 183 -81.85 40.56 -30.30
C GLY WA 183 -81.54 39.80 -29.02
N GLY WA 184 -80.30 39.33 -28.93
CA GLY WA 184 -79.81 38.54 -27.79
C GLY WA 184 -80.48 37.19 -27.64
N GLY WA 185 -80.31 36.59 -26.47
CA GLY WA 185 -80.92 35.30 -26.12
C GLY WA 185 -82.08 35.48 -25.16
N PRO WA 186 -82.64 34.36 -24.66
CA PRO WA 186 -83.87 34.43 -23.85
C PRO WA 186 -83.73 35.11 -22.49
N THR WA 187 -82.71 34.74 -21.72
CA THR WA 187 -82.51 35.29 -20.37
C THR WA 187 -82.22 36.79 -20.41
N GLY WA 188 -81.36 37.19 -21.35
CA GLY WA 188 -81.04 38.59 -21.58
C GLY WA 188 -82.25 39.40 -22.05
N GLN WA 189 -83.04 38.81 -22.94
CA GLN WA 189 -84.31 39.39 -23.40
C GLN WA 189 -85.28 39.65 -22.25
N ALA WA 190 -85.44 38.64 -21.40
CA ALA WA 190 -86.30 38.73 -20.21
C ALA WA 190 -85.85 39.85 -19.27
N GLU WA 191 -84.53 39.95 -19.10
CA GLU WA 191 -83.93 40.99 -18.26
C GLU WA 191 -84.16 42.39 -18.82
N SER WA 192 -84.04 42.52 -20.15
CA SER WA 192 -84.31 43.78 -20.84
C SER WA 192 -85.78 44.19 -20.73
N ILE WA 193 -86.68 43.21 -20.83
CA ILE WA 193 -88.12 43.42 -20.63
C ILE WA 193 -88.40 43.95 -19.22
N MET WA 194 -87.85 43.25 -18.22
CA MET WA 194 -87.95 43.66 -16.82
C MET WA 194 -87.52 45.11 -16.62
N HIS WA 195 -86.34 45.43 -17.16
CA HIS WA 195 -85.78 46.78 -17.10
C HIS WA 195 -86.74 47.82 -17.67
N ALA WA 196 -87.27 47.52 -18.86
CA ALA WA 196 -88.26 48.36 -19.53
C ALA WA 196 -89.52 48.56 -18.68
N ILE WA 197 -90.01 47.47 -18.09
CA ILE WA 197 -91.22 47.50 -17.25
C ILE WA 197 -91.05 48.43 -16.05
N ALA WA 198 -89.89 48.37 -15.39
CA ALA WA 198 -89.59 49.24 -14.26
C ALA WA 198 -89.66 50.73 -14.64
N LYS WA 199 -89.08 51.05 -15.79
CA LYS WA 199 -89.11 52.41 -16.34
C LYS WA 199 -90.52 52.86 -16.68
N ALA WA 200 -91.30 51.94 -17.23
CA ALA WA 200 -92.71 52.18 -17.55
C ALA WA 200 -93.54 52.44 -16.30
N LEU WA 201 -93.32 51.63 -15.26
CA LEU WA 201 -93.96 51.78 -13.95
C LEU WA 201 -93.67 53.13 -13.30
N VAL WA 202 -92.40 53.55 -13.40
CA VAL WA 202 -91.94 54.84 -12.88
C VAL WA 202 -92.80 56.03 -13.33
N VAL WA 203 -93.31 55.99 -14.55
CA VAL WA 203 -94.20 57.04 -15.08
C VAL WA 203 -95.56 57.06 -14.36
N PHE WA 204 -96.13 55.88 -14.09
CA PHE WA 204 -97.44 55.77 -13.42
C PHE WA 204 -97.47 56.37 -12.02
N ASN WA 205 -96.39 56.16 -11.26
CA ASN WA 205 -96.23 56.77 -9.94
C ASN WA 205 -94.75 57.10 -9.68
N PRO WA 206 -94.34 58.37 -9.88
CA PRO WA 206 -92.98 58.83 -9.63
C PRO WA 206 -92.42 58.67 -8.19
N LEU WA 207 -93.29 58.54 -7.19
CA LEU WA 207 -92.85 58.35 -5.80
C LEU WA 207 -92.19 56.98 -5.54
N LEU WA 208 -92.58 55.98 -6.34
CA LEU WA 208 -92.01 54.63 -6.25
C LEU WA 208 -90.66 54.46 -6.95
N LYS WA 209 -90.22 55.48 -7.69
CA LYS WA 209 -89.00 55.43 -8.49
C LYS WA 209 -87.76 55.09 -7.67
N SER WA 210 -87.64 55.76 -6.53
CA SER WA 210 -86.57 55.53 -5.56
C SER WA 210 -86.56 54.08 -5.06
N ARG WA 211 -87.74 53.58 -4.75
CA ARG WA 211 -87.93 52.20 -4.28
C ARG WA 211 -87.51 51.17 -5.33
N LEU WA 212 -87.93 51.41 -6.57
CA LEU WA 212 -87.53 50.58 -7.72
C LEU WA 212 -86.02 50.57 -7.94
N HIS WA 213 -85.42 51.74 -7.79
CA HIS WA 213 -83.95 51.91 -7.90
C HIS WA 213 -83.22 51.12 -6.82
N LYS WA 214 -83.74 51.18 -5.60
CA LYS WA 214 -83.22 50.43 -4.45
C LYS WA 214 -83.28 48.92 -4.67
N ALA WA 215 -84.42 48.47 -5.19
CA ALA WA 215 -84.63 47.06 -5.54
C ALA WA 215 -83.61 46.53 -6.55
N GLY WA 216 -83.14 47.42 -7.44
CA GLY WA 216 -82.13 47.10 -8.44
C GLY WA 216 -82.70 46.77 -9.79
N VAL WA 217 -83.82 47.41 -10.13
CA VAL WA 217 -84.52 47.20 -11.40
C VAL WA 217 -84.30 48.39 -12.36
N LEU WA 218 -84.22 49.60 -11.82
CA LEU WA 218 -83.94 50.82 -12.61
C LEU WA 218 -82.49 50.97 -13.09
N THR WA 219 -81.58 50.12 -12.60
CA THR WA 219 -80.19 50.12 -13.06
C THR WA 219 -80.12 49.35 -14.38
N ARG WA 220 -79.59 49.98 -15.43
CA ARG WA 220 -79.31 49.26 -16.68
C ARG WA 220 -78.10 48.39 -16.42
N ASP WA 221 -78.27 47.08 -16.54
CA ASP WA 221 -77.18 46.12 -16.33
C ASP WA 221 -76.19 46.23 -17.47
N TYR WA 222 -75.01 46.79 -17.17
CA TYR WA 222 -74.00 47.10 -18.17
C TYR WA 222 -73.25 45.88 -18.71
N ARG WA 223 -73.20 44.80 -17.93
CA ARG WA 223 -72.37 43.61 -18.25
C ARG WA 223 -72.34 43.28 -19.74
N HIS WA 224 -71.24 43.66 -20.39
CA HIS WA 224 -71.07 43.56 -21.83
C HIS WA 224 -70.03 42.50 -22.17
N VAL WA 225 -70.31 41.67 -23.18
CA VAL WA 225 -69.43 40.55 -23.55
C VAL WA 225 -68.07 41.10 -24.00
N GLU WA 226 -67.01 40.70 -23.30
CA GLU WA 226 -65.65 41.09 -23.63
C GLU WA 226 -65.22 40.45 -24.95
N ARG WA 227 -64.50 41.22 -25.76
CA ARG WA 227 -64.04 40.75 -27.06
C ARG WA 227 -62.86 39.78 -26.90
N LYS WA 228 -62.65 38.96 -27.93
CA LYS WA 228 -61.46 38.12 -28.00
C LYS WA 228 -60.26 39.02 -28.32
N LYS WA 229 -59.29 39.04 -27.42
CA LYS WA 229 -58.05 39.77 -27.64
C LYS WA 229 -57.12 38.90 -28.51
N PRO WA 230 -56.16 39.52 -29.24
CA PRO WA 230 -55.32 38.77 -30.20
C PRO WA 230 -54.66 37.49 -29.66
N GLY WA 231 -53.64 37.60 -28.82
CA GLY WA 231 -52.87 36.44 -28.38
C GLY WA 231 -53.65 35.44 -27.55
N LYS WA 232 -54.62 35.93 -26.79
CA LYS WA 232 -55.48 35.10 -25.96
C LYS WA 232 -56.48 34.30 -26.80
N LYS WA 233 -56.91 33.16 -26.26
CA LYS WA 233 -57.85 32.27 -26.96
C LYS WA 233 -59.26 32.84 -26.93
N LYS WA 234 -59.73 33.17 -25.72
CA LYS WA 234 -60.98 33.90 -25.52
C LYS WA 234 -60.61 35.28 -24.95
N ALA WA 235 -61.52 35.95 -24.26
CA ALA WA 235 -61.24 37.26 -23.66
C ALA WA 235 -60.05 37.21 -22.71
N ARG WA 236 -60.16 36.37 -21.68
CA ARG WA 236 -59.11 36.19 -20.67
C ARG WA 236 -58.31 34.90 -20.85
N LYS WA 237 -58.96 33.83 -21.30
CA LYS WA 237 -58.30 32.53 -21.44
C LYS WA 237 -57.11 32.62 -22.39
N MET WA 238 -55.91 32.53 -21.81
CA MET WA 238 -54.68 32.48 -22.60
C MET WA 238 -54.34 31.05 -22.97
N PRO WA 239 -53.53 30.86 -24.04
CA PRO WA 239 -53.03 29.53 -24.36
C PRO WA 239 -51.92 29.16 -23.39
N THR WA 240 -51.69 27.86 -23.23
CA THR WA 240 -50.78 27.34 -22.19
C THR WA 240 -49.39 27.94 -22.25
N TRP WA 241 -48.85 28.19 -21.06
CA TRP WA 241 -47.48 28.67 -20.90
C TRP WA 241 -46.56 27.47 -20.74
N VAL WA 242 -45.28 27.64 -21.06
CA VAL WA 242 -44.33 26.53 -20.90
C VAL WA 242 -42.92 26.99 -20.54
N LYS WA 243 -42.63 27.06 -19.24
CA LYS WA 243 -41.32 27.50 -18.78
C LYS WA 243 -40.17 26.60 -19.19
N ARG WA 244 -40.36 25.29 -19.18
CA ARG WA 244 -39.24 24.41 -19.51
C ARG WA 244 -38.15 25.18 -20.21
N SER XA 1 -75.91 96.79 -39.45
CA SER XA 1 -75.09 98.03 -39.57
C SER XA 1 -75.08 98.56 -41.01
N THR XA 2 -76.25 98.96 -41.49
CA THR XA 2 -76.50 99.42 -42.87
C THR XA 2 -75.74 98.65 -43.97
N ARG XA 3 -75.73 97.31 -43.84
CA ARG XA 3 -75.09 96.42 -44.80
C ARG XA 3 -76.06 95.27 -45.11
N PRO XA 4 -76.74 95.34 -46.27
CA PRO XA 4 -77.79 94.36 -46.57
C PRO XA 4 -77.24 93.02 -47.07
N TYR XA 5 -77.12 92.06 -46.15
CA TYR XA 5 -76.74 90.69 -46.49
C TYR XA 5 -77.97 89.97 -47.05
N PRO XA 6 -77.97 89.63 -48.36
CA PRO XA 6 -79.15 89.04 -48.99
C PRO XA 6 -79.42 87.61 -48.54
N VAL XA 7 -80.47 87.00 -49.09
CA VAL XA 7 -81.03 85.75 -48.55
C VAL XA 7 -80.12 84.55 -48.78
N ASN XA 8 -79.44 84.50 -49.92
CA ASN XA 8 -78.52 83.39 -50.24
C ASN XA 8 -77.39 83.22 -49.22
N VAL XA 9 -76.83 84.35 -48.77
CA VAL XA 9 -75.79 84.36 -47.74
C VAL XA 9 -76.36 83.79 -46.44
N GLU XA 10 -77.54 84.29 -46.06
CA GLU XA 10 -78.26 83.83 -44.88
C GLU XA 10 -78.50 82.32 -44.91
N ALA XA 11 -78.97 81.83 -46.05
CA ALA XA 11 -79.20 80.40 -46.29
C ALA XA 11 -77.94 79.56 -46.12
N VAL XA 12 -76.83 80.06 -46.68
CA VAL XA 12 -75.51 79.44 -46.53
C VAL XA 12 -75.14 79.31 -45.04
N TYR XA 13 -75.30 80.41 -44.31
CA TYR XA 13 -74.97 80.44 -42.87
C TYR XA 13 -75.81 79.49 -42.02
N TYR XA 14 -77.09 79.35 -42.38
CA TYR XA 14 -78.00 78.41 -41.70
C TYR XA 14 -77.97 77.03 -42.35
N ALA XA 15 -78.80 76.11 -41.83
CA ALA XA 15 -78.95 74.75 -42.38
C ALA XA 15 -79.61 74.77 -43.77
N PRO XA 16 -79.42 73.69 -44.57
CA PRO XA 16 -79.94 73.70 -45.94
C PRO XA 16 -81.45 73.47 -46.02
N LEU XA 17 -82.12 74.23 -46.88
CA LEU XA 17 -83.56 74.11 -47.09
C LEU XA 17 -83.88 72.85 -47.91
N LYS XA 18 -85.06 72.29 -47.69
CA LYS XA 18 -85.54 71.12 -48.43
C LYS XA 18 -86.95 71.37 -48.92
N LEU XA 19 -87.18 71.13 -50.22
CA LEU XA 19 -88.51 71.25 -50.80
C LEU XA 19 -89.34 70.01 -50.45
N PRO XA 20 -90.67 70.19 -50.24
CA PRO XA 20 -91.53 69.06 -49.90
C PRO XA 20 -91.82 68.16 -51.10
N ILE XA 21 -92.15 66.90 -50.81
CA ILE XA 21 -92.38 65.87 -51.83
C ILE XA 21 -93.87 65.79 -52.14
N LYS XA 22 -94.24 66.11 -53.38
CA LYS XA 22 -95.64 66.06 -53.83
C LYS XA 22 -96.14 64.63 -53.98
N TYR XA 23 -95.38 63.82 -54.73
CA TYR XA 23 -95.69 62.42 -54.93
C TYR XA 23 -94.45 61.56 -54.65
N GLY XA 24 -94.67 60.34 -54.17
CA GLY XA 24 -93.57 59.41 -53.88
C GLY XA 24 -93.09 58.65 -55.09
N ASP XA 25 -92.58 59.38 -56.09
CA ASP XA 25 -92.08 58.81 -57.32
C ASP XA 25 -90.56 58.89 -57.32
N LEU XA 26 -89.94 58.09 -56.46
CA LEU XA 26 -88.47 58.07 -56.30
C LEU XA 26 -87.81 58.01 -57.67
N VAL XA 27 -87.24 59.14 -58.10
CA VAL XA 27 -86.65 59.27 -59.43
C VAL XA 27 -85.22 58.73 -59.39
N ALA XA 28 -84.47 59.16 -58.38
CA ALA XA 28 -83.08 58.71 -58.21
C ALA XA 28 -82.70 58.67 -56.74
N ASP XA 29 -81.86 57.71 -56.37
CA ASP XA 29 -81.17 57.72 -55.07
C ASP XA 29 -79.66 57.68 -55.27
N ILE XA 30 -78.97 58.51 -54.48
CA ILE XA 30 -77.53 58.72 -54.58
C ILE XA 30 -76.91 58.27 -53.27
N GLN XA 31 -76.10 57.22 -53.31
CA GLN XA 31 -75.35 56.80 -52.13
C GLN XA 31 -73.92 57.35 -52.17
N LEU XA 32 -73.51 57.90 -51.03
CA LEU XA 32 -72.18 58.50 -50.86
C LEU XA 32 -71.37 57.65 -49.90
N ARG XA 33 -70.28 57.06 -50.39
CA ARG XA 33 -69.35 56.31 -49.55
C ARG XA 33 -68.05 57.09 -49.34
N SER XA 34 -67.49 56.96 -48.15
CA SER XA 34 -66.18 57.51 -47.84
C SER XA 34 -65.58 56.82 -46.63
N TYR XA 35 -64.26 56.87 -46.52
CA TYR XA 35 -63.55 56.31 -45.36
C TYR XA 35 -63.50 57.26 -44.14
N ASP XA 36 -64.18 58.42 -44.22
CA ASP XA 36 -64.41 59.26 -43.05
C ASP XA 36 -65.64 60.19 -43.22
N ASN XA 37 -65.92 60.99 -42.19
CA ASN XA 37 -67.17 61.77 -42.08
C ASN XA 37 -67.11 63.19 -42.62
N GLU XA 38 -66.18 63.97 -42.10
CA GLU XA 38 -66.24 65.45 -42.19
C GLU XA 38 -66.46 65.97 -43.61
N ASN XA 39 -65.66 65.44 -44.55
CA ASN XA 39 -65.83 65.74 -45.98
C ASN XA 39 -67.17 65.27 -46.53
N LEU XA 40 -67.54 64.04 -46.16
CA LEU XA 40 -68.75 63.38 -46.66
C LEU XA 40 -70.01 64.15 -46.28
N ASP XA 41 -70.10 64.50 -45.00
CA ASP XA 41 -71.25 65.26 -44.46
C ASP XA 41 -71.40 66.62 -45.13
N PHE XA 42 -70.26 67.29 -45.31
CA PHE XA 42 -70.19 68.57 -46.02
C PHE XA 42 -70.71 68.43 -47.45
N TYR XA 43 -70.23 67.40 -48.13
CA TYR XA 43 -70.60 67.12 -49.52
C TYR XA 43 -72.10 66.87 -49.67
N SER XA 44 -72.64 66.06 -48.76
CA SER XA 44 -74.07 65.81 -48.66
C SER XA 44 -74.89 67.08 -48.48
N ASP XA 45 -74.39 67.95 -47.60
CA ASP XA 45 -75.01 69.26 -47.33
C ASP XA 45 -75.03 70.11 -48.60
N PHE XA 46 -73.91 70.12 -49.32
CA PHE XA 46 -73.78 70.83 -50.59
C PHE XA 46 -74.74 70.31 -51.66
N ILE XA 47 -74.86 68.98 -51.73
CA ILE XA 47 -75.80 68.30 -52.63
C ILE XA 47 -77.24 68.71 -52.35
N LEU XA 48 -77.59 68.73 -51.07
CA LEU XA 48 -78.92 69.17 -50.61
C LEU XA 48 -79.22 70.60 -51.03
N ARG XA 49 -78.23 71.48 -50.84
CA ARG XA 49 -78.35 72.89 -51.21
C ARG XA 49 -78.63 73.10 -52.68
N THR XA 50 -77.83 72.44 -53.53
CA THR XA 50 -78.02 72.54 -54.98
C THR XA 50 -79.35 71.93 -55.42
N GLY XA 51 -79.74 70.82 -54.78
CA GLY XA 51 -81.03 70.19 -55.00
C GLY XA 51 -82.21 71.09 -54.67
N TYR XA 52 -82.09 71.83 -53.56
CA TYR XA 52 -83.10 72.78 -53.15
C TYR XA 52 -83.23 74.00 -54.08
N TYR XA 53 -82.10 74.68 -54.35
CA TYR XA 53 -82.12 75.99 -55.06
C TYR XA 53 -82.69 76.07 -56.48
N LEU XA 54 -82.27 75.15 -57.33
CA LEU XA 54 -82.82 74.99 -58.67
C LEU XA 54 -83.04 73.51 -58.42
N GLY XA 55 -84.07 73.22 -57.63
CA GLY XA 55 -84.21 71.89 -57.14
C GLY XA 55 -85.36 70.95 -57.15
N ILE XA 56 -84.90 69.75 -56.90
CA ILE XA 56 -85.68 68.53 -56.81
C ILE XA 56 -85.75 68.07 -55.37
N PRO XA 57 -86.97 67.98 -54.87
CA PRO XA 57 -87.23 67.50 -53.51
C PRO XA 57 -86.31 66.33 -53.14
N LEU XA 58 -85.13 66.67 -52.64
CA LEU XA 58 -84.21 65.68 -52.10
C LEU XA 58 -84.64 65.43 -50.66
N THR XA 59 -84.59 64.18 -50.21
CA THR XA 59 -84.85 63.88 -48.80
C THR XA 59 -83.68 64.35 -47.95
N GLY XA 60 -82.66 63.53 -47.75
CA GLY XA 60 -81.53 63.93 -46.90
C GLY XA 60 -80.64 62.79 -46.47
N PRO XA 61 -79.43 63.13 -45.95
CA PRO XA 61 -78.42 62.13 -45.60
C PRO XA 61 -78.90 61.14 -44.54
N LYS XA 62 -79.59 60.10 -45.00
CA LYS XA 62 -79.92 58.96 -44.16
C LYS XA 62 -78.64 58.16 -44.01
N PRO XA 63 -78.10 58.06 -42.78
CA PRO XA 63 -76.89 57.25 -42.64
C PRO XA 63 -77.21 55.76 -42.70
N LEU XA 64 -76.70 55.10 -43.74
CA LEU XA 64 -76.75 53.65 -43.82
C LEU XA 64 -75.60 53.15 -42.96
N PRO XA 65 -75.67 51.89 -42.49
CA PRO XA 65 -74.66 51.48 -41.51
C PRO XA 65 -73.24 51.42 -42.06
N THR XA 66 -72.28 51.85 -41.25
CA THR XA 66 -70.87 51.79 -41.58
C THR XA 66 -70.43 50.34 -41.65
N ARG XA 67 -69.48 50.07 -42.56
CA ARG XA 67 -68.88 48.75 -42.65
C ARG XA 67 -67.75 48.67 -41.63
N ARG XA 68 -67.12 47.50 -41.54
CA ARG XA 68 -65.85 47.38 -40.83
C ARG XA 68 -65.04 46.23 -41.42
N GLU XA 69 -64.04 46.60 -42.22
CA GLU XA 69 -63.08 45.65 -42.77
C GLU XA 69 -61.91 45.54 -41.80
N ARG XA 70 -61.90 44.47 -41.01
CA ARG XA 70 -60.83 44.23 -40.04
C ARG XA 70 -59.75 43.34 -40.64
N TRP XA 71 -58.52 43.52 -40.14
CA TRP XA 71 -57.37 42.72 -40.56
C TRP XA 71 -56.36 42.69 -39.41
N THR XA 72 -55.95 41.49 -39.00
CA THR XA 72 -54.93 41.35 -37.95
C THR XA 72 -53.62 40.91 -38.55
N VAL XA 73 -52.53 41.28 -37.87
CA VAL XA 73 -51.18 41.09 -38.37
C VAL XA 73 -50.21 40.96 -37.19
N ILE XA 74 -49.29 40.01 -37.30
CA ILE XA 74 -48.17 39.88 -36.36
C ILE XA 74 -47.28 41.12 -36.52
N LYS XA 75 -47.04 41.82 -35.42
CA LYS XA 75 -46.29 43.09 -35.44
C LYS XA 75 -44.87 42.97 -35.98
N SER XA 76 -44.19 41.89 -35.61
CA SER XA 76 -42.80 41.67 -35.99
C SER XA 76 -42.65 41.29 -37.45
N PRO XA 77 -41.45 41.48 -38.02
CA PRO XA 77 -41.14 40.93 -39.33
C PRO XA 77 -40.83 39.43 -39.30
N PHE XA 78 -40.52 38.89 -38.12
CA PHE XA 78 -40.09 37.50 -37.99
C PHE XA 78 -40.41 36.92 -36.60
N VAL XA 79 -41.27 35.90 -36.56
CA VAL XA 79 -41.70 35.23 -35.33
C VAL XA 79 -42.42 36.23 -34.39
N HIS XA 80 -42.14 36.21 -33.08
CA HIS XA 80 -42.97 36.87 -32.05
C HIS XA 80 -44.47 36.90 -32.40
N ALA XA 81 -45.01 35.75 -32.77
CA ALA XA 81 -46.40 35.63 -33.22
C ALA XA 81 -47.43 35.79 -32.09
N LYS XA 82 -46.99 35.74 -30.84
CA LYS XA 82 -47.87 35.98 -29.69
C LYS XA 82 -48.35 37.44 -29.63
N SER XA 83 -47.49 38.37 -30.07
CA SER XA 83 -47.88 39.78 -30.23
C SER XA 83 -48.51 39.98 -31.60
N LYS XA 84 -49.77 40.42 -31.62
CA LYS XA 84 -50.50 40.71 -32.86
C LYS XA 84 -51.26 42.04 -32.75
N GLU XA 85 -51.33 42.74 -33.89
CA GLU XA 85 -51.95 44.05 -34.00
C GLU XA 85 -53.14 43.97 -34.95
N ASN XA 86 -54.20 44.70 -34.62
CA ASN XA 86 -55.40 44.79 -35.47
C ASN XA 86 -55.33 46.03 -36.37
N PHE XA 87 -56.13 45.99 -37.43
CA PHE XA 87 -56.35 47.14 -38.29
C PHE XA 87 -57.81 47.13 -38.75
N GLU XA 88 -58.38 48.31 -38.96
CA GLU XA 88 -59.79 48.44 -39.36
C GLU XA 88 -59.99 49.53 -40.41
N ARG XA 89 -61.08 49.41 -41.17
CA ARG XA 89 -61.44 50.39 -42.20
C ARG XA 89 -62.97 50.51 -42.30
N HIS XA 90 -63.49 51.70 -41.99
CA HIS XA 90 -64.93 51.94 -41.92
C HIS XA 90 -65.41 52.64 -43.20
N THR XA 91 -66.22 51.94 -44.00
CA THR XA 91 -66.85 52.52 -45.17
C THR XA 91 -68.13 53.22 -44.73
N HIS XA 92 -68.05 54.54 -44.53
CA HIS XA 92 -69.21 55.35 -44.12
C HIS XA 92 -70.13 55.60 -45.31
N LYS XA 93 -71.41 55.33 -45.13
CA LYS XA 93 -72.42 55.38 -46.20
C LYS XA 93 -73.55 56.35 -45.85
N ARG XA 94 -73.83 57.30 -46.74
CA ARG XA 94 -74.99 58.19 -46.62
C ARG XA 94 -75.85 58.11 -47.88
N LEU XA 95 -77.17 58.21 -47.71
CA LEU XA 95 -78.12 58.13 -48.81
C LEU XA 95 -78.85 59.45 -49.02
N ILE XA 96 -78.85 59.93 -50.27
CA ILE XA 96 -79.74 61.00 -50.74
C ILE XA 96 -80.77 60.33 -51.66
N ARG XA 97 -81.99 60.84 -51.68
CA ARG XA 97 -83.03 60.39 -52.62
C ARG XA 97 -83.78 61.59 -53.20
N ALA XA 98 -83.66 61.80 -54.51
CA ALA XA 98 -84.47 62.77 -55.24
C ALA XA 98 -85.86 62.19 -55.48
N TRP XA 99 -86.89 63.03 -55.39
CA TRP XA 99 -88.28 62.53 -55.37
C TRP XA 99 -89.20 62.95 -56.51
N ASP XA 100 -89.07 64.17 -57.02
CA ASP XA 100 -89.91 64.63 -58.15
C ASP XA 100 -89.13 65.59 -59.05
N THR XA 101 -88.68 65.08 -60.20
CA THR XA 101 -87.92 65.90 -61.16
C THR XA 101 -88.01 65.35 -62.58
N ASN XA 102 -88.16 66.28 -63.52
CA ASN XA 102 -88.03 65.97 -64.94
C ASN XA 102 -86.55 65.62 -65.19
N PRO XA 103 -86.28 64.39 -65.71
CA PRO XA 103 -84.94 63.83 -65.92
C PRO XA 103 -83.78 64.79 -66.17
N GLU XA 104 -84.00 65.77 -67.06
CA GLU XA 104 -82.98 66.77 -67.41
C GLU XA 104 -82.42 67.53 -66.21
N VAL XA 105 -83.31 67.94 -65.32
CA VAL XA 105 -82.97 68.66 -64.09
C VAL XA 105 -82.11 67.77 -63.18
N LEU XA 106 -82.53 66.51 -63.08
CA LEU XA 106 -81.81 65.50 -62.29
C LEU XA 106 -80.39 65.28 -62.84
N GLN XA 107 -80.30 65.13 -64.16
CA GLN XA 107 -79.00 64.99 -64.84
C GLN XA 107 -78.06 66.16 -64.55
N MET XA 108 -78.61 67.36 -64.69
CA MET XA 108 -77.90 68.61 -64.38
C MET XA 108 -77.36 68.63 -62.96
N LEU XA 109 -78.23 68.30 -62.01
CA LEU XA 109 -77.87 68.18 -60.59
C LEU XA 109 -76.69 67.25 -60.43
N ILE XA 110 -76.84 66.03 -60.94
CA ILE XA 110 -75.79 64.99 -60.84
C ILE XA 110 -74.48 65.46 -61.45
N ALA XA 111 -74.58 66.06 -62.64
CA ALA XA 111 -73.42 66.62 -63.35
C ALA XA 111 -72.72 67.71 -62.53
N TYR XA 112 -73.52 68.57 -61.90
CA TYR XA 112 -73.02 69.62 -61.02
C TYR XA 112 -72.30 69.06 -59.81
N ILE XA 113 -72.90 68.02 -59.22
CA ILE XA 113 -72.34 67.33 -58.06
C ILE XA 113 -70.96 66.75 -58.38
N THR XA 114 -70.87 66.02 -59.49
CA THR XA 114 -69.60 65.41 -59.89
C THR XA 114 -68.55 66.45 -60.31
N LYS XA 115 -68.97 67.60 -60.81
CA LYS XA 115 -68.05 68.71 -61.13
C LYS XA 115 -67.31 69.22 -59.90
N HIS XA 116 -68.07 69.56 -58.86
CA HIS XA 116 -67.52 70.10 -57.62
C HIS XA 116 -67.51 69.05 -56.52
N SER XA 117 -66.93 67.88 -56.85
CA SER XA 117 -66.83 66.78 -55.90
C SER XA 117 -65.67 67.00 -54.93
N MET XA 118 -65.76 66.34 -53.77
CA MET XA 118 -64.79 66.50 -52.70
C MET XA 118 -63.81 65.32 -52.71
N ALA XA 119 -62.77 65.40 -51.88
CA ALA XA 119 -61.61 64.50 -51.96
C ALA XA 119 -61.91 63.03 -51.62
N GLY XA 120 -62.35 62.78 -50.40
CA GLY XA 120 -62.49 61.42 -49.89
C GLY XA 120 -63.72 60.62 -50.32
N VAL XA 121 -64.67 61.27 -51.00
CA VAL XA 121 -66.01 60.73 -51.19
C VAL XA 121 -66.18 60.06 -52.56
N GLY XA 122 -66.59 58.79 -52.53
CA GLY XA 122 -67.08 58.09 -53.72
C GLY XA 122 -68.58 58.27 -53.82
N MET XA 123 -69.13 58.01 -55.01
CA MET XA 123 -70.57 58.19 -55.25
C MET XA 123 -71.13 57.10 -56.17
N LYS XA 124 -72.38 56.72 -55.90
CA LYS XA 124 -73.14 55.79 -56.74
C LYS XA 124 -74.56 56.33 -56.89
N CYS XA 125 -75.12 56.19 -58.09
CA CYS XA 125 -76.46 56.68 -58.41
C CYS XA 125 -77.32 55.53 -58.94
N ASN XA 126 -78.51 55.37 -58.36
CA ASN XA 126 -79.55 54.50 -58.92
C ASN XA 126 -80.68 55.36 -59.46
N PHE XA 127 -80.79 55.42 -60.78
CA PHE XA 127 -81.86 56.16 -61.46
C PHE XA 127 -83.01 55.21 -61.78
N PHE XA 128 -84.24 55.74 -61.74
CA PHE XA 128 -85.46 54.97 -61.92
C PHE XA 128 -86.31 55.61 -63.01
N GLN XA 129 -86.70 54.79 -64.01
CA GLN XA 129 -87.41 55.27 -65.19
C GLN XA 129 -88.74 54.53 -65.33
N ARG XA 130 -89.82 55.19 -64.94
CA ARG XA 130 -91.18 54.64 -65.05
C ARG XA 130 -91.64 54.64 -66.51
N SER XA 131 -91.34 53.55 -67.22
CA SER XA 131 -91.73 53.37 -68.61
C SER XA 131 -92.99 52.53 -68.73
N GLU XA 132 -93.70 52.69 -69.85
CA GLU XA 132 -94.86 51.84 -70.18
C GLU XA 132 -94.41 50.41 -70.53
N ILE XA 133 -95.38 49.51 -70.59
CA ILE XA 133 -95.10 48.07 -70.74
C ILE XA 133 -94.60 47.79 -72.16
N SER XA 134 -95.43 48.14 -73.15
CA SER XA 134 -95.09 47.94 -74.56
C SER XA 134 -94.26 49.12 -75.06
N LEU XA 135 -93.22 48.80 -75.82
CA LEU XA 135 -92.29 49.80 -76.39
C LEU XA 135 -91.96 49.44 -77.83
N ASP XA 136 -91.44 50.41 -78.57
CA ASP XA 136 -91.11 50.24 -79.98
C ASP XA 136 -89.89 51.05 -80.39
N LEU XA 137 -88.88 50.35 -80.94
CA LEU XA 137 -87.71 50.96 -81.56
C LEU XA 137 -87.73 50.59 -83.05
N GLY XA 138 -88.85 50.94 -83.70
CA GLY XA 138 -89.06 50.71 -85.13
C GLY XA 138 -89.16 52.02 -85.89
N SER XA 139 -90.08 52.88 -85.44
CA SER XA 139 -90.15 54.27 -85.90
C SER XA 139 -88.93 55.02 -85.33
N ASP XA 140 -87.82 54.93 -86.05
CA ASP XA 140 -86.48 55.20 -85.48
C ASP XA 140 -85.91 56.57 -85.86
N ALA XA 141 -85.80 56.82 -87.16
CA ALA XA 141 -85.14 58.02 -87.69
C ALA XA 141 -85.78 59.31 -87.17
N ASN XA 142 -87.10 59.35 -87.19
CA ASN XA 142 -87.89 60.46 -86.62
C ASN XA 142 -87.64 60.66 -85.12
N GLY XA 143 -87.59 59.56 -84.38
CA GLY XA 143 -87.31 59.59 -82.95
C GLY XA 143 -85.92 60.09 -82.63
N LEU XA 144 -84.96 59.68 -83.45
CA LEU XA 144 -83.57 60.17 -83.37
C LEU XA 144 -83.52 61.69 -83.59
N GLU XA 145 -84.20 62.14 -84.64
CA GLU XA 145 -84.30 63.57 -84.98
C GLU XA 145 -84.89 64.40 -83.84
N LYS XA 146 -85.97 63.87 -83.24
CA LYS XA 146 -86.60 64.48 -82.07
C LYS XA 146 -85.64 64.60 -80.89
N SER XA 147 -84.89 63.52 -80.63
CA SER XA 147 -83.89 63.49 -79.57
C SER XA 147 -82.79 64.53 -79.79
N LEU XA 148 -82.31 64.63 -81.02
CA LEU XA 148 -81.33 65.64 -81.42
C LEU XA 148 -81.84 67.07 -81.21
N SER XA 149 -83.10 67.30 -81.56
CA SER XA 149 -83.76 68.60 -81.38
C SER XA 149 -83.85 68.96 -79.89
N ASN XA 150 -84.25 67.99 -79.07
CA ASN XA 150 -84.31 68.14 -77.61
C ASN XA 150 -82.95 68.48 -77.00
N ILE XA 151 -81.92 67.79 -77.47
CA ILE XA 151 -80.52 68.04 -77.06
C ILE XA 151 -80.12 69.48 -77.40
N ASP XA 152 -80.42 69.89 -78.62
CA ASP XA 152 -80.12 71.25 -79.11
C ASP XA 152 -80.80 72.32 -78.24
N GLU XA 153 -82.08 72.09 -77.95
CA GLU XA 153 -82.85 72.96 -77.05
C GLU XA 153 -82.21 73.08 -75.67
N LEU XA 154 -81.79 71.94 -75.12
CA LEU XA 154 -81.14 71.88 -73.81
C LEU XA 154 -79.84 72.69 -73.76
N TYR XA 155 -78.97 72.45 -74.75
CA TYR XA 155 -77.64 73.06 -74.79
C TYR XA 155 -77.58 74.24 -75.77
N SER XA 156 -78.37 75.26 -75.49
CA SER XA 156 -78.39 76.51 -76.26
C SER XA 156 -77.84 77.65 -75.42
N LEU XA 157 -76.94 78.44 -75.99
CA LEU XA 157 -76.37 79.60 -75.31
C LEU XA 157 -77.37 80.75 -75.37
N ARG XA 158 -77.98 81.06 -74.23
CA ARG XA 158 -79.04 82.08 -74.14
C ARG XA 158 -78.45 83.48 -74.28
N ASN XA 159 -77.48 83.79 -73.43
CA ASN XA 159 -76.76 85.07 -73.45
C ASN XA 159 -75.29 84.85 -73.11
N ASP XA 160 -74.40 85.08 -74.08
CA ASP XA 160 -72.96 84.92 -73.88
C ASP XA 160 -72.41 86.12 -73.10
N ASP XA 161 -72.58 86.07 -71.78
CA ASP XA 161 -72.11 87.12 -70.86
C ASP XA 161 -71.00 86.55 -69.98
N LYS XA 162 -69.96 86.03 -70.65
CA LYS XA 162 -68.83 85.35 -70.01
C LYS XA 162 -69.28 84.17 -69.13
N ALA XA 163 -70.16 83.34 -69.71
CA ALA XA 163 -70.67 82.14 -69.02
C ALA XA 163 -69.65 81.01 -69.08
N GLN XA 164 -69.89 79.97 -68.29
CA GLN XA 164 -69.03 78.78 -68.28
C GLN XA 164 -69.18 78.02 -69.59
N THR XA 165 -68.06 77.69 -70.21
CA THR XA 165 -68.03 76.98 -71.51
C THR XA 165 -67.08 75.78 -71.43
N SER XA 166 -67.42 74.73 -72.17
CA SER XA 166 -66.62 73.51 -72.24
C SER XA 166 -66.34 73.17 -73.70
N ALA XA 167 -65.07 72.92 -74.02
CA ALA XA 167 -64.64 72.61 -75.38
C ALA XA 167 -65.11 71.23 -75.83
N VAL XA 168 -64.96 70.24 -74.94
CA VAL XA 168 -65.40 68.87 -75.21
C VAL XA 168 -66.91 68.80 -75.46
N GLY XA 169 -67.68 69.54 -74.66
CA GLY XA 169 -69.13 69.59 -74.80
C GLY XA 169 -69.56 70.20 -76.12
N GLN XA 170 -68.90 71.30 -76.51
CA GLN XA 170 -69.09 71.93 -77.82
C GLN XA 170 -68.83 70.97 -78.98
N LYS XA 171 -67.74 70.22 -78.85
CA LYS XA 171 -67.35 69.22 -79.86
C LYS XA 171 -68.44 68.16 -79.98
N VAL XA 172 -68.90 67.65 -78.84
CA VAL XA 172 -69.98 66.66 -78.77
C VAL XA 172 -71.25 67.16 -79.48
N LEU XA 173 -71.61 68.40 -79.18
CA LEU XA 173 -72.76 69.06 -79.82
C LEU XA 173 -72.62 69.15 -81.33
N GLU XA 174 -71.42 69.54 -81.77
CA GLU XA 174 -71.09 69.61 -83.21
C GLU XA 174 -71.23 68.25 -83.89
N LEU XA 175 -70.75 67.20 -83.22
CA LEU XA 175 -70.86 65.83 -83.72
C LEU XA 175 -72.31 65.39 -83.85
N LEU XA 176 -73.10 65.69 -82.82
CA LEU XA 176 -74.55 65.42 -82.81
C LEU XA 176 -75.27 66.10 -83.97
N ASP XA 177 -74.92 67.36 -84.22
CA ASP XA 177 -75.47 68.15 -85.32
C ASP XA 177 -75.19 67.57 -86.71
N SER XA 178 -74.01 66.97 -86.89
CA SER XA 178 -73.50 66.60 -88.23
C SER XA 178 -74.38 65.62 -89.03
N PRO XA 179 -74.35 65.70 -90.37
CA PRO XA 179 -75.02 64.76 -91.29
C PRO XA 179 -74.60 63.29 -91.12
N ASP XA 180 -73.31 63.08 -90.89
CA ASP XA 180 -72.74 61.74 -90.68
C ASP XA 180 -73.40 61.02 -89.51
N PHE XA 181 -73.60 61.75 -88.42
CA PHE XA 181 -74.29 61.23 -87.23
C PHE XA 181 -75.73 60.82 -87.50
N LYS XA 182 -76.43 61.66 -88.25
CA LYS XA 182 -77.80 61.37 -88.68
C LYS XA 182 -77.88 60.11 -89.53
N LYS XA 183 -76.91 59.95 -90.43
CA LYS XA 183 -76.81 58.80 -91.33
C LYS XA 183 -76.64 57.48 -90.57
N HIS XA 184 -75.77 57.47 -89.56
CA HIS XA 184 -75.37 56.27 -88.77
C HIS XA 184 -76.30 55.05 -88.85
N LEU XA 185 -77.55 55.26 -88.43
CA LEU XA 185 -78.50 54.16 -88.23
C LEU XA 185 -78.94 53.52 -89.56
N GLU XA 186 -79.44 54.35 -90.48
CA GLU XA 186 -79.88 53.88 -91.79
C GLU XA 186 -78.67 53.71 -92.71
N LYS YA 1 -46.71 1.82 61.10
CA LYS YA 1 -47.86 2.33 60.28
C LYS YA 1 -47.38 3.05 59.02
N GLU YA 2 -48.31 3.23 58.08
CA GLU YA 2 -48.04 3.92 56.81
C GLU YA 2 -49.23 4.81 56.42
N GLU YA 3 -49.20 6.06 56.88
CA GLU YA 3 -50.24 7.04 56.57
C GLU YA 3 -49.78 7.93 55.42
N VAL YA 4 -50.59 7.99 54.35
CA VAL YA 4 -50.33 8.88 53.22
C VAL YA 4 -50.77 10.30 53.61
N VAL YA 5 -49.82 11.21 53.69
CA VAL YA 5 -50.09 12.60 54.08
C VAL YA 5 -50.65 13.39 52.91
N LYS YA 6 -49.94 13.33 51.79
CA LYS YA 6 -50.30 14.05 50.57
C LYS YA 6 -49.61 13.41 49.38
N TYR YA 7 -50.13 13.69 48.19
CA TYR YA 7 -49.52 13.22 46.95
C TYR YA 7 -48.74 14.36 46.30
N ILE YA 8 -47.71 14.00 45.51
CA ILE YA 8 -46.94 14.99 44.76
C ILE YA 8 -46.92 14.61 43.28
N LEU YA 9 -47.41 15.50 42.42
CA LEU YA 9 -47.42 15.31 40.97
C LEU YA 9 -46.19 16.00 40.40
N HIS YA 10 -45.22 15.20 39.94
CA HIS YA 10 -43.98 15.70 39.35
C HIS YA 10 -44.07 15.60 37.84
N GLY YA 11 -43.58 16.64 37.16
CA GLY YA 11 -43.58 16.71 35.70
C GLY YA 11 -42.27 17.26 35.16
N LYS YA 12 -41.41 16.38 34.66
CA LYS YA 12 -40.15 16.80 34.02
C LYS YA 12 -40.38 16.95 32.52
N PHE YA 13 -40.30 18.19 32.03
CA PHE YA 13 -40.66 18.52 30.65
C PHE YA 13 -39.44 18.98 29.84
N THR YA 14 -38.69 18.00 29.33
CA THR YA 14 -37.48 18.28 28.55
C THR YA 14 -37.82 18.66 27.11
N LYS YA 15 -36.80 19.01 26.35
CA LYS YA 15 -36.92 19.30 24.92
C LYS YA 15 -37.61 18.18 24.13
N ASN YA 16 -37.15 16.94 24.35
CA ASN YA 16 -37.54 15.80 23.52
C ASN YA 16 -38.61 14.87 24.10
N ASN YA 17 -38.93 15.02 25.39
CA ASN YA 17 -39.87 14.12 26.06
C ASN YA 17 -40.38 14.66 27.40
N THR YA 18 -41.55 14.19 27.82
CA THR YA 18 -42.13 14.50 29.13
C THR YA 18 -42.05 13.30 30.06
N HIS YA 19 -41.98 13.57 31.36
CA HIS YA 19 -42.05 12.51 32.38
C HIS YA 19 -42.97 12.94 33.52
N LEU YA 20 -44.18 12.38 33.52
CA LEU YA 20 -45.16 12.63 34.57
C LEU YA 20 -45.09 11.52 35.62
N THR YA 21 -45.07 11.91 36.88
CA THR YA 21 -44.88 10.98 38.00
C THR YA 21 -45.78 11.37 39.16
N PHE YA 22 -46.52 10.38 39.69
CA PHE YA 22 -47.38 10.54 40.86
C PHE YA 22 -46.73 9.76 41.99
N SER YA 23 -46.75 10.32 43.19
CA SER YA 23 -46.09 9.70 44.34
C SER YA 23 -46.70 10.13 45.67
N SER YA 24 -46.91 9.15 46.55
CA SER YA 24 -47.50 9.37 47.87
C SER YA 24 -46.42 9.72 48.88
N VAL YA 25 -46.66 10.76 49.69
CA VAL YA 25 -45.81 11.09 50.83
C VAL YA 25 -46.24 10.22 52.01
N VAL YA 26 -45.43 9.20 52.31
CA VAL YA 26 -45.78 8.18 53.32
C VAL YA 26 -45.14 8.52 54.67
N GLU YA 27 -45.97 9.00 55.60
CA GLU YA 27 -45.55 9.28 56.98
C GLU YA 27 -45.90 8.09 57.86
N ASP YA 28 -44.93 7.67 58.67
CA ASP YA 28 -45.14 6.65 59.70
C ASP YA 28 -45.40 7.36 61.03
N LYS YA 29 -46.37 6.87 61.79
CA LYS YA 29 -46.83 7.53 63.02
C LYS YA 29 -45.86 7.37 64.20
N ASN YA 30 -45.02 6.33 64.15
CA ASN YA 30 -44.07 6.05 65.22
C ASN YA 30 -42.84 6.96 65.13
N LEU YA 37 -35.84 8.13 70.90
CA LEU YA 37 -35.32 8.88 69.77
C LEU YA 37 -35.23 10.38 70.04
N THR YA 38 -34.26 11.04 69.41
CA THR YA 38 -33.98 12.46 69.66
C THR YA 38 -35.01 13.37 68.97
N TYR YA 39 -35.28 14.51 69.59
CA TYR YA 39 -36.24 15.50 69.06
C TYR YA 39 -35.82 16.04 67.69
N ASN YA 40 -34.56 16.43 67.58
CA ASN YA 40 -34.00 16.95 66.33
C ASN YA 40 -34.16 15.99 65.16
N ASP YA 41 -33.87 14.71 65.42
CA ASP YA 41 -34.01 13.64 64.42
C ASP YA 41 -35.44 13.47 63.95
N THR YA 42 -36.38 13.51 64.90
CA THR YA 42 -37.81 13.41 64.60
C THR YA 42 -38.28 14.57 63.73
N MET YA 43 -37.85 15.78 64.09
CA MET YA 43 -38.17 17.00 63.35
C MET YA 43 -37.64 16.93 61.92
N LEU YA 44 -36.41 16.44 61.77
CA LEU YA 44 -35.78 16.23 60.47
C LEU YA 44 -36.57 15.24 59.61
N TYR YA 45 -36.99 14.14 60.23
CA TYR YA 45 -37.84 13.14 59.59
C TYR YA 45 -39.16 13.73 59.10
N TYR YA 46 -39.80 14.52 59.96
CA TYR YA 46 -41.04 15.24 59.63
C TYR YA 46 -40.87 16.18 58.44
N LEU YA 47 -39.74 16.89 58.41
CA LEU YA 47 -39.41 17.81 57.32
C LEU YA 47 -39.30 17.12 55.96
N ASN YA 48 -38.56 16.01 55.92
CA ASN YA 48 -38.37 15.23 54.68
C ASN YA 48 -38.98 13.83 54.80
N LEU YA 49 -40.30 13.77 54.57
CA LEU YA 49 -41.05 12.52 54.61
C LEU YA 49 -40.73 11.67 53.39
N PRO YA 50 -40.49 10.35 53.58
CA PRO YA 50 -40.29 9.45 52.43
C PRO YA 50 -41.47 9.41 51.46
N GLN YA 51 -41.15 9.27 50.16
CA GLN YA 51 -42.15 9.17 49.10
C GLN YA 51 -42.12 7.79 48.45
N LYS YA 52 -43.29 7.36 47.97
CA LYS YA 52 -43.44 6.12 47.19
C LYS YA 52 -44.10 6.44 45.85
N VAL YA 53 -43.49 5.97 44.76
CA VAL YA 53 -44.00 6.21 43.41
C VAL YA 53 -45.22 5.32 43.17
N LYS YA 54 -46.27 5.91 42.57
CA LYS YA 54 -47.54 5.21 42.35
C LYS YA 54 -47.80 4.94 40.87
N ILE YA 55 -47.73 5.99 40.05
CA ILE YA 55 -47.75 5.84 38.59
C ILE YA 55 -46.69 6.73 37.96
N SER YA 56 -45.72 6.10 37.30
CA SER YA 56 -44.77 6.79 36.42
C SER YA 56 -45.37 6.79 35.03
N LEU YA 57 -45.02 7.80 34.24
CA LEU YA 57 -45.53 7.96 32.89
C LEU YA 57 -44.60 8.82 32.05
N SER YA 58 -44.41 8.40 30.80
CA SER YA 58 -43.67 9.17 29.81
C SER YA 58 -44.43 9.05 28.51
N THR YA 59 -44.46 10.11 27.72
CA THR YA 59 -45.37 10.20 26.57
C THR YA 59 -45.18 9.15 25.45
N GLY YA 60 -44.08 8.39 25.49
CA GLY YA 60 -43.96 7.18 24.66
C GLY YA 60 -44.82 6.01 25.11
N CYS YA 61 -45.13 5.95 26.41
CA CYS YA 61 -46.09 4.99 26.98
C CYS YA 61 -47.49 5.11 26.35
N LEU YA 62 -47.84 6.30 25.87
CA LEU YA 62 -49.07 6.53 25.11
C LEU YA 62 -48.93 6.30 23.58
N GLY YA 63 -47.90 5.55 23.16
CA GLY YA 63 -47.71 5.18 21.77
C GLY YA 63 -47.24 6.28 20.83
N PHE YA 64 -46.52 7.28 21.36
CA PHE YA 64 -45.87 8.31 20.54
C PHE YA 64 -44.40 7.95 20.38
N ARG YA 65 -44.01 7.65 19.14
CA ARG YA 65 -42.68 7.11 18.85
C ARG YA 65 -41.70 8.19 18.39
N LYS YA 66 -40.49 8.16 18.96
CA LYS YA 66 -39.34 8.92 18.47
C LYS YA 66 -39.45 10.46 18.57
N ALA YA 67 -39.98 11.10 17.53
CA ALA YA 67 -40.03 12.58 17.47
C ALA YA 67 -41.33 13.15 18.03
N ALA YA 68 -42.45 12.48 17.72
CA ALA YA 68 -43.78 12.90 18.17
C ALA YA 68 -43.98 12.95 19.70
N ARG YA 69 -43.10 12.27 20.44
CA ARG YA 69 -43.07 12.37 21.91
C ARG YA 69 -42.45 13.66 22.48
N GLY YA 70 -41.81 14.47 21.63
CA GLY YA 70 -41.33 15.80 22.03
C GLY YA 70 -42.32 16.93 21.80
N GLU YA 71 -43.57 16.58 21.53
CA GLU YA 71 -44.62 17.55 21.28
C GLU YA 71 -45.64 17.55 22.42
N TYR YA 72 -46.25 18.70 22.64
CA TYR YA 72 -47.27 18.85 23.69
C TYR YA 72 -48.54 18.02 23.45
N GLU YA 73 -48.87 17.79 22.19
CA GLU YA 73 -50.05 17.01 21.83
C GLU YA 73 -49.88 15.65 22.47
N ALA YA 74 -48.65 15.13 22.41
CA ALA YA 74 -48.33 13.87 23.07
C ALA YA 74 -48.29 14.12 24.57
N ALA YA 75 -47.75 15.26 24.95
CA ALA YA 75 -47.65 15.62 26.37
C ALA YA 75 -49.02 15.78 27.03
N PHE YA 76 -49.91 16.48 26.33
CA PHE YA 76 -51.30 16.69 26.77
C PHE YA 76 -52.03 15.36 26.97
N GLN YA 77 -51.87 14.45 26.02
CA GLN YA 77 -52.46 13.11 26.07
C GLN YA 77 -51.95 12.31 27.29
N THR YA 78 -50.64 12.38 27.50
CA THR YA 78 -49.98 11.75 28.65
C THR YA 78 -50.50 12.27 29.98
N SER YA 79 -50.67 13.59 30.04
CA SER YA 79 -51.25 14.26 31.22
C SER YA 79 -52.66 13.77 31.49
N GLY YA 80 -53.47 13.70 30.43
CA GLY YA 80 -54.84 13.18 30.51
C GLY YA 80 -54.90 11.73 30.98
N ARG YA 81 -53.99 10.91 30.47
CA ARG YA 81 -53.86 9.51 30.88
C ARG YA 81 -53.50 9.39 32.36
N MET YA 82 -52.53 10.20 32.78
CA MET YA 82 -52.13 10.30 34.18
C MET YA 82 -53.33 10.62 35.07
N PHE YA 83 -54.07 11.65 34.69
CA PHE YA 83 -55.27 12.08 35.44
C PHE YA 83 -56.32 10.97 35.55
N GLU YA 84 -56.54 10.26 34.45
CA GLU YA 84 -57.42 9.09 34.42
C GLU YA 84 -56.98 8.01 35.41
N LEU YA 85 -55.68 7.72 35.40
CA LEU YA 85 -55.08 6.73 36.32
C LEU YA 85 -55.27 7.13 37.79
N ILE YA 86 -55.05 8.41 38.08
CA ILE YA 86 -55.25 8.98 39.42
C ILE YA 86 -56.70 8.78 39.87
N LYS YA 87 -57.63 9.11 38.98
CA LYS YA 87 -59.06 8.96 39.22
C LYS YA 87 -59.46 7.52 39.53
N GLU YA 88 -58.97 6.59 38.71
CA GLU YA 88 -59.35 5.18 38.80
C GLU YA 88 -58.68 4.46 39.97
N LYS YA 89 -57.36 4.60 40.06
CA LYS YA 89 -56.55 3.88 41.05
C LYS YA 89 -56.76 4.39 42.49
N ASN YA 90 -57.43 5.54 42.64
CA ASN YA 90 -57.95 6.02 43.93
C ASN YA 90 -56.84 6.59 44.82
N MET YA 91 -56.12 7.56 44.28
CA MET YA 91 -55.18 8.39 45.04
C MET YA 91 -55.64 9.85 45.01
N LEU YA 92 -56.93 10.06 45.26
CA LEU YA 92 -57.56 11.39 45.27
C LEU YA 92 -58.14 11.77 46.64
N ASN YA 93 -57.94 10.93 47.65
CA ASN YA 93 -58.48 11.17 49.00
C ASN YA 93 -57.78 12.29 49.77
N LYS YA 94 -56.46 12.39 49.60
CA LYS YA 94 -55.65 13.45 50.21
C LYS YA 94 -55.29 14.54 49.19
N ASP YA 95 -54.70 15.62 49.69
CA ASP YA 95 -54.26 16.75 48.85
C ASP YA 95 -53.08 16.41 47.94
N ILE YA 96 -52.90 17.24 46.90
CA ILE YA 96 -51.92 17.03 45.83
C ILE YA 96 -50.99 18.26 45.73
N GLU YA 97 -49.73 18.02 45.36
CA GLU YA 97 -48.72 19.07 45.20
C GLU YA 97 -48.06 18.98 43.81
N VAL YA 98 -48.33 19.96 42.94
CA VAL YA 98 -47.75 19.95 41.59
C VAL YA 98 -46.36 20.58 41.58
N VAL YA 99 -45.42 19.95 40.86
CA VAL YA 99 -44.07 20.51 40.62
C VAL YA 99 -43.65 20.28 39.17
N MET YA 100 -42.73 21.09 38.66
CA MET YA 100 -42.27 21.01 37.26
C MET YA 100 -40.76 21.20 37.07
N ASP YA 101 -40.29 20.81 35.87
CA ASP YA 101 -38.89 20.95 35.46
C ASP YA 101 -38.72 21.22 33.95
N ASP YA 102 -37.75 22.08 33.63
CA ASP YA 102 -37.11 22.18 32.29
C ASP YA 102 -37.88 22.84 31.11
N PHE YA 103 -39.00 23.50 31.38
CA PHE YA 103 -39.69 24.39 30.41
C PHE YA 103 -39.81 23.91 28.97
N GLY YA 104 -40.22 22.66 28.79
CA GLY YA 104 -40.51 22.13 27.45
C GLY YA 104 -41.86 22.60 26.94
N LYS YA 105 -42.19 22.17 25.73
CA LYS YA 105 -43.55 22.32 25.18
C LYS YA 105 -44.55 21.58 26.04
N GLY YA 106 -44.15 20.38 26.46
CA GLY YA 106 -44.98 19.50 27.28
C GLY YA 106 -45.43 20.07 28.61
N ARG YA 107 -44.61 20.96 29.19
CA ARG YA 107 -44.99 21.71 30.39
C ARG YA 107 -46.25 22.54 30.13
N ALA YA 108 -46.23 23.27 29.01
CA ALA YA 108 -47.36 24.09 28.57
C ALA YA 108 -48.64 23.25 28.35
N ALA YA 109 -48.45 22.06 27.77
CA ALA YA 109 -49.55 21.11 27.58
C ALA YA 109 -50.13 20.61 28.90
N PHE YA 110 -49.25 20.25 29.81
CA PHE YA 110 -49.63 19.69 31.12
C PHE YA 110 -50.51 20.64 31.92
N ILE YA 111 -50.05 21.89 32.04
CA ILE YA 111 -50.79 22.94 32.74
C ILE YA 111 -52.17 23.17 32.12
N SER YA 112 -52.23 23.19 30.79
CA SER YA 112 -53.48 23.38 30.05
C SER YA 112 -54.47 22.23 30.32
N ALA YA 113 -53.93 21.01 30.34
CA ALA YA 113 -54.72 19.81 30.68
C ALA YA 113 -55.28 19.87 32.09
N LEU YA 114 -54.44 20.31 33.03
CA LEU YA 114 -54.83 20.47 34.43
C LEU YA 114 -55.96 21.49 34.57
N VAL YA 115 -55.80 22.62 33.89
CA VAL YA 115 -56.81 23.68 33.85
C VAL YA 115 -58.17 23.17 33.35
N GLY YA 116 -58.14 22.43 32.24
CA GLY YA 116 -59.37 22.00 31.56
C GLY YA 116 -60.10 20.86 32.23
N LYS YA 117 -61.03 20.27 31.47
CA LYS YA 117 -61.88 19.17 31.97
C LYS YA 117 -61.13 17.87 32.22
N GLU YA 118 -60.02 17.65 31.51
CA GLU YA 118 -59.23 16.42 31.65
C GLU YA 118 -58.65 16.24 33.06
N GLY YA 119 -58.25 17.36 33.68
CA GLY YA 119 -57.84 17.38 35.08
C GLY YA 119 -58.87 18.05 35.96
N ALA YA 120 -60.15 17.73 35.77
CA ALA YA 120 -61.24 18.35 36.53
C ALA YA 120 -61.30 17.82 37.96
N SER YA 121 -61.26 16.50 38.10
CA SER YA 121 -61.31 15.85 39.42
C SER YA 121 -60.06 16.07 40.28
N VAL YA 122 -58.92 16.35 39.64
CA VAL YA 122 -57.64 16.47 40.33
C VAL YA 122 -57.49 17.86 40.97
N VAL YA 123 -57.75 18.90 40.17
CA VAL YA 123 -57.61 20.32 40.57
C VAL YA 123 -58.09 20.65 41.99
N LYS YA 124 -59.26 20.14 42.37
CA LYS YA 124 -59.84 20.43 43.70
C LYS YA 124 -59.00 19.93 44.87
N LYS YA 125 -58.17 18.91 44.64
CA LYS YA 125 -57.22 18.40 45.65
C LYS YA 125 -55.83 19.07 45.57
N VAL YA 126 -55.54 19.76 44.46
CA VAL YA 126 -54.22 20.40 44.27
C VAL YA 126 -54.07 21.61 45.20
N VAL YA 127 -53.30 21.42 46.27
CA VAL YA 127 -53.06 22.48 47.27
C VAL YA 127 -52.09 23.53 46.76
N LYS YA 128 -50.94 23.09 46.25
CA LYS YA 128 -49.89 24.03 45.81
C LYS YA 128 -49.21 23.59 44.50
N ILE YA 129 -48.94 24.58 43.65
CA ILE YA 129 -48.04 24.43 42.51
C ILE YA 129 -46.70 25.00 42.98
N SER YA 130 -45.61 24.33 42.66
CA SER YA 130 -44.28 24.78 43.09
C SER YA 130 -43.16 24.25 42.20
N ASP YA 131 -42.63 25.14 41.35
CA ASP YA 131 -41.55 24.79 40.42
C ASP YA 131 -40.25 24.43 41.15
N ALA YA 132 -39.45 23.57 40.52
CA ALA YA 132 -38.13 23.20 41.02
C ALA YA 132 -37.19 22.80 39.88
N THR YA 133 -36.96 23.74 38.95
CA THR YA 133 -36.00 23.54 37.85
C THR YA 133 -34.58 23.69 38.40
N LYS YA 134 -33.68 22.83 37.93
CA LYS YA 134 -32.30 22.84 38.39
C LYS YA 134 -31.45 23.78 37.54
N LEU YA 135 -30.65 24.61 38.21
CA LEU YA 135 -29.67 25.49 37.57
C LEU YA 135 -28.32 25.29 38.26
N LYS YA 136 -27.26 25.82 37.67
CA LYS YA 136 -25.90 25.68 38.19
C LYS YA 136 -25.20 27.02 38.34
N PHE YA 137 -24.56 27.22 39.49
CA PHE YA 137 -23.78 28.43 39.77
C PHE YA 137 -22.33 28.16 39.41
N GLY YA 138 -22.08 28.14 38.10
CA GLY YA 138 -20.79 27.72 37.55
C GLY YA 138 -20.86 26.25 37.17
N GLY YA 139 -20.28 25.40 38.01
CA GLY YA 139 -20.39 23.95 37.85
C GLY YA 139 -19.69 23.37 36.64
N VAL YA 140 -20.16 22.19 36.21
CA VAL YA 140 -19.56 21.47 35.09
C VAL YA 140 -19.80 22.22 33.78
N ARG YA 141 -18.78 22.27 32.91
CA ARG YA 141 -18.89 23.02 31.66
C ARG YA 141 -19.83 22.26 30.72
N SER YA 142 -20.68 23.01 30.02
CA SER YA 142 -21.66 22.42 29.11
C SER YA 142 -20.96 22.08 27.78
N PRO YA 143 -21.64 21.32 26.90
CA PRO YA 143 -21.08 21.04 25.57
C PRO YA 143 -20.85 22.29 24.71
N LYS YA 144 -19.93 22.18 23.75
CA LYS YA 144 -19.62 23.28 22.83
C LYS YA 144 -20.87 23.58 21.99
N MET YA 145 -21.13 24.86 21.74
CA MET YA 145 -22.36 25.26 21.05
C MET YA 145 -22.34 24.86 19.57
N ARG YA 146 -23.02 23.75 19.29
CA ARG YA 146 -23.24 23.19 17.95
C ARG YA 146 -23.36 24.21 16.81
N ARG YA 147 -22.64 23.96 15.72
CA ARG YA 147 -22.53 24.89 14.60
C ARG YA 147 -23.79 24.89 13.73
N LEU YA 148 -24.16 23.70 13.26
CA LEU YA 148 -25.33 23.50 12.37
C LEU YA 148 -25.20 24.23 11.05
N ALA ZA 1 12.86 59.32 12.91
CA ALA ZA 1 12.56 60.71 12.48
C ALA ZA 1 12.86 61.80 13.52
N THR ZA 2 13.16 61.44 14.77
CA THR ZA 2 13.78 62.38 15.70
C THR ZA 2 15.16 62.73 15.20
N LEU ZA 3 15.66 63.86 15.70
CA LEU ZA 3 16.95 64.41 15.27
C LEU ZA 3 18.11 63.45 15.56
N ASN ZA 4 18.06 62.84 16.74
CA ASN ZA 4 19.02 61.80 17.14
C ASN ZA 4 18.98 60.58 16.23
N GLN ZA 5 17.76 60.11 15.95
CA GLN ZA 5 17.54 58.97 15.03
C GLN ZA 5 18.11 59.23 13.64
N ILE ZA 6 17.88 60.45 13.14
CA ILE ZA 6 18.40 60.90 11.85
C ILE ZA 6 19.93 60.84 11.83
N LYS ZA 7 20.54 61.36 12.89
CA LYS ZA 7 22.00 61.34 13.07
C LYS ZA 7 22.58 59.93 13.00
N ARG ZA 8 21.96 58.98 13.70
CA ARG ZA 8 22.40 57.59 13.70
C ARG ZA 8 21.73 56.74 12.59
N GLY ZA 9 21.67 57.30 11.39
CA GLY ZA 9 21.21 56.57 10.20
C GLY ZA 9 19.71 56.54 10.02
N SER ZA 10 19.18 57.64 9.47
CA SER ZA 10 17.79 57.69 9.00
C SER ZA 10 17.60 58.86 8.05
N GLY ZA 11 16.78 58.66 7.03
CA GLY ZA 11 16.52 59.68 6.02
C GLY ZA 11 15.69 59.16 4.86
N PRO ZA 12 15.48 60.01 3.83
CA PRO ZA 12 14.80 59.56 2.61
C PRO ZA 12 15.56 58.44 1.91
N PRO ZA 13 14.85 57.46 1.39
CA PRO ZA 13 15.50 56.34 0.69
C PRO ZA 13 15.99 56.77 -0.67
N ARG ZA 14 17.17 56.31 -1.07
CA ARG ZA 14 17.71 56.69 -2.36
C ARG ZA 14 17.95 55.51 -3.26
N ARG ZA 15 17.44 55.61 -4.48
CA ARG ZA 15 17.62 54.53 -5.45
C ARG ZA 15 18.35 55.10 -6.65
N LYS ZA 16 19.40 54.42 -7.08
CA LYS ZA 16 20.06 54.83 -8.31
C LYS ZA 16 19.58 53.89 -9.40
N LYS ZA 17 20.08 52.66 -9.38
CA LYS ZA 17 19.67 51.67 -10.35
C LYS ZA 17 19.98 50.29 -9.77
N ILE ZA 18 19.21 49.30 -10.20
CA ILE ZA 18 19.42 47.93 -9.80
C ILE ZA 18 20.00 47.26 -11.02
N SER ZA 19 20.44 48.07 -11.97
CA SER ZA 19 20.95 47.54 -13.24
C SER ZA 19 19.90 46.68 -13.95
N THR ZA 20 19.45 47.17 -15.11
CA THR ZA 20 18.51 46.44 -15.97
C THR ZA 20 19.16 45.17 -16.55
N ALA ZA 21 20.46 45.25 -16.82
CA ALA ZA 21 21.22 44.15 -17.41
C ALA ZA 21 22.44 43.81 -16.53
N PRO ZA 22 22.24 43.02 -15.46
CA PRO ZA 22 23.35 42.60 -14.59
C PRO ZA 22 24.38 41.67 -15.23
N GLN ZA 23 23.93 40.73 -16.07
CA GLN ZA 23 24.82 39.73 -16.68
C GLN ZA 23 25.78 40.36 -17.70
N LEU ZA 24 25.40 41.52 -18.23
CA LEU ZA 24 26.24 42.29 -19.16
C LEU ZA 24 27.50 42.89 -18.49
N ASP ZA 25 27.50 43.03 -17.16
CA ASP ZA 25 28.66 43.47 -16.36
C ASP ZA 25 29.15 44.89 -16.70
N GLN ZA 26 28.28 45.86 -16.45
CA GLN ZA 26 28.57 47.31 -16.58
C GLN ZA 26 29.36 47.68 -17.84
N CYS ZA 27 28.83 47.26 -18.98
CA CYS ZA 27 29.40 47.65 -20.27
C CYS ZA 27 28.35 47.54 -21.39
N PRO ZA 28 28.50 48.35 -22.45
CA PRO ZA 28 27.44 48.54 -23.46
C PRO ZA 28 27.02 47.26 -24.17
N GLN ZA 29 28.02 46.49 -24.62
CA GLN ZA 29 27.78 45.20 -25.24
C GLN ZA 29 28.69 44.17 -24.63
N ARG ZA 30 28.33 42.90 -24.87
CA ARG ZA 30 29.26 41.81 -24.71
C ARG ZA 30 29.07 40.81 -25.83
N LYS ZA 31 30.19 40.25 -26.30
CA LYS ZA 31 30.18 39.21 -27.31
C LYS ZA 31 29.70 37.93 -26.63
N GLY ZA 32 28.99 37.12 -27.40
CA GLY ZA 32 28.54 35.81 -26.93
C GLY ZA 32 28.43 34.82 -28.06
N VAL ZA 33 28.27 33.55 -27.69
CA VAL ZA 33 28.04 32.45 -28.61
C VAL ZA 33 26.65 31.93 -28.34
N VAL ZA 34 25.82 31.85 -29.38
CA VAL ZA 34 24.48 31.25 -29.27
C VAL ZA 34 24.61 29.75 -28.95
N LEU ZA 35 23.74 29.27 -28.06
CA LEU ZA 35 23.72 27.87 -27.64
C LEU ZA 35 22.58 27.17 -28.35
N ARG ZA 36 21.37 27.68 -28.13
CA ARG ZA 36 20.18 27.31 -28.89
C ARG ZA 36 19.41 28.57 -29.27
N VAL ZA 37 18.53 28.43 -30.24
CA VAL ZA 37 17.73 29.54 -30.76
C VAL ZA 37 16.25 29.09 -30.78
N MET ZA 38 15.42 29.81 -30.04
CA MET ZA 38 14.06 29.34 -29.72
C MET ZA 38 12.96 30.10 -30.47
N VAL ZA 39 11.73 29.66 -30.25
CA VAL ZA 39 10.52 30.41 -30.62
C VAL ZA 39 9.59 30.44 -29.40
N LEU ZA 40 9.57 31.57 -28.69
CA LEU ZA 40 8.84 31.69 -27.42
C LEU ZA 40 7.40 32.14 -27.60
N LYS ZA 41 6.52 31.61 -26.75
CA LYS ZA 41 5.15 32.06 -26.64
C LYS ZA 41 5.13 33.26 -25.67
N PRO ZA 42 4.58 34.42 -26.09
CA PRO ZA 42 4.49 35.56 -25.18
C PRO ZA 42 3.53 35.42 -24.01
N LYS ZA 43 3.59 36.38 -23.10
CA LYS ZA 43 2.71 36.44 -21.94
C LYS ZA 43 1.34 36.93 -22.37
N LYS ZA 44 0.32 36.63 -21.58
CA LYS ZA 44 -1.03 37.07 -21.89
C LYS ZA 44 -1.10 38.60 -21.85
N PRO ZA 45 -1.91 39.17 -22.73
CA PRO ZA 45 -2.65 38.37 -23.71
C PRO ZA 45 -2.16 38.53 -25.15
N ASN ZA 46 -1.09 39.28 -25.39
CA ASN ZA 46 -0.66 39.45 -26.79
C ASN ZA 46 0.15 38.25 -27.29
N SER ZA 47 -0.15 37.79 -28.50
CA SER ZA 47 0.34 36.50 -29.01
C SER ZA 47 1.07 36.61 -30.35
N ALA ZA 48 2.16 35.86 -30.45
CA ALA ZA 48 2.98 35.78 -31.67
C ALA ZA 48 3.92 34.58 -31.49
N GLN ZA 49 5.00 34.52 -32.25
CA GLN ZA 49 6.08 33.56 -31.99
C GLN ZA 49 7.43 34.26 -32.05
N ARG ZA 50 7.96 34.55 -30.87
CA ARG ZA 50 9.11 35.43 -30.69
C ARG ZA 50 10.40 34.67 -30.90
N LYS ZA 51 11.26 35.20 -31.77
CA LYS ZA 51 12.49 34.50 -32.17
C LYS ZA 51 13.62 34.86 -31.20
N ALA ZA 52 13.53 34.32 -29.98
CA ALA ZA 52 14.58 34.53 -28.97
C ALA ZA 52 15.73 33.55 -29.18
N CYS ZA 53 16.80 33.74 -28.43
CA CYS ZA 53 17.92 32.80 -28.42
C CYS ZA 53 18.64 32.78 -27.07
N ARG ZA 54 19.36 31.70 -26.82
CA ARG ZA 54 20.17 31.54 -25.62
C ARG ZA 54 21.63 31.77 -26.01
N VAL ZA 55 22.34 32.60 -25.23
CA VAL ZA 55 23.70 33.03 -25.56
C VAL ZA 55 24.61 32.96 -24.34
N ARG ZA 56 25.77 32.33 -24.50
CA ARG ZA 56 26.83 32.31 -23.50
C ARG ZA 56 27.77 33.48 -23.81
N LEU ZA 57 27.82 34.47 -22.93
CA LEU ZA 57 28.68 35.64 -23.12
C LEU ZA 57 30.14 35.31 -22.87
N THR ZA 58 31.02 36.23 -23.25
CA THR ZA 58 32.47 36.08 -23.03
C THR ZA 58 32.85 36.11 -21.54
N ASN ZA 59 32.11 36.89 -20.75
CA ASN ZA 59 32.33 36.94 -19.29
C ASN ZA 59 32.00 35.62 -18.57
N GLY ZA 60 31.14 34.81 -19.18
CA GLY ZA 60 30.86 33.45 -18.72
C GLY ZA 60 29.38 33.16 -18.56
N ASN ZA 61 28.67 34.07 -17.91
CA ASN ZA 61 27.23 33.89 -17.63
C ASN ZA 61 26.36 33.81 -18.89
N VAL ZA 62 25.34 32.96 -18.82
CA VAL ZA 62 24.46 32.66 -19.96
C VAL ZA 62 23.19 33.51 -19.89
N VAL ZA 63 22.66 33.87 -21.06
CA VAL ZA 63 21.62 34.90 -21.18
C VAL ZA 63 20.61 34.53 -22.28
N SER ZA 64 19.33 34.82 -22.03
CA SER ZA 64 18.28 34.70 -23.04
C SER ZA 64 18.13 36.04 -23.76
N ALA ZA 65 18.63 36.13 -24.98
CA ALA ZA 65 18.60 37.36 -25.77
C ALA ZA 65 17.53 37.32 -26.85
N TYR ZA 66 16.80 38.42 -26.99
CA TYR ZA 66 15.83 38.61 -28.07
C TYR ZA 66 16.57 38.87 -29.39
N ILE ZA 67 15.94 38.51 -30.50
CA ILE ZA 67 16.43 38.81 -31.85
C ILE ZA 67 15.35 39.60 -32.57
N PRO ZA 68 15.59 40.90 -32.84
CA PRO ZA 68 14.58 41.73 -33.51
C PRO ZA 68 14.59 41.57 -35.04
N GLY ZA 69 13.71 42.33 -35.70
CA GLY ZA 69 13.60 42.31 -37.17
C GLY ZA 69 12.88 41.09 -37.72
N GLU ZA 70 12.52 41.18 -38.99
CA GLU ZA 70 11.76 40.13 -39.66
C GLU ZA 70 12.48 38.80 -39.81
N GLY ZA 71 13.75 38.86 -40.20
CA GLY ZA 71 14.46 37.66 -40.61
C GLY ZA 71 15.70 37.50 -39.77
N HIS ZA 72 15.90 36.30 -39.21
CA HIS ZA 72 17.07 36.08 -38.40
C HIS ZA 72 17.93 34.94 -38.89
N ASP ZA 73 19.20 35.25 -39.06
CA ASP ZA 73 20.24 34.31 -39.45
C ASP ZA 73 21.11 34.00 -38.21
N ALA ZA 74 20.72 32.96 -37.47
CA ALA ZA 74 21.44 32.54 -36.26
C ALA ZA 74 21.36 31.03 -36.09
N GLN ZA 75 22.52 30.41 -35.92
CA GLN ZA 75 22.64 28.95 -35.86
C GLN ZA 75 22.77 28.52 -34.38
N GLU ZA 76 23.41 27.38 -34.12
CA GLU ZA 76 23.69 26.91 -32.75
C GLU ZA 76 25.11 27.26 -32.28
N HIS ZA 77 25.90 27.98 -33.11
CA HIS ZA 77 27.25 28.44 -32.74
C HIS ZA 77 27.62 29.89 -33.13
N SER ZA 78 26.71 30.61 -33.79
CA SER ZA 78 27.00 31.95 -34.34
C SER ZA 78 27.58 32.95 -33.32
N ILE ZA 79 28.58 33.71 -33.77
CA ILE ZA 79 29.09 34.87 -33.04
C ILE ZA 79 28.00 35.93 -33.03
N VAL ZA 80 27.63 36.40 -31.84
CA VAL ZA 80 26.54 37.35 -31.67
C VAL ZA 80 26.90 38.34 -30.55
N TYR ZA 81 26.57 39.62 -30.74
CA TYR ZA 81 26.81 40.65 -29.75
C TYR ZA 81 25.50 41.00 -29.04
N VAL ZA 82 25.54 41.07 -27.71
CA VAL ZA 82 24.37 41.26 -26.88
C VAL ZA 82 24.37 42.67 -26.29
N ARG ZA 83 23.20 43.33 -26.29
CA ARG ZA 83 23.01 44.62 -25.62
C ARG ZA 83 21.82 44.55 -24.65
N GLY ZA 84 21.72 45.57 -23.79
CA GLY ZA 84 20.87 45.50 -22.61
C GLY ZA 84 19.40 45.93 -22.70
N GLY ZA 85 18.76 45.72 -23.84
CA GLY ZA 85 17.31 45.94 -23.96
C GLY ZA 85 16.52 44.88 -23.20
N ARG ZA 86 15.21 44.85 -23.41
CA ARG ZA 86 14.34 43.88 -22.75
C ARG ZA 86 13.15 43.60 -23.66
N CYS ZA 87 12.89 42.32 -23.95
CA CYS ZA 87 11.66 41.91 -24.62
C CYS ZA 87 10.57 41.87 -23.55
N GLN ZA 88 9.57 42.73 -23.68
CA GLN ZA 88 8.63 42.99 -22.59
C GLN ZA 88 7.59 41.89 -22.43
N ASP ZA 89 7.14 41.33 -23.56
CA ASP ZA 89 6.11 40.27 -23.52
C ASP ZA 89 6.65 38.90 -23.12
N LEU ZA 90 7.87 38.58 -23.57
CA LEU ZA 90 8.55 37.36 -23.13
C LEU ZA 90 9.13 37.59 -21.73
N PRO ZA 91 8.73 36.76 -20.74
CA PRO ZA 91 9.35 36.88 -19.42
C PRO ZA 91 10.67 36.12 -19.35
N GLY ZA 92 11.62 36.65 -18.60
CA GLY ZA 92 12.93 36.02 -18.41
C GLY ZA 92 13.92 36.17 -19.56
N VAL ZA 93 13.72 37.20 -20.40
CA VAL ZA 93 14.65 37.54 -21.48
C VAL ZA 93 14.82 39.06 -21.43
N LYS ZA 94 16.03 39.49 -21.08
CA LYS ZA 94 16.32 40.88 -20.70
C LYS ZA 94 17.44 41.45 -21.54
N TYR ZA 95 17.49 41.07 -22.82
CA TYR ZA 95 18.63 41.37 -23.70
C TYR ZA 95 18.21 41.34 -25.16
N HIS ZA 96 18.99 42.01 -25.99
CA HIS ZA 96 18.81 42.01 -27.44
C HIS ZA 96 20.13 41.68 -28.10
N VAL ZA 97 20.08 40.87 -29.17
CA VAL ZA 97 21.25 40.71 -30.01
C VAL ZA 97 21.31 41.93 -30.93
N ILE ZA 98 22.43 42.64 -30.90
CA ILE ZA 98 22.62 43.83 -31.77
C ILE ZA 98 22.95 43.26 -33.16
N ARG ZA 99 22.23 43.77 -34.17
CA ARG ZA 99 21.96 43.01 -35.39
C ARG ZA 99 22.88 43.22 -36.59
N GLY ZA 100 23.53 44.38 -36.68
CA GLY ZA 100 24.49 44.64 -37.75
C GLY ZA 100 25.80 43.87 -37.62
N ALA ZA 101 26.19 43.57 -36.37
CA ALA ZA 101 27.51 43.01 -36.07
C ALA ZA 101 27.48 41.51 -35.80
N GLY ZA 102 28.63 40.86 -36.01
CA GLY ZA 102 28.79 39.42 -35.79
C GLY ZA 102 28.29 38.58 -36.95
N ASP ZA 103 28.06 37.31 -36.68
CA ASP ZA 103 27.45 36.39 -37.66
C ASP ZA 103 25.97 36.73 -37.89
N LEU ZA 104 25.34 37.39 -36.92
CA LEU ZA 104 23.99 37.94 -37.11
C LEU ZA 104 24.08 39.06 -38.16
N SER ZA 105 23.39 38.86 -39.28
CA SER ZA 105 23.46 39.78 -40.42
C SER ZA 105 22.42 40.88 -40.28
N GLY ZA 106 22.62 41.97 -41.03
CA GLY ZA 106 21.68 43.07 -41.08
C GLY ZA 106 20.38 42.66 -41.73
N VAL ZA 107 19.27 43.19 -41.22
CA VAL ZA 107 17.94 42.75 -41.63
C VAL ZA 107 17.65 43.21 -43.06
N VAL ZA 108 17.17 42.28 -43.89
CA VAL ZA 108 17.13 42.48 -45.35
C VAL ZA 108 15.92 43.31 -45.80
N ASN ZA 109 16.16 44.13 -46.83
CA ASN ZA 109 15.16 45.04 -47.40
C ASN ZA 109 14.52 45.95 -46.34
N ARG ZA 110 15.36 46.49 -45.47
CA ARG ZA 110 14.95 47.43 -44.44
C ARG ZA 110 15.17 48.84 -44.97
N ILE ZA 111 14.12 49.65 -44.95
CA ILE ZA 111 14.15 51.01 -45.50
C ILE ZA 111 14.08 52.05 -44.38
N SER ZA 112 13.08 51.90 -43.50
CA SER ZA 112 12.95 52.74 -42.30
C SER ZA 112 13.89 52.26 -41.20
N SER ZA 113 14.41 53.21 -40.42
CA SER ZA 113 15.10 52.91 -39.16
C SER ZA 113 16.26 51.92 -39.32
N ARG ZA 114 17.04 52.11 -40.38
CA ARG ZA 114 18.05 51.13 -40.80
C ARG ZA 114 19.18 50.90 -39.79
N SER ZA 115 19.57 51.94 -39.06
CA SER ZA 115 20.64 51.83 -38.06
C SER ZA 115 20.22 51.04 -36.82
N LYS ZA 116 18.91 51.01 -36.55
CA LYS ZA 116 18.35 50.22 -35.46
C LYS ZA 116 18.54 48.71 -35.71
N TYR ZA 117 18.59 48.35 -36.98
CA TYR ZA 117 18.96 47.01 -37.43
C TYR ZA 117 20.33 47.14 -38.11
N GLY ZA 118 20.78 46.13 -38.83
CA GLY ZA 118 22.08 46.20 -39.51
C GLY ZA 118 22.10 47.00 -40.80
N ALA ZA 119 20.94 47.11 -41.45
CA ALA ZA 119 20.80 47.63 -42.82
C ALA ZA 119 21.73 48.77 -43.20
N LYS ZA 120 22.50 48.56 -44.26
CA LYS ZA 120 23.35 49.61 -44.85
C LYS ZA 120 22.46 50.50 -45.73
N LYS ZA 121 23.01 51.65 -46.11
CA LYS ZA 121 22.31 52.58 -47.00
C LYS ZA 121 22.33 51.97 -48.41
N PRO ZA 122 21.16 51.86 -49.07
CA PRO ZA 122 21.05 51.11 -50.33
C PRO ZA 122 21.93 51.64 -51.47
N SER ZA 123 22.19 52.95 -51.47
CA SER ZA 123 23.11 53.60 -52.40
C SER ZA 123 22.62 53.53 -53.86
N LYS ZA 124 21.37 53.95 -54.07
CA LYS ZA 124 20.71 54.02 -55.39
C LYS ZA 124 21.01 52.84 -56.32
N VAL AB 1 -77.19 -17.21 -24.27
CA VAL AB 1 -77.92 -18.51 -24.43
C VAL AB 1 -78.28 -18.79 -25.89
N VAL AB 2 -79.12 -17.91 -26.44
CA VAL AB 2 -79.73 -18.14 -27.76
C VAL AB 2 -78.68 -18.13 -28.90
N HIS AB 3 -78.18 -19.32 -29.23
CA HIS AB 3 -77.15 -19.46 -30.26
C HIS AB 3 -77.75 -19.34 -31.66
N ILE AB 4 -76.97 -18.76 -32.57
CA ILE AB 4 -77.36 -18.56 -33.97
C ILE AB 4 -76.08 -18.42 -34.80
N LEU AB 5 -75.87 -19.35 -35.72
CA LEU AB 5 -74.71 -19.38 -36.63
C LEU AB 5 -73.37 -19.44 -35.87
N GLY AB 6 -73.36 -20.11 -34.71
CA GLY AB 6 -72.15 -20.26 -33.90
C GLY AB 6 -71.95 -19.19 -32.83
N LYS AB 7 -72.28 -17.94 -33.16
CA LYS AB 7 -72.09 -16.81 -32.24
C LYS AB 7 -73.12 -16.88 -31.10
N GLY AB 8 -72.64 -16.80 -29.86
CA GLY AB 8 -73.50 -16.76 -28.69
C GLY AB 8 -74.12 -15.39 -28.52
N PHE AB 9 -75.31 -15.36 -27.90
CA PHE AB 9 -76.04 -14.12 -27.65
C PHE AB 9 -76.70 -14.15 -26.28
N LYS AB 10 -76.50 -13.07 -25.52
CA LYS AB 10 -77.25 -12.85 -24.29
C LYS AB 10 -78.69 -12.51 -24.65
N GLY AB 11 -79.62 -12.88 -23.77
CA GLY AB 11 -81.02 -12.52 -23.90
C GLY AB 11 -81.20 -11.03 -23.66
N LYS AB 12 -82.39 -10.53 -24.00
CA LYS AB 12 -82.71 -9.09 -24.00
C LYS AB 12 -81.85 -8.22 -24.96
N GLU AB 13 -81.09 -8.85 -25.85
CA GLU AB 13 -80.26 -8.13 -26.80
C GLU AB 13 -81.10 -7.95 -28.05
N VAL AB 14 -81.33 -6.70 -28.44
CA VAL AB 14 -82.16 -6.39 -29.61
C VAL AB 14 -81.52 -7.03 -30.83
N ILE AB 15 -82.34 -7.73 -31.62
CA ILE AB 15 -81.84 -8.69 -32.62
C ILE AB 15 -80.90 -8.06 -33.64
N LYS AB 16 -81.41 -7.08 -34.39
CA LYS AB 16 -80.64 -6.40 -35.45
C LYS AB 16 -79.32 -5.81 -34.95
N ILE AB 17 -79.36 -5.21 -33.76
CA ILE AB 17 -78.20 -4.60 -33.12
C ILE AB 17 -77.19 -5.68 -32.74
N ALA AB 18 -77.72 -6.78 -32.18
CA ALA AB 18 -76.92 -7.94 -31.80
C ALA AB 18 -76.21 -8.54 -33.02
N LEU AB 19 -76.96 -8.72 -34.10
CA LEU AB 19 -76.41 -9.20 -35.38
C LEU AB 19 -75.27 -8.32 -35.89
N ALA AB 20 -75.50 -7.01 -35.85
CA ALA AB 20 -74.51 -6.00 -36.26
C ALA AB 20 -73.22 -6.10 -35.44
N SER AB 21 -73.40 -6.26 -34.13
CA SER AB 21 -72.28 -6.38 -33.19
C SER AB 21 -71.42 -7.62 -33.48
N LYS AB 22 -72.08 -8.76 -33.68
CA LYS AB 22 -71.38 -10.04 -33.77
C LYS AB 22 -70.82 -10.35 -35.16
N PHE AB 23 -71.69 -10.35 -36.17
CA PHE AB 23 -71.31 -10.85 -37.49
C PHE AB 23 -70.54 -9.82 -38.32
N TYR AB 24 -69.38 -10.26 -38.82
CA TYR AB 24 -68.39 -9.39 -39.46
C TYR AB 24 -68.85 -8.71 -40.75
N GLY AB 25 -69.66 -9.41 -41.53
CA GLY AB 25 -70.11 -8.89 -42.83
C GLY AB 25 -71.17 -7.80 -42.76
N ILE AB 26 -71.86 -7.68 -41.63
CA ILE AB 26 -73.06 -6.86 -41.53
C ILE AB 26 -72.94 -5.74 -40.49
N GLY AB 27 -73.57 -4.61 -40.80
CA GLY AB 27 -73.67 -3.45 -39.90
C GLY AB 27 -75.11 -3.21 -39.51
N LYS AB 28 -75.55 -1.96 -39.60
CA LYS AB 28 -76.88 -1.56 -39.16
C LYS AB 28 -77.94 -1.86 -40.22
N THR AB 29 -77.70 -1.35 -41.43
CA THR AB 29 -78.65 -1.45 -42.54
C THR AB 29 -78.94 -2.89 -42.94
N THR AB 30 -77.88 -3.67 -43.08
CA THR AB 30 -77.97 -5.08 -43.43
C THR AB 30 -78.79 -5.90 -42.44
N ALA AB 31 -78.55 -5.68 -41.15
CA ALA AB 31 -79.29 -6.34 -40.08
C ALA AB 31 -80.78 -6.01 -40.11
N GLU AB 32 -81.09 -4.74 -40.33
CA GLU AB 32 -82.48 -4.27 -40.50
C GLU AB 32 -83.18 -4.95 -41.68
N LYS AB 33 -82.48 -5.01 -42.81
CA LYS AB 33 -82.96 -5.68 -44.02
C LYS AB 33 -83.27 -7.15 -43.79
N ILE AB 34 -82.36 -7.83 -43.09
CA ILE AB 34 -82.52 -9.22 -42.69
C ILE AB 34 -83.78 -9.40 -41.84
N CYS AB 35 -83.92 -8.56 -40.82
CA CYS AB 35 -85.09 -8.56 -39.93
C CYS AB 35 -86.41 -8.35 -40.69
N SER AB 36 -86.39 -7.43 -41.63
CA SER AB 36 -87.54 -7.15 -42.50
C SER AB 36 -87.93 -8.36 -43.34
N LYS AB 37 -86.92 -8.98 -43.95
CA LYS AB 37 -87.09 -10.20 -44.76
C LYS AB 37 -87.74 -11.33 -43.96
N LEU AB 38 -87.27 -11.50 -42.73
CA LEU AB 38 -87.77 -12.55 -41.84
C LEU AB 38 -89.08 -12.17 -41.16
N GLY AB 39 -89.27 -10.88 -40.91
CA GLY AB 39 -90.52 -10.36 -40.36
C GLY AB 39 -90.55 -10.29 -38.84
N PHE AB 40 -89.44 -9.86 -38.25
CA PHE AB 40 -89.39 -9.55 -36.82
C PHE AB 40 -89.71 -8.07 -36.65
N TYR AB 41 -90.48 -7.77 -35.61
CA TYR AB 41 -90.74 -6.37 -35.26
C TYR AB 41 -89.44 -5.72 -34.76
N PRO AB 42 -89.20 -4.45 -35.12
CA PRO AB 42 -87.96 -3.80 -34.67
C PRO AB 42 -87.95 -3.64 -33.16
N TRP AB 43 -86.77 -3.74 -32.56
CA TRP AB 43 -86.59 -3.82 -31.10
C TRP AB 43 -87.16 -5.11 -30.50
N MET AB 44 -87.23 -6.18 -31.30
CA MET AB 44 -87.49 -7.53 -30.79
C MET AB 44 -86.17 -8.05 -30.24
N ARG AB 45 -86.27 -8.80 -29.15
CA ARG AB 45 -85.11 -9.24 -28.38
C ARG AB 45 -84.73 -10.65 -28.81
N MET AB 46 -83.49 -11.04 -28.48
CA MET AB 46 -82.96 -12.33 -28.92
C MET AB 46 -83.64 -13.52 -28.22
N HIS AB 47 -84.07 -13.31 -26.97
CA HIS AB 47 -84.76 -14.35 -26.19
C HIS AB 47 -86.15 -14.70 -26.76
N GLN AB 48 -86.79 -13.75 -27.43
CA GLN AB 48 -88.13 -13.95 -27.99
C GLN AB 48 -88.16 -14.89 -29.21
N LEU AB 49 -87.02 -15.06 -29.87
CA LEU AB 49 -86.93 -15.87 -31.09
C LEU AB 49 -87.25 -17.35 -30.84
N SER AB 50 -88.20 -17.87 -31.63
CA SER AB 50 -88.50 -19.30 -31.66
C SER AB 50 -87.47 -20.03 -32.52
N GLU AB 51 -87.50 -21.36 -32.48
CA GLU AB 51 -86.49 -22.18 -33.17
C GLU AB 51 -86.53 -22.07 -34.70
N PRO AB 52 -87.73 -22.04 -35.31
CA PRO AB 52 -87.85 -21.81 -36.75
C PRO AB 52 -87.31 -20.45 -37.20
N GLN AB 53 -87.59 -19.43 -36.40
CA GLN AB 53 -87.11 -18.06 -36.64
C GLN AB 53 -85.58 -17.96 -36.62
N ILE AB 54 -84.96 -18.65 -35.66
CA ILE AB 54 -83.50 -18.64 -35.52
C ILE AB 54 -82.85 -19.22 -36.78
N MET AB 55 -83.40 -20.33 -37.27
CA MET AB 55 -82.85 -21.06 -38.41
C MET AB 55 -82.83 -20.21 -39.68
N SER AB 56 -83.87 -19.41 -39.88
CA SER AB 56 -83.99 -18.55 -41.06
C SER AB 56 -82.94 -17.44 -41.08
N ILE AB 57 -82.61 -16.89 -39.90
CA ILE AB 57 -81.50 -15.93 -39.77
C ILE AB 57 -80.20 -16.61 -40.16
N ALA AB 58 -79.98 -17.82 -39.64
CA ALA AB 58 -78.81 -18.62 -40.04
C ALA AB 58 -78.82 -18.93 -41.53
N SER AB 59 -79.99 -19.28 -42.05
CA SER AB 59 -80.21 -19.49 -43.48
C SER AB 59 -79.96 -18.19 -44.25
N GLU AB 60 -80.43 -17.08 -43.70
CA GLU AB 60 -80.21 -15.76 -44.26
C GLU AB 60 -78.73 -15.39 -44.18
N LEU AB 61 -78.13 -15.54 -43.01
CA LEU AB 61 -76.71 -15.28 -42.80
C LEU AB 61 -75.83 -16.06 -43.78
N SER AB 62 -76.13 -17.35 -43.91
CA SER AB 62 -75.42 -18.22 -44.87
C SER AB 62 -75.53 -17.72 -46.31
N THR AB 63 -76.72 -17.25 -46.69
CA THR AB 63 -76.94 -16.67 -48.02
C THR AB 63 -76.12 -15.40 -48.25
N MET AB 64 -76.02 -14.58 -47.22
CA MET AB 64 -75.27 -13.32 -47.27
C MET AB 64 -73.78 -13.62 -47.22
N THR AB 65 -72.97 -12.72 -47.77
CA THR AB 65 -71.51 -12.82 -47.67
C THR AB 65 -71.12 -12.45 -46.24
N ILE AB 66 -70.29 -13.28 -45.62
CA ILE AB 66 -69.96 -13.14 -44.19
C ILE AB 66 -68.57 -13.63 -43.85
N GLU AB 67 -68.00 -13.03 -42.81
CA GLU AB 67 -66.84 -13.57 -42.08
C GLU AB 67 -65.61 -13.90 -42.94
N GLY AB 68 -65.15 -15.16 -42.95
CA GLY AB 68 -63.81 -15.49 -43.38
C GLY AB 68 -63.55 -15.21 -44.84
N ASP AB 69 -64.56 -15.44 -45.67
CA ASP AB 69 -64.49 -15.13 -47.11
C ASP AB 69 -64.49 -13.62 -47.33
N ALA AB 70 -65.34 -12.91 -46.59
CA ALA AB 70 -65.37 -11.44 -46.63
C ALA AB 70 -64.04 -10.88 -46.15
N ARG AB 71 -63.52 -11.41 -45.05
CA ARG AB 71 -62.18 -11.09 -44.57
C ARG AB 71 -61.12 -11.48 -45.61
N ALA AB 72 -61.27 -12.66 -46.21
CA ALA AB 72 -60.37 -13.14 -47.25
C ALA AB 72 -60.34 -12.18 -48.43
N ILE AB 73 -61.50 -11.73 -48.90
CA ILE AB 73 -61.56 -10.73 -49.99
C ILE AB 73 -60.69 -9.51 -49.66
N VAL AB 74 -60.77 -9.04 -48.41
CA VAL AB 74 -59.99 -7.88 -47.96
C VAL AB 74 -58.53 -8.26 -47.77
N LYS AB 75 -58.28 -9.45 -47.21
CA LYS AB 75 -56.92 -10.02 -47.14
C LYS AB 75 -56.38 -10.36 -48.55
N ASP AB 76 -57.26 -10.83 -49.43
CA ASP AB 76 -56.94 -11.10 -50.85
C ASP AB 76 -56.61 -9.81 -51.56
N ASN AB 77 -57.40 -8.76 -51.30
CA ASN AB 77 -57.15 -7.42 -51.85
C ASN AB 77 -55.78 -6.90 -51.46
N ILE AB 78 -55.43 -7.06 -50.19
CA ILE AB 78 -54.13 -6.61 -49.67
C ILE AB 78 -53.00 -7.49 -50.21
N ALA AB 79 -53.26 -8.79 -50.37
CA ALA AB 79 -52.31 -9.71 -51.02
C ALA AB 79 -52.07 -9.31 -52.48
N LEU AB 80 -53.14 -8.95 -53.17
CA LEU AB 80 -53.06 -8.46 -54.56
C LEU AB 80 -52.23 -7.17 -54.63
N LYS AB 81 -52.56 -6.23 -53.74
CA LYS AB 81 -51.81 -4.96 -53.63
C LYS AB 81 -50.31 -5.18 -53.42
N ARG AB 82 -49.99 -6.10 -52.51
CA ARG AB 82 -48.60 -6.48 -52.22
C ARG AB 82 -47.88 -7.04 -53.45
N LYS AB 83 -48.57 -7.91 -54.18
CA LYS AB 83 -48.01 -8.63 -55.34
C LYS AB 83 -47.45 -7.69 -56.40
N ILE AB 84 -48.17 -6.59 -56.62
CA ILE AB 84 -47.80 -5.59 -57.62
C ILE AB 84 -47.04 -4.52 -56.86
N GLY AB 85 -45.83 -4.19 -57.30
CA GLY AB 85 -44.90 -3.34 -56.52
C GLY AB 85 -45.45 -1.97 -56.11
N SER AB 86 -46.58 -1.98 -55.41
CA SER AB 86 -47.39 -0.80 -55.18
C SER AB 86 -46.97 -0.14 -53.87
N TYR AB 87 -47.26 1.14 -53.75
CA TYR AB 87 -46.94 1.92 -52.56
C TYR AB 87 -47.74 1.40 -51.36
N SER AB 88 -49.05 1.27 -51.56
CA SER AB 88 -49.97 0.78 -50.53
C SER AB 88 -49.58 -0.59 -50.02
N GLY AB 89 -49.28 -1.50 -50.94
CA GLY AB 89 -48.79 -2.84 -50.62
C GLY AB 89 -47.51 -2.80 -49.80
N MET AB 90 -46.58 -1.92 -50.20
CA MET AB 90 -45.32 -1.70 -49.48
C MET AB 90 -45.57 -1.23 -48.04
N ARG AB 91 -46.52 -0.30 -47.88
CA ARG AB 91 -46.89 0.22 -46.55
C ARG AB 91 -47.46 -0.89 -45.66
N HIS AB 92 -48.35 -1.69 -46.25
CA HIS AB 92 -48.94 -2.86 -45.57
C HIS AB 92 -47.88 -3.84 -45.08
N THR AB 93 -46.88 -4.11 -45.93
CA THR AB 93 -45.79 -5.02 -45.59
C THR AB 93 -44.97 -4.50 -44.41
N LEU AB 94 -44.66 -3.21 -44.45
CA LEU AB 94 -43.78 -2.57 -43.46
C LEU AB 94 -44.47 -2.10 -42.16
N HIS AB 95 -45.79 -2.27 -42.07
CA HIS AB 95 -46.57 -1.88 -40.88
C HIS AB 95 -46.51 -0.37 -40.61
N LEU AB 96 -46.72 0.41 -41.68
CA LEU AB 96 -46.87 1.85 -41.59
C LEU AB 96 -48.27 2.25 -42.04
N PRO AB 97 -48.71 3.48 -41.72
CA PRO AB 97 -50.00 3.95 -42.22
C PRO AB 97 -50.03 4.09 -43.75
N VAL AB 98 -51.12 3.64 -44.34
CA VAL AB 98 -51.26 3.48 -45.79
C VAL AB 98 -51.90 4.70 -46.45
N ARG AB 99 -52.82 5.37 -45.75
CA ARG AB 99 -53.67 6.40 -46.36
C ARG AB 99 -53.09 7.82 -46.26
N GLY AB 100 -51.89 7.98 -46.82
CA GLY AB 100 -51.23 9.29 -46.97
C GLY AB 100 -51.15 10.12 -45.70
N GLN AB 101 -50.74 9.48 -44.61
CA GLN AB 101 -50.71 10.10 -43.28
C GLN AB 101 -49.31 10.57 -42.94
N HIS AB 102 -49.18 11.22 -41.79
CA HIS AB 102 -47.87 11.58 -41.22
C HIS AB 102 -47.47 10.52 -40.20
N THR AB 103 -46.17 10.27 -40.13
CA THR AB 103 -45.62 9.29 -39.18
C THR AB 103 -44.36 9.80 -38.45
N ARG AB 104 -44.18 11.12 -38.37
CA ARG AB 104 -43.13 11.70 -37.53
C ARG AB 104 -43.49 11.45 -36.07
N ASN AB 105 -44.77 11.60 -35.75
CA ASN AB 105 -45.35 11.07 -34.52
C ASN AB 105 -46.82 10.68 -34.73
N ASN AB 106 -47.31 9.80 -33.87
CA ASN AB 106 -48.66 9.21 -33.95
C ASN AB 106 -48.88 8.37 -35.22
N ALA AB 107 -48.33 7.16 -35.19
CA ALA AB 107 -48.61 6.13 -36.19
C ALA AB 107 -48.60 4.75 -35.52
N LYS AB 108 -49.21 4.70 -34.33
CA LYS AB 108 -49.11 3.55 -33.42
C LYS AB 108 -50.12 2.46 -33.76
N THR AB 109 -51.34 2.87 -34.08
CA THR AB 109 -52.40 1.94 -34.50
C THR AB 109 -52.03 1.20 -35.78
N ALA AB 110 -51.49 1.92 -36.75
CA ALA AB 110 -51.00 1.34 -38.00
C ALA AB 110 -49.93 0.29 -37.74
N ARG AB 111 -48.93 0.64 -36.94
CA ARG AB 111 -47.88 -0.29 -36.51
C ARG AB 111 -48.42 -1.56 -35.86
N LYS AB 112 -49.43 -1.38 -35.03
CA LYS AB 112 -50.08 -2.47 -34.31
C LYS AB 112 -50.78 -3.47 -35.25
N LEU AB 113 -51.54 -2.97 -36.23
CA LEU AB 113 -52.37 -3.86 -37.08
C LEU AB 113 -52.49 -3.54 -38.59
N ASN AB 114 -51.46 -2.93 -39.18
CA ASN AB 114 -51.34 -2.90 -40.66
C ASN AB 114 -50.44 -4.02 -41.12
N LYS AB 115 -50.98 -5.23 -41.08
CA LYS AB 115 -50.31 -6.43 -41.59
C LYS AB 115 -50.91 -6.78 -42.95
N ILE AB 116 -50.34 -7.80 -43.59
CA ILE AB 116 -50.93 -8.38 -44.80
C ILE AB 116 -52.09 -9.26 -44.37
N ASP AB 117 -51.87 -10.06 -43.34
CA ASP AB 117 -52.95 -10.77 -42.63
C ASP AB 117 -53.57 -9.78 -41.65
N ARG AB 118 -54.51 -8.98 -42.14
CA ARG AB 118 -55.09 -7.87 -41.37
C ARG AB 118 -55.77 -8.31 -40.10
N ARG AB 119 -56.89 -9.00 -40.28
CA ARG AB 119 -57.93 -9.02 -39.28
C ARG AB 119 -57.82 -10.19 -38.31
N GLY AB 120 -58.46 -10.03 -37.15
CA GLY AB 120 -58.44 -11.05 -36.09
C GLY AB 120 -59.43 -10.79 -34.99
N MET BB 1 -34.71 31.16 -74.20
CA MET BB 1 -33.47 31.49 -74.99
C MET BB 1 -32.61 32.50 -74.21
N GLY BB 2 -31.63 33.12 -74.88
CA GLY BB 2 -30.73 34.08 -74.25
C GLY BB 2 -31.34 35.43 -73.92
N ASN BB 3 -32.02 36.02 -74.89
CA ASN BB 3 -32.55 37.38 -74.76
C ASN BB 3 -33.73 37.55 -73.81
N PHE BB 4 -34.42 36.45 -73.49
CA PHE BB 4 -35.50 36.47 -72.49
C PHE BB 4 -35.63 35.12 -71.78
N ARG BB 5 -36.12 35.18 -70.54
CA ARG BB 5 -36.27 33.99 -69.70
C ARG BB 5 -37.36 33.07 -70.20
N PHE BB 6 -38.51 33.67 -70.52
CA PHE BB 6 -39.71 32.94 -70.96
C PHE BB 6 -39.84 33.06 -72.48
N PRO BB 7 -40.74 32.27 -73.10
CA PRO BB 7 -40.94 32.33 -74.55
C PRO BB 7 -41.39 33.70 -75.09
N ILE BB 8 -42.36 34.32 -74.42
CA ILE BB 8 -43.00 35.56 -74.90
C ILE BB 8 -42.39 36.79 -74.22
N LYS BB 9 -42.12 37.82 -75.02
CA LYS BB 9 -41.64 39.11 -74.50
C LYS BB 9 -42.77 39.87 -73.81
N THR BB 10 -42.81 39.79 -72.48
CA THR BB 10 -43.74 40.56 -71.66
C THR BB 10 -43.00 41.73 -71.01
N LYS BB 11 -43.75 42.77 -70.65
CA LYS BB 11 -43.18 43.94 -69.98
C LYS BB 11 -42.88 43.63 -68.51
N LEU BB 12 -42.03 44.44 -67.91
CA LEU BB 12 -41.75 44.35 -66.49
C LEU BB 12 -42.81 45.15 -65.75
N PRO BB 13 -43.26 44.65 -64.57
CA PRO BB 13 -44.23 45.43 -63.81
C PRO BB 13 -43.56 46.64 -63.15
N PRO BB 14 -44.32 47.72 -62.92
CA PRO BB 14 -43.72 48.93 -62.36
C PRO BB 14 -43.42 48.77 -60.88
N GLY BB 15 -42.47 49.54 -60.38
CA GLY BB 15 -42.07 49.50 -58.98
C GLY BB 15 -41.16 48.31 -58.69
N PHE BB 16 -41.50 47.55 -57.66
CA PHE BB 16 -40.61 46.48 -57.16
C PHE BB 16 -40.62 45.25 -58.06
N ILE BB 17 -39.48 45.01 -58.71
CA ILE BB 17 -39.25 43.83 -59.54
C ILE BB 17 -38.44 42.81 -58.74
N ASN BB 18 -38.73 41.54 -58.99
CA ASN BB 18 -38.03 40.41 -58.38
C ASN BB 18 -38.15 39.23 -59.34
N ALA BB 19 -37.26 38.25 -59.24
CA ALA BB 19 -37.26 37.09 -60.14
C ALA BB 19 -38.56 36.29 -60.06
N ARG BB 20 -38.98 36.01 -58.83
CA ARG BB 20 -40.25 35.33 -58.55
C ARG BB 20 -41.46 36.12 -59.04
N ILE BB 21 -41.45 37.41 -58.76
CA ILE BB 21 -42.47 38.35 -59.27
C ILE BB 21 -42.57 38.30 -60.78
N LEU BB 22 -41.41 38.38 -61.44
CA LEU BB 22 -41.30 38.32 -62.90
C LEU BB 22 -41.96 37.06 -63.45
N ARG BB 23 -41.61 35.94 -62.81
CA ARG BB 23 -42.12 34.60 -63.15
C ARG BB 23 -43.63 34.53 -63.03
N ASP BB 24 -44.15 35.07 -61.93
CA ASP BB 24 -45.58 35.08 -61.66
C ASP BB 24 -46.33 35.94 -62.67
N ASN BB 25 -45.84 37.17 -62.85
CA ASN BB 25 -46.45 38.15 -63.76
C ASN BB 25 -46.64 37.61 -65.17
N PHE BB 26 -45.55 37.07 -65.73
CA PHE BB 26 -45.57 36.43 -67.05
C PHE BB 26 -46.65 35.35 -67.13
N LYS BB 27 -46.67 34.49 -66.11
CA LYS BB 27 -47.66 33.40 -66.00
C LYS BB 27 -49.09 33.93 -66.04
N ARG BB 28 -49.34 35.00 -65.27
CA ARG BB 28 -50.63 35.67 -65.23
C ARG BB 28 -51.04 36.22 -66.60
N GLN BB 29 -50.08 36.83 -67.29
CA GLN BB 29 -50.30 37.37 -68.63
C GLN BB 29 -50.69 36.30 -69.63
N GLN BB 30 -49.99 35.17 -69.57
CA GLN BB 30 -50.26 34.03 -70.45
C GLN BB 30 -51.62 33.40 -70.17
N PHE BB 31 -51.99 33.33 -68.89
CA PHE BB 31 -53.33 32.90 -68.47
C PHE BB 31 -54.42 33.80 -69.05
N LYS BB 32 -54.21 35.11 -68.93
CA LYS BB 32 -55.12 36.11 -69.48
C LYS BB 32 -55.29 35.96 -70.98
N GLU BB 33 -54.16 35.76 -71.67
CA GLU BB 33 -54.13 35.58 -73.12
C GLU BB 33 -54.93 34.34 -73.55
N ASN BB 34 -54.66 33.23 -72.88
CA ASN BB 34 -55.22 31.93 -73.23
C ASN BB 34 -56.16 31.44 -72.12
N GLU BB 35 -57.20 32.21 -71.88
CA GLU BB 35 -58.21 31.89 -70.86
C GLU BB 35 -59.41 31.23 -71.52
N ILE BB 36 -59.99 31.94 -72.50
CA ILE BB 36 -61.13 31.45 -73.30
C ILE BB 36 -60.84 30.08 -73.94
N LEU BB 37 -59.66 29.95 -74.54
CA LEU BB 37 -59.26 28.72 -75.24
C LEU BB 37 -59.27 27.54 -74.28
N VAL BB 38 -58.62 27.72 -73.14
CA VAL BB 38 -58.53 26.71 -72.09
C VAL BB 38 -59.91 26.27 -71.61
N LYS BB 39 -60.77 27.26 -71.36
CA LYS BB 39 -62.17 27.03 -70.98
C LYS BB 39 -62.91 26.17 -72.02
N SER BB 40 -62.75 26.53 -73.29
CA SER BB 40 -63.37 25.80 -74.40
C SER BB 40 -62.89 24.36 -74.47
N LEU BB 41 -61.58 24.17 -74.33
CA LEU BB 41 -60.97 22.83 -74.27
C LEU BB 41 -61.52 21.98 -73.12
N LYS BB 42 -61.62 22.61 -71.95
CA LYS BB 42 -62.19 21.97 -70.76
C LYS BB 42 -63.62 21.53 -71.00
N PHE BB 43 -64.41 22.42 -71.59
CA PHE BB 43 -65.80 22.13 -71.92
C PHE BB 43 -65.92 20.91 -72.85
N ILE BB 44 -65.09 20.91 -73.90
CA ILE BB 44 -65.07 19.82 -74.88
C ILE BB 44 -64.71 18.49 -74.21
N ALA BB 45 -63.74 18.53 -73.30
CA ALA BB 45 -63.31 17.36 -72.54
C ALA BB 45 -64.42 16.75 -71.68
N ARG BB 46 -65.10 17.60 -70.90
CA ARG BB 46 -66.06 17.16 -69.89
C ARG BB 46 -67.49 17.14 -70.44
N ASN BB 47 -67.67 16.40 -71.53
CA ASN BB 47 -68.94 16.38 -72.26
C ASN BB 47 -69.39 14.95 -72.51
N MET BB 48 -70.53 14.58 -71.94
CA MET BB 48 -71.12 13.25 -72.13
C MET BB 48 -71.78 13.15 -73.51
N ASN BB 49 -72.30 14.28 -74.00
CA ASN BB 49 -73.05 14.32 -75.26
C ASN BB 49 -72.16 14.29 -76.51
N LEU BB 50 -71.03 14.98 -76.49
CA LEU BB 50 -70.13 15.07 -77.66
C LEU BB 50 -69.48 13.73 -78.02
N PRO BB 51 -68.93 13.62 -79.25
CA PRO BB 51 -68.13 12.45 -79.62
C PRO BB 51 -66.93 12.24 -78.69
N THR BB 52 -66.66 10.99 -78.37
CA THR BB 52 -65.63 10.63 -77.39
C THR BB 52 -64.21 10.92 -77.88
N LYS BB 53 -63.96 10.66 -79.17
CA LYS BB 53 -62.66 10.93 -79.78
C LYS BB 53 -62.26 12.40 -79.67
N LEU BB 54 -63.21 13.27 -79.96
CA LEU BB 54 -63.03 14.73 -79.85
C LEU BB 54 -62.70 15.16 -78.42
N ARG BB 55 -63.42 14.59 -77.45
CA ARG BB 55 -63.21 14.91 -76.03
C ARG BB 55 -61.83 14.45 -75.56
N LEU BB 56 -61.40 13.28 -76.06
CA LEU BB 56 -60.08 12.73 -75.78
C LEU BB 56 -58.99 13.66 -76.32
N GLU BB 57 -59.16 14.08 -77.57
CA GLU BB 57 -58.25 15.04 -78.22
C GLU BB 57 -58.12 16.34 -77.44
N ALA BB 58 -59.25 16.86 -76.98
CA ALA BB 58 -59.30 18.07 -76.16
C ALA BB 58 -58.54 17.89 -74.84
N GLN BB 59 -58.76 16.75 -74.20
CA GLN BB 59 -58.07 16.38 -72.97
C GLN BB 59 -56.56 16.31 -73.15
N LEU BB 60 -56.13 15.68 -74.23
CA LEU BB 60 -54.71 15.60 -74.62
C LEU BB 60 -54.09 16.99 -74.82
N LYS BB 61 -54.84 17.85 -75.49
CA LYS BB 61 -54.43 19.23 -75.75
C LYS BB 61 -54.24 20.00 -74.43
N LEU BB 62 -55.21 19.89 -73.54
CA LEU BB 62 -55.14 20.48 -72.19
C LEU BB 62 -53.93 20.01 -71.41
N ASN BB 63 -53.68 18.71 -71.47
CA ASN BB 63 -52.50 18.10 -70.83
C ASN BB 63 -51.20 18.68 -71.37
N ALA BB 64 -51.13 18.82 -72.69
CA ALA BB 64 -49.95 19.36 -73.37
C ALA BB 64 -49.74 20.88 -73.26
N LEU BB 65 -50.73 21.62 -72.75
CA LEU BB 65 -50.57 23.06 -72.51
C LEU BB 65 -49.44 23.33 -71.51
N PRO BB 66 -48.71 24.45 -71.67
CA PRO BB 66 -47.53 24.66 -70.83
C PRO BB 66 -47.81 25.03 -69.37
N ASN BB 67 -46.74 25.26 -68.62
CA ASN BB 67 -46.79 25.71 -67.24
C ASN BB 67 -47.50 27.07 -67.06
N TYR BB 68 -47.33 27.95 -68.05
CA TYR BB 68 -47.82 29.34 -67.97
C TYR BB 68 -49.29 29.55 -68.37
N MET BB 69 -49.92 28.54 -68.97
CA MET BB 69 -51.37 28.57 -69.25
C MET BB 69 -52.26 28.25 -68.04
N ARG BB 70 -51.66 27.74 -66.96
CA ARG BB 70 -52.43 27.12 -65.87
C ARG BB 70 -52.87 28.23 -64.91
N SER BB 71 -54.17 28.27 -64.61
CA SER BB 71 -54.73 29.22 -63.63
C SER BB 71 -54.28 28.90 -62.21
N THR BB 72 -54.21 27.61 -61.90
CA THR BB 72 -53.81 27.10 -60.60
C THR BB 72 -52.37 27.49 -60.21
N GLN BB 73 -51.52 27.63 -61.21
CA GLN BB 73 -50.12 28.07 -61.03
C GLN BB 73 -49.94 29.50 -60.50
N ILE BB 74 -50.96 30.36 -60.66
CA ILE BB 74 -50.86 31.75 -60.23
C ILE BB 74 -50.88 31.82 -58.70
N LYS BB 75 -49.97 32.63 -58.15
CA LYS BB 75 -49.83 32.83 -56.71
C LYS BB 75 -49.75 34.32 -56.42
N ASN BB 76 -50.62 34.81 -55.53
CA ASN BB 76 -50.65 36.23 -55.17
C ASN BB 76 -49.44 36.64 -54.35
N ARG BB 77 -48.52 37.36 -55.00
CA ARG BB 77 -47.34 37.93 -54.36
C ARG BB 77 -47.68 39.25 -53.68
N CYS BB 78 -46.82 39.68 -52.77
CA CYS BB 78 -46.79 41.07 -52.32
C CYS BB 78 -46.30 41.91 -53.50
N VAL BB 79 -46.85 43.11 -53.64
CA VAL BB 79 -46.50 44.02 -54.72
C VAL BB 79 -45.37 44.98 -54.30
N ASP BB 80 -45.41 45.45 -53.06
CA ASP BB 80 -44.37 46.35 -52.52
C ASP BB 80 -43.05 45.63 -52.31
N SER BB 81 -43.10 44.51 -51.58
CA SER BB 81 -41.99 43.55 -51.50
C SER BB 81 -42.29 42.44 -52.52
N GLY BB 82 -41.59 41.31 -52.45
CA GLY BB 82 -41.88 40.14 -53.32
C GLY BB 82 -42.18 38.86 -52.55
N HIS BB 83 -42.77 39.01 -51.37
CA HIS BB 83 -43.11 37.87 -50.51
C HIS BB 83 -44.39 37.20 -50.99
N ALA BB 84 -44.57 35.94 -50.60
CA ALA BB 84 -45.75 35.15 -50.96
C ALA BB 84 -46.29 34.37 -49.76
N ARG BB 85 -46.42 35.06 -48.63
CA ARG BB 85 -47.00 34.49 -47.41
C ARG BB 85 -47.79 35.57 -46.67
N PHE BB 86 -49.03 35.24 -46.31
CA PHE BB 86 -49.93 36.16 -45.62
C PHE BB 86 -50.20 37.39 -46.50
N VAL BB 87 -50.43 37.15 -47.79
CA VAL BB 87 -50.64 38.21 -48.77
C VAL BB 87 -52.12 38.55 -48.80
N LEU BB 88 -52.45 39.74 -48.31
CA LEU BB 88 -53.84 40.20 -48.19
C LEU BB 88 -54.29 40.71 -49.55
N SER BB 89 -55.46 40.28 -50.00
CA SER BB 89 -55.96 40.61 -51.35
C SER BB 89 -56.45 42.06 -51.49
N ASP BB 90 -56.93 42.64 -50.40
CA ASP BB 90 -57.53 43.99 -50.41
C ASP BB 90 -56.51 45.13 -50.57
N PHE BB 91 -55.25 44.81 -50.26
CA PHE BB 91 -54.10 45.66 -50.63
C PHE BB 91 -53.01 44.64 -50.91
N ARG BB 92 -52.63 44.49 -52.18
CA ARG BB 92 -51.79 43.36 -52.60
C ARG BB 92 -50.39 43.45 -51.98
N LEU BB 93 -50.35 43.15 -50.68
CA LEU BB 93 -49.19 43.39 -49.84
C LEU BB 93 -49.01 42.24 -48.86
N CYS BB 94 -47.76 41.99 -48.47
CA CYS BB 94 -47.45 41.01 -47.43
C CYS BB 94 -47.78 41.58 -46.06
N ARG BB 95 -47.90 40.68 -45.09
CA ARG BB 95 -48.31 41.00 -43.71
C ARG BB 95 -47.55 42.17 -43.07
N TYR BB 96 -46.24 42.04 -42.95
CA TYR BB 96 -45.39 43.08 -42.38
C TYR BB 96 -45.43 44.37 -43.21
N GLN BB 97 -45.33 44.18 -44.53
CA GLN BB 97 -45.33 45.28 -45.48
C GLN BB 97 -46.63 46.10 -45.45
N PHE BB 98 -47.74 45.38 -45.36
CA PHE BB 98 -49.07 45.99 -45.17
C PHE BB 98 -49.13 46.86 -43.92
N ARG BB 99 -48.67 46.29 -42.80
CA ARG BB 99 -48.63 46.97 -41.51
C ARG BB 99 -47.81 48.26 -41.58
N GLU BB 100 -46.62 48.15 -42.16
CA GLU BB 100 -45.72 49.28 -42.41
C GLU BB 100 -46.43 50.40 -43.20
N ASN BB 101 -47.10 50.00 -44.28
CA ASN BB 101 -47.83 50.94 -45.13
C ASN BB 101 -49.01 51.57 -44.39
N ALA BB 102 -49.72 50.73 -43.64
CA ALA BB 102 -50.92 51.14 -42.89
C ALA BB 102 -50.61 52.20 -41.85
N LEU BB 103 -49.55 51.98 -41.07
CA LEU BB 103 -49.13 52.91 -40.03
C LEU BB 103 -48.65 54.25 -40.61
N LYS BB 104 -47.95 54.19 -41.73
CA LYS BB 104 -47.55 55.39 -42.49
C LYS BB 104 -48.73 56.23 -42.96
N GLY BB 105 -49.77 55.55 -43.45
CA GLY BB 105 -50.95 56.20 -44.06
C GLY BB 105 -51.03 56.05 -45.58
N ASN BB 106 -50.29 55.10 -46.12
CA ASN BB 106 -50.33 54.80 -47.54
C ASN BB 106 -51.70 54.27 -47.92
N LEU BB 107 -52.25 53.41 -47.06
CA LEU BB 107 -53.55 52.80 -47.30
C LEU BB 107 -54.65 53.85 -47.33
N PRO BB 108 -55.65 53.61 -48.18
CA PRO BB 108 -56.76 54.55 -48.38
C PRO BB 108 -57.64 54.81 -47.16
N GLY BB 109 -57.96 53.77 -46.38
CA GLY BB 109 -58.81 53.93 -45.19
C GLY BB 109 -58.42 53.11 -43.97
N VAL BB 110 -57.20 52.58 -43.96
CA VAL BB 110 -56.75 51.66 -42.90
C VAL BB 110 -56.23 52.46 -41.72
N LYS BB 111 -56.46 51.94 -40.52
CA LYS BB 111 -55.98 52.55 -39.27
C LYS BB 111 -55.96 51.51 -38.15
N LYS BB 112 -55.38 51.87 -37.01
CA LYS BB 112 -55.27 50.96 -35.86
C LYS BB 112 -56.63 50.42 -35.41
N GLY BB 113 -56.69 49.11 -35.20
CA GLY BB 113 -57.90 48.41 -34.79
C GLY BB 113 -58.05 48.46 -33.28
N ILE BB 114 -58.64 49.54 -32.79
CA ILE BB 114 -58.73 49.80 -31.36
C ILE BB 114 -59.92 49.09 -30.72
N TRP BB 115 -61.02 48.93 -31.45
CA TRP BB 115 -62.36 48.68 -30.88
C TRP BB 115 -62.68 49.80 -29.92
N SER CB 1 61.87 26.47 18.61
CA SER CB 1 61.86 26.11 20.07
C SER CB 1 61.80 27.34 20.97
N ALA CB 2 62.70 28.29 20.72
CA ALA CB 2 62.75 29.57 21.43
C ALA CB 2 61.43 30.35 21.32
N LYS CB 3 60.91 30.40 20.11
CA LYS CB 3 59.59 30.98 19.83
C LYS CB 3 58.49 30.35 20.68
N ALA CB 4 58.49 29.02 20.72
CA ALA CB 4 57.53 28.25 21.52
C ALA CB 4 57.64 28.56 23.02
N VAL CB 5 58.88 28.67 23.49
CA VAL CB 5 59.18 29.04 24.88
C VAL CB 5 58.65 30.43 25.21
N LYS CB 6 58.91 31.38 24.31
CA LYS CB 6 58.41 32.76 24.44
C LYS CB 6 56.89 32.82 24.51
N PHE CB 7 56.24 32.07 23.62
CA PHE CB 7 54.79 31.96 23.59
C PHE CB 7 54.23 31.45 24.92
N LEU CB 8 54.84 30.37 25.41
CA LEU CB 8 54.48 29.78 26.71
C LEU CB 8 54.60 30.78 27.85
N LYS CB 9 55.71 31.51 27.87
CA LYS CB 9 55.94 32.59 28.83
C LYS CB 9 54.84 33.63 28.80
N ALA CB 10 54.49 34.07 27.60
CA ALA CB 10 53.41 35.05 27.37
C ALA CB 10 52.07 34.54 27.88
N GLN CB 11 51.76 33.29 27.56
CA GLN CB 11 50.56 32.59 28.08
C GLN CB 11 50.52 32.58 29.60
N ARG CB 12 51.64 32.21 30.20
CA ARG CB 12 51.79 32.15 31.66
C ARG CB 12 51.55 33.51 32.30
N ARG CB 13 52.12 34.54 31.69
CA ARG CB 13 51.94 35.93 32.12
C ARG CB 13 50.48 36.38 32.05
N LYS CB 14 49.82 36.00 30.96
CA LYS CB 14 48.40 36.28 30.74
C LYS CB 14 47.53 35.61 31.81
N GLN CB 15 47.83 34.34 32.10
CA GLN CB 15 47.15 33.57 33.15
C GLN CB 15 47.30 34.21 34.53
N LYS CB 16 48.53 34.66 34.83
CA LYS CB 16 48.82 35.38 36.08
C LYS CB 16 47.98 36.66 36.20
N ASN CB 17 47.93 37.41 35.11
CA ASN CB 17 47.13 38.64 35.04
C ASN CB 17 45.64 38.39 35.28
N GLU CB 18 45.12 37.34 34.63
CA GLU CB 18 43.74 36.89 34.81
C GLU CB 18 43.44 36.50 36.26
N ALA CB 19 44.38 35.79 36.88
CA ALA CB 19 44.28 35.42 38.30
C ALA CB 19 44.22 36.67 39.18
N LYS CB 20 45.13 37.62 38.93
CA LYS CB 20 45.16 38.90 39.65
C LYS CB 20 43.86 39.70 39.53
N GLN CB 21 43.30 39.70 38.33
CA GLN CB 21 41.99 40.32 38.06
C GLN CB 21 40.87 39.67 38.85
N ALA CB 22 40.89 38.34 38.89
CA ALA CB 22 39.91 37.54 39.65
C ALA CB 22 40.00 37.82 41.15
N THR CB 23 41.22 37.92 41.66
CA THR CB 23 41.47 38.22 43.08
C THR CB 23 40.96 39.61 43.45
N LEU CB 24 41.23 40.57 42.57
CA LEU CB 24 40.74 41.95 42.72
C LEU CB 24 39.21 42.00 42.77
N LYS CB 25 38.57 41.26 41.86
CA LYS CB 25 37.12 41.16 41.78
C LYS CB 25 36.52 40.55 43.05
N ALA CB 26 37.16 39.51 43.57
CA ALA CB 26 36.79 38.89 44.84
C ALA CB 26 36.90 39.87 46.01
N SER CB 27 37.97 40.66 46.00
CA SER CB 27 38.23 41.67 47.03
C SER CB 27 37.18 42.78 47.08
N THR CB 28 36.75 43.25 45.90
CA THR CB 28 35.72 44.30 45.82
C THR CB 28 34.44 43.79 46.47
N ASP CB 29 34.10 44.38 47.63
CA ASP CB 29 33.12 43.81 48.55
C ASP CB 29 31.72 43.74 47.95
N LYS CB 30 31.13 42.55 48.00
CA LYS CB 30 29.82 42.30 47.41
C LYS CB 30 28.72 42.62 48.41
N VAL CB 31 28.45 43.91 48.57
CA VAL CB 31 27.34 44.40 49.37
C VAL CB 31 26.10 44.37 48.46
N ASP CB 32 25.06 43.67 48.89
CA ASP CB 32 23.82 43.57 48.11
C ASP CB 32 23.10 44.94 48.14
N PRO CB 33 22.52 45.37 46.99
CA PRO CB 33 21.84 46.67 46.98
C PRO CB 33 20.52 46.75 47.75
N VAL CB 34 19.71 45.68 47.70
CA VAL CB 34 18.34 45.72 48.24
C VAL CB 34 18.35 45.97 49.74
N LEU CB 35 19.01 45.08 50.49
CA LEU CB 35 18.99 45.15 51.95
C LEU CB 35 20.38 45.07 52.60
N GLY CB 36 21.32 45.80 52.01
CA GLY CB 36 22.54 46.25 52.68
C GLY CB 36 23.57 45.20 53.07
N ARG CB 37 24.21 45.42 54.21
CA ARG CB 37 25.26 44.55 54.73
C ARG CB 37 24.61 43.35 55.43
N ALA CB 38 25.43 42.43 55.94
CA ALA CB 38 24.94 41.22 56.62
C ALA CB 38 24.17 41.57 57.89
N ASP CB 39 24.81 42.33 58.77
CA ASP CB 39 24.18 42.83 59.99
C ASP CB 39 24.61 44.27 60.26
N THR CB 40 23.97 45.21 59.55
CA THR CB 40 24.17 46.64 59.82
C THR CB 40 23.47 46.99 61.15
N PRO CB 41 24.13 47.76 62.03
CA PRO CB 41 23.67 47.89 63.42
C PRO CB 41 22.35 48.67 63.61
N PHE CB 42 22.22 49.76 62.87
CA PHE CB 42 21.05 50.66 62.93
C PHE CB 42 19.73 49.94 62.67
N ILE CB 43 19.71 49.14 61.61
CA ILE CB 43 18.55 48.33 61.24
C ILE CB 43 18.19 47.31 62.33
N THR CB 44 19.21 46.61 62.82
CA THR CB 44 19.04 45.58 63.87
C THR CB 44 18.45 46.18 65.15
N ARG CB 45 18.93 47.37 65.51
CA ARG CB 45 18.44 48.13 66.65
C ARG CB 45 16.96 48.50 66.49
N ILE CB 46 16.62 48.99 65.30
CA ILE CB 46 15.22 49.31 64.95
C ILE CB 46 14.32 48.09 65.10
N MET CB 47 14.74 46.97 64.51
CA MET CB 47 14.01 45.70 64.60
C MET CB 47 13.74 45.29 66.05
N ALA CB 48 14.76 45.45 66.89
CA ALA CB 48 14.66 45.18 68.32
C ALA CB 48 13.64 46.07 69.02
N GLU CB 49 13.72 47.36 68.72
CA GLU CB 49 12.82 48.38 69.28
C GLU CB 49 11.34 48.06 69.03
N LEU CB 50 11.03 47.64 67.80
CA LEU CB 50 9.68 47.21 67.44
C LEU CB 50 9.24 45.99 68.24
N LYS CB 51 10.16 45.04 68.38
CA LYS CB 51 9.93 43.79 69.11
C LYS CB 51 9.66 43.98 70.61
N GLU CB 52 10.35 44.94 71.22
CA GLU CB 52 10.38 45.16 72.69
C GLU CB 52 9.04 45.06 73.44
N PRO CB 53 9.08 44.66 74.74
CA PRO CB 53 7.95 44.03 75.41
C PRO CB 53 6.74 44.92 75.72
N LEU CB 54 6.98 46.15 76.19
CA LEU CB 54 5.90 47.10 76.46
C LEU CB 54 6.00 48.29 75.50
N VAL CB 55 5.87 47.97 74.22
CA VAL CB 55 5.81 48.96 73.15
C VAL CB 55 4.37 48.98 72.66
N LEU CB 56 3.87 50.17 72.34
CA LEU CB 56 2.47 50.37 71.97
C LEU CB 56 2.32 50.91 70.55
N SER CB 57 1.16 50.61 69.95
CA SER CB 57 0.81 51.05 68.60
C SER CB 57 0.06 52.39 68.67
N LYS CB 58 -0.40 52.87 67.53
CA LYS CB 58 -1.29 54.05 67.43
C LYS CB 58 -0.65 55.36 67.92
N GLY CB 59 0.68 55.44 67.88
CA GLY CB 59 1.41 56.61 68.37
C GLY CB 59 1.27 56.87 69.86
N TYR CB 60 1.31 55.80 70.65
CA TYR CB 60 1.25 55.88 72.12
C TYR CB 60 2.60 55.53 72.73
N ASN CB 61 2.75 55.90 74.00
CA ASN CB 61 3.94 55.56 74.79
C ASN CB 61 3.50 55.08 76.17
N ILE CB 62 4.06 53.95 76.62
CA ILE CB 62 3.55 53.23 77.79
C ILE CB 62 3.66 54.06 79.09
N GLU CB 63 4.77 54.77 79.25
CA GLU CB 63 5.00 55.64 80.39
C GLU CB 63 3.93 56.74 80.47
N GLU CB 64 3.68 57.37 79.33
CA GLU CB 64 2.66 58.41 79.20
C GLU CB 64 1.25 57.91 79.49
N VAL CB 65 0.94 56.70 79.03
CA VAL CB 65 -0.38 56.09 79.20
C VAL CB 65 -0.69 55.87 80.68
N ASP CB 66 0.25 55.25 81.38
CA ASP CB 66 0.15 55.03 82.84
C ASP CB 66 -0.07 56.32 83.63
N LYS CB 67 0.69 57.35 83.28
CA LYS CB 67 0.55 58.68 83.88
C LYS CB 67 -0.83 59.28 83.66
N PHE CB 68 -1.32 59.13 82.43
CA PHE CB 68 -2.66 59.59 82.03
C PHE CB 68 -3.74 58.89 82.84
N LEU CB 69 -3.62 57.57 82.96
CA LEU CB 69 -4.53 56.74 83.77
C LEU CB 69 -4.56 57.17 85.24
N ALA CB 70 -3.38 57.43 85.78
CA ALA CB 70 -3.23 57.92 87.16
C ALA CB 70 -3.91 59.27 87.37
N ALA CB 71 -3.73 60.17 86.39
CA ALA CB 71 -4.36 61.49 86.41
C ALA CB 71 -5.89 61.41 86.37
N ILE CB 72 -6.39 60.49 85.54
CA ILE CB 72 -7.82 60.21 85.44
C ILE CB 72 -8.37 59.72 86.79
N GLU CB 73 -7.68 58.74 87.38
CA GLU CB 73 -8.00 58.23 88.72
C GLU CB 73 -8.08 59.33 89.77
N SER CB 74 -7.09 60.22 89.75
CA SER CB 74 -7.01 61.35 90.68
C SER CB 74 -8.21 62.29 90.51
N ALA CB 75 -8.54 62.57 89.25
CA ALA CB 75 -9.70 63.38 88.89
C ALA CB 75 -11.01 62.78 89.38
N LYS CB 76 -11.15 61.47 89.20
CA LYS CB 76 -12.32 60.72 89.69
C LYS CB 76 -12.46 60.79 91.21
N ARG CB 77 -11.34 60.59 91.91
CA ARG CB 77 -11.27 60.72 93.37
C ARG CB 77 -11.74 62.09 93.84
N GLU CB 78 -11.20 63.13 93.20
CA GLU CB 78 -11.58 64.52 93.48
C GLU CB 78 -13.08 64.74 93.32
N ARG CB 79 -13.62 64.25 92.21
CA ARG CB 79 -15.04 64.36 91.91
C ARG CB 79 -15.83 63.28 92.64
N ILE CB 95 -9.65 48.79 93.07
CA ILE CB 95 -8.24 48.82 92.65
C ILE CB 95 -7.94 47.69 91.68
N GLU CB 96 -8.33 46.47 92.05
CA GLU CB 96 -8.15 45.28 91.22
C GLU CB 96 -8.83 45.42 89.85
N LYS CB 97 -10.06 45.94 89.88
CA LYS CB 97 -10.82 46.22 88.67
C LYS CB 97 -10.11 47.23 87.76
N LEU CB 98 -9.58 48.29 88.39
CA LEU CB 98 -8.85 49.35 87.68
C LEU CB 98 -7.60 48.80 87.01
N GLU CB 99 -6.88 47.94 87.73
CA GLU CB 99 -5.70 47.23 87.22
C GLU CB 99 -6.02 46.35 86.01
N ASP CB 100 -7.14 45.63 86.11
CA ASP CB 100 -7.63 44.77 85.03
C ASP CB 100 -7.99 45.57 83.77
N ARG CB 101 -8.63 46.72 83.98
CA ARG CB 101 -8.96 47.65 82.88
C ARG CB 101 -7.71 48.18 82.19
N ARG CB 102 -6.73 48.58 83.00
CA ARG CB 102 -5.42 49.04 82.51
C ARG CB 102 -4.73 47.98 81.67
N GLU CB 103 -4.74 46.74 82.16
CA GLU CB 103 -4.19 45.59 81.44
C GLU CB 103 -4.88 45.38 80.10
N ALA CB 104 -6.21 45.45 80.11
CA ALA CB 104 -7.04 45.34 78.88
C ALA CB 104 -6.67 46.40 77.85
N ILE CB 105 -6.51 47.63 78.32
CA ILE CB 105 -6.10 48.77 77.49
C ILE CB 105 -4.74 48.54 76.84
N LEU CB 106 -3.78 48.08 77.65
CA LEU CB 106 -2.43 47.76 77.17
C LEU CB 106 -2.45 46.69 76.10
N ARG CB 107 -3.22 45.63 76.34
CA ARG CB 107 -3.43 44.55 75.37
C ARG CB 107 -3.99 45.05 74.04
N ILE CB 108 -4.99 45.92 74.14
CA ILE CB 108 -5.60 46.55 72.96
C ILE CB 108 -4.57 47.36 72.17
N LEU CB 109 -3.79 48.18 72.88
CA LEU CB 109 -2.81 49.07 72.26
C LEU CB 109 -1.40 48.49 72.08
N SER CB 110 -1.20 47.22 72.41
CA SER CB 110 0.11 46.56 72.23
C SER CB 110 0.46 46.39 70.75
N MET CB 111 1.75 46.38 70.46
CA MET CB 111 2.24 46.11 69.09
C MET CB 111 1.92 44.69 68.64
N ARG CB 112 2.08 43.73 69.53
CA ARG CB 112 1.99 42.31 69.19
C ARG CB 112 0.58 41.83 68.85
N ASN CB 113 -0.43 42.54 69.34
CA ASN CB 113 -1.83 42.33 68.91
C ASN CB 113 -2.20 43.15 67.67
N SER CB 114 -1.57 44.31 67.51
CA SER CB 114 -1.81 45.18 66.34
C SER CB 114 -1.20 44.62 65.06
N GLU CB 115 -1.45 45.33 63.95
CA GLU CB 115 -0.93 44.96 62.63
C GLU CB 115 0.58 45.22 62.51
N ASN CB 116 1.17 44.66 61.45
CA ASN CB 116 2.55 44.95 61.08
C ASN CB 116 2.73 46.40 60.60
N LYS CB 117 1.69 46.94 59.96
CA LYS CB 117 1.69 48.32 59.44
C LYS CB 117 2.05 49.38 60.48
N ASN CB 118 1.50 49.24 61.68
CA ASN CB 118 1.80 50.12 62.80
C ASN CB 118 3.27 50.06 63.22
N ALA CB 119 3.81 48.85 63.22
CA ALA CB 119 5.22 48.60 63.56
C ALA CB 119 6.16 49.26 62.55
N ILE CB 120 5.81 49.12 61.27
CA ILE CB 120 6.54 49.74 60.17
C ILE CB 120 6.54 51.25 60.30
N LYS CB 121 5.36 51.82 60.52
CA LYS CB 121 5.20 53.26 60.75
C LYS CB 121 6.09 53.77 61.87
N MET CB 122 6.10 53.02 62.97
CA MET CB 122 6.96 53.32 64.12
C MET CB 122 8.45 53.31 63.75
N ALA CB 123 8.85 52.28 63.00
CA ALA CB 123 10.22 52.14 62.50
C ALA CB 123 10.63 53.30 61.59
N VAL CB 124 9.70 53.72 60.73
CA VAL CB 124 9.90 54.87 59.84
C VAL CB 124 10.09 56.16 60.64
N GLU CB 125 9.23 56.35 61.65
CA GLU CB 125 9.34 57.50 62.56
C GLU CB 125 10.68 57.55 63.28
N LEU CB 126 11.10 56.40 63.80
CA LEU CB 126 12.41 56.24 64.45
C LEU CB 126 13.56 56.62 63.52
N ALA CB 127 13.51 56.09 62.29
CA ALA CB 127 14.50 56.40 61.25
C ALA CB 127 14.56 57.89 60.96
N ARG CB 128 13.39 58.52 60.83
CA ARG CB 128 13.28 59.96 60.62
C ARG CB 128 13.95 60.75 61.74
N LYS CB 129 13.62 60.37 62.98
CA LYS CB 129 14.21 60.99 64.19
C LYS CB 129 15.73 60.90 64.21
N GLU CB 130 16.26 59.74 63.83
CA GLU CB 130 17.70 59.51 63.74
C GLU CB 130 18.38 60.42 62.71
N PHE CB 131 17.78 60.49 61.52
CA PHE CB 131 18.42 61.14 60.36
C PHE CB 131 18.17 62.64 60.23
N GLU CB 132 17.03 63.14 60.73
CA GLU CB 132 16.65 64.54 60.55
C GLU CB 132 17.77 65.51 60.95
N ARG CB 133 18.25 66.30 59.99
CA ARG CB 133 19.28 67.31 60.25
C ARG CB 133 18.76 68.52 61.04
N PHE CB 134 17.43 68.65 61.15
CA PHE CB 134 16.79 69.45 62.19
C PHE CB 134 15.35 68.95 62.44
N PRO CB 135 14.72 69.28 63.55
CA PRO CB 135 13.41 68.67 63.84
C PRO CB 135 12.36 68.88 62.75
N GLY CB 136 12.29 70.06 62.14
CA GLY CB 136 11.32 70.29 61.09
C GLY CB 136 11.44 69.49 59.80
N ASP CB 137 12.66 69.30 59.31
CA ASP CB 137 12.89 68.60 58.04
C ASP CB 137 12.52 67.11 57.97
N THR CB 138 11.76 66.75 56.94
CA THR CB 138 11.36 65.37 56.70
C THR CB 138 11.71 64.91 55.27
N GLY CB 139 12.09 65.85 54.42
CA GLY CB 139 12.41 65.56 53.03
C GLY CB 139 13.90 65.52 52.72
N SER CB 140 14.70 65.52 53.77
CA SER CB 140 16.15 65.52 53.66
C SER CB 140 16.53 64.27 52.88
N SER CB 141 17.30 64.42 51.82
CA SER CB 141 17.63 63.28 50.93
C SER CB 141 18.05 62.03 51.72
N GLU CB 142 18.87 62.25 52.74
CA GLU CB 142 19.26 61.20 53.69
C GLU CB 142 18.09 60.58 54.47
N VAL CB 143 17.15 61.41 54.94
CA VAL CB 143 16.00 60.92 55.73
C VAL CB 143 15.05 60.18 54.81
N GLN CB 144 14.87 60.68 53.58
CA GLN CB 144 14.07 60.00 52.55
C GLN CB 144 14.60 58.59 52.28
N ALA CB 145 15.91 58.49 52.10
CA ALA CB 145 16.60 57.22 51.91
C ALA CB 145 16.37 56.25 53.06
N ALA CB 146 16.51 56.78 54.28
CA ALA CB 146 16.26 56.03 55.52
C ALA CB 146 14.82 55.51 55.61
N CYS CB 147 13.88 56.39 55.28
CA CYS CB 147 12.45 56.03 55.23
C CYS CB 147 12.17 54.94 54.19
N MET CB 148 12.79 55.06 53.03
CA MET CB 148 12.73 54.03 51.97
C MET CB 148 13.24 52.68 52.47
N THR CB 149 14.38 52.70 53.17
CA THR CB 149 15.06 51.49 53.65
C THR CB 149 14.17 50.60 54.51
N VAL CB 150 13.46 51.19 55.47
CA VAL CB 150 12.57 50.45 56.38
C VAL CB 150 11.50 49.69 55.59
N ARG CB 151 10.90 50.39 54.64
CA ARG CB 151 9.88 49.83 53.75
C ARG CB 151 10.45 48.69 52.90
N ILE CB 152 11.63 48.93 52.33
CA ILE CB 152 12.37 47.94 51.54
C ILE CB 152 12.62 46.65 52.34
N GLN CB 153 13.10 46.82 53.57
CA GLN CB 153 13.35 45.69 54.48
C GLN CB 153 12.08 44.87 54.68
N ASN CB 154 10.99 45.56 55.01
CA ASN CB 154 9.68 44.94 55.20
C ASN CB 154 9.15 44.27 53.94
N MET CB 155 9.30 44.97 52.81
CA MET CB 155 8.90 44.48 51.50
C MET CB 155 9.69 43.24 51.10
N ALA CB 156 10.99 43.27 51.38
CA ALA CB 156 11.89 42.14 51.16
C ALA CB 156 11.49 40.92 51.97
N ASN CB 157 11.19 41.15 53.26
CA ASN CB 157 10.66 40.12 54.16
C ASN CB 157 9.38 39.48 53.65
N HIS CB 158 8.47 40.33 53.19
CA HIS CB 158 7.21 39.89 52.58
C HIS CB 158 7.44 38.99 51.36
N ILE CB 159 8.33 39.44 50.47
CA ILE CB 159 8.72 38.66 49.29
C ILE CB 159 9.29 37.30 49.65
N LYS CB 160 10.16 37.27 50.67
CA LYS CB 160 10.74 36.03 51.16
C LYS CB 160 9.70 35.02 51.63
N GLU CB 161 8.63 35.51 52.26
CA GLU CB 161 7.45 34.69 52.57
C GLU CB 161 6.73 34.25 51.29
N HIS CB 162 6.51 35.21 50.39
CA HIS CB 162 5.68 35.04 49.19
C HIS CB 162 6.49 35.18 47.89
N ARG CB 163 7.00 34.07 47.36
CA ARG CB 163 7.88 34.09 46.17
C ARG CB 163 7.22 34.65 44.90
N LYS CB 164 6.10 34.05 44.52
CA LYS CB 164 5.44 34.35 43.23
C LYS CB 164 4.60 35.63 43.21
N ASP CB 165 4.54 36.35 44.33
CA ASP CB 165 3.89 37.65 44.40
C ASP CB 165 4.69 38.68 43.58
N PHE CB 166 4.49 38.66 42.26
CA PHE CB 166 5.33 39.40 41.32
C PHE CB 166 5.09 40.91 41.31
N ALA CB 167 3.85 41.33 41.59
CA ALA CB 167 3.50 42.75 41.68
C ALA CB 167 4.28 43.42 42.82
N ASN CB 168 4.34 42.75 43.96
CA ASN CB 168 5.05 43.28 45.12
C ASN CB 168 6.58 43.19 45.02
N THR CB 169 7.08 42.25 44.20
CA THR CB 169 8.52 42.24 43.85
C THR CB 169 8.87 43.41 42.96
N ARG CB 170 8.00 43.68 41.97
CA ARG CB 170 8.14 44.85 41.11
C ARG CB 170 8.17 46.13 41.94
N ASN CB 171 7.20 46.28 42.84
CA ASN CB 171 7.11 47.41 43.77
C ASN CB 171 8.38 47.61 44.59
N LEU CB 172 8.92 46.51 45.13
CA LEU CB 172 10.19 46.53 45.85
C LEU CB 172 11.28 47.08 44.95
N ARG CB 173 11.39 46.49 43.76
CA ARG CB 173 12.38 46.90 42.77
C ARG CB 173 12.31 48.41 42.55
N ILE CB 174 11.12 48.92 42.27
CA ILE CB 174 10.91 50.36 42.05
C ILE CB 174 11.45 51.17 43.22
N LEU CB 175 11.13 50.70 44.43
CA LEU CB 175 11.51 51.37 45.67
C LEU CB 175 13.02 51.47 45.85
N VAL CB 176 13.75 50.40 45.52
CA VAL CB 176 15.22 50.42 45.63
C VAL CB 176 15.85 51.27 44.53
N GLN CB 177 15.19 51.33 43.36
CA GLN CB 177 15.63 52.19 42.25
C GLN CB 177 15.51 53.66 42.65
N GLN CB 178 14.38 53.98 43.28
CA GLN CB 178 14.11 55.31 43.84
C GLN CB 178 15.14 55.69 44.90
N ARG CB 179 15.45 54.74 45.78
CA ARG CB 179 16.47 54.94 46.81
C ARG CB 179 17.83 55.23 46.20
N GLN CB 180 18.24 54.39 45.26
CA GLN CB 180 19.49 54.59 44.51
C GLN CB 180 19.57 56.00 43.90
N ALA CB 181 18.49 56.39 43.22
CA ALA CB 181 18.38 57.70 42.59
C ALA CB 181 18.57 58.85 43.57
N ILE CB 182 17.99 58.72 44.76
CA ILE CB 182 18.08 59.78 45.77
C ILE CB 182 19.46 59.82 46.44
N LEU CB 183 20.09 58.65 46.60
CA LEU CB 183 21.48 58.60 47.08
C LEU CB 183 22.44 59.19 46.04
N ARG CB 184 22.23 58.88 44.76
CA ARG CB 184 22.98 59.50 43.66
C ARG CB 184 22.89 61.03 43.69
N TYR CB 185 21.67 61.53 43.91
CA TYR CB 185 21.44 62.96 44.06
C TYR CB 185 22.23 63.54 45.23
N LEU CB 186 22.10 62.87 46.38
CA LEU CB 186 22.78 63.27 47.62
C LEU CB 186 24.30 63.39 47.41
N LYS CB 187 24.86 62.41 46.71
CA LYS CB 187 26.27 62.39 46.34
C LYS CB 187 26.69 63.65 45.56
N ARG CB 188 25.87 64.05 44.59
CA ARG CB 188 26.12 65.27 43.82
C ARG CB 188 26.06 66.50 44.70
N ASP CB 189 24.98 66.60 45.48
CA ASP CB 189 24.70 67.78 46.31
C ASP CB 189 25.74 67.98 47.43
N ASN CB 190 26.01 66.92 48.16
CA ASN CB 190 26.65 66.99 49.46
C ASN CB 190 27.34 65.65 49.79
N PRO CB 191 28.56 65.42 49.23
CA PRO CB 191 29.13 64.07 49.15
C PRO CB 191 29.40 63.40 50.50
N GLU CB 192 30.03 64.14 51.42
CA GLU CB 192 30.35 63.65 52.76
C GLU CB 192 29.12 63.12 53.50
N LYS CB 193 28.06 63.91 53.45
CA LYS CB 193 26.76 63.57 54.06
C LYS CB 193 26.19 62.28 53.46
N TYR CB 194 26.25 62.20 52.13
CA TYR CB 194 25.86 61.00 51.37
C TYR CB 194 26.62 59.75 51.80
N TYR CB 195 27.94 59.89 51.92
CA TYR CB 195 28.80 58.80 52.40
C TYR CB 195 28.46 58.34 53.80
N TRP CB 196 28.20 59.31 54.69
CA TRP CB 196 27.77 59.04 56.06
C TRP CB 196 26.45 58.28 56.11
N THR CB 197 25.49 58.73 55.29
CA THR CB 197 24.18 58.08 55.15
C THR CB 197 24.34 56.63 54.71
N ILE CB 198 25.13 56.41 53.67
CA ILE CB 198 25.42 55.07 53.15
C ILE CB 198 25.96 54.16 54.24
N GLN CB 199 26.95 54.67 54.96
CA GLN CB 199 27.61 53.94 56.04
C GLN CB 199 26.63 53.54 57.13
N LYS CB 200 25.74 54.46 57.48
CA LYS CB 200 24.67 54.22 58.45
C LYS CB 200 23.74 53.10 57.99
N LEU CB 201 23.30 53.17 56.73
CA LEU CB 201 22.35 52.20 56.16
C LEU CB 201 22.96 50.82 55.88
N GLY CB 202 24.29 50.72 55.82
CA GLY CB 202 24.97 49.46 55.60
C GLY CB 202 25.10 49.14 54.12
N LEU CB 203 25.44 50.16 53.34
CA LEU CB 203 25.52 50.06 51.89
C LEU CB 203 26.91 50.40 51.38
N ASN CB 204 27.10 50.23 50.07
CA ASN CB 204 28.36 50.46 49.39
C ASN CB 204 28.15 51.48 48.28
N ASP CB 205 29.18 52.26 47.98
CA ASP CB 205 29.15 53.26 46.89
C ASP CB 205 28.83 52.61 45.54
N ALA CB 206 29.34 51.41 45.33
CA ALA CB 206 29.02 50.59 44.15
C ALA CB 206 27.53 50.24 44.11
N ALA CB 207 26.98 49.79 45.23
CA ALA CB 207 25.56 49.41 45.33
C ALA CB 207 24.58 50.55 45.02
N ILE CB 208 25.02 51.80 45.21
CA ILE CB 208 24.25 52.97 44.80
C ILE CB 208 24.48 53.29 43.32
N THR CB 209 25.74 53.48 42.94
CA THR CB 209 26.10 53.98 41.60
C THR CB 209 25.82 52.99 40.47
N ASP CB 210 26.13 51.72 40.68
CA ASP CB 210 25.97 50.70 39.64
C ASP CB 210 24.49 50.45 39.36
N GLU CB 211 24.15 50.17 38.11
CA GLU CB 211 22.76 49.92 37.72
C GLU CB 211 22.31 48.60 38.35
N PHE CB 212 21.11 48.58 38.88
CA PHE CB 212 20.59 47.43 39.59
C PHE CB 212 19.15 47.10 39.23
N ASN CB 213 18.97 45.95 38.61
CA ASN CB 213 17.67 45.30 38.49
C ASN CB 213 17.66 44.18 39.51
N MET CB 214 16.53 43.96 40.19
CA MET CB 214 16.37 42.79 41.05
C MET CB 214 16.16 41.56 40.17
N ASP CB 215 17.21 41.20 39.43
CA ASP CB 215 17.10 40.15 38.42
C ASP CB 215 17.33 38.78 39.05
N ARG CB 216 17.03 37.74 38.28
CA ARG CB 216 17.18 36.35 38.75
C ARG CB 216 18.62 36.00 39.11
N ARG CB 217 19.58 36.60 38.41
CA ARG CB 217 21.00 36.48 38.74
C ARG CB 217 21.33 37.02 40.13
N TYR CB 218 20.82 38.22 40.41
CA TYR CB 218 20.98 38.84 41.73
C TYR CB 218 20.42 37.92 42.84
N MET CB 219 19.22 37.42 42.61
CA MET CB 219 18.52 36.55 43.57
C MET CB 219 19.34 35.30 43.88
N GLN CB 220 19.89 34.70 42.83
CA GLN CB 220 20.81 33.56 42.94
C GLN CB 220 22.05 33.87 43.78
N ASP CB 221 22.67 35.00 43.47
CA ASP CB 221 23.95 35.39 44.10
C ASP CB 221 23.84 35.56 45.60
N TYR CB 222 22.83 36.31 46.04
CA TYR CB 222 22.67 36.66 47.45
C TYR CB 222 21.67 35.78 48.21
N GLU CB 223 21.25 34.66 47.60
CA GLU CB 223 20.41 33.66 48.26
C GLU CB 223 19.11 34.26 48.82
N PHE CB 224 18.51 35.17 48.05
CA PHE CB 224 17.38 35.98 48.52
C PHE CB 224 16.25 35.10 49.04
N PHE CB 225 15.91 34.06 48.27
CA PHE CB 225 14.98 33.03 48.70
C PHE CB 225 15.73 31.90 49.41
N GLY CB 226 16.76 31.37 48.74
CA GLY CB 226 17.59 30.32 49.31
C GLY CB 226 18.57 29.74 48.31
N ASP CB 227 18.88 28.44 48.47
CA ASP CB 227 19.83 27.73 47.60
C ASP CB 227 19.24 27.29 46.25
N LYS CB 228 17.93 27.44 46.06
CA LYS CB 228 17.27 27.09 44.79
C LYS CB 228 17.69 28.03 43.67
N ILE CB 229 17.84 27.48 42.47
CA ILE CB 229 18.36 28.20 41.30
C ILE CB 229 17.19 28.83 40.53
N LEU CB 230 17.34 30.10 40.17
CA LEU CB 230 16.34 30.85 39.42
C LEU CB 230 16.54 30.71 37.90
N ILE CB 231 17.80 30.69 37.46
CA ILE CB 231 18.15 30.49 36.05
C ILE CB 231 19.31 29.50 35.87
N ARG CB 232 19.06 28.42 35.13
CA ARG CB 232 20.11 27.51 34.73
C ARG CB 232 20.89 28.15 33.59
N ASP CB 233 22.21 28.23 33.74
CA ASP CB 233 23.08 28.81 32.71
C ASP CB 233 23.12 27.91 31.48
N SER CB 234 23.46 28.51 30.33
CA SER CB 234 23.58 27.76 29.08
C SER CB 234 24.70 26.72 29.17
N LYS CB 235 24.61 25.69 28.33
CA LYS CB 235 25.56 24.57 28.38
C LYS CB 235 26.98 24.99 28.06
N LYS CB 236 27.12 25.78 26.99
CA LYS CB 236 28.39 26.37 26.58
C LYS CB 236 28.99 27.25 27.68
N VAL CB 237 28.15 28.07 28.29
CA VAL CB 237 28.55 28.96 29.39
C VAL CB 237 29.05 28.15 30.59
N ALA CB 238 28.29 27.10 30.94
CA ALA CB 238 28.66 26.18 32.01
C ALA CB 238 30.00 25.50 31.77
N ASN CB 239 30.22 25.07 30.53
CA ASN CB 239 31.50 24.47 30.10
C ASN CB 239 32.68 25.44 30.23
N GLN CB 240 32.45 26.69 29.80
CA GLN CB 240 33.44 27.76 29.94
C GLN CB 240 33.81 28.00 31.40
N LYS CB 241 32.79 28.10 32.25
CA LYS CB 241 32.97 28.26 33.70
C LYS CB 241 33.81 27.14 34.31
N ARG CB 242 33.46 25.90 33.94
CA ARG CB 242 34.22 24.71 34.34
C ARG CB 242 35.69 24.79 33.95
N LYS CB 243 35.93 25.20 32.71
CA LYS CB 243 37.28 25.37 32.16
C LYS CB 243 38.08 26.42 32.93
N GLU CB 244 37.42 27.54 33.24
CA GLU CB 244 38.01 28.61 34.08
C GLU CB 244 38.37 28.12 35.47
N ILE CB 245 37.47 27.35 36.08
CA ILE CB 245 37.69 26.74 37.39
C ILE CB 245 38.92 25.83 37.37
N ARG CB 246 38.98 24.96 36.37
CA ARG CB 246 40.12 24.06 36.15
C ARG CB 246 41.44 24.80 36.03
N LYS CB 247 41.43 25.86 35.21
CA LYS CB 247 42.60 26.73 35.03
C LYS CB 247 43.05 27.35 36.36
N GLN CB 248 42.07 27.81 37.14
CA GLN CB 248 42.32 28.38 38.47
C GLN CB 248 42.97 27.36 39.39
N LYS CB 249 42.41 26.15 39.42
CA LYS CB 249 42.97 25.03 40.19
C LYS CB 249 44.41 24.70 39.82
N ARG CB 250 44.67 24.66 38.51
CA ARG CB 250 46.01 24.42 37.98
C ARG CB 250 47.01 25.49 38.42
N ALA CB 251 46.58 26.75 38.37
CA ALA CB 251 47.38 27.89 38.82
C ALA CB 251 47.74 27.77 40.31
N THR CB 252 46.76 27.39 41.12
CA THR CB 252 46.94 27.29 42.58
C THR CB 252 47.83 26.12 43.01
N PHE CB 253 47.37 24.89 42.72
CA PHE CB 253 47.94 23.62 43.22
C PHE CB 253 49.11 23.73 44.22
N THR DB 1 72.34 74.47 -16.92
CA THR DB 1 72.93 75.33 -15.85
C THR DB 1 73.16 74.54 -14.56
N CYS DB 2 73.89 75.16 -13.62
CA CYS DB 2 74.17 74.55 -12.32
C CYS DB 2 73.14 74.95 -11.29
N GLY DB 3 73.18 74.28 -10.14
CA GLY DB 3 72.42 74.68 -8.96
C GLY DB 3 71.42 73.64 -8.49
N LEU DB 4 70.82 73.93 -7.33
CA LEU DB 4 69.69 73.16 -6.82
C LEU DB 4 68.41 73.97 -7.06
N VAL DB 5 68.42 75.22 -6.61
CA VAL DB 5 67.38 76.20 -6.94
C VAL DB 5 67.77 76.84 -8.26
N ARG DB 6 66.81 76.90 -9.20
CA ARG DB 6 67.07 77.44 -10.53
C ARG DB 6 65.89 78.23 -11.07
N ILE DB 7 66.17 79.41 -11.61
CA ILE DB 7 65.14 80.25 -12.22
C ILE DB 7 65.06 79.88 -13.70
N ARG DB 8 63.89 79.40 -14.12
CA ARG DB 8 63.70 78.84 -15.45
C ARG DB 8 62.28 79.05 -15.98
N LEU DB 9 62.07 78.74 -17.26
CA LEU DB 9 60.75 78.85 -17.89
C LEU DB 9 60.03 77.51 -17.88
N ALA DB 10 58.86 77.48 -17.23
CA ALA DB 10 57.93 76.35 -17.32
C ALA DB 10 56.96 76.63 -18.45
N ARG DB 11 56.75 75.67 -19.35
CA ARG DB 11 55.88 75.87 -20.52
C ARG DB 11 54.41 75.75 -20.16
N PHE DB 12 53.60 76.62 -20.75
CA PHE DB 12 52.14 76.61 -20.59
C PHE DB 12 51.48 76.87 -21.94
N GLY DB 13 50.15 76.80 -21.95
CA GLY DB 13 49.37 77.03 -23.16
C GLY DB 13 49.25 75.79 -24.02
N ARG DB 14 48.95 76.01 -25.29
CA ARG DB 14 48.60 74.94 -26.23
C ARG DB 14 49.71 74.66 -27.24
N LYS DB 15 49.50 73.64 -28.06
CA LYS DB 15 50.39 73.32 -29.18
C LYS DB 15 50.46 74.46 -30.19
N ASN DB 16 51.64 74.63 -30.79
CA ASN DB 16 51.94 75.69 -31.75
C ASN DB 16 51.63 77.12 -31.26
N SER DB 17 51.64 77.31 -29.94
CA SER DB 17 51.23 78.58 -29.33
C SER DB 17 51.65 78.61 -27.85
N PRO DB 18 52.98 78.65 -27.61
CA PRO DB 18 53.49 78.58 -26.25
C PRO DB 18 53.40 79.92 -25.51
N VAL DB 19 53.11 79.83 -24.21
CA VAL DB 19 53.39 80.89 -23.25
C VAL DB 19 54.26 80.26 -22.18
N TYR DB 20 55.11 81.08 -21.55
CA TYR DB 20 56.03 80.59 -20.54
C TYR DB 20 55.76 81.19 -19.19
N ASN DB 21 56.09 80.40 -18.16
CA ASN DB 21 55.86 80.73 -16.78
C ASN DB 21 57.24 80.74 -16.12
N ILE DB 22 57.75 81.94 -15.86
CA ILE DB 22 59.05 82.11 -15.20
C ILE DB 22 58.88 81.68 -13.75
N VAL DB 23 59.65 80.67 -13.34
CA VAL DB 23 59.55 80.11 -12.00
C VAL DB 23 60.91 80.07 -11.33
N VAL DB 24 60.91 79.74 -10.05
CA VAL DB 24 62.09 79.19 -9.39
C VAL DB 24 61.68 77.80 -8.93
N ALA DB 25 62.52 76.82 -9.23
CA ALA DB 25 62.17 75.41 -9.07
C ALA DB 25 63.36 74.64 -8.54
N ASN DB 26 63.10 73.40 -8.15
CA ASN DB 26 64.18 72.45 -7.90
C ASN DB 26 64.69 71.94 -9.23
N SER DB 27 65.99 71.66 -9.30
CA SER DB 27 66.62 71.11 -10.49
C SER DB 27 66.05 69.73 -10.85
N ARG DB 28 65.79 68.92 -9.82
CA ARG DB 28 65.27 67.56 -9.99
C ARG DB 28 63.82 67.48 -10.45
N LYS DB 29 62.96 68.37 -9.95
CA LYS DB 29 61.54 68.35 -10.32
C LYS DB 29 61.32 68.68 -11.80
N ALA DB 30 60.20 68.21 -12.32
CA ALA DB 30 59.91 68.25 -13.77
C ALA DB 30 59.75 69.68 -14.30
N ARG DB 31 59.75 69.79 -15.63
CA ARG DB 31 59.74 71.08 -16.32
C ARG DB 31 58.44 71.86 -16.08
N ASP DB 32 57.29 71.19 -16.23
CA ASP DB 32 55.96 71.80 -16.03
C ASP DB 32 55.28 71.46 -14.69
N ALA DB 33 56.03 70.88 -13.75
CA ALA DB 33 55.50 70.60 -12.41
C ALA DB 33 55.38 71.88 -11.59
N LYS DB 34 54.70 71.79 -10.44
CA LYS DB 34 54.47 72.94 -9.59
C LYS DB 34 55.76 73.34 -8.87
N PRO DB 35 56.19 74.61 -8.99
CA PRO DB 35 57.52 75.03 -8.56
C PRO DB 35 57.54 75.59 -7.14
N ILE DB 36 58.65 76.22 -6.76
CA ILE DB 36 58.78 76.89 -5.47
C ILE DB 36 58.00 78.20 -5.50
N GLU DB 37 58.28 79.02 -6.52
CA GLU DB 37 57.65 80.32 -6.69
C GLU DB 37 57.62 80.74 -8.15
N VAL DB 38 56.41 81.03 -8.65
CA VAL DB 38 56.25 81.65 -9.96
C VAL DB 38 56.58 83.14 -9.81
N LEU DB 39 57.55 83.61 -10.60
CA LEU DB 39 57.94 85.03 -10.58
C LEU DB 39 57.24 85.86 -11.66
N GLY DB 40 56.97 85.23 -12.81
CA GLY DB 40 56.38 85.97 -13.92
C GLY DB 40 55.94 85.11 -15.09
N THR DB 41 55.46 85.78 -16.13
CA THR DB 41 55.09 85.14 -17.40
C THR DB 41 55.99 85.65 -18.51
N TYR DB 42 55.89 85.00 -19.67
CA TYR DB 42 56.63 85.41 -20.86
C TYR DB 42 56.01 84.78 -22.10
N VAL DB 43 55.41 85.61 -22.96
CA VAL DB 43 54.92 85.17 -24.26
C VAL DB 43 56.01 85.50 -25.31
N PRO DB 44 56.56 84.47 -25.98
CA PRO DB 44 57.65 84.68 -26.93
C PRO DB 44 57.20 85.27 -28.27
N VAL DB 45 55.92 85.08 -28.63
CA VAL DB 45 55.39 85.58 -29.89
C VAL DB 45 55.12 87.07 -29.71
N PRO DB 46 55.80 87.93 -30.49
CA PRO DB 46 55.72 89.37 -30.24
C PRO DB 46 54.40 89.97 -30.71
N SER DB 47 54.03 91.11 -30.11
CA SER DB 47 52.79 91.80 -30.43
C SER DB 47 52.81 92.30 -31.88
N PRO DB 48 51.84 91.85 -32.71
CA PRO DB 48 51.93 92.12 -34.15
C PRO DB 48 51.62 93.59 -34.51
N VAL DB 49 52.52 94.21 -35.26
CA VAL DB 49 52.37 95.63 -35.65
C VAL DB 49 51.53 95.78 -36.93
N THR DB 50 50.89 96.94 -37.05
CA THR DB 50 50.11 97.29 -38.24
C THR DB 50 51.06 97.67 -39.38
N LYS DB 51 50.56 97.57 -40.63
CA LYS DB 51 51.34 97.91 -41.82
C LYS DB 51 51.86 99.34 -41.78
N ARG DB 52 50.96 100.27 -41.46
CA ARG DB 52 51.32 101.69 -41.24
C ARG DB 52 52.40 101.85 -40.18
N GLU DB 53 52.20 101.15 -39.06
CA GLU DB 53 53.14 101.16 -37.93
C GLU DB 53 54.52 100.65 -38.35
N LEU DB 54 54.53 99.59 -39.15
CA LEU DB 54 55.75 99.00 -39.70
C LEU DB 54 56.49 100.00 -40.59
N LYS DB 55 55.74 100.64 -41.50
CA LYS DB 55 56.27 101.69 -42.38
C LYS DB 55 56.92 102.83 -41.61
N ARG DB 56 56.22 103.29 -40.57
CA ARG DB 56 56.72 104.34 -39.67
C ARG DB 56 58.05 103.96 -39.02
N GLY DB 57 58.14 102.73 -38.52
CA GLY DB 57 59.35 102.21 -37.89
C GLY DB 57 59.17 102.04 -36.39
N VAL DB 58 58.22 101.20 -36.02
CA VAL DB 58 57.94 100.86 -34.62
C VAL DB 58 58.12 99.35 -34.47
N VAL DB 59 58.95 98.94 -33.51
CA VAL DB 59 59.25 97.52 -33.29
C VAL DB 59 58.14 96.82 -32.48
N PRO DB 60 57.91 95.52 -32.75
CA PRO DB 60 57.08 94.68 -31.89
C PRO DB 60 57.60 94.57 -30.46
N ILE DB 61 56.73 94.21 -29.52
CA ILE DB 61 57.09 94.02 -28.11
C ILE DB 61 56.79 92.61 -27.64
N LYS DB 62 57.65 92.08 -26.78
CA LYS DB 62 57.44 90.81 -26.10
C LYS DB 62 57.11 91.12 -24.65
N ASP DB 63 55.90 90.77 -24.23
CA ASP DB 63 55.40 91.10 -22.89
C ASP DB 63 55.98 90.13 -21.86
N VAL DB 64 56.50 90.67 -20.75
CA VAL DB 64 57.16 89.88 -19.70
C VAL DB 64 56.82 90.44 -18.32
N LYS DB 65 55.57 90.22 -17.88
CA LYS DB 65 55.16 90.60 -16.51
C LYS DB 65 55.90 89.74 -15.48
N LEU DB 66 56.47 90.39 -14.47
CA LEU DB 66 57.57 89.83 -13.68
C LEU DB 66 57.67 90.53 -12.32
N ASP DB 67 57.70 89.76 -11.23
CA ASP DB 67 57.96 90.31 -9.89
C ASP DB 67 59.46 90.60 -9.76
N PHE DB 68 59.83 91.88 -9.85
CA PHE DB 68 61.24 92.27 -9.91
C PHE DB 68 61.97 92.02 -8.60
N ASP DB 69 61.38 92.49 -7.50
CA ASP DB 69 61.97 92.38 -6.16
C ASP DB 69 62.20 90.93 -5.74
N ARG DB 70 61.20 90.09 -5.99
CA ARG DB 70 61.28 88.64 -5.71
C ARG DB 70 62.40 87.97 -6.50
N THR DB 71 62.45 88.27 -7.79
CA THR DB 71 63.49 87.76 -8.68
C THR DB 71 64.87 88.13 -8.19
N LYS DB 72 65.05 89.41 -7.84
CA LYS DB 72 66.30 89.91 -7.26
C LYS DB 72 66.70 89.14 -6.01
N TYR DB 73 65.74 88.99 -5.10
CA TYR DB 73 65.94 88.20 -3.88
C TYR DB 73 66.45 86.79 -4.19
N TRP DB 74 65.77 86.13 -5.13
CA TRP DB 74 66.13 84.77 -5.55
C TRP DB 74 67.52 84.67 -6.16
N ILE DB 75 67.88 85.68 -6.95
CA ILE DB 75 69.23 85.82 -7.49
C ILE DB 75 70.26 85.95 -6.36
N GLY DB 76 69.94 86.80 -5.39
CA GLY DB 76 70.81 87.03 -4.22
C GLY DB 76 71.09 85.78 -3.40
N VAL DB 77 70.06 85.00 -3.11
CA VAL DB 77 70.23 83.74 -2.37
C VAL DB 77 70.92 82.64 -3.20
N GLY DB 78 71.08 82.86 -4.51
CA GLY DB 78 71.95 82.05 -5.35
C GLY DB 78 71.21 81.01 -6.17
N ALA DB 79 70.10 81.43 -6.79
CA ALA DB 79 69.31 80.57 -7.65
C ALA DB 79 69.70 80.89 -9.09
N GLN DB 80 70.46 79.99 -9.72
CA GLN DB 80 71.01 80.25 -11.05
C GLN DB 80 69.94 80.25 -12.14
N PRO DB 81 69.90 81.32 -12.95
CA PRO DB 81 68.94 81.40 -14.03
C PRO DB 81 69.34 80.55 -15.23
N SER DB 82 68.36 80.09 -16.00
CA SER DB 82 68.61 79.36 -17.26
C SER DB 82 69.13 80.32 -18.33
N GLU DB 83 69.58 79.75 -19.45
CA GLU DB 83 70.20 80.51 -20.55
C GLU DB 83 69.28 81.58 -21.15
N THR DB 84 67.99 81.26 -21.21
CA THR DB 84 66.96 82.16 -21.74
C THR DB 84 66.50 83.16 -20.68
N VAL DB 85 66.23 82.64 -19.48
CA VAL DB 85 65.83 83.46 -18.33
C VAL DB 85 66.86 84.53 -18.01
N THR DB 86 68.14 84.14 -17.94
CA THR DB 86 69.23 85.07 -17.63
C THR DB 86 69.34 86.18 -18.67
N LYS DB 87 69.12 85.83 -19.94
CA LYS DB 87 69.09 86.79 -21.04
C LYS DB 87 67.96 87.79 -20.86
N LEU DB 88 66.78 87.26 -20.54
CA LEU DB 88 65.58 88.07 -20.26
C LEU DB 88 65.83 89.08 -19.14
N LEU DB 89 66.42 88.58 -18.05
CA LEU DB 89 66.78 89.39 -16.88
C LEU DB 89 67.77 90.51 -17.23
N ARG DB 90 68.76 90.15 -18.04
CA ARG DB 90 69.76 91.11 -18.55
C ARG DB 90 69.09 92.22 -19.36
N LYS DB 91 68.17 91.81 -20.24
CA LYS DB 91 67.40 92.72 -21.09
C LYS DB 91 66.57 93.70 -20.26
N ALA DB 92 65.92 93.16 -19.23
CA ALA DB 92 65.16 93.97 -18.26
C ALA DB 92 66.04 95.00 -17.56
N GLY DB 93 67.21 94.56 -17.12
CA GLY DB 93 68.14 95.40 -16.38
C GLY DB 93 68.38 95.00 -14.92
N ILE DB 94 67.97 93.79 -14.53
CA ILE DB 94 68.30 93.26 -13.21
C ILE DB 94 69.77 92.85 -13.22
N LEU DB 95 70.10 91.90 -14.09
CA LEU DB 95 71.47 91.37 -14.17
C LEU DB 95 72.38 92.23 -15.06
N ASN DB 96 73.67 92.18 -14.76
CA ASN DB 96 74.68 92.99 -15.45
C ASN DB 96 75.19 92.30 -16.73
N ASP DB 97 76.17 92.94 -17.38
CA ASP DB 97 76.96 92.32 -18.45
C ASP DB 97 77.74 91.07 -17.98
N ALA DB 98 78.08 91.03 -16.68
CA ALA DB 98 78.76 89.88 -16.06
C ALA DB 98 78.20 88.49 -16.43
N TRP DB 99 76.88 88.38 -16.52
CA TRP DB 99 76.22 87.10 -16.87
C TRP DB 99 76.28 86.75 -18.36
N ALA DB 100 76.53 87.74 -19.21
CA ALA DB 100 76.58 87.53 -20.66
C ALA DB 100 77.74 86.61 -21.07
N THR DB 101 77.39 85.47 -21.66
CA THR DB 101 78.38 84.50 -22.16
C THR DB 101 79.09 84.99 -23.43
N SER DB 102 80.08 84.23 -23.88
CA SER DB 102 80.91 84.58 -25.04
C SER DB 102 80.13 84.60 -26.36
N LYS DB 103 79.17 83.70 -26.50
CA LYS DB 103 78.30 83.62 -27.69
C LYS DB 103 77.42 84.86 -27.87
N ASN DB 104 76.93 85.41 -26.76
CA ASN DB 104 76.03 86.58 -26.80
C ASN DB 104 76.81 87.86 -27.10
N SER DB 105 77.77 88.18 -26.22
CA SER DB 105 78.61 89.38 -26.33
C SER DB 105 77.81 90.68 -26.38
N ARG DB 109 77.85 96.30 -32.85
CA ARG DB 109 76.41 96.32 -32.60
C ARG DB 109 75.99 97.56 -31.83
N LYS DB 110 75.61 98.61 -32.56
CA LYS DB 110 75.22 99.90 -31.98
C LYS DB 110 73.80 99.84 -31.42
N VAL DB 111 73.60 100.40 -30.23
CA VAL DB 111 72.28 100.47 -29.60
C VAL DB 111 71.45 101.60 -30.22
N VAL DB 112 70.19 101.31 -30.51
CA VAL DB 112 69.25 102.28 -31.08
C VAL DB 112 68.47 102.96 -29.95
N PHE DB 113 67.80 102.15 -29.13
CA PHE DB 113 66.96 102.61 -28.04
C PHE DB 113 67.52 102.12 -26.71
N GLU DB 114 67.63 103.03 -25.74
CA GLU DB 114 68.16 102.73 -24.40
C GLU DB 114 67.02 102.39 -23.45
N ARG DB 115 67.33 101.62 -22.40
CA ARG DB 115 66.34 101.23 -21.39
C ARG DB 115 65.89 102.41 -20.55
N MET DB 116 64.67 102.33 -20.03
CA MET DB 116 64.18 103.27 -19.02
C MET DB 116 62.97 102.72 -18.25
N GLU DB 117 62.90 103.05 -16.96
CA GLU DB 117 61.71 102.79 -16.16
C GLU DB 117 60.64 103.84 -16.46
N THR DB 118 59.40 103.38 -16.60
CA THR DB 118 58.25 104.26 -16.85
C THR DB 118 57.09 103.83 -15.94
N LEU DB 119 55.99 104.58 -16.00
CA LEU DB 119 54.79 104.28 -15.21
C LEU DB 119 53.54 104.33 -16.08
N ALA EB 2 50.57 78.10 22.46
CA ALA EB 2 51.49 77.35 21.55
C ALA EB 2 51.19 75.84 21.57
N ARG EB 3 51.34 75.24 22.74
CA ARG EB 3 50.97 73.83 22.95
C ARG EB 3 49.47 73.63 22.81
N GLN EB 4 49.08 72.44 22.35
CA GLN EB 4 47.68 72.08 22.23
C GLN EB 4 47.11 71.73 23.62
N ASN EB 5 46.14 72.51 24.08
CA ASN EB 5 45.50 72.32 25.38
C ASN EB 5 44.02 71.94 25.25
N PHE EB 6 43.54 71.17 26.22
CA PHE EB 6 42.13 70.76 26.30
C PHE EB 6 41.66 70.75 27.74
N LEU EB 7 40.47 71.29 27.99
CA LEU EB 7 39.83 71.15 29.31
C LEU EB 7 39.15 69.78 29.36
N GLY EB 8 39.62 68.95 30.29
CA GLY EB 8 39.12 67.57 30.41
C GLY EB 8 38.30 67.35 31.67
N LEU EB 9 38.00 66.08 31.93
CA LEU EB 9 37.40 65.65 33.18
C LEU EB 9 37.88 64.23 33.47
N VAL EB 10 38.74 64.09 34.49
CA VAL EB 10 39.39 62.79 34.78
C VAL EB 10 38.38 61.68 35.12
N VAL EB 11 38.25 60.73 34.19
CA VAL EB 11 37.25 59.66 34.26
C VAL EB 11 37.72 58.55 35.19
N SER EB 12 38.86 57.95 34.85
CA SER EB 12 39.45 56.85 35.64
C SER EB 12 40.79 57.28 36.20
N GLN EB 13 41.17 56.69 37.34
CA GLN EB 13 42.44 56.98 38.00
C GLN EB 13 42.83 55.83 38.92
N GLY EB 14 44.13 55.61 39.07
CA GLY EB 14 44.67 54.58 39.95
C GLY EB 14 44.63 53.16 39.40
N LYS EB 15 44.41 53.03 38.09
CA LYS EB 15 44.47 51.73 37.41
C LYS EB 15 45.85 51.58 36.78
N MET EB 16 46.24 52.58 35.99
CA MET EB 16 47.59 52.68 35.45
C MET EB 16 48.50 53.46 36.39
N GLN EB 17 49.79 53.11 36.38
CA GLN EB 17 50.80 53.83 37.16
C GLN EB 17 51.21 55.09 36.42
N LYS EB 18 51.02 56.25 37.06
CA LYS EB 18 51.44 57.55 36.51
C LYS EB 18 50.67 57.97 35.24
N THR EB 19 49.49 57.40 35.04
CA THR EB 19 48.65 57.66 33.87
C THR EB 19 47.21 57.78 34.32
N VAL EB 20 46.42 58.59 33.60
CA VAL EB 20 45.06 58.90 34.00
C VAL EB 20 44.21 59.13 32.76
N LYS EB 21 43.02 58.52 32.71
CA LYS EB 21 42.13 58.64 31.55
C LYS EB 21 41.26 59.88 31.71
N VAL EB 22 41.54 60.91 30.91
CA VAL EB 22 40.75 62.13 30.91
C VAL EB 22 39.81 62.13 29.71
N ARG EB 23 38.59 62.62 29.91
CA ARG EB 23 37.61 62.79 28.85
C ARG EB 23 37.53 64.26 28.48
N VAL EB 24 37.80 64.57 27.22
CA VAL EB 24 37.55 65.93 26.68
C VAL EB 24 36.20 65.94 25.97
N GLU EB 25 35.78 67.12 25.56
CA GLU EB 25 34.48 67.30 24.91
C GLU EB 25 34.51 68.58 24.07
N THR EB 26 34.44 68.42 22.74
CA THR EB 26 34.66 69.52 21.80
C THR EB 26 33.46 69.68 20.86
N LYS EB 27 33.01 70.92 20.67
CA LYS EB 27 31.87 71.22 19.79
C LYS EB 27 32.23 71.08 18.32
N VAL EB 28 31.36 70.42 17.57
CA VAL EB 28 31.54 70.19 16.13
C VAL EB 28 30.19 70.34 15.44
N PHE EB 29 30.17 71.11 14.35
CA PHE EB 29 28.95 71.30 13.57
C PHE EB 29 28.75 70.15 12.59
N ASN EB 30 27.72 69.35 12.84
CA ASN EB 30 27.34 68.23 11.98
C ASN EB 30 26.35 68.74 10.93
N LYS EB 31 26.76 68.66 9.66
CA LYS EB 31 26.01 69.24 8.54
C LYS EB 31 24.72 68.47 8.20
N LYS EB 32 24.79 67.15 8.26
CA LYS EB 32 23.65 66.27 7.96
C LYS EB 32 22.48 66.52 8.91
N ILE EB 33 22.73 66.34 10.20
CA ILE EB 33 21.74 66.58 11.26
C ILE EB 33 21.40 68.07 11.40
N ASN EB 34 22.36 68.94 11.11
CA ASN EB 34 22.26 70.39 11.28
C ASN EB 34 22.12 70.82 12.75
N LYS EB 35 23.14 70.50 13.54
CA LYS EB 35 23.31 71.06 14.88
C LYS EB 35 24.74 70.90 15.39
N GLU EB 36 25.21 71.89 16.13
CA GLU EB 36 26.53 71.86 16.75
C GLU EB 36 26.46 70.99 18.00
N LEU EB 37 27.23 69.91 18.03
CA LEU EB 37 27.23 68.97 19.16
C LEU EB 37 28.62 68.53 19.59
N PHE EB 38 28.70 68.05 20.83
CA PHE EB 38 29.95 67.78 21.50
C PHE EB 38 30.54 66.41 21.13
N HIS EB 39 31.45 66.39 20.17
CA HIS EB 39 32.25 65.19 19.88
C HIS EB 39 33.24 64.98 21.02
N ARG EB 40 32.99 63.96 21.84
CA ARG EB 40 33.86 63.65 22.97
C ARG EB 40 34.91 62.60 22.62
N ARG EB 41 35.89 62.48 23.52
CA ARG EB 41 37.00 61.54 23.34
C ARG EB 41 37.75 61.38 24.66
N ASP EB 42 38.13 60.15 24.99
CA ASP EB 42 38.98 59.89 26.15
C ASP EB 42 40.45 59.85 25.73
N TYR EB 43 41.29 60.55 26.50
CA TYR EB 43 42.74 60.60 26.30
C TYR EB 43 43.40 59.90 27.48
N LEU EB 44 44.45 59.13 27.22
CA LEU EB 44 45.34 58.67 28.29
C LEU EB 44 46.35 59.79 28.52
N VAL EB 45 46.33 60.34 29.73
CA VAL EB 45 47.10 61.56 30.04
C VAL EB 45 48.05 61.30 31.20
N HIS EB 46 49.22 61.93 31.12
CA HIS EB 46 50.27 61.75 32.12
C HIS EB 46 50.00 62.54 33.39
N ASP EB 47 50.53 62.03 34.49
CA ASP EB 47 50.29 62.59 35.81
C ASP EB 47 51.46 62.22 36.75
N GLU EB 48 52.57 62.95 36.63
CA GLU EB 48 53.77 62.70 37.45
C GLU EB 48 53.55 63.04 38.92
N GLY EB 49 52.77 64.07 39.19
CA GLY EB 49 52.38 64.42 40.56
C GLY EB 49 51.54 63.38 41.26
N GLU EB 50 50.80 62.57 40.47
CA GLU EB 50 49.80 61.62 40.98
C GLU EB 50 48.69 62.40 41.69
N ILE EB 51 48.38 63.57 41.14
CA ILE EB 51 47.58 64.60 41.81
C ILE EB 51 46.08 64.50 41.51
N SER EB 52 45.72 64.08 40.30
CA SER EB 52 44.31 63.91 39.92
C SER EB 52 43.69 62.68 40.57
N ARG EB 53 42.36 62.71 40.68
CA ARG EB 53 41.56 61.56 41.14
C ARG EB 53 40.16 61.67 40.54
N GLU EB 54 39.54 60.51 40.27
CA GLU EB 54 38.34 60.45 39.41
C GLU EB 54 37.18 61.36 39.85
N GLY EB 55 37.07 62.51 39.18
CA GLY EB 55 36.13 63.57 39.53
C GLY EB 55 36.56 64.96 39.08
N ASP EB 56 37.86 65.23 39.14
CA ASP EB 56 38.40 66.57 38.87
C ASP EB 56 38.29 66.96 37.40
N LEU EB 57 38.19 68.27 37.16
CA LEU EB 57 38.43 68.84 35.84
C LEU EB 57 39.89 69.28 35.79
N VAL EB 58 40.47 69.22 34.60
CA VAL EB 58 41.89 69.51 34.41
C VAL EB 58 42.12 70.19 33.07
N ARG EB 59 43.23 70.91 32.98
CA ARG EB 59 43.75 71.40 31.72
C ARG EB 59 44.92 70.50 31.34
N ILE EB 60 44.72 69.63 30.35
CA ILE EB 60 45.77 68.77 29.84
C ILE EB 60 46.47 69.53 28.70
N GLU EB 61 47.78 69.34 28.57
CA GLU EB 61 48.57 69.98 27.51
C GLU EB 61 49.34 68.97 26.69
N ALA EB 62 49.68 69.34 25.46
CA ALA EB 62 50.42 68.46 24.55
C ALA EB 62 51.88 68.36 24.96
N THR EB 63 52.39 67.13 24.95
CA THR EB 63 53.78 66.84 25.30
C THR EB 63 54.42 66.07 24.15
N ARG EB 64 55.65 65.59 24.37
CA ARG EB 64 56.23 64.58 23.49
C ARG EB 64 55.45 63.26 23.64
N PRO EB 65 55.60 62.34 22.67
CA PRO EB 65 55.05 60.99 22.85
C PRO EB 65 55.70 60.26 24.03
N LEU EB 66 54.96 60.17 25.14
CA LEU EB 66 55.45 59.50 26.34
C LEU EB 66 55.34 57.99 26.22
N SER EB 67 54.35 57.51 25.48
CA SER EB 67 54.18 56.09 25.22
C SER EB 67 53.44 55.83 23.89
N LYS EB 68 53.18 54.55 23.63
CA LYS EB 68 52.38 54.08 22.49
C LYS EB 68 51.21 54.99 22.12
N ARG EB 69 50.35 55.27 23.10
CA ARG EB 69 49.14 56.06 22.88
C ARG EB 69 48.89 57.04 24.03
N LYS EB 70 49.86 57.92 24.24
CA LYS EB 70 49.89 58.81 25.40
C LYS EB 70 50.78 60.02 25.13
N PHE EB 71 50.15 61.11 24.70
CA PHE EB 71 50.86 62.29 24.18
C PHE EB 71 50.50 63.59 24.90
N PHE EB 72 49.88 63.47 26.08
CA PHE EB 72 49.42 64.62 26.85
C PHE EB 72 49.76 64.46 28.33
N ALA EB 73 49.86 65.58 29.03
CA ALA EB 73 50.12 65.60 30.47
C ALA EB 73 49.20 66.61 31.14
N ILE EB 74 48.87 66.35 32.41
CA ILE EB 74 48.02 67.26 33.19
C ILE EB 74 48.81 68.50 33.54
N ALA EB 75 48.38 69.64 33.01
CA ALA EB 75 49.01 70.92 33.25
C ALA EB 75 48.50 71.60 34.52
N GLU EB 76 47.22 71.39 34.84
CA GLU EB 76 46.57 72.05 35.97
C GLU EB 76 45.31 71.31 36.42
N ILE EB 77 45.14 71.15 37.72
CA ILE EB 77 43.85 70.79 38.31
C ILE EB 77 43.07 72.10 38.36
N ILE EB 78 41.90 72.12 37.72
CA ILE EB 78 41.10 73.34 37.65
C ILE EB 78 39.95 73.39 38.67
N ARG EB 79 39.37 72.23 38.99
CA ARG EB 79 38.32 72.13 40.00
C ARG EB 79 38.38 70.76 40.68
N ASN EB 80 38.64 70.78 42.00
CA ASN EB 80 38.97 69.58 42.75
C ASN EB 80 37.76 68.95 43.46
N LYS EB 81 37.08 68.05 42.77
CA LYS EB 81 35.93 67.29 43.31
C LYS EB 81 36.26 65.83 43.65
N GLY EB 82 37.12 65.20 42.86
CA GLY EB 82 37.46 63.79 43.03
C GLY EB 82 38.29 63.45 44.26
N GLN EB 83 39.24 64.31 44.60
CA GLN EB 83 40.09 64.12 45.78
C GLN EB 83 39.34 64.23 47.12
N GLN EB 84 38.26 65.01 47.12
CA GLN EB 84 37.39 65.16 48.30
C GLN EB 84 36.73 63.86 48.72
N PHE EB 85 36.34 63.05 47.73
CA PHE EB 85 35.62 61.79 47.94
C PHE EB 85 36.40 60.74 48.74
N ALA EB 86 37.73 60.74 48.58
CA ALA EB 86 38.61 59.76 49.23
C ALA EB 86 38.69 59.91 50.75
N LEU EB 87 38.75 61.16 51.21
CA LEU EB 87 38.77 61.46 52.65
C LEU EB 87 37.42 61.18 53.29
N TYR EB 88 36.37 61.69 52.65
CA TYR EB 88 35.02 61.73 53.21
C TYR EB 88 34.49 60.37 53.66
N GLU EB 89 34.64 59.37 52.79
CA GLU EB 89 34.18 58.01 53.08
C GLU EB 89 34.84 57.41 54.33
N SER EB 90 36.14 57.64 54.47
CA SER EB 90 36.89 57.18 55.65
C SER EB 90 36.46 57.93 56.90
N GLU EB 91 36.30 59.25 56.75
CA GLU EB 91 35.82 60.13 57.84
C GLU EB 91 34.42 59.73 58.29
N ALA EB 92 33.55 59.44 57.32
CA ALA EB 92 32.20 58.96 57.58
C ALA EB 92 32.22 57.65 58.38
N GLN EB 93 33.02 56.69 57.92
CA GLN EB 93 33.22 55.40 58.59
C GLN EB 93 33.62 55.57 60.06
N LEU EB 94 34.61 56.45 60.28
CA LEU EB 94 35.08 56.80 61.63
C LEU EB 94 33.96 57.36 62.51
N SER EB 95 33.20 58.29 61.93
CA SER EB 95 32.08 58.93 62.63
C SER EB 95 30.97 57.95 63.02
N VAL EB 96 30.64 57.05 62.09
CA VAL EB 96 29.42 56.26 62.18
C VAL EB 96 29.49 55.17 63.25
N ALA EB 97 30.54 54.35 63.19
CA ALA EB 97 30.63 53.12 63.98
C ALA EB 97 30.56 53.35 65.48
N LYS EB 98 31.31 54.34 65.97
CA LYS EB 98 31.29 54.72 67.38
C LYS EB 98 29.94 55.28 67.83
N GLU EB 99 29.28 56.03 66.94
CA GLU EB 99 27.95 56.60 67.19
C GLU EB 99 26.90 55.48 67.31
N GLU EB 100 26.98 54.53 66.38
CA GLU EB 100 26.13 53.33 66.39
C GLU EB 100 26.29 52.51 67.67
N ALA EB 101 27.54 52.31 68.07
CA ALA EB 101 27.89 51.60 69.31
C ALA EB 101 27.29 52.27 70.54
N GLN EB 102 27.43 53.59 70.61
CA GLN EB 102 26.85 54.43 71.67
C GLN EB 102 25.32 54.27 71.72
N LYS EB 103 24.70 54.30 70.56
CA LYS EB 103 23.25 54.14 70.41
C LYS EB 103 22.78 52.77 70.92
N ALA EB 104 23.54 51.73 70.54
CA ALA EB 104 23.29 50.37 71.00
C ALA EB 104 23.37 50.26 72.53
N LYS EB 105 24.43 50.83 73.10
CA LYS EB 105 24.62 50.91 74.56
C LYS EB 105 23.43 51.57 75.26
N GLU EB 106 22.98 52.69 74.69
CA GLU EB 106 21.83 53.45 75.20
C GLU EB 106 20.55 52.61 75.19
N PHE EB 107 20.35 51.88 74.09
CA PHE EB 107 19.23 50.96 73.93
C PHE EB 107 19.24 49.86 74.99
N LEU EB 108 20.41 49.27 75.21
CA LEU EB 108 20.60 48.26 76.25
C LEU EB 108 20.25 48.77 77.64
N ASP EB 109 20.78 49.95 77.94
CA ASP EB 109 20.51 50.63 79.21
C ASP EB 109 19.00 50.80 79.42
N LYS EB 110 18.33 51.29 78.38
CA LYS EB 110 16.87 51.46 78.38
C LYS EB 110 16.13 50.14 78.63
N ARG EB 111 16.60 49.09 77.98
CA ARG EB 111 16.06 47.73 78.14
C ARG EB 111 16.22 47.24 79.57
N SER EB 112 17.42 47.43 80.12
CA SER EB 112 17.71 47.09 81.52
C SER EB 112 16.82 47.82 82.52
N VAL EB 113 16.61 49.11 82.25
CA VAL EB 113 15.71 49.96 83.05
C VAL EB 113 14.28 49.42 83.03
N ARG EB 114 13.83 49.06 81.83
CA ARG EB 114 12.49 48.48 81.61
C ARG EB 114 12.32 47.18 82.39
N GLU EB 115 13.34 46.32 82.32
CA GLU EB 115 13.37 45.05 83.07
C GLU EB 115 13.28 45.26 84.59
N ASN EB 116 14.05 46.23 85.08
CA ASN EB 116 14.02 46.62 86.49
C ASN EB 116 12.61 47.03 86.92
N LYS EB 117 11.98 47.88 86.11
CA LYS EB 117 10.55 48.19 86.18
C LYS EB 117 10.18 48.98 87.45
N LEU EB 124 2.02 51.62 89.17
CA LEU EB 124 1.97 53.08 89.30
C LEU EB 124 0.66 53.55 89.96
N LEU EB 125 -0.46 53.02 89.46
CA LEU EB 125 -1.79 53.35 89.97
C LEU EB 125 -1.92 53.00 91.45
N ARG EB 126 -1.45 51.80 91.80
CA ARG EB 126 -1.38 51.33 93.19
C ARG EB 126 -0.56 52.28 94.07
N ASP EB 127 0.60 52.68 93.57
CA ASP EB 127 1.49 53.61 94.29
C ASP EB 127 0.80 54.95 94.55
N ILE EB 128 0.13 55.47 93.53
CA ILE EB 128 -0.70 56.69 93.64
C ILE EB 128 -1.78 56.57 94.70
N ARG EB 129 -2.48 55.43 94.69
CA ARG EB 129 -3.50 55.11 95.70
C ARG EB 129 -2.94 55.12 97.11
N THR EB 130 -1.77 54.50 97.28
CA THR EB 130 -1.09 54.42 98.59
C THR EB 130 -0.68 55.81 99.09
N ILE EB 131 -0.18 56.64 98.18
CA ILE EB 131 0.18 58.04 98.46
C ILE EB 131 -1.04 58.82 98.93
N GLN EB 132 -2.13 58.69 98.19
CA GLN EB 132 -3.44 59.30 98.53
C GLN EB 132 -3.89 58.92 99.95
N ASP EB 133 -3.82 57.62 100.24
CA ASP EB 133 -4.19 57.07 101.55
C ASP EB 133 -3.34 57.68 102.67
N ALA EB 134 -2.03 57.79 102.41
CA ALA EB 134 -1.09 58.40 103.34
C ALA EB 134 -1.44 59.85 103.64
N LEU EB 135 -1.73 60.62 102.59
CA LEU EB 135 -2.17 62.00 102.72
C LEU EB 135 -3.66 62.03 103.07
N THR EB 140 1.38 56.53 106.07
CA THR EB 140 1.68 56.02 107.41
C THR EB 140 2.78 54.95 107.42
N PRO EB 141 2.76 53.99 106.46
CA PRO EB 141 3.84 52.98 106.42
C PRO EB 141 5.16 53.52 105.85
N LYS EB 142 6.16 52.66 105.80
CA LYS EB 142 7.50 53.00 105.29
C LYS EB 142 7.68 52.81 103.78
N GLU EB 143 6.62 52.37 103.08
CA GLU EB 143 6.63 52.23 101.62
C GLU EB 143 6.61 53.56 100.86
N LEU EB 144 6.23 54.65 101.55
CA LEU EB 144 6.27 56.01 101.00
C LEU EB 144 7.65 56.40 100.48
N LEU EB 145 8.68 56.07 101.27
CA LEU EB 145 10.07 56.30 100.90
C LEU EB 145 10.46 55.53 99.63
N GLU EB 146 10.06 54.26 99.59
CA GLU EB 146 10.29 53.39 98.42
C GLU EB 146 9.63 53.94 97.15
N ILE EB 147 8.40 54.43 97.31
CA ILE EB 147 7.64 55.06 96.22
C ILE EB 147 8.38 56.30 95.69
N LYS EB 148 8.83 57.13 96.63
CA LYS EB 148 9.59 58.35 96.31
C LYS EB 148 10.87 58.03 95.52
N GLN EB 149 11.59 57.01 95.98
CA GLN EB 149 12.79 56.52 95.29
C GLN EB 149 12.52 56.08 93.86
N ARG EB 150 11.41 55.38 93.64
CA ARG EB 150 10.97 54.98 92.30
C ARG EB 150 10.59 56.19 91.45
N GLU EB 159 0.79 68.69 94.72
CA GLU EB 159 2.13 69.04 95.18
C GLU EB 159 3.16 67.98 94.75
N THR EB 160 2.95 66.74 95.19
CA THR EB 160 3.78 65.60 94.84
C THR EB 160 3.15 64.78 93.72
N VAL EB 161 1.83 64.54 93.86
CA VAL EB 161 1.03 63.80 92.87
C VAL EB 161 1.08 64.48 91.51
N ARG EB 162 0.88 65.80 91.51
CA ARG EB 162 0.96 66.62 90.30
C ARG EB 162 2.32 66.49 89.60
N GLN EB 163 3.38 66.56 90.40
CA GLN EB 163 4.76 66.41 89.92
C GLN EB 163 4.99 65.05 89.26
N LEU EB 164 4.50 64.00 89.92
CA LEU EB 164 4.55 62.63 89.38
C LEU EB 164 3.85 62.50 88.03
N LEU EB 165 2.65 63.07 87.94
CA LEU EB 165 1.80 62.97 86.76
C LEU EB 165 1.80 64.26 85.90
N GLN EB 166 2.94 64.95 85.85
CA GLN EB 166 3.08 66.16 85.04
C GLN EB 166 3.35 65.75 83.59
N LEU EB 167 2.33 65.90 82.74
CA LEU EB 167 2.41 65.43 81.35
C LEU EB 167 3.17 66.39 80.44
N ASP EB 168 3.63 65.85 79.31
CA ASP EB 168 4.35 66.60 78.28
C ASP EB 168 3.42 67.43 77.41
N ILE EB 169 2.24 66.88 77.14
CA ILE EB 169 1.25 67.47 76.23
C ILE EB 169 0.80 68.85 76.73
N SER EB 170 0.48 68.91 78.03
CA SER EB 170 0.07 70.14 78.70
C SER EB 170 1.15 71.22 78.64
N GLY EB 171 2.41 70.80 78.86
CA GLY EB 171 3.56 71.70 78.76
C GLY EB 171 3.78 72.22 77.34
N LEU EB 172 3.56 71.35 76.36
CA LEU EB 172 3.65 71.70 74.93
C LEU EB 172 2.59 72.73 74.54
N GLU EB 173 1.36 72.51 75.03
CA GLU EB 173 0.21 73.38 74.76
C GLU EB 173 0.49 74.85 75.11
N VAL EB 174 1.02 75.05 76.30
CA VAL EB 174 1.37 76.38 76.82
C VAL EB 174 2.40 77.06 75.91
N ASN EB 175 3.41 76.29 75.52
CA ASN EB 175 4.46 76.76 74.62
C ASN EB 175 3.90 77.18 73.26
N LEU EB 176 3.01 76.34 72.72
CA LEU EB 176 2.28 76.64 71.46
C LEU EB 176 1.49 77.94 71.54
N GLU EB 177 0.74 78.09 72.63
CA GLU EB 177 -0.04 79.32 72.91
C GLU EB 177 0.84 80.56 72.94
N LYS EB 178 1.98 80.44 73.62
CA LYS EB 178 2.98 81.50 73.71
C LYS EB 178 3.54 81.88 72.34
N GLN EB 179 3.88 80.86 71.54
CA GLN EB 179 4.34 81.06 70.15
C GLN EB 179 3.30 81.79 69.31
N ARG EB 180 2.05 81.37 69.44
CA ARG EB 180 0.92 81.99 68.73
C ARG EB 180 0.76 83.46 69.10
N SER EB 181 0.85 83.75 70.39
CA SER EB 181 0.77 85.11 70.92
C SER EB 181 1.89 86.00 70.38
N LEU EB 182 3.10 85.44 70.34
CA LEU EB 182 4.28 86.11 69.78
C LEU EB 182 4.07 86.47 68.31
N ILE EB 183 3.57 85.49 67.55
CA ILE EB 183 3.26 85.67 66.12
C ILE EB 183 2.25 86.80 65.93
N ASP EB 184 1.19 86.79 66.74
CA ASP EB 184 0.15 87.82 66.71
C ASP EB 184 0.70 89.21 66.98
N ARG EB 185 1.50 89.33 68.03
CA ARG EB 185 2.03 90.62 68.49
C ARG EB 185 2.85 91.36 67.45
N ILE EB 186 3.73 90.62 66.78
CA ILE EB 186 4.60 91.15 65.72
C ILE EB 186 3.75 91.71 64.56
N GLN EB 187 2.76 90.93 64.15
CA GLN EB 187 1.84 91.29 63.07
C GLN EB 187 1.00 92.53 63.37
N THR EB 188 0.37 92.52 64.54
CA THR EB 188 -0.52 93.61 64.98
C THR EB 188 0.21 94.95 65.10
N ARG EB 189 1.40 94.90 65.68
CA ARG EB 189 2.29 96.06 65.78
C ARG EB 189 2.63 96.60 64.40
N LEU EB 190 3.06 95.69 63.52
CA LEU EB 190 3.40 96.04 62.13
C LEU EB 190 2.24 96.72 61.38
N SER EB 191 1.05 96.15 61.54
CA SER EB 191 -0.17 96.69 60.93
C SER EB 191 -0.46 98.11 61.44
N GLU EB 192 -0.28 98.32 62.74
CA GLU EB 192 -0.42 99.63 63.37
C GLU EB 192 0.57 100.64 62.81
N LEU EB 193 1.83 100.20 62.69
CA LEU EB 193 2.90 101.01 62.08
C LEU EB 193 2.57 101.43 60.65
N LEU EB 194 2.10 100.47 59.86
CA LEU EB 194 1.67 100.73 58.48
C LEU EB 194 0.55 101.76 58.40
N SER EB 195 -0.41 101.63 59.31
CA SER EB 195 -1.56 102.55 59.39
C SER EB 195 -1.16 104.01 59.62
N ASN EB 196 -0.25 104.24 60.57
CA ASN EB 196 0.17 105.60 60.95
C ASN EB 196 1.59 105.95 60.50
N ASP EB 197 1.69 106.90 59.56
CA ASP EB 197 2.96 107.26 58.94
C ASP EB 197 3.81 108.16 59.84
N LEU EB 198 3.17 109.17 60.42
CA LEU EB 198 3.82 110.10 61.36
C LEU EB 198 4.39 109.35 62.56
N LYS EB 199 3.57 108.48 63.13
CA LYS EB 199 3.96 107.62 64.25
C LYS EB 199 5.18 106.76 63.90
N CYS EB 200 5.13 106.15 62.72
CA CYS EB 200 6.21 105.27 62.22
C CYS EB 200 7.60 105.90 62.23
N ASP EB 201 7.69 107.13 61.71
CA ASP EB 201 8.96 107.87 61.67
C ASP EB 201 9.50 108.14 63.07
N GLN EB 202 8.61 108.54 63.98
CA GLN EB 202 8.95 108.77 65.39
C GLN EB 202 9.46 107.50 66.07
N PHE EB 203 8.76 106.38 65.82
CA PHE EB 203 9.17 105.07 66.33
C PHE EB 203 10.56 104.68 65.85
N LEU EB 204 10.82 104.88 64.56
CA LEU EB 204 12.12 104.62 63.95
C LEU EB 204 13.24 105.44 64.60
N LYS EB 205 12.96 106.72 64.81
CA LYS EB 205 13.89 107.64 65.51
C LYS EB 205 14.20 107.17 66.92
N ASP EB 206 13.16 106.77 67.65
CA ASP EB 206 13.29 106.23 69.01
C ASP EB 206 14.17 104.98 69.04
N HIS EB 207 13.95 104.10 68.08
CA HIS EB 207 14.74 102.87 67.92
C HIS EB 207 16.21 103.17 67.69
N GLY EB 208 16.49 104.07 66.74
CA GLY EB 208 17.87 104.47 66.42
C GLY EB 208 17.97 105.18 65.08
N ASN EB 218 10.22 100.58 51.52
CA ASN EB 218 10.50 99.14 51.66
C ASN EB 218 11.59 98.87 52.69
N ILE EB 219 12.70 99.58 52.56
CA ILE EB 219 13.84 99.50 53.50
C ILE EB 219 13.38 99.90 54.91
N LYS EB 220 12.64 101.01 54.98
CA LYS EB 220 12.08 101.51 56.24
C LYS EB 220 11.15 100.50 56.90
N LYS EB 221 10.30 99.87 56.08
CA LYS EB 221 9.39 98.82 56.55
C LYS EB 221 10.15 97.62 57.12
N ASN EB 222 11.20 97.21 56.40
CA ASN EB 222 12.08 96.11 56.85
C ASN EB 222 12.74 96.42 58.18
N LEU EB 223 13.24 97.65 58.32
CA LEU EB 223 13.84 98.13 59.57
C LEU EB 223 12.85 98.09 60.73
N LEU EB 224 11.63 98.58 60.48
CA LEU EB 224 10.53 98.54 61.45
C LEU EB 224 10.25 97.11 61.91
N ARG EB 225 10.11 96.21 60.94
CA ARG EB 225 9.90 94.79 61.22
C ARG EB 225 11.00 94.20 62.10
N LYS EB 226 12.26 94.50 61.76
CA LYS EB 226 13.42 94.07 62.54
C LYS EB 226 13.37 94.56 63.98
N HIS EB 227 13.02 95.84 64.14
CA HIS EB 227 12.84 96.45 65.46
C HIS EB 227 11.76 95.76 66.28
N VAL EB 228 10.64 95.45 65.63
CA VAL EB 228 9.53 94.73 66.25
C VAL EB 228 9.98 93.35 66.73
N MET EB 229 10.69 92.63 65.87
CA MET EB 229 11.25 91.31 66.21
C MET EB 229 12.17 91.37 67.41
N MET EB 230 13.07 92.36 67.42
CA MET EB 230 13.98 92.62 68.53
C MET EB 230 13.24 92.86 69.85
N ASP EB 231 12.18 93.66 69.77
CA ASP EB 231 11.33 93.97 70.93
C ASP EB 231 10.69 92.70 71.51
N MET EB 232 10.10 91.88 70.64
CA MET EB 232 9.43 90.64 71.07
C MET EB 232 10.42 89.48 71.04
N LYS FB 1 -72.60 49.24 42.27
CA LYS FB 1 -71.24 48.85 42.77
C LYS FB 1 -70.19 48.92 41.65
N ILE FB 2 -68.94 49.16 42.05
CA ILE FB 2 -67.83 49.29 41.10
C ILE FB 2 -66.48 48.98 41.77
N ASP FB 3 -65.52 48.54 40.96
CA ASP FB 3 -64.17 48.22 41.46
C ASP FB 3 -63.38 49.45 41.91
N GLN FB 4 -62.30 49.20 42.64
CA GLN FB 4 -61.45 50.25 43.23
C GLN FB 4 -60.54 50.95 42.21
N SER FB 5 -60.17 50.25 41.13
CA SER FB 5 -59.22 50.78 40.15
C SER FB 5 -59.74 51.96 39.32
N LEU FB 6 -61.06 52.07 39.16
CA LEU FB 6 -61.67 53.12 38.33
C LEU FB 6 -62.38 54.23 39.12
N SER FB 7 -61.82 54.60 40.27
CA SER FB 7 -62.37 55.69 41.09
C SER FB 7 -61.32 56.21 42.07
N LYS FB 8 -60.83 57.42 41.83
CA LYS FB 8 -59.78 58.01 42.66
C LYS FB 8 -60.37 58.55 43.97
N LYS FB 9 -59.92 57.98 45.09
CA LYS FB 9 -60.35 58.41 46.41
C LYS FB 9 -59.49 59.60 46.84
N LEU FB 10 -60.07 60.80 46.81
CA LEU FB 10 -59.34 62.02 47.20
C LEU FB 10 -59.14 61.98 48.71
N PRO FB 11 -57.88 62.15 49.19
CA PRO FB 11 -57.67 62.15 50.65
C PRO FB 11 -58.37 63.28 51.42
N LYS FB 12 -58.37 63.16 52.75
CA LYS FB 12 -59.19 63.99 53.62
C LYS FB 12 -58.78 65.47 53.64
N GLY FB 13 -57.50 65.72 53.90
CA GLY FB 13 -56.96 67.08 53.96
C GLY FB 13 -56.60 67.73 52.64
N THR FB 14 -56.65 66.96 51.55
CA THR FB 14 -56.18 67.43 50.24
C THR FB 14 -57.13 68.40 49.54
N ILE FB 15 -56.56 69.09 48.57
CA ILE FB 15 -57.29 69.88 47.58
C ILE FB 15 -57.62 68.94 46.42
N TYR FB 16 -58.65 69.27 45.66
CA TYR FB 16 -58.96 68.57 44.42
C TYR FB 16 -59.25 69.57 43.28
N ASP FB 17 -59.54 69.02 42.11
CA ASP FB 17 -59.82 69.78 40.89
C ASP FB 17 -60.87 69.01 40.09
N PRO FB 18 -61.71 69.69 39.30
CA PRO FB 18 -62.61 69.02 38.35
C PRO FB 18 -61.97 67.89 37.54
N PHE FB 19 -60.75 68.11 37.03
CA PHE FB 19 -59.96 67.07 36.35
C PHE FB 19 -59.72 65.84 37.22
N ASP FB 20 -59.51 66.05 38.51
CA ASP FB 20 -59.16 65.00 39.46
C ASP FB 20 -60.21 63.87 39.56
N PHE FB 21 -61.48 64.17 39.28
CA PHE FB 21 -62.53 63.15 39.18
C PHE FB 21 -62.43 62.22 37.95
N SER FB 22 -61.70 62.64 36.92
CA SER FB 22 -61.71 61.97 35.62
C SER FB 22 -60.96 60.63 35.56
N MET FB 23 -61.25 59.89 34.49
CA MET FB 23 -60.46 58.71 34.07
C MET FB 23 -59.00 59.04 33.81
N GLY FB 24 -58.78 60.15 33.13
CA GLY FB 24 -57.44 60.61 32.76
C GLY FB 24 -56.52 60.86 33.95
N ARG FB 25 -57.09 61.39 35.03
CA ARG FB 25 -56.36 61.56 36.29
C ARG FB 25 -55.89 60.23 36.84
N ILE FB 26 -56.81 59.27 36.89
CA ILE FB 26 -56.53 57.91 37.40
C ILE FB 26 -55.41 57.24 36.61
N HIS FB 27 -55.47 57.38 35.29
CA HIS FB 27 -54.43 56.88 34.38
C HIS FB 27 -53.07 57.51 34.66
N LEU FB 28 -53.09 58.82 34.89
CA LEU FB 28 -51.89 59.59 35.22
C LEU FB 28 -51.27 59.11 36.52
N ASP FB 29 -52.11 58.94 37.54
CA ASP FB 29 -51.70 58.37 38.84
C ASP FB 29 -51.07 56.99 38.71
N ARG FB 30 -51.69 56.14 37.89
CA ARG FB 30 -51.20 54.79 37.62
C ARG FB 30 -49.83 54.81 36.96
N LYS FB 31 -49.66 55.73 36.02
CA LYS FB 31 -48.39 55.93 35.30
C LYS FB 31 -47.26 56.34 36.25
N TYR FB 32 -47.51 57.39 37.03
CA TYR FB 32 -46.48 57.98 37.91
C TYR FB 32 -46.51 57.38 39.32
N GLN FB 33 -45.58 56.47 39.59
CA GLN FB 33 -45.40 55.88 40.93
C GLN FB 33 -43.92 55.75 41.25
N ASP FB 42 -35.20 54.39 52.21
CA ASP FB 42 -35.00 53.17 52.99
C ASP FB 42 -33.63 53.21 53.70
N ILE FB 43 -33.49 52.39 54.75
CA ILE FB 43 -32.26 52.36 55.60
C ILE FB 43 -30.91 52.37 54.86
N MET FB 44 -30.84 51.72 53.70
CA MET FB 44 -29.62 51.74 52.88
C MET FB 44 -29.46 53.06 52.13
N LYS FB 45 -30.56 53.62 51.63
CA LYS FB 45 -30.56 54.95 51.03
C LYS FB 45 -30.33 56.08 52.04
N SER FB 46 -30.69 55.84 53.30
CA SER FB 46 -30.56 56.82 54.38
C SER FB 46 -29.14 57.33 54.64
N GLY FB 47 -28.14 56.50 54.35
CA GLY FB 47 -26.72 56.88 54.46
C GLY FB 47 -26.00 56.14 55.57
N ALA FB 48 -25.96 54.81 55.42
CA ALA FB 48 -25.20 53.94 56.31
C ALA FB 48 -24.72 52.75 55.49
N ASN FB 49 -23.41 52.49 55.51
CA ASN FB 49 -22.81 51.38 54.76
C ASN FB 49 -23.58 50.06 54.98
N PRO FB 50 -24.12 49.45 53.91
CA PRO FB 50 -24.82 48.16 54.02
C PRO FB 50 -24.02 46.99 54.60
N LEU FB 51 -22.69 47.09 54.62
CA LEU FB 51 -21.83 46.06 55.24
C LEU FB 51 -21.86 46.04 56.78
N GLU FB 52 -22.78 46.77 57.40
CA GLU FB 52 -23.13 46.56 58.81
C GLU FB 52 -24.23 45.50 58.97
N PHE FB 53 -24.97 45.22 57.89
CA PHE FB 53 -26.17 44.40 57.94
C PHE FB 53 -25.94 42.94 57.53
N TYR FB 54 -24.68 42.50 57.47
CA TYR FB 54 -24.35 41.11 57.09
C TYR FB 54 -24.72 40.06 58.13
N ALA FB 55 -25.04 40.48 59.36
CA ALA FB 55 -25.66 39.61 60.37
C ALA FB 55 -27.15 39.96 60.59
N ARG FB 56 -27.77 40.57 59.57
CA ARG FB 56 -29.17 41.00 59.61
C ARG FB 56 -29.88 40.60 58.29
N PRO FB 57 -30.05 39.29 58.03
CA PRO FB 57 -30.77 38.78 56.84
C PRO FB 57 -32.13 39.42 56.57
N ARG FB 58 -32.91 39.66 57.62
CA ARG FB 58 -34.24 40.30 57.51
C ARG FB 58 -34.22 41.56 56.66
N ILE FB 59 -33.24 42.43 56.92
CA ILE FB 59 -33.11 43.70 56.20
C ILE FB 59 -32.48 43.51 54.82
N LEU FB 60 -31.47 42.64 54.72
CA LEU FB 60 -30.84 42.32 53.43
C LEU FB 60 -31.76 41.56 52.46
N SER FB 61 -32.71 40.79 53.00
CA SER FB 61 -33.69 40.07 52.19
C SER FB 61 -34.68 40.98 51.44
N ARG FB 62 -34.81 42.24 51.88
CA ARG FB 62 -35.59 43.25 51.16
C ARG FB 62 -34.98 43.59 49.80
N TYR FB 63 -33.66 43.50 49.70
CA TYR FB 63 -32.91 43.81 48.47
C TYR FB 63 -32.58 42.57 47.65
N VAL FB 64 -33.56 41.67 47.55
CA VAL FB 64 -33.36 40.33 46.99
C VAL FB 64 -34.70 39.84 46.40
N THR FB 65 -34.63 39.14 45.27
CA THR FB 65 -35.82 38.56 44.63
C THR FB 65 -36.32 37.34 45.42
N SER FB 66 -37.60 37.02 45.25
CA SER FB 66 -38.25 35.88 45.93
C SER FB 66 -37.42 34.58 45.96
N THR FB 67 -36.77 34.26 44.85
CA THR FB 67 -35.89 33.09 44.74
C THR FB 67 -34.63 33.24 45.59
N GLY FB 68 -34.03 34.43 45.58
CA GLY FB 68 -32.76 34.69 46.28
C GLY FB 68 -31.76 35.58 45.56
N ARG FB 69 -31.97 35.81 44.27
CA ARG FB 69 -31.15 36.73 43.47
C ARG FB 69 -31.08 38.14 44.04
N ILE FB 70 -29.91 38.79 43.90
CA ILE FB 70 -29.77 40.21 44.26
C ILE FB 70 -30.39 41.07 43.15
N GLN FB 71 -31.05 42.15 43.55
CA GLN FB 71 -31.72 43.05 42.61
C GLN FB 71 -30.74 44.05 42.01
N HIS FB 72 -31.01 44.44 40.76
CA HIS FB 72 -30.16 45.34 39.99
C HIS FB 72 -30.31 46.78 40.49
N ARG FB 73 -29.26 47.58 40.29
CA ARG FB 73 -29.27 49.01 40.67
C ARG FB 73 -30.38 49.83 39.98
N ASP FB 74 -30.79 49.39 38.79
CA ASP FB 74 -31.97 49.96 38.13
C ASP FB 74 -33.23 49.72 38.96
N ILE FB 75 -33.35 48.52 39.51
CA ILE FB 75 -34.49 48.15 40.36
C ILE FB 75 -34.38 48.77 41.76
N THR FB 76 -33.33 48.43 42.49
CA THR FB 76 -33.17 48.88 43.88
C THR FB 76 -33.02 50.41 44.02
N GLY FB 77 -32.39 51.04 43.02
CA GLY FB 77 -32.30 52.49 42.95
C GLY FB 77 -31.34 53.10 43.94
N LEU FB 78 -30.14 52.52 44.03
CA LEU FB 78 -29.12 52.93 45.00
C LEU FB 78 -27.98 53.70 44.34
N SER FB 79 -27.16 54.34 45.18
CA SER FB 79 -25.86 54.84 44.76
C SER FB 79 -24.99 53.64 44.40
N ALA FB 80 -24.17 53.76 43.35
CA ALA FB 80 -23.43 52.63 42.79
C ALA FB 80 -22.53 51.94 43.81
N LYS FB 81 -21.77 52.76 44.53
CA LYS FB 81 -20.95 52.31 45.66
C LYS FB 81 -21.78 51.61 46.73
N ASN FB 82 -22.87 52.26 47.12
CA ASN FB 82 -23.76 51.73 48.15
C ASN FB 82 -24.40 50.41 47.73
N GLN FB 83 -24.77 50.32 46.45
CA GLN FB 83 -25.27 49.08 45.85
C GLN FB 83 -24.25 47.94 45.92
N ARG FB 84 -23.00 48.24 45.58
CA ARG FB 84 -21.93 47.25 45.58
C ARG FB 84 -21.62 46.75 47.00
N ARG FB 85 -21.69 47.66 47.97
CA ARG FB 85 -21.57 47.32 49.40
C ARG FB 85 -22.67 46.40 49.89
N LEU FB 86 -23.91 46.73 49.51
CA LEU FB 86 -25.09 45.90 49.78
C LEU FB 86 -24.92 44.49 49.21
N SER FB 87 -24.47 44.42 47.95
CA SER FB 87 -24.20 43.15 47.27
C SER FB 87 -23.16 42.32 48.01
N LYS FB 88 -22.05 42.97 48.36
CA LYS FB 88 -20.98 42.36 49.18
C LYS FB 88 -21.53 41.78 50.48
N ALA FB 89 -22.31 42.58 51.20
CA ALA FB 89 -22.94 42.18 52.47
C ALA FB 89 -23.82 40.95 52.31
N ILE FB 90 -24.62 40.95 51.24
CA ILE FB 90 -25.49 39.83 50.90
C ILE FB 90 -24.67 38.55 50.66
N ARG FB 91 -23.61 38.68 49.87
CA ARG FB 91 -22.72 37.55 49.55
C ARG FB 91 -22.01 37.00 50.79
N ARG FB 92 -21.61 37.90 51.69
CA ARG FB 92 -21.05 37.54 52.99
C ARG FB 92 -22.08 36.74 53.80
N CYS FB 93 -23.30 37.26 53.83
CA CYS FB 93 -24.42 36.62 54.55
C CYS FB 93 -24.59 35.17 54.10
N GLN FB 94 -24.75 34.97 52.79
CA GLN FB 94 -24.94 33.60 52.25
C GLN FB 94 -23.71 32.68 52.35
N ALA FB 95 -22.52 33.26 52.46
CA ALA FB 95 -21.32 32.50 52.83
C ALA FB 95 -21.45 31.95 54.25
N ILE FB 96 -21.98 32.77 55.16
CA ILE FB 96 -22.34 32.33 56.52
C ILE FB 96 -23.63 31.51 56.40
N GLY FB 97 -23.99 30.76 57.44
CA GLY FB 97 -25.29 30.11 57.51
C GLY FB 97 -26.46 31.06 57.33
N LEU FB 98 -26.58 32.04 58.24
CA LEU FB 98 -27.62 33.08 58.21
C LEU FB 98 -27.78 33.72 56.82
N MET FB 99 -28.99 33.62 56.25
CA MET FB 99 -29.25 33.89 54.83
C MET FB 99 -28.51 32.90 53.93
N SER GB 1 -57.98 12.77 -63.92
CA SER GB 1 -59.44 12.67 -63.62
C SER GB 1 -59.77 11.37 -62.86
N ARG GB 2 -59.98 11.49 -61.55
CA ARG GB 2 -60.36 10.35 -60.70
C ARG GB 2 -61.78 9.89 -60.98
N SER GB 3 -62.74 10.81 -60.86
CA SER GB 3 -64.16 10.48 -60.97
C SER GB 3 -64.41 9.63 -62.22
N VAL GB 4 -65.23 8.59 -62.08
CA VAL GB 4 -65.48 7.61 -63.15
C VAL GB 4 -65.90 8.29 -64.47
N TRP GB 5 -66.80 9.26 -64.38
CA TRP GB 5 -67.11 10.13 -65.51
C TRP GB 5 -65.91 11.06 -65.72
N LYS GB 6 -65.49 11.15 -66.98
CA LYS GB 6 -64.36 11.94 -67.46
C LYS GB 6 -63.01 11.20 -67.32
N GLY GB 7 -63.05 10.01 -66.75
CA GLY GB 7 -61.85 9.18 -66.60
C GLY GB 7 -61.50 8.52 -67.93
N PRO GB 8 -60.25 8.14 -68.15
CA PRO GB 8 -59.16 8.11 -67.18
C PRO GB 8 -58.19 9.28 -67.35
N ASN GB 9 -57.13 9.31 -66.57
CA ASN GB 9 -56.06 10.30 -66.73
C ASN GB 9 -55.10 9.86 -67.83
N ILE GB 10 -55.33 10.40 -69.04
CA ILE GB 10 -54.58 10.03 -70.24
C ILE GB 10 -53.44 11.04 -70.47
N VAL GB 11 -52.29 10.52 -70.90
CA VAL GB 11 -51.09 11.31 -71.20
C VAL GB 11 -50.57 10.85 -72.58
N PRO GB 12 -49.93 11.76 -73.35
CA PRO GB 12 -49.25 11.30 -74.58
C PRO GB 12 -47.96 10.52 -74.30
N LEU GB 13 -47.81 9.36 -74.95
CA LEU GB 13 -46.62 8.52 -74.80
C LEU GB 13 -46.15 7.96 -76.15
N PRO GB 14 -44.89 7.48 -76.24
CA PRO GB 14 -44.42 6.71 -77.39
C PRO GB 14 -44.83 5.25 -77.24
N ILE GB 15 -46.12 4.98 -77.47
CA ILE GB 15 -46.74 3.69 -77.17
C ILE GB 15 -46.63 2.75 -78.36
N ARG GB 16 -47.02 3.26 -79.53
CA ARG GB 16 -47.11 2.43 -80.74
C ARG GB 16 -45.75 1.89 -81.17
N GLU GB 17 -44.70 2.72 -81.04
CA GLU GB 17 -43.34 2.30 -81.35
C GLU GB 17 -42.83 1.21 -80.39
N ALA GB 18 -43.20 1.33 -79.12
CA ALA GB 18 -42.89 0.32 -78.10
C ALA GB 18 -43.58 -1.01 -78.40
N MET GB 19 -44.83 -0.91 -78.86
CA MET GB 19 -45.64 -2.07 -79.25
C MET GB 19 -45.05 -2.80 -80.45
N THR GB 20 -44.59 -2.03 -81.44
CA THR GB 20 -43.95 -2.58 -82.65
C THR GB 20 -42.63 -3.27 -82.31
N LYS GB 21 -41.80 -2.57 -81.55
CA LYS GB 21 -40.43 -2.98 -81.25
C LYS GB 21 -40.13 -2.67 -79.79
N GLY GB 22 -39.67 -3.67 -79.04
CA GLY GB 22 -39.47 -3.55 -77.59
C GLY GB 22 -38.48 -2.49 -77.15
N THR GB 23 -38.93 -1.24 -77.18
CA THR GB 23 -38.17 -0.09 -76.72
C THR GB 23 -38.89 0.46 -75.48
N PRO GB 24 -38.24 0.39 -74.29
CA PRO GB 24 -38.91 0.86 -73.08
C PRO GB 24 -39.33 2.34 -73.10
N ILE GB 25 -40.48 2.62 -72.49
CA ILE GB 25 -41.05 3.97 -72.47
C ILE GB 25 -40.60 4.69 -71.18
N ARG GB 26 -39.66 5.62 -71.31
CA ARG GB 26 -39.22 6.43 -70.16
C ARG GB 26 -40.24 7.52 -69.83
N THR GB 27 -41.13 7.18 -68.89
CA THR GB 27 -42.15 8.09 -68.39
C THR GB 27 -41.61 8.95 -67.26
N ASN GB 28 -41.86 10.26 -67.37
CA ASN GB 28 -41.74 11.18 -66.23
C ASN GB 28 -43.14 11.71 -65.86
N ALA GB 29 -44.17 10.92 -66.17
CA ALA GB 29 -45.55 11.32 -65.92
C ALA GB 29 -45.92 11.07 -64.47
N ARG GB 30 -45.86 9.81 -64.06
CA ARG GB 30 -46.23 9.37 -62.69
C ARG GB 30 -47.71 9.56 -62.28
N ALA GB 31 -48.49 10.31 -63.07
CA ALA GB 31 -49.91 10.50 -62.84
C ALA GB 31 -50.75 10.03 -64.03
N ALA GB 32 -50.15 9.27 -64.95
CA ALA GB 32 -50.89 8.69 -66.06
C ALA GB 32 -51.49 7.37 -65.59
N THR GB 33 -52.80 7.20 -65.79
CA THR GB 33 -53.45 5.93 -65.50
C THR GB 33 -52.97 4.88 -66.48
N ILE GB 34 -52.68 3.69 -65.96
CA ILE GB 34 -52.35 2.54 -66.79
C ILE GB 34 -53.64 2.13 -67.51
N LEU GB 35 -53.50 1.66 -68.74
CA LEU GB 35 -54.64 1.28 -69.57
C LEU GB 35 -54.49 -0.18 -70.00
N PRO GB 36 -55.59 -0.80 -70.48
CA PRO GB 36 -55.48 -2.12 -71.13
C PRO GB 36 -54.65 -2.13 -72.41
N GLN GB 37 -54.52 -0.97 -73.06
CA GLN GB 37 -53.75 -0.86 -74.31
C GLN GB 37 -52.24 -0.97 -74.10
N PHE GB 38 -51.76 -0.79 -72.87
CA PHE GB 38 -50.37 -1.12 -72.52
C PHE GB 38 -50.25 -2.00 -71.27
N VAL GB 39 -50.50 -3.30 -71.48
CA VAL GB 39 -50.06 -4.37 -70.58
C VAL GB 39 -49.05 -5.20 -71.37
N GLY GB 40 -47.90 -5.50 -70.75
CA GLY GB 40 -46.78 -6.15 -71.44
C GLY GB 40 -45.87 -5.20 -72.20
N LEU GB 41 -46.00 -3.89 -71.96
CA LEU GB 41 -45.04 -2.90 -72.45
C LEU GB 41 -44.10 -2.52 -71.32
N LYS GB 42 -42.81 -2.38 -71.64
CA LYS GB 42 -41.81 -2.02 -70.65
C LYS GB 42 -41.81 -0.51 -70.43
N PHE GB 43 -42.03 -0.09 -69.19
CA PHE GB 43 -41.96 1.31 -68.81
C PHE GB 43 -40.76 1.57 -67.90
N GLN GB 44 -40.25 2.79 -67.96
CA GLN GB 44 -39.12 3.23 -67.15
C GLN GB 44 -39.54 4.51 -66.43
N ILE GB 45 -40.30 4.34 -65.35
CA ILE GB 45 -41.02 5.44 -64.70
C ILE GB 45 -40.08 6.20 -63.77
N HIS GB 46 -40.20 7.53 -63.75
CA HIS GB 46 -39.29 8.39 -62.98
C HIS GB 46 -39.55 8.26 -61.47
N ASN GB 47 -38.49 8.41 -60.69
CA ASN GB 47 -38.51 8.23 -59.24
C ASN GB 47 -38.04 9.48 -58.51
N GLY GB 48 -38.04 10.62 -59.20
CA GLY GB 48 -37.32 11.82 -58.77
C GLY GB 48 -35.88 11.78 -59.24
N LYS GB 49 -35.12 10.79 -58.77
CA LYS GB 49 -33.70 10.65 -59.10
C LYS GB 49 -33.46 9.82 -60.35
N GLU GB 50 -33.87 8.55 -60.31
CA GLU GB 50 -33.50 7.55 -61.33
C GLU GB 50 -34.73 6.85 -61.90
N TYR GB 51 -34.73 6.62 -63.21
CA TYR GB 51 -35.86 5.96 -63.87
C TYR GB 51 -35.91 4.47 -63.54
N VAL GB 52 -37.12 3.97 -63.25
CA VAL GB 52 -37.34 2.65 -62.66
C VAL GB 52 -37.98 1.71 -63.70
N PRO GB 53 -37.33 0.57 -64.01
CA PRO GB 53 -37.86 -0.32 -65.03
C PRO GB 53 -38.99 -1.21 -64.50
N ILE GB 54 -40.13 -1.19 -65.20
CA ILE GB 54 -41.31 -1.98 -64.83
C ILE GB 54 -41.96 -2.53 -66.09
N GLU GB 55 -42.30 -3.82 -66.08
CA GLU GB 55 -43.13 -4.41 -67.12
C GLU GB 55 -44.55 -4.38 -66.59
N ILE GB 56 -45.41 -3.62 -67.27
CA ILE GB 56 -46.67 -3.19 -66.66
C ILE GB 56 -47.54 -4.40 -66.39
N SER GB 57 -48.09 -4.46 -65.19
CA SER GB 57 -48.83 -5.66 -64.76
C SER GB 57 -50.17 -5.71 -65.46
N GLU GB 58 -50.66 -6.93 -65.53
CA GLU GB 58 -51.97 -7.25 -66.08
C GLU GB 58 -53.03 -6.81 -65.07
N ASP GB 59 -52.66 -6.86 -63.79
CA ASP GB 59 -53.46 -6.34 -62.68
C ASP GB 59 -53.28 -4.82 -62.44
N MET GB 60 -52.17 -4.24 -62.88
CA MET GB 60 -51.90 -2.79 -62.71
C MET GB 60 -52.89 -1.89 -63.46
N VAL GB 61 -53.82 -2.48 -64.22
CA VAL GB 61 -54.61 -1.75 -65.22
C VAL GB 61 -55.34 -0.52 -64.64
N GLY GB 62 -55.80 -0.61 -63.40
CA GLY GB 62 -56.50 0.52 -62.75
C GLY GB 62 -55.61 1.64 -62.21
N HIS GB 63 -54.33 1.35 -61.96
CA HIS GB 63 -53.46 2.22 -61.14
C HIS GB 63 -52.67 3.24 -61.95
N LYS GB 64 -52.05 4.16 -61.22
CA LYS GB 64 -51.11 5.14 -61.80
C LYS GB 64 -49.70 4.54 -61.88
N LEU GB 65 -48.88 5.07 -62.79
CA LEU GB 65 -47.50 4.62 -62.97
C LEU GB 65 -46.59 4.99 -61.78
N GLY GB 66 -46.81 6.19 -61.23
CA GLY GB 66 -46.05 6.67 -60.07
C GLY GB 66 -46.22 5.85 -58.80
N GLU GB 67 -47.32 5.10 -58.73
CA GLU GB 67 -47.57 4.16 -57.63
C GLU GB 67 -46.56 3.00 -57.57
N PHE GB 68 -45.91 2.70 -58.69
CA PHE GB 68 -44.92 1.61 -58.78
C PHE GB 68 -43.45 2.05 -58.80
N ALA GB 69 -43.20 3.35 -58.59
CA ALA GB 69 -41.85 3.90 -58.50
C ALA GB 69 -41.72 4.65 -57.16
N PRO GB 70 -41.30 3.94 -56.09
CA PRO GB 70 -41.33 4.52 -54.74
C PRO GB 70 -40.20 5.51 -54.50
N THR GB 71 -40.57 6.77 -54.24
CA THR GB 71 -39.65 7.90 -54.33
C THR GB 71 -38.67 7.97 -53.17
N ARG GB 72 -39.18 7.78 -51.95
CA ARG GB 72 -38.35 7.80 -50.74
C ARG GB 72 -37.69 6.45 -50.48
N LYS GB 73 -36.51 6.50 -49.86
CA LYS GB 73 -35.78 5.28 -49.47
C LYS GB 73 -36.40 4.72 -48.19
N ARG GB 74 -36.26 3.41 -48.01
CA ARG GB 74 -36.82 2.71 -46.86
C ARG GB 74 -36.10 3.15 -45.57
N PHE GB 75 -36.87 3.68 -44.62
CA PHE GB 75 -36.31 4.30 -43.41
C PHE GB 75 -35.62 3.29 -42.49
N SER GB 76 -34.54 3.73 -41.85
CA SER GB 76 -33.84 2.97 -40.83
C SER GB 76 -33.31 3.91 -39.75
N TYR GB 77 -32.91 3.34 -38.61
CA TYR GB 77 -32.28 4.11 -37.54
C TYR GB 77 -30.88 3.57 -37.24
N THR GB 78 -29.91 4.48 -37.19
CA THR GB 78 -28.53 4.14 -36.81
C THR GB 78 -28.46 4.05 -35.29
N GLN GB 79 -28.47 2.82 -34.78
CA GLN GB 79 -28.53 2.55 -33.35
C GLN GB 79 -27.18 2.84 -32.66
N THR GB 80 -26.94 4.11 -32.38
CA THR GB 80 -25.71 4.59 -31.74
C THR GB 80 -25.98 5.03 -30.31
N ALA HB 1 -40.36 14.20 71.17
CA ALA HB 1 -41.55 13.85 70.34
C ALA HB 1 -42.68 14.87 70.48
N GLU HB 2 -43.01 15.18 71.73
CA GLU HB 2 -44.02 16.22 72.06
C GLU HB 2 -43.67 17.59 71.48
N ILE HB 3 -42.38 17.92 71.54
CA ILE HB 3 -41.85 19.19 71.03
C ILE HB 3 -41.98 19.23 69.51
N ALA HB 4 -41.63 18.11 68.86
CA ALA HB 4 -41.78 17.96 67.41
C ALA HB 4 -43.22 18.11 66.95
N ARG HB 5 -44.12 17.47 67.67
CA ARG HB 5 -45.57 17.59 67.43
C ARG HB 5 -46.07 19.03 67.54
N SER HB 6 -45.59 19.73 68.57
CA SER HB 6 -45.95 21.15 68.79
C SER HB 6 -45.51 22.03 67.62
N SER HB 7 -44.30 21.79 67.12
CA SER HB 7 -43.80 22.45 65.91
C SER HB 7 -44.53 21.89 64.68
N VAL HB 8 -45.74 22.41 64.45
CA VAL HB 8 -46.63 21.91 63.39
C VAL HB 8 -46.23 22.40 61.99
N GLU HB 9 -45.14 21.81 61.48
CA GLU HB 9 -44.59 22.15 60.14
C GLU HB 9 -44.30 23.65 59.98
N ASN HB 10 -43.70 24.24 61.01
CA ASN HB 10 -43.36 25.67 61.01
C ASN HB 10 -42.19 25.97 60.07
N ALA HB 11 -41.17 25.13 60.13
CA ALA HB 11 -39.99 25.24 59.26
C ALA HB 11 -40.32 24.95 57.78
N GLN HB 12 -41.21 24.00 57.53
CA GLN HB 12 -41.59 23.62 56.15
C GLN HB 12 -42.02 24.79 55.26
N MET HB 13 -42.68 25.79 55.85
CA MET HB 13 -43.14 26.98 55.11
C MET HB 13 -41.97 27.91 54.74
N ARG HB 14 -41.11 28.20 55.72
CA ARG HB 14 -39.98 29.13 55.51
C ARG HB 14 -38.77 28.49 54.81
N PHE HB 15 -38.59 27.18 54.95
CA PHE HB 15 -37.47 26.46 54.31
C PHE HB 15 -37.54 26.45 52.79
N ASN HB 16 -38.75 26.28 52.25
CA ASN HB 16 -38.94 26.21 50.79
C ASN HB 16 -38.59 27.51 50.07
N SER HB 17 -38.24 27.39 48.79
CA SER HB 17 -37.83 28.52 47.96
C SER HB 17 -39.03 29.37 47.53
N GLY HB 18 -38.73 30.48 46.85
CA GLY HB 18 -39.76 31.35 46.28
C GLY HB 18 -40.49 30.81 45.05
N LYS HB 19 -40.05 29.66 44.53
CA LYS HB 19 -40.70 28.99 43.40
C LYS HB 19 -41.83 28.07 43.91
N SER HB 20 -42.82 28.68 44.56
CA SER HB 20 -43.89 27.93 45.23
C SER HB 20 -45.01 28.88 45.65
N ILE HB 21 -46.25 28.47 45.39
CA ILE HB 21 -47.43 29.30 45.68
C ILE HB 21 -48.62 28.43 46.07
N ILE HB 22 -49.43 28.93 47.01
CA ILE HB 22 -50.61 28.23 47.49
C ILE HB 22 -51.77 28.54 46.54
N VAL HB 23 -52.40 27.49 46.02
CA VAL HB 23 -53.43 27.62 45.00
C VAL HB 23 -54.76 28.02 45.64
N ASN HB 24 -55.41 29.02 45.04
CA ASN HB 24 -56.83 29.29 45.32
C ASN HB 24 -57.68 28.33 44.49
N LYS HB 25 -58.63 27.66 45.14
CA LYS HB 25 -59.46 26.62 44.50
C LYS HB 25 -60.40 27.20 43.43
N ASN HB 26 -60.75 28.49 43.57
CA ASN HB 26 -61.56 29.19 42.59
C ASN HB 26 -60.87 29.41 41.24
N ASN HB 27 -59.54 29.54 41.24
CA ASN HB 27 -58.77 29.83 40.02
C ASN HB 27 -57.35 29.23 40.04
N PRO HB 28 -57.19 27.96 39.61
CA PRO HB 28 -55.85 27.37 39.45
C PRO HB 28 -55.04 28.03 38.35
N ALA HB 29 -55.71 28.39 37.25
CA ALA HB 29 -55.10 29.06 36.11
C ALA HB 29 -54.39 30.36 36.50
N GLU HB 30 -55.06 31.14 37.35
CA GLU HB 30 -54.49 32.39 37.90
C GLU HB 30 -53.20 32.12 38.67
N SER HB 31 -53.22 31.08 39.49
CA SER HB 31 -52.05 30.64 40.27
C SER HB 31 -50.88 30.30 39.32
N PHE HB 32 -51.17 29.48 38.32
CA PHE HB 32 -50.19 29.10 37.29
C PHE HB 32 -49.57 30.30 36.57
N LYS HB 33 -50.42 31.25 36.19
CA LYS HB 33 -49.98 32.51 35.58
C LYS HB 33 -49.05 33.30 36.49
N ARG HB 34 -49.40 33.36 37.77
CA ARG HB 34 -48.59 34.04 38.79
C ARG HB 34 -47.22 33.37 38.92
N LEU HB 35 -47.22 32.04 38.99
CA LEU HB 35 -45.98 31.26 39.04
C LEU HB 35 -45.08 31.57 37.84
N ASN HB 36 -45.68 31.52 36.65
CA ASN HB 36 -44.99 31.83 35.40
C ASN HB 36 -44.34 33.22 35.41
N ARG HB 37 -45.10 34.20 35.89
CA ARG HB 37 -44.62 35.58 36.07
C ARG HB 37 -43.41 35.62 37.00
N ILE HB 38 -43.53 34.96 38.15
CA ILE HB 38 -42.43 34.83 39.12
C ILE HB 38 -41.17 34.25 38.48
N MET HB 39 -41.34 33.21 37.67
CA MET HB 39 -40.24 32.54 36.98
C MET HB 39 -39.56 33.48 36.00
N PHE HB 40 -40.38 34.20 35.23
CA PHE HB 40 -39.92 35.24 34.31
C PHE HB 40 -39.10 36.34 35.00
N GLU HB 41 -39.61 36.81 36.14
CA GLU HB 41 -38.91 37.80 36.97
C GLU HB 41 -37.54 37.32 37.43
N ASN HB 42 -37.50 36.07 37.89
CA ASN HB 42 -36.25 35.43 38.31
C ASN HB 42 -35.33 34.99 37.15
N ASN HB 43 -35.83 35.06 35.90
CA ASN HB 43 -35.07 34.77 34.68
C ASN HB 43 -34.62 33.32 34.58
N ILE HB 44 -35.38 32.43 35.22
CA ILE HB 44 -35.00 31.03 35.38
C ILE HB 44 -34.99 30.24 34.06
N PRO HB 45 -36.05 30.39 33.23
CA PRO HB 45 -36.04 29.72 31.92
C PRO HB 45 -34.90 30.18 31.00
N GLY HB 46 -34.67 31.50 30.98
CA GLY HB 46 -33.58 32.11 30.22
C GLY HB 46 -32.20 31.66 30.66
N ASP HB 47 -32.03 31.53 31.98
CA ASP HB 47 -30.80 30.97 32.58
C ASP HB 47 -30.59 29.52 32.15
N LYS HB 48 -31.65 28.73 32.23
CA LYS HB 48 -31.65 27.32 31.83
C LYS HB 48 -31.23 27.15 30.37
N ARG HB 49 -31.82 27.99 29.53
CA ARG HB 49 -31.53 28.04 28.08
C ARG HB 49 -30.07 28.38 27.80
N SER HB 50 -29.55 29.38 28.52
CA SER HB 50 -28.14 29.78 28.42
C SER HB 50 -27.20 28.64 28.80
N GLN HB 51 -27.56 27.91 29.85
CA GLN HB 51 -26.74 26.81 30.38
C GLN HB 51 -26.69 25.52 29.56
N ARG HB 52 -27.49 25.40 28.49
CA ARG HB 52 -27.44 24.20 27.65
C ARG HB 52 -26.09 24.01 26.94
N PHE HB 53 -25.47 25.10 26.51
CA PHE HB 53 -24.17 25.06 25.84
C PHE HB 53 -23.15 26.00 26.48
N TYR HB 54 -21.89 25.77 26.14
CA TYR HB 54 -20.78 26.61 26.58
C TYR HB 54 -20.51 27.68 25.52
N MET HB 55 -20.24 28.89 25.98
CA MET HB 55 -19.87 30.01 25.14
C MET HB 55 -18.58 30.59 25.70
N LYS HB 56 -17.60 30.83 24.84
CA LYS HB 56 -16.28 31.34 25.26
C LYS HB 56 -16.43 32.65 26.06
N PRO HB 57 -15.66 32.79 27.16
CA PRO HB 57 -15.91 33.85 28.15
C PRO HB 57 -15.89 35.28 27.58
N GLY HB 58 -15.00 35.53 26.63
CA GLY HB 58 -14.93 36.82 25.93
C GLY HB 58 -16.16 37.06 25.07
N LYS HB 59 -16.63 36.00 24.43
CA LYS HB 59 -17.84 36.05 23.58
C LYS HB 59 -19.09 36.35 24.40
N VAL HB 60 -19.23 35.69 25.56
CA VAL HB 60 -20.39 35.93 26.45
C VAL HB 60 -20.35 37.34 27.07
N ALA HB 61 -19.15 37.83 27.37
CA ALA HB 61 -18.95 39.20 27.87
C ALA HB 61 -19.39 40.23 26.83
N GLU HB 62 -18.97 40.01 25.58
CA GLU HB 62 -19.37 40.83 24.42
C GLU HB 62 -20.89 40.86 24.24
N LEU HB 63 -21.51 39.69 24.34
CA LEU HB 63 -22.97 39.55 24.26
C LEU HB 63 -23.66 40.35 25.36
N LYS HB 64 -23.16 40.19 26.58
CA LYS HB 64 -23.69 40.90 27.76
C LYS HB 64 -23.63 42.41 27.59
N ARG HB 65 -22.49 42.89 27.09
CA ARG HB 65 -22.28 44.30 26.77
C ARG HB 65 -23.32 44.79 25.76
N SER HB 66 -23.48 44.04 24.68
CA SER HB 66 -24.44 44.33 23.62
C SER HB 66 -25.87 44.42 24.15
N GLN HB 67 -26.25 43.47 25.00
CA GLN HB 67 -27.55 43.47 25.67
C GLN HB 67 -27.76 44.70 26.53
N ARG HB 68 -26.73 45.08 27.28
CA ARG HB 68 -26.76 46.27 28.14
C ARG HB 68 -26.98 47.52 27.28
N HIS HB 69 -26.18 47.66 26.23
CA HIS HB 69 -26.32 48.76 25.29
C HIS HB 69 -27.75 48.89 24.77
N ARG HB 70 -28.28 47.75 24.30
CA ARG HB 70 -29.64 47.65 23.76
C ARG HB 70 -30.68 48.13 24.77
N LYS HB 71 -30.52 47.68 26.01
CA LYS HB 71 -31.35 48.14 27.14
C LYS HB 71 -31.32 49.65 27.31
N GLU HB 72 -30.10 50.19 27.38
CA GLU HB 72 -29.89 51.64 27.58
C GLU HB 72 -30.44 52.49 26.44
N PHE HB 73 -30.31 51.99 25.21
CA PHE HB 73 -30.88 52.63 24.03
C PHE HB 73 -32.40 52.68 24.14
N MET HB 74 -33.01 51.56 24.54
CA MET HB 74 -34.47 51.46 24.63
C MET HB 74 -35.03 52.48 25.62
N MET HB 75 -34.42 52.58 26.81
CA MET HB 75 -34.90 53.57 27.79
C MET HB 75 -34.56 55.02 27.42
N GLY HB 76 -33.51 55.22 26.62
CA GLY HB 76 -33.23 56.52 26.00
C GLY HB 76 -34.29 56.90 24.99
N PHE HB 77 -34.72 55.92 24.20
CA PHE HB 77 -35.82 56.08 23.24
C PHE HB 77 -37.14 56.39 23.94
N LYS HB 78 -37.43 55.65 25.01
CA LYS HB 78 -38.62 55.86 25.85
C LYS HB 78 -38.69 57.28 26.40
N ARG HB 79 -37.55 57.74 26.93
CA ARG HB 79 -37.40 59.10 27.44
C ARG HB 79 -37.72 60.13 26.37
N LEU HB 80 -37.17 59.91 25.18
CA LEU HB 80 -37.35 60.80 24.03
C LEU HB 80 -38.82 60.88 23.61
N ILE HB 81 -39.47 59.72 23.51
CA ILE HB 81 -40.87 59.65 23.10
C ILE HB 81 -41.81 60.26 24.12
N GLU HB 82 -41.49 60.13 25.42
CA GLU HB 82 -42.26 60.79 26.48
C GLU HB 82 -42.21 62.32 26.35
N ILE HB 83 -41.03 62.83 26.02
CA ILE HB 83 -40.83 64.26 25.76
C ILE HB 83 -41.64 64.71 24.54
N VAL HB 84 -41.55 63.92 23.48
CA VAL HB 84 -42.31 64.16 22.24
C VAL HB 84 -43.81 64.23 22.51
N LYS HB 85 -44.31 63.28 23.28
CA LYS HB 85 -45.72 63.24 23.71
C LYS HB 85 -46.12 64.50 24.48
N ASP HB 86 -45.25 64.93 25.38
CA ASP HB 86 -45.49 66.14 26.19
C ASP HB 86 -45.58 67.37 25.29
N ALA HB 87 -44.67 67.46 24.33
CA ALA HB 87 -44.62 68.56 23.37
C ALA HB 87 -45.89 68.61 22.53
N LYS HB 88 -46.30 67.45 22.03
CA LYS HB 88 -47.57 67.29 21.30
C LYS HB 88 -48.76 67.78 22.11
N ARG HB 89 -48.84 67.32 23.36
CA ARG HB 89 -49.91 67.70 24.29
C ARG HB 89 -49.99 69.21 24.49
N LYS HB 90 -48.83 69.82 24.70
CA LYS HB 90 -48.75 71.26 24.99
C LYS HB 90 -49.05 72.10 23.75
N GLY HB 91 -48.43 71.76 22.62
CA GLY HB 91 -48.63 72.51 21.37
C GLY HB 91 -47.40 72.55 20.47
N TYR HB 92 -46.22 72.49 21.08
CA TYR HB 92 -44.95 72.38 20.35
C TYR HB 92 -44.96 71.26 19.32
N MET IB 1 -19.02 76.14 14.72
CA MET IB 1 -19.20 77.04 13.55
C MET IB 1 -18.01 78.00 13.44
N LYS IB 2 -17.35 77.97 12.27
CA LYS IB 2 -16.20 78.83 11.99
C LYS IB 2 -16.66 80.28 11.81
N ILE IB 3 -15.76 81.22 12.12
CA ILE IB 3 -16.05 82.64 11.97
C ILE IB 3 -16.08 82.98 10.48
N GLN IB 4 -17.26 83.34 10.00
CA GLN IB 4 -17.50 83.61 8.58
C GLN IB 4 -16.89 84.94 8.16
N THR IB 5 -15.95 84.90 7.22
CA THR IB 5 -15.38 86.10 6.62
C THR IB 5 -16.37 86.83 5.70
N ASN IB 6 -17.21 86.05 4.99
CA ASN IB 6 -17.96 86.57 3.84
C ASN IB 6 -19.29 87.30 4.13
N ALA IB 7 -19.71 87.34 5.38
CA ALA IB 7 -20.93 88.06 5.77
C ALA IB 7 -20.69 89.55 6.06
N VAL IB 8 -19.48 89.87 6.52
CA VAL IB 8 -19.11 91.24 6.91
C VAL IB 8 -18.20 91.96 5.91
N ASN IB 9 -17.55 91.23 5.01
CA ASN IB 9 -16.64 91.82 4.01
C ASN IB 9 -17.35 92.10 2.67
N VAL IB 10 -18.62 92.50 2.74
CA VAL IB 10 -19.49 92.54 1.55
C VAL IB 10 -19.06 93.69 0.66
N LEU IB 11 -18.92 94.87 1.26
CA LEU IB 11 -18.55 96.08 0.52
C LEU IB 11 -17.19 95.97 -0.17
N GLN IB 12 -16.23 95.30 0.47
CA GLN IB 12 -14.90 95.03 -0.11
C GLN IB 12 -15.00 94.17 -1.36
N ARG IB 13 -15.81 93.11 -1.27
CA ARG IB 13 -16.04 92.21 -2.39
C ARG IB 13 -16.73 92.90 -3.56
N THR IB 14 -17.68 93.80 -3.24
CA THR IB 14 -18.35 94.60 -4.27
C THR IB 14 -17.46 95.71 -4.82
N SER IB 15 -16.65 96.32 -3.95
CA SER IB 15 -15.70 97.35 -4.37
C SER IB 15 -14.71 96.80 -5.42
N ALA IB 16 -14.27 95.57 -5.19
CA ALA IB 16 -13.42 94.84 -6.13
C ALA IB 16 -14.11 94.63 -7.48
N TYR IB 17 -15.36 94.18 -7.42
CA TYR IB 17 -16.23 94.01 -8.60
C TYR IB 17 -16.39 95.31 -9.39
N LEU IB 18 -16.64 96.40 -8.67
CA LEU IB 18 -16.79 97.73 -9.25
C LEU IB 18 -15.51 98.19 -9.95
N LYS IB 19 -14.38 97.98 -9.28
CA LYS IB 19 -13.06 98.26 -9.84
C LYS IB 19 -12.81 97.51 -11.15
N SER IB 20 -13.14 96.22 -11.13
CA SER IB 20 -12.97 95.35 -12.31
C SER IB 20 -13.79 95.83 -13.50
N GLY IB 21 -15.06 96.10 -13.24
CA GLY IB 21 -16.06 96.32 -14.29
C GLY IB 21 -17.06 95.18 -14.41
N LEU IB 22 -16.97 94.18 -13.52
CA LEU IB 22 -18.03 93.18 -13.36
C LEU IB 22 -19.35 93.84 -12.99
N LEU IB 23 -19.28 94.82 -12.10
CA LEU IB 23 -20.44 95.67 -11.79
C LEU IB 23 -20.31 97.00 -12.52
N LYS IB 24 -21.32 97.31 -13.34
CA LYS IB 24 -21.42 98.58 -14.02
C LYS IB 24 -21.94 99.65 -13.06
N GLU IB 25 -23.04 99.32 -12.38
CA GLU IB 25 -23.72 100.23 -11.45
C GLU IB 25 -23.49 99.82 -10.00
N THR IB 26 -23.31 100.80 -9.12
CA THR IB 26 -23.15 100.56 -7.68
C THR IB 26 -24.50 100.20 -7.05
N PRO IB 27 -24.49 99.29 -6.05
CA PRO IB 27 -25.71 99.04 -5.26
C PRO IB 27 -26.19 100.25 -4.45
N ALA IB 28 -27.45 100.20 -4.02
CA ALA IB 28 -28.03 101.23 -3.15
C ALA IB 28 -27.36 101.25 -1.77
N TRP IB 29 -27.08 100.06 -1.24
CA TRP IB 29 -26.48 99.88 0.09
C TRP IB 29 -24.99 100.25 0.21
N TYR IB 30 -24.28 100.38 -0.92
CA TYR IB 30 -22.81 100.45 -0.94
C TYR IB 30 -22.23 101.61 -0.15
N ASN IB 31 -22.71 102.81 -0.45
CA ASN IB 31 -22.34 104.03 0.27
C ASN IB 31 -22.70 104.00 1.75
N VAL IB 32 -23.87 103.43 2.05
CA VAL IB 32 -24.39 103.31 3.41
C VAL IB 32 -23.50 102.39 4.24
N VAL IB 33 -23.14 101.25 3.68
CA VAL IB 33 -22.28 100.28 4.35
C VAL IB 33 -20.85 100.84 4.55
N ALA IB 34 -20.37 101.60 3.58
CA ALA IB 34 -19.09 102.31 3.72
C ALA IB 34 -19.10 103.29 4.90
N SER IB 35 -20.20 104.04 5.00
CA SER IB 35 -20.38 105.01 6.09
C SER IB 35 -20.45 104.36 7.47
N ILE IB 36 -21.14 103.23 7.57
CA ILE IB 36 -21.38 102.53 8.84
C ILE IB 36 -20.73 101.15 8.77
N PRO IB 37 -19.47 101.02 9.24
CA PRO IB 37 -18.77 99.74 9.09
C PRO IB 37 -19.23 98.66 10.09
N PRO IB 38 -19.25 97.37 9.67
CA PRO IB 38 -19.47 96.26 10.60
C PRO IB 38 -18.37 96.08 11.65
N SER IB 39 -18.64 95.23 12.63
CA SER IB 39 -17.72 95.00 13.76
C SER IB 39 -16.49 94.20 13.35
N THR IB 40 -16.70 92.98 12.86
CA THR IB 40 -15.65 92.13 12.26
C THR IB 40 -14.49 91.81 13.22
N LYS IB 41 -14.79 91.72 14.51
CA LYS IB 41 -13.79 91.56 15.55
C LYS IB 41 -14.38 90.63 16.60
N PHE IB 42 -14.64 89.39 16.18
CA PHE IB 42 -15.48 88.45 16.92
C PHE IB 42 -14.71 87.80 18.07
N THR IB 43 -14.39 88.60 19.09
CA THR IB 43 -13.51 88.16 20.17
C THR IB 43 -14.30 87.63 21.36
N ARG IB 44 -13.59 86.86 22.20
CA ARG IB 44 -14.06 86.51 23.53
C ARG IB 44 -13.44 87.57 24.45
N GLU IB 45 -14.28 88.46 24.98
CA GLU IB 45 -13.83 89.53 25.87
C GLU IB 45 -14.00 89.11 27.34
N PRO IB 46 -12.98 89.37 28.18
CA PRO IB 46 -13.05 88.96 29.58
C PRO IB 46 -13.82 89.96 30.44
N ARG IB 47 -14.38 89.48 31.54
CA ARG IB 47 -15.18 90.31 32.46
C ARG IB 47 -14.61 90.20 33.87
N PHE IB 48 -14.46 91.35 34.53
CA PHE IB 48 -13.77 91.45 35.82
C PHE IB 48 -14.65 91.69 37.05
N LYS IB 49 -15.91 92.11 36.84
CA LYS IB 49 -16.89 92.24 37.92
C LYS IB 49 -18.12 91.39 37.63
N ASN IB 50 -18.67 90.77 38.68
CA ASN IB 50 -20.04 90.26 38.64
C ASN IB 50 -20.95 91.50 38.79
N PRO IB 51 -21.82 91.76 37.80
CA PRO IB 51 -22.64 92.98 37.87
C PRO IB 51 -23.68 93.01 39.00
N SER IB 52 -24.28 91.86 39.31
CA SER IB 52 -25.33 91.78 40.33
C SER IB 52 -24.81 92.05 41.73
N ASN IB 53 -23.78 91.29 42.13
CA ASN IB 53 -23.16 91.44 43.44
C ASN IB 53 -22.22 92.63 43.50
N GLY IB 54 -21.31 92.70 42.53
CA GLY IB 54 -20.16 93.58 42.58
C GLY IB 54 -18.93 92.90 43.16
N HIS IB 55 -18.86 91.57 43.04
CA HIS IB 55 -17.66 90.81 43.42
C HIS IB 55 -16.61 91.00 42.34
N ILE IB 56 -15.34 90.91 42.74
CA ILE IB 56 -14.23 91.00 41.79
C ILE IB 56 -13.93 89.59 41.29
N ILE IB 57 -13.77 89.46 39.98
CA ILE IB 57 -13.52 88.17 39.33
C ILE IB 57 -12.02 87.89 39.29
N GLY IB 58 -11.26 88.84 38.75
CA GLY IB 58 -9.86 88.65 38.41
C GLY IB 58 -8.86 88.42 39.54
N LYS IB 59 -9.09 89.05 40.70
CA LYS IB 59 -8.05 89.12 41.74
C LYS IB 59 -7.84 87.80 42.50
N LEU IB 60 -6.66 87.68 43.10
CA LEU IB 60 -6.26 86.54 43.91
C LEU IB 60 -5.79 87.07 45.27
N VAL IB 61 -6.33 86.51 46.35
CA VAL IB 61 -5.88 86.86 47.70
C VAL IB 61 -4.53 86.18 47.97
N ASP IB 62 -3.53 86.97 48.34
CA ASP IB 62 -2.17 86.50 48.53
C ASP IB 62 -1.93 85.94 49.93
N VAL IB 63 -0.74 85.37 50.14
CA VAL IB 63 -0.30 84.89 51.44
C VAL IB 63 -0.02 86.08 52.39
N THR IB 64 0.59 87.12 51.84
CA THR IB 64 0.87 88.36 52.60
C THR IB 64 -0.40 89.14 52.96
N GLU IB 65 -1.43 89.03 52.11
CA GLU IB 65 -2.73 89.67 52.37
C GLU IB 65 -3.59 88.93 53.41
N GLN IB 66 -3.22 87.68 53.73
CA GLN IB 66 -3.85 86.90 54.80
C GLN IB 66 -2.83 86.64 55.91
N PRO IB 67 -2.55 87.66 56.76
CA PRO IB 67 -1.56 87.49 57.82
C PRO IB 67 -2.05 86.65 59.01
N HIS IB 68 -3.30 86.83 59.41
CA HIS IB 68 -3.83 86.24 60.65
C HIS IB 68 -4.13 84.75 60.45
N ALA IB 69 -4.31 84.05 61.57
CA ALA IB 69 -4.49 82.60 61.56
C ALA IB 69 -5.84 82.18 60.95
N ASN IB 70 -5.83 81.01 60.33
CA ASN IB 70 -7.00 80.44 59.66
C ASN IB 70 -7.92 79.75 60.66
N ASN IB 71 -9.11 79.36 60.21
CA ASN IB 71 -9.93 78.37 60.92
C ASN IB 71 -9.11 77.09 61.09
N LYS IB 72 -9.17 76.53 62.29
CA LYS IB 72 -8.22 75.51 62.77
C LYS IB 72 -6.80 76.07 63.02
N GLY IB 73 -6.72 77.38 63.25
CA GLY IB 73 -5.52 78.06 63.74
C GLY IB 73 -4.18 77.86 63.04
N LEU IB 74 -4.18 77.59 61.74
CA LEU IB 74 -2.95 77.44 60.96
C LEU IB 74 -2.68 78.68 60.13
N TYR IB 75 -1.46 79.20 60.19
CA TYR IB 75 -1.07 80.36 59.40
C TYR IB 75 -0.75 79.93 57.98
N LYS IB 76 -1.37 80.59 57.00
CA LYS IB 76 -1.06 80.34 55.59
C LYS IB 76 0.32 80.93 55.31
N THR IB 77 1.27 80.06 54.98
CA THR IB 77 2.63 80.45 54.62
C THR IB 77 3.00 80.13 53.15
N ARG IB 78 2.13 79.39 52.46
CA ARG IB 78 2.36 78.97 51.08
C ARG IB 78 1.11 79.22 50.25
N PRO IB 79 1.27 79.32 48.91
CA PRO IB 79 0.10 79.19 48.04
C PRO IB 79 -0.45 77.77 48.07
N ASN IB 80 -1.77 77.65 48.11
CA ASN IB 80 -2.43 76.33 48.03
C ASN IB 80 -2.45 75.81 46.59
N SER IB 81 -3.08 74.64 46.38
CA SER IB 81 -3.19 74.04 45.04
C SER IB 81 -4.00 74.90 44.07
N SER IB 82 -5.13 75.43 44.53
CA SER IB 82 -6.01 76.27 43.70
C SER IB 82 -5.41 77.64 43.35
N ASP IB 83 -4.52 78.16 44.22
CA ASP IB 83 -3.84 79.44 43.98
C ASP IB 83 -2.76 79.36 42.90
N LYS IB 84 -2.36 78.15 42.50
CA LYS IB 84 -1.39 77.94 41.42
C LYS IB 84 -2.03 77.70 40.04
N ARG IB 85 -3.25 77.16 40.03
CA ARG IB 85 -3.96 76.86 38.78
C ARG IB 85 -4.38 78.13 38.07
N VAL IB 86 -4.20 78.16 36.74
CA VAL IB 86 -4.44 79.38 35.97
C VAL IB 86 -5.93 79.54 35.71
N GLY IB 87 -6.57 80.40 36.50
CA GLY IB 87 -8.02 80.61 36.43
C GLY IB 87 -8.42 81.64 35.39
N VAL IB 88 -8.28 81.26 34.12
CA VAL IB 88 -8.62 82.13 32.98
C VAL IB 88 -10.09 81.93 32.57
N LYS IB 89 -10.57 80.68 32.64
CA LYS IB 89 -11.97 80.36 32.31
C LYS IB 89 -13.00 81.14 33.14
N ARG IB 90 -12.65 81.51 34.37
CA ARG IB 90 -13.51 82.36 35.20
C ARG IB 90 -13.67 83.78 34.66
N LEU IB 91 -12.61 84.33 34.09
CA LEU IB 91 -12.65 85.65 33.44
C LEU IB 91 -13.60 85.68 32.23
N TYR IB 92 -13.72 84.55 31.51
CA TYR IB 92 -14.47 84.49 30.26
C TYR IB 92 -15.88 83.95 30.36
N ARG IB 93 -16.10 82.93 31.20
CA ARG IB 93 -17.45 82.37 31.37
C ARG IB 93 -18.31 83.42 32.07
N PRO IB 94 -19.53 83.65 31.55
CA PRO IB 94 -20.34 84.75 32.08
C PRO IB 94 -20.82 84.51 33.51
N PRO IB 95 -20.91 85.59 34.32
CA PRO IB 95 -21.16 85.47 35.75
C PRO IB 95 -22.58 85.05 36.11
N LYS IB 96 -22.71 84.20 37.12
CA LYS IB 96 -24.01 83.83 37.66
C LYS IB 96 -24.52 84.95 38.54
N LEU IB 97 -25.61 85.59 38.10
CA LEU IB 97 -26.15 86.77 38.77
C LEU IB 97 -26.91 86.35 40.01
N THR IB 98 -26.50 86.89 41.17
CA THR IB 98 -27.10 86.57 42.46
C THR IB 98 -27.67 87.82 43.13
N TYR IB 99 -28.83 87.64 43.76
CA TYR IB 99 -29.53 88.71 44.46
C TYR IB 99 -29.94 88.23 45.84
N VAL IB 100 -29.88 89.13 46.82
CA VAL IB 100 -30.34 88.86 48.20
C VAL IB 100 -31.86 88.67 48.22
N GLU IB 101 -32.55 89.36 47.31
CA GLU IB 101 -34.00 89.35 47.22
C GLU IB 101 -34.58 87.98 46.83
N ASP IB 102 -33.84 87.24 46.00
CA ASP IB 102 -34.25 85.89 45.57
C ASP IB 102 -34.49 84.93 46.74
N ARG IB 103 -33.60 85.00 47.73
CA ARG IB 103 -33.71 84.19 48.95
C ARG IB 103 -34.96 84.57 49.77
N LEU IB 104 -35.19 85.87 49.89
CA LEU IB 104 -36.38 86.42 50.55
C LEU IB 104 -37.67 85.99 49.86
N ARG IB 105 -37.67 86.05 48.53
CA ARG IB 105 -38.79 85.58 47.71
C ARG IB 105 -39.10 84.11 47.98
N SER IB 106 -38.05 83.29 47.95
CA SER IB 106 -38.16 81.85 48.21
C SER IB 106 -38.76 81.57 49.59
N LEU IB 107 -38.26 82.30 50.60
CA LEU IB 107 -38.75 82.21 51.97
C LEU IB 107 -40.23 82.56 52.09
N PHE IB 108 -40.61 83.66 51.44
CA PHE IB 108 -41.98 84.18 51.51
C PHE IB 108 -43.00 83.17 51.02
N TYR IB 109 -42.74 82.61 49.85
CA TYR IB 109 -43.67 81.65 49.24
C TYR IB 109 -43.66 80.27 49.93
N LYS IB 110 -42.58 79.94 50.63
CA LYS IB 110 -42.57 78.79 51.56
C LYS IB 110 -43.50 79.05 52.75
N GLN IB 111 -43.38 80.25 53.32
CA GLN IB 111 -44.22 80.68 54.44
C GLN IB 111 -45.68 80.90 54.03
N HIS IB 112 -45.92 81.33 52.80
CA HIS IB 112 -47.25 81.65 52.29
C HIS IB 112 -47.49 80.90 50.97
N PRO IB 113 -47.76 79.58 51.04
CA PRO IB 113 -48.07 78.82 49.83
C PRO IB 113 -49.20 79.41 48.98
N TRP IB 114 -50.30 79.79 49.61
CA TRP IB 114 -51.48 80.31 48.89
C TRP IB 114 -51.30 81.68 48.22
N GLU IB 115 -50.18 82.38 48.50
CA GLU IB 115 -49.79 83.54 47.70
C GLU IB 115 -49.40 83.17 46.26
N LEU IB 116 -48.94 81.93 46.04
CA LEU IB 116 -48.69 81.43 44.68
C LEU IB 116 -49.96 81.36 43.82
N SER IB 117 -51.09 81.06 44.45
CA SER IB 117 -52.38 80.98 43.74
C SER IB 117 -52.90 82.34 43.23
N ARG IB 118 -52.38 83.44 43.76
CA ARG IB 118 -52.72 84.78 43.26
C ARG IB 118 -52.04 84.94 41.91
N PRO IB 119 -52.81 85.06 40.80
CA PRO IB 119 -52.15 85.10 39.49
C PRO IB 119 -51.24 86.31 39.28
N LYS IB 120 -50.16 86.09 38.52
CA LYS IB 120 -49.13 87.09 38.28
C LYS IB 120 -48.98 87.36 36.78
N ILE IB 121 -49.23 88.60 36.37
CA ILE IB 121 -48.93 89.03 35.00
C ILE IB 121 -47.44 89.35 34.93
N LEU IB 122 -46.74 88.69 34.00
CA LEU IB 122 -45.30 88.91 33.78
C LEU IB 122 -45.01 89.83 32.59
N VAL IB 123 -46.03 90.15 31.80
CA VAL IB 123 -45.88 91.05 30.65
C VAL IB 123 -45.67 92.47 31.18
N GLU IB 124 -44.44 92.97 31.04
CA GLU IB 124 -44.04 94.24 31.64
C GLU IB 124 -44.71 95.44 30.97
N ASN IB 125 -45.12 96.40 31.79
CA ASN IB 125 -45.40 97.76 31.32
C ASN IB 125 -44.10 98.52 31.46
N GLU IB 126 -44.04 99.74 30.91
CA GLU IB 126 -42.79 100.52 30.89
C GLU IB 126 -42.05 100.52 32.23
N ILE IB 127 -40.90 99.83 32.26
CA ILE IB 127 -40.08 99.70 33.46
C ILE IB 127 -39.42 101.04 33.86
N GLY IB 128 -39.12 101.87 32.87
CA GLY IB 128 -38.58 103.21 33.12
C GLY IB 128 -39.56 104.19 33.73
N ASP IB 129 -40.85 104.07 33.40
CA ASP IB 129 -41.89 105.01 33.86
C ASP IB 129 -42.16 104.99 35.38
N GLU IB 130 -41.95 103.84 36.02
CA GLU IB 130 -42.30 103.68 37.44
C GLU IB 130 -41.38 104.47 38.38
N ASN IB 131 -41.88 104.71 39.59
CA ASN IB 131 -41.20 105.57 40.57
C ASN IB 131 -41.76 105.35 41.99
N TYR IB 132 -41.38 104.21 42.57
CA TYR IB 132 -41.97 103.74 43.84
C TYR IB 132 -41.15 104.17 45.05
N ASP IB 133 -41.77 104.94 45.94
CA ASP IB 133 -41.20 105.25 47.25
C ASP IB 133 -41.58 104.12 48.22
N TRP IB 134 -40.59 103.31 48.58
CA TRP IB 134 -40.81 102.14 49.46
C TRP IB 134 -40.82 102.46 50.97
N SER IB 135 -41.02 103.75 51.30
CA SER IB 135 -41.54 104.18 52.61
C SER IB 135 -42.81 103.42 53.02
N HIS IB 136 -43.66 103.11 52.03
CA HIS IB 136 -44.88 102.33 52.21
C HIS IB 136 -44.93 101.20 51.18
N MET IB 137 -45.86 100.26 51.37
CA MET IB 137 -45.99 99.10 50.50
C MET IB 137 -46.86 99.39 49.28
N LEU IB 138 -48.04 99.96 49.54
CA LEU IB 138 -49.02 100.22 48.48
C LEU IB 138 -48.49 101.23 47.47
N GLN IB 139 -47.95 100.74 46.37
CA GLN IB 139 -47.62 101.56 45.20
C GLN IB 139 -48.81 101.48 44.24
N ILE IB 140 -48.86 102.41 43.30
CA ILE IB 140 -50.05 102.58 42.44
C ILE IB 140 -50.06 101.58 41.27
N GLY IB 141 -49.06 101.66 40.39
CA GLY IB 141 -48.97 100.74 39.25
C GLY IB 141 -48.77 99.29 39.62
N ARG IB 142 -48.12 99.07 40.76
CA ARG IB 142 -47.83 97.73 41.28
C ARG IB 142 -48.99 97.23 42.17
N PRO IB 143 -49.32 95.92 42.11
CA PRO IB 143 -50.28 95.31 43.04
C PRO IB 143 -49.65 94.93 44.37
N LEU IB 144 -50.47 94.47 45.31
CA LEU IB 144 -49.98 94.01 46.61
C LEU IB 144 -49.59 92.54 46.48
N ASP IB 145 -48.32 92.23 46.78
CA ASP IB 145 -47.84 90.83 46.74
C ASP IB 145 -46.56 90.69 47.58
N GLY IB 146 -45.99 89.48 47.58
CA GLY IB 146 -44.72 89.22 48.25
C GLY IB 146 -43.57 90.09 47.77
N GLU IB 147 -43.58 90.41 46.48
CA GLU IB 147 -42.59 91.31 45.87
C GLU IB 147 -42.55 92.65 46.61
N SER IB 148 -43.73 93.25 46.81
CA SER IB 148 -43.86 94.54 47.48
C SER IB 148 -43.30 94.51 48.89
N VAL IB 149 -43.59 93.42 49.60
CA VAL IB 149 -43.00 93.12 50.93
C VAL IB 149 -41.49 93.20 50.84
N ILE IB 150 -40.92 92.40 49.94
CA ILE IB 150 -39.48 92.28 49.75
C ILE IB 150 -38.82 93.62 49.44
N GLN IB 151 -39.45 94.40 48.57
CA GLN IB 151 -38.99 95.76 48.25
C GLN IB 151 -38.97 96.65 49.49
N ARG IB 152 -40.02 96.55 50.30
CA ARG IB 152 -40.09 97.24 51.59
C ARG IB 152 -38.98 96.83 52.55
N THR IB 153 -38.68 95.54 52.59
CA THR IB 153 -37.59 94.99 53.43
C THR IB 153 -36.24 95.59 53.01
N MET IB 154 -36.01 95.61 51.70
CA MET IB 154 -34.80 96.17 51.12
C MET IB 154 -34.64 97.65 51.44
N TYR IB 155 -35.74 98.39 51.33
CA TYR IB 155 -35.77 99.81 51.67
C TYR IB 155 -35.41 100.05 53.14
N LEU IB 156 -36.00 99.25 54.03
CA LEU IB 156 -35.70 99.30 55.47
C LEU IB 156 -34.23 99.04 55.76
N ILE IB 157 -33.68 98.01 55.11
CA ILE IB 157 -32.26 97.65 55.20
C ILE IB 157 -31.37 98.82 54.78
N LYS IB 158 -31.69 99.41 53.64
CA LYS IB 158 -30.96 100.57 53.11
C LYS IB 158 -30.96 101.74 54.08
N THR IB 159 -32.13 102.07 54.61
CA THR IB 159 -32.32 103.23 55.48
C THR IB 159 -31.79 103.00 56.90
N LYS IB 160 -31.61 101.74 57.29
CA LYS IB 160 -31.12 101.34 58.61
C LYS IB 160 -32.10 101.70 59.74
N GLN IB 161 -33.40 101.59 59.46
CA GLN IB 161 -34.44 101.66 60.48
C GLN IB 161 -34.39 100.36 61.28
N TYR IB 162 -34.41 99.24 60.54
CA TYR IB 162 -34.05 97.93 61.07
C TYR IB 162 -32.70 97.56 60.48
N GLY IB 163 -31.66 97.59 61.32
CA GLY IB 163 -30.31 97.20 60.90
C GLY IB 163 -30.23 95.76 60.45
N ASP IB 164 -30.90 94.87 61.19
CA ASP IB 164 -31.01 93.47 60.84
C ASP IB 164 -32.01 93.28 59.69
N MET IB 165 -31.68 92.33 58.80
CA MET IB 165 -32.49 91.99 57.64
C MET IB 165 -33.79 91.27 58.01
N VAL IB 166 -33.66 90.35 58.96
CA VAL IB 166 -34.78 89.48 59.39
C VAL IB 166 -35.90 90.31 59.99
N GLU IB 167 -35.52 91.26 60.86
CA GLU IB 167 -36.47 92.17 61.52
C GLU IB 167 -37.22 93.03 60.51
N ALA IB 168 -36.50 93.54 59.53
CA ALA IB 168 -37.07 94.32 58.42
C ALA IB 168 -38.07 93.51 57.61
N TYR IB 169 -37.70 92.27 57.33
CA TYR IB 169 -38.57 91.32 56.64
C TYR IB 169 -39.88 91.06 57.39
N ASP IB 170 -39.74 90.82 58.69
CA ASP IB 170 -40.89 90.61 59.58
C ASP IB 170 -41.84 91.81 59.55
N HIS IB 171 -41.26 92.99 59.70
CA HIS IB 171 -41.99 94.26 59.65
C HIS IB 171 -42.80 94.42 58.35
N ALA IB 172 -42.14 94.15 57.23
CA ALA IB 172 -42.76 94.19 55.91
C ALA IB 172 -43.92 93.21 55.78
N ARG IB 173 -43.70 92.01 56.32
CA ARG IB 173 -44.72 90.96 56.37
C ARG IB 173 -45.95 91.43 57.16
N TYR IB 174 -45.70 92.04 58.31
CA TYR IB 174 -46.78 92.57 59.17
C TYR IB 174 -47.56 93.71 58.52
N GLU IB 175 -46.86 94.57 57.78
CA GLU IB 175 -47.49 95.62 56.97
C GLU IB 175 -48.41 95.03 55.91
N PHE IB 176 -47.90 94.01 55.22
CA PHE IB 176 -48.64 93.25 54.18
C PHE IB 176 -49.92 92.63 54.71
N TYR IB 177 -49.83 92.01 55.88
CA TYR IB 177 -50.95 91.26 56.45
C TYR IB 177 -52.18 92.14 56.68
N ALA IB 178 -51.96 93.28 57.30
CA ALA IB 178 -53.02 94.28 57.54
C ALA IB 178 -53.72 94.69 56.26
N LEU IB 179 -52.92 95.00 55.24
CA LEU IB 179 -53.42 95.36 53.91
C LEU IB 179 -54.26 94.25 53.28
N ARG IB 180 -53.76 93.02 53.40
CA ARG IB 180 -54.47 91.83 52.90
C ARG IB 180 -55.82 91.64 53.58
N MET IB 181 -55.82 91.77 54.91
CA MET IB 181 -57.04 91.70 55.72
C MET IB 181 -58.07 92.74 55.28
N GLN IB 182 -57.59 93.97 55.07
CA GLN IB 182 -58.42 95.07 54.58
C GLN IB 182 -59.03 94.77 53.22
N GLU IB 183 -58.20 94.27 52.31
CA GLU IB 183 -58.65 93.81 50.98
C GLU IB 183 -59.74 92.75 51.06
N GLU IB 184 -59.52 91.78 51.95
CA GLU IB 184 -60.47 90.68 52.18
C GLU IB 184 -61.81 91.20 52.66
N THR IB 185 -61.76 92.11 53.64
CA THR IB 185 -62.98 92.73 54.19
C THR IB 185 -63.73 93.54 53.15
N GLU IB 186 -63.00 94.29 52.32
CA GLU IB 186 -63.59 95.11 51.25
C GLU IB 186 -64.52 94.31 50.33
N GLN IB 187 -64.01 93.18 49.85
CA GLN IB 187 -64.72 92.34 48.89
C GLN IB 187 -66.01 91.74 49.47
N GLN IB 188 -65.87 91.18 50.68
CA GLN IB 188 -67.00 90.59 51.40
C GLN IB 188 -68.14 91.58 51.64
N VAL IB 189 -67.78 92.78 52.11
CA VAL IB 189 -68.76 93.83 52.40
C VAL IB 189 -69.41 94.33 51.11
N ALA IB 190 -68.61 94.48 50.05
CA ALA IB 190 -69.13 94.81 48.71
C ALA IB 190 -70.15 93.79 48.22
N LEU IB 191 -69.86 92.52 48.48
CA LEU IB 191 -70.77 91.41 48.16
C LEU IB 191 -72.06 91.51 48.96
N GLU IB 192 -71.92 91.76 50.26
CA GLU IB 192 -73.06 91.97 51.17
C GLU IB 192 -73.97 93.10 50.70
N GLU IB 193 -73.35 94.25 50.40
CA GLU IB 193 -74.05 95.42 49.86
C GLU IB 193 -74.86 95.05 48.61
N ALA IB 194 -74.20 94.36 47.69
CA ALA IB 194 -74.82 93.89 46.44
C ALA IB 194 -76.05 93.02 46.71
N GLU IB 195 -75.89 92.08 47.64
CA GLU IB 195 -76.99 91.22 48.09
C GLU IB 195 -78.16 92.02 48.67
N MET IB 196 -77.84 93.02 49.49
CA MET IB 196 -78.85 93.89 50.11
C MET IB 196 -79.66 94.68 49.09
N PHE IB 197 -78.98 95.30 48.13
CA PHE IB 197 -79.64 96.20 47.18
C PHE IB 197 -80.18 95.50 45.91
N GLY IB 198 -80.44 94.19 45.99
CA GLY IB 198 -81.12 93.45 44.94
C GLY IB 198 -80.30 93.21 43.69
N SER IB 199 -78.98 93.07 43.85
CA SER IB 199 -78.11 92.66 42.74
C SER IB 199 -78.29 91.16 42.56
N LEU IB 200 -78.12 90.69 41.32
CA LEU IB 200 -78.34 89.29 40.97
C LEU IB 200 -77.16 88.72 40.23
N PHE IB 201 -76.50 87.73 40.85
CA PHE IB 201 -75.37 87.02 40.26
C PHE IB 201 -75.85 85.66 39.78
N GLY IB 202 -75.75 85.45 38.47
CA GLY IB 202 -76.27 84.23 37.83
C GLY IB 202 -75.51 82.96 38.19
N VAL IB 203 -74.18 83.06 38.25
CA VAL IB 203 -73.31 81.94 38.55
C VAL IB 203 -72.27 82.36 39.58
N SER IB 204 -72.39 81.82 40.79
CA SER IB 204 -71.37 81.99 41.82
C SER IB 204 -70.21 81.03 41.58
N ALA IB 205 -69.05 81.34 42.17
CA ALA IB 205 -67.80 80.61 41.94
C ALA IB 205 -67.88 79.14 42.30
N ILE IB 206 -68.47 78.86 43.46
CA ILE IB 206 -68.70 77.49 43.91
C ILE IB 206 -69.67 76.73 43.00
N GLU IB 207 -70.72 77.41 42.54
CA GLU IB 207 -71.71 76.86 41.61
C GLU IB 207 -71.06 76.50 40.28
N HIS IB 208 -70.22 77.42 39.79
CA HIS IB 208 -69.41 77.22 38.59
C HIS IB 208 -68.53 75.98 38.69
N GLY IB 209 -67.83 75.86 39.81
CA GLY IB 209 -66.97 74.70 40.11
C GLY IB 209 -67.72 73.39 40.07
N ILE IB 210 -68.89 73.38 40.71
CA ILE IB 210 -69.78 72.22 40.74
C ILE IB 210 -70.20 71.81 39.33
N GLN IB 211 -70.59 72.80 38.53
CA GLN IB 211 -70.95 72.58 37.11
C GLN IB 211 -69.80 71.97 36.33
N LYS IB 212 -68.59 72.48 36.56
CA LYS IB 212 -67.38 72.00 35.91
C LYS IB 212 -67.10 70.54 36.26
N GLU IB 213 -67.22 70.22 37.55
CA GLU IB 213 -67.09 68.86 38.06
C GLU IB 213 -68.10 67.90 37.44
N GLN IB 214 -69.34 68.37 37.29
CA GLN IB 214 -70.45 67.59 36.77
C GLN IB 214 -70.22 67.00 35.39
N GLU IB 215 -69.71 67.83 34.47
CA GLU IB 215 -69.39 67.40 33.10
C GLU IB 215 -68.34 66.29 33.09
N VAL IB 216 -67.29 66.49 33.89
CA VAL IB 216 -66.20 65.52 34.04
C VAL IB 216 -66.73 64.18 34.57
N LEU IB 217 -67.57 64.27 35.59
CA LEU IB 217 -68.21 63.10 36.19
C LEU IB 217 -69.06 62.32 35.20
N ASP IB 218 -69.84 63.05 34.40
CA ASP IB 218 -70.66 62.45 33.34
C ASP IB 218 -69.81 61.71 32.31
N VAL IB 219 -68.69 62.32 31.92
CA VAL IB 219 -67.72 61.73 31.00
C VAL IB 219 -67.14 60.43 31.60
N TRP IB 220 -66.73 60.51 32.86
CA TRP IB 220 -66.20 59.37 33.62
C TRP IB 220 -67.19 58.21 33.70
N GLU IB 221 -68.45 58.51 33.97
CA GLU IB 221 -69.48 57.50 34.23
C GLU IB 221 -69.71 56.57 33.04
N LYS IB 222 -69.90 57.17 31.86
CA LYS IB 222 -70.10 56.42 30.62
C LYS IB 222 -68.91 55.52 30.31
N LYS IB 223 -67.72 56.12 30.41
CA LYS IB 223 -66.45 55.38 30.27
C LYS IB 223 -66.33 54.24 31.27
N VAL IB 224 -66.65 54.52 32.52
CA VAL IB 224 -66.52 53.53 33.60
C VAL IB 224 -67.43 52.33 33.38
N VAL IB 225 -68.65 52.60 32.92
CA VAL IB 225 -69.63 51.55 32.60
C VAL IB 225 -69.11 50.65 31.47
N GLU IB 226 -68.56 51.26 30.43
CA GLU IB 226 -67.94 50.54 29.32
C GLU IB 226 -66.79 49.64 29.78
N GLU IB 227 -65.95 50.20 30.65
CA GLU IB 227 -64.82 49.46 31.23
C GLU IB 227 -65.26 48.26 32.07
N THR IB 228 -66.32 48.45 32.86
CA THR IB 228 -66.89 47.37 33.66
C THR IB 228 -67.45 46.24 32.77
N GLU IB 229 -68.14 46.64 31.70
CA GLU IB 229 -68.65 45.70 30.70
C GLU IB 229 -67.54 44.88 30.03
N LEU IB 230 -66.46 45.58 29.67
CA LEU IB 230 -65.27 44.95 29.08
C LEU IB 230 -64.68 43.91 30.03
N MET IB 231 -64.52 44.32 31.29
CA MET IB 231 -64.01 43.47 32.37
C MET IB 231 -64.86 42.21 32.57
N ALA IB 232 -66.18 42.39 32.53
CA ALA IB 232 -67.13 41.27 32.61
C ALA IB 232 -66.95 40.27 31.47
N ALA IB 233 -66.84 40.80 30.25
CA ALA IB 233 -66.56 39.97 29.06
C ALA IB 233 -65.07 39.67 28.96
N GLY JB 1 35.41 73.16 -10.38
CA GLY JB 1 34.90 74.54 -10.65
C GLY JB 1 33.99 75.11 -9.56
N LYS JB 2 33.20 74.22 -8.96
CA LYS JB 2 32.30 74.58 -7.85
C LYS JB 2 33.03 75.15 -6.64
N GLY JB 3 34.11 74.49 -6.24
CA GLY JB 3 34.92 74.91 -5.08
C GLY JB 3 35.87 76.07 -5.29
N ALA JB 4 36.01 76.54 -6.54
CA ALA JB 4 36.84 77.70 -6.87
C ALA JB 4 36.26 79.03 -6.35
N ALA JB 5 34.95 79.08 -6.11
CA ALA JB 5 34.28 80.27 -5.57
C ALA JB 5 34.73 80.67 -4.16
N LYS JB 6 35.26 79.69 -3.40
CA LYS JB 6 35.94 79.98 -2.13
C LYS JB 6 37.16 80.88 -2.34
N TYR JB 7 37.95 80.55 -3.37
CA TYR JB 7 39.21 81.24 -3.67
C TYR JB 7 39.09 82.33 -4.77
N GLY JB 8 37.90 82.90 -4.93
CA GLY JB 8 37.69 83.99 -5.89
C GLY JB 8 37.66 83.55 -7.34
N PHE JB 9 37.06 82.37 -7.58
CA PHE JB 9 36.92 81.79 -8.93
C PHE JB 9 38.26 81.69 -9.67
N LYS JB 10 39.23 81.09 -8.97
CA LYS JB 10 40.60 80.94 -9.46
C LYS JB 10 40.88 79.45 -9.71
N SER JB 11 40.67 79.00 -10.95
CA SER JB 11 41.00 77.63 -11.33
C SER JB 11 42.52 77.49 -11.43
N GLY JB 12 43.06 76.43 -10.83
CA GLY JB 12 44.51 76.25 -10.69
C GLY JB 12 45.02 76.94 -9.44
N VAL JB 13 46.20 76.51 -9.00
CA VAL JB 13 46.81 76.98 -7.75
C VAL JB 13 48.24 77.44 -7.99
N PHE JB 14 48.67 78.43 -7.21
CA PHE JB 14 50.07 78.83 -7.13
C PHE JB 14 50.71 78.15 -5.93
N PRO JB 15 52.05 77.97 -5.96
CA PRO JB 15 52.73 77.52 -4.76
C PRO JB 15 52.78 78.64 -3.72
N THR JB 16 52.83 78.27 -2.45
CA THR JB 16 52.75 79.25 -1.35
C THR JB 16 53.91 80.22 -1.41
N THR JB 17 53.61 81.52 -1.29
CA THR JB 17 54.62 82.57 -1.35
C THR JB 17 55.56 82.45 -0.15
N ARG JB 18 56.85 82.35 -0.45
CA ARG JB 18 57.84 81.86 0.50
C ARG JB 18 58.47 83.03 1.25
N SER JB 19 58.24 83.08 2.56
CA SER JB 19 58.66 84.20 3.40
C SER JB 19 60.17 84.45 3.33
N ILE JB 20 60.55 85.70 3.01
CA ILE JB 20 61.96 86.08 2.87
C ILE JB 20 62.67 86.07 4.23
N LEU JB 21 62.02 86.63 5.26
CA LEU JB 21 62.46 86.47 6.65
C LEU JB 21 61.59 85.39 7.28
N LYS JB 22 62.23 84.30 7.72
CA LYS JB 22 61.53 83.09 8.16
C LYS JB 22 61.27 83.01 9.67
N SER JB 23 61.62 84.07 10.40
CA SER JB 23 61.26 84.25 11.80
C SER JB 23 60.97 85.74 12.05
N PRO JB 24 60.30 86.06 13.18
CA PRO JB 24 60.06 87.48 13.48
C PRO JB 24 61.35 88.21 13.85
N THR JB 25 61.50 89.44 13.37
CA THR JB 25 62.70 90.24 13.63
C THR JB 25 62.71 90.82 15.04
N THR JB 26 63.86 91.38 15.43
CA THR JB 26 64.00 92.12 16.68
C THR JB 26 63.26 93.46 16.67
N LYS JB 27 63.15 94.08 15.50
CA LYS JB 27 62.43 95.35 15.35
C LYS JB 27 60.91 95.24 15.52
N GLN JB 28 60.36 94.04 15.30
CA GLN JB 28 58.95 93.77 15.59
C GLN JB 28 58.77 93.68 17.11
N THR JB 29 58.56 94.84 17.73
CA THR JB 29 58.51 95.00 19.19
C THR JB 29 57.24 94.41 19.80
N ASP JB 30 56.11 94.66 19.14
CA ASP JB 30 54.79 94.21 19.62
C ASP JB 30 54.70 92.70 19.78
N ILE JB 31 55.28 91.99 18.82
CA ILE JB 31 55.35 90.52 18.85
C ILE JB 31 56.18 90.05 20.03
N ILE JB 32 57.35 90.67 20.21
CA ILE JB 32 58.25 90.39 21.34
C ILE JB 32 57.56 90.59 22.68
N ASN JB 33 56.83 91.71 22.81
CA ASN JB 33 56.06 92.02 24.01
C ASN JB 33 55.00 90.95 24.31
N LYS JB 34 54.29 90.54 23.27
CA LYS JB 34 53.28 89.49 23.34
C LYS JB 34 53.86 88.16 23.82
N VAL JB 35 55.02 87.81 23.26
CA VAL JB 35 55.77 86.61 23.64
C VAL JB 35 56.15 86.64 25.13
N LYS JB 36 56.71 87.77 25.57
CA LYS JB 36 57.29 87.90 26.91
C LYS JB 36 56.30 88.20 28.04
N SER JB 37 55.04 88.51 27.70
CA SER JB 37 54.03 88.80 28.72
C SER JB 37 53.67 87.54 29.52
N PRO JB 38 53.14 87.71 30.76
CA PRO JB 38 52.79 86.55 31.59
C PRO JB 38 51.77 85.63 30.93
N LYS JB 39 52.12 84.35 30.80
CA LYS JB 39 51.26 83.36 30.15
C LYS JB 39 50.09 83.02 31.08
N PRO JB 40 48.86 82.95 30.53
CA PRO JB 40 47.69 82.76 31.39
C PRO JB 40 47.55 81.35 31.95
N LYS JB 41 46.71 81.21 32.97
CA LYS JB 41 46.42 79.92 33.61
C LYS JB 41 44.91 79.78 33.80
N GLY JB 42 44.49 78.59 34.27
CA GLY JB 42 43.10 78.30 34.57
C GLY JB 42 42.43 77.54 33.44
N VAL JB 43 41.38 78.12 32.87
CA VAL JB 43 40.56 77.45 31.84
C VAL JB 43 41.26 77.61 30.50
N LEU JB 44 41.58 78.86 30.15
CA LEU JB 44 42.30 79.18 28.91
C LEU JB 44 43.77 79.47 29.24
N GLY JB 45 44.43 78.47 29.81
CA GLY JB 45 45.85 78.54 30.15
C GLY JB 45 46.70 77.85 29.09
N ILE JB 46 48.00 78.15 29.09
CA ILE JB 46 48.94 77.62 28.09
C ILE JB 46 49.87 76.56 28.71
N GLY JB 47 50.76 77.00 29.59
CA GLY JB 47 51.83 76.16 30.13
C GLY JB 47 51.40 75.21 31.25
N TYR JB 48 52.32 74.96 32.18
CA TYR JB 48 52.02 74.18 33.40
C TYR JB 48 51.73 75.13 34.55
N ALA JB 49 50.81 74.72 35.43
CA ALA JB 49 50.54 75.47 36.68
C ALA JB 49 51.73 75.33 37.62
N LYS JB 50 51.96 76.36 38.44
CA LYS JB 50 53.14 76.45 39.30
C LYS JB 50 53.35 75.21 40.19
N GLY JB 51 52.28 74.76 40.83
CA GLY JB 51 52.34 73.58 41.71
C GLY JB 51 52.53 72.25 41.00
N VAL JB 52 51.99 72.14 39.78
CA VAL JB 52 51.93 70.87 39.06
C VAL JB 52 53.27 70.58 38.37
N LYS JB 53 53.68 69.30 38.41
CA LYS JB 53 54.92 68.84 37.79
C LYS JB 53 54.73 68.60 36.28
N HIS JB 54 55.81 68.24 35.60
CA HIS JB 54 55.79 67.91 34.17
C HIS JB 54 56.57 66.62 33.92
N PRO JB 55 56.31 65.91 32.81
CA PRO JB 55 56.97 64.61 32.57
C PRO JB 55 58.49 64.67 32.63
N LYS JB 56 59.11 63.61 33.14
CA LYS JB 56 60.53 63.61 33.52
C LYS JB 56 61.47 64.04 32.38
N GLY JB 57 61.44 63.30 31.28
CA GLY JB 57 62.27 63.59 30.11
C GLY JB 57 61.94 64.89 29.39
N SER JB 58 60.67 65.32 29.44
CA SER JB 58 60.21 66.46 28.67
C SER JB 58 60.60 67.80 29.29
N HIS JB 59 60.66 68.83 28.46
CA HIS JB 59 60.84 70.20 28.92
C HIS JB 59 59.52 70.73 29.48
N ARG JB 60 59.60 71.67 30.41
CA ARG JB 60 58.41 72.26 31.03
C ARG JB 60 57.77 73.29 30.11
N LEU JB 61 58.57 74.30 29.73
CA LEU JB 61 58.10 75.39 28.86
C LEU JB 61 58.24 75.01 27.39
N SER JB 62 57.81 75.91 26.50
CA SER JB 62 58.08 75.82 25.07
C SER JB 62 59.42 76.48 24.75
N PRO JB 63 60.05 76.12 23.61
CA PRO JB 63 61.34 76.74 23.25
C PRO JB 63 61.20 78.22 22.90
N LYS JB 64 62.26 78.98 23.15
CA LYS JB 64 62.24 80.43 22.94
C LYS JB 64 62.33 80.79 21.46
N VAL JB 65 61.63 81.86 21.09
CA VAL JB 65 61.51 82.29 19.70
C VAL JB 65 62.76 83.07 19.31
N ASN JB 66 63.51 82.55 18.34
CA ASN JB 66 64.75 83.18 17.88
C ASN JB 66 64.47 84.39 17.00
N PHE JB 67 64.56 85.59 17.60
CA PHE JB 67 64.33 86.83 16.89
C PHE JB 67 65.54 87.21 16.03
N ILE JB 68 65.31 87.41 14.74
CA ILE JB 68 66.38 87.73 13.79
C ILE JB 68 66.84 89.17 13.98
N ASP JB 69 68.11 89.34 14.36
CA ASP JB 69 68.81 90.60 14.15
C ASP JB 69 69.12 90.65 12.66
N VAL JB 70 68.48 91.57 11.94
CA VAL JB 70 68.52 91.60 10.48
C VAL JB 70 69.90 92.00 9.96
N ASP JB 71 70.48 93.04 10.58
CA ASP JB 71 71.85 93.49 10.28
C ASP JB 71 72.88 92.38 10.47
N ASN JB 72 72.73 91.62 11.55
CA ASN JB 72 73.59 90.47 11.84
C ASN JB 72 73.46 89.39 10.78
N LEU JB 73 72.22 89.09 10.42
CA LEU JB 73 71.88 88.12 9.36
C LEU JB 73 72.56 88.52 8.04
N ILE JB 74 72.42 89.80 7.68
CA ILE JB 74 73.03 90.37 6.48
C ILE JB 74 74.54 90.16 6.48
N ALA JB 75 75.18 90.53 7.60
CA ALA JB 75 76.62 90.36 7.80
C ALA JB 75 77.08 88.92 7.59
N LYS JB 76 76.33 87.98 8.15
CA LYS JB 76 76.67 86.55 8.09
C LYS JB 76 76.48 85.93 6.70
N THR JB 77 75.27 86.03 6.17
CA THR JB 77 74.97 85.57 4.80
C THR JB 77 75.83 86.27 3.76
N VAL JB 78 75.88 87.59 3.88
CA VAL JB 78 76.44 88.47 2.86
C VAL JB 78 77.55 89.32 3.49
N ALA JB 79 78.70 88.70 3.71
CA ALA JB 79 79.87 89.40 4.23
C ALA JB 79 80.56 90.16 3.09
N GLU JB 80 80.96 91.40 3.35
CA GLU JB 80 81.75 92.18 2.39
C GLU JB 80 83.20 91.66 2.42
N PRO JB 81 83.90 91.73 1.28
CA PRO JB 81 85.23 91.13 1.20
C PRO JB 81 86.29 91.88 2.01
N GLN JB 82 87.05 91.16 2.82
CA GLN JB 82 88.10 91.73 3.66
C GLN JB 82 89.28 92.19 2.80
N SER JB 83 89.76 91.30 1.94
CA SER JB 83 90.75 91.66 0.92
C SER JB 83 90.05 92.49 -0.16
N ILE JB 84 90.11 93.80 0.01
CA ILE JB 84 89.29 94.75 -0.77
C ILE JB 84 89.74 94.96 -2.22
N LYS JB 85 91.05 95.03 -2.46
CA LYS JB 85 91.59 95.47 -3.77
C LYS JB 85 92.29 94.37 -4.61
N SER JB 86 92.33 93.13 -4.12
CA SER JB 86 92.92 92.03 -4.88
C SER JB 86 91.98 91.59 -6.02
N SER JB 87 92.29 92.04 -7.24
CA SER JB 87 91.43 91.77 -8.40
C SER JB 87 92.18 91.95 -9.74
N ASN JB 88 92.57 90.82 -10.34
CA ASN JB 88 93.12 90.76 -11.71
C ASN JB 88 92.42 89.66 -12.49
N GLY JB 89 92.48 89.74 -13.82
CA GLY JB 89 91.86 88.75 -14.70
C GLY JB 89 90.40 89.05 -14.97
N SER JB 90 89.93 88.67 -16.15
CA SER JB 90 88.58 89.02 -16.62
C SER JB 90 87.49 88.19 -15.94
N ALA JB 91 87.68 86.88 -15.91
CA ALA JB 91 86.74 85.96 -15.26
C ALA JB 91 86.57 86.26 -13.78
N GLN JB 92 87.69 86.50 -13.10
CA GLN JB 92 87.69 86.91 -11.69
C GLN JB 92 86.90 88.19 -11.43
N LYS JB 93 87.12 89.19 -12.30
CA LYS JB 93 86.37 90.45 -12.25
C LYS JB 93 84.88 90.23 -12.39
N VAL JB 94 84.50 89.37 -13.35
CA VAL JB 94 83.11 89.00 -13.60
C VAL JB 94 82.48 88.36 -12.36
N ARG JB 95 83.19 87.40 -11.78
CA ARG JB 95 82.76 86.74 -10.52
C ARG JB 95 82.54 87.75 -9.39
N LEU JB 96 83.48 88.68 -9.26
CA LEU JB 96 83.41 89.75 -8.25
C LEU JB 96 82.17 90.62 -8.45
N GLN JB 97 81.94 91.03 -9.69
CA GLN JB 97 80.74 91.78 -10.08
C GLN JB 97 79.45 91.05 -9.72
N LYS JB 98 79.41 89.76 -10.05
CA LYS JB 98 78.27 88.89 -9.72
C LYS JB 98 78.01 88.84 -8.22
N ALA JB 99 79.09 88.65 -7.47
CA ALA JB 99 79.04 88.63 -6.01
C ALA JB 99 78.45 89.92 -5.45
N GLU JB 100 79.02 91.05 -5.89
CA GLU JB 100 78.54 92.39 -5.54
C GLU JB 100 77.05 92.57 -5.80
N LEU JB 101 76.60 92.08 -6.96
CA LEU JB 101 75.20 92.19 -7.36
C LEU JB 101 74.29 91.37 -6.43
N ARG JB 102 74.74 90.16 -6.11
CA ARG JB 102 74.04 89.28 -5.18
C ARG JB 102 73.98 89.85 -3.77
N ARG JB 103 75.07 90.50 -3.35
CA ARG JB 103 75.08 91.21 -2.07
C ARG JB 103 74.04 92.29 -2.03
N LYS JB 104 74.06 93.15 -3.07
CA LYS JB 104 73.11 94.24 -3.24
C LYS JB 104 71.67 93.75 -3.11
N PHE JB 105 71.34 92.74 -3.90
CA PHE JB 105 69.96 92.24 -3.98
C PHE JB 105 69.45 91.65 -2.67
N LEU JB 106 70.26 90.76 -2.08
CA LEU JB 106 69.86 90.09 -0.84
C LEU JB 106 69.78 91.08 0.33
N ILE JB 107 70.72 92.03 0.37
CA ILE JB 107 70.70 93.12 1.36
C ILE JB 107 69.39 93.88 1.24
N GLU JB 108 69.12 94.41 0.04
CA GLU JB 108 67.90 95.17 -0.24
C GLU JB 108 66.65 94.39 0.16
N ALA JB 109 66.59 93.13 -0.27
CA ALA JB 109 65.44 92.25 -0.01
C ALA JB 109 65.14 92.14 1.47
N PHE JB 110 66.17 91.82 2.26
CA PHE JB 110 66.04 91.66 3.72
C PHE JB 110 65.58 92.95 4.40
N ARG JB 111 66.28 94.04 4.08
CA ARG JB 111 65.97 95.38 4.63
C ARG JB 111 64.56 95.82 4.28
N LYS JB 112 64.17 95.63 3.02
CA LYS JB 112 62.81 95.90 2.55
C LYS JB 112 61.78 95.11 3.34
N GLU JB 113 62.05 93.82 3.50
CA GLU JB 113 61.17 92.90 4.25
C GLU JB 113 60.97 93.39 5.69
N GLU JB 114 62.08 93.76 6.33
CA GLU JB 114 62.09 94.30 7.69
C GLU JB 114 61.21 95.54 7.80
N ALA JB 115 61.42 96.47 6.86
CA ALA JB 115 60.62 97.70 6.78
C ALA JB 115 59.15 97.41 6.46
N ARG JB 116 58.94 96.48 5.53
CA ARG JB 116 57.61 96.14 5.02
C ARG JB 116 56.69 95.55 6.09
N LEU JB 117 57.21 94.62 6.88
CA LEU JB 117 56.46 94.01 7.98
C LEU JB 117 56.01 95.04 9.02
N LEU JB 118 56.95 95.93 9.38
CA LEU JB 118 56.67 97.04 10.29
C LEU JB 118 55.60 97.97 9.74
N HIS JB 119 55.71 98.28 8.46
CA HIS JB 119 54.74 99.12 7.75
C HIS JB 119 53.34 98.50 7.76
N LYS JB 120 53.29 97.19 7.49
CA LYS JB 120 52.05 96.42 7.52
C LYS JB 120 51.40 96.43 8.90
N HIS JB 121 52.23 96.24 9.92
CA HIS JB 121 51.79 96.30 11.33
C HIS JB 121 51.19 97.66 11.68
N GLU JB 122 51.89 98.73 11.28
CA GLU JB 122 51.41 100.10 11.46
C GLU JB 122 50.06 100.34 10.81
N TYR JB 123 49.92 99.84 9.58
CA TYR JB 123 48.67 99.93 8.82
C TYR JB 123 47.52 99.22 9.54
N LEU JB 124 47.79 98.01 10.03
CA LEU JB 124 46.84 97.24 10.82
C LEU JB 124 46.39 98.00 12.07
N GLN JB 125 47.35 98.56 12.79
CA GLN JB 125 47.10 99.38 13.98
C GLN JB 125 46.18 100.56 13.69
N LYS JB 126 46.49 101.29 12.62
CA LYS JB 126 45.66 102.38 12.13
C LYS JB 126 44.23 101.92 11.81
N ARG JB 127 44.16 100.81 11.08
CA ARG JB 127 42.90 100.25 10.58
C ARG JB 127 41.95 99.83 11.70
N THR JB 128 42.50 99.12 12.68
CA THR JB 128 41.74 98.68 13.86
C THR JB 128 41.15 99.86 14.63
N LYS JB 129 41.97 100.89 14.84
CA LYS JB 129 41.53 102.14 15.48
C LYS JB 129 40.41 102.82 14.70
N GLU JB 130 40.57 102.92 13.39
CA GLU JB 130 39.55 103.48 12.49
C GLU JB 130 38.22 102.72 12.58
N LEU JB 131 38.31 101.39 12.60
CA LEU JB 131 37.13 100.53 12.77
C LEU JB 131 36.42 100.77 14.09
N GLU JB 132 37.20 100.85 15.17
CA GLU JB 132 36.68 101.17 16.51
C GLU JB 132 35.96 102.51 16.55
N LYS JB 133 36.56 103.52 15.93
CA LYS JB 133 35.97 104.86 15.81
C LYS JB 133 34.63 104.83 15.06
N ALA JB 134 34.60 104.06 13.97
CA ALA JB 134 33.40 103.87 13.16
C ALA JB 134 32.27 103.21 13.96
N LYS JB 135 32.63 102.17 14.71
CA LYS JB 135 31.70 101.48 15.62
C LYS JB 135 31.12 102.42 16.67
N GLU JB 136 32.00 103.23 17.27
CA GLU JB 136 31.59 104.24 18.26
C GLU JB 136 30.61 105.26 17.68
N LEU JB 137 30.91 105.73 16.47
CA LEU JB 137 30.02 106.63 15.73
C LEU JB 137 28.64 106.01 15.48
N GLU JB 138 28.65 104.76 15.02
CA GLU JB 138 27.40 104.00 14.80
C GLU JB 138 26.58 103.86 16.07
N LEU JB 139 27.25 103.56 17.17
CA LEU JB 139 26.62 103.45 18.50
C LEU JB 139 25.97 104.77 18.92
N GLU JB 140 26.71 105.86 18.72
CA GLU JB 140 26.22 107.22 19.01
C GLU JB 140 24.97 107.57 18.19
N LYS JB 141 25.02 107.24 16.90
CA LYS JB 141 23.88 107.42 15.98
C LYS JB 141 22.64 106.65 16.43
N LEU JB 142 22.86 105.40 16.82
CA LEU JB 142 21.78 104.55 17.37
C LEU JB 142 21.16 105.16 18.64
N ASN JB 143 22.02 105.68 19.51
CA ASN JB 143 21.59 106.26 20.79
C ASN JB 143 20.74 107.53 20.68
N LYS JB 144 21.20 108.52 19.91
CA LYS JB 144 20.56 109.84 19.89
C LYS JB 144 19.06 109.72 19.59
N GLU JB 145 18.25 110.28 20.50
CA GLU JB 145 16.81 110.03 20.51
C GLU JB 145 16.12 110.76 19.37
N LYS JB 146 15.51 109.99 18.46
CA LYS JB 146 14.74 110.54 17.35
C LYS JB 146 13.41 111.10 17.86
N SER JB 147 12.83 112.01 17.06
CA SER JB 147 11.50 112.54 17.34
C SER JB 147 10.45 111.43 17.27
N SER JB 148 10.56 110.60 16.23
CA SER JB 148 9.58 109.54 15.93
C SER JB 148 9.73 108.24 16.77
N ASP JB 149 10.51 108.28 17.85
CA ASP JB 149 10.58 107.18 18.81
C ASP JB 149 9.32 107.07 19.70
N LEU JB 150 8.59 108.17 19.88
CA LEU JB 150 7.45 108.20 20.82
C LEU JB 150 6.23 107.42 20.29
N THR JB 151 6.16 107.20 18.98
CA THR JB 151 5.15 106.30 18.39
C THR JB 151 5.36 104.84 18.81
N ILE JB 152 6.61 104.45 19.03
CA ILE JB 152 6.93 103.11 19.55
C ILE JB 152 6.53 103.06 21.03
N MET JB 153 5.93 101.94 21.42
CA MET JB 153 5.26 101.81 22.71
C MET JB 153 6.25 101.52 23.84
N THR JB 154 5.84 101.82 25.07
CA THR JB 154 6.69 101.66 26.25
C THR JB 154 5.89 101.18 27.47
N LEU JB 155 6.55 100.36 28.29
CA LEU JB 155 6.04 99.93 29.60
C LEU JB 155 7.25 100.01 30.55
N ASP JB 156 7.85 101.19 30.60
CA ASP JB 156 9.21 101.39 31.14
C ASP JB 156 9.35 101.03 32.61
N LYS JB 157 8.40 101.50 33.42
CA LYS JB 157 8.37 101.24 34.86
C LYS JB 157 8.33 99.74 35.16
N MET JB 158 7.43 99.05 34.47
CA MET JB 158 7.26 97.59 34.59
C MET JB 158 8.55 96.85 34.26
N MET JB 159 9.22 97.27 33.18
CA MET JB 159 10.51 96.70 32.78
C MET JB 159 11.57 96.91 33.85
N SER JB 160 11.59 98.12 34.42
CA SER JB 160 12.54 98.48 35.47
C SER JB 160 12.39 97.64 36.74
N GLN JB 161 11.14 97.39 37.13
CA GLN JB 161 10.84 96.60 38.35
C GLN JB 161 11.58 95.28 38.36
N PRO JB 162 12.30 94.97 39.45
CA PRO JB 162 13.00 93.69 39.53
C PRO JB 162 12.00 92.55 39.68
N LEU JB 163 12.29 91.42 39.05
CA LEU JB 163 11.35 90.29 39.00
C LEU JB 163 11.21 89.56 40.34
N LEU JB 164 12.15 89.77 41.26
CA LEU JB 164 12.03 89.28 42.62
C LEU JB 164 12.61 90.25 43.64
N ARG JB 165 11.89 90.41 44.75
CA ARG JB 165 12.43 90.98 45.98
C ARG JB 165 12.71 89.77 46.88
N ASN JB 166 13.97 89.40 47.00
CA ASN JB 166 14.37 88.31 47.90
C ASN JB 166 14.04 88.69 49.35
N ARG JB 167 13.57 87.72 50.13
CA ARG JB 167 13.15 87.96 51.51
C ARG JB 167 14.28 88.56 52.33
N SER JB 168 13.97 89.57 53.14
CA SER JB 168 14.91 90.07 54.14
C SER JB 168 14.98 89.01 55.25
N PRO JB 169 16.15 88.89 55.93
CA PRO JB 169 16.33 87.84 56.94
C PRO JB 169 15.27 87.86 58.04
N GLU JB 170 14.92 89.06 58.50
CA GLU JB 170 13.82 89.27 59.45
C GLU JB 170 12.51 88.68 58.93
N GLU JB 171 12.20 88.98 57.67
CA GLU JB 171 10.96 88.54 57.02
C GLU JB 171 10.90 87.01 56.99
N SER JB 172 12.03 86.40 56.63
CA SER JB 172 12.18 84.94 56.60
C SER JB 172 11.98 84.30 57.98
N GLU JB 173 12.55 84.93 59.01
CA GLU JB 173 12.46 84.45 60.40
C GLU JB 173 11.03 84.28 60.90
N LEU JB 174 10.20 85.29 60.63
CA LEU JB 174 8.77 85.28 60.98
C LEU JB 174 8.05 84.12 60.28
N LEU JB 175 8.35 83.97 58.99
CA LEU JB 175 7.79 82.90 58.15
C LEU JB 175 8.17 81.52 58.70
N LYS JB 176 9.44 81.36 59.05
CA LYS JB 176 9.95 80.14 59.69
C LYS JB 176 9.21 79.82 60.98
N LEU JB 177 9.09 80.83 61.84
CA LEU JB 177 8.34 80.72 63.11
C LEU JB 177 6.91 80.23 62.90
N LYS JB 178 6.22 80.85 61.95
CA LYS JB 178 4.86 80.45 61.56
C LYS JB 178 4.78 78.99 61.13
N ARG JB 179 5.74 78.59 60.30
CA ARG JB 179 5.84 77.21 59.82
C ARG JB 179 6.09 76.22 60.95
N ASN JB 180 6.96 76.59 61.88
CA ASN JB 180 7.23 75.80 63.08
C ASN JB 180 5.96 75.62 63.93
N TYR JB 181 5.23 76.72 64.09
CA TYR JB 181 3.96 76.71 64.83
C TYR JB 181 2.96 75.76 64.18
N ASN JB 182 2.78 75.90 62.87
CA ASN JB 182 1.90 75.03 62.08
C ASN JB 182 2.23 73.56 62.23
N ARG JB 183 3.52 73.23 62.15
CA ARG JB 183 4.01 71.87 62.36
C ARG JB 183 3.63 71.34 63.74
N SER JB 184 3.92 72.14 64.76
CA SER JB 184 3.73 71.75 66.15
C SER JB 184 2.27 71.69 66.60
N LEU JB 185 1.46 72.62 66.09
CA LEU JB 185 0.04 72.73 66.48
C LEU JB 185 -0.73 71.48 66.07
N LEU JB 186 -0.56 71.06 64.82
CA LEU JB 186 -1.18 69.85 64.29
C LEU JB 186 -0.82 68.58 65.07
N ASN JB 187 0.47 68.48 65.41
CA ASN JB 187 0.97 67.37 66.25
C ASN JB 187 0.32 67.35 67.62
N PHE JB 188 0.22 68.53 68.22
CA PHE JB 188 -0.44 68.71 69.51
C PHE JB 188 -1.91 68.28 69.47
N GLN JB 189 -2.62 68.75 68.45
CA GLN JB 189 -4.02 68.38 68.22
C GLN JB 189 -4.20 66.86 68.11
N ALA JB 190 -3.32 66.24 67.32
CA ALA JB 190 -3.30 64.78 67.14
C ALA JB 190 -3.09 64.05 68.46
N HIS JB 191 -2.16 64.58 69.27
CA HIS JB 191 -1.86 64.05 70.60
C HIS JB 191 -3.09 64.13 71.51
N LYS JB 192 -3.73 65.30 71.52
CA LYS JB 192 -4.98 65.53 72.26
C LYS JB 192 -6.07 64.53 71.89
N LYS JB 193 -6.26 64.34 70.58
CA LYS JB 193 -7.22 63.36 70.06
C LYS JB 193 -6.94 61.94 70.55
N LYS JB 194 -5.67 61.56 70.49
CA LYS JB 194 -5.21 60.26 70.99
C LYS JB 194 -5.50 60.06 72.47
N LEU JB 195 -5.25 61.10 73.26
CA LEU JB 195 -5.54 61.10 74.70
C LEU JB 195 -7.03 60.95 74.98
N ASN JB 196 -7.85 61.70 74.24
CA ASN JB 196 -9.31 61.59 74.30
C ASN JB 196 -9.81 60.18 74.02
N GLU JB 197 -9.29 59.60 72.93
CA GLU JB 197 -9.59 58.22 72.54
C GLU JB 197 -9.23 57.21 73.65
N LEU JB 198 -8.06 57.41 74.25
CA LEU JB 198 -7.58 56.58 75.36
C LEU JB 198 -8.52 56.68 76.55
N LEU JB 199 -8.93 57.90 76.87
CA LEU JB 199 -9.87 58.20 77.97
C LEU JB 199 -11.21 57.49 77.75
N ASN JB 200 -11.73 57.60 76.53
CA ASN JB 200 -12.95 56.91 76.11
C ASN JB 200 -12.86 55.39 76.28
N LEU JB 201 -11.72 54.84 75.87
CA LEU JB 201 -11.42 53.41 76.00
C LEU JB 201 -11.45 52.99 77.47
N TYR JB 202 -10.79 53.77 78.31
CA TYR JB 202 -10.74 53.56 79.76
C TYR JB 202 -12.14 53.57 80.39
N HIS JB 203 -12.95 54.55 80.00
CA HIS JB 203 -14.35 54.64 80.42
C HIS JB 203 -15.15 53.39 80.07
N VAL JB 204 -15.02 52.97 78.82
CA VAL JB 204 -15.62 51.73 78.32
C VAL JB 204 -15.22 50.49 79.11
N ALA JB 205 -13.91 50.40 79.39
CA ALA JB 205 -13.23 49.13 79.72
C ALA JB 205 -13.72 48.31 80.93
N ASN JB 206 -14.61 48.85 81.76
CA ASN JB 206 -15.30 48.03 82.78
C ASN JB 206 -16.12 46.89 82.15
N GLU JB 207 -16.66 47.12 80.96
CA GLU JB 207 -17.37 46.09 80.19
C GLU JB 207 -16.42 45.07 79.57
N PHE JB 208 -15.22 45.51 79.16
CA PHE JB 208 -14.20 44.61 78.59
C PHE JB 208 -13.72 43.55 79.58
N ILE JB 209 -13.19 42.45 79.03
CA ILE JB 209 -12.82 41.27 79.81
C ILE JB 209 -11.35 40.91 79.58
N VAL JB 210 -10.66 40.61 80.69
CA VAL JB 210 -9.32 40.03 80.67
C VAL JB 210 -9.28 38.75 81.51
N THR JB 211 -9.78 38.82 82.75
CA THR JB 211 -9.75 37.69 83.68
C THR JB 211 -10.87 36.67 83.41
N GLU JB 212 -10.77 35.53 84.09
CA GLU JB 212 -11.69 34.40 83.91
C GLU JB 212 -13.05 34.67 84.56
N SER JB 213 -13.00 35.16 85.80
CA SER JB 213 -14.20 35.45 86.59
C SER JB 213 -15.14 36.46 85.91
N GLN JB 214 -14.54 37.51 85.37
CA GLN JB 214 -15.27 38.53 84.59
C GLN JB 214 -15.97 37.94 83.37
N LEU JB 215 -15.25 37.07 82.67
CA LEU JB 215 -15.76 36.37 81.48
C LEU JB 215 -16.97 35.49 81.85
N LEU JB 216 -16.83 34.76 82.95
CA LEU JB 216 -17.89 33.91 83.50
C LEU JB 216 -19.14 34.73 83.84
N LYS JB 217 -18.94 35.86 84.52
CA LYS JB 217 -20.02 36.79 84.86
C LYS JB 217 -20.75 37.30 83.61
N LYS JB 218 -19.99 37.68 82.60
CA LYS JB 218 -20.53 38.12 81.31
C LYS JB 218 -21.39 37.05 80.68
N ILE JB 219 -20.87 35.83 80.64
CA ILE JB 219 -21.58 34.65 80.13
C ILE JB 219 -22.91 34.45 80.85
N ASP JB 220 -22.86 34.51 82.18
CA ASP JB 220 -24.07 34.39 83.03
C ASP JB 220 -25.11 35.44 82.68
N LYS JB 221 -24.66 36.70 82.58
CA LYS JB 221 -25.51 37.83 82.16
C LYS JB 221 -26.18 37.60 80.81
N VAL JB 222 -25.40 37.13 79.85
CA VAL JB 222 -25.87 36.86 78.49
C VAL JB 222 -26.89 35.73 78.45
N PHE JB 223 -26.51 34.58 79.00
CA PHE JB 223 -27.21 33.32 78.77
C PHE JB 223 -28.26 32.97 79.83
N ASN JB 224 -27.89 33.10 81.10
CA ASN JB 224 -28.75 32.66 82.22
C ASN JB 224 -29.99 33.53 82.43
N ASP JB 225 -29.86 34.82 82.17
CA ASP JB 225 -30.97 35.78 82.31
C ASP JB 225 -32.14 35.49 81.36
N GLU JB 226 -31.83 35.01 80.15
CA GLU JB 226 -32.82 34.76 79.10
C GLU JB 226 -33.53 36.05 78.67
N THR JB 227 -32.73 37.10 78.49
CA THR JB 227 -33.24 38.44 78.16
C THR JB 227 -32.32 39.13 77.16
N GLU JB 228 -32.92 39.92 76.27
CA GLU JB 228 -32.22 40.69 75.23
C GLU JB 228 -31.37 39.79 74.29
N GLU JB 229 -31.99 38.74 73.77
CA GLU JB 229 -31.43 37.97 72.68
C GLU JB 229 -31.68 38.73 71.39
N PHE JB 230 -30.61 39.04 70.66
CA PHE JB 230 -30.71 39.86 69.44
C PHE JB 230 -31.37 39.04 68.33
N THR JB 231 -32.70 39.18 68.21
CA THR JB 231 -33.48 38.56 67.15
C THR JB 231 -34.50 39.57 66.61
N ASP JB 232 -34.61 39.63 65.29
CA ASP JB 232 -35.35 40.69 64.61
C ASP JB 232 -36.75 40.24 64.19
N ALA JB 233 -37.69 41.18 64.24
CA ALA JB 233 -39.08 40.93 63.85
C ALA JB 233 -39.83 42.24 63.60
N ARG KB 1 -77.51 -5.04 -7.15
CA ARG KB 1 -77.35 -4.26 -5.87
C ARG KB 1 -78.58 -3.38 -5.57
N VAL KB 2 -79.77 -3.99 -5.67
CA VAL KB 2 -81.04 -3.27 -5.53
C VAL KB 2 -82.04 -4.06 -4.68
N THR KB 3 -82.79 -3.33 -3.85
CA THR KB 3 -83.84 -3.90 -2.99
C THR KB 3 -85.22 -3.66 -3.60
N PRO KB 4 -86.27 -4.32 -3.07
CA PRO KB 4 -87.64 -4.02 -3.50
C PRO KB 4 -88.11 -2.59 -3.17
N GLY KB 5 -87.80 -2.13 -1.95
CA GLY KB 5 -88.25 -0.83 -1.46
C GLY KB 5 -87.56 0.39 -2.07
N SER KB 6 -86.29 0.25 -2.45
CA SER KB 6 -85.48 1.37 -2.95
C SER KB 6 -85.92 1.85 -4.33
N LEU KB 7 -85.79 3.15 -4.56
CA LEU KB 7 -86.16 3.78 -5.84
C LEU KB 7 -85.00 3.69 -6.84
N TYR KB 8 -85.20 2.89 -7.88
CA TYR KB 8 -84.20 2.66 -8.95
C TYR KB 8 -84.51 3.44 -10.24
N LYS KB 9 -85.76 3.88 -10.41
CA LYS KB 9 -86.19 4.54 -11.64
C LYS KB 9 -85.67 5.97 -11.75
N ASN KB 10 -85.78 6.54 -12.96
CA ASN KB 10 -85.60 7.97 -13.17
C ASN KB 10 -86.78 8.76 -12.57
N TRP KB 11 -86.64 10.08 -12.50
CA TRP KB 11 -87.54 10.95 -11.72
C TRP KB 11 -89.02 10.87 -12.10
N THR KB 12 -89.34 11.13 -13.36
CA THR KB 12 -90.73 11.11 -13.84
C THR KB 12 -91.38 9.75 -13.63
N ASN KB 13 -90.65 8.70 -13.97
CA ASN KB 13 -91.07 7.32 -13.73
C ASN KB 13 -91.32 7.03 -12.26
N THR KB 14 -90.36 7.43 -11.43
CA THR KB 14 -90.45 7.30 -9.96
C THR KB 14 -91.72 7.95 -9.42
N THR KB 15 -91.98 9.18 -9.84
CA THR KB 15 -93.15 9.93 -9.39
C THR KB 15 -94.47 9.28 -9.83
N HIS KB 16 -94.46 8.69 -11.03
CA HIS KB 16 -95.61 7.92 -11.51
C HIS KB 16 -95.78 6.60 -10.76
N THR KB 17 -94.68 5.86 -10.61
CA THR KB 17 -94.72 4.43 -10.28
C THR KB 17 -94.42 4.08 -8.81
N ALA KB 18 -93.65 4.91 -8.11
CA ALA KB 18 -93.48 4.76 -6.66
C ALA KB 18 -94.63 5.49 -5.98
N GLN KB 19 -95.39 4.77 -5.16
CA GLN KB 19 -96.58 5.32 -4.52
C GLN KB 19 -96.20 6.27 -3.38
N LEU KB 20 -95.92 7.52 -3.76
CA LEU KB 20 -95.74 8.61 -2.79
C LEU KB 20 -97.07 9.35 -2.55
N GLN KB 21 -98.13 8.94 -3.26
CA GLN KB 21 -99.51 9.31 -2.92
C GLN KB 21 -99.98 8.71 -1.59
N GLN KB 22 -99.32 7.63 -1.14
CA GLN KB 22 -99.55 7.04 0.18
C GLN KB 22 -99.60 8.07 1.30
N THR KB 23 -98.47 8.76 1.52
CA THR KB 23 -98.35 9.77 2.56
C THR KB 23 -99.00 11.06 2.08
N ALA KB 24 -100.33 11.13 2.21
CA ALA KB 24 -101.11 12.28 1.79
C ALA KB 24 -102.37 12.42 2.63
N VAL KB 25 -102.83 13.66 2.79
CA VAL KB 25 -104.02 13.94 3.61
C VAL KB 25 -105.30 13.45 2.92
N PRO KB 26 -106.18 12.74 3.65
CA PRO KB 26 -107.53 12.49 3.14
C PRO KB 26 -108.35 13.78 3.04
N LEU KB 27 -109.03 13.96 1.91
CA LEU KB 27 -109.78 15.19 1.62
C LEU KB 27 -111.23 14.86 1.26
N ALA KB 28 -112.16 15.28 2.12
CA ALA KB 28 -113.59 15.10 1.87
C ALA KB 28 -114.09 16.14 0.86
N LEU KB 29 -113.81 15.87 -0.41
CA LEU KB 29 -114.21 16.76 -1.52
C LEU KB 29 -115.52 16.28 -2.13
N PRO KB 30 -116.21 17.17 -2.87
CA PRO KB 30 -117.43 16.74 -3.60
C PRO KB 30 -117.14 15.81 -4.78
N ILE KB 31 -118.19 15.16 -5.27
CA ILE KB 31 -118.08 14.11 -6.29
C ILE KB 31 -118.52 14.65 -7.67
N PHE KB 32 -117.80 14.23 -8.71
CA PHE KB 32 -118.08 14.68 -10.09
C PHE KB 32 -119.29 13.96 -10.67
N ASN KB 33 -120.36 14.72 -10.92
CA ASN KB 33 -121.55 14.24 -11.63
C ASN KB 33 -122.09 15.34 -12.55
N PHE KB 34 -122.34 14.99 -13.81
CA PHE KB 34 -122.87 15.96 -14.79
C PHE KB 34 -124.29 16.41 -14.46
N ASP KB 35 -125.09 15.51 -13.87
CA ASP KB 35 -126.47 15.84 -13.46
C ASP KB 35 -126.54 16.91 -12.36
N ASP KB 36 -125.48 17.01 -11.54
CA ASP KB 36 -125.40 18.01 -10.48
C ASP KB 36 -124.15 18.89 -10.63
N ILE KB 37 -123.96 19.45 -11.82
CA ILE KB 37 -122.88 20.42 -12.09
C ILE KB 37 -123.21 21.81 -11.51
N SER KB 38 -124.50 22.15 -11.46
CA SER KB 38 -124.97 23.40 -10.84
C SER KB 38 -124.48 23.59 -9.40
N LYS KB 39 -124.37 22.50 -8.65
CA LYS KB 39 -123.83 22.52 -7.29
C LYS KB 39 -122.33 22.79 -7.27
N THR KB 40 -121.59 22.05 -8.10
CA THR KB 40 -120.13 22.06 -8.11
C THR KB 40 -119.61 22.53 -9.47
N LEU KB 41 -119.98 23.76 -9.85
CA LEU KB 41 -119.67 24.30 -11.18
C LEU KB 41 -118.23 24.80 -11.26
N ASN KB 42 -117.78 25.53 -10.23
CA ASN KB 42 -116.41 26.03 -10.15
C ASN KB 42 -115.77 25.67 -8.81
N LYS KB 43 -115.63 24.36 -8.59
CA LYS KB 43 -115.00 23.81 -7.40
C LYS KB 43 -114.19 22.56 -7.75
N VAL KB 44 -113.15 22.30 -6.97
CA VAL KB 44 -112.42 21.02 -7.06
C VAL KB 44 -113.32 19.86 -6.62
N VAL KB 45 -113.21 18.75 -7.34
CA VAL KB 45 -114.09 17.60 -7.14
C VAL KB 45 -113.31 16.29 -7.35
N SER KB 46 -113.32 15.44 -6.33
CA SER KB 46 -112.78 14.08 -6.47
C SER KB 46 -113.78 13.26 -7.29
N TYR KB 47 -113.27 12.28 -8.03
CA TYR KB 47 -114.13 11.40 -8.83
C TYR KB 47 -114.84 10.40 -7.92
N SER KB 48 -115.93 9.82 -8.43
CA SER KB 48 -116.60 8.69 -7.79
C SER KB 48 -115.69 7.45 -7.84
N ASN KB 49 -115.98 6.49 -6.96
CA ASN KB 49 -115.18 5.25 -6.87
C ASN KB 49 -115.23 4.43 -8.15
N LYS KB 50 -116.45 4.26 -8.67
CA LYS KB 50 -116.69 3.57 -9.94
C LYS KB 50 -115.98 4.24 -11.10
N GLN KB 51 -116.06 5.56 -11.15
CA GLN KB 51 -115.39 6.36 -12.18
C GLN KB 51 -113.89 6.14 -12.13
N TYR KB 52 -113.31 6.31 -10.94
CA TYR KB 52 -111.88 6.05 -10.69
C TYR KB 52 -111.45 4.68 -11.22
N LYS KB 53 -112.20 3.66 -10.82
CA LYS KB 53 -111.96 2.27 -11.25
C LYS KB 53 -111.89 2.17 -12.76
N SER KB 54 -112.92 2.72 -13.41
CA SER KB 54 -112.99 2.77 -14.88
C SER KB 54 -111.85 3.57 -15.49
N LEU KB 55 -111.62 4.76 -14.94
CA LEU KB 55 -110.62 5.70 -15.47
C LEU KB 55 -109.19 5.17 -15.45
N HIS KB 56 -108.83 4.53 -14.34
CA HIS KB 56 -107.51 3.89 -14.21
C HIS KB 56 -107.31 2.79 -15.25
N HIS KB 57 -108.31 1.93 -15.38
CA HIS KB 57 -108.32 0.86 -16.39
C HIS KB 57 -108.14 1.39 -17.81
N LEU KB 58 -108.88 2.46 -18.13
CA LEU KB 58 -108.80 3.11 -19.44
C LEU KB 58 -107.40 3.65 -19.71
N GLY KB 59 -106.82 4.30 -18.70
CA GLY KB 59 -105.51 4.96 -18.80
C GLY KB 59 -105.64 6.47 -18.96
N SER KB 60 -106.52 7.08 -18.17
CA SER KB 60 -106.76 8.51 -18.23
C SER KB 60 -105.69 9.28 -17.45
N PHE KB 61 -105.42 8.82 -16.23
CA PHE KB 61 -104.46 9.48 -15.34
C PHE KB 61 -103.04 9.12 -15.77
N LYS KB 62 -102.27 10.13 -16.14
CA LYS KB 62 -100.97 9.94 -16.81
C LYS KB 62 -99.77 10.37 -15.96
N LYS KB 63 -98.59 9.98 -16.42
CA LYS KB 63 -97.35 10.05 -15.61
C LYS KB 63 -96.81 11.46 -15.35
N SER KB 64 -96.80 12.30 -16.38
CA SER KB 64 -96.21 13.64 -16.28
C SER KB 64 -97.08 14.67 -15.53
N GLN KB 65 -98.31 14.27 -15.19
CA GLN KB 65 -99.19 15.09 -14.35
C GLN KB 65 -98.72 14.98 -12.89
N PHE KB 66 -99.20 15.88 -12.05
CA PHE KB 66 -98.92 15.84 -10.61
C PHE KB 66 -100.10 15.24 -9.84
N ASN KB 67 -100.47 14.01 -10.22
CA ASN KB 67 -101.48 13.23 -9.50
C ASN KB 67 -100.94 12.59 -8.21
N GLU KB 68 -99.60 12.57 -8.08
CA GLU KB 68 -98.93 12.13 -6.87
C GLU KB 68 -99.17 13.04 -5.66
N LEU KB 69 -99.45 14.32 -5.91
CA LEU KB 69 -99.70 15.32 -4.85
C LEU KB 69 -100.87 15.05 -3.90
N PHE KB 70 -101.83 14.24 -4.34
CA PHE KB 70 -103.08 14.03 -3.59
C PHE KB 70 -103.33 12.55 -3.34
N GLN KB 71 -104.38 12.25 -2.57
CA GLN KB 71 -104.77 10.87 -2.25
C GLN KB 71 -105.11 10.11 -3.52
N LYS KB 72 -105.96 10.72 -4.33
CA LYS KB 72 -106.26 10.23 -5.68
C LYS KB 72 -106.27 11.42 -6.65
N PRO KB 73 -106.12 11.15 -7.97
CA PRO KB 73 -106.25 12.17 -9.01
C PRO KB 73 -107.51 13.02 -8.89
N VAL KB 74 -107.35 14.34 -9.04
CA VAL KB 74 -108.44 15.29 -8.79
C VAL KB 74 -108.46 16.37 -9.87
N CYS KB 75 -109.66 16.82 -10.22
CA CYS KB 75 -109.86 17.93 -11.13
C CYS KB 75 -110.85 18.91 -10.52
N LEU KB 76 -110.98 20.08 -11.15
CA LEU KB 76 -112.12 20.97 -10.89
C LEU KB 76 -113.00 21.08 -12.13
N VAL KB 77 -114.27 21.37 -11.90
CA VAL KB 77 -115.22 21.62 -12.97
C VAL KB 77 -115.01 23.07 -13.38
N ARG KB 78 -115.18 23.34 -14.69
CA ARG KB 78 -114.98 24.67 -15.24
C ARG KB 78 -116.14 25.00 -16.17
N GLU KB 79 -116.72 26.19 -16.02
CA GLU KB 79 -117.85 26.62 -16.84
C GLU KB 79 -117.41 26.83 -18.30
N ASP KB 80 -116.27 27.50 -18.47
CA ASP KB 80 -115.74 27.83 -19.80
C ASP KB 80 -115.13 26.62 -20.53
N ALA KB 81 -114.48 25.72 -19.79
CA ALA KB 81 -113.70 24.61 -20.39
C ALA KB 81 -114.46 23.28 -20.45
N THR KB 82 -114.73 22.69 -19.30
CA THR KB 82 -115.19 21.30 -19.20
C THR KB 82 -116.70 21.18 -19.36
N ASN KB 83 -117.43 22.02 -18.62
CA ASN KB 83 -118.89 22.04 -18.63
C ASN KB 83 -119.46 22.34 -20.02
N SER KB 84 -118.88 23.34 -20.66
CA SER KB 84 -119.26 23.72 -22.04
C SER KB 84 -119.05 22.58 -23.03
N PHE KB 85 -117.91 21.90 -22.90
CA PHE KB 85 -117.59 20.72 -23.72
C PHE KB 85 -118.62 19.61 -23.53
N LEU KB 86 -118.96 19.34 -22.27
CA LEU KB 86 -119.97 18.34 -21.91
C LEU KB 86 -121.32 18.66 -22.53
N LYS KB 87 -121.74 19.93 -22.41
CA LYS KB 87 -122.98 20.42 -23.04
C LYS KB 87 -123.01 20.21 -24.55
N LYS KB 88 -121.89 20.54 -25.20
CA LYS KB 88 -121.71 20.33 -26.64
C LYS KB 88 -121.88 18.86 -27.02
N LEU KB 89 -121.23 18.00 -26.25
CA LEU KB 89 -121.30 16.54 -26.42
C LEU KB 89 -122.74 16.05 -26.33
N VAL KB 90 -123.45 16.52 -25.30
CA VAL KB 90 -124.87 16.20 -25.08
C VAL KB 90 -125.73 16.63 -26.27
N SER KB 91 -125.51 17.87 -26.70
CA SER KB 91 -126.43 18.54 -27.63
C SER KB 91 -126.19 18.23 -29.11
N HIS KB 92 -124.94 18.27 -29.54
CA HIS KB 92 -124.58 18.16 -30.97
C HIS KB 92 -125.15 16.91 -31.66
N PRO KB 93 -125.49 17.01 -32.96
CA PRO KB 93 -125.96 15.84 -33.71
C PRO KB 93 -124.84 14.86 -34.07
N VAL KB 94 -123.69 15.38 -34.51
CA VAL KB 94 -122.56 14.54 -34.91
C VAL KB 94 -121.86 13.88 -33.71
N LYS KB 95 -121.64 14.65 -32.65
CA LYS KB 95 -120.93 14.19 -31.44
C LYS KB 95 -119.55 13.61 -31.80
N LYS KB 96 -118.64 14.50 -32.18
CA LYS KB 96 -117.37 14.12 -32.77
C LYS KB 96 -116.35 15.26 -32.60
N PHE KB 97 -115.48 15.13 -31.61
CA PHE KB 97 -114.64 16.24 -31.14
C PHE KB 97 -113.15 15.94 -31.17
N ILE KB 98 -112.37 17.01 -31.32
CA ILE KB 98 -110.91 16.96 -31.13
C ILE KB 98 -110.51 18.09 -30.18
N ILE KB 99 -109.93 17.72 -29.04
CA ILE KB 99 -109.64 18.66 -27.96
C ILE KB 99 -108.26 19.29 -28.20
N THR KB 100 -108.27 20.53 -28.69
CA THR KB 100 -107.05 21.28 -29.01
C THR KB 100 -106.71 22.28 -27.91
N GLY KB 101 -105.47 22.79 -27.94
CA GLY KB 101 -105.00 23.77 -26.96
C GLY KB 101 -103.48 23.82 -26.87
N GLU KB 102 -102.98 24.72 -26.03
CA GLU KB 102 -101.53 24.81 -25.78
C GLU KB 102 -101.09 23.71 -24.81
N PRO KB 103 -99.79 23.33 -24.84
CA PRO KB 103 -99.22 22.34 -23.91
C PRO KB 103 -99.50 22.62 -22.43
N GLY KB 104 -100.06 21.62 -21.74
CA GLY KB 104 -100.35 21.72 -20.31
C GLY KB 104 -101.66 22.39 -19.93
N VAL KB 105 -102.48 22.76 -20.92
CA VAL KB 105 -103.74 23.48 -20.68
C VAL KB 105 -104.82 22.62 -19.99
N GLY KB 106 -104.75 21.30 -20.19
CA GLY KB 106 -105.68 20.36 -19.57
C GLY KB 106 -106.60 19.68 -20.56
N LYS KB 107 -106.00 19.00 -21.55
CA LYS KB 107 -106.72 18.22 -22.54
C LYS KB 107 -106.99 16.80 -22.02
N THR KB 108 -105.97 16.19 -21.42
CA THR KB 108 -106.12 14.85 -20.86
C THR KB 108 -107.10 14.88 -19.67
N VAL KB 109 -107.07 15.94 -18.88
CA VAL KB 109 -108.01 16.11 -17.77
C VAL KB 109 -109.44 16.21 -18.33
N LEU KB 110 -109.61 16.95 -19.42
CA LEU KB 110 -110.90 17.07 -20.10
C LEU KB 110 -111.39 15.70 -20.59
N LEU KB 111 -110.48 14.93 -21.19
CA LEU KB 111 -110.76 13.55 -21.60
C LEU KB 111 -111.20 12.66 -20.44
N SER KB 112 -110.50 12.78 -19.32
CA SER KB 112 -110.80 12.01 -18.11
C SER KB 112 -112.20 12.35 -17.57
N GLN KB 113 -112.55 13.64 -17.61
CA GLN KB 113 -113.89 14.11 -17.23
C GLN KB 113 -114.98 13.56 -18.15
N ALA KB 114 -114.70 13.57 -19.45
CA ALA KB 114 -115.59 13.01 -20.47
C ALA KB 114 -115.83 11.52 -20.27
N HIS KB 115 -114.76 10.79 -19.95
CA HIS KB 115 -114.83 9.37 -19.61
C HIS KB 115 -115.70 9.13 -18.39
N ALA KB 116 -115.44 9.91 -17.34
CA ALA KB 116 -116.20 9.85 -16.08
C ALA KB 116 -117.69 10.08 -16.30
N TYR KB 117 -118.01 11.09 -17.11
CA TYR KB 117 -119.37 11.39 -17.53
C TYR KB 117 -120.05 10.19 -18.22
N ALA KB 118 -119.33 9.60 -19.17
CA ALA KB 118 -119.79 8.44 -19.91
C ALA KB 118 -120.08 7.25 -19.01
N VAL KB 119 -119.18 7.02 -18.05
CA VAL KB 119 -119.35 5.99 -17.02
C VAL KB 119 -120.63 6.20 -16.21
N ASP KB 120 -120.83 7.44 -15.77
CA ASP KB 120 -122.04 7.84 -15.02
C ASP KB 120 -123.32 7.57 -15.80
N SER KB 121 -123.30 7.92 -17.09
CA SER KB 121 -124.47 7.81 -17.97
C SER KB 121 -124.61 6.46 -18.69
N LYS KB 122 -124.03 5.39 -18.13
CA LYS KB 122 -124.17 4.02 -18.64
C LYS KB 122 -123.74 3.88 -20.10
N GLN KB 123 -122.44 4.08 -20.33
CA GLN KB 123 -121.83 4.00 -21.67
C GLN KB 123 -120.56 3.17 -21.64
N ILE KB 124 -120.30 2.45 -22.74
CA ILE KB 124 -119.04 1.72 -22.92
C ILE KB 124 -117.99 2.70 -23.42
N ILE KB 125 -116.74 2.51 -22.98
CA ILE KB 125 -115.63 3.39 -23.33
C ILE KB 125 -114.47 2.56 -23.92
N ILE KB 126 -114.12 2.87 -25.16
CA ILE KB 126 -112.95 2.29 -25.83
C ILE KB 126 -111.89 3.40 -25.90
N ASN KB 127 -111.02 3.44 -24.88
CA ASN KB 127 -109.97 4.44 -24.80
C ASN KB 127 -108.65 3.91 -25.35
N ILE KB 128 -108.00 4.73 -26.16
CA ILE KB 128 -106.66 4.46 -26.68
C ILE KB 128 -105.76 5.61 -26.23
N SER KB 129 -105.31 5.52 -24.98
CA SER KB 129 -104.31 6.44 -24.46
C SER KB 129 -102.95 5.99 -24.98
N TYR KB 130 -102.23 6.91 -25.62
CA TYR KB 130 -100.88 6.66 -26.14
C TYR KB 130 -100.90 5.68 -27.33
N PRO KB 131 -101.24 6.19 -28.53
CA PRO KB 131 -101.16 5.41 -29.77
C PRO KB 131 -99.72 5.10 -30.19
N GLU KB 132 -98.75 5.86 -29.67
CA GLU KB 132 -97.31 5.58 -29.82
C GLU KB 132 -96.95 4.11 -29.69
N LEU KB 133 -97.62 3.38 -28.79
CA LEU KB 133 -97.36 1.94 -28.60
C LEU KB 133 -97.65 1.12 -29.85
N PHE KB 134 -98.82 1.31 -30.45
CA PHE KB 134 -99.17 0.61 -31.70
C PHE KB 134 -98.50 1.24 -32.93
N LEU KB 135 -98.27 2.55 -32.91
CA LEU KB 135 -97.71 3.26 -34.07
C LEU KB 135 -96.21 3.00 -34.19
N ASN KB 136 -95.47 3.25 -33.11
CA ASN KB 136 -94.04 2.91 -33.06
C ASN KB 136 -93.91 1.39 -32.92
N GLY KB 137 -92.80 0.86 -33.45
CA GLY KB 137 -92.62 -0.58 -33.57
C GLY KB 137 -91.89 -1.14 -32.38
N ARG KB 138 -92.65 -1.48 -31.33
CA ARG KB 138 -92.07 -2.04 -30.10
C ARG KB 138 -92.91 -3.21 -29.55
N ASN KB 139 -93.55 -3.95 -30.45
CA ASN KB 139 -94.33 -5.14 -30.12
C ASN KB 139 -94.59 -5.94 -31.39
N ASP KB 140 -94.95 -7.22 -31.25
CA ASP KB 140 -95.08 -8.10 -32.42
C ASP KB 140 -96.21 -7.68 -33.37
N PHE KB 141 -96.05 -8.04 -34.64
CA PHE KB 141 -97.07 -7.75 -35.65
C PHE KB 141 -97.04 -8.83 -36.73
N SER KB 142 -98.10 -8.88 -37.53
CA SER KB 142 -98.23 -9.90 -38.58
C SER KB 142 -99.26 -9.48 -39.64
N TYR KB 143 -98.94 -9.76 -40.90
CA TYR KB 143 -99.86 -9.50 -42.00
C TYR KB 143 -100.94 -10.57 -42.04
N ASP KB 144 -102.16 -10.19 -41.65
CA ASP KB 144 -103.31 -11.07 -41.77
C ASP KB 144 -103.70 -11.17 -43.26
N ASP KB 145 -104.21 -12.35 -43.65
CA ASP KB 145 -104.59 -12.61 -45.04
C ASP KB 145 -106.05 -12.24 -45.33
N ASP KB 146 -106.94 -12.52 -44.37
CA ASP KB 146 -108.36 -12.21 -44.51
C ASP KB 146 -108.59 -10.70 -44.48
N LEU KB 147 -108.13 -10.06 -43.40
CA LEU KB 147 -108.10 -8.60 -43.30
C LEU KB 147 -106.82 -8.14 -43.98
N LYS KB 148 -106.94 -7.31 -45.01
CA LYS KB 148 -105.77 -6.85 -45.78
C LYS KB 148 -105.02 -5.72 -45.06
N LEU KB 149 -104.48 -6.05 -43.89
CA LEU KB 149 -103.73 -5.10 -43.06
C LEU KB 149 -102.91 -5.82 -41.98
N PHE KB 150 -101.91 -5.13 -41.43
CA PHE KB 150 -101.02 -5.70 -40.42
C PHE KB 150 -101.63 -5.62 -39.03
N ILE KB 151 -101.87 -6.79 -38.41
CA ILE KB 151 -102.38 -6.85 -37.02
C ILE KB 151 -101.21 -6.80 -36.03
N GLN KB 152 -101.51 -6.36 -34.80
CA GLN KB 152 -100.53 -6.24 -33.72
C GLN KB 152 -101.05 -6.94 -32.45
N PRO KB 153 -100.81 -8.26 -32.32
CA PRO KB 153 -101.48 -9.07 -31.29
C PRO KB 153 -100.86 -9.13 -29.87
N MET KB 154 -100.03 -8.15 -29.51
CA MET KB 154 -99.69 -7.91 -28.09
C MET KB 154 -100.46 -6.70 -27.57
N TYR KB 155 -100.38 -5.61 -28.32
CA TYR KB 155 -101.14 -4.38 -28.08
C TYR KB 155 -102.64 -4.63 -28.06
N LEU KB 156 -103.12 -5.36 -29.07
CA LEU KB 156 -104.54 -5.69 -29.24
C LEU KB 156 -105.15 -6.38 -28.01
N LYS KB 157 -104.43 -7.39 -27.54
CA LYS KB 157 -104.79 -8.14 -26.33
C LYS KB 157 -104.95 -7.23 -25.12
N LYS KB 158 -103.96 -6.37 -24.92
CA LYS KB 158 -103.99 -5.35 -23.85
C LYS KB 158 -105.20 -4.43 -23.94
N LEU KB 159 -105.46 -3.95 -25.16
CA LEU KB 159 -106.60 -3.09 -25.46
C LEU KB 159 -107.94 -3.77 -25.14
N ILE KB 160 -108.05 -5.04 -25.54
CA ILE KB 160 -109.23 -5.87 -25.25
C ILE KB 160 -109.44 -6.02 -23.74
N ARG KB 161 -108.35 -6.29 -23.03
CA ARG KB 161 -108.38 -6.42 -21.57
C ARG KB 161 -108.85 -5.12 -20.90
N LYS KB 162 -108.31 -4.00 -21.36
CA LYS KB 162 -108.71 -2.68 -20.86
C LYS KB 162 -110.20 -2.43 -21.06
N ILE KB 163 -110.69 -2.73 -22.26
CA ILE KB 163 -112.11 -2.63 -22.59
C ILE KB 163 -112.97 -3.46 -21.64
N LEU KB 164 -112.56 -4.70 -21.43
CA LEU KB 164 -113.24 -5.64 -20.53
C LEU KB 164 -113.36 -5.06 -19.12
N LYS KB 165 -112.23 -4.57 -18.59
CA LYS KB 165 -112.14 -4.18 -17.18
C LYS KB 165 -112.67 -2.78 -16.88
N ALA KB 166 -112.35 -1.81 -17.74
CA ALA KB 166 -112.82 -0.42 -17.58
C ALA KB 166 -114.34 -0.32 -17.45
N ASN KB 167 -115.05 -1.11 -18.25
CA ASN KB 167 -116.51 -1.09 -18.30
C ASN KB 167 -117.13 -2.14 -17.38
N ASP KB 168 -118.30 -1.81 -16.83
CA ASP KB 168 -119.03 -2.75 -15.97
C ASP KB 168 -119.66 -3.87 -16.82
N PRO KB 169 -119.73 -5.10 -16.27
CA PRO KB 169 -120.19 -6.26 -17.04
C PRO KB 169 -121.71 -6.29 -17.32
N ALA KB 170 -122.51 -5.68 -16.45
CA ALA KB 170 -123.97 -5.64 -16.63
C ALA KB 170 -124.39 -4.86 -17.88
N LEU KB 171 -123.77 -3.69 -18.07
CA LEU KB 171 -123.95 -2.89 -19.28
C LEU KB 171 -123.41 -3.59 -20.52
N LEU KB 172 -122.27 -4.26 -20.35
CA LEU KB 172 -121.57 -4.93 -21.45
C LEU KB 172 -122.22 -6.24 -21.89
N LYS KB 173 -122.79 -6.99 -20.92
CA LYS KB 173 -123.48 -8.25 -21.21
C LYS KB 173 -124.99 -8.08 -21.51
N SER KB 174 -125.48 -6.85 -21.61
CA SER KB 174 -126.83 -6.57 -22.13
C SER KB 174 -126.91 -6.70 -23.66
N ILE KB 175 -125.76 -6.85 -24.32
CA ILE KB 175 -125.68 -6.86 -25.78
C ILE KB 175 -125.58 -8.30 -26.29
N GLU KB 176 -126.59 -8.73 -27.04
CA GLU KB 176 -126.55 -10.01 -27.76
C GLU KB 176 -125.83 -9.82 -29.10
N LEU KB 177 -125.25 -10.90 -29.62
CA LEU KB 177 -124.48 -10.83 -30.87
C LEU KB 177 -125.37 -10.85 -32.10
N SER KB 178 -124.87 -10.25 -33.18
CA SER KB 178 -125.55 -10.23 -34.47
C SER KB 178 -125.22 -11.47 -35.30
N LYS KB 179 -123.96 -11.90 -35.25
CA LYS KB 179 -123.47 -13.07 -35.98
C LYS KB 179 -122.86 -14.11 -35.06
N ASP KB 180 -122.65 -15.31 -35.59
CA ASP KB 180 -121.89 -16.37 -34.91
C ASP KB 180 -120.41 -16.18 -35.20
N TYR KB 181 -119.56 -16.61 -34.27
CA TYR KB 181 -118.10 -16.44 -34.39
C TYR KB 181 -117.31 -17.66 -33.97
N LYS KB 182 -116.50 -18.18 -34.90
CA LYS KB 182 -115.50 -19.21 -34.60
C LYS KB 182 -114.15 -18.56 -34.33
N PHE KB 183 -113.46 -19.03 -33.30
CA PHE KB 183 -112.10 -18.60 -32.99
C PHE KB 183 -111.24 -19.79 -32.60
N SER KB 184 -109.93 -19.65 -32.79
CA SER KB 184 -108.97 -20.61 -32.27
C SER KB 184 -108.90 -20.47 -30.75
N ASN KB 185 -108.91 -21.60 -30.04
CA ASN KB 185 -108.81 -21.63 -28.58
C ASN KB 185 -107.35 -21.50 -28.17
N ALA KB 186 -107.11 -20.85 -27.04
CA ALA KB 186 -105.75 -20.72 -26.48
C ALA KB 186 -105.74 -20.67 -24.95
N ASN KB 187 -106.53 -21.54 -24.32
CA ASN KB 187 -106.49 -21.72 -22.87
C ASN KB 187 -105.38 -22.71 -22.47
N PRO KB 188 -104.91 -22.63 -21.21
CA PRO KB 188 -104.09 -23.73 -20.67
C PRO KB 188 -104.92 -25.00 -20.51
N LYS KB 189 -106.13 -24.84 -19.97
CA LYS KB 189 -107.11 -25.91 -19.91
C LYS KB 189 -107.58 -26.29 -21.31
N ASN KB 190 -107.93 -27.56 -21.47
CA ASN KB 190 -108.67 -28.08 -22.64
C ASN KB 190 -108.08 -27.77 -24.03
N ALA KB 191 -106.75 -27.62 -24.11
CA ALA KB 191 -106.06 -27.32 -25.38
C ALA KB 191 -106.22 -28.45 -26.39
N SER KB 192 -106.14 -29.69 -25.91
CA SER KB 192 -106.48 -30.86 -26.72
C SER KB 192 -107.99 -30.94 -26.99
N VAL KB 193 -108.77 -30.81 -25.94
CA VAL KB 193 -110.22 -30.93 -26.03
C VAL KB 193 -110.90 -29.71 -26.58
N LYS KB 194 -110.17 -28.59 -26.65
CA LYS KB 194 -110.78 -27.39 -27.19
C LYS KB 194 -109.81 -26.54 -27.98
N PRO KB 195 -109.70 -26.86 -29.26
CA PRO KB 195 -108.86 -26.10 -30.17
C PRO KB 195 -109.67 -24.99 -30.87
N PHE KB 196 -110.99 -25.04 -30.75
CA PHE KB 196 -111.88 -24.06 -31.36
C PHE KB 196 -112.98 -23.60 -30.40
N VAL KB 197 -113.17 -22.28 -30.29
CA VAL KB 197 -114.22 -21.66 -29.46
C VAL KB 197 -115.29 -21.12 -30.40
N THR KB 198 -116.56 -21.39 -30.07
CA THR KB 198 -117.70 -20.94 -30.87
C THR KB 198 -118.64 -20.06 -30.04
N LEU KB 199 -118.96 -18.87 -30.57
CA LEU KB 199 -119.95 -17.98 -29.97
C LEU KB 199 -121.17 -17.95 -30.89
N ASN KB 200 -122.35 -18.26 -30.32
CA ASN KB 200 -123.61 -18.23 -31.07
C ASN KB 200 -124.25 -16.84 -31.10
N LYS KB 201 -125.33 -16.71 -31.87
CA LYS KB 201 -125.98 -15.41 -32.12
C LYS KB 201 -126.70 -14.85 -30.87
N THR KB 202 -127.77 -15.53 -30.44
CA THR KB 202 -128.63 -15.04 -29.36
C THR KB 202 -128.14 -15.45 -27.97
N LYS KB 203 -127.65 -16.68 -27.85
CA LYS KB 203 -127.22 -17.25 -26.56
C LYS KB 203 -126.01 -16.53 -25.97
N ASN KB 204 -125.00 -16.30 -26.80
CA ASN KB 204 -123.73 -15.71 -26.35
C ASN KB 204 -123.84 -14.20 -26.12
N THR KB 205 -122.79 -13.60 -25.56
CA THR KB 205 -122.77 -12.17 -25.20
C THR KB 205 -121.48 -11.47 -25.65
N VAL KB 206 -121.51 -10.14 -25.64
CA VAL KB 206 -120.33 -9.32 -25.98
C VAL KB 206 -119.23 -9.50 -24.93
N LEU KB 207 -119.63 -9.57 -23.65
CA LEU KB 207 -118.71 -9.91 -22.55
C LEU KB 207 -117.95 -11.20 -22.80
N ASP KB 208 -118.69 -12.24 -23.20
CA ASP KB 208 -118.12 -13.55 -23.54
C ASP KB 208 -117.12 -13.45 -24.70
N LEU KB 209 -117.51 -12.69 -25.72
CA LEU KB 209 -116.67 -12.42 -26.90
C LEU KB 209 -115.34 -11.77 -26.50
N LEU KB 210 -115.43 -10.75 -25.66
CA LEU KB 210 -114.26 -10.07 -25.09
C LEU KB 210 -113.34 -11.01 -24.32
N SER KB 211 -113.94 -11.90 -23.53
CA SER KB 211 -113.20 -12.88 -22.72
C SER KB 211 -112.52 -14.00 -23.53
N VAL KB 212 -112.78 -14.10 -24.84
CA VAL KB 212 -112.15 -15.09 -25.71
C VAL KB 212 -110.63 -14.88 -25.74
N MET KB 213 -109.91 -15.99 -25.81
CA MET KB 213 -108.44 -15.99 -25.78
C MET KB 213 -107.92 -16.91 -26.88
N THR KB 214 -107.41 -16.29 -27.94
CA THR KB 214 -106.98 -16.98 -29.16
C THR KB 214 -105.47 -16.92 -29.32
N HIS KB 215 -104.99 -17.54 -30.40
CA HIS KB 215 -103.59 -17.39 -30.82
C HIS KB 215 -103.45 -16.02 -31.49
N PRO KB 216 -102.23 -15.44 -31.50
CA PRO KB 216 -101.95 -14.11 -32.09
C PRO KB 216 -102.58 -13.82 -33.46
N HIS KB 217 -102.55 -14.80 -34.36
CA HIS KB 217 -103.10 -14.62 -35.73
C HIS KB 217 -104.63 -14.51 -35.83
N ASN KB 218 -105.35 -14.93 -34.78
CA ASN KB 218 -106.82 -14.73 -34.68
C ASN KB 218 -107.25 -13.54 -33.82
N ARG KB 219 -106.30 -12.95 -33.09
CA ARG KB 219 -106.56 -11.81 -32.21
C ARG KB 219 -107.10 -10.59 -32.94
N GLY KB 220 -106.50 -10.29 -34.09
CA GLY KB 220 -106.97 -9.22 -34.97
C GLY KB 220 -108.38 -9.47 -35.50
N LYS KB 221 -108.66 -10.73 -35.83
CA LYS KB 221 -110.01 -11.16 -36.27
C LYS KB 221 -111.05 -10.94 -35.17
N LEU KB 222 -110.67 -11.35 -33.96
CA LEU KB 222 -111.47 -11.14 -32.73
C LEU KB 222 -111.77 -9.66 -32.51
N MET KB 223 -110.75 -8.83 -32.60
CA MET KB 223 -110.88 -7.37 -32.45
C MET KB 223 -111.86 -6.80 -33.46
N LYS KB 224 -111.68 -7.18 -34.72
CA LYS KB 224 -112.57 -6.78 -35.82
C LYS KB 224 -114.03 -7.14 -35.53
N ALA KB 225 -114.24 -8.37 -35.08
CA ALA KB 225 -115.58 -8.87 -34.71
C ALA KB 225 -116.23 -8.05 -33.61
N ILE KB 226 -115.44 -7.73 -32.58
CA ILE KB 226 -115.89 -6.95 -31.41
C ILE KB 226 -116.38 -5.56 -31.84
N ILE KB 227 -115.55 -4.88 -32.63
CA ILE KB 227 -115.86 -3.56 -33.16
C ILE KB 227 -117.17 -3.57 -33.95
N ASP KB 228 -117.30 -4.56 -34.83
CA ASP KB 228 -118.51 -4.77 -35.63
C ASP KB 228 -119.74 -4.92 -34.73
N GLU KB 229 -119.60 -5.77 -33.71
CA GLU KB 229 -120.66 -6.00 -32.73
C GLU KB 229 -121.12 -4.71 -32.05
N LEU KB 230 -120.13 -3.92 -31.62
CA LEU KB 230 -120.38 -2.64 -30.96
C LEU KB 230 -121.04 -1.61 -31.88
N SER KB 231 -120.65 -1.62 -33.15
CA SER KB 231 -121.29 -0.79 -34.19
C SER KB 231 -122.75 -1.16 -34.40
N VAL KB 232 -123.02 -2.47 -34.42
CA VAL KB 232 -124.37 -3.00 -34.65
C VAL KB 232 -125.34 -2.65 -33.52
N GLN KB 233 -124.89 -2.80 -32.27
CA GLN KB 233 -125.77 -2.65 -31.10
C GLN KB 233 -126.25 -1.21 -30.91
N SER KB 234 -127.55 -1.07 -30.61
CA SER KB 234 -128.18 0.23 -30.37
C SER KB 234 -128.64 0.43 -28.91
N LYS KB 235 -128.37 -0.54 -28.04
CA LYS KB 235 -128.82 -0.51 -26.64
C LYS KB 235 -127.97 0.40 -25.75
N VAL KB 236 -126.66 0.42 -25.96
CA VAL KB 236 -125.72 1.22 -25.14
C VAL KB 236 -124.85 2.16 -26.00
N PRO KB 237 -124.57 3.38 -25.52
CA PRO KB 237 -123.63 4.25 -26.25
C PRO KB 237 -122.17 3.81 -26.12
N ILE KB 238 -121.41 4.02 -27.20
CA ILE KB 238 -119.98 3.68 -27.26
C ILE KB 238 -119.17 4.98 -27.39
N MET KB 239 -118.43 5.32 -26.34
CA MET KB 239 -117.49 6.44 -26.36
C MET KB 239 -116.12 5.93 -26.81
N PHE KB 240 -115.72 6.31 -28.02
CA PHE KB 240 -114.35 6.07 -28.49
C PHE KB 240 -113.52 7.30 -28.16
N THR KB 241 -112.31 7.09 -27.66
CA THR KB 241 -111.38 8.19 -27.39
C THR KB 241 -109.94 7.82 -27.71
N VAL KB 242 -109.21 8.79 -28.25
CA VAL KB 242 -107.79 8.65 -28.59
C VAL KB 242 -107.04 9.89 -28.13
N ASP KB 243 -106.21 9.74 -27.09
CA ASP KB 243 -105.40 10.84 -26.58
C ASP KB 243 -103.99 10.73 -27.13
N ASN KB 244 -103.33 11.87 -27.31
CA ASN KB 244 -102.10 12.00 -28.09
C ASN KB 244 -102.33 11.60 -29.57
N PHE KB 245 -103.48 12.03 -30.10
CA PHE KB 245 -103.85 11.84 -31.51
C PHE KB 245 -102.93 12.63 -32.47
N SER KB 246 -102.30 13.68 -31.95
CA SER KB 246 -101.25 14.43 -32.65
C SER KB 246 -100.14 13.54 -33.21
N LYS KB 247 -99.69 12.59 -32.39
CA LYS KB 247 -98.67 11.61 -32.81
C LYS KB 247 -99.13 10.80 -34.01
N VAL KB 248 -100.37 10.32 -33.94
CA VAL KB 248 -101.00 9.56 -35.03
C VAL KB 248 -101.03 10.36 -36.32
N LEU KB 249 -101.50 11.60 -36.21
CA LEU KB 249 -101.55 12.52 -37.35
C LEU KB 249 -100.19 12.73 -38.01
N THR KB 250 -99.18 12.95 -37.19
CA THR KB 250 -97.83 13.27 -37.67
C THR KB 250 -97.08 12.02 -38.12
N THR KB 251 -97.06 11.00 -37.28
CA THR KB 251 -96.43 9.71 -37.64
C THR KB 251 -97.35 8.96 -38.60
N ALA KB 252 -97.26 9.32 -39.87
CA ALA KB 252 -98.06 8.74 -40.94
C ALA KB 252 -97.60 7.32 -41.28
N TYR KB 253 -96.28 7.11 -41.25
CA TYR KB 253 -95.69 5.79 -41.46
C TYR KB 253 -95.10 5.25 -40.16
N SER KB 254 -95.45 4.01 -39.84
CA SER KB 254 -94.95 3.32 -38.64
C SER KB 254 -93.48 2.93 -38.80
N ALA KB 255 -92.89 2.47 -37.69
CA ALA KB 255 -91.52 1.94 -37.70
C ALA KB 255 -91.42 0.49 -38.19
N TYR KB 256 -92.57 -0.20 -38.34
CA TYR KB 256 -92.60 -1.57 -38.84
C TYR KB 256 -92.18 -1.63 -40.30
N ARG KB 257 -91.48 -2.71 -40.67
CA ARG KB 257 -91.00 -2.94 -42.03
C ARG KB 257 -91.66 -4.21 -42.58
N ASN KB 258 -92.21 -4.14 -43.79
CA ASN KB 258 -92.76 -5.33 -44.47
C ASN KB 258 -91.63 -6.23 -45.03
N THR KB 259 -91.98 -7.24 -45.82
CA THR KB 259 -91.00 -8.21 -46.35
C THR KB 259 -89.82 -7.54 -47.07
N GLU KB 260 -90.13 -6.59 -47.95
CA GLU KB 260 -89.12 -5.70 -48.54
C GLU KB 260 -88.85 -4.59 -47.52
N ASN KB 261 -87.58 -4.18 -47.39
CA ASN KB 261 -87.19 -3.20 -46.38
C ASN KB 261 -87.69 -1.79 -46.70
N LYS KB 262 -88.94 -1.52 -46.30
CA LYS KB 262 -89.51 -0.17 -46.34
C LYS KB 262 -90.64 -0.04 -45.31
N GLN KB 263 -90.86 1.19 -44.85
CA GLN KB 263 -91.74 1.44 -43.70
C GLN KB 263 -93.22 1.21 -44.03
N ILE KB 264 -93.94 0.60 -43.09
CA ILE KB 264 -95.37 0.32 -43.23
C ILE KB 264 -96.16 1.60 -42.91
N TYR KB 265 -97.20 1.82 -43.71
CA TYR KB 265 -98.09 2.97 -43.56
C TYR KB 265 -99.05 2.75 -42.39
N SER KB 266 -99.42 3.81 -41.68
CA SER KB 266 -100.33 3.71 -40.53
C SER KB 266 -101.70 3.12 -40.88
N LEU KB 267 -102.23 3.49 -42.06
CA LEU KB 267 -103.51 2.96 -42.55
C LEU KB 267 -103.42 1.51 -43.07
N ASP KB 268 -102.21 1.01 -43.32
CA ASP KB 268 -101.99 -0.41 -43.63
C ASP KB 268 -101.93 -1.30 -42.38
N LEU KB 269 -101.88 -0.72 -41.19
CA LEU KB 269 -102.00 -1.46 -39.93
C LEU KB 269 -103.47 -1.75 -39.63
N GLN KB 270 -103.71 -2.60 -38.63
CA GLN KB 270 -105.08 -2.92 -38.18
C GLN KB 270 -105.59 -1.76 -37.31
N MET KB 271 -104.84 -1.45 -36.27
CA MET KB 271 -105.26 -0.52 -35.22
C MET KB 271 -105.47 0.90 -35.75
N GLY KB 272 -104.47 1.42 -36.45
CA GLY KB 272 -104.51 2.78 -37.01
C GLY KB 272 -105.62 2.97 -38.03
N LYS KB 273 -105.80 1.95 -38.88
CA LYS KB 273 -106.87 1.92 -39.88
C LYS KB 273 -108.25 1.92 -39.22
N LEU KB 274 -108.42 1.01 -38.26
CA LEU KB 274 -109.63 0.88 -37.44
C LEU KB 274 -109.99 2.23 -36.82
N MET KB 275 -109.00 2.83 -36.16
CA MET KB 275 -109.14 4.14 -35.51
C MET KB 275 -109.62 5.20 -36.50
N MET KB 276 -108.98 5.25 -37.66
CA MET KB 276 -109.34 6.18 -38.74
C MET KB 276 -110.78 5.97 -39.22
N ASP KB 277 -111.16 4.70 -39.35
CA ASP KB 277 -112.51 4.30 -39.74
C ASP KB 277 -113.56 4.77 -38.73
N ILE KB 278 -113.24 4.62 -37.44
CA ILE KB 278 -114.09 5.08 -36.33
C ILE KB 278 -114.28 6.60 -36.38
N ILE KB 279 -113.17 7.31 -36.56
CA ILE KB 279 -113.16 8.78 -36.71
C ILE KB 279 -114.09 9.23 -37.83
N SER KB 280 -113.91 8.64 -39.01
CA SER KB 280 -114.70 9.01 -40.19
C SER KB 280 -116.11 8.42 -40.14
N GLY KB 281 -116.98 8.91 -41.02
CA GLY KB 281 -118.32 8.35 -41.18
C GLY KB 281 -118.25 7.08 -42.00
N GLU KB 282 -117.85 5.99 -41.37
CA GLU KB 282 -117.65 4.70 -42.04
C GLU KB 282 -118.10 3.51 -41.16
N THR KB 283 -117.43 3.30 -40.03
CA THR KB 283 -117.95 2.38 -38.99
C THR KB 283 -118.89 3.18 -38.10
N LYS KB 284 -120.10 3.40 -38.60
CA LYS KB 284 -121.11 4.20 -37.90
C LYS KB 284 -121.79 3.36 -36.82
N PHE KB 285 -121.78 3.86 -35.59
CA PHE KB 285 -122.44 3.19 -34.47
C PHE KB 285 -123.94 3.37 -34.57
N ALA KB 286 -124.69 2.32 -34.26
CA ALA KB 286 -126.15 2.32 -34.42
C ALA KB 286 -126.86 3.26 -33.47
N ASN KB 287 -126.39 3.30 -32.21
CA ASN KB 287 -126.97 4.16 -31.19
C ASN KB 287 -126.57 5.63 -31.37
N GLY KB 288 -127.43 6.53 -30.91
CA GLY KB 288 -127.07 7.92 -30.66
C GLY KB 288 -126.24 7.99 -29.38
N GLU KB 289 -125.79 9.20 -29.04
CA GLU KB 289 -124.92 9.43 -27.86
C GLU KB 289 -123.55 8.71 -27.95
N SER KB 290 -123.19 8.20 -29.13
CA SER KB 290 -121.99 7.41 -29.34
C SER KB 290 -120.94 8.30 -30.00
N SER KB 291 -119.95 8.71 -29.20
CA SER KB 291 -119.03 9.78 -29.60
C SER KB 291 -117.62 9.29 -29.87
N THR KB 292 -116.87 10.10 -30.62
CA THR KB 292 -115.42 9.98 -30.73
C THR KB 292 -114.82 11.27 -30.18
N ILE KB 293 -113.95 11.16 -29.17
CA ILE KB 293 -113.31 12.33 -28.57
C ILE KB 293 -111.80 12.19 -28.64
N LEU KB 294 -111.20 12.93 -29.58
CA LEU KB 294 -109.76 12.86 -29.81
C LEU KB 294 -109.09 13.95 -28.98
N ALA KB 295 -107.79 13.79 -28.71
CA ALA KB 295 -107.04 14.79 -27.94
C ALA KB 295 -105.59 14.92 -28.43
N ILE KB 296 -105.20 16.17 -28.71
CA ILE KB 296 -103.83 16.51 -29.08
C ILE KB 296 -102.95 16.48 -27.83
N SER KB 297 -101.64 16.27 -28.04
CA SER KB 297 -100.65 16.42 -26.98
C SER KB 297 -99.51 17.33 -27.45
N GLY KB 298 -99.21 18.35 -26.65
CA GLY KB 298 -98.07 19.23 -26.89
C GLY KB 298 -96.71 18.56 -26.91
N VAL KB 299 -96.61 17.41 -26.24
CA VAL KB 299 -95.47 16.48 -26.36
C VAL KB 299 -95.08 16.23 -27.82
N ASP KB 300 -96.08 15.87 -28.62
CA ASP KB 300 -95.86 15.37 -29.98
C ASP KB 300 -95.53 16.48 -30.97
N ARG KB 301 -95.18 16.06 -32.18
CA ARG KB 301 -94.82 16.98 -33.28
C ARG KB 301 -96.02 17.82 -33.72
N THR KB 302 -95.73 19.01 -34.27
CA THR KB 302 -96.74 19.85 -34.91
C THR KB 302 -96.38 20.08 -36.38
N ASN KB 303 -97.41 20.17 -37.21
CA ASN KB 303 -97.27 20.33 -38.67
C ASN KB 303 -98.56 20.85 -39.29
N LYS KB 304 -98.60 21.00 -40.61
CA LYS KB 304 -99.74 21.65 -41.29
C LYS KB 304 -101.04 20.83 -41.33
N THR KB 305 -100.94 19.51 -41.15
CA THR KB 305 -102.08 18.58 -41.28
C THR KB 305 -103.33 18.96 -40.47
N LEU KB 306 -103.19 19.02 -39.14
CA LEU KB 306 -104.33 19.26 -38.24
C LEU KB 306 -104.98 20.62 -38.46
N PRO KB 307 -104.18 21.70 -38.61
CA PRO KB 307 -104.76 22.99 -39.01
C PRO KB 307 -105.55 22.96 -40.31
N VAL KB 308 -105.00 22.29 -41.33
CA VAL KB 308 -105.66 22.16 -42.62
C VAL KB 308 -106.99 21.40 -42.50
N ALA KB 309 -106.98 20.32 -41.72
CA ALA KB 309 -108.19 19.54 -41.43
C ALA KB 309 -109.31 20.40 -40.83
N LEU KB 310 -108.92 21.24 -39.87
CA LEU KB 310 -109.84 22.17 -39.23
C LEU KB 310 -109.96 23.46 -40.06
N GLY KB 311 -110.79 24.39 -39.60
CA GLY KB 311 -110.97 25.69 -40.28
C GLY KB 311 -109.94 26.70 -39.82
N LYS KB 312 -108.69 26.51 -40.26
CA LYS KB 312 -107.55 27.32 -39.81
C LYS KB 312 -106.74 27.92 -40.97
N ILE KB 313 -106.18 27.05 -41.80
CA ILE KB 313 -105.30 27.46 -42.91
C ILE KB 313 -105.85 26.95 -44.24
N PRO KB 314 -105.70 27.74 -45.33
CA PRO KB 314 -105.97 27.18 -46.67
C PRO KB 314 -104.97 26.09 -47.06
N VAL KB 315 -105.40 25.17 -47.92
CA VAL KB 315 -104.61 24.00 -48.27
C VAL KB 315 -103.49 24.38 -49.23
N ASP KB 316 -102.26 24.44 -48.72
CA ASP KB 316 -101.08 24.57 -49.57
C ASP KB 316 -100.78 23.19 -50.17
N PRO KB 317 -100.81 23.06 -51.51
CA PRO KB 317 -100.56 21.75 -52.13
C PRO KB 317 -99.08 21.34 -52.19
N TYR KB 318 -98.17 22.31 -52.12
CA TYR KB 318 -96.73 22.05 -52.32
C TYR KB 318 -95.96 21.58 -51.09
N VAL KB 319 -96.47 21.86 -49.88
CA VAL KB 319 -95.84 21.35 -48.65
C VAL KB 319 -95.73 19.82 -48.65
N THR KB 320 -94.68 19.32 -48.01
CA THR KB 320 -94.26 17.92 -48.16
C THR KB 320 -95.18 16.96 -47.41
N ARG KB 321 -95.07 15.67 -47.74
CA ARG KB 321 -95.82 14.61 -47.05
C ARG KB 321 -95.50 14.57 -45.55
N TYR KB 322 -94.24 14.83 -45.21
CA TYR KB 322 -93.78 14.87 -43.83
C TYR KB 322 -94.51 15.93 -43.01
N HIS KB 323 -94.67 17.14 -43.58
CA HIS KB 323 -95.33 18.26 -42.89
C HIS KB 323 -96.81 18.46 -43.24
N TYR KB 324 -97.31 17.69 -44.20
CA TYR KB 324 -98.74 17.73 -44.56
C TYR KB 324 -99.16 16.46 -45.26
N GLU KB 325 -99.90 15.59 -44.56
CA GLU KB 325 -100.51 14.42 -45.16
C GLU KB 325 -101.98 14.72 -45.49
N PRO KB 326 -102.34 14.71 -46.80
CA PRO KB 326 -103.69 15.08 -47.22
C PRO KB 326 -104.77 14.01 -47.01
N LYS KB 327 -104.38 12.73 -47.00
CA LYS KB 327 -105.32 11.63 -46.77
C LYS KB 327 -105.99 11.74 -45.40
N PHE KB 328 -105.17 11.99 -44.38
CA PHE KB 328 -105.63 12.18 -42.99
C PHE KB 328 -106.61 13.34 -42.87
N VAL KB 329 -106.28 14.45 -43.54
CA VAL KB 329 -107.14 15.63 -43.62
C VAL KB 329 -108.49 15.29 -44.24
N GLU KB 330 -108.45 14.58 -45.37
CA GLU KB 330 -109.65 14.14 -46.08
C GLU KB 330 -110.55 13.28 -45.18
N LEU KB 331 -109.93 12.33 -44.48
CA LEU KB 331 -110.61 11.47 -43.51
C LEU KB 331 -111.28 12.27 -42.40
N LEU KB 332 -110.55 13.25 -41.86
CA LEU KB 332 -111.06 14.16 -40.84
C LEU KB 332 -112.26 14.98 -41.33
N GLN KB 333 -112.17 15.47 -42.55
CA GLN KB 333 -113.27 16.21 -43.19
C GLN KB 333 -114.51 15.33 -43.40
N LYS KB 334 -114.29 14.07 -43.75
CA LYS KB 334 -115.36 13.10 -44.00
C LYS KB 334 -116.25 12.89 -42.78
N GLY KB 335 -115.63 12.60 -41.63
CA GLY KB 335 -116.34 12.54 -40.35
C GLY KB 335 -116.26 13.89 -39.69
N ASN KB 336 -117.37 14.64 -39.70
CA ASN KB 336 -117.36 16.08 -39.36
C ASN KB 336 -116.84 16.38 -37.94
N VAL KB 337 -115.52 16.50 -37.82
CA VAL KB 337 -114.85 16.78 -36.55
C VAL KB 337 -114.90 18.28 -36.25
N THR KB 338 -115.70 18.66 -35.26
CA THR KB 338 -115.71 20.03 -34.74
C THR KB 338 -114.72 20.13 -33.58
N GLU KB 339 -113.67 20.95 -33.76
CA GLU KB 339 -112.61 21.06 -32.74
C GLU KB 339 -113.07 21.84 -31.51
N PHE KB 340 -112.46 21.53 -30.38
CA PHE KB 340 -112.72 22.21 -29.12
C PHE KB 340 -111.43 22.75 -28.52
N GLU KB 341 -111.31 24.08 -28.48
CA GLU KB 341 -110.16 24.74 -27.88
C GLU KB 341 -110.34 24.78 -26.37
N VAL KB 342 -109.39 24.22 -25.63
CA VAL KB 342 -109.40 24.30 -24.17
C VAL KB 342 -108.89 25.71 -23.80
N PRO KB 343 -109.72 26.51 -23.11
CA PRO KB 343 -109.29 27.84 -22.71
C PRO KB 343 -108.39 27.78 -21.48
N LYS KB 344 -107.51 28.76 -21.34
CA LYS KB 344 -106.67 28.88 -20.14
C LYS KB 344 -107.50 29.37 -18.94
N LEU KB 345 -106.97 29.15 -17.75
CA LEU KB 345 -107.67 29.43 -16.50
C LEU KB 345 -107.95 30.91 -16.31
N ASN KB 346 -109.11 31.21 -15.71
CA ASN KB 346 -109.42 32.56 -15.25
C ASN KB 346 -108.71 32.82 -13.92
N LYS KB 347 -108.76 34.05 -13.44
CA LYS KB 347 -108.14 34.42 -12.16
C LYS KB 347 -108.81 33.70 -10.98
N GLN KB 348 -110.14 33.69 -11.00
CA GLN KB 348 -110.95 33.05 -9.96
C GLN KB 348 -110.70 31.56 -9.84
N GLU KB 349 -110.60 30.90 -11.00
CA GLU KB 349 -110.31 29.48 -11.09
C GLU KB 349 -108.92 29.15 -10.50
N VAL KB 350 -107.95 29.96 -10.89
CA VAL KB 350 -106.57 29.87 -10.36
C VAL KB 350 -106.54 30.00 -8.84
N ASN KB 351 -107.21 31.03 -8.33
CA ASN KB 351 -107.38 31.25 -6.89
C ASN KB 351 -107.97 30.02 -6.18
N GLU KB 352 -109.02 29.47 -6.76
CA GLU KB 352 -109.70 28.28 -6.23
C GLU KB 352 -108.77 27.07 -6.16
N LEU KB 353 -108.00 26.87 -7.23
CA LEU KB 353 -106.97 25.83 -7.30
C LEU KB 353 -105.94 26.00 -6.19
N ILE KB 354 -105.44 27.22 -6.04
CA ILE KB 354 -104.43 27.56 -5.03
C ILE KB 354 -104.96 27.29 -3.61
N ASP KB 355 -106.23 27.66 -3.37
CA ASP KB 355 -106.90 27.39 -2.11
C ASP KB 355 -106.99 25.89 -1.82
N TYR KB 356 -107.35 25.13 -2.85
CA TYR KB 356 -107.40 23.66 -2.75
C TYR KB 356 -106.03 23.07 -2.40
N TYR KB 357 -105.00 23.53 -3.10
CA TYR KB 357 -103.62 23.09 -2.86
C TYR KB 357 -103.18 23.37 -1.41
N LYS KB 358 -103.55 24.55 -0.92
CA LYS KB 358 -103.31 24.95 0.47
C LYS KB 358 -103.99 24.01 1.48
N GLN KB 359 -105.26 23.70 1.21
CA GLN KB 359 -106.03 22.74 2.02
C GLN KB 359 -105.37 21.36 2.07
N SER KB 360 -104.97 20.88 0.90
CA SER KB 360 -104.25 19.61 0.76
C SER KB 360 -102.81 19.65 1.30
N ASN KB 361 -102.27 20.86 1.48
CA ASN KB 361 -100.95 21.11 2.09
C ASN KB 361 -99.82 20.82 1.11
N VAL KB 362 -99.93 21.44 -0.07
CA VAL KB 362 -98.91 21.38 -1.13
C VAL KB 362 -98.08 22.67 -1.18
N LEU KB 363 -98.68 23.80 -0.78
CA LEU KB 363 -97.99 25.10 -0.83
C LEU KB 363 -96.78 25.15 0.08
N LEU KB 364 -95.78 25.92 -0.34
CA LEU KB 364 -94.55 26.11 0.43
C LEU KB 364 -94.78 27.16 1.50
N ASP KB 365 -93.90 27.18 2.49
CA ASP KB 365 -94.01 28.10 3.64
C ASP KB 365 -93.82 29.56 3.23
N LYS KB 366 -92.90 29.81 2.31
CA LYS KB 366 -92.65 31.16 1.79
C LYS KB 366 -93.87 31.75 1.03
N ASP KB 367 -94.67 30.88 0.41
CA ASP KB 367 -95.92 31.30 -0.23
C ASP KB 367 -96.97 31.67 0.81
N ILE KB 368 -97.22 30.77 1.77
CA ILE KB 368 -98.30 30.96 2.75
C ILE KB 368 -97.96 32.07 3.75
N THR KB 369 -96.95 31.83 4.58
CA THR KB 369 -96.65 32.70 5.72
C THR KB 369 -95.95 33.99 5.32
N GLY KB 370 -96.50 35.13 5.76
CA GLY KB 370 -95.93 36.44 5.48
C GLY KB 370 -96.14 36.89 4.04
N LYS KB 371 -97.38 36.81 3.58
CA LYS KB 371 -97.72 37.17 2.20
C LYS KB 371 -99.23 37.38 2.06
N LYS KB 372 -99.62 38.44 1.35
CA LYS KB 372 -101.03 38.67 1.02
C LYS KB 372 -101.50 37.62 0.01
N TRP KB 373 -102.74 37.19 0.18
CA TRP KB 373 -103.31 36.07 -0.59
C TRP KB 373 -103.61 36.45 -2.03
N GLU KB 374 -104.25 37.60 -2.21
CA GLU KB 374 -104.57 38.14 -3.53
C GLU KB 374 -103.32 38.40 -4.36
N ASN KB 375 -102.32 38.99 -3.73
CA ASN KB 375 -101.01 39.25 -4.35
C ASN KB 375 -100.33 37.98 -4.83
N LEU KB 376 -100.35 36.96 -3.96
CA LEU KB 376 -99.80 35.63 -4.26
C LEU KB 376 -100.48 35.03 -5.50
N ILE KB 377 -101.81 35.08 -5.51
CA ILE KB 377 -102.62 34.61 -6.63
C ILE KB 377 -102.25 35.30 -7.94
N ASP KB 378 -102.11 36.62 -7.88
CA ASP KB 378 -101.72 37.44 -9.03
C ASP KB 378 -100.34 37.06 -9.56
N GLU KB 379 -99.40 36.84 -8.64
CA GLU KB 379 -98.06 36.35 -8.98
C GLU KB 379 -98.10 34.99 -9.67
N LYS KB 380 -98.92 34.09 -9.13
CA LYS KB 380 -99.10 32.73 -9.68
C LYS KB 380 -99.66 32.77 -11.09
N TYR KB 381 -100.66 33.62 -11.28
CA TYR KB 381 -101.28 33.89 -12.59
C TYR KB 381 -100.26 34.41 -13.60
N PHE KB 382 -99.43 35.35 -13.14
CA PHE KB 382 -98.35 35.94 -13.95
C PHE KB 382 -97.34 34.89 -14.40
N LEU KB 383 -96.91 34.05 -13.46
CA LEU KB 383 -95.88 33.04 -13.72
C LEU KB 383 -96.36 31.86 -14.56
N SER KB 384 -97.65 31.54 -14.47
CA SER KB 384 -98.25 30.51 -15.32
C SER KB 384 -98.41 30.94 -16.78
N GLY KB 385 -98.29 32.24 -17.06
CA GLY KB 385 -98.59 32.80 -18.37
C GLY KB 385 -100.09 32.99 -18.48
N ASN KB 386 -100.68 33.57 -17.43
CA ASN KB 386 -102.11 33.85 -17.35
C ASN KB 386 -103.00 32.60 -17.40
N GLY KB 387 -102.65 31.63 -16.56
CA GLY KB 387 -103.51 30.49 -16.27
C GLY KB 387 -103.31 29.22 -17.09
N ASN KB 388 -102.06 28.88 -17.39
CA ASN KB 388 -101.73 27.53 -17.85
C ASN KB 388 -101.63 26.66 -16.60
N PRO KB 389 -102.57 25.69 -16.41
CA PRO KB 389 -102.63 24.94 -15.14
C PRO KB 389 -101.37 24.18 -14.75
N ARG KB 390 -100.76 23.49 -15.71
CA ARG KB 390 -99.53 22.72 -15.46
C ARG KB 390 -98.40 23.65 -15.01
N GLU KB 391 -98.18 24.70 -15.79
CA GLU KB 391 -97.17 25.73 -15.50
C GLU KB 391 -97.35 26.35 -14.11
N LEU KB 392 -98.59 26.68 -13.79
CA LEU KB 392 -98.98 27.17 -12.45
C LEU KB 392 -98.57 26.17 -11.37
N LEU KB 393 -98.94 24.91 -11.59
CA LEU KB 393 -98.65 23.83 -10.64
C LEU KB 393 -97.14 23.69 -10.43
N LYS KB 394 -96.39 23.77 -11.52
CA LYS KB 394 -94.92 23.72 -11.51
C LYS KB 394 -94.32 24.85 -10.69
N SER KB 395 -94.82 26.07 -10.92
CA SER KB 395 -94.40 27.26 -10.17
C SER KB 395 -94.67 27.13 -8.67
N LEU KB 396 -95.82 26.55 -8.36
CA LEU KB 396 -96.24 26.32 -6.98
C LEU KB 396 -95.33 25.33 -6.24
N VAL KB 397 -95.08 24.18 -6.88
CA VAL KB 397 -94.49 23.02 -6.23
C VAL KB 397 -93.05 22.74 -6.68
N LEU KB 398 -92.83 22.67 -8.00
CA LEU KB 398 -91.53 22.30 -8.57
C LEU KB 398 -90.60 23.51 -8.85
N SER KB 399 -90.79 24.63 -8.16
CA SER KB 399 -89.96 25.82 -8.36
C SER KB 399 -88.69 25.74 -7.52
N HIS KB 400 -88.80 25.99 -6.21
CA HIS KB 400 -87.66 25.97 -5.28
C HIS KB 400 -86.47 26.82 -5.79
N ARG KB 401 -86.80 28.02 -6.25
CA ARG KB 401 -85.87 28.91 -6.96
C ARG KB 401 -85.46 30.05 -6.04
N MET LB 1 -96.95 16.81 -52.42
CA MET LB 1 -97.00 17.11 -53.89
C MET LB 1 -98.15 16.36 -54.57
N ASN LB 2 -99.37 16.84 -54.34
CA ASN LB 2 -100.57 16.29 -54.97
C ASN LB 2 -100.68 16.70 -56.45
N VAL LB 3 -100.21 17.91 -56.77
CA VAL LB 3 -100.12 18.38 -58.15
C VAL LB 3 -99.25 17.44 -58.99
N PRO LB 4 -99.68 17.10 -60.23
CA PRO LB 4 -98.92 16.13 -61.03
C PRO LB 4 -97.54 16.60 -61.49
N LYS LB 5 -96.69 15.63 -61.80
CA LYS LB 5 -95.29 15.86 -62.12
C LYS LB 5 -95.10 16.35 -63.55
N ALA LB 6 -95.75 15.68 -64.49
CA ALA LB 6 -95.64 15.97 -65.92
C ALA LB 6 -96.00 17.41 -66.26
N ARG LB 7 -97.12 17.88 -65.68
CA ARG LB 7 -97.57 19.27 -65.82
C ARG LB 7 -96.53 20.27 -65.31
N LEU LB 8 -95.98 20.00 -64.13
CA LEU LB 8 -94.92 20.82 -63.54
C LEU LB 8 -93.69 20.92 -64.45
N LEU LB 9 -93.29 19.77 -64.98
CA LEU LB 9 -92.18 19.68 -65.96
C LEU LB 9 -92.42 20.53 -67.20
N LYS LB 10 -93.63 20.41 -67.75
CA LYS LB 10 -94.07 21.21 -68.90
C LYS LB 10 -94.00 22.71 -68.62
N VAL LB 11 -94.51 23.10 -67.45
CA VAL LB 11 -94.47 24.49 -66.98
C VAL LB 11 -93.03 25.00 -66.91
N ALA LB 12 -92.15 24.19 -66.31
CA ALA LB 12 -90.73 24.51 -66.17
C ALA LB 12 -90.03 24.68 -67.52
N GLU LB 13 -90.35 23.79 -68.46
CA GLU LB 13 -89.86 23.86 -69.84
C GLU LB 13 -90.31 25.15 -70.53
N LEU LB 14 -91.58 25.50 -70.32
CA LEU LB 14 -92.16 26.72 -70.89
C LEU LB 14 -91.44 27.96 -70.35
N SER LB 15 -91.25 27.99 -69.04
CA SER LB 15 -90.53 29.08 -68.36
C SER LB 15 -89.11 29.23 -68.91
N ALA LB 16 -88.43 28.10 -69.07
CA ALA LB 16 -87.08 28.06 -69.67
C ALA LB 16 -87.05 28.61 -71.09
N LYS LB 17 -88.08 28.27 -71.87
CA LYS LB 17 -88.23 28.77 -73.24
C LYS LB 17 -88.41 30.29 -73.27
N ILE LB 18 -89.27 30.78 -72.36
CA ILE LB 18 -89.55 32.21 -72.20
C ILE LB 18 -88.30 33.02 -71.91
N PHE LB 19 -87.60 32.63 -70.85
CA PHE LB 19 -86.31 33.23 -70.53
C PHE LB 19 -85.28 32.53 -71.41
N ASP LB 20 -84.01 32.91 -71.32
CA ASP LB 20 -82.98 32.24 -72.13
C ASP LB 20 -82.55 30.91 -71.52
N GLN LB 21 -82.53 30.82 -70.19
CA GLN LB 21 -82.09 29.63 -69.44
C GLN LB 21 -82.50 28.25 -70.01
N ASN LB 22 -81.57 27.30 -69.97
CA ASN LB 22 -81.82 25.92 -70.49
C ASN LB 22 -82.69 25.08 -69.56
N PHE LB 23 -83.29 24.05 -70.16
CA PHE LB 23 -84.18 23.11 -69.49
C PHE LB 23 -83.59 21.71 -69.59
N ASN LB 24 -83.04 21.23 -68.47
CA ASN LB 24 -82.42 19.91 -68.37
C ASN LB 24 -83.23 19.03 -67.40
N PRO LB 25 -84.25 18.31 -67.91
CA PRO LB 25 -85.10 17.49 -67.04
C PRO LB 25 -84.42 16.21 -66.52
N SER LB 26 -83.58 15.59 -67.35
CA SER LB 26 -82.87 14.36 -66.99
C SER LB 26 -81.82 14.55 -65.88
N GLY LB 27 -81.23 15.74 -65.80
CA GLY LB 27 -80.21 16.04 -64.81
C GLY LB 27 -78.84 15.47 -65.15
N ILE LB 28 -78.49 15.55 -66.44
CA ILE LB 28 -77.20 15.04 -66.95
C ILE LB 28 -76.17 16.17 -66.89
N ARG LB 29 -74.90 15.79 -66.78
CA ARG LB 29 -73.79 16.74 -66.87
C ARG LB 29 -73.68 17.30 -68.30
N THR LB 30 -74.15 18.53 -68.48
CA THR LB 30 -74.14 19.18 -69.78
C THR LB 30 -72.80 19.88 -70.08
N GLY LB 31 -72.13 20.35 -69.02
CA GLY LB 31 -70.92 21.17 -69.14
C GLY LB 31 -71.19 22.66 -69.05
N SER LB 32 -72.43 23.04 -68.73
CA SER LB 32 -72.83 24.45 -68.66
C SER LB 32 -71.98 25.29 -67.70
N LYS LB 33 -71.65 24.71 -66.55
CA LYS LB 33 -70.85 25.42 -65.52
C LYS LB 33 -69.41 25.75 -65.94
N ILE LB 34 -68.87 25.05 -66.95
CA ILE LB 34 -67.53 25.34 -67.47
C ILE LB 34 -67.52 26.67 -68.23
N LEU LB 35 -68.41 26.80 -69.20
CA LEU LB 35 -68.45 27.99 -70.07
C LEU LB 35 -69.05 29.20 -69.33
N ASN LB 36 -70.21 28.97 -68.70
CA ASN LB 36 -70.98 30.04 -68.02
C ASN LB 36 -70.20 30.83 -66.98
N GLU LB 37 -69.20 30.20 -66.35
CA GLU LB 37 -68.24 30.88 -65.47
C GLU LB 37 -67.64 32.12 -66.14
N ARG LB 38 -67.81 33.28 -65.50
CA ARG LB 38 -67.17 34.53 -65.94
C ARG LB 38 -65.65 34.38 -65.94
N LEU LB 39 -65.02 34.75 -67.05
CA LEU LB 39 -63.57 34.63 -67.21
C LEU LB 39 -62.87 35.79 -66.48
N LYS LB 40 -61.88 35.43 -65.65
CA LYS LB 40 -61.27 36.34 -64.67
C LYS LB 40 -59.88 36.88 -65.08
N GLY LB 41 -59.49 36.64 -66.32
CA GLY LB 41 -58.11 36.85 -66.79
C GLY LB 41 -57.56 38.27 -66.73
N PRO LB 42 -58.33 39.27 -67.24
CA PRO LB 42 -57.85 40.66 -67.25
C PRO LB 42 -57.52 41.23 -65.87
N SER LB 43 -58.38 40.95 -64.90
CA SER LB 43 -58.17 41.34 -63.51
C SER LB 43 -56.91 40.73 -62.91
N VAL LB 44 -56.69 39.45 -63.21
CA VAL LB 44 -55.50 38.71 -62.79
C VAL LB 44 -54.24 39.33 -63.40
N ALA LB 45 -54.30 39.63 -64.69
CA ALA LB 45 -53.20 40.28 -65.41
C ALA LB 45 -52.83 41.65 -64.83
N SER LB 46 -53.85 42.40 -64.40
CA SER LB 46 -53.66 43.74 -63.84
C SER LB 46 -53.19 43.78 -62.36
N TYR LB 47 -52.55 42.73 -61.89
CA TYR LB 47 -52.21 42.57 -60.47
C TYR LB 47 -51.07 43.49 -60.05
N TYR LB 48 -49.92 43.37 -60.72
CA TYR LB 48 -48.70 44.08 -60.33
C TYR LB 48 -48.73 45.57 -60.66
N GLY LB 49 -49.42 45.95 -61.73
CA GLY LB 49 -49.67 47.36 -62.04
C GLY LB 49 -49.76 47.67 -63.52
N ASN LB 50 -49.67 48.96 -63.83
CA ASN LB 50 -49.66 49.46 -65.20
C ASN LB 50 -48.20 49.53 -65.67
N PRO LB 51 -47.77 48.60 -66.57
CA PRO LB 51 -46.36 48.54 -66.97
C PRO LB 51 -45.85 49.82 -67.64
N ASP LB 52 -46.70 50.42 -68.47
CA ASP LB 52 -46.45 51.77 -68.98
C ASP LB 52 -46.74 52.76 -67.87
N ILE LB 53 -45.69 53.06 -67.10
CA ILE LB 53 -45.67 54.13 -66.10
C ILE LB 53 -44.42 54.94 -66.39
N LEU LB 54 -44.43 56.22 -66.06
CA LEU LB 54 -43.26 57.08 -66.27
C LEU LB 54 -42.07 56.59 -65.44
N LYS LB 55 -40.90 56.64 -66.07
CA LYS LB 55 -39.64 56.20 -65.47
C LYS LB 55 -38.67 57.37 -65.54
N PHE LB 56 -37.49 57.20 -64.97
CA PHE LB 56 -36.46 58.23 -65.03
C PHE LB 56 -35.94 58.44 -66.46
N ARG LB 57 -35.83 57.35 -67.22
CA ARG LB 57 -35.43 57.38 -68.63
C ARG LB 57 -36.18 58.42 -69.45
N HIS LB 58 -37.50 58.49 -69.25
CA HIS LB 58 -38.36 59.34 -70.07
C HIS LB 58 -38.24 60.78 -69.64
N LEU LB 59 -39.31 62.70 -64.75
CA LEU LB 59 -38.17 61.90 -65.16
C LEU LB 59 -37.22 61.76 -63.97
N LYS LB 60 -35.36 62.03 -69.80
CA LYS LB 60 -34.69 62.93 -70.72
C LYS LB 60 -35.53 63.24 -71.98
N THR LB 61 -36.40 62.31 -72.37
CA THR LB 61 -37.23 62.43 -73.58
C THR LB 61 -38.18 63.63 -73.55
N LEU LB 62 -38.95 63.74 -72.47
CA LEU LB 62 -40.01 64.74 -72.35
C LEU LB 62 -39.43 66.14 -72.10
N TYR LB 63 -38.50 66.23 -71.15
CA TYR LB 63 -37.88 67.48 -70.74
C TYR LB 63 -36.34 67.39 -70.86
N PRO LB 64 -35.80 67.60 -72.08
CA PRO LB 64 -34.35 67.63 -72.27
C PRO LB 64 -33.62 68.77 -71.56
N ASP LB 65 -34.30 69.90 -71.39
CA ASP LB 65 -33.73 71.10 -70.77
C ASP LB 65 -33.22 70.88 -69.34
N ILE LB 66 -33.98 70.10 -68.56
CA ILE LB 66 -33.67 69.90 -67.14
C ILE LB 66 -32.73 68.69 -67.01
N GLU LB 67 -31.52 68.96 -66.52
CA GLU LB 67 -30.52 67.92 -66.27
C GLU LB 67 -30.82 67.22 -64.94
N PHE LB 68 -31.71 66.23 -64.99
CA PHE LB 68 -32.10 65.46 -63.80
C PHE LB 68 -30.98 64.54 -63.32
N VAL LB 69 -31.11 64.09 -62.07
CA VAL LB 69 -30.18 63.14 -61.45
C VAL LB 69 -30.98 62.03 -60.77
N ASP LB 70 -30.79 60.79 -61.24
CA ASP LB 70 -31.32 59.61 -60.56
C ASP LB 70 -30.30 59.25 -59.49
N LEU LB 71 -30.69 59.36 -58.22
CA LEU LB 71 -29.75 59.26 -57.10
C LEU LB 71 -29.27 57.84 -56.84
N GLU LB 72 -30.20 56.90 -56.88
CA GLU LB 72 -29.93 55.48 -56.62
C GLU LB 72 -28.99 54.88 -57.67
N GLU LB 73 -29.24 55.24 -58.93
CA GLU LB 73 -28.40 54.86 -60.06
C GLU LB 73 -26.98 55.39 -59.90
N GLN LB 74 -26.88 56.69 -59.60
CA GLN LB 74 -25.59 57.35 -59.36
C GLN LB 74 -24.79 56.70 -58.24
N TYR LB 75 -25.48 56.38 -57.15
CA TYR LB 75 -24.89 55.66 -56.01
C TYR LB 75 -24.33 54.31 -56.45
N ARG LB 76 -25.14 53.55 -57.19
CA ARG LB 76 -24.75 52.25 -57.73
C ARG LB 76 -23.48 52.35 -58.58
N LEU LB 77 -23.46 53.35 -59.47
CA LEU LB 77 -22.29 53.62 -60.32
C LEU LB 77 -21.04 53.93 -59.51
N SER LB 78 -21.21 54.73 -58.46
CA SER LB 78 -20.11 55.08 -57.54
C SER LB 78 -19.56 53.84 -56.82
N MET LB 79 -20.47 52.98 -56.37
CA MET LB 79 -20.11 51.70 -55.75
C MET LB 79 -19.32 50.81 -56.69
N VAL LB 80 -19.81 50.68 -57.92
CA VAL LB 80 -19.14 49.93 -59.00
C VAL LB 80 -17.72 50.45 -59.24
N GLU LB 81 -17.59 51.78 -59.31
CA GLU LB 81 -16.30 52.44 -59.52
C GLU LB 81 -15.33 52.12 -58.39
N ALA LB 82 -15.84 52.20 -57.15
CA ALA LB 82 -15.08 51.86 -55.94
C ALA LB 82 -14.58 50.41 -55.96
N LYS LB 83 -15.47 49.50 -56.37
CA LYS LB 83 -15.15 48.07 -56.50
C LYS LB 83 -14.03 47.84 -57.52
N LYS LB 84 -14.15 48.49 -58.67
CA LYS LB 84 -13.12 48.47 -59.72
C LYS LB 84 -11.76 48.93 -59.20
N ARG LB 85 -11.78 50.04 -58.48
CA ARG LB 85 -10.56 50.62 -57.89
C ARG LB 85 -9.82 49.66 -56.96
N ARG LB 86 -10.54 49.07 -56.01
CA ARG LB 86 -9.92 48.21 -54.98
C ARG LB 86 -9.82 46.71 -55.34
N GLY LB 87 -9.90 46.39 -56.63
CA GLY LB 87 -9.73 45.02 -57.10
C GLY LB 87 -10.84 44.05 -56.71
N LYS LB 88 -12.06 44.58 -56.53
CA LYS LB 88 -13.24 43.77 -56.20
C LYS LB 88 -14.34 43.96 -57.26
N GLY LB 89 -13.94 44.29 -58.48
CA GLY LB 89 -14.88 44.43 -59.59
C GLY LB 89 -15.34 43.07 -60.09
N ALA LB 90 -16.41 43.07 -60.89
CA ALA LB 90 -16.96 41.83 -61.43
C ALA LB 90 -15.98 41.19 -62.42
N PRO LB 91 -15.84 39.84 -62.40
CA PRO LB 91 -15.01 39.20 -63.42
C PRO LB 91 -15.65 39.29 -64.80
N LYS LB 92 -14.81 39.35 -65.84
CA LYS LB 92 -15.31 39.46 -67.21
C LYS LB 92 -16.07 38.20 -67.61
N LYS LB 93 -17.25 38.40 -68.20
CA LYS LB 93 -18.18 37.31 -68.46
C LYS LB 93 -17.74 36.45 -69.64
N MET LB 94 -17.91 35.13 -69.48
CA MET LB 94 -17.58 34.16 -70.52
C MET LB 94 -18.62 34.23 -71.63
N LYS LB 95 -18.16 34.03 -72.87
CA LYS LB 95 -19.02 34.11 -74.06
C LYS LB 95 -19.22 32.75 -74.71
N LYS LB 96 -18.11 32.10 -75.08
CA LYS LB 96 -18.12 30.76 -75.69
C LYS LB 96 -18.88 30.72 -77.02
N SER MB 1 -55.03 90.03 -75.21
CA SER MB 1 -55.51 88.63 -75.47
C SER MB 1 -54.76 87.60 -74.61
N ALA MB 2 -55.27 86.37 -74.62
CA ALA MB 2 -54.63 85.25 -73.92
C ALA MB 2 -53.36 84.81 -74.64
N ASP MB 3 -53.47 84.60 -75.95
CA ASP MB 3 -52.32 84.25 -76.80
C ASP MB 3 -51.51 85.52 -77.11
N LEU MB 4 -50.73 85.94 -76.12
CA LEU MB 4 -49.90 87.16 -76.19
C LEU MB 4 -48.41 86.83 -76.06
N TYR MB 5 -48.07 86.05 -75.04
CA TYR MB 5 -46.71 85.50 -74.84
C TYR MB 5 -46.07 84.91 -76.12
N MET MB 6 -46.87 84.23 -76.93
CA MET MB 6 -46.41 83.59 -78.16
C MET MB 6 -45.87 84.57 -79.20
N HIS MB 7 -46.38 85.80 -79.18
CA HIS MB 7 -45.94 86.87 -80.08
C HIS MB 7 -45.08 87.90 -79.31
N PRO MB 8 -43.74 87.74 -79.30
CA PRO MB 8 -42.88 88.74 -78.65
C PRO MB 8 -42.76 90.09 -79.38
N GLU MB 9 -43.13 90.13 -80.66
CA GLU MB 9 -43.08 91.36 -81.46
C GLU MB 9 -44.02 92.47 -80.97
N LYS MB 10 -45.19 92.08 -80.44
CA LYS MB 10 -46.24 93.03 -80.07
C LYS MB 10 -45.95 93.85 -78.81
N TRP MB 11 -45.28 93.25 -77.82
CA TRP MB 11 -45.15 93.88 -76.48
C TRP MB 11 -43.84 94.63 -76.29
N LYS MB 12 -43.84 95.88 -76.74
CA LYS MB 12 -42.86 96.91 -76.33
C LYS MB 12 -43.52 98.06 -75.57
N GLY MB 13 -44.74 98.46 -75.97
CA GLY MB 13 -45.48 99.55 -75.33
C GLY MB 13 -46.12 99.26 -73.98
N LEU MB 14 -46.09 98.00 -73.53
CA LEU MB 14 -46.67 97.62 -72.23
C LEU MB 14 -45.81 98.12 -71.06
N PRO MB 15 -46.36 98.13 -69.83
CA PRO MB 15 -45.53 98.44 -68.65
C PRO MB 15 -44.49 97.35 -68.35
N PRO MB 16 -43.49 97.67 -67.50
CA PRO MB 16 -42.36 96.74 -67.31
C PRO MB 16 -42.74 95.42 -66.63
N GLN MB 17 -43.53 95.52 -65.56
CA GLN MB 17 -44.01 94.35 -64.83
C GLN MB 17 -44.77 93.39 -65.74
N ARG MB 18 -45.67 93.95 -66.55
CA ARG MB 18 -46.46 93.19 -67.52
C ARG MB 18 -45.57 92.45 -68.53
N ILE MB 19 -44.57 93.16 -69.05
CA ILE MB 19 -43.58 92.60 -69.97
C ILE MB 19 -42.85 91.42 -69.33
N LEU MB 20 -42.39 91.62 -68.08
CA LEU MB 20 -41.76 90.56 -67.29
C LEU MB 20 -42.64 89.33 -67.15
N GLU MB 21 -43.90 89.55 -66.80
CA GLU MB 21 -44.91 88.49 -66.69
C GLU MB 21 -45.07 87.69 -67.98
N LEU MB 22 -45.15 88.41 -69.10
CA LEU MB 22 -45.26 87.80 -70.43
C LEU MB 22 -44.03 86.94 -70.77
N TYR MB 23 -42.85 87.48 -70.47
CA TYR MB 23 -41.58 86.77 -70.63
C TYR MB 23 -41.55 85.47 -69.83
N TRP MB 24 -42.00 85.53 -68.58
CA TRP MB 24 -42.09 84.37 -67.68
C TRP MB 24 -43.06 83.32 -68.20
N GLU MB 25 -44.22 83.78 -68.67
CA GLU MB 25 -45.20 82.93 -69.35
C GLU MB 25 -44.59 82.19 -70.54
N ARG MB 26 -43.91 82.95 -71.39
CA ARG MB 26 -43.26 82.42 -72.59
C ARG MB 26 -42.25 81.33 -72.25
N MET MB 27 -41.43 81.59 -71.23
CA MET MB 27 -40.45 80.62 -70.74
C MET MB 27 -41.11 79.34 -70.23
N ALA MB 28 -42.22 79.52 -69.51
CA ALA MB 28 -42.99 78.40 -68.96
C ALA MB 28 -43.58 77.50 -70.03
N ARG MB 29 -44.28 78.11 -70.98
CA ARG MB 29 -45.14 77.39 -71.93
C ARG MB 29 -44.30 76.48 -72.83
N LEU MB 30 -43.24 77.06 -73.40
CA LEU MB 30 -42.27 76.32 -74.19
C LEU MB 30 -40.98 76.25 -73.36
N GLY MB 31 -40.91 75.22 -72.50
CA GLY MB 31 -39.80 75.06 -71.57
C GLY MB 31 -38.52 74.66 -72.27
N SER MB 32 -38.51 73.44 -72.80
CA SER MB 32 -37.36 72.91 -73.54
C SER MB 32 -37.27 73.49 -74.96
N GLU MB 33 -38.41 73.85 -75.55
CA GLU MB 33 -38.47 74.45 -76.89
C GLU MB 33 -38.44 75.99 -76.86
N TYR MB 34 -37.76 76.58 -75.88
CA TYR MB 34 -37.57 78.02 -75.82
C TYR MB 34 -36.47 78.44 -76.80
N LYS MB 35 -36.71 79.53 -77.52
CA LYS MB 35 -35.75 80.09 -78.48
C LYS MB 35 -35.80 81.62 -78.44
N PRO MB 36 -34.70 82.28 -77.98
CA PRO MB 36 -34.64 83.74 -77.83
C PRO MB 36 -35.09 84.58 -79.04
N ASN MB 37 -35.55 85.81 -78.75
CA ASN MB 37 -36.10 86.73 -79.75
C ASN MB 37 -35.54 88.14 -79.53
N LYS MB 38 -35.36 88.89 -80.63
CA LYS MB 38 -34.80 90.25 -80.58
C LYS MB 38 -35.75 91.26 -79.95
N ASP MB 39 -37.01 91.23 -80.39
CA ASP MB 39 -38.07 92.08 -79.85
C ASP MB 39 -38.27 91.88 -78.35
N GLU MB 40 -38.23 90.61 -77.95
CA GLU MB 40 -38.34 90.23 -76.54
C GLU MB 40 -37.19 90.78 -75.71
N LEU MB 41 -35.98 90.65 -76.24
CA LEU MB 41 -34.77 91.21 -75.62
C LEU MB 41 -34.90 92.72 -75.45
N ASN MB 42 -35.31 93.40 -76.51
CA ASN MB 42 -35.53 94.86 -76.49
C ASN MB 42 -36.52 95.29 -75.41
N ALA MB 43 -37.61 94.53 -75.30
CA ALA MB 43 -38.61 94.74 -74.25
C ALA MB 43 -37.97 94.61 -72.87
N LEU MB 44 -37.24 93.52 -72.66
CA LEU MB 44 -36.51 93.26 -71.40
C LEU MB 44 -35.52 94.36 -71.02
N LEU MB 45 -34.83 94.90 -72.02
CA LEU MB 45 -33.92 96.05 -71.83
C LEU MB 45 -34.68 97.29 -71.39
N THR MB 46 -35.81 97.54 -72.06
CA THR MB 46 -36.71 98.67 -71.73
C THR MB 46 -37.22 98.57 -70.29
N THR MB 47 -37.56 97.36 -69.86
CA THR MB 47 -38.06 97.12 -68.51
C THR MB 47 -37.02 97.40 -67.42
N SER MB 48 -35.75 97.16 -67.73
CA SER MB 48 -34.62 97.26 -66.77
C SER MB 48 -34.64 98.41 -65.74
N GLU MB 49 -35.22 99.54 -66.08
CA GLU MB 49 -35.39 100.66 -65.14
C GLU MB 49 -36.33 100.34 -63.95
N TYR MB 50 -37.27 99.41 -64.16
CA TYR MB 50 -38.19 98.94 -63.12
C TYR MB 50 -37.46 98.26 -61.95
N SER MB 51 -36.79 97.15 -62.24
CA SER MB 51 -35.99 96.43 -61.24
C SER MB 51 -34.51 96.73 -61.48
N ASN MB 52 -33.83 97.28 -60.48
CA ASN MB 52 -32.48 97.87 -60.61
C ASN MB 52 -31.43 96.91 -61.19
N VAL MB 53 -31.32 96.90 -62.52
CA VAL MB 53 -30.36 96.06 -63.25
C VAL MB 53 -29.80 96.87 -64.44
N PRO MB 54 -28.46 96.89 -64.63
CA PRO MB 54 -27.88 97.56 -65.81
C PRO MB 54 -28.19 96.86 -67.15
N VAL MB 55 -27.96 97.59 -68.25
CA VAL MB 55 -28.39 97.20 -69.59
C VAL MB 55 -27.55 96.04 -70.17
N ASN MB 56 -26.25 96.08 -69.93
CA ASN MB 56 -25.35 94.99 -70.32
C ASN MB 56 -25.65 93.71 -69.52
N ASP MB 57 -25.84 93.90 -68.21
CA ASP MB 57 -26.10 92.79 -67.28
C ASP MB 57 -27.38 92.02 -67.61
N ILE MB 58 -28.48 92.75 -67.81
CA ILE MB 58 -29.76 92.14 -68.26
C ILE MB 58 -29.60 91.30 -69.53
N LYS MB 59 -28.87 91.84 -70.50
CA LYS MB 59 -28.64 91.16 -71.77
C LYS MB 59 -27.85 89.87 -71.57
N LYS MB 60 -26.82 89.96 -70.72
CA LYS MB 60 -25.99 88.80 -70.35
C LYS MB 60 -26.82 87.70 -69.68
N LEU MB 61 -27.67 88.11 -68.75
CA LEU MB 61 -28.60 87.20 -68.07
C LEU MB 61 -29.57 86.51 -69.02
N TYR MB 62 -30.07 87.27 -69.98
CA TYR MB 62 -30.96 86.76 -71.02
C TYR MB 62 -30.26 85.70 -71.88
N HIS MB 63 -29.02 86.00 -72.26
CA HIS MB 63 -28.19 85.08 -73.04
C HIS MB 63 -27.90 83.78 -72.29
N ARG MB 64 -27.40 83.92 -71.06
CA ARG MB 64 -27.01 82.78 -70.22
C ARG MB 64 -27.77 82.83 -68.91
N GLY MB 65 -28.55 81.78 -68.63
CA GLY MB 65 -29.48 81.76 -67.50
C GLY MB 65 -28.85 81.80 -66.11
N GLU MB 66 -28.72 80.62 -65.49
CA GLU MB 66 -28.18 80.52 -64.13
C GLU MB 66 -26.65 80.67 -64.11
N GLN MB 67 -25.99 80.16 -65.14
CA GLN MB 67 -24.53 80.30 -65.29
C GLN MB 67 -24.09 81.77 -65.32
N GLY MB 68 -24.82 82.56 -66.10
CA GLY MB 68 -24.60 84.00 -66.17
C GLY MB 68 -24.78 84.69 -64.83
N ALA MB 69 -25.84 84.33 -64.12
CA ALA MB 69 -26.13 84.84 -62.78
C ALA MB 69 -25.00 84.53 -61.78
N ILE MB 70 -24.52 83.29 -61.84
CA ILE MB 70 -23.38 82.84 -61.02
C ILE MB 70 -22.13 83.68 -61.30
N ASP MB 71 -21.84 83.88 -62.59
CA ASP MB 71 -20.70 84.70 -63.03
C ASP MB 71 -20.80 86.13 -62.52
N ILE MB 72 -22.00 86.69 -62.58
CA ILE MB 72 -22.30 88.04 -62.05
C ILE MB 72 -21.96 88.14 -60.55
N LYS MB 73 -22.37 87.14 -59.78
CA LYS MB 73 -22.04 87.07 -58.35
C LYS MB 73 -20.53 86.85 -58.12
N ASN MB 78 -22.57 80.57 -51.53
CA ASN MB 78 -23.38 81.20 -50.48
C ASN MB 78 -23.56 80.29 -49.27
N ARG MB 79 -23.68 80.91 -48.09
CA ARG MB 79 -23.85 80.18 -46.82
C ARG MB 79 -25.16 79.38 -46.76
N ASP MB 80 -25.12 78.26 -46.05
CA ASP MB 80 -26.31 77.45 -45.79
C ASP MB 80 -27.14 78.11 -44.69
N ASN MB 81 -28.42 78.35 -44.98
CA ASN MB 81 -29.37 78.96 -44.05
C ASN MB 81 -30.61 78.07 -43.85
N SER MB 82 -30.37 76.76 -43.70
CA SER MB 82 -31.43 75.77 -43.53
C SER MB 82 -32.03 75.81 -42.14
N LEU MB 83 -31.16 75.87 -41.13
CA LEU MB 83 -31.57 75.96 -39.72
C LEU MB 83 -31.43 77.38 -39.16
N ARG MB 84 -31.72 78.39 -39.99
CA ARG MB 84 -31.76 79.77 -39.52
C ARG MB 84 -33.00 79.94 -38.63
N PRO MB 85 -32.89 80.75 -37.56
CA PRO MB 85 -33.95 80.79 -36.54
C PRO MB 85 -35.26 81.39 -37.05
N PHE MB 86 -36.36 80.99 -36.40
CA PHE MB 86 -37.70 81.26 -36.88
C PHE MB 86 -38.09 82.72 -36.71
N MET MB 87 -38.35 83.40 -37.83
CA MET MB 87 -38.77 84.81 -37.85
C MET MB 87 -40.29 85.01 -37.74
N PHE MB 88 -41.05 83.92 -37.58
CA PHE MB 88 -42.51 83.97 -37.40
C PHE MB 88 -43.19 84.67 -38.57
N ASP MB 89 -43.06 84.04 -39.74
CA ASP MB 89 -43.64 84.56 -40.99
C ASP MB 89 -44.12 83.46 -41.95
N GLU MB 90 -44.43 82.27 -41.41
CA GLU MB 90 -44.84 81.13 -42.23
C GLU MB 90 -45.43 80.01 -41.36
N LEU MB 91 -46.62 79.54 -41.73
CA LEU MB 91 -47.31 78.50 -40.95
C LEU MB 91 -46.71 77.11 -41.19
N PRO MB 92 -46.74 76.22 -40.17
CA PRO MB 92 -46.30 74.83 -40.37
C PRO MB 92 -47.21 73.97 -41.27
N SER MB 93 -46.92 72.67 -41.32
CA SER MB 93 -47.63 71.74 -42.22
C SER MB 93 -49.09 71.52 -41.85
N GLN MB 94 -49.33 71.16 -40.59
CA GLN MB 94 -50.69 70.95 -40.07
C GLN MB 94 -51.53 72.21 -40.21
N ALA MB 95 -50.95 73.31 -39.75
CA ALA MB 95 -51.55 74.65 -39.89
C ALA MB 95 -51.97 74.94 -41.32
N GLN MB 96 -51.04 74.72 -42.25
CA GLN MB 96 -51.26 74.97 -43.68
C GLN MB 96 -52.38 74.09 -44.23
N GLU MB 97 -52.45 72.85 -43.74
CA GLU MB 97 -53.50 71.90 -44.09
C GLU MB 97 -54.87 72.40 -43.60
N LEU MB 98 -54.90 72.88 -42.36
CA LEU MB 98 -56.11 73.47 -41.76
C LEU MB 98 -56.60 74.71 -42.53
N VAL MB 99 -55.63 75.53 -42.95
CA VAL MB 99 -55.93 76.72 -43.75
C VAL MB 99 -56.57 76.29 -45.08
N ALA MB 100 -55.93 75.32 -45.75
CA ALA MB 100 -56.42 74.78 -47.03
C ALA MB 100 -57.86 74.24 -46.93
N GLN MB 101 -58.14 73.53 -45.85
CA GLN MB 101 -59.51 73.07 -45.54
C GLN MB 101 -60.48 74.24 -45.42
N HIS MB 102 -60.04 75.27 -44.70
CA HIS MB 102 -60.83 76.47 -44.53
C HIS MB 102 -61.07 77.23 -45.84
N ARG MB 103 -60.05 77.28 -46.70
CA ARG MB 103 -60.18 77.85 -48.04
C ARG MB 103 -61.25 77.12 -48.85
N GLU MB 104 -61.17 75.79 -48.80
CA GLU MB 104 -62.13 74.90 -49.47
C GLU MB 104 -63.56 75.15 -49.01
N GLN MB 105 -63.73 75.22 -47.70
CA GLN MB 105 -65.02 75.53 -47.07
C GLN MB 105 -65.59 76.85 -47.60
N ARG MB 106 -64.76 77.90 -47.55
CA ARG MB 106 -65.11 79.23 -48.05
C ARG MB 106 -65.54 79.23 -49.53
N PHE MB 107 -64.77 78.51 -50.34
CA PHE MB 107 -65.07 78.30 -51.76
C PHE MB 107 -66.45 77.68 -51.95
N TYR MB 108 -66.73 76.63 -51.18
CA TYR MB 108 -68.02 75.95 -51.22
C TYR MB 108 -69.18 76.84 -50.75
N ASN MB 109 -68.92 77.65 -49.73
CA ASN MB 109 -69.90 78.65 -49.26
C ASN MB 109 -70.23 79.67 -50.34
N ARG MB 110 -69.20 80.14 -51.03
CA ARG MB 110 -69.33 81.06 -52.15
C ARG MB 110 -70.16 80.46 -53.29
N LEU MB 111 -69.84 79.22 -53.64
CA LEU MB 111 -70.61 78.46 -54.64
C LEU MB 111 -72.08 78.37 -54.29
N ALA MB 112 -72.35 78.01 -53.03
CA ALA MB 112 -73.71 77.92 -52.50
C ALA MB 112 -74.47 79.25 -52.58
N ALA MB 113 -73.75 80.34 -52.31
CA ALA MB 113 -74.33 81.69 -52.32
C ALA MB 113 -74.69 82.22 -53.70
N TYR MB 114 -73.75 82.14 -54.65
CA TYR MB 114 -73.88 82.86 -55.93
C TYR MB 114 -74.03 82.02 -57.19
N GLU MB 115 -73.69 80.73 -57.13
CA GLU MB 115 -73.84 79.83 -58.29
C GLU MB 115 -75.07 78.94 -58.23
N LEU MB 116 -75.48 78.54 -57.02
CA LEU MB 116 -76.67 77.70 -56.88
C LEU MB 116 -77.98 78.45 -57.15
N PRO MB 117 -78.08 79.74 -56.76
CA PRO MB 117 -79.21 80.55 -57.24
C PRO MB 117 -79.27 80.74 -58.76
N LEU MB 118 -78.12 80.91 -59.39
CA LEU MB 118 -78.03 80.92 -60.87
C LEU MB 118 -78.55 79.62 -61.48
N LEU MB 119 -78.16 78.52 -60.85
CA LEU MB 119 -78.60 77.17 -61.27
C LEU MB 119 -80.13 76.99 -61.25
N ALA MB 120 -80.82 77.72 -60.37
CA ALA MB 120 -82.29 77.72 -60.31
C ALA MB 120 -83.00 78.28 -61.53
N GLN MB 121 -82.28 78.94 -62.44
CA GLN MB 121 -82.80 79.27 -63.78
C GLN MB 121 -83.25 78.01 -64.50
N TYR MB 122 -82.37 77.01 -64.50
CA TYR MB 122 -82.61 75.74 -65.19
C TYR MB 122 -83.47 74.86 -64.27
N ARG MB 123 -84.76 75.17 -64.27
CA ARG MB 123 -85.72 74.58 -63.32
C ARG MB 123 -87.03 74.28 -64.04
N GLN MB 124 -87.50 73.04 -63.89
CA GLN MB 124 -88.71 72.55 -64.57
C GLN MB 124 -89.62 71.90 -63.54
N GLU MB 125 -90.93 72.13 -63.65
CA GLU MB 125 -91.91 71.46 -62.79
C GLU MB 125 -92.05 69.99 -63.21
N TYR MB 126 -92.42 69.15 -62.26
CA TYR MB 126 -92.50 67.70 -62.50
C TYR MB 126 -93.62 67.34 -63.46
N LYS MB 127 -93.29 66.59 -64.51
CA LYS MB 127 -94.25 66.13 -65.50
C LYS MB 127 -94.47 64.63 -65.29
N ARG MB 128 -95.45 64.31 -64.45
CA ARG MB 128 -95.68 62.94 -63.98
C ARG MB 128 -96.25 62.04 -65.07
N PRO MB 129 -95.60 60.88 -65.33
CA PRO MB 129 -96.25 59.82 -66.08
C PRO MB 129 -97.13 58.99 -65.14
N SER MB 130 -98.40 58.79 -65.49
CA SER MB 130 -99.36 58.15 -64.61
C SER MB 130 -99.04 56.66 -64.40
N PRO MB 131 -99.18 56.15 -63.15
CA PRO MB 131 -99.00 54.71 -62.86
C PRO MB 131 -99.89 53.76 -63.69
N GLU MB 132 -101.07 54.24 -64.10
CA GLU MB 132 -101.97 53.47 -64.97
C GLU MB 132 -101.33 53.13 -66.32
N SER MB 133 -100.72 54.14 -66.94
CA SER MB 133 -100.04 53.98 -68.23
C SER MB 133 -98.60 53.48 -68.12
N HIS MB 134 -97.90 53.86 -67.04
CA HIS MB 134 -96.48 53.54 -66.84
C HIS MB 134 -96.25 52.74 -65.54
N PRO MB 135 -96.59 51.43 -65.54
CA PRO MB 135 -96.40 50.57 -64.37
C PRO MB 135 -94.98 50.02 -64.18
N VAL MB 136 -94.27 49.75 -65.28
CA VAL MB 136 -92.95 49.13 -65.25
C VAL MB 136 -91.90 50.16 -64.83
N THR MB 137 -90.90 49.73 -64.07
CA THR MB 137 -89.83 50.61 -63.58
C THR MB 137 -88.44 50.01 -63.85
N TYR MB 138 -87.83 50.40 -64.97
CA TYR MB 138 -86.47 50.00 -65.30
C TYR MB 138 -85.49 50.85 -64.48
N ARG MB 139 -84.91 50.27 -63.43
CA ARG MB 139 -83.91 51.00 -62.64
C ARG MB 139 -82.50 50.74 -63.20
N TYR MB 140 -81.81 51.82 -63.50
CA TYR MB 140 -80.42 51.78 -63.98
C TYR MB 140 -79.51 52.27 -62.87
N THR MB 141 -78.30 51.74 -62.83
CA THR MB 141 -77.28 52.14 -61.85
C THR MB 141 -76.04 52.64 -62.58
N SER MB 142 -75.39 53.65 -61.99
CA SER MB 142 -74.19 54.27 -62.56
C SER MB 142 -73.23 54.65 -61.44
N TYR MB 143 -71.99 54.17 -61.56
CA TYR MB 143 -70.92 54.52 -60.64
C TYR MB 143 -70.15 55.66 -61.30
N VAL MB 144 -70.03 56.79 -60.60
CA VAL MB 144 -69.66 58.06 -61.23
C VAL MB 144 -68.19 58.09 -61.70
N GLY MB 145 -67.27 58.13 -60.76
CA GLY MB 145 -65.84 58.19 -61.07
C GLY MB 145 -65.27 56.87 -61.58
N GLU MB 146 -65.86 55.77 -61.11
CA GLU MB 146 -65.35 54.43 -61.39
C GLU MB 146 -65.91 53.89 -62.71
N GLU MB 147 -65.38 52.74 -63.11
CA GLU MB 147 -65.96 51.92 -64.19
C GLU MB 147 -66.23 50.53 -63.63
N HIS MB 148 -67.30 50.47 -62.82
CA HIS MB 148 -67.78 49.23 -62.21
C HIS MB 148 -68.40 48.35 -63.32
N PRO MB 149 -68.31 47.01 -63.19
CA PRO MB 149 -69.04 46.12 -64.10
C PRO MB 149 -70.51 45.88 -63.74
N ASN MB 150 -71.01 46.57 -62.70
CA ASN MB 150 -72.42 46.55 -62.31
C ASN MB 150 -73.20 47.71 -62.91
N SER MB 151 -72.51 48.66 -63.55
CA SER MB 151 -73.17 49.75 -64.30
C SER MB 151 -74.04 49.22 -65.45
N ARG MB 152 -73.66 48.07 -66.01
CA ARG MB 152 -74.46 47.37 -67.02
C ARG MB 152 -75.78 46.79 -66.48
N LYS MB 153 -75.84 46.52 -65.18
CA LYS MB 153 -77.03 45.92 -64.57
C LYS MB 153 -78.25 46.84 -64.64
N VAL MB 154 -79.32 46.33 -65.24
CA VAL MB 154 -80.61 47.01 -65.31
C VAL MB 154 -81.64 46.06 -64.69
N VAL MB 155 -82.62 46.63 -63.99
CA VAL MB 155 -83.64 45.85 -63.29
C VAL MB 155 -85.03 46.35 -63.63
N LEU MB 156 -85.78 45.53 -64.36
CA LEU MB 156 -87.21 45.76 -64.60
C LEU MB 156 -87.98 45.24 -63.38
N SER MB 157 -89.07 45.93 -63.03
CA SER MB 157 -89.92 45.53 -61.90
C SER MB 157 -91.33 46.08 -62.05
N VAL MB 158 -92.33 45.18 -62.01
CA VAL MB 158 -93.74 45.53 -62.25
C VAL MB 158 -94.65 44.83 -61.26
N LYS MB 159 -95.71 45.52 -60.83
CA LYS MB 159 -96.84 44.87 -60.15
C LYS MB 159 -97.67 44.14 -61.20
N THR MB 160 -97.96 42.86 -60.96
CA THR MB 160 -98.63 42.01 -61.95
C THR MB 160 -100.09 42.40 -62.21
N LYS MB 161 -100.76 42.93 -61.18
CA LYS MB 161 -102.13 43.44 -61.35
C LYS MB 161 -102.20 44.72 -62.19
N GLU MB 162 -101.12 45.51 -62.19
CA GLU MB 162 -101.03 46.71 -63.03
C GLU MB 162 -100.85 46.40 -64.52
N LEU MB 163 -100.35 45.21 -64.85
CA LEU MB 163 -100.26 44.75 -66.24
C LEU MB 163 -101.65 44.49 -66.82
N GLY MB 164 -101.84 44.87 -68.08
CA GLY MB 164 -103.12 44.71 -68.77
C GLY MB 164 -103.37 43.26 -69.15
N LEU MB 165 -103.92 42.50 -68.21
CA LEU MB 165 -104.20 41.07 -68.40
C LEU MB 165 -105.58 40.68 -67.87
N GLU MB 166 -106.15 39.63 -68.46
CA GLU MB 166 -107.36 38.98 -67.94
C GLU MB 166 -106.92 38.04 -66.81
N GLU MB 167 -107.88 37.53 -66.03
CA GLU MB 167 -107.53 36.79 -64.80
C GLU MB 167 -106.83 35.45 -65.06
N LYS MB 168 -107.32 34.70 -66.05
CA LYS MB 168 -106.70 33.43 -66.46
C LYS MB 168 -105.27 33.63 -66.95
N SER MB 169 -105.09 34.61 -67.83
CA SER MB 169 -103.79 34.97 -68.38
C SER MB 169 -102.81 35.44 -67.30
N LEU MB 170 -103.32 36.20 -66.33
CA LEU MB 170 -102.53 36.70 -65.20
C LEU MB 170 -101.91 35.54 -64.40
N HIS MB 171 -102.75 34.56 -64.09
CA HIS MB 171 -102.31 33.36 -63.37
C HIS MB 171 -101.22 32.61 -64.12
N LYS MB 172 -101.43 32.42 -65.42
CA LYS MB 172 -100.44 31.79 -66.30
C LYS MB 172 -99.10 32.53 -66.31
N PHE MB 173 -99.18 33.85 -66.43
CA PHE MB 173 -98.01 34.74 -66.35
C PHE MB 173 -97.22 34.55 -65.06
N ARG MB 174 -97.95 34.55 -63.94
CA ARG MB 174 -97.37 34.31 -62.60
C ARG MB 174 -96.66 32.96 -62.49
N ILE MB 175 -97.30 31.93 -63.04
CA ILE MB 175 -96.75 30.57 -63.09
C ILE MB 175 -95.44 30.55 -63.87
N LEU MB 176 -95.45 31.19 -65.04
CA LEU MB 176 -94.25 31.31 -65.89
C LEU MB 176 -93.09 32.03 -65.20
N ALA MB 177 -93.43 33.09 -64.47
CA ALA MB 177 -92.44 33.86 -63.70
C ALA MB 177 -91.69 33.03 -62.67
N ARG MB 178 -92.42 32.15 -61.96
CA ARG MB 178 -91.86 31.26 -60.94
C ARG MB 178 -91.24 32.03 -59.74
N SER MB 179 -89.91 31.97 -59.57
CA SER MB 179 -89.23 32.64 -58.45
C SER MB 179 -89.25 34.16 -58.55
N ARG MB 180 -89.32 34.68 -59.79
CA ARG MB 180 -89.35 36.12 -60.03
C ARG MB 180 -90.60 36.82 -59.48
N TYR MB 181 -91.74 36.13 -59.51
CA TYR MB 181 -92.99 36.66 -58.95
C TYR MB 181 -93.10 36.40 -57.44
N ASP MB 182 -93.10 37.48 -56.66
CA ASP MB 182 -93.48 37.42 -55.24
C ASP MB 182 -95.01 37.52 -55.15
N HIS MB 183 -95.60 36.84 -54.18
CA HIS MB 183 -97.07 36.79 -54.03
C HIS MB 183 -97.62 37.68 -52.90
N THR MB 184 -96.79 37.98 -51.88
CA THR MB 184 -97.22 38.82 -50.76
C THR MB 184 -97.41 40.27 -51.25
N THR MB 185 -96.33 40.83 -51.80
CA THR MB 185 -96.41 41.99 -52.67
C THR MB 185 -96.54 41.45 -54.08
N ASP MB 186 -97.58 41.86 -54.82
CA ASP MB 186 -97.89 41.27 -56.14
C ASP MB 186 -96.91 41.69 -57.25
N ILE MB 187 -95.61 41.53 -56.98
CA ILE MB 187 -94.56 42.16 -57.78
C ILE MB 187 -93.73 41.09 -58.51
N PHE MB 188 -93.46 41.37 -59.78
CA PHE MB 188 -92.58 40.56 -60.62
C PHE MB 188 -91.43 41.45 -61.06
N LYS MB 189 -90.20 41.06 -60.73
CA LYS MB 189 -89.01 41.76 -61.20
C LYS MB 189 -87.94 40.79 -61.69
N MET MB 190 -87.08 41.31 -62.55
CA MET MB 190 -85.98 40.54 -63.12
C MET MB 190 -84.87 41.47 -63.60
N SER MB 191 -83.63 41.04 -63.39
CA SER MB 191 -82.45 41.81 -63.79
C SER MB 191 -81.60 41.02 -64.78
N SER MB 192 -80.93 41.74 -65.68
CA SER MB 192 -80.07 41.12 -66.68
C SER MB 192 -78.69 41.77 -66.63
N ASP MB 193 -77.66 40.94 -66.56
CA ASP MB 193 -76.27 41.37 -66.58
C ASP MB 193 -75.51 40.65 -67.72
N LYS MB 194 -76.24 40.07 -68.67
CA LYS MB 194 -75.63 39.19 -69.67
C LYS MB 194 -74.83 39.94 -70.71
N PHE MB 195 -75.30 41.14 -71.06
CA PHE MB 195 -74.73 41.92 -72.17
C PHE MB 195 -73.79 43.01 -71.66
N GLU MB 196 -73.01 43.55 -72.59
CA GLU MB 196 -71.90 44.46 -72.27
C GLU MB 196 -72.42 45.77 -71.69
N HIS MB 197 -73.35 46.39 -72.41
CA HIS MB 197 -73.89 47.70 -72.05
C HIS MB 197 -75.20 47.60 -71.28
N ALA MB 198 -75.55 48.68 -70.58
CA ALA MB 198 -76.77 48.78 -69.80
C ALA MB 198 -78.02 48.82 -70.67
N SER MB 199 -77.97 49.66 -71.70
CA SER MB 199 -79.06 49.82 -72.66
C SER MB 199 -79.46 48.49 -73.32
N GLN MB 200 -78.46 47.74 -73.76
CA GLN MB 200 -78.63 46.38 -74.29
C GLN MB 200 -79.42 45.49 -73.33
N ASN MB 201 -78.93 45.44 -72.10
CA ASN MB 201 -79.55 44.66 -71.01
C ASN MB 201 -81.02 45.03 -70.76
N ALA MB 202 -81.28 46.34 -70.76
CA ALA MB 202 -82.65 46.87 -70.63
C ALA MB 202 -83.56 46.42 -71.77
N ARG MB 203 -83.02 46.46 -72.98
CA ARG MB 203 -83.72 46.04 -74.20
C ARG MB 203 -84.06 44.55 -74.14
N TYR MB 204 -83.08 43.75 -73.74
CA TYR MB 204 -83.24 42.31 -73.54
C TYR MB 204 -84.33 41.98 -72.51
N LEU MB 205 -84.31 42.69 -71.38
CA LEU MB 205 -85.33 42.57 -70.34
C LEU MB 205 -86.74 42.89 -70.85
N HIS MB 206 -86.82 43.97 -71.61
CA HIS MB 206 -88.06 44.38 -72.26
C HIS MB 206 -88.59 43.28 -73.19
N ASP MB 207 -87.70 42.76 -74.03
CA ASP MB 207 -88.04 41.67 -74.97
C ASP MB 207 -88.56 40.43 -74.25
N ILE MB 208 -87.92 40.08 -73.13
CA ILE MB 208 -88.34 38.97 -72.27
C ILE MB 208 -89.75 39.20 -71.75
N LEU MB 209 -89.98 40.40 -71.21
CA LEU MB 209 -91.28 40.81 -70.68
C LEU MB 209 -92.38 40.64 -71.73
N GLN MB 210 -92.11 41.16 -72.93
CA GLN MB 210 -93.02 41.06 -74.08
C GLN MB 210 -93.35 39.61 -74.43
N ARG MB 211 -92.32 38.77 -74.42
CA ARG MB 211 -92.45 37.33 -74.66
C ARG MB 211 -93.33 36.66 -73.60
N LEU MB 212 -93.12 37.05 -72.35
CA LEU MB 212 -93.90 36.56 -71.21
C LEU MB 212 -95.38 36.92 -71.34
N LEU MB 213 -95.62 38.18 -71.71
CA LEU MB 213 -96.98 38.68 -71.97
C LEU MB 213 -97.68 37.95 -73.10
N ALA MB 214 -96.94 37.73 -74.19
CA ALA MB 214 -97.44 36.97 -75.35
C ALA MB 214 -97.86 35.55 -74.95
N GLU MB 215 -97.04 34.93 -74.10
CA GLU MB 215 -97.31 33.59 -73.59
C GLU MB 215 -98.55 33.55 -72.71
N SER MB 216 -98.68 34.56 -71.84
CA SER MB 216 -99.83 34.71 -70.96
C SER MB 216 -101.15 34.84 -71.74
N LYS MB 217 -101.11 35.60 -72.84
CA LYS MB 217 -102.29 35.87 -73.66
C LYS MB 217 -102.60 34.81 -74.74
N ASP MB 218 -101.86 33.69 -74.74
CA ASP MB 218 -102.04 32.64 -75.75
C ASP MB 218 -103.33 31.86 -75.52
N LEU MB 219 -103.40 31.11 -74.42
CA LEU MB 219 -104.57 30.28 -74.03
C LEU MB 219 -104.98 29.13 -74.99
N THR MB 220 -104.30 28.99 -76.14
CA THR MB 220 -104.65 27.96 -77.12
C THR MB 220 -103.97 26.65 -76.75
N GLU MB 221 -104.75 25.71 -76.24
CA GLU MB 221 -104.28 24.39 -75.78
C GLU MB 221 -103.22 24.45 -74.66
N ASP MB 222 -103.27 25.50 -73.85
CA ASP MB 222 -102.33 25.70 -72.73
C ASP MB 222 -102.86 26.81 -71.80
N ASP MB 223 -103.63 26.40 -70.79
CA ASP MB 223 -104.28 27.33 -69.87
C ASP MB 223 -103.45 27.55 -68.60
N PHE MB 224 -102.99 26.45 -68.00
CA PHE MB 224 -102.45 26.42 -66.63
C PHE MB 224 -103.48 26.95 -65.63
N SER MB 225 -104.65 26.33 -65.63
CA SER MB 225 -105.68 26.55 -64.62
C SER MB 225 -105.47 25.65 -63.41
N ASP MB 226 -104.89 24.46 -63.62
CA ASP MB 226 -104.72 23.44 -62.58
C ASP MB 226 -103.26 23.20 -62.19
N VAL MB 227 -102.48 24.27 -62.11
CA VAL MB 227 -101.16 24.27 -61.47
C VAL MB 227 -101.18 25.40 -60.43
N PRO MB 228 -101.36 25.05 -59.14
CA PRO MB 228 -101.40 26.09 -58.09
C PRO MB 228 -100.11 26.90 -57.99
N LEU MB 229 -100.22 28.10 -57.41
CA LEU MB 229 -99.09 29.02 -57.34
C LEU MB 229 -98.05 28.51 -56.33
N ASP MB 230 -96.85 28.23 -56.84
CA ASP MB 230 -95.73 27.77 -56.01
C ASP MB 230 -95.15 28.98 -55.26
N THR MB 231 -95.29 28.96 -53.93
CA THR MB 231 -94.85 30.06 -53.07
C THR MB 231 -93.73 29.65 -52.10
N ARG MB 232 -92.92 28.66 -52.50
CA ARG MB 232 -91.85 28.13 -51.63
C ARG MB 232 -90.68 29.10 -51.46
N HIS MB 233 -90.25 29.68 -52.56
CA HIS MB 233 -89.18 30.70 -52.57
C HIS MB 233 -89.51 31.91 -51.69
N THR MB 234 -90.77 32.34 -51.72
CA THR MB 234 -91.24 33.47 -50.92
C THR MB 234 -91.24 33.16 -49.43
N ILE MB 235 -91.68 31.96 -49.06
CA ILE MB 235 -91.69 31.54 -47.65
C ILE MB 235 -90.26 31.36 -47.12
N ALA MB 236 -89.37 30.87 -47.98
CA ALA MB 236 -87.93 30.77 -47.65
C ALA MB 236 -87.31 32.14 -47.37
N LYS MB 237 -87.66 33.11 -48.22
CA LYS MB 237 -87.22 34.50 -48.07
C LYS MB 237 -87.73 35.11 -46.75
N SER MB 238 -89.01 34.86 -46.47
CA SER MB 238 -89.65 35.33 -45.24
C SER MB 238 -89.00 34.75 -43.98
N LEU MB 239 -88.68 33.45 -44.04
CA LEU MB 239 -87.95 32.76 -42.96
C LEU MB 239 -86.58 33.37 -42.71
N ARG MB 240 -85.86 33.65 -43.78
CA ARG MB 240 -84.56 34.33 -43.73
C ARG MB 240 -84.63 35.67 -43.01
N LYS MB 241 -85.65 36.46 -43.36
CA LYS MB 241 -85.92 37.74 -42.69
C LYS MB 241 -86.64 37.50 -41.35
N LYS MB 242 -86.84 38.57 -40.60
CA LYS MB 242 -87.63 38.55 -39.36
C LYS MB 242 -88.97 39.27 -39.58
N LYS MB 243 -89.91 39.02 -38.66
CA LYS MB 243 -91.26 39.58 -38.75
C LYS MB 243 -91.67 40.28 -37.45
N ARG MB 244 -92.38 41.39 -37.60
CA ARG MB 244 -92.94 42.16 -36.48
C ARG MB 244 -94.46 42.31 -36.70
N ASP MB 245 -95.12 41.18 -37.01
CA ASP MB 245 -96.54 41.17 -37.35
C ASP MB 245 -97.47 41.51 -36.17
N TYR MB 246 -97.04 41.11 -34.97
CA TYR MB 246 -97.80 41.37 -33.73
C TYR MB 246 -98.05 42.86 -33.45
N GLU MB 247 -99.16 43.13 -32.78
CA GLU MB 247 -99.58 44.49 -32.43
C GLU MB 247 -100.18 44.56 -31.04
N PHE MB 248 -100.26 45.78 -30.50
CA PHE MB 248 -100.87 46.04 -29.20
C PHE MB 248 -102.37 45.71 -29.27
N PRO MB 249 -102.87 44.87 -28.33
CA PRO MB 249 -104.31 44.57 -28.33
C PRO MB 249 -105.18 45.82 -28.22
N GLU MB 250 -106.20 45.93 -29.07
CA GLU MB 250 -107.04 47.12 -29.13
C GLU MB 250 -107.96 47.25 -27.90
N HIS MB 251 -108.36 46.12 -27.32
CA HIS MB 251 -109.18 46.11 -26.10
C HIS MB 251 -108.38 46.38 -24.80
N TRP MB 252 -107.05 46.27 -24.87
CA TRP MB 252 -106.16 46.68 -23.75
C TRP MB 252 -106.00 48.20 -23.60
N LYS MB 253 -106.37 48.97 -24.62
CA LYS MB 253 -106.23 50.43 -24.60
C LYS MB 253 -107.10 51.09 -23.52
N ARG MB 254 -106.62 52.22 -23.01
CA ARG MB 254 -107.30 53.00 -21.97
C ARG MB 254 -107.24 54.50 -22.29
N PRO MB 255 -108.13 54.98 -23.19
CA PRO MB 255 -108.25 56.42 -23.45
C PRO MB 255 -108.61 57.28 -22.24
N GLU MB 256 -109.36 56.70 -21.29
CA GLU MB 256 -109.71 57.38 -20.03
C GLU MB 256 -108.51 57.64 -19.11
N ASP MB 257 -107.52 56.75 -19.12
CA ASP MB 257 -106.28 56.90 -18.34
C ASP MB 257 -105.25 57.86 -18.97
N ALA MB 258 -105.46 58.25 -20.23
CA ALA MB 258 -104.54 59.16 -20.94
C ALA MB 258 -104.52 60.55 -20.29
N PRO MB 259 -103.39 61.29 -20.45
CA PRO MB 259 -103.28 62.59 -19.79
C PRO MB 259 -104.10 63.66 -20.50
N LYS MB 260 -105.03 64.27 -19.77
CA LYS MB 260 -105.94 65.27 -20.33
C LYS MB 260 -105.20 66.59 -20.50
N LYS MB 261 -105.75 67.47 -21.34
CA LYS MB 261 -105.15 68.78 -21.62
C LYS MB 261 -105.19 69.64 -20.35
N LYS MB 262 -104.00 70.02 -19.87
CA LYS MB 262 -103.87 70.83 -18.65
C LYS MB 262 -104.07 72.31 -19.01
N PHE MB 263 -104.85 73.01 -18.20
CA PHE MB 263 -105.27 74.38 -18.50
C PHE MB 263 -104.14 75.38 -18.24
N ASP MB 264 -103.62 75.98 -19.31
CA ASP MB 264 -102.58 77.00 -19.22
C ASP MB 264 -103.22 78.37 -19.53
N ILE MB 265 -103.34 79.20 -18.49
CA ILE MB 265 -104.11 80.44 -18.57
C ILE MB 265 -103.38 81.58 -19.28
N VAL MB 266 -102.07 81.69 -19.06
CA VAL MB 266 -101.25 82.72 -19.70
C VAL MB 266 -101.16 82.52 -21.22
N ASP MB 267 -101.07 81.25 -21.63
CA ASP MB 267 -101.06 80.88 -23.06
C ASP MB 267 -102.38 81.26 -23.73
N GLN MB 268 -103.48 80.97 -23.04
CA GLN MB 268 -104.83 81.32 -23.49
C GLN MB 268 -105.00 82.82 -23.68
N LEU MB 269 -104.53 83.59 -22.69
CA LEU MB 269 -104.53 85.05 -22.73
C LEU MB 269 -103.77 85.58 -23.94
N LEU MB 270 -102.58 85.01 -24.15
CA LEU MB 270 -101.71 85.37 -25.27
C LEU MB 270 -102.41 85.17 -26.62
N SER MB 271 -103.06 84.02 -26.79
CA SER MB 271 -103.72 83.67 -28.05
C SER MB 271 -104.94 84.56 -28.33
N THR MB 272 -104.66 85.74 -28.87
CA THR MB 272 -105.69 86.71 -29.27
C THR MB 272 -105.98 86.68 -30.78
N LEU MB 273 -105.18 85.94 -31.55
CA LEU MB 273 -105.34 85.85 -33.00
C LEU MB 273 -106.52 84.97 -33.38
N PRO NB 1 -32.54 60.34 39.73
CA PRO NB 1 -32.56 59.09 38.97
C PRO NB 1 -31.59 59.07 37.79
N PRO NB 2 -31.34 57.88 37.20
CA PRO NB 2 -30.41 57.78 36.09
C PRO NB 2 -31.03 58.12 34.73
N VAL NB 3 -30.73 59.32 34.23
CA VAL NB 3 -31.14 59.74 32.88
C VAL NB 3 -30.28 59.01 31.83
N TYR NB 4 -30.87 58.76 30.67
CA TYR NB 4 -30.18 58.08 29.57
C TYR NB 4 -30.31 58.86 28.27
N ARG NB 5 -29.25 59.59 27.93
CA ARG NB 5 -29.20 60.35 26.69
C ARG NB 5 -28.76 59.46 25.53
N LEU NB 6 -29.56 59.45 24.47
CA LEU NB 6 -29.20 58.73 23.24
C LEU NB 6 -28.12 59.50 22.46
N PRO NB 7 -27.42 58.82 21.54
CA PRO NB 7 -26.54 59.51 20.59
C PRO NB 7 -27.35 60.20 19.49
N PRO NB 8 -26.68 60.92 18.57
CA PRO NB 8 -27.38 61.43 17.39
C PRO NB 8 -27.87 60.31 16.49
N LEU NB 9 -29.18 60.25 16.27
CA LEU NB 9 -29.80 59.21 15.45
C LEU NB 9 -30.19 59.78 14.08
N PRO NB 10 -30.34 58.90 13.07
CA PRO NB 10 -30.87 59.35 11.77
C PRO NB 10 -32.33 59.80 11.82
N ARG NB 11 -33.18 59.08 12.55
CA ARG NB 11 -34.61 59.37 12.58
C ARG NB 11 -35.32 58.72 13.80
N LEU NB 12 -35.81 59.53 14.73
CA LEU NB 12 -36.58 59.02 15.86
C LEU NB 12 -37.94 58.60 15.36
N LYS NB 13 -38.22 57.31 15.48
CA LYS NB 13 -39.48 56.79 15.01
C LYS NB 13 -39.75 55.47 15.73
N VAL NB 14 -41.01 55.23 16.09
CA VAL NB 14 -41.33 53.96 16.73
C VAL NB 14 -40.95 52.90 15.71
N LYS NB 15 -40.28 51.83 16.17
CA LYS NB 15 -39.81 50.80 15.26
C LYS NB 15 -40.94 50.06 14.53
N LYS NB 16 -41.97 49.69 15.28
CA LYS NB 16 -43.13 49.04 14.70
C LYS NB 16 -44.31 49.73 15.36
N PRO NB 17 -45.22 50.27 14.58
CA PRO NB 17 -46.35 50.96 15.19
C PRO NB 17 -47.48 50.00 15.55
N ILE NB 18 -47.24 49.03 16.42
CA ILE NB 18 -48.34 48.18 16.80
C ILE NB 18 -49.49 49.11 17.19
N ILE NB 19 -50.67 48.81 16.63
CA ILE NB 19 -51.87 49.59 16.89
C ILE NB 19 -52.50 49.13 18.21
N ARG NB 20 -52.43 47.83 18.47
CA ARG NB 20 -53.00 47.20 19.68
C ARG NB 20 -54.53 47.29 19.65
N GLN NB 21 -55.11 46.80 18.55
CA GLN NB 21 -56.56 46.74 18.39
C GLN NB 21 -57.16 45.59 19.20
N GLU NB 22 -58.47 45.66 19.44
CA GLU NB 22 -59.18 44.64 20.21
C GLU NB 22 -59.35 43.36 19.38
N ALA NB 23 -59.39 42.23 20.08
CA ALA NB 23 -59.59 40.92 19.43
C ALA NB 23 -61.00 40.79 18.87
N ASN NB 24 -61.15 39.95 17.85
CA ASN NB 24 -62.43 39.81 17.14
C ASN NB 24 -63.49 39.10 17.98
N LYS NB 25 -64.73 39.56 17.83
CA LYS NB 25 -65.87 39.04 18.59
C LYS NB 25 -66.22 37.61 18.18
N CYS NB 26 -66.25 37.37 16.87
CA CYS NB 26 -66.55 36.07 16.28
C CYS NB 26 -65.57 34.98 16.74
N LEU NB 27 -64.28 35.33 16.74
CA LEU NB 27 -63.21 34.44 17.23
C LEU NB 27 -63.40 34.08 18.70
N VAL NB 28 -63.68 35.10 19.51
CA VAL NB 28 -63.98 34.93 20.94
C VAL NB 28 -65.13 33.95 21.18
N LEU NB 29 -66.23 34.17 20.45
CA LEU NB 29 -67.40 33.30 20.52
C LEU NB 29 -67.07 31.85 20.15
N MET NB 30 -66.26 31.70 19.11
CA MET NB 30 -65.81 30.38 18.65
C MET NB 30 -64.96 29.68 19.71
N SER NB 31 -64.09 30.44 20.37
CA SER NB 31 -63.25 29.94 21.47
C SER NB 31 -64.10 29.50 22.66
N ASN NB 32 -65.09 30.32 23.00
CA ASN NB 32 -66.05 30.00 24.08
C ASN NB 32 -66.81 28.71 23.82
N LEU NB 33 -67.30 28.57 22.58
CA LEU NB 33 -68.00 27.37 22.14
C LEU NB 33 -67.12 26.13 22.25
N LEU NB 34 -65.88 26.27 21.81
CA LEU NB 34 -64.87 25.23 21.90
C LEU NB 34 -64.65 24.79 23.34
N GLN NB 35 -64.53 25.78 24.23
CA GLN NB 35 -64.38 25.57 25.67
C GLN NB 35 -65.57 24.82 26.27
N CYS NB 36 -66.77 25.23 25.87
CA CYS NB 36 -68.02 24.58 26.28
C CYS NB 36 -68.08 23.14 25.82
N TRP NB 37 -67.70 22.90 24.56
CA TRP NB 37 -67.66 21.54 23.99
C TRP NB 37 -66.56 20.66 24.54
N SER NB 38 -65.53 21.27 25.12
CA SER NB 38 -64.61 20.51 25.96
C SER NB 38 -65.50 19.85 27.00
N SER NB 39 -66.11 20.63 27.90
CA SER NB 39 -67.01 20.05 28.90
C SER NB 39 -68.32 19.54 28.25
N TYR NB 40 -69.20 18.98 29.07
CA TYR NB 40 -70.59 18.68 28.69
C TYR NB 40 -70.79 17.77 27.45
N GLY NB 41 -69.80 16.93 27.13
CA GLY NB 41 -69.87 16.07 25.95
C GLY NB 41 -69.70 16.82 24.63
N HIS NB 42 -70.19 16.24 23.54
CA HIS NB 42 -70.00 16.79 22.19
C HIS NB 42 -70.84 18.04 21.92
N MET NB 43 -72.16 17.91 22.05
CA MET NB 43 -73.09 18.97 21.66
C MET NB 43 -74.38 18.91 22.49
N SER NB 44 -74.27 19.30 23.75
CA SER NB 44 -75.40 19.36 24.68
C SER NB 44 -76.00 20.79 24.60
N PRO NB 45 -77.27 20.97 25.05
CA PRO NB 45 -77.93 22.26 24.87
C PRO NB 45 -77.58 23.37 25.88
N LYS NB 46 -76.54 23.18 26.69
CA LYS NB 46 -75.98 24.27 27.50
C LYS NB 46 -75.38 25.38 26.62
N CYS NB 47 -74.75 24.97 25.52
CA CYS NB 47 -74.22 25.90 24.50
C CYS NB 47 -75.14 25.91 23.27
N ALA NB 48 -76.41 26.23 23.51
CA ALA NB 48 -77.44 26.33 22.46
C ALA NB 48 -77.53 27.74 21.89
N GLY NB 49 -77.43 28.73 22.77
CA GLY NB 49 -77.42 30.15 22.38
C GLY NB 49 -76.08 30.61 21.83
N LEU NB 50 -74.99 30.07 22.38
CA LEU NB 50 -73.63 30.41 21.94
C LEU NB 50 -73.39 30.08 20.48
N VAL NB 51 -73.78 28.88 20.07
CA VAL NB 51 -73.69 28.44 18.66
C VAL NB 51 -74.49 29.36 17.73
N THR NB 52 -75.69 29.73 18.16
CA THR NB 52 -76.56 30.63 17.40
C THR NB 52 -75.92 32.01 17.22
N GLU NB 53 -75.33 32.50 18.31
CA GLU NB 53 -74.61 33.79 18.31
C GLU NB 53 -73.41 33.76 17.35
N LEU NB 54 -72.68 32.65 17.36
CA LEU NB 54 -71.54 32.43 16.47
C LEU NB 54 -71.99 32.45 15.00
N LYS NB 55 -73.07 31.71 14.72
CA LYS NB 55 -73.68 31.66 13.38
C LYS NB 55 -74.09 33.04 12.88
N SER NB 56 -74.73 33.82 13.75
CA SER NB 56 -75.15 35.19 13.44
C SER NB 56 -73.96 36.09 13.10
N CYS NB 57 -72.90 35.97 13.91
CA CYS NB 57 -71.65 36.69 13.68
C CYS NB 57 -70.99 36.35 12.35
N THR NB 58 -70.92 35.05 12.05
CA THR NB 58 -70.21 34.54 10.87
C THR NB 58 -71.17 34.11 9.76
N SER NB 59 -72.05 35.04 9.38
CA SER NB 59 -73.05 34.83 8.32
C SER NB 59 -72.63 35.46 7.00
N GLU NB 60 -72.22 36.72 7.05
CA GLU NB 60 -71.75 37.45 5.86
C GLU NB 60 -70.30 37.11 5.52
N SER NB 61 -69.45 37.04 6.54
CA SER NB 61 -68.05 36.63 6.37
C SER NB 61 -67.52 35.96 7.65
N ALA NB 62 -66.45 35.19 7.49
CA ALA NB 62 -65.85 34.41 8.59
C ALA NB 62 -65.48 35.24 9.82
N LEU NB 63 -65.04 36.48 9.59
CA LEU NB 63 -64.81 37.46 10.65
C LEU NB 63 -65.85 38.58 10.54
N GLY NB 64 -66.17 39.20 11.67
CA GLY NB 64 -67.21 40.23 11.72
C GLY NB 64 -66.78 41.53 11.07
N LYS NB 65 -66.06 42.35 11.81
CA LYS NB 65 -65.55 43.64 11.33
C LYS NB 65 -64.23 43.46 10.58
N ARG NB 66 -64.01 44.31 9.59
CA ARG NB 66 -62.76 44.34 8.82
C ARG NB 66 -62.34 45.77 8.52
N LYS NB 71 -54.20 52.88 11.19
CA LYS NB 71 -52.82 52.79 11.67
C LYS NB 71 -52.48 53.92 12.64
N SER NB 72 -51.50 53.66 13.50
CA SER NB 72 -51.06 54.61 14.53
C SER NB 72 -50.01 55.57 13.97
N ASN NB 73 -50.37 56.85 13.88
CA ASN NB 73 -49.46 57.88 13.39
C ASN NB 73 -48.64 58.62 14.46
N ILE NB 74 -47.71 57.93 15.10
CA ILE NB 74 -46.85 58.56 16.10
C ILE NB 74 -45.55 59.09 15.48
N ASN NB 75 -45.28 58.69 14.24
CA ASN NB 75 -44.09 59.10 13.52
C ASN NB 75 -44.04 60.60 13.27
N TYR NB 76 -45.21 61.16 12.99
CA TYR NB 76 -45.34 62.57 12.66
C TYR NB 76 -44.86 63.51 13.76
N HIS NB 77 -45.17 63.21 15.01
CA HIS NB 77 -44.77 64.09 16.09
C HIS NB 77 -43.30 63.93 16.48
N ALA NB 78 -42.84 62.68 16.50
CA ALA NB 78 -41.42 62.36 16.75
C ALA NB 78 -40.53 62.92 15.66
N ALA NB 79 -40.90 62.64 14.40
CA ALA NB 79 -40.19 63.14 13.22
C ALA NB 79 -40.10 64.66 13.21
N ARG NB 80 -41.23 65.30 13.49
CA ARG NB 80 -41.33 66.76 13.59
C ARG NB 80 -40.41 67.33 14.66
N LEU NB 81 -40.50 66.77 15.85
CA LEU NB 81 -39.90 67.35 17.05
C LEU NB 81 -38.56 66.74 17.46
N TYR NB 82 -38.01 65.83 16.65
CA TYR NB 82 -36.72 65.22 17.00
C TYR NB 82 -35.63 66.27 17.10
N ASP NB 83 -35.51 67.10 16.07
CA ASP NB 83 -34.46 68.13 15.99
C ASP NB 83 -34.53 69.16 17.14
N ARG NB 84 -35.74 69.52 17.54
CA ARG NB 84 -35.95 70.34 18.75
C ARG NB 84 -35.52 69.60 20.01
N ILE NB 85 -36.12 68.43 20.21
CA ILE NB 85 -36.01 67.67 21.46
C ILE NB 85 -34.60 67.09 21.69
N ASN NB 86 -33.80 66.99 20.63
CA ASN NB 86 -32.38 66.65 20.80
C ASN NB 86 -31.68 67.59 21.77
N GLY NB 87 -30.71 67.04 22.48
CA GLY NB 87 -29.70 67.85 23.14
C GLY NB 87 -28.46 67.87 22.29
N LYS NB 88 -28.64 68.07 20.98
CA LYS NB 88 -27.53 68.03 20.03
C LYS NB 88 -26.83 69.37 20.13
N PRO NB 89 -25.50 69.36 20.29
CA PRO NB 89 -24.76 70.61 20.41
C PRO NB 89 -24.75 71.39 19.10
N HIS NB 90 -24.38 72.67 19.17
CA HIS NB 90 -24.52 73.59 18.05
C HIS NB 90 -23.65 73.21 16.84
N ASP NB 91 -23.87 73.91 15.73
CA ASP NB 91 -23.24 73.59 14.46
C ASP NB 91 -21.80 74.09 14.44
N ASP OB 1 -3.13 45.27 7.39
CA ASP OB 1 -3.72 44.07 6.73
C ASP OB 1 -5.24 44.01 6.86
N SER OB 2 -5.92 43.99 5.70
CA SER OB 2 -7.31 43.53 5.63
C SER OB 2 -7.34 42.02 5.85
N VAL OB 3 -8.54 41.45 5.94
CA VAL OB 3 -8.69 40.00 6.13
C VAL OB 3 -8.23 39.24 4.89
N MET OB 4 -8.61 39.74 3.72
CA MET OB 4 -8.22 39.17 2.42
C MET OB 4 -6.71 39.08 2.26
N ARG OB 5 -6.01 40.16 2.60
CA ARG OB 5 -4.54 40.19 2.57
C ARG OB 5 -3.92 39.22 3.57
N LYS OB 6 -4.45 39.23 4.79
CA LYS OB 6 -4.06 38.28 5.85
C LYS OB 6 -4.17 36.82 5.43
N ARG OB 7 -5.18 36.51 4.62
CA ARG OB 7 -5.43 35.13 4.19
C ARG OB 7 -4.30 34.53 3.36
N LYS OB 8 -3.62 35.36 2.56
CA LYS OB 8 -2.42 34.95 1.84
C LYS OB 8 -1.28 34.58 2.80
N LYS OB 9 -1.06 35.44 3.79
CA LYS OB 9 -0.08 35.21 4.86
C LYS OB 9 -0.37 33.92 5.64
N LYS OB 10 -1.63 33.75 6.02
CA LYS OB 10 -2.11 32.53 6.69
C LYS OB 10 -1.80 31.28 5.88
N MET OB 11 -2.09 31.36 4.58
CA MET OB 11 -1.87 30.25 3.65
C MET OB 11 -0.37 29.90 3.59
N LYS OB 12 0.45 30.93 3.43
CA LYS OB 12 1.93 30.80 3.47
C LYS OB 12 2.42 30.12 4.74
N LYS OB 13 1.89 30.54 5.88
CA LYS OB 13 2.23 29.98 7.17
C LYS OB 13 1.87 28.51 7.29
N HIS OB 14 0.69 28.17 6.76
CA HIS OB 14 0.22 26.79 6.70
C HIS OB 14 1.13 25.90 5.86
N LYS OB 15 1.51 26.41 4.68
CA LYS OB 15 2.43 25.71 3.77
C LYS OB 15 3.77 25.42 4.43
N LEU OB 16 4.29 26.44 5.11
CA LEU OB 16 5.53 26.34 5.88
C LEU OB 16 5.44 25.26 6.96
N ARG OB 17 4.34 25.27 7.69
CA ARG OB 17 4.06 24.26 8.73
C ARG OB 17 4.03 22.85 8.16
N LYS OB 18 3.36 22.71 7.02
CA LYS OB 18 3.32 21.44 6.28
C LYS OB 18 4.70 20.94 5.87
N ARG OB 19 5.49 21.85 5.30
CA ARG OB 19 6.88 21.57 4.92
C ARG OB 19 7.69 21.07 6.10
N ARG OB 20 7.55 21.74 7.24
CA ARG OB 20 8.23 21.35 8.48
C ARG OB 20 7.82 19.96 8.97
N LYS OB 21 6.53 19.67 8.86
CA LYS OB 21 5.99 18.35 9.20
C LYS OB 21 6.56 17.25 8.31
N ARG OB 22 6.59 17.52 7.00
CA ARG OB 22 7.19 16.61 6.01
C ARG OB 22 8.65 16.33 6.30
N GLU OB 23 9.42 17.39 6.49
CA GLU OB 23 10.86 17.32 6.68
C GLU OB 23 11.23 17.21 8.17
N LYS OB 24 10.58 16.30 8.89
CA LYS OB 24 10.88 16.09 10.31
C LYS OB 24 11.98 15.04 10.44
N ALA OB 25 11.76 13.88 9.81
CA ALA OB 25 12.73 12.78 9.80
C ALA OB 25 14.05 13.18 9.14
N GLU OB 26 13.94 13.92 8.04
CA GLU OB 26 15.09 14.46 7.31
C GLU OB 26 15.88 15.44 8.17
N ARG OB 27 15.16 16.35 8.82
CA ARG OB 27 15.75 17.35 9.73
C ARG OB 27 16.48 16.70 10.88
N ARG OB 28 15.83 15.72 11.50
CA ARG OB 28 16.42 14.89 12.56
C ARG OB 28 17.72 14.23 12.13
N LYS OB 29 17.71 13.63 10.94
CA LYS OB 29 18.90 13.00 10.37
C LYS OB 29 20.04 13.99 10.17
N LEU OB 30 19.71 15.16 9.64
CA LEU OB 30 20.67 16.25 9.45
C LEU OB 30 21.25 16.79 10.75
N SER OB 31 20.41 16.88 11.79
CA SER OB 31 20.81 17.52 13.05
C SER OB 31 21.80 16.71 13.87
N GLN OB 32 21.49 15.43 14.07
CA GLN OB 32 22.28 14.57 14.95
C GLN OB 32 23.60 14.16 14.31
N GLY OB 33 24.68 14.30 15.08
CA GLY OB 33 26.01 13.85 14.66
C GLY OB 33 26.76 14.69 13.64
N ARG OB 34 26.32 15.93 13.41
CA ARG OB 34 27.02 16.85 12.50
C ARG OB 34 26.56 18.30 12.70
N THR PB 1 77.22 89.57 -44.55
CA THR PB 1 78.59 90.07 -44.89
C THR PB 1 79.54 88.91 -45.22
N ILE PB 2 80.09 88.92 -46.42
CA ILE PB 2 81.05 87.89 -46.87
C ILE PB 2 82.40 88.04 -46.12
N PRO PB 3 82.98 86.91 -45.65
CA PRO PB 3 84.35 86.90 -45.13
C PRO PB 3 85.36 86.38 -46.14
N LYS PB 4 86.64 86.65 -45.90
CA LYS PB 4 87.72 86.26 -46.81
C LYS PB 4 88.08 84.78 -46.64
N PRO PB 5 88.47 84.09 -47.73
CA PRO PB 5 89.02 82.74 -47.57
C PRO PB 5 90.42 82.76 -46.95
N SER PB 6 90.63 81.94 -45.92
CA SER PB 6 91.92 81.87 -45.22
C SER PB 6 92.93 81.00 -45.97
N ASP PB 7 94.16 80.98 -45.48
CA ASP PB 7 95.25 80.19 -46.08
C ASP PB 7 95.03 78.68 -45.88
N GLN PB 8 94.57 78.31 -44.69
CA GLN PB 8 94.34 76.90 -44.35
C GLN PB 8 93.14 76.29 -45.09
N VAL PB 9 92.10 77.08 -45.31
CA VAL PB 9 90.92 76.66 -46.07
C VAL PB 9 90.46 77.79 -47.02
N PRO PB 10 91.09 77.88 -48.21
CA PRO PB 10 90.75 78.91 -49.20
C PRO PB 10 89.58 78.56 -50.14
N ASP PB 11 89.11 77.31 -50.10
CA ASP PB 11 88.08 76.81 -51.02
C ASP PB 11 86.88 76.24 -50.24
N VAL PB 12 85.73 76.21 -50.92
CA VAL PB 12 84.51 75.59 -50.38
C VAL PB 12 84.74 74.12 -50.05
N ASP PB 13 85.33 73.41 -51.01
CA ASP PB 13 85.66 71.98 -50.88
C ASP PB 13 86.55 71.73 -49.66
N ALA PB 14 87.58 72.55 -49.51
CA ALA PB 14 88.50 72.51 -48.36
C ALA PB 14 87.78 72.71 -47.03
N PHE PB 15 86.86 73.66 -47.00
CA PHE PB 15 86.00 73.94 -45.85
C PHE PB 15 85.15 72.71 -45.50
N LEU PB 16 84.51 72.13 -46.52
CA LEU PB 16 83.68 70.92 -46.35
C LEU PB 16 84.49 69.76 -45.76
N ASN PB 17 85.68 69.54 -46.31
CA ASN PB 17 86.61 68.52 -45.84
C ASN PB 17 86.97 68.71 -44.36
N LYS PB 18 87.29 69.96 -44.02
CA LYS PB 18 87.60 70.35 -42.65
C LYS PB 18 86.48 70.01 -41.67
N ILE PB 19 85.26 70.40 -42.02
CA ILE PB 19 84.13 70.25 -41.09
C ILE PB 19 83.70 68.80 -40.91
N GLY PB 20 83.75 68.00 -41.98
CA GLY PB 20 83.52 66.56 -41.87
C GLY PB 20 82.06 66.18 -41.62
N ARG PB 21 81.86 65.07 -40.91
CA ARG PB 21 80.55 64.42 -40.74
C ARG PB 21 79.90 64.09 -42.09
N ASN PB 22 80.71 63.58 -43.01
CA ASN PB 22 80.30 63.29 -44.38
C ASN PB 22 79.74 64.52 -45.13
N CYS PB 23 80.39 65.67 -44.92
CA CYS PB 23 80.08 66.89 -45.68
C CYS PB 23 80.67 66.81 -47.09
N ASN PB 24 81.61 65.90 -47.29
CA ASN PB 24 81.99 65.49 -48.66
C ASN PB 24 80.83 64.76 -49.32
N GLU PB 25 80.93 64.61 -50.65
CA GLU PB 25 79.80 64.23 -51.51
C GLU PB 25 78.71 65.31 -51.51
N LEU PB 26 79.13 66.57 -51.35
CA LEU PB 26 78.23 67.73 -51.35
C LEU PB 26 78.81 68.88 -52.20
N LYS PB 27 79.68 68.54 -53.15
CA LYS PB 27 80.34 69.51 -54.03
C LYS PB 27 79.55 69.69 -55.34
N ASP PB 28 78.58 68.80 -55.58
CA ASP PB 28 77.73 68.85 -56.77
C ASP PB 28 76.47 69.69 -56.53
N THR PB 29 75.88 69.56 -55.34
CA THR PB 29 74.67 70.31 -54.98
C THR PB 29 74.90 71.84 -54.94
N PHE PB 30 76.11 72.25 -54.53
CA PHE PB 30 76.60 73.61 -54.80
C PHE PB 30 78.06 73.56 -55.23
N GLU PB 31 78.38 74.25 -56.32
CA GLU PB 31 79.73 74.28 -56.89
C GLU PB 31 80.63 75.17 -56.03
N ASN PB 32 81.94 75.07 -56.25
CA ASN PB 32 82.93 75.76 -55.41
C ASN PB 32 82.89 77.28 -55.59
N ASN PB 33 81.91 77.90 -54.94
CA ASN PB 33 81.72 79.34 -54.90
C ASN PB 33 81.70 79.77 -53.44
N TRP PB 34 82.70 80.54 -53.03
CA TRP PB 34 82.88 80.91 -51.63
C TRP PB 34 81.76 81.80 -51.11
N ASN PB 35 81.46 82.85 -51.87
CA ASN PB 35 80.37 83.78 -51.57
C ASN PB 35 79.01 83.06 -51.47
N ASN PB 36 78.78 82.16 -52.43
CA ASN PB 36 77.55 81.38 -52.52
C ASN PB 36 77.22 80.59 -51.26
N LEU PB 37 78.20 79.85 -50.77
CA LEU PB 37 78.06 79.03 -49.55
C LEU PB 37 77.67 79.88 -48.34
N PHE PB 38 78.38 80.98 -48.16
CA PHE PB 38 78.22 81.83 -46.97
C PHE PB 38 76.91 82.62 -46.98
N GLN PB 39 76.55 83.20 -48.12
CA GLN PB 39 75.29 83.95 -48.22
C GLN PB 39 74.04 83.06 -48.10
N TRP PB 40 74.12 81.84 -48.65
CA TRP PB 40 73.02 80.88 -48.60
C TRP PB 40 72.55 80.55 -47.18
N ASP PB 41 71.25 80.27 -47.07
CA ASP PB 41 70.56 80.06 -45.79
C ASP PB 41 69.99 78.64 -45.77
N SER PB 42 69.08 78.38 -44.83
CA SER PB 42 68.54 77.03 -44.59
C SER PB 42 67.55 76.59 -45.65
N LYS PB 43 66.61 77.47 -45.96
CA LYS PB 43 65.55 77.21 -46.95
C LYS PB 43 66.12 76.87 -48.32
N ILE PB 44 67.15 77.62 -48.71
CA ILE PB 44 67.86 77.40 -49.98
C ILE PB 44 68.52 76.03 -50.01
N LEU PB 45 69.21 75.69 -48.93
CA LEU PB 45 69.83 74.36 -48.76
C LEU PB 45 68.83 73.22 -48.87
N LYS PB 46 67.68 73.40 -48.23
CA LYS PB 46 66.59 72.44 -48.26
C LYS PB 46 66.05 72.23 -49.68
N GLU PB 47 65.85 73.34 -50.39
CA GLU PB 47 65.43 73.31 -51.80
C GLU PB 47 66.42 72.56 -52.69
N LYS PB 48 67.71 72.83 -52.47
CA LYS PB 48 68.79 72.16 -53.19
C LYS PB 48 68.77 70.64 -52.98
N GLY PB 49 68.53 70.24 -51.74
CA GLY PB 49 68.30 68.83 -51.38
C GLY PB 49 69.38 68.19 -50.51
N VAL PB 50 69.82 68.93 -49.48
CA VAL PB 50 70.74 68.40 -48.48
C VAL PB 50 69.93 67.85 -47.30
N ASN PB 51 70.61 67.16 -46.38
CA ASN PB 51 69.96 66.61 -45.17
C ASN PB 51 69.66 67.71 -44.16
N ILE PB 52 68.87 67.38 -43.13
CA ILE PB 52 68.56 68.33 -42.06
C ILE PB 52 69.78 68.53 -41.17
N GLN PB 53 70.37 67.41 -40.76
CA GLN PB 53 71.52 67.41 -39.85
C GLN PB 53 72.75 68.06 -40.49
N GLN PB 54 72.99 67.70 -41.76
CA GLN PB 54 74.05 68.30 -42.57
C GLN PB 54 73.87 69.81 -42.70
N ARG PB 55 72.66 70.22 -43.07
CA ARG PB 55 72.28 71.64 -43.18
C ARG PB 55 72.58 72.41 -41.90
N LYS PB 56 72.12 71.87 -40.78
CA LYS PB 56 72.37 72.44 -39.45
C LYS PB 56 73.85 72.61 -39.15
N TYR PB 57 74.63 71.56 -39.47
CA TYR PB 57 76.05 71.55 -39.19
C TYR PB 57 76.82 72.57 -40.02
N ILE PB 58 76.55 72.60 -41.33
CA ILE PB 58 77.22 73.52 -42.25
C ILE PB 58 77.04 74.97 -41.81
N LEU PB 59 75.80 75.36 -41.55
CA LEU PB 59 75.45 76.71 -41.11
C LEU PB 59 76.19 77.13 -39.85
N LYS PB 60 76.26 76.20 -38.90
CA LYS PB 60 76.99 76.38 -37.65
C LYS PB 60 78.48 76.62 -37.88
N GLN PB 61 79.06 75.83 -38.79
CA GLN PB 61 80.48 75.95 -39.13
C GLN PB 61 80.79 77.23 -39.91
N VAL PB 62 79.85 77.64 -40.76
CA VAL PB 62 79.93 78.93 -41.44
C VAL PB 62 79.97 80.06 -40.41
N HIS PB 63 79.03 80.02 -39.47
CA HIS PB 63 78.95 81.00 -38.38
C HIS PB 63 80.24 81.08 -37.58
N ASN PB 64 80.77 79.92 -37.20
CA ASN PB 64 82.07 79.82 -36.52
C ASN PB 64 83.19 80.47 -37.30
N TYR PB 65 83.22 80.20 -38.60
CA TYR PB 65 84.21 80.79 -39.52
C TYR PB 65 84.12 82.31 -39.56
N ARG PB 66 82.90 82.82 -39.63
CA ARG PB 66 82.63 84.27 -39.60
C ARG PB 66 83.14 84.92 -38.33
N ASN PB 67 82.84 84.28 -37.20
CA ASN PB 67 83.30 84.74 -35.88
C ASN PB 67 84.77 84.38 -35.58
N ASN PB 68 85.42 83.64 -36.48
CA ASN PB 68 86.81 83.21 -36.36
C ASN PB 68 87.05 82.29 -35.15
N ARG PB 69 86.10 81.37 -34.95
CA ARG PB 69 86.23 80.29 -33.98
C ARG PB 69 86.80 79.08 -34.73
N PRO PB 70 87.53 78.20 -34.03
CA PRO PB 70 88.23 77.10 -34.72
C PRO PB 70 87.28 76.00 -35.18
N ILE PB 71 87.06 75.90 -36.50
CA ILE PB 71 86.24 74.83 -37.07
C ILE PB 71 87.05 73.54 -37.17
N HIS PB 72 86.43 72.43 -36.78
CA HIS PB 72 87.00 71.10 -36.96
C HIS PB 72 85.93 70.05 -36.68
N GLU PB 73 86.15 68.84 -37.21
CA GLU PB 73 85.18 67.76 -37.09
C GLU PB 73 85.05 67.28 -35.65
N ILE PB 74 84.18 67.95 -34.89
CA ILE PB 74 83.75 67.47 -33.58
C ILE PB 74 82.74 66.37 -33.87
N LYS PB 75 83.18 65.12 -33.72
CA LYS PB 75 82.39 63.96 -34.13
C LYS PB 75 81.15 63.77 -33.25
N LEU PB 76 80.14 63.14 -33.82
CA LEU PB 76 78.90 62.83 -33.10
C LEU PB 76 79.16 61.74 -32.07
N GLY PB 77 78.36 61.75 -31.00
CA GLY PB 77 78.52 60.83 -29.89
C GLY PB 77 78.35 59.38 -30.28
N LYS PB 78 79.19 58.53 -29.69
CA LYS PB 78 79.26 57.11 -30.02
C LYS PB 78 78.96 56.28 -28.77
N LYS PB 79 78.24 55.18 -28.95
CA LYS PB 79 77.99 54.23 -27.86
C LYS PB 79 79.26 53.44 -27.61
N SER PB 80 79.40 52.90 -26.39
CA SER PB 80 80.59 52.12 -26.03
C SER PB 80 80.68 50.83 -26.84
N PHE PB 81 81.91 50.35 -27.04
CA PHE PB 81 82.18 49.12 -27.77
C PHE PB 81 81.34 47.95 -27.26
N PHE PB 82 81.17 47.88 -25.95
CA PHE PB 82 80.31 46.87 -25.33
C PHE PB 82 78.85 47.19 -25.64
N GLY PB 83 78.33 48.27 -25.07
CA GLY PB 83 76.97 48.68 -25.38
C GLY PB 83 76.54 49.95 -24.67
N GLY PB 84 75.30 50.35 -24.91
CA GLY PB 84 74.68 51.42 -24.15
C GLY PB 84 74.52 50.96 -22.71
N GLU PB 85 74.78 51.87 -21.77
CA GLU PB 85 74.61 51.66 -20.32
C GLU PB 85 73.62 50.57 -19.88
N ARG PB 86 72.46 50.53 -20.53
CA ARG PB 86 71.43 49.51 -20.26
C ARG PB 86 71.85 48.11 -20.70
N LYS PB 87 72.27 47.99 -21.95
CA LYS PB 87 72.60 46.68 -22.56
C LYS PB 87 73.99 46.11 -22.20
N ARG PB 88 74.86 46.90 -21.58
CA ARG PB 88 76.24 46.48 -21.29
C ARG PB 88 76.35 45.18 -20.50
N LYS PB 89 75.68 45.13 -19.35
CA LYS PB 89 75.80 44.00 -18.40
C LYS PB 89 75.71 42.65 -19.09
N ALA PB 90 74.71 42.52 -19.96
CA ALA PB 90 74.46 41.29 -20.71
C ALA PB 90 75.46 41.10 -21.84
N PHE PB 91 75.67 42.17 -22.61
CA PHE PB 91 76.58 42.16 -23.75
C PHE PB 91 78.01 41.79 -23.33
N THR PB 92 78.47 42.42 -22.27
CA THR PB 92 79.81 42.18 -21.70
C THR PB 92 79.98 40.71 -21.31
N ALA PB 93 78.97 40.16 -20.66
CA ALA PB 93 78.94 38.75 -20.26
C ALA PB 93 79.02 37.81 -21.46
N LYS PB 94 78.25 38.14 -22.50
CA LYS PB 94 78.25 37.39 -23.77
C LYS PB 94 79.64 37.41 -24.42
N TRP PB 95 80.24 38.61 -24.45
CA TRP PB 95 81.59 38.81 -25.00
C TRP PB 95 82.65 37.98 -24.27
N LYS PB 96 82.55 37.99 -22.94
CA LYS PB 96 83.42 37.16 -22.08
C LYS PB 96 83.28 35.67 -22.38
N ALA PB 97 82.04 35.23 -22.51
CA ALA PB 97 81.73 33.84 -22.82
C ALA PB 97 82.29 33.40 -24.17
N GLU PB 98 82.14 34.27 -25.17
CA GLU PB 98 82.74 34.06 -26.49
C GLU PB 98 84.26 33.91 -26.42
N ASN PB 99 84.90 34.81 -25.69
CA ASN PB 99 86.35 34.84 -25.54
C ASN PB 99 86.80 34.07 -24.30
N ILE QB 1 -52.26 102.51 34.52
CA ILE QB 1 -52.88 103.12 35.75
C ILE QB 1 -54.01 104.09 35.37
N HIS QB 2 -55.14 103.97 36.05
CA HIS QB 2 -56.31 104.79 35.76
C HIS QB 2 -56.14 106.17 36.37
N VAL QB 3 -56.24 107.21 35.54
CA VAL QB 3 -56.12 108.59 35.98
C VAL QB 3 -57.33 109.39 35.46
N VAL QB 4 -57.68 110.45 36.18
CA VAL QB 4 -58.87 111.25 35.83
C VAL QB 4 -58.65 111.99 34.51
N PRO QB 5 -59.71 112.08 33.68
CA PRO QB 5 -59.57 112.79 32.40
C PRO QB 5 -59.59 114.30 32.56
N LYS QB 6 -58.90 114.99 31.65
CA LYS QB 6 -58.86 116.45 31.65
C LYS QB 6 -60.16 117.01 31.08
N LEU QB 7 -60.91 117.71 31.93
CA LEU QB 7 -62.17 118.34 31.51
C LEU QB 7 -61.88 119.59 30.68
N PRO QB 8 -62.80 119.97 29.77
CA PRO QB 8 -62.65 121.23 29.05
C PRO QB 8 -62.89 122.44 29.96
N ASN QB 9 -62.24 123.56 29.63
CA ASN QB 9 -62.13 124.74 30.52
C ASN QB 9 -61.99 124.39 32.02
N SER QB 10 -60.94 123.63 32.32
CA SER QB 10 -60.68 123.08 33.65
C SER QB 10 -60.36 124.16 34.69
N LYS QB 11 -59.48 125.09 34.29
CA LYS QB 11 -59.09 126.22 35.14
C LYS QB 11 -60.28 127.11 35.53
N ALA QB 12 -61.16 127.36 34.56
CA ALA QB 12 -62.40 128.11 34.78
C ALA QB 12 -63.32 127.41 35.78
N LEU QB 13 -63.51 126.11 35.59
CA LEU QB 13 -64.25 125.26 36.53
C LEU QB 13 -63.69 125.30 37.95
N LEU QB 14 -62.36 125.22 38.05
CA LEU QB 14 -61.67 125.29 39.34
C LEU QB 14 -61.94 126.62 40.04
N GLN QB 15 -61.86 127.70 39.26
CA GLN QB 15 -62.12 129.06 39.77
C GLN QB 15 -63.55 129.23 40.29
N ASN QB 16 -64.52 128.76 39.50
CA ASN QB 16 -65.95 129.01 39.76
C ASN QB 16 -66.72 127.81 40.29
N GLY QB 17 -66.64 126.70 39.58
CA GLY QB 17 -67.39 125.48 39.88
C GLY QB 17 -68.29 125.19 38.70
N VAL QB 18 -69.60 125.39 38.90
CA VAL QB 18 -70.57 125.40 37.81
C VAL QB 18 -71.60 126.50 38.10
N PRO QB 19 -71.82 127.45 37.16
CA PRO QB 19 -72.64 128.65 37.38
C PRO QB 19 -73.81 128.55 38.36
N ASN QB 20 -74.67 127.55 38.17
CA ASN QB 20 -75.92 127.43 38.93
C ASN QB 20 -75.94 126.34 40.01
N ILE QB 21 -75.49 125.14 39.66
CA ILE QB 21 -75.78 123.94 40.48
C ILE QB 21 -74.72 123.61 41.54
N LEU QB 22 -73.43 123.81 41.21
CA LEU QB 22 -72.31 123.41 42.08
C LEU QB 22 -71.30 124.55 42.27
N SER QB 23 -70.83 124.72 43.50
CA SER QB 23 -69.81 125.74 43.83
C SER QB 23 -68.42 125.27 43.40
N SER QB 24 -67.44 126.17 43.55
CA SER QB 24 -66.03 125.85 43.30
C SER QB 24 -65.56 124.69 44.18
N SER QB 25 -65.90 124.78 45.47
CA SER QB 25 -65.60 123.75 46.45
C SER QB 25 -66.41 122.49 46.20
N GLY QB 26 -67.72 122.67 46.00
CA GLY QB 26 -68.65 121.57 45.73
C GLY QB 26 -68.32 120.76 44.49
N PHE QB 27 -67.83 121.42 43.45
CA PHE QB 27 -67.37 120.74 42.23
C PHE QB 27 -66.07 119.96 42.46
N LYS QB 28 -65.17 120.56 43.24
CA LYS QB 28 -63.92 119.91 43.63
C LYS QB 28 -64.18 118.63 44.41
N THR QB 29 -65.13 118.72 45.36
CA THR QB 29 -65.51 117.57 46.18
C THR QB 29 -66.07 116.43 45.35
N VAL QB 30 -66.92 116.76 44.38
CA VAL QB 30 -67.54 115.72 43.55
C VAL QB 30 -66.60 115.13 42.50
N TRP QB 31 -65.71 115.95 41.93
CA TRP QB 31 -64.84 115.55 40.84
C TRP QB 31 -63.36 115.59 41.21
N PHE QB 32 -62.76 116.79 41.24
CA PHE QB 32 -61.29 116.93 41.34
C PHE QB 32 -60.63 116.16 42.51
N ASP QB 33 -61.41 115.83 43.56
CA ASP QB 33 -60.94 114.96 44.64
C ASP QB 33 -61.55 113.55 44.63
N TYR QB 34 -62.89 113.48 44.63
CA TYR QB 34 -63.61 112.19 44.76
C TYR QB 34 -63.38 111.25 43.59
N GLN QB 35 -63.45 111.79 42.39
CA GLN QB 35 -63.18 111.03 41.15
C GLN QB 35 -61.75 110.48 41.15
N ARG QB 36 -60.80 111.33 41.51
CA ARG QB 36 -59.39 110.95 41.66
C ARG QB 36 -59.21 109.81 42.65
N TYR QB 37 -59.83 109.96 43.82
CA TYR QB 37 -59.85 108.92 44.88
C TYR QB 37 -60.36 107.58 44.34
N LEU QB 38 -61.49 107.64 43.65
CA LEU QB 38 -62.11 106.48 42.99
C LEU QB 38 -61.17 105.79 42.01
N CYS QB 39 -60.54 106.60 41.15
CA CYS QB 39 -59.57 106.12 40.17
C CYS QB 39 -58.39 105.41 40.84
N ASP QB 40 -57.87 106.03 41.90
CA ASP QB 40 -56.78 105.46 42.70
C ASP QB 40 -57.16 104.10 43.30
N LYS QB 41 -58.36 104.04 43.87
CA LYS QB 41 -58.91 102.80 44.42
C LYS QB 41 -59.03 101.69 43.37
N LEU QB 42 -59.51 102.07 42.20
CA LEU QB 42 -59.67 101.15 41.07
C LEU QB 42 -58.32 100.61 40.61
N THR QB 43 -57.32 101.50 40.55
CA THR QB 43 -55.94 101.14 40.21
C THR QB 43 -55.37 100.14 41.23
N LEU QB 44 -55.56 100.44 42.51
CA LEU QB 44 -55.13 99.56 43.61
C LEU QB 44 -55.74 98.16 43.52
N ALA QB 45 -57.04 98.12 43.23
CA ALA QB 45 -57.78 96.87 43.02
C ALA QB 45 -57.23 96.08 41.85
N THR QB 46 -57.04 96.78 40.72
CA THR QB 46 -56.76 96.17 39.43
C THR QB 46 -55.38 96.59 38.89
N ALA QB 47 -54.36 96.48 39.74
CA ALA QB 47 -53.00 96.88 39.37
C ALA QB 47 -52.34 95.84 38.46
N GLY QB 48 -52.25 94.61 38.96
CA GLY QB 48 -51.57 93.51 38.28
C GLY QB 48 -52.47 92.53 37.55
N GLN QB 49 -53.79 92.73 37.65
CA GLN QB 49 -54.76 91.89 36.97
C GLN QB 49 -54.82 92.22 35.47
N SER QB 50 -55.56 91.41 34.72
CA SER QB 50 -55.84 91.71 33.32
C SER QB 50 -56.77 92.92 33.14
N LEU QB 51 -57.51 93.27 34.19
CA LEU QB 51 -58.39 94.44 34.20
C LEU QB 51 -57.69 95.81 34.06
N GLU QB 52 -56.38 95.87 34.34
CA GLU QB 52 -55.62 97.14 34.25
C GLU QB 52 -55.71 97.82 32.88
N SER QB 53 -55.73 97.03 31.82
CA SER QB 53 -55.76 97.55 30.44
C SER QB 53 -57.10 98.15 30.01
N TYR QB 54 -58.19 97.65 30.59
CA TYR QB 54 -59.55 97.99 30.15
C TYR QB 54 -60.03 99.33 30.71
N TYR QB 55 -60.95 99.97 29.99
CA TYR QB 55 -61.62 101.19 30.48
C TYR QB 55 -62.62 100.85 31.59
N PRO QB 56 -63.04 101.85 32.40
CA PRO QB 56 -63.98 101.58 33.50
C PRO QB 56 -65.29 100.91 33.10
N PHE QB 57 -65.92 101.40 32.03
CA PHE QB 57 -67.16 100.82 31.52
C PHE QB 57 -66.98 99.36 31.12
N HIS QB 58 -65.91 99.08 30.39
CA HIS QB 58 -65.62 97.72 29.94
C HIS QB 58 -65.27 96.79 31.11
N ILE QB 59 -64.58 97.32 32.10
CA ILE QB 59 -64.31 96.61 33.37
C ILE QB 59 -65.62 96.22 34.05
N LEU QB 60 -66.52 97.19 34.18
CA LEU QB 60 -67.82 96.99 34.83
C LEU QB 60 -68.60 95.87 34.13
N LEU QB 61 -68.63 95.91 32.81
CA LEU QB 61 -69.33 94.91 32.00
C LEU QB 61 -68.73 93.52 32.14
N LYS QB 62 -67.40 93.46 32.23
CA LYS QB 62 -66.68 92.22 32.50
C LYS QB 62 -67.05 91.66 33.87
N THR QB 63 -67.02 92.54 34.86
CA THR QB 63 -67.15 92.17 36.26
C THR QB 63 -68.58 91.86 36.72
N ALA QB 64 -69.56 92.51 36.09
CA ALA QB 64 -70.97 92.51 36.56
C ALA QB 64 -71.50 91.16 37.08
N GLY QB 65 -71.26 90.10 36.32
CA GLY QB 65 -71.74 88.76 36.67
C GLY QB 65 -71.05 88.09 37.85
N ASN QB 66 -69.80 88.50 38.14
CA ASN QB 66 -69.01 87.88 39.21
C ASN QB 66 -69.49 88.38 40.59
N PRO QB 67 -69.85 87.46 41.51
CA PRO QB 67 -70.28 87.91 42.85
C PRO QB 67 -69.12 88.45 43.68
N LEU QB 68 -68.03 87.68 43.76
CA LEU QB 68 -66.76 88.20 44.27
C LEU QB 68 -66.19 89.19 43.26
N GLN QB 69 -65.27 90.02 43.75
CA GLN QB 69 -64.73 91.16 43.00
C GLN QB 69 -65.84 92.22 42.69
N SER QB 70 -66.83 92.31 43.59
CA SER QB 70 -67.88 93.34 43.52
C SER QB 70 -67.33 94.73 43.81
N ASN QB 71 -66.28 94.82 44.61
CA ASN QB 71 -65.58 96.08 44.88
C ASN QB 71 -65.09 96.77 43.61
N ILE QB 72 -64.49 95.99 42.72
CA ILE QB 72 -64.01 96.47 41.43
C ILE QB 72 -65.16 97.04 40.60
N PHE QB 73 -66.24 96.25 40.52
CA PHE QB 73 -67.46 96.65 39.82
C PHE QB 73 -68.00 97.98 40.35
N ASN QB 74 -68.12 98.05 41.68
CA ASN QB 74 -68.60 99.27 42.36
C ASN QB 74 -67.78 100.49 41.98
N LEU QB 75 -66.46 100.35 42.07
CA LEU QB 75 -65.52 101.44 41.74
C LEU QB 75 -65.64 101.87 40.28
N ALA QB 76 -65.58 100.87 39.39
CA ALA QB 76 -65.72 101.09 37.94
C ALA QB 76 -67.05 101.75 37.58
N SER QB 77 -68.13 101.26 38.20
CA SER QB 77 -69.47 101.82 38.04
C SER QB 77 -69.50 103.30 38.46
N SER QB 78 -68.96 103.57 39.65
CA SER QB 78 -68.88 104.93 40.19
C SER QB 78 -68.16 105.88 39.25
N ILE QB 79 -66.98 105.44 38.78
CA ILE QB 79 -66.11 106.24 37.92
C ILE QB 79 -66.82 106.66 36.64
N HIS QB 80 -67.44 105.67 35.99
CA HIS QB 80 -68.18 105.89 34.75
C HIS QB 80 -69.40 106.78 34.97
N ASN QB 81 -70.21 106.41 35.97
CA ASN QB 81 -71.42 107.16 36.34
C ASN QB 81 -71.13 108.61 36.70
N ASN QB 82 -70.06 108.81 37.47
CA ASN QB 82 -69.66 110.15 37.89
C ASN QB 82 -69.21 111.00 36.71
N HIS QB 83 -68.47 110.42 35.76
CA HIS QB 83 -68.05 111.18 34.58
C HIS QB 83 -69.21 111.49 33.63
N LEU QB 84 -70.16 110.55 33.51
CA LEU QB 84 -71.43 110.81 32.80
C LEU QB 84 -72.16 112.01 33.38
N PHE QB 85 -72.27 112.02 34.71
CA PHE QB 85 -72.87 113.12 35.48
C PHE QB 85 -72.18 114.46 35.22
N VAL QB 86 -70.85 114.43 35.24
CA VAL QB 86 -70.04 115.63 34.97
C VAL QB 86 -70.24 116.11 33.54
N GLU QB 87 -70.27 115.18 32.59
CA GLU QB 87 -70.53 115.48 31.17
C GLU QB 87 -71.88 116.17 30.98
N ASN QB 88 -72.90 115.63 31.66
CA ASN QB 88 -74.25 116.23 31.68
C ASN QB 88 -74.23 117.64 32.22
N ILE QB 89 -73.52 117.84 33.33
CA ILE QB 89 -73.38 119.15 33.96
C ILE QB 89 -72.79 120.22 33.04
N LEU QB 90 -71.66 119.90 32.41
CA LEU QB 90 -70.73 120.92 31.85
C LEU QB 90 -71.41 122.01 31.00
N PRO QB 91 -70.99 123.28 31.18
CA PRO QB 91 -71.59 124.37 30.42
C PRO QB 91 -71.26 124.36 28.91
N SER QB 92 -70.01 124.04 28.58
CA SER QB 92 -69.55 123.97 27.19
C SER QB 92 -68.32 123.08 27.04
N ALA QB 93 -67.96 122.78 25.80
CA ALA QB 93 -66.80 121.94 25.48
C ALA QB 93 -66.29 122.22 24.07
N LYS QB 105 -76.81 129.28 24.06
CA LYS QB 105 -77.38 128.27 24.95
C LYS QB 105 -77.99 127.11 24.15
N THR QB 106 -77.78 125.89 24.63
CA THR QB 106 -78.28 124.67 23.98
C THR QB 106 -79.62 124.24 24.59
N GLU QB 107 -80.58 123.92 23.73
CA GLU QB 107 -81.90 123.42 24.15
C GLU QB 107 -81.97 121.90 23.98
N PRO QB 108 -82.95 121.23 24.63
CA PRO QB 108 -83.19 119.81 24.35
C PRO QB 108 -83.69 119.58 22.92
N SER QB 109 -83.30 118.45 22.33
CA SER QB 109 -83.61 118.16 20.94
C SER QB 109 -85.10 117.86 20.72
N ARG QB 110 -85.54 118.07 19.48
CA ARG QB 110 -86.92 117.78 19.06
C ARG QB 110 -87.21 116.28 19.07
N LEU QB 111 -86.24 115.51 18.58
CA LEU QB 111 -86.32 114.04 18.58
C LEU QB 111 -86.47 113.49 19.99
N PHE QB 112 -85.63 113.98 20.90
CA PHE QB 112 -85.67 113.63 22.32
C PHE QB 112 -87.03 113.89 22.95
N LEU QB 113 -87.58 115.07 22.67
CA LEU QB 113 -88.92 115.46 23.13
C LEU QB 113 -90.02 114.54 22.60
N SER QB 114 -89.91 114.18 21.32
CA SER QB 114 -90.85 113.24 20.69
C SER QB 114 -90.80 111.85 21.33
N LYS QB 115 -89.58 111.39 21.61
CA LYS QB 115 -89.35 110.12 22.31
C LYS QB 115 -89.96 110.11 23.72
N ILE QB 116 -89.75 111.20 24.45
CA ILE QB 116 -90.34 111.41 25.78
C ILE QB 116 -91.87 111.31 25.72
N LYS QB 117 -92.44 112.05 24.78
CA LYS QB 117 -93.89 112.08 24.55
C LYS QB 117 -94.46 110.68 24.30
N ASP QB 118 -93.75 109.94 23.44
CA ASP QB 118 -94.10 108.54 23.13
C ASP QB 118 -94.08 107.66 24.38
N SER QB 119 -93.05 107.84 25.21
CA SER QB 119 -92.86 107.05 26.42
C SER QB 119 -93.90 107.30 27.51
N PHE QB 120 -94.01 108.55 27.96
CA PHE QB 120 -94.76 108.91 29.17
C PHE QB 120 -96.20 109.38 28.90
N ASN QB 121 -96.94 108.59 28.11
CA ASN QB 121 -98.36 108.85 27.81
C ASN QB 121 -98.68 110.26 27.28
N GLY QB 122 -97.76 110.79 26.48
CA GLY QB 122 -97.91 112.13 25.90
C GLY QB 122 -97.82 113.28 26.89
N SER QB 123 -96.96 113.13 27.91
CA SER QB 123 -96.77 114.17 28.93
C SER QB 123 -95.68 115.17 28.53
N ASP QB 124 -95.62 116.28 29.26
CA ASP QB 124 -94.66 117.35 29.00
C ASP QB 124 -93.30 116.99 29.61
N TRP QB 125 -92.25 117.67 29.16
CA TRP QB 125 -90.89 117.48 29.70
C TRP QB 125 -90.76 117.94 31.16
N GLU QB 126 -91.45 119.03 31.50
CA GLU QB 126 -91.52 119.53 32.89
C GLU QB 126 -92.15 118.50 33.83
N VAL QB 127 -93.21 117.85 33.34
CA VAL QB 127 -93.91 116.78 34.08
C VAL QB 127 -92.99 115.59 34.34
N VAL QB 128 -92.25 115.21 33.29
CA VAL QB 128 -91.29 114.09 33.35
C VAL QB 128 -90.20 114.37 34.39
N LYS QB 129 -89.64 115.58 34.33
CA LYS QB 129 -88.67 116.06 35.32
C LYS QB 129 -89.21 115.93 36.75
N GLU QB 130 -90.45 116.37 36.92
CA GLU QB 130 -91.15 116.33 38.22
C GLU QB 130 -91.31 114.88 38.71
N GLU QB 131 -91.65 113.98 37.79
CA GLU QB 131 -91.76 112.55 38.09
C GLU QB 131 -90.41 111.95 38.50
N MET QB 132 -89.35 112.35 37.79
CA MET QB 132 -87.97 111.94 38.09
C MET QB 132 -87.53 112.35 39.50
N ILE QB 133 -87.74 113.63 39.82
CA ILE QB 133 -87.39 114.15 41.16
C ILE QB 133 -88.19 113.48 42.28
N TYR QB 134 -89.45 113.17 42.02
CA TYR QB 134 -90.29 112.42 42.96
C TYR QB 134 -89.74 111.02 43.21
N ARG QB 135 -89.33 110.36 42.12
CA ARG QB 135 -88.71 109.02 42.18
C ARG QB 135 -87.42 109.05 42.99
N ALA QB 136 -86.59 110.05 42.72
CA ALA QB 136 -85.34 110.28 43.45
C ALA QB 136 -85.56 110.44 44.95
N GLU QB 137 -86.56 111.26 45.29
CA GLU QB 137 -86.96 111.50 46.67
C GLU QB 137 -87.39 110.22 47.39
N ASN QB 138 -88.24 109.44 46.71
CA ASN QB 138 -88.89 108.28 47.32
C ASN QB 138 -88.01 107.02 47.33
N GLU QB 139 -87.44 106.68 46.18
CA GLU QB 139 -86.75 105.39 46.01
C GLU QB 139 -85.47 105.27 46.83
N VAL QB 140 -84.44 106.02 46.46
CA VAL QB 140 -83.11 105.85 47.04
C VAL QB 140 -82.99 106.53 48.41
N LEU QB 141 -82.64 105.74 49.42
CA LEU QB 141 -82.21 106.25 50.72
C LEU QB 141 -80.69 106.23 50.74
N GLY QB 142 -80.09 107.21 51.39
CA GLY QB 142 -78.64 107.31 51.50
C GLY QB 142 -78.03 107.84 50.22
N GLN QB 143 -77.20 107.01 49.58
CA GLN QB 143 -76.48 107.37 48.35
C GLN QB 143 -77.23 106.82 47.14
N GLY QB 144 -76.68 107.03 45.94
CA GLY QB 144 -77.24 106.46 44.72
C GLY QB 144 -77.09 107.29 43.46
N TRP QB 145 -77.81 106.86 42.43
CA TRP QB 145 -77.82 107.50 41.11
C TRP QB 145 -79.24 107.58 40.58
N LEU QB 146 -79.48 108.59 39.74
CA LEU QB 146 -80.78 108.80 39.10
C LEU QB 146 -80.59 108.95 37.59
N PHE QB 147 -80.92 107.88 36.86
CA PHE QB 147 -80.79 107.84 35.39
C PHE QB 147 -82.12 108.01 34.70
N LEU QB 148 -82.08 108.63 33.52
CA LEU QB 148 -83.15 108.56 32.54
C LEU QB 148 -82.56 107.75 31.40
N VAL QB 149 -83.02 106.50 31.23
CA VAL QB 149 -82.41 105.57 30.29
C VAL QB 149 -83.29 105.29 29.06
N GLU QB 150 -82.69 104.64 28.07
CA GLU QB 150 -83.37 104.17 26.86
C GLU QB 150 -82.96 102.72 26.63
N ASN QB 151 -83.95 101.86 26.34
CA ASN QB 151 -83.72 100.42 26.11
C ASN QB 151 -83.99 100.02 24.65
N ASN QB 152 -83.83 98.73 24.34
CA ASN QB 152 -84.05 98.19 22.97
C ASN QB 152 -85.45 98.48 22.38
N GLU QB 153 -86.44 98.63 23.26
CA GLU QB 153 -87.71 99.25 22.88
C GLU QB 153 -87.50 100.74 22.99
N LYS QB 154 -87.69 101.46 21.88
CA LYS QB 154 -87.24 102.86 21.73
C LYS QB 154 -87.70 103.86 22.80
N LYS QB 155 -88.75 103.53 23.54
CA LYS QB 155 -89.24 104.37 24.65
C LYS QB 155 -88.23 104.45 25.80
N LEU QB 156 -88.21 105.62 26.46
CA LEU QB 156 -87.33 105.87 27.61
C LEU QB 156 -88.02 105.49 28.92
N PHE QB 157 -87.24 105.39 29.99
CA PHE QB 157 -87.78 105.30 31.34
C PHE QB 157 -86.80 105.73 32.42
N ILE QB 158 -87.34 105.98 33.61
CA ILE QB 158 -86.57 106.48 34.74
C ILE QB 158 -86.02 105.29 35.54
N LEU QB 159 -84.74 105.38 35.92
CA LEU QB 159 -84.04 104.29 36.58
C LEU QB 159 -83.21 104.83 37.74
N THR QB 160 -83.59 104.46 38.96
CA THR QB 160 -82.84 104.79 40.18
C THR QB 160 -81.93 103.62 40.55
N SER QB 161 -80.75 103.94 41.10
CA SER QB 161 -79.80 102.94 41.59
C SER QB 161 -79.32 103.37 42.98
N ASN QB 162 -79.05 102.40 43.85
CA ASN QB 162 -78.92 102.65 45.30
C ASN QB 162 -77.53 103.01 45.85
N ASN QB 163 -76.46 102.81 45.08
CA ASN QB 163 -75.14 103.38 45.40
C ASN QB 163 -74.17 103.39 44.22
N ASN QB 164 -73.86 102.20 43.69
CA ASN QB 164 -72.99 102.05 42.52
C ASN QB 164 -73.64 101.09 41.52
N GLY QB 165 -74.96 101.14 41.42
CA GLY QB 165 -75.72 100.31 40.50
C GLY QB 165 -75.70 100.93 39.11
N THR QB 166 -75.35 100.11 38.11
CA THR QB 166 -75.21 100.60 36.74
C THR QB 166 -76.56 100.61 36.03
N PRO QB 167 -76.79 101.61 35.16
CA PRO QB 167 -78.01 101.61 34.35
C PRO QB 167 -77.96 100.60 33.19
N TYR QB 168 -76.76 100.15 32.84
CA TYR QB 168 -76.54 99.33 31.64
C TYR QB 168 -77.03 97.89 31.75
N TYR QB 169 -76.67 97.22 32.84
CA TYR QB 169 -76.85 95.78 32.99
C TYR QB 169 -77.83 95.52 34.13
N PHE QB 170 -79.03 95.00 33.80
CA PHE QB 170 -80.17 95.00 34.73
C PHE QB 170 -80.02 94.18 36.03
N PRO QB 171 -79.22 93.10 36.01
CA PRO QB 171 -78.93 92.40 37.27
C PRO QB 171 -78.13 93.21 38.27
N ARG QB 172 -77.32 94.17 37.79
CA ARG QB 172 -76.64 95.14 38.64
C ARG QB 172 -77.21 96.55 38.45
N ASN QB 173 -78.53 96.65 38.29
CA ASN QB 173 -79.24 97.94 38.39
C ASN QB 173 -79.19 98.47 39.81
N GLN QB 174 -79.30 97.55 40.77
CA GLN QB 174 -79.25 97.86 42.19
C GLN QB 174 -80.38 98.84 42.52
N SER QB 175 -81.56 98.50 42.01
CA SER QB 175 -82.66 99.46 41.85
C SER QB 175 -83.53 99.67 43.08
N PHE QB 176 -83.54 98.71 44.00
CA PHE QB 176 -84.31 98.82 45.24
C PHE QB 176 -83.69 98.04 46.39
N ASP QB 177 -83.92 98.53 47.61
CA ASP QB 177 -83.25 98.06 48.82
C ASP QB 177 -84.06 96.97 49.55
N LEU QB 178 -83.47 95.77 49.63
CA LEU QB 178 -84.06 94.66 50.37
C LEU QB 178 -83.62 94.64 51.84
N ASN QB 179 -82.75 95.59 52.23
CA ASN QB 179 -82.43 95.82 53.65
C ASN QB 179 -83.71 96.26 54.38
N SER QB 180 -84.45 97.17 53.75
CA SER QB 180 -85.81 97.51 54.18
C SER QB 180 -86.81 96.47 53.68
N ALA QB 181 -88.06 96.61 54.10
CA ALA QB 181 -89.15 95.75 53.62
C ALA QB 181 -89.52 96.10 52.18
N ILE QB 182 -90.01 95.11 51.43
CA ILE QB 182 -90.37 95.28 50.01
C ILE QB 182 -91.79 94.81 49.72
N SER QB 183 -92.30 95.26 48.57
CA SER QB 183 -93.65 94.91 48.12
C SER QB 183 -93.71 93.49 47.54
N ILE QB 184 -94.92 93.08 47.19
CA ILE QB 184 -95.18 91.79 46.55
C ILE QB 184 -94.78 91.87 45.08
N ASP QB 185 -95.19 92.96 44.43
CA ASP QB 185 -94.91 93.22 43.02
C ASP QB 185 -93.40 93.28 42.75
N GLU QB 186 -92.68 93.99 43.61
CA GLU QB 186 -91.22 94.11 43.55
C GLU QB 186 -90.53 92.74 43.65
N PHE QB 187 -91.01 91.93 44.58
CA PHE QB 187 -90.52 90.57 44.78
C PHE QB 187 -90.73 89.70 43.55
N ALA QB 188 -91.93 89.77 42.98
CA ALA QB 188 -92.29 89.08 41.75
C ALA QB 188 -91.38 89.46 40.58
N THR QB 189 -91.12 90.76 40.46
CA THR QB 189 -90.20 91.31 39.45
C THR QB 189 -88.79 90.76 39.62
N LEU QB 190 -88.31 90.77 40.85
CA LEU QB 190 -87.01 90.16 41.21
C LEU QB 190 -86.92 88.69 40.81
N LYS QB 191 -87.97 87.95 41.13
CA LYS QB 191 -88.06 86.52 40.81
C LYS QB 191 -88.01 86.27 39.30
N GLN QB 192 -88.72 87.11 38.56
CA GLN QB 192 -88.73 87.09 37.10
C GLN QB 192 -87.33 87.36 36.52
N MET QB 193 -86.66 88.37 37.07
CA MET QB 193 -85.28 88.71 36.69
C MET QB 193 -84.34 87.52 36.90
N LYS QB 194 -84.41 86.94 38.10
CA LYS QB 194 -83.63 85.75 38.46
C LYS QB 194 -83.83 84.59 37.49
N GLU QB 195 -85.09 84.34 37.16
CA GLU QB 195 -85.46 83.31 36.18
C GLU QB 195 -84.81 83.58 34.83
N LEU QB 196 -84.93 84.82 34.37
CA LEU QB 196 -84.33 85.28 33.10
C LEU QB 196 -82.81 85.05 33.08
N ILE QB 197 -82.17 85.40 34.20
CA ILE QB 197 -80.74 85.18 34.41
C ILE QB 197 -80.36 83.69 34.28
N GLY QB 198 -81.14 82.84 34.95
CA GLY QB 198 -80.95 81.39 34.88
C GLY QB 198 -81.14 80.83 33.48
N LYS QB 199 -82.07 81.41 32.73
CA LYS QB 199 -82.32 81.04 31.32
C LYS QB 199 -81.17 81.38 30.37
N SER QB 200 -80.32 82.35 30.73
CA SER QB 200 -79.18 82.78 29.89
C SER QB 200 -78.34 81.62 29.33
N THR QB 201 -78.00 80.67 30.21
CA THR QB 201 -77.21 79.48 29.87
C THR QB 201 -75.86 79.80 29.21
N LYS QB 202 -74.98 80.41 29.98
CA LYS QB 202 -73.56 80.55 29.63
C LYS QB 202 -72.73 80.24 30.87
N LEU QB 203 -71.42 80.05 30.67
CA LEU QB 203 -70.52 79.60 31.75
C LEU QB 203 -70.36 80.70 32.81
N ASN QB 204 -70.14 81.94 32.34
CA ASN QB 204 -70.17 83.12 33.20
C ASN QB 204 -71.58 83.44 33.73
N GLY QB 205 -72.59 83.21 32.89
CA GLY QB 205 -73.99 83.42 33.27
C GLY QB 205 -74.34 84.90 33.25
N LYS QB 206 -74.35 85.47 32.04
CA LYS QB 206 -74.59 86.89 31.85
C LYS QB 206 -75.59 87.14 30.72
N VAL QB 207 -76.70 87.79 31.06
CA VAL QB 207 -77.75 88.11 30.11
C VAL QB 207 -77.36 89.22 29.13
N GLN QB 208 -78.15 89.32 28.04
CA GLN QB 208 -78.03 90.39 27.08
C GLN QB 208 -78.89 91.57 27.54
N ASP QB 209 -78.37 92.79 27.39
CA ASP QB 209 -79.07 94.00 27.82
C ASP QB 209 -78.53 95.20 27.04
N TRP QB 210 -79.44 96.06 26.58
CA TRP QB 210 -79.10 97.20 25.73
C TRP QB 210 -79.66 98.52 26.27
N THR QB 211 -79.62 98.68 27.58
CA THR QB 211 -80.04 99.91 28.24
C THR QB 211 -78.90 100.93 28.15
N MET QB 212 -79.24 102.15 27.71
CA MET QB 212 -78.27 103.24 27.57
C MET QB 212 -78.74 104.42 28.41
N PRO QB 213 -77.83 105.06 29.18
CA PRO QB 213 -78.22 106.23 29.97
C PRO QB 213 -78.24 107.50 29.13
N ILE QB 214 -79.29 108.31 29.31
CA ILE QB 214 -79.44 109.59 28.61
C ILE QB 214 -79.15 110.77 29.56
N ILE QB 215 -79.72 110.73 30.77
CA ILE QB 215 -79.43 111.72 31.82
C ILE QB 215 -79.16 111.02 33.15
N CYS QB 216 -77.88 110.73 33.39
CA CYS QB 216 -77.38 110.37 34.72
C CYS QB 216 -77.34 111.59 35.65
N VAL QB 217 -77.75 111.39 36.90
CA VAL QB 217 -77.61 112.39 37.97
C VAL QB 217 -77.03 111.70 39.21
N ASN QB 218 -76.15 112.40 39.91
CA ASN QB 218 -75.38 111.84 41.02
C ASN QB 218 -76.06 112.17 42.35
N LEU QB 219 -76.73 111.17 42.92
CA LEU QB 219 -77.43 111.33 44.20
C LEU QB 219 -76.56 110.97 45.41
N TRP QB 220 -75.25 110.81 45.19
CA TRP QB 220 -74.28 110.74 46.28
C TRP QB 220 -74.13 112.09 46.98
N ASP QB 221 -73.68 112.05 48.24
CA ASP QB 221 -73.44 113.26 49.04
C ASP QB 221 -72.19 114.05 48.62
N HIS QB 222 -71.33 113.46 47.80
CA HIS QB 222 -70.14 114.15 47.29
C HIS QB 222 -70.46 115.33 46.36
N ALA QB 223 -71.63 115.31 45.73
CA ALA QB 223 -72.10 116.43 44.90
C ALA QB 223 -72.74 117.54 45.73
N TYR QB 224 -73.82 117.22 46.41
CA TYR QB 224 -74.74 118.23 46.99
C TYR QB 224 -74.40 118.70 48.42
N LEU QB 225 -73.92 117.80 49.27
CA LEU QB 225 -73.86 118.04 50.72
C LEU QB 225 -73.12 119.32 51.15
N HIS QB 226 -72.07 119.69 50.42
CA HIS QB 226 -71.34 120.93 50.69
C HIS QB 226 -72.22 122.16 50.46
N ASP QB 227 -72.89 122.20 49.31
CA ASP QB 227 -73.68 123.36 48.89
C ASP QB 227 -75.06 123.38 49.52
N TYR QB 228 -75.76 122.25 49.42
CA TYR QB 228 -77.18 122.14 49.78
C TYR QB 228 -77.45 121.61 51.20
N GLY QB 229 -76.41 121.20 51.92
CA GLY QB 229 -76.57 120.60 53.25
C GLY QB 229 -77.07 119.17 53.16
N VAL QB 230 -77.44 118.60 54.31
CA VAL QB 230 -77.89 117.20 54.36
C VAL QB 230 -79.29 117.01 53.74
N GLY QB 231 -80.18 117.98 53.96
CA GLY QB 231 -81.44 118.05 53.25
C GLY QB 231 -81.23 118.65 51.88
N ASN QB 232 -82.33 118.98 51.20
CA ASN QB 232 -82.31 119.70 49.92
C ASN QB 232 -81.60 118.95 48.77
N ARG QB 233 -81.57 117.61 48.85
CA ARG QB 233 -81.05 116.77 47.76
C ARG QB 233 -81.98 116.87 46.56
N SER QB 234 -83.29 116.83 46.82
CA SER QB 234 -84.31 117.03 45.79
C SER QB 234 -84.11 118.36 45.05
N LYS QB 235 -83.94 119.43 45.82
CA LYS QB 235 -83.69 120.77 45.28
C LYS QB 235 -82.45 120.80 44.37
N TYR QB 236 -81.38 120.17 44.84
CA TYR QB 236 -80.15 119.99 44.07
C TYR QB 236 -80.41 119.27 42.74
N VAL QB 237 -81.17 118.17 42.81
CA VAL QB 237 -81.53 117.37 41.63
C VAL QB 237 -82.31 118.22 40.62
N LYS QB 238 -83.27 118.98 41.13
CA LYS QB 238 -84.06 119.93 40.32
C LYS QB 238 -83.17 120.95 39.60
N ASN QB 239 -82.26 121.54 40.36
CA ASN QB 239 -81.29 122.50 39.82
C ASN QB 239 -80.43 121.91 38.69
N VAL QB 240 -79.97 120.69 38.92
CA VAL QB 240 -79.19 119.93 37.93
C VAL QB 240 -79.99 119.72 36.64
N LEU QB 241 -81.24 119.30 36.80
CA LEU QB 241 -82.16 119.09 35.68
C LEU QB 241 -82.40 120.37 34.88
N ASP QB 242 -82.58 121.48 35.59
CA ASP QB 242 -82.76 122.80 34.98
C ASP QB 242 -81.57 123.20 34.12
N ASN QB 243 -80.37 123.09 34.69
CA ASN QB 243 -79.13 123.48 34.02
C ASN QB 243 -78.21 122.29 33.78
N LEU QB 244 -78.38 121.65 32.62
CA LEU QB 244 -77.49 120.59 32.15
C LEU QB 244 -77.16 120.76 30.66
N ASN QB 245 -76.01 120.21 30.26
CA ASN QB 245 -75.58 120.20 28.87
C ASN QB 245 -76.53 119.37 28.03
N TRP QB 246 -77.29 120.05 27.18
CA TRP QB 246 -78.29 119.41 26.34
C TRP QB 246 -77.71 118.81 25.07
N SER QB 247 -76.67 119.45 24.52
CA SER QB 247 -75.96 118.95 23.34
C SER QB 247 -75.39 117.54 23.57
N VAL QB 248 -74.79 117.35 24.73
CA VAL QB 248 -74.26 116.04 25.17
C VAL QB 248 -75.36 114.98 25.21
N VAL QB 249 -76.48 115.35 25.84
CA VAL QB 249 -77.66 114.49 25.96
C VAL QB 249 -78.18 114.07 24.59
N ASN QB 250 -78.30 115.05 23.69
CA ASN QB 250 -78.75 114.82 22.31
C ASN QB 250 -77.83 113.83 21.58
N ASN QB 251 -76.53 114.03 21.75
CA ASN QB 251 -75.51 113.13 21.19
C ASN QB 251 -75.65 111.68 21.62
N ARG QB 252 -75.97 111.47 22.91
CA ARG QB 252 -76.13 110.11 23.47
C ARG QB 252 -77.57 109.59 23.41
N ILE QB 253 -78.30 109.91 22.34
CA ILE QB 253 -79.73 109.57 22.21
C ILE QB 253 -80.04 108.71 20.97
N PHE QB 254 -79.57 109.14 19.79
CA PHE QB 254 -79.92 108.50 18.52
C PHE QB 254 -79.10 107.23 18.28
N SER QB 255 -79.71 106.26 17.62
CA SER QB 255 -79.05 105.00 17.27
C SER QB 255 -78.08 105.20 16.11
N ALA RB 18 -81.35 115.88 71.60
CA ALA RB 18 -81.73 114.66 72.36
C ALA RB 18 -80.68 114.26 73.39
N LEU RB 19 -79.44 114.12 72.94
CA LEU RB 19 -78.32 113.70 73.80
C LEU RB 19 -77.76 114.84 74.65
N GLU RB 20 -77.06 114.46 75.71
CA GLU RB 20 -76.51 115.39 76.70
C GLU RB 20 -75.07 115.81 76.38
N HIS RB 21 -74.22 114.82 76.11
CA HIS RB 21 -72.77 115.04 75.95
C HIS RB 21 -72.34 115.99 74.82
N LEU RB 22 -73.17 116.14 73.79
CA LEU RB 22 -72.92 117.07 72.68
C LEU RB 22 -73.90 118.25 72.69
N LYS RB 23 -73.46 119.38 72.14
CA LYS RB 23 -74.25 120.61 72.09
C LYS RB 23 -73.96 121.42 70.82
N GLU RB 24 -74.81 122.40 70.55
CA GLU RB 24 -74.78 123.17 69.30
C GLU RB 24 -73.60 124.13 69.19
N GLY RB 25 -73.22 124.75 70.31
CA GLY RB 25 -72.13 125.73 70.34
C GLY RB 25 -70.75 125.10 70.23
N ALA RB 26 -70.43 124.22 71.17
CA ALA RB 26 -69.11 123.61 71.29
C ALA RB 26 -69.17 122.08 71.18
N PRO RB 27 -68.91 121.52 69.98
CA PRO RB 27 -68.71 120.09 69.76
C PRO RB 27 -67.55 119.43 70.52
N LEU RB 28 -67.33 118.15 70.22
CA LEU RB 28 -66.25 117.37 70.79
C LEU RB 28 -64.90 117.86 70.26
N LYS RB 29 -63.89 117.88 71.14
CA LYS RB 29 -62.54 118.29 70.76
C LYS RB 29 -61.86 117.29 69.83
N GLY RB 30 -62.20 116.01 69.98
CA GLY RB 30 -61.64 114.94 69.17
C GLY RB 30 -62.12 114.93 67.73
N LEU RB 31 -63.38 114.54 67.55
CA LEU RB 31 -63.93 114.26 66.22
C LEU RB 31 -64.31 115.50 65.42
N PHE RB 32 -65.45 116.09 65.73
CA PHE RB 32 -66.11 117.05 64.83
C PHE RB 32 -65.78 118.50 65.17
N SER RB 33 -66.14 119.40 64.25
CA SER RB 33 -65.92 120.84 64.39
C SER RB 33 -67.25 121.57 64.57
N ILE RB 34 -67.17 122.86 64.95
CA ILE RB 34 -68.35 123.69 65.28
C ILE RB 34 -69.46 123.69 64.22
N GLU RB 35 -69.06 123.64 62.95
CA GLU RB 35 -69.98 123.59 61.81
C GLU RB 35 -70.20 122.14 61.35
N GLY RB 36 -69.10 121.40 61.22
CA GLY RB 36 -69.12 120.01 60.76
C GLY RB 36 -69.93 119.06 61.62
N LEU RB 37 -69.90 119.28 62.93
CA LEU RB 37 -70.71 118.51 63.88
C LEU RB 37 -72.20 118.72 63.62
N GLN RB 38 -72.57 119.99 63.51
CA GLN RB 38 -73.96 120.41 63.23
C GLN RB 38 -74.49 119.77 61.94
N LYS RB 39 -73.67 119.82 60.90
CA LYS RB 39 -73.99 119.18 59.61
C LYS RB 39 -74.21 117.68 59.76
N ALA RB 40 -73.33 117.04 60.52
CA ALA RB 40 -73.40 115.60 60.78
C ALA RB 40 -74.66 115.18 61.54
N TRP RB 41 -74.97 115.90 62.62
CA TRP RB 41 -75.89 115.41 63.64
C TRP RB 41 -77.17 116.23 63.78
N PHE RB 42 -77.04 117.50 64.19
CA PHE RB 42 -78.20 118.34 64.52
C PHE RB 42 -79.15 118.53 63.33
N ASP RB 43 -78.59 118.73 62.15
CA ASP RB 43 -79.39 118.92 60.92
C ASP RB 43 -80.04 117.62 60.45
N ARG RB 44 -79.26 116.54 60.44
CA ARG RB 44 -79.75 115.21 60.06
C ARG RB 44 -80.94 114.77 60.89
N VAL RB 45 -80.80 114.88 62.21
CA VAL RB 45 -81.85 114.51 63.16
C VAL RB 45 -83.14 115.26 62.88
N LYS RB 46 -83.01 116.58 62.70
CA LYS RB 46 -84.13 117.46 62.35
C LYS RB 46 -84.83 117.03 61.07
N TYR RB 47 -84.03 116.74 60.04
CA TYR RB 47 -84.54 116.25 58.76
C TYR RB 47 -85.36 114.97 58.93
N LEU RB 48 -84.81 114.04 59.71
CA LEU RB 48 -85.44 112.74 59.95
C LEU RB 48 -86.75 112.83 60.72
N ASP RB 49 -86.73 113.54 61.85
CA ASP RB 49 -87.91 113.73 62.71
C ASP RB 49 -89.08 114.37 61.97
N ALA RB 50 -88.78 115.44 61.23
CA ALA RB 50 -89.75 116.15 60.40
C ALA RB 50 -90.36 115.24 59.34
N LYS RB 51 -89.51 114.43 58.71
CA LYS RB 51 -89.93 113.45 57.70
C LYS RB 51 -90.86 112.40 58.30
N LEU RB 52 -90.50 111.92 59.49
CA LEU RB 52 -91.30 110.95 60.23
C LEU RB 52 -92.69 111.50 60.58
N ASN RB 53 -92.71 112.75 61.04
CA ASN RB 53 -93.95 113.48 61.32
C ASN RB 53 -94.85 113.65 60.10
N ASP RB 54 -94.22 113.94 58.96
CA ASP RB 54 -94.92 114.06 57.68
C ASP RB 54 -95.58 112.73 57.28
N CYS RB 55 -94.83 111.64 57.46
CA CYS RB 55 -95.32 110.30 57.15
C CYS RB 55 -96.47 109.86 58.06
N THR RB 56 -96.28 109.96 59.38
CA THR RB 56 -97.26 109.54 60.38
C THR RB 56 -97.91 110.73 61.09
N ASN RB 57 -99.24 110.77 61.11
CA ASN RB 57 -100.00 111.84 61.78
C ASN RB 57 -99.72 111.97 63.28
N GLU RB 58 -99.38 110.86 63.93
CA GLU RB 58 -99.02 110.87 65.36
C GLU RB 58 -97.70 111.62 65.59
N ALA RB 59 -97.68 112.48 66.62
CA ALA RB 59 -96.49 113.22 67.02
C ALA RB 59 -95.79 112.61 68.24
N GLN RB 60 -96.34 111.52 68.78
CA GLN RB 60 -95.75 110.83 69.92
C GLN RB 60 -94.50 110.07 69.48
N GLN RB 61 -93.38 110.36 70.12
CA GLN RB 61 -92.10 109.72 69.79
C GLN RB 61 -92.11 108.24 70.17
N LYS RB 62 -92.45 107.97 71.43
CA LYS RB 62 -92.47 106.60 71.99
C LYS RB 62 -91.05 106.00 71.91
N PRO RB 63 -90.91 104.66 71.98
CA PRO RB 63 -89.63 104.09 71.53
C PRO RB 63 -89.58 103.88 70.02
N LEU RB 64 -88.38 103.99 69.46
CA LEU RB 64 -88.15 103.82 68.02
C LEU RB 64 -88.16 102.36 67.63
N GLU RB 65 -87.48 101.55 68.45
CA GLU RB 65 -87.38 100.10 68.24
C GLU RB 65 -88.75 99.44 68.19
N THR RB 66 -89.60 99.81 69.14
CA THR RB 66 -90.98 99.30 69.24
C THR RB 66 -91.80 99.61 67.98
N LEU RB 67 -91.70 100.86 67.52
CA LEU RB 67 -92.32 101.32 66.27
C LEU RB 67 -91.87 100.51 65.06
N ILE RB 68 -90.57 100.27 64.99
CA ILE RB 68 -89.96 99.45 63.93
C ILE RB 68 -90.54 98.03 63.94
N HIS RB 69 -90.61 97.44 65.13
CA HIS RB 69 -91.15 96.09 65.32
C HIS RB 69 -92.61 96.00 64.86
N GLU RB 70 -93.39 97.01 65.24
CA GLU RB 70 -94.80 97.12 64.84
C GLU RB 70 -94.99 97.16 63.32
N ASN RB 71 -94.19 98.00 62.66
CA ASN RB 71 -94.38 98.32 61.25
C ASN RB 71 -93.47 97.56 60.26
N SER RB 72 -92.64 96.64 60.76
CA SER RB 72 -91.75 95.83 59.90
C SER RB 72 -92.53 94.79 59.09
N LYS RB 73 -91.88 94.27 58.04
CA LYS RB 73 -92.49 93.34 57.07
C LYS RB 73 -93.76 93.92 56.42
N SER RB 74 -93.66 95.18 55.99
CA SER RB 74 -94.80 95.90 55.40
C SER RB 74 -94.31 96.98 54.44
N ALA RB 75 -94.70 96.88 53.18
CA ALA RB 75 -94.29 97.83 52.13
C ALA RB 75 -94.97 99.20 52.25
N SER RB 76 -96.23 99.20 52.69
CA SER RB 76 -96.97 100.44 52.93
C SER RB 76 -96.39 101.21 54.12
N LYS RB 77 -96.10 100.51 55.21
CA LYS RB 77 -95.50 101.07 56.42
C LYS RB 77 -93.99 100.82 56.42
N LYS RB 78 -93.33 101.24 55.33
CA LYS RB 78 -91.90 100.96 55.09
C LYS RB 78 -91.04 102.19 55.34
N HIS RB 79 -91.43 103.30 54.71
CA HIS RB 79 -90.72 104.58 54.82
C HIS RB 79 -90.52 105.01 56.27
N ILE RB 80 -91.60 104.92 57.05
CA ILE RB 80 -91.61 105.30 58.46
C ILE RB 80 -90.61 104.47 59.25
N VAL RB 81 -90.61 103.16 58.99
CA VAL RB 81 -89.68 102.21 59.60
C VAL RB 81 -88.23 102.58 59.27
N ASN RB 82 -87.97 102.88 58.00
CA ASN RB 82 -86.65 103.30 57.54
C ASN RB 82 -86.16 104.56 58.25
N TYR RB 83 -87.06 105.52 58.41
CA TYR RB 83 -86.75 106.77 59.11
C TYR RB 83 -86.49 106.57 60.60
N ALA RB 84 -87.24 105.65 61.20
CA ALA RB 84 -87.02 105.25 62.59
C ALA RB 84 -85.65 104.60 62.78
N SER RB 85 -85.31 103.69 61.86
CA SER RB 85 -84.01 103.02 61.85
C SER RB 85 -82.87 104.02 61.73
N SER RB 86 -82.99 104.94 60.77
CA SER RB 86 -81.99 105.99 60.55
C SER RB 86 -81.76 106.84 61.80
N LEU RB 87 -82.86 107.25 62.44
CA LEU RB 87 -82.80 108.04 63.68
C LEU RB 87 -82.14 107.27 64.82
N TYR RB 88 -82.63 106.06 65.04
CA TYR RB 88 -82.16 105.19 66.11
C TYR RB 88 -80.67 104.88 66.00
N ASN RB 89 -80.24 104.51 64.80
CA ASN RB 89 -78.85 104.13 64.53
C ASN RB 89 -77.84 105.24 64.82
N LEU RB 90 -78.17 106.44 64.34
CA LEU RB 90 -77.39 107.66 64.61
C LEU RB 90 -77.25 107.91 66.11
N LYS RB 91 -78.38 107.88 66.80
CA LYS RB 91 -78.44 108.07 68.26
C LYS RB 91 -77.56 107.07 68.99
N PHE RB 92 -77.64 105.82 68.56
CA PHE RB 92 -76.82 104.73 69.11
C PHE RB 92 -75.34 104.96 68.91
N SER RB 93 -74.98 105.42 67.71
CA SER RB 93 -73.60 105.76 67.37
C SER RB 93 -73.07 106.88 68.27
N MET RB 94 -73.85 107.94 68.40
CA MET RB 94 -73.44 109.12 69.16
C MET RB 94 -73.35 108.88 70.67
N SER RB 95 -74.21 108.02 71.20
CA SER RB 95 -74.17 107.67 72.63
C SER RB 95 -72.81 107.09 73.02
N SER RB 96 -72.31 106.17 72.20
CA SER RB 96 -71.01 105.54 72.40
C SER RB 96 -69.85 106.55 72.43
N LEU RB 97 -69.89 107.54 71.54
CA LEU RB 97 -68.78 108.50 71.40
C LEU RB 97 -68.56 109.43 72.59
N GLN RB 98 -67.35 110.00 72.63
CA GLN RB 98 -66.89 110.84 73.73
C GLN RB 98 -65.86 111.85 73.18
N GLY RB 99 -65.18 112.57 74.07
CA GLY RB 99 -64.05 113.43 73.69
C GLY RB 99 -62.78 112.64 73.39
N CYS RB 100 -61.74 113.34 72.96
CA CYS RB 100 -60.47 112.70 72.59
C CYS RB 100 -59.25 113.57 72.90
N ILE RB 101 -58.07 112.97 72.73
CA ILE RB 101 -56.78 113.64 72.97
C ILE RB 101 -56.29 114.38 71.72
N ARG RB 102 -56.55 113.81 70.53
CA ARG RB 102 -56.12 114.41 69.25
C ARG RB 102 -56.70 115.81 69.03
N THR RB 103 -56.01 116.58 68.17
CA THR RB 103 -56.43 117.94 67.83
C THR RB 103 -57.67 117.94 66.94
N PRO RB 104 -58.42 119.06 66.91
CA PRO RB 104 -59.57 119.15 65.98
C PRO RB 104 -59.15 119.16 64.49
N PRO RB 105 -59.97 118.56 63.61
CA PRO RB 105 -59.72 118.65 62.16
C PRO RB 105 -59.72 120.06 61.55
N GLU RB 106 -60.34 121.03 62.20
CA GLU RB 106 -60.29 122.43 61.77
C GLU RB 106 -58.86 122.99 61.82
N GLU RB 107 -58.09 122.60 62.83
CA GLU RB 107 -56.68 122.97 62.94
C GLU RB 107 -55.80 122.19 61.97
N CYS RB 108 -55.98 120.87 61.94
CA CYS RB 108 -55.17 119.99 61.09
C CYS RB 108 -55.46 120.15 59.59
N PRO RB 109 -54.50 119.76 58.72
CA PRO RB 109 -54.73 119.78 57.28
C PRO RB 109 -55.47 118.54 56.81
N ARG RB 110 -56.30 118.68 55.78
CA ARG RB 110 -57.05 117.56 55.22
C ARG RB 110 -56.12 116.63 54.44
N LEU RB 111 -56.39 115.33 54.53
CA LEU RB 111 -55.56 114.31 53.87
C LEU RB 111 -55.83 114.29 52.37
N GLY RB 112 -54.77 114.16 51.59
CA GLY RB 112 -54.83 114.11 50.12
C GLY RB 112 -54.91 112.69 49.60
N PRO RB 113 -54.56 112.48 48.31
CA PRO RB 113 -54.46 111.14 47.71
C PRO RB 113 -53.43 110.19 48.34
N GLU RB 114 -52.45 110.73 49.08
CA GLU RB 114 -51.42 109.92 49.76
C GLU RB 114 -51.98 109.04 50.88
N ALA RB 115 -53.11 109.45 51.48
CA ALA RB 115 -53.78 108.69 52.55
C ALA RB 115 -54.16 107.25 52.16
N LEU RB 116 -54.52 107.05 50.89
CA LEU RB 116 -54.85 105.73 50.35
C LEU RB 116 -53.69 104.74 50.44
N LEU RB 117 -52.48 105.24 50.21
CA LEU RB 117 -51.28 104.41 50.13
C LEU RB 117 -50.64 104.12 51.49
N GLN RB 118 -51.10 104.79 52.55
CA GLN RB 118 -50.60 104.56 53.91
C GLN RB 118 -51.00 103.17 54.41
N THR RB 119 -50.04 102.44 54.98
CA THR RB 119 -50.32 101.17 55.65
C THR RB 119 -51.08 101.44 56.96
N PRO RB 120 -52.10 100.63 57.27
CA PRO RB 120 -52.79 100.79 58.56
C PRO RB 120 -52.00 100.15 59.69
N ASP RB 121 -52.03 100.78 60.86
CA ASP RB 121 -51.27 100.32 62.03
C ASP RB 121 -52.11 99.47 63.01
N PHE RB 122 -53.26 98.97 62.57
CA PHE RB 122 -54.21 98.26 63.44
C PHE RB 122 -53.67 96.87 63.80
N ASN RB 123 -52.99 96.26 62.82
CA ASN RB 123 -52.29 94.98 62.99
C ASN RB 123 -51.21 95.00 64.07
N ARG RB 124 -50.49 96.11 64.17
CA ARG RB 124 -49.30 96.23 65.04
C ARG RB 124 -49.57 97.00 66.34
N THR RB 125 -50.21 98.17 66.21
CA THR RB 125 -50.51 99.05 67.34
C THR RB 125 -51.85 98.68 68.00
N ILE RB 126 -51.99 99.03 69.28
CA ILE RB 126 -53.28 99.03 69.98
C ILE RB 126 -53.36 100.24 70.91
N SER RB 127 -54.56 100.82 71.02
CA SER RB 127 -54.81 102.01 71.84
C SER RB 127 -56.07 101.81 72.68
N ASN RB 128 -56.52 102.88 73.33
CA ASN RB 128 -57.82 102.97 74.05
C ASN RB 128 -58.59 101.65 74.18
N GLU RB 129 -58.09 100.78 75.04
CA GLU RB 129 -58.77 99.51 75.38
C GLU RB 129 -59.82 99.78 76.45
N PRO RB 130 -60.79 98.85 76.62
CA PRO RB 130 -61.70 98.90 77.76
C PRO RB 130 -61.00 98.84 79.14
N LEU RB 131 -59.93 98.05 79.25
CA LEU RB 131 -59.21 97.84 80.53
C LEU RB 131 -58.79 99.14 81.23
N THR RB 132 -58.37 100.14 80.45
CA THR RB 132 -57.87 101.41 80.98
C THR RB 132 -58.89 102.20 81.82
N THR RB 133 -60.18 102.00 81.54
CA THR RB 133 -61.26 102.62 82.32
C THR RB 133 -62.22 101.54 82.86
N GLY RB 134 -61.65 100.57 83.58
CA GLY RB 134 -62.41 99.45 84.13
C GLY RB 134 -62.79 98.46 83.04
N ASN RB 135 -64.09 98.18 82.94
CA ASN RB 135 -64.66 97.40 81.81
C ASN RB 135 -63.90 96.10 81.50
N GLU RB 136 -63.57 95.36 82.55
CA GLU RB 136 -62.72 94.17 82.44
C GLU RB 136 -63.46 92.99 81.84
N ARG RB 137 -64.67 92.74 82.35
CA ARG RB 137 -65.51 91.62 81.87
C ARG RB 137 -65.92 91.78 80.40
N LEU RB 138 -66.15 93.02 79.98
CA LEU RB 138 -66.45 93.35 78.58
C LEU RB 138 -65.26 93.01 77.69
N GLN RB 139 -64.08 93.44 78.13
CA GLN RB 139 -62.84 93.14 77.42
C GLN RB 139 -62.58 91.64 77.26
N ALA RB 140 -62.81 90.90 78.35
CA ALA RB 140 -62.71 89.45 78.36
C ALA RB 140 -63.65 88.79 77.36
N ALA RB 141 -64.89 89.29 77.32
CA ALA RB 141 -65.91 88.83 76.37
C ALA RB 141 -65.50 89.09 74.92
N LEU RB 142 -65.00 90.29 74.66
CA LEU RB 142 -64.45 90.67 73.35
C LEU RB 142 -63.34 89.74 72.90
N ILE RB 143 -62.39 89.49 73.81
CA ILE RB 143 -61.27 88.58 73.58
C ILE RB 143 -61.75 87.17 73.21
N SER RB 144 -62.71 86.68 73.97
CA SER RB 144 -63.32 85.37 73.74
C SER RB 144 -63.96 85.26 72.36
N SER RB 145 -64.69 86.31 71.99
CA SER RB 145 -65.34 86.42 70.68
C SER RB 145 -64.34 86.44 69.53
N PHE RB 146 -63.35 87.32 69.66
CA PHE RB 146 -62.52 87.76 68.54
C PHE RB 146 -61.05 87.30 68.57
N GLY RB 147 -60.66 86.58 69.61
CA GLY RB 147 -59.25 86.17 69.78
C GLY RB 147 -58.46 87.20 70.57
N SER RB 148 -58.52 88.45 70.13
CA SER RB 148 -57.86 89.56 70.82
C SER RB 148 -58.58 90.89 70.60
N LEU RB 149 -58.05 91.95 71.22
CA LEU RB 149 -58.57 93.31 71.11
C LEU RB 149 -58.23 93.92 69.74
N MET RB 150 -56.98 93.69 69.31
CA MET RB 150 -56.46 94.18 68.04
C MET RB 150 -57.23 93.58 66.86
N GLU RB 151 -57.49 92.28 66.94
CA GLU RB 151 -58.26 91.54 65.93
C GLU RB 151 -59.68 92.08 65.79
N PHE RB 152 -60.32 92.33 66.94
CA PHE RB 152 -61.63 92.96 67.00
C PHE RB 152 -61.64 94.32 66.31
N ARG RB 153 -60.66 95.15 66.66
CA ARG RB 153 -60.50 96.49 66.11
C ARG RB 153 -60.37 96.49 64.59
N THR RB 154 -59.50 95.60 64.08
CA THR RB 154 -59.32 95.42 62.64
C THR RB 154 -60.62 95.02 61.96
N LEU RB 155 -61.33 94.08 62.59
CA LEU RB 155 -62.64 93.63 62.08
C LEU RB 155 -63.61 94.80 61.98
N LEU RB 156 -63.65 95.63 63.00
CA LEU RB 156 -64.56 96.78 63.09
C LEU RB 156 -64.27 97.87 62.06
N ILE RB 157 -63.05 98.38 62.09
CA ILE RB 157 -62.65 99.54 61.28
C ILE RB 157 -62.65 99.23 59.78
N ASN RB 158 -62.05 98.10 59.43
CA ASN RB 158 -61.97 97.64 58.03
C ASN RB 158 -63.36 97.42 57.43
N SER RB 159 -64.23 96.79 58.23
CA SER RB 159 -65.64 96.59 57.86
C SER RB 159 -66.34 97.91 57.57
N ASN RB 160 -66.10 98.88 58.45
CA ASN RB 160 -66.66 100.23 58.33
C ASN RB 160 -66.20 100.95 57.06
N LEU RB 161 -64.90 100.86 56.78
CA LEU RB 161 -64.31 101.38 55.54
C LEU RB 161 -64.96 100.78 54.31
N ALA RB 162 -65.12 99.46 54.34
CA ALA RB 162 -65.68 98.69 53.22
C ALA RB 162 -67.11 99.09 52.84
N ILE RB 163 -67.91 99.50 53.84
CA ILE RB 163 -69.32 99.86 53.65
C ILE RB 163 -69.54 100.86 52.49
N SER RB 164 -68.65 101.83 52.35
CA SER RB 164 -68.61 102.75 51.19
C SER RB 164 -69.99 103.20 50.72
N GLY RB 165 -70.61 104.07 51.52
CA GLY RB 165 -71.99 104.49 51.32
C GLY RB 165 -72.69 104.68 52.66
N ASP RB 166 -74.01 104.83 52.63
CA ASP RB 166 -74.78 105.05 53.85
C ASP RB 166 -74.95 103.71 54.57
N GLY RB 167 -74.43 103.63 55.80
CA GLY RB 167 -74.48 102.39 56.56
C GLY RB 167 -73.94 102.51 57.96
N PHE RB 168 -73.99 101.41 58.70
CA PHE RB 168 -73.58 101.34 60.09
C PHE RB 168 -72.91 100.01 60.41
N THR RB 169 -71.82 100.07 61.16
CA THR RB 169 -71.14 98.88 61.67
C THR RB 169 -71.58 98.67 63.13
N TRP RB 170 -72.01 97.45 63.45
CA TRP RB 170 -72.60 97.13 64.75
C TRP RB 170 -71.86 96.05 65.50
N LEU RB 171 -71.41 96.37 66.72
CA LEU RB 171 -70.99 95.38 67.70
C LEU RB 171 -72.26 94.87 68.38
N VAL RB 172 -72.48 93.55 68.33
CA VAL RB 172 -73.71 92.94 68.85
C VAL RB 172 -73.43 91.73 69.74
N ALA RB 173 -74.47 91.29 70.45
CA ALA RB 173 -74.41 90.12 71.34
C ALA RB 173 -75.54 89.16 71.01
N ARG RB 174 -75.20 87.89 70.84
CA ARG RB 174 -76.16 86.87 70.40
C ARG RB 174 -77.14 86.47 71.52
N ARG RB 175 -78.34 87.02 71.45
CA ARG RB 175 -79.42 86.65 72.39
C ARG RB 175 -80.07 85.35 71.93
N GLN RB 176 -80.17 84.39 72.85
CA GLN RB 176 -80.65 83.05 72.55
C GLN RB 176 -82.18 83.02 72.49
N ASP RB 190 -83.35 89.13 82.88
CA ASP RB 190 -82.24 88.21 82.61
C ASP RB 190 -81.48 88.59 81.34
N ILE RB 191 -82.21 88.67 80.23
CA ILE RB 191 -81.69 89.01 78.89
C ILE RB 191 -80.30 88.41 78.58
N GLU RB 192 -80.18 87.10 78.74
CA GLU RB 192 -78.91 86.37 78.53
C GLU RB 192 -78.36 86.48 77.10
N TYR RB 193 -77.05 86.28 76.97
CA TYR RB 193 -76.38 86.22 75.66
C TYR RB 193 -75.39 85.06 75.60
N ASP RB 194 -75.15 84.57 74.38
CA ASP RB 194 -74.28 83.42 74.13
C ASP RB 194 -72.86 83.87 73.77
N LYS RB 195 -72.76 84.74 72.77
CA LYS RB 195 -71.49 85.07 72.12
C LYS RB 195 -71.58 86.43 71.44
N LEU RB 196 -70.50 87.22 71.53
CA LEU RB 196 -70.44 88.52 70.87
C LEU RB 196 -70.12 88.36 69.39
N PHE RB 197 -70.59 89.32 68.60
CA PHE RB 197 -70.38 89.33 67.15
C PHE RB 197 -70.35 90.77 66.64
N ILE RB 198 -70.07 90.91 65.35
CA ILE RB 198 -70.09 92.20 64.66
C ILE RB 198 -70.72 92.04 63.28
N LEU RB 199 -71.58 92.98 62.91
CA LEU RB 199 -72.23 92.98 61.58
C LEU RB 199 -72.40 94.37 61.03
N ASN RB 200 -72.38 94.47 59.70
CA ASN RB 200 -72.68 95.71 58.99
C ASN RB 200 -74.14 95.73 58.58
N THR RB 201 -74.71 96.93 58.50
CA THR RB 201 -76.08 97.11 58.04
C THR RB 201 -76.23 98.46 57.33
N TYR RB 202 -77.01 98.48 56.25
CA TYR RB 202 -76.91 99.52 55.23
C TYR RB 202 -78.17 100.37 55.10
N ASN RB 203 -77.98 101.64 54.73
CA ASN RB 203 -79.04 102.65 54.60
C ASN RB 203 -79.90 102.83 55.85
N ALA RB 204 -80.89 101.95 56.04
CA ALA RB 204 -81.77 101.97 57.21
C ALA RB 204 -82.12 100.53 57.62
N GLY RB 205 -81.09 99.71 57.68
CA GLY RB 205 -81.23 98.32 58.09
C GLY RB 205 -81.09 98.21 59.60
N THR RB 206 -81.96 97.41 60.21
CA THR RB 206 -81.95 97.21 61.65
C THR RB 206 -80.86 96.21 62.05
N PRO RB 207 -80.26 96.36 63.25
CA PRO RB 207 -79.34 95.34 63.75
C PRO RB 207 -80.02 94.15 64.43
N PHE RB 208 -81.35 94.21 64.57
CA PHE RB 208 -82.13 93.17 65.24
C PHE RB 208 -82.61 92.20 64.16
N ASN RB 209 -82.26 90.92 64.32
CA ASN RB 209 -82.56 89.91 63.30
C ASN RB 209 -84.02 89.47 63.30
N PHE RB 210 -84.59 89.26 64.49
CA PHE RB 210 -85.95 88.71 64.65
C PHE RB 210 -87.07 89.45 63.91
N SER RB 211 -86.93 90.77 63.78
CA SER RB 211 -87.93 91.61 63.10
C SER RB 211 -88.02 91.35 61.60
N THR RB 212 -86.89 91.04 60.96
CA THR RB 212 -86.81 90.83 59.52
C THR RB 212 -86.45 89.39 59.10
N SER RB 213 -86.35 88.47 60.07
CA SER RB 213 -85.95 87.09 59.79
C SER RB 213 -87.07 86.30 59.10
N GLY RB 214 -86.82 85.85 57.88
CA GLY RB 214 -87.76 85.01 57.14
C GLY RB 214 -88.82 85.74 56.33
N VAL RB 215 -88.71 87.07 56.21
CA VAL RB 215 -89.60 87.87 55.35
C VAL RB 215 -89.50 87.44 53.88
N MET RB 216 -88.28 87.21 53.42
CA MET RB 216 -88.01 86.81 52.04
C MET RB 216 -88.61 85.44 51.73
N ASN RB 217 -88.47 84.53 52.71
CA ASN RB 217 -89.04 83.18 52.65
C ASN RB 217 -90.56 83.22 52.56
N GLU RB 218 -91.17 84.07 53.38
CA GLU RB 218 -92.62 84.28 53.38
C GLU RB 218 -93.11 84.79 52.01
N LEU RB 219 -92.41 85.78 51.48
CA LEU RB 219 -92.68 86.33 50.14
C LEU RB 219 -92.59 85.26 49.05
N ASN RB 220 -91.55 84.42 49.14
CA ASN RB 220 -91.38 83.30 48.24
C ASN RB 220 -92.57 82.35 48.31
N ASN RB 221 -92.95 81.98 49.53
CA ASN RB 221 -94.11 81.12 49.77
C ASN RB 221 -95.41 81.68 49.20
N GLN RB 222 -95.62 82.98 49.39
CA GLN RB 222 -96.76 83.69 48.81
C GLN RB 222 -96.78 83.61 47.28
N TYR RB 223 -95.60 83.84 46.69
CA TYR RB 223 -95.42 83.76 45.24
C TYR RB 223 -95.73 82.36 44.70
N THR RB 224 -95.29 81.33 45.42
CA THR RB 224 -95.55 79.94 45.06
C THR RB 224 -97.05 79.62 45.10
N ASN RB 225 -97.71 80.09 46.16
CA ASN RB 225 -99.16 79.96 46.32
C ASN RB 225 -99.93 80.61 45.17
N MET RB 226 -99.52 81.83 44.82
CA MET RB 226 -100.08 82.57 43.68
C MET RB 226 -99.94 81.81 42.36
N GLU RB 227 -98.76 81.26 42.14
CA GLU RB 227 -98.47 80.43 40.96
C GLU RB 227 -99.37 79.19 40.90
N LYS RB 228 -99.51 78.52 42.04
CA LYS RB 228 -100.41 77.35 42.17
C LYS RB 228 -101.85 77.70 41.84
N GLN RB 229 -102.32 78.81 42.38
CA GLN RB 229 -103.67 79.32 42.10
C GLN RB 229 -103.92 79.56 40.61
N ARG RB 230 -102.92 80.16 39.94
CA ARG RB 230 -102.97 80.39 38.49
C ARG RB 230 -102.90 79.07 37.71
N ALA RB 244 -88.77 69.62 44.05
CA ALA RB 244 -88.69 70.73 43.09
C ALA RB 244 -87.55 71.69 43.41
N LYS RB 245 -87.30 72.61 42.48
CA LYS RB 245 -86.29 73.66 42.64
C LYS RB 245 -86.72 74.65 43.73
N GLN RB 246 -87.97 75.11 43.61
CA GLN RB 246 -88.57 76.07 44.54
C GLN RB 246 -88.59 75.55 45.98
N ALA RB 247 -88.90 74.27 46.13
CA ALA RB 247 -88.89 73.59 47.44
C ALA RB 247 -87.48 73.54 48.04
N LYS RB 248 -86.50 73.24 47.18
CA LYS RB 248 -85.08 73.22 47.55
C LYS RB 248 -84.59 74.60 48.02
N THR RB 249 -85.00 75.65 47.30
CA THR RB 249 -84.64 77.03 47.64
C THR RB 249 -85.22 77.44 48.99
N LYS RB 250 -86.48 77.05 49.22
CA LYS RB 250 -87.17 77.27 50.49
C LYS RB 250 -86.43 76.59 51.65
N PHE RB 251 -86.06 75.33 51.43
CA PHE RB 251 -85.29 74.55 52.41
C PHE RB 251 -83.95 75.22 52.77
N ILE RB 252 -83.26 75.69 51.73
CA ILE RB 252 -82.00 76.44 51.88
C ILE RB 252 -82.19 77.70 52.73
N TYR RB 253 -83.24 78.46 52.40
CA TYR RB 253 -83.61 79.66 53.16
C TYR RB 253 -83.86 79.32 54.63
N GLU RB 254 -84.62 78.26 54.87
CA GLU RB 254 -84.95 77.81 56.23
C GLU RB 254 -83.70 77.49 57.05
N THR RB 255 -82.79 76.70 56.46
CA THR RB 255 -81.56 76.32 57.15
C THR RB 255 -80.62 77.51 57.38
N GLN RB 256 -80.59 78.46 56.45
CA GLN RB 256 -79.89 79.74 56.64
C GLN RB 256 -80.42 80.50 57.87
N GLN RB 257 -81.74 80.57 57.98
CA GLN RB 257 -82.40 81.32 59.06
C GLN RB 257 -82.24 80.69 60.43
N LYS RB 258 -82.65 79.42 60.55
CA LYS RB 258 -82.78 78.78 61.86
C LYS RB 258 -81.42 78.52 62.52
N GLY RB 259 -81.36 78.77 63.83
CA GLY RB 259 -80.13 78.61 64.60
C GLY RB 259 -79.84 77.18 64.97
N PHE RB 260 -78.88 77.00 65.88
CA PHE RB 260 -78.46 75.67 66.34
C PHE RB 260 -79.52 74.93 67.18
N SER RB 261 -80.41 75.67 67.82
CA SER RB 261 -81.46 75.08 68.67
C SER RB 261 -82.79 75.83 68.60
N GLY RB 262 -82.78 77.11 69.00
CA GLY RB 262 -83.99 77.93 69.09
C GLY RB 262 -84.71 78.18 67.77
N LYS RB 263 -85.98 78.55 67.89
CA LYS RB 263 -86.84 78.82 66.72
C LYS RB 263 -86.37 80.02 65.89
N GLU RB 264 -85.85 81.04 66.55
CA GLU RB 264 -85.17 82.17 65.88
C GLU RB 264 -84.03 82.71 66.75
N VAL RB 265 -83.35 83.73 66.25
CA VAL RB 265 -82.24 84.37 66.97
C VAL RB 265 -82.36 85.90 66.86
N SER RB 266 -81.88 86.59 67.89
CA SER RB 266 -81.87 88.05 67.94
C SER RB 266 -80.53 88.56 68.46
N TYR RB 267 -80.22 89.82 68.14
CA TYR RB 267 -78.93 90.44 68.48
C TYR RB 267 -79.12 91.69 69.33
N ILE RB 268 -78.49 91.71 70.50
CA ILE RB 268 -78.49 92.87 71.39
C ILE RB 268 -77.35 93.78 70.96
N PRO RB 269 -77.65 94.99 70.47
CA PRO RB 269 -76.57 95.89 70.04
C PRO RB 269 -75.83 96.50 71.23
N LEU RB 270 -74.50 96.54 71.15
CA LEU RB 270 -73.64 97.15 72.18
C LEU RB 270 -72.93 98.42 71.69
N LEU RB 271 -72.57 98.46 70.41
CA LEU RB 271 -71.85 99.59 69.82
C LEU RB 271 -72.27 99.77 68.37
N ALA RB 272 -72.55 101.02 67.98
CA ALA RB 272 -72.80 101.38 66.59
C ALA RB 272 -71.75 102.38 66.11
N ILE RB 273 -71.37 102.27 64.84
CA ILE RB 273 -70.46 103.23 64.21
C ILE RB 273 -70.95 103.53 62.79
N ASP RB 274 -71.34 104.78 62.55
CA ASP RB 274 -71.82 105.22 61.23
C ASP RB 274 -70.71 105.20 60.18
N ALA RB 275 -71.10 104.90 58.94
CA ALA RB 275 -70.17 104.83 57.80
C ALA RB 275 -70.47 105.86 56.70
N SER RB 276 -71.53 106.65 56.86
CA SER RB 276 -72.02 107.50 55.77
C SER RB 276 -71.12 108.73 55.55
N PRO RB 277 -71.00 109.18 54.29
CA PRO RB 277 -70.35 110.46 53.96
C PRO RB 277 -70.88 111.68 54.73
N LYS RB 278 -72.18 111.67 55.04
CA LYS RB 278 -72.85 112.76 55.78
C LYS RB 278 -72.04 113.33 56.95
N THR RB 279 -71.48 112.43 57.76
CA THR RB 279 -70.72 112.83 58.94
C THR RB 279 -69.31 113.33 58.61
N TRP RB 280 -68.52 112.46 57.98
CA TRP RB 280 -67.06 112.67 57.85
C TRP RB 280 -66.58 113.53 56.66
N LEU RB 281 -67.40 113.72 55.63
CA LEU RB 281 -67.02 114.59 54.48
C LEU RB 281 -66.75 116.04 54.85
N THR RB 282 -67.48 116.54 55.86
CA THR RB 282 -67.38 117.95 56.28
C THR RB 282 -66.01 118.29 56.87
N ASP RB 283 -65.52 117.44 57.77
CA ASP RB 283 -64.26 117.67 58.48
C ASP RB 283 -63.07 117.07 57.74
N TYR RB 284 -63.19 115.79 57.42
CA TYR RB 284 -62.06 114.98 56.95
C TYR RB 284 -61.88 114.92 55.43
N GLY RB 285 -62.83 115.49 54.69
CA GLY RB 285 -62.81 115.45 53.23
C GLY RB 285 -63.13 114.07 52.70
N VAL RB 286 -62.74 113.83 51.45
CA VAL RB 286 -63.00 112.54 50.78
C VAL RB 286 -62.07 111.45 51.30
N PHE RB 287 -60.79 111.77 51.43
CA PHE RB 287 -59.75 110.77 51.65
C PHE RB 287 -59.59 110.35 53.12
N GLY RB 288 -60.17 111.11 54.04
CA GLY RB 288 -59.97 110.89 55.48
C GLY RB 288 -61.05 110.11 56.19
N LYS RB 289 -61.58 109.06 55.55
CA LYS RB 289 -62.55 108.17 56.21
C LYS RB 289 -61.87 107.32 57.27
N ARG RB 290 -60.75 106.70 56.89
CA ARG RB 290 -59.95 105.86 57.79
C ARG RB 290 -59.49 106.62 59.04
N GLU RB 291 -59.01 107.84 58.82
CA GLU RB 291 -58.60 108.75 59.89
C GLU RB 291 -59.76 109.03 60.85
N TYR RB 292 -60.92 109.34 60.28
CA TYR RB 292 -62.16 109.56 61.03
C TYR RB 292 -62.50 108.35 61.92
N LEU RB 293 -62.46 107.16 61.32
CA LEU RB 293 -62.75 105.90 62.03
C LEU RB 293 -61.78 105.65 63.18
N GLU RB 294 -60.51 105.92 62.92
CA GLU RB 294 -59.45 105.88 63.95
C GLU RB 294 -59.78 106.79 65.13
N ARG RB 295 -60.13 108.04 64.81
CA ARG RB 295 -60.53 109.04 65.81
C ARG RB 295 -61.75 108.59 66.62
N VAL RB 296 -62.75 108.07 65.93
CA VAL RB 296 -63.95 107.51 66.56
C VAL RB 296 -63.56 106.44 67.56
N TRP RB 297 -62.70 105.52 67.11
CA TRP RB 297 -62.25 104.41 67.93
C TRP RB 297 -61.51 104.86 69.19
N ASP RB 298 -60.62 105.84 69.02
CA ASP RB 298 -59.92 106.48 70.14
C ASP RB 298 -60.89 107.10 71.16
N SER RB 299 -61.98 107.68 70.66
CA SER RB 299 -62.95 108.40 71.49
C SER RB 299 -64.27 107.65 71.77
N ILE RB 300 -64.20 106.33 71.92
CA ILE RB 300 -65.36 105.55 72.40
C ILE RB 300 -65.39 105.57 73.92
N GLU RB 301 -66.57 105.77 74.49
CA GLU RB 301 -66.79 105.62 75.93
C GLU RB 301 -67.23 104.18 76.19
N TRP RB 302 -66.27 103.35 76.64
CA TRP RB 302 -66.48 101.90 76.81
C TRP RB 302 -67.38 101.52 77.98
N LYS RB 303 -67.57 102.43 78.94
CA LYS RB 303 -68.45 102.20 80.10
C LYS RB 303 -69.89 101.92 79.68
N ILE RB 304 -70.37 102.71 78.73
CA ILE RB 304 -71.71 102.57 78.16
C ILE RB 304 -71.88 101.21 77.48
N VAL RB 305 -70.86 100.84 76.71
CA VAL RB 305 -70.82 99.54 76.00
C VAL RB 305 -70.88 98.38 77.00
N GLU RB 306 -70.11 98.50 78.07
CA GLU RB 306 -70.09 97.50 79.15
C GLU RB 306 -71.45 97.36 79.82
N SER RB 307 -72.09 98.50 80.08
CA SER RB 307 -73.43 98.52 80.70
C SER RB 307 -74.47 97.84 79.80
N ARG RB 308 -74.41 98.13 78.50
CA ARG RB 308 -75.25 97.48 77.49
C ARG RB 308 -75.08 95.96 77.45
N LEU RB 309 -73.82 95.51 77.59
CA LEU RB 309 -73.48 94.08 77.59
C LEU RB 309 -74.19 93.37 78.76
N PRO RB 310 -75.07 92.38 78.46
CA PRO RB 310 -75.73 91.65 79.55
C PRO RB 310 -74.89 90.55 80.18
N GLN RB 311 -75.46 89.84 81.15
CA GLN RB 311 -74.78 88.71 81.81
C GLN RB 311 -74.64 87.51 80.88
N ARG RB 312 -73.54 86.77 81.04
CA ARG RB 312 -73.20 85.62 80.21
C ARG RB 312 -73.77 84.33 80.80
N THR RB 313 -74.04 83.36 79.93
CA THR RB 313 -74.58 82.06 80.33
C THR RB 313 -73.49 81.15 80.86
N GLU SB 42 123.41 31.34 -17.80
CA GLU SB 42 121.97 31.00 -18.09
C GLU SB 42 121.16 30.88 -16.81
N ILE SB 43 121.68 30.11 -15.86
CA ILE SB 43 121.05 29.93 -14.54
C ILE SB 43 120.94 31.26 -13.77
N ALA SB 44 121.98 32.08 -13.86
CA ALA SB 44 122.01 33.41 -13.24
C ALA SB 44 120.94 34.31 -13.84
N LYS SB 45 120.82 34.28 -15.16
CA LYS SB 45 119.79 35.01 -15.90
C LYS SB 45 118.37 34.58 -15.48
N ALA SB 46 118.18 33.27 -15.37
CA ALA SB 46 116.90 32.69 -14.92
C ALA SB 46 116.53 33.14 -13.51
N LYS SB 47 117.53 33.15 -12.62
CA LYS SB 47 117.37 33.65 -11.24
C LYS SB 47 116.95 35.12 -11.20
N LEU SB 48 117.63 35.93 -12.01
CA LEU SB 48 117.32 37.36 -12.15
C LEU SB 48 115.88 37.58 -12.62
N ASP SB 49 115.47 36.81 -13.62
CA ASP SB 49 114.10 36.85 -14.15
C ASP SB 49 113.07 36.51 -13.08
N GLU SB 50 113.35 35.46 -12.32
CA GLU SB 50 112.50 35.04 -11.19
C GLU SB 50 112.36 36.13 -10.14
N PHE SB 51 113.49 36.75 -9.80
CA PHE SB 51 113.56 37.88 -8.86
C PHE SB 51 112.73 39.08 -9.33
N LEU SB 52 112.82 39.36 -10.63
CA LEU SB 52 112.05 40.42 -11.28
C LEU SB 52 110.55 40.13 -11.20
N ILE SB 53 110.18 38.90 -11.52
CA ILE SB 53 108.79 38.41 -11.45
C ILE SB 53 108.22 38.55 -10.04
N TYR SB 54 109.01 38.11 -9.06
CA TYR SB 54 108.66 38.24 -7.64
C TYR SB 54 108.33 39.68 -7.25
N HIS SB 55 109.23 40.59 -7.63
CA HIS SB 55 109.06 42.00 -7.30
C HIS SB 55 107.88 42.65 -8.03
N LYS SB 56 107.62 42.20 -9.26
CA LYS SB 56 106.40 42.60 -9.98
C LYS SB 56 105.10 42.18 -9.28
N THR SB 57 105.11 40.97 -8.72
CA THR SB 57 103.93 40.40 -8.02
C THR SB 57 103.34 41.40 -7.03
N ASP SB 58 102.02 41.47 -6.99
CA ASP SB 58 101.32 42.44 -6.14
C ASP SB 58 101.57 42.16 -4.66
N ALA SB 59 101.63 43.22 -3.87
CA ALA SB 59 101.88 43.14 -2.42
C ALA SB 59 100.79 42.36 -1.66
N LYS SB 60 99.58 42.34 -2.22
CA LYS SB 60 98.48 41.52 -1.70
C LYS SB 60 98.66 40.04 -2.04
N LEU SB 61 99.16 39.76 -3.25
CA LEU SB 61 99.39 38.37 -3.72
C LEU SB 61 100.68 37.74 -3.18
N LYS SB 62 101.75 38.54 -3.07
CA LYS SB 62 103.07 38.08 -2.61
C LYS SB 62 103.07 37.06 -1.45
N PRO SB 63 102.46 37.40 -0.30
CA PRO SB 63 102.58 36.51 0.87
C PRO SB 63 101.82 35.18 0.76
N PHE SB 64 100.91 35.06 -0.21
CA PHE SB 64 100.25 33.79 -0.50
C PHE SB 64 101.04 32.96 -1.50
N ILE SB 65 101.52 33.58 -2.58
CA ILE SB 65 102.20 32.86 -3.67
C ILE SB 65 103.74 32.83 -3.56
N TYR SB 66 104.29 33.31 -2.44
CA TYR SB 66 105.72 33.14 -2.11
C TYR SB 66 105.93 32.79 -0.63
N ARG SB 67 105.10 31.87 -0.13
CA ARG SB 67 105.24 31.32 1.23
C ARG SB 67 104.80 29.85 1.25
N PRO SB 68 105.58 28.96 1.90
CA PRO SB 68 105.22 27.55 1.97
C PRO SB 68 104.02 27.24 2.87
N LYS SB 69 103.81 28.03 3.94
CA LYS SB 69 102.68 27.83 4.85
C LYS SB 69 101.32 28.15 4.20
N ASN SB 70 101.33 29.05 3.21
CA ASN SB 70 100.12 29.46 2.49
C ASN SB 70 100.01 28.79 1.10
N ALA SB 71 100.11 27.45 1.10
CA ALA SB 71 99.90 26.64 -0.11
C ALA SB 71 98.44 26.22 -0.21
N GLN SB 72 97.93 25.69 0.90
CA GLN SB 72 96.52 25.31 1.05
C GLN SB 72 95.56 26.46 0.74
N ILE SB 73 95.88 27.63 1.30
CA ILE SB 73 95.11 28.86 1.07
C ILE SB 73 95.09 29.24 -0.41
N LEU SB 74 96.26 29.14 -1.04
CA LEU SB 74 96.42 29.43 -2.47
C LEU SB 74 95.54 28.50 -3.32
N LEU SB 75 95.59 27.21 -3.01
CA LEU SB 75 94.77 26.19 -3.67
C LEU SB 75 93.28 26.51 -3.57
N THR SB 76 92.84 26.89 -2.38
CA THR SB 76 91.43 27.22 -2.12
C THR SB 76 91.01 28.53 -2.80
N LYS SB 77 91.78 29.60 -2.59
CA LYS SB 77 91.41 30.94 -3.04
C LYS SB 77 91.73 31.19 -4.52
N ASP SB 78 92.97 30.89 -4.92
CA ASP SB 78 93.48 31.11 -6.29
C ASP SB 78 93.50 32.59 -6.66
N GLU SB 115 119.79 40.51 -27.03
CA GLU SB 115 119.18 39.84 -25.88
C GLU SB 115 119.43 40.62 -24.59
N LEU SB 116 120.69 40.98 -24.36
CA LEU SB 116 121.10 41.78 -23.19
C LEU SB 116 120.37 43.12 -23.14
N LEU SB 117 120.31 43.78 -24.29
CA LEU SB 117 119.60 45.07 -24.43
C LEU SB 117 118.12 44.94 -24.10
N ASP SB 118 117.51 43.87 -24.61
CA ASP SB 118 116.10 43.54 -24.35
C ASP SB 118 115.84 43.29 -22.86
N TRP SB 119 116.74 42.54 -22.23
CA TRP SB 119 116.69 42.29 -20.79
C TRP SB 119 116.76 43.59 -19.99
N PHE SB 120 117.70 44.45 -20.37
CA PHE SB 120 117.89 45.75 -19.72
C PHE SB 120 116.63 46.60 -19.82
N LYS SB 121 116.06 46.65 -21.03
CA LYS SB 121 114.80 47.36 -21.29
C LYS SB 121 113.66 46.84 -20.42
N GLU SB 122 113.56 45.52 -20.30
CA GLU SB 122 112.57 44.87 -19.44
C GLU SB 122 112.74 45.27 -17.98
N TRP SB 123 113.99 45.28 -17.52
CA TRP SB 123 114.37 45.69 -16.17
C TRP SB 123 113.98 47.13 -15.87
N THR SB 124 114.22 48.01 -16.84
CA THR SB 124 113.86 49.43 -16.73
C THR SB 124 112.34 49.62 -16.66
N GLY SB 125 111.62 48.82 -17.43
CA GLY SB 125 110.15 48.86 -17.49
C GLY SB 125 109.38 48.73 -16.18
N THR SB 126 110.00 48.11 -15.17
CA THR SB 126 109.41 48.04 -13.83
C THR SB 126 109.28 49.42 -13.18
N SER SB 127 108.44 49.50 -12.16
CA SER SB 127 108.09 50.76 -11.52
C SER SB 127 109.26 51.38 -10.74
N ILE SB 128 109.32 52.71 -10.77
CA ILE SB 128 110.22 53.50 -9.92
C ILE SB 128 109.96 53.20 -8.44
N ARG SB 129 108.67 53.08 -8.10
CA ARG SB 129 108.20 52.84 -6.73
C ARG SB 129 108.93 51.71 -6.01
N LYS SB 130 109.11 50.58 -6.70
CA LYS SB 130 109.82 49.42 -6.14
C LYS SB 130 111.34 49.59 -6.28
N ARG SB 131 111.95 50.10 -5.22
CA ARG SB 131 113.37 50.48 -5.23
C ARG SB 131 114.37 49.32 -5.18
N ALA SB 132 113.93 48.14 -4.72
CA ALA SB 132 114.77 46.94 -4.67
C ALA SB 132 115.38 46.59 -6.03
N ILE SB 133 114.57 46.71 -7.07
CA ILE SB 133 115.01 46.54 -8.46
C ILE SB 133 115.96 47.67 -8.90
N TRP SB 134 115.58 48.92 -8.60
CA TRP SB 134 116.37 50.09 -9.01
C TRP SB 134 117.66 50.30 -8.20
N THR SB 135 117.78 49.64 -7.05
CA THR SB 135 119.05 49.59 -6.29
C THR SB 135 119.81 48.34 -6.72
N TYR SB 136 120.47 48.43 -7.88
CA TYR SB 136 121.12 47.26 -8.49
C TYR SB 136 122.11 47.69 -9.58
N PHE TB 1 -4.07 70.42 -26.98
CA PHE TB 1 -4.28 69.83 -28.34
C PHE TB 1 -3.64 70.68 -29.43
N SER TB 2 -2.54 70.20 -30.01
CA SER TB 2 -1.84 70.86 -31.11
C SER TB 2 -1.78 69.96 -32.33
N ARG TB 3 -2.19 70.50 -33.48
CA ARG TB 3 -1.96 69.87 -34.78
C ARG TB 3 -0.85 70.61 -35.50
N ARG TB 4 -0.43 70.07 -36.64
CA ARG TB 4 0.39 70.81 -37.60
C ARG TB 4 -0.56 71.70 -38.39
N ARG TB 5 -0.49 72.99 -38.11
CA ARG TB 5 -1.37 73.98 -38.76
C ARG TB 5 -0.62 74.70 -39.85
N ILE TB 6 -1.02 74.44 -41.09
CA ILE TB 6 -0.51 75.16 -42.26
C ILE TB 6 -0.91 76.62 -42.11
N ALA TB 7 0.06 77.52 -42.30
CA ALA TB 7 -0.12 78.93 -41.97
C ALA TB 7 -0.84 79.68 -43.08
N TYR TB 8 -2.16 79.51 -43.14
CA TYR TB 8 -3.00 80.27 -44.06
C TYR TB 8 -3.19 81.67 -43.48
N PRO TB 9 -3.50 82.66 -44.33
CA PRO TB 9 -3.84 83.98 -43.79
C PRO TB 9 -5.07 83.97 -42.89
N PHE TB 10 -4.97 84.67 -41.76
CA PHE TB 10 -6.12 84.91 -40.88
C PHE TB 10 -7.22 85.70 -41.60
N TYR TB 11 -6.80 86.63 -42.46
CA TYR TB 11 -7.72 87.42 -43.27
C TYR TB 11 -8.34 86.58 -44.40
N PRO TB 12 -9.50 87.01 -44.94
CA PRO TB 12 -10.15 86.24 -46.00
C PRO TB 12 -9.57 86.55 -47.38
N PHE TB 13 -9.44 85.50 -48.21
CA PHE TB 13 -8.89 85.61 -49.56
C PHE TB 13 -9.60 84.63 -50.48
N LYS TB 14 -9.53 84.88 -51.79
CA LYS TB 14 -10.13 83.99 -52.78
C LYS TB 14 -9.36 82.68 -52.87
N LYS TB 15 -9.94 81.63 -52.29
CA LYS TB 15 -9.36 80.29 -52.34
C LYS TB 15 -9.47 79.69 -53.74
N LEU TB 16 -8.78 78.56 -53.92
CA LEU TB 16 -8.97 77.73 -55.09
C LEU TB 16 -10.31 77.01 -54.93
N GLY TB 17 -10.97 76.73 -56.05
CA GLY TB 17 -12.25 75.99 -56.05
C GLY TB 17 -12.06 74.69 -56.79
N ARG TB 18 -12.08 74.78 -58.11
CA ARG TB 18 -11.56 73.75 -59.00
C ARG TB 18 -10.61 74.43 -59.96
N GLN TB 19 -9.71 73.64 -60.55
CA GLN TB 19 -8.76 74.17 -61.53
C GLN TB 19 -8.18 73.08 -62.42
N HIS TB 20 -7.68 73.51 -63.58
CA HIS TB 20 -7.16 72.62 -64.61
C HIS TB 20 -6.08 71.69 -64.04
N PRO TB 21 -6.25 70.35 -64.19
CA PRO TB 21 -5.37 69.34 -63.60
C PRO TB 21 -3.86 69.63 -63.59
N LYS TB 22 -3.35 70.19 -64.68
CA LYS TB 22 -1.91 70.40 -64.81
C LYS TB 22 -1.30 71.52 -63.96
N LYS TB 23 -2.08 72.53 -63.56
CA LYS TB 23 -1.49 73.74 -62.94
C LYS TB 23 -0.91 73.56 -61.52
N HIS TB 24 -1.51 72.64 -60.74
CA HIS TB 24 -0.96 72.21 -59.44
C HIS TB 24 -0.81 73.31 -58.37
N ASP TB 25 -1.67 74.32 -58.41
CA ASP TB 25 -1.52 75.50 -57.56
C ASP TB 25 -1.97 75.24 -56.13
N THR TB 26 -1.43 76.01 -55.18
CA THR TB 26 -1.77 75.91 -53.76
C THR TB 26 -2.47 77.18 -53.28
N ASN TB 27 -3.27 77.03 -52.21
CA ASN TB 27 -4.02 78.15 -51.63
C ASN TB 27 -3.14 79.25 -51.02
N LEU TB 28 -2.04 78.83 -50.38
CA LEU TB 28 -1.03 79.75 -49.86
C LEU TB 28 -0.41 80.61 -50.96
N LYS TB 29 -0.04 79.95 -52.06
CA LYS TB 29 0.51 80.63 -53.25
C LYS TB 29 -0.48 81.63 -53.84
N THR TB 30 -1.74 81.24 -53.89
CA THR TB 30 -2.83 82.11 -54.35
C THR TB 30 -2.98 83.35 -53.47
N ALA TB 31 -2.95 83.13 -52.16
CA ALA TB 31 -3.00 84.20 -51.17
C ALA TB 31 -1.84 85.17 -51.31
N MET TB 32 -0.65 84.62 -51.54
CA MET TB 32 0.56 85.43 -51.77
C MET TB 32 0.43 86.29 -53.03
N ARG TB 33 -0.03 85.67 -54.12
CA ARG TB 33 -0.29 86.39 -55.38
C ARG TB 33 -1.24 87.57 -55.18
N GLN TB 34 -2.34 87.31 -54.48
CA GLN TB 34 -3.34 88.33 -54.15
C GLN TB 34 -2.74 89.50 -53.37
N PHE TB 35 -1.95 89.16 -52.36
CA PHE TB 35 -1.21 90.14 -51.56
C PHE TB 35 -0.31 91.02 -52.43
N LEU TB 36 0.44 90.36 -53.31
CA LEU TB 36 1.36 91.04 -54.22
C LEU TB 36 0.67 91.94 -55.23
N GLY TB 37 -0.44 91.46 -55.80
CA GLY TB 37 -1.06 92.08 -56.97
C GLY TB 37 -0.35 91.62 -58.22
N PRO TB 38 -0.68 92.22 -59.38
CA PRO TB 38 -0.09 91.82 -60.65
C PRO TB 38 1.34 92.33 -60.83
N LYS TB 39 2.19 91.49 -61.45
CA LYS TB 39 3.61 91.79 -61.64
C LYS TB 39 3.85 92.34 -63.04
N ASN TB 40 4.76 93.32 -63.14
CA ASN TB 40 5.09 93.95 -64.43
C ASN TB 40 5.96 93.07 -65.32
N TYR TB 41 6.05 93.48 -66.58
CA TYR TB 41 7.11 93.05 -67.50
C TYR TB 41 8.52 93.25 -66.94
N LYS TB 42 8.73 94.34 -66.20
CA LYS TB 42 9.99 94.62 -65.52
C LYS TB 42 10.28 93.63 -64.37
N GLY TB 43 9.24 93.30 -63.62
CA GLY TB 43 9.35 92.49 -62.39
C GLY TB 43 8.69 93.11 -61.16
N GLU TB 44 8.29 94.39 -61.24
CA GLU TB 44 7.77 95.12 -60.09
C GLU TB 44 6.32 94.77 -59.76
N TYR TB 45 6.04 94.52 -58.48
CA TYR TB 45 4.69 94.42 -57.94
C TYR TB 45 4.22 95.83 -57.55
N VAL TB 46 3.70 96.56 -58.53
CA VAL TB 46 3.39 97.99 -58.38
C VAL TB 46 2.20 98.28 -57.46
N MET TB 47 1.17 97.43 -57.55
CA MET TB 47 -0.10 97.69 -56.83
C MET TB 47 0.01 97.45 -55.32
N ASN TB 48 1.01 96.71 -54.87
CA ASN TB 48 1.27 96.52 -53.45
C ASN TB 48 1.67 97.83 -52.78
N LYS TB 49 0.94 98.20 -51.72
CA LYS TB 49 1.30 99.31 -50.82
C LYS TB 49 2.79 99.39 -50.49
N TYR TB 50 3.32 98.24 -50.07
CA TYR TB 50 4.63 98.16 -49.44
C TYR TB 50 5.80 97.98 -50.40
N PHE TB 51 5.55 98.10 -51.72
CA PHE TB 51 6.60 97.96 -52.71
C PHE TB 51 7.49 99.19 -52.75
N THR TB 52 6.88 100.35 -53.02
CA THR TB 52 7.62 101.60 -53.12
C THR TB 52 8.06 102.08 -51.74
N VAL TB 53 9.04 102.98 -51.73
CA VAL TB 53 9.66 103.47 -50.50
C VAL TB 53 9.11 104.86 -50.19
N PRO TB 54 8.75 105.12 -48.91
CA PRO TB 54 8.16 106.42 -48.57
C PRO TB 54 9.17 107.56 -48.60
N THR TB 55 8.72 108.72 -49.09
CA THR TB 55 9.53 109.94 -49.14
C THR TB 55 8.89 111.02 -48.27
N ASN TB 56 8.44 110.62 -47.09
CA ASN TB 56 7.56 111.43 -46.24
C ASN TB 56 8.06 111.71 -44.81
N HIS TB 57 9.16 111.06 -44.40
CA HIS TB 57 9.53 110.91 -42.98
C HIS TB 57 8.41 110.26 -42.14
N VAL TB 58 7.72 109.29 -42.76
CA VAL TB 58 6.64 108.55 -42.14
C VAL TB 58 6.78 107.09 -42.60
N PRO TB 59 7.31 106.20 -41.74
CA PRO TB 59 7.59 104.84 -42.19
C PRO TB 59 6.34 104.05 -42.56
N ASN TB 60 6.37 103.40 -43.71
CA ASN TB 60 5.25 102.60 -44.21
C ASN TB 60 5.37 101.18 -43.69
N TYR TB 61 5.11 101.05 -42.39
CA TYR TB 61 5.09 99.75 -41.72
C TYR TB 61 3.76 99.07 -41.96
N ILE TB 62 3.67 97.82 -41.53
CA ILE TB 62 2.61 96.93 -41.97
C ILE TB 62 1.41 97.02 -41.04
N LYS TB 63 0.21 97.03 -41.63
CA LYS TB 63 -1.05 96.99 -40.88
C LYS TB 63 -1.99 95.94 -41.49
N PRO TB 64 -1.65 94.64 -41.32
CA PRO TB 64 -2.50 93.58 -41.86
C PRO TB 64 -3.81 93.40 -41.09
N ASP TB 65 -3.78 93.67 -39.78
CA ASP TB 65 -4.98 93.65 -38.94
C ASP TB 65 -5.99 94.75 -39.29
N LEU TB 66 -5.50 95.92 -39.72
CA LEU TB 66 -6.37 97.08 -39.98
C LEU TB 66 -7.06 96.99 -41.34
N GLU TB 67 -6.26 96.81 -42.39
CA GLU TB 67 -6.79 96.70 -43.75
C GLU TB 67 -7.38 95.32 -44.09
N ARG TB 68 -7.33 94.38 -43.14
CA ARG TB 68 -7.92 93.04 -43.27
C ARG TB 68 -7.31 92.27 -44.45
N GLY TB 69 -5.99 92.37 -44.56
CA GLY TB 69 -5.22 91.67 -45.59
C GLY TB 69 -5.19 92.27 -46.98
N GLN TB 70 -5.93 93.34 -47.22
CA GLN TB 70 -6.03 93.94 -48.55
C GLN TB 70 -5.02 95.05 -48.71
N SER TB 71 -3.88 94.69 -49.29
CA SER TB 71 -2.70 95.54 -49.38
C SER TB 71 -2.63 96.43 -50.62
N LEU TB 72 -3.51 96.18 -51.60
CA LEU TB 72 -3.37 96.79 -52.92
C LEU TB 72 -3.90 98.22 -53.01
N GLU TB 73 -3.00 99.16 -53.30
CA GLU TB 73 -3.34 100.56 -53.55
C GLU TB 73 -2.99 100.94 -54.99
N HIS TB 74 -3.67 101.96 -55.52
CA HIS TB 74 -3.32 102.51 -56.83
C HIS TB 74 -2.07 103.39 -56.66
N PRO TB 75 -0.99 103.10 -57.43
CA PRO TB 75 0.33 103.73 -57.19
C PRO TB 75 0.37 105.26 -57.26
N VAL TB 76 -0.37 105.85 -58.20
CA VAL TB 76 -0.34 107.31 -58.42
C VAL TB 76 -1.11 108.07 -57.32
N THR TB 77 -2.27 107.53 -56.94
CA THR TB 77 -3.21 108.21 -56.03
C THR TB 77 -3.22 107.65 -54.59
N LYS TB 78 -2.47 106.56 -54.36
CA LYS TB 78 -2.47 105.81 -53.09
C LYS TB 78 -3.86 105.47 -52.51
N LYS TB 79 -4.82 105.21 -53.40
CA LYS TB 79 -6.20 104.88 -53.00
C LYS TB 79 -6.39 103.37 -53.05
N PRO TB 80 -7.09 102.79 -52.04
CA PRO TB 80 -7.17 101.35 -51.86
C PRO TB 80 -8.00 100.64 -52.94
N LEU TB 81 -7.70 99.36 -53.15
CA LEU TB 81 -8.37 98.52 -54.15
C LEU TB 81 -8.64 97.12 -53.59
N GLN TB 82 -9.46 96.35 -54.32
CA GLN TB 82 -9.77 94.97 -53.96
C GLN TB 82 -9.76 94.07 -55.19
N LEU TB 83 -9.84 92.77 -54.95
CA LEU TB 83 -10.00 91.76 -55.99
C LEU TB 83 -11.49 91.39 -56.08
N ARG TB 84 -12.13 91.76 -57.18
CA ARG TB 84 -13.56 91.53 -57.40
C ARG TB 84 -13.82 90.11 -57.93
N TYR TB 85 -15.08 89.77 -58.21
CA TYR TB 85 -15.43 88.47 -58.81
C TYR TB 85 -14.71 88.19 -60.14
N ASP TB 86 -14.53 89.23 -60.96
CA ASP TB 86 -13.65 89.16 -62.13
C ASP TB 86 -12.19 89.36 -61.70
N GLY TB 87 -11.27 88.91 -62.53
CA GLY TB 87 -9.82 89.04 -62.28
C GLY TB 87 -9.30 90.47 -62.17
N THR TB 88 -10.01 91.43 -62.76
CA THR TB 88 -9.65 92.85 -62.68
C THR TB 88 -9.82 93.41 -61.28
N LEU TB 89 -8.94 94.34 -60.91
CA LEU TB 89 -9.03 95.06 -59.63
C LEU TB 89 -10.00 96.24 -59.74
N GLY TB 90 -10.44 96.72 -58.59
CA GLY TB 90 -11.32 97.89 -58.51
C GLY TB 90 -11.42 98.43 -57.10
N PRO TB 91 -12.06 99.61 -56.92
CA PRO TB 91 -12.15 100.19 -55.57
C PRO TB 91 -13.10 99.43 -54.64
N PRO TB 92 -12.91 99.55 -53.32
CA PRO TB 92 -13.77 98.87 -52.36
C PRO TB 92 -15.13 99.57 -52.22
N PRO TB 93 -16.21 98.80 -51.92
CA PRO TB 93 -17.51 99.42 -51.71
C PRO TB 93 -17.61 100.20 -50.39
N VAL TB 94 -17.11 99.60 -49.31
CA VAL TB 94 -17.11 100.22 -47.98
C VAL TB 94 -15.70 100.73 -47.66
N GLU TB 95 -15.62 101.93 -47.10
CA GLU TB 95 -14.34 102.53 -46.72
C GLU TB 95 -13.92 102.06 -45.32
N ASN TB 96 -12.61 101.89 -45.13
CA ASN TB 96 -12.05 101.43 -43.85
C ASN TB 96 -11.78 102.59 -42.90
N LYS TB 97 -12.47 102.59 -41.75
CA LYS TB 97 -12.25 103.59 -40.70
C LYS TB 97 -10.98 103.33 -39.88
N ARG TB 98 -10.51 102.08 -39.88
CA ARG TB 98 -9.30 101.69 -39.13
C ARG TB 98 -8.03 102.34 -39.69
N LEU TB 99 -7.87 102.30 -41.01
CA LEU TB 99 -6.73 102.93 -41.68
C LEU TB 99 -6.73 104.46 -41.62
N GLN TB 100 -7.93 105.05 -41.57
CA GLN TB 100 -8.08 106.51 -41.56
C GLN TB 100 -7.69 107.06 -40.18
N ASN TB 101 -8.23 106.46 -39.14
CA ASN TB 101 -7.93 106.82 -37.75
C ASN TB 101 -6.88 105.87 -37.15
N ILE TB 102 -5.61 106.32 -37.18
CA ILE TB 102 -4.49 105.57 -36.61
C ILE TB 102 -3.68 106.46 -35.67
N PHE TB 103 -3.03 105.84 -34.69
CA PHE TB 103 -2.35 106.57 -33.61
C PHE TB 103 -0.94 106.97 -34.01
N LYS TB 104 -0.31 107.78 -33.15
CA LYS TB 104 1.09 108.21 -33.33
C LYS TB 104 2.06 107.05 -33.12
N ASP TB 105 1.86 106.33 -32.02
CA ASP TB 105 2.74 105.21 -31.63
C ASP TB 105 2.74 104.05 -32.62
N ARG TB 106 1.57 103.73 -33.16
CA ARG TB 106 1.43 102.58 -34.08
C ARG TB 106 2.01 102.85 -35.48
N LEU TB 107 2.13 104.12 -35.87
CA LEU TB 107 2.85 104.48 -37.11
C LEU TB 107 4.35 104.17 -37.02
N LEU TB 108 4.91 104.23 -35.81
CA LEU TB 108 6.29 103.82 -35.53
C LEU TB 108 6.34 102.46 -34.83
N GLN TB 109 5.61 101.50 -35.40
CA GLN TB 109 5.52 100.14 -34.86
C GLN TB 109 5.68 99.17 -36.03
N PRO TB 110 6.92 98.70 -36.31
CA PRO TB 110 7.19 97.92 -37.52
C PRO TB 110 6.41 96.62 -37.65
N PHE TB 111 6.26 95.90 -36.53
CA PHE TB 111 5.54 94.64 -36.51
C PHE TB 111 4.22 94.81 -35.75
N PRO TB 112 3.10 94.31 -36.34
CA PRO TB 112 1.79 94.48 -35.72
C PRO TB 112 1.63 93.75 -34.38
N SER TB 113 2.29 92.60 -34.25
CA SER TB 113 2.12 91.72 -33.09
C SER TB 113 2.94 92.13 -31.85
N ASN TB 114 3.96 92.97 -32.03
CA ASN TB 114 4.79 93.47 -30.93
C ASN TB 114 4.67 95.00 -30.77
N PRO TB 115 3.83 95.45 -29.83
CA PRO TB 115 3.72 96.88 -29.49
C PRO TB 115 5.00 97.54 -28.96
N HIS TB 116 5.86 96.76 -28.31
CA HIS TB 116 7.02 97.31 -27.61
C HIS TB 116 8.11 97.75 -28.57
N CYS TB 117 8.39 96.92 -29.58
CA CYS TB 117 9.32 97.29 -30.63
C CYS TB 117 8.81 98.52 -31.38
N LYS TB 118 9.57 99.61 -31.29
CA LYS TB 118 9.33 100.82 -32.08
C LYS TB 118 10.61 101.22 -32.78
N THR TB 119 10.49 102.01 -33.84
CA THR TB 119 11.65 102.55 -34.52
C THR TB 119 12.22 103.75 -33.78
N ASN TB 120 13.55 103.81 -33.73
CA ASN TB 120 14.27 104.97 -33.23
C ASN TB 120 14.26 106.04 -34.31
N TYR TB 121 14.31 107.30 -33.89
CA TYR TB 121 14.30 108.44 -34.82
C TYR TB 121 15.66 108.62 -35.46
N VAL TB 122 15.69 109.32 -36.59
CA VAL TB 122 16.92 109.67 -37.29
C VAL TB 122 17.26 111.13 -37.02
N LEU TB 123 18.53 111.40 -36.77
CA LEU TB 123 19.02 112.75 -36.60
C LEU TB 123 19.17 113.43 -37.96
N SER TB 124 18.73 114.69 -38.02
CA SER TB 124 18.97 115.51 -39.19
C SER TB 124 20.46 115.85 -39.28
N PRO TB 125 21.03 115.89 -40.51
CA PRO TB 125 22.47 116.11 -40.70
C PRO TB 125 22.97 117.44 -40.13
N GLN TB 126 22.12 118.45 -40.18
CA GLN TB 126 22.40 119.79 -39.65
C GLN TB 126 22.60 119.74 -38.13
N LEU TB 127 21.70 119.02 -37.46
CA LEU TB 127 21.74 118.82 -36.01
C LEU TB 127 23.03 118.11 -35.59
N LYS TB 128 23.37 117.03 -36.31
CA LYS TB 128 24.61 116.28 -36.08
C LYS TB 128 25.84 117.18 -36.20
N GLN TB 129 25.86 117.98 -37.26
CA GLN TB 129 26.91 118.98 -37.50
C GLN TB 129 27.06 119.96 -36.35
N SER TB 130 25.93 120.47 -35.87
CA SER TB 130 25.89 121.43 -34.75
C SER TB 130 26.44 120.80 -33.46
N ILE TB 131 26.04 119.55 -33.21
CA ILE TB 131 26.56 118.75 -32.09
C ILE TB 131 28.09 118.60 -32.17
N PHE TB 132 28.57 118.25 -33.35
CA PHE TB 132 30.00 118.08 -33.62
C PHE TB 132 30.78 119.36 -33.35
N GLU TB 133 30.25 120.48 -33.84
CA GLU TB 133 30.81 121.81 -33.61
C GLU TB 133 30.90 122.15 -32.12
N GLU TB 134 29.81 121.88 -31.40
CA GLU TB 134 29.73 122.11 -29.96
C GLU TB 134 30.79 121.35 -29.19
N ILE TB 135 30.97 120.09 -29.53
CA ILE TB 135 31.95 119.22 -28.86
C ILE TB 135 33.40 119.61 -29.19
N THR TB 136 33.67 120.03 -30.42
CA THR TB 136 35.04 120.29 -30.87
C THR TB 136 35.47 121.76 -30.75
N VAL TB 137 34.75 122.63 -31.44
CA VAL TB 137 35.14 124.05 -31.57
C VAL TB 137 34.78 124.84 -30.32
N GLU TB 138 33.51 124.78 -29.94
CA GLU TB 138 33.02 125.45 -28.73
C GLU TB 138 33.57 124.82 -27.45
N GLY TB 139 33.85 123.52 -27.51
CA GLY TB 139 34.49 122.80 -26.41
C GLY TB 139 33.60 122.55 -25.21
N LEU TB 140 32.31 122.33 -25.47
CA LEU TB 140 31.34 122.01 -24.41
C LEU TB 140 31.47 120.55 -24.00
N SER TB 141 31.07 120.25 -22.76
CA SER TB 141 31.03 118.87 -22.28
C SER TB 141 29.84 118.14 -22.90
N ALA TB 142 29.97 116.83 -23.05
CA ALA TB 142 28.96 115.98 -23.70
C ALA TB 142 27.63 115.93 -22.94
N GLN TB 143 27.70 116.00 -21.61
CA GLN TB 143 26.51 115.97 -20.75
C GLN TB 143 25.61 117.18 -20.99
N GLN TB 144 26.21 118.36 -21.07
CA GLN TB 144 25.51 119.61 -21.38
C GLN TB 144 24.82 119.56 -22.75
N VAL TB 145 25.52 119.01 -23.74
CA VAL TB 145 25.01 118.82 -25.09
C VAL TB 145 23.81 117.88 -25.07
N SER TB 146 23.94 116.78 -24.34
CA SER TB 146 22.88 115.79 -24.19
C SER TB 146 21.61 116.39 -23.58
N GLN TB 147 21.80 117.18 -22.52
CA GLN TB 147 20.72 117.91 -21.87
C GLN TB 147 19.99 118.87 -22.80
N LYS TB 148 20.78 119.62 -23.57
CA LYS TB 148 20.27 120.57 -24.56
C LYS TB 148 19.39 119.90 -25.62
N TYR TB 149 19.90 118.82 -26.20
CA TYR TB 149 19.27 118.19 -27.37
C TYR TB 149 18.26 117.10 -27.03
N GLY TB 150 18.61 116.27 -26.06
CA GLY TB 150 17.78 115.12 -25.65
C GLY TB 150 18.27 113.79 -26.19
N LEU TB 151 19.60 113.64 -26.27
CA LEU TB 151 20.25 112.40 -26.67
C LEU TB 151 21.02 111.89 -25.48
N LYS TB 152 21.44 110.62 -25.52
CA LYS TB 152 22.31 110.06 -24.48
C LYS TB 152 23.77 110.29 -24.83
N ILE TB 153 24.61 110.38 -23.80
CA ILE TB 153 26.03 110.74 -23.95
C ILE TB 153 26.81 109.78 -24.85
N PRO TB 154 26.63 108.45 -24.68
CA PRO TB 154 27.24 107.51 -25.63
C PRO TB 154 26.74 107.70 -27.07
N ARG TB 155 25.46 108.00 -27.21
CA ARG TB 155 24.84 108.29 -28.51
C ARG TB 155 25.50 109.51 -29.16
N VAL TB 156 25.66 110.57 -28.36
CA VAL TB 156 26.33 111.81 -28.78
C VAL TB 156 27.76 111.53 -29.25
N GLU TB 157 28.50 110.78 -28.45
CA GLU TB 157 29.87 110.36 -28.79
C GLU TB 157 29.95 109.59 -30.11
N ALA TB 158 29.00 108.67 -30.29
CA ALA TB 158 28.88 107.90 -31.53
C ALA TB 158 28.65 108.79 -32.74
N ILE TB 159 27.73 109.74 -32.59
CA ILE TB 159 27.41 110.73 -33.62
C ILE TB 159 28.66 111.52 -34.02
N VAL TB 160 29.37 112.03 -33.01
CA VAL TB 160 30.62 112.79 -33.20
C VAL TB 160 31.64 111.98 -34.01
N LYS TB 161 31.84 110.73 -33.58
CA LYS TB 161 32.70 109.77 -34.28
C LYS TB 161 32.33 109.64 -35.76
N LEU TB 162 31.04 109.45 -36.02
CA LEU TB 162 30.53 109.30 -37.39
C LEU TB 162 30.72 110.55 -38.25
N VAL TB 163 30.55 111.72 -37.64
CA VAL TB 163 30.69 113.01 -38.34
C VAL TB 163 32.11 113.21 -38.87
N SER TB 164 33.09 112.97 -38.02
CA SER TB 164 34.52 113.08 -38.38
C SER TB 164 34.91 112.13 -39.51
N VAL TB 165 34.37 110.92 -39.46
CA VAL TB 165 34.56 109.91 -40.51
C VAL TB 165 33.96 110.37 -41.83
N GLU TB 166 32.72 110.86 -41.77
CA GLU TB 166 32.03 111.43 -42.95
C GLU TB 166 32.84 112.56 -43.59
N ASN TB 167 33.35 113.46 -42.76
CA ASN TB 167 34.18 114.57 -43.20
C ASN TB 167 35.45 114.09 -43.91
N SER TB 168 36.10 113.09 -43.32
CA SER TB 168 37.31 112.49 -43.89
C SER TB 168 37.03 111.86 -45.26
N TRP TB 169 35.91 111.15 -45.35
CA TRP TB 169 35.43 110.57 -46.60
C TRP TB 169 35.18 111.61 -47.69
N ASN TB 170 34.53 112.71 -47.30
CA ASN TB 170 34.27 113.85 -48.19
C ASN TB 170 35.56 114.47 -48.72
N ARG TB 171 36.54 114.64 -47.83
CA ARG TB 171 37.87 115.13 -48.19
C ARG TB 171 38.56 114.22 -49.21
N ARG TB 172 38.53 112.92 -48.94
CA ARG TB 172 39.08 111.91 -49.85
C ARG TB 172 38.28 111.74 -51.15
N ASN TB 173 37.01 112.16 -51.15
CA ASN TB 173 36.08 112.01 -52.27
C ASN TB 173 35.67 110.54 -52.47
N ARG TB 174 35.33 109.90 -51.34
CA ARG TB 174 34.89 108.51 -51.30
C ARG TB 174 33.36 108.37 -51.35
N VAL TB 175 32.65 109.37 -50.81
CA VAL TB 175 31.18 109.35 -50.78
C VAL TB 175 30.66 109.48 -52.21
N SER TB 176 30.34 108.34 -52.81
CA SER TB 176 29.84 108.27 -54.19
C SER TB 176 28.41 108.77 -54.30
N SER TB 177 27.98 108.97 -55.55
CA SER TB 177 26.62 109.43 -55.86
C SER TB 177 25.57 108.43 -55.39
N ASP TB 178 25.79 107.16 -55.73
CA ASP TB 178 24.88 106.06 -55.35
C ASP TB 178 24.71 105.95 -53.83
N LEU TB 179 25.81 106.09 -53.11
CA LEU TB 179 25.80 106.12 -51.64
C LEU TB 179 24.98 107.28 -51.08
N LYS TB 180 25.18 108.46 -51.65
CA LYS TB 180 24.42 109.66 -51.27
C LYS TB 180 22.92 109.47 -51.48
N THR TB 181 22.55 108.89 -52.63
CA THR TB 181 21.15 108.62 -52.96
C THR TB 181 20.53 107.67 -51.94
N MET TB 182 21.27 106.62 -51.61
CA MET TB 182 20.88 105.64 -50.59
C MET TB 182 20.65 106.33 -49.25
N ASP TB 183 21.61 107.14 -48.82
CA ASP TB 183 21.51 107.91 -47.58
C ASP TB 183 20.24 108.78 -47.54
N GLU TB 184 19.98 109.47 -48.65
CA GLU TB 184 18.78 110.30 -48.82
C GLU TB 184 17.49 109.48 -48.70
N THR TB 185 17.46 108.31 -49.34
CA THR TB 185 16.29 107.42 -49.29
C THR TB 185 16.03 106.94 -47.87
N LEU TB 186 17.10 106.54 -47.17
CA LEU TB 186 17.03 106.13 -45.77
C LEU TB 186 16.50 107.24 -44.87
N TYR TB 187 17.02 108.46 -45.08
CA TYR TB 187 16.57 109.65 -44.34
C TYR TB 187 15.07 109.87 -44.52
N ARG TB 188 14.64 109.83 -45.78
CA ARG TB 188 13.23 109.96 -46.15
C ARG TB 188 12.31 108.91 -45.52
N MET TB 189 12.80 107.67 -45.43
CA MET TB 189 12.08 106.58 -44.79
C MET TB 189 11.78 106.85 -43.32
N PHE TB 190 12.79 107.27 -42.56
CA PHE TB 190 12.67 107.37 -41.11
C PHE TB 190 12.16 108.72 -40.62
N PRO TB 191 11.50 108.74 -39.44
CA PRO TB 191 11.06 109.99 -38.83
C PRO TB 191 12.23 110.75 -38.20
N VAL TB 192 12.14 112.08 -38.23
CA VAL TB 192 13.24 112.95 -37.81
C VAL TB 192 13.17 113.22 -36.30
N PHE TB 193 14.35 113.35 -35.68
CA PHE TB 193 14.46 113.67 -34.27
C PHE TB 193 14.27 115.18 -34.06
N ASP TB 194 13.23 115.54 -33.31
CA ASP TB 194 12.97 116.93 -32.93
C ASP TB 194 13.50 117.18 -31.52
N SER TB 195 14.36 118.18 -31.38
CA SER TB 195 14.98 118.51 -30.09
C SER TB 195 14.04 119.20 -29.09
N ASP TB 196 12.95 119.78 -29.58
CA ASP TB 196 11.96 120.47 -28.73
C ASP TB 196 10.86 119.56 -28.20
N ALA TB 197 10.40 118.63 -29.03
CA ALA TB 197 9.32 117.69 -28.67
C ALA TB 197 9.74 116.79 -27.50
N SER TB 198 9.09 116.99 -26.35
CA SER TB 198 9.46 116.30 -25.10
C SER TB 198 9.27 114.78 -25.16
N PHE TB 199 8.24 114.33 -25.85
CA PHE TB 199 7.98 112.89 -26.04
C PHE TB 199 9.05 112.19 -26.89
N LYS TB 200 9.64 112.92 -27.84
CA LYS TB 200 10.72 112.38 -28.69
C LYS TB 200 12.09 112.35 -28.00
N ARG TB 201 12.31 113.18 -26.98
CA ARG TB 201 13.61 113.25 -26.30
C ARG TB 201 13.90 111.99 -25.50
N GLU TB 202 15.16 111.58 -25.48
CA GLU TB 202 15.58 110.36 -24.79
C GLU TB 202 15.67 110.62 -23.29
N ASN TB 203 15.22 109.65 -22.50
CA ASN TB 203 15.20 109.76 -21.04
C ASN TB 203 16.63 109.63 -20.49
N LEU TB 204 17.14 110.73 -19.94
CA LEU TB 204 18.55 110.83 -19.52
C LEU TB 204 18.83 110.39 -18.09
N SER TB 205 17.79 109.97 -17.37
CA SER TB 205 17.92 109.48 -15.98
C SER TB 205 17.91 107.94 -15.87
N GLU TB 206 18.05 107.24 -17.00
CA GLU TB 206 18.10 105.78 -17.01
C GLU TB 206 19.44 105.25 -16.50
N ILE TB 207 19.45 104.80 -15.24
CA ILE TB 207 20.57 104.01 -14.70
C ILE TB 207 20.26 102.53 -14.94
N PRO TB 208 21.31 101.68 -15.02
CA PRO TB 208 21.07 100.25 -15.13
C PRO TB 208 20.81 99.62 -13.75
N VAL TB 209 19.97 98.60 -13.71
CA VAL TB 209 19.47 98.02 -12.46
C VAL TB 209 20.45 96.95 -11.95
N PRO TB 210 20.97 97.12 -10.72
CA PRO TB 210 21.88 96.11 -10.14
C PRO TB 210 21.13 94.91 -9.52
N GLN TB 211 21.89 93.95 -9.01
CA GLN TB 211 21.34 92.73 -8.41
C GLN TB 211 20.69 92.96 -7.05
N LYS TB 212 21.35 93.75 -6.20
CA LYS TB 212 20.89 93.99 -4.82
C LYS TB 212 19.54 94.70 -4.71
N THR TB 213 19.24 95.59 -5.66
CA THR TB 213 17.95 96.28 -5.70
C THR TB 213 16.78 95.35 -6.04
N LEU TB 214 17.00 94.46 -7.01
CA LEU TB 214 15.96 93.54 -7.49
C LEU TB 214 15.38 92.64 -6.41
N ALA TB 215 16.26 92.08 -5.56
CA ALA TB 215 15.83 91.26 -4.42
C ALA TB 215 15.13 92.15 -3.39
N SER TB 216 13.81 91.96 -3.26
CA SER TB 216 12.97 92.84 -2.45
C SER TB 216 13.21 92.68 -0.95
N ARG TB 217 13.27 93.82 -0.25
CA ARG TB 217 13.35 93.86 1.21
C ARG TB 217 12.23 94.72 1.76
N PHE TB 218 11.83 94.43 3.00
CA PHE TB 218 10.83 95.23 3.71
C PHE TB 218 11.32 95.49 5.13
N LEU TB 219 10.96 96.66 5.66
CA LEU TB 219 11.37 97.09 7.01
C LEU TB 219 10.17 97.59 7.78
N THR TB 220 10.02 97.11 9.02
CA THR TB 220 9.01 97.62 9.94
C THR TB 220 9.61 98.76 10.75
N ILE TB 221 9.50 99.98 10.22
CA ILE TB 221 9.93 101.19 10.91
C ILE TB 221 8.70 101.68 11.67
N ALA TB 222 8.91 102.50 12.70
CA ALA TB 222 7.79 103.12 13.43
C ALA TB 222 6.92 103.96 12.48
N GLU TB 223 5.61 103.99 12.77
CA GLU TB 223 4.61 104.63 11.91
C GLU TB 223 4.98 106.05 11.44
N SER TB 224 5.59 106.83 12.33
CA SER TB 224 6.00 108.21 12.05
C SER TB 224 7.42 108.33 11.47
N GLU TB 225 8.31 107.39 11.83
CA GLU TB 225 9.71 107.41 11.37
C GLU TB 225 9.86 107.54 9.84
N PRO TB 226 10.53 108.61 9.37
CA PRO TB 226 10.71 108.80 7.94
C PRO TB 226 11.81 107.89 7.39
N PHE TB 227 11.76 107.64 6.08
CA PHE TB 227 12.66 106.69 5.43
C PHE TB 227 12.80 107.04 3.94
N GLY TB 228 13.81 107.84 3.63
CA GLY TB 228 14.04 108.35 2.27
C GLY TB 228 14.86 107.42 1.40
N PRO TB 229 15.13 107.82 0.13
CA PRO TB 229 15.96 107.05 -0.82
C PRO TB 229 17.36 106.73 -0.31
N VAL TB 230 17.95 107.69 0.41
CA VAL TB 230 19.29 107.54 1.01
C VAL TB 230 19.30 106.42 2.04
N ASP TB 231 18.27 106.39 2.88
CA ASP TB 231 18.11 105.36 3.92
C ASP TB 231 17.99 103.97 3.29
N ALA TB 232 17.18 103.87 2.25
CA ALA TB 232 17.00 102.63 1.48
C ALA TB 232 18.31 102.13 0.87
N ALA TB 233 19.07 103.05 0.27
CA ALA TB 233 20.40 102.76 -0.28
C ALA TB 233 21.36 102.23 0.79
N HIS TB 234 21.32 102.87 1.96
CA HIS TB 234 22.13 102.47 3.12
C HIS TB 234 21.80 101.07 3.60
N VAL TB 235 20.50 100.77 3.67
CA VAL TB 235 19.99 99.44 4.01
C VAL TB 235 20.49 98.38 3.03
N LEU TB 236 20.36 98.68 1.75
CA LEU TB 236 20.80 97.78 0.67
C LEU TB 236 22.33 97.68 0.53
N GLU TB 237 23.06 98.64 1.11
CA GLU TB 237 24.53 98.72 1.07
C GLU TB 237 25.02 99.07 -0.34
N LEU TB 238 24.39 100.10 -0.91
CA LEU TB 238 24.77 100.66 -2.20
C LEU TB 238 24.99 102.17 -2.05
N GLU TB 239 25.53 102.78 -3.09
CA GLU TB 239 25.53 104.23 -3.23
C GLU TB 239 24.13 104.63 -3.71
N PRO TB 240 23.69 105.88 -3.41
CA PRO TB 240 22.37 106.30 -3.90
C PRO TB 240 22.22 106.32 -5.43
N ALA TB 241 20.97 106.27 -5.88
CA ALA TB 241 20.62 106.21 -7.31
C ALA TB 241 21.06 107.45 -8.09
N VAL TB 242 20.92 108.61 -7.44
CA VAL TB 242 21.32 109.89 -8.01
C VAL TB 242 22.83 109.92 -8.26
N GLU TB 243 23.61 109.49 -7.26
CA GLU TB 243 25.07 109.42 -7.35
C GLU TB 243 25.56 108.52 -8.48
N THR TB 244 24.90 107.36 -8.62
CA THR TB 244 25.23 106.41 -9.70
C THR TB 244 24.93 107.01 -11.07
N LEU TB 245 23.82 107.75 -11.16
CA LEU TB 245 23.44 108.46 -12.39
C LEU TB 245 24.49 109.51 -12.77
N ARG TB 246 24.92 110.29 -11.78
CA ARG TB 246 25.98 111.30 -11.96
C ARG TB 246 27.28 110.67 -12.44
N ASN TB 247 27.66 109.55 -11.83
CA ASN TB 247 28.86 108.80 -12.22
C ASN TB 247 28.79 108.33 -13.67
N LEU TB 248 27.63 107.79 -14.05
CA LEU TB 248 27.36 107.37 -15.43
C LEU TB 248 27.50 108.52 -16.42
N SER TB 249 26.97 109.67 -16.04
CA SER TB 249 27.03 110.88 -16.88
C SER TB 249 28.48 111.33 -17.12
N THR TB 250 29.28 111.35 -16.06
CA THR TB 250 30.68 111.76 -16.15
C THR TB 250 31.56 110.64 -16.71
N ASN TB 265 52.18 104.42 -11.09
CA ASN TB 265 51.10 103.45 -10.94
C ASN TB 265 51.65 102.04 -10.83
N THR TB 266 52.37 101.60 -11.87
CA THR TB 266 53.00 100.29 -11.92
C THR TB 266 54.32 100.42 -12.69
N LYS TB 267 55.39 99.83 -12.17
CA LYS TB 267 56.71 99.92 -12.81
C LYS TB 267 56.75 99.14 -14.13
N VAL TB 268 57.08 99.83 -15.22
CA VAL TB 268 57.23 99.22 -16.54
C VAL TB 268 58.61 99.57 -17.08
N ILE TB 269 59.39 98.53 -17.39
CA ILE TB 269 60.70 98.68 -18.03
C ILE TB 269 60.55 98.31 -19.51
N TYR TB 270 61.35 98.97 -20.35
CA TYR TB 270 61.53 98.59 -21.74
C TYR TB 270 62.98 98.18 -21.95
N GLY TB 271 63.19 97.07 -22.66
CA GLY TB 271 64.53 96.55 -22.92
C GLY TB 271 65.28 97.39 -23.95
N GLU TB 272 66.60 97.30 -23.92
CA GLU TB 272 67.46 97.99 -24.90
C GLU TB 272 67.26 97.39 -26.29
N LEU TB 273 67.31 98.24 -27.30
CA LEU TB 273 67.06 97.82 -28.69
C LEU TB 273 68.32 97.98 -29.53
N VAL TB 274 69.03 96.85 -29.70
CA VAL TB 274 70.24 96.79 -30.52
C VAL TB 274 69.82 96.78 -32.00
N GLU TB 275 70.71 97.26 -32.88
CA GLU TB 275 70.41 97.42 -34.32
C GLU TB 275 69.87 96.17 -35.01
N GLY TB 276 70.41 95.01 -34.66
CA GLY TB 276 70.04 93.75 -35.30
C GLY TB 276 68.72 93.17 -34.83
N GLU TB 277 68.45 93.24 -33.52
CA GLU TB 277 67.27 92.58 -32.94
C GLU TB 277 65.95 93.22 -33.36
N ARG TB 278 64.93 92.39 -33.51
CA ARG TB 278 63.70 92.73 -34.22
C ARG TB 278 62.52 93.15 -33.34
N SER TB 279 62.71 93.15 -32.02
CA SER TB 279 61.60 93.40 -31.09
C SER TB 279 62.08 93.76 -29.69
N GLN TB 280 61.32 94.64 -29.02
CA GLN TB 280 61.62 95.07 -27.65
C GLN TB 280 61.09 94.06 -26.62
N TYR TB 281 61.53 94.24 -25.38
CA TYR TB 281 61.06 93.47 -24.23
C TYR TB 281 60.46 94.41 -23.19
N LYS TB 282 59.13 94.44 -23.12
CA LYS TB 282 58.41 95.26 -22.13
C LYS TB 282 58.19 94.45 -20.86
N PHE TB 283 58.86 94.85 -19.77
CA PHE TB 283 58.70 94.19 -18.46
C PHE TB 283 57.82 95.02 -17.54
N THR TB 284 56.58 94.56 -17.33
CA THR TB 284 55.68 95.15 -16.35
C THR TB 284 55.92 94.48 -14.99
N ASN TB 285 55.74 95.24 -13.90
CA ASN TB 285 55.84 94.68 -12.55
C ASN TB 285 54.58 93.88 -12.21
N ALA TB 286 54.72 92.90 -11.31
CA ALA TB 286 53.58 92.10 -10.85
C ALA TB 286 53.88 91.42 -9.52
N LYS TB 287 52.92 91.41 -8.60
CA LYS TB 287 53.10 90.80 -7.27
C LYS TB 287 53.07 89.28 -7.34
N VAL TB 288 54.06 88.63 -6.70
CA VAL TB 288 54.11 87.17 -6.60
C VAL TB 288 52.88 86.63 -5.87
N GLY TB 289 52.41 85.46 -6.32
CA GLY TB 289 51.11 84.94 -5.91
C GLY TB 289 49.94 85.49 -6.72
N LYS TB 290 50.23 86.31 -7.73
CA LYS TB 290 49.20 86.87 -8.63
C LYS TB 290 49.56 86.88 -10.13
N VAL TB 291 50.75 86.39 -10.50
CA VAL TB 291 51.30 86.68 -11.84
C VAL TB 291 51.06 85.54 -12.84
N GLY TB 292 51.47 84.33 -12.47
CA GLY TB 292 51.65 83.24 -13.42
C GLY TB 292 50.43 82.60 -14.01
N TYR TB 293 50.69 81.59 -14.84
CA TYR TB 293 49.66 80.65 -15.28
C TYR TB 293 49.57 79.58 -14.22
N ARG TB 294 48.39 79.41 -13.65
CA ARG TB 294 48.20 78.57 -12.47
C ARG TB 294 48.30 77.07 -12.79
N TYR TB 295 48.70 76.31 -11.78
CA TYR TB 295 48.98 74.87 -11.91
C TYR TB 295 47.76 74.06 -11.52
N GLY TB 296 47.37 73.15 -12.40
CA GLY TB 296 46.17 72.34 -12.20
C GLY TB 296 44.89 73.11 -12.42
N SER TB 297 44.90 74.01 -13.41
CA SER TB 297 43.69 74.73 -13.81
C SER TB 297 42.82 73.82 -14.66
N GLY TB 298 41.57 74.23 -14.85
CA GLY TB 298 40.60 73.43 -15.56
C GLY TB 298 40.78 73.56 -17.06
N ASN TB 299 41.12 72.45 -17.72
CA ASN TB 299 41.20 72.43 -19.17
C ASN TB 299 39.77 72.50 -19.73
N ARG TB 300 39.51 73.57 -20.47
CA ARG TB 300 38.18 73.89 -20.94
C ARG TB 300 38.07 73.73 -22.46
N ASP TB 301 39.09 73.13 -23.07
CA ASP TB 301 39.22 73.07 -24.53
C ASP TB 301 38.28 72.04 -25.15
N ASN TB 302 38.13 70.90 -24.49
CA ASN TB 302 37.18 69.85 -24.92
C ASN TB 302 35.75 70.02 -24.37
N LYS TB 303 35.50 71.08 -23.59
CA LYS TB 303 34.16 71.42 -23.12
C LYS TB 303 33.54 72.47 -24.04
N LYS TB 304 32.21 72.56 -24.03
CA LYS TB 304 31.48 73.52 -24.87
C LYS TB 304 31.44 74.94 -24.29
N ASP TB 305 31.92 75.10 -23.05
CA ASP TB 305 32.16 76.41 -22.46
C ASP TB 305 33.59 76.90 -22.71
N ARG TB 306 34.18 76.53 -23.85
CA ARG TB 306 35.57 76.90 -24.15
C ARG TB 306 35.63 78.36 -24.56
N ARG TB 307 36.76 78.99 -24.25
CA ARG TB 307 36.91 80.43 -24.41
C ARG TB 307 37.65 80.74 -25.71
N ILE TB 308 37.00 81.54 -26.56
CA ILE TB 308 37.49 81.89 -27.88
C ILE TB 308 37.57 83.41 -27.94
N GLY TB 309 38.79 83.93 -28.05
CA GLY TB 309 39.03 85.37 -28.12
C GLY TB 309 39.43 85.77 -29.52
N PHE TB 310 39.86 87.02 -29.65
CA PHE TB 310 40.31 87.56 -30.93
C PHE TB 310 41.61 88.34 -30.79
N ASN TB 311 42.42 88.28 -31.84
CA ASN TB 311 43.75 88.86 -31.86
C ASN TB 311 43.67 90.36 -32.16
N LYS TB 312 44.80 91.05 -32.08
CA LYS TB 312 44.91 92.44 -32.55
C LYS TB 312 44.66 92.55 -34.06
N LEU TB 313 44.98 91.49 -34.81
CA LEU TB 313 44.75 91.41 -36.26
C LEU TB 313 43.40 90.77 -36.65
N GLY TB 314 42.49 90.63 -35.70
CA GLY TB 314 41.17 90.04 -35.96
C GLY TB 314 41.15 88.54 -36.25
N GLN TB 315 42.21 87.84 -35.86
CA GLN TB 315 42.30 86.38 -35.99
C GLN TB 315 41.64 85.76 -34.78
N MET TB 316 40.88 84.70 -34.99
CA MET TB 316 40.21 83.98 -33.91
C MET TB 316 41.23 83.09 -33.19
N VAL TB 317 41.33 83.25 -31.87
CA VAL TB 317 42.37 82.59 -31.06
C VAL TB 317 41.76 81.97 -29.81
N TYR TB 318 42.13 80.73 -29.51
CA TYR TB 318 41.73 80.06 -28.28
C TYR TB 318 42.49 80.68 -27.10
N ILE TB 319 41.74 81.24 -26.14
CA ILE TB 319 42.32 81.90 -24.97
C ILE TB 319 42.84 80.83 -24.00
N SER UB 1 -57.61 90.29 -52.43
CA SER UB 1 -58.42 91.54 -52.32
C SER UB 1 -58.86 92.02 -53.71
N SER UB 2 -59.85 91.32 -54.25
CA SER UB 2 -60.42 91.63 -55.56
C SER UB 2 -61.84 91.09 -55.69
N GLU UB 3 -62.53 91.52 -56.75
CA GLU UB 3 -63.93 91.12 -56.98
C GLU UB 3 -64.03 89.69 -57.50
N TYR UB 4 -65.07 88.99 -57.05
CA TYR UB 4 -65.35 87.62 -57.47
C TYR UB 4 -65.98 87.63 -58.87
N VAL UB 5 -65.21 87.19 -59.87
CA VAL UB 5 -65.69 87.11 -61.26
C VAL UB 5 -66.61 85.90 -61.38
N LEU UB 6 -67.90 86.15 -61.33
CA LEU UB 6 -68.91 85.08 -61.39
C LEU UB 6 -69.12 84.65 -62.84
N GLU UB 7 -68.61 83.45 -63.17
CA GLU UB 7 -68.92 82.81 -64.44
C GLU UB 7 -70.16 81.95 -64.26
N GLU UB 8 -71.18 82.21 -65.07
CA GLU UB 8 -72.50 81.57 -64.91
C GLU UB 8 -72.45 80.08 -65.25
N PRO UB 9 -73.03 79.21 -64.39
CA PRO UB 9 -73.17 77.80 -64.77
C PRO UB 9 -74.12 77.61 -65.95
N THR UB 10 -73.82 76.60 -66.78
CA THR UB 10 -74.62 76.30 -67.97
C THR UB 10 -74.67 74.78 -68.18
N PRO UB 11 -75.75 74.26 -68.79
CA PRO UB 11 -75.77 72.87 -69.25
C PRO UB 11 -74.54 72.43 -70.07
N LEU UB 12 -74.04 73.32 -70.93
CA LEU UB 12 -72.81 73.07 -71.72
C LEU UB 12 -71.56 72.83 -70.86
N SER UB 13 -71.43 73.57 -69.76
CA SER UB 13 -70.31 73.36 -68.82
C SER UB 13 -70.45 72.03 -68.06
N LEU UB 14 -71.70 71.66 -67.75
CA LEU UB 14 -72.01 70.38 -67.10
C LEU UB 14 -72.09 69.18 -68.07
N LEU UB 15 -71.99 69.44 -69.37
CA LEU UB 15 -71.78 68.38 -70.36
C LEU UB 15 -70.35 67.85 -70.20
N GLU UB 16 -70.20 66.54 -70.44
CA GLU UB 16 -69.05 65.69 -70.03
C GLU UB 16 -69.30 65.05 -68.65
N TYR UB 17 -69.79 65.85 -67.71
CA TYR UB 17 -70.12 65.40 -66.36
C TYR UB 17 -71.46 64.67 -66.24
N THR UB 18 -72.25 64.67 -67.32
CA THR UB 18 -73.50 63.90 -67.37
C THR UB 18 -73.22 62.41 -67.11
N PRO UB 19 -74.10 61.72 -66.35
CA PRO UB 19 -73.89 60.29 -66.06
C PRO UB 19 -73.74 59.42 -67.32
N GLN UB 20 -72.79 58.50 -67.28
CA GLN UB 20 -72.54 57.58 -68.39
C GLN UB 20 -73.73 56.65 -68.65
N VAL UB 21 -74.40 56.24 -67.58
CA VAL UB 21 -75.66 55.49 -67.66
C VAL UB 21 -76.79 56.34 -67.06
N PHE UB 22 -77.60 56.93 -67.94
CA PHE UB 22 -78.83 57.62 -67.55
C PHE UB 22 -79.96 57.18 -68.49
N PRO UB 23 -81.18 56.91 -67.95
CA PRO UB 23 -82.32 56.40 -68.74
C PRO UB 23 -82.63 57.08 -70.09
N THR UB 24 -82.52 58.40 -70.13
CA THR UB 24 -82.98 59.23 -71.26
C THR UB 24 -82.31 58.87 -72.61
N LYS UB 25 -83.06 59.06 -73.69
CA LYS UB 25 -82.60 58.78 -75.06
C LYS UB 25 -81.58 59.82 -75.53
N GLU UB 26 -81.91 61.09 -75.24
CA GLU UB 26 -81.03 62.23 -75.53
C GLU UB 26 -79.67 62.08 -74.88
N SER UB 27 -79.68 61.72 -73.60
CA SER UB 27 -78.47 61.51 -72.81
C SER UB 27 -77.60 60.37 -73.37
N ARG UB 28 -78.25 59.30 -73.82
CA ARG UB 28 -77.57 58.14 -74.40
C ARG UB 28 -76.70 58.48 -75.60
N LEU UB 29 -77.27 59.26 -76.52
CA LEU UB 29 -76.57 59.76 -77.71
C LEU UB 29 -75.32 60.56 -77.33
N VAL UB 30 -75.50 61.45 -76.37
CA VAL UB 30 -74.41 62.27 -75.82
C VAL UB 30 -73.29 61.41 -75.23
N ASN UB 31 -73.70 60.42 -74.42
CA ASN UB 31 -72.76 59.47 -73.81
C ASN UB 31 -71.96 58.70 -74.86
N PHE UB 32 -72.67 58.20 -75.88
CA PHE UB 32 -72.05 57.54 -77.02
C PHE UB 32 -71.00 58.41 -77.71
N THR UB 33 -71.38 59.66 -77.97
CA THR UB 33 -70.49 60.66 -78.59
C THR UB 33 -69.23 60.88 -77.77
N LEU UB 34 -69.42 61.03 -76.46
CA LEU UB 34 -68.30 61.15 -75.51
C LEU UB 34 -67.37 59.94 -75.55
N ASP UB 35 -67.95 58.75 -75.57
CA ASP UB 35 -67.19 57.50 -75.66
C ASP UB 35 -66.38 57.42 -76.95
N SER UB 36 -66.98 57.84 -78.06
CA SER UB 36 -66.32 57.88 -79.37
C SER UB 36 -65.14 58.85 -79.37
N LEU UB 37 -65.34 60.02 -78.76
CA LEU UB 37 -64.28 61.02 -78.58
C LEU UB 37 -63.11 60.48 -77.76
N LYS UB 38 -63.42 59.81 -76.67
CA LYS UB 38 -62.42 59.16 -75.82
C LYS UB 38 -61.61 58.11 -76.58
N LYS UB 39 -62.31 57.29 -77.37
CA LYS UB 39 -61.67 56.28 -78.24
C LYS UB 39 -60.72 56.91 -79.26
N SER UB 40 -61.16 58.01 -79.86
CA SER UB 40 -60.35 58.77 -80.82
C SER UB 40 -59.07 59.36 -80.22
N ASN UB 41 -59.04 59.49 -78.89
CA ASN UB 41 -57.96 60.11 -78.12
C ASN UB 41 -58.05 61.63 -78.26
N TYR UB 42 -59.25 62.14 -78.02
CA TYR UB 42 -59.51 63.57 -77.98
C TYR UB 42 -58.99 64.10 -76.64
N PRO UB 43 -58.55 65.37 -76.59
CA PRO UB 43 -58.16 65.92 -75.28
C PRO UB 43 -59.33 66.14 -74.31
N ILE UB 44 -59.71 65.05 -73.65
CA ILE UB 44 -60.57 65.07 -72.46
C ILE UB 44 -59.64 64.60 -71.35
N TYR UB 45 -59.81 65.18 -70.16
CA TYR UB 45 -58.90 64.95 -69.01
C TYR UB 45 -57.48 65.51 -69.21
N ARG UB 46 -57.28 66.37 -70.20
CA ARG UB 46 -55.93 66.83 -70.55
C ARG UB 46 -55.93 68.05 -71.47
N SER UB 47 -54.83 68.79 -71.45
CA SER UB 47 -54.65 69.98 -72.28
C SER UB 47 -54.40 69.59 -73.74
N PRO UB 48 -54.96 70.36 -74.70
CA PRO UB 48 -54.90 69.97 -76.12
C PRO UB 48 -53.55 70.23 -76.78
N ASN UB 49 -53.30 69.55 -77.89
CA ASN UB 49 -52.14 69.80 -78.74
C ASN UB 49 -52.53 70.74 -79.88
N LEU UB 50 -51.88 71.90 -79.93
CA LEU UB 50 -52.07 72.90 -80.98
C LEU UB 50 -50.72 73.16 -81.67
N GLY UB 51 -50.72 74.06 -82.65
CA GLY UB 51 -49.49 74.42 -83.37
C GLY UB 51 -48.63 75.42 -82.63
N ILE UB 52 -48.11 75.01 -81.48
CA ILE UB 52 -47.21 75.83 -80.65
C ILE UB 52 -45.95 75.02 -80.35
N LEU UB 53 -46.11 73.89 -79.66
CA LEU UB 53 -45.04 72.91 -79.52
C LEU UB 53 -45.02 72.04 -80.77
N LYS UB 54 -43.81 71.78 -81.29
CA LYS UB 54 -43.62 71.00 -82.52
C LYS UB 54 -43.00 69.63 -82.25
N VAL UB 55 -41.92 69.61 -81.47
CA VAL UB 55 -41.20 68.37 -81.15
C VAL UB 55 -41.95 67.56 -80.09
N HIS UB 56 -42.21 68.19 -78.95
CA HIS UB 56 -42.81 67.51 -77.79
C HIS UB 56 -44.34 67.54 -77.83
N ASP UB 57 -44.91 66.74 -78.74
CA ASP UB 57 -46.36 66.61 -78.93
C ASP UB 57 -46.83 65.21 -78.53
N PHE UB 58 -46.22 64.64 -77.48
CA PHE UB 58 -46.33 63.20 -77.22
C PHE UB 58 -47.68 62.76 -76.65
N THR UB 59 -47.98 61.47 -76.85
CA THR UB 59 -49.13 60.79 -76.26
C THR UB 59 -48.72 59.43 -75.72
N LEU UB 60 -49.54 58.89 -74.83
CA LEU UB 60 -49.39 57.53 -74.31
C LEU UB 60 -50.42 56.53 -74.86
N ASN UB 61 -51.58 57.03 -75.34
CA ASN UB 61 -52.61 56.17 -75.92
C ASN UB 61 -52.20 55.60 -77.28
N THR UB 62 -51.42 54.52 -77.23
CA THR UB 62 -51.01 53.74 -78.40
C THR UB 62 -51.94 52.49 -78.42
N PRO UB 63 -51.90 51.67 -79.50
CA PRO UB 63 -52.83 50.53 -79.63
C PRO UB 63 -52.91 49.55 -78.43
N ASN UB 64 -51.79 49.34 -77.76
CA ASN UB 64 -51.72 48.51 -76.54
C ASN UB 64 -50.94 49.23 -75.44
N PHE UB 65 -51.61 50.16 -74.77
CA PHE UB 65 -50.96 51.03 -73.78
C PHE UB 65 -50.64 50.28 -72.48
N GLY UB 66 -51.62 50.13 -71.59
CA GLY UB 66 -51.39 49.51 -70.27
C GLY UB 66 -51.52 48.00 -70.34
N LYS UB 67 -50.62 47.38 -71.10
CA LYS UB 67 -50.66 45.94 -71.37
C LYS UB 67 -49.24 45.38 -71.49
N TYR UB 68 -49.09 44.13 -71.06
CA TYR UB 68 -47.77 43.49 -70.98
C TYR UB 68 -47.37 42.73 -72.24
N THR UB 69 -48.26 41.84 -72.69
CA THR UB 69 -47.92 40.82 -73.71
C THR UB 69 -47.25 41.33 -75.01
N PRO UB 70 -47.68 42.49 -75.53
CA PRO UB 70 -46.89 43.14 -76.59
C PRO UB 70 -45.55 43.67 -76.06
N GLY UB 71 -44.45 43.10 -76.57
CA GLY UB 71 -43.11 43.39 -76.06
C GLY UB 71 -42.56 44.74 -76.48
N SER UB 72 -42.58 45.69 -75.54
CA SER UB 72 -42.03 47.04 -75.76
C SER UB 72 -41.83 47.76 -74.42
N SER UB 73 -41.37 49.02 -74.49
CA SER UB 73 -41.38 49.91 -73.33
C SER UB 73 -42.45 50.99 -73.60
N LEU UB 74 -42.41 52.10 -72.85
CA LEU UB 74 -43.36 53.20 -73.06
C LEU UB 74 -43.08 53.88 -74.41
N ILE UB 75 -44.10 53.93 -75.27
CA ILE UB 75 -43.99 54.44 -76.64
C ILE UB 75 -44.60 55.84 -76.70
N PHE UB 76 -43.75 56.86 -76.86
CA PHE UB 76 -44.20 58.25 -76.97
C PHE UB 76 -44.47 58.61 -78.43
N ALA UB 77 -45.64 58.19 -78.92
CA ALA UB 77 -46.09 58.55 -80.27
C ALA UB 77 -46.56 60.01 -80.28
N LYS UB 78 -46.32 60.70 -81.39
CA LYS UB 78 -46.74 62.10 -81.53
C LYS UB 78 -48.25 62.18 -81.72
N GLU UB 79 -48.89 63.12 -81.02
CA GLU UB 79 -50.32 63.37 -81.18
C GLU UB 79 -50.55 64.24 -82.41
N PRO UB 80 -51.70 64.07 -83.08
CA PRO UB 80 -52.17 65.11 -84.00
C PRO UB 80 -52.52 66.42 -83.28
N GLN UB 81 -52.83 67.44 -84.06
CA GLN UB 81 -53.36 68.69 -83.51
C GLN UB 81 -54.88 68.52 -83.36
N LEU UB 82 -55.59 69.57 -82.95
CA LEU UB 82 -57.06 69.52 -82.92
C LEU UB 82 -57.62 69.51 -84.35
N GLN UB 83 -57.03 70.32 -85.22
CA GLN UB 83 -57.16 70.12 -86.67
C GLN UB 83 -56.35 68.88 -87.07
N ASN UB 84 -56.74 68.24 -88.16
CA ASN UB 84 -56.12 66.99 -88.63
C ASN UB 84 -56.31 65.79 -87.67
N LEU UB 85 -57.41 65.80 -86.92
CA LEU UB 85 -57.75 64.70 -86.00
C LEU UB 85 -59.03 64.00 -86.48
N LEU UB 86 -58.97 62.68 -86.58
CA LEU UB 86 -60.12 61.86 -86.97
C LEU UB 86 -60.80 61.27 -85.75
N ILE UB 87 -62.09 60.96 -85.90
CA ILE UB 87 -62.89 60.33 -84.84
C ILE UB 87 -63.41 59.00 -85.39
N GLU UB 88 -63.39 57.97 -84.54
CA GLU UB 88 -63.67 56.59 -84.98
C GLU UB 88 -65.17 56.39 -85.23
N GLU UB 89 -65.98 56.57 -84.18
CA GLU UB 89 -67.44 56.70 -84.31
C GLU UB 89 -68.13 55.51 -85.02
N ASP UB 90 -67.75 54.28 -84.67
CA ASP UB 90 -68.19 53.08 -85.40
C ASP UB 90 -69.70 52.77 -85.23
N PRO UB 91 -70.32 52.12 -86.25
CA PRO UB 91 -71.76 51.85 -86.22
C PRO UB 91 -72.18 50.79 -85.20
N GLU UB 92 -71.41 49.71 -85.12
CA GLU UB 92 -71.68 48.60 -84.18
C GLU UB 92 -71.74 49.09 -82.73
N ASP UB 93 -70.78 49.93 -82.36
CA ASP UB 93 -70.74 50.54 -81.03
C ASP UB 93 -71.98 51.39 -80.74
N PHE UB 94 -72.38 52.19 -81.73
CA PHE UB 94 -73.59 53.01 -81.66
C PHE UB 94 -74.83 52.14 -81.43
N HIS UB 95 -74.94 51.07 -82.21
CA HIS UB 95 -76.04 50.10 -82.10
C HIS UB 95 -76.12 49.47 -80.70
N ARG UB 96 -74.95 49.10 -80.17
CA ARG UB 96 -74.84 48.56 -78.81
C ARG UB 96 -75.32 49.54 -77.74
N GLN UB 97 -74.87 50.79 -77.85
CA GLN UB 97 -75.05 51.78 -76.78
C GLN UB 97 -76.35 52.57 -76.86
N VAL UB 98 -76.58 53.22 -78.00
CA VAL UB 98 -77.71 54.14 -78.17
C VAL UB 98 -79.03 53.37 -78.23
N THR UB 99 -79.16 52.51 -79.24
CA THR UB 99 -80.21 51.48 -79.25
C THR UB 99 -79.71 50.36 -78.34
N GLY UB 100 -80.57 49.37 -78.10
CA GLY UB 100 -80.21 48.20 -77.28
C GLY UB 100 -80.12 46.94 -78.10
N GLU UB 101 -79.43 47.02 -79.24
CA GLU UB 101 -79.31 45.87 -80.15
C GLU UB 101 -78.26 44.89 -79.65
N TYR UB 102 -78.59 43.60 -79.72
CA TYR UB 102 -77.68 42.52 -79.34
C TYR UB 102 -77.81 41.33 -80.29
N GLN UB 103 -76.71 40.60 -80.46
CA GLN UB 103 -76.60 39.56 -81.50
C GLN UB 103 -77.30 38.26 -81.12
N LEU UB 104 -77.11 37.82 -79.87
CA LEU UB 104 -77.73 36.58 -79.34
C LEU UB 104 -77.23 35.25 -79.93
N LEU UB 105 -76.24 35.29 -80.82
CA LEU UB 105 -75.81 34.14 -81.63
C LEU UB 105 -76.97 33.57 -82.50
N LYS UB 106 -76.71 32.47 -83.20
CA LYS UB 106 -77.75 31.74 -83.93
C LYS UB 106 -77.87 30.32 -83.36
N PRO UB 107 -79.11 29.84 -83.10
CA PRO UB 107 -79.27 28.42 -82.77
C PRO UB 107 -78.97 27.50 -83.95
N TYR UB 108 -78.11 26.50 -83.73
CA TYR UB 108 -77.75 25.55 -84.78
C TYR UB 108 -78.88 24.56 -85.03
N VAL UB 109 -79.40 24.53 -86.25
CA VAL UB 109 -80.49 23.63 -86.63
C VAL UB 109 -80.00 22.20 -86.83
N LYS UB 110 -80.94 21.27 -86.83
CA LYS UB 110 -80.67 19.82 -86.93
C LYS UB 110 -80.14 19.41 -88.31
N LYS UB 111 -80.60 20.10 -89.35
CA LYS UB 111 -80.20 19.84 -90.74
C LYS UB 111 -78.69 19.97 -90.97
N ASP UB 112 -78.12 21.02 -90.38
CA ASP UB 112 -76.68 21.28 -90.45
C ASP UB 112 -75.87 20.15 -89.82
N PHE UB 113 -76.33 19.68 -88.67
CA PHE UB 113 -75.70 18.56 -87.98
C PHE UB 113 -75.79 17.24 -88.75
N GLU UB 114 -76.93 17.02 -89.40
CA GLU UB 114 -77.13 15.87 -90.29
C GLU UB 114 -76.15 15.82 -91.46
N LYS UB 115 -75.74 16.99 -91.94
CA LYS UB 115 -74.75 17.11 -93.02
C LYS UB 115 -73.44 16.37 -92.69
N LEU UB 116 -72.96 16.53 -91.46
CA LEU UB 116 -71.73 15.86 -91.01
C LEU UB 116 -71.99 14.43 -90.57
N THR UB 117 -72.66 14.25 -89.42
CA THR UB 117 -72.87 12.94 -88.81
C THR UB 117 -74.12 12.23 -89.33
N LYS UB 118 -74.08 10.89 -89.28
CA LYS UB 118 -75.10 10.04 -89.91
C LYS UB 118 -76.31 9.75 -89.00
N SER UB 119 -76.04 9.15 -87.84
CA SER UB 119 -77.10 8.66 -86.94
C SER UB 119 -77.94 9.80 -86.35
N LYS UB 120 -79.20 9.49 -86.06
CA LYS UB 120 -80.19 10.51 -85.68
C LYS UB 120 -80.07 10.94 -84.22
N ASP UB 121 -79.95 9.94 -83.34
CA ASP UB 121 -79.78 10.16 -81.90
C ASP UB 121 -78.53 10.98 -81.57
N THR UB 122 -77.44 10.66 -82.28
CA THR UB 122 -76.17 11.38 -82.12
C THR UB 122 -76.29 12.84 -82.55
N VAL UB 123 -76.97 13.06 -83.68
CA VAL UB 123 -77.28 14.40 -84.18
C VAL UB 123 -78.08 15.21 -83.15
N SER UB 124 -79.13 14.59 -82.60
CA SER UB 124 -79.99 15.22 -81.60
C SER UB 124 -79.20 15.62 -80.34
N LYS UB 125 -78.31 14.73 -79.90
CA LYS UB 125 -77.39 15.01 -78.79
C LYS UB 125 -76.48 16.20 -79.07
N LEU UB 126 -75.90 16.23 -80.27
CA LEU UB 126 -75.06 17.34 -80.72
C LEU UB 126 -75.81 18.67 -80.73
N VAL UB 127 -77.04 18.64 -81.22
CA VAL UB 127 -77.93 19.81 -81.24
C VAL UB 127 -78.19 20.32 -79.83
N GLN UB 128 -78.52 19.40 -78.93
CA GLN UB 128 -78.73 19.70 -77.50
C GLN UB 128 -77.51 20.36 -76.87
N ASN UB 129 -76.34 19.76 -77.13
CA ASN UB 129 -75.06 20.30 -76.67
C ASN UB 129 -74.83 21.72 -77.16
N SER UB 130 -75.09 21.95 -78.44
CA SER UB 130 -74.95 23.27 -79.06
C SER UB 130 -75.87 24.30 -78.39
N GLN UB 131 -77.12 23.89 -78.17
CA GLN UB 131 -78.10 24.72 -77.44
C GLN UB 131 -77.62 25.12 -76.05
N VAL UB 132 -77.13 24.13 -75.31
CA VAL UB 132 -76.57 24.33 -73.96
C VAL UB 132 -75.44 25.37 -73.98
N VAL UB 133 -74.53 25.20 -74.93
CA VAL UB 133 -73.39 26.10 -75.11
C VAL UB 133 -73.85 27.53 -75.36
N ARG UB 134 -74.83 27.66 -76.26
CA ARG UB 134 -75.32 28.96 -76.74
C ARG UB 134 -75.70 29.92 -75.62
N LEU UB 135 -76.48 29.42 -74.67
CA LEU UB 135 -77.01 30.22 -73.56
C LEU UB 135 -75.91 30.66 -72.61
N SER UB 136 -74.98 29.74 -72.33
CA SER UB 136 -73.80 30.02 -71.53
C SER UB 136 -72.95 31.11 -72.17
N LEU UB 137 -72.70 30.99 -73.47
CA LEU UB 137 -71.91 31.98 -74.19
C LEU UB 137 -72.59 33.34 -74.31
N GLN UB 138 -73.92 33.36 -74.41
CA GLN UB 138 -74.69 34.61 -74.31
C GLN UB 138 -74.48 35.30 -72.97
N SER UB 139 -74.53 34.52 -71.89
CA SER UB 139 -74.32 35.02 -70.53
C SER UB 139 -72.93 35.64 -70.35
N VAL UB 140 -71.92 34.97 -70.90
CA VAL UB 140 -70.52 35.42 -70.80
C VAL UB 140 -70.27 36.60 -71.75
N VAL UB 141 -69.30 37.44 -71.39
CA VAL UB 141 -68.82 38.55 -72.24
C VAL UB 141 -67.39 38.26 -72.69
N MET UB 142 -67.16 38.24 -74.01
CA MET UB 142 -65.83 37.98 -74.59
C MET UB 142 -65.53 38.89 -75.78
N GLY UB 143 -66.28 38.72 -76.87
CA GLY UB 143 -66.02 39.42 -78.13
C GLY UB 143 -66.82 38.81 -79.25
N SER UB 144 -67.36 39.66 -80.13
CA SER UB 144 -68.38 39.27 -81.13
C SER UB 144 -67.97 38.07 -81.98
N GLU UB 145 -66.78 38.15 -82.55
CA GLU UB 145 -66.25 37.13 -83.47
C GLU UB 145 -65.67 35.94 -82.72
N GLU UB 146 -64.89 36.24 -81.68
CA GLU UB 146 -64.25 35.24 -80.83
C GLU UB 146 -65.27 34.31 -80.17
N LYS UB 147 -66.32 34.90 -79.61
CA LYS UB 147 -67.42 34.17 -78.98
C LYS UB 147 -68.11 33.23 -79.97
N LYS UB 148 -68.36 33.73 -81.19
CA LYS UB 148 -68.96 32.95 -82.26
C LYS UB 148 -68.09 31.75 -82.64
N LEU UB 149 -66.79 31.99 -82.77
CA LEU UB 149 -65.80 30.94 -83.02
C LEU UB 149 -65.85 29.86 -81.95
N VAL UB 150 -65.86 30.28 -80.69
CA VAL UB 150 -65.95 29.37 -79.53
C VAL UB 150 -67.21 28.51 -79.59
N TYR UB 151 -68.33 29.16 -79.86
CA TYR UB 151 -69.64 28.50 -80.04
C TYR UB 151 -69.60 27.44 -81.14
N ASP UB 152 -68.99 27.78 -82.26
CA ASP UB 152 -68.80 26.85 -83.39
C ASP UB 152 -67.95 25.65 -83.02
N VAL UB 153 -66.87 25.91 -82.29
CA VAL UB 153 -65.95 24.86 -81.81
C VAL UB 153 -66.68 23.88 -80.89
N CYS UB 154 -67.41 24.44 -79.94
CA CYS UB 154 -68.21 23.65 -78.99
C CYS UB 154 -69.24 22.77 -79.69
N SER UB 155 -69.91 23.33 -80.70
CA SER UB 155 -70.87 22.60 -81.53
C SER UB 155 -70.25 21.41 -82.26
N GLY UB 156 -69.03 21.60 -82.78
CA GLY UB 156 -68.35 20.63 -83.62
C GLY UB 156 -68.42 20.96 -85.11
N MET UB 157 -68.98 22.13 -85.43
CA MET UB 157 -69.01 22.63 -86.81
C MET UB 157 -67.61 23.04 -87.28
N LYS UB 158 -66.82 23.57 -86.35
CA LYS UB 158 -65.38 23.84 -86.57
C LYS UB 158 -64.54 22.99 -85.61
N PRO UB 159 -63.29 22.66 -86.01
CA PRO UB 159 -62.42 21.87 -85.14
C PRO UB 159 -61.77 22.69 -84.03
N ILE UB 160 -61.01 22.02 -83.17
CA ILE UB 160 -60.31 22.67 -82.05
C ILE UB 160 -59.16 23.56 -82.53
N SER UB 161 -58.53 23.18 -83.65
CA SER UB 161 -57.38 23.89 -84.22
C SER UB 161 -57.59 25.40 -84.50
N GLU UB 162 -58.82 25.79 -84.83
CA GLU UB 162 -59.14 27.20 -85.14
C GLU UB 162 -59.03 28.15 -83.95
N LEU UB 163 -59.12 27.64 -82.72
CA LEU UB 163 -58.91 28.45 -81.51
C LEU UB 163 -57.45 28.86 -81.37
N GLN UB 164 -56.56 27.87 -81.42
CA GLN UB 164 -55.12 28.09 -81.28
C GLN UB 164 -54.52 28.73 -82.54
N GLN UB 165 -54.67 30.05 -82.64
CA GLN UB 165 -54.11 30.84 -83.75
C GLN UB 165 -53.67 32.22 -83.26
N ALA VB 1 5.94 106.61 38.02
CA ALA VB 1 5.08 106.44 36.81
C ALA VB 1 5.01 107.73 35.97
N PRO VB 2 4.85 107.60 34.64
CA PRO VB 2 4.85 108.79 33.78
C PRO VB 2 3.52 109.56 33.83
N PRO VB 3 3.55 110.86 33.52
CA PRO VB 3 2.35 111.70 33.62
C PRO VB 3 1.34 111.49 32.47
N VAL VB 4 1.82 111.07 31.30
CA VAL VB 4 0.97 110.70 30.16
C VAL VB 4 1.31 109.29 29.72
N LEU VB 5 0.28 108.54 29.32
CA LEU VB 5 0.44 107.22 28.71
C LEU VB 5 -0.08 107.24 27.29
N PHE VB 6 0.63 106.57 26.39
CA PHE VB 6 0.25 106.49 24.98
C PHE VB 6 0.11 105.02 24.59
N THR VB 7 -1.11 104.63 24.18
CA THR VB 7 -1.41 103.25 23.80
C THR VB 7 -2.12 103.20 22.45
N VAL VB 8 -2.22 101.99 21.89
CA VAL VB 8 -2.79 101.76 20.57
C VAL VB 8 -4.04 100.91 20.72
N GLN VB 9 -5.20 101.52 20.46
CA GLN VB 9 -6.47 100.82 20.38
C GLN VB 9 -6.78 100.57 18.90
N ASP VB 10 -6.39 99.39 18.40
CA ASP VB 10 -6.56 99.01 16.99
C ASP VB 10 -5.99 100.05 16.00
N THR VB 11 -6.82 100.89 15.40
CA THR VB 11 -6.38 101.93 14.44
C THR VB 11 -6.50 103.35 15.04
N ALA VB 12 -6.65 103.44 16.36
CA ALA VB 12 -6.71 104.70 17.08
C ALA VB 12 -5.68 104.69 18.22
N ARG VB 13 -5.15 105.87 18.54
CA ARG VB 13 -4.18 106.03 19.63
C ARG VB 13 -4.84 106.71 20.81
N VAL VB 14 -4.74 106.09 21.98
CA VAL VB 14 -5.25 106.66 23.21
C VAL VB 14 -4.14 107.48 23.86
N ILE VB 15 -4.52 108.63 24.43
CA ILE VB 15 -3.62 109.43 25.26
C ILE VB 15 -4.27 109.53 26.64
N THR VB 16 -3.73 108.78 27.59
CA THR VB 16 -4.28 108.72 28.95
C THR VB 16 -3.48 109.67 29.86
N LEU VB 17 -4.18 110.64 30.44
CA LEU VB 17 -3.59 111.53 31.44
C LEU VB 17 -3.49 110.76 32.76
N ASN VB 18 -2.29 110.73 33.32
CA ASN VB 18 -1.94 109.81 34.41
C ASN VB 18 -1.21 110.51 35.55
N ARG VB 19 -1.93 111.42 36.21
CA ARG VB 19 -1.55 111.98 37.50
C ARG VB 19 -2.79 111.96 38.41
N PRO VB 20 -3.31 110.75 38.71
CA PRO VB 20 -4.60 110.61 39.41
C PRO VB 20 -4.63 111.19 40.83
N LYS VB 21 -3.48 111.24 41.49
CA LYS VB 21 -3.36 111.85 42.82
C LYS VB 21 -3.59 113.37 42.80
N LYS VB 22 -3.18 114.01 41.70
CA LYS VB 22 -3.33 115.48 41.53
C LYS VB 22 -4.31 115.85 40.41
N LEU VB 23 -5.36 115.03 40.25
CA LEU VB 23 -6.50 115.31 39.35
C LEU VB 23 -6.11 115.55 37.88
N ASN VB 24 -5.05 114.87 37.43
CA ASN VB 24 -4.53 115.00 36.05
C ASN VB 24 -4.24 116.45 35.61
N ALA VB 25 -3.74 117.25 36.55
CA ALA VB 25 -3.37 118.64 36.27
C ALA VB 25 -2.11 118.66 35.41
N LEU VB 26 -2.06 119.58 34.46
CA LEU VB 26 -0.99 119.60 33.45
C LEU VB 26 0.34 120.14 33.98
N ASN VB 27 1.38 119.89 33.20
CA ASN VB 27 2.73 120.41 33.43
C ASN VB 27 3.27 120.91 32.09
N ALA VB 28 4.51 121.38 32.07
CA ALA VB 28 5.20 121.73 30.82
C ALA VB 28 5.68 120.46 30.12
N GLU VB 29 6.41 119.64 30.88
CA GLU VB 29 6.93 118.35 30.40
C GLU VB 29 5.83 117.41 29.87
N MET VB 30 4.71 117.40 30.58
CA MET VB 30 3.54 116.58 30.28
C MET VB 30 2.92 117.01 28.96
N SER VB 31 2.76 118.32 28.79
CA SER VB 31 2.21 118.89 27.55
C SER VB 31 3.14 118.72 26.35
N GLU VB 32 4.44 118.86 26.56
CA GLU VB 32 5.43 118.77 25.47
C GLU VB 32 5.45 117.39 24.81
N SER VB 33 5.51 116.35 25.64
CA SER VB 33 5.48 114.96 25.17
C SER VB 33 4.21 114.66 24.38
N MET VB 34 3.07 115.10 24.93
CA MET VB 34 1.76 114.99 24.26
C MET VB 34 1.75 115.65 22.87
N PHE VB 35 2.29 116.87 22.83
CA PHE VB 35 2.42 117.65 21.58
C PHE VB 35 3.25 116.91 20.54
N LYS VB 36 4.38 116.36 20.99
CA LYS VB 36 5.28 115.58 20.13
C LYS VB 36 4.62 114.34 19.55
N THR VB 37 3.89 113.62 20.40
CA THR VB 37 3.17 112.41 19.98
C THR VB 37 2.07 112.75 18.97
N LEU VB 38 1.34 113.84 19.22
CA LEU VB 38 0.33 114.36 18.30
C LEU VB 38 0.93 114.69 16.92
N ASN VB 39 2.06 115.39 16.93
CA ASN VB 39 2.83 115.68 15.71
C ASN VB 39 3.20 114.42 14.93
N GLU VB 40 3.71 113.42 15.65
CA GLU VB 40 4.06 112.12 15.07
C GLU VB 40 2.88 111.42 14.44
N TYR VB 41 1.75 111.44 15.13
CA TYR VB 41 0.51 110.83 14.62
C TYR VB 41 0.02 111.52 13.36
N ALA VB 42 0.11 112.86 13.33
CA ALA VB 42 -0.21 113.66 12.15
C ALA VB 42 0.67 113.30 10.96
N LYS VB 43 1.97 113.16 11.21
CA LYS VB 43 2.94 112.71 10.20
C LYS VB 43 2.61 111.31 9.64
N SER VB 44 2.21 110.41 10.53
CA SER VB 44 2.01 108.98 10.20
C SER VB 44 0.67 108.67 9.52
N ASP VB 45 0.50 107.40 9.14
CA ASP VB 45 -0.71 106.90 8.44
C ASP VB 45 -1.52 105.82 9.17
N THR VB 46 -0.89 105.02 10.05
CA THR VB 46 -1.59 103.95 10.76
C THR VB 46 -2.61 104.46 11.79
N THR VB 47 -2.38 105.68 12.28
CA THR VB 47 -3.39 106.40 13.07
C THR VB 47 -4.55 106.83 12.17
N ASN VB 48 -5.77 106.59 12.62
CA ASN VB 48 -6.97 107.18 12.03
C ASN VB 48 -7.60 108.26 12.90
N LEU VB 49 -7.55 108.06 14.22
CA LEU VB 49 -8.01 109.09 15.17
C LEU VB 49 -7.24 109.00 16.48
N VAL VB 50 -7.31 110.07 17.26
CA VAL VB 50 -6.74 110.12 18.61
C VAL VB 50 -7.89 110.06 19.61
N ILE VB 51 -7.61 109.51 20.79
CA ILE VB 51 -8.55 109.54 21.92
C ILE VB 51 -7.82 110.17 23.11
N LEU VB 52 -8.49 111.13 23.78
CA LEU VB 52 -7.95 111.76 24.98
C LEU VB 52 -8.70 111.24 26.21
N LYS VB 53 -8.02 110.40 26.98
CA LYS VB 53 -8.60 109.65 28.09
C LYS VB 53 -8.07 110.19 29.41
N SER VB 54 -8.44 109.53 30.51
CA SER VB 54 -7.85 109.76 31.83
C SER VB 54 -7.67 108.43 32.55
N SER VB 55 -6.65 108.35 33.40
CA SER VB 55 -6.40 107.17 34.22
C SER VB 55 -7.52 106.93 35.23
N ASN VB 56 -7.91 108.00 35.92
CA ASN VB 56 -9.03 107.97 36.87
C ASN VB 56 -10.26 108.68 36.27
N ARG VB 57 -10.90 108.00 35.33
CA ARG VB 57 -12.01 108.61 34.57
C ARG VB 57 -13.25 109.04 35.38
N PRO VB 58 -13.67 108.24 36.40
CA PRO VB 58 -14.83 108.69 37.18
C PRO VB 58 -14.54 109.91 38.08
N ARG VB 59 -13.29 110.05 38.53
CA ARG VB 59 -12.91 111.10 39.48
C ARG VB 59 -12.57 112.42 38.78
N SER VB 60 -11.57 112.39 37.90
CA SER VB 60 -11.05 113.60 37.25
C SER VB 60 -10.45 113.33 35.86
N PHE VB 61 -10.89 114.11 34.88
CA PHE VB 61 -10.31 114.08 33.53
C PHE VB 61 -9.02 114.91 33.52
N CYS VB 62 -9.15 116.18 33.89
CA CYS VB 62 -8.02 117.12 33.93
C CYS VB 62 -8.43 118.42 34.64
N ALA VB 63 -8.12 118.51 35.94
CA ALA VB 63 -8.43 119.69 36.74
C ALA VB 63 -7.29 120.70 36.73
N GLY VB 64 -7.45 121.73 35.89
CA GLY VB 64 -6.50 122.83 35.81
C GLY VB 64 -5.23 122.48 35.06
N GLY VB 65 -4.35 123.49 34.93
CA GLY VB 65 -3.01 123.31 34.35
C GLY VB 65 -1.92 123.21 35.40
N ASP VB 66 -2.29 122.89 36.64
CA ASP VB 66 -1.40 122.96 37.80
C ASP VB 66 -0.74 124.34 37.89
N VAL VB 67 -1.56 125.33 38.23
CA VAL VB 67 -1.13 126.73 38.30
C VAL VB 67 -0.33 127.00 39.58
N ALA VB 68 -0.48 126.15 40.59
CA ALA VB 68 0.30 126.23 41.84
C ALA VB 68 1.82 126.21 41.60
N THR VB 69 2.25 125.32 40.71
CA THR VB 69 3.66 125.21 40.30
C THR VB 69 4.15 126.48 39.61
N VAL VB 70 3.30 127.04 38.75
CA VAL VB 70 3.60 128.29 38.05
C VAL VB 70 3.76 129.45 39.03
N ALA VB 71 2.86 129.49 40.00
CA ALA VB 71 2.90 130.49 41.08
C ALA VB 71 4.18 130.43 41.90
N ILE VB 72 4.58 129.23 42.27
CA ILE VB 72 5.80 129.02 43.07
C ILE VB 72 7.06 129.39 42.27
N PHE VB 73 7.05 129.11 40.97
CA PHE VB 73 8.11 129.53 40.05
C PHE VB 73 8.22 131.04 40.01
N ASN VB 74 7.07 131.70 39.83
CA ASN VB 74 6.97 133.17 39.83
C ASN VB 74 7.53 133.78 41.12
N PHE VB 75 7.15 133.18 42.25
CA PHE VB 75 7.63 133.60 43.57
C PHE VB 75 9.15 133.54 43.71
N ASN VB 76 9.76 132.47 43.19
CA ASN VB 76 11.23 132.29 43.21
C ASN VB 76 11.96 132.88 42.00
N LYS VB 77 11.30 133.78 41.27
CA LYS VB 77 11.86 134.46 40.08
C LYS VB 77 12.25 133.49 38.94
N GLU VB 78 11.52 132.39 38.82
CA GLU VB 78 11.67 131.43 37.72
C GLU VB 78 10.63 131.78 36.65
N PHE VB 79 10.84 132.95 36.05
CA PHE VB 79 9.89 133.56 35.10
C PHE VB 79 9.92 132.84 33.76
N ALA VB 80 11.14 132.63 33.26
CA ALA VB 80 11.39 131.98 31.96
C ALA VB 80 10.79 130.58 31.86
N LYS VB 81 10.95 129.80 32.94
CA LYS VB 81 10.37 128.46 33.02
C LYS VB 81 8.85 128.48 32.94
N SER VB 82 8.25 129.41 33.68
CA SER VB 82 6.80 129.60 33.68
C SER VB 82 6.29 129.98 32.30
N ILE VB 83 7.01 130.88 31.63
CA ILE VB 83 6.64 131.35 30.28
C ILE VB 83 6.72 130.20 29.27
N LYS VB 84 7.75 129.36 29.40
CA LYS VB 84 7.91 128.15 28.59
C LYS VB 84 6.75 127.20 28.79
N PHE VB 85 6.42 126.94 30.05
CA PHE VB 85 5.26 126.12 30.43
C PHE VB 85 3.98 126.60 29.77
N PHE VB 86 3.74 127.92 29.87
CA PHE VB 86 2.57 128.55 29.26
C PHE VB 86 2.54 128.30 27.76
N THR VB 87 3.66 128.59 27.10
CA THR VB 87 3.82 128.36 25.66
C THR VB 87 3.45 126.93 25.29
N ASP VB 88 3.99 125.97 26.05
CA ASP VB 88 3.71 124.54 25.84
C ASP VB 88 2.22 124.22 25.95
N GLU VB 89 1.58 124.80 26.96
CA GLU VB 89 0.13 124.62 27.19
C GLU VB 89 -0.69 125.17 26.03
N TYR VB 90 -0.43 126.42 25.67
CA TYR VB 90 -1.16 127.09 24.59
C TYR VB 90 -0.87 126.51 23.20
N SER VB 91 0.38 126.07 22.99
CA SER VB 91 0.78 125.43 21.73
C SER VB 91 0.03 124.11 21.50
N LEU VB 92 -0.08 123.32 22.57
CA LEU VB 92 -0.82 122.05 22.55
C LEU VB 92 -2.29 122.28 22.18
N ASN VB 93 -2.90 123.26 22.84
CA ASN VB 93 -4.29 123.66 22.57
C ASN VB 93 -4.51 124.08 21.12
N PHE VB 94 -3.57 124.87 20.60
CA PHE VB 94 -3.59 125.33 19.21
C PHE VB 94 -3.49 124.17 18.23
N GLN VB 95 -2.61 123.22 18.54
CA GLN VB 95 -2.43 122.00 17.75
C GLN VB 95 -3.73 121.19 17.71
N ILE VB 96 -4.32 120.99 18.88
CA ILE VB 96 -5.60 120.30 19.04
C ILE VB 96 -6.69 120.94 18.18
N ALA VB 97 -6.79 122.26 18.27
CA ALA VB 97 -7.74 123.05 17.48
C ALA VB 97 -7.56 122.80 15.99
N THR VB 98 -6.31 122.90 15.54
CA THR VB 98 -5.96 122.77 14.12
C THR VB 98 -5.56 121.35 13.69
N TYR VB 99 -5.90 120.34 14.51
CA TYR VB 99 -5.56 118.94 14.20
C TYR VB 99 -6.52 118.41 13.15
N LEU VB 100 -5.97 117.75 12.12
CA LEU VB 100 -6.73 117.39 10.92
C LEU VB 100 -7.42 116.02 11.00
N LYS VB 101 -6.87 115.09 11.77
CA LYS VB 101 -7.60 113.87 12.11
C LYS VB 101 -8.62 114.19 13.20
N PRO VB 102 -9.66 113.36 13.33
CA PRO VB 102 -10.53 113.49 14.52
C PRO VB 102 -9.80 113.12 15.80
N ILE VB 103 -9.95 113.95 16.82
CA ILE VB 103 -9.55 113.58 18.18
C ILE VB 103 -10.80 113.70 19.06
N VAL VB 104 -11.00 112.71 19.93
CA VAL VB 104 -12.23 112.59 20.73
C VAL VB 104 -11.83 112.46 22.19
N THR VB 105 -12.42 113.32 23.04
CA THR VB 105 -11.97 113.50 24.42
C THR VB 105 -13.09 113.11 25.37
N PHE VB 106 -12.91 111.99 26.05
CA PHE VB 106 -13.89 111.50 27.04
C PHE VB 106 -13.75 112.36 28.30
N MET VB 107 -14.58 113.39 28.39
CA MET VB 107 -14.62 114.27 29.55
C MET VB 107 -15.40 113.59 30.68
N ASP VB 108 -14.90 112.46 31.18
CA ASP VB 108 -15.65 111.64 32.12
C ASP VB 108 -15.68 112.33 33.48
N GLY VB 109 -14.51 112.60 34.04
CA GLY VB 109 -14.39 113.32 35.31
C GLY VB 109 -14.53 114.83 35.18
N ILE VB 110 -14.08 115.54 36.20
CA ILE VB 110 -14.11 117.02 36.23
C ILE VB 110 -13.18 117.60 35.15
N THR VB 111 -13.63 118.68 34.49
CA THR VB 111 -12.88 119.34 33.42
C THR VB 111 -12.79 120.84 33.67
N MET VB 112 -11.59 121.33 33.99
CA MET VB 112 -11.38 122.73 34.38
C MET VB 112 -10.05 123.25 33.84
N GLY VB 113 -10.05 124.50 33.38
CA GLY VB 113 -8.83 125.17 32.92
C GLY VB 113 -8.13 124.47 31.76
N GLY VB 114 -7.18 123.60 32.10
CA GLY VB 114 -6.41 122.82 31.11
C GLY VB 114 -7.26 121.77 30.43
N GLY VB 115 -8.04 121.04 31.23
CA GLY VB 115 -8.98 120.04 30.71
C GLY VB 115 -10.03 120.61 29.77
N VAL VB 116 -10.50 121.81 30.09
CA VAL VB 116 -11.44 122.55 29.23
C VAL VB 116 -10.79 122.85 27.88
N GLY VB 117 -9.55 123.32 27.92
CA GLY VB 117 -8.78 123.62 26.72
C GLY VB 117 -8.57 122.41 25.84
N LEU VB 118 -8.22 121.29 26.47
CA LEU VB 118 -8.08 120.00 25.79
C LEU VB 118 -9.36 119.59 25.08
N SER VB 119 -10.48 119.76 25.78
CA SER VB 119 -11.79 119.36 25.27
C SER VB 119 -12.33 120.26 24.15
N ILE VB 120 -12.38 121.55 24.43
CA ILE VB 120 -13.25 122.49 23.71
C ILE VB 120 -12.73 122.97 22.34
N HIS VB 121 -11.53 122.54 21.94
CA HIS VB 121 -11.02 122.77 20.59
C HIS VB 121 -11.23 121.56 19.67
N THR VB 122 -11.81 120.49 20.20
CA THR VB 122 -12.10 119.26 19.43
C THR VB 122 -13.60 119.20 19.13
N PRO VB 123 -13.96 118.68 17.94
CA PRO VB 123 -15.38 118.56 17.61
C PRO VB 123 -16.10 117.38 18.28
N PHE VB 124 -15.34 116.43 18.86
CA PHE VB 124 -15.91 115.25 19.52
C PHE VB 124 -15.54 115.17 20.99
N ARG VB 125 -15.89 116.23 21.73
CA ARG VB 125 -15.76 116.23 23.18
C ARG VB 125 -17.02 115.60 23.79
N ILE VB 126 -16.82 114.60 24.65
CA ILE VB 126 -17.90 113.70 25.09
C ILE VB 126 -18.10 113.80 26.60
N ALA VB 127 -19.32 114.17 27.00
CA ALA VB 127 -19.69 114.29 28.42
C ALA VB 127 -20.38 113.02 28.92
N THR VB 128 -20.05 112.62 30.14
CA THR VB 128 -20.75 111.57 30.87
C THR VB 128 -21.68 112.17 31.93
N GLU VB 129 -22.35 111.29 32.67
CA GLU VB 129 -23.01 111.65 33.94
C GLU VB 129 -22.10 112.35 34.97
N ASN VB 130 -20.80 112.02 34.96
CA ASN VB 130 -19.85 112.44 35.99
C ASN VB 130 -19.10 113.77 35.78
N THR VB 131 -19.43 114.53 34.72
CA THR VB 131 -18.61 115.73 34.38
C THR VB 131 -18.83 116.87 35.36
N LYS VB 132 -17.85 117.76 35.39
CA LYS VB 132 -17.94 119.04 36.11
C LYS VB 132 -17.17 120.10 35.30
N TRP VB 133 -17.85 120.68 34.32
CA TRP VB 133 -17.25 121.70 33.46
C TRP VB 133 -17.25 123.04 34.17
N ALA VB 134 -16.11 123.73 34.15
CA ALA VB 134 -15.96 125.01 34.86
C ALA VB 134 -14.76 125.81 34.37
N MET VB 135 -14.74 127.09 34.72
CA MET VB 135 -13.57 127.95 34.53
C MET VB 135 -13.34 128.75 35.83
N PRO VB 136 -12.77 128.10 36.86
CA PRO VB 136 -12.56 128.74 38.16
C PRO VB 136 -11.20 129.46 38.27
N GLU VB 137 -10.85 130.23 37.24
CA GLU VB 137 -9.58 130.97 37.21
C GLU VB 137 -9.71 132.34 37.88
N MET VB 138 -10.93 132.86 37.99
CA MET VB 138 -11.18 134.18 38.61
C MET VB 138 -10.99 134.16 40.13
N ASP VB 139 -11.36 133.04 40.76
CA ASP VB 139 -11.05 132.82 42.18
C ASP VB 139 -9.53 132.66 42.37
N ILE VB 140 -8.90 131.97 41.42
CA ILE VB 140 -7.43 131.83 41.37
C ILE VB 140 -6.74 133.16 41.08
N GLY VB 141 -7.42 134.05 40.36
CA GLY VB 141 -6.95 135.41 40.07
C GLY VB 141 -6.31 135.51 38.70
N PHE VB 142 -6.98 134.91 37.71
CA PHE VB 142 -6.39 134.65 36.40
C PHE VB 142 -7.50 134.59 35.34
N PHE VB 143 -7.15 134.90 34.11
CA PHE VB 143 -8.12 135.07 33.02
C PHE VB 143 -8.58 133.70 32.47
N PRO VB 144 -9.61 133.69 31.59
CA PRO VB 144 -10.01 132.42 30.96
C PRO VB 144 -8.99 131.93 29.95
N ASP VB 145 -8.25 130.88 30.33
CA ASP VB 145 -7.03 130.46 29.62
C ASP VB 145 -7.34 129.63 28.37
N VAL VB 146 -6.31 128.92 27.90
CA VAL VB 146 -6.41 127.80 26.95
C VAL VB 146 -7.16 128.04 25.62
N GLY VB 147 -7.27 129.30 25.22
CA GLY VB 147 -8.09 129.67 24.06
C GLY VB 147 -9.58 129.40 24.20
N SER VB 148 -10.06 129.23 25.44
CA SER VB 148 -11.48 128.99 25.71
C SER VB 148 -12.28 130.26 25.38
N THR VB 149 -11.67 131.40 25.68
CA THR VB 149 -12.12 132.73 25.25
C THR VB 149 -12.50 132.84 23.77
N PHE VB 150 -11.84 132.08 22.90
CA PHE VB 150 -12.18 131.97 21.48
C PHE VB 150 -13.39 131.06 21.24
N ALA VB 151 -13.37 129.88 21.86
CA ALA VB 151 -14.37 128.84 21.61
C ALA VB 151 -15.75 129.18 22.17
N LEU VB 152 -15.78 129.50 23.47
CA LEU VB 152 -17.04 129.77 24.19
C LEU VB 152 -18.03 130.70 23.47
N PRO VB 153 -17.56 131.84 22.91
CA PRO VB 153 -18.42 132.70 22.08
C PRO VB 153 -19.24 131.99 20.99
N ARG VB 154 -18.65 131.02 20.30
CA ARG VB 154 -19.30 130.38 19.14
C ARG VB 154 -19.77 128.93 19.33
N ILE VB 155 -19.12 128.16 20.20
CA ILE VB 155 -19.51 126.75 20.42
C ILE VB 155 -20.77 126.57 21.29
N VAL VB 156 -20.94 127.43 22.29
CA VAL VB 156 -22.10 127.34 23.20
C VAL VB 156 -23.38 127.78 22.47
N THR VB 157 -24.50 127.14 22.83
CA THR VB 157 -25.70 127.08 22.00
C THR VB 157 -26.67 128.24 22.22
N LEU VB 158 -27.00 128.49 23.49
CA LEU VB 158 -28.02 129.46 23.88
C LEU VB 158 -27.41 130.79 24.31
N ALA VB 159 -28.04 131.90 23.89
CA ALA VB 159 -27.66 133.27 24.25
C ALA VB 159 -26.22 133.62 23.84
N ASN VB 160 -26.05 133.91 22.55
CA ASN VB 160 -24.74 134.24 21.97
C ASN VB 160 -24.82 135.24 20.82
N SER VB 161 -25.55 136.32 21.04
CA SER VB 161 -25.56 137.44 20.09
C SER VB 161 -24.29 138.26 20.28
N ASN VB 162 -24.03 138.64 21.53
CA ASN VB 162 -22.78 139.30 21.94
C ASN VB 162 -21.98 138.48 22.96
N SER VB 163 -22.06 137.14 22.85
CA SER VB 163 -21.32 136.20 23.71
C SER VB 163 -21.63 136.37 25.21
N GLN VB 164 -22.93 136.40 25.54
CA GLN VB 164 -23.38 136.68 26.92
C GLN VB 164 -23.27 135.47 27.82
N MET VB 165 -23.78 134.33 27.33
CA MET VB 165 -23.71 133.05 28.04
C MET VB 165 -22.26 132.62 28.25
N ALA VB 166 -21.45 132.79 27.21
CA ALA VB 166 -20.01 132.53 27.25
C ALA VB 166 -19.31 133.35 28.33
N LEU VB 167 -19.62 134.65 28.34
CA LEU VB 167 -19.12 135.57 29.35
C LEU VB 167 -19.49 135.13 30.76
N TYR VB 168 -20.76 134.80 30.95
CA TYR VB 168 -21.27 134.31 32.23
C TYR VB 168 -20.47 133.10 32.71
N LEU VB 169 -20.32 132.11 31.83
CA LEU VB 169 -19.55 130.90 32.11
C LEU VB 169 -18.11 131.21 32.55
N CYS VB 170 -17.47 132.15 31.84
CA CYS VB 170 -16.10 132.56 32.14
C CYS VB 170 -16.02 133.41 33.41
N LEU VB 171 -16.78 134.49 33.45
CA LEU VB 171 -16.70 135.49 34.52
C LEU VB 171 -17.22 134.98 35.86
N THR VB 172 -18.42 134.41 35.86
CA THR VB 172 -19.05 133.91 37.09
C THR VB 172 -18.44 132.59 37.57
N GLY VB 173 -17.83 131.84 36.65
CA GLY VB 173 -17.07 130.63 36.96
C GLY VB 173 -17.89 129.51 37.56
N GLU VB 174 -19.12 129.34 37.07
CA GLU VB 174 -20.06 128.37 37.63
C GLU VB 174 -19.77 126.96 37.12
N VAL VB 175 -20.03 125.97 37.96
CA VAL VB 175 -19.84 124.56 37.62
C VAL VB 175 -21.05 124.08 36.82
N VAL VB 176 -20.79 123.24 35.81
CA VAL VB 176 -21.83 122.71 34.92
C VAL VB 176 -21.71 121.19 34.88
N THR VB 177 -22.83 120.50 35.13
CA THR VB 177 -22.88 119.04 35.10
C THR VB 177 -23.09 118.51 33.67
N GLY VB 178 -22.90 117.20 33.51
CA GLY VB 178 -22.85 116.53 32.19
C GLY VB 178 -23.91 116.84 31.16
N ALA VB 179 -25.14 116.43 31.45
CA ALA VB 179 -26.28 116.65 30.56
C ALA VB 179 -26.51 118.14 30.28
N ASP VB 180 -26.46 118.93 31.35
CA ASP VB 180 -26.60 120.39 31.28
C ASP VB 180 -25.52 121.03 30.40
N ALA VB 181 -24.28 120.57 30.57
CA ALA VB 181 -23.13 121.02 29.77
C ALA VB 181 -23.31 120.70 28.29
N TYR VB 182 -23.78 119.47 28.02
CA TYR VB 182 -24.10 119.03 26.66
C TYR VB 182 -25.17 119.92 26.00
N MET VB 183 -26.25 120.17 26.74
CA MET VB 183 -27.33 121.06 26.30
C MET VB 183 -26.82 122.46 25.97
N LEU VB 184 -25.97 122.99 26.85
CA LEU VB 184 -25.29 124.27 26.63
C LEU VB 184 -24.51 124.33 25.32
N GLY VB 185 -23.85 123.23 24.96
CA GLY VB 185 -22.98 123.18 23.77
C GLY VB 185 -21.52 122.94 24.10
N LEU VB 186 -21.20 122.86 25.40
CA LEU VB 186 -19.84 122.64 25.87
C LEU VB 186 -19.36 121.24 25.49
N ALA VB 187 -20.24 120.26 25.61
CA ALA VB 187 -20.01 118.91 25.11
C ALA VB 187 -20.72 118.70 23.77
N SER VB 188 -20.09 117.92 22.89
CA SER VB 188 -20.63 117.60 21.57
C SER VB 188 -21.59 116.41 21.65
N HIS VB 189 -21.26 115.45 22.51
CA HIS VB 189 -22.09 114.27 22.73
C HIS VB 189 -22.25 113.96 24.21
N TYR VB 190 -23.34 113.28 24.54
CA TYR VB 190 -23.61 112.82 25.89
C TYR VB 190 -23.67 111.30 25.90
N VAL VB 191 -22.60 110.68 26.39
CA VAL VB 191 -22.48 109.22 26.44
C VAL VB 191 -22.22 108.81 27.88
N SER VB 192 -22.90 107.77 28.34
CA SER VB 192 -22.76 107.29 29.73
C SER VB 192 -21.36 106.72 29.99
N SER VB 193 -20.96 106.75 31.26
CA SER VB 193 -19.65 106.25 31.68
C SER VB 193 -19.47 104.72 31.55
N GLU VB 194 -20.58 104.00 31.44
CA GLU VB 194 -20.58 102.55 31.28
C GLU VB 194 -20.16 102.13 29.87
N ASN VB 195 -20.67 102.85 28.87
CA ASN VB 195 -20.40 102.57 27.45
C ASN VB 195 -19.08 103.13 26.89
N LEU VB 196 -18.31 103.85 27.70
CA LEU VB 196 -17.08 104.52 27.25
C LEU VB 196 -16.06 103.57 26.65
N ASP VB 197 -15.85 102.43 27.31
CA ASP VB 197 -14.95 101.39 26.84
C ASP VB 197 -15.40 100.84 25.48
N ALA VB 198 -16.70 100.59 25.35
CA ALA VB 198 -17.31 100.11 24.11
C ALA VB 198 -17.15 101.12 22.97
N LEU VB 199 -17.34 102.40 23.30
CA LEU VB 199 -17.14 103.51 22.35
C LEU VB 199 -15.68 103.52 21.85
N GLN VB 200 -14.75 103.46 22.80
CA GLN VB 200 -13.31 103.42 22.51
C GLN VB 200 -12.92 102.26 21.58
N LYS VB 201 -13.47 101.08 21.87
CA LYS VB 201 -13.28 99.90 21.03
C LYS VB 201 -13.77 100.11 19.61
N ARG VB 202 -14.96 100.69 19.49
CA ARG VB 202 -15.57 101.03 18.19
C ARG VB 202 -14.69 101.98 17.39
N LEU VB 203 -14.20 103.03 18.06
CA LEU VB 203 -13.31 104.02 17.46
C LEU VB 203 -12.03 103.38 16.93
N GLY VB 204 -11.46 102.47 17.72
CA GLY VB 204 -10.30 101.70 17.32
C GLY VB 204 -10.56 100.86 16.08
N GLU VB 205 -11.67 100.13 16.10
CA GLU VB 205 -12.11 99.32 14.95
C GLU VB 205 -12.24 100.15 13.67
N ILE VB 206 -12.94 101.27 13.80
CA ILE VB 206 -13.31 102.13 12.66
C ILE VB 206 -12.11 102.61 11.83
N SER VB 207 -12.33 102.68 10.52
CA SER VB 207 -11.36 103.24 9.58
C SER VB 207 -12.09 103.76 8.33
N PRO VB 208 -11.50 104.75 7.61
CA PRO VB 208 -12.13 105.34 6.42
C PRO VB 208 -12.57 104.31 5.35
N PRO VB 209 -13.54 104.68 4.49
CA PRO VB 209 -14.32 103.70 3.72
C PRO VB 209 -13.54 102.89 2.67
N PHE VB 210 -12.75 103.58 1.85
CA PHE VB 210 -12.03 102.95 0.73
C PHE VB 210 -10.59 103.48 0.66
N ASN VB 211 -10.46 104.80 0.47
CA ASN VB 211 -9.17 105.48 0.54
C ASN VB 211 -8.75 105.57 2.00
N ASN VB 212 -7.44 105.56 2.24
CA ASN VB 212 -6.89 105.54 3.61
C ASN VB 212 -7.08 106.85 4.40
N ASP VB 213 -7.32 107.96 3.70
CA ASP VB 213 -7.51 109.29 4.29
C ASP VB 213 -8.45 109.38 5.53
N PRO VB 214 -7.87 109.58 6.73
CA PRO VB 214 -8.69 109.87 7.91
C PRO VB 214 -8.97 111.37 8.13
N GLN VB 215 -8.33 112.23 7.34
CA GLN VB 215 -8.44 113.68 7.47
C GLN VB 215 -9.66 114.25 6.73
N SER VB 216 -10.25 113.45 5.84
CA SER VB 216 -11.43 113.85 5.07
C SER VB 216 -12.66 113.98 5.95
N ALA VB 217 -13.60 114.82 5.51
CA ALA VB 217 -14.87 115.06 6.22
C ALA VB 217 -15.75 113.82 6.33
N TYR VB 218 -15.59 112.89 5.38
CA TYR VB 218 -16.28 111.59 5.41
C TYR VB 218 -15.97 110.84 6.70
N PHE VB 219 -14.68 110.75 7.03
CA PHE VB 219 -14.26 110.03 8.24
C PHE VB 219 -14.78 110.70 9.52
N PHE VB 220 -14.76 112.02 9.54
CA PHE VB 220 -15.38 112.79 10.64
C PHE VB 220 -16.85 112.42 10.83
N GLY VB 221 -17.58 112.36 9.71
CA GLY VB 221 -18.98 111.95 9.70
C GLY VB 221 -19.20 110.53 10.21
N MET VB 222 -18.29 109.63 9.84
CA MET VB 222 -18.31 108.24 10.34
C MET VB 222 -18.09 108.18 11.84
N VAL VB 223 -17.11 108.94 12.32
CA VAL VB 223 -16.79 109.05 13.74
C VAL VB 223 -17.99 109.56 14.53
N ASN VB 224 -18.63 110.61 14.01
CA ASN VB 224 -19.85 111.17 14.59
C ASN VB 224 -20.96 110.13 14.71
N GLU VB 225 -21.20 109.41 13.62
CA GLU VB 225 -22.17 108.30 13.57
C GLU VB 225 -21.89 107.24 14.63
N SER VB 226 -20.62 106.86 14.75
CA SER VB 226 -20.18 105.86 15.73
C SER VB 226 -20.43 106.31 17.17
N ILE VB 227 -20.15 107.58 17.43
CA ILE VB 227 -20.37 108.17 18.76
C ILE VB 227 -21.88 108.24 19.07
N ASP VB 228 -22.68 108.62 18.07
CA ASP VB 228 -24.15 108.60 18.18
C ASP VB 228 -24.70 107.23 18.53
N GLU VB 229 -24.14 106.20 17.90
CA GLU VB 229 -24.52 104.81 18.18
C GLU VB 229 -24.38 104.39 19.65
N PHE VB 230 -23.46 105.05 20.40
CA PHE VB 230 -23.27 104.77 21.84
C PHE VB 230 -23.94 105.73 22.84
N VAL VB 231 -24.69 106.72 22.36
CA VAL VB 231 -25.42 107.62 23.28
C VAL VB 231 -26.63 106.91 23.88
N SER VB 232 -27.20 107.52 24.91
CA SER VB 232 -28.43 107.04 25.54
C SER VB 232 -29.32 108.24 25.86
N PRO VB 233 -30.66 108.07 25.85
CA PRO VB 233 -31.53 109.19 26.25
C PRO VB 233 -31.36 109.60 27.70
N LEU VB 234 -31.70 110.86 27.99
CA LEU VB 234 -31.59 111.42 29.32
C LEU VB 234 -32.73 110.87 30.19
N PRO VB 235 -32.52 110.82 31.52
CA PRO VB 235 -33.57 110.31 32.41
C PRO VB 235 -34.85 111.17 32.38
N LYS VB 236 -35.97 110.56 32.76
CA LYS VB 236 -37.27 111.23 32.70
C LYS VB 236 -37.44 112.32 33.76
N ASP VB 237 -36.60 112.29 34.79
CA ASP VB 237 -36.53 113.36 35.81
C ASP VB 237 -35.56 114.49 35.45
N TYR VB 238 -34.96 114.47 34.26
CA TYR VB 238 -34.01 115.49 33.83
C TYR VB 238 -34.69 116.85 33.62
N VAL VB 239 -34.09 117.89 34.19
CA VAL VB 239 -34.53 119.27 34.01
C VAL VB 239 -33.30 120.10 33.63
N PHE VB 240 -33.44 120.92 32.59
CA PHE VB 240 -32.36 121.81 32.15
C PHE VB 240 -32.17 122.90 33.20
N LYS VB 241 -30.98 122.92 33.81
CA LYS VB 241 -30.66 123.78 34.97
C LYS VB 241 -31.02 125.24 34.75
N TYR VB 242 -30.56 125.80 33.64
CA TYR VB 242 -30.79 127.20 33.31
C TYR VB 242 -32.21 127.39 32.75
N SER VB 243 -33.09 127.87 33.62
CA SER VB 243 -34.48 128.16 33.24
C SER VB 243 -34.58 129.32 32.24
N ASN VB 244 -35.76 129.48 31.64
CA ASN VB 244 -35.99 130.50 30.60
C ASN VB 244 -35.77 131.93 31.08
N GLU VB 245 -36.37 132.25 32.23
CA GLU VB 245 -36.23 133.57 32.85
C GLU VB 245 -34.78 133.92 33.22
N LYS VB 246 -34.04 132.92 33.68
CA LYS VB 246 -32.61 133.07 34.00
C LYS VB 246 -31.76 133.33 32.76
N LEU VB 247 -32.07 132.61 31.68
CA LEU VB 247 -31.43 132.81 30.38
C LEU VB 247 -31.70 134.21 29.83
N ASN VB 248 -32.94 134.65 29.95
CA ASN VB 248 -33.36 135.99 29.53
C ASN VB 248 -32.61 137.09 30.27
N VAL VB 249 -32.47 136.95 31.58
CA VAL VB 249 -31.76 137.95 32.41
C VAL VB 249 -30.27 137.97 32.08
N ILE VB 250 -29.69 136.80 31.83
CA ILE VB 250 -28.29 136.68 31.37
C ILE VB 250 -28.10 137.45 30.06
N GLU VB 251 -29.02 137.22 29.12
CA GLU VB 251 -29.02 137.89 27.81
C GLU VB 251 -29.08 139.41 27.96
N ALA VB 252 -29.98 139.86 28.81
CA ALA VB 252 -30.14 141.28 29.11
C ALA VB 252 -28.87 141.92 29.69
N CYS VB 253 -28.24 141.22 30.63
CA CYS VB 253 -27.12 141.79 31.39
C CYS VB 253 -25.79 141.68 30.66
N PHE VB 254 -25.42 140.46 30.28
CA PHE VB 254 -24.08 140.19 29.76
C PHE VB 254 -23.81 140.65 28.32
N ASN VB 255 -24.86 140.97 27.55
CA ASN VB 255 -24.67 141.50 26.20
C ASN VB 255 -24.19 142.97 26.26
N LEU VB 256 -23.07 143.25 25.61
CA LEU VB 256 -22.38 144.53 25.71
C LEU VB 256 -22.04 145.10 24.33
N SER VB 257 -21.77 146.40 24.31
CA SER VB 257 -21.38 147.13 23.10
C SER VB 257 -19.87 147.01 22.85
N LYS VB 258 -19.35 147.78 21.89
CA LYS VB 258 -17.91 147.82 21.58
C LYS VB 258 -17.02 148.06 22.82
N ASN VB 259 -17.41 149.01 23.66
CA ASN VB 259 -16.62 149.40 24.85
C ASN VB 259 -17.33 149.07 26.17
N GLY VB 260 -17.79 147.83 26.29
CA GLY VB 260 -18.42 147.33 27.50
C GLY VB 260 -17.41 147.03 28.59
N THR VB 261 -17.89 147.02 29.84
CA THR VB 261 -17.04 146.75 31.02
C THR VB 261 -17.74 145.85 32.03
N ILE VB 262 -16.96 145.35 32.99
CA ILE VB 262 -17.51 144.60 34.14
C ILE VB 262 -18.41 145.49 35.02
N GLU VB 263 -18.00 146.75 35.18
CA GLU VB 263 -18.78 147.75 35.93
C GLU VB 263 -20.16 147.97 35.30
N ASP VB 264 -20.18 148.07 33.97
CA ASP VB 264 -21.41 148.21 33.20
C ASP VB 264 -22.36 147.02 33.38
N ILE VB 265 -21.77 145.82 33.36
CA ILE VB 265 -22.50 144.57 33.61
C ILE VB 265 -23.14 144.58 35.00
N MET VB 266 -22.33 144.94 36.00
CA MET VB 266 -22.79 145.06 37.39
C MET VB 266 -23.95 146.03 37.55
N ASN VB 267 -23.83 147.18 36.90
CA ASN VB 267 -24.90 148.19 36.87
C ASN VB 267 -26.18 147.66 36.26
N ASN VB 268 -26.03 146.93 35.15
CA ASN VB 268 -27.16 146.31 34.44
C ASN VB 268 -27.88 145.29 35.33
N LEU VB 269 -27.09 144.45 36.00
CA LEU VB 269 -27.61 143.47 36.97
C LEU VB 269 -28.40 144.13 38.10
N ARG VB 270 -27.84 145.22 38.63
CA ARG VB 270 -28.47 146.00 39.69
C ARG VB 270 -29.85 146.53 39.26
N GLN VB 271 -29.91 147.10 38.05
CA GLN VB 271 -31.12 147.77 37.55
C GLN VB 271 -32.06 146.90 36.70
N TYR VB 272 -31.87 145.58 36.69
CA TYR VB 272 -32.75 144.68 35.95
C TYR VB 272 -34.11 144.55 36.64
N GLU VB 273 -35.17 144.45 35.84
CA GLU VB 273 -36.54 144.35 36.33
C GLU VB 273 -37.31 143.30 35.52
N GLY VB 274 -38.06 142.45 36.20
CA GLY VB 274 -38.83 141.39 35.55
C GLY VB 274 -39.45 140.42 36.53
N SER VB 275 -39.19 139.12 36.36
CA SER VB 275 -39.66 138.09 37.28
C SER VB 275 -38.87 138.16 38.60
N ALA VB 276 -39.51 137.74 39.69
CA ALA VB 276 -38.91 137.80 41.02
C ALA VB 276 -37.75 136.81 41.17
N GLU VB 277 -37.99 135.58 40.71
CA GLU VB 277 -36.97 134.52 40.68
C GLU VB 277 -35.76 134.92 39.84
N GLY VB 278 -36.03 135.45 38.65
CA GLY VB 278 -35.00 135.95 37.74
C GLY VB 278 -34.19 137.10 38.32
N LYS VB 279 -34.87 137.98 39.06
CA LYS VB 279 -34.22 139.09 39.78
C LYS VB 279 -33.29 138.59 40.88
N ALA VB 280 -33.78 137.61 41.64
CA ALA VB 280 -32.99 136.94 42.68
C ALA VB 280 -31.74 136.26 42.13
N PHE VB 281 -31.91 135.60 41.00
CA PHE VB 281 -30.81 134.97 40.27
C PHE VB 281 -29.76 136.02 39.88
N ALA VB 282 -30.22 137.09 39.23
CA ALA VB 282 -29.36 138.21 38.83
C ALA VB 282 -28.58 138.81 39.99
N GLN VB 283 -29.26 138.99 41.13
CA GLN VB 283 -28.62 139.44 42.37
C GLN VB 283 -27.52 138.49 42.84
N GLU VB 284 -27.83 137.20 42.80
CA GLU VB 284 -26.88 136.14 43.19
C GLU VB 284 -25.63 136.15 42.32
N ILE VB 285 -25.80 136.34 41.02
CA ILE VB 285 -24.67 136.30 40.08
C ILE VB 285 -23.83 137.59 40.21
N LYS VB 286 -24.49 138.71 40.52
CA LYS VB 286 -23.80 139.97 40.84
C LYS VB 286 -22.93 139.82 42.09
N THR VB 287 -23.48 139.17 43.11
CA THR VB 287 -22.78 138.86 44.35
C THR VB 287 -21.52 138.03 44.11
N LYS VB 288 -21.65 136.97 43.30
CA LYS VB 288 -20.52 136.09 43.01
C LYS VB 288 -19.46 136.76 42.12
N LEU VB 289 -19.88 137.67 41.25
CA LEU VB 289 -18.95 138.54 40.50
C LEU VB 289 -18.15 139.44 41.43
N LEU VB 290 -18.84 140.04 42.40
CA LEU VB 290 -18.23 140.90 43.42
C LEU VB 290 -17.18 140.12 44.23
N THR VB 291 -17.56 138.92 44.63
CA THR VB 291 -16.67 137.99 45.36
C THR VB 291 -15.36 137.72 44.59
N LYS VB 292 -15.47 137.53 43.28
CA LYS VB 292 -14.30 137.31 42.41
C LYS VB 292 -13.54 138.61 42.13
N SER VB 293 -12.35 138.48 41.53
CA SER VB 293 -11.44 139.62 41.32
C SER VB 293 -11.86 140.51 40.16
N PRO VB 294 -11.74 141.84 40.34
CA PRO VB 294 -12.22 142.75 39.29
C PRO VB 294 -11.28 142.86 38.08
N SER VB 295 -9.98 142.98 38.32
CA SER VB 295 -8.98 143.17 37.25
C SER VB 295 -8.95 142.02 36.27
N SER VB 296 -8.99 140.79 36.80
CA SER VB 296 -9.02 139.58 35.98
C SER VB 296 -10.28 139.49 35.12
N LEU VB 297 -11.42 139.82 35.72
CA LEU VB 297 -12.70 139.89 35.01
C LEU VB 297 -12.66 140.88 33.85
N GLN VB 298 -12.11 142.06 34.12
CA GLN VB 298 -11.92 143.11 33.10
C GLN VB 298 -11.04 142.64 31.94
N ILE VB 299 -9.94 141.99 32.29
CA ILE VB 299 -9.02 141.39 31.31
C ILE VB 299 -9.74 140.38 30.42
N ALA VB 300 -10.51 139.49 31.06
CA ALA VB 300 -11.32 138.49 30.36
C ALA VB 300 -12.32 139.12 29.39
N LEU VB 301 -12.98 140.18 29.86
CA LEU VB 301 -13.94 140.95 29.07
C LEU VB 301 -13.26 141.55 27.83
N ARG VB 302 -12.08 142.13 28.06
CA ARG VB 302 -11.28 142.74 26.99
C ARG VB 302 -10.90 141.70 25.93
N LEU VB 303 -10.45 140.53 26.40
CA LEU VB 303 -10.07 139.41 25.55
C LEU VB 303 -11.21 138.90 24.67
N VAL VB 304 -12.39 138.71 25.25
CA VAL VB 304 -13.44 137.89 24.62
C VAL VB 304 -14.04 138.49 23.35
N GLN VB 305 -14.24 139.81 23.34
CA GLN VB 305 -14.74 140.51 22.16
C GLN VB 305 -13.74 140.42 21.02
N GLU VB 306 -12.46 140.66 21.35
CA GLU VB 306 -11.36 140.56 20.39
C GLU VB 306 -11.25 139.16 19.79
N ASN VB 307 -11.35 138.15 20.64
CA ASN VB 307 -11.31 136.75 20.21
C ASN VB 307 -12.49 136.35 19.31
N SER VB 308 -13.67 136.89 19.62
CA SER VB 308 -14.87 136.69 18.79
C SER VB 308 -14.69 137.30 17.40
N ARG VB 309 -14.12 138.51 17.37
CA ARG VB 309 -13.79 139.20 16.11
C ARG VB 309 -12.77 138.43 15.26
N ASP VB 310 -11.69 138.01 15.91
CA ASP VB 310 -10.47 137.55 15.22
C ASP VB 310 -10.41 136.03 15.06
N HIS VB 311 -9.35 135.55 14.41
CA HIS VB 311 -9.13 134.12 14.13
C HIS VB 311 -8.36 133.38 15.23
N ILE VB 312 -8.37 132.04 15.15
CA ILE VB 312 -7.89 131.15 16.24
C ILE VB 312 -6.44 131.40 16.70
N GLU VB 313 -5.50 131.41 15.75
CA GLU VB 313 -4.07 131.45 16.07
C GLU VB 313 -3.70 132.75 16.76
N SER VB 314 -4.19 133.86 16.21
CA SER VB 314 -4.02 135.19 16.77
C SER VB 314 -4.60 135.31 18.18
N ALA VB 315 -5.79 134.74 18.36
CA ALA VB 315 -6.45 134.70 19.67
C ALA VB 315 -5.63 133.92 20.71
N ILE VB 316 -5.09 132.77 20.28
CA ILE VB 316 -4.21 131.94 21.11
C ILE VB 316 -2.95 132.72 21.51
N LYS VB 317 -2.34 133.38 20.53
CA LYS VB 317 -1.15 134.22 20.76
C LYS VB 317 -1.42 135.31 21.79
N ARG VB 318 -2.53 136.03 21.60
CA ARG VB 318 -3.01 137.05 22.55
C ARG VB 318 -3.14 136.51 23.97
N ASP VB 319 -3.81 135.35 24.08
CA ASP VB 319 -3.98 134.64 25.36
C ASP VB 319 -2.64 134.30 26.01
N LEU VB 320 -1.70 133.83 25.19
CA LEU VB 320 -0.34 133.52 25.65
C LEU VB 320 0.36 134.77 26.18
N TYR VB 321 0.23 135.87 25.44
CA TYR VB 321 0.82 137.16 25.82
C TYR VB 321 0.29 137.66 27.16
N THR VB 322 -1.03 137.63 27.33
CA THR VB 322 -1.65 138.07 28.59
C THR VB 322 -1.26 137.17 29.78
N ALA VB 323 -1.13 135.87 29.53
CA ALA VB 323 -0.61 134.93 30.54
C ALA VB 323 0.81 135.27 30.97
N ALA VB 324 1.65 135.61 30.00
CA ALA VB 324 3.03 136.06 30.24
C ALA VB 324 3.06 137.32 31.10
N ASN VB 325 2.25 138.30 30.70
CA ASN VB 325 2.10 139.56 31.44
C ASN VB 325 1.65 139.37 32.89
N MET VB 326 0.69 138.48 33.08
CA MET VB 326 0.21 138.10 34.42
C MET VB 326 1.32 137.52 35.27
N CYS VB 327 2.12 136.64 34.65
CA CYS VB 327 3.26 136.01 35.31
C CYS VB 327 4.32 137.05 35.73
N MET VB 328 4.65 137.96 34.83
CA MET VB 328 5.70 138.96 35.05
C MET VB 328 5.13 140.39 35.08
N ASN VB 329 4.20 140.64 35.99
CA ASN VB 329 3.55 141.95 36.11
C ASN VB 329 4.51 143.12 36.40
N GLN VB 330 4.85 143.87 35.35
CA GLN VB 330 5.68 145.08 35.48
C GLN VB 330 4.92 146.19 36.19
N ASP VB 331 3.70 146.47 35.73
CA ASP VB 331 2.85 147.51 36.29
C ASP VB 331 2.27 147.18 37.68
N SER VB 332 2.31 145.90 38.07
CA SER VB 332 1.85 145.43 39.39
C SER VB 332 0.36 145.69 39.58
N LEU VB 333 -0.43 145.19 38.64
CA LEU VB 333 -1.88 145.43 38.59
C LEU VB 333 -2.72 144.18 38.33
N VAL VB 334 -2.16 143.01 38.65
CA VAL VB 334 -2.84 141.71 38.50
C VAL VB 334 -2.35 140.77 39.61
N GLU VB 335 -2.98 140.87 40.78
CA GLU VB 335 -2.55 140.10 41.95
C GLU VB 335 -2.93 138.62 41.78
N PHE VB 336 -2.05 137.90 41.09
CA PHE VB 336 -2.33 136.56 40.60
C PHE VB 336 -1.62 135.48 41.40
N SER VB 337 -0.28 135.57 41.45
CA SER VB 337 0.56 134.58 42.14
C SER VB 337 0.21 134.43 43.63
N GLU VB 338 -0.07 135.56 44.28
CA GLU VB 338 -0.48 135.57 45.68
C GLU VB 338 -1.84 134.90 45.87
N ALA VB 339 -2.77 135.21 44.97
CA ALA VB 339 -4.12 134.62 44.96
C ALA VB 339 -4.09 133.10 44.75
N THR VB 340 -3.21 132.65 43.86
CA THR VB 340 -3.01 131.22 43.58
C THR VB 340 -2.49 130.50 44.82
N LYS VB 341 -1.49 131.09 45.46
CA LYS VB 341 -0.91 130.57 46.71
C LYS VB 341 -1.97 130.42 47.80
N HIS VB 342 -2.76 131.46 47.97
CA HIS VB 342 -3.88 131.46 48.92
C HIS VB 342 -4.85 130.30 48.67
N LYS VB 343 -5.21 130.12 47.40
CA LYS VB 343 -6.17 129.09 46.99
C LYS VB 343 -5.57 127.69 46.86
N LEU VB 344 -4.68 127.51 45.89
CA LEU VB 344 -4.22 126.18 45.49
C LEU VB 344 -3.22 125.56 46.47
N ILE VB 345 -2.24 126.35 46.89
CA ILE VB 345 -1.13 125.86 47.72
C ILE VB 345 -1.52 125.83 49.20
N ASP VB 346 -1.95 126.97 49.73
CA ASP VB 346 -2.16 127.13 51.18
C ASP VB 346 -3.43 126.47 51.71
N LYS VB 347 -4.60 126.93 51.24
CA LYS VB 347 -5.88 126.47 51.78
C LYS VB 347 -7.05 126.65 50.80
N GLN VB 348 -7.92 125.63 50.76
CA GLN VB 348 -9.07 125.62 49.85
C GLN VB 348 -10.15 126.64 50.23
N ARG VB 349 -10.37 126.82 51.53
CA ARG VB 349 -11.44 127.69 52.05
C ARG VB 349 -11.06 129.17 52.01
N VAL VB 350 -12.10 130.02 52.08
CA VAL VB 350 -11.97 131.49 52.19
C VAL VB 350 -11.45 132.16 50.90
N PRO VB 351 -12.17 133.20 50.40
CA PRO VB 351 -11.69 133.92 49.23
C PRO VB 351 -10.59 134.94 49.56
N TYR VB 352 -9.86 135.36 48.54
CA TYR VB 352 -8.77 136.32 48.70
C TYR VB 352 -9.34 137.74 48.87
N PRO VB 353 -8.72 138.59 49.73
CA PRO VB 353 -9.28 139.91 50.00
C PRO VB 353 -9.12 140.92 48.85
N TRP VB 354 -8.05 140.77 48.06
CA TRP VB 354 -7.68 141.66 46.94
C TRP VB 354 -7.10 142.99 47.42
N THR VB 355 -6.12 143.50 46.68
CA THR VB 355 -5.42 144.74 47.01
C THR VB 355 -5.40 145.74 45.84
N LYS VB 356 -6.31 145.56 44.88
CA LYS VB 356 -6.37 146.42 43.71
C LYS VB 356 -7.78 146.38 43.11
N LYS VB 357 -8.49 147.51 43.19
CA LYS VB 357 -9.88 147.61 42.74
C LYS VB 357 -10.18 148.97 42.12
N GLU VB 358 -10.01 149.08 40.80
CA GLU VB 358 -10.40 150.27 40.05
C GLU VB 358 -10.58 149.99 38.56
N GLN VB 359 -11.22 150.93 37.87
CA GLN VB 359 -11.44 150.83 36.43
C GLN VB 359 -10.15 151.15 35.66
N LEU VB 360 -9.52 150.12 35.10
CA LEU VB 360 -8.33 150.28 34.27
C LEU VB 360 -8.69 150.93 32.94
N PHE VB 361 -7.76 151.70 32.39
CA PHE VB 361 -7.95 152.37 31.09
C PHE VB 361 -7.84 151.36 29.94
N VAL VB 362 -8.35 151.76 28.77
CA VAL VB 362 -8.38 150.88 27.60
C VAL VB 362 -6.97 150.61 27.03
N SER VB 363 -6.14 151.65 27.02
CA SER VB 363 -4.74 151.55 26.59
C SER VB 363 -3.94 150.62 27.50
N GLN VB 364 -4.17 150.77 28.80
CA GLN VB 364 -3.56 149.91 29.82
C GLN VB 364 -3.97 148.45 29.64
N LEU VB 365 -5.25 148.24 29.37
CA LEU VB 365 -5.81 146.91 29.10
C LEU VB 365 -5.18 146.26 27.88
N THR VB 366 -5.03 147.05 26.82
CA THR VB 366 -4.36 146.64 25.58
C THR VB 366 -2.93 146.21 25.84
N SER VB 367 -2.20 147.04 26.59
CA SER VB 367 -0.80 146.76 26.97
C SER VB 367 -0.66 145.45 27.74
N ILE VB 368 -1.59 145.21 28.66
CA ILE VB 368 -1.66 143.97 29.44
C ILE VB 368 -1.84 142.74 28.55
N THR VB 369 -2.70 142.86 27.53
CA THR VB 369 -3.00 141.74 26.62
C THR VB 369 -2.39 141.95 25.22
N SER VB 370 -1.08 142.25 25.19
CA SER VB 370 -0.35 142.44 23.93
C SER VB 370 1.16 142.24 24.15
N PRO VB 371 1.90 141.90 23.06
CA PRO VB 371 3.34 141.63 23.20
C PRO VB 371 4.19 142.89 23.14
N LYS VB 372 5.49 142.72 23.35
CA LYS VB 372 6.49 143.78 23.22
C LYS VB 372 7.83 143.21 22.75
N PRO VB 373 8.74 144.07 22.25
CA PRO VB 373 10.06 143.59 21.83
C PRO VB 373 11.04 143.22 22.97
N SER VB 374 10.66 143.50 24.23
CA SER VB 374 11.46 143.10 25.38
C SER VB 374 11.64 141.58 25.49
N LEU VB 375 10.54 140.85 25.40
CA LEU VB 375 10.54 139.38 25.42
C LEU VB 375 10.11 138.80 24.06
N PRO VB 376 10.84 137.77 23.57
CA PRO VB 376 10.40 137.05 22.36
C PRO VB 376 9.34 136.00 22.70
N MET VB 377 8.31 135.91 21.86
CA MET VB 377 7.19 135.00 22.07
C MET VB 377 6.83 134.29 20.77
N SER VB 378 6.54 132.99 20.87
CA SER VB 378 6.17 132.18 19.70
C SER VB 378 5.56 130.84 20.10
N LEU VB 379 4.50 130.45 19.40
CA LEU VB 379 3.90 129.12 19.56
C LEU VB 379 4.76 128.08 18.86
N LEU VB 380 4.69 126.84 19.33
CA LEU VB 380 5.43 125.73 18.73
C LEU VB 380 4.71 125.28 17.46
N ARG VB 381 5.46 125.05 16.39
CA ARG VB 381 4.89 124.78 15.06
C ARG VB 381 4.20 123.42 14.98
N ASN VB 382 2.99 123.42 14.42
CA ASN VB 382 2.23 122.20 14.17
C ASN VB 382 2.68 121.58 12.85
N THR VB 383 2.17 120.38 12.58
CA THR VB 383 2.32 119.75 11.26
C THR VB 383 1.39 120.44 10.28
N SER VB 384 0.13 120.57 10.68
CA SER VB 384 -0.86 121.35 9.93
C SER VB 384 -0.88 122.79 10.45
N ASN VB 385 0.00 123.61 9.86
CA ASN VB 385 0.08 125.04 10.21
C ASN VB 385 -1.03 125.83 9.50
N VAL VB 386 -2.24 125.70 10.04
CA VAL VB 386 -3.46 126.25 9.44
C VAL VB 386 -4.06 127.29 10.38
N THR VB 387 -4.74 128.29 9.80
CA THR VB 387 -5.40 129.35 10.56
C THR VB 387 -6.81 129.59 9.99
N TRP VB 388 -7.79 129.74 10.88
CA TRP VB 388 -9.18 130.04 10.50
C TRP VB 388 -9.92 130.85 11.56
N THR VB 389 -10.97 131.55 11.10
CA THR VB 389 -11.77 132.45 11.94
C THR VB 389 -12.83 131.73 12.78
N GLN VB 390 -13.35 130.62 12.26
CA GLN VB 390 -14.31 129.77 12.99
C GLN VB 390 -13.98 128.30 12.79
N TYR VB 391 -14.46 127.46 13.71
CA TYR VB 391 -14.17 126.03 13.71
C TYR VB 391 -14.72 125.33 12.47
N PRO VB 392 -13.92 124.44 11.84
CA PRO VB 392 -14.38 123.74 10.64
C PRO VB 392 -15.35 122.58 10.90
N TYR VB 393 -15.25 121.91 12.05
CA TYR VB 393 -15.99 120.67 12.31
C TYR VB 393 -16.90 120.64 13.56
N HIS VB 394 -16.95 121.71 14.35
CA HIS VB 394 -17.80 121.74 15.56
C HIS VB 394 -19.29 121.82 15.22
N SER VB 395 -19.65 122.82 14.40
CA SER VB 395 -21.05 123.13 14.06
C SER VB 395 -21.89 121.91 13.61
N LYS VB 396 -21.26 120.98 12.90
CA LYS VB 396 -21.93 119.75 12.46
C LYS VB 396 -22.31 118.82 13.61
N TYR VB 397 -21.37 118.59 14.51
CA TYR VB 397 -21.44 117.49 15.48
C TYR VB 397 -21.74 117.93 16.93
N GLN VB 398 -22.55 118.96 17.07
CA GLN VB 398 -23.11 119.38 18.37
C GLN VB 398 -24.53 119.93 18.17
N LEU VB 399 -25.20 120.27 19.27
CA LEU VB 399 -26.54 120.85 19.21
C LEU VB 399 -26.51 122.23 18.53
N PRO VB 400 -27.51 122.52 17.67
CA PRO VB 400 -27.44 123.71 16.82
C PRO VB 400 -27.73 125.00 17.59
N THR VB 401 -26.91 126.03 17.36
CA THR VB 401 -27.02 127.30 18.07
C THR VB 401 -28.36 128.01 17.81
N GLU VB 402 -28.74 128.88 18.73
CA GLU VB 402 -29.91 129.78 18.56
C GLU VB 402 -29.84 130.56 17.25
N GLN VB 403 -28.64 131.04 16.94
CA GLN VB 403 -28.39 131.86 15.75
C GLN VB 403 -28.75 131.13 14.46
N GLU VB 404 -28.34 129.85 14.39
CA GLU VB 404 -28.64 128.98 13.25
C GLU VB 404 -30.14 128.75 13.09
N ILE VB 405 -30.82 128.53 14.21
CA ILE VB 405 -32.28 128.36 14.26
C ILE VB 405 -32.98 129.62 13.76
N ALA VB 406 -32.52 130.77 14.25
CA ALA VB 406 -33.05 132.08 13.83
C ALA VB 406 -32.88 132.31 12.33
N ALA VB 407 -31.70 131.97 11.81
CA ALA VB 407 -31.40 132.06 10.38
C ALA VB 407 -32.32 131.17 9.53
N TYR VB 408 -32.54 129.95 10.01
CA TYR VB 408 -33.47 129.01 9.37
C TYR VB 408 -34.90 129.57 9.31
N ILE VB 409 -35.36 130.09 10.45
CA ILE VB 409 -36.68 130.71 10.57
C ILE VB 409 -36.84 131.85 9.56
N GLU VB 410 -35.83 132.72 9.49
CA GLU VB 410 -35.79 133.83 8.53
C GLU VB 410 -35.90 133.36 7.08
N LYS VB 411 -35.15 132.31 6.77
CA LYS VB 411 -35.17 131.69 5.44
C LYS VB 411 -36.55 131.15 5.09
N ARG VB 412 -37.16 130.48 6.07
CA ARG VB 412 -38.52 129.93 5.93
C ARG VB 412 -39.55 131.03 5.65
N THR VB 413 -39.42 132.13 6.40
CA THR VB 413 -40.28 133.31 6.23
C THR VB 413 -40.18 133.87 4.82
N ASN VB 414 -38.95 134.08 4.35
CA ASN VB 414 -38.69 134.59 3.00
C ASN VB 414 -38.71 133.47 1.97
N LYS VB 420 -46.24 130.14 5.83
CA LYS VB 420 -46.19 130.17 7.30
C LYS VB 420 -45.09 129.28 7.86
N VAL VB 421 -44.76 129.52 9.14
CA VAL VB 421 -43.79 128.74 9.89
C VAL VB 421 -44.40 128.33 11.22
N THR VB 422 -44.02 127.14 11.71
CA THR VB 422 -44.50 126.61 12.99
C THR VB 422 -43.43 125.77 13.70
N GLU VB 423 -43.65 125.54 14.98
CA GLU VB 423 -42.67 124.89 15.87
C GLU VB 423 -42.38 123.45 15.48
N ARG VB 424 -43.44 122.68 15.25
CA ARG VB 424 -43.35 121.26 14.89
C ARG VB 424 -42.54 121.06 13.60
N GLU VB 425 -42.82 121.90 12.61
CA GLU VB 425 -42.13 121.89 11.32
C GLU VB 425 -40.63 122.18 11.49
N VAL VB 426 -40.32 123.16 12.34
CA VAL VB 426 -38.94 123.51 12.70
C VAL VB 426 -38.23 122.31 13.34
N LEU VB 427 -38.91 121.66 14.28
CA LEU VB 427 -38.38 120.48 14.96
C LEU VB 427 -38.07 119.35 13.98
N ASN VB 428 -39.02 119.10 13.08
CA ASN VB 428 -38.86 118.10 12.02
C ASN VB 428 -37.64 118.38 11.15
N HIS VB 429 -37.52 119.64 10.71
CA HIS VB 429 -36.37 120.10 9.93
C HIS VB 429 -35.05 119.81 10.64
N PHE VB 430 -35.00 120.18 11.92
CA PHE VB 430 -33.79 119.99 12.73
C PHE VB 430 -33.55 118.54 13.13
N ALA VB 431 -34.61 117.81 13.50
CA ALA VB 431 -34.49 116.42 13.98
C ALA VB 431 -34.48 115.36 12.88
N ASN VB 432 -34.87 115.71 11.65
CA ASN VB 432 -34.96 114.72 10.55
C ASN VB 432 -34.22 115.10 9.25
N VAL VB 433 -34.40 116.33 8.77
CA VAL VB 433 -33.86 116.76 7.47
C VAL VB 433 -32.34 116.89 7.46
N ILE VB 434 -31.78 117.48 8.52
CA ILE VB 434 -30.33 117.73 8.61
C ILE VB 434 -29.63 116.39 8.89
N PRO VB 435 -28.79 115.90 7.94
CA PRO VB 435 -28.22 114.55 8.04
C PRO VB 435 -27.23 114.34 9.20
N SER VB 436 -26.47 115.39 9.53
CA SER VB 436 -25.53 115.33 10.66
C SER VB 436 -26.24 115.31 12.03
N ARG VB 437 -27.42 115.95 12.12
CA ARG VB 437 -28.15 116.12 13.37
C ARG VB 437 -29.52 115.41 13.37
N ARG VB 438 -29.56 114.19 12.83
CA ARG VB 438 -30.80 113.40 12.82
C ARG VB 438 -31.06 112.79 14.18
N GLY VB 439 -30.05 112.10 14.72
CA GLY VB 439 -30.16 111.45 16.02
C GLY VB 439 -29.49 112.19 17.17
N LYS VB 440 -29.54 113.52 17.15
CA LYS VB 440 -29.03 114.33 18.26
C LYS VB 440 -29.96 114.15 19.46
N LEU VB 441 -29.37 114.03 20.65
CA LEU VB 441 -30.08 113.52 21.83
C LEU VB 441 -31.20 114.46 22.29
N GLY VB 442 -30.84 115.63 22.80
CA GLY VB 442 -31.80 116.57 23.38
C GLY VB 442 -32.00 117.78 22.49
N ILE VB 443 -32.13 117.52 21.19
CA ILE VB 443 -32.14 118.59 20.18
C ILE VB 443 -33.54 119.19 20.03
N GLN VB 444 -34.57 118.34 20.03
CA GLN VB 444 -35.96 118.77 19.94
C GLN VB 444 -36.35 119.66 21.12
N SER VB 445 -35.96 119.22 22.31
CA SER VB 445 -36.18 119.97 23.55
C SER VB 445 -35.50 121.35 23.51
N LEU VB 446 -34.26 121.36 23.02
CA LEU VB 446 -33.48 122.60 22.85
C LEU VB 446 -34.21 123.56 21.92
N CYS VB 447 -34.63 123.04 20.76
CA CYS VB 447 -35.38 123.83 19.77
C CYS VB 447 -36.68 124.41 20.33
N LYS VB 448 -37.38 123.60 21.12
CA LYS VB 448 -38.61 124.04 21.81
C LYS VB 448 -38.34 125.19 22.78
N ILE VB 449 -37.28 125.04 23.56
CA ILE VB 449 -36.81 126.08 24.49
C ILE VB 449 -36.49 127.39 23.77
N VAL VB 450 -35.79 127.27 22.64
CA VAL VB 450 -35.44 128.42 21.79
C VAL VB 450 -36.69 129.13 21.28
N CYS VB 451 -37.65 128.35 20.80
CA CYS VB 451 -38.94 128.88 20.32
C CYS VB 451 -39.70 129.62 21.42
N GLU VB 452 -39.76 129.03 22.60
CA GLU VB 452 -40.36 129.66 23.78
C GLU VB 452 -39.73 131.00 24.11
N ARG VB 453 -38.40 131.04 24.03
CA ARG VB 453 -37.62 132.22 24.39
C ARG VB 453 -37.79 133.38 23.40
N LYS VB 454 -37.64 133.08 22.12
CA LYS VB 454 -37.51 134.12 21.07
C LYS VB 454 -38.80 134.40 20.30
N CYS VB 455 -39.23 133.45 19.48
CA CYS VB 455 -40.32 133.68 18.52
C CYS VB 455 -41.69 133.72 19.18
N GLU VB 456 -42.68 134.19 18.41
CA GLU VB 456 -44.06 134.34 18.88
C GLU VB 456 -45.07 133.84 17.83
N GLU VB 457 -46.30 133.61 18.28
CA GLU VB 457 -47.36 133.04 17.44
C GLU VB 457 -47.97 134.12 16.55
N UNK YB 1 -99.29 94.91 4.05
CA UNK YB 1 -99.51 93.50 4.52
C UNK YB 1 -100.77 92.89 3.90
N UNK YB 2 -101.87 93.64 3.97
CA UNK YB 2 -103.15 93.23 3.36
C UNK YB 2 -103.05 93.03 1.85
N UNK YB 3 -102.35 93.96 1.20
CA UNK YB 3 -102.07 93.88 -0.24
C UNK YB 3 -101.26 92.63 -0.60
N UNK YB 4 -100.23 92.35 0.19
CA UNK YB 4 -99.39 91.16 0.03
C UNK YB 4 -100.19 89.86 0.19
N UNK YB 5 -101.07 89.84 1.18
CA UNK YB 5 -101.99 88.72 1.43
C UNK YB 5 -102.92 88.47 0.26
N UNK YB 6 -103.48 89.56 -0.27
CA UNK YB 6 -104.35 89.53 -1.45
C UNK YB 6 -103.63 88.97 -2.69
N UNK YB 7 -102.39 89.41 -2.87
CA UNK YB 7 -101.52 88.94 -3.96
C UNK YB 7 -101.25 87.45 -3.85
N UNK YB 8 -100.95 87.00 -2.63
CA UNK YB 8 -100.72 85.58 -2.34
C UNK YB 8 -101.96 84.73 -2.64
N UNK YB 9 -103.13 85.24 -2.25
CA UNK YB 9 -104.42 84.60 -2.52
C UNK YB 9 -104.69 84.46 -4.01
N UNK YB 10 -104.40 85.53 -4.76
CA UNK YB 10 -104.52 85.55 -6.22
C UNK YB 10 -103.61 84.52 -6.89
N UNK YB 11 -102.37 84.45 -6.40
CA UNK YB 11 -101.38 83.47 -6.88
C UNK YB 11 -101.83 82.02 -6.63
N UNK YB 12 -102.39 81.78 -5.45
CA UNK YB 12 -102.96 80.49 -5.08
C UNK YB 12 -104.12 80.09 -5.98
N UNK YB 13 -105.00 81.04 -6.25
CA UNK YB 13 -106.14 80.86 -7.16
C UNK YB 13 -105.69 80.51 -8.58
N UNK YB 14 -104.66 81.22 -9.05
CA UNK YB 14 -104.06 80.97 -10.36
C UNK YB 14 -103.46 79.57 -10.46
N UNK YB 15 -102.76 79.16 -9.40
CA UNK YB 15 -102.18 77.81 -9.29
C UNK YB 15 -103.25 76.72 -9.33
N UNK YB 16 -104.35 76.97 -8.61
CA UNK YB 16 -105.51 76.06 -8.59
C UNK YB 16 -106.15 75.91 -9.96
N UNK YB 17 -106.31 77.04 -10.65
CA UNK YB 17 -106.82 77.08 -12.03
C UNK YB 17 -105.94 76.29 -12.98
N UNK YB 18 -104.63 76.47 -12.85
CA UNK YB 18 -103.63 75.75 -13.65
C UNK YB 18 -103.72 74.24 -13.43
N UNK YB 19 -103.87 73.85 -12.17
CA UNK YB 19 -104.05 72.45 -11.78
C UNK YB 19 -105.28 71.79 -12.42
N UNK YB 20 -106.39 72.54 -12.47
CA UNK YB 20 -107.64 72.05 -13.05
C UNK YB 20 -107.55 71.82 -14.55
N UNK YB 21 -108.45 71.00 -15.06
CA UNK YB 21 -108.44 70.56 -16.47
C UNK YB 21 -108.88 71.66 -17.43
N UNK YB 22 -108.39 71.59 -18.67
CA UNK YB 22 -108.66 72.60 -19.71
C UNK YB 22 -109.99 72.38 -20.42
N UNK YB 23 -110.29 71.11 -20.74
CA UNK YB 23 -111.42 70.74 -21.59
C UNK YB 23 -112.77 71.35 -21.18
N UNK YB 24 -113.06 71.33 -19.88
CA UNK YB 24 -114.35 71.79 -19.35
C UNK YB 24 -114.42 73.31 -19.21
N UNK YB 25 -113.37 73.88 -18.60
CA UNK YB 25 -113.26 75.33 -18.37
C UNK YB 25 -113.27 76.13 -19.66
N UNK YB 26 -112.51 75.64 -20.65
CA UNK YB 26 -112.46 76.24 -21.99
C UNK YB 26 -113.82 76.22 -22.68
N UNK YB 27 -114.52 75.10 -22.57
CA UNK YB 27 -115.87 74.94 -23.10
C UNK YB 27 -116.87 75.91 -22.47
N UNK YB 28 -116.77 76.07 -21.14
CA UNK YB 28 -117.58 77.02 -20.39
C UNK YB 28 -117.33 78.46 -20.82
N UNK YB 29 -116.07 78.80 -21.01
CA UNK YB 29 -115.65 80.13 -21.51
C UNK YB 29 -116.21 80.41 -22.90
N UNK YB 30 -116.13 79.42 -23.77
CA UNK YB 30 -116.68 79.50 -25.13
C UNK YB 30 -118.19 79.73 -25.12
N UNK YB 31 -118.88 79.00 -24.24
CA UNK YB 31 -120.32 79.15 -24.05
C UNK YB 31 -120.71 80.55 -23.58
N UNK YB 32 -119.93 81.07 -22.63
CA UNK YB 32 -120.09 82.43 -22.11
C UNK YB 32 -119.92 83.49 -23.20
N UNK YB 33 -118.88 83.30 -24.02
CA UNK YB 33 -118.61 84.17 -25.17
C UNK YB 33 -119.74 84.17 -26.19
N UNK YB 34 -120.27 82.98 -26.48
CA UNK YB 34 -121.43 82.80 -27.37
C UNK YB 34 -122.66 83.52 -26.84
N UNK YB 35 -122.91 83.38 -25.54
CA UNK YB 35 -124.02 84.06 -24.85
C UNK YB 35 -123.90 85.58 -24.94
N UNK YB 36 -122.67 86.08 -24.76
CA UNK YB 36 -122.39 87.51 -24.85
C UNK YB 36 -122.65 88.06 -26.26
N UNK YB 37 -120.43 98.12 -25.88
CA UNK YB 37 -119.40 98.93 -26.54
C UNK YB 37 -118.27 99.32 -25.59
N UNK YB 38 -118.65 99.84 -24.42
CA UNK YB 38 -117.71 100.21 -23.36
C UNK YB 38 -116.86 99.03 -22.90
N UNK YB 39 -117.52 97.89 -22.71
CA UNK YB 39 -116.87 96.63 -22.34
C UNK YB 39 -115.87 96.16 -23.39
N UNK YB 40 -116.27 96.27 -24.66
CA UNK YB 40 -115.40 95.94 -25.80
C UNK YB 40 -114.16 96.83 -25.86
N UNK YB 41 -114.36 98.12 -25.63
CA UNK YB 41 -113.28 99.11 -25.57
C UNK YB 41 -112.29 98.81 -24.45
N UNK YB 42 -112.82 98.45 -23.29
CA UNK YB 42 -112.02 98.05 -22.13
C UNK YB 42 -111.18 96.81 -22.41
N UNK YB 43 -111.79 95.83 -23.07
CA UNK YB 43 -111.11 94.60 -23.49
C UNK YB 43 -109.98 94.87 -24.47
N UNK YB 44 -110.24 95.76 -25.43
CA UNK YB 44 -109.23 96.21 -26.40
C UNK YB 44 -108.04 96.89 -25.73
N UNK YB 45 -108.35 97.76 -24.77
CA UNK YB 45 -107.33 98.45 -23.96
C UNK YB 45 -106.46 97.47 -23.17
N UNK YB 46 -107.10 96.47 -22.57
CA UNK YB 46 -106.42 95.40 -21.84
C UNK YB 46 -105.48 94.59 -22.74
N UNK YB 47 -105.97 94.27 -23.94
CA UNK YB 47 -105.17 93.57 -24.95
C UNK YB 47 -103.95 94.36 -25.39
N UNK YB 48 -104.14 95.67 -25.60
CA UNK YB 48 -103.06 96.60 -25.94
C UNK YB 48 -101.99 96.67 -24.84
N UNK YB 49 -102.45 96.74 -23.60
CA UNK YB 49 -101.58 96.74 -22.42
C UNK YB 49 -100.75 95.45 -22.32
N UNK YB 50 -101.41 94.32 -22.57
CA UNK YB 50 -100.76 93.01 -22.60
C UNK YB 50 -99.67 92.91 -23.68
N UNK YB 51 -100.00 93.44 -24.86
CA UNK YB 51 -99.07 93.50 -25.99
C UNK YB 51 -97.84 94.35 -25.67
N UNK YB 52 -98.08 95.51 -25.04
CA UNK YB 52 -97.01 96.42 -24.59
C UNK YB 52 -96.08 95.75 -23.58
N UNK YB 53 -96.68 95.02 -22.64
CA UNK YB 53 -95.92 94.26 -21.64
C UNK YB 53 -95.05 93.17 -22.26
N UNK YB 54 -95.63 92.47 -23.24
CA UNK YB 54 -94.91 91.43 -24.00
C UNK YB 54 -93.71 92.02 -24.75
N UNK YB 55 -93.93 93.17 -25.38
CA UNK YB 55 -92.87 93.92 -26.08
C UNK YB 55 -91.74 94.33 -25.14
N UNK YB 56 -92.11 94.79 -23.95
CA UNK YB 56 -91.15 95.19 -22.91
C UNK YB 56 -90.31 94.00 -22.43
N UNK YB 57 -112.38 90.08 -25.81
CA UNK YB 57 -113.59 89.61 -25.14
C UNK YB 57 -113.34 88.34 -24.33
N UNK YB 58 -112.71 87.36 -24.97
CA UNK YB 58 -112.34 86.09 -24.34
C UNK YB 58 -111.40 86.30 -23.15
N UNK YB 59 -110.40 87.16 -23.33
CA UNK YB 59 -109.46 87.55 -22.27
C UNK YB 59 -110.16 88.20 -21.09
N UNK YB 60 -111.10 89.10 -21.39
CA UNK YB 60 -111.93 89.77 -20.38
C UNK YB 60 -112.78 88.79 -19.58
N UNK YB 61 -113.38 87.83 -20.29
CA UNK YB 61 -114.16 86.76 -19.67
C UNK YB 61 -113.33 85.89 -18.73
N UNK YB 62 -112.12 85.55 -19.19
CA UNK YB 62 -111.16 84.78 -18.39
C UNK YB 62 -110.75 85.51 -17.10
N UNK YB 63 -110.50 86.82 -17.25
CA UNK YB 63 -110.17 87.69 -16.12
C UNK YB 63 -111.31 87.76 -15.09
N UNK YB 64 -112.53 87.87 -15.60
CA UNK YB 64 -113.74 87.88 -14.76
C UNK YB 64 -113.91 86.57 -13.99
N UNK YB 65 -113.67 85.45 -14.68
CA UNK YB 65 -113.71 84.12 -14.07
C UNK YB 65 -112.68 83.96 -12.96
N UNK YB 66 -111.46 84.45 -13.23
CA UNK YB 66 -110.37 84.45 -12.25
C UNK YB 66 -110.72 85.27 -11.00
N UNK YB 67 -111.32 86.44 -11.22
CA UNK YB 67 -111.79 87.31 -10.14
C UNK YB 67 -112.87 86.63 -9.28
N UNK YB 68 -113.80 85.96 -9.95
CA UNK YB 68 -114.85 85.19 -9.28
C UNK YB 68 -114.29 84.06 -8.42
N UNK YB 69 -113.30 83.35 -8.97
CA UNK YB 69 -112.58 82.28 -8.26
C UNK YB 69 -111.87 82.79 -7.01
N UNK YB 70 -111.21 83.94 -7.15
CA UNK YB 70 -110.53 84.63 -6.05
C UNK YB 70 -111.50 85.04 -4.93
N UNK YB 71 -112.66 85.56 -5.34
CA UNK YB 71 -113.73 85.94 -4.42
C UNK YB 71 -114.28 84.73 -3.65
N UNK YB 72 -114.47 83.62 -4.36
CA UNK YB 72 -114.92 82.36 -3.77
C UNK YB 72 -113.92 81.84 -2.73
N UNK YB 73 -112.64 81.88 -3.09
CA UNK YB 73 -111.55 81.50 -2.20
C UNK YB 73 -111.52 82.33 -0.92
N UNK YB 74 -111.71 83.64 -1.07
CA UNK YB 74 -111.77 84.57 0.05
C UNK YB 74 -112.95 84.26 0.99
N UNK YB 75 -117.96 97.70 -13.63
CA UNK YB 75 -116.87 96.71 -13.69
C UNK YB 75 -115.84 97.03 -14.75
N UNK YB 76 -116.31 97.31 -15.97
CA UNK YB 76 -115.46 97.69 -17.10
C UNK YB 76 -114.65 98.96 -16.81
N UNK YB 77 -115.33 99.95 -16.22
CA UNK YB 77 -114.70 101.21 -15.81
C UNK YB 77 -113.60 101.00 -14.77
N UNK YB 78 -113.89 100.13 -13.79
CA UNK YB 78 -112.92 99.74 -12.77
C UNK YB 78 -111.69 99.07 -13.38
N UNK YB 79 -111.92 98.15 -14.31
CA UNK YB 79 -110.86 97.46 -15.05
C UNK YB 79 -109.96 98.43 -15.81
N UNK YB 80 -110.59 99.39 -16.48
CA UNK YB 80 -109.89 100.46 -17.20
C UNK YB 80 -109.02 101.32 -16.28
N UNK YB 81 -109.58 101.67 -15.12
CA UNK YB 81 -108.86 102.43 -14.08
C UNK YB 81 -107.64 101.67 -13.55
N UNK YB 82 -107.82 100.37 -13.33
CA UNK YB 82 -106.73 99.47 -12.90
C UNK YB 82 -105.61 99.39 -13.93
N UNK YB 83 -106.00 99.27 -15.20
CA UNK YB 83 -105.07 99.25 -16.33
C UNK YB 83 -104.25 100.55 -16.43
N UNK YB 84 -104.95 101.67 -16.25
CA UNK YB 84 -104.33 103.01 -16.24
C UNK YB 84 -103.31 103.15 -15.11
N UNK YB 85 -103.69 102.67 -13.93
CA UNK YB 85 -102.81 102.66 -12.75
C UNK YB 85 -101.55 101.82 -12.98
N UNK YB 86 -101.74 100.66 -13.59
CA UNK YB 86 -100.64 99.75 -13.96
C UNK YB 86 -99.66 100.41 -14.95
N UNK YB 87 -100.23 101.08 -15.95
CA UNK YB 87 -99.45 101.83 -16.94
C UNK YB 87 -98.63 102.96 -16.29
N UNK YB 88 -99.26 103.67 -15.37
CA UNK YB 88 -98.60 104.74 -14.60
C UNK YB 88 -97.43 104.21 -13.76
N UNK YB 89 -97.66 103.07 -13.11
CA UNK YB 89 -96.62 102.37 -12.34
C UNK YB 89 -95.44 101.95 -13.21
N UNK YB 90 -95.74 101.41 -14.38
CA UNK YB 90 -94.73 101.02 -15.37
C UNK YB 90 -93.89 102.21 -15.84
N UNK YB 91 -94.56 103.33 -16.10
CA UNK YB 91 -93.92 104.58 -16.49
C UNK YB 91 -92.98 105.11 -15.40
N UNK YB 92 -93.45 105.05 -14.16
CA UNK YB 92 -92.66 105.44 -12.98
C UNK YB 92 -91.40 104.59 -12.83
N UNK YB 93 -91.56 103.28 -13.01
CA UNK YB 93 -90.46 102.32 -12.98
C UNK YB 93 -89.41 102.61 -14.05
N UNK YB 94 -89.89 102.93 -15.25
CA UNK YB 94 -89.02 103.29 -16.38
C UNK YB 94 -88.21 104.56 -16.10
N UNK ZB 1 126.85 50.41 -10.21
CA UNK ZB 1 127.97 51.00 -11.02
C UNK ZB 1 128.80 49.93 -11.74
N UNK ZB 2 129.18 48.90 -10.98
CA UNK ZB 2 129.92 47.76 -11.51
C UNK ZB 2 129.15 47.03 -12.60
N UNK ZB 3 127.86 46.82 -12.36
CA UNK ZB 3 126.94 46.21 -13.33
C UNK ZB 3 126.84 47.02 -14.62
N UNK ZB 4 126.74 48.34 -14.47
CA UNK ZB 4 126.70 49.27 -15.60
C UNK ZB 4 127.99 49.22 -16.44
N UNK ZB 5 129.12 49.16 -15.75
CA UNK ZB 5 130.44 49.02 -16.37
C UNK ZB 5 130.57 47.72 -17.17
N UNK ZB 6 130.08 46.63 -16.57
CA UNK ZB 6 130.05 45.32 -17.22
C UNK ZB 6 129.19 45.31 -18.49
N UNK ZB 7 128.02 45.96 -18.39
CA UNK ZB 7 127.11 46.13 -19.53
C UNK ZB 7 127.73 46.92 -20.67
N UNK ZB 8 128.44 47.99 -20.31
CA UNK ZB 8 129.18 48.83 -21.26
C UNK ZB 8 130.28 48.05 -21.97
N UNK ZB 9 131.01 47.24 -21.20
CA UNK ZB 9 132.06 46.36 -21.73
C UNK ZB 9 131.51 45.33 -22.71
N UNK ZB 10 130.36 44.74 -22.35
CA UNK ZB 10 129.64 43.79 -23.21
C UNK ZB 10 129.23 44.41 -24.53
N UNK ZB 11 128.69 45.63 -24.45
CA UNK ZB 11 128.28 46.41 -25.62
C UNK ZB 11 129.45 46.70 -26.55
N UNK ZB 12 130.59 47.09 -25.95
CA UNK ZB 12 131.83 47.34 -26.68
C UNK ZB 12 132.32 46.10 -27.41
N UNK ZB 13 132.28 44.97 -26.73
CA UNK ZB 13 132.63 43.65 -27.30
C UNK ZB 13 131.75 43.29 -28.48
N UNK ZB 14 130.45 43.54 -28.35
CA UNK ZB 14 129.48 43.29 -29.40
C UNK ZB 14 129.73 44.16 -30.64
N UNK ZB 15 125.12 48.02 -32.40
CA UNK ZB 15 124.86 47.38 -31.10
C UNK ZB 15 125.35 48.23 -29.93
N UNK ZB 16 126.59 48.71 -30.03
CA UNK ZB 16 127.21 49.57 -29.03
C UNK ZB 16 126.45 50.89 -28.85
N UNK ZB 17 126.05 51.48 -29.97
CA UNK ZB 17 125.24 52.71 -29.99
C UNK ZB 17 123.88 52.49 -29.31
N UNK ZB 18 123.25 51.37 -29.63
CA UNK ZB 18 121.96 50.97 -29.02
C UNK ZB 18 122.07 50.81 -27.51
N UNK ZB 19 123.16 50.18 -27.08
CA UNK ZB 19 123.46 49.99 -25.65
C UNK ZB 19 123.66 51.32 -24.92
N UNK ZB 20 124.39 52.22 -25.56
CA UNK ZB 20 124.62 53.58 -25.05
C UNK ZB 20 123.32 54.36 -24.89
N UNK ZB 21 122.46 54.25 -25.89
CA UNK ZB 21 121.12 54.87 -25.88
C UNK ZB 21 120.26 54.35 -24.74
N UNK ZB 22 120.28 53.03 -24.57
CA UNK ZB 22 119.57 52.36 -23.47
C UNK ZB 22 120.05 52.85 -22.11
N UNK ZB 23 121.37 52.94 -21.95
CA UNK ZB 23 122.00 53.45 -20.74
C UNK ZB 23 121.58 54.89 -20.42
N UNK ZB 24 121.54 55.72 -21.47
CA UNK ZB 24 121.09 57.10 -21.37
C UNK ZB 24 119.63 57.21 -20.91
N UNK ZB 25 118.79 56.35 -21.50
CA UNK ZB 25 117.37 56.26 -21.14
C UNK ZB 25 117.18 55.85 -19.68
N UNK ZB 26 117.97 54.87 -19.23
CA UNK ZB 26 117.98 54.42 -17.84
C UNK ZB 26 118.39 55.52 -16.87
N UNK ZB 27 119.42 56.28 -17.25
CA UNK ZB 27 119.89 57.44 -16.48
C UNK ZB 27 118.83 58.52 -16.35
N UNK ZB 28 118.13 58.80 -17.46
CA UNK ZB 28 117.02 59.75 -17.50
C UNK ZB 28 115.87 59.33 -16.58
N UNK ZB 29 115.54 58.04 -16.62
CA UNK ZB 29 114.51 57.44 -15.76
C UNK ZB 29 114.86 57.58 -14.28
N UNK ZB 30 116.13 57.32 -13.96
CA UNK ZB 30 116.66 57.45 -12.60
C UNK ZB 30 116.59 58.89 -12.10
N UNK ZB 31 116.93 59.84 -12.98
CA UNK ZB 31 116.83 61.27 -12.69
C UNK ZB 31 115.39 61.71 -12.41
N UNK ZB 32 114.47 61.21 -13.23
CA UNK ZB 32 113.04 61.47 -13.07
C UNK ZB 32 112.51 60.95 -11.73
N UNK ZB 33 112.93 59.73 -11.39
CA UNK ZB 33 112.61 59.10 -10.10
C UNK ZB 33 113.09 59.94 -8.92
N UNK ZB 34 114.33 60.43 -9.03
CA UNK ZB 34 114.93 61.28 -8.00
C UNK ZB 34 114.18 62.59 -7.81
N UNK ZB 35 123.38 59.03 -5.38
CA UNK ZB 35 124.17 58.17 -6.27
C UNK ZB 35 123.60 58.14 -7.69
N UNK ZB 36 122.28 57.92 -7.77
CA UNK ZB 36 121.55 57.91 -9.04
C UNK ZB 36 121.64 59.26 -9.76
N UNK ZB 37 121.49 60.33 -8.99
CA UNK ZB 37 121.63 61.70 -9.49
C UNK ZB 37 123.03 61.98 -10.05
N UNK ZB 38 124.04 61.53 -9.30
CA UNK ZB 38 125.45 61.64 -9.70
C UNK ZB 38 125.73 60.88 -11.01
N UNK ZB 39 125.18 59.68 -11.11
CA UNK ZB 39 125.28 58.86 -12.32
C UNK ZB 39 124.64 59.53 -13.54
N UNK ZB 40 123.46 60.12 -13.33
CA UNK ZB 40 122.74 60.88 -14.35
C UNK ZB 40 123.54 62.09 -14.84
N UNK ZB 41 124.14 62.80 -13.89
CA UNK ZB 41 125.00 63.96 -14.17
C UNK ZB 41 126.22 63.56 -15.01
N UNK ZB 42 126.83 62.45 -14.64
CA UNK ZB 42 127.99 61.89 -15.36
C UNK ZB 42 127.62 61.51 -16.80
N UNK ZB 43 126.45 60.89 -16.95
CA UNK ZB 43 125.91 60.52 -18.27
C UNK ZB 43 125.67 61.74 -19.15
N UNK ZB 44 125.12 62.79 -18.56
CA UNK ZB 44 124.89 64.07 -19.24
C UNK ZB 44 126.21 64.71 -19.69
N UNK ZB 45 127.21 64.68 -18.83
CA UNK ZB 45 128.55 65.18 -19.13
C UNK ZB 45 129.20 64.42 -20.29
N UNK ZB 46 129.05 63.10 -20.28
CA UNK ZB 46 129.52 62.22 -21.35
C UNK ZB 46 128.87 62.54 -22.69
N UNK ZB 47 127.55 62.76 -22.65
CA UNK ZB 47 126.76 63.14 -23.82
C UNK ZB 47 127.21 64.48 -24.41
N UNK ZB 48 127.46 65.44 -23.52
CA UNK ZB 48 127.98 66.76 -23.89
C UNK ZB 48 129.35 66.67 -24.56
N UNK ZB 49 130.22 65.85 -23.99
CA UNK ZB 49 131.56 65.59 -24.54
C UNK ZB 49 131.49 64.96 -25.93
N UNK ZB 50 130.58 64.02 -26.10
CA UNK ZB 50 130.33 63.36 -27.39
C UNK ZB 50 129.84 64.35 -28.45
N UNK ZB 51 128.93 65.23 -28.04
CA UNK ZB 51 128.41 66.29 -28.91
C UNK ZB 51 129.51 67.26 -29.35
N UNK ZB 52 130.38 67.63 -28.41
CA UNK ZB 52 131.52 68.49 -28.68
C UNK ZB 52 132.49 67.85 -29.67
N UNK ZB 53 132.76 66.56 -29.48
CA UNK ZB 53 133.60 65.78 -30.39
C UNK ZB 53 133.03 65.72 -31.81
N UNK ZB 54 131.71 65.52 -31.90
CA UNK ZB 54 130.99 65.50 -33.17
C UNK ZB 54 131.09 66.84 -33.89
N UNK ZB 55 130.91 67.93 -33.14
CA UNK ZB 55 131.05 69.29 -33.65
C UNK ZB 55 132.45 69.56 -34.20
N UNK ZB 56 133.47 69.09 -33.47
CA UNK ZB 56 134.87 69.22 -33.87
C UNK ZB 56 135.17 68.47 -35.16
N UNK ZB 57 139.16 54.24 -38.81
CA UNK ZB 57 137.77 54.30 -38.33
C UNK ZB 57 137.53 53.36 -37.16
N UNK ZB 58 137.96 52.10 -37.32
CA UNK ZB 58 137.85 51.07 -36.28
C UNK ZB 58 138.60 51.46 -35.02
N UNK ZB 59 139.81 51.98 -35.19
CA UNK ZB 59 140.64 52.49 -34.09
C UNK ZB 59 139.97 53.64 -33.34
N UNK ZB 60 139.38 54.56 -34.10
CA UNK ZB 60 138.62 55.68 -33.55
C UNK ZB 60 137.42 55.23 -32.73
N UNK ZB 61 136.69 54.24 -33.26
CA UNK ZB 61 135.55 53.62 -32.58
C UNK ZB 61 135.95 52.96 -31.26
N UNK ZB 62 137.08 52.25 -31.29
CA UNK ZB 62 137.65 51.60 -30.11
C UNK ZB 62 138.04 52.62 -29.03
N UNK ZB 63 138.65 53.72 -29.46
CA UNK ZB 63 139.02 54.84 -28.59
C UNK ZB 63 137.81 55.48 -27.93
N UNK ZB 64 136.75 55.67 -28.72
CA UNK ZB 64 135.47 56.22 -28.24
C UNK ZB 64 134.82 55.30 -27.19
N UNK ZB 65 134.85 54.00 -27.45
CA UNK ZB 65 134.35 52.99 -26.53
C UNK ZB 65 135.10 52.99 -25.20
N UNK ZB 66 136.43 53.10 -25.29
CA UNK ZB 66 137.31 53.20 -24.11
C UNK ZB 66 137.00 54.44 -23.28
N UNK ZB 67 136.80 55.57 -23.96
CA UNK ZB 67 136.41 56.83 -23.31
C UNK ZB 67 135.07 56.72 -22.58
N UNK ZB 68 134.11 56.08 -23.24
CA UNK ZB 68 132.79 55.82 -22.65
C UNK ZB 68 132.87 54.95 -21.40
N UNK ZB 69 133.69 53.90 -21.48
CA UNK ZB 69 133.96 53.01 -20.34
C UNK ZB 69 134.58 53.74 -19.15
N UNK ZB 70 135.55 54.62 -19.46
CA UNK ZB 70 136.20 55.47 -18.45
C UNK ZB 70 135.21 56.41 -17.76
N UNK ZB 71 134.34 57.01 -18.57
CA UNK ZB 71 133.27 57.90 -18.07
C UNK ZB 71 132.30 57.17 -17.15
N UNK ZB 72 131.92 55.94 -17.55
CA UNK ZB 72 131.07 55.07 -16.75
C UNK ZB 72 131.70 54.71 -15.41
N UNK ZB 73 132.99 54.39 -15.45
CA UNK ZB 73 133.78 54.09 -14.24
C UNK ZB 73 133.83 55.27 -13.27
N UNK ZB 74 134.07 56.46 -13.83
CA UNK ZB 74 134.07 57.71 -13.08
C UNK ZB 74 132.74 57.98 -12.39
N UNK ZB 75 131.64 57.71 -13.13
CA UNK ZB 75 130.28 57.87 -12.62
C UNK ZB 75 130.01 56.95 -11.42
N UNK ZB 76 143.62 60.08 -6.37
CA UNK ZB 76 144.04 59.07 -7.35
C UNK ZB 76 142.96 58.83 -8.41
N UNK ZB 77 141.73 58.64 -7.95
CA UNK ZB 77 140.57 58.46 -8.84
C UNK ZB 77 140.34 59.66 -9.75
N UNK ZB 78 140.45 60.85 -9.16
CA UNK ZB 78 140.34 62.12 -9.90
C UNK ZB 78 141.42 62.26 -10.97
N UNK ZB 79 142.64 61.90 -10.60
CA UNK ZB 79 143.79 61.89 -11.53
C UNK ZB 79 143.58 60.94 -12.69
N UNK ZB 80 143.07 59.74 -12.38
CA UNK ZB 80 142.74 58.73 -13.39
C UNK ZB 80 141.66 59.21 -14.37
N UNK ZB 81 140.64 59.87 -13.82
CA UNK ZB 81 139.56 60.47 -14.61
C UNK ZB 81 140.07 61.56 -15.56
N UNK ZB 82 140.97 62.40 -15.03
CA UNK ZB 82 141.62 63.47 -15.81
C UNK ZB 82 142.45 62.90 -16.96
N UNK ZB 83 143.20 61.83 -16.66
CA UNK ZB 83 144.00 61.12 -17.67
C UNK ZB 83 143.14 60.52 -18.78
N UNK ZB 84 142.01 59.94 -18.39
CA UNK ZB 84 141.03 59.38 -19.33
C UNK ZB 84 140.44 60.46 -20.24
N UNK ZB 85 140.10 61.59 -19.66
CA UNK ZB 85 139.60 62.76 -20.39
C UNK ZB 85 140.61 63.27 -21.41
N UNK ZB 86 141.87 63.36 -20.99
CA UNK ZB 86 142.98 63.75 -21.86
C UNK ZB 86 143.15 62.80 -23.04
N UNK ZB 87 143.07 61.49 -22.75
CA UNK ZB 87 143.13 60.44 -23.78
C UNK ZB 87 142.00 60.56 -24.80
N UNK ZB 88 140.79 60.81 -24.30
CA UNK ZB 88 139.61 61.03 -25.13
C UNK ZB 88 139.77 62.25 -26.05
N UNK ZB 89 140.29 63.33 -25.49
CA UNK ZB 89 140.58 64.56 -26.24
C UNK ZB 89 141.61 64.34 -27.35
N UNK ZB 90 142.65 63.58 -27.03
CA UNK ZB 90 143.69 63.18 -27.99
C UNK ZB 90 143.12 62.36 -29.14
N UNK ZB 91 142.25 61.41 -28.79
CA UNK ZB 91 141.55 60.56 -29.77
C UNK ZB 91 140.66 61.38 -30.70
N UNK ZB 92 139.94 62.34 -30.13
CA UNK ZB 92 139.10 63.28 -30.89
C UNK ZB 92 139.91 64.11 -31.87
N UNK ZB 93 141.05 64.62 -31.39
CA UNK ZB 93 141.99 65.39 -32.22
C UNK ZB 93 142.53 64.57 -33.39
N UNK ZB 94 142.88 63.32 -33.11
CA UNK ZB 94 143.35 62.37 -34.13
C UNK ZB 94 142.29 62.11 -35.20
N UNK ZB 95 141.05 61.91 -34.75
CA UNK ZB 95 139.90 61.74 -35.64
C UNK ZB 95 139.68 62.94 -36.56
N UNK ZB 96 139.80 64.13 -35.97
CA UNK ZB 96 139.67 65.40 -36.70
C UNK ZB 96 140.75 65.54 -37.78
N UNK ZB 97 136.52 42.35 -4.87
CA UNK ZB 97 137.85 42.93 -4.93
C UNK ZB 97 138.61 42.51 -6.19
N UNK ZB 98 138.61 41.21 -6.45
CA UNK ZB 98 139.25 40.64 -7.65
C UNK ZB 98 138.64 41.18 -8.94
N UNK ZB 99 137.31 41.26 -8.97
CA UNK ZB 99 136.56 41.84 -10.10
C UNK ZB 99 136.91 43.31 -10.34
N UNK ZB 100 137.01 44.07 -9.25
CA UNK ZB 100 137.42 45.48 -9.29
C UNK ZB 100 138.83 45.66 -9.84
N UNK ZB 101 139.74 44.79 -9.39
CA UNK ZB 101 141.13 44.77 -9.87
C UNK ZB 101 141.21 44.47 -11.36
N UNK ZB 102 140.42 43.50 -11.81
CA UNK ZB 102 140.31 43.13 -13.22
C UNK ZB 102 139.80 44.28 -14.09
N UNK ZB 103 138.78 44.97 -13.58
CA UNK ZB 103 138.21 46.16 -14.24
C UNK ZB 103 139.23 47.28 -14.37
N UNK ZB 104 139.99 47.50 -13.29
CA UNK ZB 104 141.07 48.50 -13.27
C UNK ZB 104 142.16 48.18 -14.30
N UNK ZB 105 142.54 46.90 -14.38
CA UNK ZB 105 143.51 46.42 -15.36
C UNK ZB 105 143.04 46.63 -16.79
N UNK ZB 106 141.76 46.35 -17.03
CA UNK ZB 106 141.12 46.56 -18.34
C UNK ZB 106 141.12 48.03 -18.75
N UNK ZB 107 140.79 48.90 -17.79
CA UNK ZB 107 140.82 50.36 -17.97
C UNK ZB 107 142.21 50.86 -18.33
N UNK ZB 108 143.20 50.34 -17.63
CA UNK ZB 108 144.62 50.67 -17.89
C UNK ZB 108 145.06 50.25 -19.29
N UNK ZB 109 144.67 49.04 -19.68
CA UNK ZB 109 144.94 48.50 -21.02
C UNK ZB 109 144.32 49.37 -22.11
N UNK ZB 110 143.07 49.79 -21.88
CA UNK ZB 110 142.36 50.71 -22.78
C UNK ZB 110 143.07 52.05 -22.93
N UNK ZB 111 143.52 52.58 -21.80
CA UNK ZB 111 144.29 53.84 -21.77
C UNK ZB 111 145.60 53.73 -22.55
N UNK ZB 112 146.30 52.61 -22.36
CA UNK ZB 112 147.53 52.32 -23.09
C UNK ZB 112 147.31 52.24 -24.60
N UNK ZB 113 146.22 51.58 -24.99
CA UNK ZB 113 145.80 51.47 -26.39
C UNK ZB 113 145.51 52.83 -27.01
N UNK ZB 114 144.80 53.67 -26.26
CA UNK ZB 114 144.48 55.04 -26.67
C UNK ZB 114 145.75 55.88 -26.88
N UNK ZB 115 146.70 55.75 -25.94
CA UNK ZB 115 148.00 56.41 -26.02
C UNK ZB 115 148.79 55.99 -27.25
N UNK ZB 116 148.76 54.69 -27.55
CA UNK ZB 116 149.42 54.13 -28.73
C UNK ZB 116 148.82 54.68 -30.03
N UNK ZB 117 147.74 32.84 -14.16
CA UNK ZB 117 146.89 33.85 -14.81
C UNK ZB 117 146.64 35.05 -13.90
N UNK ZB 118 146.22 34.77 -12.66
CA UNK ZB 118 145.99 35.79 -11.64
C UNK ZB 118 147.24 36.61 -11.34
N UNK ZB 119 148.37 35.91 -11.21
CA UNK ZB 119 149.68 36.53 -10.99
C UNK ZB 119 150.09 37.44 -12.14
N UNK ZB 120 149.86 36.97 -13.37
CA UNK ZB 120 150.11 37.75 -14.59
C UNK ZB 120 149.27 39.02 -14.65
N UNK ZB 121 147.99 38.88 -14.29
CA UNK ZB 121 147.05 40.01 -14.21
C UNK ZB 121 147.49 41.06 -13.20
N UNK ZB 122 147.94 40.58 -12.03
CA UNK ZB 122 148.48 41.44 -10.97
C UNK ZB 122 149.71 42.21 -11.41
N UNK ZB 123 150.61 41.51 -12.12
CA UNK ZB 123 151.81 42.10 -12.69
C UNK ZB 123 151.49 43.20 -13.71
N UNK ZB 124 150.51 42.92 -14.57
CA UNK ZB 124 150.01 43.89 -15.55
C UNK ZB 124 149.43 45.14 -14.90
N UNK ZB 125 148.65 44.93 -13.84
CA UNK ZB 125 148.08 46.02 -13.04
C UNK ZB 125 149.15 46.90 -12.39
N UNK ZB 126 150.19 46.24 -11.86
CA UNK ZB 126 151.35 46.93 -11.27
C UNK ZB 126 152.10 47.76 -12.30
N UNK ZB 127 152.31 47.19 -13.48
CA UNK ZB 127 152.95 47.89 -14.62
C UNK ZB 127 152.16 49.12 -15.05
N UNK ZB 128 150.84 48.97 -15.12
CA UNK ZB 128 149.93 50.07 -15.44
C UNK ZB 128 150.02 51.21 -14.42
N UNK ZB 129 150.02 50.84 -13.14
CA UNK ZB 129 150.15 51.79 -12.03
C UNK ZB 129 151.47 52.57 -12.11
N UNK ZB 130 152.55 51.85 -12.41
CA UNK ZB 130 153.87 52.44 -12.60
C UNK ZB 130 153.89 53.44 -13.76
N UNK ZB 131 153.26 53.07 -14.87
CA UNK ZB 131 153.11 53.94 -16.05
C UNK ZB 131 152.34 55.21 -15.72
N UNK ZB 132 151.25 55.06 -14.97
CA UNK ZB 132 150.43 56.19 -14.51
C UNK ZB 132 151.23 57.14 -13.62
N UNK ZB 133 152.00 56.57 -12.70
CA UNK ZB 133 152.90 57.33 -11.82
C UNK ZB 133 153.94 58.13 -12.61
N UNK ZB 134 154.54 57.48 -13.60
CA UNK ZB 134 155.50 58.11 -14.51
C UNK ZB 134 154.90 59.29 -15.27
N UNK ZB 135 153.66 59.09 -15.74
CA UNK ZB 135 152.92 60.13 -16.47
C UNK ZB 135 152.63 61.34 -15.58
N UNK ZB 136 124.56 41.28 -7.11
CA UNK ZB 136 125.42 42.06 -8.00
C UNK ZB 136 126.36 41.18 -8.82
N UNK ZB 137 127.06 40.28 -8.12
CA UNK ZB 137 127.98 39.33 -8.75
C UNK ZB 137 127.28 38.41 -9.75
N UNK ZB 138 126.11 37.91 -9.34
CA UNK ZB 138 125.25 37.08 -10.19
C UNK ZB 138 124.79 37.83 -11.44
N UNK ZB 139 124.41 39.09 -11.25
CA UNK ZB 139 124.01 39.98 -12.35
C UNK ZB 139 125.15 40.21 -13.35
N UNK ZB 140 126.33 40.46 -12.82
CA UNK ZB 140 127.55 40.62 -13.63
C UNK ZB 140 127.87 39.38 -14.45
N UNK ZB 141 127.73 38.21 -13.82
CA UNK ZB 141 127.91 36.91 -14.49
C UNK ZB 141 126.91 36.69 -15.62
N UNK ZB 142 125.66 37.04 -15.36
CA UNK ZB 142 124.58 36.97 -16.36
C UNK ZB 142 124.86 37.88 -17.57
N UNK ZB 143 125.32 39.10 -17.27
CA UNK ZB 143 125.70 40.07 -18.30
C UNK ZB 143 126.86 39.57 -19.17
N UNK ZB 144 127.85 38.97 -18.52
CA UNK ZB 144 129.00 38.35 -19.20
C UNK ZB 144 128.58 37.21 -20.12
N UNK ZB 145 127.67 36.37 -19.62
CA UNK ZB 145 127.10 35.26 -20.39
C UNK ZB 145 126.35 35.74 -21.63
N UNK ZB 146 125.55 36.80 -21.45
CA UNK ZB 146 124.81 37.45 -22.54
C UNK ZB 146 125.74 38.01 -23.61
N UNK ZB 147 126.82 38.64 -23.16
CA UNK ZB 147 127.87 39.18 -24.05
C UNK ZB 147 128.53 38.08 -24.87
N UNK ZB 148 128.85 36.98 -24.20
CA UNK ZB 148 129.44 35.80 -24.84
C UNK ZB 148 128.52 35.20 -25.91
N UNK ZB 149 127.23 35.12 -25.58
CA UNK ZB 149 126.19 34.65 -26.51
C UNK ZB 149 126.09 35.54 -27.74
N UNK ZB 150 126.10 36.85 -27.52
CA UNK ZB 150 126.09 37.85 -28.60
C UNK ZB 150 127.30 37.72 -29.52
N UNK ZB 151 128.47 37.49 -28.92
CA UNK ZB 151 129.72 37.28 -29.67
C UNK ZB 151 129.67 36.02 -30.53
#